data_6SUF
#
_entry.id   6SUF
#
_cell.length_a   1.00
_cell.length_b   1.00
_cell.length_c   1.00
_cell.angle_alpha   90.00
_cell.angle_beta   90.00
_cell.angle_gamma   90.00
#
_symmetry.space_group_name_H-M   'P 1'
#
loop_
_entity.id
_entity.type
_entity.pdbx_description
1 polymer TcdA1
2 polymer TcdB2,TccC3
#
loop_
_entity_poly.entity_id
_entity_poly.type
_entity_poly.pdbx_seq_one_letter_code
_entity_poly.pdbx_strand_id
1 'polypeptide(L)'
;MNESVKEIPDVLKSQCGFNCLTDISHSSFNEFRQQVSEHLSWSETHDLYHDAQQAQKDNRLYEARILKRANPQLQNAVHL
AILAPNAELIGYNNQFSGRASQYVAPGTVSSMFSPAAYLTELYREARNLHASDSVYYLDTRRPDLKSMALSQQNMDIELS
TLSLSNELLLESIKTESKLENYTKVMEMLSTFRPSGATPYHDAYENVREVIQLQDPGLEQLNASPAIAGLMHQASLLGIN
ASISPELFNILTEEITEGNAEELYKKNFGNIEPASLAMPEYLKRYYNLSDEELSQFIGKASNFGQQEYSNNQLITPVVNS
SDGTVKVYRITREYTTNAYQMDVELFPFGGENYRLDYKFKNFYNASYLSIKLNDKRELVRTEGAPQVNIEYSANITLNTA
DISQPFEIGLTRVLPSGSWAYAAAKFTVEEYNQYSFLLKLNKAIRLSRATELSPTILEGIVRSVNLQLDINTDVLGKVFL
TKYYMQRYAIHAETALILCNAPISQRSYDNQPSQFDRLFNTPLLNGQYFSTGDEEIDLNSGSTGDWRKTILKRAFNIDDV
SLFRLLKITDHDNKDGKIKNNLKNLSNLYIGKLLADIHQLTIDELDLLLIAVGEGKTNLSAISDKQLATLIRKLNTITSW
LHTQKWSVFQLFIMTSTSYNKTLTPEIKNLLDTVYHGLQGFDKDKADLLHVMAPYIAATLQLSSENVAHSVLLWADKLQP
GDGAMTAEKFWDWLNTKYTPGSSEAVETQEHIVQYCQALAQLEMVYHSTGINENAFRLFVTKPEMFGAATGAAPAHDALS
LIMLTRFADWVNALGEKASSVLAAFEANSLTAEQLADAMNLDANLLLQASIQAQNHQHLPPVTPENAFSCWTSINTILQW
VNVAQQLNVAPQGVSALVGLDYIESMKETPTYAQWENAAGVLTAGLNSQQANTLHAFLDESRSAALSTYYIRQVAKAAAA
IKSRDDLYQYLLIDNQVSAAIKTTRIAEAIASIQLYVNRALENVEENANSGVISRQFFIDWDKYNKRYSTWAGVSQLVYY
PENYIDPTMRIGQTKMMDALLQSVSQSQLNADTVEDAFMSYLTSFEQVANLKVISAYHDNINNDQGLTYFIGLSETDAGE
YYWRSVDHSKFNDGKFAANAWSEWHKIDCPINPYKSTIRPVIYKSRLYLLWLEQKEITKQTGNSKDGYQTETDYRYELKL
AHIRYDGTWNTPITFDVNKKISELKLEKNRAPGLYCAGYQGEDTLLVMFYNQQDTLDSYKNASMQGLYIFADMASKDMTP
EQSNVYRDNSYQQFDTNNVRRVNNRYAEDYEIPSSVSSRKDYGWGDYYLSMVYNGDIPTINYKAASSDLKIYISPKLRII
HNGYEGQKRNQCNLMNKYGKLGDKFIVYTSLGVNPNNSSNKLMFYPVYQYSGNTSGLNQGRLLFHRDTTYPSKVEAWIPG
AKRSLTNQNAAIGDDYATDSLNKPDDLKQYIFMTDSKGTATDVSGPVEINTAISPAKVQIIVKAGGKEQTFTADKDVSIQ
PSPSFDEMNYQFNALEIDGSGLNFINNSASIDVTFTAFAEDGRKLGYESFSIPVTLKVSTDNALTLHHNENGAQYMQWQS
YRTRLNTLFARQLVARATTGIDTILSMETQNIQEPQLGKGFYATFVIPPYNLSTHGDERWFKLYIKHVVDNNSHIIYSGQ
LTDTNINITLFIPLDDVPLNQDYHAKVYMTFKKSPSDGTWWGPHFVRDDKGIVTINPKSILTHFESVNVLNNISSEPMDF
SGANSLYFWELFYYTPMLVAQRLLHEQNFDEANRWLKYVWSPSGYIVHGQIQNYQWNVRPLLEDTSWNSDPLDSVDPDAV
AQHDPMHYKVSTFMRTLDLLIARGDHAYRQLERDTLNEAKMWYMQALHLLGDKPYLPLSTTWSDPRLDRAADITTQNAHD
SAIVALRQNIPTPAPLSLRSANTLTDLFLPQINEVMMNYWQTLAQRVYNLRHNLSIDGQPLYLPIYATPADPKALLSAAV
ATSQGGGKLPESFMSLWRFPHMLENARGMVSQLTQFGSTLQNIIERQDAEALNALLQNQAAELILTNLSIQDKTIEELDA
EKTVLEKSKAGAQSRFDSYGKLYDENINAGENQAMTLRASAAGLTTAVQASRLAGAAADLVPNIFGFAGGGSRWGAIAEA
TGYVMEFSANVMNTEADKISQSETYRRRRQEWEIQRNNAEAELKQIDAQLKSLAVRREAAVLQKTSLKTQQEQTQSQLAF
LQRKFSNQALYNWLRGRLAAIYFQFYDLAVARCLMAEQAYRWELNDDSARFIKPGAWQGTYAGLLAGETLMLSLAQMEDA
HLKRDKRALEVERTVSLAEVYAGLPKDNGPFSLAQEIDKLVSQGSGSAGSGNNNLAFGAGTDTKTSLQASVSFADLKIRE
DYPASLGKIRRIKQISVTLPALLGPYQDVQAILSYGDKAGLANGCEALAVSHGMNDSGQFQLDFNDGKFLPFEGIAIDQG
TLTLSFPNASMPEKGKQATMLKTLNDIILHIRYTIK
;
A,B,C,D,E
2 'polypeptide(L)'
;MQNSQDFSITELSLPKGGGAITGMGEALTPTGPDGMAALSLPLPISAGRGYAPAFTLNYNSGAGNSPFGLGWDCNVMTIR
RRTHFGVPHYDETDTFLGPEGEVLVVADQPRDESTLQGINLGATFTVTGYRSRLESHFSRLEYWQPKTTGKTDFWLIYSP
DGQVHLLGKSPQARISNPSQTTQTAQWLLEASVSSRGEQIYYQYRAEDDTGCEADEITHHLQATAQRYLHIVYYGNRTAS
ETLPGLDGSAPSQADWLFYLVFDYGERSNNLKTPPAFSTTGSWLCRQDRFSRYEYGFEIRTRRLCRQVLMYHHLQALDSK
ITEHNGPTLVSRLILNYDESAIASTLVFVRRVGHEQDGNVVTLPPLELAYQDFSPRHHAHWQPMDVLANFNAIQRWQLVD
LKGEGLPGLLYQDKGAWWYRSAQRLGEIGSDAVTWEKMQPLSVIPSLQSNASLVDINGDGQLDWVITGPGLRGYHSQRPD
GSWTRFTPLNALPVEYTHPRAQLADLMGAGLSDLVLIGPKSVRLYANTRDGFAKGKDVVQSGEITLPVPGADPRKLVAFS
DVLGSGQAHLVEVSATKVTCWPNLGRGRFGQPITLPGFSQPATEFNPAQVYLADLDGSGPTDLIYVHTNRLDIFLNKSGN
GFAEPVTLRFPEGLRFDHTCQLQMADVQGLGVASLILSVPHMSPHHWRCDLTNMKPWLLNEMNNNMGVHHTLRYRSSSQF
WLDEKAAALTTGQTPVCYLPFPIHTLWQTETEDEISGNKLVTTLRYARGAWDGREREFRGFGYVEQTDSHQLAQGNAPER
TPPALTKNWYATGLPVIDNALSTEYWRDDQAFAGFSPRFTTWQDNKDVPLTPEDDNSRYWFNRALKGQLLRSELYGLDDS
TNKHVPYTVTEFRSQVRRLQHTDSRYPVLWSSVVESRNYHYERIASDPQCSQNITLSSDRFGQPLKQLSVQYPRRQQPAI
NLYPDTLPDKLLANSYDDQQRQLRLTYQQSSWHHLTNNTVRVLGLPDSTRSDIFTYGAENVPAGGLNLELLSDKNSLIAD
DKPREYLGQQKTAYTDGQNTTPLQTPTRQALIAFTETTVFNQSTLSAFNGSIPSDKLSTTLEQAGYQQTNYLFPRTGEDK
VWVAHHGYTDYGTAAQFWRPQKQSNTQLTGKITLIWDANYCVVVQTRDAAGLTTSAKYDWRFLTPVQLTDINDNQHLITL
DALGRPITLRFWGTENGKMTGYSSPEKASFSPPSDVNAAIELKKPLPVAQCQVYAPESWMPVLSQKTFNRLAEQDWQKLY
NARIITEDGRICTLAYRRWVQSQKAIPQLISLLNNGPRLPPHSLTLTTDRYDHDPEQQIRQQVVFSDGFGRLLQAAARHE
AGMARQRNEDGSLIINVQHTENRWAVTGRTEYDNKGQPIRTYQPYFLNDWRYVSNDSARQEKEAYADTHVYDPIGREIKV
ITAKGWFRRTLFTPWFTVNEDENDTAAEVKKVKMPGSRPMKNIDPKLYQKTPTVSVYDNRGLIIRNIDFHRTTANGDPDT
RITRHQYDIHGHLNQSIDPRLYEAKQTNNTIKPNFLWQYDLTGNPLCTESIDAGRTVTLNDIEGRPLLTVTATGVIQTRQ
YETSSLPGRLLSVAEQTPEEKTSRITERLIWAGNTEAEKDHNLAGQCVRHYDTAGVTRLESLSLTGTVLSQSSQLLIDTQ
EANWTGDNETVWQNMLADDIYTTLSTFDATGALLTQTDAKGNIQRLAYDVAGQLNGSWLTLKGQTEQVIIKSLTYSAAGQ
KLREEHGNDVITEYSYEPETQRLIGIKTRRPSDTKVLQDLRYEYDPVGNVISIRNDAEATRFWHNQKVMPENTYTYDSLY
QLISATGREMANIGQQSHQFPSPALPSDNNTYTNYTRTYTYDRGGNLTKIQHSSPATQNNYTTNITVSNRSNRAVLSTLT
EDPAQVDALFDAGGHQNTLISGQNLNWNTRGELQQVTLVKRDKGANDDREWYRYSGDGRRMLKINEQQASNNAQTQRVTY
LPNLELRLTQNSTATTEDLQVITVGEAGRAQVRVLHWESGKPEDIDNNQLRYSYDNLIGSSQLELDSEGQIISEEEYYPY
GGTALWAARNQTEASYKTIRYSGKERDATGLYYYGYRYYQPWIGRWLSSDPAGTIDGLNLYRMVRNNPVTLLDPDGLMPT
IAERIAALKKNKVTDSAPSPANATNVAINIRPPVAPKPSLPKASTSSQPTTHPIGAANIKPTTSGSSIVAPLSPVGNKST
SEISLPESAQSSSSSTTSTNLQKKSFTLYRADNRSFEEMQSKFPEGFKAWTPLDTKMARQFASIFIGQKDTSNLPKETVK
NISTWGAKPKLKDLSNYIKYTKDKSTVWVSTAINTEAGGQSSGAPLHKIDMDLYEFAIDGQKLNPLPEGRTKNMVPSLLL
DTPQIETSSIIALNHGPVNDAEISFLTTIPLKNVKPHKR
;
F
#
# COMPACT_ATOMS: atom_id res chain seq x y z
N LEU A 89 -49.77 42.79 13.29
CA LEU A 89 -50.03 42.15 12.00
C LEU A 89 -49.16 40.95 11.76
N ILE A 90 -49.42 40.28 10.65
CA ILE A 90 -48.69 39.10 10.22
C ILE A 90 -48.04 39.34 8.89
N GLY A 91 -46.76 39.00 8.78
CA GLY A 91 -46.02 39.12 7.53
C GLY A 91 -44.86 40.08 7.53
N TYR A 92 -43.81 39.68 6.84
CA TYR A 92 -42.58 40.41 6.71
C TYR A 92 -42.81 41.74 6.05
N ASN A 93 -43.78 41.84 5.17
CA ASN A 93 -43.97 43.12 4.55
C ASN A 93 -45.03 43.96 5.26
N ASN A 94 -45.51 43.49 6.42
CA ASN A 94 -46.50 44.23 7.20
C ASN A 94 -45.87 44.80 8.44
N GLN A 95 -44.81 44.16 8.87
CA GLN A 95 -43.99 44.59 9.97
C GLN A 95 -42.65 44.61 9.34
N PHE A 96 -41.76 45.48 9.74
CA PHE A 96 -40.40 45.52 9.19
C PHE A 96 -40.29 46.10 7.78
N SER A 97 -41.38 46.53 7.21
CA SER A 97 -41.31 47.10 5.88
C SER A 97 -41.20 48.61 5.90
N GLY A 98 -41.22 49.20 4.70
CA GLY A 98 -41.12 50.64 4.54
C GLY A 98 -39.69 51.17 4.55
N ARG A 99 -38.71 50.29 4.62
CA ARG A 99 -37.35 50.76 4.66
C ARG A 99 -36.85 51.07 3.26
N ALA A 100 -36.27 52.25 3.09
CA ALA A 100 -35.63 52.72 1.86
C ALA A 100 -36.55 53.04 0.69
N SER A 101 -37.27 52.03 0.21
CA SER A 101 -38.19 52.07 -0.95
C SER A 101 -37.47 52.03 -2.31
N GLN A 102 -36.15 52.08 -2.30
CA GLN A 102 -35.37 52.01 -3.52
C GLN A 102 -34.20 51.10 -3.28
N TYR A 103 -34.02 50.15 -4.18
CA TYR A 103 -32.97 49.17 -4.06
C TYR A 103 -32.22 49.03 -5.32
N VAL A 104 -30.98 48.58 -5.22
CA VAL A 104 -30.20 48.33 -6.41
C VAL A 104 -29.54 46.98 -6.46
N ALA A 105 -29.12 46.61 -7.65
CA ALA A 105 -28.41 45.39 -7.91
C ALA A 105 -27.06 45.43 -7.21
N PRO A 106 -26.50 44.30 -6.79
CA PRO A 106 -25.20 44.20 -6.15
C PRO A 106 -24.03 44.56 -7.05
N GLY A 107 -24.30 44.63 -8.34
CA GLY A 107 -23.29 44.92 -9.34
C GLY A 107 -23.24 46.37 -9.81
N THR A 108 -24.00 47.28 -9.20
CA THR A 108 -23.98 48.64 -9.71
C THR A 108 -23.26 49.65 -8.86
N VAL A 109 -22.80 50.70 -9.52
CA VAL A 109 -22.08 51.79 -8.90
C VAL A 109 -22.94 52.50 -7.87
N SER A 110 -24.23 52.48 -8.09
CA SER A 110 -25.15 53.13 -7.19
C SER A 110 -25.34 52.44 -5.85
N SER A 111 -24.85 51.20 -5.70
CA SER A 111 -24.98 50.52 -4.41
C SER A 111 -24.16 51.19 -3.37
N MET A 112 -24.69 51.27 -2.17
CA MET A 112 -23.98 51.80 -1.01
C MET A 112 -22.79 50.96 -0.60
N PHE A 113 -22.68 49.79 -1.17
CA PHE A 113 -21.60 48.89 -0.88
C PHE A 113 -20.64 48.86 -2.06
N SER A 114 -20.87 49.67 -3.08
CA SER A 114 -20.06 49.63 -4.27
C SER A 114 -18.72 50.26 -3.96
N PRO A 115 -17.69 49.99 -4.76
CA PRO A 115 -16.41 50.64 -4.62
C PRO A 115 -16.55 52.14 -4.65
N ALA A 116 -17.51 52.67 -5.38
CA ALA A 116 -17.69 54.10 -5.42
C ALA A 116 -18.05 54.63 -4.04
N ALA A 117 -18.79 53.84 -3.27
CA ALA A 117 -19.19 54.23 -1.94
C ALA A 117 -17.98 54.21 -1.03
N TYR A 118 -17.08 53.28 -1.31
CA TYR A 118 -15.87 53.17 -0.52
C TYR A 118 -14.99 54.34 -0.81
N LEU A 119 -14.89 54.72 -2.07
CA LEU A 119 -14.11 55.86 -2.40
C LEU A 119 -14.72 57.09 -1.79
N THR A 120 -16.03 57.24 -1.88
CA THR A 120 -16.66 58.42 -1.34
C THR A 120 -16.33 58.55 0.13
N GLU A 121 -16.39 57.44 0.87
CA GLU A 121 -16.08 57.54 2.27
C GLU A 121 -14.62 57.88 2.51
N LEU A 122 -13.70 57.28 1.76
CA LEU A 122 -12.30 57.58 1.97
C LEU A 122 -12.02 59.02 1.69
N TYR A 123 -12.64 59.57 0.67
CA TYR A 123 -12.39 60.94 0.34
C TYR A 123 -12.91 61.87 1.40
N ARG A 124 -14.13 61.66 1.88
CA ARG A 124 -14.62 62.63 2.84
C ARG A 124 -13.81 62.64 4.10
N GLU A 125 -13.22 61.52 4.45
CA GLU A 125 -12.40 61.47 5.66
C GLU A 125 -10.96 61.93 5.44
N ALA A 126 -10.38 61.56 4.30
CA ALA A 126 -8.99 61.84 4.00
C ALA A 126 -8.73 63.27 3.59
N ARG A 127 -9.72 63.92 3.01
CA ARG A 127 -9.48 65.25 2.48
C ARG A 127 -9.07 66.25 3.55
N ASN A 128 -9.35 65.95 4.81
CA ASN A 128 -8.99 66.84 5.88
C ASN A 128 -7.76 66.44 6.69
N LEU A 129 -6.99 65.45 6.25
CA LEU A 129 -5.82 65.06 7.04
C LEU A 129 -4.71 66.08 7.12
N HIS A 130 -4.54 66.91 6.11
CA HIS A 130 -3.47 67.88 6.16
C HIS A 130 -4.01 69.27 5.97
N ALA A 131 -3.26 70.25 6.43
CA ALA A 131 -3.63 71.64 6.26
C ALA A 131 -3.70 71.98 4.79
N SER A 132 -4.59 72.89 4.42
CA SER A 132 -4.78 73.31 3.04
C SER A 132 -3.58 74.01 2.43
N ASP A 133 -2.67 74.48 3.24
CA ASP A 133 -1.48 75.14 2.77
C ASP A 133 -0.26 74.23 2.77
N SER A 134 -0.48 72.94 3.02
CA SER A 134 0.58 71.98 3.01
C SER A 134 0.74 71.33 1.66
N VAL A 135 1.97 71.02 1.32
CA VAL A 135 2.32 70.38 0.08
C VAL A 135 1.73 68.98 -0.01
N TYR A 136 1.40 68.42 1.14
CA TYR A 136 0.84 67.10 1.21
C TYR A 136 -0.67 67.11 1.14
N TYR A 137 -1.28 68.27 1.04
CA TYR A 137 -2.71 68.30 1.05
C TYR A 137 -3.23 67.47 -0.08
N LEU A 138 -4.21 66.63 0.20
CA LEU A 138 -4.70 65.71 -0.81
C LEU A 138 -5.05 66.36 -2.11
N ASP A 139 -5.67 67.51 -2.08
CA ASP A 139 -6.14 68.13 -3.30
C ASP A 139 -5.04 68.90 -4.01
N THR A 140 -3.88 68.95 -3.39
CA THR A 140 -2.71 69.59 -3.94
C THR A 140 -1.93 68.51 -4.66
N ARG A 141 -1.80 67.35 -4.03
CA ARG A 141 -1.09 66.24 -4.64
C ARG A 141 -1.84 65.73 -5.84
N ARG A 142 -3.16 65.70 -5.72
CA ARG A 142 -4.02 65.18 -6.74
C ARG A 142 -5.25 66.01 -7.01
N PRO A 143 -5.13 67.13 -7.72
CA PRO A 143 -6.17 68.09 -8.01
C PRO A 143 -7.35 67.50 -8.76
N ASP A 144 -7.17 66.31 -9.34
CA ASP A 144 -8.20 65.67 -10.10
C ASP A 144 -9.12 64.81 -9.29
N LEU A 145 -8.72 64.38 -8.10
CA LEU A 145 -9.61 63.44 -7.44
C LEU A 145 -10.95 64.06 -7.14
N LYS A 146 -10.94 65.31 -6.77
CA LYS A 146 -12.16 65.99 -6.38
C LYS A 146 -13.17 66.08 -7.51
N SER A 147 -12.69 66.08 -8.76
CA SER A 147 -13.57 66.25 -9.88
C SER A 147 -13.84 64.95 -10.61
N MET A 148 -13.42 63.85 -10.04
CA MET A 148 -13.68 62.59 -10.68
C MET A 148 -15.16 62.35 -10.63
N ALA A 149 -15.75 61.88 -11.71
CA ALA A 149 -17.17 61.54 -11.67
C ALA A 149 -17.32 60.10 -11.26
N LEU A 150 -18.26 59.81 -10.40
CA LEU A 150 -18.48 58.44 -10.02
C LEU A 150 -19.45 57.78 -10.97
N SER A 151 -19.07 57.70 -12.23
CA SER A 151 -19.94 57.06 -13.19
C SER A 151 -19.65 55.60 -13.16
N GLN A 152 -20.55 54.78 -13.67
CA GLN A 152 -20.28 53.36 -13.63
C GLN A 152 -19.17 52.97 -14.57
N GLN A 153 -18.99 53.72 -15.62
CA GLN A 153 -17.94 53.43 -16.57
C GLN A 153 -16.57 53.50 -15.90
N ASN A 154 -16.43 54.24 -14.81
CA ASN A 154 -15.14 54.32 -14.16
C ASN A 154 -14.94 53.16 -13.25
N MET A 155 -16.01 52.39 -13.02
CA MET A 155 -15.94 51.27 -12.12
C MET A 155 -15.71 50.02 -12.93
N ASP A 156 -16.33 49.94 -14.11
CA ASP A 156 -16.24 48.76 -14.96
C ASP A 156 -15.19 48.76 -16.07
N ILE A 157 -14.81 49.91 -16.62
CA ILE A 157 -13.88 49.82 -17.73
C ILE A 157 -12.45 49.80 -17.30
N GLU A 158 -11.77 48.74 -17.68
CA GLU A 158 -10.38 48.59 -17.32
C GLU A 158 -9.49 49.33 -18.27
N LEU A 159 -8.60 50.09 -17.71
CA LEU A 159 -7.61 50.82 -18.43
C LEU A 159 -6.28 50.32 -18.02
N SER A 160 -5.27 50.50 -18.84
CA SER A 160 -4.01 50.09 -18.31
C SER A 160 -3.63 51.06 -17.23
N THR A 161 -3.07 50.58 -16.15
CA THR A 161 -2.55 51.53 -15.22
C THR A 161 -1.37 52.00 -15.94
N LEU A 162 -0.62 52.89 -15.36
CA LEU A 162 0.50 53.53 -16.04
C LEU A 162 -0.05 54.52 -17.07
N SER A 163 -0.93 54.12 -17.99
CA SER A 163 -1.49 55.06 -18.94
C SER A 163 -2.25 56.11 -18.17
N LEU A 164 -2.80 55.73 -17.04
CA LEU A 164 -3.47 56.69 -16.18
C LEU A 164 -2.48 57.64 -15.53
N SER A 165 -1.28 57.16 -15.25
CA SER A 165 -0.28 57.97 -14.61
C SER A 165 0.21 58.98 -15.62
N ASN A 166 0.22 58.57 -16.89
CA ASN A 166 0.63 59.46 -17.93
C ASN A 166 -0.39 60.56 -18.06
N GLU A 167 -1.69 60.24 -17.90
CA GLU A 167 -2.68 61.30 -18.00
C GLU A 167 -2.49 62.29 -16.88
N LEU A 168 -2.17 61.78 -15.69
CA LEU A 168 -1.99 62.67 -14.56
C LEU A 168 -0.81 63.57 -14.77
N LEU A 169 0.29 63.02 -15.24
CA LEU A 169 1.45 63.84 -15.43
C LEU A 169 1.20 64.85 -16.50
N LEU A 170 0.48 64.48 -17.55
CA LEU A 170 0.24 65.43 -18.58
C LEU A 170 -0.61 66.57 -18.12
N GLU A 171 -1.54 66.33 -17.22
CA GLU A 171 -2.35 67.45 -16.81
C GLU A 171 -1.50 68.43 -16.02
N SER A 172 -0.63 67.93 -15.16
CA SER A 172 0.20 68.82 -14.38
C SER A 172 1.19 69.56 -15.27
N ILE A 173 1.75 68.84 -16.22
CA ILE A 173 2.72 69.40 -17.13
C ILE A 173 2.08 70.41 -18.05
N LYS A 174 0.92 70.10 -18.60
CA LYS A 174 0.18 71.01 -19.46
C LYS A 174 -0.15 72.29 -18.70
N THR A 175 -0.50 72.14 -17.42
CA THR A 175 -0.86 73.27 -16.59
C THR A 175 0.32 74.22 -16.44
N GLU A 176 1.49 73.68 -16.17
CA GLU A 176 2.67 74.53 -16.08
C GLU A 176 2.90 75.02 -17.47
N SER A 177 3.39 76.23 -17.62
CA SER A 177 3.65 76.75 -18.96
C SER A 177 2.39 76.96 -19.82
N LYS A 178 1.20 76.75 -19.25
CA LYS A 178 -0.05 77.06 -19.91
C LYS A 178 -0.20 76.52 -21.32
N LEU A 179 0.08 75.24 -21.52
CA LEU A 179 -0.02 74.73 -22.88
C LEU A 179 -1.45 74.40 -23.24
N GLU A 180 -1.81 74.69 -24.50
CA GLU A 180 -3.15 74.45 -25.04
C GLU A 180 -3.63 73.02 -25.12
N ASN A 181 -2.73 72.09 -25.38
CA ASN A 181 -3.12 70.73 -25.64
C ASN A 181 -2.05 69.72 -25.31
N TYR A 182 -2.46 68.49 -25.04
CA TYR A 182 -1.55 67.42 -24.72
C TYR A 182 -0.67 67.05 -25.89
N THR A 183 -1.16 67.27 -27.11
CA THR A 183 -0.35 66.94 -28.26
C THR A 183 0.85 67.85 -28.34
N LYS A 184 0.69 69.08 -27.88
CA LYS A 184 1.77 70.06 -27.91
C LYS A 184 2.69 69.78 -26.76
N VAL A 185 2.14 69.28 -25.69
CA VAL A 185 3.00 68.99 -24.59
C VAL A 185 3.94 67.89 -25.04
N MET A 186 3.39 66.84 -25.63
CA MET A 186 4.27 65.74 -26.01
C MET A 186 5.23 66.05 -27.13
N GLU A 187 4.79 66.81 -28.12
CA GLU A 187 5.66 67.07 -29.24
C GLU A 187 6.60 68.23 -29.03
N MET A 188 6.20 69.24 -28.30
CA MET A 188 7.10 70.35 -28.14
C MET A 188 7.87 70.28 -26.86
N LEU A 189 7.15 70.16 -25.76
CA LEU A 189 7.84 70.31 -24.51
C LEU A 189 8.78 69.17 -24.22
N SER A 190 8.32 67.95 -24.42
CA SER A 190 9.22 66.84 -24.12
C SER A 190 10.36 66.76 -25.14
N THR A 191 10.05 67.06 -26.38
CA THR A 191 10.98 66.89 -27.49
C THR A 191 12.15 67.78 -27.41
N PHE A 192 11.92 69.02 -27.01
CA PHE A 192 12.97 69.98 -27.00
C PHE A 192 13.47 70.31 -25.63
N ARG A 193 13.33 69.37 -24.72
CA ARG A 193 13.87 69.57 -23.39
C ARG A 193 15.10 68.71 -23.23
N PRO A 194 16.33 69.21 -23.51
CA PRO A 194 17.58 68.50 -23.42
C PRO A 194 18.03 68.34 -21.97
N SER A 195 17.43 69.11 -21.10
CA SER A 195 17.77 69.13 -19.70
C SER A 195 16.94 68.10 -18.95
N GLY A 196 17.62 67.15 -18.36
CA GLY A 196 16.99 66.03 -17.67
C GLY A 196 17.43 64.77 -18.37
N ALA A 197 16.87 63.64 -17.99
CA ALA A 197 17.31 62.40 -18.58
C ALA A 197 17.09 62.37 -20.08
N THR A 198 16.03 63.00 -20.60
CA THR A 198 15.87 62.88 -22.04
C THR A 198 14.96 63.88 -22.77
N PRO A 199 15.35 64.34 -23.98
CA PRO A 199 14.58 65.12 -24.94
C PRO A 199 13.71 64.14 -25.68
N TYR A 200 12.68 63.68 -24.99
CA TYR A 200 11.87 62.60 -25.52
C TYR A 200 10.91 63.03 -26.59
N HIS A 201 11.00 62.41 -27.74
CA HIS A 201 10.12 62.77 -28.84
C HIS A 201 9.11 61.65 -29.05
N ASP A 202 7.84 61.94 -28.78
CA ASP A 202 6.89 60.84 -28.80
C ASP A 202 6.56 60.33 -30.20
N ALA A 203 6.27 61.24 -31.15
CA ALA A 203 5.90 60.77 -32.48
C ALA A 203 7.03 59.96 -33.09
N TYR A 204 8.26 60.34 -32.79
CA TYR A 204 9.39 59.61 -33.29
C TYR A 204 9.37 58.19 -32.82
N GLU A 205 9.16 58.00 -31.51
CA GLU A 205 9.17 56.65 -30.98
C GLU A 205 8.01 55.86 -31.49
N ASN A 206 6.90 56.53 -31.74
CA ASN A 206 5.74 55.86 -32.24
C ASN A 206 6.07 55.32 -33.61
N VAL A 207 6.64 56.14 -34.48
CA VAL A 207 6.97 55.65 -35.80
C VAL A 207 8.03 54.56 -35.74
N ARG A 208 9.08 54.80 -34.96
CA ARG A 208 10.17 53.86 -34.86
C ARG A 208 9.70 52.50 -34.38
N GLU A 209 8.82 52.47 -33.40
CA GLU A 209 8.36 51.18 -32.95
C GLU A 209 7.41 50.52 -33.94
N VAL A 210 6.52 51.27 -34.58
CA VAL A 210 5.56 50.54 -35.40
C VAL A 210 6.30 49.86 -36.51
N ILE A 211 7.23 50.56 -37.13
CA ILE A 211 7.98 50.00 -38.21
C ILE A 211 8.72 48.70 -37.82
N GLN A 212 8.99 48.46 -36.53
CA GLN A 212 9.66 47.24 -36.16
C GLN A 212 8.65 46.14 -35.85
N LEU A 213 7.41 46.52 -35.55
CA LEU A 213 6.36 45.53 -35.30
C LEU A 213 5.98 44.93 -36.64
N GLN A 214 6.10 45.77 -37.66
CA GLN A 214 5.84 45.36 -39.01
C GLN A 214 7.13 44.77 -39.54
N ASP A 215 7.25 43.45 -39.38
CA ASP A 215 8.44 42.66 -39.69
C ASP A 215 9.43 43.27 -40.70
N PRO A 216 9.04 43.80 -41.89
CA PRO A 216 9.95 44.39 -42.85
C PRO A 216 10.35 45.78 -42.41
N GLY A 217 11.14 45.81 -41.34
CA GLY A 217 11.59 47.01 -40.67
C GLY A 217 12.52 47.82 -41.53
N LEU A 218 11.91 48.51 -42.49
CA LEU A 218 12.48 49.30 -43.58
C LEU A 218 13.05 48.43 -44.69
N GLU A 219 12.93 47.11 -44.55
CA GLU A 219 13.43 46.18 -45.54
C GLU A 219 12.72 46.36 -46.86
N GLN A 220 11.44 46.70 -46.80
CA GLN A 220 10.70 46.93 -48.00
C GLN A 220 11.21 48.17 -48.70
N LEU A 221 11.71 49.17 -47.97
CA LEU A 221 12.18 50.34 -48.66
C LEU A 221 13.47 50.01 -49.37
N ASN A 222 14.26 49.15 -48.76
CA ASN A 222 15.52 48.78 -49.39
C ASN A 222 15.22 48.09 -50.72
N ALA A 223 14.13 47.34 -50.72
CA ALA A 223 13.64 46.59 -51.87
C ALA A 223 12.78 47.43 -52.83
N SER A 224 12.51 48.67 -52.47
CA SER A 224 11.70 49.61 -53.21
C SER A 224 12.39 50.97 -53.35
N PRO A 225 13.52 51.03 -54.09
CA PRO A 225 14.42 52.16 -54.21
C PRO A 225 13.78 53.44 -54.75
N ALA A 226 12.69 53.34 -55.49
CA ALA A 226 12.07 54.54 -56.01
C ALA A 226 11.64 55.43 -54.88
N ILE A 227 11.23 54.83 -53.76
CA ILE A 227 10.75 55.57 -52.62
C ILE A 227 11.88 55.76 -51.65
N ALA A 228 12.66 54.72 -51.44
CA ALA A 228 13.77 54.84 -50.50
C ALA A 228 14.71 55.96 -50.92
N GLY A 229 14.85 56.16 -52.22
CA GLY A 229 15.73 57.16 -52.81
C GLY A 229 15.20 58.59 -52.65
N LEU A 230 13.99 58.73 -52.11
CA LEU A 230 13.42 60.04 -51.88
C LEU A 230 13.99 60.59 -50.58
N MET A 231 14.49 59.68 -49.74
CA MET A 231 15.00 60.01 -48.43
C MET A 231 16.51 60.03 -48.42
N HIS A 232 17.06 60.82 -47.53
CA HIS A 232 18.48 60.80 -47.35
C HIS A 232 18.80 59.51 -46.64
N GLN A 233 19.98 58.96 -46.81
CA GLN A 233 20.26 57.67 -46.16
C GLN A 233 20.17 57.81 -44.65
N ALA A 234 20.55 58.97 -44.17
CA ALA A 234 20.55 59.28 -42.75
C ALA A 234 19.16 59.14 -42.17
N SER A 235 18.14 59.39 -42.97
CA SER A 235 16.80 59.41 -42.48
C SER A 235 16.26 58.02 -42.30
N LEU A 236 16.93 57.03 -42.86
CA LEU A 236 16.51 55.66 -42.67
C LEU A 236 17.36 55.13 -41.52
N LEU A 237 18.60 55.59 -41.47
CA LEU A 237 19.51 55.12 -40.47
C LEU A 237 19.07 55.55 -39.08
N GLY A 238 18.52 56.76 -38.95
CA GLY A 238 18.04 57.29 -37.67
C GLY A 238 16.86 56.50 -37.13
N ILE A 239 16.28 55.65 -37.95
CA ILE A 239 15.19 54.86 -37.49
C ILE A 239 15.78 53.56 -36.96
N ASN A 240 16.73 52.99 -37.69
CA ASN A 240 17.38 51.77 -37.22
C ASN A 240 18.24 52.01 -35.98
N ALA A 241 18.78 53.22 -35.86
CA ALA A 241 19.55 53.66 -34.71
C ALA A 241 18.70 54.70 -34.04
N SER A 242 18.25 54.44 -32.83
CA SER A 242 17.20 55.28 -32.23
C SER A 242 17.54 56.72 -31.90
N ILE A 243 17.68 57.53 -32.93
CA ILE A 243 18.03 58.92 -32.69
C ILE A 243 16.86 59.83 -32.96
N SER A 244 16.30 60.42 -31.91
CA SER A 244 15.19 61.33 -32.12
C SER A 244 15.83 62.51 -32.79
N PRO A 245 15.14 63.34 -33.55
CA PRO A 245 15.75 64.47 -34.20
C PRO A 245 16.34 65.47 -33.23
N GLU A 246 15.84 65.55 -32.01
CA GLU A 246 16.52 66.49 -31.16
C GLU A 246 17.83 65.88 -30.73
N LEU A 247 17.84 64.57 -30.44
CA LEU A 247 19.10 63.99 -30.04
C LEU A 247 20.10 64.21 -31.12
N PHE A 248 19.69 64.02 -32.35
CA PHE A 248 20.56 64.23 -33.48
C PHE A 248 21.16 65.61 -33.39
N ASN A 249 20.35 66.64 -33.18
CA ASN A 249 20.93 67.97 -33.13
C ASN A 249 21.96 68.10 -32.02
N ILE A 250 21.71 67.44 -30.90
CA ILE A 250 22.63 67.54 -29.79
C ILE A 250 23.95 66.90 -30.15
N LEU A 251 23.86 65.73 -30.76
CA LEU A 251 25.03 64.97 -31.13
C LEU A 251 25.78 65.49 -32.34
N THR A 252 25.07 66.17 -33.25
CA THR A 252 25.70 66.69 -34.45
C THR A 252 26.59 67.89 -34.19
N GLU A 253 26.29 68.62 -33.11
CA GLU A 253 27.03 69.80 -32.66
C GLU A 253 28.33 69.44 -31.94
N GLU A 254 29.38 70.22 -32.19
CA GLU A 254 30.66 70.01 -31.54
C GLU A 254 30.69 70.73 -30.20
N ILE A 255 31.78 70.58 -29.46
CA ILE A 255 31.89 71.33 -28.22
C ILE A 255 33.04 72.29 -28.29
N THR A 256 32.70 73.54 -28.22
CA THR A 256 33.71 74.57 -28.26
C THR A 256 33.96 75.00 -26.84
N GLU A 257 35.18 74.86 -26.36
CA GLU A 257 35.40 75.21 -24.97
C GLU A 257 35.12 76.68 -24.79
N GLY A 258 35.46 77.44 -25.82
CA GLY A 258 35.29 78.89 -25.85
C GLY A 258 33.83 79.36 -25.69
N ASN A 259 32.85 78.45 -25.81
CA ASN A 259 31.47 78.84 -25.61
C ASN A 259 30.75 77.78 -24.76
N ALA A 260 31.52 76.95 -24.05
CA ALA A 260 30.96 75.83 -23.30
C ALA A 260 29.92 76.26 -22.31
N GLU A 261 30.04 77.46 -21.76
CA GLU A 261 29.03 77.90 -20.82
C GLU A 261 27.68 78.03 -21.49
N GLU A 262 27.64 78.45 -22.74
CA GLU A 262 26.36 78.64 -23.39
C GLU A 262 25.80 77.30 -23.74
N LEU A 263 26.68 76.40 -24.10
CA LEU A 263 26.26 75.07 -24.49
C LEU A 263 25.73 74.36 -23.26
N TYR A 264 26.37 74.64 -22.14
CA TYR A 264 25.99 74.07 -20.88
C TYR A 264 24.60 74.54 -20.54
N LYS A 265 24.35 75.85 -20.66
CA LYS A 265 23.02 76.39 -20.39
C LYS A 265 21.97 75.83 -21.32
N LYS A 266 22.31 75.60 -22.58
CA LYS A 266 21.33 75.03 -23.46
C LYS A 266 20.96 73.60 -23.04
N ASN A 267 21.97 72.78 -22.71
CA ASN A 267 21.70 71.39 -22.37
C ASN A 267 21.38 71.10 -20.90
N PHE A 268 21.66 72.02 -20.01
CA PHE A 268 21.40 71.80 -18.60
C PHE A 268 20.50 72.86 -18.01
N GLY A 269 19.76 72.48 -17.00
CA GLY A 269 18.90 73.43 -16.34
C GLY A 269 19.78 74.14 -15.36
N ASN A 270 19.21 74.73 -14.33
CA ASN A 270 20.03 75.47 -13.39
C ASN A 270 20.64 74.52 -12.39
N ILE A 271 21.54 73.71 -12.91
CA ILE A 271 22.25 72.68 -12.23
C ILE A 271 23.66 73.12 -12.14
N GLU A 272 24.19 73.16 -10.95
CA GLU A 272 25.56 73.56 -10.85
C GLU A 272 26.39 72.43 -11.39
N PRO A 273 27.49 72.70 -12.11
CA PRO A 273 28.39 71.71 -12.63
C PRO A 273 29.02 70.94 -11.49
N ALA A 274 29.02 71.58 -10.32
CA ALA A 274 29.51 71.02 -9.09
C ALA A 274 28.67 69.82 -8.66
N SER A 275 27.36 69.83 -8.97
CA SER A 275 26.51 68.71 -8.60
C SER A 275 26.74 67.61 -9.60
N LEU A 276 26.96 68.00 -10.86
CA LEU A 276 27.18 67.04 -11.94
C LEU A 276 28.48 66.32 -11.72
N ALA A 277 29.41 66.99 -11.07
CA ALA A 277 30.67 66.37 -10.75
C ALA A 277 30.50 65.11 -9.90
N MET A 278 29.46 65.03 -9.06
CA MET A 278 29.30 63.89 -8.19
C MET A 278 28.64 62.72 -8.91
N PRO A 279 29.27 61.53 -8.96
CA PRO A 279 28.78 60.40 -9.71
C PRO A 279 27.40 59.90 -9.28
N GLU A 280 27.00 60.16 -8.04
CA GLU A 280 25.68 59.71 -7.65
C GLU A 280 24.62 60.60 -8.32
N TYR A 281 24.96 61.86 -8.48
CA TYR A 281 24.04 62.79 -9.07
C TYR A 281 23.87 62.39 -10.49
N LEU A 282 25.00 62.09 -11.13
CA LEU A 282 24.97 61.75 -12.52
C LEU A 282 24.26 60.45 -12.80
N LYS A 283 24.43 59.42 -11.97
CA LYS A 283 23.72 58.21 -12.33
C LYS A 283 22.22 58.49 -12.30
N ARG A 284 21.79 59.44 -11.46
CA ARG A 284 20.38 59.74 -11.47
C ARG A 284 20.01 60.58 -12.68
N TYR A 285 20.84 61.57 -13.01
CA TYR A 285 20.53 62.47 -14.09
C TYR A 285 20.34 61.70 -15.38
N TYR A 286 21.21 60.73 -15.58
CA TYR A 286 21.22 59.93 -16.79
C TYR A 286 20.65 58.52 -16.67
N ASN A 287 20.01 58.19 -15.54
CA ASN A 287 19.45 56.85 -15.38
C ASN A 287 20.43 55.71 -15.70
N LEU A 288 21.61 55.81 -15.13
CA LEU A 288 22.70 54.86 -15.34
C LEU A 288 22.94 53.98 -14.14
N SER A 289 23.58 52.84 -14.37
CA SER A 289 24.00 52.03 -13.24
C SER A 289 25.26 52.70 -12.68
N ASP A 290 25.55 52.56 -11.40
CA ASP A 290 26.72 53.24 -10.85
C ASP A 290 28.03 53.05 -11.61
N GLU A 291 28.26 51.81 -12.03
CA GLU A 291 29.52 51.42 -12.63
C GLU A 291 29.73 52.01 -14.00
N GLU A 292 28.68 52.51 -14.63
CA GLU A 292 28.82 53.03 -15.97
C GLU A 292 29.66 54.27 -15.90
N LEU A 293 29.59 54.99 -14.81
CA LEU A 293 30.31 56.23 -14.73
C LEU A 293 31.81 56.02 -14.72
N SER A 294 32.27 54.83 -14.36
CA SER A 294 33.68 54.53 -14.36
C SER A 294 34.10 54.00 -15.71
N GLN A 295 33.14 53.76 -16.60
CA GLN A 295 33.46 53.30 -17.94
C GLN A 295 33.69 54.57 -18.71
N PHE A 296 32.98 55.60 -18.28
CA PHE A 296 33.05 56.92 -18.86
C PHE A 296 34.17 57.74 -18.22
N ILE A 297 35.39 57.26 -18.42
CA ILE A 297 36.63 57.87 -17.94
C ILE A 297 37.52 57.98 -19.15
N GLY A 298 38.58 58.76 -19.11
CA GLY A 298 39.32 58.84 -20.36
C GLY A 298 38.51 59.73 -21.30
N LYS A 299 37.86 60.73 -20.68
CA LYS A 299 37.01 61.74 -21.34
C LYS A 299 37.83 62.54 -22.33
N ALA A 300 39.11 62.63 -22.05
CA ALA A 300 40.05 63.26 -22.94
C ALA A 300 40.20 62.34 -24.12
N SER A 301 40.78 62.82 -25.21
CA SER A 301 40.93 62.01 -26.42
C SER A 301 41.64 60.67 -26.19
N ASN A 302 42.44 60.61 -25.14
CA ASN A 302 43.22 59.46 -24.78
C ASN A 302 43.51 59.47 -23.26
N PHE A 303 44.22 58.44 -22.80
CA PHE A 303 44.72 58.35 -21.43
C PHE A 303 46.18 58.62 -21.63
N GLY A 304 46.56 58.35 -22.89
CA GLY A 304 47.87 58.45 -23.50
C GLY A 304 48.03 59.89 -23.97
N GLN A 305 48.21 60.13 -25.27
CA GLN A 305 48.35 61.53 -25.65
C GLN A 305 46.99 62.17 -25.79
N GLN A 306 46.77 63.14 -24.94
CA GLN A 306 45.55 63.91 -24.80
C GLN A 306 45.62 65.24 -25.53
N GLU A 307 44.46 65.86 -25.79
CA GLU A 307 44.45 67.17 -26.40
C GLU A 307 45.14 68.23 -25.54
N TYR A 308 45.80 69.15 -26.23
CA TYR A 308 46.43 70.29 -25.61
C TYR A 308 46.57 71.39 -26.65
N SER A 309 46.74 72.62 -26.19
CA SER A 309 47.09 73.71 -27.11
C SER A 309 47.89 74.75 -26.36
N ASN A 310 48.78 75.47 -27.04
CA ASN A 310 49.51 76.57 -26.39
C ASN A 310 50.14 76.13 -25.05
N ASN A 311 50.71 74.93 -25.07
CA ASN A 311 51.36 74.27 -23.94
C ASN A 311 50.43 73.98 -22.77
N GLN A 312 49.11 73.92 -23.01
CA GLN A 312 48.12 73.60 -21.99
C GLN A 312 47.36 72.29 -22.22
N LEU A 313 47.69 71.29 -21.43
CA LEU A 313 47.14 69.93 -21.51
C LEU A 313 45.91 69.73 -20.67
N ILE A 314 44.88 69.12 -21.22
CA ILE A 314 43.70 68.90 -20.41
C ILE A 314 43.64 67.44 -19.97
N THR A 315 43.65 67.19 -18.67
CA THR A 315 43.59 65.83 -18.17
C THR A 315 42.55 65.60 -17.07
N PRO A 316 41.43 64.95 -17.36
CA PRO A 316 40.47 64.52 -16.37
C PRO A 316 41.23 63.51 -15.54
N VAL A 317 41.04 63.50 -14.24
CA VAL A 317 41.75 62.57 -13.38
C VAL A 317 40.75 61.80 -12.57
N VAL A 318 40.87 60.49 -12.54
CA VAL A 318 39.87 59.73 -11.78
C VAL A 318 40.42 59.19 -10.47
N ASN A 319 39.61 59.36 -9.43
CA ASN A 319 39.90 58.87 -8.11
C ASN A 319 39.62 57.39 -8.06
N SER A 320 40.67 56.61 -7.95
CA SER A 320 40.56 55.16 -8.03
C SER A 320 39.71 54.53 -6.93
N SER A 321 39.45 55.25 -5.85
CA SER A 321 38.67 54.70 -4.76
C SER A 321 37.16 54.83 -4.96
N ASP A 322 36.68 55.77 -5.79
CA ASP A 322 35.24 55.90 -5.92
C ASP A 322 34.72 56.44 -7.27
N GLY A 323 35.60 56.71 -8.23
CA GLY A 323 35.19 57.22 -9.53
C GLY A 323 35.10 58.76 -9.65
N THR A 324 35.46 59.51 -8.60
CA THR A 324 35.38 60.99 -8.66
C THR A 324 36.32 61.52 -9.74
N VAL A 325 35.82 62.43 -10.59
CA VAL A 325 36.69 63.01 -11.62
C VAL A 325 36.86 64.51 -11.54
N LYS A 326 38.12 64.92 -11.54
CA LYS A 326 38.49 66.33 -11.52
C LYS A 326 39.25 66.67 -12.79
N VAL A 327 39.15 67.91 -13.30
CA VAL A 327 39.92 68.17 -14.50
C VAL A 327 40.96 69.21 -14.30
N TYR A 328 42.17 68.80 -14.60
CA TYR A 328 43.32 69.62 -14.42
C TYR A 328 43.83 70.11 -15.74
N ARG A 329 44.43 71.28 -15.74
CA ARG A 329 45.08 71.74 -16.93
C ARG A 329 46.54 71.79 -16.59
N ILE A 330 47.38 71.27 -17.48
CA ILE A 330 48.79 71.19 -17.22
C ILE A 330 49.65 72.02 -18.16
N THR A 331 50.47 72.87 -17.58
CA THR A 331 51.38 73.72 -18.32
C THR A 331 52.64 72.97 -18.70
N ARG A 332 53.11 73.15 -19.95
CA ARG A 332 54.38 72.58 -20.46
C ARG A 332 55.32 73.74 -20.81
N GLU A 333 55.97 74.34 -19.82
CA GLU A 333 56.78 75.52 -20.11
C GLU A 333 58.20 75.11 -20.36
N TYR A 334 58.71 75.31 -21.54
CA TYR A 334 60.05 74.83 -21.74
C TYR A 334 61.04 75.78 -21.07
N THR A 335 62.09 75.21 -20.48
CA THR A 335 63.14 75.99 -19.85
C THR A 335 64.41 75.90 -20.67
N THR A 336 64.46 74.84 -21.47
CA THR A 336 65.57 74.55 -22.37
C THR A 336 65.11 74.80 -23.77
N ASN A 337 65.98 74.55 -24.73
CA ASN A 337 65.59 74.79 -26.09
C ASN A 337 64.58 73.74 -26.56
N ALA A 338 63.35 74.19 -26.81
CA ALA A 338 62.18 73.37 -27.15
C ALA A 338 62.31 72.60 -28.45
N TYR A 339 63.34 72.91 -29.23
CA TYR A 339 63.58 72.28 -30.52
C TYR A 339 64.60 71.15 -30.39
N GLN A 340 64.98 70.86 -29.14
CA GLN A 340 65.88 69.77 -28.77
C GLN A 340 65.14 68.58 -28.19
N MET A 341 63.92 68.83 -27.70
CA MET A 341 63.16 67.87 -26.92
C MET A 341 61.65 68.01 -27.02
N ASP A 342 60.93 67.01 -26.51
CA ASP A 342 59.48 67.04 -26.42
C ASP A 342 59.02 66.39 -25.10
N VAL A 343 58.50 67.16 -24.13
CA VAL A 343 58.10 66.54 -22.84
C VAL A 343 56.69 66.93 -22.39
N GLU A 344 55.95 65.98 -21.80
CA GLU A 344 54.62 66.27 -21.29
C GLU A 344 54.22 65.43 -20.07
N LEU A 345 53.57 66.07 -19.11
CA LEU A 345 53.18 65.43 -17.86
C LEU A 345 51.67 65.17 -17.75
N PHE A 346 51.29 63.93 -17.43
CA PHE A 346 49.88 63.52 -17.41
C PHE A 346 49.32 62.86 -16.14
N PRO A 347 48.44 63.48 -15.33
CA PRO A 347 47.90 62.92 -14.10
C PRO A 347 46.88 61.84 -14.38
N PHE A 348 47.37 60.66 -14.70
CA PHE A 348 46.52 59.54 -15.05
C PHE A 348 45.61 59.17 -13.89
N GLY A 349 46.21 59.13 -12.71
CA GLY A 349 45.53 58.75 -11.48
C GLY A 349 45.71 59.78 -10.35
N GLY A 350 45.64 59.33 -9.11
CA GLY A 350 45.68 60.25 -7.95
C GLY A 350 47.06 60.86 -7.74
N GLU A 351 47.32 61.92 -8.53
CA GLU A 351 48.60 62.65 -8.63
C GLU A 351 49.68 61.68 -9.10
N ASN A 352 49.20 60.74 -9.89
CA ASN A 352 49.96 59.71 -10.58
C ASN A 352 50.16 60.17 -11.99
N TYR A 353 51.35 60.63 -12.29
CA TYR A 353 51.56 61.24 -13.57
C TYR A 353 52.38 60.43 -14.49
N ARG A 354 52.02 60.41 -15.74
CA ARG A 354 52.88 59.79 -16.67
C ARG A 354 53.79 60.86 -17.19
N LEU A 355 55.08 60.59 -17.25
CA LEU A 355 55.97 61.56 -17.82
C LEU A 355 56.42 61.01 -19.15
N ASP A 356 55.97 61.65 -20.22
CA ASP A 356 56.28 61.22 -21.57
C ASP A 356 57.33 62.10 -22.18
N TYR A 357 58.26 61.46 -22.88
CA TYR A 357 59.24 62.25 -23.59
C TYR A 357 59.80 61.57 -24.82
N LYS A 358 60.29 62.40 -25.75
CA LYS A 358 61.05 62.00 -26.92
C LYS A 358 62.01 63.11 -27.25
N PHE A 359 63.06 62.84 -28.02
CA PHE A 359 63.96 63.94 -28.36
C PHE A 359 63.93 64.35 -29.79
N LYS A 360 64.39 65.56 -30.05
CA LYS A 360 64.46 66.08 -31.39
C LYS A 360 65.93 66.14 -31.83
N ASN A 361 66.82 66.40 -30.88
CA ASN A 361 68.25 66.52 -31.17
C ASN A 361 69.03 65.43 -30.46
N PHE A 362 69.70 64.60 -31.24
CA PHE A 362 70.45 63.49 -30.67
C PHE A 362 71.82 63.86 -30.11
N TYR A 363 72.07 63.41 -28.89
CA TYR A 363 73.35 63.52 -28.23
C TYR A 363 73.72 62.14 -27.79
N ASN A 364 74.99 61.78 -27.79
CA ASN A 364 75.31 60.43 -27.38
C ASN A 364 75.43 60.35 -25.89
N ALA A 365 74.30 60.42 -25.25
CA ALA A 365 74.23 60.35 -23.82
C ALA A 365 74.55 58.93 -23.36
N SER A 366 75.27 58.78 -22.25
CA SER A 366 75.49 57.49 -21.67
C SER A 366 74.20 57.04 -20.98
N TYR A 367 73.44 58.03 -20.51
CA TYR A 367 72.14 57.81 -19.88
C TYR A 367 71.28 59.06 -19.84
N LEU A 368 69.99 58.86 -19.63
CA LEU A 368 69.08 59.96 -19.37
C LEU A 368 68.48 59.90 -17.98
N SER A 369 68.82 60.88 -17.16
CA SER A 369 68.31 60.88 -15.80
C SER A 369 67.26 61.95 -15.64
N ILE A 370 66.04 61.54 -15.33
CA ILE A 370 64.99 62.53 -15.22
C ILE A 370 64.66 62.79 -13.77
N LYS A 371 64.89 64.02 -13.34
CA LYS A 371 64.70 64.37 -11.94
C LYS A 371 63.83 65.57 -11.71
N LEU A 372 63.11 65.55 -10.60
CA LEU A 372 62.35 66.71 -10.24
C LEU A 372 63.27 67.69 -9.64
N ASN A 373 63.33 68.86 -10.27
CA ASN A 373 64.17 69.97 -9.93
C ASN A 373 65.62 69.52 -9.83
N ASP A 374 66.04 68.57 -10.68
CA ASP A 374 67.41 68.04 -10.67
C ASP A 374 67.78 67.32 -9.35
N LYS A 375 66.79 67.06 -8.50
CA LYS A 375 67.01 66.38 -7.22
C LYS A 375 66.39 65.00 -7.09
N ARG A 376 65.09 64.88 -7.35
CA ARG A 376 64.42 63.60 -7.12
C ARG A 376 64.20 62.78 -8.36
N GLU A 377 64.88 61.63 -8.46
CA GLU A 377 64.69 60.86 -9.68
C GLU A 377 63.25 60.46 -9.82
N LEU A 378 62.74 60.66 -11.02
CA LEU A 378 61.39 60.32 -11.36
C LEU A 378 61.40 59.18 -12.36
N VAL A 379 62.20 59.35 -13.42
CA VAL A 379 62.27 58.41 -14.54
C VAL A 379 63.74 58.18 -14.95
N ARG A 380 64.14 56.95 -15.29
CA ARG A 380 65.53 56.80 -15.77
C ARG A 380 65.65 55.88 -16.98
N THR A 381 66.36 56.36 -18.01
CA THR A 381 66.62 55.57 -19.21
C THR A 381 68.12 55.33 -19.45
N GLU A 382 68.56 54.09 -19.44
CA GLU A 382 69.99 53.86 -19.69
C GLU A 382 70.25 53.94 -21.18
N GLY A 383 71.42 54.44 -21.55
CA GLY A 383 71.78 54.56 -22.95
C GLY A 383 71.27 55.89 -23.44
N ALA A 384 71.68 56.32 -24.62
CA ALA A 384 71.18 57.58 -25.09
C ALA A 384 69.71 57.42 -25.44
N PRO A 385 68.83 58.38 -25.07
CA PRO A 385 67.44 58.36 -25.45
C PRO A 385 67.46 58.65 -26.93
N GLN A 386 66.51 58.15 -27.67
CA GLN A 386 66.53 58.44 -29.08
C GLN A 386 65.57 59.51 -29.59
N VAL A 387 65.98 60.07 -30.72
CA VAL A 387 65.21 61.06 -31.41
C VAL A 387 64.01 60.45 -32.06
N ASN A 388 62.88 61.06 -31.78
CA ASN A 388 61.55 60.68 -32.21
C ASN A 388 61.11 59.33 -31.65
N ILE A 389 61.71 58.90 -30.54
CA ILE A 389 61.28 57.68 -29.86
C ILE A 389 60.70 58.09 -28.53
N GLU A 390 59.52 57.56 -28.22
CA GLU A 390 58.93 57.91 -26.94
C GLU A 390 59.26 56.89 -25.88
N TYR A 391 59.49 57.42 -24.70
CA TYR A 391 59.76 56.67 -23.50
C TYR A 391 58.89 57.24 -22.40
N SER A 392 58.48 56.43 -21.43
CA SER A 392 57.70 56.99 -20.35
C SER A 392 57.65 56.16 -19.09
N ALA A 393 57.17 56.79 -18.02
CA ALA A 393 56.94 56.11 -16.74
C ALA A 393 55.90 56.84 -15.88
N ASN A 394 55.31 56.09 -14.94
CA ASN A 394 54.37 56.66 -13.98
C ASN A 394 55.06 57.05 -12.67
N ILE A 395 54.94 58.33 -12.34
CA ILE A 395 55.61 58.94 -11.21
C ILE A 395 54.66 59.71 -10.27
N THR A 396 55.11 59.96 -9.04
CA THR A 396 54.22 60.74 -8.15
C THR A 396 54.77 62.13 -7.88
N LEU A 397 53.92 63.11 -8.17
CA LEU A 397 54.24 64.53 -7.95
C LEU A 397 53.10 65.08 -7.09
N ASN A 398 53.31 65.18 -5.78
CA ASN A 398 52.19 65.57 -4.93
C ASN A 398 52.02 67.08 -4.92
N THR A 399 51.05 67.56 -4.13
CA THR A 399 50.64 68.95 -4.08
C THR A 399 51.79 69.90 -3.75
N ALA A 400 52.73 69.44 -2.95
CA ALA A 400 53.85 70.29 -2.57
C ALA A 400 54.62 70.75 -3.79
N ASP A 401 54.68 69.91 -4.83
CA ASP A 401 55.45 70.26 -5.99
C ASP A 401 54.56 70.87 -7.05
N ILE A 402 53.38 70.27 -7.24
CA ILE A 402 52.53 70.64 -8.38
C ILE A 402 51.75 71.94 -8.27
N SER A 403 51.59 72.48 -7.06
CA SER A 403 50.84 73.73 -6.94
C SER A 403 51.60 74.92 -7.53
N GLN A 404 52.92 74.78 -7.69
CA GLN A 404 53.76 75.81 -8.26
C GLN A 404 54.34 75.29 -9.53
N PRO A 405 54.83 76.13 -10.44
CA PRO A 405 55.57 75.62 -11.54
C PRO A 405 56.76 74.90 -10.92
N PHE A 406 57.09 73.75 -11.43
CA PHE A 406 58.22 72.95 -10.94
C PHE A 406 58.89 72.40 -12.16
N GLU A 407 60.16 72.03 -12.07
CA GLU A 407 60.83 71.61 -13.29
C GLU A 407 61.21 70.16 -13.39
N ILE A 408 60.85 69.56 -14.50
CA ILE A 408 61.31 68.19 -14.71
C ILE A 408 62.51 68.31 -15.60
N GLY A 409 63.64 67.91 -15.04
CA GLY A 409 64.90 68.02 -15.74
C GLY A 409 65.26 66.70 -16.36
N LEU A 410 65.64 66.73 -17.62
CA LEU A 410 66.00 65.55 -18.36
C LEU A 410 67.48 65.67 -18.75
N THR A 411 68.36 65.04 -17.98
CA THR A 411 69.76 65.27 -18.27
C THR A 411 70.28 64.20 -19.20
N ARG A 412 70.62 64.62 -20.42
CA ARG A 412 71.14 63.70 -21.40
C ARG A 412 72.62 63.68 -21.14
N VAL A 413 73.00 62.83 -20.20
CA VAL A 413 74.37 62.82 -19.71
C VAL A 413 75.22 61.99 -20.61
N LEU A 414 76.29 62.61 -21.06
CA LEU A 414 77.29 62.13 -21.99
C LEU A 414 78.15 61.07 -21.34
N PRO A 415 79.07 60.42 -22.06
CA PRO A 415 80.06 59.53 -21.49
C PRO A 415 81.00 60.32 -20.56
N SER A 416 81.05 61.64 -20.79
CA SER A 416 81.81 62.59 -20.00
C SER A 416 80.86 62.99 -18.88
N GLY A 417 81.31 63.78 -17.93
CA GLY A 417 80.40 64.16 -16.86
C GLY A 417 79.38 65.25 -17.25
N SER A 418 79.53 65.86 -18.43
CA SER A 418 78.65 66.94 -18.86
C SER A 418 77.36 66.42 -19.48
N TRP A 419 76.40 67.31 -19.72
CA TRP A 419 75.16 66.86 -20.33
C TRP A 419 74.42 67.89 -21.16
N ALA A 420 73.59 67.38 -22.06
CA ALA A 420 72.71 68.22 -22.85
C ALA A 420 71.41 68.32 -22.08
N TYR A 421 71.23 69.42 -21.39
CA TYR A 421 70.07 69.54 -20.55
C TYR A 421 68.82 69.86 -21.33
N ALA A 422 67.78 69.07 -21.09
CA ALA A 422 66.48 69.24 -21.67
C ALA A 422 65.49 69.39 -20.50
N ALA A 423 64.55 70.32 -20.58
CA ALA A 423 63.60 70.47 -19.48
C ALA A 423 62.40 71.36 -19.76
N ALA A 424 61.38 71.15 -18.94
CA ALA A 424 60.21 72.02 -18.92
C ALA A 424 59.58 72.08 -17.55
N LYS A 425 58.94 73.20 -17.24
CA LYS A 425 58.21 73.29 -16.02
C LYS A 425 56.81 72.88 -16.22
N PHE A 426 56.27 72.30 -15.18
CA PHE A 426 54.91 71.94 -15.25
C PHE A 426 54.16 72.51 -14.11
N THR A 427 52.92 72.83 -14.37
CA THR A 427 52.01 73.26 -13.31
C THR A 427 50.78 72.44 -13.44
N VAL A 428 50.27 71.88 -12.34
CA VAL A 428 49.05 71.10 -12.49
C VAL A 428 47.96 71.71 -11.64
N GLU A 429 46.90 72.22 -12.26
CA GLU A 429 45.87 72.90 -11.49
C GLU A 429 44.46 72.57 -11.96
N GLU A 430 43.56 72.37 -10.99
CA GLU A 430 42.18 72.06 -11.35
C GLU A 430 41.48 73.31 -11.86
N TYR A 431 40.82 73.20 -13.01
CA TYR A 431 40.12 74.40 -13.50
C TYR A 431 38.62 74.26 -13.70
N ASN A 432 37.95 75.36 -13.36
CA ASN A 432 36.50 75.49 -13.50
C ASN A 432 36.12 75.54 -14.96
N GLN A 433 37.06 75.99 -15.76
CA GLN A 433 36.92 76.13 -17.19
C GLN A 433 36.63 74.79 -17.85
N TYR A 434 36.93 73.68 -17.18
CA TYR A 434 36.65 72.40 -17.78
C TYR A 434 35.46 71.73 -17.13
N SER A 435 34.74 72.42 -16.27
CA SER A 435 33.60 71.81 -15.61
C SER A 435 32.37 71.92 -16.48
N PHE A 436 32.49 71.32 -17.66
CA PHE A 436 31.49 71.25 -18.68
C PHE A 436 31.48 69.82 -19.13
N LEU A 437 32.61 69.37 -19.71
CA LEU A 437 32.74 67.99 -20.14
C LEU A 437 31.53 67.53 -20.90
N LEU A 438 31.00 68.38 -21.77
CA LEU A 438 29.75 68.15 -22.47
C LEU A 438 29.84 67.01 -23.46
N LYS A 439 31.06 66.60 -23.67
CA LYS A 439 31.45 65.50 -24.51
C LYS A 439 30.77 64.26 -23.94
N LEU A 440 30.60 64.25 -22.61
CA LEU A 440 29.98 63.19 -21.86
C LEU A 440 28.51 63.11 -22.15
N ASN A 441 27.85 64.26 -22.32
CA ASN A 441 26.42 64.25 -22.49
C ASN A 441 26.15 63.51 -23.75
N LYS A 442 26.99 63.76 -24.72
CA LYS A 442 26.83 63.11 -25.98
C LYS A 442 27.22 61.65 -25.85
N ALA A 443 28.35 61.37 -25.22
CA ALA A 443 28.78 59.98 -25.16
C ALA A 443 27.73 59.09 -24.51
N ILE A 444 27.07 59.61 -23.48
CA ILE A 444 26.06 58.82 -22.79
C ILE A 444 24.81 58.70 -23.59
N ARG A 445 24.32 59.79 -24.13
CA ARG A 445 23.06 59.71 -24.82
C ARG A 445 23.16 58.82 -26.02
N LEU A 446 24.30 58.86 -26.68
CA LEU A 446 24.51 58.08 -27.86
C LEU A 446 24.72 56.62 -27.55
N SER A 447 25.49 56.28 -26.51
CA SER A 447 25.70 54.86 -26.25
C SER A 447 24.39 54.23 -25.85
N ARG A 448 23.50 55.02 -25.24
CA ARG A 448 22.23 54.47 -24.86
C ARG A 448 21.37 54.29 -26.09
N ALA A 449 21.33 55.31 -26.95
CA ALA A 449 20.48 55.30 -28.13
C ALA A 449 20.84 54.20 -29.11
N THR A 450 22.11 53.87 -29.18
CA THR A 450 22.62 52.88 -30.10
C THR A 450 22.94 51.54 -29.48
N GLU A 451 22.63 51.34 -28.20
CA GLU A 451 22.90 50.07 -27.53
C GLU A 451 24.35 49.61 -27.65
N LEU A 452 25.29 50.50 -27.42
CA LEU A 452 26.70 50.12 -27.49
C LEU A 452 27.41 50.27 -26.18
N SER A 453 28.39 49.42 -25.94
CA SER A 453 29.24 49.62 -24.80
C SER A 453 29.90 50.95 -25.11
N PRO A 454 30.16 51.83 -24.14
CA PRO A 454 30.71 53.13 -24.40
C PRO A 454 32.03 53.12 -25.13
N THR A 455 32.81 52.05 -25.02
CA THR A 455 34.08 52.04 -25.70
C THR A 455 33.98 51.49 -27.11
N ILE A 456 32.87 50.83 -27.43
CA ILE A 456 32.68 50.39 -28.80
C ILE A 456 32.32 51.64 -29.52
N LEU A 457 31.42 52.40 -28.89
CA LEU A 457 31.02 53.64 -29.50
C LEU A 457 32.18 54.57 -29.65
N GLU A 458 32.95 54.78 -28.60
CA GLU A 458 34.07 55.69 -28.71
C GLU A 458 35.04 55.15 -29.72
N GLY A 459 35.18 53.84 -29.82
CA GLY A 459 36.07 53.23 -30.77
C GLY A 459 35.67 53.61 -32.19
N ILE A 460 34.37 53.76 -32.43
CA ILE A 460 33.88 54.16 -33.75
C ILE A 460 34.35 55.56 -33.98
N VAL A 461 34.21 56.41 -32.97
CA VAL A 461 34.57 57.79 -33.16
C VAL A 461 36.08 57.92 -33.33
N ARG A 462 36.87 57.24 -32.50
CA ARG A 462 38.33 57.31 -32.54
C ARG A 462 38.88 56.80 -33.87
N SER A 463 38.20 55.84 -34.46
CA SER A 463 38.61 55.24 -35.72
C SER A 463 38.23 56.11 -36.93
N VAL A 464 37.42 57.13 -36.71
CA VAL A 464 36.88 58.01 -37.74
C VAL A 464 37.44 59.44 -37.76
N ASN A 465 37.64 60.02 -36.59
CA ASN A 465 37.99 61.42 -36.49
C ASN A 465 38.83 61.68 -35.26
N LEU A 466 39.20 62.92 -35.02
CA LEU A 466 39.96 63.22 -33.84
C LEU A 466 39.20 62.59 -32.70
N GLN A 467 39.91 61.88 -31.88
CA GLN A 467 39.29 61.10 -30.84
C GLN A 467 38.28 61.88 -30.02
N LEU A 468 37.14 61.23 -29.85
CA LEU A 468 35.94 61.68 -29.14
C LEU A 468 35.26 62.91 -29.72
N ASP A 469 35.59 63.27 -30.94
CA ASP A 469 34.92 64.37 -31.60
C ASP A 469 33.58 63.94 -32.16
N ILE A 470 32.57 63.94 -31.32
CA ILE A 470 31.26 63.48 -31.75
C ILE A 470 30.55 64.64 -32.43
N ASN A 471 30.23 64.44 -33.68
CA ASN A 471 29.58 65.43 -34.52
C ASN A 471 28.90 64.71 -35.66
N THR A 472 28.28 65.45 -36.57
CA THR A 472 27.57 64.83 -37.68
C THR A 472 28.42 63.98 -38.62
N ASP A 473 29.68 64.35 -38.84
CA ASP A 473 30.51 63.63 -39.79
C ASP A 473 30.80 62.28 -39.22
N VAL A 474 30.92 62.26 -37.92
CA VAL A 474 31.16 61.06 -37.19
C VAL A 474 29.91 60.22 -37.07
N LEU A 475 28.75 60.84 -36.82
CA LEU A 475 27.54 60.06 -36.65
C LEU A 475 27.26 59.31 -37.92
N GLY A 476 27.64 59.85 -39.05
CA GLY A 476 27.40 59.14 -40.28
C GLY A 476 28.03 57.73 -40.20
N LYS A 477 29.17 57.57 -39.52
CA LYS A 477 29.80 56.28 -39.43
C LYS A 477 29.19 55.48 -38.31
N VAL A 478 28.67 56.17 -37.32
CA VAL A 478 28.06 55.46 -36.20
C VAL A 478 26.86 54.73 -36.75
N PHE A 479 26.11 55.42 -37.60
CA PHE A 479 24.94 54.86 -38.21
C PHE A 479 25.30 53.80 -39.22
N LEU A 480 26.37 54.00 -39.97
CA LEU A 480 26.77 53.04 -40.96
C LEU A 480 27.21 51.76 -40.27
N THR A 481 27.88 51.92 -39.14
CA THR A 481 28.37 50.80 -38.38
C THR A 481 27.16 49.98 -37.93
N LYS A 482 26.10 50.67 -37.45
CA LYS A 482 24.90 49.96 -37.04
C LYS A 482 24.27 49.26 -38.22
N TYR A 483 24.27 49.90 -39.38
CA TYR A 483 23.71 49.30 -40.57
C TYR A 483 24.37 48.00 -40.88
N TYR A 484 25.70 47.97 -40.84
CA TYR A 484 26.30 46.72 -41.18
C TYR A 484 26.02 45.69 -40.09
N MET A 485 26.03 46.10 -38.82
CA MET A 485 25.76 45.11 -37.77
C MET A 485 24.34 44.57 -37.88
N GLN A 486 23.42 45.38 -38.37
CA GLN A 486 22.03 45.02 -38.56
C GLN A 486 21.75 44.37 -39.92
N ARG A 487 22.77 44.31 -40.80
CA ARG A 487 22.63 43.77 -42.14
C ARG A 487 23.29 42.41 -42.23
N TYR A 488 24.40 42.23 -41.53
CA TYR A 488 25.10 40.97 -41.54
C TYR A 488 25.34 40.58 -40.09
N ALA A 489 25.40 39.29 -39.80
CA ALA A 489 25.69 38.88 -38.42
C ALA A 489 27.18 38.97 -38.13
N ILE A 490 27.62 40.20 -37.91
CA ILE A 490 29.03 40.51 -37.74
C ILE A 490 29.33 41.28 -36.45
N HIS A 491 30.60 41.24 -36.06
CA HIS A 491 31.12 41.98 -34.91
C HIS A 491 31.22 43.45 -35.27
N ALA A 492 31.07 44.33 -34.31
CA ALA A 492 31.23 45.74 -34.62
C ALA A 492 32.60 46.03 -35.26
N GLU A 493 33.66 45.31 -34.86
CA GLU A 493 34.99 45.58 -35.43
C GLU A 493 35.07 45.20 -36.91
N THR A 494 34.07 44.48 -37.38
CA THR A 494 33.97 44.08 -38.77
C THR A 494 33.29 45.23 -39.45
N ALA A 495 32.23 45.73 -38.82
CA ALA A 495 31.44 46.82 -39.35
C ALA A 495 32.33 48.03 -39.57
N LEU A 496 33.33 48.21 -38.71
CA LEU A 496 34.26 49.32 -38.83
C LEU A 496 35.11 49.23 -40.08
N ILE A 497 35.45 48.03 -40.51
CA ILE A 497 36.28 47.86 -41.68
C ILE A 497 35.36 48.06 -42.87
N LEU A 498 34.12 47.63 -42.74
CA LEU A 498 33.10 47.79 -43.79
C LEU A 498 32.81 49.31 -43.96
N CYS A 499 33.11 50.09 -42.91
CA CYS A 499 33.05 51.56 -42.91
C CYS A 499 34.41 52.17 -43.35
N ASN A 500 35.31 51.32 -43.86
CA ASN A 500 36.66 51.62 -44.35
C ASN A 500 37.68 52.06 -43.30
N ALA A 501 37.57 51.55 -42.06
CA ALA A 501 38.55 51.79 -41.02
C ALA A 501 39.83 50.95 -41.25
N PRO A 502 41.00 51.39 -40.74
CA PRO A 502 42.26 50.66 -40.71
C PRO A 502 42.18 49.56 -39.68
N ILE A 503 43.08 48.57 -39.72
CA ILE A 503 43.04 47.60 -38.64
C ILE A 503 43.64 48.20 -37.40
N SER A 504 42.93 48.07 -36.28
CA SER A 504 43.44 48.59 -35.03
C SER A 504 44.43 47.65 -34.36
N GLN A 505 45.54 48.21 -33.85
CA GLN A 505 46.47 47.40 -33.07
C GLN A 505 46.48 47.91 -31.64
N ARG A 506 45.41 48.59 -31.28
CA ARG A 506 45.27 49.10 -29.93
C ARG A 506 44.50 48.12 -29.08
N SER A 507 45.15 47.65 -28.03
CA SER A 507 44.53 46.72 -27.12
C SER A 507 43.90 47.56 -26.02
N TYR A 508 42.63 47.32 -25.73
CA TYR A 508 41.95 48.07 -24.70
C TYR A 508 40.83 47.26 -24.06
N ASP A 509 40.38 47.69 -22.88
CA ASP A 509 39.35 47.03 -22.09
C ASP A 509 39.73 45.58 -21.81
N ASN A 510 41.02 45.39 -21.57
CA ASN A 510 41.66 44.13 -21.27
C ASN A 510 41.49 43.10 -22.37
N GLN A 511 41.30 43.55 -23.60
CA GLN A 511 41.21 42.65 -24.72
C GLN A 511 42.40 42.83 -25.62
N PRO A 512 42.74 41.86 -26.46
CA PRO A 512 43.77 41.97 -27.47
C PRO A 512 43.25 42.92 -28.55
N SER A 513 44.12 43.46 -29.37
CA SER A 513 43.66 44.33 -30.43
C SER A 513 43.14 43.51 -31.60
N GLN A 514 42.46 44.16 -32.56
CA GLN A 514 41.91 43.51 -33.76
C GLN A 514 43.02 42.84 -34.54
N PHE A 515 44.14 43.51 -34.54
CA PHE A 515 45.35 43.06 -35.15
C PHE A 515 45.80 41.75 -34.57
N ASP A 516 45.66 41.58 -33.27
CA ASP A 516 46.19 40.38 -32.68
C ASP A 516 45.23 39.25 -32.95
N ARG A 517 43.94 39.52 -32.97
CA ARG A 517 43.00 38.43 -33.23
C ARG A 517 43.24 37.87 -34.61
N LEU A 518 43.59 38.73 -35.55
CA LEU A 518 43.85 38.31 -36.91
C LEU A 518 45.25 37.77 -37.17
N PHE A 519 46.27 38.35 -36.53
CA PHE A 519 47.63 37.93 -36.86
C PHE A 519 48.46 37.25 -35.75
N ASN A 520 48.11 37.43 -34.46
CA ASN A 520 48.92 36.84 -33.40
C ASN A 520 48.20 35.74 -32.66
N THR A 521 46.89 35.72 -32.70
CA THR A 521 46.21 34.60 -32.10
C THR A 521 46.81 33.37 -32.81
N PRO A 522 46.89 33.33 -34.16
CA PRO A 522 47.62 32.31 -34.88
C PRO A 522 49.12 32.63 -34.87
N LEU A 523 49.73 32.65 -33.69
CA LEU A 523 51.16 32.91 -33.56
C LEU A 523 51.86 31.66 -34.09
N LEU A 524 52.81 31.83 -35.00
CA LEU A 524 53.44 30.65 -35.59
C LEU A 524 54.94 30.67 -35.43
N ASN A 525 55.41 30.31 -34.26
CA ASN A 525 56.84 30.42 -33.93
C ASN A 525 57.32 31.86 -34.09
N GLY A 526 56.49 32.78 -33.65
CA GLY A 526 56.75 34.21 -33.67
C GLY A 526 55.53 35.04 -34.05
N GLN A 527 55.56 36.26 -33.55
CA GLN A 527 54.55 37.29 -33.77
C GLN A 527 54.64 37.96 -35.11
N TYR A 528 53.50 38.45 -35.56
CA TYR A 528 53.38 39.27 -36.73
C TYR A 528 53.34 40.71 -36.22
N PHE A 529 54.19 41.58 -36.76
CA PHE A 529 54.25 42.94 -36.23
C PHE A 529 53.68 44.03 -37.13
N SER A 530 53.50 43.73 -38.40
CA SER A 530 53.04 44.69 -39.40
C SER A 530 53.55 46.12 -39.17
N THR A 531 54.88 46.29 -39.18
CA THR A 531 55.51 47.58 -38.91
C THR A 531 56.10 48.29 -40.13
N GLY A 532 55.84 47.81 -41.34
CA GLY A 532 56.39 48.43 -42.53
C GLY A 532 57.63 47.75 -43.14
N ASP A 533 58.29 46.82 -42.43
CA ASP A 533 59.51 46.20 -42.97
C ASP A 533 59.44 44.80 -43.62
N GLU A 534 58.62 43.91 -43.12
CA GLU A 534 58.66 42.54 -43.63
C GLU A 534 57.81 42.36 -44.87
N GLU A 535 58.41 42.59 -46.03
CA GLU A 535 57.69 42.56 -47.29
C GLU A 535 57.50 41.11 -47.76
N ILE A 536 56.61 40.41 -47.07
CA ILE A 536 56.30 39.01 -47.31
C ILE A 536 55.47 38.86 -48.58
N ASP A 537 55.71 37.81 -49.36
CA ASP A 537 54.97 37.66 -50.61
C ASP A 537 53.54 37.22 -50.38
N LEU A 538 52.68 37.51 -51.36
CA LEU A 538 51.31 37.10 -51.33
C LEU A 538 50.96 36.02 -52.35
N ASN A 539 51.85 35.74 -53.31
CA ASN A 539 51.53 34.76 -54.34
C ASN A 539 51.99 33.35 -53.99
N SER A 540 51.68 32.40 -54.88
CA SER A 540 52.01 30.98 -54.74
C SER A 540 53.34 30.60 -55.36
N GLY A 541 54.00 31.61 -55.90
CA GLY A 541 55.28 31.44 -56.60
C GLY A 541 56.46 31.56 -55.66
N SER A 542 56.19 31.72 -54.38
CA SER A 542 57.28 31.89 -53.43
C SER A 542 56.92 31.51 -52.00
N THR A 543 57.90 31.71 -51.15
CA THR A 543 57.79 31.39 -49.73
C THR A 543 58.33 32.47 -48.84
N GLY A 544 58.43 32.17 -47.56
CA GLY A 544 58.85 33.14 -46.56
C GLY A 544 58.80 32.54 -45.18
N ASP A 545 58.94 33.39 -44.17
CA ASP A 545 58.94 32.96 -42.80
C ASP A 545 57.51 32.87 -42.29
N TRP A 546 57.39 32.70 -40.99
CA TRP A 546 56.11 32.52 -40.35
C TRP A 546 55.18 33.71 -40.55
N ARG A 547 55.72 34.88 -40.88
CA ARG A 547 54.89 36.04 -41.05
C ARG A 547 54.08 35.89 -42.33
N LYS A 548 54.61 35.12 -43.31
CA LYS A 548 53.90 34.88 -44.56
C LYS A 548 52.74 33.95 -44.26
N THR A 549 53.02 32.94 -43.45
CA THR A 549 51.99 31.97 -43.09
C THR A 549 50.90 32.69 -42.30
N ILE A 550 51.30 33.61 -41.44
CA ILE A 550 50.35 34.35 -40.66
C ILE A 550 49.47 35.21 -41.56
N LEU A 551 50.06 35.89 -42.54
CA LEU A 551 49.24 36.71 -43.42
C LEU A 551 48.12 35.85 -44.01
N LYS A 552 48.42 34.59 -44.33
CA LYS A 552 47.37 33.70 -44.83
C LYS A 552 46.33 33.35 -43.76
N ARG A 553 46.80 33.09 -42.52
CA ARG A 553 45.90 32.67 -41.44
C ARG A 553 44.92 33.77 -41.06
N ALA A 554 45.36 35.01 -41.21
CA ALA A 554 44.57 36.19 -40.92
C ALA A 554 43.33 36.29 -41.78
N PHE A 555 43.37 35.66 -42.94
CA PHE A 555 42.26 35.68 -43.86
C PHE A 555 41.70 34.26 -44.00
N ASN A 556 42.50 33.26 -43.61
CA ASN A 556 42.23 31.83 -43.75
C ASN A 556 42.07 31.42 -45.21
N ILE A 557 42.95 31.98 -46.04
CA ILE A 557 42.98 31.67 -47.47
C ILE A 557 44.38 31.25 -47.90
N ASP A 558 44.49 30.53 -49.01
CA ASP A 558 45.82 30.13 -49.46
C ASP A 558 46.49 31.23 -50.26
N ASP A 559 47.73 30.98 -50.67
CA ASP A 559 48.54 31.93 -51.45
C ASP A 559 47.92 32.32 -52.78
N VAL A 560 47.22 31.42 -53.43
CA VAL A 560 46.65 31.79 -54.71
C VAL A 560 45.54 32.81 -54.50
N SER A 561 44.72 32.56 -53.50
CA SER A 561 43.59 33.40 -53.14
C SER A 561 44.07 34.75 -52.60
N LEU A 562 45.18 34.73 -51.87
CA LEU A 562 45.77 35.91 -51.25
C LEU A 562 46.31 36.83 -52.33
N PHE A 563 47.02 36.28 -53.30
CA PHE A 563 47.44 37.10 -54.40
C PHE A 563 46.26 37.64 -55.17
N ARG A 564 45.27 36.80 -55.47
CA ARG A 564 44.14 37.31 -56.22
C ARG A 564 43.50 38.44 -55.42
N LEU A 565 43.47 38.29 -54.10
CA LEU A 565 42.90 39.30 -53.22
C LEU A 565 43.70 40.58 -53.39
N LEU A 566 45.00 40.47 -53.59
CA LEU A 566 45.82 41.64 -53.74
C LEU A 566 45.47 42.38 -55.01
N LYS A 567 45.37 41.69 -56.15
CA LYS A 567 45.05 42.45 -57.38
C LYS A 567 43.64 43.08 -57.28
N ILE A 568 42.75 42.49 -56.47
CA ILE A 568 41.42 43.03 -56.24
C ILE A 568 41.53 44.27 -55.33
N THR A 569 42.33 44.14 -54.29
CA THR A 569 42.59 45.16 -53.30
C THR A 569 43.22 46.38 -53.96
N ASP A 570 44.12 46.12 -54.88
CA ASP A 570 44.82 47.13 -55.64
C ASP A 570 45.10 46.60 -57.04
N HIS A 571 44.42 47.13 -58.05
CA HIS A 571 44.55 46.66 -59.43
C HIS A 571 45.90 47.07 -60.01
N ASP A 572 46.57 48.02 -59.35
CA ASP A 572 47.86 48.47 -59.78
C ASP A 572 48.99 47.68 -59.11
N ASN A 573 48.64 46.69 -58.28
CA ASN A 573 49.66 45.91 -57.61
C ASN A 573 49.46 44.42 -57.78
N LYS A 574 50.16 43.86 -58.75
CA LYS A 574 50.08 42.44 -59.07
C LYS A 574 51.40 41.80 -58.71
N ASP A 575 52.18 42.54 -57.96
CA ASP A 575 53.48 42.09 -57.50
C ASP A 575 53.31 41.30 -56.21
N GLY A 576 54.41 40.80 -55.67
CA GLY A 576 54.43 40.07 -54.41
C GLY A 576 54.78 41.02 -53.26
N LYS A 577 54.79 42.31 -53.54
CA LYS A 577 55.15 43.27 -52.52
C LYS A 577 53.95 43.76 -51.73
N ILE A 578 54.17 43.88 -50.44
CA ILE A 578 53.24 44.43 -49.47
C ILE A 578 54.15 45.16 -48.53
N LYS A 579 53.71 46.25 -47.93
CA LYS A 579 54.59 46.93 -46.97
C LYS A 579 54.37 46.41 -45.57
N ASN A 580 53.54 45.42 -45.46
CA ASN A 580 53.25 44.74 -44.22
C ASN A 580 52.81 45.69 -43.10
N ASN A 581 51.68 46.40 -43.27
CA ASN A 581 51.26 47.36 -42.26
C ASN A 581 49.73 47.36 -42.16
N LEU A 582 49.19 48.05 -41.17
CA LEU A 582 47.75 48.07 -40.89
C LEU A 582 46.89 48.72 -41.97
N LYS A 583 47.50 49.60 -42.77
CA LYS A 583 46.75 50.27 -43.82
C LYS A 583 46.50 49.31 -44.93
N ASN A 584 47.53 48.55 -45.29
CA ASN A 584 47.39 47.65 -46.42
C ASN A 584 46.69 46.39 -45.98
N LEU A 585 46.84 46.04 -44.72
CA LEU A 585 46.19 44.85 -44.23
C LEU A 585 44.69 45.08 -44.14
N SER A 586 44.21 46.29 -43.77
CA SER A 586 42.77 46.49 -43.75
C SER A 586 42.25 46.49 -45.16
N ASN A 587 43.09 46.87 -46.10
CA ASN A 587 42.66 46.90 -47.47
C ASN A 587 42.41 45.45 -47.95
N LEU A 588 43.30 44.53 -47.57
CA LEU A 588 43.11 43.13 -47.93
C LEU A 588 41.93 42.56 -47.14
N TYR A 589 41.82 43.02 -45.90
CA TYR A 589 40.81 42.51 -45.01
C TYR A 589 39.46 42.89 -45.51
N ILE A 590 39.27 44.12 -46.01
CA ILE A 590 37.98 44.48 -46.56
C ILE A 590 37.66 43.65 -47.78
N GLY A 591 38.64 43.35 -48.65
CA GLY A 591 38.29 42.53 -49.79
C GLY A 591 37.79 41.17 -49.34
N LYS A 592 38.45 40.62 -48.33
CA LYS A 592 38.02 39.35 -47.82
C LYS A 592 36.66 39.48 -47.16
N LEU A 593 36.43 40.54 -46.40
CA LEU A 593 35.15 40.65 -45.74
C LEU A 593 34.06 40.75 -46.75
N LEU A 594 34.28 41.44 -47.87
CA LEU A 594 33.21 41.55 -48.82
C LEU A 594 32.85 40.13 -49.29
N ALA A 595 33.87 39.30 -49.50
CA ALA A 595 33.58 37.91 -49.85
C ALA A 595 32.85 37.16 -48.71
N ASP A 596 33.14 37.50 -47.45
CA ASP A 596 32.54 36.75 -46.34
C ASP A 596 31.14 37.23 -45.95
N ILE A 597 30.86 38.50 -46.15
CA ILE A 597 29.55 39.04 -45.80
C ILE A 597 28.53 38.52 -46.85
N HIS A 598 29.01 38.31 -48.07
CA HIS A 598 28.25 37.78 -49.19
C HIS A 598 28.56 36.30 -49.37
N GLN A 599 27.96 35.67 -50.37
CA GLN A 599 28.19 34.25 -50.64
C GLN A 599 29.29 34.07 -51.69
N LEU A 600 29.92 35.19 -52.02
CA LEU A 600 30.98 35.33 -53.01
C LEU A 600 32.29 34.74 -52.53
N THR A 601 33.08 34.26 -53.47
CA THR A 601 34.40 33.76 -53.19
C THR A 601 35.38 34.81 -53.70
N ILE A 602 36.67 34.65 -53.42
CA ILE A 602 37.60 35.63 -53.98
C ILE A 602 37.57 35.56 -55.49
N ASP A 603 37.53 34.36 -56.07
CA ASP A 603 37.45 34.32 -57.51
C ASP A 603 36.20 35.06 -58.00
N GLU A 604 35.07 34.93 -57.30
CA GLU A 604 33.91 35.67 -57.77
C GLU A 604 34.12 37.17 -57.67
N LEU A 605 34.93 37.65 -56.74
CA LEU A 605 35.17 39.08 -56.65
C LEU A 605 35.89 39.52 -57.93
N ASP A 606 36.79 38.66 -58.41
CA ASP A 606 37.57 38.96 -59.61
C ASP A 606 36.63 38.99 -60.80
N LEU A 607 35.64 38.11 -60.78
CA LEU A 607 34.69 38.06 -61.86
C LEU A 607 33.85 39.33 -61.84
N LEU A 608 33.48 39.82 -60.64
CA LEU A 608 32.65 41.03 -60.42
C LEU A 608 33.34 42.27 -60.89
N LEU A 609 34.67 42.24 -60.95
CA LEU A 609 35.40 43.39 -61.43
C LEU A 609 34.91 43.71 -62.84
N ILE A 610 34.52 42.68 -63.58
CA ILE A 610 33.98 42.85 -64.90
C ILE A 610 32.46 42.68 -64.86
N ALA A 611 31.98 41.63 -64.21
CA ALA A 611 30.56 41.25 -64.28
C ALA A 611 29.60 42.34 -63.84
N VAL A 612 29.98 43.16 -62.85
CA VAL A 612 29.11 44.23 -62.41
C VAL A 612 29.86 45.56 -62.55
N GLY A 613 31.02 45.52 -63.23
CA GLY A 613 31.87 46.68 -63.38
C GLY A 613 32.69 47.15 -62.16
N GLU A 614 33.14 46.25 -61.26
CA GLU A 614 33.90 46.71 -60.07
C GLU A 614 35.40 46.94 -60.28
N GLY A 615 35.89 46.72 -61.50
CA GLY A 615 37.27 46.95 -61.81
C GLY A 615 37.52 48.43 -62.06
N LYS A 616 38.74 48.76 -62.49
CA LYS A 616 39.20 50.14 -62.74
C LYS A 616 39.25 51.01 -61.47
N THR A 617 39.09 50.37 -60.35
CA THR A 617 39.17 50.93 -59.03
C THR A 617 39.67 49.87 -58.10
N ASN A 618 39.72 50.16 -56.82
CA ASN A 618 40.24 49.17 -55.91
C ASN A 618 39.63 49.34 -54.51
N LEU A 619 40.26 48.72 -53.51
CA LEU A 619 39.83 48.83 -52.14
C LEU A 619 40.83 49.69 -51.35
N SER A 620 42.09 49.71 -51.81
CA SER A 620 43.13 50.45 -51.09
C SER A 620 43.18 51.95 -51.30
N ALA A 621 42.53 52.47 -52.35
CA ALA A 621 42.62 53.88 -52.64
C ALA A 621 41.26 54.40 -53.02
N ILE A 622 40.32 54.25 -52.11
CA ILE A 622 38.97 54.72 -52.32
C ILE A 622 38.47 55.51 -51.13
N SER A 623 37.46 56.33 -51.36
CA SER A 623 36.86 57.04 -50.24
C SER A 623 36.00 56.07 -49.47
N ASP A 624 35.59 56.45 -48.28
CA ASP A 624 34.74 55.63 -47.48
C ASP A 624 33.33 55.63 -48.05
N LYS A 625 32.99 56.74 -48.70
CA LYS A 625 31.70 56.90 -49.36
C LYS A 625 31.63 55.89 -50.50
N GLN A 626 32.76 55.70 -51.17
CA GLN A 626 32.79 54.75 -52.26
C GLN A 626 32.65 53.36 -51.70
N LEU A 627 33.34 53.06 -50.60
CA LEU A 627 33.21 51.71 -50.09
C LEU A 627 31.79 51.40 -49.71
N ALA A 628 31.12 52.35 -49.06
CA ALA A 628 29.74 52.15 -48.69
C ALA A 628 28.86 51.97 -49.94
N THR A 629 29.21 52.67 -51.01
CA THR A 629 28.44 52.60 -52.23
C THR A 629 28.62 51.22 -52.82
N LEU A 630 29.86 50.72 -52.80
CA LEU A 630 30.16 49.40 -53.33
C LEU A 630 29.43 48.34 -52.56
N ILE A 631 29.34 48.48 -51.25
CA ILE A 631 28.66 47.47 -50.47
C ILE A 631 27.19 47.46 -50.81
N ARG A 632 26.58 48.63 -50.94
CA ARG A 632 25.18 48.64 -51.31
C ARG A 632 25.00 48.12 -52.74
N LYS A 633 25.92 48.41 -53.66
CA LYS A 633 25.80 47.86 -55.00
C LYS A 633 25.80 46.34 -54.90
N LEU A 634 26.66 45.79 -54.03
CA LEU A 634 26.65 44.36 -53.82
C LEU A 634 25.36 43.92 -53.15
N ASN A 635 24.81 44.69 -52.21
CA ASN A 635 23.57 44.22 -51.60
C ASN A 635 22.48 44.15 -52.67
N THR A 636 22.53 45.09 -53.61
CA THR A 636 21.58 45.23 -54.71
C THR A 636 21.71 44.10 -55.72
N ILE A 637 22.94 43.76 -56.08
CA ILE A 637 23.13 42.73 -57.09
C ILE A 637 23.25 41.34 -56.51
N THR A 638 23.98 41.17 -55.41
CA THR A 638 24.17 39.84 -54.91
C THR A 638 22.90 39.30 -54.31
N SER A 639 22.07 40.13 -53.64
CA SER A 639 20.86 39.57 -53.07
C SER A 639 19.95 39.17 -54.19
N TRP A 640 20.04 39.90 -55.28
CA TRP A 640 19.28 39.61 -56.45
C TRP A 640 19.72 38.30 -57.08
N LEU A 641 21.03 38.09 -57.24
CA LEU A 641 21.53 36.87 -57.87
C LEU A 641 21.11 35.67 -57.02
N HIS A 642 21.04 35.87 -55.71
CA HIS A 642 20.68 34.82 -54.78
C HIS A 642 19.22 34.37 -54.93
N THR A 643 18.31 35.25 -55.40
CA THR A 643 16.90 34.83 -55.53
C THR A 643 16.61 34.43 -56.97
N GLN A 644 17.47 34.88 -57.88
CA GLN A 644 17.36 34.55 -59.30
C GLN A 644 18.10 33.25 -59.58
N LYS A 645 18.79 32.74 -58.58
CA LYS A 645 19.63 31.55 -58.63
C LYS A 645 20.72 31.64 -59.68
N TRP A 646 21.33 32.81 -59.80
CA TRP A 646 22.43 33.00 -60.71
C TRP A 646 23.76 33.03 -59.94
N SER A 647 24.82 32.52 -60.53
CA SER A 647 26.15 32.64 -59.94
C SER A 647 26.79 33.89 -60.51
N VAL A 648 27.90 34.34 -59.93
CA VAL A 648 28.58 35.48 -60.53
C VAL A 648 29.10 35.09 -61.87
N PHE A 649 29.61 33.87 -61.99
CA PHE A 649 30.14 33.43 -63.26
C PHE A 649 29.07 33.53 -64.34
N GLN A 650 27.88 33.05 -64.04
CA GLN A 650 26.85 33.16 -65.07
C GLN A 650 26.63 34.62 -65.45
N LEU A 651 26.65 35.52 -64.44
CA LEU A 651 26.47 36.93 -64.71
C LEU A 651 27.62 37.41 -65.60
N PHE A 652 28.84 37.01 -65.24
CA PHE A 652 30.06 37.39 -65.92
C PHE A 652 30.05 37.03 -67.37
N ILE A 653 29.67 35.80 -67.70
CA ILE A 653 29.68 35.47 -69.11
C ILE A 653 28.60 36.25 -69.84
N MET A 654 27.47 36.52 -69.19
CA MET A 654 26.40 37.33 -69.77
C MET A 654 26.71 38.83 -69.83
N THR A 655 27.54 39.34 -68.91
CA THR A 655 27.80 40.78 -68.86
C THR A 655 29.16 41.22 -69.37
N SER A 656 30.09 40.29 -69.47
CA SER A 656 31.38 40.65 -70.00
C SER A 656 31.22 41.12 -71.44
N THR A 657 31.97 42.13 -71.81
CA THR A 657 31.94 42.65 -73.17
C THR A 657 33.28 42.50 -73.84
N SER A 658 34.08 41.55 -73.32
CA SER A 658 35.42 41.26 -73.84
C SER A 658 35.38 40.70 -75.27
N TYR A 659 34.27 40.05 -75.61
CA TYR A 659 34.02 39.50 -76.93
C TYR A 659 35.25 38.93 -77.60
N ASN A 660 35.70 37.78 -77.14
CA ASN A 660 36.90 37.17 -77.69
C ASN A 660 36.80 36.92 -79.17
N LYS A 661 37.81 37.37 -79.90
CA LYS A 661 37.85 37.23 -81.35
C LYS A 661 38.39 35.88 -81.78
N THR A 662 37.48 34.92 -81.84
CA THR A 662 37.82 33.53 -82.12
C THR A 662 36.74 32.79 -82.93
N LEU A 663 37.16 31.78 -83.71
CA LEU A 663 36.28 30.99 -84.58
C LEU A 663 36.29 29.48 -84.37
N THR A 664 36.21 29.05 -83.13
CA THR A 664 36.18 27.63 -82.79
C THR A 664 34.77 27.18 -83.16
N PRO A 665 34.42 25.87 -83.22
CA PRO A 665 33.11 25.34 -83.59
C PRO A 665 31.94 26.01 -82.89
N GLU A 666 32.12 26.44 -81.65
CA GLU A 666 31.04 27.09 -80.91
C GLU A 666 30.55 28.38 -81.60
N ILE A 667 31.42 28.97 -82.40
CA ILE A 667 31.13 30.19 -83.13
C ILE A 667 30.87 29.85 -84.59
N LYS A 668 31.76 29.04 -85.18
CA LYS A 668 31.74 28.64 -86.58
C LYS A 668 30.39 28.04 -86.91
N ASN A 669 29.82 27.29 -85.97
CA ASN A 669 28.56 26.62 -86.24
C ASN A 669 27.43 27.60 -86.57
N LEU A 670 27.52 28.86 -86.15
CA LEU A 670 26.48 29.79 -86.50
C LEU A 670 26.80 30.41 -87.84
N LEU A 671 28.08 30.71 -88.03
CA LEU A 671 28.48 31.38 -89.25
C LEU A 671 28.19 30.48 -90.43
N ASP A 672 28.43 29.21 -90.26
CA ASP A 672 28.21 28.31 -91.36
C ASP A 672 26.75 28.24 -91.88
N THR A 673 25.71 28.62 -91.11
CA THR A 673 24.35 28.58 -91.67
C THR A 673 23.85 30.00 -92.01
N VAL A 674 24.49 31.03 -91.42
CA VAL A 674 24.08 32.41 -91.68
C VAL A 674 24.33 32.69 -93.15
N TYR A 675 25.30 31.97 -93.73
CA TYR A 675 25.62 32.12 -95.14
C TYR A 675 24.49 31.76 -96.02
N HIS A 676 23.64 30.85 -95.61
CA HIS A 676 22.60 30.54 -96.52
C HIS A 676 21.71 31.76 -96.58
N GLY A 677 21.46 32.36 -95.43
CA GLY A 677 20.63 33.56 -95.38
C GLY A 677 21.25 34.72 -96.15
N LEU A 678 22.57 34.82 -96.09
CA LEU A 678 23.32 35.92 -96.71
C LEU A 678 23.65 35.68 -98.18
N GLN A 679 23.29 34.52 -98.69
CA GLN A 679 23.61 34.22 -100.07
C GLN A 679 22.35 34.00 -100.90
N GLY A 680 21.28 33.50 -100.28
CA GLY A 680 20.03 33.22 -100.99
C GLY A 680 19.06 34.41 -101.02
N PHE A 681 19.45 35.53 -100.40
CA PHE A 681 18.62 36.72 -100.33
C PHE A 681 19.27 37.97 -100.93
N ASP A 682 18.44 38.83 -101.49
CA ASP A 682 18.90 40.11 -102.04
C ASP A 682 18.91 41.19 -100.97
N LYS A 683 20.10 41.56 -100.54
CA LYS A 683 20.30 42.48 -99.43
C LYS A 683 19.73 43.87 -99.61
N ASP A 684 19.53 44.34 -100.83
CA ASP A 684 19.00 45.69 -100.94
C ASP A 684 17.47 45.69 -100.93
N LYS A 685 16.87 44.52 -100.91
CA LYS A 685 15.42 44.39 -100.91
C LYS A 685 14.96 43.72 -99.62
N ALA A 686 15.81 42.84 -99.13
CA ALA A 686 15.54 42.00 -97.99
C ALA A 686 15.85 42.70 -96.68
N ASP A 687 15.06 42.40 -95.67
CA ASP A 687 15.34 42.91 -94.34
C ASP A 687 16.24 41.91 -93.65
N LEU A 688 17.49 42.27 -93.44
CA LEU A 688 18.43 41.33 -92.84
C LEU A 688 17.92 40.74 -91.53
N LEU A 689 17.14 41.48 -90.75
CA LEU A 689 16.68 40.88 -89.50
C LEU A 689 15.77 39.68 -89.82
N HIS A 690 15.00 39.76 -90.91
CA HIS A 690 14.09 38.69 -91.30
C HIS A 690 14.84 37.57 -91.98
N VAL A 691 15.96 37.93 -92.59
CA VAL A 691 16.80 36.95 -93.27
C VAL A 691 17.61 36.14 -92.28
N MET A 692 18.28 36.82 -91.35
CA MET A 692 19.14 36.16 -90.39
C MET A 692 18.42 35.55 -89.19
N ALA A 693 17.31 36.14 -88.71
CA ALA A 693 16.68 35.60 -87.52
C ALA A 693 16.34 34.10 -87.68
N PRO A 694 15.82 33.61 -88.83
CA PRO A 694 15.54 32.20 -89.06
C PRO A 694 16.74 31.28 -89.00
N TYR A 695 17.97 31.78 -89.21
CA TYR A 695 19.09 30.87 -89.19
C TYR A 695 19.68 30.82 -87.82
N ILE A 696 19.68 31.96 -87.15
CA ILE A 696 20.25 31.96 -85.81
C ILE A 696 19.29 31.19 -84.92
N ALA A 697 18.02 31.08 -85.33
CA ALA A 697 17.09 30.29 -84.56
C ALA A 697 17.59 28.86 -84.33
N ALA A 698 18.28 28.28 -85.33
CA ALA A 698 18.77 26.90 -85.27
C ALA A 698 20.11 26.77 -84.58
N THR A 699 20.92 27.84 -84.62
CA THR A 699 22.27 27.79 -84.06
C THR A 699 22.25 28.26 -82.60
N LEU A 700 21.24 29.03 -82.27
CA LEU A 700 20.93 29.51 -80.95
C LEU A 700 20.02 28.44 -80.44
N GLN A 701 19.74 28.37 -79.17
CA GLN A 701 18.94 27.27 -78.72
C GLN A 701 17.48 27.55 -78.86
N LEU A 702 16.94 27.22 -80.04
CA LEU A 702 15.51 27.37 -80.31
C LEU A 702 15.03 28.80 -80.19
N SER A 703 15.74 29.73 -80.77
CA SER A 703 15.31 31.11 -80.65
C SER A 703 14.23 31.29 -81.70
N SER A 704 13.01 31.57 -81.27
CA SER A 704 11.92 31.66 -82.23
C SER A 704 12.24 32.83 -83.11
N GLU A 705 11.64 32.93 -84.29
CA GLU A 705 12.03 34.01 -85.19
C GLU A 705 11.91 35.38 -84.55
N ASN A 706 10.92 35.55 -83.71
CA ASN A 706 10.68 36.80 -83.03
C ASN A 706 11.69 37.07 -81.91
N VAL A 707 12.22 36.03 -81.29
CA VAL A 707 13.20 36.26 -80.25
C VAL A 707 14.46 36.56 -81.00
N ALA A 708 14.76 35.75 -82.00
CA ALA A 708 15.93 35.88 -82.83
C ALA A 708 15.95 37.26 -83.48
N HIS A 709 14.78 37.77 -83.86
CA HIS A 709 14.66 39.08 -84.47
C HIS A 709 15.13 40.13 -83.48
N SER A 710 14.63 40.04 -82.24
CA SER A 710 14.99 40.95 -81.16
C SER A 710 16.45 40.80 -80.75
N VAL A 711 16.97 39.58 -80.83
CA VAL A 711 18.35 39.33 -80.48
C VAL A 711 19.24 40.07 -81.48
N LEU A 712 18.91 40.02 -82.77
CA LEU A 712 19.67 40.77 -83.75
C LEU A 712 19.42 42.28 -83.66
N LEU A 713 18.16 42.68 -83.49
CA LEU A 713 17.83 44.10 -83.45
C LEU A 713 18.63 44.75 -82.35
N TRP A 714 18.74 44.02 -81.23
CA TRP A 714 19.47 44.47 -80.09
C TRP A 714 20.92 44.66 -80.42
N ALA A 715 21.55 43.67 -81.00
CA ALA A 715 22.97 43.78 -81.25
C ALA A 715 23.24 44.92 -82.19
N ASP A 716 22.34 45.13 -83.13
CA ASP A 716 22.58 46.18 -84.08
C ASP A 716 22.56 47.54 -83.41
N LYS A 717 21.70 47.72 -82.42
CA LYS A 717 21.64 49.02 -81.78
C LYS A 717 22.75 49.19 -80.76
N LEU A 718 23.13 48.09 -80.12
CA LEU A 718 24.13 48.09 -79.07
C LEU A 718 25.55 48.20 -79.60
N GLN A 719 25.82 47.57 -80.74
CA GLN A 719 27.15 47.47 -81.30
C GLN A 719 28.09 46.77 -80.30
N PRO A 720 27.82 45.50 -79.94
CA PRO A 720 28.53 44.71 -78.96
C PRO A 720 29.84 44.14 -79.50
N GLY A 721 30.79 45.03 -79.71
CA GLY A 721 32.08 44.66 -80.26
C GLY A 721 33.05 45.82 -80.11
N ASP A 722 34.20 45.74 -80.79
CA ASP A 722 35.22 46.77 -80.67
C ASP A 722 34.82 48.07 -81.36
N GLY A 723 34.10 47.95 -82.47
CA GLY A 723 33.66 49.09 -83.26
C GLY A 723 32.16 49.02 -83.47
N ALA A 724 31.66 49.65 -84.54
CA ALA A 724 30.22 49.66 -84.76
C ALA A 724 29.78 48.37 -85.40
N MET A 725 29.87 47.32 -84.61
CA MET A 725 29.61 46.01 -85.12
C MET A 725 28.17 45.62 -85.12
N THR A 726 27.59 45.78 -86.29
CA THR A 726 26.19 45.47 -86.53
C THR A 726 26.08 44.43 -87.66
N ALA A 727 24.89 43.86 -87.82
CA ALA A 727 24.63 42.78 -88.77
C ALA A 727 25.00 43.09 -90.22
N GLU A 728 25.00 44.32 -90.67
CA GLU A 728 25.32 44.56 -92.08
C GLU A 728 26.71 44.07 -92.55
N LYS A 729 27.69 43.88 -91.64
CA LYS A 729 29.04 43.45 -92.06
C LYS A 729 28.96 42.04 -92.65
N PHE A 730 27.87 41.36 -92.33
CA PHE A 730 27.61 40.03 -92.76
C PHE A 730 27.40 40.01 -94.28
N TRP A 731 26.75 41.05 -94.83
CA TRP A 731 26.48 41.07 -96.26
C TRP A 731 27.69 41.44 -97.09
N ASP A 732 28.55 42.26 -96.52
CA ASP A 732 29.71 42.72 -97.29
C ASP A 732 30.96 41.87 -97.18
N TRP A 733 31.21 41.28 -96.00
CA TRP A 733 32.44 40.51 -95.85
C TRP A 733 32.22 39.05 -95.52
N LEU A 734 31.27 38.78 -94.63
CA LEU A 734 31.17 37.41 -94.15
C LEU A 734 30.73 36.47 -95.26
N ASN A 735 29.82 36.91 -96.10
CA ASN A 735 29.30 36.05 -97.16
C ASN A 735 30.05 36.17 -98.47
N THR A 736 31.19 36.85 -98.43
CA THR A 736 32.04 37.11 -99.57
C THR A 736 33.43 36.57 -99.33
N LYS A 737 34.17 37.23 -98.45
CA LYS A 737 35.55 36.86 -98.15
C LYS A 737 35.69 35.71 -97.16
N TYR A 738 34.77 35.59 -96.19
CA TYR A 738 34.95 34.59 -95.13
C TYR A 738 35.25 33.24 -95.69
N THR A 739 34.51 32.85 -96.72
CA THR A 739 34.62 31.57 -97.36
C THR A 739 34.01 30.55 -96.37
N PRO A 740 32.74 30.20 -96.53
CA PRO A 740 32.01 29.36 -95.58
C PRO A 740 32.78 28.09 -95.37
N GLY A 741 32.88 27.64 -94.11
CA GLY A 741 33.62 26.43 -93.79
C GLY A 741 35.09 26.67 -93.39
N SER A 742 35.63 27.87 -93.65
CA SER A 742 37.02 28.21 -93.33
C SER A 742 37.14 29.39 -92.40
N SER A 743 38.13 29.37 -91.51
CA SER A 743 38.37 30.50 -90.60
C SER A 743 39.51 31.41 -91.08
N GLU A 744 40.04 31.12 -92.28
CA GLU A 744 41.12 31.91 -92.85
C GLU A 744 40.53 32.97 -93.76
N ALA A 745 40.43 34.19 -93.26
CA ALA A 745 39.75 35.25 -93.97
C ALA A 745 40.09 36.62 -93.41
N VAL A 746 39.54 37.62 -94.08
CA VAL A 746 39.66 39.02 -93.70
C VAL A 746 39.20 39.20 -92.27
N GLU A 747 39.89 40.07 -91.53
CA GLU A 747 39.71 40.37 -90.10
C GLU A 747 38.31 40.83 -89.74
N THR A 748 37.50 41.14 -90.72
CA THR A 748 36.12 41.54 -90.47
C THR A 748 35.46 40.36 -89.75
N GLN A 749 35.87 39.13 -90.10
CA GLN A 749 35.32 37.92 -89.53
C GLN A 749 35.45 37.90 -88.00
N GLU A 750 36.39 38.66 -87.44
CA GLU A 750 36.60 38.67 -86.01
C GLU A 750 35.54 39.53 -85.34
N HIS A 751 35.04 40.53 -86.06
CA HIS A 751 34.05 41.42 -85.51
C HIS A 751 32.72 40.69 -85.59
N ILE A 752 32.63 39.80 -86.59
CA ILE A 752 31.46 38.96 -86.78
C ILE A 752 31.37 38.05 -85.57
N VAL A 753 32.53 37.54 -85.12
CA VAL A 753 32.52 36.70 -83.94
C VAL A 753 31.99 37.45 -82.77
N GLN A 754 32.44 38.68 -82.58
CA GLN A 754 32.01 39.38 -81.38
C GLN A 754 30.50 39.57 -81.40
N TYR A 755 29.96 39.88 -82.58
CA TYR A 755 28.53 40.07 -82.76
C TYR A 755 27.77 38.80 -82.42
N CYS A 756 28.25 37.68 -82.94
CA CYS A 756 27.59 36.40 -82.77
C CYS A 756 27.60 35.99 -81.30
N GLN A 757 28.72 36.26 -80.60
CA GLN A 757 28.79 35.93 -79.19
C GLN A 757 27.81 36.78 -78.43
N ALA A 758 27.68 38.03 -78.83
CA ALA A 758 26.75 38.92 -78.20
C ALA A 758 25.33 38.46 -78.35
N LEU A 759 25.02 37.86 -79.51
CA LEU A 759 23.67 37.42 -79.75
C LEU A 759 23.39 36.32 -78.75
N ALA A 760 24.40 35.45 -78.55
CA ALA A 760 24.30 34.35 -77.61
C ALA A 760 24.14 34.88 -76.19
N GLN A 761 24.77 36.01 -75.89
CA GLN A 761 24.61 36.53 -74.55
C GLN A 761 23.21 36.99 -74.32
N LEU A 762 22.60 37.66 -75.30
CA LEU A 762 21.24 38.11 -75.03
C LEU A 762 20.35 36.89 -74.90
N GLU A 763 20.68 35.83 -75.64
CA GLU A 763 19.93 34.60 -75.56
C GLU A 763 20.00 34.03 -74.15
N MET A 764 21.21 34.02 -73.57
CA MET A 764 21.35 33.48 -72.22
C MET A 764 20.53 34.30 -71.27
N VAL A 765 20.48 35.61 -71.52
CA VAL A 765 19.71 36.51 -70.68
C VAL A 765 18.23 36.21 -70.83
N TYR A 766 17.76 36.01 -72.05
CA TYR A 766 16.36 35.72 -72.25
C TYR A 766 15.93 34.51 -71.41
N HIS A 767 16.71 33.44 -71.49
CA HIS A 767 16.38 32.18 -70.83
C HIS A 767 16.61 32.23 -69.33
N SER A 768 17.68 32.89 -68.87
CA SER A 768 17.97 32.96 -67.45
C SER A 768 17.05 33.95 -66.76
N THR A 769 16.53 34.90 -67.55
CA THR A 769 15.58 35.88 -67.07
C THR A 769 14.17 35.30 -66.99
N GLY A 770 13.77 34.48 -67.97
CA GLY A 770 12.40 33.94 -67.94
C GLY A 770 11.43 34.98 -68.48
N ILE A 771 11.94 35.80 -69.38
CA ILE A 771 11.18 36.88 -70.00
C ILE A 771 10.33 36.40 -71.17
N ASN A 772 9.11 36.93 -71.29
CA ASN A 772 8.24 36.54 -72.39
C ASN A 772 8.78 37.10 -73.70
N GLU A 773 8.38 36.51 -74.82
CA GLU A 773 8.85 36.92 -76.14
C GLU A 773 8.56 38.38 -76.45
N ASN A 774 7.36 38.82 -76.11
CA ASN A 774 7.00 40.18 -76.42
C ASN A 774 7.56 41.10 -75.39
N ALA A 775 7.66 40.60 -74.19
CA ALA A 775 8.16 41.40 -73.12
C ALA A 775 9.59 41.81 -73.44
N PHE A 776 10.30 40.87 -74.05
CA PHE A 776 11.66 40.93 -74.48
C PHE A 776 11.88 41.86 -75.66
N ARG A 777 11.05 41.76 -76.70
CA ARG A 777 11.28 42.61 -77.85
C ARG A 777 11.09 44.07 -77.52
N LEU A 778 10.29 44.36 -76.50
CA LEU A 778 10.05 45.73 -76.14
C LEU A 778 11.28 46.46 -75.64
N PHE A 779 12.26 45.76 -75.09
CA PHE A 779 13.44 46.43 -74.56
C PHE A 779 14.43 46.74 -75.61
N VAL A 780 14.17 46.21 -76.78
CA VAL A 780 15.03 46.37 -77.87
C VAL A 780 14.37 47.41 -78.77
N THR A 781 13.04 47.27 -78.92
CA THR A 781 12.18 48.09 -79.74
C THR A 781 12.10 49.54 -79.19
N LYS A 782 11.89 49.69 -77.86
CA LYS A 782 11.84 51.00 -77.23
C LYS A 782 12.64 51.04 -75.90
N PRO A 783 13.98 50.87 -75.93
CA PRO A 783 14.88 50.73 -74.78
C PRO A 783 14.73 51.84 -73.73
N GLU A 784 14.39 53.03 -74.18
CA GLU A 784 14.27 54.18 -73.28
C GLU A 784 13.33 53.91 -72.13
N MET A 785 12.23 53.23 -72.37
CA MET A 785 11.14 53.06 -71.42
C MET A 785 11.54 52.27 -70.20
N PHE A 786 12.63 51.54 -70.32
CA PHE A 786 13.08 50.63 -69.31
C PHE A 786 14.34 51.07 -68.62
N GLY A 787 14.86 52.23 -69.00
CA GLY A 787 16.12 52.64 -68.41
C GLY A 787 17.30 51.88 -69.04
N ALA A 788 17.11 51.39 -70.27
CA ALA A 788 18.12 50.64 -70.98
C ALA A 788 19.10 51.65 -71.54
N ALA A 789 19.94 51.25 -72.49
CA ALA A 789 20.97 52.14 -73.01
C ALA A 789 20.33 53.38 -73.61
N THR A 790 19.04 53.27 -73.97
CA THR A 790 18.17 54.36 -74.45
C THR A 790 18.49 54.85 -75.84
N GLY A 791 19.73 55.23 -76.08
CA GLY A 791 20.20 55.66 -77.39
C GLY A 791 20.56 54.41 -78.18
N ALA A 792 20.40 53.27 -77.52
CA ALA A 792 20.69 51.94 -77.97
C ALA A 792 19.90 50.95 -77.12
N ALA A 793 19.82 49.73 -77.63
CA ALA A 793 19.26 48.59 -76.92
C ALA A 793 20.16 48.36 -75.69
N PRO A 794 19.68 47.78 -74.59
CA PRO A 794 20.44 47.64 -73.35
C PRO A 794 21.77 46.95 -73.41
N ALA A 795 22.74 47.56 -72.74
CA ALA A 795 24.06 47.01 -72.65
C ALA A 795 23.98 45.97 -71.60
N HIS A 796 24.87 45.01 -71.58
CA HIS A 796 24.77 44.03 -70.52
C HIS A 796 25.36 44.55 -69.19
N ASP A 797 24.68 45.50 -68.62
CA ASP A 797 25.05 46.12 -67.36
C ASP A 797 24.29 45.40 -66.29
N ALA A 798 24.98 44.78 -65.35
CA ALA A 798 24.26 43.98 -64.36
C ALA A 798 23.14 44.77 -63.71
N LEU A 799 23.31 46.09 -63.51
CA LEU A 799 22.24 46.84 -62.89
C LEU A 799 21.02 46.92 -63.80
N SER A 800 21.25 46.97 -65.11
CA SER A 800 20.14 47.04 -66.03
C SER A 800 19.50 45.69 -66.05
N LEU A 801 20.29 44.64 -65.88
CA LEU A 801 19.72 43.30 -65.93
C LEU A 801 18.72 43.16 -64.82
N ILE A 802 18.95 43.82 -63.70
CA ILE A 802 17.98 43.75 -62.63
C ILE A 802 16.69 44.40 -63.08
N MET A 803 16.78 45.58 -63.68
CA MET A 803 15.57 46.27 -64.13
C MET A 803 14.82 45.53 -65.25
N LEU A 804 15.59 44.94 -66.15
CA LEU A 804 15.08 44.25 -67.32
C LEU A 804 14.35 43.00 -66.82
N THR A 805 14.91 42.40 -65.76
CA THR A 805 14.37 41.24 -65.11
C THR A 805 13.10 41.60 -64.39
N ARG A 806 13.06 42.74 -63.70
CA ARG A 806 11.85 43.09 -62.98
C ARG A 806 10.67 43.10 -63.95
N PHE A 807 10.89 43.55 -65.17
CA PHE A 807 9.82 43.57 -66.17
C PHE A 807 9.42 42.13 -66.45
N ALA A 808 10.41 41.25 -66.61
CA ALA A 808 10.08 39.86 -66.84
C ALA A 808 9.27 39.26 -65.68
N ASP A 809 9.64 39.59 -64.46
CA ASP A 809 8.97 39.04 -63.30
C ASP A 809 7.55 39.58 -63.29
N TRP A 810 7.43 40.83 -63.69
CA TRP A 810 6.17 41.53 -63.79
C TRP A 810 5.27 40.90 -64.81
N VAL A 811 5.77 40.57 -66.01
CA VAL A 811 4.84 39.96 -66.93
C VAL A 811 4.40 38.59 -66.45
N ASN A 812 5.27 37.93 -65.70
CA ASN A 812 4.90 36.64 -65.16
C ASN A 812 3.80 36.83 -64.09
N ALA A 813 3.83 37.98 -63.39
CA ALA A 813 2.82 38.35 -62.38
C ALA A 813 1.49 38.62 -63.06
N LEU A 814 1.56 39.19 -64.27
CA LEU A 814 0.37 39.53 -65.06
C LEU A 814 -0.19 38.22 -65.59
N GLY A 815 0.71 37.27 -65.83
CA GLY A 815 0.36 35.94 -66.27
C GLY A 815 -0.35 35.94 -67.59
N GLU A 816 -1.53 35.34 -67.60
CA GLU A 816 -2.37 35.22 -68.78
C GLU A 816 -2.86 36.56 -69.31
N LYS A 817 -2.84 37.59 -68.47
CA LYS A 817 -3.32 38.90 -68.86
C LYS A 817 -2.18 39.72 -69.46
N ALA A 818 -0.95 39.18 -69.38
CA ALA A 818 0.25 39.89 -69.77
C ALA A 818 0.24 40.39 -71.18
N SER A 819 -0.40 39.69 -72.09
CA SER A 819 -0.42 40.11 -73.47
C SER A 819 -1.30 41.33 -73.73
N SER A 820 -2.31 41.58 -72.88
CA SER A 820 -3.16 42.73 -73.18
C SER A 820 -2.44 43.93 -72.64
N VAL A 821 -1.65 43.68 -71.61
CA VAL A 821 -0.92 44.73 -70.98
C VAL A 821 0.26 45.10 -71.82
N LEU A 822 1.01 44.14 -72.31
CA LEU A 822 2.16 44.50 -73.11
C LEU A 822 1.73 45.28 -74.33
N ALA A 823 0.59 44.95 -74.90
CA ALA A 823 0.15 45.72 -76.04
C ALA A 823 -0.21 47.16 -75.63
N ALA A 824 -0.93 47.29 -74.51
CA ALA A 824 -1.35 48.60 -74.01
C ALA A 824 -0.16 49.43 -73.56
N PHE A 825 0.85 48.75 -73.05
CA PHE A 825 2.11 49.30 -72.57
C PHE A 825 2.96 49.86 -73.70
N GLU A 826 3.10 49.08 -74.80
CA GLU A 826 3.85 49.57 -75.96
C GLU A 826 3.16 50.83 -76.48
N ALA A 827 1.84 50.79 -76.42
CA ALA A 827 0.91 51.84 -76.78
C ALA A 827 0.86 52.81 -75.62
N ASN A 828 0.26 53.96 -75.82
CA ASN A 828 0.11 54.86 -74.69
C ASN A 828 -1.26 54.68 -74.01
N SER A 829 -1.96 53.61 -74.34
CA SER A 829 -3.28 53.36 -73.80
C SER A 829 -3.32 52.74 -72.41
N LEU A 830 -2.25 52.05 -71.98
CA LEU A 830 -2.29 51.42 -70.66
C LEU A 830 -2.39 52.45 -69.58
N THR A 831 -3.30 52.22 -68.67
CA THR A 831 -3.45 53.09 -67.52
C THR A 831 -3.82 52.35 -66.24
N ALA A 832 -4.14 53.14 -65.24
CA ALA A 832 -4.54 52.65 -63.92
C ALA A 832 -5.83 51.89 -64.10
N GLU A 833 -6.12 50.98 -63.18
CA GLU A 833 -7.30 50.11 -63.23
C GLU A 833 -7.06 48.97 -64.20
N GLN A 834 -6.68 49.29 -65.44
CA GLN A 834 -6.43 48.25 -66.41
C GLN A 834 -5.25 47.42 -65.99
N LEU A 835 -4.19 48.08 -65.52
CA LEU A 835 -3.05 47.34 -65.08
C LEU A 835 -3.37 46.59 -63.83
N ALA A 836 -4.14 47.22 -62.95
CA ALA A 836 -4.50 46.65 -61.65
C ALA A 836 -5.23 45.35 -61.86
N ASP A 837 -6.02 45.27 -62.92
CA ASP A 837 -6.71 44.04 -63.12
C ASP A 837 -5.69 42.97 -63.49
N ALA A 838 -4.75 43.32 -64.36
CA ALA A 838 -3.74 42.36 -64.76
C ALA A 838 -2.85 41.96 -63.57
N MET A 839 -2.61 42.91 -62.68
CA MET A 839 -1.78 42.74 -61.49
C MET A 839 -2.57 42.24 -60.28
N ASN A 840 -3.87 42.01 -60.44
CA ASN A 840 -4.75 41.55 -59.37
C ASN A 840 -4.72 42.47 -58.15
N LEU A 841 -4.68 43.77 -58.40
CA LEU A 841 -4.65 44.78 -57.35
C LEU A 841 -5.95 45.49 -57.17
N ASP A 842 -6.17 46.07 -56.00
CA ASP A 842 -7.29 46.95 -55.85
C ASP A 842 -6.94 48.16 -56.67
N ALA A 843 -7.77 48.47 -57.65
CA ALA A 843 -7.49 49.54 -58.57
C ALA A 843 -7.30 50.85 -57.84
N ASN A 844 -7.99 51.05 -56.72
CA ASN A 844 -7.81 52.32 -56.04
C ASN A 844 -6.45 52.45 -55.40
N LEU A 845 -5.78 51.35 -55.07
CA LEU A 845 -4.48 51.47 -54.48
C LEU A 845 -3.47 51.71 -55.58
N LEU A 846 -3.75 51.18 -56.75
CA LEU A 846 -2.85 51.39 -57.88
C LEU A 846 -2.93 52.85 -58.26
N LEU A 847 -4.15 53.37 -58.21
CA LEU A 847 -4.46 54.72 -58.59
C LEU A 847 -3.83 55.73 -57.65
N GLN A 848 -3.99 55.55 -56.33
CA GLN A 848 -3.38 56.54 -55.48
C GLN A 848 -1.86 56.36 -55.45
N ALA A 849 -1.37 55.16 -55.78
CA ALA A 849 0.05 54.95 -55.89
C ALA A 849 0.57 55.76 -57.06
N SER A 850 -0.20 55.80 -58.16
CA SER A 850 0.19 56.60 -59.31
C SER A 850 0.21 58.06 -58.89
N ILE A 851 -0.80 58.48 -58.15
CA ILE A 851 -0.84 59.87 -57.76
C ILE A 851 0.40 60.22 -56.95
N GLN A 852 0.85 59.38 -56.02
CA GLN A 852 2.07 59.77 -55.31
C GLN A 852 3.28 59.71 -56.25
N ALA A 853 3.32 58.73 -57.15
CA ALA A 853 4.47 58.62 -58.05
C ALA A 853 4.63 59.89 -58.86
N GLN A 854 3.52 60.54 -59.17
CA GLN A 854 3.53 61.76 -59.96
C GLN A 854 3.78 63.04 -59.15
N ASN A 855 3.77 62.97 -57.82
CA ASN A 855 3.95 64.16 -56.99
C ASN A 855 5.32 64.22 -56.31
N HIS A 856 5.94 63.08 -56.17
CA HIS A 856 7.23 63.00 -55.49
C HIS A 856 8.32 62.97 -56.54
N GLN A 857 9.44 63.60 -56.28
CA GLN A 857 10.45 63.55 -57.33
C GLN A 857 11.32 62.32 -57.23
N HIS A 858 11.14 61.46 -58.20
CA HIS A 858 11.83 60.19 -58.31
C HIS A 858 13.00 60.38 -59.25
N LEU A 859 13.95 59.45 -59.25
CA LEU A 859 15.05 59.64 -60.19
C LEU A 859 14.51 59.93 -61.60
N PRO A 860 13.68 59.09 -62.24
CA PRO A 860 13.03 59.49 -63.45
C PRO A 860 11.89 60.37 -62.98
N PRO A 861 11.45 61.35 -63.76
CA PRO A 861 10.25 62.08 -63.49
C PRO A 861 9.11 61.17 -63.80
N VAL A 862 8.02 61.33 -63.09
CA VAL A 862 6.81 60.58 -63.40
C VAL A 862 5.71 61.58 -63.57
N THR A 863 5.07 61.57 -64.71
CA THR A 863 4.00 62.48 -65.01
C THR A 863 2.88 61.59 -65.52
N PRO A 864 1.59 61.97 -65.47
CA PRO A 864 0.53 61.07 -65.88
C PRO A 864 0.67 60.63 -67.33
N GLU A 865 1.30 61.43 -68.17
CA GLU A 865 1.42 61.08 -69.58
C GLU A 865 2.14 59.77 -69.85
N ASN A 866 3.10 59.43 -69.01
CA ASN A 866 3.86 58.20 -69.19
C ASN A 866 3.81 57.34 -67.94
N ALA A 867 2.83 57.59 -67.08
CA ALA A 867 2.77 56.88 -65.81
C ALA A 867 2.74 55.38 -66.00
N PHE A 868 2.11 54.93 -67.07
CA PHE A 868 2.04 53.53 -67.34
C PHE A 868 2.65 53.15 -68.70
N SER A 869 3.52 54.00 -69.26
CA SER A 869 4.16 53.66 -70.55
C SER A 869 5.64 53.43 -70.35
N CYS A 870 6.20 54.04 -69.34
CA CYS A 870 7.61 53.80 -69.07
C CYS A 870 7.65 52.75 -68.01
N TRP A 871 8.46 51.74 -68.20
CA TRP A 871 8.56 50.70 -67.20
C TRP A 871 9.07 51.30 -65.93
N THR A 872 9.94 52.25 -66.06
CA THR A 872 10.47 52.87 -64.88
C THR A 872 9.38 53.62 -64.10
N SER A 873 8.32 54.12 -64.78
CA SER A 873 7.25 54.81 -64.09
C SER A 873 6.38 53.78 -63.42
N ILE A 874 6.26 52.63 -64.07
CA ILE A 874 5.44 51.55 -63.52
C ILE A 874 6.10 51.04 -62.27
N ASN A 875 7.42 50.88 -62.27
CA ASN A 875 8.04 50.38 -61.05
C ASN A 875 7.91 51.38 -59.93
N THR A 876 7.89 52.66 -60.26
CA THR A 876 7.75 53.67 -59.24
C THR A 876 6.39 53.54 -58.59
N ILE A 877 5.38 53.35 -59.43
CA ILE A 877 4.03 53.23 -58.96
C ILE A 877 3.82 51.95 -58.19
N LEU A 878 4.32 50.84 -58.71
CA LEU A 878 4.15 49.59 -58.02
C LEU A 878 4.88 49.57 -56.72
N GLN A 879 5.99 50.28 -56.62
CA GLN A 879 6.66 50.36 -55.35
C GLN A 879 5.80 51.12 -54.35
N TRP A 880 5.09 52.18 -54.78
CA TRP A 880 4.20 52.88 -53.85
C TRP A 880 3.08 51.95 -53.42
N VAL A 881 2.70 51.02 -54.29
CA VAL A 881 1.71 50.03 -53.93
C VAL A 881 2.32 49.01 -52.97
N ASN A 882 3.51 48.51 -53.27
CA ASN A 882 4.14 47.47 -52.48
C ASN A 882 4.49 47.93 -51.09
N VAL A 883 4.86 49.18 -50.97
CA VAL A 883 5.21 49.67 -49.67
C VAL A 883 3.94 49.79 -48.89
N ALA A 884 2.88 50.31 -49.50
CA ALA A 884 1.64 50.46 -48.79
C ALA A 884 1.16 49.13 -48.26
N GLN A 885 1.38 48.07 -49.02
CA GLN A 885 1.00 46.70 -48.64
C GLN A 885 1.80 46.18 -47.45
N GLN A 886 3.07 46.56 -47.37
CA GLN A 886 3.87 46.06 -46.25
C GLN A 886 3.60 46.88 -45.03
N LEU A 887 3.21 48.11 -45.24
CA LEU A 887 2.91 48.99 -44.13
C LEU A 887 1.43 48.99 -43.79
N ASN A 888 0.59 48.54 -44.73
CA ASN A 888 -0.86 48.53 -44.58
C ASN A 888 -1.40 49.92 -44.36
N VAL A 889 -0.85 50.87 -45.10
CA VAL A 889 -1.25 52.27 -44.99
C VAL A 889 -1.91 52.94 -46.21
N ALA A 890 -2.11 52.24 -47.34
CA ALA A 890 -2.72 52.86 -48.54
C ALA A 890 -1.88 54.02 -49.08
N PRO A 891 -1.00 53.77 -50.08
CA PRO A 891 0.06 54.69 -50.62
C PRO A 891 0.07 56.17 -50.20
N GLN A 892 -1.03 56.89 -50.11
CA GLN A 892 -0.90 58.26 -49.59
C GLN A 892 -0.27 58.22 -48.20
N GLY A 893 -0.63 57.18 -47.46
CA GLY A 893 -0.14 56.98 -46.13
C GLY A 893 1.33 56.59 -46.11
N VAL A 894 1.88 56.20 -47.24
CA VAL A 894 3.28 55.85 -47.30
C VAL A 894 4.03 57.14 -47.36
N SER A 895 3.55 58.08 -48.17
CA SER A 895 4.21 59.36 -48.35
C SER A 895 4.35 60.07 -47.04
N ALA A 896 3.35 59.88 -46.20
CA ALA A 896 3.33 60.48 -44.89
C ALA A 896 4.56 60.06 -44.08
N LEU A 897 5.06 58.85 -44.31
CA LEU A 897 6.19 58.33 -43.57
C LEU A 897 7.51 58.49 -44.31
N VAL A 898 7.47 59.13 -45.48
CA VAL A 898 8.65 59.33 -46.29
C VAL A 898 9.24 60.69 -45.95
N GLY A 899 8.39 61.70 -45.87
CA GLY A 899 8.91 63.06 -45.64
C GLY A 899 9.27 63.36 -44.18
N LEU A 900 10.10 62.50 -43.60
CA LEU A 900 10.52 62.57 -42.21
C LEU A 900 12.03 62.48 -42.14
N ASP A 901 12.69 63.58 -42.47
CA ASP A 901 14.12 63.59 -42.62
C ASP A 901 15.02 64.09 -41.49
N TYR A 902 16.27 63.64 -41.56
CA TYR A 902 17.36 63.99 -40.64
C TYR A 902 18.43 64.81 -41.32
N ILE A 903 19.49 64.16 -41.79
CA ILE A 903 20.56 64.93 -42.43
C ILE A 903 20.15 65.26 -43.86
N GLU A 904 19.24 66.19 -43.95
CA GLU A 904 18.59 66.60 -45.18
C GLU A 904 19.35 67.69 -45.90
N SER A 905 19.87 67.40 -47.09
CA SER A 905 20.66 68.38 -47.82
C SER A 905 19.85 69.58 -48.29
N MET A 906 18.54 69.41 -48.42
CA MET A 906 17.67 70.50 -48.85
C MET A 906 17.20 71.31 -47.66
N LYS A 907 17.62 70.88 -46.48
CA LYS A 907 17.30 71.44 -45.19
C LYS A 907 15.81 71.53 -44.91
N GLU A 908 15.06 70.54 -45.38
CA GLU A 908 13.64 70.49 -45.14
C GLU A 908 13.41 69.78 -43.84
N THR A 909 13.80 70.43 -42.77
CA THR A 909 13.68 69.84 -41.46
C THR A 909 12.20 69.54 -41.27
N PRO A 910 11.79 68.31 -40.93
CA PRO A 910 10.43 67.93 -40.76
C PRO A 910 9.90 68.59 -39.53
N THR A 911 8.63 68.83 -39.49
CA THR A 911 8.05 69.41 -38.32
C THR A 911 7.41 68.33 -37.51
N TYR A 912 7.12 68.63 -36.27
CA TYR A 912 6.51 67.65 -35.41
C TYR A 912 5.21 67.16 -35.98
N ALA A 913 4.47 68.03 -36.65
CA ALA A 913 3.19 67.68 -37.18
C ALA A 913 3.32 66.61 -38.20
N GLN A 914 4.41 66.64 -38.95
CA GLN A 914 4.59 65.65 -39.96
C GLN A 914 4.86 64.34 -39.27
N TRP A 915 5.66 64.37 -38.22
CA TRP A 915 5.95 63.13 -37.53
C TRP A 915 4.72 62.58 -36.86
N GLU A 916 3.89 63.48 -36.36
CA GLU A 916 2.70 63.12 -35.64
C GLU A 916 1.66 62.54 -36.56
N ASN A 917 1.46 63.17 -37.70
CA ASN A 917 0.46 62.69 -38.61
C ASN A 917 0.92 61.37 -39.16
N ALA A 918 2.22 61.29 -39.39
CA ALA A 918 2.79 60.12 -39.95
C ALA A 918 2.65 58.96 -39.03
N ALA A 919 2.85 59.20 -37.73
CA ALA A 919 2.68 58.14 -36.79
C ALA A 919 1.25 57.67 -36.80
N GLY A 920 0.30 58.62 -36.87
CA GLY A 920 -1.11 58.26 -36.82
C GLY A 920 -1.48 57.32 -37.94
N VAL A 921 -0.83 57.50 -39.07
CA VAL A 921 -1.06 56.63 -40.18
C VAL A 921 -0.37 55.29 -40.03
N LEU A 922 0.88 55.30 -39.64
CA LEU A 922 1.60 54.06 -39.54
C LEU A 922 1.07 53.13 -38.46
N THR A 923 0.50 53.66 -37.37
CA THR A 923 0.00 52.80 -36.28
C THR A 923 -1.24 52.06 -36.71
N ALA A 924 -1.86 52.49 -37.79
CA ALA A 924 -3.09 51.90 -38.26
C ALA A 924 -2.80 50.67 -39.10
N GLY A 925 -1.52 50.40 -39.35
CA GLY A 925 -1.09 49.30 -40.18
C GLY A 925 -0.82 48.02 -39.37
N LEU A 926 -1.15 48.09 -38.08
CA LEU A 926 -0.94 46.98 -37.16
C LEU A 926 -2.17 46.16 -36.87
N ASN A 927 -1.94 44.89 -36.54
CA ASN A 927 -3.01 44.00 -36.14
C ASN A 927 -3.24 44.26 -34.66
N SER A 928 -4.15 43.52 -34.02
CA SER A 928 -4.44 43.87 -32.65
C SER A 928 -3.36 43.44 -31.70
N GLN A 929 -2.61 42.42 -32.05
CA GLN A 929 -1.59 41.95 -31.16
C GLN A 929 -0.45 42.93 -31.14
N GLN A 930 -0.19 43.46 -32.32
CA GLN A 930 0.85 44.42 -32.51
C GLN A 930 0.46 45.75 -31.92
N ALA A 931 -0.81 46.11 -32.06
CA ALA A 931 -1.24 47.38 -31.52
C ALA A 931 -1.12 47.38 -30.03
N ASN A 932 -1.43 46.26 -29.39
CA ASN A 932 -1.31 46.24 -27.96
C ASN A 932 0.15 46.28 -27.55
N THR A 933 1.00 45.64 -28.34
CA THR A 933 2.42 45.63 -28.06
C THR A 933 2.95 47.05 -28.16
N LEU A 934 2.51 47.77 -29.19
CA LEU A 934 2.91 49.14 -29.39
C LEU A 934 2.53 49.98 -28.22
N HIS A 935 1.29 49.83 -27.77
CA HIS A 935 0.83 50.67 -26.71
C HIS A 935 1.61 50.42 -25.45
N ALA A 936 1.92 49.15 -25.16
CA ALA A 936 2.66 48.88 -23.94
C ALA A 936 4.01 49.54 -24.00
N PHE A 937 4.65 49.47 -25.16
CA PHE A 937 5.94 50.07 -25.33
C PHE A 937 5.91 51.55 -25.12
N LEU A 938 4.96 52.19 -25.76
CA LEU A 938 4.93 53.62 -25.66
C LEU A 938 4.58 54.05 -24.27
N ASP A 939 3.67 53.37 -23.59
CA ASP A 939 3.33 53.87 -22.29
C ASP A 939 4.50 53.77 -21.34
N GLU A 940 5.28 52.72 -21.45
CA GLU A 940 6.40 52.60 -20.54
C GLU A 940 7.49 53.65 -20.85
N SER A 941 7.74 53.90 -22.14
CA SER A 941 8.77 54.87 -22.52
C SER A 941 8.32 56.27 -22.19
N ARG A 942 7.04 56.49 -22.37
CA ARG A 942 6.44 57.77 -22.19
C ARG A 942 6.46 58.14 -20.73
N SER A 943 6.09 57.23 -19.83
CA SER A 943 6.00 57.65 -18.45
C SER A 943 7.35 57.99 -17.91
N ALA A 944 8.38 57.32 -18.40
CA ALA A 944 9.68 57.64 -17.88
C ALA A 944 10.02 59.06 -18.24
N ALA A 945 9.69 59.44 -19.47
CA ALA A 945 10.00 60.79 -19.91
C ALA A 945 9.22 61.84 -19.17
N LEU A 946 7.93 61.57 -18.94
CA LEU A 946 7.09 62.56 -18.30
C LEU A 946 7.43 62.68 -16.85
N SER A 947 7.79 61.56 -16.26
CA SER A 947 8.11 61.53 -14.85
C SER A 947 9.36 62.29 -14.62
N THR A 948 10.32 62.14 -15.51
CA THR A 948 11.56 62.83 -15.34
C THR A 948 11.35 64.31 -15.50
N TYR A 949 10.58 64.69 -16.52
CA TYR A 949 10.33 66.09 -16.76
C TYR A 949 9.72 66.69 -15.53
N TYR A 950 8.69 66.03 -15.01
CA TYR A 950 7.95 66.53 -13.88
C TYR A 950 8.87 66.76 -12.70
N ILE A 951 9.72 65.79 -12.41
CA ILE A 951 10.56 65.94 -11.26
C ILE A 951 11.44 67.15 -11.37
N ARG A 952 12.03 67.36 -12.53
CA ARG A 952 12.91 68.50 -12.69
C ARG A 952 12.24 69.86 -12.89
N GLN A 953 11.15 69.91 -13.63
CA GLN A 953 10.54 71.19 -13.97
C GLN A 953 9.21 71.56 -13.34
N VAL A 954 8.47 70.59 -12.83
CA VAL A 954 7.12 70.82 -12.32
C VAL A 954 7.02 70.70 -10.83
N ALA A 955 7.68 69.69 -10.29
CA ALA A 955 7.57 69.41 -8.88
C ALA A 955 8.01 70.61 -8.09
N LYS A 956 7.32 70.86 -6.98
CA LYS A 956 7.66 71.97 -6.12
C LYS A 956 8.74 71.52 -5.17
N ALA A 957 9.55 72.44 -4.68
CA ALA A 957 10.62 72.08 -3.77
C ALA A 957 10.16 71.42 -2.48
N ALA A 958 8.99 71.82 -1.97
CA ALA A 958 8.49 71.26 -0.71
C ALA A 958 8.26 69.79 -0.89
N ALA A 959 7.84 69.42 -2.07
CA ALA A 959 7.62 68.05 -2.45
C ALA A 959 8.98 67.57 -2.86
N ALA A 960 9.80 67.22 -1.89
CA ALA A 960 11.22 66.99 -2.17
C ALA A 960 11.45 65.65 -2.82
N ILE A 961 11.10 65.61 -4.08
CA ILE A 961 11.14 64.46 -4.93
C ILE A 961 12.44 64.44 -5.70
N LYS A 962 13.20 63.36 -5.59
CA LYS A 962 14.40 63.30 -6.37
C LYS A 962 14.31 62.16 -7.35
N SER A 963 13.78 61.05 -6.87
CA SER A 963 13.65 59.84 -7.64
C SER A 963 12.24 59.60 -8.14
N ARG A 964 12.08 58.61 -9.03
CA ARG A 964 10.77 58.26 -9.52
C ARG A 964 9.92 57.61 -8.44
N ASP A 965 10.56 57.02 -7.44
CA ASP A 965 9.82 56.42 -6.36
C ASP A 965 9.38 57.50 -5.39
N ASP A 966 10.16 58.55 -5.24
CA ASP A 966 9.69 59.62 -4.38
C ASP A 966 8.48 60.24 -5.06
N LEU A 967 8.49 60.26 -6.39
CA LEU A 967 7.39 60.83 -7.13
C LEU A 967 6.17 59.99 -6.85
N TYR A 968 6.30 58.67 -6.90
CA TYR A 968 5.19 57.80 -6.60
C TYR A 968 4.52 58.11 -5.31
N GLN A 969 5.32 58.26 -4.27
CA GLN A 969 4.74 58.53 -2.97
C GLN A 969 4.01 59.85 -2.95
N TYR A 970 4.49 60.84 -3.71
CA TYR A 970 3.85 62.14 -3.74
C TYR A 970 2.58 62.14 -4.57
N LEU A 971 2.62 61.52 -5.75
CA LEU A 971 1.44 61.55 -6.60
C LEU A 971 0.45 60.49 -6.25
N LEU A 972 0.88 59.53 -5.45
CA LEU A 972 0.03 58.47 -5.00
C LEU A 972 -0.42 57.57 -6.13
N ILE A 973 0.42 57.41 -7.13
CA ILE A 973 0.13 56.51 -8.22
C ILE A 973 1.47 56.10 -8.77
N ASP A 974 1.65 54.83 -9.08
CA ASP A 974 2.96 54.41 -9.53
C ASP A 974 3.20 54.73 -10.98
N ASN A 975 4.45 54.76 -11.37
CA ASN A 975 4.83 55.00 -12.74
C ASN A 975 5.85 54.02 -13.27
N GLN A 976 6.21 53.04 -12.46
CA GLN A 976 7.18 52.03 -12.85
C GLN A 976 6.50 50.68 -12.96
N VAL A 977 5.20 50.70 -13.06
CA VAL A 977 4.42 49.48 -13.20
C VAL A 977 4.37 49.14 -14.65
N SER A 978 4.36 47.87 -14.98
CA SER A 978 4.31 47.51 -16.37
C SER A 978 2.98 47.88 -16.95
N ALA A 979 2.92 47.95 -18.27
CA ALA A 979 1.67 48.32 -18.93
C ALA A 979 0.67 47.20 -18.95
N ALA A 980 1.06 46.03 -18.49
CA ALA A 980 0.20 44.87 -18.49
C ALA A 980 -0.80 44.89 -17.34
N ILE A 981 -0.59 45.76 -16.38
CA ILE A 981 -1.48 45.79 -15.25
C ILE A 981 -2.71 46.62 -15.52
N LYS A 982 -3.88 46.03 -15.36
CA LYS A 982 -5.09 46.78 -15.64
C LYS A 982 -5.76 47.23 -14.36
N THR A 983 -6.48 48.34 -14.47
CA THR A 983 -7.18 48.93 -13.33
C THR A 983 -8.37 49.76 -13.78
N THR A 984 -9.31 50.02 -12.91
CA THR A 984 -10.40 50.91 -13.29
C THR A 984 -10.14 52.30 -12.72
N ARG A 985 -10.77 53.35 -13.23
CA ARG A 985 -10.44 54.66 -12.69
C ARG A 985 -10.77 54.76 -11.23
N ILE A 986 -11.85 54.11 -10.83
CA ILE A 986 -12.18 54.08 -9.43
C ILE A 986 -11.18 53.26 -8.67
N ALA A 987 -10.77 52.10 -9.16
CA ALA A 987 -9.83 51.33 -8.38
C ALA A 987 -8.56 52.10 -8.11
N GLU A 988 -8.11 52.94 -9.04
CA GLU A 988 -6.93 53.73 -8.75
C GLU A 988 -7.27 54.82 -7.76
N ALA A 989 -8.44 55.42 -7.88
CA ALA A 989 -8.74 56.44 -6.92
C ALA A 989 -8.71 55.81 -5.54
N ILE A 990 -9.20 54.58 -5.44
CA ILE A 990 -9.21 53.89 -4.17
C ILE A 990 -7.91 53.16 -4.11
N ALA A 991 -6.85 53.89 -3.98
CA ALA A 991 -5.54 53.32 -3.91
C ALA A 991 -4.65 54.44 -3.64
N SER A 992 -4.79 55.47 -4.44
CA SER A 992 -3.98 56.63 -4.25
C SER A 992 -4.34 57.23 -2.92
N ILE A 993 -5.60 57.13 -2.58
CA ILE A 993 -6.07 57.67 -1.36
C ILE A 993 -5.75 56.74 -0.21
N GLN A 994 -5.69 55.44 -0.48
CA GLN A 994 -5.40 54.51 0.60
C GLN A 994 -3.97 54.74 1.03
N LEU A 995 -3.12 55.06 0.08
CA LEU A 995 -1.72 55.31 0.38
C LEU A 995 -1.63 56.58 1.16
N TYR A 996 -2.35 57.61 0.73
CA TYR A 996 -2.34 58.87 1.42
C TYR A 996 -2.63 58.66 2.89
N VAL A 997 -3.64 57.87 3.17
CA VAL A 997 -3.98 57.64 4.55
C VAL A 997 -2.96 56.79 5.24
N ASN A 998 -2.50 55.71 4.61
CA ASN A 998 -1.59 54.84 5.29
C ASN A 998 -0.33 55.56 5.68
N ARG A 999 0.09 56.49 4.85
CA ARG A 999 1.28 57.24 5.18
C ARG A 999 1.01 58.19 6.31
N ALA A 1000 -0.14 58.87 6.28
CA ALA A 1000 -0.44 59.82 7.32
C ALA A 1000 -0.50 59.16 8.69
N LEU A 1001 -0.98 57.94 8.73
CA LEU A 1001 -1.17 57.25 10.00
C LEU A 1001 0.12 56.72 10.59
N GLU A 1002 1.17 56.68 9.79
CA GLU A 1002 2.45 56.20 10.23
C GLU A 1002 3.36 57.37 10.49
N ASN A 1003 2.81 58.57 10.34
CA ASN A 1003 3.54 59.81 10.46
C ASN A 1003 4.72 59.87 9.53
N VAL A 1004 4.55 59.36 8.32
CA VAL A 1004 5.61 59.46 7.34
C VAL A 1004 5.62 60.93 6.98
N GLU A 1005 4.40 61.42 6.87
CA GLU A 1005 4.08 62.79 6.58
C GLU A 1005 4.02 63.44 7.95
N GLU A 1006 4.93 64.37 8.17
CA GLU A 1006 5.18 64.96 9.46
C GLU A 1006 4.07 65.64 10.25
N ASN A 1007 3.07 66.25 9.61
CA ASN A 1007 2.08 66.95 10.42
C ASN A 1007 0.64 66.73 10.06
N ALA A 1008 0.16 65.52 10.26
CA ALA A 1008 -1.25 65.26 10.02
C ALA A 1008 -2.06 65.98 11.09
N ASN A 1009 -3.29 66.30 10.78
CA ASN A 1009 -4.20 66.98 11.67
C ASN A 1009 -4.74 66.04 12.72
N SER A 1010 -4.36 66.25 13.98
CA SER A 1010 -4.73 65.35 15.04
C SER A 1010 -6.22 65.24 15.27
N GLY A 1011 -6.98 66.26 14.88
CA GLY A 1011 -8.41 66.20 15.10
C GLY A 1011 -9.09 65.35 14.06
N VAL A 1012 -8.34 64.95 13.04
CA VAL A 1012 -8.85 64.14 11.98
C VAL A 1012 -8.36 62.73 12.21
N ILE A 1013 -7.10 62.60 12.62
CA ILE A 1013 -6.52 61.30 12.90
C ILE A 1013 -7.29 60.60 13.99
N SER A 1014 -7.73 61.35 14.99
CA SER A 1014 -8.48 60.86 16.12
C SER A 1014 -9.88 60.37 15.77
N ARG A 1015 -10.35 60.62 14.54
CA ARG A 1015 -11.69 60.23 14.17
C ARG A 1015 -11.82 58.74 14.08
N GLN A 1016 -13.01 58.25 14.36
CA GLN A 1016 -13.24 56.83 14.41
C GLN A 1016 -12.90 56.09 13.16
N PHE A 1017 -13.07 56.73 12.03
CA PHE A 1017 -12.76 56.09 10.78
C PHE A 1017 -11.34 55.60 10.74
N PHE A 1018 -10.42 56.40 11.24
CA PHE A 1018 -9.03 56.02 11.19
C PHE A 1018 -8.74 55.05 12.31
N ILE A 1019 -9.48 55.16 13.38
CA ILE A 1019 -9.26 54.25 14.49
C ILE A 1019 -9.50 52.82 14.01
N ASP A 1020 -10.51 52.62 13.19
CA ASP A 1020 -10.86 51.33 12.64
C ASP A 1020 -10.09 50.96 11.37
N TRP A 1021 -9.18 51.81 10.92
CA TRP A 1021 -8.44 51.60 9.69
C TRP A 1021 -7.79 50.25 9.66
N ASP A 1022 -7.09 49.89 10.70
CA ASP A 1022 -6.34 48.65 10.70
C ASP A 1022 -7.16 47.41 10.90
N LYS A 1023 -8.45 47.55 11.12
CA LYS A 1023 -9.27 46.38 11.28
C LYS A 1023 -10.22 46.22 10.11
N TYR A 1024 -10.76 47.35 9.62
CA TYR A 1024 -11.76 47.29 8.58
C TYR A 1024 -11.59 48.27 7.43
N ASN A 1025 -11.22 49.51 7.72
CA ASN A 1025 -11.38 50.54 6.71
C ASN A 1025 -10.25 50.64 5.70
N LYS A 1026 -9.15 49.94 5.91
CA LYS A 1026 -8.05 50.00 4.97
C LYS A 1026 -8.16 49.02 3.82
N ARG A 1027 -9.19 48.17 3.80
CA ARG A 1027 -9.31 47.23 2.69
C ARG A 1027 -10.70 47.17 2.16
N TYR A 1028 -10.87 47.26 0.86
CA TYR A 1028 -12.23 47.25 0.33
C TYR A 1028 -13.02 46.07 0.80
N SER A 1029 -12.40 44.92 0.79
CA SER A 1029 -13.13 43.72 1.11
C SER A 1029 -13.65 43.71 2.52
N THR A 1030 -12.95 44.33 3.44
CA THR A 1030 -13.42 44.27 4.79
C THR A 1030 -14.36 45.40 5.00
N TRP A 1031 -14.14 46.46 4.28
CA TRP A 1031 -15.00 47.58 4.39
C TRP A 1031 -16.37 47.14 4.00
N ALA A 1032 -16.44 46.39 2.92
CA ALA A 1032 -17.71 45.92 2.49
C ALA A 1032 -18.28 44.92 3.46
N GLY A 1033 -17.48 43.98 3.96
CA GLY A 1033 -18.03 42.99 4.85
C GLY A 1033 -18.61 43.65 6.08
N VAL A 1034 -18.00 44.73 6.52
CA VAL A 1034 -18.53 45.39 7.67
C VAL A 1034 -19.76 46.13 7.33
N SER A 1035 -19.78 46.85 6.22
CA SER A 1035 -20.96 47.60 5.90
C SER A 1035 -22.14 46.68 5.80
N GLN A 1036 -21.96 45.47 5.31
CA GLN A 1036 -23.10 44.59 5.29
C GLN A 1036 -23.43 44.18 6.72
N LEU A 1037 -22.42 43.88 7.52
CA LEU A 1037 -22.61 43.43 8.89
C LEU A 1037 -23.42 44.41 9.73
N VAL A 1038 -23.23 45.69 9.48
CA VAL A 1038 -23.89 46.73 10.25
C VAL A 1038 -25.06 47.36 9.53
N TYR A 1039 -25.42 46.86 8.35
CA TYR A 1039 -26.56 47.40 7.63
C TYR A 1039 -27.71 46.43 7.82
N TYR A 1040 -27.40 45.14 7.80
CA TYR A 1040 -28.44 44.15 8.05
C TYR A 1040 -27.95 43.21 9.15
N PRO A 1041 -27.73 43.68 10.39
CA PRO A 1041 -27.16 42.93 11.47
C PRO A 1041 -28.04 41.76 11.86
N GLU A 1042 -29.33 41.78 11.54
CA GLU A 1042 -30.20 40.68 11.93
C GLU A 1042 -29.81 39.36 11.32
N ASN A 1043 -28.98 39.39 10.30
CA ASN A 1043 -28.51 38.21 9.65
C ASN A 1043 -27.34 37.59 10.37
N TYR A 1044 -26.61 38.38 11.15
CA TYR A 1044 -25.36 37.91 11.72
C TYR A 1044 -25.28 37.95 13.24
N ILE A 1045 -26.14 38.71 13.89
CA ILE A 1045 -26.07 38.85 15.34
C ILE A 1045 -26.54 37.58 16.02
N ASP A 1046 -25.91 37.28 17.15
CA ASP A 1046 -26.23 36.08 17.89
C ASP A 1046 -25.97 36.26 19.39
N PRO A 1047 -26.87 35.89 20.30
CA PRO A 1047 -26.72 36.04 21.73
C PRO A 1047 -25.44 35.45 22.30
N THR A 1048 -24.86 34.47 21.61
CA THR A 1048 -23.66 33.80 22.08
C THR A 1048 -22.40 34.31 21.40
N MET A 1049 -22.55 35.18 20.41
CA MET A 1049 -21.42 35.73 19.72
C MET A 1049 -21.72 37.17 19.47
N ARG A 1050 -21.26 38.01 20.36
CA ARG A 1050 -21.57 39.42 20.31
C ARG A 1050 -20.58 40.26 21.05
N ILE A 1051 -20.61 41.54 20.77
CA ILE A 1051 -19.74 42.50 21.42
C ILE A 1051 -20.36 43.10 22.67
N GLY A 1052 -19.58 43.11 23.75
CA GLY A 1052 -20.05 43.71 24.97
C GLY A 1052 -20.63 42.75 25.99
N GLN A 1053 -20.43 41.45 25.83
CA GLN A 1053 -20.98 40.56 26.84
C GLN A 1053 -20.33 40.90 28.15
N THR A 1054 -21.15 41.03 29.19
CA THR A 1054 -20.65 41.44 30.47
C THR A 1054 -20.06 40.30 31.26
N LYS A 1055 -19.33 40.63 32.32
CA LYS A 1055 -18.81 39.62 33.18
C LYS A 1055 -19.89 39.07 34.05
N MET A 1056 -20.93 39.86 34.34
CA MET A 1056 -22.00 39.33 35.12
C MET A 1056 -22.58 38.20 34.29
N MET A 1057 -22.74 38.43 32.98
CA MET A 1057 -23.27 37.44 32.09
C MET A 1057 -22.37 36.24 31.95
N ASP A 1058 -21.06 36.43 31.96
CA ASP A 1058 -20.27 35.23 31.86
C ASP A 1058 -20.59 34.34 33.05
N ALA A 1059 -20.74 34.94 34.23
CA ALA A 1059 -21.07 34.18 35.41
C ALA A 1059 -22.46 33.56 35.31
N LEU A 1060 -23.38 34.26 34.68
CA LEU A 1060 -24.73 33.75 34.56
C LEU A 1060 -24.59 32.43 33.84
N LEU A 1061 -23.88 32.46 32.75
CA LEU A 1061 -23.71 31.31 31.92
C LEU A 1061 -22.93 30.22 32.60
N GLN A 1062 -21.91 30.56 33.37
CA GLN A 1062 -21.16 29.52 34.02
C GLN A 1062 -22.04 28.69 34.92
N SER A 1063 -23.00 29.33 35.58
CA SER A 1063 -23.89 28.60 36.46
C SER A 1063 -24.86 27.76 35.68
N VAL A 1064 -25.37 28.29 34.59
CA VAL A 1064 -26.34 27.58 33.79
C VAL A 1064 -25.71 26.31 33.23
N SER A 1065 -24.47 26.44 32.84
CA SER A 1065 -23.70 25.38 32.22
C SER A 1065 -23.43 24.20 33.14
N GLN A 1066 -23.71 24.32 34.43
CA GLN A 1066 -23.46 23.23 35.35
C GLN A 1066 -24.58 22.20 35.42
N SER A 1067 -25.71 22.47 34.78
CA SER A 1067 -26.82 21.52 34.88
C SER A 1067 -27.68 21.50 33.63
N GLN A 1068 -28.83 20.89 33.75
CA GLN A 1068 -29.72 20.78 32.62
C GLN A 1068 -30.25 22.15 32.33
N LEU A 1069 -30.48 22.49 31.09
CA LEU A 1069 -30.98 23.82 30.86
C LEU A 1069 -32.48 23.90 30.88
N ASN A 1070 -33.00 24.64 31.84
CA ASN A 1070 -34.42 24.84 31.99
C ASN A 1070 -34.67 26.10 32.76
N ALA A 1071 -35.94 26.43 32.96
CA ALA A 1071 -36.28 27.64 33.66
C ALA A 1071 -35.76 27.74 35.05
N ASP A 1072 -35.65 26.63 35.76
CA ASP A 1072 -35.26 26.75 37.14
C ASP A 1072 -33.80 27.09 37.23
N THR A 1073 -33.01 26.51 36.35
CA THR A 1073 -31.59 26.81 36.41
C THR A 1073 -31.35 28.24 35.98
N VAL A 1074 -32.18 28.71 35.05
CA VAL A 1074 -32.05 30.08 34.57
C VAL A 1074 -32.46 31.02 35.68
N GLU A 1075 -33.54 30.69 36.39
CA GLU A 1075 -33.99 31.51 37.48
C GLU A 1075 -32.92 31.68 38.53
N ASP A 1076 -32.22 30.61 38.87
CA ASP A 1076 -31.20 30.74 39.89
C ASP A 1076 -30.10 31.65 39.41
N ALA A 1077 -29.77 31.50 38.14
CA ALA A 1077 -28.71 32.27 37.56
C ALA A 1077 -29.08 33.75 37.53
N PHE A 1078 -30.35 34.05 37.26
CA PHE A 1078 -30.75 35.45 37.25
C PHE A 1078 -30.63 36.07 38.60
N MET A 1079 -30.90 35.31 39.64
CA MET A 1079 -30.82 35.94 40.93
C MET A 1079 -29.40 36.35 41.24
N SER A 1080 -28.41 35.52 40.92
CA SER A 1080 -27.06 35.95 41.26
C SER A 1080 -26.60 37.06 40.34
N TYR A 1081 -27.15 37.09 39.15
CA TYR A 1081 -26.82 38.11 38.19
C TYR A 1081 -27.22 39.45 38.77
N LEU A 1082 -28.46 39.52 39.24
CA LEU A 1082 -28.98 40.76 39.74
C LEU A 1082 -28.34 41.21 41.02
N THR A 1083 -27.91 40.28 41.86
CA THR A 1083 -27.30 40.71 43.09
C THR A 1083 -25.92 41.30 42.82
N SER A 1084 -25.28 40.91 41.73
CA SER A 1084 -23.99 41.50 41.37
C SER A 1084 -24.25 42.88 40.82
N PHE A 1085 -25.36 43.02 40.13
CA PHE A 1085 -25.76 44.27 39.53
C PHE A 1085 -26.07 45.31 40.56
N GLU A 1086 -26.84 44.94 41.58
CA GLU A 1086 -27.25 45.89 42.58
C GLU A 1086 -26.09 46.65 43.18
N GLN A 1087 -24.95 45.99 43.33
CA GLN A 1087 -23.79 46.59 43.95
C GLN A 1087 -23.14 47.72 43.16
N VAL A 1088 -23.34 47.78 41.84
CA VAL A 1088 -22.76 48.86 41.07
C VAL A 1088 -23.85 49.69 40.41
N ALA A 1089 -25.07 49.22 40.49
CA ALA A 1089 -26.22 49.85 39.88
C ALA A 1089 -26.36 51.31 40.27
N ASN A 1090 -25.96 51.68 41.48
CA ASN A 1090 -26.09 53.07 41.85
C ASN A 1090 -24.84 53.68 42.43
N LEU A 1091 -23.69 53.45 41.80
CA LEU A 1091 -22.48 54.11 42.31
C LEU A 1091 -22.64 55.57 42.03
N LYS A 1092 -22.03 56.41 42.86
CA LYS A 1092 -22.09 57.83 42.60
C LYS A 1092 -20.99 58.21 41.68
N VAL A 1093 -21.30 58.86 40.59
CA VAL A 1093 -20.24 59.26 39.70
C VAL A 1093 -19.63 60.53 40.24
N ILE A 1094 -18.33 60.54 40.36
CA ILE A 1094 -17.56 61.65 40.89
C ILE A 1094 -17.00 62.55 39.83
N SER A 1095 -16.40 61.96 38.83
CA SER A 1095 -15.70 62.73 37.81
C SER A 1095 -15.53 61.96 36.54
N ALA A 1096 -15.11 62.65 35.48
CA ALA A 1096 -14.85 61.99 34.22
C ALA A 1096 -13.88 62.76 33.34
N TYR A 1097 -13.32 62.07 32.35
CA TYR A 1097 -12.35 62.60 31.37
C TYR A 1097 -12.57 62.08 29.97
N HIS A 1098 -12.49 62.96 29.00
CA HIS A 1098 -12.69 62.58 27.62
C HIS A 1098 -11.35 62.46 26.89
N ASP A 1099 -11.06 61.30 26.29
CA ASP A 1099 -9.72 61.10 25.72
C ASP A 1099 -9.52 61.53 24.27
N ASN A 1100 -10.48 62.22 23.71
CA ASN A 1100 -10.43 62.77 22.37
C ASN A 1100 -10.41 64.29 22.52
N ILE A 1101 -10.37 65.03 21.40
CA ILE A 1101 -10.38 66.49 21.53
C ILE A 1101 -11.69 66.91 20.96
N ASN A 1102 -12.31 65.93 20.32
CA ASN A 1102 -13.60 66.09 19.71
C ASN A 1102 -14.64 65.54 20.68
N ASN A 1103 -15.61 66.32 21.14
CA ASN A 1103 -16.51 65.77 22.15
C ASN A 1103 -17.52 64.76 21.63
N ASP A 1104 -17.62 64.58 20.33
CA ASP A 1104 -18.53 63.61 19.77
C ASP A 1104 -17.85 62.27 19.49
N GLN A 1105 -16.56 62.13 19.75
CA GLN A 1105 -15.82 60.90 19.44
C GLN A 1105 -14.85 60.45 20.51
N GLY A 1106 -14.58 59.16 20.55
CA GLY A 1106 -13.62 58.64 21.52
C GLY A 1106 -14.31 58.18 22.77
N LEU A 1107 -13.59 58.12 23.89
CA LEU A 1107 -14.21 57.57 25.08
C LEU A 1107 -14.23 58.50 26.26
N THR A 1108 -15.30 58.40 27.02
CA THR A 1108 -15.33 59.19 28.24
C THR A 1108 -15.17 58.24 29.40
N TYR A 1109 -14.22 58.52 30.25
CA TYR A 1109 -13.94 57.65 31.38
C TYR A 1109 -14.51 58.28 32.60
N PHE A 1110 -15.20 57.50 33.40
CA PHE A 1110 -15.86 57.98 34.59
C PHE A 1110 -15.40 57.24 35.82
N ILE A 1111 -15.34 57.94 36.94
CA ILE A 1111 -15.00 57.33 38.22
C ILE A 1111 -16.19 57.43 39.12
N GLY A 1112 -16.56 56.32 39.73
CA GLY A 1112 -17.65 56.35 40.68
C GLY A 1112 -17.26 55.76 42.02
N LEU A 1113 -18.11 55.95 43.00
CA LEU A 1113 -17.85 55.45 44.34
C LEU A 1113 -19.04 54.79 45.02
N SER A 1114 -18.80 53.61 45.55
CA SER A 1114 -19.80 52.84 46.28
C SER A 1114 -20.25 53.47 47.58
N GLU A 1115 -21.55 53.43 47.83
CA GLU A 1115 -22.09 54.01 49.06
C GLU A 1115 -21.78 53.17 50.29
N THR A 1116 -21.21 51.99 50.08
CA THR A 1116 -20.91 51.05 51.14
C THR A 1116 -19.50 51.20 51.68
N ASP A 1117 -18.70 52.11 51.11
CA ASP A 1117 -17.32 52.27 51.57
C ASP A 1117 -16.78 53.67 51.33
N ALA A 1118 -15.73 54.03 52.05
CA ALA A 1118 -15.06 55.30 51.82
C ALA A 1118 -14.29 55.18 50.52
N GLY A 1119 -13.79 53.96 50.32
CA GLY A 1119 -12.98 53.57 49.19
C GLY A 1119 -13.87 52.78 48.25
N GLU A 1120 -13.35 51.75 47.60
CA GLU A 1120 -14.18 51.03 46.64
C GLU A 1120 -14.67 51.96 45.53
N TYR A 1121 -13.70 52.43 44.77
CA TYR A 1121 -13.91 53.28 43.62
C TYR A 1121 -13.90 52.40 42.41
N TYR A 1122 -14.68 52.76 41.43
CA TYR A 1122 -14.79 52.01 40.21
C TYR A 1122 -14.64 52.87 38.99
N TRP A 1123 -14.14 52.32 37.90
CA TRP A 1123 -14.11 53.11 36.68
C TRP A 1123 -15.01 52.52 35.61
N ARG A 1124 -15.48 53.35 34.70
CA ARG A 1124 -16.34 52.90 33.61
C ARG A 1124 -16.11 53.78 32.42
N SER A 1125 -16.36 53.32 31.21
CA SER A 1125 -16.22 54.24 30.10
C SER A 1125 -17.27 54.07 29.03
N VAL A 1126 -17.46 55.12 28.24
CA VAL A 1126 -18.42 55.02 27.16
C VAL A 1126 -17.82 55.42 25.84
N ASP A 1127 -18.19 54.69 24.83
CA ASP A 1127 -17.78 54.91 23.46
C ASP A 1127 -18.73 55.85 22.73
N HIS A 1128 -18.26 57.04 22.35
CA HIS A 1128 -19.17 58.00 21.73
C HIS A 1128 -19.36 57.73 20.26
N SER A 1129 -18.67 56.75 19.71
CA SER A 1129 -18.85 56.46 18.30
C SER A 1129 -20.14 55.70 18.15
N LYS A 1130 -20.70 55.26 19.28
CA LYS A 1130 -21.90 54.48 19.35
C LYS A 1130 -23.06 55.36 19.81
N PHE A 1131 -22.87 56.68 19.70
CA PHE A 1131 -23.87 57.69 20.00
C PHE A 1131 -24.42 58.27 18.71
N ASN A 1132 -25.72 58.47 18.60
CA ASN A 1132 -26.25 59.04 17.36
C ASN A 1132 -27.35 60.11 17.55
N ASP A 1133 -28.61 59.70 17.57
CA ASP A 1133 -29.72 60.63 17.63
C ASP A 1133 -30.09 60.96 19.06
N GLY A 1134 -29.14 61.45 19.79
CA GLY A 1134 -29.39 61.82 21.16
C GLY A 1134 -29.26 60.69 22.16
N LYS A 1135 -28.96 59.50 21.69
CA LYS A 1135 -28.83 58.35 22.59
C LYS A 1135 -27.64 57.47 22.25
N PHE A 1136 -27.22 56.70 23.25
CA PHE A 1136 -26.14 55.74 23.14
C PHE A 1136 -26.60 54.32 23.02
N ALA A 1137 -25.82 53.51 22.33
CA ALA A 1137 -26.13 52.10 22.29
C ALA A 1137 -25.94 51.57 23.68
N ALA A 1138 -26.73 50.63 24.08
CA ALA A 1138 -26.53 50.06 25.40
C ALA A 1138 -25.14 49.47 25.53
N ASN A 1139 -24.59 48.93 24.45
CA ASN A 1139 -23.27 48.33 24.62
C ASN A 1139 -22.18 49.33 24.34
N ALA A 1140 -22.53 50.62 24.33
CA ALA A 1140 -21.55 51.66 24.22
C ALA A 1140 -20.86 51.81 25.54
N TRP A 1141 -21.49 51.28 26.60
CA TRP A 1141 -20.96 51.42 27.93
C TRP A 1141 -20.25 50.19 28.43
N SER A 1142 -19.13 50.40 29.11
CA SER A 1142 -18.40 49.32 29.75
C SER A 1142 -18.96 49.08 31.13
N GLU A 1143 -18.53 48.02 31.76
CA GLU A 1143 -18.96 47.67 33.10
C GLU A 1143 -18.21 48.47 34.12
N TRP A 1144 -18.74 48.64 35.31
CA TRP A 1144 -17.89 49.27 36.28
C TRP A 1144 -16.82 48.30 36.67
N HIS A 1145 -15.59 48.77 36.71
CA HIS A 1145 -14.47 47.96 37.09
C HIS A 1145 -13.95 48.42 38.42
N LYS A 1146 -13.67 47.50 39.31
CA LYS A 1146 -13.20 47.90 40.62
C LYS A 1146 -11.72 48.22 40.70
N ILE A 1147 -11.43 49.34 41.32
CA ILE A 1147 -10.07 49.78 41.55
C ILE A 1147 -9.62 49.22 42.89
N ASP A 1148 -8.52 48.50 42.91
CA ASP A 1148 -8.06 47.83 44.14
C ASP A 1148 -7.09 48.59 45.04
N CYS A 1149 -6.87 49.87 44.75
CA CYS A 1149 -6.00 50.66 45.60
C CYS A 1149 -6.75 51.46 46.66
N PRO A 1150 -6.15 51.69 47.84
CA PRO A 1150 -6.69 52.43 48.96
C PRO A 1150 -6.64 53.93 48.76
N ILE A 1151 -7.42 54.40 47.82
CA ILE A 1151 -7.47 55.80 47.44
C ILE A 1151 -8.32 56.61 48.42
N ASN A 1152 -7.76 57.66 49.02
CA ASN A 1152 -8.52 58.45 49.99
C ASN A 1152 -8.43 59.93 49.67
N PRO A 1153 -8.99 60.34 48.54
CA PRO A 1153 -8.89 61.68 48.01
C PRO A 1153 -9.61 62.74 48.80
N TYR A 1154 -8.91 63.83 49.01
CA TYR A 1154 -9.44 64.96 49.70
C TYR A 1154 -10.51 65.54 48.86
N LYS A 1155 -11.66 65.78 49.48
CA LYS A 1155 -12.81 66.38 48.82
C LYS A 1155 -13.11 65.71 47.51
N SER A 1156 -12.93 64.40 47.38
CA SER A 1156 -13.27 63.74 46.13
C SER A 1156 -12.71 64.45 44.89
N THR A 1157 -11.44 64.87 44.94
CA THR A 1157 -10.77 65.56 43.84
C THR A 1157 -10.27 64.67 42.71
N ILE A 1158 -10.42 63.39 42.88
CA ILE A 1158 -9.91 62.45 41.91
C ILE A 1158 -10.50 62.62 40.52
N ARG A 1159 -9.62 62.60 39.54
CA ARG A 1159 -10.02 62.74 38.15
C ARG A 1159 -9.26 61.68 37.35
N PRO A 1160 -9.90 60.93 36.45
CA PRO A 1160 -9.24 59.99 35.58
C PRO A 1160 -8.56 60.76 34.50
N VAL A 1161 -7.53 60.21 33.91
CA VAL A 1161 -6.97 60.78 32.70
C VAL A 1161 -6.37 59.70 31.82
N ILE A 1162 -6.39 59.87 30.51
CA ILE A 1162 -5.67 58.91 29.71
C ILE A 1162 -4.36 59.51 29.37
N TYR A 1163 -3.34 58.77 29.67
CA TYR A 1163 -1.99 59.23 29.51
C TYR A 1163 -1.14 58.07 29.15
N LYS A 1164 -0.27 58.22 28.17
CA LYS A 1164 0.52 57.08 27.73
C LYS A 1164 -0.40 55.94 27.35
N SER A 1165 -1.56 56.26 26.77
CA SER A 1165 -2.55 55.29 26.32
C SER A 1165 -2.96 54.27 27.40
N ARG A 1166 -2.90 54.68 28.65
CA ARG A 1166 -3.26 53.91 29.82
C ARG A 1166 -4.18 54.71 30.69
N LEU A 1167 -4.97 54.04 31.49
CA LEU A 1167 -5.77 54.81 32.42
C LEU A 1167 -5.00 55.12 33.66
N TYR A 1168 -4.92 56.41 33.94
CA TYR A 1168 -4.27 57.01 35.08
C TYR A 1168 -5.27 57.70 35.97
N LEU A 1169 -5.01 57.68 37.26
CA LEU A 1169 -5.82 58.43 38.18
C LEU A 1169 -4.98 59.42 38.88
N LEU A 1170 -5.51 60.60 39.15
CA LEU A 1170 -4.74 61.48 39.99
C LEU A 1170 -5.63 62.17 40.98
N TRP A 1171 -5.11 62.34 42.19
CA TRP A 1171 -5.90 62.97 43.22
C TRP A 1171 -5.10 63.61 44.32
N LEU A 1172 -5.72 64.48 45.11
CA LEU A 1172 -4.99 65.05 46.22
C LEU A 1172 -5.30 64.40 47.53
N GLU A 1173 -4.31 64.32 48.39
CA GLU A 1173 -4.56 63.88 49.76
C GLU A 1173 -3.96 64.81 50.79
N GLN A 1174 -4.68 64.94 51.91
CA GLN A 1174 -4.30 65.74 53.07
C GLN A 1174 -3.55 65.02 54.13
N LYS A 1175 -2.25 65.08 54.09
CA LYS A 1175 -1.55 64.36 55.11
C LYS A 1175 -1.52 65.27 56.31
N GLU A 1176 -1.96 64.75 57.45
CA GLU A 1176 -1.91 65.51 58.67
C GLU A 1176 -0.58 65.33 59.30
N ILE A 1177 0.08 66.42 59.59
CA ILE A 1177 1.38 66.30 60.24
C ILE A 1177 1.47 67.27 61.39
N THR A 1178 2.23 66.94 62.42
CA THR A 1178 2.35 67.91 63.48
C THR A 1178 3.52 67.62 64.40
N LYS A 1179 4.00 68.65 65.06
CA LYS A 1179 4.97 68.45 66.12
C LYS A 1179 4.14 67.95 67.28
N GLN A 1180 4.66 67.09 68.14
CA GLN A 1180 3.79 66.77 69.27
C GLN A 1180 3.67 67.98 70.19
N THR A 1181 4.80 68.67 70.31
CA THR A 1181 5.00 69.79 71.20
C THR A 1181 4.70 71.13 70.55
N GLY A 1182 4.57 72.15 71.40
CA GLY A 1182 4.31 73.53 70.99
C GLY A 1182 5.59 74.23 70.59
N ASN A 1183 6.22 74.89 71.54
CA ASN A 1183 7.48 75.59 71.33
C ASN A 1183 8.64 74.85 72.00
N SER A 1184 8.44 73.54 72.17
CA SER A 1184 9.35 72.62 72.86
C SER A 1184 9.56 73.02 74.31
N LYS A 1185 8.55 73.65 74.91
CA LYS A 1185 8.57 74.04 76.30
C LYS A 1185 7.19 73.74 76.90
N ASP A 1186 6.50 74.79 77.36
CA ASP A 1186 5.16 74.62 77.90
C ASP A 1186 4.15 74.88 76.79
N GLY A 1187 3.60 73.82 76.24
CA GLY A 1187 2.67 73.91 75.13
C GLY A 1187 2.73 72.65 74.28
N TYR A 1188 1.70 72.42 73.49
CA TYR A 1188 1.59 71.21 72.67
C TYR A 1188 0.86 71.57 71.39
N GLN A 1189 0.97 70.73 70.35
CA GLN A 1189 0.16 71.02 69.18
C GLN A 1189 -1.21 70.43 69.34
N THR A 1190 -2.19 71.10 68.76
CA THR A 1190 -3.57 70.69 68.86
C THR A 1190 -4.01 69.82 67.71
N GLU A 1191 -4.12 70.43 66.54
CA GLU A 1191 -4.59 69.75 65.35
C GLU A 1191 -3.44 69.35 64.44
N THR A 1192 -3.38 69.89 63.22
CA THR A 1192 -2.32 69.49 62.32
C THR A 1192 -2.03 70.49 61.25
N ASP A 1193 -0.82 70.43 60.73
CA ASP A 1193 -0.51 71.18 59.55
C ASP A 1193 -0.93 70.24 58.45
N TYR A 1194 -0.80 70.68 57.23
CA TYR A 1194 -1.18 69.82 56.14
C TYR A 1194 -0.23 69.80 55.00
N ARG A 1195 -0.18 68.65 54.36
CA ARG A 1195 0.57 68.58 53.14
C ARG A 1195 -0.24 67.96 52.04
N TYR A 1196 -0.13 68.59 50.89
CA TYR A 1196 -0.83 68.16 49.70
C TYR A 1196 0.00 67.28 48.82
N GLU A 1197 -0.36 66.03 48.86
CA GLU A 1197 0.33 65.08 48.05
C GLU A 1197 -0.48 64.84 46.82
N LEU A 1198 0.15 64.90 45.68
CA LEU A 1198 -0.59 64.59 44.48
C LEU A 1198 -0.27 63.16 44.13
N LYS A 1199 -1.27 62.32 44.17
CA LYS A 1199 -1.03 60.92 43.90
C LYS A 1199 -1.35 60.61 42.48
N LEU A 1200 -0.47 59.88 41.83
CA LEU A 1200 -0.71 59.46 40.45
C LEU A 1200 -0.52 57.95 40.32
N ALA A 1201 -1.48 57.26 39.73
CA ALA A 1201 -1.40 55.80 39.59
C ALA A 1201 -1.97 55.38 38.28
N HIS A 1202 -1.59 54.20 37.84
CA HIS A 1202 -2.13 53.70 36.59
C HIS A 1202 -2.45 52.26 36.71
N ILE A 1203 -3.33 51.84 35.83
CA ILE A 1203 -3.76 50.47 35.74
C ILE A 1203 -2.73 49.64 34.99
N ARG A 1204 -2.56 48.41 35.42
CA ARG A 1204 -1.70 47.40 34.82
C ARG A 1204 -2.50 46.65 33.78
N TYR A 1205 -1.87 45.86 32.92
CA TYR A 1205 -2.65 45.15 31.90
C TYR A 1205 -3.27 43.89 32.44
N ASP A 1206 -3.07 43.66 33.72
CA ASP A 1206 -3.60 42.54 34.46
C ASP A 1206 -4.98 42.93 34.96
N GLY A 1207 -5.31 44.21 34.88
CA GLY A 1207 -6.57 44.75 35.38
C GLY A 1207 -6.43 45.32 36.77
N THR A 1208 -5.31 45.05 37.41
CA THR A 1208 -5.04 45.53 38.75
C THR A 1208 -4.33 46.85 38.66
N TRP A 1209 -4.25 47.59 39.75
CA TRP A 1209 -3.58 48.88 39.69
C TRP A 1209 -2.18 48.86 40.24
N ASN A 1210 -1.33 49.75 39.74
CA ASN A 1210 0.00 49.84 40.28
C ASN A 1210 0.05 50.73 41.51
N THR A 1211 1.23 50.80 42.09
CA THR A 1211 1.54 51.62 43.24
C THR A 1211 1.57 53.08 42.83
N PRO A 1212 0.92 54.01 43.54
CA PRO A 1212 0.92 55.41 43.23
C PRO A 1212 2.25 56.07 43.49
N ILE A 1213 2.54 57.09 42.71
CA ILE A 1213 3.73 57.93 42.86
C ILE A 1213 3.29 59.30 43.32
N THR A 1214 4.05 59.90 44.22
CA THR A 1214 3.66 61.20 44.75
C THR A 1214 4.45 62.38 44.26
N PHE A 1215 3.71 63.43 43.88
CA PHE A 1215 4.29 64.70 43.53
C PHE A 1215 3.93 65.72 44.62
N ASP A 1216 4.84 66.63 44.93
CA ASP A 1216 4.62 67.66 45.96
C ASP A 1216 4.03 68.95 45.40
N VAL A 1217 2.79 69.27 45.76
CA VAL A 1217 2.14 70.43 45.20
C VAL A 1217 1.77 71.49 46.23
N ASN A 1218 2.41 71.45 47.39
CA ASN A 1218 2.01 72.35 48.47
C ASN A 1218 2.19 73.82 48.22
N LYS A 1219 3.17 74.19 47.45
CA LYS A 1219 3.38 75.60 47.21
C LYS A 1219 2.44 76.11 46.14
N LYS A 1220 2.01 75.23 45.26
CA LYS A 1220 1.11 75.64 44.20
C LYS A 1220 -0.21 75.99 44.83
N ILE A 1221 -0.53 75.21 45.85
CA ILE A 1221 -1.78 75.41 46.54
C ILE A 1221 -1.67 76.56 47.53
N SER A 1222 -0.56 76.69 48.26
CA SER A 1222 -0.51 77.83 49.16
C SER A 1222 -0.52 79.15 48.37
N GLU A 1223 -0.08 79.14 47.11
CA GLU A 1223 -0.18 80.32 46.25
C GLU A 1223 -1.64 80.53 45.86
N LEU A 1224 -2.32 79.45 45.51
CA LEU A 1224 -3.69 79.51 45.06
C LEU A 1224 -4.63 79.54 46.23
N LYS A 1225 -4.88 80.73 46.74
CA LYS A 1225 -5.62 80.81 47.99
C LYS A 1225 -7.03 80.28 47.90
N LEU A 1226 -7.33 79.42 48.87
CA LEU A 1226 -8.58 78.73 49.12
C LEU A 1226 -8.92 78.85 50.57
N GLU A 1227 -10.19 78.73 50.92
CA GLU A 1227 -10.52 78.75 52.32
C GLU A 1227 -10.21 77.40 52.98
N LYS A 1228 -10.43 77.32 54.28
CA LYS A 1228 -10.06 76.14 55.07
C LYS A 1228 -10.73 74.83 54.70
N ASN A 1229 -11.87 74.92 54.04
CA ASN A 1229 -12.65 73.77 53.68
C ASN A 1229 -12.72 73.48 52.19
N ARG A 1230 -11.80 74.03 51.41
CA ARG A 1230 -11.87 73.81 49.98
C ARG A 1230 -10.64 73.20 49.33
N ALA A 1231 -10.92 72.40 48.30
CA ALA A 1231 -9.91 71.84 47.43
C ALA A 1231 -9.82 72.71 46.21
N PRO A 1232 -8.67 72.80 45.55
CA PRO A 1232 -8.47 73.51 44.32
C PRO A 1232 -9.17 72.75 43.25
N GLY A 1233 -9.59 73.42 42.22
CA GLY A 1233 -10.13 72.67 41.14
C GLY A 1233 -8.95 71.98 40.53
N LEU A 1234 -9.07 70.69 40.26
CA LEU A 1234 -7.94 70.02 39.66
C LEU A 1234 -8.18 69.69 38.23
N TYR A 1235 -7.53 70.47 37.38
CA TYR A 1235 -7.63 70.32 35.95
C TYR A 1235 -6.64 69.31 35.52
N CYS A 1236 -7.03 68.41 34.66
CA CYS A 1236 -6.02 67.52 34.16
C CYS A 1236 -6.34 66.98 32.82
N ALA A 1237 -5.40 67.11 31.92
CA ALA A 1237 -5.58 66.56 30.60
C ALA A 1237 -4.26 66.20 29.99
N GLY A 1238 -4.26 65.15 29.22
CA GLY A 1238 -3.02 64.82 28.55
C GLY A 1238 -2.83 65.73 27.38
N TYR A 1239 -1.57 66.02 27.08
CA TYR A 1239 -1.18 66.70 25.87
C TYR A 1239 -1.38 65.66 24.81
N GLN A 1240 -1.82 66.06 23.63
CA GLN A 1240 -2.10 65.13 22.55
C GLN A 1240 -1.01 64.12 22.27
N GLY A 1241 0.21 64.53 22.36
CA GLY A 1241 1.31 63.61 22.12
C GLY A 1241 2.34 63.79 23.22
N GLU A 1242 3.51 63.23 22.97
CA GLU A 1242 4.69 63.33 23.82
C GLU A 1242 4.54 62.86 25.25
N ASP A 1243 3.48 62.15 25.54
CA ASP A 1243 3.28 61.60 26.85
C ASP A 1243 3.52 62.64 27.92
N THR A 1244 3.04 63.84 27.69
CA THR A 1244 3.19 64.89 28.65
C THR A 1244 1.85 65.28 29.21
N LEU A 1245 1.75 65.27 30.53
CA LEU A 1245 0.50 65.54 31.20
C LEU A 1245 0.41 66.95 31.72
N LEU A 1246 -0.72 67.61 31.45
CA LEU A 1246 -0.93 68.97 31.89
C LEU A 1246 -1.79 69.01 33.13
N VAL A 1247 -1.20 69.40 34.26
CA VAL A 1247 -1.95 69.42 35.51
C VAL A 1247 -2.05 70.84 36.00
N MET A 1248 -3.25 71.31 36.27
CA MET A 1248 -3.39 72.69 36.69
C MET A 1248 -4.31 72.85 37.89
N PHE A 1249 -4.08 73.90 38.65
CA PHE A 1249 -4.90 74.14 39.81
C PHE A 1249 -5.58 75.49 39.76
N TYR A 1250 -6.84 75.53 40.15
CA TYR A 1250 -7.53 76.81 40.14
C TYR A 1250 -8.57 77.04 41.24
N ASN A 1251 -8.84 78.29 41.55
CA ASN A 1251 -9.84 78.55 42.57
C ASN A 1251 -11.19 78.51 41.92
N GLN A 1252 -11.93 77.45 42.18
CA GLN A 1252 -13.19 77.28 41.50
C GLN A 1252 -14.09 78.48 41.65
N GLN A 1253 -14.57 78.97 40.50
CA GLN A 1253 -15.40 80.14 40.38
C GLN A 1253 -16.89 79.89 40.28
N ASP A 1254 -17.65 80.97 40.35
CA ASP A 1254 -19.09 80.95 40.22
C ASP A 1254 -19.52 80.78 38.77
N THR A 1255 -18.69 81.28 37.88
CA THR A 1255 -18.89 81.26 36.44
C THR A 1255 -17.65 81.06 35.61
N LEU A 1256 -17.83 80.53 34.41
CA LEU A 1256 -16.76 80.29 33.47
C LEU A 1256 -16.10 81.56 32.99
N ASP A 1257 -16.84 82.65 33.00
CA ASP A 1257 -16.29 83.91 32.56
C ASP A 1257 -15.28 84.43 33.56
N SER A 1258 -15.32 83.97 34.80
CA SER A 1258 -14.45 84.45 35.84
C SER A 1258 -13.06 83.88 35.65
N TYR A 1259 -12.91 82.91 34.74
CA TYR A 1259 -11.60 82.34 34.51
C TYR A 1259 -10.88 83.12 33.44
N LYS A 1260 -11.58 84.07 32.82
CA LYS A 1260 -10.93 84.84 31.80
C LYS A 1260 -10.00 85.77 32.54
N ASN A 1261 -8.74 85.68 32.19
CA ASN A 1261 -7.64 86.38 32.83
C ASN A 1261 -7.48 85.99 34.30
N ALA A 1262 -7.81 84.75 34.64
CA ALA A 1262 -7.58 84.29 35.99
C ALA A 1262 -6.23 83.62 36.08
N SER A 1263 -5.54 83.85 37.18
CA SER A 1263 -4.28 83.17 37.45
C SER A 1263 -4.48 81.69 37.68
N MET A 1264 -3.56 80.88 37.19
CA MET A 1264 -3.58 79.44 37.43
C MET A 1264 -2.20 78.93 37.74
N GLN A 1265 -2.15 77.89 38.58
CA GLN A 1265 -0.88 77.26 38.90
C GLN A 1265 -0.85 75.95 38.16
N GLY A 1266 0.31 75.40 37.91
CA GLY A 1266 0.29 74.10 37.26
C GLY A 1266 1.67 73.57 36.96
N LEU A 1267 1.68 72.33 36.50
CA LEU A 1267 2.89 71.60 36.20
C LEU A 1267 2.76 70.63 35.06
N TYR A 1268 3.89 70.35 34.46
CA TYR A 1268 3.92 69.34 33.46
C TYR A 1268 4.48 68.08 34.06
N ILE A 1269 3.82 66.97 33.85
CA ILE A 1269 4.36 65.70 34.29
C ILE A 1269 4.79 64.92 33.07
N PHE A 1270 6.03 64.53 33.07
CA PHE A 1270 6.58 63.88 31.91
C PHE A 1270 6.61 62.39 32.16
N ALA A 1271 6.64 61.60 31.07
CA ALA A 1271 6.61 60.13 31.14
C ALA A 1271 7.69 59.56 32.04
N ASP A 1272 8.82 60.19 32.07
CA ASP A 1272 9.85 59.82 33.00
C ASP A 1272 9.24 60.49 34.21
N MET A 1273 8.76 59.77 35.22
CA MET A 1273 8.00 60.50 36.23
C MET A 1273 8.81 61.54 36.91
N ALA A 1274 8.68 62.71 36.35
CA ALA A 1274 9.39 63.90 36.68
C ALA A 1274 8.51 65.05 36.33
N SER A 1275 8.75 66.19 36.92
CA SER A 1275 7.95 67.31 36.56
C SER A 1275 8.68 68.61 36.58
N LYS A 1276 8.10 69.54 35.85
CA LYS A 1276 8.57 70.91 35.82
C LYS A 1276 7.37 71.82 35.91
N ASP A 1277 7.47 72.87 36.70
CA ASP A 1277 6.34 73.77 36.84
C ASP A 1277 6.07 74.52 35.57
N MET A 1278 4.82 74.89 35.38
CA MET A 1278 4.48 75.75 34.27
C MET A 1278 4.80 77.16 34.70
N THR A 1279 5.28 77.97 33.77
CA THR A 1279 5.50 79.36 34.07
C THR A 1279 4.13 79.98 33.91
N PRO A 1280 3.83 81.18 34.43
CA PRO A 1280 2.54 81.80 34.22
C PRO A 1280 2.29 82.09 32.74
N GLU A 1281 3.35 82.25 31.95
CA GLU A 1281 3.13 82.47 30.54
C GLU A 1281 2.47 81.24 29.94
N GLN A 1282 2.81 80.06 30.48
CA GLN A 1282 2.28 78.82 29.99
C GLN A 1282 0.94 78.52 30.63
N SER A 1283 0.80 78.78 31.93
CA SER A 1283 -0.49 78.41 32.49
C SER A 1283 -1.58 79.28 31.86
N ASN A 1284 -1.21 80.48 31.40
CA ASN A 1284 -2.16 81.35 30.77
C ASN A 1284 -2.60 80.87 29.40
N VAL A 1285 -1.74 80.15 28.66
CA VAL A 1285 -2.18 79.77 27.34
C VAL A 1285 -3.11 78.60 27.47
N TYR A 1286 -2.83 77.75 28.44
CA TYR A 1286 -3.66 76.59 28.55
C TYR A 1286 -4.99 77.04 29.09
N ARG A 1287 -4.96 78.08 29.92
CA ARG A 1287 -6.19 78.61 30.45
C ARG A 1287 -7.07 79.13 29.33
N ASP A 1288 -6.50 79.93 28.44
CA ASP A 1288 -7.30 80.53 27.40
C ASP A 1288 -7.91 79.46 26.51
N ASN A 1289 -7.19 78.37 26.35
CA ASN A 1289 -7.64 77.26 25.53
C ASN A 1289 -8.25 76.08 26.34
N SER A 1290 -8.40 76.21 27.67
CA SER A 1290 -8.95 75.10 28.47
C SER A 1290 -10.13 75.49 29.33
N TYR A 1291 -10.36 76.80 29.55
CA TYR A 1291 -11.47 77.19 30.40
C TYR A 1291 -12.64 76.69 29.61
N GLN A 1292 -13.83 76.83 30.08
CA GLN A 1292 -14.99 76.16 29.48
C GLN A 1292 -15.06 74.74 30.02
N GLN A 1293 -13.91 74.07 30.18
CA GLN A 1293 -13.88 72.73 30.72
C GLN A 1293 -13.66 72.76 32.23
N PHE A 1294 -13.46 73.94 32.78
CA PHE A 1294 -13.17 74.07 34.20
C PHE A 1294 -14.41 73.94 35.02
N ASP A 1295 -14.27 73.38 36.19
CA ASP A 1295 -15.39 73.29 37.10
C ASP A 1295 -15.78 74.62 37.68
N THR A 1296 -17.07 74.81 37.83
CA THR A 1296 -17.65 75.98 38.46
C THR A 1296 -18.64 75.53 39.48
N ASN A 1297 -19.12 76.46 40.26
CA ASN A 1297 -20.04 76.07 41.29
C ASN A 1297 -21.29 75.43 40.73
N ASN A 1298 -21.71 74.36 41.41
CA ASN A 1298 -22.89 73.55 41.14
C ASN A 1298 -22.84 72.71 39.87
N VAL A 1299 -21.70 72.65 39.21
CA VAL A 1299 -21.53 71.79 38.04
C VAL A 1299 -20.23 71.01 38.10
N ARG A 1300 -20.14 69.98 37.29
CA ARG A 1300 -18.89 69.24 37.15
C ARG A 1300 -18.62 69.04 35.68
N ARG A 1301 -17.41 69.29 35.25
CA ARG A 1301 -17.11 69.16 33.84
C ARG A 1301 -16.05 68.16 33.52
N VAL A 1302 -16.14 67.68 32.31
CA VAL A 1302 -15.21 66.71 31.79
C VAL A 1302 -14.11 67.37 31.00
N ASN A 1303 -12.89 67.17 31.45
CA ASN A 1303 -11.74 67.75 30.79
C ASN A 1303 -11.51 66.86 29.60
N ASN A 1304 -11.13 67.41 28.47
CA ASN A 1304 -10.83 66.57 27.34
C ASN A 1304 -9.34 66.65 27.03
N ARG A 1305 -8.89 65.95 26.00
CA ARG A 1305 -7.50 65.95 25.60
C ARG A 1305 -7.08 67.30 25.06
N TYR A 1306 -5.90 67.76 25.44
CA TYR A 1306 -5.43 69.03 24.94
C TYR A 1306 -4.54 68.87 23.72
N ALA A 1307 -4.76 69.68 22.71
CA ALA A 1307 -3.95 69.59 21.50
C ALA A 1307 -3.65 70.94 20.92
N GLU A 1308 -2.51 71.02 20.24
CA GLU A 1308 -2.08 72.22 19.54
C GLU A 1308 -1.80 71.93 18.08
N ASP A 1309 -2.65 72.42 17.20
CA ASP A 1309 -2.48 72.13 15.80
C ASP A 1309 -1.84 73.32 15.09
N TYR A 1310 -0.55 73.25 14.81
CA TYR A 1310 0.11 74.42 14.24
C TYR A 1310 0.08 74.42 12.73
N GLU A 1311 -0.49 75.48 12.17
CA GLU A 1311 -0.56 75.63 10.73
C GLU A 1311 0.53 76.56 10.23
N ILE A 1312 1.44 75.99 9.49
CA ILE A 1312 2.58 76.69 8.95
C ILE A 1312 2.56 76.36 7.47
N PRO A 1313 2.60 77.34 6.55
CA PRO A 1313 2.52 77.09 5.12
C PRO A 1313 3.76 76.37 4.71
N SER A 1314 3.66 75.57 3.65
CA SER A 1314 4.81 74.83 3.16
C SER A 1314 5.86 75.69 2.50
N SER A 1315 5.48 76.91 2.12
CA SER A 1315 6.38 77.85 1.44
C SER A 1315 5.90 79.30 1.54
N VAL A 1316 6.81 80.22 1.25
CA VAL A 1316 6.47 81.65 1.14
C VAL A 1316 6.91 82.27 -0.20
N SER A 1317 5.94 82.87 -0.88
CA SER A 1317 6.11 83.51 -2.17
C SER A 1317 5.54 84.94 -2.17
N SER A 1318 5.79 85.65 -1.09
CA SER A 1318 5.30 87.01 -0.89
C SER A 1318 6.34 87.76 -0.08
N ARG A 1319 6.26 89.09 -0.05
CA ARG A 1319 7.25 89.85 0.70
C ARG A 1319 6.62 91.02 1.42
N LYS A 1320 7.29 91.51 2.45
CA LYS A 1320 6.85 92.69 3.19
C LYS A 1320 7.72 93.92 2.93
N ASP A 1321 9.01 93.71 2.68
CA ASP A 1321 9.93 94.84 2.45
C ASP A 1321 11.09 94.41 1.56
N TYR A 1322 11.94 95.36 1.15
CA TYR A 1322 13.09 95.06 0.29
C TYR A 1322 14.06 96.21 0.07
N GLY A 1323 15.22 95.93 -0.52
CA GLY A 1323 16.07 97.04 -0.88
C GLY A 1323 17.38 96.74 -1.58
N TRP A 1324 17.99 97.85 -1.94
CA TRP A 1324 19.23 98.02 -2.66
C TRP A 1324 20.42 98.21 -1.76
N GLY A 1325 21.58 97.90 -2.29
CA GLY A 1325 22.82 98.05 -1.58
C GLY A 1325 23.32 99.49 -1.47
N ASP A 1326 24.50 99.66 -0.89
CA ASP A 1326 25.01 100.99 -0.55
C ASP A 1326 25.16 101.97 -1.70
N TYR A 1327 25.52 101.46 -2.86
CA TYR A 1327 25.70 102.33 -4.00
C TYR A 1327 24.49 102.30 -4.90
N TYR A 1328 23.47 101.54 -4.53
CA TYR A 1328 22.31 101.40 -5.38
C TYR A 1328 22.67 100.91 -6.78
N LEU A 1329 23.67 100.02 -6.88
CA LEU A 1329 24.07 99.43 -8.16
C LEU A 1329 23.74 97.95 -8.24
N SER A 1330 23.09 97.43 -7.22
CA SER A 1330 22.67 96.05 -7.15
C SER A 1330 21.64 95.92 -6.07
N MET A 1331 20.92 94.81 -6.07
CA MET A 1331 19.97 94.61 -4.99
C MET A 1331 19.73 93.15 -4.70
N VAL A 1332 19.18 92.89 -3.52
CA VAL A 1332 18.74 91.55 -3.26
C VAL A 1332 17.36 91.59 -3.85
N TYR A 1333 17.09 90.67 -4.74
CA TYR A 1333 15.84 90.76 -5.46
C TYR A 1333 14.79 89.83 -4.87
N ASN A 1334 13.60 89.81 -5.44
CA ASN A 1334 12.51 89.07 -4.87
C ASN A 1334 12.74 87.58 -5.00
N GLY A 1335 13.22 87.02 -3.89
CA GLY A 1335 13.60 85.63 -3.72
C GLY A 1335 12.47 84.91 -3.03
N ASP A 1336 12.76 83.82 -2.34
CA ASP A 1336 11.64 83.11 -1.72
C ASP A 1336 12.02 82.15 -0.62
N ILE A 1337 11.00 81.51 -0.04
CA ILE A 1337 11.27 80.49 0.93
C ILE A 1337 10.58 79.27 0.37
N PRO A 1338 11.21 78.54 -0.56
CA PRO A 1338 10.60 77.49 -1.32
C PRO A 1338 10.11 76.34 -0.45
N THR A 1339 10.69 76.13 0.73
CA THR A 1339 10.14 75.09 1.58
C THR A 1339 10.12 75.55 3.02
N ILE A 1340 9.15 75.03 3.77
CA ILE A 1340 9.06 75.20 5.20
C ILE A 1340 8.66 73.87 5.83
N ASN A 1341 9.35 73.45 6.87
CA ASN A 1341 9.01 72.21 7.55
C ASN A 1341 8.97 72.48 9.04
N TYR A 1342 8.26 71.67 9.82
CA TYR A 1342 8.29 71.93 11.25
C TYR A 1342 7.97 70.73 12.11
N LYS A 1343 8.39 70.83 13.38
CA LYS A 1343 8.03 69.87 14.39
C LYS A 1343 7.57 70.58 15.66
N ALA A 1344 6.35 70.29 16.08
CA ALA A 1344 5.80 70.96 17.25
C ALA A 1344 5.96 70.06 18.46
N ALA A 1345 6.04 70.67 19.65
CA ALA A 1345 6.11 69.92 20.87
C ALA A 1345 5.57 70.70 22.07
N SER A 1346 5.37 70.01 23.19
CA SER A 1346 4.88 70.70 24.36
C SER A 1346 5.99 71.57 24.90
N SER A 1347 5.76 72.86 24.76
CA SER A 1347 6.69 73.92 25.10
C SER A 1347 8.00 73.92 24.30
N ASP A 1348 7.90 73.57 23.01
CA ASP A 1348 9.01 73.64 22.04
C ASP A 1348 8.44 73.70 20.64
N LEU A 1349 9.18 74.30 19.73
CA LEU A 1349 8.78 74.34 18.34
C LEU A 1349 9.96 74.59 17.44
N LYS A 1350 10.13 73.74 16.45
CA LYS A 1350 11.22 73.92 15.53
C LYS A 1350 10.73 74.02 14.12
N ILE A 1351 11.10 75.11 13.49
CA ILE A 1351 10.71 75.41 12.14
C ILE A 1351 11.93 75.42 11.27
N TYR A 1352 11.86 74.77 10.15
CA TYR A 1352 13.00 74.70 9.29
C TYR A 1352 12.71 75.35 8.01
N ILE A 1353 13.63 76.13 7.52
CA ILE A 1353 13.40 76.68 6.21
C ILE A 1353 14.55 76.47 5.27
N SER A 1354 14.26 76.42 3.99
CA SER A 1354 15.31 76.21 3.00
C SER A 1354 15.26 77.33 1.97
N PRO A 1355 15.59 78.58 2.36
CA PRO A 1355 15.45 79.81 1.61
C PRO A 1355 16.43 79.93 0.47
N LYS A 1356 16.00 80.73 -0.51
CA LYS A 1356 16.82 81.05 -1.67
C LYS A 1356 16.98 82.55 -1.83
N LEU A 1357 18.22 82.99 -1.73
CA LEU A 1357 18.55 84.40 -1.81
C LEU A 1357 19.02 84.76 -3.21
N ARG A 1358 18.24 85.59 -3.91
CA ARG A 1358 18.55 86.00 -5.29
C ARG A 1358 19.28 87.33 -5.29
N ILE A 1359 20.41 87.40 -5.95
CA ILE A 1359 21.10 88.68 -6.05
C ILE A 1359 21.14 89.04 -7.52
N ILE A 1360 20.68 90.25 -7.84
CA ILE A 1360 20.69 90.72 -9.23
C ILE A 1360 21.41 92.04 -9.34
N HIS A 1361 22.33 92.17 -10.32
CA HIS A 1361 23.03 93.44 -10.42
C HIS A 1361 22.18 94.47 -11.17
N ASN A 1362 21.16 94.94 -10.48
CA ASN A 1362 20.25 95.98 -10.94
C ASN A 1362 20.17 97.03 -9.87
N GLY A 1363 20.55 98.23 -10.25
CA GLY A 1363 20.62 99.35 -9.35
C GLY A 1363 19.30 100.04 -9.23
N TYR A 1364 19.31 101.21 -8.63
CA TYR A 1364 18.12 102.02 -8.43
C TYR A 1364 17.71 102.62 -9.78
N GLU A 1365 16.42 102.72 -10.05
CA GLU A 1365 16.00 103.28 -11.33
C GLU A 1365 16.59 104.67 -11.53
N GLY A 1366 17.03 104.93 -12.76
CA GLY A 1366 17.68 106.18 -13.10
C GLY A 1366 19.01 105.80 -13.73
N GLN A 1367 19.95 106.73 -13.83
CA GLN A 1367 21.18 106.44 -14.55
C GLN A 1367 21.96 105.27 -13.93
N LYS A 1368 21.75 105.00 -12.65
CA LYS A 1368 22.41 103.89 -11.97
C LYS A 1368 21.94 102.56 -12.55
N ARG A 1369 20.68 102.48 -12.97
CA ARG A 1369 20.17 101.26 -13.54
C ARG A 1369 20.80 101.08 -14.90
N ASN A 1370 21.01 102.19 -15.58
CA ASN A 1370 21.59 102.10 -16.91
C ASN A 1370 23.05 101.62 -16.79
N GLN A 1371 23.73 102.03 -15.73
CA GLN A 1371 25.11 101.60 -15.49
C GLN A 1371 25.13 100.10 -15.24
N CYS A 1372 24.13 99.63 -14.52
CA CYS A 1372 24.01 98.22 -14.22
C CYS A 1372 23.68 97.42 -15.47
N ASN A 1373 22.87 98.00 -16.36
CA ASN A 1373 22.53 97.32 -17.58
C ASN A 1373 23.80 97.10 -18.40
N LEU A 1374 24.77 98.02 -18.28
CA LEU A 1374 26.04 97.85 -18.97
C LEU A 1374 26.89 96.76 -18.28
N MET A 1375 26.87 96.73 -16.94
CA MET A 1375 27.64 95.73 -16.19
C MET A 1375 27.19 94.32 -16.54
N ASN A 1376 25.91 94.19 -16.84
CA ASN A 1376 25.29 92.91 -17.16
C ASN A 1376 25.60 92.45 -18.59
N LYS A 1377 26.20 93.32 -19.40
CA LYS A 1377 26.54 93.03 -20.79
C LYS A 1377 28.05 92.95 -21.05
N TYR A 1378 28.82 93.77 -20.35
CA TYR A 1378 30.25 93.93 -20.62
C TYR A 1378 31.21 93.28 -19.63
N GLY A 1379 30.74 92.34 -18.83
CA GLY A 1379 31.64 91.67 -17.88
C GLY A 1379 30.98 90.60 -17.03
N LYS A 1380 31.79 89.94 -16.21
CA LYS A 1380 31.31 88.89 -15.34
C LYS A 1380 32.01 88.97 -13.99
N LEU A 1381 31.23 88.90 -12.92
CA LEU A 1381 31.80 88.95 -11.59
C LEU A 1381 32.77 87.79 -11.43
N ALA A 1492 31.62 92.67 -6.22
CA ALA A 1492 32.40 91.86 -5.28
C ALA A 1492 31.50 91.27 -4.21
N ILE A 1493 31.16 89.99 -4.30
CA ILE A 1493 30.25 89.37 -3.32
C ILE A 1493 30.93 88.25 -2.58
N SER A 1494 30.95 88.32 -1.25
CA SER A 1494 31.56 87.23 -0.50
C SER A 1494 30.49 86.28 -0.01
N PRO A 1495 30.61 84.96 -0.21
CA PRO A 1495 29.63 83.99 0.26
C PRO A 1495 29.55 84.00 1.79
N ALA A 1496 30.60 84.47 2.45
CA ALA A 1496 30.59 84.47 3.91
C ALA A 1496 29.72 85.59 4.42
N LYS A 1497 29.39 86.52 3.55
CA LYS A 1497 28.63 87.68 3.88
C LYS A 1497 27.21 87.55 3.38
N VAL A 1498 26.86 86.36 2.93
CA VAL A 1498 25.51 86.18 2.45
C VAL A 1498 24.79 85.58 3.64
N GLN A 1499 23.70 86.21 4.07
CA GLN A 1499 23.08 85.76 5.30
C GLN A 1499 21.59 85.93 5.38
N ILE A 1500 20.98 85.13 6.22
CA ILE A 1500 19.57 85.28 6.51
C ILE A 1500 19.35 85.41 8.00
N ILE A 1501 18.69 86.49 8.39
CA ILE A 1501 18.45 86.71 9.80
C ILE A 1501 17.02 86.44 10.15
N VAL A 1502 16.83 85.50 11.06
CA VAL A 1502 15.48 85.14 11.40
C VAL A 1502 15.11 85.49 12.82
N LYS A 1503 14.08 86.30 12.97
CA LYS A 1503 13.65 86.66 14.31
C LYS A 1503 12.42 85.87 14.68
N ALA A 1504 12.64 84.81 15.44
CA ALA A 1504 11.58 83.89 15.82
C ALA A 1504 10.90 84.46 17.01
N GLY A 1505 10.11 85.47 16.79
CA GLY A 1505 9.64 86.20 17.92
C GLY A 1505 10.87 86.81 18.58
N GLY A 1506 11.13 86.45 19.83
CA GLY A 1506 12.26 86.99 20.57
C GLY A 1506 13.63 86.35 20.29
N LYS A 1507 13.70 85.26 19.52
CA LYS A 1507 15.01 84.64 19.30
C LYS A 1507 15.61 84.92 17.93
N GLU A 1508 16.57 85.84 17.89
CA GLU A 1508 17.21 86.26 16.64
C GLU A 1508 18.39 85.37 16.25
N GLN A 1509 18.23 84.70 15.13
CA GLN A 1509 19.23 83.75 14.63
C GLN A 1509 19.81 84.09 13.27
N THR A 1510 21.13 84.28 13.23
CA THR A 1510 21.77 84.63 11.96
C THR A 1510 22.44 83.43 11.34
N PHE A 1511 22.09 83.17 10.10
CA PHE A 1511 22.64 82.05 9.35
C PHE A 1511 23.46 82.57 8.19
N THR A 1512 24.53 81.89 7.80
CA THR A 1512 25.30 82.40 6.65
C THR A 1512 25.52 81.34 5.59
N ALA A 1513 25.65 81.81 4.36
CA ALA A 1513 25.82 80.93 3.23
C ALA A 1513 27.07 80.09 3.33
N ASP A 1514 28.12 80.57 3.95
CA ASP A 1514 29.31 79.74 3.97
C ASP A 1514 29.14 78.46 4.81
N LYS A 1515 28.12 78.41 5.67
CA LYS A 1515 27.90 77.22 6.47
C LYS A 1515 26.67 76.44 6.00
N ASP A 1516 25.65 77.15 5.50
CA ASP A 1516 24.37 76.55 5.12
C ASP A 1516 24.20 76.25 3.64
N VAL A 1517 24.92 76.92 2.77
CA VAL A 1517 24.80 76.70 1.33
C VAL A 1517 25.84 75.67 0.95
N SER A 1518 25.41 74.61 0.30
CA SER A 1518 26.33 73.56 -0.07
C SER A 1518 27.17 74.00 -1.25
N ILE A 1519 26.49 74.28 -2.34
CA ILE A 1519 27.16 74.74 -3.54
C ILE A 1519 26.82 76.17 -3.84
N GLN A 1520 27.82 77.03 -3.79
CA GLN A 1520 27.65 78.43 -4.09
C GLN A 1520 27.73 78.52 -5.61
N PRO A 1521 26.94 79.36 -6.26
CA PRO A 1521 26.93 79.55 -7.71
C PRO A 1521 28.17 80.27 -8.18
N SER A 1522 28.53 80.05 -9.44
CA SER A 1522 29.60 80.79 -10.07
C SER A 1522 29.14 82.24 -10.10
N PRO A 1523 30.02 83.21 -9.96
CA PRO A 1523 29.70 84.62 -9.97
C PRO A 1523 29.29 85.12 -11.34
N SER A 1524 28.42 86.11 -11.34
CA SER A 1524 27.95 86.83 -12.51
C SER A 1524 27.33 88.13 -12.10
N PHE A 1525 26.83 88.88 -13.06
CA PHE A 1525 26.14 90.12 -12.74
C PHE A 1525 24.66 90.00 -13.04
N ASP A 1526 24.27 89.00 -13.81
CA ASP A 1526 22.87 88.94 -14.13
C ASP A 1526 22.13 88.38 -12.94
N GLU A 1527 22.46 87.17 -12.51
CA GLU A 1527 21.85 86.62 -11.32
C GLU A 1527 22.66 85.54 -10.62
N MET A 1528 22.69 85.61 -9.29
CA MET A 1528 23.29 84.60 -8.43
C MET A 1528 22.26 84.11 -7.43
N ASN A 1529 22.33 82.82 -7.09
CA ASN A 1529 21.41 82.26 -6.11
C ASN A 1529 22.02 81.43 -5.02
N TYR A 1530 21.77 81.85 -3.80
CA TYR A 1530 22.28 81.11 -2.68
C TYR A 1530 21.16 80.30 -2.08
N GLN A 1531 21.25 79.01 -2.27
CA GLN A 1531 20.24 78.09 -1.77
C GLN A 1531 20.74 77.42 -0.53
N PHE A 1532 20.10 77.74 0.58
CA PHE A 1532 20.48 77.28 1.89
C PHE A 1532 19.90 75.89 2.12
N ASN A 1533 20.58 75.04 2.89
CA ASN A 1533 20.06 73.71 3.10
C ASN A 1533 18.86 73.70 4.04
N ALA A 1534 19.06 74.02 5.30
CA ALA A 1534 17.96 74.11 6.25
C ALA A 1534 18.35 74.95 7.43
N LEU A 1535 17.59 75.97 7.68
CA LEU A 1535 17.89 76.84 8.79
C LEU A 1535 16.98 76.48 9.93
N GLU A 1536 17.56 76.02 11.04
CA GLU A 1536 16.70 75.61 12.15
C GLU A 1536 16.34 76.79 13.02
N ILE A 1537 15.06 77.09 13.05
CA ILE A 1537 14.49 78.21 13.75
C ILE A 1537 13.89 77.81 15.08
N ASP A 1538 14.32 78.49 16.13
CA ASP A 1538 13.79 78.18 17.43
C ASP A 1538 12.49 78.92 17.67
N GLY A 1539 11.43 78.21 17.37
CA GLY A 1539 10.07 78.71 17.37
C GLY A 1539 9.52 78.89 18.77
N SER A 1540 10.25 78.46 19.79
CA SER A 1540 9.76 78.54 21.17
C SER A 1540 9.74 79.99 21.61
N GLY A 1541 10.45 80.85 20.88
CA GLY A 1541 10.52 82.28 21.20
C GLY A 1541 9.39 83.02 20.51
N LEU A 1542 8.51 82.28 19.83
CA LEU A 1542 7.47 82.91 19.05
C LEU A 1542 6.17 83.06 19.81
N ASN A 1543 5.77 84.30 19.96
CA ASN A 1543 4.58 84.63 20.73
C ASN A 1543 3.37 84.67 19.84
N PHE A 1544 2.21 84.37 20.41
CA PHE A 1544 0.96 84.43 19.67
C PHE A 1544 -0.05 85.37 20.28
N ILE A 1545 -0.75 86.09 19.42
CA ILE A 1545 -1.83 86.97 19.83
C ILE A 1545 -3.09 86.45 19.20
N ASN A 1546 -4.06 86.03 20.01
CA ASN A 1546 -5.29 85.45 19.49
C ASN A 1546 -4.94 84.30 18.53
N ASN A 1547 -3.94 83.52 18.91
CA ASN A 1547 -3.39 82.37 18.18
C ASN A 1547 -2.72 82.72 16.84
N SER A 1548 -2.43 83.98 16.61
CA SER A 1548 -1.68 84.40 15.43
C SER A 1548 -0.26 84.84 15.73
N ALA A 1549 0.68 84.37 14.92
CA ALA A 1549 2.08 84.73 15.08
C ALA A 1549 2.78 84.72 13.75
N SER A 1550 3.94 85.36 13.65
CA SER A 1550 4.71 85.26 12.42
C SER A 1550 6.21 85.34 12.67
N ILE A 1551 6.98 84.81 11.73
CA ILE A 1551 8.44 84.85 11.82
C ILE A 1551 9.04 85.78 10.79
N ASP A 1552 9.89 86.68 11.26
CA ASP A 1552 10.53 87.68 10.41
C ASP A 1552 11.82 87.12 9.78
N VAL A 1553 11.79 86.88 8.48
CA VAL A 1553 12.95 86.29 7.79
C VAL A 1553 13.57 87.28 6.81
N THR A 1554 14.75 87.81 7.14
CA THR A 1554 15.33 88.79 6.24
C THR A 1554 16.58 88.31 5.55
N PHE A 1555 16.51 88.41 4.24
CA PHE A 1555 17.53 88.02 3.31
C PHE A 1555 18.41 89.17 3.03
N THR A 1556 19.68 89.06 3.29
CA THR A 1556 20.56 90.18 3.04
C THR A 1556 21.95 89.72 2.73
N ALA A 1557 22.70 90.56 2.05
CA ALA A 1557 24.06 90.16 1.78
C ALA A 1557 24.99 91.36 1.69
N PHE A 1558 26.28 91.09 1.95
CA PHE A 1558 27.33 92.10 1.86
C PHE A 1558 28.49 91.75 0.89
N ALA A 1559 29.00 92.81 0.33
CA ALA A 1559 30.11 92.82 -0.58
C ALA A 1559 31.41 92.54 0.12
N GLU A 1560 32.41 92.14 -0.64
CA GLU A 1560 33.72 91.81 -0.08
C GLU A 1560 34.32 92.98 0.69
N ASP A 1561 34.05 94.21 0.25
CA ASP A 1561 34.55 95.41 0.89
C ASP A 1561 33.65 95.95 2.00
N GLY A 1562 32.60 95.21 2.37
CA GLY A 1562 31.69 95.60 3.42
C GLY A 1562 30.42 96.30 2.95
N ARG A 1563 30.33 96.64 1.67
CA ARG A 1563 29.13 97.32 1.18
C ARG A 1563 27.90 96.44 1.22
N LYS A 1564 26.79 97.02 1.61
CA LYS A 1564 25.54 96.27 1.60
C LYS A 1564 25.18 96.00 0.15
N LEU A 1565 24.69 94.81 -0.15
CA LEU A 1565 24.23 94.50 -1.50
C LEU A 1565 22.75 94.79 -1.61
N GLY A 1566 22.03 94.67 -0.49
CA GLY A 1566 20.59 94.87 -0.43
C GLY A 1566 19.93 93.92 0.56
N TYR A 1567 18.59 93.89 0.55
CA TYR A 1567 17.84 93.02 1.46
C TYR A 1567 16.42 92.69 0.97
N GLU A 1568 15.83 91.64 1.56
CA GLU A 1568 14.41 91.39 1.39
C GLU A 1568 13.78 90.76 2.63
N SER A 1569 12.63 91.27 3.03
CA SER A 1569 11.99 90.78 4.24
C SER A 1569 10.70 90.03 3.98
N PHE A 1570 10.69 88.79 4.47
CA PHE A 1570 9.61 87.82 4.35
C PHE A 1570 8.96 87.57 5.70
N SER A 1571 7.69 87.20 5.67
CA SER A 1571 7.01 86.88 6.93
C SER A 1571 6.29 85.55 6.84
N ILE A 1572 6.68 84.63 7.70
CA ILE A 1572 6.05 83.32 7.69
C ILE A 1572 4.96 83.30 8.74
N PRO A 1573 3.68 83.19 8.39
CA PRO A 1573 2.62 83.16 9.35
C PRO A 1573 2.66 81.82 10.03
N VAL A 1574 2.34 81.83 11.30
CA VAL A 1574 2.17 80.63 12.09
C VAL A 1574 0.83 80.72 12.81
N THR A 1575 -0.05 79.77 12.59
CA THR A 1575 -1.35 79.85 13.24
C THR A 1575 -1.60 78.69 14.17
N LEU A 1576 -2.04 78.99 15.38
CA LEU A 1576 -2.35 77.91 16.29
C LEU A 1576 -3.83 77.61 16.43
N LYS A 1577 -4.22 76.40 16.10
CA LYS A 1577 -5.61 76.06 16.28
C LYS A 1577 -5.81 75.06 17.40
N VAL A 1578 -6.90 75.26 18.10
CA VAL A 1578 -7.34 74.36 19.15
C VAL A 1578 -8.81 74.11 18.89
N SER A 1579 -9.36 73.03 19.43
CA SER A 1579 -10.78 72.84 19.29
C SER A 1579 -11.49 73.44 20.47
N THR A 1580 -12.17 74.55 20.24
CA THR A 1580 -12.86 75.27 21.29
C THR A 1580 -14.23 74.67 21.46
N ASP A 1581 -14.27 73.40 21.83
CA ASP A 1581 -15.53 72.71 21.94
C ASP A 1581 -16.22 73.02 23.27
N ASN A 1582 -17.41 72.50 23.44
CA ASN A 1582 -18.16 72.67 24.67
C ASN A 1582 -17.69 71.60 25.64
N ALA A 1583 -18.22 71.58 26.85
CA ALA A 1583 -17.79 70.57 27.80
C ALA A 1583 -18.91 69.61 28.11
N LEU A 1584 -18.56 68.37 28.43
CA LEU A 1584 -19.59 67.43 28.83
C LEU A 1584 -19.77 67.78 30.30
N THR A 1585 -20.99 67.65 30.85
CA THR A 1585 -21.23 68.00 32.25
C THR A 1585 -21.90 66.89 33.07
N LEU A 1586 -21.39 66.67 34.27
CA LEU A 1586 -21.92 65.64 35.16
C LEU A 1586 -22.82 66.22 36.23
N HIS A 1587 -24.05 65.76 36.24
CA HIS A 1587 -25.06 66.26 37.16
C HIS A 1587 -25.60 65.18 38.07
N HIS A 1588 -25.96 65.57 39.29
CA HIS A 1588 -26.60 64.66 40.23
C HIS A 1588 -27.79 65.40 40.81
N ASN A 1589 -28.98 64.95 40.45
CA ASN A 1589 -30.15 65.72 40.81
C ASN A 1589 -30.73 65.36 42.18
N GLU A 1590 -31.75 66.09 42.57
CA GLU A 1590 -32.45 65.96 43.84
C GLU A 1590 -33.23 64.69 43.93
N ASN A 1591 -33.71 64.21 42.80
CA ASN A 1591 -34.52 63.03 42.77
C ASN A 1591 -33.67 61.77 42.66
N GLY A 1592 -32.35 61.91 42.77
CA GLY A 1592 -31.43 60.79 42.74
C GLY A 1592 -30.93 60.42 41.36
N ALA A 1593 -31.49 61.03 40.32
CA ALA A 1593 -31.02 60.71 39.00
C ALA A 1593 -29.63 61.25 38.80
N GLN A 1594 -28.80 60.52 38.09
CA GLN A 1594 -27.50 61.03 37.71
C GLN A 1594 -27.52 61.07 36.21
N TYR A 1595 -26.90 62.08 35.63
CA TYR A 1595 -26.84 62.13 34.19
C TYR A 1595 -25.72 62.96 33.64
N MET A 1596 -25.39 62.66 32.41
CA MET A 1596 -24.45 63.48 31.71
C MET A 1596 -25.16 64.31 30.69
N GLN A 1597 -24.85 65.58 30.66
CA GLN A 1597 -25.43 66.49 29.67
C GLN A 1597 -24.34 67.03 28.81
N TRP A 1598 -24.52 67.07 27.51
CA TRP A 1598 -23.40 67.66 26.79
C TRP A 1598 -23.82 68.53 25.67
N GLN A 1599 -25.09 68.45 25.30
CA GLN A 1599 -25.64 69.34 24.30
C GLN A 1599 -26.91 69.84 24.87
N SER A 1600 -28.00 69.32 24.33
CA SER A 1600 -29.31 69.51 24.83
C SER A 1600 -29.62 68.13 25.32
N TYR A 1601 -28.81 67.21 24.81
CA TYR A 1601 -28.95 65.81 25.10
C TYR A 1601 -28.48 65.55 26.51
N ARG A 1602 -29.15 64.59 27.17
CA ARG A 1602 -28.82 64.13 28.51
C ARG A 1602 -28.85 62.59 28.52
N THR A 1603 -27.91 61.94 29.20
CA THR A 1603 -27.87 60.48 29.33
C THR A 1603 -27.86 60.01 30.77
N ARG A 1604 -28.75 59.07 31.09
CA ARG A 1604 -28.83 58.56 32.45
C ARG A 1604 -27.60 57.77 32.84
N LEU A 1605 -27.02 58.06 33.98
CA LEU A 1605 -25.82 57.32 34.41
C LEU A 1605 -26.03 56.19 35.41
N ASN A 1606 -27.18 56.19 36.10
CA ASN A 1606 -27.45 55.18 37.13
C ASN A 1606 -28.86 54.60 37.09
N THR A 1607 -29.13 53.69 38.03
CA THR A 1607 -30.50 53.23 38.22
C THR A 1607 -30.77 53.14 39.69
N LEU A 1608 -32.00 53.39 40.05
CA LEU A 1608 -32.36 53.37 41.45
C LEU A 1608 -33.20 52.18 41.87
N PHE A 1609 -33.49 51.25 40.97
CA PHE A 1609 -34.38 50.18 41.40
C PHE A 1609 -33.79 48.80 41.33
N ALA A 1610 -32.48 48.68 41.39
CA ALA A 1610 -31.88 47.35 41.30
C ALA A 1610 -32.43 46.46 42.40
N ARG A 1611 -32.75 47.04 43.54
CA ARG A 1611 -33.30 46.29 44.65
C ARG A 1611 -34.61 45.62 44.27
N GLN A 1612 -35.42 46.29 43.45
CA GLN A 1612 -36.71 45.74 43.11
C GLN A 1612 -36.51 44.59 42.18
N LEU A 1613 -35.51 44.69 41.32
CA LEU A 1613 -35.29 43.64 40.36
C LEU A 1613 -34.85 42.39 41.05
N VAL A 1614 -34.10 42.57 42.13
CA VAL A 1614 -33.67 41.41 42.87
C VAL A 1614 -34.86 40.76 43.50
N ALA A 1615 -35.73 41.58 44.10
CA ALA A 1615 -36.90 41.08 44.77
C ALA A 1615 -37.81 40.35 43.81
N ARG A 1616 -37.87 40.82 42.58
CA ARG A 1616 -38.73 40.14 41.64
C ARG A 1616 -38.09 38.83 41.20
N ALA A 1617 -36.79 38.77 41.01
CA ALA A 1617 -36.22 37.51 40.60
C ALA A 1617 -36.45 36.45 41.66
N THR A 1618 -36.45 36.86 42.91
CA THR A 1618 -36.62 35.94 44.02
C THR A 1618 -38.02 35.35 44.12
N THR A 1619 -38.94 35.84 43.29
CA THR A 1619 -40.29 35.35 43.26
C THR A 1619 -40.55 34.47 42.03
N GLY A 1620 -39.53 34.29 41.19
CA GLY A 1620 -39.68 33.42 40.03
C GLY A 1620 -39.32 34.02 38.67
N ILE A 1621 -38.92 33.17 37.74
CA ILE A 1621 -38.50 33.67 36.43
C ILE A 1621 -39.57 34.47 35.69
N ASP A 1622 -40.81 34.15 35.92
CA ASP A 1622 -41.85 34.86 35.23
C ASP A 1622 -42.20 36.18 35.85
N THR A 1623 -41.71 36.47 37.04
CA THR A 1623 -42.06 37.75 37.60
C THR A 1623 -41.01 38.71 37.12
N ILE A 1624 -39.82 38.18 36.86
CA ILE A 1624 -38.71 39.03 36.44
C ILE A 1624 -38.73 39.30 34.95
N LEU A 1625 -39.31 38.42 34.15
CA LEU A 1625 -39.35 38.63 32.71
C LEU A 1625 -40.65 39.21 32.21
N SER A 1626 -41.47 39.66 33.12
CA SER A 1626 -42.76 40.23 32.79
C SER A 1626 -42.65 41.62 32.21
N MET A 1627 -43.72 42.06 31.57
CA MET A 1627 -43.74 43.41 31.06
C MET A 1627 -43.73 44.38 32.21
N GLU A 1628 -44.39 44.03 33.29
CA GLU A 1628 -44.46 44.91 34.42
C GLU A 1628 -43.09 45.25 34.92
N THR A 1629 -42.19 44.30 34.88
CA THR A 1629 -40.83 44.49 35.36
C THR A 1629 -40.18 45.57 34.55
N GLN A 1630 -40.45 45.56 33.27
CA GLN A 1630 -39.80 46.46 32.35
C GLN A 1630 -40.40 47.84 32.40
N ASN A 1631 -41.41 48.03 33.24
CA ASN A 1631 -42.06 49.30 33.46
C ASN A 1631 -41.80 49.84 34.85
N ILE A 1632 -40.75 49.37 35.50
CA ILE A 1632 -40.42 50.02 36.76
C ILE A 1632 -39.93 51.40 36.36
N GLN A 1633 -40.46 52.44 36.95
CA GLN A 1633 -40.05 53.75 36.52
C GLN A 1633 -38.87 54.35 37.23
N GLU A 1634 -38.12 55.13 36.47
CA GLU A 1634 -36.98 55.89 36.90
C GLU A 1634 -37.35 57.37 36.82
N PRO A 1635 -36.77 58.25 37.62
CA PRO A 1635 -37.01 59.68 37.63
C PRO A 1635 -36.49 60.40 36.40
N GLN A 1636 -37.13 61.51 36.07
CA GLN A 1636 -36.69 62.36 34.98
C GLN A 1636 -35.32 62.83 35.32
N LEU A 1637 -34.50 63.05 34.30
CA LEU A 1637 -33.13 63.44 34.56
C LEU A 1637 -32.96 64.86 35.05
N GLY A 1638 -33.83 65.75 34.65
CA GLY A 1638 -33.64 67.15 35.01
C GLY A 1638 -34.84 67.92 34.57
N LYS A 1639 -34.80 69.24 34.70
CA LYS A 1639 -35.96 70.00 34.32
C LYS A 1639 -36.27 69.75 32.89
N GLY A 1640 -37.54 69.50 32.62
CA GLY A 1640 -38.01 69.22 31.31
C GLY A 1640 -39.38 68.64 31.45
N PHE A 1641 -39.90 68.13 30.38
CA PHE A 1641 -41.22 67.56 30.42
C PHE A 1641 -41.37 66.45 29.42
N TYR A 1642 -42.36 65.64 29.60
CA TYR A 1642 -42.57 64.59 28.64
C TYR A 1642 -43.64 64.99 27.70
N ALA A 1643 -43.52 64.61 26.45
CA ALA A 1643 -44.58 64.93 25.52
C ALA A 1643 -44.77 63.82 24.52
N THR A 1644 -46.01 63.66 24.11
CA THR A 1644 -46.34 62.65 23.13
C THR A 1644 -46.50 63.28 21.80
N PHE A 1645 -45.81 62.70 20.84
CA PHE A 1645 -45.84 63.15 19.47
C PHE A 1645 -46.38 62.06 18.59
N VAL A 1646 -47.44 62.34 17.87
CA VAL A 1646 -47.96 61.33 17.00
C VAL A 1646 -47.84 61.84 15.59
N ILE A 1647 -47.13 61.07 14.81
CA ILE A 1647 -46.78 61.35 13.43
C ILE A 1647 -47.67 60.61 12.43
N PRO A 1648 -48.26 61.31 11.45
CA PRO A 1648 -49.21 60.77 10.51
C PRO A 1648 -48.52 59.76 9.62
N PRO A 1649 -49.27 58.87 8.96
CA PRO A 1649 -48.81 57.86 8.06
C PRO A 1649 -48.27 58.44 6.80
N TYR A 1650 -47.45 57.65 6.12
CA TYR A 1650 -46.87 58.04 4.86
C TYR A 1650 -47.94 58.23 3.79
N ASN A 1651 -47.79 59.28 3.01
CA ASN A 1651 -48.67 59.53 1.89
C ASN A 1651 -47.87 60.32 0.88
N LEU A 1652 -48.46 60.67 -0.26
CA LEU A 1652 -47.71 61.48 -1.22
C LEU A 1652 -48.27 62.89 -1.35
N SER A 1653 -49.18 63.28 -0.45
CA SER A 1653 -49.74 64.63 -0.49
C SER A 1653 -48.64 65.53 0.02
N THR A 1654 -47.96 64.98 1.00
CA THR A 1654 -46.83 65.56 1.63
C THR A 1654 -45.90 64.39 1.73
N HIS A 1655 -44.71 64.52 2.29
CA HIS A 1655 -43.83 63.36 2.44
C HIS A 1655 -43.55 62.69 1.10
N GLY A 1656 -43.55 63.41 0.03
CA GLY A 1656 -43.43 62.70 -1.22
C GLY A 1656 -42.12 61.96 -1.38
N ASP A 1657 -42.23 60.76 -1.96
CA ASP A 1657 -41.16 59.87 -2.38
C ASP A 1657 -40.38 59.18 -1.26
N GLU A 1658 -39.83 59.95 -0.36
CA GLU A 1658 -39.02 59.34 0.68
C GLU A 1658 -39.78 59.22 1.98
N ARG A 1659 -39.53 58.13 2.68
CA ARG A 1659 -40.17 57.90 3.96
C ARG A 1659 -39.41 58.43 5.17
N TRP A 1660 -38.27 59.05 5.00
CA TRP A 1660 -37.60 59.46 6.23
C TRP A 1660 -38.16 60.73 6.79
N PHE A 1661 -38.04 60.87 8.08
CA PHE A 1661 -38.33 62.10 8.74
C PHE A 1661 -37.43 62.23 9.94
N LYS A 1662 -37.28 63.46 10.40
CA LYS A 1662 -36.53 63.72 11.61
C LYS A 1662 -37.22 64.77 12.44
N LEU A 1663 -37.06 64.67 13.75
CA LEU A 1663 -37.54 65.70 14.64
C LEU A 1663 -36.35 66.38 15.22
N TYR A 1664 -36.47 67.67 15.41
CA TYR A 1664 -35.39 68.44 15.95
C TYR A 1664 -35.84 69.29 17.08
N ILE A 1665 -34.95 69.48 18.01
CA ILE A 1665 -35.20 70.37 19.12
C ILE A 1665 -34.31 71.61 19.00
N LYS A 1666 -34.89 72.79 19.20
CA LYS A 1666 -34.16 74.05 19.04
C LYS A 1666 -34.46 75.05 20.17
N HIS A 1667 -33.52 75.98 20.40
CA HIS A 1667 -33.61 77.08 21.37
C HIS A 1667 -33.63 76.62 22.80
N VAL A 1668 -32.94 75.52 23.09
CA VAL A 1668 -32.97 75.05 24.46
C VAL A 1668 -31.70 75.36 25.24
N VAL A 1669 -30.54 75.10 24.66
CA VAL A 1669 -29.26 75.35 25.32
C VAL A 1669 -28.46 76.20 24.39
N ASP A 1670 -29.00 76.27 23.19
CA ASP A 1670 -28.43 76.99 22.07
C ASP A 1670 -29.57 77.32 21.15
N ASN A 1671 -29.30 78.04 20.08
CA ASN A 1671 -30.35 78.39 19.12
C ASN A 1671 -30.16 77.60 17.84
N ASN A 1672 -29.31 76.62 17.98
CA ASN A 1672 -28.99 75.65 16.97
C ASN A 1672 -29.90 74.47 17.26
N SER A 1673 -30.17 73.64 16.27
CA SER A 1673 -31.01 72.51 16.56
C SER A 1673 -30.24 71.24 16.68
N HIS A 1674 -30.89 70.26 17.27
CA HIS A 1674 -30.35 68.93 17.45
C HIS A 1674 -31.40 67.92 17.07
N ILE A 1675 -30.97 66.77 16.59
CA ILE A 1675 -31.98 65.76 16.30
C ILE A 1675 -32.43 65.11 17.57
N ILE A 1676 -33.72 65.16 17.83
CA ILE A 1676 -34.26 64.55 19.03
C ILE A 1676 -34.92 63.22 18.72
N TYR A 1677 -35.26 63.02 17.46
CA TYR A 1677 -35.84 61.77 17.00
C TYR A 1677 -35.63 61.52 15.52
N SER A 1678 -35.43 60.29 15.10
CA SER A 1678 -35.40 60.03 13.66
C SER A 1678 -36.11 58.73 13.35
N GLY A 1679 -36.59 58.59 12.12
CA GLY A 1679 -37.22 57.35 11.74
C GLY A 1679 -37.87 57.38 10.38
N GLN A 1680 -38.40 56.24 9.93
CA GLN A 1680 -39.05 56.20 8.64
C GLN A 1680 -40.54 55.97 8.78
N LEU A 1681 -41.28 56.72 8.01
CA LEU A 1681 -42.72 56.70 7.99
C LEU A 1681 -43.23 55.37 7.51
N THR A 1682 -44.22 54.89 8.23
CA THR A 1682 -44.90 53.64 8.02
C THR A 1682 -46.24 53.99 7.45
N ASP A 1683 -47.08 52.99 7.25
CA ASP A 1683 -48.37 53.21 6.64
C ASP A 1683 -49.44 53.51 7.69
N THR A 1684 -49.00 53.63 8.94
CA THR A 1684 -49.85 53.92 10.08
C THR A 1684 -49.30 55.06 10.91
N ASN A 1685 -49.93 55.33 12.04
CA ASN A 1685 -49.48 56.41 12.89
C ASN A 1685 -48.31 56.01 13.76
N ILE A 1686 -47.32 56.87 13.85
CA ILE A 1686 -46.17 56.62 14.71
C ILE A 1686 -46.38 57.35 16.00
N ASN A 1687 -46.41 56.63 17.10
CA ASN A 1687 -46.66 57.25 18.39
C ASN A 1687 -45.45 57.14 19.31
N ILE A 1688 -44.80 58.27 19.58
CA ILE A 1688 -43.59 58.29 20.40
C ILE A 1688 -43.66 59.28 21.54
N THR A 1689 -42.87 59.05 22.58
CA THR A 1689 -42.78 59.99 23.68
C THR A 1689 -41.35 60.47 23.79
N LEU A 1690 -41.19 61.77 23.90
CA LEU A 1690 -39.87 62.31 24.05
C LEU A 1690 -39.73 63.05 25.34
N PHE A 1691 -38.54 63.01 25.92
CA PHE A 1691 -38.33 63.84 27.07
C PHE A 1691 -37.66 65.07 26.59
N ILE A 1692 -38.29 66.19 26.83
CA ILE A 1692 -37.76 67.43 26.36
C ILE A 1692 -37.12 68.17 27.50
N PRO A 1693 -35.81 68.39 27.46
CA PRO A 1693 -35.07 69.03 28.48
C PRO A 1693 -35.38 70.49 28.41
N LEU A 1694 -35.26 71.17 29.52
CA LEU A 1694 -35.34 72.60 29.51
C LEU A 1694 -34.18 73.19 30.29
N ASP A 1695 -33.74 74.39 29.94
CA ASP A 1695 -32.73 75.02 30.76
C ASP A 1695 -33.42 75.84 31.84
N ASP A 1696 -32.64 76.49 32.69
CA ASP A 1696 -33.20 77.31 33.75
C ASP A 1696 -33.54 78.68 33.22
N VAL A 1697 -32.77 79.11 32.25
CA VAL A 1697 -32.96 80.41 31.66
C VAL A 1697 -33.29 80.23 30.18
N PRO A 1698 -34.44 80.68 29.69
CA PRO A 1698 -34.87 80.53 28.33
C PRO A 1698 -34.08 81.43 27.38
N LEU A 1699 -34.08 81.06 26.10
CA LEU A 1699 -33.45 81.83 25.04
C LEU A 1699 -34.46 82.69 24.27
N ASN A 1700 -35.68 82.71 24.78
CA ASN A 1700 -36.81 83.46 24.22
C ASN A 1700 -37.81 83.70 25.34
N GLN A 1701 -38.90 84.40 25.05
CA GLN A 1701 -39.97 84.59 26.03
C GLN A 1701 -41.21 83.86 25.57
N ASP A 1702 -41.33 83.69 24.26
CA ASP A 1702 -42.50 83.03 23.69
C ASP A 1702 -42.51 81.55 24.01
N TYR A 1703 -41.32 80.96 24.15
CA TYR A 1703 -41.19 79.56 24.44
C TYR A 1703 -39.83 79.23 25.03
N HIS A 1704 -39.81 78.19 25.83
CA HIS A 1704 -38.57 77.61 26.33
C HIS A 1704 -37.99 76.64 25.33
N ALA A 1705 -38.81 76.06 24.46
CA ALA A 1705 -38.28 75.12 23.48
C ALA A 1705 -39.12 75.00 22.22
N LYS A 1706 -38.44 74.76 21.11
CA LYS A 1706 -39.12 74.50 19.85
C LYS A 1706 -38.87 73.08 19.36
N VAL A 1707 -39.89 72.45 18.81
CA VAL A 1707 -39.71 71.14 18.18
C VAL A 1707 -40.29 71.16 16.77
N TYR A 1708 -39.55 70.66 15.81
CA TYR A 1708 -40.06 70.65 14.44
C TYR A 1708 -39.69 69.41 13.69
N MET A 1709 -40.39 69.19 12.59
CA MET A 1709 -40.18 68.01 11.77
C MET A 1709 -39.85 68.33 10.33
N THR A 1710 -38.86 67.60 9.79
CA THR A 1710 -38.45 67.72 8.39
C THR A 1710 -38.55 66.34 7.79
N PHE A 1711 -38.70 66.26 6.46
CA PHE A 1711 -38.94 64.99 5.80
C PHE A 1711 -39.04 65.11 4.30
N LYS A 1712 -37.92 65.52 3.72
CA LYS A 1712 -37.68 65.71 2.29
C LYS A 1712 -38.52 66.80 1.64
N LYS A 1713 -39.83 66.70 1.75
CA LYS A 1713 -40.67 67.72 1.16
C LYS A 1713 -40.83 68.85 2.15
N SER A 1714 -40.49 70.05 1.71
CA SER A 1714 -40.53 71.25 2.52
C SER A 1714 -39.86 71.11 3.90
N PRO A 1715 -38.60 70.64 3.99
CA PRO A 1715 -37.86 70.51 5.23
C PRO A 1715 -37.32 71.90 5.59
N SER A 1716 -38.22 72.84 5.78
CA SER A 1716 -37.86 74.25 5.93
C SER A 1716 -37.56 74.83 7.31
N ASP A 1717 -38.02 74.18 8.38
CA ASP A 1717 -37.84 74.79 9.72
C ASP A 1717 -38.32 76.24 9.80
N GLY A 1718 -39.55 76.50 9.40
CA GLY A 1718 -40.01 77.88 9.44
C GLY A 1718 -40.50 78.30 10.83
N THR A 1719 -40.85 79.56 10.97
CA THR A 1719 -41.35 80.06 12.23
C THR A 1719 -42.66 79.38 12.52
N TRP A 1720 -42.90 79.04 13.77
CA TRP A 1720 -44.14 78.40 14.20
C TRP A 1720 -44.44 77.03 13.55
N TRP A 1721 -43.50 76.48 12.80
CA TRP A 1721 -43.72 75.18 12.21
C TRP A 1721 -43.35 74.07 13.15
N GLY A 1722 -44.35 73.64 13.89
CA GLY A 1722 -44.24 72.65 14.94
C GLY A 1722 -44.43 73.31 16.30
N PRO A 1723 -44.40 72.56 17.40
CA PRO A 1723 -44.61 73.04 18.75
C PRO A 1723 -43.59 74.04 19.25
N HIS A 1724 -44.08 74.94 20.07
CA HIS A 1724 -43.32 75.92 20.81
C HIS A 1724 -43.79 75.85 22.23
N PHE A 1725 -42.97 75.28 23.11
CA PHE A 1725 -43.38 75.01 24.47
C PHE A 1725 -42.94 76.09 25.42
N VAL A 1726 -43.80 76.45 26.34
CA VAL A 1726 -43.48 77.43 27.37
C VAL A 1726 -43.67 76.83 28.74
N ARG A 1727 -42.68 77.02 29.60
CA ARG A 1727 -42.78 76.53 30.95
C ARG A 1727 -43.31 77.63 31.83
N ASP A 1728 -44.48 77.40 32.36
CA ASP A 1728 -45.17 78.33 33.21
C ASP A 1728 -44.68 78.07 34.62
N ASP A 1729 -45.20 78.80 35.58
CA ASP A 1729 -44.69 78.51 36.90
C ASP A 1729 -45.20 77.13 37.22
N LYS A 1730 -44.77 76.59 38.34
CA LYS A 1730 -45.19 75.27 38.80
C LYS A 1730 -44.80 74.14 37.84
N GLY A 1731 -44.02 74.44 36.79
CA GLY A 1731 -43.53 73.43 35.87
C GLY A 1731 -44.56 73.02 34.84
N ILE A 1732 -45.63 73.79 34.73
CA ILE A 1732 -46.66 73.42 33.80
C ILE A 1732 -46.27 73.84 32.41
N VAL A 1733 -46.20 72.90 31.49
CA VAL A 1733 -45.77 73.25 30.16
C VAL A 1733 -46.90 73.22 29.17
N THR A 1734 -47.05 74.31 28.46
CA THR A 1734 -48.12 74.42 27.48
C THR A 1734 -47.55 74.76 26.12
N ILE A 1735 -48.38 74.62 25.08
CA ILE A 1735 -47.90 74.96 23.75
C ILE A 1735 -48.43 76.33 23.36
N ASN A 1736 -47.51 77.18 22.95
CA ASN A 1736 -47.77 78.54 22.55
C ASN A 1736 -48.74 78.55 21.36
N PRO A 1737 -49.90 79.21 21.43
CA PRO A 1737 -50.97 79.21 20.44
C PRO A 1737 -50.57 79.77 19.09
N LYS A 1738 -49.41 80.42 19.01
CA LYS A 1738 -48.93 80.97 17.75
C LYS A 1738 -48.39 79.85 16.87
N SER A 1739 -48.10 78.70 17.48
CA SER A 1739 -47.52 77.57 16.78
C SER A 1739 -48.55 76.82 15.96
N ILE A 1740 -48.08 76.05 14.98
CA ILE A 1740 -49.01 75.19 14.27
C ILE A 1740 -48.53 73.74 14.17
N LEU A 1741 -49.44 72.80 14.47
CA LEU A 1741 -49.09 71.39 14.41
C LEU A 1741 -49.45 70.80 13.07
N THR A 1742 -48.82 71.31 12.05
CA THR A 1742 -49.13 70.90 10.70
C THR A 1742 -48.47 69.58 10.31
N HIS A 1743 -47.32 69.29 10.89
CA HIS A 1743 -46.54 68.10 10.53
C HIS A 1743 -46.73 66.99 11.55
N PHE A 1744 -47.71 67.12 12.41
CA PHE A 1744 -47.97 66.12 13.42
C PHE A 1744 -49.42 65.75 13.38
N GLU A 1745 -49.74 64.51 13.70
CA GLU A 1745 -51.10 64.07 13.80
C GLU A 1745 -51.67 64.70 15.08
N SER A 1746 -50.81 64.69 16.10
CA SER A 1746 -51.11 65.21 17.43
C SER A 1746 -49.88 65.46 18.30
N VAL A 1747 -49.92 66.51 19.13
CA VAL A 1747 -48.86 66.74 20.11
C VAL A 1747 -49.48 67.10 21.46
N ASN A 1748 -49.06 66.41 22.52
CA ASN A 1748 -49.60 66.68 23.86
C ASN A 1748 -48.55 66.66 24.96
N VAL A 1749 -48.69 67.59 25.90
CA VAL A 1749 -47.82 67.62 27.06
C VAL A 1749 -48.36 66.69 28.11
N LEU A 1750 -47.51 65.85 28.64
CA LEU A 1750 -47.95 64.94 29.66
C LEU A 1750 -47.64 65.54 31.00
N ASN A 1751 -48.65 66.05 31.65
CA ASN A 1751 -48.43 66.70 32.92
C ASN A 1751 -48.38 65.61 33.96
N ASN A 1752 -47.75 65.91 35.08
CA ASN A 1752 -47.60 65.01 36.23
C ASN A 1752 -46.75 63.78 35.94
N ILE A 1753 -45.99 63.80 34.87
CA ILE A 1753 -45.10 62.70 34.58
C ILE A 1753 -43.69 63.15 34.87
N SER A 1754 -43.13 62.57 35.89
CA SER A 1754 -41.80 62.93 36.34
C SER A 1754 -40.90 61.73 36.25
N SER A 1755 -41.39 60.69 35.62
CA SER A 1755 -40.69 59.44 35.53
C SER A 1755 -40.96 58.67 34.25
N GLU A 1756 -40.12 57.68 33.99
CA GLU A 1756 -40.27 56.87 32.78
C GLU A 1756 -39.93 55.38 33.02
N PRO A 1757 -40.53 54.45 32.27
CA PRO A 1757 -40.48 53.01 32.47
C PRO A 1757 -39.29 52.16 32.08
N MET A 1758 -38.16 52.35 32.78
CA MET A 1758 -36.87 51.66 32.59
C MET A 1758 -36.13 52.15 31.37
N ASP A 1759 -35.04 52.87 31.58
CA ASP A 1759 -34.31 53.41 30.47
C ASP A 1759 -33.30 52.44 29.82
N PHE A 1760 -33.65 51.95 28.64
CA PHE A 1760 -32.84 50.99 27.90
C PHE A 1760 -31.76 51.65 27.04
N SER A 1761 -31.61 52.97 27.20
CA SER A 1761 -30.56 53.71 26.51
C SER A 1761 -29.59 54.26 27.56
N GLY A 1762 -29.85 54.00 28.83
CA GLY A 1762 -29.02 54.58 29.86
C GLY A 1762 -27.76 53.77 30.07
N ALA A 1763 -26.90 54.24 30.96
CA ALA A 1763 -25.63 53.58 31.19
C ALA A 1763 -25.72 52.16 31.68
N ASN A 1764 -26.76 51.82 32.42
CA ASN A 1764 -26.89 50.46 32.91
C ASN A 1764 -27.83 49.65 32.05
N SER A 1765 -28.21 50.19 30.90
CA SER A 1765 -29.16 49.53 30.05
C SER A 1765 -28.69 48.24 29.51
N LEU A 1766 -27.41 48.07 29.40
CA LEU A 1766 -26.89 46.84 28.88
C LEU A 1766 -27.34 45.67 29.69
N TYR A 1767 -27.52 45.86 30.98
CA TYR A 1767 -27.89 44.75 31.79
C TYR A 1767 -29.33 44.39 31.51
N PHE A 1768 -30.15 45.35 31.10
CA PHE A 1768 -31.54 45.06 30.87
C PHE A 1768 -31.61 44.33 29.56
N TRP A 1769 -30.69 44.62 28.66
CA TRP A 1769 -30.73 43.93 27.40
C TRP A 1769 -30.35 42.49 27.59
N GLU A 1770 -29.43 42.22 28.50
CA GLU A 1770 -29.09 40.84 28.76
C GLU A 1770 -30.20 40.13 29.48
N LEU A 1771 -30.85 40.84 30.37
CA LEU A 1771 -31.90 40.30 31.19
C LEU A 1771 -33.17 39.99 30.42
N PHE A 1772 -33.59 40.87 29.53
CA PHE A 1772 -34.87 40.67 28.88
C PHE A 1772 -34.78 40.19 27.44
N TYR A 1773 -33.64 40.31 26.80
CA TYR A 1773 -33.56 39.90 25.41
C TYR A 1773 -32.54 38.83 25.17
N TYR A 1774 -31.29 39.07 25.55
CA TYR A 1774 -30.31 38.09 25.13
C TYR A 1774 -30.39 36.81 25.90
N THR A 1775 -30.75 36.87 27.16
CA THR A 1775 -30.84 35.62 27.87
C THR A 1775 -31.93 34.73 27.27
N PRO A 1776 -33.20 35.12 27.15
CA PRO A 1776 -34.17 34.21 26.61
C PRO A 1776 -33.89 33.81 25.18
N MET A 1777 -33.16 34.64 24.41
CA MET A 1777 -32.88 34.22 23.06
C MET A 1777 -31.77 33.18 23.07
N LEU A 1778 -30.80 33.35 23.98
CA LEU A 1778 -29.69 32.44 24.13
C LEU A 1778 -30.19 31.10 24.56
N VAL A 1779 -31.12 31.12 25.48
CA VAL A 1779 -31.65 29.89 26.00
C VAL A 1779 -32.41 29.20 24.92
N ALA A 1780 -33.24 29.92 24.17
CA ALA A 1780 -34.00 29.27 23.15
C ALA A 1780 -33.10 28.62 22.14
N GLN A 1781 -32.01 29.29 21.79
CA GLN A 1781 -31.12 28.71 20.84
C GLN A 1781 -30.53 27.43 21.35
N ARG A 1782 -30.04 27.42 22.57
CA ARG A 1782 -29.39 26.23 23.03
C ARG A 1782 -30.34 25.06 23.06
N LEU A 1783 -31.58 25.32 23.39
CA LEU A 1783 -32.56 24.28 23.40
C LEU A 1783 -32.81 23.74 22.01
N LEU A 1784 -32.77 24.62 21.02
CA LEU A 1784 -33.06 24.21 19.68
C LEU A 1784 -32.00 23.24 19.22
N HIS A 1785 -30.79 23.44 19.68
CA HIS A 1785 -29.68 22.59 19.29
C HIS A 1785 -29.88 21.16 19.77
N GLU A 1786 -30.71 20.95 20.80
CA GLU A 1786 -30.97 19.65 21.35
C GLU A 1786 -32.22 19.06 20.75
N GLN A 1787 -32.83 19.79 19.83
CA GLN A 1787 -34.08 19.43 19.17
C GLN A 1787 -35.22 19.49 20.17
N ASN A 1788 -35.09 20.36 21.17
CA ASN A 1788 -36.16 20.52 22.11
C ASN A 1788 -37.01 21.59 21.55
N PHE A 1789 -37.83 21.18 20.62
CA PHE A 1789 -38.61 22.10 19.83
C PHE A 1789 -39.71 22.78 20.59
N ASP A 1790 -40.23 22.16 21.63
CA ASP A 1790 -41.28 22.82 22.34
C ASP A 1790 -40.74 23.75 23.40
N GLU A 1791 -39.64 23.38 24.06
CA GLU A 1791 -39.16 24.28 25.08
C GLU A 1791 -38.59 25.49 24.38
N ALA A 1792 -37.88 25.28 23.27
CA ALA A 1792 -37.28 26.40 22.56
C ALA A 1792 -38.35 27.38 22.14
N ASN A 1793 -39.53 26.87 21.82
CA ASN A 1793 -40.60 27.73 21.39
C ASN A 1793 -41.09 28.54 22.55
N ARG A 1794 -41.27 27.90 23.69
CA ARG A 1794 -41.76 28.60 24.86
C ARG A 1794 -40.83 29.73 25.19
N TRP A 1795 -39.54 29.49 25.05
CA TRP A 1795 -38.60 30.53 25.38
C TRP A 1795 -38.61 31.68 24.41
N LEU A 1796 -38.85 31.44 23.13
CA LEU A 1796 -38.90 32.56 22.21
C LEU A 1796 -40.08 33.46 22.53
N LYS A 1797 -41.15 32.87 23.07
CA LYS A 1797 -42.35 33.61 23.45
C LYS A 1797 -42.10 34.64 24.52
N TYR A 1798 -41.00 34.53 25.27
CA TYR A 1798 -40.71 35.53 26.28
C TYR A 1798 -40.30 36.81 25.62
N VAL A 1799 -39.90 36.73 24.36
CA VAL A 1799 -39.49 37.89 23.62
C VAL A 1799 -40.58 38.29 22.64
N TRP A 1800 -41.14 37.31 21.95
CA TRP A 1800 -42.16 37.56 20.96
C TRP A 1800 -43.13 36.45 20.78
N SER A 1801 -44.39 36.79 20.83
CA SER A 1801 -45.40 35.79 20.65
C SER A 1801 -46.46 36.30 19.70
N PRO A 1802 -46.48 35.86 18.45
CA PRO A 1802 -47.47 36.28 17.53
C PRO A 1802 -48.67 35.66 18.19
N SER A 1803 -49.84 36.26 18.04
CA SER A 1803 -51.09 35.83 18.67
C SER A 1803 -51.25 36.43 20.08
N GLY A 1804 -50.21 37.12 20.59
CA GLY A 1804 -50.29 37.86 21.84
C GLY A 1804 -50.07 37.07 23.12
N TYR A 1805 -50.37 37.76 24.23
CA TYR A 1805 -50.17 37.27 25.60
C TYR A 1805 -51.40 37.45 26.46
N ILE A 1806 -51.52 36.64 27.50
CA ILE A 1806 -52.56 36.87 28.48
C ILE A 1806 -51.91 37.35 29.77
N VAL A 1807 -52.36 38.49 30.26
CA VAL A 1807 -51.80 39.05 31.48
C VAL A 1807 -52.89 39.33 32.49
N HIS A 1808 -52.79 38.71 33.64
CA HIS A 1808 -53.80 38.88 34.69
C HIS A 1808 -55.19 38.54 34.17
N GLY A 1809 -55.23 37.55 33.27
CA GLY A 1809 -56.46 37.08 32.68
C GLY A 1809 -56.89 37.96 31.50
N GLN A 1810 -56.18 39.04 31.25
CA GLN A 1810 -56.64 39.91 30.20
C GLN A 1810 -55.96 39.64 28.89
N ILE A 1811 -56.69 39.89 27.84
CA ILE A 1811 -56.14 39.72 26.53
C ILE A 1811 -55.38 40.96 26.17
N GLN A 1812 -54.11 40.80 25.84
CA GLN A 1812 -53.29 41.94 25.53
C GLN A 1812 -53.30 42.29 24.07
N ASN A 1813 -52.97 43.54 23.82
CA ASN A 1813 -52.91 44.10 22.49
C ASN A 1813 -51.50 44.18 21.95
N TYR A 1814 -50.65 43.26 22.34
CA TYR A 1814 -49.31 43.30 21.80
C TYR A 1814 -48.69 41.94 21.63
N GLN A 1815 -47.73 41.88 20.71
CA GLN A 1815 -46.96 40.68 20.41
C GLN A 1815 -45.58 40.71 21.01
N TRP A 1816 -45.04 41.90 21.21
CA TRP A 1816 -43.66 41.99 21.64
C TRP A 1816 -43.58 42.17 23.14
N ASN A 1817 -42.86 41.27 23.81
CA ASN A 1817 -42.76 41.34 25.27
C ASN A 1817 -41.57 42.14 25.77
N VAL A 1818 -40.73 42.59 24.88
CA VAL A 1818 -39.58 43.36 25.32
C VAL A 1818 -39.96 44.78 25.03
N ARG A 1819 -40.04 45.57 26.07
CA ARG A 1819 -40.57 46.90 25.95
C ARG A 1819 -39.93 47.67 24.79
N PRO A 1820 -38.61 47.75 24.60
CA PRO A 1820 -37.99 48.51 23.54
C PRO A 1820 -38.22 47.97 22.15
N LEU A 1821 -38.81 46.79 22.03
CA LEU A 1821 -39.09 46.23 20.74
C LEU A 1821 -40.56 46.50 20.43
N LEU A 1822 -41.36 46.65 21.48
CA LEU A 1822 -42.77 46.94 21.33
C LEU A 1822 -42.88 48.37 20.88
N GLU A 1823 -42.03 49.17 21.46
CA GLU A 1823 -41.91 50.57 21.19
C GLU A 1823 -40.90 50.66 20.08
N ASP A 1824 -40.81 51.78 19.37
CA ASP A 1824 -39.85 51.88 18.27
C ASP A 1824 -40.19 50.90 17.16
N THR A 1825 -41.31 51.20 16.51
CA THR A 1825 -41.83 50.39 15.44
C THR A 1825 -41.33 50.84 14.08
N SER A 1826 -40.84 52.07 13.97
CA SER A 1826 -40.35 52.55 12.70
C SER A 1826 -38.88 52.33 12.55
N TRP A 1827 -38.41 52.26 11.31
CA TRP A 1827 -36.99 52.10 11.09
C TRP A 1827 -36.26 53.38 11.33
N ASN A 1828 -35.07 53.32 11.89
CA ASN A 1828 -34.26 54.51 12.09
C ASN A 1828 -33.66 54.91 10.75
N SER A 1829 -34.07 56.06 10.24
CA SER A 1829 -33.70 56.61 8.94
C SER A 1829 -32.25 57.02 8.79
N ASP A 1830 -31.54 57.10 9.89
CA ASP A 1830 -30.16 57.55 9.87
C ASP A 1830 -29.38 56.59 10.77
N PRO A 1831 -28.73 55.58 10.20
CA PRO A 1831 -28.13 54.47 10.90
C PRO A 1831 -26.94 54.90 11.70
N LEU A 1832 -26.67 54.14 12.75
CA LEU A 1832 -25.52 54.35 13.57
C LEU A 1832 -24.24 54.08 12.81
N ASP A 1833 -23.30 54.99 12.89
CA ASP A 1833 -22.06 54.81 12.17
C ASP A 1833 -21.12 53.96 12.99
N SER A 1834 -21.19 52.66 12.77
CA SER A 1834 -20.38 51.73 13.55
C SER A 1834 -19.83 50.56 12.80
N VAL A 1835 -19.12 49.72 13.54
CA VAL A 1835 -18.52 48.50 13.02
C VAL A 1835 -19.07 47.36 13.82
N ASP A 1836 -19.78 47.75 14.87
CA ASP A 1836 -20.37 46.85 15.82
C ASP A 1836 -21.86 46.64 15.58
N PRO A 1837 -22.29 45.50 15.04
CA PRO A 1837 -23.66 45.22 14.67
C PRO A 1837 -24.57 45.17 15.89
N ASP A 1838 -23.98 45.01 17.07
CA ASP A 1838 -24.78 44.90 18.25
C ASP A 1838 -25.10 46.28 18.71
N ALA A 1839 -24.24 47.24 18.42
CA ALA A 1839 -24.48 48.60 18.81
C ALA A 1839 -25.49 49.20 17.85
N VAL A 1840 -25.49 48.68 16.62
CA VAL A 1840 -26.45 49.16 15.64
C VAL A 1840 -27.81 48.69 16.06
N ALA A 1841 -27.90 47.42 16.39
CA ALA A 1841 -29.14 46.89 16.90
C ALA A 1841 -29.17 47.54 18.25
N GLN A 1842 -30.28 47.59 18.94
CA GLN A 1842 -30.36 48.28 20.24
C GLN A 1842 -30.61 49.73 19.95
N HIS A 1843 -29.68 50.35 19.23
CA HIS A 1843 -29.83 51.72 18.84
C HIS A 1843 -31.09 51.82 18.02
N ASP A 1844 -31.22 50.88 17.08
CA ASP A 1844 -32.44 50.75 16.33
C ASP A 1844 -33.00 49.35 16.62
N PRO A 1845 -33.94 49.21 17.56
CA PRO A 1845 -34.50 47.99 18.06
C PRO A 1845 -35.13 47.13 17.00
N MET A 1846 -35.45 47.69 15.84
CA MET A 1846 -36.08 46.86 14.86
C MET A 1846 -35.18 45.79 14.35
N HIS A 1847 -33.89 45.96 14.51
CA HIS A 1847 -33.05 44.91 14.03
C HIS A 1847 -33.24 43.68 14.89
N TYR A 1848 -33.55 43.84 16.17
CA TYR A 1848 -33.74 42.67 16.99
C TYR A 1848 -35.08 42.09 16.68
N LYS A 1849 -36.02 42.94 16.35
CA LYS A 1849 -37.34 42.42 16.07
C LYS A 1849 -37.25 41.51 14.86
N VAL A 1850 -36.44 41.91 13.89
CA VAL A 1850 -36.29 41.08 12.75
C VAL A 1850 -35.55 39.81 13.09
N SER A 1851 -34.48 39.88 13.88
CA SER A 1851 -33.78 38.65 14.16
C SER A 1851 -34.67 37.71 14.94
N THR A 1852 -35.56 38.25 15.75
CA THR A 1852 -36.45 37.43 16.54
C THR A 1852 -37.38 36.71 15.62
N PHE A 1853 -37.88 37.44 14.64
CA PHE A 1853 -38.78 36.90 13.65
C PHE A 1853 -38.09 35.76 12.92
N MET A 1854 -36.84 35.99 12.50
CA MET A 1854 -36.11 34.95 11.80
C MET A 1854 -35.96 33.73 12.65
N ARG A 1855 -35.63 33.88 13.92
CA ARG A 1855 -35.41 32.71 14.74
C ARG A 1855 -36.69 31.92 14.88
N THR A 1856 -37.81 32.59 14.92
CA THR A 1856 -39.07 31.88 15.04
C THR A 1856 -39.25 31.02 13.80
N LEU A 1857 -38.90 31.57 12.65
CA LEU A 1857 -39.05 30.85 11.41
C LEU A 1857 -38.08 29.70 11.39
N ASP A 1858 -36.88 29.91 11.89
CA ASP A 1858 -35.90 28.84 11.84
C ASP A 1858 -36.41 27.67 12.60
N LEU A 1859 -37.12 27.92 13.67
CA LEU A 1859 -37.66 26.85 14.45
C LEU A 1859 -38.75 26.16 13.64
N LEU A 1860 -39.65 26.92 13.02
CA LEU A 1860 -40.72 26.25 12.29
C LEU A 1860 -40.16 25.42 11.17
N ILE A 1861 -39.12 25.92 10.55
CA ILE A 1861 -38.51 25.20 9.47
C ILE A 1861 -37.86 23.97 10.04
N ALA A 1862 -37.13 24.11 11.14
CA ALA A 1862 -36.47 22.97 11.71
C ALA A 1862 -37.45 21.89 12.08
N ARG A 1863 -38.65 22.25 12.57
CA ARG A 1863 -39.58 21.18 12.87
C ARG A 1863 -39.96 20.50 11.58
N GLY A 1864 -40.11 21.30 10.54
CA GLY A 1864 -40.45 20.78 9.24
C GLY A 1864 -39.40 19.82 8.74
N ASP A 1865 -38.14 20.20 8.80
CA ASP A 1865 -37.07 19.40 8.28
C ASP A 1865 -36.94 18.12 9.07
N HIS A 1866 -37.17 18.24 10.36
CA HIS A 1866 -37.08 17.10 11.23
C HIS A 1866 -38.08 16.06 10.78
N ALA A 1867 -39.32 16.49 10.59
CA ALA A 1867 -40.35 15.58 10.15
C ALA A 1867 -40.06 15.09 8.75
N TYR A 1868 -39.52 15.96 7.92
CA TYR A 1868 -39.35 15.63 6.53
C TYR A 1868 -38.50 14.40 6.44
N ARG A 1869 -37.43 14.41 7.18
CA ARG A 1869 -36.39 13.40 7.13
C ARG A 1869 -36.79 12.06 7.66
N GLN A 1870 -37.95 11.98 8.28
CA GLN A 1870 -38.41 10.72 8.78
C GLN A 1870 -38.87 9.84 7.62
N LEU A 1871 -39.19 10.45 6.47
CA LEU A 1871 -39.57 9.76 5.24
C LEU A 1871 -40.72 8.79 5.29
N GLU A 1872 -41.75 9.11 6.02
CA GLU A 1872 -42.95 8.32 5.96
C GLU A 1872 -43.91 9.25 5.30
N ARG A 1873 -44.92 8.77 4.59
CA ARG A 1873 -45.78 9.76 3.95
C ARG A 1873 -46.41 10.68 4.98
N ASP A 1874 -46.69 10.14 6.15
CA ASP A 1874 -47.30 10.92 7.19
C ASP A 1874 -46.37 12.03 7.69
N THR A 1875 -45.06 11.81 7.67
CA THR A 1875 -44.17 12.80 8.24
C THR A 1875 -43.83 13.82 7.19
N LEU A 1876 -43.98 13.43 5.95
CA LEU A 1876 -43.78 14.38 4.90
C LEU A 1876 -44.97 15.33 4.91
N ASN A 1877 -46.16 14.80 5.21
CA ASN A 1877 -47.32 15.67 5.28
C ASN A 1877 -47.18 16.59 6.47
N GLU A 1878 -46.59 16.10 7.55
CA GLU A 1878 -46.36 16.97 8.68
C GLU A 1878 -45.38 18.04 8.28
N ALA A 1879 -44.31 17.68 7.59
CA ALA A 1879 -43.34 18.69 7.26
C ALA A 1879 -44.01 19.76 6.48
N LYS A 1880 -44.93 19.37 5.62
CA LYS A 1880 -45.63 20.32 4.79
C LYS A 1880 -46.33 21.34 5.61
N MET A 1881 -47.01 20.95 6.69
CA MET A 1881 -47.71 22.01 7.38
C MET A 1881 -46.74 22.93 8.05
N TRP A 1882 -45.57 22.43 8.42
CA TRP A 1882 -44.68 23.31 9.12
C TRP A 1882 -44.12 24.32 8.19
N TYR A 1883 -43.98 23.93 6.95
CA TYR A 1883 -43.43 24.85 6.01
C TYR A 1883 -44.48 25.84 5.65
N MET A 1884 -45.73 25.40 5.57
CA MET A 1884 -46.76 26.33 5.21
C MET A 1884 -47.03 27.30 6.32
N GLN A 1885 -46.80 26.90 7.55
CA GLN A 1885 -46.96 27.88 8.60
C GLN A 1885 -45.87 28.91 8.48
N ALA A 1886 -44.65 28.48 8.19
CA ALA A 1886 -43.60 29.46 8.05
C ALA A 1886 -43.94 30.42 6.94
N LEU A 1887 -44.55 29.90 5.88
CA LEU A 1887 -44.92 30.79 4.80
C LEU A 1887 -45.99 31.73 5.27
N HIS A 1888 -46.96 31.26 6.03
CA HIS A 1888 -47.98 32.14 6.50
C HIS A 1888 -47.40 33.29 7.27
N LEU A 1889 -46.44 32.96 8.12
CA LEU A 1889 -45.82 33.94 8.97
C LEU A 1889 -45.01 34.96 8.16
N LEU A 1890 -44.34 34.51 7.10
CA LEU A 1890 -43.59 35.42 6.24
C LEU A 1890 -44.52 36.28 5.46
N GLY A 1891 -45.62 35.70 5.07
CA GLY A 1891 -46.61 36.35 4.26
C GLY A 1891 -46.07 36.45 2.86
N ASP A 1892 -46.65 37.34 2.08
CA ASP A 1892 -46.26 37.51 0.70
C ASP A 1892 -44.86 38.04 0.61
N LYS A 1893 -44.13 37.60 -0.41
CA LYS A 1893 -42.80 38.12 -0.65
C LYS A 1893 -43.00 39.55 -1.08
N PRO A 1894 -42.24 40.53 -0.58
CA PRO A 1894 -42.37 41.91 -0.95
C PRO A 1894 -41.87 42.13 -2.35
N TYR A 1895 -42.42 43.10 -3.03
CA TYR A 1895 -41.90 43.47 -4.32
C TYR A 1895 -40.87 44.54 -4.11
N LEU A 1896 -39.68 44.29 -4.61
CA LEU A 1896 -38.58 45.20 -4.45
C LEU A 1896 -38.00 45.56 -5.81
N PRO A 1897 -38.51 46.59 -6.50
CA PRO A 1897 -38.09 46.98 -7.81
C PRO A 1897 -36.69 47.54 -7.71
N LEU A 1898 -35.90 47.41 -8.75
CA LEU A 1898 -34.60 48.02 -8.66
C LEU A 1898 -34.52 49.32 -9.42
N SER A 1899 -33.82 50.26 -8.82
CA SER A 1899 -33.59 51.57 -9.42
C SER A 1899 -32.38 51.61 -10.31
N THR A 1900 -32.50 52.38 -11.37
CA THR A 1900 -31.43 52.60 -12.33
C THR A 1900 -31.04 54.06 -12.34
N THR A 1901 -31.54 54.82 -11.39
CA THR A 1901 -31.26 56.24 -11.37
C THR A 1901 -29.92 56.52 -10.73
N TRP A 1902 -29.08 57.22 -11.45
CA TRP A 1902 -27.78 57.58 -10.92
C TRP A 1902 -27.31 58.86 -11.56
N SER A 1903 -26.90 59.80 -10.72
CA SER A 1903 -26.45 61.13 -11.11
C SER A 1903 -25.00 61.31 -11.56
N ASP A 1904 -24.16 60.28 -11.42
CA ASP A 1904 -22.74 60.36 -11.77
C ASP A 1904 -22.09 61.60 -11.17
N PRO A 1905 -22.23 61.86 -9.87
CA PRO A 1905 -21.75 63.04 -9.21
C PRO A 1905 -20.27 63.04 -9.13
N ARG A 1906 -19.71 64.22 -9.00
CA ARG A 1906 -18.29 64.33 -8.79
C ARG A 1906 -17.97 63.95 -7.37
N LEU A 1907 -16.82 63.36 -7.14
CA LEU A 1907 -16.44 62.88 -5.83
C LEU A 1907 -16.58 63.92 -4.73
N ASP A 1908 -16.23 65.17 -4.97
CA ASP A 1908 -16.36 66.18 -3.93
C ASP A 1908 -17.81 66.38 -3.53
N ARG A 1909 -18.74 66.23 -4.48
CA ARG A 1909 -20.15 66.43 -4.21
C ARG A 1909 -20.73 65.19 -3.61
N ALA A 1910 -20.17 64.06 -4.02
CA ALA A 1910 -20.58 62.77 -3.52
C ALA A 1910 -20.31 62.73 -2.04
N ALA A 1911 -19.26 63.42 -1.63
CA ALA A 1911 -18.85 63.53 -0.23
C ALA A 1911 -19.74 64.55 0.50
N ASP A 1912 -20.99 64.12 0.61
CA ASP A 1912 -22.17 64.74 1.18
C ASP A 1912 -22.36 64.12 2.55
N ILE A 1913 -22.16 64.90 3.61
CA ILE A 1913 -22.10 64.30 4.94
C ILE A 1913 -23.04 64.86 5.99
N THR A 1914 -23.32 64.03 6.99
CA THR A 1914 -24.14 64.42 8.12
C THR A 1914 -23.28 64.88 9.26
N THR A 1915 -23.55 66.09 9.76
CA THR A 1915 -22.82 66.66 10.87
C THR A 1915 -23.80 67.19 11.90
N GLN A 1916 -23.29 67.52 13.08
CA GLN A 1916 -24.12 68.14 14.12
C GLN A 1916 -23.64 69.56 14.41
N THR A 1943 -31.58 62.72 -6.72
CA THR A 1943 -32.73 63.35 -6.08
C THR A 1943 -32.93 62.76 -4.71
N LEU A 1944 -31.86 62.14 -4.23
CA LEU A 1944 -31.76 61.48 -2.94
C LEU A 1944 -31.05 62.34 -1.90
N THR A 1945 -31.34 62.09 -0.62
CA THR A 1945 -30.58 62.72 0.44
C THR A 1945 -29.26 62.01 0.46
N ASP A 1946 -29.32 60.73 0.78
CA ASP A 1946 -28.19 59.85 0.74
C ASP A 1946 -28.03 59.36 -0.67
N LEU A 1947 -26.93 59.72 -1.28
CA LEU A 1947 -26.65 59.39 -2.65
C LEU A 1947 -26.72 57.91 -3.00
N PHE A 1948 -26.32 57.03 -2.10
CA PHE A 1948 -26.27 55.63 -2.45
C PHE A 1948 -27.46 54.81 -1.99
N LEU A 1949 -27.77 53.76 -2.73
CA LEU A 1949 -28.89 52.91 -2.40
C LEU A 1949 -28.56 51.55 -1.81
N PRO A 1950 -29.45 50.97 -1.01
CA PRO A 1950 -29.30 49.68 -0.40
C PRO A 1950 -29.48 48.57 -1.37
N GLN A 1951 -29.04 47.41 -0.95
CA GLN A 1951 -29.29 46.20 -1.70
C GLN A 1951 -30.45 45.46 -1.05
N ILE A 1952 -30.83 44.36 -1.66
CA ILE A 1952 -31.99 43.56 -1.30
C ILE A 1952 -32.03 42.84 0.04
N ASN A 1953 -30.92 42.34 0.54
CA ASN A 1953 -30.88 41.51 1.75
C ASN A 1953 -31.38 40.14 1.45
N GLU A 1954 -30.60 39.47 0.64
CA GLU A 1954 -30.84 38.15 0.13
C GLU A 1954 -31.00 37.13 1.22
N VAL A 1955 -30.36 37.34 2.34
CA VAL A 1955 -30.52 36.38 3.40
C VAL A 1955 -31.98 36.28 3.80
N MET A 1956 -32.70 37.39 3.83
CA MET A 1956 -34.09 37.31 4.20
C MET A 1956 -34.90 36.79 3.04
N MET A 1957 -34.49 37.12 1.83
CA MET A 1957 -35.29 36.72 0.67
C MET A 1957 -35.24 35.22 0.52
N ASN A 1958 -34.14 34.66 0.97
CA ASN A 1958 -33.88 33.27 0.91
C ASN A 1958 -34.86 32.48 1.74
N TYR A 1959 -35.57 33.10 2.66
CA TYR A 1959 -36.51 32.33 3.42
C TYR A 1959 -37.68 31.97 2.54
N TRP A 1960 -37.99 32.78 1.55
CA TRP A 1960 -39.10 32.43 0.70
C TRP A 1960 -38.65 31.41 -0.29
N GLN A 1961 -37.39 31.47 -0.65
CA GLN A 1961 -36.87 30.54 -1.61
C GLN A 1961 -36.61 29.20 -0.98
N THR A 1962 -36.26 29.21 0.29
CA THR A 1962 -36.02 27.95 0.94
C THR A 1962 -37.33 27.29 1.03
N LEU A 1963 -38.32 27.99 1.54
CA LEU A 1963 -39.59 27.34 1.69
C LEU A 1963 -40.14 26.96 0.37
N ALA A 1964 -40.03 27.79 -0.63
CA ALA A 1964 -40.63 27.42 -1.90
C ALA A 1964 -40.12 26.10 -2.42
N GLN A 1965 -38.84 25.83 -2.22
CA GLN A 1965 -38.29 24.60 -2.75
C GLN A 1965 -38.64 23.44 -1.87
N ARG A 1966 -38.78 23.68 -0.59
CA ARG A 1966 -39.07 22.57 0.29
C ARG A 1966 -40.48 22.12 -0.03
N VAL A 1967 -41.32 23.09 -0.34
CA VAL A 1967 -42.69 22.82 -0.65
C VAL A 1967 -42.74 22.17 -2.02
N TYR A 1968 -41.99 22.71 -2.98
CA TYR A 1968 -41.96 22.14 -4.31
C TYR A 1968 -41.66 20.67 -4.24
N ASN A 1969 -40.64 20.30 -3.47
CA ASN A 1969 -40.24 18.92 -3.40
C ASN A 1969 -41.35 18.07 -2.83
N LEU A 1970 -42.15 18.60 -1.94
CA LEU A 1970 -43.20 17.74 -1.47
C LEU A 1970 -44.24 17.53 -2.55
N ARG A 1971 -44.55 18.60 -3.28
CA ARG A 1971 -45.56 18.56 -4.32
C ARG A 1971 -45.14 17.68 -5.51
N HIS A 1972 -43.85 17.58 -5.73
CA HIS A 1972 -43.33 16.77 -6.81
C HIS A 1972 -42.72 15.46 -6.36
N ASN A 1973 -43.02 15.04 -5.15
CA ASN A 1973 -42.55 13.77 -4.63
C ASN A 1973 -41.04 13.60 -4.62
N LEU A 1974 -40.33 14.59 -4.14
CA LEU A 1974 -38.89 14.59 -4.02
C LEU A 1974 -38.50 14.72 -2.56
N SER A 1975 -37.30 14.28 -2.24
CA SER A 1975 -36.84 14.39 -0.90
C SER A 1975 -36.34 15.79 -0.63
N ILE A 1976 -35.83 16.01 0.55
CA ILE A 1976 -35.45 17.34 0.99
C ILE A 1976 -34.37 17.94 0.12
N ASP A 1977 -33.54 17.09 -0.47
CA ASP A 1977 -32.46 17.47 -1.34
C ASP A 1977 -32.84 17.34 -2.81
N GLY A 1978 -34.11 17.16 -3.12
CA GLY A 1978 -34.51 17.09 -4.51
C GLY A 1978 -34.36 15.73 -5.13
N GLN A 1979 -33.99 14.72 -4.36
CA GLN A 1979 -33.82 13.42 -4.96
C GLN A 1979 -35.15 12.70 -5.04
N PRO A 1980 -35.37 11.82 -6.00
CA PRO A 1980 -36.60 11.10 -6.14
C PRO A 1980 -36.73 10.11 -5.05
N LEU A 1981 -37.95 9.75 -4.70
CA LEU A 1981 -38.15 8.71 -3.72
C LEU A 1981 -39.45 8.01 -4.00
N TYR A 1982 -39.54 6.77 -3.56
CA TYR A 1982 -40.72 6.00 -3.79
C TYR A 1982 -41.26 5.40 -2.54
N LEU A 1983 -41.77 6.22 -1.66
CA LEU A 1983 -42.25 5.71 -0.41
C LEU A 1983 -43.56 5.00 -0.65
N PRO A 1984 -43.88 3.97 0.13
CA PRO A 1984 -45.10 3.23 0.06
C PRO A 1984 -46.21 4.10 0.53
N ILE A 1985 -47.42 3.81 0.10
CA ILE A 1985 -48.55 4.60 0.54
C ILE A 1985 -48.76 4.46 2.02
N TYR A 1986 -48.64 3.26 2.55
CA TYR A 1986 -48.81 3.11 3.97
C TYR A 1986 -47.47 2.69 4.51
N ALA A 1987 -47.05 3.33 5.58
CA ALA A 1987 -45.77 3.03 6.19
C ALA A 1987 -45.74 1.66 6.82
N THR A 1988 -44.57 1.07 6.83
CA THR A 1988 -44.32 -0.18 7.49
C THR A 1988 -44.55 0.07 8.97
N PRO A 1989 -45.27 -0.77 9.72
CA PRO A 1989 -45.52 -0.58 11.12
C PRO A 1989 -44.20 -0.59 11.84
N ALA A 1990 -44.08 0.27 12.83
CA ALA A 1990 -42.89 0.41 13.61
C ALA A 1990 -42.68 -0.82 14.42
N ASP A 1991 -41.41 -1.17 14.67
CA ASP A 1991 -41.14 -2.33 15.48
C ASP A 1991 -41.52 -2.06 16.92
N PRO A 1992 -42.49 -2.78 17.50
CA PRO A 1992 -42.99 -2.60 18.83
C PRO A 1992 -41.95 -2.79 19.90
N LYS A 1993 -40.90 -3.54 19.63
CA LYS A 1993 -39.94 -3.71 20.69
C LYS A 1993 -39.07 -2.49 20.78
N ALA A 1994 -38.80 -1.89 19.63
CA ALA A 1994 -37.96 -0.72 19.58
C ALA A 1994 -38.70 0.44 20.21
N LEU A 1995 -40.01 0.45 20.00
CA LEU A 1995 -40.79 1.53 20.58
C LEU A 1995 -40.75 1.40 22.07
N LEU A 1996 -40.79 0.18 22.56
CA LEU A 1996 -40.75 0.02 23.98
C LEU A 1996 -39.41 0.37 24.54
N SER A 1997 -38.31 -0.10 23.96
CA SER A 1997 -37.07 0.24 24.62
C SER A 1997 -36.83 1.73 24.58
N ALA A 1998 -37.36 2.40 23.57
CA ALA A 1998 -37.20 3.82 23.54
C ALA A 1998 -38.01 4.45 24.66
N ALA A 1999 -39.25 3.98 24.84
CA ALA A 1999 -40.12 4.55 25.85
C ALA A 1999 -39.57 4.34 27.23
N VAL A 2000 -38.96 3.19 27.44
CA VAL A 2000 -38.41 2.86 28.72
C VAL A 2000 -37.21 3.69 28.99
N ALA A 2001 -36.33 3.82 28.02
CA ALA A 2001 -35.12 4.59 28.20
C ALA A 2001 -35.44 6.04 28.49
N THR A 2002 -36.50 6.54 27.88
CA THR A 2002 -36.92 7.90 28.08
C THR A 2002 -37.53 8.08 29.47
N SER A 2003 -38.40 7.16 29.88
CA SER A 2003 -39.09 7.28 31.16
C SER A 2003 -38.29 6.70 32.31
N GLN A 2004 -37.13 7.30 32.52
CA GLN A 2004 -36.20 6.95 33.59
C GLN A 2004 -36.15 8.02 34.67
N GLY A 2005 -36.57 9.21 34.28
CA GLY A 2005 -36.43 10.42 35.06
C GLY A 2005 -35.34 11.09 34.27
N GLY A 2006 -35.50 12.36 33.92
CA GLY A 2006 -34.45 12.85 33.05
C GLY A 2006 -34.69 12.08 31.75
N GLY A 2007 -33.81 11.13 31.43
CA GLY A 2007 -34.01 10.37 30.19
C GLY A 2007 -33.46 11.16 29.02
N LYS A 2008 -32.50 12.02 29.32
CA LYS A 2008 -31.95 12.84 28.28
C LYS A 2008 -30.97 12.04 27.46
N LEU A 2009 -31.49 11.55 26.37
CA LEU A 2009 -30.84 10.71 25.40
C LEU A 2009 -30.97 11.32 24.01
N PRO A 2010 -30.08 12.26 23.63
CA PRO A 2010 -30.07 13.05 22.41
C PRO A 2010 -29.97 12.17 21.19
N GLU A 2011 -30.38 12.70 20.05
CA GLU A 2011 -30.27 11.91 18.85
C GLU A 2011 -28.86 11.39 18.72
N SER A 2012 -28.77 10.10 18.51
CA SER A 2012 -27.53 9.40 18.32
C SER A 2012 -27.28 9.43 16.84
N PHE A 2013 -26.60 10.43 16.33
CA PHE A 2013 -26.61 10.48 14.89
C PHE A 2013 -25.81 9.32 14.29
N MET A 2014 -26.38 8.62 13.31
CA MET A 2014 -25.62 7.55 12.71
C MET A 2014 -24.66 8.12 11.71
N SER A 2015 -23.41 8.01 12.04
CA SER A 2015 -22.37 8.56 11.23
C SER A 2015 -21.71 7.54 10.37
N LEU A 2016 -20.62 7.95 9.78
CA LEU A 2016 -19.89 7.15 8.86
C LEU A 2016 -19.04 6.13 9.52
N TRP A 2017 -18.66 6.34 10.76
CA TRP A 2017 -17.77 5.40 11.39
C TRP A 2017 -18.44 4.14 11.92
N ARG A 2018 -17.79 3.01 11.73
CA ARG A 2018 -18.21 1.71 12.21
C ARG A 2018 -17.98 1.59 13.67
N PHE A 2019 -18.70 0.66 14.29
CA PHE A 2019 -18.65 0.51 15.72
C PHE A 2019 -17.27 0.44 16.31
N PRO A 2020 -16.33 -0.41 15.87
CA PRO A 2020 -15.03 -0.48 16.48
C PRO A 2020 -14.31 0.85 16.54
N HIS A 2021 -14.62 1.76 15.63
CA HIS A 2021 -13.98 3.04 15.66
C HIS A 2021 -14.66 3.91 16.68
N MET A 2022 -15.98 3.96 16.61
CA MET A 2022 -16.69 4.84 17.50
C MET A 2022 -16.55 4.42 18.92
N LEU A 2023 -16.36 3.13 19.15
CA LEU A 2023 -16.17 2.64 20.47
C LEU A 2023 -14.90 3.21 21.06
N GLU A 2024 -13.86 3.34 20.24
CA GLU A 2024 -12.60 3.82 20.74
C GLU A 2024 -12.74 5.27 21.06
N ASN A 2025 -13.47 6.00 20.23
CA ASN A 2025 -13.62 7.40 20.53
C ASN A 2025 -14.39 7.54 21.81
N ALA A 2026 -15.45 6.76 21.97
CA ALA A 2026 -16.23 6.85 23.18
C ALA A 2026 -15.42 6.45 24.39
N ARG A 2027 -14.56 5.46 24.30
CA ARG A 2027 -13.80 5.13 25.49
C ARG A 2027 -12.80 6.19 25.81
N GLY A 2028 -12.15 6.78 24.81
CA GLY A 2028 -11.18 7.81 25.09
C GLY A 2028 -11.87 9.00 25.72
N MET A 2029 -13.09 9.26 25.27
CA MET A 2029 -13.86 10.38 25.73
C MET A 2029 -14.21 10.14 27.17
N VAL A 2030 -14.67 8.95 27.49
CA VAL A 2030 -15.08 8.72 28.85
C VAL A 2030 -13.89 8.77 29.77
N SER A 2031 -12.74 8.20 29.40
CA SER A 2031 -11.67 8.24 30.39
C SER A 2031 -11.28 9.68 30.70
N GLN A 2032 -11.48 10.59 29.76
CA GLN A 2032 -11.19 11.98 30.06
C GLN A 2032 -12.17 12.48 31.07
N LEU A 2033 -13.39 12.00 30.98
CA LEU A 2033 -14.43 12.40 31.89
C LEU A 2033 -14.15 11.87 33.27
N THR A 2034 -13.63 10.65 33.37
CA THR A 2034 -13.36 10.08 34.67
C THR A 2034 -12.23 10.87 35.31
N GLN A 2035 -11.32 11.39 34.50
CA GLN A 2035 -10.25 12.21 35.04
C GLN A 2035 -10.79 13.51 35.59
N PHE A 2036 -11.76 14.12 34.89
CA PHE A 2036 -12.28 15.37 35.43
C PHE A 2036 -13.02 15.07 36.70
N GLY A 2037 -13.65 13.93 36.74
CA GLY A 2037 -14.40 13.49 37.89
C GLY A 2037 -13.52 13.36 39.10
N SER A 2038 -12.38 12.67 38.96
CA SER A 2038 -11.52 12.52 40.11
C SER A 2038 -10.90 13.85 40.48
N THR A 2039 -10.70 14.71 39.50
CA THR A 2039 -10.11 16.01 39.75
C THR A 2039 -11.06 16.80 40.59
N LEU A 2040 -12.34 16.73 40.26
CA LEU A 2040 -13.36 17.43 40.98
C LEU A 2040 -13.46 16.87 42.37
N GLN A 2041 -13.37 15.55 42.52
CA GLN A 2041 -13.46 15.02 43.85
C GLN A 2041 -12.35 15.61 44.71
N ASN A 2042 -11.18 15.81 44.14
CA ASN A 2042 -10.10 16.35 44.92
C ASN A 2042 -10.39 17.78 45.30
N ILE A 2043 -10.94 18.55 44.37
CA ILE A 2043 -11.24 19.92 44.67
C ILE A 2043 -12.25 20.01 45.76
N ILE A 2044 -13.26 19.19 45.69
CA ILE A 2044 -14.29 19.21 46.69
C ILE A 2044 -13.77 18.83 48.05
N GLU A 2045 -12.97 17.79 48.13
CA GLU A 2045 -12.52 17.41 49.44
C GLU A 2045 -11.58 18.44 50.00
N ARG A 2046 -10.83 19.07 49.14
CA ARG A 2046 -9.87 20.04 49.58
C ARG A 2046 -10.59 21.31 49.98
N GLN A 2047 -11.67 21.60 49.27
CA GLN A 2047 -12.49 22.77 49.56
C GLN A 2047 -13.07 22.66 50.95
N ASP A 2048 -13.57 21.47 51.30
CA ASP A 2048 -14.13 21.28 52.61
C ASP A 2048 -13.06 21.30 53.67
N ALA A 2049 -11.86 20.77 53.38
CA ALA A 2049 -10.79 20.79 54.36
C ALA A 2049 -10.41 22.22 54.70
N GLU A 2050 -10.44 23.09 53.69
CA GLU A 2050 -10.10 24.47 53.92
C GLU A 2050 -11.14 25.13 54.79
N ALA A 2051 -12.41 24.81 54.54
CA ALA A 2051 -13.49 25.40 55.31
C ALA A 2051 -13.37 25.02 56.75
N LEU A 2052 -12.92 23.80 57.00
CA LEU A 2052 -12.78 23.36 58.36
C LEU A 2052 -11.68 24.11 59.02
N ASN A 2053 -10.55 24.26 58.38
CA ASN A 2053 -9.47 24.92 59.07
C ASN A 2053 -9.86 26.32 59.47
N ALA A 2054 -10.61 26.99 58.61
CA ALA A 2054 -11.02 28.34 58.92
C ALA A 2054 -11.93 28.33 60.13
N LEU A 2055 -12.75 27.29 60.26
CA LEU A 2055 -13.67 27.18 61.37
C LEU A 2055 -12.92 26.99 62.63
N LEU A 2056 -11.94 26.12 62.61
CA LEU A 2056 -11.22 25.81 63.81
C LEU A 2056 -10.47 27.02 64.30
N GLN A 2057 -9.93 27.82 63.39
CA GLN A 2057 -9.24 28.99 63.83
C GLN A 2057 -10.19 30.04 64.40
N ASN A 2058 -11.38 30.18 63.83
CA ASN A 2058 -12.29 31.15 64.40
C ASN A 2058 -12.73 30.71 65.77
N GLN A 2059 -12.87 29.40 65.94
CA GLN A 2059 -13.29 28.91 67.23
C GLN A 2059 -12.23 29.19 68.26
N ALA A 2060 -10.97 29.02 67.89
CA ALA A 2060 -9.90 29.27 68.83
C ALA A 2060 -9.92 30.70 69.28
N ALA A 2061 -10.26 31.61 68.36
CA ALA A 2061 -10.29 33.02 68.69
C ALA A 2061 -11.31 33.30 69.78
N GLU A 2062 -12.44 32.57 69.75
CA GLU A 2062 -13.48 32.79 70.74
C GLU A 2062 -13.08 32.24 72.09
N LEU A 2063 -12.37 31.12 72.10
CA LEU A 2063 -11.94 30.56 73.37
C LEU A 2063 -10.96 31.47 74.04
N ILE A 2064 -10.11 32.11 73.26
CA ILE A 2064 -9.15 33.02 73.83
C ILE A 2064 -9.89 34.19 74.44
N LEU A 2065 -10.88 34.74 73.75
CA LEU A 2065 -11.55 35.88 74.36
C LEU A 2065 -12.15 35.52 75.69
N THR A 2066 -12.72 34.34 75.80
CA THR A 2066 -13.29 34.00 77.09
C THR A 2066 -12.17 33.90 78.11
N ASN A 2067 -11.04 33.30 77.74
CA ASN A 2067 -9.96 33.12 78.69
C ASN A 2067 -9.42 34.45 79.15
N LEU A 2068 -9.46 35.46 78.31
CA LEU A 2068 -9.00 36.76 78.72
C LEU A 2068 -9.89 37.31 79.82
N SER A 2069 -11.18 37.04 79.74
CA SER A 2069 -12.09 37.56 80.76
C SER A 2069 -11.79 36.85 82.07
N ILE A 2070 -11.45 35.59 81.97
CA ILE A 2070 -11.14 34.80 83.14
C ILE A 2070 -9.90 35.35 83.79
N GLN A 2071 -8.89 35.66 83.00
CA GLN A 2071 -7.66 36.19 83.56
C GLN A 2071 -7.91 37.53 84.22
N ASP A 2072 -8.77 38.37 83.66
CA ASP A 2072 -9.03 39.63 84.31
C ASP A 2072 -9.59 39.44 85.69
N LYS A 2073 -10.40 38.41 85.86
CA LYS A 2073 -10.98 38.18 87.16
C LYS A 2073 -9.93 37.65 88.10
N THR A 2074 -8.95 36.90 87.57
CA THR A 2074 -7.90 36.35 88.41
C THR A 2074 -7.09 37.49 88.98
N ILE A 2075 -6.79 38.48 88.16
CA ILE A 2075 -6.04 39.61 88.64
C ILE A 2075 -6.86 40.36 89.68
N GLU A 2076 -8.15 40.56 89.43
CA GLU A 2076 -8.96 41.25 90.41
C GLU A 2076 -9.02 40.46 91.71
N GLU A 2077 -9.06 39.13 91.64
CA GLU A 2077 -9.08 38.33 92.85
C GLU A 2077 -7.83 38.59 93.64
N LEU A 2078 -6.69 38.68 92.98
CA LEU A 2078 -5.49 38.93 93.73
C LEU A 2078 -5.53 40.32 94.33
N ASP A 2079 -6.06 41.29 93.61
CA ASP A 2079 -6.12 42.61 94.19
C ASP A 2079 -7.03 42.55 95.43
N ALA A 2080 -8.07 41.74 95.35
CA ALA A 2080 -8.96 41.60 96.49
C ALA A 2080 -8.16 40.96 97.63
N GLU A 2081 -7.27 40.02 97.33
CA GLU A 2081 -6.50 39.34 98.35
C GLU A 2081 -5.68 40.35 99.09
N LYS A 2082 -5.15 41.31 98.33
CA LYS A 2082 -4.33 42.34 98.89
C LYS A 2082 -5.09 43.04 99.98
N THR A 2083 -6.38 43.26 99.76
CA THR A 2083 -7.22 43.92 100.74
C THR A 2083 -7.27 43.11 102.01
N VAL A 2084 -7.32 41.79 101.86
CA VAL A 2084 -7.41 40.95 103.04
C VAL A 2084 -6.11 41.13 103.84
N LEU A 2085 -4.98 41.15 103.14
CA LEU A 2085 -3.72 41.34 103.83
C LEU A 2085 -3.64 42.73 104.47
N GLU A 2086 -4.20 43.74 103.81
CA GLU A 2086 -4.19 45.08 104.38
C GLU A 2086 -5.02 45.13 105.65
N LYS A 2087 -6.14 44.44 105.68
CA LYS A 2087 -6.94 44.44 106.90
C LYS A 2087 -6.20 43.69 108.01
N SER A 2088 -5.46 42.66 107.63
CA SER A 2088 -4.67 41.89 108.59
C SER A 2088 -3.63 42.80 109.21
N LYS A 2089 -3.04 43.62 108.36
CA LYS A 2089 -2.02 44.56 108.77
C LYS A 2089 -2.63 45.49 109.80
N ALA A 2090 -3.82 46.02 109.50
CA ALA A 2090 -4.46 46.96 110.41
C ALA A 2090 -4.71 46.36 111.76
N GLY A 2091 -5.07 45.08 111.80
CA GLY A 2091 -5.27 44.43 113.08
C GLY A 2091 -3.98 44.45 113.87
N ALA A 2092 -2.89 44.03 113.23
CA ALA A 2092 -1.61 44.00 113.90
C ALA A 2092 -1.18 45.40 114.29
N GLN A 2093 -1.49 46.39 113.46
CA GLN A 2093 -1.05 47.75 113.74
C GLN A 2093 -1.75 48.26 114.97
N SER A 2094 -3.01 47.93 115.14
CA SER A 2094 -3.72 48.39 116.30
C SER A 2094 -3.14 47.76 117.54
N ARG A 2095 -2.80 46.47 117.49
CA ARG A 2095 -2.23 45.83 118.66
C ARG A 2095 -0.88 46.41 118.98
N PHE A 2096 -0.14 46.72 117.94
CA PHE A 2096 1.19 47.25 118.11
C PHE A 2096 1.17 48.56 118.85
N ASP A 2097 0.30 49.46 118.44
CA ASP A 2097 0.30 50.76 119.06
C ASP A 2097 -0.44 50.69 120.36
N SER A 2098 -1.40 49.79 120.50
CA SER A 2098 -2.12 49.70 121.74
C SER A 2098 -1.20 49.23 122.84
N TYR A 2099 -0.34 48.24 122.55
CA TYR A 2099 0.57 47.76 123.56
C TYR A 2099 1.70 48.75 123.72
N GLY A 2100 2.03 49.45 122.64
CA GLY A 2100 3.08 50.45 122.66
C GLY A 2100 2.71 51.53 123.65
N LYS A 2101 1.46 52.00 123.58
CA LYS A 2101 1.01 53.01 124.50
C LYS A 2101 1.10 52.53 125.94
N LEU A 2102 0.66 51.30 126.20
CA LEU A 2102 0.69 50.81 127.55
C LEU A 2102 2.11 50.69 128.05
N TYR A 2103 3.01 50.28 127.19
CA TYR A 2103 4.40 50.14 127.55
C TYR A 2103 4.92 51.51 127.97
N ASP A 2104 4.61 52.54 127.18
CA ASP A 2104 5.09 53.86 127.54
C ASP A 2104 4.48 54.36 128.84
N GLU A 2105 3.19 54.11 129.07
CA GLU A 2105 2.57 54.52 130.33
C GLU A 2105 2.76 53.41 131.32
N ASN A 2106 4.02 53.20 131.69
CA ASN A 2106 4.42 52.06 132.50
C ASN A 2106 3.53 51.93 133.70
N ILE A 2107 3.37 53.06 134.38
CA ILE A 2107 2.52 53.21 135.53
C ILE A 2107 1.69 54.44 135.20
N ASN A 2108 0.39 54.33 135.31
CA ASN A 2108 -0.49 55.42 134.99
C ASN A 2108 -0.34 56.51 136.00
N ALA A 2109 -0.56 57.76 135.63
CA ALA A 2109 -0.42 58.80 136.61
C ALA A 2109 -1.29 58.52 137.81
N GLY A 2110 -2.48 57.97 137.59
CA GLY A 2110 -3.34 57.68 138.72
C GLY A 2110 -2.67 56.65 139.63
N GLU A 2111 -1.99 55.70 139.01
CA GLU A 2111 -1.33 54.65 139.73
C GLU A 2111 -0.13 55.19 140.49
N ASN A 2112 0.58 56.14 139.89
CA ASN A 2112 1.74 56.74 140.53
C ASN A 2112 1.29 57.57 141.72
N GLN A 2113 0.11 58.15 141.62
CA GLN A 2113 -0.41 58.93 142.72
C GLN A 2113 -0.74 58.02 143.88
N ALA A 2114 -1.33 56.86 143.62
CA ALA A 2114 -1.63 55.96 144.70
C ALA A 2114 -0.38 55.48 145.38
N MET A 2115 0.64 55.22 144.57
CA MET A 2115 1.87 54.72 145.13
C MET A 2115 2.49 55.75 146.01
N THR A 2116 2.48 56.99 145.54
CA THR A 2116 3.09 58.06 146.26
C THR A 2116 2.40 58.27 147.59
N LEU A 2117 1.06 58.24 147.58
CA LEU A 2117 0.32 58.46 148.80
C LEU A 2117 0.60 57.38 149.82
N ARG A 2118 0.64 56.12 149.38
CA ARG A 2118 0.92 55.06 150.33
C ARG A 2118 2.34 55.20 150.86
N ALA A 2119 3.29 55.51 149.99
CA ALA A 2119 4.67 55.64 150.44
C ALA A 2119 4.82 56.77 151.43
N SER A 2120 4.14 57.89 151.18
CA SER A 2120 4.22 59.01 152.08
C SER A 2120 3.63 58.61 153.40
N ALA A 2121 2.45 57.98 153.36
CA ALA A 2121 1.81 57.59 154.58
C ALA A 2121 2.70 56.67 155.36
N ALA A 2122 3.40 55.76 154.69
CA ALA A 2122 4.26 54.87 155.42
C ALA A 2122 5.33 55.67 156.16
N GLY A 2123 5.80 56.75 155.54
CA GLY A 2123 6.80 57.60 156.14
C GLY A 2123 6.23 58.25 157.41
N LEU A 2124 4.93 58.56 157.39
CA LEU A 2124 4.28 59.20 158.50
C LEU A 2124 3.98 58.23 159.60
N THR A 2125 3.58 57.01 159.25
CA THR A 2125 3.24 56.05 160.27
C THR A 2125 4.53 55.65 160.97
N THR A 2126 5.63 55.66 160.22
CA THR A 2126 6.93 55.34 160.76
C THR A 2126 7.38 56.43 161.70
N ALA A 2127 7.22 57.69 161.29
CA ALA A 2127 7.66 58.79 162.11
C ALA A 2127 6.96 58.79 163.44
N VAL A 2128 5.69 58.42 163.41
CA VAL A 2128 4.89 58.38 164.61
C VAL A 2128 5.21 57.22 165.51
N GLN A 2129 5.39 56.03 164.98
CA GLN A 2129 5.70 54.98 165.91
C GLN A 2129 7.10 55.22 166.49
N ALA A 2130 7.97 55.83 165.69
CA ALA A 2130 9.31 56.12 166.14
C ALA A 2130 9.29 57.18 167.24
N SER A 2131 8.45 58.21 167.10
CA SER A 2131 8.39 59.26 168.11
C SER A 2131 7.59 58.85 169.34
N ARG A 2132 6.66 57.91 169.18
CA ARG A 2132 5.92 57.43 170.34
C ARG A 2132 6.87 56.62 171.19
N LEU A 2133 7.72 55.83 170.54
CA LEU A 2133 8.69 55.07 171.26
C LEU A 2133 9.71 55.99 171.86
N ALA A 2134 10.23 56.95 171.09
CA ALA A 2134 11.24 57.85 171.63
C ALA A 2134 10.70 58.58 172.85
N GLY A 2135 9.39 58.89 172.81
CA GLY A 2135 8.73 59.55 173.90
C GLY A 2135 8.90 58.66 175.12
N ALA A 2136 8.50 57.39 175.00
CA ALA A 2136 8.58 56.44 176.10
C ALA A 2136 10.03 56.18 176.55
N ALA A 2137 10.94 56.18 175.59
CA ALA A 2137 12.34 55.92 175.81
C ALA A 2137 12.88 56.96 176.76
N ALA A 2138 12.36 58.18 176.67
CA ALA A 2138 12.80 59.27 177.50
C ALA A 2138 12.60 58.98 178.98
N ASP A 2139 11.58 58.18 179.35
CA ASP A 2139 11.37 57.88 180.75
C ASP A 2139 12.03 56.55 181.15
N LEU A 2140 12.10 55.61 180.21
CA LEU A 2140 12.63 54.28 180.50
C LEU A 2140 14.15 54.15 180.36
N VAL A 2141 14.74 54.71 179.32
CA VAL A 2141 16.15 54.50 179.08
C VAL A 2141 17.01 55.01 180.22
N PRO A 2142 16.80 56.21 180.79
CA PRO A 2142 17.64 56.71 181.86
C PRO A 2142 17.70 55.75 183.04
N ASN A 2143 16.69 54.89 183.20
CA ASN A 2143 16.69 53.97 184.30
C ASN A 2143 17.43 52.71 183.91
N ILE A 2144 17.26 52.26 182.65
CA ILE A 2144 17.92 51.05 182.13
C ILE A 2144 19.41 51.23 182.22
N PHE A 2145 19.82 52.45 181.91
CA PHE A 2145 21.19 52.90 181.88
C PHE A 2145 21.93 52.53 183.16
N GLY A 2146 21.26 52.63 184.32
CA GLY A 2146 21.94 52.38 185.59
C GLY A 2146 21.96 50.92 186.05
N PHE A 2147 21.40 49.98 185.28
CA PHE A 2147 21.38 48.60 185.76
C PHE A 2147 22.33 47.66 185.05
N ALA A 2148 23.15 46.99 185.86
CA ALA A 2148 24.05 45.95 185.37
C ALA A 2148 23.24 44.68 185.20
N GLY A 2149 23.64 43.80 184.29
CA GLY A 2149 22.93 42.54 184.14
C GLY A 2149 22.49 42.27 182.70
N GLY A 2150 22.00 41.06 182.46
CA GLY A 2150 21.55 40.63 181.15
C GLY A 2150 20.04 40.77 181.05
N GLY A 2151 19.36 39.80 180.44
CA GLY A 2151 17.92 39.91 180.19
C GLY A 2151 17.09 40.08 181.47
N SER A 2152 17.67 39.70 182.61
CA SER A 2152 17.04 39.77 183.93
C SER A 2152 16.75 41.21 184.36
N ARG A 2153 17.32 42.20 183.67
CA ARG A 2153 17.03 43.58 183.99
C ARG A 2153 15.62 43.93 183.52
N TRP A 2154 15.13 43.15 182.56
CA TRP A 2154 13.84 43.19 181.88
C TRP A 2154 13.48 44.49 181.17
N GLY A 2155 13.57 45.64 181.85
CA GLY A 2155 13.26 46.94 181.25
C GLY A 2155 14.17 47.15 180.04
N ALA A 2156 15.39 46.62 180.16
CA ALA A 2156 16.40 46.69 179.13
C ALA A 2156 15.93 46.03 177.85
N ILE A 2157 15.18 44.96 178.01
CA ILE A 2157 14.72 44.19 176.92
C ILE A 2157 13.50 44.85 176.36
N ALA A 2158 12.60 45.32 177.21
CA ALA A 2158 11.39 45.96 176.69
C ALA A 2158 11.74 47.11 175.77
N GLU A 2159 12.80 47.83 176.09
CA GLU A 2159 13.16 48.89 175.18
C GLU A 2159 13.72 48.27 173.91
N ALA A 2160 14.57 47.26 174.03
CA ALA A 2160 15.16 46.67 172.83
C ALA A 2160 14.10 46.13 171.90
N THR A 2161 13.05 45.53 172.45
CA THR A 2161 12.03 44.91 171.63
C THR A 2161 11.04 45.95 171.13
N GLY A 2162 10.93 47.07 171.83
CA GLY A 2162 10.08 48.15 171.42
C GLY A 2162 10.64 48.65 170.11
N TYR A 2163 11.96 48.92 170.09
CA TYR A 2163 12.62 49.40 168.90
C TYR A 2163 12.60 48.40 167.78
N VAL A 2164 12.96 47.16 168.09
CA VAL A 2164 13.03 46.18 167.04
C VAL A 2164 11.71 46.03 166.36
N MET A 2165 10.61 46.00 167.08
CA MET A 2165 9.39 45.88 166.34
C MET A 2165 8.99 47.21 165.70
N GLU A 2166 8.91 48.27 166.50
CA GLU A 2166 8.29 49.49 166.00
C GLU A 2166 9.02 50.12 164.86
N PHE A 2167 10.31 50.03 164.88
CA PHE A 2167 11.05 50.60 163.82
C PHE A 2167 11.60 49.55 162.88
N SER A 2168 12.38 48.61 163.39
CA SER A 2168 13.09 47.77 162.44
C SER A 2168 12.22 46.76 161.71
N ALA A 2169 11.35 46.04 162.41
CA ALA A 2169 10.54 45.07 161.71
C ALA A 2169 9.54 45.79 160.82
N ASN A 2170 8.98 46.90 161.33
CA ASN A 2170 8.02 47.64 160.54
C ASN A 2170 8.65 48.23 159.28
N VAL A 2171 9.90 48.71 159.36
CA VAL A 2171 10.57 49.27 158.21
C VAL A 2171 10.99 48.20 157.24
N MET A 2172 11.53 47.08 157.72
CA MET A 2172 11.95 46.05 156.78
C MET A 2172 10.73 45.59 155.98
N ASN A 2173 9.55 45.48 156.61
CA ASN A 2173 8.40 45.02 155.87
C ASN A 2173 7.89 46.09 154.93
N THR A 2174 7.89 47.34 155.37
CA THR A 2174 7.39 48.42 154.56
C THR A 2174 8.16 48.55 153.28
N GLU A 2175 9.49 48.45 153.37
CA GLU A 2175 10.31 48.56 152.20
C GLU A 2175 10.09 47.35 151.30
N ALA A 2176 9.91 46.16 151.89
CA ALA A 2176 9.69 44.98 151.06
C ALA A 2176 8.45 45.12 150.24
N ASP A 2177 7.39 45.67 150.84
CA ASP A 2177 6.16 45.77 150.08
C ASP A 2177 6.24 46.80 148.98
N LYS A 2178 6.92 47.93 149.21
CA LYS A 2178 7.02 48.94 148.15
C LYS A 2178 7.78 48.38 146.95
N ILE A 2179 8.76 47.54 147.25
CA ILE A 2179 9.55 46.93 146.19
C ILE A 2179 8.69 45.94 145.45
N SER A 2180 7.98 45.07 146.17
CA SER A 2180 7.14 44.11 145.47
C SER A 2180 6.14 44.83 144.56
N GLN A 2181 5.65 45.98 144.99
CA GLN A 2181 4.72 46.67 144.13
C GLN A 2181 5.44 47.19 142.87
N SER A 2182 6.60 47.82 143.01
CA SER A 2182 7.22 48.33 141.78
C SER A 2182 7.62 47.18 140.86
N GLU A 2183 7.92 46.02 141.45
CA GLU A 2183 8.26 44.83 140.69
C GLU A 2183 7.04 44.28 139.99
N THR A 2184 5.88 44.45 140.61
CA THR A 2184 4.65 43.98 140.01
C THR A 2184 4.42 44.77 138.74
N TYR A 2185 4.68 46.07 138.82
CA TYR A 2185 4.51 46.91 137.65
C TYR A 2185 5.58 46.56 136.62
N ARG A 2186 6.76 46.16 137.09
CA ARG A 2186 7.82 45.76 136.19
C ARG A 2186 7.40 44.54 135.40
N ARG A 2187 6.80 43.56 136.07
CA ARG A 2187 6.39 42.35 135.38
C ARG A 2187 5.27 42.64 134.40
N ARG A 2188 4.39 43.58 134.76
CA ARG A 2188 3.30 43.94 133.88
C ARG A 2188 3.89 44.53 132.61
N ARG A 2189 4.93 45.35 132.77
CA ARG A 2189 5.60 45.97 131.65
C ARG A 2189 6.13 44.92 130.72
N GLN A 2190 6.76 43.89 131.28
CA GLN A 2190 7.38 42.86 130.48
C GLN A 2190 6.36 42.15 129.62
N GLU A 2191 5.16 41.97 130.14
CA GLU A 2191 4.17 41.28 129.32
C GLU A 2191 3.80 42.19 128.17
N TRP A 2192 3.64 43.48 128.44
CA TRP A 2192 3.29 44.40 127.38
C TRP A 2192 4.38 44.47 126.36
N GLU A 2193 5.62 44.37 126.81
CA GLU A 2193 6.74 44.44 125.91
C GLU A 2193 6.69 43.26 124.96
N ILE A 2194 6.41 42.09 125.48
CA ILE A 2194 6.31 40.93 124.63
C ILE A 2194 5.17 41.09 123.67
N GLN A 2195 4.03 41.56 124.13
CA GLN A 2195 2.96 41.65 123.19
C GLN A 2195 3.15 42.75 122.16
N ARG A 2196 3.76 43.89 122.48
CA ARG A 2196 3.94 44.84 121.40
C ARG A 2196 4.88 44.24 120.38
N ASN A 2197 5.81 43.40 120.84
CA ASN A 2197 6.75 42.76 119.96
C ASN A 2197 6.05 41.71 119.09
N ASN A 2198 5.00 41.08 119.62
CA ASN A 2198 4.32 40.09 118.83
C ASN A 2198 3.61 40.79 117.70
N ALA A 2199 3.00 41.93 118.02
CA ALA A 2199 2.31 42.69 117.02
C ALA A 2199 3.27 43.20 115.97
N GLU A 2200 4.48 43.61 116.40
CA GLU A 2200 5.44 44.11 115.45
C GLU A 2200 5.87 43.02 114.52
N ALA A 2201 6.10 41.82 115.06
CA ALA A 2201 6.51 40.72 114.21
C ALA A 2201 5.43 40.44 113.18
N GLU A 2202 4.17 40.53 113.60
CA GLU A 2202 3.10 40.29 112.65
C GLU A 2202 3.08 41.33 111.57
N LEU A 2203 3.35 42.59 111.91
CA LEU A 2203 3.38 43.62 110.89
C LEU A 2203 4.47 43.37 109.89
N LYS A 2204 5.63 42.94 110.38
CA LYS A 2204 6.73 42.68 109.47
C LYS A 2204 6.45 41.49 108.58
N GLN A 2205 5.84 40.44 109.13
CA GLN A 2205 5.53 39.28 108.33
C GLN A 2205 4.51 39.63 107.28
N ILE A 2206 3.55 40.47 107.63
CA ILE A 2206 2.55 40.85 106.68
C ILE A 2206 3.19 41.64 105.58
N ASP A 2207 4.07 42.59 105.89
CA ASP A 2207 4.65 43.34 104.79
C ASP A 2207 5.34 42.41 103.83
N ALA A 2208 6.00 41.38 104.33
CA ALA A 2208 6.62 40.43 103.45
C ALA A 2208 5.55 39.72 102.61
N GLN A 2209 4.39 39.46 103.18
CA GLN A 2209 3.32 38.78 102.46
C GLN A 2209 2.77 39.66 101.37
N LEU A 2210 2.71 40.94 101.63
CA LEU A 2210 2.23 41.88 100.63
C LEU A 2210 3.19 41.90 99.48
N LYS A 2211 4.48 41.80 99.79
CA LYS A 2211 5.48 41.80 98.75
C LYS A 2211 5.37 40.52 97.94
N SER A 2212 5.11 39.40 98.60
CA SER A 2212 4.97 38.14 97.90
C SER A 2212 3.79 38.24 96.97
N LEU A 2213 2.68 38.78 97.46
CA LEU A 2213 1.50 38.91 96.63
C LEU A 2213 1.78 39.79 95.46
N ALA A 2214 2.48 40.90 95.66
CA ALA A 2214 2.76 41.76 94.54
C ALA A 2214 3.49 41.01 93.44
N VAL A 2215 4.36 40.08 93.82
CA VAL A 2215 5.06 39.35 92.79
C VAL A 2215 4.07 38.48 92.06
N ARG A 2216 3.20 37.81 92.81
CA ARG A 2216 2.21 36.95 92.21
C ARG A 2216 1.37 37.73 91.24
N ARG A 2217 1.04 38.96 91.62
CA ARG A 2217 0.23 39.81 90.78
C ARG A 2217 0.93 40.08 89.48
N GLU A 2218 2.22 40.31 89.54
CA GLU A 2218 2.96 40.63 88.34
C GLU A 2218 2.97 39.43 87.43
N ALA A 2219 3.07 38.24 88.02
CA ALA A 2219 3.02 37.05 87.20
C ALA A 2219 1.66 36.95 86.53
N ALA A 2220 0.59 37.26 87.24
CA ALA A 2220 -0.74 37.18 86.66
C ALA A 2220 -0.86 38.13 85.48
N VAL A 2221 -0.18 39.26 85.56
CA VAL A 2221 -0.22 40.16 84.45
C VAL A 2221 0.48 39.51 83.28
N LEU A 2222 1.63 38.88 83.50
CA LEU A 2222 2.31 38.22 82.39
C LEU A 2222 1.46 37.11 81.80
N GLN A 2223 0.68 36.43 82.63
CA GLN A 2223 -0.20 35.39 82.12
C GLN A 2223 -1.19 36.01 81.14
N LYS A 2224 -1.59 37.25 81.41
CA LYS A 2224 -2.48 37.90 80.48
C LYS A 2224 -1.68 38.22 79.23
N THR A 2225 -0.44 38.63 79.38
CA THR A 2225 0.36 38.91 78.18
C THR A 2225 0.41 37.66 77.31
N SER A 2226 0.55 36.50 77.94
CA SER A 2226 0.58 35.24 77.20
C SER A 2226 -0.71 35.07 76.45
N LEU A 2227 -1.84 35.33 77.09
CA LEU A 2227 -3.10 35.17 76.39
C LEU A 2227 -3.25 36.16 75.26
N LYS A 2228 -2.79 37.39 75.45
CA LYS A 2228 -2.90 38.37 74.38
C LYS A 2228 -2.02 37.97 73.23
N THR A 2229 -0.88 37.38 73.54
CA THR A 2229 0.05 36.94 72.53
C THR A 2229 -0.60 35.83 71.73
N GLN A 2230 -1.28 34.90 72.42
CA GLN A 2230 -1.94 33.80 71.74
C GLN A 2230 -3.03 34.34 70.85
N GLN A 2231 -3.72 35.40 71.31
CA GLN A 2231 -4.77 36.01 70.54
C GLN A 2231 -4.22 36.56 69.25
N GLU A 2232 -3.09 37.22 69.32
CA GLU A 2232 -2.48 37.78 68.13
C GLU A 2232 -2.04 36.70 67.17
N GLN A 2233 -1.54 35.62 67.73
CA GLN A 2233 -1.07 34.51 66.92
C GLN A 2233 -2.22 33.85 66.19
N THR A 2234 -3.35 33.79 66.86
CA THR A 2234 -4.54 33.20 66.29
C THR A 2234 -4.97 34.06 65.12
N GLN A 2235 -4.92 35.38 65.31
CA GLN A 2235 -5.31 36.25 64.23
C GLN A 2235 -4.31 36.20 63.09
N SER A 2236 -3.02 36.01 63.38
CA SER A 2236 -2.09 35.93 62.27
C SER A 2236 -2.31 34.64 61.50
N GLN A 2237 -2.74 33.55 62.18
CA GLN A 2237 -3.03 32.32 61.45
C GLN A 2237 -4.23 32.52 60.56
N LEU A 2238 -5.22 33.27 61.01
CA LEU A 2238 -6.33 33.53 60.12
C LEU A 2238 -5.88 34.35 58.96
N ALA A 2239 -5.05 35.36 59.20
CA ALA A 2239 -4.61 36.21 58.11
C ALA A 2239 -3.87 35.38 57.11
N PHE A 2240 -3.14 34.39 57.58
CA PHE A 2240 -2.44 33.50 56.69
C PHE A 2240 -3.49 32.75 55.87
N LEU A 2241 -4.49 32.18 56.52
CA LEU A 2241 -5.44 31.35 55.76
C LEU A 2241 -6.17 32.16 54.70
N GLN A 2242 -6.38 33.43 54.97
CA GLN A 2242 -7.09 34.29 54.04
C GLN A 2242 -6.22 34.90 52.96
N ARG A 2243 -4.91 34.75 53.05
CA ARG A 2243 -4.01 35.36 52.08
C ARG A 2243 -3.17 34.36 51.32
N LYS A 2244 -3.04 33.17 51.85
CA LYS A 2244 -2.22 32.16 51.22
C LYS A 2244 -2.90 31.90 49.89
N PHE A 2245 -2.17 31.46 48.89
CA PHE A 2245 -2.81 31.30 47.59
C PHE A 2245 -3.91 30.27 47.61
N SER A 2246 -3.64 29.11 48.18
CA SER A 2246 -4.60 28.01 48.15
C SER A 2246 -5.65 28.12 49.21
N ASN A 2247 -6.40 29.21 49.18
CA ASN A 2247 -7.42 29.54 50.16
C ASN A 2247 -8.81 29.12 49.73
N GLN A 2248 -9.78 29.42 50.56
CA GLN A 2248 -11.15 29.02 50.28
C GLN A 2248 -11.67 29.61 49.00
N ALA A 2249 -11.28 30.83 48.70
CA ALA A 2249 -11.75 31.45 47.49
C ALA A 2249 -11.26 30.71 46.27
N LEU A 2250 -10.04 30.20 46.35
CA LEU A 2250 -9.48 29.49 45.22
C LEU A 2250 -10.29 28.31 44.93
N TYR A 2251 -10.62 27.56 45.96
CA TYR A 2251 -11.32 26.34 45.72
C TYR A 2251 -12.75 26.61 45.33
N ASN A 2252 -13.34 27.68 45.82
CA ASN A 2252 -14.71 27.92 45.41
C ASN A 2252 -14.73 28.14 43.92
N TRP A 2253 -13.71 28.85 43.46
CA TRP A 2253 -13.57 29.13 42.06
C TRP A 2253 -13.25 27.90 41.26
N LEU A 2254 -12.27 27.12 41.71
CA LEU A 2254 -11.89 25.96 40.93
C LEU A 2254 -13.06 25.03 40.82
N ARG A 2255 -13.84 24.92 41.87
CA ARG A 2255 -14.96 24.04 41.81
C ARG A 2255 -15.99 24.58 40.88
N GLY A 2256 -16.30 25.87 40.96
CA GLY A 2256 -17.35 26.36 40.10
C GLY A 2256 -16.99 26.18 38.63
N ARG A 2257 -15.73 26.36 38.33
CA ARG A 2257 -15.29 26.28 36.96
C ARG A 2257 -15.17 24.86 36.50
N LEU A 2258 -14.64 23.99 37.33
CA LEU A 2258 -14.49 22.64 36.88
C LEU A 2258 -15.84 22.01 36.79
N ALA A 2259 -16.74 22.36 37.70
CA ALA A 2259 -18.04 21.76 37.66
C ALA A 2259 -18.73 22.06 36.36
N ALA A 2260 -18.59 23.29 35.87
CA ALA A 2260 -19.19 23.63 34.60
C ALA A 2260 -18.59 22.81 33.50
N ILE A 2261 -17.27 22.59 33.54
CA ILE A 2261 -16.64 21.80 32.51
C ILE A 2261 -17.08 20.37 32.58
N TYR A 2262 -17.12 19.82 33.77
CA TYR A 2262 -17.45 18.43 33.94
C TYR A 2262 -18.82 18.15 33.39
N PHE A 2263 -19.78 19.01 33.68
CA PHE A 2263 -21.09 18.77 33.14
C PHE A 2263 -21.10 18.91 31.63
N GLN A 2264 -20.47 19.93 31.09
CA GLN A 2264 -20.55 20.08 29.65
C GLN A 2264 -19.85 18.95 28.94
N PHE A 2265 -18.79 18.45 29.56
CA PHE A 2265 -18.02 17.40 28.96
C PHE A 2265 -18.89 16.18 28.99
N TYR A 2266 -19.58 15.96 30.10
CA TYR A 2266 -20.47 14.82 30.23
C TYR A 2266 -21.45 14.80 29.09
N ASP A 2267 -22.12 15.91 28.79
CA ASP A 2267 -23.05 15.77 27.69
C ASP A 2267 -22.38 15.35 26.40
N LEU A 2268 -21.20 15.85 26.13
CA LEU A 2268 -20.53 15.44 24.92
C LEU A 2268 -20.18 13.97 24.98
N ALA A 2269 -19.75 13.52 26.16
CA ALA A 2269 -19.31 12.16 26.36
C ALA A 2269 -20.44 11.21 26.19
N VAL A 2270 -21.60 11.61 26.64
CA VAL A 2270 -22.75 10.77 26.54
C VAL A 2270 -23.17 10.70 25.14
N ALA A 2271 -23.19 11.83 24.46
CA ALA A 2271 -23.57 11.82 23.09
C ALA A 2271 -22.67 10.92 22.28
N ARG A 2272 -21.37 10.90 22.55
CA ARG A 2272 -20.57 10.02 21.74
C ARG A 2272 -20.79 8.59 22.12
N CYS A 2273 -21.04 8.32 23.38
CA CYS A 2273 -21.29 6.94 23.74
C CYS A 2273 -22.52 6.48 22.97
N LEU A 2274 -23.48 7.38 22.83
CA LEU A 2274 -24.70 7.12 22.10
C LEU A 2274 -24.45 6.96 20.61
N MET A 2275 -23.45 7.65 20.06
CA MET A 2275 -23.18 7.49 18.65
C MET A 2275 -22.55 6.13 18.43
N ALA A 2276 -21.72 5.68 19.37
CA ALA A 2276 -21.13 4.36 19.26
C ALA A 2276 -22.25 3.35 19.37
N GLU A 2277 -23.24 3.66 20.18
CA GLU A 2277 -24.36 2.78 20.35
C GLU A 2277 -25.08 2.71 19.01
N GLN A 2278 -25.27 3.83 18.36
CA GLN A 2278 -25.98 3.78 17.09
C GLN A 2278 -25.23 2.94 16.09
N ALA A 2279 -23.91 3.00 16.09
CA ALA A 2279 -23.21 2.15 15.15
C ALA A 2279 -23.48 0.69 15.49
N TYR A 2280 -23.48 0.34 16.77
CA TYR A 2280 -23.73 -1.03 17.20
C TYR A 2280 -25.01 -1.52 16.59
N ARG A 2281 -26.05 -0.71 16.72
CA ARG A 2281 -27.37 -1.08 16.22
C ARG A 2281 -27.39 -1.26 14.72
N TRP A 2282 -26.64 -0.44 14.01
CA TRP A 2282 -26.65 -0.56 12.58
C TRP A 2282 -25.89 -1.77 12.09
N GLU A 2283 -24.86 -2.17 12.81
CA GLU A 2283 -24.09 -3.34 12.38
C GLU A 2283 -24.82 -4.60 12.75
N LEU A 2284 -25.34 -4.62 13.94
CA LEU A 2284 -26.07 -5.76 14.39
C LEU A 2284 -27.45 -5.28 14.19
N ASN A 2285 -28.13 -5.80 13.20
CA ASN A 2285 -29.40 -5.21 12.85
C ASN A 2285 -30.47 -5.49 13.88
N ASP A 2286 -30.44 -4.66 14.92
CA ASP A 2286 -31.30 -4.73 16.09
C ASP A 2286 -31.54 -3.35 16.65
N ASP A 2287 -32.67 -2.74 16.35
CA ASP A 2287 -32.78 -1.35 16.69
C ASP A 2287 -33.32 -1.11 18.07
N SER A 2288 -33.57 -2.18 18.78
CA SER A 2288 -34.12 -2.10 20.10
C SER A 2288 -33.04 -1.99 21.14
N ALA A 2289 -31.79 -2.28 20.75
CA ALA A 2289 -30.74 -2.35 21.75
C ALA A 2289 -30.44 -1.02 22.38
N ARG A 2290 -30.22 -1.04 23.70
CA ARG A 2290 -29.79 0.11 24.47
C ARG A 2290 -28.81 -0.39 25.53
N PHE A 2291 -27.70 0.30 25.72
CA PHE A 2291 -26.75 -0.04 26.76
C PHE A 2291 -26.55 1.15 27.68
N ILE A 2292 -26.80 2.31 27.13
CA ILE A 2292 -26.51 3.51 27.89
C ILE A 2292 -27.69 4.00 28.66
N LYS A 2293 -27.59 3.91 29.97
CA LYS A 2293 -28.66 4.34 30.81
C LYS A 2293 -28.46 5.83 31.01
N PRO A 2294 -29.50 6.62 31.20
CA PRO A 2294 -29.45 8.05 31.42
C PRO A 2294 -29.16 8.48 32.86
N GLY A 2295 -29.00 7.54 33.76
CA GLY A 2295 -28.90 7.86 35.17
C GLY A 2295 -27.48 8.11 35.63
N ALA A 2296 -26.54 8.13 34.70
CA ALA A 2296 -25.15 8.28 35.06
C ALA A 2296 -24.87 9.57 35.79
N TRP A 2297 -25.58 10.64 35.48
CA TRP A 2297 -25.33 11.90 36.15
C TRP A 2297 -26.33 12.22 37.22
N GLN A 2298 -25.91 12.11 38.44
CA GLN A 2298 -26.80 12.47 39.51
C GLN A 2298 -26.51 13.90 39.92
N GLY A 2299 -27.54 14.73 39.99
CA GLY A 2299 -27.36 16.12 40.40
C GLY A 2299 -26.81 16.16 41.82
N THR A 2300 -27.50 15.46 42.68
CA THR A 2300 -27.09 15.31 44.04
C THR A 2300 -25.83 14.54 43.90
N TYR A 2301 -24.79 14.86 44.65
CA TYR A 2301 -23.48 14.21 44.54
C TYR A 2301 -22.69 14.73 43.34
N ALA A 2302 -23.19 15.78 42.71
CA ALA A 2302 -22.50 16.56 41.70
C ALA A 2302 -21.96 15.80 40.51
N GLY A 2303 -22.65 14.78 40.09
CA GLY A 2303 -22.20 14.07 38.92
C GLY A 2303 -21.07 13.09 39.19
N LEU A 2304 -20.72 12.89 40.43
CA LEU A 2304 -19.61 12.02 40.70
C LEU A 2304 -19.91 10.63 40.24
N LEU A 2305 -18.89 10.00 39.69
CA LEU A 2305 -18.89 8.67 39.11
C LEU A 2305 -19.71 8.53 37.84
N ALA A 2306 -20.14 9.64 37.24
CA ALA A 2306 -20.86 9.55 35.99
C ALA A 2306 -19.96 8.95 34.91
N GLY A 2307 -18.69 9.28 34.96
CA GLY A 2307 -17.75 8.76 33.97
C GLY A 2307 -17.68 7.26 34.07
N GLU A 2308 -17.44 6.77 35.26
CA GLU A 2308 -17.25 5.35 35.52
C GLU A 2308 -18.49 4.59 35.14
N THR A 2309 -19.63 5.21 35.34
CA THR A 2309 -20.86 4.57 35.01
C THR A 2309 -20.87 4.34 33.50
N LEU A 2310 -20.51 5.37 32.73
CA LEU A 2310 -20.53 5.25 31.29
C LEU A 2310 -19.52 4.25 30.79
N MET A 2311 -18.39 4.16 31.47
CA MET A 2311 -17.35 3.26 31.04
C MET A 2311 -17.86 1.84 31.11
N LEU A 2312 -18.70 1.57 32.08
CA LEU A 2312 -19.26 0.25 32.20
C LEU A 2312 -20.18 -0.02 31.05
N SER A 2313 -21.05 0.93 30.74
CA SER A 2313 -21.99 0.69 29.67
C SER A 2313 -21.27 0.47 28.37
N LEU A 2314 -20.17 1.15 28.17
CA LEU A 2314 -19.45 0.91 26.95
C LEU A 2314 -18.89 -0.49 26.97
N ALA A 2315 -18.35 -0.94 28.10
CA ALA A 2315 -17.82 -2.29 28.14
C ALA A 2315 -18.91 -3.31 27.86
N GLN A 2316 -20.11 -3.05 28.35
CA GLN A 2316 -21.22 -3.96 28.17
C GLN A 2316 -21.57 -4.04 26.70
N MET A 2317 -21.45 -2.92 26.00
CA MET A 2317 -21.76 -2.83 24.60
C MET A 2317 -20.74 -3.62 23.83
N GLU A 2318 -19.47 -3.39 24.13
CA GLU A 2318 -18.38 -4.05 23.45
C GLU A 2318 -18.52 -5.54 23.62
N ASP A 2319 -18.95 -5.96 24.79
CA ASP A 2319 -19.11 -7.35 25.04
C ASP A 2319 -20.26 -7.88 24.22
N ALA A 2320 -21.37 -7.16 24.18
CA ALA A 2320 -22.49 -7.63 23.41
C ALA A 2320 -22.10 -7.77 21.96
N HIS A 2321 -21.23 -6.90 21.50
CA HIS A 2321 -20.82 -6.96 20.13
C HIS A 2321 -20.02 -8.22 19.99
N LEU A 2322 -19.03 -8.44 20.83
CA LEU A 2322 -18.18 -9.59 20.59
C LEU A 2322 -18.94 -10.89 20.65
N LYS A 2323 -19.92 -10.96 21.51
CA LYS A 2323 -20.69 -12.17 21.64
C LYS A 2323 -21.77 -12.35 20.58
N ARG A 2324 -22.28 -11.27 20.00
CA ARG A 2324 -23.38 -11.38 19.07
C ARG A 2324 -22.94 -11.17 17.64
N ASP A 2325 -21.66 -11.05 17.40
CA ASP A 2325 -21.23 -10.83 16.04
C ASP A 2325 -21.13 -12.18 15.34
N LYS A 2326 -20.80 -12.14 14.07
CA LYS A 2326 -20.62 -13.32 13.24
C LYS A 2326 -19.93 -12.93 11.95
N ARG A 2327 -19.02 -13.74 11.44
CA ARG A 2327 -18.54 -13.37 10.12
C ARG A 2327 -19.71 -13.65 9.23
N ALA A 2328 -20.14 -12.67 8.47
CA ALA A 2328 -21.27 -12.86 7.59
C ALA A 2328 -20.81 -13.56 6.34
N LEU A 2329 -21.69 -14.25 5.65
CA LEU A 2329 -21.24 -14.75 4.38
C LEU A 2329 -21.13 -13.59 3.45
N GLU A 2330 -19.99 -13.47 2.81
CA GLU A 2330 -19.77 -12.39 1.88
C GLU A 2330 -20.07 -12.85 0.49
N VAL A 2331 -21.10 -12.30 -0.11
CA VAL A 2331 -21.59 -12.71 -1.41
C VAL A 2331 -21.66 -11.55 -2.35
N GLU A 2332 -21.71 -11.82 -3.64
CA GLU A 2332 -21.81 -10.74 -4.60
C GLU A 2332 -22.66 -11.15 -5.77
N ARG A 2333 -23.50 -10.24 -6.22
CA ARG A 2333 -24.38 -10.51 -7.35
C ARG A 2333 -24.40 -9.37 -8.36
N THR A 2334 -24.17 -9.68 -9.62
CA THR A 2334 -24.19 -8.68 -10.67
C THR A 2334 -25.56 -8.61 -11.33
N VAL A 2335 -26.12 -7.41 -11.39
CA VAL A 2335 -27.43 -7.18 -11.97
C VAL A 2335 -27.47 -6.37 -13.24
N SER A 2336 -27.97 -6.97 -14.30
CA SER A 2336 -28.12 -6.27 -15.57
C SER A 2336 -29.50 -5.67 -15.60
N LEU A 2337 -29.59 -4.36 -15.72
CA LEU A 2337 -30.89 -3.74 -15.66
C LEU A 2337 -31.69 -3.99 -16.88
N ALA A 2338 -31.04 -4.23 -18.00
CA ALA A 2338 -31.83 -4.51 -19.16
C ALA A 2338 -32.66 -5.74 -18.94
N GLU A 2339 -32.11 -6.71 -18.24
CA GLU A 2339 -32.82 -7.94 -18.00
C GLU A 2339 -33.93 -7.70 -17.02
N VAL A 2340 -33.68 -6.79 -16.10
CA VAL A 2340 -34.68 -6.48 -15.09
C VAL A 2340 -35.89 -5.87 -15.73
N TYR A 2341 -35.68 -4.94 -16.62
CA TYR A 2341 -36.80 -4.29 -17.24
C TYR A 2341 -37.46 -5.19 -18.25
N ALA A 2342 -36.66 -5.98 -18.94
CA ALA A 2342 -37.18 -6.83 -19.98
C ALA A 2342 -38.11 -7.88 -19.39
N GLY A 2343 -37.83 -8.27 -18.16
CA GLY A 2343 -38.56 -9.29 -17.44
C GLY A 2343 -39.76 -8.81 -16.64
N LEU A 2344 -40.17 -7.55 -16.78
CA LEU A 2344 -41.30 -7.09 -16.01
C LEU A 2344 -42.54 -7.85 -16.48
N PRO A 2345 -43.56 -8.04 -15.65
CA PRO A 2345 -44.81 -8.65 -16.03
C PRO A 2345 -45.38 -7.84 -17.14
N LYS A 2346 -46.14 -8.42 -18.05
CA LYS A 2346 -46.59 -7.58 -19.18
C LYS A 2346 -47.31 -6.33 -18.72
N ASP A 2347 -48.00 -6.42 -17.59
CA ASP A 2347 -48.80 -5.36 -17.04
C ASP A 2347 -47.96 -4.21 -16.53
N ASN A 2348 -46.70 -4.50 -16.28
CA ASN A 2348 -45.78 -3.53 -15.75
C ASN A 2348 -44.90 -2.91 -16.80
N GLY A 2349 -45.14 -3.21 -18.08
CA GLY A 2349 -44.38 -2.57 -19.14
C GLY A 2349 -42.95 -3.08 -19.32
N PRO A 2350 -42.72 -4.29 -19.82
CA PRO A 2350 -41.41 -4.89 -20.01
C PRO A 2350 -40.67 -4.36 -21.21
N PHE A 2351 -40.27 -3.13 -21.11
CA PHE A 2351 -39.61 -2.43 -22.19
C PHE A 2351 -38.17 -2.85 -22.34
N SER A 2352 -37.62 -2.63 -23.55
CA SER A 2352 -36.21 -2.84 -23.81
C SER A 2352 -35.47 -1.59 -23.43
N LEU A 2353 -34.55 -1.73 -22.50
CA LEU A 2353 -33.85 -0.59 -21.95
C LEU A 2353 -33.07 0.23 -22.95
N ALA A 2354 -32.30 -0.39 -23.82
CA ALA A 2354 -31.50 0.42 -24.72
C ALA A 2354 -32.37 1.25 -25.64
N GLN A 2355 -33.49 0.67 -26.05
CA GLN A 2355 -34.38 1.33 -26.97
C GLN A 2355 -35.15 2.46 -26.33
N GLU A 2356 -35.58 2.28 -25.09
CA GLU A 2356 -36.31 3.35 -24.48
C GLU A 2356 -35.38 4.49 -24.20
N ILE A 2357 -34.13 4.20 -23.89
CA ILE A 2357 -33.21 5.28 -23.64
C ILE A 2357 -33.05 6.08 -24.90
N ASP A 2358 -32.90 5.42 -26.03
CA ASP A 2358 -32.69 6.21 -27.21
C ASP A 2358 -33.90 7.12 -27.47
N LYS A 2359 -35.10 6.62 -27.22
CA LYS A 2359 -36.26 7.46 -27.45
C LYS A 2359 -36.36 8.61 -26.47
N LEU A 2360 -36.09 8.36 -25.20
CA LEU A 2360 -36.23 9.38 -24.16
C LEU A 2360 -35.16 10.42 -24.26
N VAL A 2361 -34.02 10.03 -24.76
CA VAL A 2361 -32.95 10.97 -24.96
C VAL A 2361 -33.22 11.80 -26.21
N SER A 2362 -33.67 11.16 -27.29
CA SER A 2362 -33.92 11.91 -28.52
C SER A 2362 -35.09 12.86 -28.34
N GLN A 2363 -36.12 12.41 -27.66
CA GLN A 2363 -37.28 13.22 -27.34
C GLN A 2363 -36.84 13.98 -26.13
N GLY A 2364 -37.41 15.10 -25.80
CA GLY A 2364 -36.94 15.76 -24.58
C GLY A 2364 -37.65 15.28 -23.30
N SER A 2365 -38.55 14.33 -23.46
CA SER A 2365 -39.37 13.81 -22.37
C SER A 2365 -39.97 12.47 -22.66
N GLY A 2366 -40.76 12.00 -21.72
CA GLY A 2366 -41.44 10.72 -21.85
C GLY A 2366 -41.16 9.84 -20.67
N SER A 2367 -41.52 8.58 -20.78
CA SER A 2367 -41.34 7.61 -19.73
C SER A 2367 -41.35 6.19 -20.25
N ALA A 2368 -40.96 5.25 -19.42
CA ALA A 2368 -41.05 3.83 -19.72
C ALA A 2368 -41.27 3.07 -18.44
N GLY A 2369 -41.83 1.88 -18.54
CA GLY A 2369 -42.06 1.03 -17.38
C GLY A 2369 -43.23 1.49 -16.56
N SER A 2370 -43.22 1.08 -15.31
CA SER A 2370 -44.29 1.33 -14.38
C SER A 2370 -43.81 1.21 -12.96
N GLY A 2371 -44.58 1.75 -12.03
CA GLY A 2371 -44.24 1.58 -10.64
C GLY A 2371 -42.86 2.14 -10.40
N ASN A 2372 -42.02 1.33 -9.76
CA ASN A 2372 -40.66 1.70 -9.41
C ASN A 2372 -39.66 1.09 -10.37
N ASN A 2373 -40.16 0.55 -11.48
CA ASN A 2373 -39.31 -0.03 -12.49
C ASN A 2373 -39.57 0.73 -13.75
N ASN A 2374 -38.81 1.79 -13.91
CA ASN A 2374 -39.13 2.73 -14.94
C ASN A 2374 -37.95 3.53 -15.46
N LEU A 2375 -38.27 4.36 -16.44
CA LEU A 2375 -37.38 5.39 -16.94
C LEU A 2375 -38.21 6.64 -17.01
N ALA A 2376 -37.64 7.76 -16.65
CA ALA A 2376 -38.36 9.02 -16.76
C ALA A 2376 -37.43 10.18 -16.63
N PHE A 2377 -37.86 11.34 -17.05
CA PHE A 2377 -37.05 12.50 -16.71
C PHE A 2377 -37.44 12.95 -15.34
N GLY A 2378 -36.52 13.59 -14.64
CA GLY A 2378 -36.79 14.04 -13.29
C GLY A 2378 -37.74 15.22 -13.22
N ALA A 2379 -38.18 15.55 -11.99
CA ALA A 2379 -39.12 16.66 -11.77
C ALA A 2379 -38.59 17.64 -10.75
N GLY A 2380 -37.29 17.78 -10.70
CA GLY A 2380 -36.71 18.74 -9.78
C GLY A 2380 -36.66 20.04 -10.50
N THR A 2381 -36.14 21.08 -9.90
CA THR A 2381 -36.11 22.33 -10.60
C THR A 2381 -34.90 22.44 -11.51
N ASP A 2382 -33.88 21.64 -11.24
CA ASP A 2382 -32.69 21.61 -12.04
C ASP A 2382 -32.39 20.20 -12.54
N THR A 2383 -33.37 19.31 -12.39
CA THR A 2383 -33.19 17.92 -12.78
C THR A 2383 -34.12 17.49 -13.90
N LYS A 2384 -34.91 18.39 -14.47
CA LYS A 2384 -35.80 17.96 -15.54
C LYS A 2384 -35.09 17.43 -16.76
N THR A 2385 -33.85 17.81 -16.98
CA THR A 2385 -33.09 17.32 -18.12
C THR A 2385 -32.30 16.07 -17.78
N SER A 2386 -32.46 15.58 -16.54
CA SER A 2386 -31.80 14.38 -16.07
C SER A 2386 -32.63 13.16 -16.35
N LEU A 2387 -32.01 12.13 -16.88
CA LEU A 2387 -32.73 10.91 -17.19
C LEU A 2387 -32.57 9.93 -16.07
N GLN A 2388 -33.67 9.55 -15.47
CA GLN A 2388 -33.56 8.67 -14.34
C GLN A 2388 -34.06 7.29 -14.62
N ALA A 2389 -33.30 6.31 -14.14
CA ALA A 2389 -33.73 4.94 -14.21
C ALA A 2389 -34.01 4.49 -12.81
N SER A 2390 -35.10 3.78 -12.58
CA SER A 2390 -35.38 3.33 -11.23
C SER A 2390 -35.63 1.86 -11.20
N VAL A 2391 -35.05 1.20 -10.22
CA VAL A 2391 -35.24 -0.22 -10.04
C VAL A 2391 -35.58 -0.66 -8.63
N SER A 2392 -36.68 -1.37 -8.50
CA SER A 2392 -37.08 -1.91 -7.22
C SER A 2392 -36.17 -3.00 -6.79
N PHE A 2393 -35.73 -3.01 -5.53
CA PHE A 2393 -34.91 -4.10 -5.06
C PHE A 2393 -35.70 -5.34 -4.91
N ALA A 2394 -36.96 -5.18 -4.54
CA ALA A 2394 -37.79 -6.34 -4.30
C ALA A 2394 -37.92 -7.18 -5.55
N ASP A 2395 -37.95 -6.51 -6.67
CA ASP A 2395 -38.17 -7.16 -7.95
C ASP A 2395 -36.92 -7.79 -8.49
N LEU A 2396 -35.81 -7.62 -7.82
CA LEU A 2396 -34.59 -8.20 -8.31
C LEU A 2396 -34.50 -9.65 -7.90
N LYS A 2397 -35.27 -10.06 -6.88
CA LYS A 2397 -35.27 -11.42 -6.41
C LYS A 2397 -33.89 -11.92 -6.01
N ILE A 2398 -33.16 -11.08 -5.30
CA ILE A 2398 -31.83 -11.36 -4.79
C ILE A 2398 -31.89 -12.39 -3.69
N ARG A 2399 -32.88 -12.25 -2.82
CA ARG A 2399 -33.00 -13.08 -1.65
C ARG A 2399 -33.08 -14.53 -2.03
N GLU A 2400 -33.76 -14.78 -3.11
CA GLU A 2400 -34.04 -16.07 -3.66
C GLU A 2400 -32.81 -16.85 -4.14
N ASP A 2401 -31.67 -16.16 -4.31
CA ASP A 2401 -30.46 -16.82 -4.75
C ASP A 2401 -29.88 -17.79 -3.72
N TYR A 2402 -30.10 -17.54 -2.44
CA TYR A 2402 -29.56 -18.44 -1.43
C TYR A 2402 -30.62 -18.92 -0.42
N PRO A 2403 -30.55 -20.16 0.07
CA PRO A 2403 -31.49 -20.76 1.00
C PRO A 2403 -31.72 -19.91 2.21
N ALA A 2404 -32.94 -19.92 2.71
CA ALA A 2404 -33.35 -19.10 3.84
C ALA A 2404 -32.59 -19.50 5.06
N SER A 2405 -32.26 -20.78 5.14
CA SER A 2405 -31.60 -21.35 6.27
C SER A 2405 -30.22 -20.78 6.52
N LEU A 2406 -29.64 -20.08 5.54
CA LEU A 2406 -28.32 -19.50 5.69
C LEU A 2406 -28.32 -18.20 6.43
N GLY A 2407 -29.49 -17.69 6.75
CA GLY A 2407 -29.64 -16.42 7.45
C GLY A 2407 -30.63 -15.55 6.75
N LYS A 2408 -31.33 -14.73 7.53
CA LYS A 2408 -32.35 -13.89 6.96
C LYS A 2408 -31.94 -12.45 6.85
N ILE A 2409 -30.90 -12.05 7.57
CA ILE A 2409 -30.56 -10.67 7.48
C ILE A 2409 -29.61 -10.56 6.34
N ARG A 2410 -30.08 -9.98 5.27
CA ARG A 2410 -29.30 -9.92 4.06
C ARG A 2410 -29.20 -8.50 3.60
N ARG A 2411 -28.07 -7.89 3.88
CA ARG A 2411 -27.93 -6.46 3.69
C ARG A 2411 -26.79 -6.10 2.79
N ILE A 2412 -26.98 -5.03 2.05
CA ILE A 2412 -26.03 -4.52 1.09
C ILE A 2412 -24.82 -3.96 1.73
N LYS A 2413 -23.67 -4.32 1.22
CA LYS A 2413 -22.46 -3.77 1.76
C LYS A 2413 -21.94 -2.67 0.85
N GLN A 2414 -21.95 -2.91 -0.45
CA GLN A 2414 -21.41 -1.93 -1.38
C GLN A 2414 -21.99 -2.08 -2.78
N ILE A 2415 -22.23 -0.97 -3.48
CA ILE A 2415 -22.70 -1.06 -4.86
C ILE A 2415 -21.80 -0.28 -5.80
N SER A 2416 -21.37 -0.89 -6.91
CA SER A 2416 -20.61 -0.16 -7.92
C SER A 2416 -21.41 -0.18 -9.21
N VAL A 2417 -21.17 0.79 -10.10
CA VAL A 2417 -21.94 0.80 -11.34
C VAL A 2417 -21.11 0.70 -12.60
N THR A 2418 -21.48 -0.22 -13.47
CA THR A 2418 -20.81 -0.38 -14.76
C THR A 2418 -21.73 0.06 -15.90
N LEU A 2419 -21.20 0.90 -16.76
CA LEU A 2419 -21.93 1.49 -17.88
C LEU A 2419 -21.31 1.27 -19.24
N PRO A 2420 -21.62 0.20 -19.97
CA PRO A 2420 -21.00 -0.18 -21.22
C PRO A 2420 -21.46 0.64 -22.43
N ALA A 2421 -21.07 1.90 -22.38
CA ALA A 2421 -21.25 2.93 -23.39
C ALA A 2421 -19.92 3.24 -24.00
N LEU A 2422 -19.88 4.18 -24.93
CA LEU A 2422 -18.62 4.59 -25.50
C LEU A 2422 -18.38 6.02 -25.17
N LEU A 2423 -17.14 6.35 -24.91
CA LEU A 2423 -16.81 7.71 -24.59
C LEU A 2423 -15.87 8.35 -25.57
N GLY A 2424 -16.02 9.65 -25.74
CA GLY A 2424 -15.12 10.40 -26.59
C GLY A 2424 -13.81 10.48 -25.85
N PRO A 2425 -12.76 11.04 -26.44
CA PRO A 2425 -11.40 11.03 -25.90
C PRO A 2425 -11.19 11.67 -24.54
N TYR A 2426 -12.04 12.64 -24.20
CA TYR A 2426 -11.97 13.32 -22.92
C TYR A 2426 -13.29 13.27 -22.22
N GLN A 2427 -14.16 12.37 -22.64
CA GLN A 2427 -15.50 12.35 -22.09
C GLN A 2427 -15.55 11.58 -20.80
N ASP A 2428 -16.29 12.10 -19.85
CA ASP A 2428 -16.51 11.39 -18.60
C ASP A 2428 -17.98 11.02 -18.50
N VAL A 2429 -18.33 10.30 -17.45
CA VAL A 2429 -19.71 9.93 -17.19
C VAL A 2429 -20.24 10.69 -16.03
N GLN A 2430 -21.44 11.22 -16.14
CA GLN A 2430 -22.01 11.86 -14.98
C GLN A 2430 -23.22 11.15 -14.49
N ALA A 2431 -23.13 10.38 -13.41
CA ALA A 2431 -24.38 9.77 -12.99
C ALA A 2431 -24.46 9.63 -11.49
N ILE A 2432 -25.65 9.81 -10.96
CA ILE A 2432 -25.84 9.63 -9.53
C ILE A 2432 -26.69 8.47 -9.15
N LEU A 2433 -26.15 7.65 -8.28
CA LEU A 2433 -26.88 6.52 -7.79
C LEU A 2433 -27.41 6.87 -6.43
N SER A 2434 -28.68 6.65 -6.18
CA SER A 2434 -29.23 6.97 -4.86
C SER A 2434 -30.33 6.04 -4.41
N TYR A 2435 -30.58 6.01 -3.10
CA TYR A 2435 -31.66 5.15 -2.59
C TYR A 2435 -32.94 5.88 -2.25
N GLY A 2436 -34.01 5.55 -2.95
CA GLY A 2436 -35.29 6.24 -2.82
C GLY A 2436 -36.26 5.71 -1.77
N ASP A 2437 -35.79 5.51 -0.55
CA ASP A 2437 -36.69 4.96 0.48
C ASP A 2437 -36.19 5.28 1.87
N LYS A 2438 -36.92 4.85 2.86
CA LYS A 2438 -36.52 5.00 4.24
C LYS A 2438 -35.56 3.90 4.65
N ALA A 2439 -34.37 4.30 5.06
CA ALA A 2439 -33.33 3.40 5.47
C ALA A 2439 -32.29 4.15 6.26
N GLY A 2440 -31.49 3.42 7.00
CA GLY A 2440 -30.35 3.99 7.72
C GLY A 2440 -29.21 4.37 6.77
N LEU A 2441 -29.44 5.43 6.05
CA LEU A 2441 -28.45 5.96 5.14
C LEU A 2441 -27.62 6.94 5.94
N ALA A 2442 -26.34 6.65 6.06
CA ALA A 2442 -25.45 7.51 6.84
C ALA A 2442 -25.28 8.84 6.11
N ASN A 2443 -24.79 9.86 6.82
CA ASN A 2443 -24.69 11.14 6.14
C ASN A 2443 -23.56 11.16 5.13
N GLY A 2444 -23.98 10.99 3.89
CA GLY A 2444 -23.13 10.93 2.72
C GLY A 2444 -23.15 9.55 2.08
N CYS A 2445 -23.90 8.62 2.68
CA CYS A 2445 -24.02 7.30 2.11
C CYS A 2445 -25.38 7.17 1.42
N GLU A 2446 -26.08 8.30 1.37
CA GLU A 2446 -27.38 8.44 0.73
C GLU A 2446 -27.26 8.33 -0.80
N ALA A 2447 -26.16 8.85 -1.35
CA ALA A 2447 -25.96 8.89 -2.79
C ALA A 2447 -24.49 8.77 -3.18
N LEU A 2448 -24.27 8.20 -4.36
CA LEU A 2448 -22.96 7.96 -4.94
C LEU A 2448 -22.78 8.50 -6.36
N ALA A 2449 -21.64 9.11 -6.63
CA ALA A 2449 -21.36 9.56 -8.00
C ALA A 2449 -20.52 8.57 -8.79
N VAL A 2450 -20.94 8.37 -10.03
CA VAL A 2450 -20.29 7.56 -11.05
C VAL A 2450 -19.51 8.50 -11.99
N SER A 2451 -18.25 8.18 -12.30
CA SER A 2451 -17.42 9.01 -13.19
C SER A 2451 -16.76 8.26 -14.38
N HIS A 2452 -16.31 7.02 -14.16
CA HIS A 2452 -15.60 6.28 -15.22
C HIS A 2452 -16.46 5.20 -15.86
N GLY A 2453 -17.43 4.70 -15.13
CA GLY A 2453 -18.34 3.67 -15.65
C GLY A 2453 -17.84 2.23 -15.63
N MET A 2454 -16.69 1.96 -15.03
CA MET A 2454 -16.18 0.57 -15.00
C MET A 2454 -16.03 0.08 -13.59
N ASN A 2455 -17.00 -0.71 -13.10
CA ASN A 2455 -16.97 -1.12 -11.70
C ASN A 2455 -16.72 0.13 -10.91
N ASP A 2456 -17.53 1.13 -11.20
CA ASP A 2456 -17.26 2.40 -10.66
C ASP A 2456 -17.90 2.60 -9.35
N SER A 2457 -17.16 2.28 -8.32
CA SER A 2457 -17.63 2.51 -6.99
C SER A 2457 -17.23 3.94 -6.80
N GLY A 2458 -18.19 4.80 -6.57
CA GLY A 2458 -17.93 6.24 -6.51
C GLY A 2458 -17.17 6.65 -5.28
N GLN A 2459 -15.91 6.26 -5.24
CA GLN A 2459 -14.95 6.59 -4.21
C GLN A 2459 -13.63 6.92 -4.88
N PHE A 2460 -12.85 7.85 -4.33
CA PHE A 2460 -11.55 8.08 -4.95
C PHE A 2460 -10.63 6.92 -4.63
N GLN A 2461 -10.87 6.30 -3.50
CA GLN A 2461 -10.12 5.14 -3.12
C GLN A 2461 -11.06 4.25 -2.36
N LEU A 2462 -11.21 3.01 -2.81
CA LEU A 2462 -12.11 2.09 -2.12
C LEU A 2462 -11.35 1.19 -1.19
N ASP A 2463 -11.80 1.18 0.04
CA ASP A 2463 -11.23 0.38 1.10
C ASP A 2463 -12.33 -0.19 1.97
N PHE A 2464 -12.39 -1.50 2.07
CA PHE A 2464 -13.44 -2.15 2.82
C PHE A 2464 -13.08 -2.27 4.29
N ASN A 2465 -11.88 -1.83 4.65
CA ASN A 2465 -11.43 -1.89 6.02
C ASN A 2465 -10.92 -0.55 6.58
N ASP A 2466 -11.51 0.57 6.19
CA ASP A 2466 -11.02 1.85 6.71
C ASP A 2466 -11.74 2.30 7.95
N GLY A 2467 -12.62 1.46 8.43
CA GLY A 2467 -13.40 1.74 9.60
C GLY A 2467 -14.69 2.52 9.32
N LYS A 2468 -15.00 2.79 8.06
CA LYS A 2468 -16.22 3.55 7.75
C LYS A 2468 -17.26 2.68 7.07
N PHE A 2469 -18.51 3.13 7.11
CA PHE A 2469 -19.61 2.49 6.43
C PHE A 2469 -19.58 2.97 5.01
N LEU A 2470 -19.86 2.10 4.07
CA LEU A 2470 -19.82 2.46 2.67
C LEU A 2470 -21.17 2.94 2.18
N PRO A 2471 -21.24 3.56 1.01
CA PRO A 2471 -22.49 4.02 0.45
C PRO A 2471 -23.45 2.87 0.39
N PHE A 2472 -24.70 3.18 0.71
CA PHE A 2472 -25.78 2.22 0.74
C PHE A 2472 -25.63 1.04 1.69
N GLU A 2473 -24.59 1.05 2.53
CA GLU A 2473 -24.43 -0.07 3.41
C GLU A 2473 -25.51 -0.20 4.45
N GLY A 2474 -26.00 -1.43 4.58
CA GLY A 2474 -27.02 -1.81 5.54
C GLY A 2474 -28.43 -1.91 4.97
N ILE A 2475 -28.62 -1.47 3.73
CA ILE A 2475 -29.95 -1.55 3.15
C ILE A 2475 -30.32 -2.99 2.87
N ALA A 2476 -31.52 -3.40 3.26
CA ALA A 2476 -31.92 -4.77 2.98
C ALA A 2476 -32.00 -4.99 1.49
N ILE A 2477 -31.56 -6.15 1.04
CA ILE A 2477 -31.55 -6.48 -0.37
C ILE A 2477 -32.89 -6.57 -1.06
N ASP A 2478 -33.96 -6.63 -0.30
CA ASP A 2478 -35.27 -6.68 -0.88
C ASP A 2478 -36.14 -5.49 -0.50
N GLN A 2479 -35.53 -4.37 -0.15
CA GLN A 2479 -36.31 -3.21 0.27
C GLN A 2479 -35.95 -1.91 -0.40
N GLY A 2480 -36.95 -1.24 -0.92
CA GLY A 2480 -36.76 0.06 -1.52
C GLY A 2480 -36.34 -0.02 -2.96
N THR A 2481 -35.92 1.12 -3.49
CA THR A 2481 -35.61 1.34 -4.90
C THR A 2481 -34.30 2.08 -5.13
N LEU A 2482 -33.57 1.70 -6.16
CA LEU A 2482 -32.43 2.51 -6.53
C LEU A 2482 -32.75 3.35 -7.71
N THR A 2483 -32.17 4.53 -7.74
CA THR A 2483 -32.31 5.38 -8.89
C THR A 2483 -30.96 5.74 -9.41
N LEU A 2484 -30.79 5.69 -10.72
CA LEU A 2484 -29.56 6.13 -11.33
C LEU A 2484 -29.91 7.31 -12.22
N SER A 2485 -29.43 8.47 -11.85
CA SER A 2485 -29.78 9.72 -12.54
C SER A 2485 -28.67 10.26 -13.43
N PHE A 2486 -28.98 10.45 -14.70
CA PHE A 2486 -28.01 10.97 -15.66
C PHE A 2486 -28.37 12.40 -16.05
N PRO A 2487 -27.71 13.41 -15.51
CA PRO A 2487 -28.02 14.80 -15.71
C PRO A 2487 -27.67 15.14 -17.11
N ASN A 2488 -28.25 16.20 -17.63
CA ASN A 2488 -27.86 16.68 -18.95
C ASN A 2488 -28.00 15.60 -20.01
N ALA A 2489 -29.08 14.83 -19.92
CA ALA A 2489 -29.40 13.75 -20.84
C ALA A 2489 -30.25 14.16 -22.02
N SER A 2490 -31.10 15.14 -21.83
CA SER A 2490 -32.06 15.48 -22.89
C SER A 2490 -31.37 16.02 -24.15
N MET A 2491 -31.59 15.35 -25.30
CA MET A 2491 -30.95 15.77 -26.53
C MET A 2491 -31.38 17.15 -27.00
N PRO A 2492 -32.66 17.55 -26.92
CA PRO A 2492 -33.12 18.86 -27.35
C PRO A 2492 -32.46 20.00 -26.61
N GLU A 2493 -31.88 19.73 -25.44
CA GLU A 2493 -31.26 20.76 -24.65
C GLU A 2493 -29.77 20.73 -24.89
N LYS A 2494 -29.38 19.88 -25.81
CA LYS A 2494 -28.01 19.62 -26.17
C LYS A 2494 -27.22 19.20 -24.94
N GLY A 2495 -27.82 18.35 -24.14
CA GLY A 2495 -27.14 17.90 -22.95
C GLY A 2495 -25.88 17.11 -23.29
N LYS A 2496 -24.84 17.33 -22.50
CA LYS A 2496 -23.57 16.66 -22.69
C LYS A 2496 -23.60 15.16 -22.63
N GLN A 2497 -24.49 14.58 -21.86
CA GLN A 2497 -24.55 13.13 -21.74
C GLN A 2497 -25.46 12.55 -22.80
N ALA A 2498 -26.16 13.38 -23.54
CA ALA A 2498 -27.17 12.88 -24.46
C ALA A 2498 -26.58 11.90 -25.47
N THR A 2499 -25.37 12.16 -25.91
CA THR A 2499 -24.78 11.30 -26.91
C THR A 2499 -24.14 10.08 -26.32
N MET A 2500 -23.85 10.12 -25.03
CA MET A 2500 -23.27 8.98 -24.37
C MET A 2500 -24.37 7.98 -24.19
N LEU A 2501 -25.51 8.46 -23.78
CA LEU A 2501 -26.63 7.60 -23.47
C LEU A 2501 -27.12 6.88 -24.71
N LYS A 2502 -27.02 7.52 -25.85
CA LYS A 2502 -27.44 6.88 -27.08
C LYS A 2502 -26.59 5.66 -27.42
N THR A 2503 -25.41 5.53 -26.80
CA THR A 2503 -24.49 4.42 -27.06
C THR A 2503 -24.48 3.45 -25.88
N LEU A 2504 -25.33 3.66 -24.89
CA LEU A 2504 -25.28 2.81 -23.72
C LEU A 2504 -26.08 1.55 -23.95
N ASN A 2505 -25.39 0.42 -23.90
CA ASN A 2505 -26.02 -0.86 -24.16
C ASN A 2505 -26.81 -1.38 -22.98
N ASP A 2506 -26.32 -1.12 -21.78
CA ASP A 2506 -26.95 -1.64 -20.58
C ASP A 2506 -26.50 -0.87 -19.36
N ILE A 2507 -27.06 -1.19 -18.22
CA ILE A 2507 -26.64 -0.66 -16.93
C ILE A 2507 -26.40 -1.83 -16.01
N ILE A 2508 -25.21 -1.92 -15.42
CA ILE A 2508 -24.92 -3.04 -14.56
C ILE A 2508 -24.58 -2.68 -13.12
N LEU A 2509 -25.29 -3.28 -12.19
CA LEU A 2509 -25.00 -3.00 -10.78
C LEU A 2509 -24.28 -4.15 -10.13
N HIS A 2510 -23.12 -3.87 -9.58
CA HIS A 2510 -22.43 -4.96 -8.93
C HIS A 2510 -22.71 -4.79 -7.47
N ILE A 2511 -23.51 -5.67 -6.94
CA ILE A 2511 -23.93 -5.53 -5.57
C ILE A 2511 -23.27 -6.52 -4.65
N ARG A 2512 -22.59 -6.01 -3.66
CA ARG A 2512 -21.98 -6.85 -2.66
C ARG A 2512 -22.93 -6.81 -1.50
N TYR A 2513 -23.18 -7.94 -0.89
CA TYR A 2513 -24.09 -7.98 0.24
C TYR A 2513 -23.65 -9.06 1.16
N THR A 2514 -24.12 -9.04 2.39
CA THR A 2514 -23.74 -10.13 3.25
C THR A 2514 -24.93 -10.82 3.88
N ILE A 2515 -24.74 -12.09 4.21
CA ILE A 2515 -25.81 -12.87 4.83
C ILE A 2515 -25.50 -13.20 6.28
N LYS A 2516 -26.39 -12.77 7.16
CA LYS A 2516 -26.27 -12.97 8.59
C LYS A 2516 -27.61 -12.82 9.31
N LEU B 89 20.51 61.46 10.35
CA LEU B 89 20.50 61.08 8.95
C LEU B 89 19.70 59.82 8.68
N ILE B 90 19.41 59.61 7.41
CA ILE B 90 18.71 58.45 6.88
C ILE B 90 19.53 57.82 5.77
N GLY B 91 19.65 56.50 5.78
CA GLY B 91 20.35 55.76 4.75
C GLY B 91 21.61 55.06 5.21
N TYR B 92 21.77 53.84 4.72
CA TYR B 92 22.88 52.98 5.03
C TYR B 92 24.18 53.58 4.56
N ASN B 93 24.16 54.35 3.51
CA ASN B 93 25.40 54.90 3.06
C ASN B 93 25.68 56.27 3.69
N ASN B 94 24.82 56.72 4.60
CA ASN B 94 25.00 58.00 5.26
C ASN B 94 25.43 57.82 6.71
N GLN B 95 25.11 56.67 7.25
CA GLN B 95 25.49 56.27 8.59
C GLN B 95 26.13 54.95 8.34
N PHE B 96 27.09 54.53 9.13
CA PHE B 96 27.72 53.22 8.97
C PHE B 96 28.64 53.08 7.75
N SER B 97 28.59 54.00 6.82
CA SER B 97 29.45 53.94 5.67
C SER B 97 30.86 54.37 5.99
N GLY B 98 31.79 54.08 5.08
CA GLY B 98 33.19 54.49 5.23
C GLY B 98 34.12 53.41 5.77
N ARG B 99 33.59 52.33 6.31
CA ARG B 99 34.49 51.31 6.83
C ARG B 99 35.31 50.72 5.70
N ALA B 100 36.62 50.59 5.90
CA ALA B 100 37.55 49.91 4.98
C ALA B 100 37.83 50.56 3.61
N SER B 101 36.80 50.96 2.91
CA SER B 101 36.86 51.60 1.58
C SER B 101 37.13 50.62 0.45
N GLN B 102 38.26 49.93 0.47
CA GLN B 102 38.53 48.94 -0.57
C GLN B 102 38.01 47.58 -0.16
N TYR B 103 37.39 46.90 -1.11
CA TYR B 103 36.86 45.56 -0.90
C TYR B 103 37.28 44.65 -2.03
N VAL B 104 37.27 43.35 -1.78
CA VAL B 104 37.59 42.39 -2.83
C VAL B 104 36.57 41.29 -3.01
N ALA B 105 36.67 40.62 -4.15
CA ALA B 105 35.82 39.49 -4.48
C ALA B 105 36.18 38.33 -3.56
N PRO B 106 35.25 37.45 -3.21
CA PRO B 106 35.41 36.36 -2.28
C PRO B 106 36.39 35.27 -2.65
N GLY B 107 36.79 35.21 -3.90
CA GLY B 107 37.72 34.17 -4.32
C GLY B 107 39.16 34.63 -4.47
N THR B 108 39.49 35.87 -4.13
CA THR B 108 40.86 36.29 -4.38
C THR B 108 41.79 36.01 -3.23
N VAL B 109 43.09 35.99 -3.55
CA VAL B 109 44.15 35.82 -2.58
C VAL B 109 44.21 36.94 -1.59
N SER B 110 43.80 38.10 -2.04
CA SER B 110 43.77 39.29 -1.27
C SER B 110 42.69 39.38 -0.22
N SER B 111 41.70 38.49 -0.24
CA SER B 111 40.66 38.57 0.78
C SER B 111 41.23 38.26 2.11
N MET B 112 40.80 38.96 3.11
CA MET B 112 41.17 38.69 4.49
C MET B 112 40.72 37.34 4.97
N PHE B 113 39.81 36.71 4.26
CA PHE B 113 39.37 35.39 4.66
C PHE B 113 39.96 34.32 3.76
N SER B 114 40.84 34.70 2.83
CA SER B 114 41.39 33.78 1.86
C SER B 114 42.33 32.85 2.60
N PRO B 115 42.70 31.70 2.05
CA PRO B 115 43.64 30.81 2.67
C PRO B 115 44.98 31.46 2.90
N ALA B 116 45.31 32.48 2.13
CA ALA B 116 46.56 33.18 2.34
C ALA B 116 46.51 33.87 3.67
N ALA B 117 45.34 34.35 4.06
CA ALA B 117 45.18 35.05 5.30
C ALA B 117 45.28 34.07 6.41
N TYR B 118 44.75 32.89 6.16
CA TYR B 118 44.77 31.85 7.16
C TYR B 118 46.19 31.47 7.41
N LEU B 119 46.94 31.38 6.34
CA LEU B 119 48.32 31.04 6.42
C LEU B 119 49.09 32.11 7.11
N THR B 120 48.86 33.36 6.76
CA THR B 120 49.62 34.42 7.35
C THR B 120 49.48 34.36 8.84
N GLU B 121 48.26 34.14 9.31
CA GLU B 121 48.07 34.09 10.72
C GLU B 121 48.70 32.83 11.33
N LEU B 122 48.59 31.67 10.69
CA LEU B 122 49.18 30.51 11.32
C LEU B 122 50.66 30.68 11.45
N TYR B 123 51.26 31.26 10.44
CA TYR B 123 52.68 31.41 10.42
C TYR B 123 53.16 32.40 11.45
N ARG B 124 52.52 33.54 11.56
CA ARG B 124 53.04 34.52 12.47
C ARG B 124 52.91 34.02 13.90
N GLU B 125 51.92 33.19 14.17
CA GLU B 125 51.77 32.64 15.50
C GLU B 125 52.68 31.43 15.76
N ALA B 126 52.83 30.55 14.77
CA ALA B 126 53.58 29.30 14.91
C ALA B 126 55.08 29.48 14.87
N ARG B 127 55.56 30.50 14.20
CA ARG B 127 57.00 30.64 14.01
C ARG B 127 57.77 30.87 15.29
N ASN B 128 57.05 31.17 16.34
CA ASN B 128 57.61 31.46 17.63
C ASN B 128 57.49 30.33 18.64
N LEU B 129 57.02 29.17 18.23
CA LEU B 129 56.85 28.07 19.18
C LEU B 129 58.10 27.44 19.74
N HIS B 130 59.21 27.48 19.04
CA HIS B 130 60.42 26.85 19.56
C HIS B 130 61.59 27.80 19.52
N ALA B 131 62.60 27.52 20.33
CA ALA B 131 63.80 28.34 20.36
C ALA B 131 64.48 28.29 19.03
N SER B 132 65.10 29.40 18.66
CA SER B 132 65.80 29.51 17.39
C SER B 132 67.02 28.62 17.25
N ASP B 133 67.53 28.09 18.36
CA ASP B 133 68.69 27.23 18.34
C ASP B 133 68.30 25.76 18.46
N SER B 134 67.02 25.49 18.30
CA SER B 134 66.50 24.15 18.30
C SER B 134 66.46 23.60 16.90
N VAL B 135 65.99 22.38 16.78
CA VAL B 135 65.83 21.78 15.46
C VAL B 135 64.39 21.60 15.17
N TYR B 136 63.59 22.07 16.10
CA TYR B 136 62.16 21.99 15.95
C TYR B 136 61.65 23.37 15.64
N TYR B 137 62.56 24.27 15.36
CA TYR B 137 62.23 25.62 15.00
C TYR B 137 61.66 25.55 13.61
N LEU B 138 60.49 26.13 13.41
CA LEU B 138 59.80 25.96 12.14
C LEU B 138 60.65 26.36 10.95
N ASP B 139 61.41 27.42 11.10
CA ASP B 139 62.22 27.93 10.01
C ASP B 139 63.43 27.07 9.65
N THR B 140 63.89 26.18 10.54
CA THR B 140 65.02 25.36 10.14
C THR B 140 64.51 24.05 9.62
N ARG B 141 63.27 23.72 9.99
CA ARG B 141 62.69 22.50 9.46
C ARG B 141 62.36 22.78 8.02
N ARG B 142 61.72 23.91 7.81
CA ARG B 142 61.24 24.32 6.52
C ARG B 142 61.65 25.73 6.12
N PRO B 143 62.91 25.95 5.75
CA PRO B 143 63.49 27.26 5.50
C PRO B 143 62.91 27.94 4.26
N ASP B 144 62.16 27.19 3.46
CA ASP B 144 61.54 27.68 2.25
C ASP B 144 60.17 28.26 2.51
N LEU B 145 59.61 27.94 3.65
CA LEU B 145 58.25 28.37 3.94
C LEU B 145 58.19 29.87 4.02
N LYS B 146 59.14 30.45 4.71
CA LYS B 146 59.14 31.87 4.96
C LYS B 146 59.23 32.71 3.68
N SER B 147 59.85 32.17 2.63
CA SER B 147 60.02 32.91 1.40
C SER B 147 58.91 32.70 0.39
N MET B 148 57.93 31.88 0.71
CA MET B 148 56.87 31.63 -0.25
C MET B 148 56.04 32.88 -0.40
N ALA B 149 55.74 33.27 -1.64
CA ALA B 149 54.89 34.43 -1.88
C ALA B 149 53.44 34.10 -1.77
N LEU B 150 52.67 35.02 -1.23
CA LEU B 150 51.24 34.79 -1.18
C LEU B 150 50.56 35.29 -2.41
N SER B 151 50.89 34.71 -3.54
CA SER B 151 50.34 35.09 -4.82
C SER B 151 49.15 34.26 -5.17
N GLN B 152 48.39 34.72 -6.17
CA GLN B 152 47.19 34.00 -6.57
C GLN B 152 47.54 32.63 -7.13
N GLN B 153 48.68 32.54 -7.76
CA GLN B 153 49.11 31.33 -8.40
C GLN B 153 49.55 30.26 -7.42
N ASN B 154 49.68 30.61 -6.14
CA ASN B 154 50.04 29.62 -5.17
C ASN B 154 48.77 29.09 -4.55
N MET B 155 47.64 29.69 -4.93
CA MET B 155 46.34 29.34 -4.40
C MET B 155 45.46 28.60 -5.40
N ASP B 156 45.43 29.03 -6.66
CA ASP B 156 44.51 28.41 -7.60
C ASP B 156 45.10 27.42 -8.58
N ILE B 157 46.34 27.04 -8.40
CA ILE B 157 46.94 26.08 -9.31
C ILE B 157 47.16 24.78 -8.62
N GLU B 158 46.58 23.73 -9.17
CA GLU B 158 46.76 22.44 -8.55
C GLU B 158 48.03 21.76 -8.96
N LEU B 159 48.78 21.37 -7.97
CA LEU B 159 50.04 20.69 -8.11
C LEU B 159 49.90 19.32 -7.54
N SER B 160 50.71 18.40 -7.96
CA SER B 160 50.61 17.15 -7.25
C SER B 160 51.37 17.25 -5.96
N THR B 161 50.97 16.41 -5.02
CA THR B 161 51.74 16.26 -3.82
C THR B 161 52.84 15.42 -4.34
N LEU B 162 53.84 15.16 -3.54
CA LEU B 162 55.05 14.48 -3.98
C LEU B 162 55.86 15.43 -4.80
N SER B 163 55.34 16.01 -5.87
CA SER B 163 56.19 16.93 -6.59
C SER B 163 56.59 18.07 -5.68
N LEU B 164 55.68 18.52 -4.82
CA LEU B 164 56.12 19.55 -3.89
C LEU B 164 57.15 19.02 -2.91
N SER B 165 57.03 17.75 -2.55
CA SER B 165 57.96 17.15 -1.61
C SER B 165 59.30 16.94 -2.27
N ASN B 166 59.30 16.68 -3.57
CA ASN B 166 60.51 16.44 -4.29
C ASN B 166 61.23 17.75 -4.42
N GLU B 167 60.49 18.85 -4.53
CA GLU B 167 61.14 20.15 -4.62
C GLU B 167 61.84 20.45 -3.32
N LEU B 168 61.20 20.08 -2.22
CA LEU B 168 61.78 20.34 -0.93
C LEU B 168 63.01 19.51 -0.71
N LEU B 169 62.93 18.23 -1.01
CA LEU B 169 64.09 17.44 -0.80
C LEU B 169 65.20 17.85 -1.75
N LEU B 170 64.89 18.13 -3.01
CA LEU B 170 65.95 18.54 -3.91
C LEU B 170 66.60 19.81 -3.44
N GLU B 171 65.85 20.76 -2.89
CA GLU B 171 66.54 21.95 -2.44
C GLU B 171 67.43 21.65 -1.25
N SER B 172 66.97 20.83 -0.32
CA SER B 172 67.78 20.52 0.84
C SER B 172 69.04 19.77 0.43
N ILE B 173 68.87 18.91 -0.55
CA ILE B 173 69.93 18.06 -1.05
C ILE B 173 70.91 18.85 -1.88
N LYS B 174 70.44 19.76 -2.71
CA LYS B 174 71.28 20.65 -3.51
C LYS B 174 72.10 21.53 -2.60
N THR B 175 71.48 22.00 -1.54
CA THR B 175 72.15 22.88 -0.60
C THR B 175 73.31 22.15 0.04
N GLU B 176 73.06 20.94 0.48
CA GLU B 176 74.11 20.16 1.08
C GLU B 176 74.95 19.77 -0.09
N SER B 177 76.24 19.64 0.09
CA SER B 177 77.13 19.28 -1.01
C SER B 177 77.24 20.38 -2.08
N LYS B 178 76.63 21.55 -1.85
CA LYS B 178 76.82 22.71 -2.70
C LYS B 178 76.67 22.47 -4.20
N LEU B 179 75.55 21.93 -4.66
CA LEU B 179 75.45 21.66 -6.09
C LEU B 179 74.77 22.82 -6.81
N GLU B 180 75.15 23.03 -8.06
CA GLU B 180 74.60 24.09 -8.90
C GLU B 180 73.11 24.04 -9.19
N ASN B 181 72.56 22.84 -9.36
CA ASN B 181 71.16 22.71 -9.72
C ASN B 181 70.63 21.35 -9.34
N TYR B 182 69.35 21.12 -9.60
CA TYR B 182 68.69 19.87 -9.30
C TYR B 182 69.16 18.81 -10.25
N THR B 183 69.72 19.27 -11.35
CA THR B 183 70.24 18.38 -12.35
C THR B 183 71.47 17.71 -11.80
N LYS B 184 72.21 18.37 -10.90
CA LYS B 184 73.43 17.80 -10.32
C LYS B 184 73.05 16.86 -9.20
N VAL B 185 71.96 17.22 -8.55
CA VAL B 185 71.49 16.40 -7.47
C VAL B 185 71.13 15.07 -8.08
N MET B 186 70.48 15.12 -9.21
CA MET B 186 70.11 13.89 -9.80
C MET B 186 71.22 13.20 -10.55
N GLU B 187 71.96 13.88 -11.43
CA GLU B 187 72.93 13.16 -12.23
C GLU B 187 74.10 12.65 -11.48
N MET B 188 74.46 13.28 -10.39
CA MET B 188 75.64 12.85 -9.71
C MET B 188 75.33 12.19 -8.41
N LEU B 189 74.69 12.93 -7.54
CA LEU B 189 74.49 12.42 -6.22
C LEU B 189 73.57 11.22 -6.28
N SER B 190 72.35 11.39 -6.74
CA SER B 190 71.45 10.26 -6.65
C SER B 190 71.76 9.09 -7.54
N THR B 191 72.37 9.34 -8.68
CA THR B 191 72.67 8.34 -9.69
C THR B 191 73.74 7.39 -9.24
N PHE B 192 74.73 7.91 -8.54
CA PHE B 192 75.89 7.13 -8.19
C PHE B 192 76.05 6.89 -6.72
N ARG B 193 74.94 6.88 -5.98
CA ARG B 193 75.02 6.66 -4.56
C ARG B 193 74.54 5.28 -4.17
N PRO B 194 75.40 4.25 -4.15
CA PRO B 194 75.04 2.90 -3.82
C PRO B 194 74.80 2.76 -2.34
N SER B 195 75.27 3.73 -1.57
CA SER B 195 75.10 3.59 -0.14
C SER B 195 73.78 4.17 0.28
N GLY B 196 72.81 3.27 0.34
CA GLY B 196 71.44 3.61 0.66
C GLY B 196 70.53 2.60 -0.01
N ALA B 197 69.24 2.86 0.00
CA ALA B 197 68.32 1.90 -0.60
C ALA B 197 68.60 1.80 -2.10
N THR B 198 68.96 2.91 -2.74
CA THR B 198 69.18 2.85 -4.18
C THR B 198 69.93 4.02 -4.84
N PRO B 199 70.79 3.75 -5.87
CA PRO B 199 71.47 4.69 -6.76
C PRO B 199 70.51 5.10 -7.85
N TYR B 200 69.57 5.95 -7.53
CA TYR B 200 68.48 6.26 -8.45
C TYR B 200 68.87 7.11 -9.64
N HIS B 201 68.58 6.58 -10.81
CA HIS B 201 68.92 7.27 -12.04
C HIS B 201 67.64 7.77 -12.68
N ASP B 202 67.45 9.08 -12.64
CA ASP B 202 66.18 9.63 -13.08
C ASP B 202 66.02 9.51 -14.56
N ALA B 203 67.03 9.92 -15.32
CA ALA B 203 66.88 9.87 -16.77
C ALA B 203 66.64 8.46 -17.24
N TYR B 204 67.26 7.49 -16.59
CA TYR B 204 67.06 6.11 -16.97
C TYR B 204 65.62 5.76 -16.82
N GLU B 205 65.02 6.08 -15.68
CA GLU B 205 63.63 5.77 -15.43
C GLU B 205 62.71 6.59 -16.32
N ASN B 206 63.11 7.79 -16.66
CA ASN B 206 62.27 8.58 -17.51
C ASN B 206 62.16 7.86 -18.83
N VAL B 207 63.29 7.36 -19.34
CA VAL B 207 63.26 6.64 -20.59
C VAL B 207 62.55 5.34 -20.45
N ARG B 208 62.89 4.57 -19.42
CA ARG B 208 62.34 3.26 -19.25
C ARG B 208 60.84 3.32 -19.15
N GLU B 209 60.30 4.24 -18.37
CA GLU B 209 58.88 4.23 -18.22
C GLU B 209 58.19 4.63 -19.50
N VAL B 210 58.72 5.60 -20.23
CA VAL B 210 57.97 5.98 -21.40
C VAL B 210 58.07 4.90 -22.44
N ILE B 211 59.26 4.36 -22.65
CA ILE B 211 59.38 3.35 -23.67
C ILE B 211 58.53 2.13 -23.27
N GLN B 212 58.32 1.89 -21.99
CA GLN B 212 57.41 0.81 -21.61
C GLN B 212 55.94 1.22 -21.83
N LEU B 213 55.61 2.54 -21.78
CA LEU B 213 54.23 3.02 -22.05
C LEU B 213 53.94 2.72 -23.50
N GLN B 214 54.99 2.71 -24.29
CA GLN B 214 54.86 2.33 -25.67
C GLN B 214 54.72 0.82 -25.66
N ASP B 215 53.45 0.38 -25.67
CA ASP B 215 53.01 -1.00 -25.52
C ASP B 215 53.91 -2.08 -26.13
N PRO B 216 54.59 -1.90 -27.28
CA PRO B 216 55.39 -2.96 -27.85
C PRO B 216 56.45 -3.51 -26.91
N GLY B 217 56.86 -2.78 -25.89
CA GLY B 217 57.85 -3.39 -25.00
C GLY B 217 59.16 -3.62 -25.71
N LEU B 218 59.47 -2.70 -26.60
CA LEU B 218 60.65 -2.69 -27.47
C LEU B 218 60.53 -3.65 -28.64
N GLU B 219 59.38 -4.31 -28.82
CA GLU B 219 59.23 -5.15 -30.00
C GLU B 219 59.23 -4.31 -31.24
N GLN B 220 58.79 -3.07 -31.14
CA GLN B 220 58.83 -2.18 -32.29
C GLN B 220 60.28 -1.95 -32.75
N LEU B 221 61.25 -1.98 -31.83
CA LEU B 221 62.61 -1.80 -32.30
C LEU B 221 63.05 -3.08 -32.99
N ASN B 222 62.62 -4.24 -32.45
CA ASN B 222 62.99 -5.54 -33.02
C ASN B 222 62.35 -5.74 -34.39
N ALA B 223 61.20 -5.11 -34.56
CA ALA B 223 60.40 -5.11 -35.78
C ALA B 223 61.15 -4.39 -36.88
N SER B 224 62.15 -3.62 -36.50
CA SER B 224 63.01 -2.85 -37.35
C SER B 224 64.49 -3.14 -37.08
N PRO B 225 65.01 -4.30 -37.52
CA PRO B 225 66.36 -4.80 -37.28
C PRO B 225 67.47 -3.81 -37.61
N ALA B 226 67.27 -2.93 -38.59
CA ALA B 226 68.33 -1.98 -38.93
C ALA B 226 68.64 -1.12 -37.74
N ILE B 227 67.62 -0.84 -36.93
CA ILE B 227 67.81 -0.03 -35.76
C ILE B 227 68.07 -0.88 -34.55
N ALA B 228 67.37 -2.00 -34.41
CA ALA B 228 67.61 -2.83 -33.23
C ALA B 228 69.08 -3.25 -33.18
N GLY B 229 69.68 -3.46 -34.35
CA GLY B 229 71.04 -3.91 -34.52
C GLY B 229 72.08 -2.84 -34.22
N LEU B 230 71.65 -1.61 -33.92
CA LEU B 230 72.57 -0.53 -33.61
C LEU B 230 72.90 -0.55 -32.13
N MET B 231 72.21 -1.41 -31.38
CA MET B 231 72.36 -1.50 -29.95
C MET B 231 72.77 -2.88 -29.52
N HIS B 232 73.51 -2.98 -28.45
CA HIS B 232 73.80 -4.28 -27.92
C HIS B 232 72.47 -4.82 -27.48
N GLN B 233 72.30 -6.12 -27.58
CA GLN B 233 71.05 -6.72 -27.13
C GLN B 233 70.82 -6.33 -25.67
N ALA B 234 71.91 -6.17 -24.90
CA ALA B 234 71.87 -5.78 -23.51
C ALA B 234 71.15 -4.46 -23.32
N SER B 235 71.23 -3.53 -24.26
CA SER B 235 70.56 -2.27 -24.06
C SER B 235 69.10 -2.55 -24.03
N LEU B 236 68.66 -3.34 -24.97
CA LEU B 236 67.24 -3.57 -25.00
C LEU B 236 66.83 -4.33 -23.74
N LEU B 237 67.63 -5.31 -23.36
CA LEU B 237 67.30 -6.12 -22.21
C LEU B 237 67.34 -5.32 -20.92
N GLY B 238 68.26 -4.36 -20.86
CA GLY B 238 68.54 -3.49 -19.72
C GLY B 238 67.45 -2.46 -19.51
N ILE B 239 66.52 -2.41 -20.44
CA ILE B 239 65.37 -1.54 -20.43
C ILE B 239 64.18 -2.35 -19.98
N ASN B 240 64.03 -3.58 -20.50
CA ASN B 240 62.91 -4.42 -20.08
C ASN B 240 63.05 -4.83 -18.60
N ALA B 241 64.29 -4.91 -18.10
CA ALA B 241 64.53 -5.18 -16.69
C ALA B 241 64.86 -3.85 -16.05
N SER B 242 64.51 -3.63 -14.78
CA SER B 242 64.78 -2.32 -14.23
C SER B 242 66.18 -2.17 -13.69
N ILE B 243 67.15 -2.25 -14.58
CA ILE B 243 68.52 -2.14 -14.17
C ILE B 243 69.16 -0.91 -14.73
N SER B 244 69.40 0.06 -13.85
CA SER B 244 70.00 1.31 -14.25
C SER B 244 71.45 1.01 -14.50
N PRO B 245 72.17 1.83 -15.26
CA PRO B 245 73.58 1.66 -15.50
C PRO B 245 74.41 1.50 -14.23
N GLU B 246 74.05 2.19 -13.16
CA GLU B 246 74.87 2.03 -11.99
C GLU B 246 74.62 0.68 -11.40
N LEU B 247 73.36 0.25 -11.39
CA LEU B 247 73.07 -1.07 -10.85
C LEU B 247 73.71 -2.14 -11.70
N PHE B 248 73.76 -1.90 -12.99
CA PHE B 248 74.36 -2.86 -13.86
C PHE B 248 75.82 -3.01 -13.46
N ASN B 249 76.53 -1.90 -13.28
CA ASN B 249 77.93 -1.99 -12.93
C ASN B 249 78.13 -2.70 -11.60
N ILE B 250 77.21 -2.48 -10.69
CA ILE B 250 77.31 -3.11 -9.39
C ILE B 250 77.17 -4.59 -9.54
N LEU B 251 76.17 -5.03 -10.29
CA LEU B 251 75.91 -6.43 -10.49
C LEU B 251 77.00 -7.12 -11.30
N THR B 252 77.57 -6.43 -12.27
CA THR B 252 78.57 -7.02 -13.14
C THR B 252 79.95 -7.13 -12.54
N GLU B 253 80.26 -6.31 -11.54
CA GLU B 253 81.55 -6.44 -10.90
C GLU B 253 81.52 -7.76 -10.14
N GLU B 254 82.56 -8.57 -10.26
CA GLU B 254 82.60 -9.83 -9.53
C GLU B 254 83.01 -9.58 -8.08
N ILE B 255 82.52 -10.38 -7.14
CA ILE B 255 82.96 -10.16 -5.77
C ILE B 255 84.25 -10.84 -5.47
N THR B 256 85.23 -10.06 -5.11
CA THR B 256 86.53 -10.60 -4.78
C THR B 256 86.64 -10.63 -3.28
N GLU B 257 86.84 -11.80 -2.70
CA GLU B 257 86.92 -11.92 -1.24
C GLU B 257 88.03 -11.08 -0.63
N GLY B 258 89.11 -10.88 -1.36
CA GLY B 258 90.23 -10.08 -0.88
C GLY B 258 89.84 -8.61 -0.77
N ASN B 259 88.70 -8.26 -1.36
CA ASN B 259 88.10 -6.95 -1.38
C ASN B 259 86.77 -6.97 -0.62
N ALA B 260 86.52 -7.95 0.24
CA ALA B 260 85.21 -7.96 0.87
C ALA B 260 84.96 -6.69 1.68
N GLU B 261 86.00 -6.18 2.32
CA GLU B 261 85.83 -4.97 3.10
C GLU B 261 85.89 -3.76 2.19
N GLU B 262 86.73 -3.87 1.18
CA GLU B 262 86.97 -2.78 0.28
C GLU B 262 85.70 -2.45 -0.51
N LEU B 263 84.97 -3.48 -0.92
CA LEU B 263 83.72 -3.25 -1.64
C LEU B 263 82.64 -2.86 -0.65
N TYR B 264 82.73 -3.34 0.58
CA TYR B 264 81.74 -3.00 1.57
C TYR B 264 81.69 -1.51 1.71
N LYS B 265 82.85 -0.89 1.79
CA LYS B 265 82.96 0.55 1.94
C LYS B 265 82.52 1.34 0.70
N LYS B 266 82.41 0.67 -0.43
CA LYS B 266 82.00 1.29 -1.67
C LYS B 266 80.49 1.29 -1.73
N ASN B 267 79.93 0.13 -1.38
CA ASN B 267 78.51 -0.12 -1.47
C ASN B 267 77.70 0.32 -0.26
N PHE B 268 78.38 0.52 0.86
CA PHE B 268 77.77 0.93 2.09
C PHE B 268 78.50 2.12 2.64
N GLY B 269 77.83 2.92 3.45
CA GLY B 269 78.50 4.02 4.09
C GLY B 269 79.17 3.45 5.29
N ASN B 270 79.47 4.27 6.26
CA ASN B 270 80.21 3.75 7.40
C ASN B 270 79.28 3.10 8.40
N ILE B 271 78.72 1.99 7.97
CA ILE B 271 77.76 1.24 8.73
C ILE B 271 78.42 -0.01 9.25
N GLU B 272 78.63 -0.09 10.54
CA GLU B 272 79.28 -1.28 11.04
C GLU B 272 78.37 -2.45 10.72
N PRO B 273 78.92 -3.61 10.33
CA PRO B 273 78.20 -4.81 9.97
C PRO B 273 77.41 -5.30 11.18
N ALA B 274 77.82 -4.86 12.36
CA ALA B 274 77.15 -5.23 13.58
C ALA B 274 75.69 -4.84 13.53
N SER B 275 75.37 -3.71 12.91
CA SER B 275 73.98 -3.31 12.85
C SER B 275 73.41 -3.68 11.50
N LEU B 276 74.26 -3.71 10.50
CA LEU B 276 73.80 -3.91 9.13
C LEU B 276 73.22 -5.28 8.99
N ALA B 277 73.82 -6.22 9.68
CA ALA B 277 73.48 -7.62 9.62
C ALA B 277 72.18 -7.94 10.33
N MET B 278 71.62 -7.03 11.10
CA MET B 278 70.43 -7.39 11.84
C MET B 278 69.21 -7.13 10.98
N PRO B 279 68.16 -7.99 11.04
CA PRO B 279 66.95 -7.83 10.25
C PRO B 279 66.24 -6.52 10.52
N GLU B 280 66.42 -5.97 11.72
CA GLU B 280 65.82 -4.69 12.01
C GLU B 280 66.37 -3.60 11.13
N TYR B 281 67.65 -3.72 10.81
CA TYR B 281 68.34 -2.74 10.03
C TYR B 281 68.11 -3.03 8.57
N LEU B 282 68.12 -4.31 8.24
CA LEU B 282 68.03 -4.73 6.84
C LEU B 282 66.72 -4.40 6.23
N LYS B 283 65.62 -4.59 6.96
CA LYS B 283 64.37 -4.26 6.34
C LYS B 283 64.32 -2.76 6.05
N ARG B 284 65.00 -1.97 6.88
CA ARG B 284 65.06 -0.52 6.78
C ARG B 284 65.98 -0.05 5.67
N TYR B 285 67.13 -0.68 5.55
CA TYR B 285 68.11 -0.31 4.57
C TYR B 285 67.58 -0.63 3.19
N TYR B 286 66.90 -1.76 3.09
CA TYR B 286 66.42 -2.19 1.79
C TYR B 286 64.92 -2.04 1.53
N ASN B 287 64.11 -1.63 2.52
CA ASN B 287 62.66 -1.44 2.37
C ASN B 287 61.95 -2.71 1.92
N LEU B 288 62.36 -3.79 2.54
CA LEU B 288 61.84 -5.13 2.32
C LEU B 288 60.90 -5.55 3.40
N SER B 289 60.03 -6.48 3.08
CA SER B 289 59.22 -7.12 4.09
C SER B 289 60.13 -8.02 4.91
N ASP B 290 59.87 -8.14 6.20
CA ASP B 290 60.68 -9.01 7.04
C ASP B 290 60.48 -10.47 6.66
N GLU B 291 59.41 -10.74 5.93
CA GLU B 291 59.13 -12.05 5.40
C GLU B 291 60.07 -12.40 4.26
N GLU B 292 60.43 -11.39 3.46
CA GLU B 292 61.28 -11.53 2.27
C GLU B 292 62.68 -11.83 2.74
N LEU B 293 63.03 -11.32 3.89
CA LEU B 293 64.35 -11.57 4.43
C LEU B 293 64.53 -13.07 4.67
N SER B 294 63.45 -13.85 4.83
CA SER B 294 63.57 -15.29 5.04
C SER B 294 63.83 -15.99 3.71
N GLN B 295 63.57 -15.32 2.59
CA GLN B 295 63.78 -15.91 1.29
C GLN B 295 65.24 -15.72 0.97
N PHE B 296 65.77 -14.61 1.50
CA PHE B 296 67.16 -14.23 1.34
C PHE B 296 68.01 -14.89 2.41
N ILE B 297 68.00 -16.22 2.37
CA ILE B 297 68.66 -17.12 3.31
C ILE B 297 69.48 -18.17 2.60
N GLY B 298 70.63 -18.53 3.17
CA GLY B 298 71.42 -19.58 2.52
C GLY B 298 72.33 -19.04 1.44
N LYS B 299 72.80 -17.81 1.62
CA LYS B 299 73.68 -17.21 0.63
C LYS B 299 75.08 -17.81 0.74
N ALA B 300 75.14 -18.97 0.12
CA ALA B 300 76.21 -19.94 0.05
C ALA B 300 76.16 -20.51 -1.36
N SER B 301 77.12 -21.35 -1.76
CA SER B 301 77.11 -21.90 -3.12
C SER B 301 75.94 -22.83 -3.39
N ASN B 302 75.38 -23.35 -2.31
CA ASN B 302 74.28 -24.28 -2.30
C ASN B 302 73.56 -24.16 -0.99
N PHE B 303 72.52 -24.94 -0.83
CA PHE B 303 71.72 -24.95 0.37
C PHE B 303 71.95 -26.34 0.93
N GLY B 304 72.37 -27.19 -0.01
CA GLY B 304 72.67 -28.61 0.16
C GLY B 304 74.17 -28.78 0.22
N GLN B 305 74.79 -29.24 -0.86
CA GLN B 305 76.25 -29.39 -0.87
C GLN B 305 76.90 -28.07 -1.15
N GLN B 306 77.49 -27.49 -0.12
CA GLN B 306 78.07 -26.16 -0.20
C GLN B 306 79.54 -26.21 -0.61
N GLU B 307 80.13 -25.03 -0.79
CA GLU B 307 81.49 -24.81 -1.27
C GLU B 307 82.60 -25.18 -0.35
N TYR B 308 83.77 -25.38 -0.93
CA TYR B 308 84.96 -25.59 -0.14
C TYR B 308 86.15 -25.06 -0.92
N SER B 309 87.00 -24.31 -0.25
CA SER B 309 88.19 -23.75 -0.88
C SER B 309 89.23 -23.32 0.12
N ASN B 310 90.51 -23.47 -0.23
CA ASN B 310 91.62 -23.01 0.64
C ASN B 310 91.43 -23.57 2.04
N ASN B 311 91.03 -24.82 2.04
CA ASN B 311 90.70 -25.62 3.19
C ASN B 311 89.61 -25.11 4.15
N GLN B 312 88.55 -24.48 3.62
CA GLN B 312 87.46 -24.05 4.49
C GLN B 312 86.08 -23.82 3.79
N LEU B 313 85.10 -23.45 4.61
CA LEU B 313 83.69 -23.15 4.26
C LEU B 313 83.20 -21.84 4.92
N ILE B 314 82.61 -20.92 4.16
CA ILE B 314 82.07 -19.67 4.75
C ILE B 314 80.59 -19.56 4.56
N THR B 315 79.78 -19.82 5.59
CA THR B 315 78.34 -19.74 5.37
C THR B 315 77.56 -19.10 6.50
N PRO B 316 76.39 -18.50 6.20
CA PRO B 316 75.45 -17.98 7.15
C PRO B 316 74.72 -19.12 7.87
N VAL B 317 74.44 -18.91 9.14
CA VAL B 317 73.67 -19.84 9.95
C VAL B 317 72.54 -19.07 10.62
N VAL B 318 71.33 -19.56 10.47
CA VAL B 318 70.16 -18.84 10.98
C VAL B 318 69.63 -19.32 12.30
N ASN B 319 69.36 -18.36 13.18
CA ASN B 319 68.70 -18.64 14.42
C ASN B 319 67.22 -18.57 14.13
N SER B 320 66.59 -19.73 14.08
CA SER B 320 65.22 -19.81 13.62
C SER B 320 64.18 -19.08 14.44
N SER B 321 64.42 -18.78 15.71
CA SER B 321 63.38 -18.06 16.43
C SER B 321 63.76 -16.59 16.57
N ASP B 322 65.05 -16.30 16.53
CA ASP B 322 65.52 -14.91 16.66
C ASP B 322 65.33 -14.13 15.38
N GLY B 323 65.52 -14.83 14.26
CA GLY B 323 65.44 -14.23 12.94
C GLY B 323 66.79 -13.70 12.44
N THR B 324 67.79 -13.70 13.31
CA THR B 324 69.10 -13.21 12.94
C THR B 324 69.92 -14.31 12.29
N VAL B 325 70.92 -13.90 11.54
CA VAL B 325 71.84 -14.81 10.91
C VAL B 325 73.28 -14.36 11.16
N LYS B 326 74.18 -15.30 11.40
CA LYS B 326 75.57 -14.95 11.60
C LYS B 326 76.44 -15.76 10.66
N VAL B 327 77.61 -15.25 10.28
CA VAL B 327 78.47 -15.98 9.35
C VAL B 327 79.58 -16.71 10.04
N TYR B 328 79.70 -17.98 9.70
CA TYR B 328 80.67 -18.86 10.28
C TYR B 328 81.67 -19.41 9.30
N ARG B 329 82.87 -19.60 9.81
CA ARG B 329 83.89 -20.24 9.02
C ARG B 329 84.24 -21.56 9.62
N ILE B 330 84.05 -22.57 8.79
CA ILE B 330 84.37 -23.90 9.18
C ILE B 330 85.67 -24.24 8.49
N THR B 331 86.66 -24.59 9.27
CA THR B 331 87.98 -24.90 8.72
C THR B 331 88.16 -26.38 8.80
N ARG B 332 88.70 -27.01 7.73
CA ARG B 332 88.96 -28.45 7.70
C ARG B 332 90.39 -28.82 7.27
N GLU B 333 91.22 -29.31 8.20
CA GLU B 333 92.59 -29.69 7.86
C GLU B 333 92.73 -31.21 7.90
N TYR B 334 93.46 -31.81 6.98
CA TYR B 334 93.52 -33.27 7.11
C TYR B 334 94.55 -33.70 8.11
N THR B 335 94.23 -34.70 8.95
CA THR B 335 95.21 -35.19 9.91
C THR B 335 95.61 -36.66 9.73
N THR B 336 94.73 -37.48 9.14
CA THR B 336 95.02 -38.92 8.95
C THR B 336 94.83 -39.30 7.47
N ASN B 337 94.38 -40.52 7.14
CA ASN B 337 94.38 -40.93 5.73
C ASN B 337 93.16 -40.48 4.93
N ALA B 338 93.04 -39.19 4.77
CA ALA B 338 91.91 -38.53 4.10
C ALA B 338 91.80 -38.95 2.65
N TYR B 339 92.92 -39.41 2.12
CA TYR B 339 92.99 -39.89 0.77
C TYR B 339 92.20 -41.19 0.60
N GLN B 340 91.94 -41.93 1.70
CA GLN B 340 91.13 -43.15 1.64
C GLN B 340 89.65 -42.80 1.87
N MET B 341 89.45 -41.77 2.71
CA MET B 341 88.12 -41.31 3.07
C MET B 341 88.06 -39.86 3.59
N ASP B 342 87.20 -39.05 3.00
CA ASP B 342 87.08 -37.65 3.35
C ASP B 342 85.96 -37.36 4.36
N VAL B 343 85.86 -36.09 4.74
CA VAL B 343 84.79 -35.60 5.62
C VAL B 343 84.49 -34.11 5.47
N GLU B 344 83.23 -33.73 5.56
CA GLU B 344 82.85 -32.31 5.50
C GLU B 344 81.82 -31.98 6.57
N LEU B 345 81.87 -30.77 7.11
CA LEU B 345 80.92 -30.44 8.16
C LEU B 345 80.19 -29.15 7.84
N PHE B 346 78.87 -29.19 7.76
CA PHE B 346 78.13 -27.97 7.43
C PHE B 346 77.12 -27.63 8.51
N PRO B 347 76.97 -26.38 8.93
CA PRO B 347 76.00 -25.96 9.92
C PRO B 347 74.64 -25.99 9.23
N PHE B 348 73.56 -26.03 10.00
CA PHE B 348 72.23 -25.96 9.37
C PHE B 348 71.32 -25.22 10.32
N GLY B 349 71.94 -24.86 11.42
CA GLY B 349 71.34 -24.13 12.52
C GLY B 349 72.44 -24.07 13.53
N GLY B 350 72.25 -23.34 14.62
CA GLY B 350 73.32 -23.26 15.61
C GLY B 350 73.56 -24.63 16.20
N GLU B 351 74.82 -25.02 16.32
CA GLU B 351 75.24 -26.31 16.88
C GLU B 351 74.67 -27.54 16.12
N ASN B 352 74.00 -27.30 14.99
CA ASN B 352 73.40 -28.36 14.21
C ASN B 352 74.22 -28.59 12.97
N TYR B 353 74.73 -29.80 12.78
CA TYR B 353 75.54 -29.99 11.60
C TYR B 353 75.25 -31.19 10.72
N ARG B 354 75.45 -30.98 9.44
CA ARG B 354 75.40 -32.02 8.47
C ARG B 354 76.79 -32.57 8.32
N LEU B 355 76.97 -33.80 8.74
CA LEU B 355 78.29 -34.38 8.66
C LEU B 355 78.34 -35.31 7.48
N ASP B 356 79.08 -34.90 6.48
CA ASP B 356 79.13 -35.62 5.23
C ASP B 356 80.42 -36.40 5.12
N TYR B 357 80.38 -37.50 4.37
CA TYR B 357 81.60 -38.26 4.15
C TYR B 357 81.65 -38.91 2.77
N LYS B 358 82.88 -39.23 2.34
CA LYS B 358 83.06 -39.85 1.02
C LYS B 358 84.28 -40.78 0.96
N PHE B 359 84.16 -41.88 0.23
CA PHE B 359 85.26 -42.82 0.14
C PHE B 359 85.97 -42.73 -1.19
N LYS B 360 87.27 -42.91 -1.13
CA LYS B 360 88.10 -42.96 -2.32
C LYS B 360 88.58 -44.39 -2.53
N ASN B 361 88.67 -45.14 -1.43
CA ASN B 361 89.15 -46.50 -1.49
C ASN B 361 88.31 -47.42 -0.62
N PHE B 362 87.77 -48.45 -1.24
CA PHE B 362 86.92 -49.39 -0.56
C PHE B 362 87.67 -50.34 0.36
N TYR B 363 87.15 -50.51 1.57
CA TYR B 363 87.64 -51.45 2.54
C TYR B 363 86.45 -52.26 2.94
N ASN B 364 86.63 -53.53 3.26
CA ASN B 364 85.44 -54.30 3.61
C ASN B 364 85.08 -54.15 5.06
N ALA B 365 84.57 -52.96 5.38
CA ALA B 365 84.16 -52.65 6.72
C ALA B 365 82.92 -53.44 7.07
N SER B 366 82.77 -53.82 8.33
CA SER B 366 81.57 -54.43 8.81
C SER B 366 80.64 -53.27 9.15
N TYR B 367 81.27 -52.16 9.57
CA TYR B 367 80.58 -50.91 9.87
C TYR B 367 81.54 -49.72 9.90
N LEU B 368 80.96 -48.55 9.87
CA LEU B 368 81.64 -47.27 9.96
C LEU B 368 81.19 -46.46 11.15
N SER B 369 82.16 -45.97 11.88
CA SER B 369 81.88 -45.14 13.04
C SER B 369 82.62 -43.81 12.97
N ILE B 370 81.85 -42.75 12.87
CA ILE B 370 82.42 -41.42 12.78
C ILE B 370 82.32 -40.77 14.13
N LYS B 371 83.45 -40.34 14.69
CA LYS B 371 83.43 -39.88 16.09
C LYS B 371 84.07 -38.52 16.39
N LEU B 372 83.52 -37.80 17.37
CA LEU B 372 84.04 -36.50 17.78
C LEU B 372 85.18 -36.69 18.74
N ASN B 373 86.34 -36.25 18.27
CA ASN B 373 87.65 -36.41 18.87
C ASN B 373 87.90 -37.88 19.08
N ASP B 374 87.38 -38.71 18.16
CA ASP B 374 87.52 -40.16 18.22
C ASP B 374 86.81 -40.76 19.44
N LYS B 375 85.96 -39.98 20.14
CA LYS B 375 85.25 -40.48 21.32
C LYS B 375 83.73 -40.51 21.19
N ARG B 376 83.10 -39.40 20.80
CA ARG B 376 81.64 -39.40 20.77
C ARG B 376 81.07 -39.71 19.41
N GLU B 377 80.37 -40.82 19.31
CA GLU B 377 79.85 -41.19 18.00
C GLU B 377 78.91 -40.12 17.47
N LEU B 378 79.16 -39.74 16.23
CA LEU B 378 78.36 -38.78 15.52
C LEU B 378 77.55 -39.45 14.45
N VAL B 379 78.18 -40.35 13.69
CA VAL B 379 77.46 -41.02 12.61
C VAL B 379 77.63 -42.52 12.67
N ARG B 380 76.51 -43.25 12.62
CA ARG B 380 76.60 -44.69 12.61
C ARG B 380 76.18 -45.24 11.27
N THR B 381 77.08 -45.92 10.57
CA THR B 381 76.77 -46.51 9.28
C THR B 381 77.07 -48.00 9.31
N GLU B 382 76.11 -48.82 8.95
CA GLU B 382 76.34 -50.26 8.99
C GLU B 382 76.67 -50.80 7.61
N GLY B 383 77.48 -51.85 7.54
CA GLY B 383 77.84 -52.46 6.28
C GLY B 383 79.06 -51.79 5.71
N ALA B 384 79.61 -52.34 4.63
CA ALA B 384 80.77 -51.73 4.04
C ALA B 384 80.31 -50.56 3.15
N PRO B 385 80.74 -49.31 3.40
CA PRO B 385 80.37 -48.12 2.67
C PRO B 385 81.04 -48.09 1.31
N GLN B 386 80.51 -47.36 0.35
CA GLN B 386 81.08 -47.37 -0.98
C GLN B 386 81.87 -46.14 -1.46
N VAL B 387 82.75 -46.44 -2.42
CA VAL B 387 83.58 -45.48 -3.15
C VAL B 387 82.79 -44.61 -4.11
N ASN B 388 83.10 -43.31 -4.04
CA ASN B 388 82.50 -42.23 -4.80
C ASN B 388 81.01 -42.04 -4.55
N ILE B 389 80.58 -42.39 -3.35
CA ILE B 389 79.23 -42.17 -2.89
C ILE B 389 79.28 -41.18 -1.77
N GLU B 390 78.47 -40.14 -1.89
CA GLU B 390 78.40 -39.15 -0.86
C GLU B 390 77.36 -39.58 0.15
N TYR B 391 77.72 -39.54 1.42
CA TYR B 391 76.83 -39.93 2.49
C TYR B 391 76.71 -38.81 3.52
N SER B 392 75.58 -38.70 4.23
CA SER B 392 75.47 -37.68 5.26
C SER B 392 74.52 -38.02 6.40
N ALA B 393 74.71 -37.31 7.54
CA ALA B 393 73.82 -37.41 8.70
C ALA B 393 73.75 -36.11 9.50
N ASN B 394 72.64 -35.93 10.21
CA ASN B 394 72.47 -34.76 11.07
C ASN B 394 72.90 -35.05 12.50
N ILE B 395 73.88 -34.28 12.97
CA ILE B 395 74.52 -34.46 14.26
C ILE B 395 74.54 -33.19 15.10
N THR B 396 74.81 -33.35 16.39
CA THR B 396 74.98 -32.18 17.24
C THR B 396 76.42 -32.02 17.73
N LEU B 397 76.96 -30.82 17.54
CA LEU B 397 78.30 -30.46 18.01
C LEU B 397 78.22 -29.12 18.74
N ASN B 398 78.26 -29.12 20.06
CA ASN B 398 77.98 -27.88 20.76
C ASN B 398 79.22 -27.00 20.82
N THR B 399 79.12 -25.83 21.46
CA THR B 399 80.32 -24.98 21.49
C THR B 399 81.47 -25.67 22.23
N ALA B 400 81.14 -26.52 23.19
CA ALA B 400 82.16 -27.28 23.89
C ALA B 400 82.90 -28.19 22.90
N ASP B 401 82.22 -28.66 21.86
CA ASP B 401 82.80 -29.53 20.86
C ASP B 401 83.44 -28.74 19.72
N ILE B 402 82.90 -27.55 19.39
CA ILE B 402 83.39 -26.84 18.20
C ILE B 402 84.11 -25.49 18.39
N SER B 403 84.19 -24.97 19.62
CA SER B 403 84.85 -23.67 19.81
C SER B 403 86.35 -23.83 19.83
N GLN B 404 86.79 -25.03 20.16
CA GLN B 404 88.19 -25.36 20.17
C GLN B 404 88.39 -26.25 18.98
N PRO B 405 89.59 -26.38 18.44
CA PRO B 405 89.86 -27.30 17.37
C PRO B 405 89.48 -28.69 17.82
N PHE B 406 88.88 -29.45 16.92
CA PHE B 406 88.42 -30.79 17.21
C PHE B 406 88.60 -31.65 16.01
N GLU B 407 88.59 -32.95 16.17
CA GLU B 407 88.70 -33.74 14.96
C GLU B 407 87.57 -34.70 14.83
N ILE B 408 87.23 -34.98 13.59
CA ILE B 408 86.23 -36.00 13.34
C ILE B 408 86.90 -37.22 12.74
N GLY B 409 86.86 -38.30 13.51
CA GLY B 409 87.50 -39.54 13.12
C GLY B 409 86.59 -40.24 12.17
N LEU B 410 87.16 -40.95 11.21
CA LEU B 410 86.36 -41.73 10.27
C LEU B 410 86.86 -43.17 10.37
N THR B 411 86.19 -44.00 11.18
CA THR B 411 86.74 -45.34 11.40
C THR B 411 86.02 -46.44 10.65
N ARG B 412 86.75 -47.13 9.79
CA ARG B 412 86.20 -48.22 9.00
C ARG B 412 86.52 -49.51 9.71
N VAL B 413 85.54 -50.00 10.45
CA VAL B 413 85.77 -51.15 11.28
C VAL B 413 85.57 -52.38 10.44
N LEU B 414 86.58 -53.22 10.41
CA LEU B 414 86.59 -54.43 9.61
C LEU B 414 85.90 -55.54 10.40
N PRO B 415 85.58 -56.69 9.79
CA PRO B 415 85.06 -57.85 10.52
C PRO B 415 86.06 -58.35 11.59
N SER B 416 87.34 -58.01 11.42
CA SER B 416 88.42 -58.36 12.33
C SER B 416 88.44 -57.29 13.41
N GLY B 417 89.30 -57.42 14.39
CA GLY B 417 89.34 -56.39 15.44
C GLY B 417 90.03 -55.08 14.99
N SER B 418 90.62 -55.07 13.80
CA SER B 418 91.33 -53.90 13.27
C SER B 418 90.41 -52.96 12.47
N TRP B 419 90.95 -51.79 12.14
CA TRP B 419 90.22 -50.82 11.37
C TRP B 419 91.15 -49.95 10.53
N ALA B 420 90.58 -49.34 9.52
CA ALA B 420 91.32 -48.39 8.69
C ALA B 420 90.73 -47.02 8.99
N TYR B 421 91.53 -45.95 8.96
CA TYR B 421 90.89 -44.68 9.26
C TYR B 421 91.45 -43.42 8.61
N ALA B 422 90.55 -42.46 8.57
CA ALA B 422 90.80 -41.15 8.03
C ALA B 422 90.20 -40.09 8.96
N ALA B 423 90.75 -38.87 8.94
CA ALA B 423 90.21 -37.81 9.78
C ALA B 423 90.61 -36.42 9.32
N ALA B 424 89.77 -35.45 9.69
CA ALA B 424 90.13 -34.05 9.51
C ALA B 424 89.84 -33.24 10.77
N LYS B 425 90.67 -32.23 10.97
CA LYS B 425 90.54 -31.29 12.06
C LYS B 425 89.66 -30.16 11.66
N PHE B 426 88.66 -29.95 12.47
CA PHE B 426 87.70 -28.92 12.24
C PHE B 426 87.65 -27.90 13.34
N THR B 427 87.30 -26.68 12.98
CA THR B 427 86.98 -25.68 13.99
C THR B 427 85.78 -24.91 13.45
N VAL B 428 84.83 -24.52 14.31
CA VAL B 428 83.73 -23.69 13.82
C VAL B 428 83.69 -22.37 14.58
N GLU B 429 83.87 -21.26 13.88
CA GLU B 429 83.87 -19.97 14.56
C GLU B 429 83.01 -18.91 13.85
N GLU B 430 82.43 -18.01 14.63
CA GLU B 430 81.64 -16.90 14.08
C GLU B 430 82.57 -15.75 13.72
N TYR B 431 82.49 -15.25 12.49
CA TYR B 431 83.39 -14.19 12.07
C TYR B 431 82.84 -12.91 11.52
N ASN B 432 83.27 -11.81 12.13
CA ASN B 432 82.91 -10.47 11.66
C ASN B 432 83.61 -10.25 10.34
N GLN B 433 84.74 -10.88 10.19
CA GLN B 433 85.59 -10.84 9.02
C GLN B 433 84.87 -11.33 7.76
N TYR B 434 83.78 -12.09 7.90
CA TYR B 434 83.06 -12.51 6.72
C TYR B 434 81.68 -11.88 6.64
N SER B 435 81.35 -11.03 7.60
CA SER B 435 80.03 -10.43 7.65
C SER B 435 79.96 -9.22 6.74
N PHE B 436 80.07 -9.46 5.46
CA PHE B 436 79.97 -8.39 4.49
C PHE B 436 78.75 -8.63 3.66
N LEU B 437 78.50 -9.90 3.33
CA LEU B 437 77.31 -10.26 2.59
C LEU B 437 77.07 -9.38 1.38
N LEU B 438 78.12 -9.09 0.64
CA LEU B 438 77.99 -8.24 -0.53
C LEU B 438 77.09 -8.97 -1.52
N LYS B 439 77.19 -10.29 -1.49
CA LYS B 439 76.40 -11.16 -2.31
C LYS B 439 74.91 -10.97 -2.03
N LEU B 440 74.56 -10.58 -0.80
CA LEU B 440 73.18 -10.35 -0.45
C LEU B 440 72.75 -9.05 -1.05
N ASN B 441 73.61 -8.04 -0.94
CA ASN B 441 73.26 -6.75 -1.50
C ASN B 441 72.85 -6.92 -2.94
N LYS B 442 73.59 -7.77 -3.64
CA LYS B 442 73.21 -7.98 -5.02
C LYS B 442 71.94 -8.76 -5.11
N ALA B 443 71.76 -9.80 -4.32
CA ALA B 443 70.55 -10.59 -4.50
C ALA B 443 69.31 -9.77 -4.33
N ILE B 444 69.36 -8.85 -3.40
CA ILE B 444 68.22 -7.99 -3.10
C ILE B 444 67.97 -7.01 -4.23
N ARG B 445 69.03 -6.37 -4.69
CA ARG B 445 68.86 -5.39 -5.72
C ARG B 445 68.46 -6.03 -7.02
N LEU B 446 69.01 -7.19 -7.30
CA LEU B 446 68.70 -7.86 -8.52
C LEU B 446 67.27 -8.32 -8.45
N SER B 447 66.87 -8.90 -7.34
CA SER B 447 65.52 -9.43 -7.25
C SER B 447 64.49 -8.35 -7.49
N ARG B 448 64.69 -7.16 -6.93
CA ARG B 448 63.69 -6.11 -7.12
C ARG B 448 63.74 -5.50 -8.52
N ALA B 449 64.90 -5.54 -9.17
CA ALA B 449 65.03 -5.00 -10.51
C ALA B 449 64.44 -5.95 -11.54
N THR B 450 64.45 -7.22 -11.20
CA THR B 450 63.98 -8.26 -12.07
C THR B 450 62.60 -8.75 -11.70
N GLU B 451 62.16 -8.47 -10.48
CA GLU B 451 60.90 -8.95 -9.93
C GLU B 451 60.90 -10.47 -9.95
N LEU B 452 62.05 -11.01 -9.58
CA LEU B 452 62.26 -12.43 -9.48
C LEU B 452 62.57 -12.80 -8.06
N SER B 453 61.59 -13.31 -7.35
CA SER B 453 61.77 -13.65 -5.95
C SER B 453 62.87 -14.70 -5.91
N PRO B 454 63.67 -14.78 -4.84
CA PRO B 454 64.76 -15.73 -4.67
C PRO B 454 64.34 -17.15 -4.97
N THR B 455 63.07 -17.50 -4.77
CA THR B 455 62.64 -18.86 -5.02
C THR B 455 62.77 -19.25 -6.51
N ILE B 456 62.71 -18.28 -7.42
CA ILE B 456 62.93 -18.59 -8.83
C ILE B 456 64.34 -18.16 -9.22
N LEU B 457 64.79 -17.07 -8.62
CA LEU B 457 66.03 -16.42 -9.00
C LEU B 457 67.24 -17.24 -8.66
N GLU B 458 67.27 -17.89 -7.52
CA GLU B 458 68.47 -18.63 -7.19
C GLU B 458 68.70 -19.72 -8.21
N GLY B 459 67.64 -20.33 -8.70
CA GLY B 459 67.78 -21.38 -9.70
C GLY B 459 68.33 -20.79 -10.99
N ILE B 460 67.89 -19.58 -11.31
CA ILE B 460 68.31 -18.93 -12.54
C ILE B 460 69.78 -18.62 -12.50
N VAL B 461 70.27 -18.10 -11.39
CA VAL B 461 71.68 -17.77 -11.36
C VAL B 461 72.57 -18.98 -11.08
N ARG B 462 72.15 -19.91 -10.21
CA ARG B 462 73.04 -21.00 -9.87
C ARG B 462 73.13 -22.04 -10.97
N SER B 463 72.09 -22.14 -11.77
CA SER B 463 72.10 -23.13 -12.83
C SER B 463 72.93 -22.73 -14.03
N VAL B 464 73.36 -21.47 -14.11
CA VAL B 464 74.06 -21.06 -15.31
C VAL B 464 75.52 -20.64 -15.12
N ASN B 465 75.99 -20.55 -13.90
CA ASN B 465 77.35 -20.10 -13.67
C ASN B 465 77.80 -20.56 -12.31
N LEU B 466 79.05 -20.21 -11.96
CA LEU B 466 79.60 -20.55 -10.67
C LEU B 466 78.81 -19.84 -9.60
N GLN B 467 78.48 -20.61 -8.59
CA GLN B 467 77.71 -20.21 -7.45
C GLN B 467 78.54 -19.29 -6.56
N LEU B 468 77.87 -18.49 -5.72
CA LEU B 468 78.49 -17.47 -4.86
C LEU B 468 78.98 -16.25 -5.58
N ASP B 469 78.49 -15.97 -6.78
CA ASP B 469 78.89 -14.74 -7.36
C ASP B 469 77.88 -14.35 -8.42
N ILE B 470 78.02 -13.14 -8.91
CA ILE B 470 77.21 -12.59 -9.98
C ILE B 470 78.11 -11.81 -10.90
N ASN B 471 77.88 -11.95 -12.18
CA ASN B 471 78.65 -11.22 -13.15
C ASN B 471 77.79 -10.91 -14.37
N THR B 472 78.42 -10.40 -15.41
CA THR B 472 77.73 -10.03 -16.63
C THR B 472 77.05 -11.24 -17.27
N ASP B 473 77.76 -12.37 -17.26
CA ASP B 473 77.29 -13.59 -17.88
C ASP B 473 76.00 -14.07 -17.21
N VAL B 474 75.97 -13.94 -15.89
CA VAL B 474 74.81 -14.34 -15.13
C VAL B 474 73.66 -13.46 -15.51
N LEU B 475 73.90 -12.16 -15.59
CA LEU B 475 72.82 -11.25 -15.89
C LEU B 475 72.30 -11.52 -17.26
N GLY B 476 73.16 -11.87 -18.19
CA GLY B 476 72.73 -12.18 -19.52
C GLY B 476 71.61 -13.20 -19.46
N LYS B 477 71.82 -14.28 -18.72
CA LYS B 477 70.82 -15.32 -18.61
C LYS B 477 69.57 -14.83 -17.89
N VAL B 478 69.75 -13.94 -16.93
CA VAL B 478 68.61 -13.41 -16.18
C VAL B 478 67.74 -12.56 -17.10
N PHE B 479 68.37 -11.70 -17.90
CA PHE B 479 67.68 -10.81 -18.80
C PHE B 479 67.00 -11.56 -19.89
N LEU B 480 67.64 -12.61 -20.36
CA LEU B 480 67.10 -13.41 -21.43
C LEU B 480 65.91 -14.18 -20.92
N THR B 481 66.01 -14.70 -19.69
CA THR B 481 64.93 -15.44 -19.09
C THR B 481 63.76 -14.50 -18.99
N LYS B 482 64.00 -13.28 -18.51
CA LYS B 482 62.87 -12.39 -18.45
C LYS B 482 62.31 -12.09 -19.81
N TYR B 483 63.16 -11.90 -20.82
CA TYR B 483 62.64 -11.59 -22.12
C TYR B 483 61.65 -12.62 -22.57
N TYR B 484 62.00 -13.89 -22.46
CA TYR B 484 61.08 -14.86 -22.98
C TYR B 484 59.81 -14.87 -22.14
N MET B 485 59.96 -14.71 -20.82
CA MET B 485 58.81 -14.70 -19.93
C MET B 485 57.88 -13.55 -20.29
N GLN B 486 58.45 -12.40 -20.63
CA GLN B 486 57.72 -11.22 -21.01
C GLN B 486 57.13 -11.33 -22.42
N ARG B 487 57.85 -12.02 -23.30
CA ARG B 487 57.50 -12.16 -24.70
C ARG B 487 56.45 -13.23 -25.00
N TYR B 488 56.42 -14.29 -24.20
CA TYR B 488 55.48 -15.37 -24.45
C TYR B 488 54.70 -15.65 -23.17
N ALA B 489 53.50 -16.20 -23.28
CA ALA B 489 52.75 -16.53 -22.07
C ALA B 489 53.23 -17.85 -21.49
N ILE B 490 54.42 -17.79 -20.90
CA ILE B 490 55.12 -18.95 -20.38
C ILE B 490 55.57 -18.75 -18.93
N HIS B 491 55.85 -19.86 -18.27
CA HIS B 491 56.37 -19.90 -16.91
C HIS B 491 57.83 -19.44 -16.89
N ALA B 492 58.27 -18.80 -15.83
CA ALA B 492 59.67 -18.35 -15.73
C ALA B 492 60.64 -19.51 -15.94
N GLU B 493 60.28 -20.73 -15.50
CA GLU B 493 61.17 -21.85 -15.71
C GLU B 493 61.31 -22.18 -17.18
N THR B 494 60.24 -21.96 -17.94
CA THR B 494 60.24 -22.25 -19.35
C THR B 494 61.23 -21.32 -20.00
N ALA B 495 61.17 -20.08 -19.57
CA ALA B 495 62.06 -19.06 -20.09
C ALA B 495 63.51 -19.42 -19.79
N LEU B 496 63.75 -20.00 -18.63
CA LEU B 496 65.10 -20.40 -18.27
C LEU B 496 65.56 -21.52 -19.19
N ILE B 497 64.69 -22.48 -19.45
CA ILE B 497 65.08 -23.59 -20.30
C ILE B 497 65.47 -23.03 -21.67
N LEU B 498 64.69 -22.08 -22.20
CA LEU B 498 64.94 -21.49 -23.51
C LEU B 498 66.26 -20.68 -23.59
N CYS B 499 66.94 -20.56 -22.45
CA CYS B 499 68.23 -19.90 -22.33
C CYS B 499 69.33 -20.96 -22.41
N ASN B 500 68.95 -22.16 -22.85
CA ASN B 500 69.83 -23.30 -23.01
C ASN B 500 70.24 -23.82 -21.64
N ALA B 501 69.23 -23.90 -20.77
CA ALA B 501 69.40 -24.41 -19.42
C ALA B 501 68.74 -25.77 -19.32
N PRO B 502 69.29 -26.71 -18.55
CA PRO B 502 68.75 -28.03 -18.31
C PRO B 502 67.55 -27.97 -17.39
N ILE B 503 66.76 -29.03 -17.42
CA ILE B 503 65.65 -29.18 -16.51
C ILE B 503 66.20 -29.85 -15.26
N SER B 504 66.30 -29.08 -14.17
CA SER B 504 66.95 -29.53 -12.95
C SER B 504 66.28 -30.64 -12.17
N GLN B 505 67.10 -31.58 -11.71
CA GLN B 505 66.68 -32.69 -10.86
C GLN B 505 66.54 -32.31 -9.38
N ARG B 506 66.93 -31.10 -9.02
CA ARG B 506 66.90 -30.72 -7.62
C ARG B 506 65.52 -30.21 -7.16
N SER B 507 65.00 -30.80 -6.08
CA SER B 507 63.74 -30.34 -5.51
C SER B 507 64.10 -29.29 -4.47
N TYR B 508 63.16 -28.39 -4.14
CA TYR B 508 63.43 -27.37 -3.11
C TYR B 508 62.19 -26.57 -2.74
N ASP B 509 62.22 -25.87 -1.59
CA ASP B 509 61.16 -24.92 -1.19
C ASP B 509 59.76 -25.50 -1.27
N ASN B 510 59.61 -26.74 -0.83
CA ASN B 510 58.35 -27.47 -0.85
C ASN B 510 57.76 -27.60 -2.24
N GLN B 511 58.62 -27.74 -3.24
CA GLN B 511 58.21 -27.89 -4.62
C GLN B 511 58.98 -29.05 -5.28
N PRO B 512 58.39 -29.74 -6.26
CA PRO B 512 59.03 -30.80 -7.01
C PRO B 512 60.13 -30.26 -7.88
N SER B 513 61.11 -31.08 -8.17
CA SER B 513 62.19 -30.67 -9.05
C SER B 513 61.63 -30.42 -10.41
N GLN B 514 62.35 -29.66 -11.21
CA GLN B 514 61.86 -29.34 -12.54
C GLN B 514 61.71 -30.61 -13.36
N PHE B 515 62.63 -31.52 -13.13
CA PHE B 515 62.61 -32.81 -13.79
C PHE B 515 61.34 -33.54 -13.43
N ASP B 516 61.04 -33.61 -12.15
CA ASP B 516 59.84 -34.30 -11.72
C ASP B 516 58.59 -33.65 -12.26
N ARG B 517 58.60 -32.32 -12.40
CA ARG B 517 57.42 -31.61 -12.87
C ARG B 517 57.04 -32.06 -14.28
N LEU B 518 58.06 -32.38 -15.08
CA LEU B 518 57.84 -32.83 -16.44
C LEU B 518 57.65 -34.35 -16.56
N PHE B 519 58.43 -35.14 -15.82
CA PHE B 519 58.41 -36.60 -16.00
C PHE B 519 57.81 -37.46 -14.90
N ASN B 520 57.70 -36.98 -13.66
CA ASN B 520 57.19 -37.83 -12.60
C ASN B 520 55.85 -37.35 -12.05
N THR B 521 55.46 -36.12 -12.36
CA THR B 521 54.11 -35.73 -11.98
C THR B 521 53.23 -36.82 -12.59
N PRO B 522 53.41 -37.19 -13.89
CA PRO B 522 52.73 -38.31 -14.50
C PRO B 522 53.47 -39.59 -14.10
N LEU B 523 53.43 -39.94 -12.83
CA LEU B 523 54.10 -41.13 -12.36
C LEU B 523 53.24 -42.30 -12.78
N LEU B 524 53.55 -42.85 -13.94
CA LEU B 524 52.74 -43.90 -14.52
C LEU B 524 53.15 -45.26 -14.02
N ASN B 525 52.88 -45.46 -12.74
CA ASN B 525 53.22 -46.66 -11.96
C ASN B 525 54.70 -47.03 -11.92
N GLY B 526 55.54 -46.00 -11.77
CA GLY B 526 56.98 -46.09 -11.63
C GLY B 526 57.57 -44.75 -12.03
N GLN B 527 58.86 -44.55 -11.81
CA GLN B 527 59.46 -43.25 -12.15
C GLN B 527 60.62 -43.28 -13.12
N TYR B 528 60.64 -42.23 -13.91
CA TYR B 528 61.66 -41.95 -14.90
C TYR B 528 62.80 -41.20 -14.22
N PHE B 529 64.06 -41.64 -14.37
CA PHE B 529 65.15 -40.94 -13.68
C PHE B 529 66.24 -40.20 -14.46
N SER B 530 66.28 -40.28 -15.78
CA SER B 530 67.39 -39.63 -16.53
C SER B 530 68.80 -39.97 -16.01
N THR B 531 69.03 -41.24 -15.69
CA THR B 531 70.31 -41.71 -15.16
C THR B 531 71.16 -42.53 -16.14
N GLY B 532 70.80 -42.52 -17.41
CA GLY B 532 71.54 -43.20 -18.47
C GLY B 532 71.21 -44.69 -18.66
N ASP B 533 70.41 -45.26 -17.78
CA ASP B 533 70.04 -46.67 -17.81
C ASP B 533 68.86 -46.98 -18.71
N GLU B 534 67.80 -46.19 -18.56
CA GLU B 534 66.55 -46.43 -19.24
C GLU B 534 66.60 -45.98 -20.69
N GLU B 535 67.39 -46.69 -21.47
CA GLU B 535 67.52 -46.37 -22.89
C GLU B 535 66.37 -47.01 -23.62
N ILE B 536 65.24 -46.36 -23.46
CA ILE B 536 63.92 -46.71 -23.96
C ILE B 536 63.92 -46.51 -25.44
N ASP B 537 63.38 -47.45 -26.20
CA ASP B 537 63.33 -47.29 -27.64
C ASP B 537 62.22 -46.30 -28.04
N LEU B 538 62.61 -45.15 -28.59
CA LEU B 538 61.70 -44.07 -28.94
C LEU B 538 61.44 -43.90 -30.43
N ASN B 539 61.71 -44.91 -31.24
CA ASN B 539 61.43 -44.70 -32.65
C ASN B 539 59.92 -44.79 -32.86
N SER B 540 59.48 -44.60 -34.10
CA SER B 540 58.06 -44.59 -34.40
C SER B 540 57.40 -45.91 -34.06
N GLY B 541 57.83 -46.96 -34.74
CA GLY B 541 57.32 -48.31 -34.53
C GLY B 541 58.04 -48.99 -33.37
N SER B 542 58.03 -48.37 -32.20
CA SER B 542 58.78 -48.86 -31.05
C SER B 542 57.98 -49.09 -29.76
N THR B 543 58.58 -49.89 -28.88
CA THR B 543 58.01 -50.26 -27.59
C THR B 543 58.95 -50.00 -26.41
N GLY B 544 58.38 -50.09 -25.20
CA GLY B 544 59.09 -49.90 -23.93
C GLY B 544 58.07 -49.99 -22.81
N ASP B 545 58.51 -49.77 -21.57
CA ASP B 545 57.63 -49.86 -20.41
C ASP B 545 56.96 -48.51 -20.18
N TRP B 546 56.31 -48.32 -19.04
CA TRP B 546 55.56 -47.11 -18.74
C TRP B 546 56.42 -45.85 -18.86
N ARG B 547 57.74 -45.98 -18.82
CA ARG B 547 58.62 -44.85 -18.90
C ARG B 547 58.62 -44.30 -20.30
N LYS B 548 58.36 -45.18 -21.28
CA LYS B 548 58.26 -44.73 -22.64
C LYS B 548 57.03 -43.91 -22.72
N THR B 549 56.00 -44.39 -22.03
CA THR B 549 54.71 -43.72 -21.98
C THR B 549 54.92 -42.39 -21.25
N ILE B 550 55.78 -42.37 -20.23
CA ILE B 550 56.07 -41.11 -19.54
C ILE B 550 56.66 -40.15 -20.52
N LEU B 551 57.63 -40.57 -21.33
CA LEU B 551 58.22 -39.65 -22.30
C LEU B 551 57.20 -39.18 -23.32
N LYS B 552 56.33 -40.08 -23.75
CA LYS B 552 55.31 -39.68 -24.69
C LYS B 552 54.49 -38.58 -24.04
N ARG B 553 54.05 -38.83 -22.80
CA ARG B 553 53.20 -37.92 -22.09
C ARG B 553 53.87 -36.60 -21.80
N ALA B 554 55.14 -36.68 -21.44
CA ALA B 554 55.95 -35.54 -21.02
C ALA B 554 56.03 -34.51 -22.12
N PHE B 555 56.08 -34.98 -23.35
CA PHE B 555 56.21 -34.03 -24.43
C PHE B 555 54.89 -33.88 -25.18
N ASN B 556 53.82 -34.48 -24.65
CA ASN B 556 52.46 -34.38 -25.19
C ASN B 556 52.36 -34.72 -26.68
N ILE B 557 53.14 -35.68 -27.14
CA ILE B 557 53.18 -36.06 -28.56
C ILE B 557 53.18 -37.55 -28.78
N ASP B 558 52.87 -38.01 -29.99
CA ASP B 558 52.91 -39.47 -30.18
C ASP B 558 54.31 -39.95 -30.49
N ASP B 559 54.49 -41.26 -30.65
CA ASP B 559 55.80 -41.87 -30.90
C ASP B 559 56.46 -41.42 -32.19
N VAL B 560 55.66 -41.13 -33.21
CA VAL B 560 56.25 -40.72 -34.46
C VAL B 560 56.91 -39.36 -34.27
N SER B 561 56.18 -38.47 -33.62
CA SER B 561 56.62 -37.11 -33.34
C SER B 561 57.71 -37.12 -32.28
N LEU B 562 57.66 -38.06 -31.34
CA LEU B 562 58.63 -38.15 -30.27
C LEU B 562 59.96 -38.52 -30.89
N PHE B 563 59.93 -39.45 -31.85
CA PHE B 563 61.16 -39.77 -32.52
C PHE B 563 61.64 -38.57 -33.28
N ARG B 564 60.76 -37.91 -34.03
CA ARG B 564 61.20 -36.76 -34.79
C ARG B 564 61.83 -35.74 -33.86
N LEU B 565 61.26 -35.56 -32.67
CA LEU B 565 61.76 -34.61 -31.71
C LEU B 565 63.21 -35.00 -31.30
N LEU B 566 63.53 -36.31 -31.25
CA LEU B 566 64.90 -36.71 -30.96
C LEU B 566 65.79 -36.23 -32.06
N LYS B 567 65.33 -36.39 -33.31
CA LYS B 567 66.09 -35.94 -34.47
C LYS B 567 66.23 -34.43 -34.42
N ILE B 568 65.20 -33.74 -33.94
CA ILE B 568 65.26 -32.29 -33.87
C ILE B 568 66.38 -31.86 -32.95
N THR B 569 66.49 -32.51 -31.80
CA THR B 569 67.60 -32.23 -30.89
C THR B 569 68.95 -32.60 -31.47
N ASP B 570 68.98 -33.76 -32.07
CA ASP B 570 70.16 -34.40 -32.60
C ASP B 570 69.81 -35.11 -33.87
N HIS B 571 70.25 -34.58 -35.01
CA HIS B 571 69.84 -35.14 -36.30
C HIS B 571 70.68 -36.34 -36.68
N ASP B 572 71.59 -36.73 -35.77
CA ASP B 572 72.37 -37.92 -35.92
C ASP B 572 71.78 -39.01 -35.02
N ASN B 573 70.79 -38.65 -34.17
CA ASN B 573 70.16 -39.64 -33.30
C ASN B 573 68.98 -40.25 -34.01
N LYS B 574 69.30 -41.05 -34.99
CA LYS B 574 68.32 -41.73 -35.82
C LYS B 574 68.01 -43.11 -35.26
N ASP B 575 68.68 -43.47 -34.18
CA ASP B 575 68.55 -44.79 -33.60
C ASP B 575 67.29 -44.97 -32.78
N GLY B 576 67.10 -46.18 -32.31
CA GLY B 576 65.94 -46.57 -31.53
C GLY B 576 66.12 -46.31 -30.05
N LYS B 577 66.41 -45.06 -29.67
CA LYS B 577 66.54 -44.76 -28.25
C LYS B 577 66.67 -43.32 -27.79
N ILE B 578 66.32 -43.17 -26.51
CA ILE B 578 66.59 -41.99 -25.70
C ILE B 578 67.92 -42.31 -25.01
N LYS B 579 68.82 -41.34 -24.90
CA LYS B 579 70.12 -41.61 -24.26
C LYS B 579 69.98 -41.51 -22.74
N ASN B 580 68.78 -41.12 -22.34
CA ASN B 580 68.25 -40.99 -20.99
C ASN B 580 68.99 -40.05 -20.06
N ASN B 581 69.30 -38.84 -20.52
CA ASN B 581 69.94 -37.91 -19.61
C ASN B 581 69.19 -36.61 -19.63
N LEU B 582 69.60 -35.66 -18.81
CA LEU B 582 68.86 -34.41 -18.79
C LEU B 582 69.10 -33.59 -20.02
N LYS B 583 70.28 -33.71 -20.61
CA LYS B 583 70.58 -32.87 -21.75
C LYS B 583 69.63 -33.07 -22.90
N ASN B 584 69.42 -34.31 -23.29
CA ASN B 584 68.57 -34.51 -24.43
C ASN B 584 67.11 -34.35 -24.08
N LEU B 585 66.73 -34.64 -22.84
CA LEU B 585 65.33 -34.50 -22.48
C LEU B 585 64.95 -33.05 -22.45
N SER B 586 65.90 -32.24 -22.03
CA SER B 586 65.74 -30.82 -21.95
C SER B 586 65.64 -30.27 -23.36
N ASN B 587 66.46 -30.81 -24.25
CA ASN B 587 66.41 -30.37 -25.63
C ASN B 587 65.14 -30.87 -26.33
N LEU B 588 64.62 -32.03 -25.92
CA LEU B 588 63.37 -32.47 -26.52
C LEU B 588 62.32 -31.47 -26.10
N TYR B 589 62.36 -31.12 -24.81
CA TYR B 589 61.44 -30.16 -24.27
C TYR B 589 61.58 -28.86 -25.02
N ILE B 590 62.80 -28.43 -25.36
CA ILE B 590 62.96 -27.19 -26.11
C ILE B 590 62.33 -27.28 -27.48
N GLY B 591 62.54 -28.35 -28.25
CA GLY B 591 61.89 -28.37 -29.56
C GLY B 591 60.37 -28.26 -29.36
N LYS B 592 59.85 -28.93 -28.34
CA LYS B 592 58.44 -28.81 -28.03
C LYS B 592 58.12 -27.36 -27.63
N LEU B 593 58.96 -26.74 -26.83
CA LEU B 593 58.65 -25.39 -26.43
C LEU B 593 58.62 -24.46 -27.60
N LEU B 594 59.48 -24.65 -28.58
CA LEU B 594 59.45 -23.79 -29.74
C LEU B 594 58.06 -24.00 -30.39
N ALA B 595 57.56 -25.24 -30.33
CA ALA B 595 56.23 -25.55 -30.84
C ALA B 595 55.14 -24.97 -29.94
N ASP B 596 55.42 -24.70 -28.67
CA ASP B 596 54.40 -24.13 -27.81
C ASP B 596 54.37 -22.59 -27.89
N ILE B 597 55.53 -21.98 -28.08
CA ILE B 597 55.61 -20.53 -28.15
C ILE B 597 55.16 -20.01 -29.54
N HIS B 598 55.21 -20.86 -30.56
CA HIS B 598 54.79 -20.51 -31.91
C HIS B 598 53.72 -21.48 -32.38
N GLN B 599 52.88 -21.13 -33.35
CA GLN B 599 51.85 -22.11 -33.73
C GLN B 599 52.38 -23.16 -34.69
N LEU B 600 53.21 -24.05 -34.16
CA LEU B 600 53.88 -25.07 -34.94
C LEU B 600 53.57 -26.48 -34.45
N THR B 601 53.58 -27.45 -35.35
CA THR B 601 53.48 -28.86 -34.96
C THR B 601 54.90 -29.39 -34.92
N ILE B 602 55.09 -30.63 -34.48
CA ILE B 602 56.47 -31.11 -34.43
C ILE B 602 57.01 -31.25 -35.86
N ASP B 603 56.22 -31.77 -36.80
CA ASP B 603 56.70 -31.92 -38.18
C ASP B 603 57.06 -30.57 -38.77
N GLU B 604 56.29 -29.58 -38.38
CA GLU B 604 56.49 -28.24 -38.84
C GLU B 604 57.76 -27.61 -38.29
N LEU B 605 58.27 -28.08 -37.15
CA LEU B 605 59.47 -27.47 -36.63
C LEU B 605 60.58 -27.64 -37.66
N ASP B 606 60.67 -28.82 -38.27
CA ASP B 606 61.70 -29.07 -39.28
C ASP B 606 61.43 -28.40 -40.60
N LEU B 607 60.17 -28.32 -41.01
CA LEU B 607 59.89 -27.73 -42.30
C LEU B 607 60.32 -26.27 -42.27
N LEU B 608 60.05 -25.60 -41.15
CA LEU B 608 60.45 -24.22 -40.99
C LEU B 608 61.97 -24.11 -40.95
N LEU B 609 62.67 -24.96 -40.19
CA LEU B 609 64.12 -24.80 -40.12
C LEU B 609 64.73 -24.89 -41.51
N ILE B 610 64.18 -25.78 -42.33
CA ILE B 610 64.65 -25.96 -43.69
C ILE B 610 64.35 -24.70 -44.51
N ALA B 611 63.13 -24.18 -44.41
CA ALA B 611 62.69 -23.00 -45.14
C ALA B 611 63.56 -21.79 -44.82
N VAL B 612 63.99 -21.72 -43.57
CA VAL B 612 64.84 -20.65 -43.07
C VAL B 612 66.30 -20.85 -43.42
N GLY B 613 66.80 -22.08 -43.31
CA GLY B 613 68.21 -22.34 -43.55
C GLY B 613 68.90 -22.81 -42.27
N GLU B 614 68.09 -23.09 -41.26
CA GLU B 614 68.48 -23.59 -39.96
C GLU B 614 68.27 -25.11 -39.93
N GLY B 615 68.04 -25.70 -41.10
CA GLY B 615 67.80 -27.13 -41.16
C GLY B 615 68.99 -27.87 -40.60
N LYS B 616 68.69 -28.98 -39.93
CA LYS B 616 69.65 -29.86 -39.27
C LYS B 616 70.42 -29.22 -38.11
N THR B 617 69.77 -28.30 -37.40
CA THR B 617 70.40 -27.72 -36.22
C THR B 617 70.31 -28.69 -35.10
N ASN B 618 71.44 -28.96 -34.47
CA ASN B 618 71.44 -29.84 -33.33
C ASN B 618 71.38 -29.04 -32.04
N LEU B 619 70.33 -29.26 -31.24
CA LEU B 619 70.15 -28.56 -29.97
C LEU B 619 71.19 -29.12 -29.01
N SER B 620 71.61 -30.35 -29.30
CA SER B 620 72.64 -31.02 -28.51
C SER B 620 73.98 -30.26 -28.65
N ALA B 621 74.08 -29.36 -29.63
CA ALA B 621 75.27 -28.57 -29.85
C ALA B 621 74.91 -27.10 -30.07
N ILE B 622 73.87 -26.57 -29.42
CA ILE B 622 73.54 -25.16 -29.70
C ILE B 622 73.96 -24.32 -28.52
N SER B 623 74.61 -23.19 -28.79
CA SER B 623 75.01 -22.29 -27.72
C SER B 623 73.77 -21.54 -27.30
N ASP B 624 73.84 -20.83 -26.18
CA ASP B 624 72.68 -20.10 -25.74
C ASP B 624 72.48 -18.89 -26.60
N LYS B 625 73.58 -18.37 -27.12
CA LYS B 625 73.51 -17.24 -27.99
C LYS B 625 72.79 -17.66 -29.26
N GLN B 626 73.14 -18.83 -29.75
CA GLN B 626 72.54 -19.37 -30.96
C GLN B 626 71.09 -19.72 -30.74
N LEU B 627 70.76 -20.19 -29.54
CA LEU B 627 69.39 -20.55 -29.24
C LEU B 627 68.55 -19.31 -29.20
N ALA B 628 69.04 -18.25 -28.56
CA ALA B 628 68.27 -17.03 -28.52
C ALA B 628 68.11 -16.48 -29.93
N THR B 629 69.15 -16.65 -30.74
CA THR B 629 69.16 -16.17 -32.10
C THR B 629 68.12 -16.92 -32.89
N LEU B 630 68.05 -18.23 -32.69
CA LEU B 630 67.08 -19.08 -33.36
C LEU B 630 65.67 -18.62 -33.02
N ILE B 631 65.43 -18.34 -31.74
CA ILE B 631 64.13 -17.88 -31.30
C ILE B 631 63.80 -16.55 -31.92
N ARG B 632 64.77 -15.62 -31.96
CA ARG B 632 64.52 -14.33 -32.57
C ARG B 632 64.18 -14.51 -34.03
N LYS B 633 64.81 -15.47 -34.72
CA LYS B 633 64.43 -15.71 -36.10
C LYS B 633 63.01 -16.23 -36.12
N LEU B 634 62.64 -17.09 -35.20
CA LEU B 634 61.28 -17.61 -35.24
C LEU B 634 60.33 -16.44 -35.05
N ASN B 635 60.71 -15.46 -34.26
CA ASN B 635 59.85 -14.32 -33.97
C ASN B 635 59.55 -13.45 -35.19
N THR B 636 60.27 -13.67 -36.28
CA THR B 636 60.12 -12.94 -37.53
C THR B 636 59.68 -13.88 -38.65
N ILE B 637 59.57 -15.17 -38.37
CA ILE B 637 59.17 -16.17 -39.36
C ILE B 637 57.82 -16.72 -39.00
N THR B 638 57.68 -17.20 -37.77
CA THR B 638 56.46 -17.81 -37.33
C THR B 638 55.47 -16.71 -37.15
N SER B 639 55.98 -15.57 -36.70
CA SER B 639 55.12 -14.41 -36.48
C SER B 639 54.64 -13.93 -37.83
N TRP B 640 55.49 -14.10 -38.81
CA TRP B 640 55.16 -13.77 -40.15
C TRP B 640 54.10 -14.73 -40.64
N LEU B 641 54.25 -16.03 -40.38
CA LEU B 641 53.25 -16.99 -40.81
C LEU B 641 51.92 -16.66 -40.16
N HIS B 642 51.98 -16.19 -38.91
CA HIS B 642 50.80 -15.86 -38.14
C HIS B 642 50.11 -14.65 -38.81
N THR B 643 50.93 -13.73 -39.34
CA THR B 643 50.51 -12.52 -40.02
C THR B 643 49.90 -12.83 -41.39
N GLN B 644 50.53 -13.77 -42.07
CA GLN B 644 50.16 -14.19 -43.44
C GLN B 644 49.13 -15.29 -43.46
N LYS B 645 48.90 -15.93 -42.31
CA LYS B 645 48.00 -17.06 -42.12
C LYS B 645 48.42 -18.23 -43.00
N TRP B 646 49.73 -18.43 -43.08
CA TRP B 646 50.29 -19.54 -43.85
C TRP B 646 50.69 -20.66 -42.92
N SER B 647 50.52 -21.88 -43.36
CA SER B 647 51.03 -22.99 -42.60
C SER B 647 52.54 -22.99 -42.78
N VAL B 648 53.26 -23.77 -41.97
CA VAL B 648 54.70 -23.85 -42.17
C VAL B 648 54.95 -24.49 -43.51
N PHE B 649 54.14 -25.48 -43.83
CA PHE B 649 54.26 -26.18 -45.08
C PHE B 649 54.13 -25.17 -46.22
N GLN B 650 53.14 -24.26 -46.15
CA GLN B 650 53.05 -23.29 -47.24
C GLN B 650 54.34 -22.48 -47.34
N LEU B 651 54.95 -22.11 -46.23
CA LEU B 651 56.24 -21.44 -46.39
C LEU B 651 57.23 -22.39 -47.03
N PHE B 652 57.30 -23.62 -46.55
CA PHE B 652 58.25 -24.62 -46.99
C PHE B 652 58.19 -24.79 -48.50
N ILE B 653 56.99 -24.89 -49.04
CA ILE B 653 56.90 -25.07 -50.49
C ILE B 653 57.29 -23.80 -51.21
N MET B 654 56.98 -22.62 -50.66
CA MET B 654 57.37 -21.38 -51.33
C MET B 654 58.90 -21.27 -51.34
N THR B 655 59.54 -21.87 -50.32
CA THR B 655 60.98 -21.92 -50.10
C THR B 655 61.65 -23.21 -50.58
N SER B 656 60.91 -24.16 -51.14
CA SER B 656 61.53 -25.40 -51.55
C SER B 656 62.19 -25.35 -52.90
N THR B 657 63.44 -25.76 -52.90
CA THR B 657 64.26 -25.82 -54.09
C THR B 657 64.62 -27.28 -54.34
N SER B 658 63.83 -28.19 -53.76
CA SER B 658 64.10 -29.63 -53.91
C SER B 658 63.92 -30.12 -55.33
N TYR B 659 63.05 -29.48 -56.11
CA TYR B 659 62.86 -29.85 -57.51
C TYR B 659 62.73 -31.34 -57.71
N ASN B 660 61.84 -31.95 -56.95
CA ASN B 660 61.68 -33.37 -57.14
C ASN B 660 60.94 -33.53 -58.45
N LYS B 661 61.69 -33.98 -59.44
CA LYS B 661 61.31 -34.20 -60.83
C LYS B 661 60.25 -35.26 -61.10
N THR B 662 59.40 -34.96 -62.09
CA THR B 662 58.37 -35.87 -62.57
C THR B 662 58.14 -35.66 -64.04
N LEU B 663 57.76 -36.70 -64.75
CA LEU B 663 57.43 -36.52 -66.16
C LEU B 663 55.94 -36.67 -66.44
N THR B 664 55.15 -36.66 -65.38
CA THR B 664 53.70 -36.78 -65.52
C THR B 664 53.13 -35.44 -66.02
N PRO B 665 51.88 -35.41 -66.57
CA PRO B 665 51.12 -34.25 -67.08
C PRO B 665 51.03 -33.06 -66.14
N GLU B 666 51.03 -33.27 -64.83
CA GLU B 666 50.90 -32.12 -63.95
C GLU B 666 51.99 -31.07 -64.22
N ILE B 667 53.16 -31.53 -64.65
CA ILE B 667 54.26 -30.66 -65.00
C ILE B 667 54.46 -30.68 -66.53
N LYS B 668 54.44 -31.90 -67.10
CA LYS B 668 54.68 -32.19 -68.53
C LYS B 668 53.80 -31.34 -69.46
N ASN B 669 52.56 -31.04 -69.05
CA ASN B 669 51.65 -30.28 -69.89
C ASN B 669 52.25 -28.94 -70.28
N LEU B 670 53.15 -28.38 -69.45
CA LEU B 670 53.77 -27.12 -69.80
C LEU B 670 54.73 -27.30 -70.96
N LEU B 671 55.38 -28.45 -71.08
CA LEU B 671 56.40 -28.61 -72.09
C LEU B 671 55.72 -28.52 -73.45
N ASP B 672 54.53 -29.12 -73.52
CA ASP B 672 53.73 -29.13 -74.74
C ASP B 672 53.10 -27.79 -75.04
N THR B 673 52.67 -27.09 -73.99
CA THR B 673 52.04 -25.80 -74.13
C THR B 673 53.02 -24.79 -74.71
N VAL B 674 54.25 -24.83 -74.22
CA VAL B 674 55.24 -23.93 -74.71
C VAL B 674 55.67 -24.32 -76.10
N TYR B 675 55.99 -25.60 -76.36
CA TYR B 675 56.44 -25.92 -77.70
C TYR B 675 55.41 -25.63 -78.77
N HIS B 676 54.16 -26.03 -78.56
CA HIS B 676 53.16 -25.76 -79.56
C HIS B 676 52.79 -24.28 -79.62
N GLY B 677 52.77 -23.61 -78.47
CA GLY B 677 52.44 -22.21 -78.41
C GLY B 677 53.43 -21.40 -79.22
N LEU B 678 54.65 -21.89 -79.24
CA LEU B 678 55.80 -21.37 -79.94
C LEU B 678 56.22 -22.23 -81.12
N GLN B 679 55.31 -22.91 -81.78
CA GLN B 679 55.81 -23.71 -82.89
C GLN B 679 56.53 -22.80 -83.91
N GLY B 680 56.00 -21.59 -84.11
CA GLY B 680 56.59 -20.61 -85.07
C GLY B 680 57.72 -19.80 -84.41
N PHE B 681 58.66 -20.50 -83.82
CA PHE B 681 59.74 -19.95 -83.02
C PHE B 681 60.95 -20.85 -82.89
N ASP B 682 62.15 -20.27 -82.81
CA ASP B 682 63.28 -21.09 -82.45
C ASP B 682 64.28 -20.23 -81.68
N LYS B 683 65.34 -20.87 -81.21
CA LYS B 683 66.35 -20.21 -80.39
C LYS B 683 66.99 -19.03 -81.10
N ASP B 684 67.17 -19.15 -82.41
CA ASP B 684 67.83 -18.14 -83.20
C ASP B 684 66.85 -17.20 -83.91
N LYS B 685 65.56 -17.28 -83.56
CA LYS B 685 64.56 -16.43 -84.21
C LYS B 685 64.06 -15.30 -83.30
N ALA B 686 63.96 -15.59 -82.01
CA ALA B 686 63.45 -14.59 -81.05
C ALA B 686 63.90 -14.94 -79.64
N ASP B 687 63.81 -13.97 -78.73
CA ASP B 687 64.14 -14.23 -77.33
C ASP B 687 63.05 -15.00 -76.59
N LEU B 688 63.40 -16.24 -76.22
CA LEU B 688 62.53 -17.18 -75.54
C LEU B 688 61.97 -16.60 -74.24
N LEU B 689 62.75 -15.76 -73.55
CA LEU B 689 62.31 -15.23 -72.27
C LEU B 689 61.09 -14.30 -72.42
N HIS B 690 60.81 -13.81 -73.62
CA HIS B 690 59.64 -12.97 -73.81
C HIS B 690 58.52 -13.72 -74.49
N VAL B 691 58.87 -14.64 -75.39
CA VAL B 691 57.84 -15.36 -76.12
C VAL B 691 57.26 -16.54 -75.33
N MET B 692 58.07 -17.22 -74.50
CA MET B 692 57.61 -18.30 -73.65
C MET B 692 56.79 -17.80 -72.49
N ALA B 693 57.01 -16.56 -72.09
CA ALA B 693 56.36 -15.96 -70.95
C ALA B 693 54.81 -16.11 -70.98
N PRO B 694 54.07 -15.85 -72.08
CA PRO B 694 52.62 -16.02 -72.12
C PRO B 694 52.16 -17.47 -72.03
N TYR B 695 53.04 -18.42 -72.29
CA TYR B 695 52.60 -19.79 -72.27
C TYR B 695 52.77 -20.37 -70.91
N ILE B 696 53.81 -19.94 -70.19
CA ILE B 696 53.89 -20.49 -68.86
C ILE B 696 52.78 -19.82 -68.11
N ALA B 697 52.48 -18.57 -68.47
CA ALA B 697 51.44 -17.83 -67.81
C ALA B 697 50.08 -18.46 -67.97
N ALA B 698 49.78 -18.96 -69.18
CA ALA B 698 48.52 -19.61 -69.51
C ALA B 698 48.35 -20.93 -68.78
N THR B 699 49.44 -21.64 -68.62
CA THR B 699 49.48 -22.95 -67.98
C THR B 699 49.29 -22.82 -66.49
N LEU B 700 49.92 -21.78 -65.97
CA LEU B 700 49.98 -21.47 -64.57
C LEU B 700 48.89 -20.45 -64.22
N GLN B 701 49.08 -19.60 -63.23
CA GLN B 701 47.96 -18.80 -62.74
C GLN B 701 47.62 -17.51 -63.49
N LEU B 702 47.27 -17.60 -64.77
CA LEU B 702 46.81 -16.44 -65.54
C LEU B 702 47.73 -15.23 -65.38
N SER B 703 49.01 -15.50 -65.39
CA SER B 703 50.07 -14.52 -65.18
C SER B 703 50.24 -13.59 -66.39
N SER B 704 50.75 -12.37 -66.18
CA SER B 704 51.00 -11.50 -67.33
C SER B 704 52.34 -11.89 -67.91
N GLU B 705 52.62 -11.47 -69.14
CA GLU B 705 53.89 -11.76 -69.78
C GLU B 705 55.10 -11.18 -69.05
N ASN B 706 54.94 -10.02 -68.45
CA ASN B 706 56.04 -9.37 -67.75
C ASN B 706 56.38 -10.09 -66.46
N VAL B 707 55.36 -10.68 -65.85
CA VAL B 707 55.62 -11.41 -64.65
C VAL B 707 56.25 -12.70 -65.07
N ALA B 708 55.65 -13.35 -66.03
CA ALA B 708 56.12 -14.62 -66.54
C ALA B 708 57.55 -14.50 -67.08
N HIS B 709 57.89 -13.37 -67.69
CA HIS B 709 59.24 -13.10 -68.20
C HIS B 709 60.25 -13.18 -67.09
N SER B 710 59.93 -12.47 -66.03
CA SER B 710 60.77 -12.45 -64.87
C SER B 710 60.79 -13.83 -64.23
N VAL B 711 59.67 -14.54 -64.28
CA VAL B 711 59.61 -15.87 -63.69
C VAL B 711 60.57 -16.81 -64.43
N LEU B 712 60.61 -16.72 -65.75
CA LEU B 712 61.53 -17.52 -66.52
C LEU B 712 62.97 -17.21 -66.19
N LEU B 713 63.31 -15.93 -66.01
CA LEU B 713 64.69 -15.63 -65.70
C LEU B 713 65.06 -16.18 -64.33
N TRP B 714 64.17 -16.01 -63.37
CA TRP B 714 64.41 -16.53 -62.05
C TRP B 714 64.83 -17.96 -62.14
N ALA B 715 64.02 -18.76 -62.82
CA ALA B 715 64.36 -20.16 -62.89
C ALA B 715 65.73 -20.36 -63.52
N ASP B 716 66.09 -19.58 -64.53
CA ASP B 716 67.41 -19.79 -65.12
C ASP B 716 68.53 -19.56 -64.11
N LYS B 717 68.33 -18.60 -63.22
CA LYS B 717 69.32 -18.24 -62.22
C LYS B 717 69.38 -19.22 -61.05
N LEU B 718 68.23 -19.80 -60.71
CA LEU B 718 68.14 -20.72 -59.59
C LEU B 718 68.71 -22.08 -59.96
N GLN B 719 68.60 -22.42 -61.24
CA GLN B 719 69.06 -23.68 -61.80
C GLN B 719 68.29 -24.89 -61.27
N PRO B 720 67.01 -24.99 -61.56
CA PRO B 720 66.09 -26.04 -61.19
C PRO B 720 66.34 -27.27 -62.01
N GLY B 721 67.36 -28.02 -61.66
CA GLY B 721 67.73 -29.18 -62.43
C GLY B 721 68.80 -29.96 -61.69
N ASP B 722 69.34 -31.00 -62.31
CA ASP B 722 70.39 -31.75 -61.62
C ASP B 722 71.68 -30.98 -61.84
N GLY B 723 71.74 -30.29 -62.97
CA GLY B 723 72.83 -29.44 -63.38
C GLY B 723 72.17 -28.12 -63.77
N ALA B 724 72.88 -27.25 -64.47
CA ALA B 724 72.26 -25.96 -64.80
C ALA B 724 71.03 -26.20 -65.66
N MET B 725 70.01 -25.41 -65.42
CA MET B 725 68.79 -25.51 -66.19
C MET B 725 68.21 -24.13 -66.45
N THR B 726 68.09 -23.81 -67.73
CA THR B 726 67.63 -22.51 -68.22
C THR B 726 66.60 -22.68 -69.34
N ALA B 727 65.83 -21.63 -69.60
CA ALA B 727 64.83 -21.61 -70.66
C ALA B 727 65.42 -21.97 -72.01
N GLU B 728 66.67 -21.60 -72.27
CA GLU B 728 67.24 -21.93 -73.58
C GLU B 728 67.33 -23.44 -73.76
N LYS B 729 67.62 -24.16 -72.68
CA LYS B 729 67.75 -25.60 -72.77
C LYS B 729 66.37 -26.19 -72.74
N PHE B 730 65.46 -25.48 -72.08
CA PHE B 730 64.10 -25.93 -71.98
C PHE B 730 63.60 -26.10 -73.39
N TRP B 731 63.77 -25.05 -74.19
CA TRP B 731 63.37 -25.04 -75.58
C TRP B 731 64.07 -26.08 -76.43
N ASP B 732 65.39 -26.20 -76.31
CA ASP B 732 66.08 -27.17 -77.16
C ASP B 732 65.53 -28.56 -76.92
N TRP B 733 65.12 -28.86 -75.71
CA TRP B 733 64.64 -30.19 -75.43
C TRP B 733 63.16 -30.35 -75.73
N LEU B 734 62.57 -29.36 -76.38
CA LEU B 734 61.23 -29.46 -76.85
C LEU B 734 61.30 -29.51 -78.36
N ASN B 735 62.30 -28.80 -78.88
CA ASN B 735 62.50 -28.66 -80.31
C ASN B 735 63.32 -29.76 -80.98
N THR B 736 64.21 -30.43 -80.24
CA THR B 736 65.06 -31.43 -80.86
C THR B 736 64.65 -32.82 -80.39
N LYS B 737 65.21 -33.28 -79.29
CA LYS B 737 64.91 -34.64 -78.83
C LYS B 737 63.63 -34.69 -78.02
N TYR B 738 62.51 -34.48 -78.74
CA TYR B 738 61.20 -34.44 -78.13
C TYR B 738 60.07 -34.77 -79.09
N THR B 739 59.09 -35.50 -78.58
CA THR B 739 57.88 -35.81 -79.31
C THR B 739 56.76 -35.18 -78.50
N PRO B 740 56.11 -34.11 -78.96
CA PRO B 740 55.07 -33.44 -78.21
C PRO B 740 53.99 -34.42 -77.83
N GLY B 741 53.59 -34.32 -76.58
CA GLY B 741 52.60 -35.13 -75.93
C GLY B 741 53.21 -36.31 -75.17
N SER B 742 54.46 -36.67 -75.51
CA SER B 742 55.16 -37.77 -74.88
C SER B 742 55.57 -37.49 -73.46
N SER B 743 55.54 -38.54 -72.64
CA SER B 743 56.03 -38.45 -71.28
C SER B 743 57.56 -38.59 -71.22
N GLU B 744 58.18 -39.00 -72.33
CA GLU B 744 59.63 -39.20 -72.37
C GLU B 744 60.28 -39.05 -73.75
N ALA B 745 61.59 -38.84 -73.74
CA ALA B 745 62.39 -38.77 -74.96
C ALA B 745 63.85 -38.99 -74.63
N VAL B 746 64.33 -38.14 -73.74
CA VAL B 746 65.70 -38.15 -73.23
C VAL B 746 65.71 -37.99 -71.72
N GLU B 747 66.81 -38.33 -71.06
CA GLU B 747 66.89 -38.16 -69.61
C GLU B 747 66.84 -36.69 -69.20
N THR B 748 67.22 -35.80 -70.12
CA THR B 748 67.22 -34.35 -69.88
C THR B 748 65.80 -33.80 -69.81
N GLN B 749 64.80 -34.61 -70.19
CA GLN B 749 63.41 -34.18 -70.11
C GLN B 749 63.10 -33.88 -68.65
N GLU B 750 63.79 -34.58 -67.75
CA GLU B 750 63.62 -34.40 -66.34
C GLU B 750 64.03 -32.99 -65.88
N HIS B 751 65.01 -32.40 -66.53
CA HIS B 751 65.48 -31.09 -66.17
C HIS B 751 64.49 -30.04 -66.61
N ILE B 752 63.86 -30.27 -67.74
CA ILE B 752 62.94 -29.27 -68.24
C ILE B 752 61.65 -29.28 -67.40
N VAL B 753 61.32 -30.43 -66.83
CA VAL B 753 60.17 -30.47 -65.93
C VAL B 753 60.54 -29.84 -64.56
N GLN B 754 61.80 -29.96 -64.11
CA GLN B 754 62.20 -29.26 -62.89
C GLN B 754 62.14 -27.77 -63.14
N TYR B 755 62.48 -27.35 -64.37
CA TYR B 755 62.41 -25.95 -64.72
C TYR B 755 60.98 -25.50 -64.59
N CYS B 756 60.05 -26.30 -65.12
CA CYS B 756 58.63 -25.97 -65.08
C CYS B 756 58.15 -25.78 -63.64
N GLN B 757 58.64 -26.63 -62.74
CA GLN B 757 58.25 -26.57 -61.35
C GLN B 757 58.69 -25.25 -60.73
N ALA B 758 59.87 -24.77 -61.12
CA ALA B 758 60.40 -23.52 -60.57
C ALA B 758 59.51 -22.37 -60.95
N LEU B 759 58.99 -22.45 -62.15
CA LEU B 759 58.20 -21.37 -62.68
C LEU B 759 56.86 -21.36 -61.95
N ALA B 760 56.30 -22.55 -61.72
CA ALA B 760 55.03 -22.67 -61.04
C ALA B 760 55.10 -22.16 -59.62
N GLN B 761 56.19 -22.48 -58.92
CA GLN B 761 56.25 -22.07 -57.54
C GLN B 761 56.39 -20.59 -57.41
N LEU B 762 57.16 -19.98 -58.31
CA LEU B 762 57.38 -18.57 -58.19
C LEU B 762 56.13 -17.76 -58.47
N GLU B 763 55.31 -18.17 -59.44
CA GLU B 763 54.08 -17.40 -59.64
C GLU B 763 53.18 -17.52 -58.43
N MET B 764 53.18 -18.69 -57.76
CA MET B 764 52.37 -18.81 -56.56
C MET B 764 52.91 -17.87 -55.46
N VAL B 765 54.24 -17.66 -55.44
CA VAL B 765 54.85 -16.74 -54.47
C VAL B 765 54.42 -15.32 -54.79
N TYR B 766 54.47 -14.96 -56.07
CA TYR B 766 54.10 -13.63 -56.51
C TYR B 766 52.69 -13.29 -56.03
N HIS B 767 51.76 -14.22 -56.29
CA HIS B 767 50.36 -14.04 -55.91
C HIS B 767 50.08 -14.14 -54.41
N SER B 768 50.78 -15.01 -53.68
CA SER B 768 50.53 -15.07 -52.24
C SER B 768 51.20 -13.90 -51.54
N THR B 769 52.25 -13.37 -52.14
CA THR B 769 53.02 -12.25 -51.61
C THR B 769 52.33 -10.92 -51.90
N GLY B 770 51.65 -10.83 -53.04
CA GLY B 770 50.98 -9.59 -53.44
C GLY B 770 51.94 -8.58 -54.07
N ILE B 771 52.95 -9.11 -54.75
CA ILE B 771 54.00 -8.32 -55.45
C ILE B 771 53.39 -7.74 -56.73
N ASN B 772 53.65 -6.46 -57.06
CA ASN B 772 53.08 -5.91 -58.29
C ASN B 772 53.90 -6.37 -59.51
N GLU B 773 53.47 -6.00 -60.71
CA GLU B 773 54.16 -6.47 -61.91
C GLU B 773 55.57 -5.94 -62.10
N ASN B 774 55.74 -4.64 -61.94
CA ASN B 774 57.06 -4.10 -62.17
C ASN B 774 57.93 -4.44 -60.99
N ALA B 775 57.33 -4.54 -59.81
CA ALA B 775 58.05 -4.84 -58.60
C ALA B 775 58.69 -6.19 -58.71
N PHE B 776 57.96 -7.12 -59.27
CA PHE B 776 58.50 -8.43 -59.42
C PHE B 776 59.66 -8.37 -60.38
N ARG B 777 59.48 -7.71 -61.50
CA ARG B 777 60.54 -7.62 -62.47
C ARG B 777 61.79 -7.02 -61.85
N LEU B 778 61.63 -5.99 -61.05
CA LEU B 778 62.78 -5.37 -60.44
C LEU B 778 63.50 -6.36 -59.55
N PHE B 779 62.78 -7.23 -58.87
CA PHE B 779 63.46 -8.18 -58.00
C PHE B 779 64.20 -9.24 -58.77
N VAL B 780 63.69 -9.59 -59.95
CA VAL B 780 64.31 -10.71 -60.63
C VAL B 780 65.28 -10.30 -61.72
N THR B 781 64.92 -9.34 -62.57
CA THR B 781 65.78 -8.98 -63.69
C THR B 781 66.74 -7.90 -63.26
N LYS B 782 66.36 -7.15 -62.24
CA LYS B 782 67.25 -6.12 -61.67
C LYS B 782 67.38 -6.15 -60.15
N PRO B 783 67.85 -7.29 -59.57
CA PRO B 783 68.03 -7.57 -58.14
C PRO B 783 69.14 -6.71 -57.58
N GLU B 784 69.86 -6.12 -58.51
CA GLU B 784 71.00 -5.29 -58.28
C GLU B 784 70.58 -4.12 -57.42
N MET B 785 69.37 -3.61 -57.66
CA MET B 785 68.89 -2.43 -56.99
C MET B 785 68.34 -2.70 -55.63
N PHE B 786 68.37 -3.95 -55.24
CA PHE B 786 67.90 -4.33 -53.95
C PHE B 786 69.06 -4.63 -53.08
N GLY B 787 70.27 -4.73 -53.65
CA GLY B 787 71.39 -5.14 -52.84
C GLY B 787 71.20 -6.62 -52.51
N ALA B 788 70.53 -7.34 -53.41
CA ALA B 788 70.21 -8.74 -53.18
C ALA B 788 71.22 -9.65 -53.83
N ALA B 789 70.74 -10.72 -54.48
CA ALA B 789 71.62 -11.69 -55.12
C ALA B 789 72.47 -10.95 -56.15
N THR B 790 71.90 -9.89 -56.74
CA THR B 790 72.55 -8.94 -57.65
C THR B 790 72.95 -9.50 -59.01
N GLY B 791 73.76 -10.54 -59.02
CA GLY B 791 74.21 -11.15 -60.27
C GLY B 791 73.29 -12.31 -60.65
N ALA B 792 72.21 -12.46 -59.88
CA ALA B 792 71.28 -13.55 -59.98
C ALA B 792 69.95 -13.18 -59.38
N ALA B 793 68.94 -13.94 -59.71
CA ALA B 793 67.64 -13.78 -59.12
C ALA B 793 67.77 -14.07 -57.62
N PRO B 794 66.90 -13.51 -56.77
CA PRO B 794 66.84 -13.76 -55.35
C PRO B 794 66.53 -15.22 -55.09
N ALA B 795 66.94 -15.70 -53.94
CA ALA B 795 66.68 -17.07 -53.52
C ALA B 795 65.23 -17.25 -53.14
N HIS B 796 64.78 -18.51 -53.01
CA HIS B 796 63.41 -18.81 -52.56
C HIS B 796 63.36 -18.85 -51.03
N ASP B 797 64.53 -18.63 -50.43
CA ASP B 797 64.81 -18.66 -49.00
C ASP B 797 63.86 -17.80 -48.17
N ALA B 798 63.39 -18.31 -47.04
CA ALA B 798 62.41 -17.58 -46.21
C ALA B 798 62.86 -16.18 -45.85
N LEU B 799 64.17 -15.92 -45.84
CA LEU B 799 64.68 -14.60 -45.48
C LEU B 799 64.78 -13.66 -46.69
N SER B 800 64.54 -14.15 -47.91
CA SER B 800 64.48 -13.28 -49.07
C SER B 800 63.00 -12.94 -49.17
N LEU B 801 62.20 -13.91 -48.71
CA LEU B 801 60.75 -13.83 -48.68
C LEU B 801 60.55 -12.99 -47.48
N ILE B 802 59.36 -12.49 -47.23
CA ILE B 802 59.08 -11.55 -46.13
C ILE B 802 59.50 -10.17 -46.59
N MET B 803 60.76 -10.02 -46.98
CA MET B 803 61.26 -8.76 -47.47
C MET B 803 60.65 -8.47 -48.82
N LEU B 804 60.30 -9.53 -49.56
CA LEU B 804 59.62 -9.37 -50.83
C LEU B 804 58.24 -8.79 -50.56
N THR B 805 57.64 -9.21 -49.44
CA THR B 805 56.31 -8.76 -49.07
C THR B 805 56.42 -7.32 -48.66
N ARG B 806 57.44 -7.00 -47.86
CA ARG B 806 57.62 -5.64 -47.42
C ARG B 806 57.72 -4.72 -48.63
N PHE B 807 58.44 -5.15 -49.66
CA PHE B 807 58.50 -4.32 -50.83
C PHE B 807 57.12 -4.29 -51.40
N ALA B 808 56.43 -5.43 -51.52
CA ALA B 808 55.13 -5.38 -52.16
C ALA B 808 54.20 -4.42 -51.49
N ASP B 809 54.27 -4.33 -50.18
CA ASP B 809 53.45 -3.43 -49.40
C ASP B 809 53.87 -2.00 -49.57
N TRP B 810 55.17 -1.78 -49.75
CA TRP B 810 55.73 -0.46 -50.01
C TRP B 810 55.13 -0.01 -51.33
N VAL B 811 55.09 -0.94 -52.26
CA VAL B 811 54.56 -0.72 -53.57
C VAL B 811 53.05 -0.49 -53.49
N ASN B 812 52.36 -1.26 -52.67
CA ASN B 812 50.93 -1.13 -52.56
C ASN B 812 50.59 0.22 -51.91
N ALA B 813 51.47 0.69 -51.02
CA ALA B 813 51.33 1.97 -50.32
C ALA B 813 51.42 3.15 -51.30
N LEU B 814 52.26 2.98 -52.32
CA LEU B 814 52.48 3.99 -53.36
C LEU B 814 51.23 4.09 -54.23
N GLY B 815 50.52 2.98 -54.35
CA GLY B 815 49.26 2.98 -55.07
C GLY B 815 49.42 3.34 -56.53
N GLU B 816 48.67 4.35 -56.97
CA GLU B 816 48.70 4.78 -58.36
C GLU B 816 50.02 5.39 -58.79
N LYS B 817 50.89 5.76 -57.84
CA LYS B 817 52.20 6.30 -58.17
C LYS B 817 53.25 5.20 -58.18
N ALA B 818 52.82 3.98 -57.85
CA ALA B 818 53.74 2.88 -57.73
C ALA B 818 54.50 2.59 -58.98
N SER B 819 53.91 2.78 -60.15
CA SER B 819 54.64 2.46 -61.38
C SER B 819 55.69 3.51 -61.69
N SER B 820 55.44 4.75 -61.25
CA SER B 820 56.37 5.83 -61.51
C SER B 820 57.60 5.57 -60.68
N VAL B 821 57.33 5.09 -59.48
CA VAL B 821 58.36 4.80 -58.53
C VAL B 821 59.11 3.56 -58.92
N LEU B 822 58.42 2.51 -59.33
CA LEU B 822 59.15 1.31 -59.70
C LEU B 822 60.10 1.59 -60.85
N ALA B 823 59.71 2.41 -61.83
CA ALA B 823 60.67 2.73 -62.89
C ALA B 823 61.85 3.54 -62.32
N ALA B 824 61.55 4.50 -61.45
CA ALA B 824 62.56 5.35 -60.85
C ALA B 824 63.52 4.54 -60.00
N PHE B 825 63.00 3.49 -59.37
CA PHE B 825 63.72 2.54 -58.54
C PHE B 825 64.69 1.75 -59.42
N GLU B 826 64.23 1.28 -60.58
CA GLU B 826 65.12 0.53 -61.48
C GLU B 826 66.34 1.38 -61.77
N ALA B 827 66.10 2.68 -61.90
CA ALA B 827 67.12 3.66 -62.14
C ALA B 827 67.46 4.37 -60.82
N ASN B 828 67.84 5.63 -60.90
CA ASN B 828 68.15 6.35 -59.68
C ASN B 828 67.43 7.68 -59.73
N SER B 829 66.14 7.63 -60.05
CA SER B 829 65.36 8.84 -60.19
C SER B 829 64.56 9.19 -58.93
N LEU B 830 64.67 8.36 -57.89
CA LEU B 830 63.94 8.58 -56.64
C LEU B 830 64.72 9.45 -55.67
N THR B 831 63.98 10.25 -54.92
CA THR B 831 64.59 11.09 -53.90
C THR B 831 63.69 11.46 -52.72
N ALA B 832 64.25 12.26 -51.82
CA ALA B 832 63.57 12.78 -50.63
C ALA B 832 62.43 13.62 -51.11
N GLU B 833 61.34 13.72 -50.35
CA GLU B 833 60.16 14.53 -50.69
C GLU B 833 59.35 13.83 -51.78
N GLN B 834 59.98 13.58 -52.92
CA GLN B 834 59.39 12.87 -54.03
C GLN B 834 58.79 11.53 -53.62
N LEU B 835 59.59 10.71 -52.96
CA LEU B 835 59.11 9.41 -52.56
C LEU B 835 58.07 9.58 -51.49
N ALA B 836 58.31 10.51 -50.56
CA ALA B 836 57.44 10.71 -49.41
C ALA B 836 56.06 11.08 -49.88
N ASP B 837 55.99 11.86 -50.94
CA ASP B 837 54.70 12.21 -51.44
C ASP B 837 54.04 10.96 -51.97
N ALA B 838 54.77 10.16 -52.74
CA ALA B 838 54.18 8.96 -53.33
C ALA B 838 53.68 8.01 -52.26
N MET B 839 54.39 7.95 -51.15
CA MET B 839 54.07 7.09 -50.03
C MET B 839 53.14 7.69 -49.00
N ASN B 840 52.71 8.93 -49.18
CA ASN B 840 51.89 9.65 -48.22
C ASN B 840 52.56 9.78 -46.83
N LEU B 841 53.87 10.01 -46.83
CA LEU B 841 54.67 10.23 -45.63
C LEU B 841 54.98 11.69 -45.46
N ASP B 842 55.21 12.13 -44.24
CA ASP B 842 55.72 13.48 -44.14
C ASP B 842 57.09 13.50 -44.79
N ALA B 843 57.31 14.49 -45.64
CA ALA B 843 58.57 14.65 -46.34
C ALA B 843 59.76 14.85 -45.45
N ASN B 844 59.57 15.52 -44.32
CA ASN B 844 60.68 15.85 -43.47
C ASN B 844 61.04 14.66 -42.65
N LEU B 845 60.05 13.84 -42.33
CA LEU B 845 60.36 12.63 -41.56
C LEU B 845 61.15 11.68 -42.44
N LEU B 846 60.83 11.68 -43.74
CA LEU B 846 61.55 10.81 -44.66
C LEU B 846 62.99 11.30 -44.78
N LEU B 847 63.17 12.61 -44.86
CA LEU B 847 64.49 13.15 -44.99
C LEU B 847 65.32 12.96 -43.73
N GLN B 848 64.73 13.23 -42.58
CA GLN B 848 65.45 13.09 -41.34
C GLN B 848 65.88 11.65 -41.17
N ALA B 849 65.03 10.74 -41.59
CA ALA B 849 65.33 9.33 -41.55
C ALA B 849 66.44 8.98 -42.52
N SER B 850 66.52 9.69 -43.66
CA SER B 850 67.55 9.43 -44.64
C SER B 850 68.87 9.72 -44.00
N ILE B 851 68.87 10.80 -43.25
CA ILE B 851 70.05 11.29 -42.57
C ILE B 851 70.50 10.33 -41.47
N GLN B 852 69.58 9.88 -40.62
CA GLN B 852 69.97 9.01 -39.53
C GLN B 852 70.46 7.68 -40.05
N ALA B 853 69.91 7.28 -41.19
CA ALA B 853 70.26 6.05 -41.85
C ALA B 853 71.69 6.09 -42.39
N GLN B 854 72.24 7.29 -42.57
CA GLN B 854 73.56 7.47 -43.14
C GLN B 854 74.60 7.79 -42.07
N ASN B 855 74.15 8.35 -40.96
CA ASN B 855 75.06 8.81 -39.91
C ASN B 855 75.41 7.75 -38.89
N HIS B 856 74.90 6.55 -39.09
CA HIS B 856 75.19 5.44 -38.21
C HIS B 856 75.66 4.27 -39.02
N GLN B 857 76.47 3.44 -38.41
CA GLN B 857 76.91 2.27 -39.09
C GLN B 857 75.73 1.33 -39.23
N HIS B 858 75.63 0.67 -40.36
CA HIS B 858 74.59 -0.30 -40.57
C HIS B 858 75.20 -1.46 -41.33
N LEU B 859 74.74 -2.68 -41.05
CA LEU B 859 75.17 -3.86 -41.80
C LEU B 859 74.76 -3.66 -43.25
N PRO B 860 73.57 -3.07 -43.50
CA PRO B 860 73.15 -2.64 -44.81
C PRO B 860 73.58 -1.18 -44.94
N PRO B 861 74.76 -0.85 -45.47
CA PRO B 861 75.29 0.49 -45.43
C PRO B 861 74.44 1.38 -46.27
N VAL B 862 74.24 2.61 -45.85
CA VAL B 862 73.44 3.48 -46.67
C VAL B 862 74.31 4.52 -47.32
N THR B 863 74.35 4.47 -48.63
CA THR B 863 75.16 5.39 -49.39
C THR B 863 74.24 6.52 -49.81
N PRO B 864 74.54 7.80 -49.58
CA PRO B 864 73.67 8.92 -49.91
C PRO B 864 73.15 8.83 -51.35
N GLU B 865 73.98 8.30 -52.23
CA GLU B 865 73.70 8.15 -53.65
C GLU B 865 72.51 7.27 -53.97
N ASN B 866 72.23 6.25 -53.17
CA ASN B 866 71.13 5.37 -53.51
C ASN B 866 70.15 5.34 -52.36
N ALA B 867 70.20 6.36 -51.51
CA ALA B 867 69.39 6.38 -50.31
C ALA B 867 67.92 6.17 -50.62
N PHE B 868 67.45 6.68 -51.75
CA PHE B 868 66.05 6.52 -52.10
C PHE B 868 65.79 5.59 -53.26
N SER B 869 66.83 4.95 -53.82
CA SER B 869 66.63 4.09 -54.99
C SER B 869 66.96 2.64 -54.73
N CYS B 870 67.77 2.36 -53.72
CA CYS B 870 68.10 0.97 -53.45
C CYS B 870 67.25 0.45 -52.32
N TRP B 871 66.63 -0.70 -52.50
CA TRP B 871 65.74 -1.22 -51.48
C TRP B 871 66.42 -1.41 -50.15
N THR B 872 67.65 -1.87 -50.16
CA THR B 872 68.33 -2.04 -48.90
C THR B 872 68.48 -0.70 -48.18
N SER B 873 68.88 0.32 -48.92
CA SER B 873 69.06 1.62 -48.32
C SER B 873 67.71 2.17 -47.84
N ILE B 874 66.67 1.90 -48.62
CA ILE B 874 65.33 2.35 -48.33
C ILE B 874 64.85 1.71 -47.05
N ASN B 875 65.07 0.42 -46.90
CA ASN B 875 64.61 -0.28 -45.71
C ASN B 875 65.22 0.29 -44.47
N THR B 876 66.46 0.73 -44.54
CA THR B 876 67.06 1.30 -43.35
C THR B 876 66.29 2.56 -43.02
N ILE B 877 66.05 3.37 -44.04
CA ILE B 877 65.40 4.64 -43.86
C ILE B 877 64.00 4.51 -43.36
N LEU B 878 63.25 3.57 -43.90
CA LEU B 878 61.88 3.39 -43.50
C LEU B 878 61.78 3.00 -42.06
N GLN B 879 62.75 2.26 -41.56
CA GLN B 879 62.73 1.89 -40.17
C GLN B 879 62.92 3.14 -39.32
N TRP B 880 63.81 4.02 -39.75
CA TRP B 880 64.03 5.25 -38.99
C TRP B 880 62.78 6.13 -39.04
N VAL B 881 62.01 6.02 -40.13
CA VAL B 881 60.78 6.77 -40.19
C VAL B 881 59.78 6.14 -39.22
N ASN B 882 59.63 4.82 -39.28
CA ASN B 882 58.61 4.13 -38.53
C ASN B 882 58.82 4.17 -37.03
N VAL B 883 60.06 4.18 -36.61
CA VAL B 883 60.32 4.23 -35.20
C VAL B 883 59.96 5.62 -34.74
N ALA B 884 60.35 6.64 -35.50
CA ALA B 884 60.02 7.99 -35.11
C ALA B 884 58.53 8.19 -35.01
N GLN B 885 57.77 7.54 -35.90
CA GLN B 885 56.32 7.63 -35.92
C GLN B 885 55.68 6.94 -34.74
N GLN B 886 56.24 5.80 -34.31
CA GLN B 886 55.70 5.15 -33.12
C GLN B 886 55.95 6.00 -31.89
N LEU B 887 57.08 6.67 -31.88
CA LEU B 887 57.48 7.43 -30.73
C LEU B 887 57.13 8.91 -30.81
N ASN B 888 56.80 9.42 -32.00
CA ASN B 888 56.54 10.85 -32.23
C ASN B 888 57.75 11.69 -31.88
N VAL B 889 58.93 11.19 -32.26
CA VAL B 889 60.17 11.92 -31.98
C VAL B 889 60.94 12.51 -33.16
N ALA B 890 60.50 12.33 -34.41
CA ALA B 890 61.22 12.92 -35.55
C ALA B 890 62.66 12.39 -35.65
N PRO B 891 62.88 11.22 -36.29
CA PRO B 891 64.13 10.40 -36.33
C PRO B 891 65.41 10.89 -35.66
N GLN B 892 65.74 12.17 -35.65
CA GLN B 892 66.93 12.58 -34.90
C GLN B 892 66.67 12.21 -33.46
N GLY B 893 65.41 12.33 -33.07
CA GLY B 893 65.00 11.96 -31.76
C GLY B 893 65.20 10.45 -31.53
N VAL B 894 65.04 9.64 -32.56
CA VAL B 894 65.20 8.21 -32.37
C VAL B 894 66.65 7.99 -32.05
N SER B 895 67.52 8.68 -32.75
CA SER B 895 68.96 8.52 -32.61
C SER B 895 69.35 8.77 -31.18
N ALA B 896 68.74 9.79 -30.61
CA ALA B 896 69.01 10.14 -29.23
C ALA B 896 68.65 8.97 -28.31
N LEU B 897 67.59 8.24 -28.62
CA LEU B 897 67.18 7.11 -27.80
C LEU B 897 68.04 5.87 -28.07
N VAL B 898 68.46 5.74 -29.31
CA VAL B 898 69.25 4.60 -29.76
C VAL B 898 70.63 4.59 -29.16
N GLY B 899 71.30 5.72 -29.08
CA GLY B 899 72.67 5.72 -28.56
C GLY B 899 72.80 5.60 -27.04
N LEU B 900 72.05 4.67 -26.44
CA LEU B 900 72.10 4.39 -25.03
C LEU B 900 72.37 2.91 -24.86
N ASP B 901 73.35 2.55 -24.04
CA ASP B 901 73.64 1.14 -23.88
C ASP B 901 74.28 0.82 -22.54
N TYR B 902 74.53 -0.46 -22.33
CA TYR B 902 75.14 -1.02 -21.14
C TYR B 902 76.36 -1.79 -21.56
N ILE B 903 76.15 -2.89 -22.26
CA ILE B 903 77.27 -3.67 -22.75
C ILE B 903 77.68 -3.13 -24.09
N GLU B 904 78.04 -1.86 -24.11
CA GLU B 904 78.46 -1.28 -25.37
C GLU B 904 79.72 -1.97 -25.80
N SER B 905 79.73 -2.57 -26.98
CA SER B 905 80.90 -3.30 -27.43
C SER B 905 82.11 -2.42 -27.60
N MET B 906 81.89 -1.14 -27.89
CA MET B 906 82.99 -0.18 -28.03
C MET B 906 83.32 0.51 -26.70
N LYS B 907 82.59 0.14 -25.66
CA LYS B 907 82.65 0.65 -24.29
C LYS B 907 82.40 2.16 -24.21
N GLU B 908 81.54 2.68 -25.07
CA GLU B 908 81.21 4.09 -25.07
C GLU B 908 80.03 4.33 -24.16
N THR B 909 80.27 4.17 -22.88
CA THR B 909 79.20 4.34 -21.90
C THR B 909 78.65 5.75 -22.03
N PRO B 910 77.34 5.97 -22.22
CA PRO B 910 76.75 7.27 -22.38
C PRO B 910 76.81 8.03 -21.07
N THR B 911 76.96 9.34 -21.15
CA THR B 911 77.00 10.16 -19.97
C THR B 911 75.60 10.43 -19.50
N TYR B 912 75.45 10.94 -18.30
CA TYR B 912 74.12 11.19 -17.80
C TYR B 912 73.38 12.11 -18.74
N ALA B 913 74.07 13.12 -19.25
CA ALA B 913 73.45 14.10 -20.12
C ALA B 913 72.88 13.43 -21.35
N GLN B 914 73.50 12.38 -21.83
CA GLN B 914 72.99 11.72 -22.99
C GLN B 914 71.70 11.01 -22.64
N TRP B 915 71.62 10.50 -21.42
CA TRP B 915 70.42 9.81 -20.97
C TRP B 915 69.32 10.82 -20.78
N GLU B 916 69.72 12.00 -20.34
CA GLU B 916 68.81 13.09 -20.05
C GLU B 916 68.23 13.65 -21.32
N ASN B 917 69.05 13.80 -22.35
CA ASN B 917 68.53 14.35 -23.57
C ASN B 917 67.59 13.35 -24.20
N ALA B 918 67.95 12.07 -24.15
CA ALA B 918 67.11 11.06 -24.70
C ALA B 918 65.78 11.02 -23.96
N ALA B 919 65.81 11.19 -22.64
CA ALA B 919 64.59 11.17 -21.88
C ALA B 919 63.66 12.27 -22.30
N GLY B 920 64.20 13.47 -22.53
CA GLY B 920 63.35 14.59 -22.90
C GLY B 920 62.66 14.37 -24.23
N VAL B 921 63.40 13.78 -25.15
CA VAL B 921 62.88 13.54 -26.49
C VAL B 921 61.78 12.52 -26.49
N LEU B 922 61.98 11.43 -25.79
CA LEU B 922 60.97 10.42 -25.75
C LEU B 922 59.71 10.90 -25.03
N THR B 923 59.89 11.62 -23.92
CA THR B 923 58.77 12.12 -23.13
C THR B 923 57.89 13.01 -23.98
N ALA B 924 58.53 13.81 -24.81
CA ALA B 924 57.87 14.81 -25.62
C ALA B 924 56.81 14.24 -26.56
N GLY B 925 56.89 12.96 -26.89
CA GLY B 925 55.96 12.35 -27.84
C GLY B 925 54.64 11.85 -27.25
N LEU B 926 54.42 12.06 -25.96
CA LEU B 926 53.22 11.58 -25.27
C LEU B 926 52.00 12.47 -25.27
N ASN B 927 50.85 11.83 -25.20
CA ASN B 927 49.57 12.51 -25.07
C ASN B 927 49.49 12.95 -23.63
N SER B 928 48.71 13.98 -23.30
CA SER B 928 48.69 14.40 -21.90
C SER B 928 48.16 13.29 -21.00
N GLN B 929 47.26 12.50 -21.53
CA GLN B 929 46.68 11.38 -20.79
C GLN B 929 47.74 10.36 -20.40
N GLN B 930 48.85 10.34 -21.14
CA GLN B 930 49.93 9.41 -20.90
C GLN B 930 50.99 10.09 -20.06
N ALA B 931 51.21 11.38 -20.31
CA ALA B 931 52.22 12.13 -19.58
C ALA B 931 51.86 12.14 -18.13
N ASN B 932 50.58 12.12 -17.85
CA ASN B 932 50.09 12.10 -16.51
C ASN B 932 50.43 10.80 -15.79
N THR B 933 50.55 9.66 -16.49
CA THR B 933 50.82 8.44 -15.78
C THR B 933 52.30 8.36 -15.62
N LEU B 934 53.00 9.00 -16.53
CA LEU B 934 54.42 9.05 -16.46
C LEU B 934 54.79 9.84 -15.25
N HIS B 935 54.16 10.98 -15.06
CA HIS B 935 54.50 11.76 -13.92
C HIS B 935 54.12 11.03 -12.69
N ALA B 936 52.95 10.40 -12.66
CA ALA B 936 52.62 9.75 -11.40
C ALA B 936 53.68 8.75 -10.98
N PHE B 937 54.17 8.00 -11.95
CA PHE B 937 55.20 7.05 -11.70
C PHE B 937 56.49 7.66 -11.27
N LEU B 938 56.95 8.64 -12.01
CA LEU B 938 58.23 9.20 -11.71
C LEU B 938 58.23 9.92 -10.40
N ASP B 939 57.13 10.56 -10.08
CA ASP B 939 57.09 11.33 -8.87
C ASP B 939 57.13 10.41 -7.67
N GLU B 940 56.43 9.27 -7.74
CA GLU B 940 56.46 8.37 -6.60
C GLU B 940 57.83 7.72 -6.43
N SER B 941 58.47 7.35 -7.54
CA SER B 941 59.77 6.70 -7.45
C SER B 941 60.85 7.65 -7.02
N ARG B 942 60.78 8.88 -7.53
CA ARG B 942 61.79 9.82 -7.20
C ARG B 942 61.74 10.13 -5.74
N SER B 943 60.53 10.31 -5.18
CA SER B 943 60.50 10.72 -3.80
C SER B 943 61.04 9.66 -2.90
N ALA B 944 60.83 8.40 -3.23
CA ALA B 944 61.37 7.38 -2.36
C ALA B 944 62.88 7.48 -2.34
N ALA B 945 63.44 7.77 -3.50
CA ALA B 945 64.87 7.82 -3.63
C ALA B 945 65.46 9.01 -2.91
N LEU B 946 64.81 10.15 -3.05
CA LEU B 946 65.32 11.36 -2.43
C LEU B 946 65.16 11.28 -0.95
N SER B 947 64.07 10.64 -0.53
CA SER B 947 63.78 10.54 0.87
C SER B 947 64.80 9.68 1.55
N THR B 948 65.17 8.60 0.89
CA THR B 948 66.14 7.72 1.48
C THR B 948 67.48 8.42 1.60
N TYR B 949 67.86 9.14 0.55
CA TYR B 949 69.12 9.85 0.58
C TYR B 949 69.11 10.81 1.73
N TYR B 950 68.02 11.55 1.86
CA TYR B 950 67.97 12.55 2.87
C TYR B 950 68.26 11.93 4.24
N ILE B 951 67.57 10.82 4.52
CA ILE B 951 67.68 10.19 5.81
C ILE B 951 69.08 9.73 6.10
N ARG B 952 69.73 9.13 5.12
CA ARG B 952 71.07 8.63 5.37
C ARG B 952 72.19 9.67 5.30
N GLN B 953 72.10 10.65 4.41
CA GLN B 953 73.21 11.58 4.24
C GLN B 953 73.06 13.05 4.64
N VAL B 954 71.86 13.62 4.63
CA VAL B 954 71.77 15.05 4.89
C VAL B 954 70.84 15.45 6.03
N ALA B 955 70.15 14.48 6.58
CA ALA B 955 69.31 14.73 7.72
C ALA B 955 70.22 15.11 8.86
N LYS B 956 69.77 15.95 9.77
CA LYS B 956 70.63 16.32 10.88
C LYS B 956 70.44 15.28 11.94
N ALA B 957 71.46 15.03 12.74
CA ALA B 957 71.37 14.04 13.81
C ALA B 957 70.38 14.38 14.89
N ALA B 958 70.25 15.67 15.20
CA ALA B 958 69.39 16.09 16.29
C ALA B 958 67.95 15.70 16.03
N ALA B 959 67.56 15.73 14.78
CA ALA B 959 66.23 15.32 14.42
C ALA B 959 66.37 13.84 14.14
N ALA B 960 66.00 13.00 15.08
CA ALA B 960 66.33 11.58 14.93
C ALA B 960 65.41 10.84 13.98
N ILE B 961 65.57 11.14 12.71
CA ILE B 961 64.78 10.56 11.65
C ILE B 961 65.33 9.21 11.30
N LYS B 962 64.51 8.17 11.45
CA LYS B 962 64.97 6.82 11.20
C LYS B 962 64.34 6.27 9.93
N SER B 963 63.20 6.81 9.57
CA SER B 963 62.45 6.32 8.42
C SER B 963 61.64 7.42 7.78
N ARG B 964 61.01 7.10 6.66
CA ARG B 964 60.21 8.07 5.92
C ARG B 964 59.06 8.58 6.78
N ASP B 965 58.59 7.76 7.70
CA ASP B 965 57.52 8.19 8.58
C ASP B 965 57.97 9.34 9.47
N ASP B 966 59.25 9.39 9.85
CA ASP B 966 59.67 10.44 10.74
C ASP B 966 59.97 11.62 9.88
N LEU B 967 60.40 11.33 8.67
CA LEU B 967 60.76 12.38 7.79
C LEU B 967 59.53 13.24 7.58
N TYR B 968 58.37 12.60 7.46
CA TYR B 968 57.09 13.27 7.38
C TYR B 968 56.83 14.18 8.54
N GLN B 969 57.11 13.68 9.72
CA GLN B 969 56.83 14.40 10.95
C GLN B 969 57.79 15.57 11.14
N TYR B 970 58.99 15.45 10.58
CA TYR B 970 59.96 16.50 10.68
C TYR B 970 59.79 17.58 9.64
N LEU B 971 59.62 17.19 8.37
CA LEU B 971 59.54 18.17 7.30
C LEU B 971 58.12 18.60 7.05
N LEU B 972 57.24 18.08 7.85
CA LEU B 972 55.84 18.42 7.82
C LEU B 972 55.18 18.23 6.46
N ILE B 973 55.57 17.19 5.75
CA ILE B 973 54.99 16.92 4.44
C ILE B 973 55.08 15.42 4.16
N ASP B 974 54.04 14.85 3.60
CA ASP B 974 54.03 13.40 3.42
C ASP B 974 54.60 12.97 2.08
N ASN B 975 55.70 12.25 2.14
CA ASN B 975 56.41 11.78 0.95
C ASN B 975 56.05 10.36 0.54
N GLN B 976 55.02 9.83 1.14
CA GLN B 976 54.49 8.49 0.87
C GLN B 976 53.08 8.51 0.33
N VAL B 977 52.65 9.65 -0.13
CA VAL B 977 51.30 9.78 -0.67
C VAL B 977 51.32 9.40 -2.10
N SER B 978 50.18 9.01 -2.65
CA SER B 978 50.14 8.71 -4.06
C SER B 978 50.18 10.00 -4.86
N ALA B 979 50.50 9.88 -6.13
CA ALA B 979 50.55 11.07 -6.99
C ALA B 979 49.17 11.58 -7.37
N ALA B 980 48.17 10.80 -6.99
CA ALA B 980 46.80 11.11 -7.25
C ALA B 980 46.33 12.27 -6.39
N ILE B 981 47.00 12.52 -5.28
CA ILE B 981 46.55 13.61 -4.44
C ILE B 981 47.02 14.95 -4.97
N LYS B 982 46.08 15.88 -5.12
CA LYS B 982 46.43 17.20 -5.59
C LYS B 982 46.28 18.23 -4.49
N THR B 983 47.08 19.28 -4.60
CA THR B 983 47.13 20.36 -3.64
C THR B 983 47.53 21.66 -4.27
N THR B 984 47.80 22.66 -3.44
CA THR B 984 48.27 23.96 -3.90
C THR B 984 49.44 24.35 -3.02
N ARG B 985 50.26 25.32 -3.41
CA ARG B 985 51.40 25.66 -2.56
C ARG B 985 50.95 26.21 -1.22
N ILE B 986 49.89 26.99 -1.23
CA ILE B 986 49.35 27.49 0.02
C ILE B 986 48.73 26.36 0.80
N ALA B 987 47.97 25.48 0.18
CA ALA B 987 47.36 24.43 0.95
C ALA B 987 48.41 23.60 1.68
N GLU B 988 49.58 23.42 1.09
CA GLU B 988 50.64 22.71 1.77
C GLU B 988 51.31 23.57 2.83
N ALA B 989 51.44 24.89 2.63
CA ALA B 989 51.98 25.74 3.68
C ALA B 989 51.06 25.70 4.92
N ILE B 990 49.76 25.65 4.70
CA ILE B 990 48.81 25.51 5.80
C ILE B 990 48.91 24.05 5.90
N ALA B 991 48.33 23.36 6.80
CA ALA B 991 48.59 21.90 6.86
C ALA B 991 50.00 21.64 7.38
N SER B 992 51.06 21.94 6.64
CA SER B 992 52.35 21.71 7.23
C SER B 992 52.52 22.53 8.52
N ILE B 993 51.97 23.74 8.57
CA ILE B 993 52.05 24.49 9.81
C ILE B 993 51.11 23.88 10.82
N GLN B 994 49.94 23.47 10.40
CA GLN B 994 48.97 22.96 11.34
C GLN B 994 49.51 21.73 12.04
N LEU B 995 50.25 20.92 11.31
CA LEU B 995 50.84 19.73 11.88
C LEU B 995 51.84 20.14 12.93
N TYR B 996 52.64 21.13 12.60
CA TYR B 996 53.63 21.63 13.53
C TYR B 996 52.96 22.07 14.80
N VAL B 997 51.88 22.83 14.67
CA VAL B 997 51.18 23.32 15.84
C VAL B 997 50.56 22.20 16.62
N ASN B 998 49.96 21.24 15.95
CA ASN B 998 49.32 20.19 16.67
C ASN B 998 50.29 19.38 17.50
N ARG B 999 51.47 19.13 16.96
CA ARG B 999 52.46 18.36 17.68
C ARG B 999 53.02 19.16 18.83
N ALA B 1000 53.05 20.48 18.66
CA ALA B 1000 53.50 21.30 19.76
C ALA B 1000 52.49 21.25 20.90
N LEU B 1001 51.20 21.33 20.58
CA LEU B 1001 50.16 21.37 21.60
C LEU B 1001 49.98 20.06 22.31
N GLU B 1002 50.25 18.98 21.62
CA GLU B 1002 50.09 17.64 22.16
C GLU B 1002 51.35 17.14 22.84
N ASN B 1003 52.34 18.00 22.94
CA ASN B 1003 53.62 17.71 23.54
C ASN B 1003 54.33 16.55 22.90
N VAL B 1004 54.23 16.47 21.59
CA VAL B 1004 54.96 15.45 20.87
C VAL B 1004 56.34 16.04 20.78
N GLU B 1005 56.36 17.33 20.45
CA GLU B 1005 57.58 18.12 20.35
C GLU B 1005 58.03 18.37 21.77
N GLU B 1006 59.31 18.31 22.05
CA GLU B 1006 59.75 18.40 23.44
C GLU B 1006 59.62 19.72 24.22
N ASN B 1007 59.92 20.85 23.60
CA ASN B 1007 59.92 22.08 24.38
C ASN B 1007 59.33 23.30 23.72
N ALA B 1008 58.04 23.29 23.53
CA ALA B 1008 57.39 24.46 22.98
C ALA B 1008 57.46 25.56 24.03
N ASN B 1009 57.54 26.81 23.58
CA ASN B 1009 57.67 28.00 24.42
C ASN B 1009 56.44 28.28 25.27
N SER B 1010 56.62 28.37 26.57
CA SER B 1010 55.48 28.51 27.45
C SER B 1010 54.61 29.73 27.15
N GLY B 1011 55.24 30.82 26.76
CA GLY B 1011 54.55 32.09 26.55
C GLY B 1011 53.91 32.21 25.20
N VAL B 1012 54.14 31.21 24.36
CA VAL B 1012 53.59 31.21 23.03
C VAL B 1012 52.39 30.30 23.05
N ILE B 1013 52.54 29.14 23.70
CA ILE B 1013 51.46 28.18 23.77
C ILE B 1013 50.26 28.79 24.45
N SER B 1014 50.46 29.58 25.48
CA SER B 1014 49.33 30.19 26.17
C SER B 1014 48.63 31.29 25.36
N ARG B 1015 49.18 31.73 24.23
CA ARG B 1015 48.55 32.80 23.49
C ARG B 1015 47.17 32.38 23.07
N GLN B 1016 46.25 33.34 23.04
CA GLN B 1016 44.86 33.06 22.73
C GLN B 1016 44.70 32.29 21.45
N PHE B 1017 45.52 32.56 20.48
CA PHE B 1017 45.38 31.87 19.22
C PHE B 1017 45.34 30.36 19.41
N PHE B 1018 46.19 29.86 20.28
CA PHE B 1018 46.28 28.45 20.51
C PHE B 1018 45.18 28.00 21.46
N ILE B 1019 44.75 28.90 22.30
CA ILE B 1019 43.69 28.58 23.26
C ILE B 1019 42.44 28.19 22.48
N ASP B 1020 42.20 28.88 21.38
CA ASP B 1020 41.06 28.64 20.52
C ASP B 1020 41.39 27.73 19.33
N TRP B 1021 42.51 27.01 19.41
CA TRP B 1021 42.93 26.12 18.36
C TRP B 1021 41.95 25.03 18.12
N ASP B 1022 41.43 24.41 19.18
CA ASP B 1022 40.58 23.28 18.93
C ASP B 1022 39.16 23.66 18.58
N LYS B 1023 38.85 24.93 18.71
CA LYS B 1023 37.50 25.36 18.42
C LYS B 1023 37.41 25.97 17.04
N TYR B 1024 38.42 26.74 16.66
CA TYR B 1024 38.36 27.43 15.39
C TYR B 1024 39.64 27.37 14.58
N ASN B 1025 40.76 27.66 15.22
CA ASN B 1025 41.94 27.98 14.44
C ASN B 1025 42.58 26.81 13.70
N LYS B 1026 42.36 25.59 14.14
CA LYS B 1026 42.93 24.40 13.52
C LYS B 1026 42.39 24.07 12.15
N ARG B 1027 41.29 24.67 11.73
CA ARG B 1027 40.75 24.32 10.41
C ARG B 1027 40.41 25.54 9.61
N TYR B 1028 40.66 25.48 8.31
CA TYR B 1028 40.31 26.61 7.49
C TYR B 1028 38.85 26.90 7.57
N SER B 1029 38.02 25.87 7.54
CA SER B 1029 36.60 26.09 7.53
C SER B 1029 36.07 26.78 8.76
N THR B 1030 36.64 26.49 9.90
CA THR B 1030 36.13 27.06 11.13
C THR B 1030 36.79 28.36 11.39
N TRP B 1031 37.99 28.51 10.89
CA TRP B 1031 38.69 29.74 11.01
C TRP B 1031 37.98 30.78 10.19
N ALA B 1032 37.70 30.43 8.95
CA ALA B 1032 37.03 31.35 8.05
C ALA B 1032 35.65 31.69 8.56
N GLY B 1033 35.00 30.70 9.15
CA GLY B 1033 33.69 30.89 9.66
C GLY B 1033 33.72 31.89 10.80
N VAL B 1034 34.52 31.63 11.82
CA VAL B 1034 34.54 32.54 12.95
C VAL B 1034 35.07 33.87 12.56
N SER B 1035 35.97 33.93 11.59
CA SER B 1035 36.49 35.19 11.18
C SER B 1035 35.38 36.03 10.63
N GLN B 1036 34.51 35.47 9.79
CA GLN B 1036 33.41 36.27 9.27
C GLN B 1036 32.44 36.64 10.36
N LEU B 1037 32.29 35.75 11.32
CA LEU B 1037 31.36 35.97 12.41
C LEU B 1037 31.76 37.18 13.19
N VAL B 1038 33.01 37.29 13.52
CA VAL B 1038 33.42 38.44 14.30
C VAL B 1038 33.55 39.68 13.44
N TYR B 1039 33.90 39.54 12.17
CA TYR B 1039 34.11 40.68 11.29
C TYR B 1039 32.82 41.43 10.97
N TYR B 1040 31.73 40.70 10.73
CA TYR B 1040 30.44 41.35 10.49
C TYR B 1040 29.40 40.77 11.45
N PRO B 1041 29.56 40.99 12.75
CA PRO B 1041 28.78 40.38 13.78
C PRO B 1041 27.33 40.78 13.72
N GLU B 1042 27.01 41.90 13.09
CA GLU B 1042 25.64 42.36 12.97
C GLU B 1042 24.75 41.43 12.20
N ASN B 1043 25.34 40.50 11.48
CA ASN B 1043 24.55 39.58 10.72
C ASN B 1043 24.20 38.37 11.56
N TYR B 1044 24.94 38.16 12.64
CA TYR B 1044 24.78 36.94 13.40
C TYR B 1044 24.37 37.12 14.85
N ILE B 1045 24.61 38.29 15.41
CA ILE B 1045 24.34 38.54 16.82
C ILE B 1045 22.87 38.57 17.09
N ASP B 1046 22.51 38.15 18.27
CA ASP B 1046 21.10 38.10 18.56
C ASP B 1046 20.81 38.26 20.04
N PRO B 1047 19.81 39.05 20.46
CA PRO B 1047 19.44 39.26 21.84
C PRO B 1047 19.25 37.97 22.63
N THR B 1048 18.83 36.88 21.98
CA THR B 1048 18.66 35.65 22.71
C THR B 1048 19.89 34.79 22.52
N MET B 1049 20.28 34.64 21.27
CA MET B 1049 21.41 33.75 20.96
C MET B 1049 22.71 34.50 21.15
N ARG B 1050 23.17 34.56 22.38
CA ARG B 1050 24.36 35.33 22.72
C ARG B 1050 25.18 34.71 23.82
N ILE B 1051 26.42 35.16 23.92
CA ILE B 1051 27.36 34.62 24.88
C ILE B 1051 27.56 35.44 26.15
N GLY B 1052 27.48 34.78 27.29
CA GLY B 1052 27.76 35.45 28.55
C GLY B 1052 26.63 36.22 29.21
N GLN B 1053 25.39 35.91 28.90
CA GLN B 1053 24.30 36.64 29.54
C GLN B 1053 24.47 36.31 31.00
N THR B 1054 24.10 37.24 31.86
CA THR B 1054 24.27 37.01 33.28
C THR B 1054 23.19 36.12 33.87
N LYS B 1055 23.44 35.62 35.06
CA LYS B 1055 22.42 34.81 35.72
C LYS B 1055 21.24 35.67 36.06
N MET B 1056 21.48 36.94 36.32
CA MET B 1056 20.40 37.84 36.57
C MET B 1056 19.51 37.91 35.36
N MET B 1057 20.10 37.99 34.18
CA MET B 1057 19.29 38.05 32.97
C MET B 1057 18.45 36.83 32.85
N ASP B 1058 18.96 35.70 33.28
CA ASP B 1058 18.15 34.52 33.16
C ASP B 1058 16.93 34.65 34.04
N ALA B 1059 17.12 35.24 35.21
CA ALA B 1059 16.01 35.41 36.13
C ALA B 1059 15.01 36.38 35.54
N LEU B 1060 15.51 37.37 34.83
CA LEU B 1060 14.65 38.37 34.22
C LEU B 1060 13.75 37.60 33.29
N LEU B 1061 14.36 36.77 32.45
CA LEU B 1061 13.62 36.06 31.45
C LEU B 1061 12.66 35.10 32.06
N GLN B 1062 13.03 34.45 33.13
CA GLN B 1062 12.10 33.54 33.72
C GLN B 1062 10.86 34.27 34.16
N SER B 1063 11.00 35.45 34.75
CA SER B 1063 9.82 36.17 35.19
C SER B 1063 8.93 36.59 34.05
N VAL B 1064 9.50 37.10 32.96
CA VAL B 1064 8.62 37.56 31.89
C VAL B 1064 7.99 36.39 31.19
N SER B 1065 8.66 35.25 31.24
CA SER B 1065 8.18 34.04 30.62
C SER B 1065 6.96 33.46 31.31
N GLN B 1066 6.61 33.94 32.52
CA GLN B 1066 5.47 33.41 33.24
C GLN B 1066 4.15 34.01 32.80
N SER B 1067 4.19 35.06 32.00
CA SER B 1067 2.96 35.71 31.63
C SER B 1067 3.06 36.38 30.28
N GLN B 1068 2.12 37.26 30.00
CA GLN B 1068 2.17 37.94 28.74
C GLN B 1068 3.35 38.88 28.72
N LEU B 1069 3.99 38.98 27.58
CA LEU B 1069 5.08 39.90 27.48
C LEU B 1069 4.48 41.27 27.35
N ASN B 1070 4.84 42.16 28.24
CA ASN B 1070 4.25 43.48 28.21
C ASN B 1070 5.15 44.53 28.84
N ALA B 1071 4.73 45.77 28.83
CA ALA B 1071 5.58 46.79 29.42
C ALA B 1071 5.70 46.62 30.90
N ASP B 1072 4.62 46.21 31.52
CA ASP B 1072 4.61 46.12 32.96
C ASP B 1072 5.13 44.81 33.47
N THR B 1073 5.10 43.78 32.64
CA THR B 1073 5.62 42.52 33.08
C THR B 1073 7.14 42.61 32.97
N VAL B 1074 7.61 43.49 32.09
CA VAL B 1074 9.01 43.76 31.99
C VAL B 1074 9.42 44.60 33.18
N GLU B 1075 8.62 45.61 33.56
CA GLU B 1075 9.00 46.41 34.70
C GLU B 1075 9.18 45.58 35.94
N ASP B 1076 8.32 44.61 36.17
CA ASP B 1076 8.50 43.88 37.38
C ASP B 1076 9.80 43.12 37.31
N ALA B 1077 10.09 42.56 36.14
CA ALA B 1077 11.31 41.79 35.97
C ALA B 1077 12.53 42.68 36.15
N PHE B 1078 12.45 43.94 35.73
CA PHE B 1078 13.59 44.81 35.87
C PHE B 1078 13.86 45.14 37.30
N MET B 1079 12.82 45.26 38.09
CA MET B 1079 13.05 45.61 39.46
C MET B 1079 13.83 44.54 40.17
N SER B 1080 13.49 43.26 39.97
CA SER B 1080 14.25 42.25 40.69
C SER B 1080 15.63 42.11 40.09
N TYR B 1081 15.77 42.43 38.82
CA TYR B 1081 17.05 42.38 38.20
C TYR B 1081 17.91 43.38 38.94
N LEU B 1082 17.42 44.59 39.09
CA LEU B 1082 18.22 45.60 39.71
C LEU B 1082 18.51 45.38 41.16
N THR B 1083 17.59 44.81 41.95
CA THR B 1083 17.97 44.66 43.33
C THR B 1083 19.07 43.63 43.46
N SER B 1084 19.09 42.60 42.60
CA SER B 1084 20.16 41.62 42.65
C SER B 1084 21.47 42.29 42.28
N PHE B 1085 21.43 43.22 41.32
CA PHE B 1085 22.60 43.96 40.93
C PHE B 1085 23.12 44.71 42.10
N GLU B 1086 22.25 45.44 42.79
CA GLU B 1086 22.73 46.30 43.85
C GLU B 1086 23.56 45.54 44.83
N GLN B 1087 23.16 44.34 45.14
CA GLN B 1087 23.86 43.59 46.16
C GLN B 1087 25.33 43.38 45.89
N VAL B 1088 25.75 43.26 44.63
CA VAL B 1088 27.14 43.04 44.32
C VAL B 1088 27.69 44.12 43.43
N ALA B 1089 26.93 45.20 43.30
CA ALA B 1089 27.29 46.31 42.46
C ALA B 1089 28.53 46.99 42.97
N ASN B 1090 28.69 46.97 44.28
CA ASN B 1090 29.84 47.60 44.86
C ASN B 1090 30.40 46.77 45.97
N LEU B 1091 31.36 45.94 45.64
CA LEU B 1091 32.03 45.09 46.60
C LEU B 1091 33.40 45.65 46.69
N LYS B 1092 34.09 45.42 47.77
CA LYS B 1092 35.45 45.88 47.80
C LYS B 1092 36.28 44.84 47.12
N VAL B 1093 37.13 45.23 46.21
CA VAL B 1093 38.03 44.26 45.63
C VAL B 1093 39.22 44.18 46.52
N ILE B 1094 39.57 42.99 46.95
CA ILE B 1094 40.67 42.79 47.86
C ILE B 1094 41.97 42.43 47.17
N SER B 1095 41.89 41.49 46.26
CA SER B 1095 43.10 41.01 45.61
C SER B 1095 42.79 40.38 44.28
N ALA B 1096 43.82 40.09 43.50
CA ALA B 1096 43.61 39.48 42.21
C ALA B 1096 44.84 38.72 41.74
N TYR B 1097 44.62 37.84 40.75
CA TYR B 1097 45.65 36.98 40.15
C TYR B 1097 45.51 36.78 38.66
N HIS B 1098 46.59 36.87 37.92
CA HIS B 1098 46.52 36.70 36.47
C HIS B 1098 47.03 35.33 36.11
N ASP B 1099 46.24 34.54 35.40
CA ASP B 1099 46.68 33.18 35.16
C ASP B 1099 47.57 32.95 33.95
N ASN B 1100 47.99 33.97 33.27
CA ASN B 1100 48.93 33.75 32.19
C ASN B 1100 50.30 34.21 32.60
N ILE B 1101 51.24 34.04 31.72
CA ILE B 1101 52.58 34.53 31.93
C ILE B 1101 52.65 36.00 31.58
N ASN B 1102 51.98 36.33 30.50
CA ASN B 1102 51.98 37.67 29.93
C ASN B 1102 50.71 38.45 30.29
N ASN B 1103 50.85 39.70 30.68
CA ASN B 1103 49.69 40.48 31.11
C ASN B 1103 48.57 40.67 30.10
N ASP B 1104 48.86 40.67 28.82
CA ASP B 1104 47.85 40.97 27.84
C ASP B 1104 46.88 39.85 27.48
N GLN B 1105 47.15 38.63 27.90
CA GLN B 1105 46.29 37.52 27.51
C GLN B 1105 45.97 36.63 28.68
N GLY B 1106 44.80 36.01 28.70
CA GLY B 1106 44.44 35.12 29.80
C GLY B 1106 43.50 35.84 30.72
N LEU B 1107 43.33 35.34 31.94
CA LEU B 1107 42.34 35.93 32.81
C LEU B 1107 42.82 36.44 34.14
N THR B 1108 42.22 37.52 34.58
CA THR B 1108 42.54 37.97 35.91
C THR B 1108 41.39 37.64 36.81
N TYR B 1109 41.67 36.96 37.89
CA TYR B 1109 40.67 36.56 38.84
C TYR B 1109 40.69 37.54 39.96
N PHE B 1110 39.54 37.91 40.46
CA PHE B 1110 39.46 38.90 41.53
C PHE B 1110 38.61 38.46 42.65
N ILE B 1111 39.05 38.71 43.86
CA ILE B 1111 38.25 38.42 45.03
C ILE B 1111 37.84 39.70 45.64
N GLY B 1112 36.55 39.82 45.90
CA GLY B 1112 36.02 40.97 46.56
C GLY B 1112 35.30 40.57 47.83
N LEU B 1113 34.69 41.55 48.49
CA LEU B 1113 33.96 41.34 49.72
C LEU B 1113 32.77 42.26 49.95
N SER B 1114 31.66 41.69 50.37
CA SER B 1114 30.47 42.47 50.70
C SER B 1114 30.71 43.51 51.74
N GLU B 1115 30.08 44.66 51.55
CA GLU B 1115 30.18 45.78 52.47
C GLU B 1115 29.16 45.68 53.60
N THR B 1116 28.27 44.70 53.49
CA THR B 1116 27.18 44.51 54.43
C THR B 1116 27.33 43.30 55.33
N ASP B 1117 28.47 42.62 55.25
CA ASP B 1117 28.70 41.41 56.04
C ASP B 1117 30.17 41.18 56.28
N ALA B 1118 30.47 40.50 57.38
CA ALA B 1118 31.84 40.14 57.69
C ALA B 1118 32.42 39.20 56.64
N GLY B 1119 31.56 38.34 56.11
CA GLY B 1119 31.93 37.35 55.12
C GLY B 1119 31.38 37.72 53.75
N GLU B 1120 31.02 36.70 53.00
CA GLU B 1120 30.59 36.83 51.62
C GLU B 1120 31.66 37.35 50.71
N TYR B 1121 32.60 36.49 50.46
CA TYR B 1121 33.66 36.79 49.56
C TYR B 1121 33.11 36.36 48.23
N TYR B 1122 33.43 37.11 47.22
CA TYR B 1122 32.94 36.85 45.89
C TYR B 1122 34.01 36.88 44.87
N TRP B 1123 33.85 36.21 43.75
CA TRP B 1123 34.87 36.41 42.74
C TRP B 1123 34.37 36.63 41.33
N ARG B 1124 35.19 37.38 40.58
CA ARG B 1124 35.04 37.72 39.16
C ARG B 1124 36.21 37.18 38.42
N SER B 1125 36.09 37.13 37.11
CA SER B 1125 37.24 36.90 36.30
C SER B 1125 37.12 37.76 35.05
N VAL B 1126 38.25 38.26 34.55
CA VAL B 1126 38.20 39.03 33.32
C VAL B 1126 39.07 38.47 32.26
N ASP B 1127 38.55 38.37 31.06
CA ASP B 1127 39.28 37.87 29.93
C ASP B 1127 40.02 38.99 29.22
N HIS B 1128 41.34 38.94 29.25
CA HIS B 1128 42.14 39.98 28.66
C HIS B 1128 42.13 39.89 27.16
N SER B 1129 41.77 38.75 26.61
CA SER B 1129 41.78 38.61 25.16
C SER B 1129 40.69 39.45 24.54
N LYS B 1130 39.77 39.95 25.36
CA LYS B 1130 38.67 40.77 24.93
C LYS B 1130 38.95 42.24 25.24
N PHE B 1131 40.22 42.54 25.52
CA PHE B 1131 40.73 43.88 25.77
C PHE B 1131 41.47 44.40 24.56
N ASN B 1132 41.26 45.66 24.21
CA ASN B 1132 42.01 46.19 23.08
C ASN B 1132 42.64 47.56 23.32
N ASP B 1133 42.07 48.63 22.77
CA ASP B 1133 42.69 49.93 22.83
C ASP B 1133 42.32 50.70 24.07
N GLY B 1134 42.72 50.14 25.18
CA GLY B 1134 42.48 50.70 26.48
C GLY B 1134 41.18 50.35 27.14
N LYS B 1135 40.37 49.54 26.49
CA LYS B 1135 39.11 49.19 27.07
C LYS B 1135 38.76 47.73 26.94
N PHE B 1136 37.95 47.29 27.88
CA PHE B 1136 37.40 45.96 27.87
C PHE B 1136 36.09 45.93 27.15
N ALA B 1137 35.78 44.79 26.57
CA ALA B 1137 34.56 44.58 25.81
C ALA B 1137 33.28 44.39 26.62
N ALA B 1138 33.32 44.38 27.94
CA ALA B 1138 32.13 44.17 28.82
C ALA B 1138 31.83 42.69 28.95
N ASN B 1139 31.90 41.97 27.84
CA ASN B 1139 31.67 40.53 27.82
C ASN B 1139 32.95 39.86 28.27
N ALA B 1140 33.93 40.69 28.50
CA ALA B 1140 35.22 40.39 29.02
C ALA B 1140 35.06 39.99 30.45
N TRP B 1141 33.99 40.41 31.09
CA TRP B 1141 33.89 40.12 32.50
C TRP B 1141 32.84 39.09 32.85
N SER B 1142 33.22 38.21 33.76
CA SER B 1142 32.32 37.25 34.34
C SER B 1142 31.68 37.99 35.48
N GLU B 1143 30.61 37.47 36.06
CA GLU B 1143 29.93 38.18 37.15
C GLU B 1143 30.44 37.77 38.50
N TRP B 1144 29.92 38.34 39.57
CA TRP B 1144 30.44 37.90 40.85
C TRP B 1144 29.80 36.61 41.25
N HIS B 1145 30.60 35.67 41.70
CA HIS B 1145 30.08 34.42 42.20
C HIS B 1145 30.35 34.37 43.69
N LYS B 1146 29.36 33.99 44.46
CA LYS B 1146 29.57 33.96 45.91
C LYS B 1146 30.23 32.70 46.38
N ILE B 1147 31.22 32.88 47.24
CA ILE B 1147 31.92 31.79 47.88
C ILE B 1147 31.13 31.41 49.14
N ASP B 1148 30.78 30.14 49.26
CA ASP B 1148 29.98 29.61 50.37
C ASP B 1148 30.78 29.14 51.58
N CYS B 1149 32.08 29.31 51.47
CA CYS B 1149 33.04 28.93 52.47
C CYS B 1149 33.21 30.09 53.46
N PRO B 1150 33.09 29.87 54.77
CA PRO B 1150 33.19 30.87 55.82
C PRO B 1150 34.63 31.27 56.08
N ILE B 1151 35.19 31.96 55.11
CA ILE B 1151 36.57 32.42 55.16
C ILE B 1151 36.73 33.66 56.01
N ASN B 1152 37.59 33.60 56.99
CA ASN B 1152 37.80 34.71 57.91
C ASN B 1152 39.27 35.02 58.02
N PRO B 1153 39.88 35.55 56.95
CA PRO B 1153 41.28 35.78 56.84
C PRO B 1153 41.74 36.92 57.71
N TYR B 1154 42.97 36.83 58.16
CA TYR B 1154 43.68 37.87 58.87
C TYR B 1154 44.13 38.93 57.89
N LYS B 1155 43.83 40.19 58.22
CA LYS B 1155 44.25 41.35 57.44
C LYS B 1155 44.00 41.22 55.97
N SER B 1156 42.87 40.70 55.58
CA SER B 1156 42.55 40.60 54.17
C SER B 1156 43.69 40.02 53.33
N THR B 1157 44.34 38.97 53.81
CA THR B 1157 45.44 38.32 53.09
C THR B 1157 45.00 37.34 52.04
N ILE B 1158 43.71 37.21 51.85
CA ILE B 1158 43.17 36.30 50.87
C ILE B 1158 43.57 36.67 49.46
N ARG B 1159 44.03 35.66 48.73
CA ARG B 1159 44.46 35.82 47.35
C ARG B 1159 44.09 34.60 46.50
N PRO B 1160 43.46 34.76 45.33
CA PRO B 1160 43.11 33.69 44.43
C PRO B 1160 44.34 33.21 43.71
N VAL B 1161 44.34 31.97 43.25
CA VAL B 1161 45.39 31.48 42.39
C VAL B 1161 44.83 30.41 41.46
N ILE B 1162 45.37 30.28 40.27
CA ILE B 1162 44.91 29.18 39.44
C ILE B 1162 45.92 28.11 39.52
N TYR B 1163 45.46 26.96 39.95
CA TYR B 1163 46.31 25.85 40.22
C TYR B 1163 45.63 24.59 39.82
N LYS B 1164 46.31 23.69 39.11
CA LYS B 1164 45.66 22.50 38.59
C LYS B 1164 44.49 22.94 37.74
N SER B 1165 44.67 24.03 37.01
CA SER B 1165 43.66 24.58 36.13
C SER B 1165 42.29 24.78 36.79
N ARG B 1166 42.29 25.06 38.08
CA ARG B 1166 41.08 25.31 38.84
C ARG B 1166 41.24 26.51 39.73
N LEU B 1167 40.13 27.10 40.16
CA LEU B 1167 40.29 28.22 41.08
C LEU B 1167 40.42 27.79 42.52
N TYR B 1168 41.54 28.19 43.08
CA TYR B 1168 42.01 27.99 44.43
C TYR B 1168 42.16 29.32 45.11
N LEU B 1169 42.05 29.35 46.41
CA LEU B 1169 42.36 30.58 47.09
C LEU B 1169 42.98 30.28 48.43
N LEU B 1170 43.87 31.17 48.86
CA LEU B 1170 44.56 30.94 50.11
C LEU B 1170 44.66 32.15 50.99
N TRP B 1171 44.69 31.89 52.29
CA TRP B 1171 44.77 32.98 53.26
C TRP B 1171 45.37 32.63 54.61
N LEU B 1172 45.82 33.64 55.34
CA LEU B 1172 46.24 33.34 56.70
C LEU B 1172 45.10 33.60 57.60
N GLU B 1173 44.90 32.76 58.59
CA GLU B 1173 43.77 32.99 59.49
C GLU B 1173 44.12 33.65 60.84
N GLN B 1174 45.27 33.30 61.41
CA GLN B 1174 45.74 33.75 62.73
C GLN B 1174 44.84 33.27 63.85
N LYS B 1175 45.11 32.07 64.34
CA LYS B 1175 44.31 31.49 65.42
C LYS B 1175 44.77 32.19 66.67
N GLU B 1176 43.88 32.55 67.56
CA GLU B 1176 44.36 33.22 68.76
C GLU B 1176 44.05 32.44 70.03
N ILE B 1177 45.00 31.64 70.48
CA ILE B 1177 44.77 30.83 71.69
C ILE B 1177 45.99 30.88 72.61
N THR B 1178 45.81 30.72 73.92
CA THR B 1178 46.99 30.63 74.80
C THR B 1178 46.72 30.01 76.15
N LYS B 1179 47.73 30.02 77.01
CA LYS B 1179 47.58 29.44 78.33
C LYS B 1179 46.95 30.39 79.33
N GLN B 1180 45.87 29.91 79.95
CA GLN B 1180 45.19 30.65 80.99
C GLN B 1180 46.04 30.75 82.25
N THR B 1181 46.82 29.71 82.52
CA THR B 1181 47.67 29.60 83.70
C THR B 1181 49.08 30.02 83.33
N GLY B 1182 49.28 31.33 83.34
CA GLY B 1182 50.44 32.01 82.75
C GLY B 1182 51.82 31.58 83.25
N ASN B 1183 51.89 31.26 84.52
CA ASN B 1183 53.11 30.82 85.17
C ASN B 1183 52.86 29.44 85.77
N SER B 1184 51.86 28.75 85.23
CA SER B 1184 51.37 27.45 85.69
C SER B 1184 50.66 27.53 87.05
N LYS B 1185 50.49 28.74 87.60
CA LYS B 1185 49.79 28.98 88.85
C LYS B 1185 48.75 30.08 88.64
N ASP B 1186 48.81 31.12 89.48
CA ASP B 1186 47.93 32.28 89.38
C ASP B 1186 48.59 33.33 88.47
N GLY B 1187 48.00 33.54 87.31
CA GLY B 1187 48.51 34.43 86.28
C GLY B 1187 48.01 33.93 84.94
N TYR B 1188 48.21 34.69 83.87
CA TYR B 1188 47.75 34.30 82.52
C TYR B 1188 48.75 34.83 81.52
N GLN B 1189 48.74 34.31 80.28
CA GLN B 1189 49.71 34.82 79.30
C GLN B 1189 49.32 36.20 78.81
N THR B 1190 50.17 36.76 77.97
CA THR B 1190 49.96 38.10 77.47
C THR B 1190 48.74 38.25 76.59
N GLU B 1191 48.84 37.82 75.35
CA GLU B 1191 47.71 37.96 74.45
C GLU B 1191 47.29 36.64 73.82
N THR B 1192 48.10 36.13 72.89
CA THR B 1192 47.76 34.87 72.27
C THR B 1192 48.93 34.23 71.56
N ASP B 1193 48.82 32.93 71.38
CA ASP B 1193 49.70 32.23 70.50
C ASP B 1193 49.05 32.55 69.19
N TYR B 1194 49.54 33.61 68.57
CA TYR B 1194 48.97 34.06 67.33
C TYR B 1194 49.47 33.11 66.29
N ARG B 1195 48.67 32.09 66.04
CA ARG B 1195 49.13 31.02 65.20
C ARG B 1195 48.81 31.22 63.77
N TYR B 1196 49.83 31.34 63.00
CA TYR B 1196 49.62 31.58 61.62
C TYR B 1196 49.63 30.27 60.90
N GLU B 1197 48.44 29.96 60.48
CA GLU B 1197 48.09 28.76 59.80
C GLU B 1197 47.64 29.26 58.45
N LEU B 1198 47.94 28.50 57.43
CA LEU B 1198 47.61 28.87 56.08
C LEU B 1198 46.55 27.95 55.53
N LYS B 1199 45.48 28.52 55.04
CA LYS B 1199 44.42 27.67 54.51
C LYS B 1199 44.29 27.79 53.03
N LEU B 1200 44.10 26.63 52.40
CA LEU B 1200 43.93 26.54 50.96
C LEU B 1200 42.67 25.78 50.59
N ALA B 1201 41.88 26.33 49.68
CA ALA B 1201 40.64 25.67 49.25
C ALA B 1201 40.39 25.90 47.79
N HIS B 1202 39.56 25.05 47.18
CA HIS B 1202 39.20 25.21 45.77
C HIS B 1202 37.77 24.94 45.49
N ILE B 1203 37.35 25.47 44.35
CA ILE B 1203 36.00 25.37 43.88
C ILE B 1203 35.77 24.05 43.19
N ARG B 1204 34.65 23.46 43.50
CA ARG B 1204 34.18 22.22 42.97
C ARG B 1204 33.57 22.45 41.61
N TYR B 1205 33.40 21.40 40.85
CA TYR B 1205 32.86 21.54 39.51
C TYR B 1205 31.42 22.01 39.51
N ASP B 1206 30.68 21.79 40.58
CA ASP B 1206 29.30 22.23 40.61
C ASP B 1206 29.17 23.65 41.15
N GLY B 1207 30.30 24.30 41.42
CA GLY B 1207 30.31 25.66 41.93
C GLY B 1207 30.39 25.76 43.44
N THR B 1208 30.27 24.65 44.16
CA THR B 1208 30.33 24.72 45.60
C THR B 1208 31.78 24.68 46.01
N TRP B 1209 32.11 24.96 47.26
CA TRP B 1209 33.53 24.90 47.64
C TRP B 1209 33.90 23.79 48.61
N ASN B 1210 35.12 23.31 48.51
CA ASN B 1210 35.63 22.32 49.44
C ASN B 1210 36.17 22.90 50.72
N THR B 1211 36.13 22.08 51.75
CA THR B 1211 36.71 22.37 53.04
C THR B 1211 38.20 22.61 52.84
N PRO B 1212 38.80 23.68 53.37
CA PRO B 1212 40.20 24.01 53.23
C PRO B 1212 41.11 23.08 53.94
N ILE B 1213 42.32 23.01 53.41
CA ILE B 1213 43.42 22.25 53.94
C ILE B 1213 44.40 23.19 54.60
N THR B 1214 44.81 22.86 55.81
CA THR B 1214 45.71 23.74 56.55
C THR B 1214 47.16 23.33 56.58
N PHE B 1215 48.00 24.31 56.32
CA PHE B 1215 49.45 24.19 56.37
C PHE B 1215 49.95 25.04 57.55
N ASP B 1216 50.97 24.57 58.26
CA ASP B 1216 51.53 25.33 59.39
C ASP B 1216 52.66 26.24 58.96
N VAL B 1217 52.47 27.55 59.06
CA VAL B 1217 53.46 28.49 58.58
C VAL B 1217 53.99 29.39 59.68
N ASN B 1218 53.83 28.98 60.93
CA ASN B 1218 54.25 29.84 62.03
C ASN B 1218 55.72 30.04 62.12
N LYS B 1219 56.48 29.04 61.74
CA LYS B 1219 57.90 29.17 61.85
C LYS B 1219 58.42 30.16 60.84
N LYS B 1220 57.64 30.44 59.80
CA LYS B 1220 58.11 31.34 58.78
C LYS B 1220 57.78 32.75 59.14
N ILE B 1221 56.57 32.94 59.62
CA ILE B 1221 56.05 34.25 59.94
C ILE B 1221 56.83 34.85 61.06
N SER B 1222 57.23 34.02 62.01
CA SER B 1222 58.01 34.47 63.13
C SER B 1222 59.41 34.95 62.72
N GLU B 1223 59.90 34.59 61.52
CA GLU B 1223 61.21 35.06 61.07
C GLU B 1223 61.08 36.42 60.42
N LEU B 1224 59.92 36.69 59.87
CA LEU B 1224 59.72 37.99 59.27
C LEU B 1224 59.50 38.95 60.42
N LYS B 1225 60.29 40.00 60.48
CA LYS B 1225 60.15 40.90 61.61
C LYS B 1225 59.04 41.91 61.40
N LEU B 1226 57.84 41.41 61.53
CA LEU B 1226 56.63 42.16 61.29
C LEU B 1226 56.18 42.87 62.54
N GLU B 1227 55.50 43.97 62.33
CA GLU B 1227 54.87 44.74 63.38
C GLU B 1227 53.61 44.01 63.82
N LYS B 1228 53.14 44.25 65.03
CA LYS B 1228 52.00 43.47 65.55
C LYS B 1228 50.64 43.87 65.00
N ASN B 1229 50.64 44.87 64.14
CA ASN B 1229 49.46 45.35 63.48
C ASN B 1229 49.57 45.13 61.96
N ARG B 1230 50.49 44.24 61.57
CA ARG B 1230 50.74 43.95 60.17
C ARG B 1230 50.67 42.47 59.79
N ALA B 1231 50.49 42.24 58.50
CA ALA B 1231 50.50 40.91 57.92
C ALA B 1231 51.72 40.82 57.04
N PRO B 1232 52.28 39.62 56.83
CA PRO B 1232 53.35 39.41 55.90
C PRO B 1232 52.74 39.62 54.57
N GLY B 1233 53.52 40.06 53.61
CA GLY B 1233 52.99 40.16 52.29
C GLY B 1233 52.92 38.73 51.87
N LEU B 1234 51.97 38.40 51.04
CA LEU B 1234 51.87 37.05 50.55
C LEU B 1234 51.83 37.03 49.07
N TYR B 1235 52.77 36.33 48.53
CA TYR B 1235 52.95 36.16 47.12
C TYR B 1235 52.52 34.79 46.75
N CYS B 1236 51.73 34.67 45.72
CA CYS B 1236 51.38 33.34 45.33
C CYS B 1236 51.12 33.23 43.87
N ALA B 1237 51.73 32.23 43.28
CA ALA B 1237 51.48 31.96 41.88
C ALA B 1237 51.68 30.52 41.59
N GLY B 1238 50.98 30.01 40.62
CA GLY B 1238 51.28 28.65 40.25
C GLY B 1238 52.49 28.66 39.36
N TYR B 1239 53.28 27.61 39.45
CA TYR B 1239 54.36 27.37 38.56
C TYR B 1239 53.71 26.95 37.27
N GLN B 1240 54.24 27.37 36.15
CA GLN B 1240 53.64 27.07 34.85
C GLN B 1240 53.32 25.60 34.62
N GLY B 1241 54.14 24.70 35.11
CA GLY B 1241 53.87 23.28 34.95
C GLY B 1241 53.97 22.58 36.30
N GLU B 1242 53.97 21.25 36.25
CA GLU B 1242 54.10 20.36 37.40
C GLU B 1242 53.07 20.46 38.50
N ASP B 1243 52.04 21.28 38.32
CA ASP B 1243 51.08 21.50 39.37
C ASP B 1243 51.76 21.84 40.67
N THR B 1244 52.79 22.68 40.60
CA THR B 1244 53.43 23.11 41.83
C THR B 1244 53.06 24.54 42.14
N LEU B 1245 52.61 24.75 43.35
CA LEU B 1245 52.19 26.06 43.77
C LEU B 1245 53.31 26.74 44.54
N LEU B 1246 53.66 27.92 44.10
CA LEU B 1246 54.73 28.69 44.70
C LEU B 1246 54.22 29.73 45.68
N VAL B 1247 54.58 29.59 46.96
CA VAL B 1247 54.06 30.51 47.97
C VAL B 1247 55.19 31.18 48.74
N MET B 1248 55.17 32.50 48.84
CA MET B 1248 56.22 33.16 49.60
C MET B 1248 55.68 34.21 50.55
N PHE B 1249 56.34 34.39 51.69
CA PHE B 1249 55.96 35.43 52.61
C PHE B 1249 57.06 36.46 52.75
N TYR B 1250 56.67 37.72 52.91
CA TYR B 1250 57.71 38.73 53.05
C TYR B 1250 57.36 39.97 53.88
N ASN B 1251 58.39 40.65 54.35
CA ASN B 1251 58.13 41.87 55.05
C ASN B 1251 57.95 42.98 54.03
N GLN B 1252 56.72 43.42 53.84
CA GLN B 1252 56.38 44.39 52.82
C GLN B 1252 57.07 45.74 53.02
N GLN B 1253 57.65 46.22 51.92
CA GLN B 1253 58.42 47.44 51.86
C GLN B 1253 57.66 48.57 51.21
N ASP B 1254 58.25 49.75 51.18
CA ASP B 1254 57.60 50.91 50.58
C ASP B 1254 57.79 50.95 49.08
N THR B 1255 58.91 50.42 48.62
CA THR B 1255 59.23 50.47 47.20
C THR B 1255 59.66 49.11 46.70
N LEU B 1256 59.58 48.89 45.40
CA LEU B 1256 59.97 47.62 44.81
C LEU B 1256 61.45 47.33 44.82
N ASP B 1257 62.27 48.37 44.79
CA ASP B 1257 63.69 48.14 44.76
C ASP B 1257 64.14 47.62 46.12
N SER B 1258 63.31 47.78 47.15
CA SER B 1258 63.67 47.38 48.49
C SER B 1258 63.57 45.89 48.63
N TYR B 1259 63.00 45.21 47.63
CA TYR B 1259 62.94 43.79 47.72
C TYR B 1259 64.18 43.19 47.09
N LYS B 1260 64.97 43.98 46.37
CA LYS B 1260 66.12 43.39 45.78
C LYS B 1260 67.06 43.03 46.89
N ASN B 1261 67.54 41.81 46.84
CA ASN B 1261 68.43 41.24 47.84
C ASN B 1261 67.76 41.10 49.22
N ALA B 1262 66.44 41.16 49.26
CA ALA B 1262 65.67 40.97 50.47
C ALA B 1262 65.53 39.50 50.80
N SER B 1263 65.34 39.22 52.08
CA SER B 1263 65.09 37.87 52.50
C SER B 1263 63.61 37.55 52.40
N MET B 1264 63.29 36.46 51.74
CA MET B 1264 61.91 36.01 51.62
C MET B 1264 61.82 34.58 52.12
N GLN B 1265 60.74 34.26 52.80
CA GLN B 1265 60.59 32.92 53.35
C GLN B 1265 59.37 32.17 52.78
N GLY B 1266 59.62 31.15 51.96
CA GLY B 1266 58.51 30.46 51.30
C GLY B 1266 58.51 28.93 51.34
N LEU B 1267 57.59 28.38 50.56
CA LEU B 1267 57.33 26.95 50.47
C LEU B 1267 56.75 26.57 49.13
N TYR B 1268 56.85 25.29 48.82
CA TYR B 1268 56.16 24.81 47.66
C TYR B 1268 55.07 23.87 48.10
N ILE B 1269 53.94 23.95 47.44
CA ILE B 1269 52.83 23.05 47.68
C ILE B 1269 52.65 22.23 46.42
N PHE B 1270 52.55 20.93 46.55
CA PHE B 1270 52.50 20.12 45.34
C PHE B 1270 51.14 19.57 45.09
N ALA B 1271 50.89 18.98 43.93
CA ALA B 1271 49.55 18.46 43.68
C ALA B 1271 49.12 17.54 44.81
N ASP B 1272 50.06 16.79 45.32
CA ASP B 1272 49.87 15.97 46.46
C ASP B 1272 49.98 16.99 47.60
N MET B 1273 48.91 17.18 48.37
CA MET B 1273 48.86 18.24 49.38
C MET B 1273 49.81 17.99 50.51
N ALA B 1274 51.04 18.32 50.20
CA ALA B 1274 52.25 18.17 50.95
C ALA B 1274 53.12 19.33 50.55
N SER B 1275 54.08 19.65 51.38
CA SER B 1275 54.93 20.76 51.03
C SER B 1275 56.36 20.60 51.44
N LYS B 1276 57.19 21.40 50.80
CA LYS B 1276 58.61 21.48 51.06
C LYS B 1276 58.95 22.92 51.33
N ASP B 1277 59.94 23.16 52.16
CA ASP B 1277 60.37 24.52 52.40
C ASP B 1277 61.26 25.01 51.27
N MET B 1278 61.28 26.30 51.06
CA MET B 1278 62.17 26.86 50.07
C MET B 1278 63.48 27.32 50.64
N THR B 1279 64.51 26.60 50.27
CA THR B 1279 65.87 26.91 50.64
C THR B 1279 66.12 28.29 50.02
N PRO B 1280 66.91 29.21 50.61
CA PRO B 1280 67.20 30.54 50.10
C PRO B 1280 67.85 30.50 48.73
N GLU B 1281 68.50 29.41 48.41
CA GLU B 1281 69.11 29.28 47.12
C GLU B 1281 68.02 29.37 46.06
N GLN B 1282 66.82 28.87 46.36
CA GLN B 1282 65.73 28.91 45.41
C GLN B 1282 64.85 30.12 45.64
N SER B 1283 64.64 30.55 46.89
CA SER B 1283 63.71 31.69 47.05
C SER B 1283 64.30 32.94 46.43
N ASN B 1284 65.62 33.01 46.34
CA ASN B 1284 66.26 34.12 45.71
C ASN B 1284 65.99 34.12 44.20
N VAL B 1285 65.75 32.95 43.62
CA VAL B 1285 65.53 32.87 42.20
C VAL B 1285 64.22 33.49 41.88
N TYR B 1286 63.23 33.18 42.70
CA TYR B 1286 61.93 33.71 42.41
C TYR B 1286 61.89 35.17 42.77
N ARG B 1287 62.59 35.57 43.80
CA ARG B 1287 62.57 36.95 44.24
C ARG B 1287 62.99 37.88 43.12
N ASP B 1288 64.05 37.48 42.43
CA ASP B 1288 64.64 38.26 41.37
C ASP B 1288 63.73 38.39 40.16
N ASN B 1289 62.72 37.54 40.04
CA ASN B 1289 61.80 37.58 38.91
C ASN B 1289 60.39 38.02 39.32
N SER B 1290 60.05 37.79 40.58
CA SER B 1290 58.74 38.07 41.15
C SER B 1290 58.62 39.44 41.76
N TYR B 1291 59.74 40.17 41.91
CA TYR B 1291 59.62 41.54 42.36
C TYR B 1291 58.82 42.14 41.22
N GLN B 1292 58.45 43.40 41.23
CA GLN B 1292 57.53 43.95 40.22
C GLN B 1292 56.11 43.50 40.54
N GLN B 1293 55.92 42.21 40.88
CA GLN B 1293 54.62 41.68 41.22
C GLN B 1293 54.34 41.72 42.71
N PHE B 1294 55.29 42.17 43.49
CA PHE B 1294 55.09 42.20 44.93
C PHE B 1294 54.33 43.43 45.35
N ASP B 1295 53.52 43.26 46.36
CA ASP B 1295 52.81 44.37 46.96
C ASP B 1295 53.85 45.15 47.70
N THR B 1296 53.68 46.47 47.68
CA THR B 1296 54.45 47.44 48.44
C THR B 1296 53.45 48.28 49.18
N ASN B 1297 53.91 49.09 50.09
CA ASN B 1297 52.98 49.89 50.83
C ASN B 1297 52.19 50.81 49.91
N ASN B 1298 50.90 50.91 50.21
CA ASN B 1298 49.88 51.73 49.56
C ASN B 1298 49.43 51.28 48.17
N VAL B 1299 49.92 50.14 47.69
CA VAL B 1299 49.46 49.58 46.41
C VAL B 1299 49.22 48.09 46.51
N ARG B 1300 48.48 47.54 45.57
CA ARG B 1300 48.34 46.10 45.51
C ARG B 1300 48.64 45.62 44.13
N ARG B 1301 49.34 44.51 44.02
CA ARG B 1301 49.70 44.01 42.71
C ARG B 1301 49.25 42.58 42.51
N VAL B 1302 48.95 42.30 41.26
CA VAL B 1302 48.53 41.01 40.80
C VAL B 1302 49.69 40.12 40.44
N ASN B 1303 49.70 38.90 40.95
CA ASN B 1303 50.79 37.99 40.66
C ASN B 1303 50.40 37.26 39.41
N ASN B 1304 51.35 36.73 38.66
CA ASN B 1304 50.96 35.92 37.52
C ASN B 1304 51.69 34.58 37.51
N ARG B 1305 51.51 33.74 36.48
CA ARG B 1305 52.15 32.42 36.52
C ARG B 1305 53.65 32.53 36.36
N TYR B 1306 54.36 31.69 37.07
CA TYR B 1306 55.80 31.73 36.97
C TYR B 1306 56.32 30.64 36.08
N ALA B 1307 57.11 31.02 35.09
CA ALA B 1307 57.61 30.03 34.15
C ALA B 1307 59.10 30.13 34.01
N GLU B 1308 59.72 29.00 33.72
CA GLU B 1308 61.13 28.97 33.43
C GLU B 1308 61.41 28.37 32.07
N ASP B 1309 61.61 29.21 31.07
CA ASP B 1309 61.87 28.69 29.74
C ASP B 1309 63.37 28.50 29.58
N TYR B 1310 63.80 27.31 29.21
CA TYR B 1310 65.23 27.11 29.08
C TYR B 1310 65.64 27.00 27.64
N GLU B 1311 66.54 27.87 27.24
CA GLU B 1311 67.04 27.86 25.88
C GLU B 1311 68.37 27.14 25.87
N ILE B 1312 68.31 25.93 25.39
CA ILE B 1312 69.43 25.02 25.33
C ILE B 1312 69.48 24.61 23.87
N PRO B 1313 70.61 24.72 23.17
CA PRO B 1313 70.70 24.41 21.77
C PRO B 1313 70.47 22.94 21.64
N SER B 1314 69.94 22.52 20.50
CA SER B 1314 69.70 21.08 20.30
C SER B 1314 70.89 20.34 19.73
N SER B 1315 71.95 21.07 19.40
CA SER B 1315 73.20 20.50 18.88
C SER B 1315 74.36 21.48 19.13
N VAL B 1316 75.53 20.95 19.49
CA VAL B 1316 76.74 21.77 19.65
C VAL B 1316 77.96 21.22 18.92
N SER B 1317 78.58 22.06 18.10
CA SER B 1317 79.78 21.64 17.39
C SER B 1317 80.74 22.81 17.29
N SER B 1318 81.47 23.02 18.36
CA SER B 1318 82.42 24.10 18.54
C SER B 1318 83.32 23.65 19.65
N ARG B 1319 84.42 24.33 19.88
CA ARG B 1319 85.25 23.90 21.00
C ARG B 1319 85.72 25.09 21.83
N LYS B 1320 85.94 24.83 23.11
CA LYS B 1320 86.47 25.80 24.04
C LYS B 1320 87.95 25.50 24.26
N ASP B 1321 88.28 24.22 24.25
CA ASP B 1321 89.65 23.75 24.45
C ASP B 1321 89.85 22.38 23.80
N TYR B 1322 91.09 21.87 23.80
CA TYR B 1322 91.41 20.55 23.22
C TYR B 1322 92.85 20.13 23.49
N GLY B 1323 93.20 18.91 23.13
CA GLY B 1323 94.60 18.57 23.24
C GLY B 1323 94.97 17.22 22.69
N TRP B 1324 96.29 16.98 22.75
CA TRP B 1324 97.02 15.82 22.27
C TRP B 1324 97.41 14.90 23.39
N GLY B 1325 97.65 13.65 23.03
CA GLY B 1325 98.03 12.67 24.01
C GLY B 1325 99.44 12.86 24.53
N ASP B 1326 99.80 12.06 25.51
CA ASP B 1326 101.06 12.19 26.26
C ASP B 1326 102.30 12.14 25.40
N TYR B 1327 102.25 11.29 24.39
CA TYR B 1327 103.36 11.08 23.48
C TYR B 1327 103.15 11.80 22.18
N TYR B 1328 102.08 12.59 22.11
CA TYR B 1328 101.73 13.35 20.93
C TYR B 1328 101.60 12.51 19.67
N LEU B 1329 101.15 11.25 19.80
CA LEU B 1329 100.98 10.38 18.65
C LEU B 1329 99.51 10.27 18.26
N SER B 1330 98.71 11.01 18.96
CA SER B 1330 97.26 11.04 18.80
C SER B 1330 96.68 12.24 19.47
N MET B 1331 95.41 12.48 19.17
CA MET B 1331 94.65 13.52 19.83
C MET B 1331 93.18 13.21 19.77
N VAL B 1332 92.39 13.90 20.58
CA VAL B 1332 90.97 13.68 20.42
C VAL B 1332 90.59 14.58 19.27
N TYR B 1333 89.94 13.97 18.30
CA TYR B 1333 89.53 14.59 17.07
C TYR B 1333 88.49 15.62 17.36
N ASN B 1334 88.53 16.73 16.65
CA ASN B 1334 87.51 17.72 16.85
C ASN B 1334 86.13 17.16 16.46
N GLY B 1335 85.47 16.57 17.46
CA GLY B 1335 84.19 15.88 17.36
C GLY B 1335 83.04 16.79 17.76
N ASP B 1336 81.95 16.21 18.26
CA ASP B 1336 80.81 17.06 18.57
C ASP B 1336 79.80 16.49 19.55
N ILE B 1337 78.75 17.27 19.78
CA ILE B 1337 77.62 16.83 20.53
C ILE B 1337 76.45 17.04 19.63
N PRO B 1338 76.21 16.12 18.68
CA PRO B 1338 75.26 16.30 17.63
C PRO B 1338 73.83 16.42 18.11
N THR B 1339 73.51 15.90 19.29
CA THR B 1339 72.17 16.02 19.81
C THR B 1339 72.11 16.42 21.28
N ILE B 1340 71.24 17.38 21.59
CA ILE B 1340 70.97 17.76 22.97
C ILE B 1340 69.45 17.81 23.19
N ASN B 1341 68.99 17.20 24.28
CA ASN B 1341 67.56 17.20 24.63
C ASN B 1341 67.40 17.57 26.08
N TYR B 1342 66.23 18.04 26.50
CA TYR B 1342 66.08 18.30 27.93
C TYR B 1342 64.66 18.30 28.42
N LYS B 1343 64.52 18.12 29.73
CA LYS B 1343 63.26 18.24 30.43
C LYS B 1343 63.44 19.07 31.69
N ALA B 1344 62.67 20.13 31.82
CA ALA B 1344 62.73 21.00 32.98
C ALA B 1344 61.52 20.80 33.85
N ALA B 1345 61.66 21.10 35.14
CA ALA B 1345 60.54 21.03 36.06
C ALA B 1345 60.77 21.99 37.22
N SER B 1346 59.72 22.39 37.92
CA SER B 1346 59.99 23.23 39.09
C SER B 1346 60.96 22.48 39.96
N SER B 1347 62.07 23.13 40.26
CA SER B 1347 63.18 22.61 41.05
C SER B 1347 63.83 21.29 40.59
N ASP B 1348 63.92 21.08 39.26
CA ASP B 1348 64.65 19.94 38.69
C ASP B 1348 64.99 20.20 37.22
N LEU B 1349 66.04 19.56 36.74
CA LEU B 1349 66.40 19.69 35.35
C LEU B 1349 67.23 18.52 34.84
N LYS B 1350 66.81 17.94 33.73
CA LYS B 1350 67.58 16.88 33.12
C LYS B 1350 67.93 17.19 31.70
N ILE B 1351 69.21 17.10 31.44
CA ILE B 1351 69.76 17.40 30.13
C ILE B 1351 70.36 16.15 29.56
N TYR B 1352 70.07 15.87 28.32
CA TYR B 1352 70.56 14.69 27.69
C TYR B 1352 71.54 15.03 26.62
N ILE B 1353 72.74 14.53 26.78
CA ILE B 1353 73.80 14.81 25.84
C ILE B 1353 74.04 13.53 25.07
N SER B 1354 74.01 13.55 23.74
CA SER B 1354 74.28 12.31 22.99
C SER B 1354 75.47 12.51 22.05
N PRO B 1355 76.70 12.56 22.62
CA PRO B 1355 77.99 12.89 22.02
C PRO B 1355 78.63 11.87 21.10
N LYS B 1356 79.51 12.38 20.24
CA LYS B 1356 80.38 11.59 19.38
C LYS B 1356 81.84 11.89 19.65
N LEU B 1357 82.51 10.90 20.25
CA LEU B 1357 83.89 11.04 20.64
C LEU B 1357 84.73 10.40 19.58
N ARG B 1358 85.37 11.24 18.83
CA ARG B 1358 86.16 10.77 17.72
C ARG B 1358 87.63 10.83 18.09
N ILE B 1359 88.36 9.76 17.81
CA ILE B 1359 89.80 9.73 18.12
C ILE B 1359 90.55 9.59 16.83
N ILE B 1360 91.57 10.43 16.65
CA ILE B 1360 92.36 10.41 15.44
C ILE B 1360 93.82 10.20 15.82
N HIS B 1361 94.58 9.36 15.13
CA HIS B 1361 95.99 9.29 15.53
C HIS B 1361 96.82 10.37 14.84
N ASN B 1362 96.45 11.60 15.15
CA ASN B 1362 97.03 12.79 14.61
C ASN B 1362 98.03 13.32 15.60
N GLY B 1363 99.28 13.24 15.26
CA GLY B 1363 100.26 13.64 16.23
C GLY B 1363 100.43 15.13 16.22
N TYR B 1364 101.26 15.62 17.11
CA TYR B 1364 101.53 17.04 17.21
C TYR B 1364 102.25 17.52 15.97
N GLU B 1365 101.87 18.69 15.45
CA GLU B 1365 102.51 19.18 14.25
C GLU B 1365 104.01 19.22 14.48
N GLY B 1366 104.76 18.80 13.48
CA GLY B 1366 106.20 18.70 13.59
C GLY B 1366 106.53 17.22 13.45
N GLN B 1367 107.68 16.79 13.95
CA GLN B 1367 108.10 15.41 13.71
C GLN B 1367 107.14 14.39 14.32
N LYS B 1368 106.31 14.82 15.24
CA LYS B 1368 105.40 13.95 15.94
C LYS B 1368 104.19 13.61 15.07
N ARG B 1369 103.85 14.49 14.13
CA ARG B 1369 102.72 14.20 13.26
C ARG B 1369 103.24 13.23 12.23
N ASN B 1370 104.50 13.43 11.85
CA ASN B 1370 105.09 12.56 10.84
C ASN B 1370 105.28 11.15 11.37
N GLN B 1371 105.57 11.00 12.67
CA GLN B 1371 105.69 9.67 13.23
C GLN B 1371 104.35 8.97 13.15
N CYS B 1372 103.26 9.71 13.41
CA CYS B 1372 101.94 9.11 13.30
C CYS B 1372 101.64 8.71 11.89
N ASN B 1373 102.03 9.52 10.93
CA ASN B 1373 101.67 9.17 9.57
C ASN B 1373 102.18 7.77 9.25
N LEU B 1374 103.39 7.44 9.73
CA LEU B 1374 103.93 6.11 9.48
C LEU B 1374 103.29 5.06 10.41
N MET B 1375 103.04 5.42 11.67
CA MET B 1375 102.44 4.50 12.62
C MET B 1375 101.10 4.04 12.11
N ASN B 1376 100.38 4.96 11.50
CA ASN B 1376 99.05 4.75 11.02
C ASN B 1376 98.99 4.01 9.67
N LYS B 1377 99.91 4.33 8.75
CA LYS B 1377 99.88 3.72 7.43
C LYS B 1377 100.50 2.34 7.33
N TYR B 1378 101.41 2.00 8.23
CA TYR B 1378 102.13 0.73 8.13
C TYR B 1378 101.70 -0.34 9.13
N GLY B 1379 100.50 -0.20 9.70
CA GLY B 1379 100.00 -1.19 10.65
C GLY B 1379 98.57 -0.93 11.06
N LYS B 1380 98.07 -1.73 12.01
CA LYS B 1380 96.69 -1.62 12.47
C LYS B 1380 96.67 -1.40 13.97
N LEU B 1381 95.66 -0.72 14.45
CA LEU B 1381 95.53 -0.48 15.87
C LEU B 1381 95.38 -1.80 16.58
N ALA B 1492 97.08 0.20 22.01
CA ALA B 1492 95.81 0.43 21.34
C ALA B 1492 94.87 1.25 22.22
N ILE B 1493 93.63 1.43 21.79
CA ILE B 1493 92.66 2.22 22.54
C ILE B 1493 91.73 1.33 23.32
N SER B 1494 91.63 1.58 24.62
CA SER B 1494 90.78 0.77 25.46
C SER B 1494 89.40 1.40 25.66
N PRO B 1495 88.30 0.84 25.12
CA PRO B 1495 86.98 1.44 25.17
C PRO B 1495 86.51 1.70 26.60
N ALA B 1496 87.03 0.94 27.56
CA ALA B 1496 86.67 1.11 28.96
C ALA B 1496 87.19 2.42 29.53
N LYS B 1497 88.18 3.01 28.87
CA LYS B 1497 88.77 4.23 29.34
C LYS B 1497 88.43 5.41 28.42
N VAL B 1498 87.57 5.16 27.43
CA VAL B 1498 87.08 6.20 26.54
C VAL B 1498 85.95 6.78 27.35
N GLN B 1499 85.97 8.08 27.58
CA GLN B 1499 84.99 8.62 28.48
C GLN B 1499 84.63 10.08 28.27
N ILE B 1500 83.46 10.43 28.78
CA ILE B 1500 83.04 11.81 28.76
C ILE B 1500 82.70 12.30 30.15
N ILE B 1501 83.32 13.39 30.52
CA ILE B 1501 83.13 13.96 31.84
C ILE B 1501 82.28 15.21 31.75
N VAL B 1502 81.15 15.19 32.43
CA VAL B 1502 80.24 16.31 32.34
C VAL B 1502 80.11 17.04 33.66
N LYS B 1503 80.22 18.37 33.62
CA LYS B 1503 80.09 19.16 34.82
C LYS B 1503 79.05 20.27 34.66
N ALA B 1504 77.98 20.17 35.43
CA ALA B 1504 76.88 21.12 35.34
C ALA B 1504 76.93 21.99 36.55
N GLY B 1505 77.36 23.22 36.40
CA GLY B 1505 77.49 23.97 37.64
C GLY B 1505 78.45 23.26 38.61
N GLY B 1506 77.94 22.91 39.79
CA GLY B 1506 78.71 22.27 40.86
C GLY B 1506 78.72 20.73 40.89
N LYS B 1507 78.04 20.05 39.97
CA LYS B 1507 78.03 18.58 40.01
C LYS B 1507 78.80 17.95 38.87
N GLU B 1508 79.39 16.77 39.12
CA GLU B 1508 80.11 16.03 38.06
C GLU B 1508 79.60 14.62 37.84
N GLN B 1509 79.62 14.19 36.57
CA GLN B 1509 79.27 12.83 36.17
C GLN B 1509 80.26 12.28 35.13
N THR B 1510 80.58 10.99 35.19
CA THR B 1510 81.45 10.40 34.16
C THR B 1510 80.80 9.20 33.50
N PHE B 1511 80.86 9.19 32.18
CA PHE B 1511 80.31 8.13 31.36
C PHE B 1511 81.39 7.46 30.53
N THR B 1512 81.27 6.14 30.28
CA THR B 1512 82.30 5.46 29.46
C THR B 1512 81.73 4.77 28.22
N ALA B 1513 82.61 4.53 27.25
CA ALA B 1513 82.21 3.91 26.00
C ALA B 1513 81.82 2.45 26.14
N ASP B 1514 82.25 1.77 27.19
CA ASP B 1514 81.88 0.39 27.29
C ASP B 1514 80.54 0.20 27.99
N LYS B 1515 79.91 1.30 28.40
CA LYS B 1515 78.60 1.21 29.00
C LYS B 1515 77.54 1.97 28.20
N ASP B 1516 77.90 3.15 27.72
CA ASP B 1516 76.95 4.05 27.10
C ASP B 1516 76.98 4.15 25.57
N VAL B 1517 77.71 3.22 24.94
CA VAL B 1517 77.87 3.07 23.47
C VAL B 1517 77.43 1.67 23.08
N SER B 1518 76.47 1.55 22.17
CA SER B 1518 75.95 0.23 21.79
C SER B 1518 76.82 -0.54 20.82
N ILE B 1519 77.58 0.17 20.00
CA ILE B 1519 78.50 -0.47 19.06
C ILE B 1519 79.86 0.15 19.17
N GLN B 1520 80.89 -0.67 19.32
CA GLN B 1520 82.21 -0.09 19.40
C GLN B 1520 82.72 -0.03 17.97
N PRO B 1521 83.48 0.97 17.58
CA PRO B 1521 84.08 1.12 16.27
C PRO B 1521 85.17 0.09 16.06
N SER B 1522 85.38 -0.30 14.81
CA SER B 1522 86.45 -1.20 14.45
C SER B 1522 87.75 -0.48 14.76
N PRO B 1523 88.81 -1.18 15.20
CA PRO B 1523 90.10 -0.61 15.45
C PRO B 1523 90.68 -0.13 14.15
N SER B 1524 91.29 1.03 14.18
CA SER B 1524 91.94 1.62 13.03
C SER B 1524 92.79 2.75 13.57
N PHE B 1525 93.64 3.33 12.73
CA PHE B 1525 94.35 4.51 13.20
C PHE B 1525 93.85 5.82 12.59
N ASP B 1526 93.03 5.76 11.56
CA ASP B 1526 92.61 6.98 10.94
C ASP B 1526 91.53 7.60 11.79
N GLU B 1527 90.50 6.84 12.10
CA GLU B 1527 89.47 7.34 12.98
C GLU B 1527 88.68 6.26 13.70
N MET B 1528 88.39 6.52 14.95
CA MET B 1528 87.44 5.69 15.67
C MET B 1528 86.39 6.61 16.21
N ASN B 1529 85.14 6.21 16.12
CA ASN B 1529 84.06 7.05 16.63
C ASN B 1529 83.18 6.34 17.62
N TYR B 1530 83.21 6.81 18.85
CA TYR B 1530 82.41 6.20 19.88
C TYR B 1530 81.17 7.06 19.99
N GLN B 1531 80.07 6.50 19.51
CA GLN B 1531 78.80 7.19 19.49
C GLN B 1531 77.98 6.78 20.67
N PHE B 1532 77.77 7.72 21.56
CA PHE B 1532 77.08 7.48 22.80
C PHE B 1532 75.60 7.60 22.60
N ASN B 1533 74.87 6.85 23.40
CA ASN B 1533 73.43 6.86 23.28
C ASN B 1533 72.85 8.13 23.87
N ALA B 1534 72.95 8.30 25.18
CA ALA B 1534 72.54 9.53 25.82
C ALA B 1534 73.09 9.56 27.22
N LEU B 1535 73.67 10.66 27.59
CA LEU B 1535 74.18 10.80 28.92
C LEU B 1535 73.13 11.57 29.66
N GLU B 1536 72.65 11.04 30.78
CA GLU B 1536 71.62 11.78 31.52
C GLU B 1536 72.28 12.64 32.57
N ILE B 1537 72.14 13.94 32.41
CA ILE B 1537 72.80 14.90 33.25
C ILE B 1537 71.89 15.57 34.24
N ASP B 1538 72.34 15.56 35.49
CA ASP B 1538 71.63 16.21 36.57
C ASP B 1538 71.92 17.69 36.55
N GLY B 1539 70.96 18.46 36.08
CA GLY B 1539 71.09 19.88 35.90
C GLY B 1539 70.65 20.67 37.13
N SER B 1540 70.26 19.99 38.21
CA SER B 1540 69.75 20.68 39.40
C SER B 1540 70.87 21.40 40.12
N GLY B 1541 72.10 21.04 39.80
CA GLY B 1541 73.31 21.61 40.36
C GLY B 1541 73.81 22.74 39.45
N LEU B 1542 73.00 23.12 38.47
CA LEU B 1542 73.44 24.11 37.53
C LEU B 1542 73.18 25.49 38.11
N ASN B 1543 74.26 26.25 38.24
CA ASN B 1543 74.25 27.57 38.85
C ASN B 1543 74.16 28.70 37.85
N PHE B 1544 73.08 29.47 37.93
CA PHE B 1544 72.85 30.55 37.00
C PHE B 1544 73.17 31.92 37.56
N ILE B 1545 73.86 32.71 36.75
CA ILE B 1545 74.15 34.09 37.08
C ILE B 1545 73.47 34.96 36.06
N ASN B 1546 72.53 35.80 36.48
CA ASN B 1546 71.78 36.64 35.55
C ASN B 1546 71.18 35.77 34.45
N ASN B 1547 70.67 34.61 34.87
CA ASN B 1547 70.05 33.58 34.04
C ASN B 1547 70.97 32.89 33.05
N SER B 1548 72.26 33.06 33.18
CA SER B 1548 73.21 32.35 32.34
C SER B 1548 73.95 31.27 33.10
N ALA B 1549 73.96 30.07 32.55
CA ALA B 1549 74.67 28.95 33.13
C ALA B 1549 75.23 28.07 32.05
N SER B 1550 76.13 27.17 32.38
CA SER B 1550 76.67 26.28 31.38
C SER B 1550 77.12 24.95 31.93
N ILE B 1551 77.24 24.01 30.99
CA ILE B 1551 77.75 22.68 31.24
C ILE B 1551 79.06 22.47 30.48
N ASP B 1552 80.07 22.03 31.21
CA ASP B 1552 81.35 21.73 30.62
C ASP B 1552 81.38 20.26 30.24
N VAL B 1553 81.62 19.96 28.97
CA VAL B 1553 81.66 18.57 28.56
C VAL B 1553 83.03 18.20 28.03
N THR B 1554 83.71 17.30 28.72
CA THR B 1554 85.04 16.93 28.29
C THR B 1554 85.06 15.55 27.70
N PHE B 1555 85.61 15.49 26.53
CA PHE B 1555 85.79 14.27 25.79
C PHE B 1555 87.22 13.85 25.92
N THR B 1556 87.47 12.69 26.47
CA THR B 1556 88.85 12.27 26.60
C THR B 1556 88.97 10.77 26.50
N ALA B 1557 90.14 10.29 26.14
CA ALA B 1557 90.29 8.86 26.05
C ALA B 1557 91.68 8.40 26.39
N PHE B 1558 91.77 7.13 26.82
CA PHE B 1558 93.05 6.55 27.15
C PHE B 1558 93.36 5.24 26.42
N ALA B 1559 94.64 5.06 26.23
CA ALA B 1559 95.21 3.88 25.65
C ALA B 1559 95.19 2.74 26.62
N GLU B 1560 95.37 1.55 26.09
CA GLU B 1560 95.41 0.37 26.94
C GLU B 1560 96.52 0.47 27.99
N ASP B 1561 97.64 1.12 27.67
CA ASP B 1561 98.74 1.24 28.62
C ASP B 1561 98.59 2.46 29.53
N GLY B 1562 97.48 3.16 29.41
CA GLY B 1562 97.20 4.33 30.22
C GLY B 1562 97.62 5.66 29.60
N ARG B 1563 98.34 5.66 28.47
CA ARG B 1563 98.70 6.99 27.95
C ARG B 1563 97.45 7.75 27.53
N LYS B 1564 97.42 9.04 27.84
CA LYS B 1564 96.29 9.88 27.46
C LYS B 1564 96.33 10.09 25.97
N LEU B 1565 95.17 10.12 25.35
CA LEU B 1565 95.01 10.31 23.91
C LEU B 1565 94.56 11.72 23.55
N GLY B 1566 94.65 12.61 24.51
CA GLY B 1566 94.23 14.00 24.37
C GLY B 1566 92.83 14.22 24.89
N TYR B 1567 92.26 15.35 24.50
CA TYR B 1567 90.94 15.74 24.96
C TYR B 1567 90.29 16.76 24.04
N GLU B 1568 89.00 16.95 24.24
CA GLU B 1568 88.26 18.03 23.59
C GLU B 1568 87.27 18.57 24.61
N SER B 1569 87.10 19.88 24.65
CA SER B 1569 86.20 20.48 25.62
C SER B 1569 85.16 21.38 24.99
N PHE B 1570 83.91 21.01 25.25
CA PHE B 1570 82.71 21.66 24.73
C PHE B 1570 81.91 22.41 25.78
N SER B 1571 81.32 23.50 25.37
CA SER B 1571 80.46 24.25 26.28
C SER B 1571 79.03 24.31 25.81
N ILE B 1572 78.13 23.82 26.66
CA ILE B 1572 76.72 23.90 26.33
C ILE B 1572 76.13 25.02 27.15
N PRO B 1573 75.72 26.14 26.55
CA PRO B 1573 75.15 27.23 27.27
C PRO B 1573 73.76 26.84 27.67
N VAL B 1574 73.30 27.31 28.80
CA VAL B 1574 71.94 27.16 29.22
C VAL B 1574 71.38 28.53 29.60
N THR B 1575 70.41 29.03 28.85
CA THR B 1575 69.91 30.35 29.21
C THR B 1575 68.50 30.26 29.74
N LEU B 1576 68.27 30.89 30.87
CA LEU B 1576 66.95 30.90 31.44
C LEU B 1576 66.16 32.18 31.17
N LYS B 1577 65.05 32.01 30.49
CA LYS B 1577 64.20 33.12 30.16
C LYS B 1577 63.02 33.20 31.09
N VAL B 1578 62.81 34.38 31.64
CA VAL B 1578 61.65 34.59 32.47
C VAL B 1578 60.95 35.86 32.03
N SER B 1579 59.65 35.77 31.82
CA SER B 1579 58.93 36.94 31.40
C SER B 1579 58.50 37.79 32.58
N THR B 1580 59.07 38.97 32.65
CA THR B 1580 58.79 39.90 33.71
C THR B 1580 58.22 41.18 33.08
N ASP B 1581 57.32 41.86 33.79
CA ASP B 1581 56.71 43.11 33.34
C ASP B 1581 56.08 43.83 34.51
N ASN B 1582 55.52 44.99 34.26
CA ASN B 1582 54.81 45.67 35.32
C ASN B 1582 53.56 44.86 35.65
N ALA B 1583 53.29 44.67 36.92
CA ALA B 1583 52.11 43.94 37.36
C ALA B 1583 50.87 44.77 37.24
N LEU B 1584 49.73 44.12 37.17
CA LEU B 1584 48.51 44.88 37.14
C LEU B 1584 48.38 45.42 38.55
N THR B 1585 47.91 46.64 38.71
CA THR B 1585 47.79 47.23 40.04
C THR B 1585 46.35 47.56 40.44
N LEU B 1586 46.00 47.23 41.66
CA LEU B 1586 44.65 47.54 42.09
C LEU B 1586 44.66 48.80 42.92
N HIS B 1587 43.61 49.59 42.75
CA HIS B 1587 43.43 50.83 43.47
C HIS B 1587 42.03 51.08 43.98
N HIS B 1588 41.95 51.76 45.11
CA HIS B 1588 40.68 52.18 45.66
C HIS B 1588 40.84 53.63 46.02
N ASN B 1589 40.17 54.50 45.29
CA ASN B 1589 40.39 55.89 45.51
C ASN B 1589 39.52 56.39 46.64
N GLU B 1590 39.67 57.65 46.99
CA GLU B 1590 38.97 58.23 48.13
C GLU B 1590 37.62 58.74 47.76
N ASN B 1591 37.31 58.63 46.49
CA ASN B 1591 36.04 59.05 45.99
C ASN B 1591 35.17 57.82 45.78
N GLY B 1592 35.68 56.68 46.25
CA GLY B 1592 34.99 55.40 46.20
C GLY B 1592 35.18 54.65 44.89
N ALA B 1593 35.85 55.25 43.93
CA ALA B 1593 36.03 54.53 42.70
C ALA B 1593 37.08 53.47 42.87
N GLN B 1594 36.82 52.28 42.37
CA GLN B 1594 37.83 51.24 42.37
C GLN B 1594 38.26 51.08 40.95
N TYR B 1595 39.53 50.79 40.75
CA TYR B 1595 40.00 50.56 39.41
C TYR B 1595 41.21 49.69 39.34
N MET B 1596 41.42 49.17 38.15
CA MET B 1596 42.63 48.43 37.85
C MET B 1596 43.48 49.22 36.90
N GLN B 1597 44.75 49.41 37.24
CA GLN B 1597 45.66 50.14 36.36
C GLN B 1597 46.84 49.29 35.98
N TRP B 1598 47.24 49.31 34.72
CA TRP B 1598 48.43 48.49 34.48
C TRP B 1598 49.41 49.10 33.50
N GLN B 1599 48.95 49.95 32.64
CA GLN B 1599 49.86 50.66 31.79
C GLN B 1599 49.44 52.07 32.00
N SER B 1600 48.86 52.71 31.00
CA SER B 1600 48.32 54.02 31.20
C SER B 1600 46.82 53.84 31.24
N TYR B 1601 46.41 52.59 31.17
CA TYR B 1601 45.02 52.22 31.12
C TYR B 1601 44.46 51.98 32.50
N ARG B 1602 43.23 52.46 32.73
CA ARG B 1602 42.51 52.26 33.99
C ARG B 1602 41.09 51.75 33.76
N THR B 1603 40.72 50.66 34.41
CA THR B 1603 39.38 50.09 34.27
C THR B 1603 38.56 50.20 35.53
N ARG B 1604 37.35 50.73 35.41
CA ARG B 1604 36.50 50.87 36.58
C ARG B 1604 36.00 49.52 37.05
N LEU B 1605 36.17 49.25 38.34
CA LEU B 1605 35.77 47.96 38.89
C LEU B 1605 34.45 47.91 39.65
N ASN B 1606 33.85 49.04 39.96
CA ASN B 1606 32.61 49.04 40.72
C ASN B 1606 31.69 50.16 40.32
N THR B 1607 30.45 50.12 40.76
CA THR B 1607 29.59 51.26 40.50
C THR B 1607 29.07 51.76 41.80
N LEU B 1608 28.89 53.05 41.89
CA LEU B 1608 28.42 53.62 43.12
C LEU B 1608 26.96 54.06 43.10
N PHE B 1609 26.22 53.81 42.02
CA PHE B 1609 24.86 54.33 41.99
C PHE B 1609 23.78 53.29 41.83
N ALA B 1610 24.02 52.06 42.20
CA ALA B 1610 23.01 51.02 41.99
C ALA B 1610 21.69 51.36 42.66
N ARG B 1611 21.73 52.07 43.78
CA ARG B 1611 20.50 52.40 44.47
C ARG B 1611 19.63 53.31 43.64
N GLN B 1612 20.24 54.18 42.84
CA GLN B 1612 19.44 55.09 42.07
C GLN B 1612 18.73 54.29 41.01
N LEU B 1613 19.44 53.33 40.43
CA LEU B 1613 18.81 52.57 39.37
C LEU B 1613 17.62 51.82 39.88
N VAL B 1614 17.70 51.35 41.11
CA VAL B 1614 16.57 50.64 41.68
C VAL B 1614 15.42 51.61 41.88
N ALA B 1615 15.72 52.78 42.43
CA ALA B 1615 14.71 53.78 42.69
C ALA B 1615 14.02 54.20 41.42
N ARG B 1616 14.76 54.23 40.33
CA ARG B 1616 14.17 54.62 39.08
C ARG B 1616 13.35 53.48 38.49
N ALA B 1617 13.79 52.24 38.55
CA ALA B 1617 12.97 51.19 37.96
C ALA B 1617 11.65 51.12 38.65
N THR B 1618 11.66 51.41 39.92
CA THR B 1618 10.50 51.35 40.75
C THR B 1618 9.37 52.21 40.24
N THR B 1619 9.67 53.34 39.57
CA THR B 1619 8.61 54.22 39.15
C THR B 1619 8.18 54.05 37.70
N GLY B 1620 8.74 53.06 36.98
CA GLY B 1620 8.32 52.81 35.61
C GLY B 1620 9.43 52.53 34.60
N ILE B 1621 9.06 51.82 33.54
CA ILE B 1621 10.01 51.45 32.52
C ILE B 1621 10.57 52.65 31.79
N ASP B 1622 9.78 53.68 31.65
CA ASP B 1622 10.23 54.84 30.95
C ASP B 1622 11.26 55.62 31.70
N THR B 1623 11.33 55.49 33.03
CA THR B 1623 12.37 56.26 33.66
C THR B 1623 13.63 55.43 33.62
N ILE B 1624 13.52 54.12 33.77
CA ILE B 1624 14.73 53.33 33.77
C ILE B 1624 15.39 53.32 32.41
N LEU B 1625 14.62 53.42 31.34
CA LEU B 1625 15.17 53.39 29.99
C LEU B 1625 15.33 54.77 29.38
N SER B 1626 15.29 55.79 30.22
CA SER B 1626 15.44 57.15 29.76
C SER B 1626 16.88 57.42 29.38
N MET B 1627 17.11 58.53 28.70
CA MET B 1627 18.46 58.93 28.40
C MET B 1627 19.16 59.41 29.65
N GLU B 1628 18.42 60.06 30.52
CA GLU B 1628 18.95 60.62 31.75
C GLU B 1628 19.54 59.55 32.64
N THR B 1629 18.93 58.39 32.63
CA THR B 1629 19.38 57.29 33.46
C THR B 1629 20.78 56.92 33.09
N GLN B 1630 21.08 56.97 31.82
CA GLN B 1630 22.35 56.53 31.29
C GLN B 1630 23.42 57.58 31.46
N ASN B 1631 23.03 58.69 32.08
CA ASN B 1631 23.91 59.78 32.40
C ASN B 1631 24.10 59.90 33.91
N ILE B 1632 23.80 58.85 34.67
CA ILE B 1632 24.14 58.98 36.07
C ILE B 1632 25.65 58.95 36.10
N GLN B 1633 26.26 59.91 36.74
CA GLN B 1633 27.71 59.93 36.68
C GLN B 1633 28.42 59.16 37.79
N GLU B 1634 29.57 58.63 37.40
CA GLU B 1634 30.51 57.95 38.26
C GLU B 1634 31.73 58.85 38.38
N PRO B 1635 32.44 58.85 39.49
CA PRO B 1635 33.63 59.66 39.72
C PRO B 1635 34.82 59.23 38.90
N GLN B 1636 35.67 60.20 38.54
CA GLN B 1636 36.87 59.87 37.79
C GLN B 1636 37.67 58.87 38.60
N LEU B 1637 38.30 57.94 37.90
CA LEU B 1637 39.01 56.87 38.56
C LEU B 1637 40.25 57.28 39.32
N GLY B 1638 40.94 58.30 38.89
CA GLY B 1638 42.17 58.63 39.57
C GLY B 1638 42.69 59.94 39.09
N LYS B 1639 43.87 60.31 39.57
CA LYS B 1639 44.44 61.59 39.16
C LYS B 1639 44.44 61.63 37.66
N GLY B 1640 43.90 62.71 37.12
CA GLY B 1640 43.81 62.91 35.70
C GLY B 1640 42.77 63.97 35.41
N PHE B 1641 42.45 64.12 34.15
CA PHE B 1641 41.51 65.13 33.68
C PHE B 1641 40.79 64.66 32.44
N TYR B 1642 39.72 65.32 32.08
CA TYR B 1642 39.02 64.95 30.88
C TYR B 1642 39.34 65.96 29.80
N ALA B 1643 39.33 65.53 28.55
CA ALA B 1643 39.56 66.47 27.47
C ALA B 1643 38.78 66.10 26.23
N THR B 1644 38.44 67.11 25.45
CA THR B 1644 37.66 66.87 24.25
C THR B 1644 38.49 67.02 23.03
N PHE B 1645 38.43 65.99 22.21
CA PHE B 1645 39.19 65.94 20.97
C PHE B 1645 38.30 65.92 19.77
N VAL B 1646 38.35 66.97 18.97
CA VAL B 1646 37.50 66.97 17.81
C VAL B 1646 38.37 66.72 16.60
N ILE B 1647 38.10 65.63 15.95
CA ILE B 1647 38.86 65.14 14.82
C ILE B 1647 38.24 65.71 13.54
N PRO B 1648 39.01 66.36 12.65
CA PRO B 1648 38.51 67.00 11.45
C PRO B 1648 38.02 65.92 10.49
N PRO B 1649 37.21 66.29 9.50
CA PRO B 1649 36.65 65.42 8.48
C PRO B 1649 37.71 64.92 7.53
N TYR B 1650 37.42 63.81 6.89
CA TYR B 1650 38.30 63.16 5.93
C TYR B 1650 38.59 64.03 4.73
N ASN B 1651 39.83 64.05 4.32
CA ASN B 1651 40.27 64.78 3.16
C ASN B 1651 41.41 64.01 2.52
N LEU B 1652 41.93 64.53 1.40
CA LEU B 1652 43.09 63.95 0.76
C LEU B 1652 44.28 64.90 0.89
N SER B 1653 44.00 66.15 1.27
CA SER B 1653 45.11 67.09 1.45
C SER B 1653 45.94 66.59 2.60
N THR B 1654 45.24 65.98 3.53
CA THR B 1654 45.68 65.32 4.73
C THR B 1654 44.93 64.00 4.68
N HIS B 1655 45.28 63.02 5.47
CA HIS B 1655 44.55 61.73 5.54
C HIS B 1655 44.36 61.05 4.18
N GLY B 1656 45.32 61.13 3.30
CA GLY B 1656 45.12 60.55 2.00
C GLY B 1656 45.03 59.04 2.01
N ASP B 1657 44.20 58.50 1.10
CA ASP B 1657 43.99 57.09 0.79
C ASP B 1657 43.22 56.28 1.81
N GLU B 1658 43.62 56.30 3.06
CA GLU B 1658 42.93 55.51 4.07
C GLU B 1658 42.24 56.38 5.10
N ARG B 1659 41.13 55.87 5.60
CA ARG B 1659 40.35 56.57 6.60
C ARG B 1659 40.67 56.27 8.04
N TRP B 1660 41.73 55.58 8.33
CA TRP B 1660 41.93 55.32 9.75
C TRP B 1660 42.67 56.43 10.43
N PHE B 1661 42.44 56.55 11.72
CA PHE B 1661 43.27 57.43 12.49
C PHE B 1661 43.42 56.85 13.88
N LYS B 1662 44.48 57.22 14.57
CA LYS B 1662 44.65 56.77 15.94
C LYS B 1662 45.15 57.86 16.82
N LEU B 1663 44.72 57.84 18.07
CA LEU B 1663 45.30 58.75 19.01
C LEU B 1663 46.15 57.98 19.96
N TYR B 1664 47.27 58.56 20.27
CA TYR B 1664 48.20 57.99 21.18
C TYR B 1664 48.50 58.88 22.32
N ILE B 1665 48.74 58.26 23.45
CA ILE B 1665 49.14 58.97 24.63
C ILE B 1665 50.54 58.55 25.00
N LYS B 1666 51.39 59.50 25.38
CA LYS B 1666 52.79 59.20 25.69
C LYS B 1666 53.28 59.97 26.93
N HIS B 1667 54.30 59.42 27.59
CA HIS B 1667 54.93 59.99 28.79
C HIS B 1667 54.05 60.00 30.02
N VAL B 1668 53.22 58.99 30.18
CA VAL B 1668 52.35 58.99 31.34
C VAL B 1668 52.86 58.14 32.50
N VAL B 1669 53.23 56.88 32.24
CA VAL B 1669 53.75 55.97 33.26
C VAL B 1669 55.04 55.44 32.72
N ASP B 1670 55.22 55.74 31.46
CA ASP B 1670 56.33 55.31 30.66
C ASP B 1670 56.53 56.33 29.59
N ASN B 1671 57.54 56.18 28.77
CA ASN B 1671 57.79 57.15 27.72
C ASN B 1671 57.46 56.53 26.39
N ASN B 1672 56.81 55.40 26.48
CA ASN B 1672 56.33 54.64 25.35
C ASN B 1672 54.92 55.07 25.08
N SER B 1673 54.52 55.12 23.82
CA SER B 1673 53.17 55.50 23.52
C SER B 1673 52.21 54.35 23.73
N HIS B 1674 50.95 54.71 23.92
CA HIS B 1674 49.87 53.78 24.06
C HIS B 1674 48.68 54.26 23.26
N ILE B 1675 47.85 53.37 22.76
CA ILE B 1675 46.69 53.87 22.05
C ILE B 1675 45.66 54.34 23.02
N ILE B 1676 45.20 55.58 22.86
CA ILE B 1676 44.16 56.09 23.74
C ILE B 1676 42.83 56.11 23.01
N TYR B 1677 42.89 56.10 21.68
CA TYR B 1677 41.71 56.03 20.84
C TYR B 1677 42.00 55.46 19.46
N SER B 1678 41.12 54.65 18.90
CA SER B 1678 41.31 54.20 17.52
C SER B 1678 40.00 54.24 16.78
N GLY B 1679 39.99 54.83 15.59
CA GLY B 1679 38.74 54.95 14.82
C GLY B 1679 38.95 55.27 13.36
N GLN B 1680 37.85 55.58 12.66
CA GLN B 1680 37.93 55.89 11.24
C GLN B 1680 37.27 57.23 10.94
N LEU B 1681 37.82 57.91 9.97
CA LEU B 1681 37.42 59.21 9.54
C LEU B 1681 36.14 59.13 8.73
N THR B 1682 35.33 60.16 8.91
CA THR B 1682 34.04 60.34 8.29
C THR B 1682 34.13 61.66 7.58
N ASP B 1683 33.03 62.10 6.99
CA ASP B 1683 32.97 63.36 6.27
C ASP B 1683 32.61 64.55 7.16
N THR B 1684 32.55 64.30 8.46
CA THR B 1684 32.24 65.32 9.45
C THR B 1684 33.21 65.31 10.61
N ASN B 1685 32.92 66.12 11.60
CA ASN B 1685 33.76 66.21 12.77
C ASN B 1685 33.47 65.07 13.74
N ILE B 1686 34.50 64.41 14.24
CA ILE B 1686 34.24 63.34 15.20
C ILE B 1686 34.56 63.90 16.57
N ASN B 1687 33.56 63.99 17.42
CA ASN B 1687 33.78 64.62 18.72
C ASN B 1687 33.83 63.59 19.86
N ILE B 1688 35.01 63.39 20.44
CA ILE B 1688 35.13 62.41 21.52
C ILE B 1688 35.75 62.99 22.78
N THR B 1689 35.45 62.35 23.91
CA THR B 1689 36.04 62.76 25.18
C THR B 1689 36.89 61.64 25.70
N LEU B 1690 38.09 61.98 26.10
CA LEU B 1690 38.95 61.00 26.66
C LEU B 1690 39.31 61.36 28.08
N PHE B 1691 39.45 60.35 28.91
CA PHE B 1691 39.97 60.63 30.22
C PHE B 1691 41.44 60.41 30.15
N ILE B 1692 42.18 61.39 30.55
CA ILE B 1692 43.60 61.28 30.52
C ILE B 1692 44.14 61.15 31.92
N PRO B 1693 44.66 59.98 32.27
CA PRO B 1693 45.19 59.66 33.55
C PRO B 1693 46.50 60.34 33.68
N LEU B 1694 46.89 60.60 34.90
CA LEU B 1694 48.22 61.10 35.16
C LEU B 1694 48.84 60.33 36.29
N ASP B 1695 50.16 60.13 36.26
CA ASP B 1695 50.75 59.46 37.40
C ASP B 1695 51.02 60.46 38.52
N ASP B 1696 51.51 59.96 39.65
CA ASP B 1696 51.82 60.81 40.79
C ASP B 1696 52.96 61.79 40.54
N VAL B 1697 53.94 61.34 39.76
CA VAL B 1697 55.13 62.11 39.42
C VAL B 1697 55.30 62.12 37.91
N PRO B 1698 55.47 63.29 37.26
CA PRO B 1698 55.65 63.45 35.83
C PRO B 1698 56.99 62.94 35.34
N LEU B 1699 57.03 62.62 34.05
CA LEU B 1699 58.25 62.15 33.39
C LEU B 1699 58.94 63.26 32.59
N ASN B 1700 58.47 64.48 32.78
CA ASN B 1700 58.98 65.68 32.12
C ASN B 1700 58.62 66.89 32.97
N GLN B 1701 59.04 68.07 32.56
CA GLN B 1701 58.69 69.29 33.25
C GLN B 1701 57.79 70.15 32.38
N ASP B 1702 57.97 70.04 31.06
CA ASP B 1702 57.19 70.87 30.15
C ASP B 1702 55.73 70.48 30.13
N TYR B 1703 55.49 69.19 30.33
CA TYR B 1703 54.15 68.67 30.31
C TYR B 1703 54.05 67.38 31.08
N HIS B 1704 52.86 67.12 31.59
CA HIS B 1704 52.51 65.89 32.24
C HIS B 1704 52.14 64.78 31.27
N ALA B 1705 51.61 65.16 30.10
CA ALA B 1705 51.28 64.13 29.10
C ALA B 1705 51.21 64.66 27.68
N LYS B 1706 51.58 63.82 26.70
CA LYS B 1706 51.42 64.21 25.29
C LYS B 1706 50.35 63.36 24.63
N VAL B 1707 49.50 63.98 23.82
CA VAL B 1707 48.52 63.20 23.05
C VAL B 1707 48.65 63.60 21.60
N TYR B 1708 48.68 62.66 20.69
CA TYR B 1708 48.79 63.03 19.28
C TYR B 1708 48.09 62.09 18.33
N MET B 1709 47.83 62.54 17.10
CA MET B 1709 47.15 61.68 16.13
C MET B 1709 48.03 61.21 14.97
N THR B 1710 47.83 59.96 14.57
CA THR B 1710 48.47 59.39 13.39
C THR B 1710 47.38 58.94 12.43
N PHE B 1711 47.66 58.96 11.13
CA PHE B 1711 46.68 58.59 10.12
C PHE B 1711 47.25 58.19 8.77
N LYS B 1712 48.31 57.40 8.78
CA LYS B 1712 48.99 56.95 7.56
C LYS B 1712 49.82 58.03 6.91
N LYS B 1713 49.20 59.13 6.53
CA LYS B 1713 49.96 60.19 5.93
C LYS B 1713 50.65 60.96 7.05
N SER B 1714 51.97 61.07 6.94
CA SER B 1714 52.81 61.73 7.91
C SER B 1714 52.57 61.35 9.38
N PRO B 1715 52.52 60.05 9.74
CA PRO B 1715 52.28 59.57 11.10
C PRO B 1715 53.59 59.73 11.86
N SER B 1716 53.99 60.97 12.05
CA SER B 1716 55.31 61.32 12.57
C SER B 1716 55.59 61.09 14.03
N ASP B 1717 54.56 61.06 14.87
CA ASP B 1717 54.74 60.92 16.31
C ASP B 1717 55.65 62.02 16.85
N GLY B 1718 55.64 63.22 16.24
CA GLY B 1718 56.57 64.26 16.66
C GLY B 1718 56.19 64.97 17.93
N THR B 1719 57.08 65.84 18.39
CA THR B 1719 56.88 66.61 19.62
C THR B 1719 56.17 67.87 19.17
N TRP B 1720 55.15 68.31 19.90
CA TRP B 1720 54.36 69.49 19.55
C TRP B 1720 53.52 69.28 18.29
N TRP B 1721 53.21 68.01 18.02
CA TRP B 1721 52.32 67.55 16.95
C TRP B 1721 51.00 67.03 17.49
N GLY B 1722 50.64 67.54 18.65
CA GLY B 1722 49.43 67.26 19.38
C GLY B 1722 49.54 68.08 20.63
N PRO B 1723 48.57 68.05 21.53
CA PRO B 1723 48.60 68.79 22.77
C PRO B 1723 49.60 68.21 23.75
N HIS B 1724 50.13 69.08 24.56
CA HIS B 1724 51.03 68.81 25.65
C HIS B 1724 50.38 69.34 26.92
N PHE B 1725 49.85 68.42 27.71
CA PHE B 1725 49.04 68.81 28.85
C PHE B 1725 49.90 69.03 30.05
N VAL B 1726 49.59 70.10 30.78
CA VAL B 1726 50.31 70.51 31.95
C VAL B 1726 49.45 70.51 33.19
N ARG B 1727 49.87 69.81 34.23
CA ARG B 1727 49.07 69.79 35.42
C ARG B 1727 49.57 70.83 36.40
N ASP B 1728 48.78 71.87 36.54
CA ASP B 1728 49.07 72.99 37.41
C ASP B 1728 48.52 72.62 38.76
N ASP B 1729 48.66 73.51 39.72
CA ASP B 1729 48.14 73.19 41.03
C ASP B 1729 46.63 73.28 40.93
N LYS B 1730 45.94 72.95 42.02
CA LYS B 1730 44.49 73.05 42.18
C LYS B 1730 43.71 72.18 41.20
N GLY B 1731 44.40 71.26 40.56
CA GLY B 1731 43.82 70.31 39.64
C GLY B 1731 43.49 70.91 38.28
N ILE B 1732 44.13 72.03 37.94
CA ILE B 1732 43.84 72.68 36.67
C ILE B 1732 44.81 72.32 35.57
N VAL B 1733 44.27 71.82 34.47
CA VAL B 1733 45.11 71.44 33.35
C VAL B 1733 45.07 72.44 32.21
N THR B 1734 46.26 72.77 31.75
CA THR B 1734 46.42 73.70 30.65
C THR B 1734 47.23 73.05 29.54
N ILE B 1735 47.28 73.67 28.37
CA ILE B 1735 48.07 73.10 27.29
C ILE B 1735 49.29 73.97 27.01
N ASN B 1736 50.46 73.35 27.04
CA ASN B 1736 51.71 74.02 26.81
C ASN B 1736 51.70 74.65 25.42
N PRO B 1737 51.86 75.98 25.29
CA PRO B 1737 51.75 76.76 24.06
C PRO B 1737 52.77 76.41 23.00
N LYS B 1738 53.78 75.62 23.36
CA LYS B 1738 54.77 75.21 22.37
C LYS B 1738 54.13 74.25 21.37
N SER B 1739 53.03 73.62 21.77
CA SER B 1739 52.35 72.67 20.93
C SER B 1739 51.53 73.31 19.84
N ILE B 1740 51.33 72.58 18.74
CA ILE B 1740 50.43 72.99 17.69
C ILE B 1740 49.42 71.89 17.42
N LEU B 1741 48.14 72.21 17.37
CA LEU B 1741 47.15 71.17 17.11
C LEU B 1741 46.95 70.99 15.62
N THR B 1742 48.01 70.53 14.98
CA THR B 1742 48.09 70.44 13.54
C THR B 1742 47.11 69.45 12.96
N HIS B 1743 46.79 68.43 13.73
CA HIS B 1743 45.92 67.37 13.29
C HIS B 1743 44.58 67.31 14.02
N PHE B 1744 44.17 68.40 14.66
CA PHE B 1744 42.89 68.38 15.37
C PHE B 1744 42.03 69.54 14.93
N GLU B 1745 40.73 69.36 14.95
CA GLU B 1745 39.86 70.47 14.66
C GLU B 1745 39.93 71.38 15.89
N SER B 1746 39.94 70.70 17.04
CA SER B 1746 40.00 71.35 18.35
C SER B 1746 40.35 70.43 19.51
N VAL B 1747 41.04 70.97 20.51
CA VAL B 1747 41.29 70.25 21.76
C VAL B 1747 40.95 71.13 22.94
N ASN B 1748 40.01 70.68 23.77
CA ASN B 1748 39.62 71.45 24.96
C ASN B 1748 39.93 70.71 26.25
N VAL B 1749 40.30 71.45 27.28
CA VAL B 1749 40.51 70.78 28.57
C VAL B 1749 39.31 70.99 29.45
N LEU B 1750 38.71 69.89 29.87
CA LEU B 1750 37.48 69.98 30.61
C LEU B 1750 37.72 70.10 32.09
N ASN B 1751 38.18 71.27 32.47
CA ASN B 1751 38.47 71.52 33.85
C ASN B 1751 37.17 71.52 34.58
N ASN B 1752 37.24 71.12 35.84
CA ASN B 1752 36.12 70.99 36.77
C ASN B 1752 35.20 69.80 36.47
N ILE B 1753 35.56 68.95 35.52
CA ILE B 1753 34.80 67.73 35.32
C ILE B 1753 35.49 66.63 36.07
N SER B 1754 34.81 66.13 37.10
CA SER B 1754 35.35 65.14 38.00
C SER B 1754 34.65 63.80 37.91
N SER B 1755 33.79 63.68 36.91
CA SER B 1755 32.94 62.52 36.74
C SER B 1755 32.52 62.24 35.31
N GLU B 1756 31.93 61.07 35.09
CA GLU B 1756 31.46 60.71 33.75
C GLU B 1756 30.17 59.86 33.78
N PRO B 1757 29.34 59.94 32.74
CA PRO B 1757 27.99 59.37 32.64
C PRO B 1757 27.76 57.89 32.39
N MET B 1758 28.10 57.05 33.37
CA MET B 1758 27.94 55.57 33.36
C MET B 1758 28.95 54.89 32.45
N ASP B 1759 29.91 54.19 33.00
CA ASP B 1759 30.87 53.57 32.13
C ASP B 1759 30.50 52.19 31.57
N PHE B 1760 30.15 52.15 30.29
CA PHE B 1760 29.70 50.93 29.61
C PHE B 1760 30.86 50.04 29.20
N SER B 1761 32.08 50.43 29.57
CA SER B 1761 33.25 49.62 29.32
C SER B 1761 33.81 49.07 30.65
N GLY B 1762 33.15 49.37 31.77
CA GLY B 1762 33.70 48.95 33.05
C GLY B 1762 33.32 47.54 33.43
N ALA B 1763 33.77 47.08 34.60
CA ALA B 1763 33.49 45.73 35.06
C ALA B 1763 32.01 45.41 35.18
N ASN B 1764 31.17 46.38 35.48
CA ASN B 1764 29.76 46.07 35.61
C ASN B 1764 29.00 46.44 34.39
N SER B 1765 29.69 46.80 33.33
CA SER B 1765 29.01 47.31 32.18
C SER B 1765 28.06 46.39 31.54
N LEU B 1766 28.27 45.11 31.67
CA LEU B 1766 27.37 44.16 31.08
C LEU B 1766 25.98 44.34 31.57
N TYR B 1767 25.82 44.77 32.81
CA TYR B 1767 24.50 44.89 33.32
C TYR B 1767 23.80 46.04 32.66
N PHE B 1768 24.53 47.06 32.23
CA PHE B 1768 23.88 48.18 31.62
C PHE B 1768 23.55 47.77 30.20
N TRP B 1769 24.36 46.90 29.63
CA TRP B 1769 24.06 46.51 28.27
C TRP B 1769 22.80 45.68 28.22
N GLU B 1770 22.59 44.86 29.24
CA GLU B 1770 21.37 44.08 29.28
C GLU B 1770 20.17 44.94 29.59
N LEU B 1771 20.39 45.93 30.44
CA LEU B 1771 19.35 46.82 30.87
C LEU B 1771 18.87 47.75 29.77
N PHE B 1772 19.79 48.29 28.99
CA PHE B 1772 19.40 49.26 27.99
C PHE B 1772 19.34 48.76 26.57
N TYR B 1773 20.09 47.73 26.20
CA TYR B 1773 20.06 47.31 24.82
C TYR B 1773 19.45 45.95 24.64
N TYR B 1774 19.96 44.94 25.35
CA TYR B 1774 19.48 43.63 25.00
C TYR B 1774 18.07 43.39 25.44
N THR B 1775 17.66 43.94 26.56
CA THR B 1775 16.30 43.68 26.95
C THR B 1775 15.34 44.26 25.93
N PRO B 1776 15.30 45.56 25.59
CA PRO B 1776 14.32 46.05 24.67
C PRO B 1776 14.42 45.42 23.30
N MET B 1777 15.60 44.95 22.91
CA MET B 1777 15.71 44.32 21.61
C MET B 1777 15.11 42.93 21.63
N LEU B 1778 15.18 42.27 22.78
CA LEU B 1778 14.66 40.95 22.95
C LEU B 1778 13.18 41.00 23.01
N VAL B 1779 12.69 42.02 23.66
CA VAL B 1779 11.27 42.14 23.79
C VAL B 1779 10.72 42.37 22.41
N ALA B 1780 11.36 43.25 21.64
CA ALA B 1780 10.90 43.46 20.28
C ALA B 1780 11.00 42.17 19.46
N GLN B 1781 12.05 41.37 19.65
CA GLN B 1781 12.22 40.13 18.89
C GLN B 1781 11.05 39.21 19.09
N ARG B 1782 10.62 39.06 20.33
CA ARG B 1782 9.52 38.17 20.57
C ARG B 1782 8.21 38.73 20.07
N LEU B 1783 8.01 40.02 20.21
CA LEU B 1783 6.77 40.58 19.76
C LEU B 1783 6.63 40.43 18.28
N LEU B 1784 7.75 40.50 17.57
CA LEU B 1784 7.72 40.32 16.15
C LEU B 1784 7.38 38.88 15.81
N HIS B 1785 7.92 37.90 16.54
CA HIS B 1785 7.58 36.51 16.23
C HIS B 1785 6.08 36.30 16.38
N GLU B 1786 5.49 37.02 17.31
CA GLU B 1786 4.06 36.95 17.61
C GLU B 1786 3.20 37.78 16.64
N GLN B 1787 3.85 38.46 15.68
CA GLN B 1787 3.23 39.34 14.70
C GLN B 1787 2.62 40.57 15.33
N ASN B 1788 3.16 41.01 16.45
CA ASN B 1788 2.65 42.22 17.03
C ASN B 1788 3.50 43.31 16.47
N PHE B 1789 3.10 43.76 15.31
CA PHE B 1789 3.90 44.70 14.58
C PHE B 1789 3.89 46.06 15.23
N ASP B 1790 2.81 46.40 15.91
CA ASP B 1790 2.73 47.70 16.52
C ASP B 1790 3.61 47.78 17.76
N GLU B 1791 3.63 46.71 18.54
CA GLU B 1791 4.45 46.76 19.72
C GLU B 1791 5.90 46.52 19.41
N ALA B 1792 6.20 45.65 18.45
CA ALA B 1792 7.60 45.43 18.14
C ALA B 1792 8.20 46.75 17.76
N ASN B 1793 7.42 47.57 17.06
CA ASN B 1793 7.90 48.85 16.66
C ASN B 1793 8.19 49.69 17.87
N ARG B 1794 7.24 49.78 18.78
CA ARG B 1794 7.41 50.63 19.94
C ARG B 1794 8.63 50.23 20.73
N TRP B 1795 8.86 48.96 20.85
CA TRP B 1795 9.99 48.54 21.63
C TRP B 1795 11.30 48.86 20.96
N LEU B 1796 11.35 48.87 19.63
CA LEU B 1796 12.62 49.15 18.99
C LEU B 1796 13.01 50.57 19.22
N LYS B 1797 12.01 51.43 19.38
CA LYS B 1797 12.20 52.85 19.62
C LYS B 1797 12.91 53.13 20.92
N TYR B 1798 12.95 52.17 21.84
CA TYR B 1798 13.65 52.39 23.08
C TYR B 1798 15.13 52.40 22.79
N VAL B 1799 15.53 51.84 21.65
CA VAL B 1799 16.90 51.85 21.26
C VAL B 1799 17.10 52.86 20.14
N TRP B 1800 16.25 52.81 19.13
CA TRP B 1800 16.44 53.68 17.99
C TRP B 1800 15.15 54.22 17.43
N SER B 1801 15.03 55.53 17.37
CA SER B 1801 13.84 56.11 16.83
C SER B 1801 14.22 57.05 15.72
N PRO B 1802 14.21 56.61 14.47
CA PRO B 1802 14.62 57.45 13.42
C PRO B 1802 13.59 58.54 13.53
N SER B 1803 14.00 59.76 13.23
CA SER B 1803 13.22 60.99 13.32
C SER B 1803 13.28 61.68 14.70
N GLY B 1804 13.89 61.03 15.70
CA GLY B 1804 14.11 61.64 17.02
C GLY B 1804 13.16 61.30 18.16
N TYR B 1805 13.43 61.93 19.30
CA TYR B 1805 12.70 61.76 20.55
C TYR B 1805 12.25 63.06 21.14
N ILE B 1806 11.18 63.00 21.92
CA ILE B 1806 10.79 64.16 22.69
C ILE B 1806 11.07 63.89 24.15
N VAL B 1807 11.81 64.79 24.77
CA VAL B 1807 12.17 64.65 26.16
C VAL B 1807 11.76 65.86 26.94
N HIS B 1808 10.93 65.67 27.94
CA HIS B 1808 10.45 66.79 28.73
C HIS B 1808 9.77 67.83 27.84
N GLY B 1809 9.13 67.38 26.77
CA GLY B 1809 8.43 68.25 25.84
C GLY B 1809 9.38 68.92 24.85
N GLN B 1810 10.67 68.66 24.97
CA GLN B 1810 11.62 69.31 24.10
C GLN B 1810 12.00 68.43 22.94
N ILE B 1811 12.32 69.06 21.84
CA ILE B 1811 12.71 68.29 20.68
C ILE B 1811 14.16 67.96 20.75
N GLN B 1812 14.47 66.68 20.69
CA GLN B 1812 15.85 66.27 20.78
C GLN B 1812 16.52 66.17 19.45
N ASN B 1813 17.83 66.23 19.50
CA ASN B 1813 18.69 66.17 18.35
C ASN B 1813 19.36 64.83 18.17
N TYR B 1814 18.75 63.77 18.63
CA TYR B 1814 19.36 62.48 18.45
C TYR B 1814 18.36 61.42 18.15
N GLN B 1815 18.82 60.36 17.49
CA GLN B 1815 17.94 59.25 17.15
C GLN B 1815 18.28 58.02 17.99
N TRP B 1816 19.52 57.95 18.45
CA TRP B 1816 19.94 56.78 19.19
C TRP B 1816 19.70 56.99 20.68
N ASN B 1817 18.92 56.12 21.30
CA ASN B 1817 18.58 56.30 22.71
C ASN B 1817 19.53 55.63 23.67
N VAL B 1818 20.45 54.86 23.16
CA VAL B 1818 21.37 54.20 24.02
C VAL B 1818 22.64 55.00 23.94
N ARG B 1819 23.03 55.56 25.06
CA ARG B 1819 24.13 56.49 25.08
C ARG B 1819 25.35 55.98 24.30
N PRO B 1820 25.87 54.76 24.50
CA PRO B 1820 27.05 54.27 23.81
C PRO B 1820 26.86 54.07 22.32
N LEU B 1821 25.63 54.15 21.82
CA LEU B 1821 25.39 54.00 20.41
C LEU B 1821 25.25 55.40 19.84
N LEU B 1822 24.86 56.35 20.67
CA LEU B 1822 24.72 57.73 20.25
C LEU B 1822 26.12 58.28 20.08
N GLU B 1823 26.96 57.89 20.99
CA GLU B 1823 28.36 58.21 21.01
C GLU B 1823 28.93 57.15 20.12
N ASP B 1824 30.11 57.38 19.55
CA ASP B 1824 30.75 56.40 18.67
C ASP B 1824 30.05 56.36 17.33
N THR B 1825 30.50 57.27 16.49
CA THR B 1825 29.96 57.52 15.16
C THR B 1825 31.06 57.24 14.17
N SER B 1826 32.02 56.46 14.61
CA SER B 1826 33.20 56.10 13.86
C SER B 1826 33.50 54.64 14.05
N TRP B 1827 33.78 53.95 12.97
CA TRP B 1827 34.12 52.55 13.05
C TRP B 1827 35.46 52.40 13.67
N ASN B 1828 35.65 51.41 14.50
CA ASN B 1828 36.99 51.26 15.02
C ASN B 1828 37.90 50.86 13.88
N SER B 1829 39.12 51.36 13.85
CA SER B 1829 40.04 50.94 12.80
C SER B 1829 40.68 49.60 13.12
N ASP B 1830 40.72 49.25 14.41
CA ASP B 1830 41.35 48.00 14.84
C ASP B 1830 40.27 47.08 15.39
N PRO B 1831 40.01 45.94 14.76
CA PRO B 1831 39.05 44.98 15.19
C PRO B 1831 39.48 44.37 16.51
N LEU B 1832 38.53 43.94 17.30
CA LEU B 1832 38.87 43.22 18.50
C LEU B 1832 39.20 41.80 18.09
N ASP B 1833 40.33 41.31 18.55
CA ASP B 1833 40.73 39.98 18.17
C ASP B 1833 40.06 38.99 19.08
N SER B 1834 38.89 38.55 18.64
CA SER B 1834 38.07 37.64 19.42
C SER B 1834 37.44 36.60 18.57
N VAL B 1835 36.66 35.75 19.22
CA VAL B 1835 35.93 34.69 18.58
C VAL B 1835 34.49 34.87 18.95
N ASP B 1836 34.29 35.80 19.85
CA ASP B 1836 32.98 36.12 20.36
C ASP B 1836 32.44 37.39 19.71
N PRO B 1837 31.49 37.33 18.76
CA PRO B 1837 31.00 38.48 18.06
C PRO B 1837 30.35 39.47 18.99
N ASP B 1838 29.91 39.03 20.17
CA ASP B 1838 29.25 39.95 21.05
C ASP B 1838 30.23 40.79 21.78
N ALA B 1839 31.50 40.46 21.69
CA ALA B 1839 32.53 41.22 22.35
C ALA B 1839 33.09 42.23 21.38
N VAL B 1840 32.74 42.07 20.11
CA VAL B 1840 33.25 42.96 19.10
C VAL B 1840 32.29 44.09 19.13
N ALA B 1841 31.04 43.72 19.12
CA ALA B 1841 30.02 44.69 19.30
C ALA B 1841 30.26 45.04 20.75
N GLN B 1842 29.91 46.22 21.20
CA GLN B 1842 30.18 46.70 22.58
C GLN B 1842 31.65 47.02 22.78
N HIS B 1843 32.46 46.88 21.76
CA HIS B 1843 33.84 47.28 21.82
C HIS B 1843 33.87 48.33 20.77
N ASP B 1844 33.06 48.03 19.77
CA ASP B 1844 32.80 48.88 18.66
C ASP B 1844 31.29 48.92 18.50
N PRO B 1845 30.59 49.82 19.20
CA PRO B 1845 29.16 49.93 19.30
C PRO B 1845 28.50 50.15 17.97
N MET B 1846 29.28 50.49 16.94
CA MET B 1846 28.73 50.73 15.63
C MET B 1846 28.04 49.48 15.14
N HIS B 1847 28.50 48.32 15.59
CA HIS B 1847 27.90 47.10 15.12
C HIS B 1847 26.50 46.94 15.63
N TYR B 1848 26.18 47.51 16.79
CA TYR B 1848 24.83 47.37 17.24
C TYR B 1848 23.98 48.35 16.54
N LYS B 1849 24.56 49.47 16.17
CA LYS B 1849 23.76 50.45 15.51
C LYS B 1849 23.28 49.84 14.21
N VAL B 1850 24.14 49.05 13.60
CA VAL B 1850 23.82 48.40 12.36
C VAL B 1850 22.83 47.28 12.60
N SER B 1851 22.99 46.47 13.64
CA SER B 1851 22.03 45.40 13.82
C SER B 1851 20.67 45.95 14.16
N THR B 1852 20.63 47.10 14.82
CA THR B 1852 19.39 47.72 15.19
C THR B 1852 18.71 48.20 13.93
N PHE B 1853 19.50 48.76 13.03
CA PHE B 1853 19.01 49.23 11.76
C PHE B 1853 18.41 48.05 11.03
N MET B 1854 19.14 46.93 10.97
CA MET B 1854 18.64 45.74 10.29
C MET B 1854 17.35 45.27 10.88
N ARG B 1855 17.20 45.29 12.20
CA ARG B 1855 15.95 44.82 12.73
C ARG B 1855 14.84 45.78 12.34
N THR B 1856 15.11 47.07 12.31
CA THR B 1856 14.07 47.98 11.90
C THR B 1856 13.63 47.63 10.48
N LEU B 1857 14.58 47.32 9.60
CA LEU B 1857 14.17 46.92 8.27
C LEU B 1857 13.40 45.62 8.28
N ASP B 1858 13.82 44.64 9.09
CA ASP B 1858 13.14 43.36 9.09
C ASP B 1858 11.70 43.57 9.46
N LEU B 1859 11.47 44.50 10.36
CA LEU B 1859 10.13 44.80 10.78
C LEU B 1859 9.34 45.40 9.65
N LEU B 1860 9.90 46.37 8.94
CA LEU B 1860 9.15 46.99 7.86
C LEU B 1860 8.86 46.00 6.77
N ILE B 1861 9.82 45.13 6.52
CA ILE B 1861 9.68 44.15 5.49
C ILE B 1861 8.58 43.20 5.89
N ALA B 1862 8.60 42.75 7.13
CA ALA B 1862 7.61 41.82 7.61
C ALA B 1862 6.22 42.39 7.49
N ARG B 1863 6.07 43.69 7.68
CA ARG B 1863 4.74 44.25 7.53
C ARG B 1863 4.33 44.14 6.08
N GLY B 1864 5.27 44.43 5.19
CA GLY B 1864 4.97 44.36 3.78
C GLY B 1864 4.67 42.94 3.35
N ASP B 1865 5.39 41.99 3.93
CA ASP B 1865 5.26 40.60 3.57
C ASP B 1865 3.91 40.12 4.02
N HIS B 1866 3.51 40.54 5.22
CA HIS B 1866 2.26 40.16 5.77
C HIS B 1866 1.13 40.62 4.90
N ALA B 1867 1.16 41.88 4.47
CA ALA B 1867 0.11 42.40 3.62
C ALA B 1867 0.16 41.77 2.25
N TYR B 1868 1.35 41.49 1.77
CA TYR B 1868 1.50 41.02 0.42
C TYR B 1868 0.68 39.77 0.27
N ARG B 1869 0.83 38.89 1.25
CA ARG B 1869 0.27 37.56 1.25
C ARG B 1869 -1.23 37.52 1.35
N GLN B 1870 -1.85 38.66 1.63
CA GLN B 1870 -3.28 38.69 1.74
C GLN B 1870 -3.91 38.62 0.35
N LEU B 1871 -3.13 38.95 -0.69
CA LEU B 1871 -3.52 38.87 -2.08
C LEU B 1871 -4.76 39.60 -2.54
N GLU B 1872 -4.99 40.77 -2.03
CA GLU B 1872 -6.06 41.61 -2.55
C GLU B 1872 -5.31 42.71 -3.23
N ARG B 1873 -5.88 43.37 -4.22
CA ARG B 1873 -5.07 44.42 -4.84
C ARG B 1873 -4.69 45.47 -3.80
N ASP B 1874 -5.59 45.68 -2.86
CA ASP B 1874 -5.39 46.61 -1.77
C ASP B 1874 -4.22 46.24 -0.88
N THR B 1875 -3.98 44.96 -0.68
CA THR B 1875 -2.95 44.60 0.26
C THR B 1875 -1.65 44.52 -0.46
N LEU B 1876 -1.71 44.33 -1.76
CA LEU B 1876 -0.48 44.35 -2.52
C LEU B 1876 -0.01 45.79 -2.57
N ASN B 1877 -0.96 46.71 -2.62
CA ASN B 1877 -0.62 48.11 -2.65
C ASN B 1877 -0.07 48.51 -1.29
N GLU B 1878 -0.62 47.93 -0.23
CA GLU B 1878 -0.07 48.22 1.06
C GLU B 1878 1.32 47.67 1.13
N ALA B 1879 1.54 46.46 0.63
CA ALA B 1879 2.85 45.91 0.75
C ALA B 1879 3.83 46.81 0.08
N LYS B 1880 3.43 47.38 -1.04
CA LYS B 1880 4.33 48.22 -1.77
C LYS B 1880 4.78 49.33 -0.89
N MET B 1881 3.89 49.99 -0.16
CA MET B 1881 4.43 51.10 0.58
C MET B 1881 5.35 50.65 1.66
N TRP B 1882 5.17 49.44 2.16
CA TRP B 1882 6.06 49.05 3.22
C TRP B 1882 7.43 48.83 2.67
N TYR B 1883 7.51 48.41 1.42
CA TYR B 1883 8.81 48.17 0.87
C TYR B 1883 9.41 49.49 0.51
N MET B 1884 8.58 50.43 0.09
CA MET B 1884 9.12 51.71 -0.30
C MET B 1884 9.66 52.40 0.91
N GLN B 1885 9.02 52.15 2.03
CA GLN B 1885 9.49 52.75 3.24
C GLN B 1885 10.80 52.09 3.64
N ALA B 1886 10.91 50.78 3.47
CA ALA B 1886 12.17 50.14 3.81
C ALA B 1886 13.26 50.66 2.89
N LEU B 1887 12.92 50.95 1.64
CA LEU B 1887 13.90 51.48 0.74
C LEU B 1887 14.32 52.86 1.18
N HIS B 1888 13.38 53.69 1.61
CA HIS B 1888 13.73 55.01 2.06
C HIS B 1888 14.75 54.90 3.19
N LEU B 1889 14.50 53.95 4.09
CA LEU B 1889 15.35 53.75 5.23
C LEU B 1889 16.74 53.29 4.80
N LEU B 1890 16.82 52.36 3.84
CA LEU B 1890 18.12 51.91 3.34
C LEU B 1890 18.85 52.99 2.61
N GLY B 1891 18.11 53.81 1.91
CA GLY B 1891 18.69 54.85 1.11
C GLY B 1891 19.31 54.18 -0.10
N ASP B 1892 20.25 54.87 -0.72
CA ASP B 1892 20.89 54.38 -1.91
C ASP B 1892 21.79 53.22 -1.64
N LYS B 1893 21.85 52.28 -2.56
CA LYS B 1893 22.81 51.20 -2.41
C LYS B 1893 24.14 51.87 -2.58
N PRO B 1894 25.14 51.62 -1.74
CA PRO B 1894 26.45 52.20 -1.87
C PRO B 1894 27.18 51.61 -3.04
N TYR B 1895 28.06 52.39 -3.64
CA TYR B 1895 28.91 51.84 -4.67
C TYR B 1895 30.15 51.30 -4.03
N LEU B 1896 30.43 50.04 -4.29
CA LEU B 1896 31.55 49.38 -3.68
C LEU B 1896 32.44 48.75 -4.74
N PRO B 1897 33.29 49.52 -5.43
CA PRO B 1897 34.14 49.02 -6.49
C PRO B 1897 35.13 48.07 -5.85
N LEU B 1898 35.56 47.07 -6.57
CA LEU B 1898 36.52 46.15 -5.97
C LEU B 1898 37.93 46.47 -6.38
N SER B 1899 38.84 46.23 -5.47
CA SER B 1899 40.24 46.45 -5.67
C SER B 1899 40.92 45.25 -6.25
N THR B 1900 41.93 45.52 -7.07
CA THR B 1900 42.73 44.50 -7.72
C THR B 1900 44.19 44.61 -7.32
N THR B 1901 44.50 45.43 -6.33
CA THR B 1901 45.90 45.58 -5.96
C THR B 1901 46.37 44.51 -5.00
N TRP B 1902 47.46 43.87 -5.36
CA TRP B 1902 48.06 42.85 -4.53
C TRP B 1902 49.54 42.76 -4.80
N SER B 1903 50.33 42.82 -3.72
CA SER B 1903 51.78 42.80 -3.75
C SER B 1903 52.49 41.45 -3.80
N ASP B 1904 51.77 40.35 -3.65
CA ASP B 1904 52.38 39.02 -3.63
C ASP B 1904 53.56 38.96 -2.67
N PRO B 1905 53.39 39.38 -1.41
CA PRO B 1905 54.45 39.44 -0.43
C PRO B 1905 54.87 38.08 0.03
N ARG B 1906 56.10 37.98 0.47
CA ARG B 1906 56.58 36.75 1.06
C ARG B 1906 55.93 36.56 2.38
N LEU B 1907 55.58 35.34 2.72
CA LEU B 1907 54.92 35.03 3.96
C LEU B 1907 55.59 35.67 5.17
N ASP B 1908 56.90 35.62 5.24
CA ASP B 1908 57.54 36.24 6.39
C ASP B 1908 57.25 37.73 6.51
N ARG B 1909 57.09 38.41 5.38
CA ARG B 1909 56.83 39.82 5.39
C ARG B 1909 55.36 40.07 5.62
N ALA B 1910 54.53 39.15 5.12
CA ALA B 1910 53.09 39.20 5.25
C ALA B 1910 52.75 39.15 6.73
N ALA B 1911 53.57 38.43 7.46
CA ALA B 1911 53.46 38.26 8.88
C ALA B 1911 53.97 39.50 9.61
N ASP B 1912 53.18 40.55 9.42
CA ASP B 1912 53.32 41.92 9.88
C ASP B 1912 52.21 42.15 10.90
N ILE B 1913 52.57 42.38 12.16
CA ILE B 1913 51.56 42.45 13.21
C ILE B 1913 51.54 43.72 14.01
N THR B 1914 50.40 43.93 14.65
CA THR B 1914 50.23 45.06 15.54
C THR B 1914 50.12 44.57 16.96
N THR B 1915 50.97 45.11 17.81
CA THR B 1915 50.99 44.77 19.22
C THR B 1915 51.24 46.01 20.04
N GLN B 1916 51.37 45.83 21.34
CA GLN B 1916 51.58 46.95 22.24
C GLN B 1916 53.02 47.45 22.15
N THR B 1943 48.51 50.41 -2.37
CA THR B 1943 49.26 50.25 -1.14
C THR B 1943 48.38 50.50 0.08
N LEU B 1944 48.28 49.50 0.92
CA LEU B 1944 47.50 49.53 2.14
C LEU B 1944 48.38 49.54 3.37
N THR B 1945 47.87 50.04 4.48
CA THR B 1945 48.60 49.91 5.75
C THR B 1945 48.60 48.43 6.15
N ASP B 1946 47.44 47.79 6.03
CA ASP B 1946 47.31 46.37 6.34
C ASP B 1946 47.59 45.59 5.07
N LEU B 1947 47.53 44.28 5.11
CA LEU B 1947 47.76 43.55 3.87
C LEU B 1947 46.49 43.08 3.18
N PHE B 1948 45.55 42.60 3.96
CA PHE B 1948 44.37 41.97 3.38
C PHE B 1948 43.16 42.85 3.33
N LEU B 1949 42.21 42.48 2.47
CA LEU B 1949 41.04 43.30 2.30
C LEU B 1949 39.73 42.58 2.60
N PRO B 1950 38.72 43.29 3.07
CA PRO B 1950 37.40 42.79 3.38
C PRO B 1950 36.59 42.46 2.17
N GLN B 1951 35.53 41.73 2.40
CA GLN B 1951 34.54 41.40 1.40
C GLN B 1951 33.37 42.33 1.63
N ILE B 1952 32.31 42.25 0.83
CA ILE B 1952 31.28 43.30 0.93
C ILE B 1952 30.02 43.00 1.70
N ASN B 1953 30.07 42.07 2.64
CA ASN B 1953 28.92 41.87 3.52
C ASN B 1953 27.65 41.69 2.76
N GLU B 1954 27.60 40.65 1.96
CA GLU B 1954 26.44 40.41 1.13
C GLU B 1954 25.14 40.35 1.90
N VAL B 1955 25.18 39.97 3.16
CA VAL B 1955 23.94 39.93 3.90
C VAL B 1955 23.28 41.29 3.93
N MET B 1956 24.05 42.36 4.05
CA MET B 1956 23.44 43.67 4.06
C MET B 1956 23.05 44.05 2.65
N MET B 1957 23.81 43.61 1.68
CA MET B 1957 23.55 44.01 0.31
C MET B 1957 22.26 43.40 -0.17
N ASN B 1958 21.95 42.27 0.41
CA ASN B 1958 20.77 41.51 0.13
C ASN B 1958 19.52 42.25 0.51
N TYR B 1959 19.60 43.27 1.37
CA TYR B 1959 18.38 43.97 1.69
C TYR B 1959 17.94 44.75 0.49
N TRP B 1960 18.87 45.20 -0.34
CA TRP B 1960 18.43 45.94 -1.48
C TRP B 1960 18.03 44.95 -2.52
N GLN B 1961 18.75 43.85 -2.61
CA GLN B 1961 18.36 42.89 -3.63
C GLN B 1961 16.97 42.36 -3.36
N THR B 1962 16.66 42.17 -2.08
CA THR B 1962 15.39 41.65 -1.64
C THR B 1962 14.27 42.61 -1.90
N LEU B 1963 14.47 43.86 -1.55
CA LEU B 1963 13.40 44.78 -1.78
C LEU B 1963 13.21 44.99 -3.24
N ALA B 1964 14.29 44.96 -4.00
CA ALA B 1964 14.15 45.16 -5.40
C ALA B 1964 13.33 44.06 -6.00
N GLN B 1965 13.52 42.81 -5.58
CA GLN B 1965 12.74 41.75 -6.15
C GLN B 1965 11.29 41.87 -5.76
N ARG B 1966 11.03 42.27 -4.54
CA ARG B 1966 9.65 42.38 -4.12
C ARG B 1966 8.95 43.47 -4.88
N VAL B 1967 9.64 44.58 -5.07
CA VAL B 1967 9.05 45.69 -5.77
C VAL B 1967 8.85 45.31 -7.20
N TYR B 1968 9.81 44.61 -7.79
CA TYR B 1968 9.70 44.17 -9.15
C TYR B 1968 8.43 43.38 -9.31
N ASN B 1969 8.21 42.42 -8.42
CA ASN B 1969 7.07 41.55 -8.54
C ASN B 1969 5.78 42.34 -8.44
N LEU B 1970 5.77 43.37 -7.64
CA LEU B 1970 4.54 44.12 -7.56
C LEU B 1970 4.27 44.83 -8.88
N ARG B 1971 5.33 45.38 -9.45
CA ARG B 1971 5.26 46.09 -10.71
C ARG B 1971 4.96 45.20 -11.88
N HIS B 1972 5.32 43.94 -11.77
CA HIS B 1972 5.06 43.01 -12.84
C HIS B 1972 3.91 42.06 -12.54
N ASN B 1973 3.11 42.36 -11.53
CA ASN B 1973 1.94 41.59 -11.18
C ASN B 1973 2.22 40.12 -10.90
N LEU B 1974 3.20 39.88 -10.08
CA LEU B 1974 3.59 38.55 -9.66
C LEU B 1974 3.38 38.39 -8.16
N SER B 1975 3.33 37.16 -7.72
CA SER B 1975 3.13 36.82 -6.35
C SER B 1975 4.40 36.89 -5.59
N ILE B 1976 4.36 36.50 -4.35
CA ILE B 1976 5.48 36.66 -3.48
C ILE B 1976 6.70 35.88 -3.96
N ASP B 1977 6.46 34.75 -4.61
CA ASP B 1977 7.50 33.90 -5.15
C ASP B 1977 7.65 34.09 -6.65
N GLY B 1978 7.06 35.11 -7.20
CA GLY B 1978 7.18 35.36 -8.61
C GLY B 1978 6.15 34.61 -9.47
N GLN B 1979 5.24 33.86 -8.87
CA GLN B 1979 4.27 33.18 -9.71
C GLN B 1979 3.34 34.23 -10.25
N PRO B 1980 2.72 34.05 -11.40
CA PRO B 1980 1.75 34.96 -11.95
C PRO B 1980 0.51 34.86 -11.15
N LEU B 1981 -0.30 35.88 -11.15
CA LEU B 1981 -1.57 35.80 -10.49
C LEU B 1981 -2.57 36.66 -11.20
N TYR B 1982 -3.84 36.33 -11.04
CA TYR B 1982 -4.88 37.06 -11.73
C TYR B 1982 -5.94 37.51 -10.80
N LEU B 1983 -5.61 38.47 -9.97
CA LEU B 1983 -6.56 38.91 -9.00
C LEU B 1983 -7.59 39.77 -9.68
N PRO B 1984 -8.83 39.80 -9.20
CA PRO B 1984 -9.87 40.66 -9.68
C PRO B 1984 -9.52 42.04 -9.24
N ILE B 1985 -10.01 43.04 -9.95
CA ILE B 1985 -9.74 44.38 -9.51
C ILE B 1985 -10.42 44.68 -8.21
N TYR B 1986 -11.68 44.33 -8.08
CA TYR B 1986 -12.30 44.61 -6.82
C TYR B 1986 -12.36 43.32 -6.07
N ALA B 1987 -11.92 43.35 -4.84
CA ALA B 1987 -11.89 42.17 -4.02
C ALA B 1987 -13.29 41.71 -3.69
N THR B 1988 -13.44 40.41 -3.54
CA THR B 1988 -14.67 39.81 -3.08
C THR B 1988 -14.86 40.34 -1.67
N PRO B 1989 -16.03 40.82 -1.27
CA PRO B 1989 -16.25 41.33 0.05
C PRO B 1989 -16.06 40.22 1.05
N ALA B 1990 -15.53 40.57 2.20
CA ALA B 1990 -15.30 39.63 3.27
C ALA B 1990 -16.61 39.16 3.81
N ASP B 1991 -16.67 37.92 4.27
CA ASP B 1991 -17.91 37.42 4.82
C ASP B 1991 -18.19 38.03 6.19
N PRO B 1992 -19.24 38.82 6.35
CA PRO B 1992 -19.56 39.55 7.54
C PRO B 1992 -19.72 38.69 8.77
N LYS B 1993 -20.08 37.43 8.59
CA LYS B 1993 -20.25 36.62 9.77
C LYS B 1993 -18.90 36.29 10.35
N ALA B 1994 -17.92 36.11 9.49
CA ALA B 1994 -16.60 35.75 9.93
C ALA B 1994 -15.96 36.96 10.54
N LEU B 1995 -16.30 38.13 10.03
CA LEU B 1995 -15.70 39.33 10.58
C LEU B 1995 -16.17 39.48 11.99
N LEU B 1996 -17.42 39.11 12.21
CA LEU B 1996 -17.94 39.22 13.53
C LEU B 1996 -17.32 38.22 14.44
N SER B 1997 -17.19 36.96 14.03
CA SER B 1997 -16.66 36.02 15.00
C SER B 1997 -15.25 36.41 15.36
N ALA B 1998 -14.53 37.01 14.43
CA ALA B 1998 -13.18 37.42 14.72
C ALA B 1998 -13.18 38.56 15.69
N ALA B 1999 -14.08 39.53 15.48
CA ALA B 1999 -14.16 40.69 16.33
C ALA B 1999 -14.51 40.29 17.73
N VAL B 2000 -15.35 39.29 17.84
CA VAL B 2000 -15.78 38.83 19.13
C VAL B 2000 -14.66 38.07 19.80
N ALA B 2001 -13.99 37.18 19.10
CA ALA B 2001 -12.94 36.44 19.76
C ALA B 2001 -11.89 37.39 20.28
N THR B 2002 -11.65 38.45 19.54
CA THR B 2002 -10.70 39.45 19.89
C THR B 2002 -11.19 40.27 21.09
N SER B 2003 -12.46 40.69 21.09
CA SER B 2003 -12.93 41.50 22.20
C SER B 2003 -13.07 40.72 23.50
N GLN B 2004 -13.22 39.40 23.43
CA GLN B 2004 -13.40 38.59 24.63
C GLN B 2004 -12.15 38.29 25.43
N GLY B 2005 -11.43 39.33 25.79
CA GLY B 2005 -10.26 39.20 26.63
C GLY B 2005 -8.95 39.18 25.88
N GLY B 2006 -8.02 40.03 26.31
CA GLY B 2006 -6.68 40.09 25.72
C GLY B 2006 -6.61 40.79 24.37
N GLY B 2007 -7.25 40.17 23.38
CA GLY B 2007 -7.25 40.61 21.99
C GLY B 2007 -6.18 39.86 21.22
N LYS B 2008 -5.36 39.14 21.95
CA LYS B 2008 -4.29 38.36 21.41
C LYS B 2008 -4.57 36.89 21.30
N LEU B 2009 -4.88 36.47 20.10
CA LEU B 2009 -5.11 35.08 19.82
C LEU B 2009 -4.07 34.81 18.75
N PRO B 2010 -3.43 33.64 18.72
CA PRO B 2010 -2.44 33.36 17.69
C PRO B 2010 -3.01 33.35 16.31
N GLU B 2011 -2.19 33.70 15.34
CA GLU B 2011 -2.65 33.54 13.99
C GLU B 2011 -2.79 32.06 13.85
N SER B 2012 -3.90 31.60 13.37
CA SER B 2012 -3.98 30.18 13.20
C SER B 2012 -3.19 29.91 11.94
N PHE B 2013 -2.35 28.90 11.97
CA PHE B 2013 -1.58 28.59 10.77
C PHE B 2013 -2.15 27.48 9.95
N MET B 2014 -2.46 27.76 8.69
CA MET B 2014 -3.03 26.74 7.86
C MET B 2014 -1.93 25.88 7.32
N SER B 2015 -2.06 24.59 7.56
CA SER B 2015 -0.99 23.70 7.21
C SER B 2015 -1.45 22.51 6.45
N LEU B 2016 -0.58 21.55 6.38
CA LEU B 2016 -0.79 20.38 5.59
C LEU B 2016 -1.68 19.38 6.25
N TRP B 2017 -1.75 19.37 7.55
CA TRP B 2017 -2.50 18.31 8.17
C TRP B 2017 -4.01 18.51 8.23
N ARG B 2018 -4.73 17.43 8.00
CA ARG B 2018 -6.18 17.38 8.07
C ARG B 2018 -6.65 17.38 9.49
N PHE B 2019 -7.92 17.73 9.68
CA PHE B 2019 -8.47 17.87 11.01
C PHE B 2019 -8.16 16.73 11.95
N PRO B 2020 -8.42 15.44 11.69
CA PRO B 2020 -8.16 14.41 12.64
C PRO B 2020 -6.71 14.28 13.03
N HIS B 2021 -5.78 14.70 12.18
CA HIS B 2021 -4.42 14.59 12.61
C HIS B 2021 -4.20 15.65 13.63
N MET B 2022 -4.58 16.88 13.29
CA MET B 2022 -4.31 17.98 14.18
C MET B 2022 -5.10 17.88 15.42
N LEU B 2023 -6.25 17.27 15.37
CA LEU B 2023 -7.00 17.15 16.56
C LEU B 2023 -6.26 16.30 17.53
N GLU B 2024 -5.70 15.18 17.08
CA GLU B 2024 -5.03 14.32 18.02
C GLU B 2024 -3.79 15.01 18.55
N ASN B 2025 -3.15 15.82 17.72
CA ASN B 2025 -1.95 16.48 18.20
C ASN B 2025 -2.32 17.50 19.25
N ALA B 2026 -3.36 18.28 18.99
CA ALA B 2026 -3.76 19.30 19.92
C ALA B 2026 -4.19 18.66 21.20
N ARG B 2027 -4.84 17.52 21.09
CA ARG B 2027 -5.32 16.85 22.26
C ARG B 2027 -4.19 16.37 23.12
N GLY B 2028 -3.16 15.79 22.52
CA GLY B 2028 -2.03 15.32 23.29
C GLY B 2028 -1.35 16.50 23.94
N MET B 2029 -1.33 17.61 23.24
CA MET B 2029 -0.68 18.79 23.75
C MET B 2029 -1.44 19.31 24.96
N VAL B 2030 -2.75 19.17 24.94
CA VAL B 2030 -3.51 19.66 26.04
C VAL B 2030 -3.38 18.70 27.19
N SER B 2031 -3.47 17.40 26.98
CA SER B 2031 -3.40 16.56 28.15
C SER B 2031 -2.06 16.73 28.84
N GLN B 2032 -1.03 17.07 28.08
CA GLN B 2032 0.23 17.33 28.72
C GLN B 2032 0.13 18.59 29.54
N LEU B 2033 -0.62 19.55 29.05
CA LEU B 2033 -0.77 20.80 29.74
C LEU B 2033 -1.45 20.54 31.05
N THR B 2034 -2.45 19.69 31.04
CA THR B 2034 -3.24 19.44 32.23
C THR B 2034 -2.40 18.75 33.27
N GLN B 2035 -1.41 17.97 32.85
CA GLN B 2035 -0.55 17.36 33.83
C GLN B 2035 0.28 18.41 34.52
N PHE B 2036 0.69 19.44 33.79
CA PHE B 2036 1.53 20.44 34.39
C PHE B 2036 0.69 21.23 35.34
N GLY B 2037 -0.57 21.39 34.99
CA GLY B 2037 -1.51 22.13 35.80
C GLY B 2037 -1.65 21.44 37.14
N SER B 2038 -1.83 20.13 37.13
CA SER B 2038 -1.97 19.36 38.35
C SER B 2038 -0.72 19.45 39.19
N THR B 2039 0.42 19.32 38.55
CA THR B 2039 1.68 19.38 39.24
C THR B 2039 1.87 20.74 39.87
N LEU B 2040 1.52 21.79 39.15
CA LEU B 2040 1.68 23.12 39.67
C LEU B 2040 0.78 23.34 40.84
N GLN B 2041 -0.46 22.86 40.77
CA GLN B 2041 -1.32 23.07 41.90
C GLN B 2041 -0.75 22.40 43.12
N ASN B 2042 -0.19 21.21 42.97
CA ASN B 2042 0.36 20.53 44.12
C ASN B 2042 1.54 21.30 44.68
N ILE B 2043 2.37 21.88 43.81
CA ILE B 2043 3.49 22.63 44.33
C ILE B 2043 2.96 23.76 45.14
N ILE B 2044 1.94 24.45 44.66
CA ILE B 2044 1.40 25.55 45.39
C ILE B 2044 0.87 25.10 46.73
N GLU B 2045 0.13 24.00 46.78
CA GLU B 2045 -0.39 23.61 48.07
C GLU B 2045 0.72 23.23 49.02
N ARG B 2046 1.76 22.58 48.52
CA ARG B 2046 2.87 22.20 49.37
C ARG B 2046 3.58 23.44 49.86
N GLN B 2047 3.71 24.42 49.00
CA GLN B 2047 4.40 25.64 49.32
C GLN B 2047 3.70 26.35 50.47
N ASP B 2048 2.37 26.40 50.42
CA ASP B 2048 1.63 27.02 51.49
C ASP B 2048 1.70 26.18 52.76
N ALA B 2049 1.71 24.87 52.62
CA ALA B 2049 1.80 24.02 53.80
C ALA B 2049 3.10 24.24 54.55
N GLU B 2050 4.19 24.40 53.81
CA GLU B 2050 5.46 24.60 54.46
C GLU B 2050 5.50 25.96 55.12
N ALA B 2051 4.85 26.92 54.49
CA ALA B 2051 4.81 28.25 55.05
C ALA B 2051 4.11 28.23 56.39
N LEU B 2052 3.10 27.39 56.49
CA LEU B 2052 2.34 27.26 57.70
C LEU B 2052 3.12 26.58 58.78
N ASN B 2053 3.86 25.54 58.45
CA ASN B 2053 4.61 24.86 59.49
C ASN B 2053 5.62 25.80 60.10
N ALA B 2054 6.22 26.64 59.26
CA ALA B 2054 7.21 27.56 59.75
C ALA B 2054 6.57 28.61 60.62
N LEU B 2055 5.38 29.06 60.24
CA LEU B 2055 4.70 30.04 61.03
C LEU B 2055 4.44 29.50 62.41
N LEU B 2056 3.94 28.28 62.46
CA LEU B 2056 3.59 27.73 63.74
C LEU B 2056 4.79 27.52 64.61
N GLN B 2057 5.92 27.09 64.07
CA GLN B 2057 7.08 26.90 64.93
C GLN B 2057 7.60 28.24 65.43
N ASN B 2058 7.50 29.28 64.62
CA ASN B 2058 7.95 30.55 65.13
C ASN B 2058 7.03 31.02 66.23
N GLN B 2059 5.73 30.80 66.09
CA GLN B 2059 4.81 31.24 67.10
C GLN B 2059 5.05 30.52 68.40
N ALA B 2060 5.44 29.27 68.30
CA ALA B 2060 5.71 28.49 69.48
C ALA B 2060 6.85 29.11 70.25
N ALA B 2061 7.84 29.64 69.54
CA ALA B 2061 8.98 30.22 70.21
C ALA B 2061 8.54 31.42 71.03
N GLU B 2062 7.59 32.17 70.50
CA GLU B 2062 7.14 33.36 71.20
C GLU B 2062 6.42 33.03 72.49
N LEU B 2063 5.62 31.97 72.47
CA LEU B 2063 4.93 31.63 73.70
C LEU B 2063 5.90 31.10 74.73
N ILE B 2064 6.95 30.43 74.26
CA ILE B 2064 7.96 29.92 75.17
C ILE B 2064 8.64 31.07 75.85
N LEU B 2065 8.97 32.13 75.12
CA LEU B 2065 9.62 33.26 75.76
C LEU B 2065 8.74 33.85 76.83
N THR B 2066 7.45 33.94 76.57
CA THR B 2066 6.57 34.49 77.59
C THR B 2066 6.53 33.59 78.81
N ASN B 2067 6.48 32.28 78.59
CA ASN B 2067 6.43 31.34 79.68
C ASN B 2067 7.70 31.36 80.51
N LEU B 2068 8.84 31.64 79.87
CA LEU B 2068 10.09 31.72 80.61
C LEU B 2068 10.02 32.89 81.57
N SER B 2069 9.47 34.00 81.12
CA SER B 2069 9.35 35.15 81.99
C SER B 2069 8.42 34.86 83.16
N ILE B 2070 7.35 34.12 82.90
CA ILE B 2070 6.44 33.80 83.98
C ILE B 2070 7.16 32.93 85.00
N GLN B 2071 7.90 31.93 84.54
CA GLN B 2071 8.55 31.03 85.47
C GLN B 2071 9.51 31.78 86.37
N ASP B 2072 10.15 32.80 85.83
CA ASP B 2072 11.05 33.60 86.64
C ASP B 2072 10.28 34.31 87.73
N LYS B 2073 9.05 34.72 87.44
CA LYS B 2073 8.30 35.43 88.45
C LYS B 2073 7.95 34.45 89.55
N THR B 2074 7.71 33.21 89.19
CA THR B 2074 7.38 32.17 90.16
C THR B 2074 8.56 32.02 91.10
N ILE B 2075 9.76 32.08 90.57
CA ILE B 2075 10.90 31.95 91.45
C ILE B 2075 10.89 33.12 92.40
N GLU B 2076 10.65 34.33 91.89
CA GLU B 2076 10.70 35.48 92.78
C GLU B 2076 9.66 35.35 93.88
N GLU B 2077 8.52 34.79 93.56
CA GLU B 2077 7.49 34.61 94.55
C GLU B 2077 7.97 33.67 95.64
N LEU B 2078 8.70 32.62 95.26
CA LEU B 2078 9.14 31.66 96.26
C LEU B 2078 10.20 32.29 97.13
N ASP B 2079 10.99 33.18 96.54
CA ASP B 2079 12.01 33.87 97.29
C ASP B 2079 11.32 34.85 98.26
N ALA B 2080 10.23 35.46 97.80
CA ALA B 2080 9.48 36.35 98.66
C ALA B 2080 8.90 35.58 99.84
N GLU B 2081 8.49 34.33 99.59
CA GLU B 2081 7.95 33.48 100.65
C GLU B 2081 9.03 33.13 101.64
N LYS B 2082 10.25 32.93 101.16
CA LYS B 2082 11.31 32.68 102.11
C LYS B 2082 11.32 33.88 103.06
N THR B 2083 11.24 35.09 102.51
CA THR B 2083 11.23 36.26 103.39
C THR B 2083 10.08 36.19 104.38
N VAL B 2084 8.89 35.79 103.93
CA VAL B 2084 7.78 35.74 104.85
C VAL B 2084 8.07 34.76 105.98
N LEU B 2085 8.59 33.59 105.66
CA LEU B 2085 8.89 32.63 106.69
C LEU B 2085 9.98 33.13 107.62
N GLU B 2086 10.92 33.85 107.08
CA GLU B 2086 11.99 34.37 107.93
C GLU B 2086 11.44 35.40 108.91
N LYS B 2087 10.46 36.18 108.50
CA LYS B 2087 9.92 37.18 109.39
C LYS B 2087 9.13 36.47 110.48
N SER B 2088 8.50 35.37 110.10
CA SER B 2088 7.72 34.59 111.04
C SER B 2088 8.68 34.07 112.09
N LYS B 2089 9.84 33.56 111.63
CA LYS B 2089 10.86 33.00 112.50
C LYS B 2089 11.33 34.05 113.46
N ALA B 2090 11.57 35.26 113.00
CA ALA B 2090 12.04 36.32 113.87
C ALA B 2090 11.05 36.55 115.01
N GLY B 2091 9.77 36.41 114.71
CA GLY B 2091 8.74 36.57 115.71
C GLY B 2091 8.92 35.49 116.77
N ALA B 2092 9.06 34.25 116.31
CA ALA B 2092 9.23 33.14 117.24
C ALA B 2092 10.52 33.32 118.03
N GLN B 2093 11.55 33.87 117.39
CA GLN B 2093 12.82 34.02 118.07
C GLN B 2093 12.69 35.04 119.16
N SER B 2094 11.94 36.11 118.90
CA SER B 2094 11.78 37.14 119.90
C SER B 2094 11.06 36.58 121.10
N ARG B 2095 10.00 35.81 120.86
CA ARG B 2095 9.27 35.23 121.97
C ARG B 2095 10.13 34.26 122.73
N PHE B 2096 10.93 33.47 122.01
CA PHE B 2096 11.77 32.51 122.65
C PHE B 2096 12.75 33.21 123.56
N ASP B 2097 13.39 34.25 123.06
CA ASP B 2097 14.40 34.92 123.83
C ASP B 2097 13.79 35.60 125.03
N SER B 2098 12.60 36.20 124.87
CA SER B 2098 11.97 36.90 125.97
C SER B 2098 11.51 35.95 127.05
N TYR B 2099 10.95 34.82 126.68
CA TYR B 2099 10.50 33.89 127.69
C TYR B 2099 11.66 33.13 128.25
N GLY B 2100 12.69 32.90 127.44
CA GLY B 2100 13.87 32.17 127.87
C GLY B 2100 14.52 32.96 128.99
N LYS B 2101 14.47 34.28 128.86
CA LYS B 2101 15.04 35.17 129.83
C LYS B 2101 14.23 35.19 131.10
N LEU B 2102 12.91 35.29 130.97
CA LEU B 2102 12.10 35.36 132.16
C LEU B 2102 12.24 34.08 132.93
N TYR B 2103 12.36 32.99 132.21
CA TYR B 2103 12.51 31.72 132.84
C TYR B 2103 13.77 31.72 133.66
N ASP B 2104 14.89 32.17 133.09
CA ASP B 2104 16.12 32.16 133.87
C ASP B 2104 16.03 33.06 135.09
N GLU B 2105 15.36 34.21 134.92
CA GLU B 2105 15.22 35.13 136.04
C GLU B 2105 13.96 34.80 136.83
N ASN B 2106 13.97 33.61 137.42
CA ASN B 2106 12.81 33.07 138.12
C ASN B 2106 12.20 34.08 139.08
N ILE B 2107 13.09 34.79 139.75
CA ILE B 2107 12.79 35.84 140.70
C ILE B 2107 13.69 37.01 140.31
N ASN B 2108 13.13 38.20 140.18
CA ASN B 2108 13.93 39.32 139.72
C ASN B 2108 14.74 39.91 140.85
N ALA B 2109 15.56 40.91 140.54
CA ALA B 2109 16.40 41.52 141.55
C ALA B 2109 15.61 42.24 142.62
N GLY B 2110 14.60 43.02 142.23
CA GLY B 2110 13.82 43.71 143.25
C GLY B 2110 13.03 42.70 144.03
N GLU B 2111 12.62 41.64 143.37
CA GLU B 2111 11.83 40.64 144.02
C GLU B 2111 12.64 39.95 145.09
N ASN B 2112 13.92 39.69 144.83
CA ASN B 2112 14.76 39.07 145.84
C ASN B 2112 14.98 40.02 147.00
N GLN B 2113 15.06 41.31 146.69
CA GLN B 2113 15.27 42.29 147.74
C GLN B 2113 14.04 42.38 148.62
N ALA B 2114 12.86 42.32 148.02
CA ALA B 2114 11.64 42.37 148.81
C ALA B 2114 11.53 41.15 149.69
N MET B 2115 11.90 39.98 149.16
CA MET B 2115 11.82 38.75 149.94
C MET B 2115 12.73 38.83 151.12
N THR B 2116 13.90 39.41 150.89
CA THR B 2116 14.93 39.52 151.90
C THR B 2116 14.47 40.43 153.02
N LEU B 2117 13.92 41.57 152.67
CA LEU B 2117 13.50 42.52 153.66
C LEU B 2117 12.32 41.97 154.44
N ARG B 2118 11.41 41.31 153.76
CA ARG B 2118 10.29 40.71 154.41
C ARG B 2118 10.73 39.60 155.35
N ALA B 2119 11.70 38.77 154.93
CA ALA B 2119 12.20 37.70 155.77
C ALA B 2119 12.82 38.26 157.03
N SER B 2120 13.50 39.42 156.88
CA SER B 2120 14.14 40.08 157.99
C SER B 2120 13.10 40.66 158.92
N ALA B 2121 12.02 41.22 158.37
CA ALA B 2121 10.99 41.75 159.22
C ALA B 2121 10.36 40.64 160.02
N ALA B 2122 10.11 39.51 159.36
CA ALA B 2122 9.52 38.36 160.00
C ALA B 2122 10.44 37.81 161.06
N GLY B 2123 11.73 37.86 160.76
CA GLY B 2123 12.77 37.39 161.66
C GLY B 2123 12.77 38.21 162.94
N LEU B 2124 12.75 39.52 162.79
CA LEU B 2124 12.76 40.43 163.90
C LEU B 2124 11.47 40.35 164.68
N THR B 2125 10.36 40.14 163.96
CA THR B 2125 9.05 40.05 164.57
C THR B 2125 9.01 38.83 165.45
N THR B 2126 9.58 37.73 164.94
CA THR B 2126 9.63 36.49 165.65
C THR B 2126 10.47 36.67 166.91
N ALA B 2127 11.61 37.37 166.81
CA ALA B 2127 12.48 37.60 167.97
C ALA B 2127 11.76 38.39 169.06
N VAL B 2128 10.94 39.35 168.64
CA VAL B 2128 10.17 40.19 169.55
C VAL B 2128 9.12 39.39 170.26
N GLN B 2129 8.42 38.55 169.51
CA GLN B 2129 7.42 37.77 170.16
C GLN B 2129 8.08 36.82 171.12
N ALA B 2130 9.17 36.18 170.71
CA ALA B 2130 9.84 35.21 171.55
C ALA B 2130 10.38 35.85 172.81
N SER B 2131 10.90 37.05 172.68
CA SER B 2131 11.51 37.78 173.77
C SER B 2131 10.48 38.24 174.79
N ARG B 2132 9.38 38.80 174.32
CA ARG B 2132 8.36 39.28 175.24
C ARG B 2132 7.75 38.09 175.98
N LEU B 2133 7.62 36.98 175.26
CA LEU B 2133 7.09 35.75 175.81
C LEU B 2133 8.06 35.08 176.74
N ALA B 2134 9.36 35.14 176.46
CA ALA B 2134 10.32 34.53 177.37
C ALA B 2134 10.16 35.21 178.71
N GLY B 2135 9.93 36.52 178.67
CA GLY B 2135 9.71 37.31 179.87
C GLY B 2135 8.45 36.86 180.55
N ALA B 2136 7.33 36.89 179.83
CA ALA B 2136 6.07 36.51 180.43
C ALA B 2136 6.11 35.10 180.99
N ALA B 2137 6.80 34.19 180.32
CA ALA B 2137 6.90 32.83 180.80
C ALA B 2137 7.79 32.77 182.04
N ALA B 2138 8.91 33.48 182.03
CA ALA B 2138 9.84 33.45 183.15
C ALA B 2138 9.16 33.93 184.41
N ASP B 2139 8.26 34.89 184.25
CA ASP B 2139 7.51 35.49 185.34
C ASP B 2139 6.47 34.55 185.96
N LEU B 2140 6.06 33.52 185.23
CA LEU B 2140 5.06 32.57 185.70
C LEU B 2140 5.67 31.31 186.25
N VAL B 2141 6.76 30.85 185.65
CA VAL B 2141 7.33 29.57 186.02
C VAL B 2141 7.53 29.31 187.52
N PRO B 2142 8.27 30.14 188.28
CA PRO B 2142 8.57 29.90 189.68
C PRO B 2142 7.33 29.95 190.57
N ASN B 2143 6.20 30.42 190.03
CA ASN B 2143 4.98 30.50 190.80
C ASN B 2143 4.00 29.40 190.41
N ILE B 2144 3.87 29.09 189.11
CA ILE B 2144 2.90 28.09 188.66
C ILE B 2144 3.35 26.72 189.12
N PHE B 2145 4.64 26.55 189.30
CA PHE B 2145 5.20 25.29 189.77
C PHE B 2145 4.83 24.99 191.23
N GLY B 2146 4.28 25.97 191.96
CA GLY B 2146 3.89 25.78 193.35
C GLY B 2146 2.42 25.36 193.49
N PHE B 2147 1.70 25.21 192.37
CA PHE B 2147 0.29 24.88 192.41
C PHE B 2147 0.01 23.52 191.80
N ALA B 2148 -1.01 22.83 192.28
CA ALA B 2148 -1.44 21.59 191.65
C ALA B 2148 -2.29 21.91 190.42
N GLY B 2149 -2.28 21.01 189.43
CA GLY B 2149 -3.13 21.17 188.25
C GLY B 2149 -2.36 21.56 186.99
N GLY B 2150 -3.00 21.46 185.84
CA GLY B 2150 -2.37 21.82 184.57
C GLY B 2150 -2.82 23.22 184.19
N GLY B 2151 -3.74 23.32 183.23
CA GLY B 2151 -4.25 24.62 182.81
C GLY B 2151 -5.09 25.21 183.94
N SER B 2152 -5.53 24.35 184.86
CA SER B 2152 -6.37 24.70 185.99
C SER B 2152 -5.63 25.56 187.01
N ARG B 2153 -4.32 25.70 186.85
CA ARG B 2153 -3.56 26.59 187.72
C ARG B 2153 -3.79 28.05 187.31
N TRP B 2154 -4.37 28.25 186.11
CA TRP B 2154 -4.71 29.54 185.49
C TRP B 2154 -3.54 30.49 185.30
N GLY B 2155 -2.35 29.94 185.45
CA GLY B 2155 -1.05 30.53 185.26
C GLY B 2155 -0.43 29.84 184.08
N ALA B 2156 -0.27 28.51 184.21
CA ALA B 2156 0.28 27.65 183.17
C ALA B 2156 -0.53 27.79 181.89
N ILE B 2157 -1.83 28.01 182.00
CA ILE B 2157 -2.67 28.16 180.84
C ILE B 2157 -2.31 29.49 180.16
N ALA B 2158 -1.90 30.51 180.92
CA ALA B 2158 -1.58 31.78 180.34
C ALA B 2158 -0.33 31.64 179.54
N GLU B 2159 0.62 30.84 180.07
CA GLU B 2159 1.86 30.67 179.35
C GLU B 2159 1.55 30.04 178.02
N ALA B 2160 0.67 29.03 178.03
CA ALA B 2160 0.26 28.36 176.81
C ALA B 2160 -0.59 29.21 175.88
N THR B 2161 -1.53 30.01 176.40
CA THR B 2161 -2.37 30.80 175.50
C THR B 2161 -1.57 31.93 174.88
N GLY B 2162 -0.59 32.40 175.62
CA GLY B 2162 0.29 33.45 175.19
C GLY B 2162 1.18 32.86 174.12
N TYR B 2163 2.04 31.93 174.50
CA TYR B 2163 2.98 31.40 173.56
C TYR B 2163 2.32 30.83 172.31
N VAL B 2164 1.29 30.03 172.48
CA VAL B 2164 0.73 29.43 171.31
C VAL B 2164 0.07 30.41 170.35
N MET B 2165 -0.70 31.38 170.84
CA MET B 2165 -1.33 32.29 169.90
C MET B 2165 -0.45 33.44 169.46
N GLU B 2166 0.47 33.85 170.31
CA GLU B 2166 1.29 35.01 169.98
C GLU B 2166 2.52 34.60 169.17
N PHE B 2167 2.97 33.37 169.35
CA PHE B 2167 4.18 32.93 168.67
C PHE B 2167 3.95 31.78 167.72
N SER B 2168 3.52 30.62 168.25
CA SER B 2168 3.50 29.44 167.40
C SER B 2168 2.51 29.56 166.26
N ALA B 2169 1.30 30.02 166.51
CA ALA B 2169 0.36 30.15 165.42
C ALA B 2169 0.91 31.11 164.37
N ASN B 2170 1.58 32.15 164.83
CA ASN B 2170 2.12 33.17 163.97
C ASN B 2170 3.33 32.68 163.18
N VAL B 2171 4.10 31.75 163.76
CA VAL B 2171 5.26 31.20 163.06
C VAL B 2171 4.74 30.24 162.01
N MET B 2172 3.76 29.43 162.35
CA MET B 2172 3.23 28.52 161.35
C MET B 2172 2.72 29.34 160.17
N ASN B 2173 2.10 30.50 160.40
CA ASN B 2173 1.69 31.29 159.27
C ASN B 2173 2.89 31.99 158.60
N THR B 2174 3.89 32.40 159.37
CA THR B 2174 5.04 33.07 158.77
C THR B 2174 5.69 32.15 157.76
N GLU B 2175 5.81 30.89 158.13
CA GLU B 2175 6.40 29.95 157.23
C GLU B 2175 5.42 29.68 156.09
N ALA B 2176 4.10 29.62 156.37
CA ALA B 2176 3.16 29.32 155.31
C ALA B 2176 3.25 30.33 154.21
N ASP B 2177 3.53 31.57 154.56
CA ASP B 2177 3.63 32.60 153.55
C ASP B 2177 4.95 32.53 152.84
N LYS B 2178 6.06 32.24 153.52
CA LYS B 2178 7.29 32.15 152.75
C LYS B 2178 7.20 31.04 151.73
N ILE B 2179 6.53 29.95 152.12
CA ILE B 2179 6.38 28.78 151.30
C ILE B 2179 5.40 29.08 150.17
N SER B 2180 4.29 29.74 150.47
CA SER B 2180 3.31 30.05 149.45
C SER B 2180 3.93 30.97 148.42
N GLN B 2181 4.67 31.99 148.86
CA GLN B 2181 5.28 32.91 147.93
C GLN B 2181 6.34 32.21 147.10
N SER B 2182 7.06 31.26 147.69
CA SER B 2182 8.08 30.55 146.94
C SER B 2182 7.42 29.72 145.85
N GLU B 2183 6.29 29.09 146.18
CA GLU B 2183 5.58 28.29 145.19
C GLU B 2183 4.95 29.19 144.16
N THR B 2184 4.54 30.37 144.57
CA THR B 2184 3.94 31.29 143.64
C THR B 2184 4.96 31.57 142.55
N TYR B 2185 6.22 31.79 142.95
CA TYR B 2185 7.25 32.01 141.96
C TYR B 2185 7.47 30.77 141.10
N ARG B 2186 7.42 29.56 141.69
CA ARG B 2186 7.62 28.38 140.87
C ARG B 2186 6.53 28.21 139.84
N ARG B 2187 5.29 28.51 140.22
CA ARG B 2187 4.20 28.37 139.29
C ARG B 2187 4.30 29.40 138.18
N ARG B 2188 4.72 30.61 138.53
CA ARG B 2188 4.87 31.63 137.51
C ARG B 2188 5.89 31.17 136.49
N ARG B 2189 7.00 30.61 136.99
CA ARG B 2189 8.07 30.17 136.14
C ARG B 2189 7.60 29.07 135.22
N GLN B 2190 6.77 28.15 135.72
CA GLN B 2190 6.28 27.06 134.90
C GLN B 2190 5.51 27.59 133.70
N GLU B 2191 4.80 28.70 133.87
CA GLU B 2191 4.09 29.22 132.73
C GLU B 2191 5.08 29.75 131.72
N TRP B 2192 6.13 30.41 132.21
CA TRP B 2192 7.13 30.93 131.29
C TRP B 2192 7.80 29.79 130.57
N GLU B 2193 8.01 28.69 131.27
CA GLU B 2193 8.68 27.53 130.69
C GLU B 2193 7.84 26.99 129.55
N ILE B 2194 6.54 26.91 129.74
CA ILE B 2194 5.69 26.46 128.67
C ILE B 2194 5.77 27.45 127.52
N GLN B 2195 5.74 28.74 127.81
CA GLN B 2195 5.77 29.65 126.70
C GLN B 2195 7.11 29.71 125.99
N ARG B 2196 8.23 29.51 126.67
CA ARG B 2196 9.46 29.55 125.88
C ARG B 2196 9.47 28.30 125.03
N ASN B 2197 8.86 27.21 125.52
CA ASN B 2197 8.81 25.96 124.79
C ASN B 2197 7.92 26.09 123.58
N ASN B 2198 6.90 26.93 123.68
CA ASN B 2198 6.05 27.13 122.53
C ASN B 2198 6.83 27.83 121.47
N ALA B 2199 7.58 28.86 121.86
CA ALA B 2199 8.35 29.59 120.90
C ALA B 2199 9.44 28.71 120.31
N GLU B 2200 10.00 27.84 121.16
CA GLU B 2200 11.07 26.97 120.74
C GLU B 2200 10.56 26.02 119.70
N ALA B 2201 9.35 25.48 119.92
CA ALA B 2201 8.79 24.59 118.93
C ALA B 2201 8.56 25.30 117.62
N GLU B 2202 8.12 26.57 117.66
CA GLU B 2202 7.88 27.31 116.43
C GLU B 2202 9.17 27.48 115.65
N LEU B 2203 10.25 27.69 116.36
CA LEU B 2203 11.55 27.84 115.73
C LEU B 2203 12.04 26.58 115.04
N LYS B 2204 11.43 25.43 115.32
CA LYS B 2204 11.87 24.23 114.66
C LYS B 2204 10.90 23.95 113.52
N GLN B 2205 9.61 24.25 113.74
CA GLN B 2205 8.67 24.02 112.67
C GLN B 2205 8.95 24.98 111.54
N ILE B 2206 9.19 26.23 111.85
CA ILE B 2206 9.44 27.22 110.82
C ILE B 2206 10.68 26.83 110.07
N ASP B 2207 11.67 26.31 110.77
CA ASP B 2207 12.88 25.96 110.07
C ASP B 2207 12.54 24.83 109.10
N ALA B 2208 11.73 23.86 109.54
CA ALA B 2208 11.35 22.79 108.63
C ALA B 2208 10.60 23.36 107.42
N GLN B 2209 9.81 24.41 107.64
CA GLN B 2209 9.07 25.05 106.55
C GLN B 2209 10.03 25.70 105.56
N LEU B 2210 11.14 26.25 106.06
CA LEU B 2210 12.10 26.87 105.19
C LEU B 2210 12.74 25.80 104.33
N LYS B 2211 12.90 24.60 104.90
CA LYS B 2211 13.48 23.51 104.14
C LYS B 2211 12.54 23.01 103.07
N SER B 2212 11.24 22.89 103.37
CA SER B 2212 10.37 22.40 102.31
C SER B 2212 10.23 23.45 101.23
N LEU B 2213 10.38 24.73 101.60
CA LEU B 2213 10.32 25.79 100.63
C LEU B 2213 11.54 25.71 99.76
N ALA B 2214 12.72 25.45 100.35
CA ALA B 2214 13.92 25.33 99.55
C ALA B 2214 13.77 24.22 98.53
N VAL B 2215 13.15 23.10 98.92
CA VAL B 2215 12.98 22.02 97.97
C VAL B 2215 12.09 22.47 96.86
N ARG B 2216 11.00 23.16 97.20
CA ARG B 2216 10.06 23.63 96.22
C ARG B 2216 10.78 24.52 95.23
N ARG B 2217 11.63 25.42 95.71
CA ARG B 2217 12.34 26.32 94.82
C ARG B 2217 13.14 25.53 93.84
N GLU B 2218 13.76 24.47 94.30
CA GLU B 2218 14.59 23.71 93.39
C GLU B 2218 13.72 23.08 92.31
N ALA B 2219 12.53 22.60 92.68
CA ALA B 2219 11.65 22.04 91.66
C ALA B 2219 11.27 23.10 90.65
N ALA B 2220 11.06 24.32 91.14
CA ALA B 2220 10.68 25.42 90.28
C ALA B 2220 11.82 25.71 89.31
N VAL B 2221 13.04 25.53 89.76
CA VAL B 2221 14.17 25.74 88.88
C VAL B 2221 14.13 24.68 87.80
N LEU B 2222 13.84 23.44 88.16
CA LEU B 2222 13.80 22.41 87.14
C LEU B 2222 12.73 22.71 86.12
N GLN B 2223 11.65 23.35 86.55
CA GLN B 2223 10.60 23.73 85.61
C GLN B 2223 11.15 24.76 84.63
N LYS B 2224 12.05 25.63 85.09
CA LYS B 2224 12.67 26.62 84.22
C LYS B 2224 13.54 25.90 83.24
N THR B 2225 14.19 24.87 83.71
CA THR B 2225 15.04 24.07 82.88
C THR B 2225 14.22 23.39 81.79
N SER B 2226 13.06 22.82 82.13
CA SER B 2226 12.26 22.17 81.11
C SER B 2226 11.79 23.18 80.09
N LEU B 2227 11.57 24.43 80.52
CA LEU B 2227 11.15 25.43 79.56
C LEU B 2227 12.28 25.78 78.62
N LYS B 2228 13.51 25.87 79.13
CA LYS B 2228 14.64 26.16 78.27
C LYS B 2228 14.85 25.01 77.32
N THR B 2229 14.59 23.81 77.80
CA THR B 2229 14.74 22.63 76.99
C THR B 2229 13.74 22.69 75.86
N GLN B 2230 12.50 23.09 76.14
CA GLN B 2230 11.50 23.21 75.10
C GLN B 2230 11.92 24.27 74.11
N GLN B 2231 12.54 25.32 74.61
CA GLN B 2231 12.98 26.41 73.75
C GLN B 2231 14.00 25.92 72.77
N GLU B 2232 14.97 25.14 73.23
CA GLU B 2232 15.97 24.62 72.32
C GLU B 2232 15.35 23.66 71.33
N GLN B 2233 14.38 22.86 71.79
CA GLN B 2233 13.75 21.91 70.91
C GLN B 2233 12.97 22.61 69.83
N THR B 2234 12.31 23.71 70.18
CA THR B 2234 11.55 24.46 69.20
C THR B 2234 12.51 25.00 68.18
N GLN B 2235 13.65 25.51 68.63
CA GLN B 2235 14.59 26.04 67.68
C GLN B 2235 15.19 24.95 66.83
N SER B 2236 15.43 23.76 67.37
CA SER B 2236 16.02 22.76 66.51
C SER B 2236 15.02 22.36 65.43
N GLN B 2237 13.72 22.47 65.70
CA GLN B 2237 12.74 22.16 64.68
C GLN B 2237 12.78 23.24 63.63
N LEU B 2238 13.04 24.47 64.02
CA LEU B 2238 13.10 25.52 63.04
C LEU B 2238 14.29 25.29 62.17
N ALA B 2239 15.39 24.86 62.76
CA ALA B 2239 16.56 24.57 61.97
C ALA B 2239 16.28 23.45 61.01
N PHE B 2240 15.53 22.45 61.46
CA PHE B 2240 15.17 21.33 60.63
C PHE B 2240 14.40 21.82 59.44
N LEU B 2241 13.45 22.71 59.66
CA LEU B 2241 12.62 23.16 58.58
C LEU B 2241 13.38 23.94 57.51
N GLN B 2242 14.62 24.30 57.77
CA GLN B 2242 15.42 25.00 56.81
C GLN B 2242 16.46 24.06 56.21
N ARG B 2243 16.97 23.14 57.03
CA ARG B 2243 17.98 22.20 56.56
C ARG B 2243 17.42 21.05 55.76
N LYS B 2244 16.16 20.70 55.99
CA LYS B 2244 15.59 19.60 55.27
C LYS B 2244 15.55 19.99 53.83
N PHE B 2245 15.66 19.03 52.96
CA PHE B 2245 15.70 19.35 51.56
C PHE B 2245 14.41 19.99 51.11
N SER B 2246 13.29 19.41 51.51
CA SER B 2246 11.98 19.89 51.05
C SER B 2246 11.48 21.10 51.82
N ASN B 2247 12.26 22.17 51.77
CA ASN B 2247 11.96 23.38 52.49
C ASN B 2247 11.23 24.39 51.63
N GLN B 2248 10.94 25.56 52.19
CA GLN B 2248 10.19 26.53 51.41
C GLN B 2248 10.95 26.97 50.19
N ALA B 2249 12.26 27.01 50.29
CA ALA B 2249 13.08 27.40 49.15
C ALA B 2249 12.88 26.44 47.99
N LEU B 2250 12.66 25.17 48.29
CA LEU B 2250 12.47 24.21 47.23
C LEU B 2250 11.21 24.46 46.53
N TYR B 2251 10.16 24.74 47.28
CA TYR B 2251 8.89 24.93 46.65
C TYR B 2251 8.84 26.26 45.96
N ASN B 2252 9.59 27.23 46.46
CA ASN B 2252 9.56 28.52 45.81
C ASN B 2252 10.20 28.39 44.47
N TRP B 2253 11.32 27.67 44.41
CA TRP B 2253 12.03 27.48 43.18
C TRP B 2253 11.21 26.67 42.22
N LEU B 2254 10.64 25.56 42.69
CA LEU B 2254 9.86 24.73 41.81
C LEU B 2254 8.68 25.46 41.28
N ARG B 2255 8.03 26.26 42.11
CA ARG B 2255 6.89 26.95 41.61
C ARG B 2255 7.26 27.95 40.58
N GLY B 2256 8.29 28.73 40.82
CA GLY B 2256 8.61 29.75 39.85
C GLY B 2256 8.99 29.16 38.53
N ARG B 2257 9.71 28.04 38.57
CA ARG B 2257 10.18 27.41 37.37
C ARG B 2257 9.08 26.71 36.65
N LEU B 2258 8.21 26.03 37.37
CA LEU B 2258 7.17 25.35 36.68
C LEU B 2258 6.21 26.34 36.13
N ALA B 2259 5.92 27.41 36.86
CA ALA B 2259 5.01 28.38 36.34
C ALA B 2259 5.49 28.93 35.03
N ALA B 2260 6.80 29.18 34.89
CA ALA B 2260 7.29 29.67 33.61
C ALA B 2260 7.06 28.64 32.53
N ILE B 2261 7.27 27.37 32.85
CA ILE B 2261 7.06 26.33 31.87
C ILE B 2261 5.61 26.20 31.49
N TYR B 2262 4.74 26.20 32.47
CA TYR B 2262 3.34 26.02 32.25
C TYR B 2262 2.80 27.12 31.40
N PHE B 2263 3.11 28.35 31.71
CA PHE B 2263 2.63 29.40 30.84
C PHE B 2263 3.16 29.21 29.43
N GLN B 2264 4.44 28.90 29.25
CA GLN B 2264 4.90 28.77 27.89
C GLN B 2264 4.25 27.61 27.18
N PHE B 2265 3.99 26.54 27.91
CA PHE B 2265 3.45 25.35 27.31
C PHE B 2265 2.08 25.73 26.85
N TYR B 2266 1.38 26.48 27.66
CA TYR B 2266 0.04 26.96 27.39
C TYR B 2266 0.00 27.69 26.08
N ASP B 2267 0.89 28.66 25.88
CA ASP B 2267 0.81 29.37 24.62
C ASP B 2267 0.90 28.43 23.44
N LEU B 2268 1.72 27.41 23.57
CA LEU B 2268 1.87 26.49 22.47
C LEU B 2268 0.61 25.65 22.35
N ALA B 2269 0.07 25.21 23.47
CA ALA B 2269 -1.13 24.39 23.43
C ALA B 2269 -2.25 25.13 22.77
N VAL B 2270 -2.33 26.41 23.00
CA VAL B 2270 -3.37 27.15 22.38
C VAL B 2270 -3.09 27.23 20.92
N ALA B 2271 -1.87 27.52 20.53
CA ALA B 2271 -1.63 27.66 19.13
C ALA B 2271 -2.00 26.41 18.37
N ARG B 2272 -1.76 25.25 18.95
CA ARG B 2272 -2.11 24.05 18.24
C ARG B 2272 -3.59 23.81 18.23
N CYS B 2273 -4.28 24.24 19.27
CA CYS B 2273 -5.71 24.03 19.29
C CYS B 2273 -6.28 24.84 18.16
N LEU B 2274 -5.69 26.01 17.96
CA LEU B 2274 -6.12 26.88 16.90
C LEU B 2274 -5.75 26.28 15.57
N MET B 2275 -4.60 25.64 15.45
CA MET B 2275 -4.32 25.02 14.18
C MET B 2275 -5.34 23.95 13.86
N ALA B 2276 -5.76 23.18 14.86
CA ALA B 2276 -6.78 22.18 14.61
C ALA B 2276 -8.06 22.86 14.18
N GLU B 2277 -8.32 24.04 14.72
CA GLU B 2277 -9.51 24.78 14.37
C GLU B 2277 -9.39 25.18 12.91
N GLN B 2278 -8.21 25.61 12.50
CA GLN B 2278 -8.06 26.01 11.12
C GLN B 2278 -8.30 24.84 10.21
N ALA B 2279 -7.86 23.65 10.59
CA ALA B 2279 -8.16 22.53 9.74
C ALA B 2279 -9.66 22.33 9.72
N TYR B 2280 -10.32 22.46 10.87
CA TYR B 2280 -11.75 22.20 10.92
C TYR B 2280 -12.46 22.99 9.87
N ARG B 2281 -12.13 24.26 9.83
CA ARG B 2281 -12.70 25.24 8.94
C ARG B 2281 -12.36 25.02 7.50
N TRP B 2282 -11.16 24.53 7.23
CA TRP B 2282 -10.83 24.33 5.85
C TRP B 2282 -11.55 23.11 5.29
N GLU B 2283 -11.75 22.08 6.12
CA GLU B 2283 -12.46 20.90 5.65
C GLU B 2283 -13.95 21.19 5.55
N LEU B 2284 -14.48 21.83 6.55
CA LEU B 2284 -15.88 22.18 6.53
C LEU B 2284 -15.82 23.60 6.15
N ASN B 2285 -16.26 23.92 4.97
CA ASN B 2285 -16.02 25.27 4.50
C ASN B 2285 -16.87 26.29 5.25
N ASP B 2286 -16.35 26.69 6.39
CA ASP B 2286 -17.03 27.60 7.30
C ASP B 2286 -16.05 28.49 8.06
N ASP B 2287 -15.89 29.73 7.63
CA ASP B 2287 -14.88 30.60 8.17
C ASP B 2287 -15.37 31.42 9.31
N SER B 2288 -16.57 31.11 9.78
CA SER B 2288 -17.11 31.79 10.93
C SER B 2288 -16.90 30.96 12.18
N ALA B 2289 -16.51 29.70 12.05
CA ALA B 2289 -16.48 28.89 13.25
C ALA B 2289 -15.31 29.22 14.13
N ARG B 2290 -15.55 29.28 15.43
CA ARG B 2290 -14.51 29.43 16.43
C ARG B 2290 -14.93 28.58 17.62
N PHE B 2291 -14.07 27.70 18.08
CA PHE B 2291 -14.33 26.84 19.22
C PHE B 2291 -13.40 27.14 20.36
N ILE B 2292 -12.24 27.66 20.04
CA ILE B 2292 -11.28 27.85 21.08
C ILE B 2292 -11.50 29.23 21.64
N LYS B 2293 -11.74 29.29 22.93
CA LYS B 2293 -12.06 30.56 23.54
C LYS B 2293 -10.82 31.16 24.19
N PRO B 2294 -10.72 32.49 24.23
CA PRO B 2294 -9.61 33.24 24.80
C PRO B 2294 -9.46 33.29 26.32
N GLY B 2295 -10.48 32.93 27.08
CA GLY B 2295 -10.38 33.11 28.52
C GLY B 2295 -9.75 31.94 29.28
N ALA B 2296 -9.25 30.94 28.57
CA ALA B 2296 -8.77 29.77 29.30
C ALA B 2296 -7.73 30.09 30.37
N TRP B 2297 -6.85 31.04 30.12
CA TRP B 2297 -5.84 31.34 31.11
C TRP B 2297 -6.18 32.51 31.99
N GLN B 2298 -6.50 32.22 33.23
CA GLN B 2298 -6.80 33.28 34.15
C GLN B 2298 -5.56 33.60 34.95
N GLY B 2299 -5.09 34.84 34.87
CA GLY B 2299 -3.88 35.21 35.60
C GLY B 2299 -4.12 35.07 37.09
N THR B 2300 -5.28 35.52 37.51
CA THR B 2300 -5.68 35.37 38.88
C THR B 2300 -5.89 33.89 38.94
N TYR B 2301 -5.48 33.22 39.99
CA TYR B 2301 -5.59 31.77 40.09
C TYR B 2301 -4.53 31.04 39.26
N ALA B 2302 -3.57 31.77 38.72
CA ALA B 2302 -2.35 31.28 38.10
C ALA B 2302 -2.50 30.29 36.97
N GLY B 2303 -3.53 30.42 36.17
CA GLY B 2303 -3.67 29.53 35.05
C GLY B 2303 -4.28 28.19 35.41
N LEU B 2304 -4.69 28.01 36.64
CA LEU B 2304 -5.21 26.71 36.97
C LEU B 2304 -6.48 26.49 36.18
N LEU B 2305 -6.64 25.27 35.72
CA LEU B 2305 -7.73 24.77 34.89
C LEU B 2305 -7.76 25.33 33.47
N ALA B 2306 -6.68 26.01 33.06
CA ALA B 2306 -6.59 26.48 31.68
C ALA B 2306 -6.57 25.31 30.71
N GLY B 2307 -5.92 24.22 31.10
CA GLY B 2307 -5.82 23.05 30.26
C GLY B 2307 -7.13 22.34 30.12
N GLU B 2308 -7.82 22.19 31.22
CA GLU B 2308 -9.11 21.53 31.25
C GLU B 2308 -10.08 22.29 30.39
N THR B 2309 -9.94 23.60 30.40
CA THR B 2309 -10.81 24.42 29.59
C THR B 2309 -10.56 24.10 28.15
N LEU B 2310 -9.30 24.02 27.73
CA LEU B 2310 -9.03 23.75 26.33
C LEU B 2310 -9.53 22.39 25.96
N MET B 2311 -9.40 21.44 26.86
CA MET B 2311 -9.79 20.08 26.54
C MET B 2311 -11.25 20.06 26.18
N LEU B 2312 -12.04 20.89 26.83
CA LEU B 2312 -13.45 20.94 26.53
C LEU B 2312 -13.69 21.55 25.19
N SER B 2313 -12.99 22.63 24.88
CA SER B 2313 -13.22 23.25 23.61
C SER B 2313 -12.85 22.32 22.49
N LEU B 2314 -11.78 21.55 22.67
CA LEU B 2314 -11.39 20.62 21.64
C LEU B 2314 -12.44 19.56 21.47
N ALA B 2315 -12.99 19.07 22.58
CA ALA B 2315 -14.02 18.06 22.47
C ALA B 2315 -15.24 18.61 21.76
N GLN B 2316 -15.59 19.86 22.02
CA GLN B 2316 -16.75 20.41 21.36
C GLN B 2316 -16.53 20.49 19.89
N MET B 2317 -15.32 20.88 19.50
CA MET B 2317 -14.99 21.00 18.10
C MET B 2317 -15.05 19.67 17.42
N GLU B 2318 -14.53 18.63 18.04
CA GLU B 2318 -14.62 17.35 17.42
C GLU B 2318 -16.06 16.94 17.27
N ASP B 2319 -16.87 17.14 18.30
CA ASP B 2319 -18.23 16.66 18.25
C ASP B 2319 -18.96 17.35 17.12
N ALA B 2320 -18.62 18.61 16.91
CA ALA B 2320 -19.20 19.37 15.83
C ALA B 2320 -18.79 18.77 14.51
N HIS B 2321 -17.57 18.28 14.44
CA HIS B 2321 -17.06 17.71 13.22
C HIS B 2321 -17.85 16.49 12.90
N LEU B 2322 -18.11 15.67 13.90
CA LEU B 2322 -18.83 14.44 13.68
C LEU B 2322 -20.24 14.67 13.18
N LYS B 2323 -20.90 15.70 13.72
CA LYS B 2323 -22.25 15.97 13.31
C LYS B 2323 -22.34 16.70 11.98
N ARG B 2324 -21.30 17.44 11.62
CA ARG B 2324 -21.31 18.20 10.39
C ARG B 2324 -20.54 17.53 9.28
N ASP B 2325 -20.05 16.32 9.54
CA ASP B 2325 -19.29 15.62 8.53
C ASP B 2325 -20.27 15.10 7.52
N LYS B 2326 -19.77 14.81 6.34
CA LYS B 2326 -20.57 14.21 5.30
C LYS B 2326 -19.67 13.53 4.31
N ARG B 2327 -20.01 12.32 3.94
CA ARG B 2327 -19.21 11.74 2.88
C ARG B 2327 -19.63 12.54 1.66
N ALA B 2328 -18.69 13.15 0.99
CA ALA B 2328 -19.00 13.98 -0.16
C ALA B 2328 -19.12 13.14 -1.39
N LEU B 2329 -19.79 13.64 -2.42
CA LEU B 2329 -19.74 12.83 -3.61
C LEU B 2329 -18.38 12.99 -4.18
N GLU B 2330 -17.75 11.90 -4.53
CA GLU B 2330 -16.44 11.96 -5.13
C GLU B 2330 -16.65 11.90 -6.63
N VAL B 2331 -16.27 12.98 -7.31
CA VAL B 2331 -16.48 13.18 -8.74
C VAL B 2331 -15.19 13.46 -9.51
N GLU B 2332 -15.01 12.84 -10.67
CA GLU B 2332 -13.82 13.17 -11.45
C GLU B 2332 -14.21 13.80 -12.78
N ARG B 2333 -13.39 14.72 -13.28
CA ARG B 2333 -13.64 15.34 -14.58
C ARG B 2333 -12.37 15.59 -15.38
N THR B 2334 -12.42 15.34 -16.68
CA THR B 2334 -11.27 15.54 -17.53
C THR B 2334 -11.33 16.84 -18.33
N VAL B 2335 -10.29 17.65 -18.26
CA VAL B 2335 -10.26 18.90 -19.01
C VAL B 2335 -9.18 19.00 -20.07
N SER B 2336 -9.61 19.18 -21.31
CA SER B 2336 -8.68 19.38 -22.40
C SER B 2336 -8.46 20.83 -22.61
N LEU B 2337 -7.26 21.33 -22.39
CA LEU B 2337 -7.11 22.75 -22.52
C LEU B 2337 -7.21 23.17 -23.95
N ALA B 2338 -6.88 22.29 -24.88
CA ALA B 2338 -7.03 22.69 -26.25
C ALA B 2338 -8.48 23.02 -26.53
N GLU B 2339 -9.40 22.27 -25.94
CA GLU B 2339 -10.80 22.52 -26.20
C GLU B 2339 -11.21 23.81 -25.54
N VAL B 2340 -10.60 24.08 -24.40
CA VAL B 2340 -10.91 25.28 -23.67
C VAL B 2340 -10.53 26.50 -24.44
N TYR B 2341 -9.34 26.50 -25.02
CA TYR B 2341 -8.92 27.66 -25.74
C TYR B 2341 -9.59 27.77 -27.07
N ALA B 2342 -9.86 26.64 -27.68
CA ALA B 2342 -10.48 26.64 -28.98
C ALA B 2342 -11.87 27.21 -28.89
N GLY B 2343 -12.51 26.96 -27.75
CA GLY B 2343 -13.88 27.35 -27.48
C GLY B 2343 -14.09 28.73 -26.87
N LEU B 2344 -13.06 29.58 -26.83
CA LEU B 2344 -13.29 30.88 -26.23
C LEU B 2344 -14.22 31.65 -27.16
N PRO B 2345 -15.00 32.61 -26.65
CA PRO B 2345 -15.84 33.47 -27.45
C PRO B 2345 -14.96 34.15 -28.45
N LYS B 2346 -15.45 34.45 -29.65
CA LYS B 2346 -14.54 35.03 -30.64
C LYS B 2346 -13.86 36.30 -30.16
N ASP B 2347 -14.54 37.04 -29.30
CA ASP B 2347 -14.07 38.31 -28.79
C ASP B 2347 -12.90 38.17 -27.85
N ASN B 2348 -12.69 36.96 -27.34
CA ASN B 2348 -11.60 36.76 -26.42
C ASN B 2348 -10.39 36.17 -27.11
N GLY B 2349 -10.47 35.94 -28.42
CA GLY B 2349 -9.33 35.39 -29.11
C GLY B 2349 -9.19 33.88 -28.93
N PRO B 2350 -10.06 33.04 -29.48
CA PRO B 2350 -9.97 31.61 -29.40
C PRO B 2350 -8.79 31.20 -30.20
N PHE B 2351 -8.21 30.09 -29.85
CA PHE B 2351 -7.04 29.64 -30.61
C PHE B 2351 -6.79 28.16 -30.54
N SER B 2352 -5.98 27.68 -31.48
CA SER B 2352 -5.55 26.30 -31.43
C SER B 2352 -4.31 26.23 -30.62
N LEU B 2353 -4.42 25.59 -29.48
CA LEU B 2353 -3.33 25.49 -28.53
C LEU B 2353 -2.10 24.92 -29.17
N ALA B 2354 -2.29 23.92 -29.98
CA ALA B 2354 -1.16 23.25 -30.59
C ALA B 2354 -0.35 24.18 -31.49
N GLN B 2355 -1.04 25.09 -32.17
CA GLN B 2355 -0.34 25.93 -33.12
C GLN B 2355 0.26 27.11 -32.43
N GLU B 2356 -0.43 27.61 -31.42
CA GLU B 2356 0.08 28.77 -30.76
C GLU B 2356 1.30 28.42 -29.98
N ILE B 2357 1.36 27.21 -29.41
CA ILE B 2357 2.56 26.87 -28.70
C ILE B 2357 3.69 26.83 -29.68
N ASP B 2358 3.48 26.25 -30.85
CA ASP B 2358 4.60 26.17 -31.75
C ASP B 2358 5.10 27.56 -32.10
N LYS B 2359 4.18 28.50 -32.35
CA LYS B 2359 4.65 29.82 -32.70
C LYS B 2359 5.38 30.51 -31.59
N LEU B 2360 4.88 30.37 -30.36
CA LEU B 2360 5.46 31.02 -29.22
C LEU B 2360 6.79 30.45 -28.85
N VAL B 2361 7.00 29.19 -29.17
CA VAL B 2361 8.29 28.61 -28.93
C VAL B 2361 9.28 29.05 -29.99
N SER B 2362 8.86 29.09 -31.26
CA SER B 2362 9.73 29.52 -32.36
C SER B 2362 10.15 30.97 -32.23
N GLN B 2363 9.26 31.81 -31.73
CA GLN B 2363 9.52 33.21 -31.51
C GLN B 2363 10.01 33.23 -30.11
N GLY B 2364 10.76 34.23 -29.70
CA GLY B 2364 11.19 34.20 -28.29
C GLY B 2364 10.17 34.81 -27.34
N SER B 2365 9.07 35.25 -27.89
CA SER B 2365 8.01 35.91 -27.15
C SER B 2365 6.71 35.91 -27.90
N GLY B 2366 5.75 36.57 -27.32
CA GLY B 2366 4.42 36.69 -27.89
C GLY B 2366 3.40 36.17 -26.92
N SER B 2367 2.17 36.14 -27.36
CA SER B 2367 1.07 35.68 -26.54
C SER B 2367 -0.08 35.22 -27.41
N ALA B 2368 -1.03 34.57 -26.79
CA ALA B 2368 -2.25 34.16 -27.48
C ALA B 2368 -3.38 34.17 -26.50
N GLY B 2369 -4.58 34.45 -26.97
CA GLY B 2369 -5.70 34.45 -26.06
C GLY B 2369 -5.73 35.76 -25.33
N SER B 2370 -6.48 35.81 -24.24
CA SER B 2370 -6.69 37.04 -23.51
C SER B 2370 -7.19 36.75 -22.11
N GLY B 2371 -7.22 37.77 -21.27
CA GLY B 2371 -7.79 37.59 -19.97
C GLY B 2371 -7.06 36.52 -19.18
N ASN B 2372 -7.83 35.54 -18.72
CA ASN B 2372 -7.29 34.45 -17.94
C ASN B 2372 -7.26 33.15 -18.74
N ASN B 2373 -7.39 33.25 -20.06
CA ASN B 2373 -7.40 32.07 -20.91
C ASN B 2373 -6.45 32.32 -22.05
N ASN B 2374 -5.19 32.06 -21.78
CA ASN B 2374 -4.14 32.48 -22.68
C ASN B 2374 -2.83 31.73 -22.59
N LEU B 2375 -1.90 32.15 -23.45
CA LEU B 2375 -0.53 31.70 -23.51
C LEU B 2375 0.36 32.92 -23.51
N ALA B 2376 1.46 32.86 -22.78
CA ALA B 2376 2.37 34.00 -22.74
C ALA B 2376 3.70 33.63 -22.14
N PHE B 2377 4.70 34.44 -22.34
CA PHE B 2377 5.92 34.20 -21.58
C PHE B 2377 5.83 34.91 -20.25
N GLY B 2378 6.44 34.33 -19.23
CA GLY B 2378 6.40 34.89 -17.87
C GLY B 2378 7.12 36.22 -17.73
N ALA B 2379 6.63 37.06 -16.81
CA ALA B 2379 7.19 38.38 -16.53
C ALA B 2379 8.23 38.43 -15.43
N GLY B 2380 8.52 37.32 -14.78
CA GLY B 2380 9.49 37.33 -13.70
C GLY B 2380 10.88 37.47 -14.25
N THR B 2381 11.83 37.80 -13.40
CA THR B 2381 13.21 37.99 -13.84
C THR B 2381 13.85 36.70 -14.30
N ASP B 2382 13.40 35.57 -13.79
CA ASP B 2382 13.91 34.29 -14.20
C ASP B 2382 12.85 33.48 -14.94
N THR B 2383 11.79 34.15 -15.41
CA THR B 2383 10.72 33.46 -16.12
C THR B 2383 10.54 33.92 -17.55
N LYS B 2384 11.36 34.81 -18.06
CA LYS B 2384 11.14 35.32 -19.41
C LYS B 2384 11.22 34.27 -20.52
N THR B 2385 11.83 33.14 -20.22
CA THR B 2385 11.99 32.06 -21.14
C THR B 2385 11.04 30.92 -20.81
N SER B 2386 10.14 31.16 -19.84
CA SER B 2386 9.15 30.18 -19.44
C SER B 2386 7.86 30.42 -20.16
N LEU B 2387 7.32 29.38 -20.75
CA LEU B 2387 6.05 29.52 -21.44
C LEU B 2387 4.94 29.17 -20.50
N GLN B 2388 4.01 30.08 -20.34
CA GLN B 2388 2.92 29.89 -19.44
C GLN B 2388 1.60 29.75 -20.14
N ALA B 2389 0.75 28.90 -19.60
CA ALA B 2389 -0.60 28.75 -20.08
C ALA B 2389 -1.52 28.98 -18.93
N SER B 2390 -2.60 29.70 -19.13
CA SER B 2390 -3.51 29.95 -18.02
C SER B 2390 -4.93 29.64 -18.36
N VAL B 2391 -5.66 29.11 -17.39
CA VAL B 2391 -7.06 28.79 -17.56
C VAL B 2391 -7.95 29.23 -16.43
N SER B 2392 -9.05 29.87 -16.77
CA SER B 2392 -10.01 30.29 -15.78
C SER B 2392 -10.94 29.20 -15.39
N PHE B 2393 -11.02 28.89 -14.10
CA PHE B 2393 -11.88 27.83 -13.65
C PHE B 2393 -13.30 28.17 -13.92
N ALA B 2394 -13.61 29.44 -13.83
CA ALA B 2394 -14.96 29.89 -14.02
C ALA B 2394 -15.46 29.54 -15.41
N ASP B 2395 -14.57 29.49 -16.40
CA ASP B 2395 -14.99 29.25 -17.77
C ASP B 2395 -15.05 27.78 -18.11
N LEU B 2396 -14.67 26.92 -17.17
CA LEU B 2396 -14.69 25.50 -17.45
C LEU B 2396 -16.08 24.97 -17.26
N LYS B 2397 -16.89 25.69 -16.46
CA LYS B 2397 -18.25 25.32 -16.15
C LYS B 2397 -18.37 23.94 -15.58
N ILE B 2398 -17.46 23.60 -14.68
CA ILE B 2398 -17.46 22.30 -14.04
C ILE B 2398 -18.76 22.19 -13.31
N ARG B 2399 -19.13 23.28 -12.69
CA ARG B 2399 -20.31 23.35 -11.88
C ARG B 2399 -21.58 22.86 -12.56
N GLU B 2400 -21.71 23.00 -13.88
CA GLU B 2400 -22.96 22.66 -14.55
C GLU B 2400 -23.10 21.18 -14.91
N ASP B 2401 -22.07 20.39 -14.65
CA ASP B 2401 -22.10 18.96 -14.94
C ASP B 2401 -23.14 18.20 -14.11
N TYR B 2402 -23.36 18.65 -12.89
CA TYR B 2402 -24.31 18.05 -11.98
C TYR B 2402 -25.30 19.12 -11.50
N PRO B 2403 -26.54 18.77 -11.14
CA PRO B 2403 -27.57 19.68 -10.68
C PRO B 2403 -27.23 20.28 -9.34
N ALA B 2404 -27.77 21.46 -9.07
CA ALA B 2404 -27.51 22.24 -7.86
C ALA B 2404 -28.00 21.53 -6.64
N SER B 2405 -29.05 20.76 -6.80
CA SER B 2405 -29.67 20.10 -5.66
C SER B 2405 -28.75 19.12 -4.94
N LEU B 2406 -27.65 18.71 -5.57
CA LEU B 2406 -26.74 17.75 -4.97
C LEU B 2406 -25.74 18.37 -4.02
N GLY B 2407 -25.75 19.68 -3.90
CA GLY B 2407 -24.83 20.37 -3.02
C GLY B 2407 -24.21 21.55 -3.73
N LYS B 2408 -23.96 22.61 -2.97
CA LYS B 2408 -23.44 23.82 -3.55
C LYS B 2408 -21.97 23.97 -3.33
N ILE B 2409 -21.44 23.27 -2.34
CA ILE B 2409 -20.05 23.48 -2.08
C ILE B 2409 -19.29 22.47 -2.89
N ARG B 2410 -18.65 22.96 -3.90
CA ARG B 2410 -17.97 22.10 -4.83
C ARG B 2410 -16.54 22.52 -4.86
N ARG B 2411 -15.70 21.67 -4.30
CA ARG B 2411 -14.30 21.99 -4.10
C ARG B 2411 -13.38 20.96 -4.68
N ILE B 2412 -12.24 21.41 -5.15
CA ILE B 2412 -11.23 20.55 -5.72
C ILE B 2412 -10.50 19.75 -4.70
N LYS B 2413 -10.37 18.46 -4.92
CA LYS B 2413 -9.61 17.65 -3.99
C LYS B 2413 -8.20 17.43 -4.51
N GLN B 2414 -8.07 17.14 -5.79
CA GLN B 2414 -6.75 16.82 -6.33
C GLN B 2414 -6.66 17.11 -7.83
N ILE B 2415 -5.50 17.55 -8.31
CA ILE B 2415 -5.34 17.80 -9.73
C ILE B 2415 -4.11 17.08 -10.23
N SER B 2416 -4.23 16.40 -11.35
CA SER B 2416 -3.07 15.75 -11.97
C SER B 2416 -2.91 16.24 -13.40
N VAL B 2417 -1.68 16.28 -13.89
CA VAL B 2417 -1.48 16.78 -15.23
C VAL B 2417 -1.03 15.73 -16.24
N THR B 2418 -1.72 15.69 -17.36
CA THR B 2418 -1.36 14.78 -18.43
C THR B 2418 -0.85 15.56 -19.63
N LEU B 2419 0.30 15.13 -20.11
CA LEU B 2419 0.99 15.80 -21.22
C LEU B 2419 1.40 14.91 -22.39
N PRO B 2420 0.50 14.66 -23.35
CA PRO B 2420 0.64 13.73 -24.45
C PRO B 2420 1.56 14.21 -25.55
N ALA B 2421 2.82 14.36 -25.19
CA ALA B 2421 3.90 14.76 -26.06
C ALA B 2421 4.88 13.64 -26.29
N LEU B 2422 5.73 13.80 -27.30
CA LEU B 2422 6.82 12.87 -27.58
C LEU B 2422 8.11 13.39 -26.95
N LEU B 2423 8.92 12.45 -26.41
CA LEU B 2423 10.22 12.71 -25.75
C LEU B 2423 11.40 11.92 -26.27
N GLY B 2424 12.60 12.44 -26.05
CA GLY B 2424 13.80 11.70 -26.42
C GLY B 2424 14.17 10.66 -25.36
N PRO B 2425 15.25 9.90 -25.60
CA PRO B 2425 15.76 8.77 -24.81
C PRO B 2425 15.54 8.89 -23.34
N TYR B 2426 16.11 9.87 -22.69
CA TYR B 2426 15.85 9.97 -21.28
C TYR B 2426 15.55 11.38 -20.90
N GLN B 2427 14.57 11.97 -21.59
CA GLN B 2427 14.22 13.34 -21.28
C GLN B 2427 13.06 13.39 -20.34
N ASP B 2428 13.04 14.41 -19.50
CA ASP B 2428 11.94 14.62 -18.59
C ASP B 2428 11.14 15.83 -19.04
N VAL B 2429 10.06 16.11 -18.30
CA VAL B 2429 9.20 17.23 -18.57
C VAL B 2429 9.18 18.17 -17.41
N GLN B 2430 9.49 19.43 -17.63
CA GLN B 2430 9.50 20.33 -16.50
C GLN B 2430 8.34 21.27 -16.48
N ALA B 2431 7.41 21.07 -15.58
CA ALA B 2431 6.34 22.05 -15.58
C ALA B 2431 5.78 22.34 -14.20
N ILE B 2432 5.41 23.58 -13.96
CA ILE B 2432 4.81 23.94 -12.69
C ILE B 2432 3.38 24.35 -12.80
N LEU B 2433 2.54 23.72 -12.03
CA LEU B 2433 1.15 24.06 -12.01
C LEU B 2433 0.86 24.88 -10.78
N SER B 2434 0.22 26.02 -10.92
CA SER B 2434 -0.02 26.84 -9.73
C SER B 2434 -1.33 27.62 -9.78
N TYR B 2435 -1.83 27.98 -8.61
CA TYR B 2435 -3.08 28.74 -8.55
C TYR B 2435 -2.92 30.24 -8.36
N GLY B 2436 -3.34 30.99 -9.36
CA GLY B 2436 -3.16 32.45 -9.38
C GLY B 2436 -4.27 33.26 -8.74
N ASP B 2437 -4.67 32.92 -7.53
CA ASP B 2437 -5.74 33.68 -6.88
C ASP B 2437 -5.69 33.51 -5.38
N LYS B 2438 -6.59 34.15 -4.67
CA LYS B 2438 -6.70 34.04 -3.24
C LYS B 2438 -7.49 32.79 -2.86
N ALA B 2439 -6.87 31.94 -2.06
CA ALA B 2439 -7.47 30.69 -1.61
C ALA B 2439 -6.71 30.15 -0.42
N GLY B 2440 -7.31 29.19 0.27
CA GLY B 2440 -6.66 28.51 1.39
C GLY B 2440 -5.62 27.52 0.90
N LEU B 2441 -4.51 28.06 0.47
CA LEU B 2441 -3.41 27.27 -0.01
C LEU B 2441 -2.47 27.05 1.15
N ALA B 2442 -2.33 25.80 1.54
CA ALA B 2442 -1.48 25.43 2.67
C ALA B 2442 -0.04 25.69 2.29
N ASN B 2443 0.84 25.72 3.27
CA ASN B 2443 2.20 26.03 2.91
C ASN B 2443 2.81 24.87 2.12
N GLY B 2444 2.97 25.14 0.83
CA GLY B 2444 3.48 24.20 -0.15
C GLY B 2444 2.39 23.51 -0.97
N CYS B 2445 1.15 23.92 -0.81
CA CYS B 2445 0.06 23.37 -1.61
C CYS B 2445 -0.35 24.40 -2.64
N GLU B 2446 0.46 25.44 -2.72
CA GLU B 2446 0.30 26.57 -3.62
C GLU B 2446 0.62 26.20 -5.06
N ALA B 2447 1.60 25.32 -5.23
CA ALA B 2447 2.07 24.91 -6.54
C ALA B 2447 2.54 23.47 -6.55
N LEU B 2448 2.40 22.87 -7.70
CA LEU B 2448 2.73 21.50 -8.00
C LEU B 2448 3.73 21.31 -9.12
N ALA B 2449 4.75 20.49 -8.89
CA ALA B 2449 5.68 20.22 -9.98
C ALA B 2449 5.37 18.93 -10.69
N VAL B 2450 5.40 19.02 -12.00
CA VAL B 2450 5.21 17.94 -12.94
C VAL B 2450 6.57 17.50 -13.48
N SER B 2451 6.87 16.20 -13.40
CA SER B 2451 8.16 15.66 -13.89
C SER B 2451 8.00 14.87 -15.17
N HIS B 2452 6.79 14.39 -15.40
CA HIS B 2452 6.48 13.58 -16.55
C HIS B 2452 5.03 13.79 -16.87
N GLY B 2453 4.55 13.19 -17.94
CA GLY B 2453 3.18 13.46 -18.31
C GLY B 2453 2.17 12.39 -17.96
N MET B 2454 2.54 11.37 -17.23
CA MET B 2454 1.60 10.28 -17.02
C MET B 2454 0.65 10.47 -15.87
N ASN B 2455 -0.30 11.36 -16.06
CA ASN B 2455 -1.25 11.67 -14.97
C ASN B 2455 -0.43 11.96 -13.76
N ASP B 2456 0.46 12.91 -13.92
CA ASP B 2456 1.47 13.19 -12.92
C ASP B 2456 0.93 14.09 -11.81
N SER B 2457 0.83 13.51 -10.62
CA SER B 2457 0.33 14.16 -9.41
C SER B 2457 1.47 14.97 -8.90
N GLY B 2458 1.30 15.63 -7.80
CA GLY B 2458 2.38 16.48 -7.32
C GLY B 2458 3.34 15.82 -6.39
N GLN B 2459 3.23 14.52 -6.22
CA GLN B 2459 4.09 13.88 -5.24
C GLN B 2459 4.88 12.74 -5.80
N PHE B 2460 5.70 12.14 -4.96
CA PHE B 2460 6.39 10.94 -5.39
C PHE B 2460 5.41 9.79 -5.31
N GLN B 2461 4.49 9.88 -4.34
CA GLN B 2461 3.42 8.91 -4.17
C GLN B 2461 2.13 9.65 -3.86
N LEU B 2462 1.03 9.22 -4.46
CA LEU B 2462 -0.24 9.83 -4.13
C LEU B 2462 -0.98 8.97 -3.16
N ASP B 2463 -1.36 9.55 -2.06
CA ASP B 2463 -2.05 8.87 -1.01
C ASP B 2463 -3.18 9.73 -0.54
N PHE B 2464 -4.41 9.27 -0.68
CA PHE B 2464 -5.54 10.12 -0.34
C PHE B 2464 -5.89 9.98 1.12
N ASN B 2465 -5.19 9.11 1.81
CA ASN B 2465 -5.45 8.86 3.20
C ASN B 2465 -4.23 8.94 4.10
N ASP B 2466 -3.29 9.84 3.85
CA ASP B 2466 -2.10 9.94 4.70
C ASP B 2466 -2.25 11.02 5.75
N GLY B 2467 -3.43 11.57 5.84
CA GLY B 2467 -3.76 12.61 6.81
C GLY B 2467 -3.40 14.01 6.35
N LYS B 2468 -2.88 14.18 5.15
CA LYS B 2468 -2.48 15.51 4.70
C LYS B 2468 -3.42 16.04 3.63
N PHE B 2469 -3.44 17.35 3.47
CA PHE B 2469 -4.18 18.03 2.43
C PHE B 2469 -3.35 17.90 1.19
N LEU B 2470 -3.99 17.79 0.04
CA LEU B 2470 -3.29 17.68 -1.21
C LEU B 2470 -3.14 19.04 -1.87
N PRO B 2471 -2.24 19.24 -2.83
CA PRO B 2471 -2.11 20.48 -3.54
C PRO B 2471 -3.42 20.86 -4.12
N PHE B 2472 -3.72 22.14 -4.04
CA PHE B 2472 -4.94 22.76 -4.52
C PHE B 2472 -6.21 22.30 -3.81
N GLU B 2473 -6.07 21.50 -2.77
CA GLU B 2473 -7.26 21.04 -2.12
C GLU B 2473 -8.03 22.13 -1.42
N GLY B 2474 -9.33 22.11 -1.66
CA GLY B 2474 -10.28 23.02 -1.05
C GLY B 2474 -10.63 24.22 -1.91
N ILE B 2475 -10.03 24.35 -3.08
CA ILE B 2475 -10.33 25.47 -3.96
C ILE B 2475 -11.66 25.28 -4.64
N ALA B 2476 -12.50 26.29 -4.64
CA ALA B 2476 -13.79 26.15 -5.29
C ALA B 2476 -13.60 25.85 -6.75
N ILE B 2477 -14.40 24.93 -7.28
CA ILE B 2477 -14.24 24.52 -8.67
C ILE B 2477 -14.44 25.56 -9.72
N ASP B 2478 -15.16 26.63 -9.41
CA ASP B 2478 -15.36 27.67 -10.36
C ASP B 2478 -14.65 28.97 -10.04
N GLN B 2479 -13.63 28.95 -9.16
CA GLN B 2479 -12.98 30.21 -8.87
C GLN B 2479 -11.48 30.23 -9.07
N GLY B 2480 -11.01 31.34 -9.60
CA GLY B 2480 -9.60 31.58 -9.80
C GLY B 2480 -9.11 31.01 -11.10
N THR B 2481 -7.80 31.00 -11.26
CA THR B 2481 -7.12 30.61 -12.46
C THR B 2481 -5.91 29.72 -12.22
N LEU B 2482 -5.75 28.70 -13.05
CA LEU B 2482 -4.53 27.91 -12.96
C LEU B 2482 -3.58 28.34 -14.00
N THR B 2483 -2.32 28.22 -13.69
CA THR B 2483 -1.28 28.44 -14.67
C THR B 2483 -0.38 27.25 -14.71
N LEU B 2484 -0.01 26.84 -15.91
CA LEU B 2484 0.94 25.77 -16.08
C LEU B 2484 2.15 26.40 -16.76
N SER B 2485 3.30 26.28 -16.12
CA SER B 2485 4.50 26.94 -16.60
C SER B 2485 5.61 26.01 -17.02
N PHE B 2486 6.07 26.19 -18.25
CA PHE B 2486 7.13 25.37 -18.81
C PHE B 2486 8.41 26.18 -18.96
N PRO B 2487 9.37 26.04 -18.07
CA PRO B 2487 10.56 26.82 -18.04
C PRO B 2487 11.41 26.40 -19.18
N ASN B 2488 12.32 27.25 -19.61
CA ASN B 2488 13.24 26.90 -20.66
C ASN B 2488 12.51 26.46 -21.91
N ALA B 2489 11.42 27.16 -22.22
CA ALA B 2489 10.59 26.90 -23.38
C ALA B 2489 11.03 27.62 -24.62
N SER B 2490 11.61 28.78 -24.48
CA SER B 2490 11.94 29.56 -25.68
C SER B 2490 12.97 28.88 -26.59
N MET B 2491 12.69 28.82 -27.89
CA MET B 2491 13.63 28.25 -28.86
C MET B 2491 14.85 29.13 -29.10
N PRO B 2492 14.74 30.46 -29.36
CA PRO B 2492 15.87 31.31 -29.60
C PRO B 2492 16.47 31.69 -28.28
N GLU B 2493 17.01 30.68 -27.62
CA GLU B 2493 17.53 30.73 -26.28
C GLU B 2493 18.07 29.35 -25.99
N LYS B 2494 17.64 28.41 -26.84
CA LYS B 2494 17.96 27.00 -26.77
C LYS B 2494 17.43 26.38 -25.49
N GLY B 2495 16.22 26.72 -25.11
CA GLY B 2495 15.67 26.16 -23.91
C GLY B 2495 15.49 24.67 -24.10
N LYS B 2496 15.71 23.91 -23.04
CA LYS B 2496 15.62 22.47 -23.11
C LYS B 2496 14.26 21.95 -23.48
N GLN B 2497 13.21 22.65 -23.08
CA GLN B 2497 11.86 22.20 -23.31
C GLN B 2497 11.33 22.73 -24.62
N ALA B 2498 12.14 23.52 -25.31
CA ALA B 2498 11.73 24.13 -26.55
C ALA B 2498 11.37 23.11 -27.60
N THR B 2499 12.04 21.97 -27.59
CA THR B 2499 11.72 20.99 -28.60
C THR B 2499 10.55 20.14 -28.18
N MET B 2500 10.44 19.85 -26.91
CA MET B 2500 9.37 19.01 -26.37
C MET B 2500 8.05 19.65 -26.65
N LEU B 2501 8.01 20.94 -26.51
CA LEU B 2501 6.78 21.66 -26.69
C LEU B 2501 6.27 21.59 -28.11
N LYS B 2502 7.12 21.29 -29.06
CA LYS B 2502 6.73 21.27 -30.44
C LYS B 2502 6.18 19.89 -30.80
N THR B 2503 6.18 18.99 -29.83
CA THR B 2503 5.62 17.68 -29.98
C THR B 2503 4.45 17.55 -29.00
N LEU B 2504 4.04 18.65 -28.34
CA LEU B 2504 2.94 18.61 -27.38
C LEU B 2504 1.64 19.05 -28.01
N ASN B 2505 0.77 18.08 -28.29
CA ASN B 2505 -0.46 18.38 -29.00
C ASN B 2505 -1.58 18.92 -28.11
N ASP B 2506 -1.56 18.60 -26.83
CA ASP B 2506 -2.61 19.04 -25.91
C ASP B 2506 -2.10 19.07 -24.49
N ILE B 2507 -2.86 19.69 -23.61
CA ILE B 2507 -2.58 19.67 -22.19
C ILE B 2507 -3.83 19.25 -21.46
N ILE B 2508 -3.72 18.25 -20.62
CA ILE B 2508 -4.90 17.72 -19.97
C ILE B 2508 -4.93 17.79 -18.45
N LEU B 2509 -5.99 18.34 -17.90
CA LEU B 2509 -6.06 18.38 -16.45
C LEU B 2509 -7.08 17.40 -15.93
N HIS B 2510 -6.64 16.51 -15.09
CA HIS B 2510 -7.60 15.55 -14.56
C HIS B 2510 -7.95 16.05 -13.18
N ILE B 2511 -9.19 16.43 -12.98
CA ILE B 2511 -9.56 17.06 -11.74
C ILE B 2511 -10.48 16.23 -10.89
N ARG B 2512 -10.06 16.01 -9.67
CA ARG B 2512 -10.85 15.27 -8.73
C ARG B 2512 -11.47 16.27 -7.81
N TYR B 2513 -12.78 16.25 -7.67
CA TYR B 2513 -13.43 17.23 -6.83
C TYR B 2513 -14.56 16.61 -6.09
N THR B 2514 -15.02 17.27 -5.04
CA THR B 2514 -16.13 16.71 -4.33
C THR B 2514 -17.31 17.63 -4.21
N ILE B 2515 -18.49 17.04 -4.10
CA ILE B 2515 -19.70 17.82 -3.91
C ILE B 2515 -20.26 17.65 -2.52
N LYS B 2516 -20.37 18.77 -1.82
CA LYS B 2516 -20.83 18.82 -0.44
C LYS B 2516 -21.35 20.21 -0.06
N LEU C 89 61.98 2.55 27.31
CA LEU C 89 61.63 2.37 25.91
C LEU C 89 60.16 2.28 25.69
N ILE C 90 59.73 2.66 24.50
CA ILE C 90 58.34 2.59 24.09
C ILE C 90 58.19 1.78 22.84
N GLY C 91 57.17 0.96 22.83
CA GLY C 91 56.82 0.12 21.72
C GLY C 91 56.49 -1.27 22.18
N TYR C 92 55.63 -1.93 21.44
CA TYR C 92 55.19 -3.25 21.74
C TYR C 92 56.35 -4.21 21.68
N ASN C 93 57.33 -3.91 20.86
CA ASN C 93 58.46 -4.79 20.78
C ASN C 93 59.56 -4.43 21.77
N ASN C 94 59.34 -3.43 22.64
CA ASN C 94 60.30 -3.03 23.65
C ASN C 94 59.84 -3.37 25.05
N GLN C 95 58.55 -3.45 25.22
CA GLN C 95 57.90 -3.80 26.48
C GLN C 95 56.97 -4.88 26.07
N PHE C 96 56.69 -5.85 26.92
CA PHE C 96 55.76 -6.94 26.59
C PHE C 96 56.36 -7.99 25.64
N SER C 97 57.28 -7.57 24.80
CA SER C 97 57.95 -8.44 23.87
C SER C 97 58.67 -9.58 24.56
N GLY C 98 58.66 -10.75 23.91
CA GLY C 98 59.35 -11.92 24.44
C GLY C 98 58.46 -12.95 25.13
N ARG C 99 57.16 -12.83 25.03
CA ARG C 99 56.39 -13.85 25.69
C ARG C 99 56.39 -15.15 24.91
N ALA C 100 56.75 -16.22 25.57
CA ALA C 100 56.70 -17.61 25.09
C ALA C 100 57.47 -17.99 23.81
N SER C 101 58.43 -17.19 23.37
CA SER C 101 59.37 -17.53 22.29
C SER C 101 58.87 -17.80 20.86
N GLN C 102 58.06 -18.84 20.68
CA GLN C 102 57.64 -19.27 19.33
C GLN C 102 56.15 -19.47 19.19
N TYR C 103 55.64 -19.30 17.97
CA TYR C 103 54.22 -19.43 17.75
C TYR C 103 53.86 -20.46 16.72
N VAL C 104 52.61 -20.88 16.72
CA VAL C 104 52.17 -21.77 15.66
C VAL C 104 50.93 -21.26 14.97
N ALA C 105 50.68 -21.81 13.80
CA ALA C 105 49.51 -21.47 13.04
C ALA C 105 48.28 -21.98 13.80
N PRO C 106 47.13 -21.32 13.70
CA PRO C 106 45.91 -21.63 14.43
C PRO C 106 45.26 -22.96 14.16
N GLY C 107 45.64 -23.61 13.09
CA GLY C 107 45.02 -24.88 12.77
C GLY C 107 45.88 -26.09 13.05
N THR C 108 47.08 -25.94 13.62
CA THR C 108 47.91 -27.13 13.79
C THR C 108 47.72 -27.85 15.09
N VAL C 109 48.17 -29.09 15.11
CA VAL C 109 48.13 -29.96 16.27
C VAL C 109 48.95 -29.43 17.40
N SER C 110 50.02 -28.75 17.05
CA SER C 110 50.92 -28.14 17.98
C SER C 110 50.36 -26.95 18.73
N SER C 111 49.24 -26.36 18.29
CA SER C 111 48.70 -25.24 19.04
C SER C 111 48.23 -25.72 20.36
N MET C 112 48.47 -24.95 21.37
CA MET C 112 47.98 -25.25 22.70
C MET C 112 46.48 -25.18 22.82
N PHE C 113 45.81 -24.64 21.81
CA PHE C 113 44.38 -24.61 21.84
C PHE C 113 43.81 -25.68 20.91
N SER C 114 44.68 -26.49 20.29
CA SER C 114 44.25 -27.46 19.32
C SER C 114 43.49 -28.53 20.04
N PRO C 115 42.64 -29.31 19.37
CA PRO C 115 41.96 -30.40 19.98
C PRO C 115 42.92 -31.34 20.67
N ALA C 116 44.13 -31.48 20.16
CA ALA C 116 45.08 -32.34 20.81
C ALA C 116 45.39 -31.84 22.21
N ALA C 117 45.41 -30.53 22.40
CA ALA C 117 45.70 -29.96 23.69
C ALA C 117 44.54 -30.26 24.59
N TYR C 118 43.37 -30.25 24.01
CA TYR C 118 42.15 -30.53 24.75
C TYR C 118 42.13 -31.97 25.17
N LEU C 119 42.51 -32.86 24.27
CA LEU C 119 42.57 -34.26 24.61
C LEU C 119 43.58 -34.49 25.69
N THR C 120 44.71 -33.81 25.59
CA THR C 120 45.77 -34.00 26.55
C THR C 120 45.26 -33.62 27.91
N GLU C 121 44.54 -32.51 27.99
CA GLU C 121 44.02 -32.09 29.27
C GLU C 121 42.94 -33.03 29.77
N LEU C 122 42.06 -33.51 28.90
CA LEU C 122 41.03 -34.38 29.39
C LEU C 122 41.60 -35.66 29.94
N TYR C 123 42.61 -36.19 29.27
CA TYR C 123 43.24 -37.43 29.66
C TYR C 123 44.00 -37.30 30.95
N ARG C 124 44.77 -36.24 31.11
CA ARG C 124 45.57 -36.17 32.32
C ARG C 124 44.69 -36.07 33.55
N GLU C 125 43.49 -35.53 33.40
CA GLU C 125 42.62 -35.47 34.56
C GLU C 125 41.83 -36.77 34.70
N ALA C 126 41.23 -37.23 33.61
CA ALA C 126 40.37 -38.41 33.57
C ALA C 126 41.06 -39.67 33.99
N ARG C 127 42.33 -39.80 33.70
CA ARG C 127 43.01 -41.05 33.98
C ARG C 127 43.03 -41.41 35.45
N ASN C 128 42.71 -40.46 36.34
CA ASN C 128 42.74 -40.78 37.75
C ASN C 128 41.35 -40.85 38.39
N LEU C 129 40.27 -40.88 37.61
CA LEU C 129 38.95 -40.93 38.24
C LEU C 129 38.61 -42.23 38.93
N HIS C 130 39.17 -43.33 38.48
CA HIS C 130 38.86 -44.60 39.11
C HIS C 130 40.14 -45.28 39.55
N ALA C 131 40.00 -46.17 40.52
CA ALA C 131 41.12 -46.95 41.02
C ALA C 131 41.68 -47.81 39.93
N SER C 132 42.97 -48.09 40.00
CA SER C 132 43.66 -48.90 39.02
C SER C 132 43.20 -50.33 38.93
N ASP C 133 42.52 -50.81 39.96
CA ASP C 133 42.02 -52.17 39.97
C ASP C 133 40.53 -52.24 39.66
N SER C 134 39.96 -51.12 39.23
CA SER C 134 38.56 -51.10 38.87
C SER C 134 38.34 -51.39 37.42
N VAL C 135 37.24 -52.05 37.13
CA VAL C 135 36.82 -52.38 35.77
C VAL C 135 36.56 -51.12 34.96
N TYR C 136 36.31 -50.03 35.67
CA TYR C 136 36.02 -48.77 35.06
C TYR C 136 37.28 -47.94 34.86
N TYR C 137 38.43 -48.47 35.18
CA TYR C 137 39.62 -47.66 35.03
C TYR C 137 39.75 -47.26 33.58
N LEU C 138 40.03 -45.99 33.34
CA LEU C 138 40.06 -45.51 31.95
C LEU C 138 40.92 -46.34 31.05
N ASP C 139 42.07 -46.75 31.54
CA ASP C 139 42.98 -47.45 30.69
C ASP C 139 42.68 -48.93 30.60
N THR C 140 41.78 -49.45 31.42
CA THR C 140 41.53 -50.87 31.31
C THR C 140 40.44 -51.01 30.27
N ARG C 141 39.58 -50.01 30.23
CA ARG C 141 38.47 -49.97 29.27
C ARG C 141 38.97 -49.70 27.88
N ARG C 142 39.99 -48.87 27.79
CA ARG C 142 40.54 -48.50 26.52
C ARG C 142 42.05 -48.47 26.50
N PRO C 143 42.72 -49.63 26.49
CA PRO C 143 44.14 -49.78 26.56
C PRO C 143 44.89 -49.08 25.43
N ASP C 144 44.19 -48.77 24.34
CA ASP C 144 44.81 -48.11 23.22
C ASP C 144 44.85 -46.61 23.35
N LEU C 145 43.99 -46.05 24.17
CA LEU C 145 43.88 -44.61 24.22
C LEU C 145 45.19 -43.96 24.58
N LYS C 146 45.84 -44.53 25.56
CA LYS C 146 47.08 -43.98 26.08
C LYS C 146 48.20 -43.94 25.05
N SER C 147 48.18 -44.81 24.05
CA SER C 147 49.28 -44.82 23.10
C SER C 147 49.00 -44.00 21.87
N MET C 148 47.85 -43.35 21.81
CA MET C 148 47.53 -42.60 20.63
C MET C 148 48.53 -41.51 20.44
N ALA C 149 49.01 -41.32 19.21
CA ALA C 149 49.95 -40.25 18.95
C ALA C 149 49.19 -39.03 18.55
N LEU C 150 49.61 -37.90 19.06
CA LEU C 150 48.96 -36.67 18.71
C LEU C 150 49.60 -36.10 17.47
N SER C 151 49.49 -36.83 16.39
CA SER C 151 50.04 -36.44 15.13
C SER C 151 49.10 -35.48 14.46
N GLN C 152 49.58 -34.81 13.42
CA GLN C 152 48.71 -33.93 12.68
C GLN C 152 47.69 -34.75 11.91
N GLN C 153 48.10 -35.91 11.44
CA GLN C 153 47.26 -36.76 10.62
C GLN C 153 46.09 -37.32 11.41
N ASN C 154 46.28 -37.50 12.70
CA ASN C 154 45.22 -38.04 13.52
C ASN C 154 44.13 -36.99 13.76
N MET C 155 44.43 -35.73 13.44
CA MET C 155 43.50 -34.64 13.56
C MET C 155 42.85 -34.35 12.21
N ASP C 156 43.65 -34.44 11.15
CA ASP C 156 43.21 -34.10 9.80
C ASP C 156 42.42 -35.13 9.01
N ILE C 157 42.76 -36.39 9.16
CA ILE C 157 42.13 -37.37 8.30
C ILE C 157 40.90 -37.98 8.88
N GLU C 158 39.81 -37.81 8.16
CA GLU C 158 38.54 -38.35 8.59
C GLU C 158 38.44 -39.82 8.28
N LEU C 159 37.93 -40.53 9.25
CA LEU C 159 37.69 -41.94 9.24
C LEU C 159 36.23 -42.13 9.52
N SER C 160 35.69 -43.24 9.12
CA SER C 160 34.31 -43.45 9.49
C SER C 160 34.27 -43.95 10.91
N THR C 161 33.19 -43.66 11.59
CA THR C 161 33.00 -44.25 12.89
C THR C 161 32.74 -45.65 12.47
N LEU C 162 32.70 -46.60 13.37
CA LEU C 162 32.59 -48.00 13.00
C LEU C 162 33.93 -48.49 12.49
N SER C 163 34.60 -47.79 11.57
CA SER C 163 35.85 -48.36 11.14
C SER C 163 36.78 -48.36 12.34
N LEU C 164 36.63 -47.34 13.16
CA LEU C 164 37.44 -47.23 14.37
C LEU C 164 36.96 -48.15 15.47
N SER C 165 35.68 -48.34 15.53
CA SER C 165 35.11 -49.16 16.57
C SER C 165 35.49 -50.59 16.30
N ASN C 166 35.56 -50.92 15.03
CA ASN C 166 35.93 -52.24 14.61
C ASN C 166 37.39 -52.47 14.88
N GLU C 167 38.25 -51.45 14.73
CA GLU C 167 39.65 -51.67 15.06
C GLU C 167 39.79 -51.98 16.53
N LEU C 168 39.04 -51.28 17.36
CA LEU C 168 39.13 -51.50 18.78
C LEU C 168 38.71 -52.90 19.15
N LEU C 169 37.59 -53.34 18.60
CA LEU C 169 37.15 -54.65 18.97
C LEU C 169 38.14 -55.67 18.48
N LEU C 170 38.68 -55.47 17.29
CA LEU C 170 39.59 -56.46 16.80
C LEU C 170 40.82 -56.56 17.63
N GLU C 171 41.32 -55.46 18.15
CA GLU C 171 42.51 -55.63 18.95
C GLU C 171 42.17 -56.42 20.22
N SER C 172 41.02 -56.15 20.82
CA SER C 172 40.65 -56.87 22.03
C SER C 172 40.42 -58.35 21.74
N ILE C 173 39.85 -58.61 20.58
CA ILE C 173 39.53 -59.96 20.12
C ILE C 173 40.78 -60.72 19.75
N LYS C 174 41.71 -60.07 19.05
CA LYS C 174 42.98 -60.64 18.63
C LYS C 174 43.74 -61.08 19.86
N THR C 175 43.66 -60.27 20.90
CA THR C 175 44.36 -60.55 22.13
C THR C 175 43.82 -61.86 22.72
N GLU C 176 42.51 -62.00 22.74
CA GLU C 176 41.98 -63.26 23.21
C GLU C 176 42.37 -64.32 22.23
N SER C 177 42.77 -65.48 22.72
CA SER C 177 43.18 -66.59 21.86
C SER C 177 44.48 -66.30 21.10
N LYS C 178 45.15 -65.19 21.41
CA LYS C 178 46.47 -64.91 20.87
C LYS C 178 46.57 -65.04 19.37
N LEU C 179 45.67 -64.42 18.64
CA LEU C 179 45.72 -64.54 17.20
C LEU C 179 46.79 -63.62 16.66
N GLU C 180 47.46 -64.08 15.61
CA GLU C 180 48.58 -63.39 14.98
C GLU C 180 48.23 -62.14 14.20
N ASN C 181 47.12 -62.19 13.52
CA ASN C 181 46.72 -61.14 12.61
C ASN C 181 45.23 -60.99 12.60
N TYR C 182 44.75 -59.81 12.21
CA TYR C 182 43.31 -59.60 12.12
C TYR C 182 42.72 -60.48 11.05
N THR C 183 43.48 -60.88 10.05
CA THR C 183 42.90 -61.73 9.05
C THR C 183 42.55 -63.09 9.63
N LYS C 184 43.18 -63.51 10.72
CA LYS C 184 42.86 -64.80 11.29
C LYS C 184 41.75 -64.67 12.33
N VAL C 185 41.23 -63.47 12.43
CA VAL C 185 40.14 -63.20 13.30
C VAL C 185 38.94 -63.11 12.39
N MET C 186 39.08 -62.31 11.35
CA MET C 186 37.97 -62.05 10.45
C MET C 186 37.62 -63.26 9.60
N GLU C 187 38.60 -64.09 9.30
CA GLU C 187 38.38 -65.27 8.49
C GLU C 187 38.45 -66.57 9.25
N MET C 188 39.19 -66.59 10.36
CA MET C 188 39.36 -67.85 11.03
C MET C 188 38.70 -67.94 12.39
N LEU C 189 38.17 -66.85 12.91
CA LEU C 189 37.51 -66.93 14.19
C LEU C 189 36.04 -66.67 14.01
N SER C 190 35.71 -65.52 13.43
CA SER C 190 34.31 -65.09 13.28
C SER C 190 33.51 -66.07 12.43
N THR C 191 34.19 -66.66 11.48
CA THR C 191 33.66 -67.60 10.53
C THR C 191 33.30 -68.92 11.09
N PHE C 192 33.83 -69.24 12.26
CA PHE C 192 33.61 -70.51 12.85
C PHE C 192 32.96 -70.33 14.19
N ARG C 193 31.99 -69.44 14.20
CA ARG C 193 31.22 -69.15 15.38
C ARG C 193 29.79 -69.46 15.14
N PRO C 194 29.39 -70.73 15.14
CA PRO C 194 28.04 -71.14 14.92
C PRO C 194 27.21 -70.69 16.10
N SER C 195 27.88 -70.36 17.21
CA SER C 195 27.22 -69.87 18.39
C SER C 195 27.10 -68.37 18.38
N GLY C 196 26.30 -67.86 19.28
CA GLY C 196 26.09 -66.43 19.36
C GLY C 196 25.13 -66.10 18.24
N ALA C 197 24.96 -64.81 17.93
CA ALA C 197 24.00 -64.41 16.89
C ALA C 197 24.45 -64.87 15.51
N THR C 198 25.76 -64.89 15.24
CA THR C 198 26.17 -65.23 13.88
C THR C 198 27.65 -65.62 13.59
N PRO C 199 27.88 -66.60 12.67
CA PRO C 199 29.14 -67.05 12.09
C PRO C 199 29.49 -66.10 10.97
N TYR C 200 29.96 -64.93 11.31
CA TYR C 200 30.15 -63.93 10.26
C TYR C 200 31.37 -64.16 9.41
N HIS C 201 31.14 -64.35 8.12
CA HIS C 201 32.24 -64.51 7.21
C HIS C 201 32.58 -63.17 6.63
N ASP C 202 33.84 -62.81 6.58
CA ASP C 202 34.10 -61.50 6.05
C ASP C 202 34.26 -61.45 4.54
N ALA C 203 35.17 -62.24 3.97
CA ALA C 203 35.38 -62.14 2.54
C ALA C 203 34.12 -62.51 1.80
N TYR C 204 33.35 -63.46 2.32
CA TYR C 204 32.12 -63.82 1.67
C TYR C 204 31.28 -62.62 1.38
N GLU C 205 31.19 -61.72 2.35
CA GLU C 205 30.38 -60.57 2.14
C GLU C 205 31.10 -59.63 1.19
N ASN C 206 32.41 -59.53 1.28
CA ASN C 206 33.08 -58.60 0.36
C ASN C 206 32.75 -58.98 -1.06
N VAL C 207 32.74 -60.28 -1.30
CA VAL C 207 32.48 -60.82 -2.60
C VAL C 207 31.03 -60.65 -2.98
N ARG C 208 30.11 -60.98 -2.09
CA ARG C 208 28.71 -60.85 -2.42
C ARG C 208 28.37 -59.42 -2.72
N GLU C 209 28.93 -58.52 -1.94
CA GLU C 209 28.58 -57.14 -2.09
C GLU C 209 29.13 -56.63 -3.39
N VAL C 210 30.32 -57.04 -3.81
CA VAL C 210 30.78 -56.57 -5.11
C VAL C 210 29.86 -57.00 -6.19
N ILE C 211 29.42 -58.22 -6.10
CA ILE C 211 28.53 -58.80 -7.07
C ILE C 211 27.23 -58.04 -7.16
N GLN C 212 26.70 -57.63 -6.02
CA GLN C 212 25.45 -56.92 -6.08
C GLN C 212 25.68 -55.46 -6.53
N LEU C 213 26.87 -54.91 -6.25
CA LEU C 213 27.27 -53.55 -6.69
C LEU C 213 27.43 -53.55 -8.19
N GLN C 214 27.88 -54.67 -8.70
CA GLN C 214 28.05 -54.87 -10.10
C GLN C 214 26.70 -55.33 -10.61
N ASP C 215 25.90 -54.33 -11.01
CA ASP C 215 24.50 -54.42 -11.39
C ASP C 215 23.99 -55.78 -11.85
N PRO C 216 24.65 -56.56 -12.74
CA PRO C 216 24.09 -57.82 -13.16
C PRO C 216 23.68 -58.75 -12.01
N GLY C 217 24.31 -58.72 -10.85
CA GLY C 217 23.77 -59.63 -9.84
C GLY C 217 23.91 -61.09 -10.28
N LEU C 218 25.02 -61.37 -10.97
CA LEU C 218 25.37 -62.65 -11.58
C LEU C 218 24.62 -62.95 -12.88
N GLU C 219 23.77 -62.03 -13.35
CA GLU C 219 23.09 -62.28 -14.62
C GLU C 219 24.09 -62.40 -15.74
N GLN C 220 25.19 -61.67 -15.64
CA GLN C 220 26.20 -61.73 -16.67
C GLN C 220 26.81 -63.11 -16.76
N LEU C 221 26.94 -63.82 -15.63
CA LEU C 221 27.50 -65.15 -15.70
C LEU C 221 26.47 -66.08 -16.26
N ASN C 222 25.23 -65.88 -15.92
CA ASN C 222 24.22 -66.81 -16.39
C ASN C 222 24.07 -66.66 -17.90
N ALA C 223 24.32 -65.43 -18.38
CA ALA C 223 24.29 -65.04 -19.77
C ALA C 223 25.58 -65.42 -20.49
N SER C 224 26.54 -65.91 -19.73
CA SER C 224 27.85 -66.32 -20.18
C SER C 224 28.03 -67.71 -19.58
N PRO C 225 27.22 -68.69 -20.04
CA PRO C 225 27.05 -70.00 -19.47
C PRO C 225 28.32 -70.83 -19.47
N ALA C 226 29.30 -70.51 -20.33
CA ALA C 226 30.51 -71.30 -20.34
C ALA C 226 31.20 -71.18 -19.00
N ILE C 227 31.07 -70.01 -18.38
CA ILE C 227 31.72 -69.78 -17.11
C ILE C 227 30.75 -70.10 -15.99
N ALA C 228 29.49 -69.70 -16.13
CA ALA C 228 28.54 -69.99 -15.05
C ALA C 228 28.47 -71.50 -14.79
N GLY C 229 28.61 -72.28 -15.85
CA GLY C 229 28.50 -73.72 -15.81
C GLY C 229 29.69 -74.40 -15.16
N LEU C 230 30.70 -73.63 -14.75
CA LEU C 230 31.87 -74.19 -14.12
C LEU C 230 31.66 -74.29 -12.62
N MET C 231 30.52 -73.78 -12.16
CA MET C 231 30.18 -73.75 -10.76
C MET C 231 28.85 -74.44 -10.49
N HIS C 232 28.70 -75.01 -9.31
CA HIS C 232 27.42 -75.56 -8.97
C HIS C 232 26.46 -74.41 -8.91
N GLN C 233 25.22 -74.63 -9.27
CA GLN C 233 24.27 -73.55 -9.24
C GLN C 233 24.23 -72.96 -7.83
N ALA C 234 24.46 -73.80 -6.80
CA ALA C 234 24.47 -73.32 -5.43
C ALA C 234 25.51 -72.23 -5.23
N SER C 235 26.62 -72.28 -5.96
CA SER C 235 27.66 -71.29 -5.78
C SER C 235 27.06 -69.96 -6.09
N LEU C 236 26.25 -69.95 -7.13
CA LEU C 236 25.65 -68.72 -7.56
C LEU C 236 24.44 -68.36 -6.68
N LEU C 237 23.68 -69.36 -6.25
CA LEU C 237 22.47 -69.10 -5.48
C LEU C 237 22.80 -68.59 -4.09
N GLY C 238 23.95 -69.03 -3.57
CA GLY C 238 24.46 -68.69 -2.25
C GLY C 238 24.99 -67.27 -2.21
N ILE C 239 25.01 -66.62 -3.36
CA ILE C 239 25.45 -65.26 -3.48
C ILE C 239 24.23 -64.37 -3.50
N ASN C 240 23.22 -64.78 -4.26
CA ASN C 240 22.01 -63.98 -4.30
C ASN C 240 21.24 -64.02 -2.97
N ALA C 241 21.42 -65.11 -2.21
CA ALA C 241 20.85 -65.22 -0.86
C ALA C 241 22.00 -65.06 0.10
N SER C 242 21.77 -64.59 1.31
CA SER C 242 22.93 -64.36 2.17
C SER C 242 23.42 -65.61 2.91
N ILE C 243 23.90 -66.60 2.17
CA ILE C 243 24.36 -67.82 2.81
C ILE C 243 25.87 -67.94 2.85
N SER C 244 26.44 -67.65 3.99
CA SER C 244 27.88 -67.75 4.13
C SER C 244 28.14 -69.22 4.08
N PRO C 245 29.33 -69.70 3.75
CA PRO C 245 29.60 -71.10 3.71
C PRO C 245 29.42 -71.79 5.04
N GLU C 246 29.61 -71.08 6.14
CA GLU C 246 29.39 -71.76 7.37
C GLU C 246 27.91 -71.90 7.60
N LEU C 247 27.13 -70.87 7.27
CA LEU C 247 25.71 -71.01 7.48
C LEU C 247 25.19 -72.17 6.68
N PHE C 248 25.75 -72.36 5.50
CA PHE C 248 25.33 -73.47 4.68
C PHE C 248 25.57 -74.73 5.50
N ASN C 249 26.76 -74.89 6.05
CA ASN C 249 27.07 -76.11 6.79
C ASN C 249 26.17 -76.30 8.00
N ILE C 250 25.83 -75.19 8.64
CA ILE C 250 24.98 -75.25 9.80
C ILE C 250 23.60 -75.69 9.45
N LEU C 251 23.04 -75.15 8.39
CA LEU C 251 21.70 -75.52 7.98
C LEU C 251 21.66 -76.92 7.40
N THR C 252 22.74 -77.34 6.75
CA THR C 252 22.77 -78.66 6.13
C THR C 252 22.98 -79.79 7.11
N GLU C 253 23.52 -79.52 8.30
CA GLU C 253 23.68 -80.58 9.28
C GLU C 253 22.31 -80.92 9.86
N GLU C 254 21.93 -82.20 9.83
CA GLU C 254 20.62 -82.62 10.30
C GLU C 254 20.48 -82.69 11.81
N ILE C 255 19.30 -82.33 12.29
CA ILE C 255 19.06 -82.45 13.72
C ILE C 255 18.72 -83.87 14.06
N THR C 256 19.50 -84.45 14.94
CA THR C 256 19.23 -85.80 15.35
C THR C 256 18.53 -85.72 16.68
N GLU C 257 17.28 -86.12 16.77
CA GLU C 257 16.61 -85.91 18.05
C GLU C 257 17.33 -86.62 19.18
N GLY C 258 17.84 -87.79 18.86
CA GLY C 258 18.55 -88.64 19.81
C GLY C 258 19.90 -88.05 20.23
N ASN C 259 20.37 -87.06 19.49
CA ASN C 259 21.61 -86.39 19.76
C ASN C 259 21.44 -84.87 19.67
N ALA C 260 20.23 -84.37 19.91
CA ALA C 260 19.99 -82.93 19.83
C ALA C 260 20.89 -82.21 20.79
N GLU C 261 21.17 -82.82 21.94
CA GLU C 261 22.04 -82.18 22.90
C GLU C 261 23.44 -81.99 22.31
N GLU C 262 23.89 -82.94 21.50
CA GLU C 262 25.23 -82.85 20.93
C GLU C 262 25.29 -81.76 19.90
N LEU C 263 24.18 -81.56 19.20
CA LEU C 263 24.17 -80.54 18.17
C LEU C 263 24.09 -79.20 18.88
N TYR C 264 23.37 -79.20 19.99
CA TYR C 264 23.15 -78.02 20.79
C TYR C 264 24.48 -77.49 21.23
N LYS C 265 25.35 -78.36 21.72
CA LYS C 265 26.65 -77.95 22.23
C LYS C 265 27.60 -77.38 21.17
N LYS C 266 27.24 -77.48 19.90
CA LYS C 266 28.06 -76.90 18.86
C LYS C 266 27.51 -75.53 18.54
N ASN C 267 26.18 -75.44 18.49
CA ASN C 267 25.51 -74.17 18.18
C ASN C 267 25.45 -73.24 19.39
N PHE C 268 25.57 -73.80 20.57
CA PHE C 268 25.51 -73.01 21.77
C PHE C 268 26.70 -73.39 22.61
N GLY C 269 27.21 -72.43 23.36
CA GLY C 269 28.34 -72.67 24.23
C GLY C 269 27.80 -73.02 25.58
N ASN C 270 28.28 -72.37 26.62
CA ASN C 270 27.86 -72.72 27.96
C ASN C 270 26.55 -72.04 28.32
N ILE C 271 25.53 -72.40 27.55
CA ILE C 271 24.21 -71.86 27.71
C ILE C 271 23.27 -72.91 28.19
N GLU C 272 22.67 -72.66 29.31
CA GLU C 272 21.70 -73.59 29.82
C GLU C 272 20.47 -73.36 28.98
N PRO C 273 19.96 -74.37 28.24
CA PRO C 273 18.87 -74.22 27.29
C PRO C 273 17.61 -73.68 27.94
N ALA C 274 17.45 -73.86 29.23
CA ALA C 274 16.29 -73.32 29.89
C ALA C 274 16.21 -71.80 29.72
N SER C 275 17.36 -71.11 29.61
CA SER C 275 17.36 -69.66 29.50
C SER C 275 16.82 -69.21 28.15
N LEU C 276 16.79 -70.12 27.18
CA LEU C 276 16.34 -69.82 25.83
C LEU C 276 14.83 -69.84 25.81
N ALA C 277 14.21 -70.26 26.89
CA ALA C 277 12.77 -70.24 26.94
C ALA C 277 12.25 -68.82 27.11
N MET C 278 13.09 -67.89 27.58
CA MET C 278 12.63 -66.53 27.84
C MET C 278 12.62 -65.70 26.57
N PRO C 279 11.48 -65.18 26.10
CA PRO C 279 11.37 -64.41 24.88
C PRO C 279 12.40 -63.29 24.81
N GLU C 280 12.69 -62.68 25.96
CA GLU C 280 13.63 -61.60 26.03
C GLU C 280 15.05 -62.08 25.74
N TYR C 281 15.36 -63.26 26.24
CA TYR C 281 16.69 -63.81 26.12
C TYR C 281 16.91 -64.09 24.66
N LEU C 282 15.87 -64.62 24.05
CA LEU C 282 15.97 -64.99 22.67
C LEU C 282 16.07 -63.77 21.79
N LYS C 283 15.27 -62.74 22.02
CA LYS C 283 15.43 -61.64 21.11
C LYS C 283 16.79 -60.99 21.22
N ARG C 284 17.42 -61.06 22.39
CA ARG C 284 18.74 -60.47 22.52
C ARG C 284 19.77 -61.32 21.80
N TYR C 285 19.54 -62.63 21.79
CA TYR C 285 20.44 -63.57 21.16
C TYR C 285 20.36 -63.41 19.63
N TYR C 286 19.12 -63.28 19.13
CA TYR C 286 18.89 -63.23 17.69
C TYR C 286 18.54 -61.85 17.11
N ASN C 287 18.47 -60.79 17.92
CA ASN C 287 18.19 -59.44 17.44
C ASN C 287 16.87 -59.34 16.70
N LEU C 288 15.89 -60.00 17.27
CA LEU C 288 14.52 -60.06 16.73
C LEU C 288 13.51 -59.18 17.43
N SER C 289 12.47 -58.79 16.73
CA SER C 289 11.36 -58.07 17.35
C SER C 289 10.52 -59.10 18.10
N ASP C 290 9.74 -58.67 19.08
CA ASP C 290 8.92 -59.61 19.86
C ASP C 290 7.95 -60.34 18.95
N GLU C 291 7.46 -59.61 17.97
CA GLU C 291 6.51 -60.15 17.02
C GLU C 291 7.16 -61.21 16.14
N GLU C 292 8.48 -61.18 16.00
CA GLU C 292 9.03 -62.22 15.18
C GLU C 292 9.03 -63.48 16.00
N LEU C 293 9.31 -63.36 17.29
CA LEU C 293 9.31 -64.56 18.12
C LEU C 293 7.91 -65.16 18.16
N SER C 294 6.88 -64.30 18.12
CA SER C 294 5.51 -64.78 18.10
C SER C 294 5.16 -65.38 16.73
N GLN C 295 5.87 -65.01 15.66
CA GLN C 295 5.63 -65.65 14.37
C GLN C 295 6.32 -67.00 14.36
N PHE C 296 7.41 -67.10 15.13
CA PHE C 296 8.17 -68.34 15.24
C PHE C 296 7.54 -69.29 16.22
N ILE C 297 6.39 -69.80 15.83
CA ILE C 297 5.52 -70.70 16.56
C ILE C 297 5.23 -71.89 15.68
N GLY C 298 4.62 -72.95 16.22
CA GLY C 298 4.46 -74.10 15.34
C GLY C 298 5.82 -74.80 15.30
N LYS C 299 6.50 -74.75 16.45
CA LYS C 299 7.84 -75.29 16.72
C LYS C 299 7.83 -76.82 16.76
N ALA C 300 6.67 -77.37 16.80
CA ALA C 300 6.42 -78.78 16.80
C ALA C 300 6.49 -79.19 15.35
N SER C 301 6.42 -80.48 15.06
CA SER C 301 6.45 -80.91 13.67
C SER C 301 5.24 -80.45 12.86
N ASN C 302 4.21 -79.98 13.54
CA ASN C 302 2.99 -79.49 12.93
C ASN C 302 2.26 -78.55 13.91
N PHE C 303 1.14 -78.02 13.46
CA PHE C 303 0.21 -77.26 14.28
C PHE C 303 -1.08 -78.06 14.16
N GLY C 304 -1.02 -78.95 13.19
CA GLY C 304 -2.04 -79.91 12.77
C GLY C 304 -1.60 -81.30 13.25
N GLN C 305 -1.50 -82.27 12.35
CA GLN C 305 -1.07 -83.57 12.86
C GLN C 305 0.42 -83.60 13.03
N GLN C 306 0.80 -83.49 14.27
CA GLN C 306 2.20 -83.49 14.66
C GLN C 306 2.70 -84.92 14.54
N GLU C 307 3.93 -85.07 14.10
CA GLU C 307 4.55 -86.37 13.93
C GLU C 307 4.95 -87.00 15.24
N TYR C 308 4.84 -88.30 15.29
CA TYR C 308 5.19 -89.04 16.49
C TYR C 308 5.76 -90.36 16.03
N SER C 309 6.46 -91.06 16.91
CA SER C 309 6.98 -92.37 16.58
C SER C 309 7.03 -93.24 17.80
N ASN C 310 6.82 -94.54 17.63
CA ASN C 310 6.85 -95.50 18.74
C ASN C 310 5.86 -95.09 19.83
N ASN C 311 4.72 -94.58 19.39
CA ASN C 311 3.66 -94.08 20.24
C ASN C 311 4.13 -92.89 21.12
N GLN C 312 5.07 -92.07 20.63
CA GLN C 312 5.48 -90.90 21.41
C GLN C 312 5.56 -89.63 20.58
N LEU C 313 4.91 -88.60 21.10
CA LEU C 313 4.88 -87.28 20.48
C LEU C 313 5.67 -86.24 21.25
N ILE C 314 6.59 -85.55 20.59
CA ILE C 314 7.34 -84.48 21.26
C ILE C 314 6.94 -83.18 20.63
N THR C 315 6.39 -82.30 21.43
CA THR C 315 5.85 -81.08 20.91
C THR C 315 5.86 -79.89 21.90
N PRO C 316 6.35 -78.71 21.52
CA PRO C 316 6.27 -77.53 22.34
C PRO C 316 4.88 -76.91 22.39
N VAL C 317 4.59 -76.28 23.51
CA VAL C 317 3.35 -75.54 23.72
C VAL C 317 3.71 -74.16 24.28
N VAL C 318 3.11 -73.12 23.72
CA VAL C 318 3.46 -71.78 24.15
C VAL C 318 2.29 -71.05 24.80
N ASN C 319 2.57 -70.40 25.93
CA ASN C 319 1.57 -69.64 26.65
C ASN C 319 1.27 -68.36 25.90
N SER C 320 0.06 -67.85 26.06
CA SER C 320 -0.35 -66.62 25.40
C SER C 320 -0.04 -65.37 26.20
N SER C 321 0.15 -65.53 27.51
CA SER C 321 0.38 -64.39 28.38
C SER C 321 1.73 -63.69 28.24
N ASP C 322 2.75 -64.33 27.67
CA ASP C 322 4.04 -63.71 27.50
C ASP C 322 4.74 -64.33 26.31
N GLY C 323 4.34 -65.53 26.01
CA GLY C 323 4.94 -66.32 24.94
C GLY C 323 5.99 -67.34 25.40
N THR C 324 6.13 -67.60 26.70
CA THR C 324 7.12 -68.60 27.14
C THR C 324 6.66 -69.97 26.64
N VAL C 325 7.62 -70.72 26.09
CA VAL C 325 7.35 -72.04 25.53
C VAL C 325 8.12 -73.17 26.21
N LYS C 326 7.40 -74.27 26.45
CA LYS C 326 7.99 -75.47 27.05
C LYS C 326 7.78 -76.68 26.16
N VAL C 327 8.66 -77.67 26.27
CA VAL C 327 8.51 -78.90 25.49
C VAL C 327 7.79 -79.99 26.23
N TYR C 328 6.82 -80.59 25.57
CA TYR C 328 6.07 -81.66 26.17
C TYR C 328 6.23 -82.96 25.42
N ARG C 329 6.18 -84.07 26.14
CA ARG C 329 6.15 -85.34 25.44
C ARG C 329 4.95 -86.09 25.89
N ILE C 330 4.25 -86.63 24.92
CA ILE C 330 3.06 -87.38 25.16
C ILE C 330 3.25 -88.84 24.77
N THR C 331 3.01 -89.74 25.71
CA THR C 331 3.19 -91.16 25.42
C THR C 331 1.85 -91.85 25.34
N ARG C 332 1.62 -92.62 24.27
CA ARG C 332 0.37 -93.35 24.05
C ARG C 332 0.45 -94.84 24.43
N GLU C 333 -0.61 -95.34 25.08
CA GLU C 333 -0.73 -96.77 25.47
C GLU C 333 -2.12 -97.27 25.10
N TYR C 334 -2.28 -98.47 24.58
CA TYR C 334 -3.63 -98.87 24.20
C TYR C 334 -4.30 -99.58 25.37
N THR C 335 -5.60 -99.36 25.57
CA THR C 335 -6.32 -100.02 26.64
C THR C 335 -7.35 -100.99 26.08
N THR C 336 -7.29 -101.07 24.77
CA THR C 336 -8.15 -101.86 23.93
C THR C 336 -7.35 -102.63 22.93
N ASN C 337 -8.05 -103.24 22.01
CA ASN C 337 -7.37 -103.95 20.97
C ASN C 337 -6.88 -102.89 19.99
N ALA C 338 -5.57 -102.78 19.87
CA ALA C 338 -4.88 -101.74 19.11
C ALA C 338 -5.25 -101.71 17.64
N TYR C 339 -5.89 -102.77 17.14
CA TYR C 339 -6.25 -102.86 15.74
C TYR C 339 -7.71 -102.48 15.49
N GLN C 340 -8.37 -101.96 16.54
CA GLN C 340 -9.75 -101.48 16.45
C GLN C 340 -9.84 -99.97 16.30
N MET C 341 -8.78 -99.28 16.73
CA MET C 341 -8.75 -97.83 16.83
C MET C 341 -7.36 -97.18 16.61
N ASP C 342 -7.38 -95.92 16.14
CA ASP C 342 -6.17 -95.09 15.99
C ASP C 342 -6.39 -93.68 16.62
N VAL C 343 -5.68 -93.37 17.72
CA VAL C 343 -5.89 -92.09 18.41
C VAL C 343 -4.60 -91.37 18.80
N GLU C 344 -4.59 -90.05 18.72
CA GLU C 344 -3.43 -89.29 19.21
C GLU C 344 -3.90 -87.97 19.81
N LEU C 345 -3.22 -87.58 20.89
CA LEU C 345 -3.52 -86.40 21.68
C LEU C 345 -2.56 -85.23 21.40
N PHE C 346 -3.07 -84.09 20.91
CA PHE C 346 -2.20 -83.00 20.53
C PHE C 346 -2.41 -81.66 21.27
N PRO C 347 -1.65 -81.34 22.32
CA PRO C 347 -1.81 -80.11 23.06
C PRO C 347 -1.51 -78.98 22.13
N PHE C 348 -2.18 -77.86 22.25
CA PHE C 348 -1.86 -76.76 21.39
C PHE C 348 -2.10 -75.49 22.17
N GLY C 349 -2.91 -75.63 23.21
CA GLY C 349 -3.26 -74.48 24.04
C GLY C 349 -3.01 -74.77 25.50
N GLY C 350 -3.58 -73.96 26.39
CA GLY C 350 -3.36 -74.09 27.84
C GLY C 350 -4.05 -75.34 28.36
N GLU C 351 -3.35 -76.47 28.22
CA GLU C 351 -3.82 -77.83 28.53
C GLU C 351 -5.02 -78.13 27.66
N ASN C 352 -4.99 -77.51 26.52
CA ASN C 352 -6.04 -77.64 25.52
C ASN C 352 -5.54 -78.58 24.47
N TYR C 353 -6.13 -79.75 24.45
CA TYR C 353 -5.64 -80.77 23.55
C TYR C 353 -6.58 -81.04 22.44
N ARG C 354 -6.02 -81.06 21.25
CA ARG C 354 -6.79 -81.40 20.08
C ARG C 354 -6.66 -82.90 19.93
N LEU C 355 -7.77 -83.60 20.05
CA LEU C 355 -7.72 -85.02 20.03
C LEU C 355 -8.21 -85.58 18.70
N ASP C 356 -7.35 -86.37 18.06
CA ASP C 356 -7.73 -86.95 16.79
C ASP C 356 -8.12 -88.38 17.00
N TYR C 357 -9.32 -88.73 16.56
CA TYR C 357 -9.76 -90.10 16.77
C TYR C 357 -10.36 -90.72 15.54
N LYS C 358 -9.89 -91.89 15.16
CA LYS C 358 -10.49 -92.59 14.03
C LYS C 358 -10.65 -94.07 14.31
N PHE C 359 -11.58 -94.70 13.64
CA PHE C 359 -11.78 -96.12 13.82
C PHE C 359 -10.86 -96.90 12.89
N LYS C 360 -10.57 -98.15 13.25
CA LYS C 360 -9.88 -99.04 12.31
C LYS C 360 -10.92 -100.08 11.90
N ASN C 361 -11.79 -100.36 12.86
CA ASN C 361 -12.88 -101.33 12.74
C ASN C 361 -14.18 -100.57 12.86
N PHE C 362 -15.04 -100.65 11.86
CA PHE C 362 -16.24 -99.83 11.91
C PHE C 362 -17.40 -100.40 12.68
N TYR C 363 -17.94 -99.58 13.58
CA TYR C 363 -19.12 -99.90 14.33
C TYR C 363 -20.09 -98.76 14.11
N ASN C 364 -21.36 -99.05 13.87
CA ASN C 364 -22.27 -97.93 13.59
C ASN C 364 -22.81 -97.32 14.85
N ALA C 365 -21.92 -96.62 15.50
CA ALA C 365 -22.17 -95.95 16.74
C ALA C 365 -23.11 -94.77 16.54
N SER C 366 -24.03 -94.64 17.50
CA SER C 366 -24.95 -93.54 17.64
C SER C 366 -24.14 -92.31 17.98
N TYR C 367 -23.18 -92.55 18.87
CA TYR C 367 -22.26 -91.52 19.34
C TYR C 367 -20.95 -92.09 19.86
N LEU C 368 -19.94 -91.23 19.96
CA LEU C 368 -18.71 -91.65 20.63
C LEU C 368 -18.69 -90.90 21.95
N SER C 369 -18.39 -91.61 23.01
CA SER C 369 -18.32 -90.97 24.30
C SER C 369 -16.87 -90.72 24.66
N ILE C 370 -16.45 -89.43 24.73
CA ILE C 370 -15.05 -89.14 25.01
C ILE C 370 -14.96 -88.69 26.46
N LYS C 371 -14.38 -89.54 27.34
CA LYS C 371 -14.44 -89.23 28.78
C LYS C 371 -13.14 -89.41 29.57
N LEU C 372 -12.85 -88.53 30.52
CA LEU C 372 -11.61 -88.76 31.22
C LEU C 372 -11.76 -89.74 32.37
N ASN C 373 -11.02 -90.85 32.22
CA ASN C 373 -11.01 -92.01 33.07
C ASN C 373 -12.42 -92.56 33.14
N ASP C 374 -13.14 -92.42 32.03
CA ASP C 374 -14.52 -92.86 31.88
C ASP C 374 -15.51 -92.08 32.76
N LYS C 375 -15.09 -90.99 33.39
CA LYS C 375 -15.99 -90.24 34.26
C LYS C 375 -16.33 -88.83 33.80
N ARG C 376 -15.35 -88.02 33.44
CA ARG C 376 -15.70 -86.66 33.05
C ARG C 376 -15.85 -86.57 31.56
N GLU C 377 -17.07 -86.37 31.09
CA GLU C 377 -17.17 -86.35 29.65
C GLU C 377 -16.52 -85.08 29.20
N LEU C 378 -15.68 -85.23 28.21
CA LEU C 378 -14.95 -84.13 27.66
C LEU C 378 -15.69 -83.63 26.43
N VAL C 379 -15.98 -84.58 25.54
CA VAL C 379 -16.65 -84.34 24.26
C VAL C 379 -17.73 -85.35 23.88
N ARG C 380 -18.88 -84.85 23.46
CA ARG C 380 -19.88 -85.78 22.92
C ARG C 380 -19.80 -85.77 21.42
N THR C 381 -19.58 -86.93 20.82
CA THR C 381 -19.48 -86.97 19.37
C THR C 381 -20.77 -87.50 18.82
N GLU C 382 -21.48 -86.74 18.02
CA GLU C 382 -22.70 -87.32 17.50
C GLU C 382 -22.36 -88.16 16.28
N GLY C 383 -22.79 -89.42 16.29
CA GLY C 383 -22.52 -90.35 15.21
C GLY C 383 -21.18 -91.05 15.40
N ALA C 384 -20.95 -92.07 14.61
CA ALA C 384 -19.70 -92.80 14.64
C ALA C 384 -18.57 -92.03 13.94
N PRO C 385 -17.36 -92.10 14.47
CA PRO C 385 -16.17 -91.70 13.72
C PRO C 385 -16.09 -92.72 12.61
N GLN C 386 -15.58 -92.36 11.47
CA GLN C 386 -15.53 -93.36 10.42
C GLN C 386 -14.18 -94.06 10.37
N VAL C 387 -14.14 -95.22 9.74
CA VAL C 387 -12.87 -95.90 9.62
C VAL C 387 -11.93 -95.16 8.73
N ASN C 388 -10.75 -94.97 9.28
CA ASN C 388 -9.63 -94.25 8.71
C ASN C 388 -9.90 -92.76 8.47
N ILE C 389 -10.89 -92.18 9.15
CA ILE C 389 -11.16 -90.75 9.08
C ILE C 389 -11.17 -90.14 10.47
N GLU C 390 -10.34 -89.14 10.72
CA GLU C 390 -10.34 -88.54 12.04
C GLU C 390 -11.52 -87.65 12.37
N TYR C 391 -12.03 -87.86 13.56
CA TYR C 391 -12.98 -87.01 14.21
C TYR C 391 -12.18 -86.01 15.02
N SER C 392 -12.50 -84.72 14.86
CA SER C 392 -11.79 -83.69 15.61
C SER C 392 -12.52 -83.33 16.91
N ALA C 393 -11.83 -83.52 18.03
CA ALA C 393 -12.35 -83.21 19.35
C ALA C 393 -11.40 -82.25 20.08
N ASN C 394 -11.92 -81.41 20.96
CA ASN C 394 -11.05 -80.53 21.74
C ASN C 394 -11.43 -80.66 23.20
N ILE C 395 -10.45 -81.06 23.99
CA ILE C 395 -10.66 -81.37 25.39
C ILE C 395 -9.72 -80.63 26.35
N THR C 396 -10.12 -80.50 27.61
CA THR C 396 -9.21 -79.92 28.59
C THR C 396 -8.79 -80.94 29.62
N LEU C 397 -7.48 -81.13 29.69
CA LEU C 397 -6.85 -82.06 30.62
C LEU C 397 -5.77 -81.32 31.42
N ASN C 398 -6.06 -80.93 32.63
CA ASN C 398 -5.14 -80.10 33.43
C ASN C 398 -4.07 -80.96 34.04
N THR C 399 -3.12 -80.40 34.79
CA THR C 399 -2.05 -81.26 35.33
C THR C 399 -2.65 -82.32 36.25
N ALA C 400 -3.76 -82.01 36.88
CA ALA C 400 -4.47 -82.96 37.71
C ALA C 400 -4.90 -84.18 36.90
N ASP C 401 -5.18 -83.95 35.61
CA ASP C 401 -5.64 -84.95 34.67
C ASP C 401 -4.51 -85.63 33.91
N ILE C 402 -3.38 -84.92 33.69
CA ILE C 402 -2.32 -85.49 32.83
C ILE C 402 -0.96 -85.82 33.46
N SER C 403 -0.75 -85.51 34.76
CA SER C 403 0.57 -85.78 35.37
C SER C 403 0.87 -87.27 35.52
N GLN C 404 -0.19 -88.07 35.63
CA GLN C 404 -0.08 -89.51 35.69
C GLN C 404 -0.68 -90.03 34.41
N PRO C 405 -0.37 -91.23 33.94
CA PRO C 405 -1.00 -91.83 32.79
C PRO C 405 -2.49 -91.84 33.06
N PHE C 406 -3.27 -91.51 32.05
CA PHE C 406 -4.71 -91.46 32.21
C PHE C 406 -5.41 -91.97 30.97
N GLU C 407 -6.63 -92.42 31.13
CA GLU C 407 -7.32 -92.99 29.99
C GLU C 407 -8.41 -92.10 29.46
N ILE C 408 -8.38 -91.85 28.15
CA ILE C 408 -9.50 -91.11 27.63
C ILE C 408 -10.43 -92.20 27.16
N GLY C 409 -11.61 -92.31 27.76
CA GLY C 409 -12.53 -93.34 27.41
C GLY C 409 -12.98 -92.96 26.03
N LEU C 410 -13.04 -93.92 25.16
CA LEU C 410 -13.47 -93.70 23.80
C LEU C 410 -14.44 -94.83 23.47
N THR C 411 -15.67 -94.67 23.95
CA THR C 411 -16.64 -95.75 23.81
C THR C 411 -17.50 -95.51 22.60
N ARG C 412 -17.55 -96.50 21.71
CA ARG C 412 -18.32 -96.41 20.50
C ARG C 412 -19.71 -96.95 20.82
N VAL C 413 -20.64 -96.04 21.08
CA VAL C 413 -21.95 -96.45 21.57
C VAL C 413 -22.94 -96.66 20.46
N LEU C 414 -23.52 -97.85 20.43
CA LEU C 414 -24.46 -98.27 19.42
C LEU C 414 -25.85 -97.80 19.82
N PRO C 415 -26.83 -97.78 18.91
CA PRO C 415 -28.22 -97.37 19.15
C PRO C 415 -28.98 -98.16 20.25
N SER C 416 -28.45 -99.30 20.64
CA SER C 416 -29.02 -100.18 21.66
C SER C 416 -28.24 -100.10 22.97
N GLY C 417 -28.23 -101.18 23.74
CA GLY C 417 -27.57 -101.22 25.06
C GLY C 417 -26.12 -101.70 25.00
N SER C 418 -25.61 -101.91 23.79
CA SER C 418 -24.27 -102.42 23.55
C SER C 418 -23.34 -101.36 23.00
N TRP C 419 -22.05 -101.63 23.09
CA TRP C 419 -21.02 -100.75 22.58
C TRP C 419 -19.71 -101.46 22.33
N ALA C 420 -18.85 -100.81 21.55
CA ALA C 420 -17.50 -101.29 21.27
C ALA C 420 -16.47 -100.37 21.93
N TYR C 421 -15.72 -100.87 22.90
CA TYR C 421 -14.79 -100.00 23.60
C TYR C 421 -13.42 -99.90 22.92
N ALA C 422 -12.98 -98.68 22.63
CA ALA C 422 -11.70 -98.54 21.97
C ALA C 422 -10.96 -97.27 22.36
N ALA C 423 -10.21 -97.36 23.48
CA ALA C 423 -9.50 -96.25 24.11
C ALA C 423 -7.99 -96.46 24.25
N ALA C 424 -7.30 -95.37 24.58
CA ALA C 424 -5.87 -95.38 24.86
C ALA C 424 -5.53 -94.36 25.93
N LYS C 425 -4.51 -94.68 26.69
CA LYS C 425 -4.01 -93.76 27.68
C LYS C 425 -3.00 -92.85 27.11
N PHE C 426 -2.88 -91.70 27.72
CA PHE C 426 -1.80 -90.82 27.39
C PHE C 426 -1.10 -90.39 28.67
N THR C 427 0.17 -90.06 28.57
CA THR C 427 0.89 -89.50 29.71
C THR C 427 1.49 -88.21 29.22
N VAL C 428 1.40 -87.09 29.97
CA VAL C 428 2.03 -85.87 29.44
C VAL C 428 3.08 -85.32 30.42
N GLU C 429 4.29 -85.08 29.92
CA GLU C 429 5.40 -84.60 30.75
C GLU C 429 6.17 -83.42 30.14
N GLU C 430 6.55 -82.44 30.99
CA GLU C 430 7.41 -81.33 30.54
C GLU C 430 8.90 -81.76 30.51
N TYR C 431 9.58 -81.46 29.41
CA TYR C 431 10.98 -81.78 29.20
C TYR C 431 11.92 -80.64 28.83
N ASN C 432 12.53 -79.97 29.81
CA ASN C 432 13.41 -78.86 29.46
C ASN C 432 14.61 -79.40 28.72
N GLN C 433 14.93 -80.64 29.04
CA GLN C 433 16.03 -81.41 28.48
C GLN C 433 15.83 -81.79 27.03
N TYR C 434 14.65 -81.48 26.46
CA TYR C 434 14.41 -81.70 25.07
C TYR C 434 14.36 -80.38 24.31
N SER C 435 14.34 -79.25 25.03
CA SER C 435 14.14 -77.98 24.40
C SER C 435 15.37 -77.42 23.77
N PHE C 436 15.88 -78.12 22.78
CA PHE C 436 17.07 -77.63 22.16
C PHE C 436 16.62 -76.68 21.10
N LEU C 437 15.46 -76.97 20.51
CA LEU C 437 14.84 -76.13 19.50
C LEU C 437 15.84 -75.67 18.48
N LEU C 438 16.66 -76.60 18.03
CA LEU C 438 17.70 -76.31 17.07
C LEU C 438 17.07 -75.95 15.78
N LYS C 439 15.83 -76.39 15.62
CA LYS C 439 15.03 -76.09 14.46
C LYS C 439 14.73 -74.60 14.42
N LEU C 440 14.63 -73.94 15.58
CA LEU C 440 14.35 -72.52 15.65
C LEU C 440 15.62 -71.82 15.29
N ASN C 441 16.69 -72.38 15.81
CA ASN C 441 17.99 -71.79 15.59
C ASN C 441 18.20 -71.72 14.08
N LYS C 442 17.91 -72.84 13.39
CA LYS C 442 18.05 -72.85 11.96
C LYS C 442 17.00 -71.96 11.31
N ALA C 443 15.75 -72.02 11.76
CA ALA C 443 14.73 -71.24 11.09
C ALA C 443 15.02 -69.76 11.11
N ILE C 444 15.55 -69.26 12.21
CA ILE C 444 15.88 -67.86 12.34
C ILE C 444 17.06 -67.48 11.52
N ARG C 445 18.11 -68.28 11.55
CA ARG C 445 19.29 -67.93 10.81
C ARG C 445 18.97 -67.89 9.33
N LEU C 446 18.13 -68.82 8.91
CA LEU C 446 17.77 -68.89 7.54
C LEU C 446 16.83 -67.78 7.13
N SER C 447 15.81 -67.49 7.94
CA SER C 447 14.86 -66.47 7.53
C SER C 447 15.56 -65.13 7.40
N ARG C 448 16.62 -64.91 8.19
CA ARG C 448 17.32 -63.67 8.05
C ARG C 448 18.08 -63.65 6.75
N ALA C 449 18.72 -64.77 6.41
CA ALA C 449 19.49 -64.89 5.17
C ALA C 449 18.63 -64.82 3.91
N THR C 450 17.38 -65.27 4.02
CA THR C 450 16.47 -65.26 2.90
C THR C 450 15.58 -64.03 2.86
N GLU C 451 15.50 -63.30 3.97
CA GLU C 451 14.65 -62.12 4.12
C GLU C 451 13.19 -62.49 3.88
N LEU C 452 12.81 -63.63 4.42
CA LEU C 452 11.43 -64.10 4.35
C LEU C 452 10.82 -64.16 5.72
N SER C 453 9.51 -63.96 5.82
CA SER C 453 8.88 -64.15 7.10
C SER C 453 8.98 -65.64 7.31
N PRO C 454 8.92 -66.15 8.54
CA PRO C 454 8.95 -67.56 8.81
C PRO C 454 7.75 -68.30 8.30
N THR C 455 6.62 -67.61 8.09
CA THR C 455 5.46 -68.31 7.58
C THR C 455 5.63 -68.57 6.10
N ILE C 456 6.29 -67.63 5.41
CA ILE C 456 6.60 -67.79 4.01
C ILE C 456 7.66 -68.85 3.86
N LEU C 457 8.67 -68.81 4.74
CA LEU C 457 9.73 -69.78 4.68
C LEU C 457 9.19 -71.20 4.97
N GLU C 458 8.32 -71.34 5.98
CA GLU C 458 7.71 -72.63 6.29
C GLU C 458 6.81 -73.05 5.15
N GLY C 459 6.23 -72.06 4.49
CA GLY C 459 5.38 -72.27 3.34
C GLY C 459 6.18 -72.90 2.21
N ILE C 460 7.51 -72.83 2.24
CA ILE C 460 8.28 -73.41 1.18
C ILE C 460 8.49 -74.83 1.57
N VAL C 461 9.04 -75.07 2.75
CA VAL C 461 9.37 -76.46 3.06
C VAL C 461 8.13 -77.34 3.03
N ARG C 462 6.97 -76.80 3.40
CA ARG C 462 5.71 -77.53 3.41
C ARG C 462 5.13 -77.76 2.03
N SER C 463 5.61 -77.01 1.04
CA SER C 463 5.14 -77.10 -0.32
C SER C 463 6.11 -77.92 -1.18
N VAL C 464 7.36 -78.04 -0.77
CA VAL C 464 8.33 -78.77 -1.58
C VAL C 464 8.81 -80.07 -0.95
N ASN C 465 8.59 -80.21 0.35
CA ASN C 465 9.08 -81.35 1.11
C ASN C 465 8.27 -81.52 2.39
N LEU C 466 8.65 -82.50 3.18
CA LEU C 466 8.08 -82.71 4.50
C LEU C 466 8.51 -81.54 5.36
N GLN C 467 7.63 -81.02 6.20
CA GLN C 467 8.04 -79.92 7.04
C GLN C 467 8.99 -80.37 8.14
N LEU C 468 9.47 -79.45 8.96
CA LEU C 468 10.44 -79.73 10.00
C LEU C 468 11.62 -80.47 9.40
N ASP C 469 12.04 -80.04 8.23
CA ASP C 469 13.17 -80.70 7.62
C ASP C 469 14.05 -79.67 6.92
N ILE C 470 15.12 -79.25 7.57
CA ILE C 470 15.99 -78.27 6.96
C ILE C 470 17.26 -79.02 6.62
N ASN C 471 17.55 -79.07 5.34
CA ASN C 471 18.68 -79.83 4.84
C ASN C 471 19.15 -79.19 3.54
N THR C 472 20.13 -79.81 2.90
CA THR C 472 20.68 -79.29 1.67
C THR C 472 19.65 -79.20 0.54
N ASP C 473 18.79 -80.21 0.43
CA ASP C 473 17.84 -80.26 -0.69
C ASP C 473 16.83 -79.15 -0.54
N VAL C 474 16.52 -78.88 0.71
CA VAL C 474 15.59 -77.83 1.05
C VAL C 474 16.23 -76.50 0.72
N LEU C 475 17.51 -76.32 1.03
CA LEU C 475 18.12 -75.05 0.70
C LEU C 475 18.03 -74.88 -0.80
N GLY C 476 18.15 -75.98 -1.52
CA GLY C 476 18.04 -75.93 -2.96
C GLY C 476 16.69 -75.31 -3.33
N LYS C 477 15.61 -75.84 -2.77
CA LYS C 477 14.29 -75.34 -3.08
C LYS C 477 14.06 -73.91 -2.60
N VAL C 478 14.64 -73.56 -1.48
CA VAL C 478 14.49 -72.23 -0.92
C VAL C 478 15.25 -71.23 -1.77
N PHE C 479 16.46 -71.60 -2.19
CA PHE C 479 17.25 -70.72 -3.02
C PHE C 479 16.54 -70.47 -4.30
N LEU C 480 15.89 -71.49 -4.84
CA LEU C 480 15.18 -71.36 -6.09
C LEU C 480 13.90 -70.58 -5.91
N THR C 481 13.24 -70.75 -4.78
CA THR C 481 12.01 -70.02 -4.58
C THR C 481 12.36 -68.55 -4.57
N LYS C 482 13.45 -68.21 -3.86
CA LYS C 482 13.90 -66.85 -3.78
C LYS C 482 14.42 -66.40 -5.13
N TYR C 483 15.22 -67.23 -5.80
CA TYR C 483 15.76 -66.88 -7.10
C TYR C 483 14.71 -66.50 -8.07
N TYR C 484 13.64 -67.28 -8.17
CA TYR C 484 12.66 -66.91 -9.16
C TYR C 484 11.98 -65.63 -8.72
N MET C 485 11.80 -65.42 -7.43
CA MET C 485 11.23 -64.16 -6.94
C MET C 485 12.13 -62.99 -7.35
N GLN C 486 13.43 -63.18 -7.26
CA GLN C 486 14.38 -62.14 -7.61
C GLN C 486 14.49 -61.93 -9.13
N ARG C 487 14.37 -63.04 -9.86
CA ARG C 487 14.51 -63.09 -11.30
C ARG C 487 13.29 -62.54 -12.05
N TYR C 488 12.10 -62.82 -11.53
CA TYR C 488 10.88 -62.41 -12.17
C TYR C 488 10.10 -61.56 -11.19
N ALA C 489 9.25 -60.66 -11.66
CA ALA C 489 8.49 -59.86 -10.70
C ALA C 489 7.29 -60.62 -10.14
N ILE C 490 7.60 -61.61 -9.32
CA ILE C 490 6.61 -62.51 -8.75
C ILE C 490 6.78 -62.65 -7.24
N HIS C 491 5.75 -63.13 -6.56
CA HIS C 491 5.80 -63.45 -5.13
C HIS C 491 6.57 -64.75 -4.92
N ALA C 492 7.26 -64.92 -3.80
CA ALA C 492 7.95 -66.20 -3.53
C ALA C 492 6.96 -67.39 -3.59
N GLU C 493 5.73 -67.19 -3.18
CA GLU C 493 4.78 -68.29 -3.22
C GLU C 493 4.46 -68.69 -4.68
N THR C 494 4.69 -67.78 -5.63
CA THR C 494 4.50 -68.02 -7.04
C THR C 494 5.68 -68.85 -7.54
N ALA C 495 6.87 -68.50 -7.04
CA ALA C 495 8.13 -69.18 -7.36
C ALA C 495 8.00 -70.66 -7.00
N LEU C 496 7.22 -70.94 -5.98
CA LEU C 496 7.04 -72.33 -5.60
C LEU C 496 6.51 -73.16 -6.76
N ILE C 497 5.67 -72.60 -7.62
CA ILE C 497 5.14 -73.35 -8.74
C ILE C 497 6.31 -73.63 -9.68
N LEU C 498 7.16 -72.62 -9.85
CA LEU C 498 8.35 -72.74 -10.70
C LEU C 498 9.39 -73.71 -10.10
N CYS C 499 9.29 -73.94 -8.79
CA CYS C 499 10.13 -74.91 -8.09
C CYS C 499 9.51 -76.31 -8.15
N ASN C 500 8.43 -76.45 -8.93
CA ASN C 500 7.67 -77.67 -9.17
C ASN C 500 6.84 -78.12 -7.97
N ALA C 501 6.42 -77.16 -7.13
CA ALA C 501 5.50 -77.44 -6.04
C ALA C 501 4.11 -77.36 -6.60
N PRO C 502 3.12 -77.98 -5.98
CA PRO C 502 1.73 -77.82 -6.29
C PRO C 502 1.30 -76.46 -5.79
N ILE C 503 0.16 -76.00 -6.23
CA ILE C 503 -0.41 -74.78 -5.70
C ILE C 503 -0.75 -75.16 -4.28
N SER C 504 -0.45 -74.32 -3.31
CA SER C 504 -0.72 -74.72 -1.95
C SER C 504 -2.15 -74.49 -1.48
N GLN C 505 -2.76 -75.58 -1.01
CA GLN C 505 -4.12 -75.61 -0.45
C GLN C 505 -4.13 -75.24 1.02
N ARG C 506 -2.96 -74.96 1.57
CA ARG C 506 -2.94 -74.65 2.98
C ARG C 506 -3.29 -73.20 3.27
N SER C 507 -4.21 -73.01 4.17
CA SER C 507 -4.55 -71.67 4.61
C SER C 507 -3.76 -71.35 5.86
N TYR C 508 -3.10 -70.20 5.85
CA TYR C 508 -2.31 -69.75 7.00
C TYR C 508 -2.23 -68.22 7.05
N ASP C 509 -1.83 -67.67 8.18
CA ASP C 509 -1.69 -66.22 8.42
C ASP C 509 -2.95 -65.43 8.12
N ASN C 510 -4.11 -66.01 8.45
CA ASN C 510 -5.42 -65.42 8.27
C ASN C 510 -5.72 -65.08 6.81
N GLN C 511 -5.06 -65.79 5.92
CA GLN C 511 -5.20 -65.67 4.49
C GLN C 511 -5.80 -66.89 3.81
N PRO C 512 -6.36 -66.74 2.61
CA PRO C 512 -6.82 -67.80 1.76
C PRO C 512 -5.61 -68.56 1.24
N SER C 513 -5.80 -69.82 0.91
CA SER C 513 -4.74 -70.63 0.36
C SER C 513 -4.54 -70.15 -1.06
N GLN C 514 -3.50 -70.59 -1.75
CA GLN C 514 -3.34 -70.14 -3.12
C GLN C 514 -4.49 -70.64 -3.96
N PHE C 515 -4.97 -71.83 -3.63
CA PHE C 515 -6.07 -72.39 -4.41
C PHE C 515 -7.35 -71.62 -4.10
N ASP C 516 -7.45 -71.04 -2.91
CA ASP C 516 -8.66 -70.29 -2.63
C ASP C 516 -8.63 -68.98 -3.37
N ARG C 517 -7.47 -68.34 -3.47
CA ARG C 517 -7.43 -67.06 -4.16
C ARG C 517 -7.77 -67.23 -5.64
N LEU C 518 -7.36 -68.36 -6.19
CA LEU C 518 -7.58 -68.66 -7.58
C LEU C 518 -8.92 -69.31 -7.96
N PHE C 519 -9.32 -70.35 -7.23
CA PHE C 519 -10.45 -71.16 -7.62
C PHE C 519 -11.68 -71.12 -6.74
N ASN C 520 -11.62 -70.43 -5.62
CA ASN C 520 -12.81 -70.36 -4.79
C ASN C 520 -13.27 -68.93 -4.69
N THR C 521 -12.34 -68.03 -4.46
CA THR C 521 -12.69 -66.64 -4.27
C THR C 521 -13.61 -66.08 -5.37
N PRO C 522 -13.32 -66.21 -6.69
CA PRO C 522 -14.18 -65.68 -7.75
C PRO C 522 -15.36 -66.60 -8.00
N LEU C 523 -16.22 -66.71 -7.00
CA LEU C 523 -17.33 -67.65 -6.97
C LEU C 523 -18.31 -67.50 -8.10
N LEU C 524 -18.71 -68.64 -8.66
CA LEU C 524 -19.65 -68.66 -9.77
C LEU C 524 -20.74 -69.63 -9.42
N ASN C 525 -21.57 -69.27 -8.46
CA ASN C 525 -22.61 -70.18 -7.98
C ASN C 525 -21.99 -71.54 -7.61
N GLY C 526 -20.82 -71.47 -6.98
CA GLY C 526 -20.08 -72.65 -6.58
C GLY C 526 -18.61 -72.32 -6.51
N GLN C 527 -17.84 -73.26 -5.96
CA GLN C 527 -16.40 -73.11 -5.84
C GLN C 527 -15.76 -74.45 -6.18
N TYR C 528 -14.54 -74.43 -6.67
CA TYR C 528 -13.85 -75.65 -7.03
C TYR C 528 -12.97 -76.13 -5.89
N PHE C 529 -13.30 -77.31 -5.33
CA PHE C 529 -12.56 -77.81 -4.17
C PHE C 529 -11.45 -78.70 -4.68
N SER C 530 -11.42 -78.83 -5.98
CA SER C 530 -10.43 -79.59 -6.69
C SER C 530 -10.25 -80.99 -6.08
N THR C 531 -11.38 -81.70 -5.84
CA THR C 531 -11.31 -83.02 -5.20
C THR C 531 -11.51 -84.18 -6.16
N GLY C 532 -11.62 -83.88 -7.44
CA GLY C 532 -11.85 -84.87 -8.48
C GLY C 532 -13.32 -84.99 -8.88
N ASP C 533 -14.20 -84.41 -8.09
CA ASP C 533 -15.64 -84.50 -8.30
C ASP C 533 -16.21 -83.45 -9.24
N GLU C 534 -15.61 -82.28 -9.27
CA GLU C 534 -16.17 -81.18 -10.03
C GLU C 534 -15.75 -81.31 -11.48
N GLU C 535 -16.47 -82.09 -12.25
CA GLU C 535 -16.02 -82.35 -13.61
C GLU C 535 -15.94 -81.14 -14.52
N ILE C 536 -14.77 -81.00 -15.14
CA ILE C 536 -14.44 -79.99 -16.12
C ILE C 536 -13.93 -80.60 -17.42
N ASP C 537 -14.53 -80.28 -18.56
CA ASP C 537 -13.99 -80.74 -19.83
C ASP C 537 -13.05 -79.64 -20.33
N LEU C 538 -11.76 -79.95 -20.40
CA LEU C 538 -10.75 -78.96 -20.74
C LEU C 538 -10.61 -78.72 -22.23
N ASN C 539 -11.33 -79.45 -23.06
CA ASN C 539 -11.14 -79.18 -24.48
C ASN C 539 -11.85 -77.87 -24.75
N SER C 540 -11.47 -77.21 -25.81
CA SER C 540 -12.07 -75.92 -26.10
C SER C 540 -13.51 -76.05 -26.54
N GLY C 541 -13.82 -77.15 -27.19
CA GLY C 541 -15.17 -77.36 -27.70
C GLY C 541 -16.07 -78.06 -26.69
N SER C 542 -16.09 -77.61 -25.45
CA SER C 542 -16.91 -78.34 -24.49
C SER C 542 -17.47 -77.53 -23.31
N THR C 543 -17.99 -78.26 -22.34
CA THR C 543 -18.67 -77.73 -21.16
C THR C 543 -18.26 -78.43 -19.85
N GLY C 544 -19.07 -78.24 -18.82
CA GLY C 544 -18.77 -78.81 -17.52
C GLY C 544 -19.54 -78.14 -16.40
N ASP C 545 -19.05 -78.33 -15.19
CA ASP C 545 -19.68 -77.75 -14.02
C ASP C 545 -19.35 -76.27 -14.01
N TRP C 546 -19.84 -75.52 -13.04
CA TRP C 546 -19.57 -74.07 -12.96
C TRP C 546 -18.11 -73.83 -12.79
N ARG C 547 -17.48 -74.84 -12.24
CA ARG C 547 -16.11 -74.88 -11.91
C ARG C 547 -15.26 -74.81 -13.18
N LYS C 548 -15.77 -75.27 -14.33
CA LYS C 548 -14.98 -75.13 -15.55
C LYS C 548 -14.61 -73.67 -15.73
N THR C 549 -15.55 -72.78 -15.43
CA THR C 549 -15.31 -71.37 -15.62
C THR C 549 -14.50 -70.83 -14.46
N ILE C 550 -14.70 -71.30 -13.23
CA ILE C 550 -13.93 -70.69 -12.14
C ILE C 550 -12.46 -71.01 -12.37
N LEU C 551 -12.20 -72.14 -13.04
CA LEU C 551 -10.86 -72.48 -13.44
C LEU C 551 -10.39 -71.39 -14.42
N LYS C 552 -11.20 -71.09 -15.44
CA LYS C 552 -10.79 -70.07 -16.41
C LYS C 552 -10.56 -68.73 -15.72
N ARG C 553 -11.35 -68.44 -14.68
CA ARG C 553 -11.19 -67.19 -13.97
C ARG C 553 -9.84 -67.17 -13.26
N ALA C 554 -9.47 -68.29 -12.62
CA ALA C 554 -8.21 -68.38 -11.90
C ALA C 554 -7.03 -68.13 -12.79
N PHE C 555 -7.18 -68.62 -13.99
CA PHE C 555 -6.20 -68.54 -15.03
C PHE C 555 -6.28 -67.33 -15.93
N ASN C 556 -7.30 -66.49 -15.83
CA ASN C 556 -7.45 -65.37 -16.75
C ASN C 556 -7.40 -65.84 -18.21
N ILE C 557 -8.06 -66.95 -18.52
CA ILE C 557 -8.08 -67.53 -19.88
C ILE C 557 -9.44 -67.85 -20.46
N ASP C 558 -9.45 -68.04 -21.77
CA ASP C 558 -10.62 -68.51 -22.49
C ASP C 558 -10.54 -70.05 -22.64
N ASP C 559 -11.50 -70.64 -23.37
CA ASP C 559 -11.59 -72.08 -23.50
C ASP C 559 -10.54 -72.63 -24.47
N VAL C 560 -10.15 -71.81 -25.42
CA VAL C 560 -9.17 -72.20 -26.41
C VAL C 560 -7.79 -72.28 -25.78
N SER C 561 -7.44 -71.26 -25.01
CA SER C 561 -6.16 -71.24 -24.33
C SER C 561 -6.11 -72.24 -23.17
N LEU C 562 -7.27 -72.67 -22.64
CA LEU C 562 -7.29 -73.71 -21.63
C LEU C 562 -6.86 -75.03 -22.24
N PHE C 563 -7.39 -75.31 -23.42
CA PHE C 563 -6.98 -76.53 -24.07
C PHE C 563 -5.50 -76.45 -24.39
N ARG C 564 -5.04 -75.32 -24.91
CA ARG C 564 -3.63 -75.21 -25.24
C ARG C 564 -2.77 -75.42 -23.98
N LEU C 565 -3.20 -74.96 -22.80
CA LEU C 565 -2.41 -75.26 -21.59
C LEU C 565 -2.35 -76.76 -21.36
N LEU C 566 -3.43 -77.46 -21.68
CA LEU C 566 -3.43 -78.89 -21.46
C LEU C 566 -2.41 -79.55 -22.35
N LYS C 567 -2.39 -79.21 -23.62
CA LYS C 567 -1.48 -79.88 -24.55
C LYS C 567 -0.02 -79.73 -24.13
N ILE C 568 0.34 -78.58 -23.57
CA ILE C 568 1.73 -78.42 -23.11
C ILE C 568 1.99 -79.18 -21.80
N THR C 569 0.94 -79.30 -20.97
CA THR C 569 0.97 -79.99 -19.68
C THR C 569 1.15 -81.48 -19.88
N ASP C 570 0.45 -81.96 -20.88
CA ASP C 570 0.37 -83.34 -21.29
C ASP C 570 0.27 -83.40 -22.80
N HIS C 571 1.32 -83.90 -23.44
CA HIS C 571 1.35 -83.86 -24.91
C HIS C 571 0.62 -85.01 -25.57
N ASP C 572 0.21 -86.00 -24.79
CA ASP C 572 -0.52 -87.13 -25.35
C ASP C 572 -2.00 -86.80 -25.19
N ASN C 573 -2.29 -86.04 -24.15
CA ASN C 573 -3.67 -85.68 -23.87
C ASN C 573 -4.08 -84.49 -24.70
N LYS C 574 -4.70 -84.80 -25.83
CA LYS C 574 -5.22 -83.83 -26.77
C LYS C 574 -6.74 -83.86 -26.66
N ASP C 575 -7.19 -84.54 -25.61
CA ASP C 575 -8.54 -84.74 -25.20
C ASP C 575 -8.85 -83.67 -24.19
N GLY C 576 -10.04 -83.65 -23.65
CA GLY C 576 -10.39 -82.67 -22.63
C GLY C 576 -10.30 -83.23 -21.22
N LYS C 577 -9.74 -84.42 -21.10
CA LYS C 577 -9.69 -85.11 -19.83
C LYS C 577 -8.81 -84.43 -18.80
N ILE C 578 -9.31 -84.42 -17.57
CA ILE C 578 -8.67 -83.89 -16.38
C ILE C 578 -9.12 -84.75 -15.21
N LYS C 579 -8.29 -84.89 -14.19
CA LYS C 579 -8.66 -85.68 -13.02
C LYS C 579 -9.50 -84.87 -12.04
N ASN C 580 -9.70 -83.59 -12.37
CA ASN C 580 -10.45 -82.57 -11.62
C ASN C 580 -9.94 -82.33 -10.22
N ASN C 581 -8.62 -82.43 -10.02
CA ASN C 581 -8.09 -82.26 -8.69
C ASN C 581 -7.03 -81.17 -8.56
N LEU C 582 -6.52 -81.05 -7.35
CA LEU C 582 -5.51 -80.06 -6.96
C LEU C 582 -4.21 -80.20 -7.76
N LYS C 583 -3.83 -81.44 -7.98
CA LYS C 583 -2.57 -81.72 -8.67
C LYS C 583 -2.60 -81.36 -10.13
N ASN C 584 -3.65 -81.78 -10.82
CA ASN C 584 -3.67 -81.55 -12.26
C ASN C 584 -3.94 -80.10 -12.56
N LEU C 585 -4.62 -79.46 -11.63
CA LEU C 585 -4.91 -78.07 -11.77
C LEU C 585 -3.62 -77.28 -11.67
N SER C 586 -2.76 -77.71 -10.74
CA SER C 586 -1.47 -77.10 -10.57
C SER C 586 -0.62 -77.34 -11.83
N ASN C 587 -0.73 -78.52 -12.41
CA ASN C 587 0.08 -78.81 -13.58
C ASN C 587 -0.25 -77.83 -14.72
N LEU C 588 -1.55 -77.52 -14.89
CA LEU C 588 -1.96 -76.55 -15.91
C LEU C 588 -1.43 -75.16 -15.56
N TYR C 589 -1.44 -74.85 -14.26
CA TYR C 589 -1.02 -73.56 -13.73
C TYR C 589 0.45 -73.36 -13.99
N ILE C 590 1.25 -74.43 -13.98
CA ILE C 590 2.66 -74.28 -14.25
C ILE C 590 2.80 -73.72 -15.65
N GLY C 591 2.06 -74.30 -16.59
CA GLY C 591 2.15 -73.81 -17.96
C GLY C 591 1.74 -72.36 -18.07
N LYS C 592 0.69 -71.99 -17.35
CA LYS C 592 0.23 -70.62 -17.41
C LYS C 592 1.30 -69.67 -16.93
N LEU C 593 1.93 -70.04 -15.83
CA LEU C 593 2.92 -69.19 -15.23
C LEU C 593 4.12 -69.04 -16.15
N LEU C 594 4.51 -70.12 -16.83
CA LEU C 594 5.68 -70.02 -17.69
C LEU C 594 5.44 -68.96 -18.75
N ALA C 595 4.19 -68.83 -19.21
CA ALA C 595 3.90 -67.80 -20.19
C ALA C 595 4.01 -66.40 -19.59
N ASP C 596 3.57 -66.25 -18.34
CA ASP C 596 3.53 -64.93 -17.66
C ASP C 596 4.87 -64.41 -17.17
N ILE C 597 5.75 -65.31 -16.81
CA ILE C 597 7.06 -64.89 -16.29
C ILE C 597 7.98 -64.41 -17.42
N HIS C 598 7.57 -64.66 -18.65
CA HIS C 598 8.31 -64.30 -19.84
C HIS C 598 7.37 -63.46 -20.68
N GLN C 599 7.85 -62.68 -21.63
CA GLN C 599 6.85 -61.97 -22.43
C GLN C 599 6.34 -62.89 -23.54
N LEU C 600 5.57 -63.88 -23.10
CA LEU C 600 5.00 -64.96 -23.89
C LEU C 600 3.51 -65.11 -23.67
N THR C 601 2.82 -65.71 -24.63
CA THR C 601 1.41 -66.05 -24.47
C THR C 601 1.29 -67.57 -24.43
N ILE C 602 0.10 -68.07 -24.09
CA ILE C 602 -0.09 -69.51 -24.08
C ILE C 602 0.06 -70.08 -25.47
N ASP C 603 -0.52 -69.40 -26.46
CA ASP C 603 -0.44 -69.90 -27.83
C ASP C 603 1.01 -70.04 -28.21
N GLU C 604 1.82 -69.12 -27.75
CA GLU C 604 3.25 -69.18 -28.02
C GLU C 604 3.91 -70.35 -27.32
N LEU C 605 3.39 -70.80 -26.18
CA LEU C 605 4.00 -71.96 -25.53
C LEU C 605 3.93 -73.16 -26.49
N ASP C 606 2.85 -73.23 -27.28
CA ASP C 606 2.71 -74.30 -28.27
C ASP C 606 3.73 -74.17 -29.40
N LEU C 607 4.19 -72.96 -29.70
CA LEU C 607 5.12 -72.74 -30.78
C LEU C 607 6.51 -73.10 -30.29
N LEU C 608 6.74 -72.84 -29.00
CA LEU C 608 8.00 -73.03 -28.28
C LEU C 608 8.33 -74.49 -28.16
N LEU C 609 7.31 -75.30 -28.26
CA LEU C 609 7.53 -76.72 -28.25
C LEU C 609 8.47 -77.09 -29.41
N ILE C 610 8.40 -76.36 -30.53
CA ILE C 610 9.30 -76.59 -31.65
C ILE C 610 10.38 -75.51 -31.67
N ALA C 611 9.96 -74.26 -31.48
CA ALA C 611 10.81 -73.06 -31.57
C ALA C 611 11.97 -73.13 -30.58
N VAL C 612 11.74 -73.72 -29.41
CA VAL C 612 12.74 -73.90 -28.38
C VAL C 612 13.17 -75.36 -28.42
N GLY C 613 12.18 -76.25 -28.53
CA GLY C 613 12.44 -77.68 -28.51
C GLY C 613 11.90 -78.32 -27.24
N GLU C 614 10.82 -77.74 -26.74
CA GLU C 614 10.16 -78.17 -25.51
C GLU C 614 9.05 -79.23 -25.72
N GLY C 615 8.82 -79.63 -26.96
CA GLY C 615 7.77 -80.58 -27.27
C GLY C 615 8.00 -81.90 -26.62
N LYS C 616 6.90 -82.57 -26.28
CA LYS C 616 6.83 -83.86 -25.63
C LYS C 616 7.30 -83.85 -24.18
N THR C 617 7.61 -82.69 -23.63
CA THR C 617 7.96 -82.66 -22.22
C THR C 617 6.74 -82.20 -21.48
N ASN C 618 6.27 -83.03 -20.58
CA ASN C 618 5.04 -82.75 -19.87
C ASN C 618 5.34 -81.78 -18.73
N LEU C 619 4.31 -81.36 -18.01
CA LEU C 619 4.47 -80.54 -16.82
C LEU C 619 3.95 -81.42 -15.73
N SER C 620 3.01 -82.24 -16.16
CA SER C 620 2.34 -83.15 -15.24
C SER C 620 3.18 -84.33 -14.77
N ALA C 621 4.28 -84.59 -15.45
CA ALA C 621 5.10 -85.73 -15.11
C ALA C 621 6.57 -85.40 -15.24
N ILE C 622 7.02 -84.34 -14.60
CA ILE C 622 8.45 -84.01 -14.67
C ILE C 622 9.09 -83.73 -13.32
N SER C 623 10.41 -83.86 -13.27
CA SER C 623 11.16 -83.54 -12.08
C SER C 623 11.30 -82.04 -11.91
N ASP C 624 11.76 -81.63 -10.76
CA ASP C 624 11.95 -80.23 -10.49
C ASP C 624 13.16 -79.71 -11.23
N LYS C 625 14.12 -80.58 -11.43
CA LYS C 625 15.32 -80.23 -12.17
C LYS C 625 14.91 -79.98 -13.60
N GLN C 626 14.00 -80.81 -14.11
CA GLN C 626 13.51 -80.63 -15.46
C GLN C 626 12.72 -79.35 -15.61
N LEU C 627 11.92 -78.98 -14.61
CA LEU C 627 11.17 -77.75 -14.72
C LEU C 627 12.10 -76.56 -14.67
N ALA C 628 13.06 -76.59 -13.76
CA ALA C 628 13.98 -75.47 -13.67
C ALA C 628 14.70 -75.32 -15.00
N THR C 629 14.99 -76.45 -15.62
CA THR C 629 15.64 -76.43 -16.91
C THR C 629 14.70 -75.81 -17.93
N LEU C 630 13.41 -76.19 -17.92
CA LEU C 630 12.46 -75.66 -18.90
C LEU C 630 12.40 -74.15 -18.77
N ILE C 631 12.49 -73.68 -17.54
CA ILE C 631 12.44 -72.26 -17.32
C ILE C 631 13.68 -71.64 -17.92
N ARG C 632 14.86 -72.19 -17.63
CA ARG C 632 16.06 -71.58 -18.16
C ARG C 632 16.04 -71.53 -19.66
N LYS C 633 15.52 -72.57 -20.28
CA LYS C 633 15.47 -72.59 -21.72
C LYS C 633 14.50 -71.56 -22.24
N LEU C 634 13.32 -71.43 -21.64
CA LEU C 634 12.37 -70.44 -22.13
C LEU C 634 12.90 -69.06 -21.92
N ASN C 635 13.60 -68.89 -20.81
CA ASN C 635 14.14 -67.62 -20.41
C ASN C 635 15.21 -67.19 -21.36
N THR C 636 16.10 -68.12 -21.71
CA THR C 636 17.20 -67.83 -22.60
C THR C 636 16.67 -67.43 -23.95
N ILE C 637 15.67 -68.16 -24.42
CA ILE C 637 15.15 -67.90 -25.73
C ILE C 637 14.35 -66.64 -25.76
N THR C 638 13.54 -66.36 -24.74
CA THR C 638 12.72 -65.17 -24.78
C THR C 638 13.61 -63.94 -24.82
N SER C 639 14.67 -63.93 -23.99
CA SER C 639 15.57 -62.80 -23.96
C SER C 639 16.31 -62.67 -25.27
N TRP C 640 16.70 -63.81 -25.85
CA TRP C 640 17.35 -63.81 -27.14
C TRP C 640 16.43 -63.23 -28.21
N LEU C 641 15.17 -63.65 -28.23
CA LEU C 641 14.25 -63.15 -29.24
C LEU C 641 14.12 -61.66 -29.11
N HIS C 642 14.09 -61.15 -27.89
CA HIS C 642 14.01 -59.72 -27.78
C HIS C 642 15.29 -59.07 -28.29
N THR C 643 16.43 -59.67 -27.98
CA THR C 643 17.72 -59.13 -28.37
C THR C 643 17.79 -58.99 -29.89
N GLN C 644 17.28 -59.99 -30.58
CA GLN C 644 17.27 -60.03 -32.03
C GLN C 644 16.01 -59.49 -32.68
N LYS C 645 15.04 -59.03 -31.89
CA LYS C 645 13.76 -58.56 -32.37
C LYS C 645 13.00 -59.60 -33.20
N TRP C 646 13.05 -60.86 -32.79
CA TRP C 646 12.29 -61.93 -33.47
C TRP C 646 11.03 -62.28 -32.72
N SER C 647 9.97 -62.61 -33.42
CA SER C 647 8.78 -63.09 -32.71
C SER C 647 8.96 -64.58 -32.46
N VAL C 648 8.13 -65.14 -31.59
CA VAL C 648 8.15 -66.57 -31.34
C VAL C 648 7.80 -67.33 -32.59
N PHE C 649 6.81 -66.81 -33.30
CA PHE C 649 6.35 -67.43 -34.52
C PHE C 649 7.50 -67.48 -35.52
N GLN C 650 8.22 -66.37 -35.68
CA GLN C 650 9.32 -66.42 -36.64
C GLN C 650 10.31 -67.48 -36.23
N LEU C 651 10.55 -67.64 -34.92
CA LEU C 651 11.46 -68.69 -34.54
C LEU C 651 10.84 -70.04 -34.91
N PHE C 652 9.55 -70.24 -34.63
CA PHE C 652 8.87 -71.49 -34.91
C PHE C 652 9.01 -71.92 -36.35
N ILE C 653 8.81 -70.98 -37.25
CA ILE C 653 8.90 -71.31 -38.64
C ILE C 653 10.34 -71.63 -38.99
N MET C 654 11.30 -70.85 -38.48
CA MET C 654 12.70 -71.07 -38.79
C MET C 654 13.18 -72.41 -38.23
N THR C 655 12.59 -72.83 -37.11
CA THR C 655 12.91 -74.09 -36.47
C THR C 655 12.15 -75.28 -36.97
N SER C 656 10.98 -75.06 -37.54
CA SER C 656 10.19 -76.18 -38.00
C SER C 656 10.90 -76.96 -39.07
N THR C 657 10.79 -78.26 -38.97
CA THR C 657 11.38 -79.17 -39.94
C THR C 657 10.27 -79.94 -40.61
N SER C 658 9.05 -79.40 -40.51
CA SER C 658 7.89 -80.04 -41.11
C SER C 658 7.98 -80.02 -42.62
N TYR C 659 8.61 -78.98 -43.16
CA TYR C 659 8.80 -78.84 -44.60
C TYR C 659 7.54 -79.27 -45.33
N ASN C 660 6.42 -78.67 -44.97
CA ASN C 660 5.16 -79.11 -45.52
C ASN C 660 5.21 -79.10 -47.03
N LYS C 661 4.74 -80.18 -47.62
CA LYS C 661 4.73 -80.31 -49.05
C LYS C 661 3.52 -79.65 -49.62
N THR C 662 3.67 -79.21 -50.84
CA THR C 662 2.68 -78.56 -51.64
C THR C 662 3.02 -78.66 -53.09
N LEU C 663 2.04 -78.48 -53.96
CA LEU C 663 2.32 -78.37 -55.38
C LEU C 663 1.82 -77.02 -55.92
N THR C 664 1.68 -76.04 -55.03
CA THR C 664 1.19 -74.72 -55.43
C THR C 664 1.98 -74.08 -56.56
N PRO C 665 1.31 -73.34 -57.50
CA PRO C 665 1.90 -72.64 -58.62
C PRO C 665 2.82 -71.54 -58.14
N GLU C 666 2.64 -71.10 -56.90
CA GLU C 666 3.51 -70.07 -56.36
C GLU C 666 4.95 -70.59 -56.39
N ILE C 667 5.11 -71.89 -56.15
CA ILE C 667 6.42 -72.51 -56.18
C ILE C 667 6.68 -73.13 -57.53
N LYS C 668 5.69 -73.75 -58.17
CA LYS C 668 6.03 -74.42 -59.41
C LYS C 668 6.68 -73.43 -60.40
N ASN C 669 6.22 -72.17 -60.37
CA ASN C 669 6.79 -71.16 -61.25
C ASN C 669 8.27 -70.89 -60.89
N LEU C 670 8.67 -71.14 -59.64
CA LEU C 670 10.03 -70.93 -59.23
C LEU C 670 10.89 -72.05 -59.80
N LEU C 671 10.26 -73.22 -59.96
CA LEU C 671 10.94 -74.38 -60.50
C LEU C 671 11.23 -74.09 -61.96
N ASP C 672 10.33 -73.36 -62.62
CA ASP C 672 10.47 -73.01 -64.03
C ASP C 672 11.66 -72.09 -64.20
N THR C 673 11.85 -71.17 -63.26
CA THR C 673 12.99 -70.26 -63.36
C THR C 673 14.31 -71.04 -63.33
N VAL C 674 14.43 -72.00 -62.40
CA VAL C 674 15.69 -72.72 -62.29
C VAL C 674 15.77 -73.72 -63.47
N TYR C 675 14.66 -74.40 -63.79
CA TYR C 675 14.55 -75.36 -64.90
C TYR C 675 15.12 -74.83 -66.17
N HIS C 676 14.75 -73.61 -66.53
CA HIS C 676 15.27 -73.07 -67.75
C HIS C 676 16.74 -72.77 -67.55
N GLY C 677 17.09 -72.21 -66.40
CA GLY C 677 18.45 -71.84 -66.10
C GLY C 677 19.45 -73.00 -66.15
N LEU C 678 18.98 -74.19 -65.79
CA LEU C 678 19.83 -75.36 -65.77
C LEU C 678 19.64 -76.33 -66.92
N GLN C 679 18.88 -75.99 -67.94
CA GLN C 679 18.68 -76.99 -68.99
C GLN C 679 20.02 -77.42 -69.61
N GLY C 680 20.98 -76.49 -69.69
CA GLY C 680 22.31 -76.74 -70.26
C GLY C 680 23.38 -77.15 -69.22
N PHE C 681 22.98 -77.35 -67.97
CA PHE C 681 23.90 -77.69 -66.89
C PHE C 681 23.52 -78.94 -66.14
N ASP C 682 23.73 -80.09 -66.75
CA ASP C 682 23.32 -81.34 -66.15
C ASP C 682 24.39 -81.93 -65.24
N LYS C 683 24.11 -83.12 -64.74
CA LYS C 683 24.99 -83.78 -63.79
C LYS C 683 26.45 -83.93 -64.25
N ASP C 684 26.70 -84.07 -65.55
CA ASP C 684 28.06 -84.24 -66.03
C ASP C 684 28.64 -82.98 -66.66
N LYS C 685 27.90 -81.87 -66.59
CA LYS C 685 28.33 -80.60 -67.15
C LYS C 685 28.64 -79.58 -66.08
N ALA C 686 28.01 -79.71 -64.92
CA ALA C 686 28.23 -78.69 -63.91
C ALA C 686 28.04 -79.11 -62.47
N ASP C 687 28.69 -78.38 -61.58
CA ASP C 687 28.37 -78.58 -60.20
C ASP C 687 27.03 -77.96 -60.01
N LEU C 688 26.04 -78.80 -59.79
CA LEU C 688 24.66 -78.43 -59.67
C LEU C 688 24.45 -77.53 -58.47
N LEU C 689 25.29 -77.67 -57.44
CA LEU C 689 25.16 -76.76 -56.32
C LEU C 689 25.48 -75.34 -56.80
N HIS C 690 26.61 -75.23 -57.48
CA HIS C 690 27.12 -73.97 -57.95
C HIS C 690 26.18 -73.28 -58.90
N VAL C 691 25.70 -74.00 -59.90
CA VAL C 691 24.82 -73.41 -60.90
C VAL C 691 23.41 -73.11 -60.40
N MET C 692 22.92 -73.82 -59.38
CA MET C 692 21.61 -73.43 -58.87
C MET C 692 21.65 -72.14 -58.12
N ALA C 693 22.74 -71.85 -57.42
CA ALA C 693 22.84 -70.62 -56.65
C ALA C 693 22.48 -69.38 -57.51
N PRO C 694 22.97 -69.18 -58.75
CA PRO C 694 22.61 -68.05 -59.59
C PRO C 694 21.14 -67.93 -59.90
N TYR C 695 20.39 -69.02 -59.76
CA TYR C 695 19.00 -68.95 -60.08
C TYR C 695 18.18 -68.86 -58.82
N ILE C 696 18.55 -69.58 -57.74
CA ILE C 696 17.64 -69.50 -56.60
C ILE C 696 17.78 -68.09 -56.03
N ALA C 697 18.93 -67.46 -56.26
CA ALA C 697 19.13 -66.09 -55.83
C ALA C 697 18.06 -65.15 -56.43
N ALA C 698 17.64 -65.41 -57.68
CA ALA C 698 16.67 -64.57 -58.33
C ALA C 698 15.24 -65.03 -58.05
N THR C 699 15.12 -66.33 -57.91
CA THR C 699 13.89 -67.09 -57.73
C THR C 699 13.27 -66.83 -56.35
N LEU C 700 14.12 -66.75 -55.35
CA LEU C 700 13.70 -66.60 -53.97
C LEU C 700 13.76 -65.12 -53.58
N GLN C 701 14.21 -64.76 -52.37
CA GLN C 701 14.03 -63.36 -51.99
C GLN C 701 15.10 -62.38 -52.46
N LEU C 702 15.21 -62.20 -53.77
CA LEU C 702 16.13 -61.21 -54.35
C LEU C 702 17.53 -61.24 -53.72
N SER C 703 18.14 -62.41 -53.67
CA SER C 703 19.42 -62.55 -53.01
C SER C 703 20.59 -62.62 -53.97
N SER C 704 21.77 -62.86 -53.44
CA SER C 704 22.98 -63.00 -54.22
C SER C 704 23.35 -64.48 -54.32
N GLU C 705 24.18 -64.83 -55.30
CA GLU C 705 24.61 -66.22 -55.50
C GLU C 705 25.48 -66.77 -54.37
N ASN C 706 26.17 -65.90 -53.63
CA ASN C 706 27.00 -66.40 -52.53
C ASN C 706 26.14 -66.92 -51.39
N VAL C 707 25.00 -66.30 -51.21
CA VAL C 707 24.14 -66.70 -50.13
C VAL C 707 23.36 -67.88 -50.64
N ALA C 708 22.89 -67.78 -51.88
CA ALA C 708 22.14 -68.85 -52.47
C ALA C 708 22.94 -70.14 -52.42
N HIS C 709 24.25 -70.03 -52.58
CA HIS C 709 25.15 -71.16 -52.50
C HIS C 709 25.02 -71.79 -51.14
N SER C 710 25.16 -70.99 -50.08
CA SER C 710 25.08 -71.60 -48.78
C SER C 710 23.69 -72.07 -48.45
N VAL C 711 22.66 -71.50 -49.06
CA VAL C 711 21.29 -71.95 -48.80
C VAL C 711 21.10 -73.35 -49.33
N LEU C 712 21.58 -73.59 -50.55
CA LEU C 712 21.49 -74.90 -51.18
C LEU C 712 22.35 -75.91 -50.49
N LEU C 713 23.53 -75.50 -50.06
CA LEU C 713 24.48 -76.38 -49.44
C LEU C 713 23.97 -76.78 -48.09
N TRP C 714 23.34 -75.82 -47.45
CA TRP C 714 22.79 -76.04 -46.15
C TRP C 714 21.69 -77.09 -46.34
N ALA C 715 20.75 -76.86 -47.27
CA ALA C 715 19.72 -77.85 -47.58
C ALA C 715 20.31 -79.20 -48.00
N ASP C 716 21.43 -79.21 -48.70
CA ASP C 716 22.00 -80.48 -49.12
C ASP C 716 22.43 -81.31 -47.92
N LYS C 717 22.91 -80.65 -46.88
CA LYS C 717 23.33 -81.38 -45.71
C LYS C 717 22.18 -81.73 -44.80
N LEU C 718 21.17 -80.86 -44.78
CA LEU C 718 19.99 -81.01 -43.94
C LEU C 718 19.03 -82.02 -44.50
N GLN C 719 18.98 -82.12 -45.83
CA GLN C 719 18.06 -83.00 -46.51
C GLN C 719 16.66 -82.73 -45.98
N PRO C 720 16.17 -81.48 -46.16
CA PRO C 720 14.95 -80.96 -45.61
C PRO C 720 13.72 -81.47 -46.30
N GLY C 721 13.47 -82.75 -46.21
CA GLY C 721 12.33 -83.30 -46.89
C GLY C 721 12.11 -84.78 -46.67
N ASP C 722 11.30 -85.38 -47.55
CA ASP C 722 10.97 -86.80 -47.36
C ASP C 722 12.18 -87.74 -47.42
N GLY C 723 13.16 -87.40 -48.25
CA GLY C 723 14.36 -88.23 -48.41
C GLY C 723 15.62 -87.41 -48.48
N ALA C 724 16.71 -88.01 -49.00
CA ALA C 724 18.02 -87.34 -49.03
C ALA C 724 18.09 -86.37 -50.17
N MET C 725 17.31 -85.32 -50.02
CA MET C 725 17.10 -84.31 -51.00
C MET C 725 18.15 -83.23 -51.02
N THR C 726 18.83 -83.15 -52.16
CA THR C 726 19.92 -82.24 -52.41
C THR C 726 19.72 -81.54 -53.76
N ALA C 727 20.58 -80.56 -54.05
CA ALA C 727 20.61 -79.83 -55.33
C ALA C 727 20.75 -80.79 -56.51
N GLU C 728 21.49 -81.88 -56.34
CA GLU C 728 21.63 -82.80 -57.45
C GLU C 728 20.30 -83.44 -57.82
N LYS C 729 19.46 -83.71 -56.81
CA LYS C 729 18.19 -84.36 -57.04
C LYS C 729 17.25 -83.32 -57.57
N PHE C 730 17.36 -82.09 -57.05
CA PHE C 730 16.50 -80.99 -57.46
C PHE C 730 16.66 -80.87 -58.96
N TRP C 731 17.90 -80.89 -59.44
CA TRP C 731 18.10 -80.82 -60.88
C TRP C 731 17.43 -81.97 -61.59
N ASP C 732 17.60 -83.20 -61.13
CA ASP C 732 17.04 -84.30 -61.90
C ASP C 732 15.52 -84.15 -61.94
N TRP C 733 14.98 -83.67 -60.87
CA TRP C 733 13.57 -83.47 -60.78
C TRP C 733 13.16 -82.33 -61.73
N LEU C 734 14.07 -81.36 -62.01
CA LEU C 734 13.77 -80.29 -62.96
C LEU C 734 13.95 -80.71 -64.41
N ASN C 735 15.03 -81.40 -64.75
CA ASN C 735 15.25 -81.65 -66.17
C ASN C 735 15.07 -83.10 -66.65
N THR C 736 14.80 -84.03 -65.74
CA THR C 736 14.54 -85.43 -66.11
C THR C 736 13.04 -85.71 -65.90
N LYS C 737 12.47 -85.16 -64.83
CA LYS C 737 11.06 -85.39 -64.49
C LYS C 737 10.12 -84.17 -64.46
N TYR C 738 10.41 -83.10 -65.19
CA TYR C 738 9.56 -81.90 -65.12
C TYR C 738 9.45 -81.15 -66.43
N THR C 739 8.24 -80.69 -66.72
CA THR C 739 7.95 -79.87 -67.89
C THR C 739 7.79 -78.48 -67.32
N PRO C 740 8.41 -77.40 -67.83
CA PRO C 740 8.21 -76.12 -67.20
C PRO C 740 6.70 -75.89 -67.17
N GLY C 741 6.21 -75.48 -66.02
CA GLY C 741 4.81 -75.22 -65.75
C GLY C 741 4.03 -76.44 -65.23
N SER C 742 4.62 -77.65 -65.25
CA SER C 742 3.92 -78.85 -64.80
C SER C 742 4.68 -79.90 -63.98
N SER C 743 4.22 -80.03 -62.72
CA SER C 743 4.70 -80.93 -61.68
C SER C 743 3.87 -82.19 -61.52
N GLU C 744 2.63 -82.19 -61.98
CA GLU C 744 1.79 -83.34 -61.72
C GLU C 744 2.08 -84.48 -62.68
N ALA C 745 3.15 -85.18 -62.31
CA ALA C 745 3.73 -86.29 -63.02
C ALA C 745 4.08 -87.39 -62.04
N VAL C 746 5.07 -87.09 -61.22
CA VAL C 746 5.61 -88.02 -60.23
C VAL C 746 5.72 -87.40 -58.85
N GLU C 747 5.83 -88.25 -57.83
CA GLU C 747 5.98 -87.85 -56.42
C GLU C 747 7.24 -87.04 -56.15
N THR C 748 8.24 -87.17 -57.00
CA THR C 748 9.45 -86.41 -56.78
C THR C 748 9.21 -84.93 -57.05
N GLN C 749 8.08 -84.58 -57.65
CA GLN C 749 7.85 -83.17 -57.84
C GLN C 749 7.28 -82.56 -56.56
N GLU C 750 6.75 -83.39 -55.64
CA GLU C 750 6.27 -82.84 -54.38
C GLU C 750 7.55 -82.51 -53.61
N HIS C 751 8.58 -83.33 -53.86
CA HIS C 751 9.87 -83.16 -53.21
C HIS C 751 10.60 -81.95 -53.77
N ILE C 752 10.56 -81.75 -55.09
CA ILE C 752 11.29 -80.60 -55.61
C ILE C 752 10.69 -79.29 -55.07
N VAL C 753 9.37 -79.28 -54.87
CA VAL C 753 8.70 -78.13 -54.32
C VAL C 753 9.10 -78.00 -52.84
N GLN C 754 9.13 -79.12 -52.11
CA GLN C 754 9.51 -79.14 -50.71
C GLN C 754 10.91 -78.56 -50.52
N TYR C 755 11.80 -78.81 -51.48
CA TYR C 755 13.15 -78.26 -51.39
C TYR C 755 13.00 -76.76 -51.53
N CYS C 756 12.21 -76.27 -52.49
CA CYS C 756 12.07 -74.81 -52.64
C CYS C 756 11.54 -74.17 -51.36
N GLN C 757 10.61 -74.86 -50.71
CA GLN C 757 10.05 -74.33 -49.49
C GLN C 757 11.14 -74.29 -48.41
N ALA C 758 11.96 -75.33 -48.36
CA ALA C 758 13.06 -75.36 -47.41
C ALA C 758 14.08 -74.30 -47.72
N LEU C 759 14.30 -74.05 -49.02
CA LEU C 759 15.31 -73.07 -49.43
C LEU C 759 14.87 -71.71 -48.98
N ALA C 760 13.57 -71.41 -49.11
CA ALA C 760 13.08 -70.12 -48.67
C ALA C 760 13.24 -69.98 -47.16
N GLN C 761 12.99 -71.05 -46.40
CA GLN C 761 13.15 -71.00 -44.95
C GLN C 761 14.60 -70.77 -44.55
N LEU C 762 15.52 -71.43 -45.25
CA LEU C 762 16.94 -71.31 -44.99
C LEU C 762 17.42 -69.88 -45.30
N GLU C 763 16.88 -69.24 -46.39
CA GLU C 763 17.26 -67.85 -46.62
C GLU C 763 16.76 -66.96 -45.50
N MET C 764 15.54 -67.20 -45.02
CA MET C 764 14.99 -66.38 -43.99
C MET C 764 15.86 -66.43 -42.76
N VAL C 765 16.40 -67.60 -42.44
CA VAL C 765 17.27 -67.62 -41.27
C VAL C 765 18.47 -66.74 -41.57
N TYR C 766 19.06 -66.88 -42.75
CA TYR C 766 20.26 -66.09 -42.99
C TYR C 766 20.04 -64.60 -42.88
N HIS C 767 18.91 -64.16 -43.39
CA HIS C 767 18.60 -62.76 -43.43
C HIS C 767 18.19 -62.22 -42.07
N SER C 768 17.37 -62.98 -41.34
CA SER C 768 16.80 -62.56 -40.07
C SER C 768 17.83 -62.59 -38.96
N THR C 769 18.87 -63.36 -39.16
CA THR C 769 19.93 -63.48 -38.20
C THR C 769 20.92 -62.30 -38.27
N GLY C 770 20.95 -61.50 -39.36
CA GLY C 770 21.96 -60.43 -39.38
C GLY C 770 23.38 -60.93 -39.69
N ILE C 771 23.49 -61.93 -40.54
CA ILE C 771 24.74 -62.56 -40.97
C ILE C 771 25.41 -61.74 -42.11
N ASN C 772 26.74 -61.56 -42.07
CA ASN C 772 27.43 -60.82 -43.15
C ASN C 772 27.80 -61.74 -44.33
N GLU C 773 28.39 -61.17 -45.40
CA GLU C 773 28.62 -61.95 -46.63
C GLU C 773 29.47 -63.21 -46.53
N ASN C 774 30.58 -63.17 -45.80
CA ASN C 774 31.37 -64.40 -45.74
C ASN C 774 30.79 -65.32 -44.70
N ALA C 775 30.22 -64.72 -43.68
CA ALA C 775 29.64 -65.45 -42.56
C ALA C 775 28.50 -66.34 -43.05
N PHE C 776 27.78 -65.91 -44.09
CA PHE C 776 26.65 -66.67 -44.63
C PHE C 776 27.14 -67.95 -45.22
N ARG C 777 28.38 -67.99 -45.68
CA ARG C 777 28.87 -69.20 -46.28
C ARG C 777 29.61 -70.04 -45.27
N LEU C 778 30.34 -69.40 -44.37
CA LEU C 778 31.17 -70.11 -43.43
C LEU C 778 30.43 -71.02 -42.51
N PHE C 779 29.20 -70.68 -42.12
CA PHE C 779 28.49 -71.55 -41.21
C PHE C 779 28.22 -72.92 -41.79
N VAL C 780 28.21 -72.99 -43.10
CA VAL C 780 27.90 -74.20 -43.83
C VAL C 780 29.16 -74.81 -44.43
N THR C 781 30.07 -73.98 -44.97
CA THR C 781 31.24 -74.49 -45.66
C THR C 781 32.35 -74.91 -44.69
N LYS C 782 32.32 -74.38 -43.47
CA LYS C 782 33.28 -74.70 -42.44
C LYS C 782 32.58 -75.08 -41.14
N PRO C 783 31.71 -76.12 -41.11
CA PRO C 783 30.90 -76.49 -39.97
C PRO C 783 31.72 -76.85 -38.72
N GLU C 784 32.97 -77.26 -38.92
CA GLU C 784 33.84 -77.65 -37.82
C GLU C 784 34.30 -76.47 -36.99
N MET C 785 34.09 -75.27 -37.50
CA MET C 785 34.53 -74.12 -36.76
C MET C 785 33.39 -73.63 -35.89
N PHE C 786 32.22 -74.24 -36.02
CA PHE C 786 31.04 -73.76 -35.31
C PHE C 786 30.45 -74.72 -34.31
N GLY C 787 30.94 -75.95 -34.28
CA GLY C 787 30.29 -76.91 -33.40
C GLY C 787 29.02 -77.39 -34.08
N ALA C 788 29.01 -77.28 -35.41
CA ALA C 788 27.90 -77.68 -36.22
C ALA C 788 27.89 -79.17 -36.24
N ALA C 789 26.81 -79.76 -36.71
CA ALA C 789 26.79 -81.19 -36.82
C ALA C 789 27.73 -81.56 -37.94
N THR C 790 29.00 -81.71 -37.63
CA THR C 790 29.98 -81.89 -38.68
C THR C 790 29.67 -83.14 -39.44
N GLY C 791 29.94 -83.04 -40.73
CA GLY C 791 29.60 -84.04 -41.72
C GLY C 791 28.30 -83.52 -42.35
N ALA C 792 27.76 -82.47 -41.72
CA ALA C 792 26.57 -81.73 -42.06
C ALA C 792 26.70 -80.27 -41.58
N ALA C 793 25.83 -79.46 -42.13
CA ALA C 793 25.67 -78.06 -41.85
C ALA C 793 24.89 -77.93 -40.51
N PRO C 794 24.82 -76.73 -39.90
CA PRO C 794 24.08 -76.46 -38.68
C PRO C 794 22.60 -76.77 -38.77
N ALA C 795 22.06 -77.21 -37.64
CA ALA C 795 20.65 -77.54 -37.50
C ALA C 795 19.78 -76.29 -37.49
N HIS C 796 18.49 -76.45 -37.69
CA HIS C 796 17.54 -75.32 -37.58
C HIS C 796 17.00 -75.12 -36.18
N ASP C 797 17.49 -75.81 -35.16
CA ASP C 797 16.86 -75.69 -33.87
C ASP C 797 17.27 -74.46 -33.08
N ALA C 798 16.70 -74.30 -31.88
CA ALA C 798 16.95 -73.07 -31.14
C ALA C 798 18.40 -72.83 -30.82
N LEU C 799 19.11 -73.89 -30.47
CA LEU C 799 20.48 -73.71 -30.05
C LEU C 799 21.35 -73.38 -31.23
N SER C 800 21.08 -74.01 -32.36
CA SER C 800 21.85 -73.74 -33.55
C SER C 800 21.62 -72.31 -33.99
N LEU C 801 20.37 -71.85 -33.94
CA LEU C 801 20.06 -70.50 -34.40
C LEU C 801 20.74 -69.48 -33.49
N ILE C 802 20.80 -69.75 -32.18
CA ILE C 802 21.50 -68.83 -31.30
C ILE C 802 22.97 -68.81 -31.64
N MET C 803 23.56 -69.97 -31.89
CA MET C 803 24.95 -70.03 -32.28
C MET C 803 25.22 -69.19 -33.52
N LEU C 804 24.33 -69.31 -34.52
CA LEU C 804 24.53 -68.60 -35.78
C LEU C 804 24.51 -67.12 -35.50
N THR C 805 23.63 -66.75 -34.59
CA THR C 805 23.43 -65.38 -34.23
C THR C 805 24.60 -64.82 -33.47
N ARG C 806 25.11 -65.56 -32.49
CA ARG C 806 26.21 -65.01 -31.72
C ARG C 806 27.40 -64.79 -32.62
N PHE C 807 27.57 -65.68 -33.58
CA PHE C 807 28.66 -65.51 -34.49
C PHE C 807 28.38 -64.28 -35.29
N ALA C 808 27.16 -64.12 -35.82
CA ALA C 808 26.90 -62.97 -36.64
C ALA C 808 27.16 -61.68 -35.89
N ASP C 809 26.85 -61.64 -34.61
CA ASP C 809 27.05 -60.45 -33.82
C ASP C 809 28.55 -60.24 -33.61
N TRP C 810 29.29 -61.33 -33.53
CA TRP C 810 30.74 -61.26 -33.42
C TRP C 810 31.26 -60.62 -34.68
N VAL C 811 30.73 -61.03 -35.81
CA VAL C 811 31.11 -60.51 -37.10
C VAL C 811 30.75 -59.05 -37.20
N ASN C 812 29.59 -58.72 -36.69
CA ASN C 812 29.10 -57.37 -36.77
C ASN C 812 30.02 -56.47 -35.95
N ALA C 813 30.56 -57.02 -34.85
CA ALA C 813 31.50 -56.33 -33.97
C ALA C 813 32.85 -56.13 -34.66
N LEU C 814 33.25 -57.11 -35.48
CA LEU C 814 34.51 -57.06 -36.21
C LEU C 814 34.40 -55.92 -37.23
N GLY C 815 33.18 -55.79 -37.77
CA GLY C 815 32.82 -54.77 -38.72
C GLY C 815 33.62 -54.89 -39.99
N GLU C 816 34.23 -53.80 -40.42
CA GLU C 816 35.03 -53.82 -41.64
C GLU C 816 36.22 -54.78 -41.53
N LYS C 817 36.69 -55.06 -40.31
CA LYS C 817 37.83 -55.93 -40.15
C LYS C 817 37.40 -57.38 -40.26
N ALA C 818 36.09 -57.60 -40.34
CA ALA C 818 35.53 -58.92 -40.45
C ALA C 818 36.06 -59.60 -41.66
N SER C 819 36.36 -58.87 -42.73
CA SER C 819 36.82 -59.56 -43.92
C SER C 819 38.16 -60.28 -43.70
N SER C 820 39.07 -59.66 -42.94
CA SER C 820 40.39 -60.25 -42.80
C SER C 820 40.32 -61.33 -41.76
N VAL C 821 39.41 -61.14 -40.83
CA VAL C 821 39.22 -62.06 -39.74
C VAL C 821 38.54 -63.30 -40.20
N LEU C 822 37.53 -63.18 -41.03
CA LEU C 822 36.84 -64.35 -41.50
C LEU C 822 37.76 -65.15 -42.40
N ALA C 823 38.63 -64.49 -43.18
CA ALA C 823 39.58 -65.26 -43.95
C ALA C 823 40.55 -66.00 -43.02
N ALA C 824 40.96 -65.34 -41.93
CA ALA C 824 41.83 -65.96 -40.96
C ALA C 824 41.13 -67.09 -40.18
N PHE C 825 39.82 -66.91 -39.97
CA PHE C 825 38.93 -67.83 -39.25
C PHE C 825 38.77 -69.13 -40.01
N GLU C 826 38.48 -69.04 -41.31
CA GLU C 826 38.20 -70.20 -42.16
C GLU C 826 39.47 -71.02 -42.41
N ALA C 827 40.59 -70.45 -42.04
CA ALA C 827 41.90 -71.02 -42.21
C ALA C 827 42.52 -71.22 -40.84
N ASN C 828 43.80 -70.86 -40.68
CA ASN C 828 44.44 -71.01 -39.39
C ASN C 828 45.23 -69.77 -39.00
N SER C 829 44.74 -68.57 -39.32
CA SER C 829 45.54 -67.40 -39.02
C SER C 829 45.06 -66.57 -37.83
N LEU C 830 43.95 -66.92 -37.20
CA LEU C 830 43.60 -66.10 -36.05
C LEU C 830 44.30 -66.53 -34.81
N THR C 831 44.78 -65.53 -34.09
CA THR C 831 45.42 -65.69 -32.81
C THR C 831 45.12 -64.53 -31.87
N ALA C 832 45.77 -64.57 -30.72
CA ALA C 832 45.65 -63.56 -29.68
C ALA C 832 46.17 -62.25 -30.25
N GLU C 833 45.70 -61.12 -29.74
CA GLU C 833 46.13 -59.79 -30.18
C GLU C 833 45.57 -59.41 -31.53
N GLN C 834 45.80 -60.23 -32.53
CA GLN C 834 45.29 -59.92 -33.83
C GLN C 834 43.76 -59.95 -33.80
N LEU C 835 43.18 -60.98 -33.17
CA LEU C 835 41.72 -61.01 -33.09
C LEU C 835 41.25 -59.84 -32.26
N ALA C 836 42.01 -59.54 -31.21
CA ALA C 836 41.71 -58.48 -30.27
C ALA C 836 41.62 -57.15 -31.00
N ASP C 837 42.41 -56.96 -32.06
CA ASP C 837 42.29 -55.69 -32.72
C ASP C 837 40.93 -55.62 -33.34
N ALA C 838 40.56 -56.64 -34.07
CA ALA C 838 39.30 -56.61 -34.80
C ALA C 838 38.11 -56.51 -33.86
N MET C 839 38.23 -57.13 -32.70
CA MET C 839 37.20 -57.13 -31.69
C MET C 839 37.29 -55.96 -30.71
N ASN C 840 38.23 -55.05 -30.89
CA ASN C 840 38.43 -53.90 -30.03
C ASN C 840 38.63 -54.29 -28.57
N LEU C 841 39.40 -55.34 -28.36
CA LEU C 841 39.70 -55.85 -27.04
C LEU C 841 41.14 -55.57 -26.71
N ASP C 842 41.46 -55.46 -25.43
CA ASP C 842 42.85 -55.39 -25.05
C ASP C 842 43.52 -56.72 -25.42
N ALA C 843 44.70 -56.65 -26.00
CA ALA C 843 45.40 -57.87 -26.37
C ALA C 843 45.72 -58.79 -25.20
N ASN C 844 46.04 -58.23 -24.03
CA ASN C 844 46.40 -59.04 -22.88
C ASN C 844 45.16 -59.62 -22.30
N LEU C 845 44.06 -58.88 -22.38
CA LEU C 845 42.81 -59.43 -21.85
C LEU C 845 42.39 -60.63 -22.68
N LEU C 846 42.57 -60.53 -24.00
CA LEU C 846 42.20 -61.64 -24.84
C LEU C 846 43.10 -62.84 -24.59
N LEU C 847 44.39 -62.60 -24.43
CA LEU C 847 45.30 -63.69 -24.20
C LEU C 847 45.12 -64.31 -22.84
N GLN C 848 44.99 -63.50 -21.80
CA GLN C 848 44.87 -64.06 -20.48
C GLN C 848 43.60 -64.87 -20.44
N ALA C 849 42.57 -64.41 -21.15
CA ALA C 849 41.33 -65.10 -21.20
C ALA C 849 41.45 -66.46 -21.86
N SER C 850 42.22 -66.57 -22.96
CA SER C 850 42.31 -67.90 -23.56
C SER C 850 43.06 -68.82 -22.63
N ILE C 851 43.97 -68.25 -21.84
CA ILE C 851 44.72 -69.04 -20.89
C ILE C 851 43.81 -69.58 -19.82
N GLN C 852 42.92 -68.74 -19.28
CA GLN C 852 42.07 -69.27 -18.24
C GLN C 852 41.13 -70.28 -18.85
N ALA C 853 40.72 -70.04 -20.08
CA ALA C 853 39.77 -70.89 -20.76
C ALA C 853 40.29 -72.32 -20.89
N GLN C 854 41.59 -72.45 -21.04
CA GLN C 854 42.26 -73.73 -21.20
C GLN C 854 42.55 -74.43 -19.88
N ASN C 855 42.30 -73.75 -18.75
CA ASN C 855 42.58 -74.31 -17.45
C ASN C 855 41.32 -74.73 -16.69
N HIS C 856 40.16 -74.65 -17.33
CA HIS C 856 38.91 -75.00 -16.67
C HIS C 856 38.08 -75.97 -17.51
N GLN C 857 37.25 -76.73 -16.82
CA GLN C 857 36.42 -77.73 -17.47
C GLN C 857 35.17 -77.14 -18.07
N HIS C 858 35.32 -76.67 -19.27
CA HIS C 858 34.24 -76.03 -20.02
C HIS C 858 33.39 -77.10 -20.64
N LEU C 859 32.18 -76.74 -21.03
CA LEU C 859 31.34 -77.74 -21.67
C LEU C 859 32.09 -78.37 -22.87
N PRO C 860 32.67 -77.60 -23.81
CA PRO C 860 33.57 -78.13 -24.80
C PRO C 860 34.92 -78.18 -24.13
N PRO C 861 35.87 -78.99 -24.57
CA PRO C 861 37.23 -78.91 -24.14
C PRO C 861 37.78 -77.65 -24.76
N VAL C 862 38.76 -77.02 -24.12
CA VAL C 862 39.36 -75.86 -24.73
C VAL C 862 40.84 -76.13 -24.84
N THR C 863 41.36 -76.04 -26.06
CA THR C 863 42.75 -76.32 -26.30
C THR C 863 43.32 -75.12 -27.05
N PRO C 864 44.62 -74.83 -26.98
CA PRO C 864 45.23 -73.74 -27.70
C PRO C 864 45.14 -73.91 -29.21
N GLU C 865 45.04 -75.15 -29.65
CA GLU C 865 44.98 -75.42 -31.08
C GLU C 865 43.80 -74.78 -31.79
N ASN C 866 42.70 -74.50 -31.09
CA ASN C 866 41.60 -73.87 -31.78
C ASN C 866 41.08 -72.67 -31.01
N ALA C 867 41.87 -72.19 -30.05
CA ALA C 867 41.40 -71.14 -29.15
C ALA C 867 40.93 -69.92 -29.92
N PHE C 868 41.61 -69.64 -31.02
CA PHE C 868 41.29 -68.50 -31.84
C PHE C 868 40.76 -68.83 -33.22
N SER C 869 40.92 -70.07 -33.69
CA SER C 869 40.49 -70.37 -35.06
C SER C 869 39.04 -70.81 -35.18
N CYS C 870 38.48 -71.34 -34.13
CA CYS C 870 37.11 -71.82 -34.26
C CYS C 870 36.15 -70.88 -33.57
N TRP C 871 34.91 -70.80 -34.05
CA TRP C 871 33.89 -70.07 -33.31
C TRP C 871 33.67 -70.75 -31.99
N THR C 872 33.76 -72.07 -31.98
CA THR C 872 33.67 -72.77 -30.71
C THR C 872 34.99 -72.34 -30.13
N SER C 873 35.22 -72.43 -28.85
CA SER C 873 36.50 -71.95 -28.29
C SER C 873 36.57 -70.40 -28.36
N ILE C 874 36.47 -69.73 -29.53
CA ILE C 874 36.45 -68.26 -29.51
C ILE C 874 35.28 -67.79 -28.66
N ASN C 875 34.14 -68.43 -28.82
CA ASN C 875 32.96 -68.05 -28.09
C ASN C 875 32.96 -68.38 -26.62
N THR C 876 34.05 -68.98 -26.15
CA THR C 876 34.31 -69.33 -24.77
C THR C 876 35.34 -68.37 -24.19
N ILE C 877 36.42 -68.11 -24.94
CA ILE C 877 37.47 -67.28 -24.38
C ILE C 877 36.92 -65.87 -24.25
N LEU C 878 35.99 -65.51 -25.13
CA LEU C 878 35.38 -64.21 -25.07
C LEU C 878 34.56 -64.04 -23.81
N GLN C 879 34.10 -65.11 -23.17
CA GLN C 879 33.30 -64.94 -21.98
C GLN C 879 34.25 -64.64 -20.85
N TRP C 880 35.47 -65.15 -20.95
CA TRP C 880 36.47 -64.90 -19.93
C TRP C 880 36.92 -63.47 -20.05
N VAL C 881 36.84 -62.95 -21.27
CA VAL C 881 37.16 -61.57 -21.48
C VAL C 881 35.99 -60.73 -21.00
N ASN C 882 34.78 -61.04 -21.43
CA ASN C 882 33.64 -60.21 -21.13
C ASN C 882 33.32 -60.12 -19.66
N VAL C 883 33.54 -61.20 -18.93
CA VAL C 883 33.24 -61.18 -17.52
C VAL C 883 34.29 -60.34 -16.84
N ALA C 884 35.54 -60.50 -17.23
CA ALA C 884 36.57 -59.69 -16.62
C ALA C 884 36.33 -58.23 -16.87
N GLN C 885 35.83 -57.92 -18.07
CA GLN C 885 35.55 -56.55 -18.41
C GLN C 885 34.39 -56.02 -17.61
N GLN C 886 33.35 -56.82 -17.42
CA GLN C 886 32.18 -56.35 -16.68
C GLN C 886 32.56 -55.99 -15.28
N LEU C 887 33.46 -56.77 -14.72
CA LEU C 887 33.91 -56.62 -13.35
C LEU C 887 35.18 -55.78 -13.19
N ASN C 888 35.79 -55.35 -14.28
CA ASN C 888 37.07 -54.64 -14.22
C ASN C 888 38.14 -55.43 -13.43
N VAL C 889 38.20 -56.75 -13.62
CA VAL C 889 39.18 -57.58 -12.87
C VAL C 889 40.26 -58.35 -13.63
N ALA C 890 40.23 -58.34 -14.97
CA ALA C 890 41.13 -59.12 -15.83
C ALA C 890 40.76 -60.61 -15.67
N PRO C 891 40.88 -61.46 -16.70
CA PRO C 891 40.47 -62.86 -16.66
C PRO C 891 41.03 -63.64 -15.50
N GLN C 892 42.22 -63.31 -15.02
CA GLN C 892 42.70 -64.08 -13.88
C GLN C 892 41.77 -63.85 -12.68
N GLY C 893 41.22 -62.65 -12.61
CA GLY C 893 40.33 -62.27 -11.54
C GLY C 893 38.97 -62.93 -11.67
N VAL C 894 38.67 -63.50 -12.83
CA VAL C 894 37.42 -64.17 -13.04
C VAL C 894 37.59 -65.53 -12.41
N SER C 895 38.76 -66.10 -12.62
CA SER C 895 39.10 -67.44 -12.16
C SER C 895 39.01 -67.45 -10.64
N ALA C 896 39.39 -66.33 -10.03
CA ALA C 896 39.30 -66.19 -8.60
C ALA C 896 37.85 -66.37 -8.12
N LEU C 897 36.90 -65.86 -8.91
CA LEU C 897 35.49 -65.96 -8.57
C LEU C 897 34.97 -67.34 -8.88
N VAL C 898 35.48 -67.92 -9.95
CA VAL C 898 35.00 -69.20 -10.40
C VAL C 898 35.30 -70.28 -9.38
N GLY C 899 36.51 -70.30 -8.82
CA GLY C 899 36.88 -71.35 -7.89
C GLY C 899 36.32 -71.22 -6.46
N LEU C 900 35.01 -70.96 -6.36
CA LEU C 900 34.32 -70.88 -5.08
C LEU C 900 32.98 -71.58 -5.21
N ASP C 901 32.57 -72.35 -4.20
CA ASP C 901 31.29 -73.03 -4.26
C ASP C 901 30.77 -73.42 -2.88
N TYR C 902 29.59 -74.03 -2.86
CA TYR C 902 28.99 -74.53 -1.62
C TYR C 902 28.65 -75.98 -1.80
N ILE C 903 27.75 -76.25 -2.75
CA ILE C 903 27.36 -77.61 -3.04
C ILE C 903 28.33 -78.20 -4.05
N GLU C 904 29.57 -78.29 -3.65
CA GLU C 904 30.55 -78.82 -4.57
C GLU C 904 30.49 -80.32 -4.55
N SER C 905 30.06 -80.90 -5.65
CA SER C 905 29.92 -82.33 -5.77
C SER C 905 31.25 -83.08 -5.63
N MET C 906 32.37 -82.40 -5.94
CA MET C 906 33.70 -83.00 -5.82
C MET C 906 34.28 -82.79 -4.41
N LYS C 907 33.50 -82.11 -3.56
CA LYS C 907 33.78 -81.73 -2.19
C LYS C 907 35.02 -80.89 -2.03
N GLU C 908 35.29 -80.02 -3.01
CA GLU C 908 36.44 -79.14 -2.95
C GLU C 908 36.03 -77.87 -2.24
N THR C 909 35.79 -78.01 -0.95
CA THR C 909 35.35 -76.88 -0.16
C THR C 909 36.44 -75.81 -0.26
N PRO C 910 36.11 -74.56 -0.62
CA PRO C 910 37.06 -73.49 -0.76
C PRO C 910 37.58 -73.10 0.60
N THR C 911 38.81 -72.61 0.63
CA THR C 911 39.37 -72.17 1.88
C THR C 911 39.15 -70.70 2.04
N TYR C 912 39.31 -70.19 3.25
CA TYR C 912 39.08 -68.77 3.43
C TYR C 912 39.98 -67.97 2.53
N ALA C 913 41.19 -68.46 2.29
CA ALA C 913 42.15 -67.73 1.51
C ALA C 913 41.65 -67.49 0.12
N GLN C 914 40.92 -68.44 -0.42
CA GLN C 914 40.40 -68.30 -1.74
C GLN C 914 39.34 -67.23 -1.74
N TRP C 915 38.57 -67.15 -0.65
CA TRP C 915 37.52 -66.16 -0.57
C TRP C 915 38.14 -64.78 -0.45
N GLU C 916 39.30 -64.74 0.21
CA GLU C 916 40.01 -63.50 0.41
C GLU C 916 40.61 -63.02 -0.88
N ASN C 917 41.18 -63.94 -1.66
CA ASN C 917 41.78 -63.55 -2.91
C ASN C 917 40.74 -63.00 -3.84
N ALA C 918 39.58 -63.67 -3.89
CA ALA C 918 38.51 -63.18 -4.74
C ALA C 918 38.05 -61.83 -4.24
N ALA C 919 37.96 -61.65 -2.92
CA ALA C 919 37.50 -60.38 -2.45
C ALA C 919 38.43 -59.29 -2.87
N GLY C 920 39.73 -59.55 -2.80
CA GLY C 920 40.67 -58.52 -3.13
C GLY C 920 40.54 -58.06 -4.57
N VAL C 921 40.49 -59.00 -5.49
CA VAL C 921 40.46 -58.56 -6.87
C VAL C 921 39.17 -57.90 -7.22
N LEU C 922 38.08 -58.38 -6.62
CA LEU C 922 36.78 -57.85 -6.90
C LEU C 922 36.55 -56.47 -6.34
N THR C 923 37.01 -56.16 -5.12
CA THR C 923 36.72 -54.84 -4.58
C THR C 923 37.55 -53.81 -5.28
N ALA C 924 38.69 -54.24 -5.80
CA ALA C 924 39.60 -53.39 -6.53
C ALA C 924 39.00 -52.86 -7.83
N GLY C 925 37.97 -53.53 -8.36
CA GLY C 925 37.38 -53.15 -9.65
C GLY C 925 36.21 -52.17 -9.49
N LEU C 926 35.96 -51.71 -8.28
CA LEU C 926 34.81 -50.84 -8.05
C LEU C 926 35.00 -49.37 -8.36
N ASN C 927 33.90 -48.78 -8.79
CA ASN C 927 33.81 -47.34 -9.01
C ASN C 927 33.99 -46.73 -7.66
N SER C 928 34.68 -45.62 -7.53
CA SER C 928 34.87 -45.11 -6.18
C SER C 928 33.56 -44.89 -5.43
N GLN C 929 32.45 -44.63 -6.13
CA GLN C 929 31.20 -44.49 -5.40
C GLN C 929 30.78 -45.83 -4.81
N GLN C 930 31.05 -46.89 -5.56
CA GLN C 930 30.69 -48.22 -5.17
C GLN C 930 31.58 -48.64 -4.05
N ALA C 931 32.83 -48.21 -4.12
CA ALA C 931 33.80 -48.56 -3.10
C ALA C 931 33.39 -47.97 -1.77
N ASN C 932 32.89 -46.73 -1.79
CA ASN C 932 32.47 -46.16 -0.54
C ASN C 932 31.23 -46.85 -0.03
N THR C 933 30.36 -47.27 -0.96
CA THR C 933 29.15 -47.97 -0.59
C THR C 933 29.52 -49.29 0.05
N LEU C 934 30.49 -49.99 -0.54
CA LEU C 934 30.96 -51.25 -0.04
C LEU C 934 31.43 -51.09 1.36
N HIS C 935 32.24 -50.08 1.59
CA HIS C 935 32.79 -49.95 2.90
C HIS C 935 31.69 -49.67 3.88
N ALA C 936 30.72 -48.84 3.52
CA ALA C 936 29.70 -48.53 4.50
C ALA C 936 29.03 -49.80 4.95
N PHE C 937 28.78 -50.66 4.00
CA PHE C 937 28.17 -51.93 4.24
C PHE C 937 29.00 -52.82 5.11
N LEU C 938 30.25 -52.98 4.75
CA LEU C 938 31.06 -53.90 5.49
C LEU C 938 31.27 -53.45 6.90
N ASP C 939 31.36 -52.16 7.09
CA ASP C 939 31.60 -51.67 8.42
C ASP C 939 30.39 -51.87 9.30
N GLU C 940 29.21 -51.67 8.76
CA GLU C 940 28.03 -51.87 9.60
C GLU C 940 27.87 -53.34 9.95
N SER C 941 28.19 -54.21 9.00
CA SER C 941 28.07 -55.65 9.18
C SER C 941 29.09 -56.16 10.17
N ARG C 942 30.29 -55.64 10.08
CA ARG C 942 31.33 -56.07 10.97
C ARG C 942 31.07 -55.64 12.38
N SER C 943 30.55 -54.43 12.64
CA SER C 943 30.41 -54.13 14.05
C SER C 943 29.34 -55.00 14.64
N ALA C 944 28.32 -55.36 13.88
CA ALA C 944 27.33 -56.20 14.51
C ALA C 944 27.94 -57.53 14.91
N ALA C 945 28.76 -58.07 14.03
CA ALA C 945 29.37 -59.35 14.31
C ALA C 945 30.39 -59.32 15.43
N LEU C 946 31.19 -58.27 15.47
CA LEU C 946 32.25 -58.16 16.45
C LEU C 946 31.70 -57.78 17.77
N SER C 947 30.63 -57.00 17.76
CA SER C 947 30.04 -56.57 19.01
C SER C 947 29.45 -57.77 19.68
N THR C 948 28.84 -58.64 18.88
CA THR C 948 28.23 -59.81 19.44
C THR C 948 29.28 -60.74 20.00
N TYR C 949 30.33 -60.97 19.22
CA TYR C 949 31.37 -61.88 19.67
C TYR C 949 31.95 -61.37 20.96
N TYR C 950 32.29 -60.09 20.98
CA TYR C 950 32.92 -59.51 22.12
C TYR C 950 32.08 -59.71 23.36
N ILE C 951 30.79 -59.43 23.27
CA ILE C 951 29.99 -59.56 24.46
C ILE C 951 29.95 -60.96 24.98
N ARG C 952 29.77 -61.93 24.08
CA ARG C 952 29.69 -63.29 24.55
C ARG C 952 31.01 -63.93 24.99
N GLN C 953 32.09 -63.62 24.29
CA GLN C 953 33.37 -64.27 24.54
C GLN C 953 34.53 -63.50 25.14
N VAL C 954 34.50 -62.18 25.05
CA VAL C 954 35.64 -61.38 25.45
C VAL C 954 35.39 -60.56 26.69
N ALA C 955 34.20 -60.00 26.76
CA ALA C 955 33.87 -59.09 27.83
C ALA C 955 34.03 -59.75 29.19
N LYS C 956 34.54 -58.98 30.13
CA LYS C 956 34.74 -59.42 31.50
C LYS C 956 33.42 -59.34 32.22
N ALA C 957 33.18 -60.23 33.18
CA ALA C 957 31.93 -60.20 33.95
C ALA C 957 31.75 -58.92 34.73
N ALA C 958 32.87 -58.38 35.18
CA ALA C 958 32.87 -57.17 35.97
C ALA C 958 32.21 -56.04 35.21
N ALA C 959 32.34 -56.01 33.90
CA ALA C 959 31.71 -55.00 33.11
C ALA C 959 30.38 -55.58 32.75
N ALA C 960 29.31 -55.18 33.40
CA ALA C 960 28.05 -55.86 33.18
C ALA C 960 27.40 -55.48 31.87
N ILE C 961 27.95 -56.01 30.80
CA ILE C 961 27.52 -55.75 29.46
C ILE C 961 26.58 -56.84 29.00
N LYS C 962 25.34 -56.48 28.76
CA LYS C 962 24.36 -57.48 28.41
C LYS C 962 24.03 -57.34 26.94
N SER C 963 24.16 -56.12 26.45
CA SER C 963 23.82 -55.83 25.08
C SER C 963 24.79 -54.86 24.47
N ARG C 964 24.58 -54.64 23.19
CA ARG C 964 25.39 -53.77 22.36
C ARG C 964 25.38 -52.32 22.88
N ASP C 965 24.35 -51.96 23.64
CA ASP C 965 24.22 -50.61 24.17
C ASP C 965 25.09 -50.46 25.40
N ASP C 966 25.28 -51.54 26.12
CA ASP C 966 26.03 -51.46 27.35
C ASP C 966 27.47 -51.47 26.93
N LEU C 967 27.73 -52.09 25.79
CA LEU C 967 29.05 -52.12 25.27
C LEU C 967 29.44 -50.69 24.91
N TYR C 968 28.53 -49.93 24.28
CA TYR C 968 28.81 -48.51 24.00
C TYR C 968 29.28 -47.77 25.20
N GLN C 969 28.60 -48.02 26.28
CA GLN C 969 28.86 -47.34 27.53
C GLN C 969 30.13 -47.80 28.22
N TYR C 970 30.70 -48.92 27.80
CA TYR C 970 31.88 -49.46 28.45
C TYR C 970 33.10 -49.07 27.67
N LEU C 971 33.05 -49.25 26.36
CA LEU C 971 34.21 -48.98 25.53
C LEU C 971 34.26 -47.53 25.11
N LEU C 972 33.29 -46.79 25.58
CA LEU C 972 33.22 -45.37 25.34
C LEU C 972 33.24 -45.01 23.85
N ILE C 973 32.60 -45.82 23.05
CA ILE C 973 32.55 -45.59 21.62
C ILE C 973 31.32 -46.30 21.09
N ASP C 974 30.63 -45.72 20.12
CA ASP C 974 29.42 -46.39 19.63
C ASP C 974 29.75 -47.37 18.54
N ASN C 975 28.86 -48.30 18.31
CA ASN C 975 29.02 -49.31 17.30
C ASN C 975 27.75 -49.56 16.52
N GLN C 976 26.72 -48.79 16.88
CA GLN C 976 25.40 -48.83 16.27
C GLN C 976 25.16 -47.61 15.42
N VAL C 977 26.21 -46.90 15.15
CA VAL C 977 26.15 -45.71 14.34
C VAL C 977 26.22 -46.11 12.92
N SER C 978 25.65 -45.32 12.04
CA SER C 978 25.76 -45.64 10.64
C SER C 978 27.15 -45.31 10.17
N ALA C 979 27.53 -45.83 9.01
CA ALA C 979 28.85 -45.56 8.47
C ALA C 979 28.94 -44.19 7.84
N ALA C 980 27.83 -43.49 7.82
CA ALA C 980 27.76 -42.15 7.26
C ALA C 980 28.47 -41.13 8.15
N ILE C 981 28.65 -41.45 9.43
CA ILE C 981 29.27 -40.49 10.31
C ILE C 981 30.79 -40.53 10.25
N LYS C 982 31.39 -39.36 10.03
CA LYS C 982 32.84 -39.27 9.97
C LYS C 982 33.38 -38.65 11.23
N THR C 983 34.60 -39.00 11.54
CA THR C 983 35.31 -38.51 12.70
C THR C 983 36.80 -38.60 12.50
N THR C 984 37.57 -38.15 13.46
CA THR C 984 39.03 -38.29 13.38
C THR C 984 39.49 -39.08 14.58
N ARG C 985 40.72 -39.58 14.57
CA ARG C 985 41.12 -40.36 15.73
C ARG C 985 41.11 -39.52 16.99
N ILE C 986 41.53 -38.28 16.85
CA ILE C 986 41.53 -37.38 17.97
C ILE C 986 40.11 -37.04 18.34
N ALA C 987 39.25 -36.74 17.38
CA ALA C 987 37.89 -36.39 17.75
C ALA C 987 37.22 -37.49 18.53
N GLU C 988 37.48 -38.76 18.22
CA GLU C 988 36.86 -39.80 19.02
C GLU C 988 37.49 -39.84 20.38
N ALA C 989 38.79 -39.65 20.47
CA ALA C 989 39.36 -39.68 21.78
C ALA C 989 38.72 -38.60 22.63
N ILE C 990 38.41 -37.47 22.01
CA ILE C 990 37.77 -36.38 22.72
C ILE C 990 36.29 -36.63 22.61
N ALA C 991 35.87 -37.65 23.24
CA ALA C 991 34.51 -38.06 23.24
C ALA C 991 34.45 -39.21 24.13
N SER C 992 35.31 -40.17 23.88
CA SER C 992 35.33 -41.33 24.71
C SER C 992 35.65 -40.90 26.13
N ILE C 993 36.47 -39.88 26.24
CA ILE C 993 36.83 -39.39 27.54
C ILE C 993 35.71 -38.54 28.07
N GLN C 994 35.08 -37.76 27.24
CA GLN C 994 34.05 -36.86 27.72
C GLN C 994 32.93 -37.68 28.32
N LEU C 995 32.67 -38.82 27.73
CA LEU C 995 31.65 -39.71 28.22
C LEU C 995 32.11 -40.30 29.52
N TYR C 996 33.35 -40.74 29.58
CA TYR C 996 33.89 -41.32 30.79
C TYR C 996 33.69 -40.37 31.94
N VAL C 997 33.99 -39.11 31.69
CA VAL C 997 33.86 -38.15 32.73
C VAL C 997 32.43 -37.96 33.10
N ASN C 998 31.52 -37.81 32.14
CA ASN C 998 30.15 -37.55 32.52
C ASN C 998 29.55 -38.66 33.33
N ARG C 999 29.91 -39.88 33.03
CA ARG C 999 29.39 -41.00 33.75
C ARG C 999 29.93 -41.02 35.16
N ALA C 1000 31.17 -40.54 35.31
CA ALA C 1000 31.74 -40.52 36.63
C ALA C 1000 31.06 -39.44 37.45
N LEU C 1001 30.85 -38.27 36.86
CA LEU C 1001 30.30 -37.15 37.59
C LEU C 1001 28.88 -37.40 38.04
N GLU C 1002 28.15 -38.15 37.24
CA GLU C 1002 26.76 -38.47 37.50
C GLU C 1002 26.60 -39.72 38.34
N ASN C 1003 27.72 -40.29 38.76
CA ASN C 1003 27.79 -41.50 39.55
C ASN C 1003 27.11 -42.68 38.91
N VAL C 1004 27.23 -42.82 37.61
CA VAL C 1004 26.70 -44.01 36.98
C VAL C 1004 27.71 -45.04 37.42
N GLU C 1005 28.94 -44.61 37.33
CA GLU C 1005 30.12 -45.36 37.71
C GLU C 1005 30.29 -44.94 39.15
N GLU C 1006 29.64 -45.65 40.06
CA GLU C 1006 29.51 -45.06 41.38
C GLU C 1006 30.80 -44.81 42.16
N ASN C 1007 31.76 -45.71 42.08
CA ASN C 1007 32.93 -45.54 42.93
C ASN C 1007 34.07 -44.73 42.38
N ALA C 1008 33.81 -43.47 42.14
CA ALA C 1008 34.80 -42.53 41.62
C ALA C 1008 35.70 -42.08 42.76
N ASN C 1009 36.88 -41.60 42.41
CA ASN C 1009 37.84 -41.10 43.39
C ASN C 1009 37.46 -39.71 43.83
N SER C 1010 37.08 -39.57 45.10
CA SER C 1010 36.59 -38.30 45.58
C SER C 1010 37.64 -37.20 45.58
N GLY C 1011 38.91 -37.56 45.61
CA GLY C 1011 39.97 -36.58 45.61
C GLY C 1011 40.29 -36.07 44.21
N VAL C 1012 39.64 -36.65 43.23
CA VAL C 1012 39.82 -36.28 41.84
C VAL C 1012 38.59 -35.54 41.38
N ILE C 1013 37.41 -36.01 41.77
CA ILE C 1013 36.17 -35.37 41.39
C ILE C 1013 36.16 -33.95 41.87
N SER C 1014 36.68 -33.73 43.05
CA SER C 1014 36.69 -32.42 43.68
C SER C 1014 37.61 -31.40 43.00
N ARG C 1015 38.45 -31.84 42.05
CA ARG C 1015 39.40 -30.95 41.41
C ARG C 1015 38.72 -29.92 40.56
N GLN C 1016 39.34 -28.75 40.47
CA GLN C 1016 38.77 -27.61 39.75
C GLN C 1016 38.39 -27.94 38.33
N PHE C 1017 39.15 -28.77 37.70
CA PHE C 1017 38.84 -29.11 36.33
C PHE C 1017 37.41 -29.60 36.20
N PHE C 1018 36.98 -30.43 37.14
CA PHE C 1018 35.66 -31.00 37.09
C PHE C 1018 34.64 -29.99 37.58
N ILE C 1019 35.07 -29.09 38.45
CA ILE C 1019 34.15 -28.09 38.99
C ILE C 1019 33.64 -27.23 37.84
N ASP C 1020 34.54 -26.92 36.92
CA ASP C 1020 34.25 -26.13 35.74
C ASP C 1020 33.70 -26.93 34.57
N TRP C 1021 33.51 -28.23 34.73
CA TRP C 1021 33.09 -29.11 33.66
C TRP C 1021 31.84 -28.63 33.01
N ASP C 1022 30.89 -28.19 33.79
CA ASP C 1022 29.59 -27.82 33.27
C ASP C 1022 29.53 -26.41 32.73
N LYS C 1023 30.61 -25.66 32.83
CA LYS C 1023 30.59 -24.32 32.30
C LYS C 1023 31.53 -24.20 31.13
N TYR C 1024 32.67 -24.90 31.18
CA TYR C 1024 33.66 -24.76 30.14
C TYR C 1024 34.25 -26.07 29.63
N ASN C 1025 34.63 -26.94 30.55
CA ASN C 1025 35.53 -28.01 30.14
C ASN C 1025 34.91 -29.19 29.43
N LYS C 1026 33.60 -29.34 29.49
CA LYS C 1026 32.93 -30.43 28.81
C LYS C 1026 32.86 -30.30 27.31
N ARG C 1027 33.14 -29.12 26.75
CA ARG C 1027 33.01 -28.97 25.30
C ARG C 1027 34.21 -28.31 24.68
N TYR C 1028 34.63 -28.82 23.53
CA TYR C 1028 35.76 -28.19 22.88
C TYR C 1028 35.50 -26.74 22.64
N SER C 1029 34.32 -26.36 22.17
CA SER C 1029 34.15 -24.97 21.85
C SER C 1029 34.37 -24.05 23.03
N THR C 1030 33.86 -24.41 24.18
CA THR C 1030 33.92 -23.53 25.32
C THR C 1030 35.24 -23.65 26.02
N TRP C 1031 35.86 -24.79 25.89
CA TRP C 1031 37.16 -24.98 26.44
C TRP C 1031 38.11 -24.08 25.69
N ALA C 1032 38.06 -24.13 24.37
CA ALA C 1032 38.93 -23.33 23.56
C ALA C 1032 38.66 -21.87 23.78
N GLY C 1033 37.40 -21.52 23.94
CA GLY C 1033 37.06 -20.14 24.17
C GLY C 1033 37.67 -19.66 25.48
N VAL C 1034 37.37 -20.34 26.58
CA VAL C 1034 37.88 -19.88 27.86
C VAL C 1034 39.38 -19.94 27.88
N SER C 1035 39.97 -20.91 27.22
CA SER C 1035 41.41 -21.01 27.23
C SER C 1035 42.01 -19.77 26.58
N GLN C 1036 41.46 -19.34 25.45
CA GLN C 1036 41.98 -18.14 24.81
C GLN C 1036 41.72 -16.91 25.66
N LEU C 1037 40.60 -16.91 26.35
CA LEU C 1037 40.20 -15.81 27.19
C LEU C 1037 41.17 -15.57 28.29
N VAL C 1038 41.59 -16.63 28.94
CA VAL C 1038 42.54 -16.47 30.00
C VAL C 1038 43.97 -16.28 29.52
N TYR C 1039 44.37 -16.88 28.38
CA TYR C 1039 45.75 -16.73 27.93
C TYR C 1039 46.03 -15.30 27.49
N TYR C 1040 45.08 -14.65 26.80
CA TYR C 1040 45.29 -13.27 26.41
C TYR C 1040 44.17 -12.40 26.94
N PRO C 1041 44.05 -12.24 28.26
CA PRO C 1041 42.98 -11.58 28.93
C PRO C 1041 42.96 -10.11 28.63
N GLU C 1042 44.07 -9.55 28.15
CA GLU C 1042 44.10 -8.15 27.82
C GLU C 1042 43.22 -7.80 26.64
N ASN C 1043 42.76 -8.81 25.92
CA ASN C 1043 41.92 -8.55 24.78
C ASN C 1043 40.47 -8.58 25.19
N TYR C 1044 40.20 -8.97 26.44
CA TYR C 1044 38.83 -9.13 26.88
C TYR C 1044 38.45 -8.40 28.16
N ILE C 1045 39.39 -8.23 29.08
CA ILE C 1045 39.07 -7.65 30.38
C ILE C 1045 38.60 -6.24 30.26
N ASP C 1046 37.70 -5.88 31.15
CA ASP C 1046 37.10 -4.57 31.15
C ASP C 1046 36.77 -4.14 32.57
N PRO C 1047 37.13 -2.92 33.02
CA PRO C 1047 36.88 -2.45 34.37
C PRO C 1047 35.40 -2.42 34.72
N THR C 1048 34.50 -2.33 33.72
CA THR C 1048 33.10 -2.33 34.04
C THR C 1048 32.67 -3.78 34.17
N MET C 1049 33.12 -4.58 33.23
CA MET C 1049 32.70 -5.97 33.17
C MET C 1049 33.82 -6.91 33.55
N ARG C 1050 33.73 -7.42 34.78
CA ARG C 1050 34.75 -8.26 35.38
C ARG C 1050 34.20 -9.10 36.52
N ILE C 1051 34.95 -10.10 36.94
CA ILE C 1051 34.48 -10.98 38.01
C ILE C 1051 35.07 -10.67 39.36
N GLY C 1052 34.21 -10.49 40.35
CA GLY C 1052 34.67 -10.21 41.70
C GLY C 1052 34.52 -8.77 42.14
N GLN C 1053 33.77 -7.97 41.40
CA GLN C 1053 33.58 -6.59 41.80
C GLN C 1053 32.98 -6.56 43.19
N THR C 1054 33.53 -5.69 44.04
CA THR C 1054 33.11 -5.60 45.44
C THR C 1054 31.81 -4.84 45.67
N LYS C 1055 31.20 -5.07 46.82
CA LYS C 1055 30.02 -4.32 47.22
C LYS C 1055 30.36 -2.85 47.35
N MET C 1056 31.57 -2.59 47.77
CA MET C 1056 32.00 -1.24 47.93
C MET C 1056 32.18 -0.56 46.58
N MET C 1057 32.46 -1.34 45.52
CA MET C 1057 32.62 -0.74 44.20
C MET C 1057 31.26 -0.42 43.70
N ASP C 1058 30.27 -1.22 44.10
CA ASP C 1058 28.93 -0.95 43.63
C ASP C 1058 28.53 0.37 44.21
N ALA C 1059 28.91 0.61 45.46
CA ALA C 1059 28.61 1.88 46.08
C ALA C 1059 29.31 3.01 45.33
N LEU C 1060 30.57 2.82 44.92
CA LEU C 1060 31.21 3.90 44.18
C LEU C 1060 30.49 4.15 42.91
N LEU C 1061 30.09 3.10 42.23
CA LEU C 1061 29.48 3.33 40.96
C LEU C 1061 28.16 4.01 41.11
N GLN C 1062 27.38 3.63 42.11
CA GLN C 1062 26.12 4.28 42.26
C GLN C 1062 26.29 5.72 42.62
N SER C 1063 27.27 6.00 43.45
CA SER C 1063 27.52 7.35 43.96
C SER C 1063 27.95 8.27 42.86
N VAL C 1064 28.73 7.72 41.95
CA VAL C 1064 29.24 8.46 40.84
C VAL C 1064 28.17 8.67 39.80
N SER C 1065 27.36 7.66 39.54
CA SER C 1065 26.31 7.68 38.53
C SER C 1065 25.20 8.66 38.82
N GLN C 1066 25.16 9.21 40.03
CA GLN C 1066 24.16 10.19 40.42
C GLN C 1066 24.39 11.54 39.81
N SER C 1067 25.60 11.79 39.31
CA SER C 1067 25.87 13.10 38.76
C SER C 1067 26.85 13.07 37.62
N GLN C 1068 27.31 14.23 37.23
CA GLN C 1068 28.23 14.30 36.14
C GLN C 1068 29.55 13.68 36.59
N LEU C 1069 30.18 12.91 35.72
CA LEU C 1069 31.43 12.28 36.06
C LEU C 1069 32.61 13.20 35.88
N ASN C 1070 33.30 13.44 36.97
CA ASN C 1070 34.46 14.30 36.99
C ASN C 1070 35.25 13.96 38.23
N ALA C 1071 36.39 14.60 38.39
CA ALA C 1071 37.25 14.32 39.53
C ALA C 1071 36.60 14.56 40.89
N ASP C 1072 35.73 15.54 41.03
CA ASP C 1072 35.22 15.79 42.37
C ASP C 1072 34.25 14.71 42.74
N THR C 1073 33.50 14.27 41.76
CA THR C 1073 32.50 13.26 41.97
C THR C 1073 33.18 11.99 42.44
N VAL C 1074 34.31 11.64 41.84
CA VAL C 1074 34.95 10.43 42.31
C VAL C 1074 35.61 10.65 43.67
N GLU C 1075 36.11 11.85 43.97
CA GLU C 1075 36.69 12.00 45.31
C GLU C 1075 35.66 11.77 46.38
N ASP C 1076 34.44 12.25 46.18
CA ASP C 1076 33.46 12.07 47.21
C ASP C 1076 33.16 10.59 47.35
N ALA C 1077 33.07 9.91 46.22
CA ALA C 1077 32.78 8.51 46.25
C ALA C 1077 33.89 7.73 46.94
N PHE C 1078 35.15 8.14 46.76
CA PHE C 1078 36.23 7.43 47.40
C PHE C 1078 36.23 7.58 48.88
N MET C 1079 35.81 8.72 49.36
CA MET C 1079 35.83 8.88 50.78
C MET C 1079 34.88 7.86 51.38
N SER C 1080 33.73 7.66 50.75
CA SER C 1080 32.79 6.69 51.26
C SER C 1080 33.32 5.27 51.13
N TYR C 1081 33.99 4.97 50.02
CA TYR C 1081 34.52 3.64 49.79
C TYR C 1081 35.46 3.26 50.89
N LEU C 1082 36.39 4.14 51.19
CA LEU C 1082 37.38 3.86 52.19
C LEU C 1082 36.80 3.87 53.57
N THR C 1083 35.82 4.73 53.82
CA THR C 1083 35.22 4.74 55.14
C THR C 1083 34.69 3.34 55.43
N SER C 1084 34.05 2.72 54.42
CA SER C 1084 33.55 1.37 54.56
C SER C 1084 34.67 0.33 54.62
N PHE C 1085 35.72 0.49 53.83
CA PHE C 1085 36.82 -0.45 53.83
C PHE C 1085 37.39 -0.58 55.20
N GLU C 1086 37.57 0.54 55.81
CA GLU C 1086 38.17 0.62 57.11
C GLU C 1086 37.52 -0.26 58.14
N GLN C 1087 36.23 -0.51 58.05
CA GLN C 1087 35.53 -1.22 59.09
C GLN C 1087 35.84 -2.70 59.07
N VAL C 1088 36.34 -3.20 57.94
CA VAL C 1088 36.65 -4.63 57.85
C VAL C 1088 38.12 -4.89 57.57
N ALA C 1089 38.84 -3.81 57.29
CA ALA C 1089 40.24 -3.87 56.95
C ALA C 1089 41.07 -4.62 57.97
N ASN C 1090 40.70 -4.55 59.25
CA ASN C 1090 41.50 -5.21 60.26
C ASN C 1090 40.71 -6.08 61.20
N LEU C 1091 39.77 -6.86 60.70
CA LEU C 1091 39.04 -7.76 61.58
C LEU C 1091 40.00 -8.82 62.06
N LYS C 1092 39.77 -9.37 63.24
CA LYS C 1092 40.65 -10.41 63.71
C LYS C 1092 40.20 -11.73 63.21
N VAL C 1093 41.09 -12.48 62.63
CA VAL C 1093 40.69 -13.79 62.17
C VAL C 1093 40.70 -14.75 63.34
N ILE C 1094 39.60 -15.48 63.48
CA ILE C 1094 39.44 -16.45 64.55
C ILE C 1094 39.70 -17.87 64.13
N SER C 1095 39.10 -18.28 63.03
CA SER C 1095 39.21 -19.67 62.60
C SER C 1095 38.91 -19.81 61.13
N ALA C 1096 39.18 -20.99 60.58
CA ALA C 1096 38.93 -21.23 59.18
C ALA C 1096 38.79 -22.71 58.88
N TYR C 1097 38.19 -23.01 57.72
CA TYR C 1097 37.93 -24.39 57.24
C TYR C 1097 38.11 -24.52 55.75
N HIS C 1098 38.77 -25.57 55.33
CA HIS C 1098 39.00 -25.80 53.92
C HIS C 1098 38.11 -26.92 53.46
N ASP C 1099 37.27 -26.70 52.47
CA ASP C 1099 36.30 -27.74 52.16
C ASP C 1099 36.76 -28.80 51.16
N ASN C 1100 38.01 -28.81 50.84
CA ASN C 1100 38.54 -29.79 49.94
C ASN C 1100 39.29 -30.82 50.75
N ILE C 1101 39.87 -31.77 50.05
CA ILE C 1101 40.69 -32.83 50.58
C ILE C 1101 42.11 -32.39 50.41
N ASN C 1102 42.34 -31.78 49.29
CA ASN C 1102 43.68 -31.34 48.91
C ASN C 1102 43.84 -29.87 49.25
N ASN C 1103 44.92 -29.50 49.93
CA ASN C 1103 45.02 -28.11 50.35
C ASN C 1103 45.34 -27.10 49.27
N ASP C 1104 45.61 -27.53 48.05
CA ASP C 1104 45.86 -26.58 46.99
C ASP C 1104 44.62 -26.27 46.13
N GLN C 1105 43.46 -26.87 46.44
CA GLN C 1105 42.23 -26.62 45.65
C GLN C 1105 40.99 -26.46 46.48
N GLY C 1106 39.99 -25.73 45.99
CA GLY C 1106 38.73 -25.57 46.72
C GLY C 1106 38.77 -24.32 47.58
N LEU C 1107 37.87 -24.18 48.55
CA LEU C 1107 37.86 -22.91 49.24
C LEU C 1107 38.07 -22.91 50.72
N THR C 1108 38.83 -21.94 51.19
CA THR C 1108 38.99 -21.82 52.62
C THR C 1108 38.10 -20.74 53.12
N TYR C 1109 37.29 -21.09 54.07
CA TYR C 1109 36.34 -20.20 54.68
C TYR C 1109 36.93 -19.67 55.95
N PHE C 1110 36.72 -18.40 56.22
CA PHE C 1110 37.27 -17.79 57.41
C PHE C 1110 36.25 -17.09 58.22
N ILE C 1111 36.42 -17.12 59.52
CA ILE C 1111 35.62 -16.36 60.44
C ILE C 1111 36.48 -15.35 61.13
N GLY C 1112 36.03 -14.10 61.12
CA GLY C 1112 36.75 -13.07 61.82
C GLY C 1112 35.81 -12.25 62.69
N LEU C 1113 36.38 -11.35 63.46
CA LEU C 1113 35.60 -10.56 64.38
C LEU C 1113 35.99 -9.10 64.52
N SER C 1114 34.97 -8.25 64.54
CA SER C 1114 35.14 -6.83 64.74
C SER C 1114 35.94 -6.53 65.98
N GLU C 1115 36.85 -5.58 65.84
CA GLU C 1115 37.73 -5.12 66.90
C GLU C 1115 37.05 -4.13 67.84
N THR C 1116 35.80 -3.80 67.58
CA THR C 1116 35.05 -2.83 68.35
C THR C 1116 33.96 -3.56 69.14
N ASP C 1117 32.88 -3.86 68.45
CA ASP C 1117 31.76 -4.62 68.97
C ASP C 1117 32.20 -6.04 69.19
N ALA C 1118 31.99 -6.58 70.38
CA ALA C 1118 32.40 -7.93 70.77
C ALA C 1118 31.76 -8.98 69.88
N GLY C 1119 30.65 -8.61 69.26
CA GLY C 1119 29.87 -9.43 68.35
C GLY C 1119 30.31 -9.03 66.94
N GLU C 1120 29.41 -9.03 65.98
CA GLU C 1120 29.82 -8.71 64.62
C GLU C 1120 30.87 -9.67 64.07
N TYR C 1121 30.42 -10.89 63.85
CA TYR C 1121 31.29 -11.88 63.26
C TYR C 1121 31.11 -11.75 61.77
N TYR C 1122 32.19 -11.90 61.06
CA TYR C 1122 32.20 -11.80 59.62
C TYR C 1122 32.82 -13.00 58.96
N TRP C 1123 32.49 -13.25 57.69
CA TRP C 1123 33.17 -14.36 57.04
C TRP C 1123 33.70 -14.07 55.63
N ARG C 1124 34.71 -14.85 55.24
CA ARG C 1124 35.39 -14.77 53.94
C ARG C 1124 35.53 -16.12 53.33
N SER C 1125 35.81 -16.16 52.06
CA SER C 1125 36.26 -17.39 51.46
C SER C 1125 37.36 -17.07 50.46
N VAL C 1126 38.32 -17.98 50.32
CA VAL C 1126 39.35 -17.78 49.30
C VAL C 1126 39.40 -18.98 48.39
N ASP C 1127 39.47 -18.72 47.11
CA ASP C 1127 39.57 -19.78 46.13
C ASP C 1127 41.02 -20.16 45.88
N HIS C 1128 41.38 -21.39 46.21
CA HIS C 1128 42.77 -21.81 46.08
C HIS C 1128 43.10 -22.19 44.66
N SER C 1129 42.11 -22.20 43.80
CA SER C 1129 42.37 -22.54 42.42
C SER C 1129 42.93 -21.33 41.71
N LYS C 1130 42.90 -20.18 42.39
CA LYS C 1130 43.41 -18.94 41.86
C LYS C 1130 44.74 -18.60 42.53
N PHE C 1131 45.33 -19.61 43.18
CA PHE C 1131 46.63 -19.56 43.84
C PHE C 1131 47.68 -20.19 42.96
N ASN C 1132 48.85 -19.56 42.82
CA ASN C 1132 49.88 -20.21 42.00
C ASN C 1132 51.28 -20.19 42.59
N ASP C 1133 52.07 -19.16 42.31
CA ASP C 1133 53.48 -19.19 42.68
C ASP C 1133 53.72 -18.61 44.05
N GLY C 1134 53.04 -19.15 45.02
CA GLY C 1134 53.16 -18.67 46.38
C GLY C 1134 52.24 -17.51 46.72
N LYS C 1135 51.39 -17.09 45.78
CA LYS C 1135 50.48 -15.99 46.04
C LYS C 1135 49.09 -16.19 45.44
N PHE C 1136 48.12 -15.53 46.07
CA PHE C 1136 46.73 -15.56 45.60
C PHE C 1136 46.48 -14.42 44.66
N ALA C 1137 45.70 -14.66 43.62
CA ALA C 1137 45.46 -13.63 42.62
C ALA C 1137 44.38 -12.62 42.94
N ALA C 1138 44.48 -11.94 44.07
CA ALA C 1138 43.62 -10.83 44.49
C ALA C 1138 42.11 -11.07 44.53
N ASN C 1139 41.47 -11.46 43.42
CA ASN C 1139 40.01 -11.67 43.42
C ASN C 1139 39.76 -13.11 43.76
N ALA C 1140 40.82 -13.73 44.19
CA ALA C 1140 40.80 -15.05 44.74
C ALA C 1140 40.02 -14.96 46.02
N TRP C 1141 40.07 -13.78 46.66
CA TRP C 1141 39.42 -13.57 47.92
C TRP C 1141 38.04 -12.91 47.80
N SER C 1142 37.10 -13.39 48.59
CA SER C 1142 35.78 -12.80 48.70
C SER C 1142 35.81 -11.66 49.69
N GLU C 1143 34.72 -10.92 49.81
CA GLU C 1143 34.67 -9.82 50.77
C GLU C 1143 34.24 -10.28 52.12
N TRP C 1144 34.48 -9.48 53.16
CA TRP C 1144 33.94 -9.90 54.44
C TRP C 1144 32.44 -9.70 54.43
N HIS C 1145 31.72 -10.72 54.83
CA HIS C 1145 30.27 -10.66 54.94
C HIS C 1145 29.85 -10.66 56.37
N LYS C 1146 28.92 -9.80 56.74
CA LYS C 1146 28.51 -9.73 58.13
C LYS C 1146 27.45 -10.73 58.50
N ILE C 1147 27.66 -11.38 59.63
CA ILE C 1147 26.72 -12.32 60.20
C ILE C 1147 25.74 -11.60 61.12
N ASP C 1148 24.44 -11.70 60.86
CA ASP C 1148 23.49 -10.98 61.68
C ASP C 1148 23.07 -11.75 62.93
N CYS C 1149 23.24 -13.05 62.94
CA CYS C 1149 22.88 -13.83 64.11
C CYS C 1149 23.81 -13.46 65.25
N PRO C 1150 23.32 -13.14 66.45
CA PRO C 1150 24.16 -12.86 67.59
C PRO C 1150 24.87 -14.15 67.93
N ILE C 1151 26.13 -14.06 68.32
CA ILE C 1151 26.94 -15.21 68.71
C ILE C 1151 27.75 -14.87 69.97
N ASN C 1152 27.80 -15.77 70.95
CA ASN C 1152 28.59 -15.53 72.15
C ASN C 1152 29.44 -16.73 72.52
N PRO C 1153 30.40 -17.11 71.67
CA PRO C 1153 31.16 -18.33 71.84
C PRO C 1153 32.07 -18.28 73.05
N TYR C 1154 32.25 -19.41 73.69
CA TYR C 1154 33.12 -19.51 74.83
C TYR C 1154 34.54 -19.67 74.37
N LYS C 1155 35.35 -18.68 74.74
CA LYS C 1155 36.74 -18.59 74.35
C LYS C 1155 36.86 -18.63 72.84
N SER C 1156 35.89 -18.02 72.13
CA SER C 1156 35.92 -17.99 70.68
C SER C 1156 35.98 -19.38 70.07
N THR C 1157 35.35 -20.38 70.68
CA THR C 1157 35.37 -21.68 70.06
C THR C 1157 34.28 -21.75 69.01
N ILE C 1158 34.61 -21.16 67.86
CA ILE C 1158 33.72 -21.09 66.70
C ILE C 1158 34.40 -21.64 65.48
N ARG C 1159 33.69 -22.43 64.71
CA ARG C 1159 34.24 -23.02 63.52
C ARG C 1159 33.27 -22.93 62.36
N PRO C 1160 33.69 -22.53 61.16
CA PRO C 1160 32.92 -22.63 59.96
C PRO C 1160 33.02 -24.05 59.49
N VAL C 1161 32.02 -24.53 58.80
CA VAL C 1161 32.12 -25.79 58.11
C VAL C 1161 31.24 -25.75 56.87
N ILE C 1162 31.59 -26.48 55.83
CA ILE C 1162 30.67 -26.56 54.71
C ILE C 1162 30.00 -27.88 54.82
N TYR C 1163 28.72 -27.83 54.98
CA TYR C 1163 27.96 -29.00 55.25
C TYR C 1163 26.66 -28.93 54.54
N LYS C 1164 26.26 -30.02 53.88
CA LYS C 1164 25.04 -29.97 53.09
C LYS C 1164 25.17 -28.81 52.12
N SER C 1165 26.37 -28.63 51.58
CA SER C 1165 26.73 -27.61 50.60
C SER C 1165 26.40 -26.16 50.99
N ARG C 1166 26.27 -25.91 52.28
CA ARG C 1166 25.96 -24.59 52.80
C ARG C 1166 26.95 -24.18 53.85
N LEU C 1167 27.16 -22.89 54.01
CA LEU C 1167 28.01 -22.52 55.12
C LEU C 1167 27.26 -22.56 56.42
N TYR C 1168 27.81 -23.36 57.31
CA TYR C 1168 27.35 -23.56 58.67
C TYR C 1168 28.35 -23.07 59.65
N LEU C 1169 27.86 -22.57 60.75
CA LEU C 1169 28.73 -22.23 61.84
C LEU C 1169 28.38 -23.07 62.98
N LEU C 1170 29.37 -23.42 63.74
CA LEU C 1170 29.06 -24.06 64.97
C LEU C 1170 29.94 -23.50 66.00
N TRP C 1171 29.42 -23.42 67.19
CA TRP C 1171 30.25 -22.91 68.23
C TRP C 1171 29.83 -23.43 69.55
N LEU C 1172 30.74 -23.34 70.48
CA LEU C 1172 30.45 -23.78 71.81
C LEU C 1172 30.26 -22.59 72.71
N GLU C 1173 29.23 -22.62 73.54
CA GLU C 1173 29.02 -21.53 74.48
C GLU C 1173 28.55 -22.05 75.83
N GLN C 1174 28.76 -21.26 76.88
CA GLN C 1174 28.33 -21.63 78.22
C GLN C 1174 27.13 -20.88 78.71
N LYS C 1175 26.31 -21.58 79.48
CA LYS C 1175 25.20 -20.94 80.16
C LYS C 1175 25.38 -21.04 81.66
N GLU C 1176 25.38 -19.90 82.34
CA GLU C 1176 25.64 -19.89 83.77
C GLU C 1176 24.39 -20.17 84.57
N ILE C 1177 24.00 -21.42 84.55
CA ILE C 1177 22.77 -21.86 85.17
C ILE C 1177 22.97 -22.51 86.52
N THR C 1178 22.36 -21.95 87.53
CA THR C 1178 22.42 -22.55 88.84
C THR C 1178 21.28 -22.11 89.74
N LYS C 1179 21.35 -22.58 90.96
CA LYS C 1179 20.37 -22.30 92.01
C LYS C 1179 20.75 -21.01 92.70
N GLN C 1180 19.85 -20.41 93.45
CA GLN C 1180 20.27 -19.20 94.14
C GLN C 1180 20.92 -19.51 95.50
N THR C 1181 20.50 -20.61 96.10
CA THR C 1181 20.90 -20.97 97.47
C THR C 1181 21.74 -22.25 97.53
N GLY C 1182 22.92 -22.13 98.11
CA GLY C 1182 23.95 -23.18 98.19
C GLY C 1182 23.52 -24.51 98.78
N ASN C 1183 22.63 -24.44 99.75
CA ASN C 1183 22.11 -25.58 100.46
C ASN C 1183 20.60 -25.56 100.52
N SER C 1184 19.97 -24.81 99.62
CA SER C 1184 18.52 -24.68 99.52
C SER C 1184 17.84 -24.10 100.78
N LYS C 1185 18.62 -23.67 101.76
CA LYS C 1185 18.15 -23.07 102.99
C LYS C 1185 18.87 -21.73 103.20
N ASP C 1186 19.71 -21.66 104.24
CA ASP C 1186 20.48 -20.45 104.48
C ASP C 1186 21.87 -20.60 103.85
N GLY C 1187 22.06 -20.02 102.67
CA GLY C 1187 23.31 -20.16 101.94
C GLY C 1187 23.21 -19.51 100.58
N TYR C 1188 24.25 -19.65 99.75
CA TYR C 1188 24.24 -19.06 98.42
C TYR C 1188 25.04 -19.94 97.46
N GLN C 1189 24.72 -19.89 96.17
CA GLN C 1189 25.56 -20.61 95.20
C GLN C 1189 26.75 -19.74 94.85
N THR C 1190 27.82 -20.38 94.37
CA THR C 1190 29.03 -19.65 94.05
C THR C 1190 29.08 -19.20 92.61
N GLU C 1191 29.40 -20.12 91.70
CA GLU C 1191 29.46 -19.77 90.28
C GLU C 1191 28.27 -20.34 89.54
N THR C 1192 28.47 -21.34 88.71
CA THR C 1192 27.38 -21.87 87.94
C THR C 1192 27.64 -23.28 87.47
N ASP C 1193 26.59 -24.00 87.14
CA ASP C 1193 26.76 -25.29 86.53
C ASP C 1193 26.91 -24.88 85.10
N TYR C 1194 28.12 -24.84 84.60
CA TYR C 1194 28.21 -24.26 83.31
C TYR C 1194 27.78 -25.28 82.31
N ARG C 1195 26.64 -25.00 81.73
CA ARG C 1195 26.05 -25.85 80.74
C ARG C 1195 26.68 -25.54 79.42
N TYR C 1196 27.08 -26.55 78.70
CA TYR C 1196 27.68 -26.35 77.41
C TYR C 1196 26.77 -26.67 76.27
N GLU C 1197 26.45 -25.63 75.54
CA GLU C 1197 25.56 -25.77 74.43
C GLU C 1197 26.32 -25.70 73.15
N LEU C 1198 26.08 -26.67 72.30
CA LEU C 1198 26.72 -26.63 71.02
C LEU C 1198 25.71 -26.08 70.06
N LYS C 1199 26.04 -24.99 69.43
CA LYS C 1199 25.08 -24.36 68.54
C LYS C 1199 25.44 -24.61 67.12
N LEU C 1200 24.42 -24.78 66.26
CA LEU C 1200 24.64 -24.96 64.84
C LEU C 1200 23.63 -24.17 64.02
N ALA C 1201 24.11 -23.33 63.12
CA ALA C 1201 23.27 -22.44 62.32
C ALA C 1201 23.83 -22.25 60.94
N HIS C 1202 23.01 -21.83 59.99
CA HIS C 1202 23.57 -21.65 58.66
C HIS C 1202 23.05 -20.45 57.95
N ILE C 1203 23.81 -20.10 56.95
CA ILE C 1203 23.44 -18.98 56.14
C ILE C 1203 22.32 -19.39 55.24
N ARG C 1204 21.36 -18.51 55.11
CA ARG C 1204 20.19 -18.65 54.28
C ARG C 1204 20.54 -18.21 52.88
N TYR C 1205 19.70 -18.55 51.93
CA TYR C 1205 20.01 -18.16 50.57
C TYR C 1205 19.98 -16.65 50.36
N ASP C 1206 19.24 -15.91 51.17
CA ASP C 1206 19.17 -14.47 50.99
C ASP C 1206 20.30 -13.72 51.70
N GLY C 1207 21.24 -14.47 52.26
CA GLY C 1207 22.40 -13.91 52.94
C GLY C 1207 22.23 -13.74 54.43
N THR C 1208 21.01 -13.88 54.92
CA THR C 1208 20.78 -13.73 56.36
C THR C 1208 21.08 -15.04 56.99
N TRP C 1209 21.22 -15.09 58.31
CA TRP C 1209 21.44 -16.36 59.00
C TRP C 1209 20.22 -16.76 59.80
N ASN C 1210 20.02 -18.06 59.98
CA ASN C 1210 18.92 -18.49 60.82
C ASN C 1210 19.30 -18.79 62.27
N THR C 1211 18.28 -19.19 63.03
CA THR C 1211 18.37 -19.51 64.45
C THR C 1211 19.12 -20.83 64.63
N PRO C 1212 20.10 -20.92 65.54
CA PRO C 1212 20.82 -22.14 65.78
C PRO C 1212 20.03 -23.21 66.47
N ILE C 1213 20.39 -24.44 66.15
CA ILE C 1213 19.89 -25.65 66.75
C ILE C 1213 20.84 -26.02 67.85
N THR C 1214 20.33 -26.36 69.01
CA THR C 1214 21.21 -26.65 70.13
C THR C 1214 21.34 -28.11 70.47
N PHE C 1215 22.59 -28.52 70.68
CA PHE C 1215 22.92 -29.85 71.11
C PHE C 1215 23.56 -29.77 72.52
N ASP C 1216 23.27 -30.73 73.38
CA ASP C 1216 23.84 -30.75 74.74
C ASP C 1216 25.10 -31.58 74.81
N VAL C 1217 26.22 -30.95 75.07
CA VAL C 1217 27.49 -31.63 75.04
C VAL C 1217 28.20 -31.69 76.39
N ASN C 1218 27.46 -31.47 77.48
CA ASN C 1218 28.11 -31.43 78.80
C ASN C 1218 28.92 -32.64 79.14
N LYS C 1219 28.47 -33.81 78.72
CA LYS C 1219 29.18 -35.02 79.07
C LYS C 1219 30.38 -35.29 78.21
N LYS C 1220 30.47 -34.68 77.03
CA LYS C 1220 31.65 -34.97 76.22
C LYS C 1220 32.74 -34.04 76.67
N ILE C 1221 32.33 -32.89 77.20
CA ILE C 1221 33.26 -31.91 77.66
C ILE C 1221 33.79 -32.22 79.04
N SER C 1222 32.93 -32.63 79.99
CA SER C 1222 33.35 -32.91 81.35
C SER C 1222 34.29 -34.11 81.42
N GLU C 1223 34.23 -34.92 80.38
CA GLU C 1223 35.05 -36.10 80.19
C GLU C 1223 36.50 -35.71 79.96
N LEU C 1224 36.75 -34.60 79.27
CA LEU C 1224 38.09 -34.22 78.95
C LEU C 1224 38.69 -33.56 80.16
N LYS C 1225 39.94 -33.85 80.44
CA LYS C 1225 40.55 -33.23 81.60
C LYS C 1225 41.12 -31.89 81.23
N LEU C 1226 40.26 -30.89 81.32
CA LEU C 1226 40.58 -29.54 80.92
C LEU C 1226 40.73 -28.62 82.10
N GLU C 1227 41.61 -27.64 81.97
CA GLU C 1227 41.80 -26.56 82.91
C GLU C 1227 40.56 -25.71 82.89
N LYS C 1228 40.22 -25.12 84.03
CA LYS C 1228 39.02 -24.30 84.12
C LYS C 1228 38.87 -23.26 83.01
N ASN C 1229 39.97 -22.65 82.59
CA ASN C 1229 39.93 -21.61 81.59
C ASN C 1229 40.26 -22.05 80.16
N ARG C 1230 40.30 -23.35 79.90
CA ARG C 1230 40.61 -23.84 78.55
C ARG C 1230 39.48 -24.61 77.90
N ALA C 1231 38.98 -24.06 76.81
CA ALA C 1231 37.91 -24.67 76.05
C ALA C 1231 38.45 -25.92 75.41
N PRO C 1232 37.64 -26.95 75.15
CA PRO C 1232 38.05 -28.14 74.47
C PRO C 1232 38.39 -27.72 73.09
N GLY C 1233 39.32 -28.41 72.46
CA GLY C 1233 39.60 -28.05 71.12
C GLY C 1233 38.41 -28.52 70.35
N LEU C 1234 38.03 -27.80 69.31
CA LEU C 1234 36.89 -28.25 68.54
C LEU C 1234 37.27 -28.61 67.13
N TYR C 1235 37.16 -29.87 66.82
CA TYR C 1235 37.51 -30.34 65.51
C TYR C 1235 36.26 -30.54 64.77
N CYS C 1236 36.19 -29.96 63.61
CA CYS C 1236 34.98 -30.17 62.88
C CYS C 1236 35.25 -30.18 61.43
N ALA C 1237 34.70 -31.19 60.79
CA ALA C 1237 34.82 -31.31 59.37
C ALA C 1237 33.65 -32.06 58.84
N GLY C 1238 33.33 -31.80 57.60
CA GLY C 1238 32.28 -32.59 57.00
C GLY C 1238 32.87 -33.88 56.47
N TYR C 1239 32.06 -34.93 56.49
CA TYR C 1239 32.39 -36.17 55.82
C TYR C 1239 32.23 -35.76 54.38
N GLN C 1240 33.07 -36.25 53.50
CA GLN C 1240 33.03 -35.85 52.09
C GLN C 1240 31.64 -35.89 51.46
N GLY C 1241 30.86 -36.90 51.77
CA GLY C 1241 29.51 -36.97 51.23
C GLY C 1241 28.53 -37.29 52.33
N GLU C 1242 27.32 -37.68 51.93
CA GLU C 1242 26.26 -38.12 52.83
C GLU C 1242 25.80 -37.15 53.89
N ASP C 1243 26.19 -35.92 53.79
CA ASP C 1243 25.77 -34.92 54.72
C ASP C 1243 25.95 -35.34 56.17
N THR C 1244 27.06 -36.00 56.46
CA THR C 1244 27.36 -36.35 57.84
C THR C 1244 28.44 -35.45 58.38
N LEU C 1245 28.15 -34.80 59.49
CA LEU C 1245 29.09 -33.86 60.08
C LEU C 1245 29.85 -34.52 61.21
N LEU C 1246 31.16 -34.38 61.20
CA LEU C 1246 31.99 -34.97 62.23
C LEU C 1246 32.42 -33.97 63.28
N VAL C 1247 31.94 -34.11 64.51
CA VAL C 1247 32.28 -33.14 65.55
C VAL C 1247 33.05 -33.79 66.68
N MET C 1248 34.24 -33.26 66.96
CA MET C 1248 35.05 -33.84 68.03
C MET C 1248 35.54 -32.81 69.02
N PHE C 1249 35.68 -33.24 70.25
CA PHE C 1249 36.18 -32.40 71.31
C PHE C 1249 37.47 -32.99 71.81
N TYR C 1250 38.47 -32.15 72.06
CA TYR C 1250 39.70 -32.75 72.55
C TYR C 1250 40.52 -31.94 73.53
N ASN C 1251 41.30 -32.66 74.30
CA ASN C 1251 42.13 -32.04 75.29
C ASN C 1251 43.40 -31.58 74.62
N GLN C 1252 43.36 -30.34 74.16
CA GLN C 1252 44.41 -29.77 73.35
C GLN C 1252 45.79 -29.83 73.96
N GLN C 1253 46.71 -30.35 73.14
CA GLN C 1253 48.11 -30.59 73.47
C GLN C 1253 49.02 -29.52 72.96
N ASP C 1254 50.30 -29.62 73.28
CA ASP C 1254 51.30 -28.66 72.83
C ASP C 1254 51.81 -28.98 71.43
N THR C 1255 51.83 -30.27 71.08
CA THR C 1255 52.33 -30.71 69.78
C THR C 1255 51.34 -31.63 69.11
N LEU C 1256 51.47 -31.77 67.78
CA LEU C 1256 50.61 -32.65 66.99
C LEU C 1256 50.81 -34.13 67.23
N ASP C 1257 52.01 -34.56 67.56
CA ASP C 1257 52.26 -35.98 67.73
C ASP C 1257 51.75 -36.43 69.08
N SER C 1258 51.42 -35.47 69.93
CA SER C 1258 50.91 -35.75 71.26
C SER C 1258 49.48 -36.23 71.17
N TYR C 1259 48.88 -36.10 69.99
CA TYR C 1259 47.54 -36.58 69.85
C TYR C 1259 47.52 -38.04 69.51
N LYS C 1260 48.65 -38.62 69.12
CA LYS C 1260 48.58 -40.01 68.78
C LYS C 1260 48.18 -40.73 70.04
N ASN C 1261 47.15 -41.55 69.94
CA ASN C 1261 46.57 -42.32 71.03
C ASN C 1261 46.01 -41.44 72.15
N ALA C 1262 45.62 -40.20 71.83
CA ALA C 1262 45.02 -39.33 72.82
C ALA C 1262 43.51 -39.47 72.75
N SER C 1263 42.88 -39.74 73.87
CA SER C 1263 41.43 -39.91 73.88
C SER C 1263 40.71 -38.66 73.40
N MET C 1264 39.67 -38.86 72.60
CA MET C 1264 38.84 -37.77 72.10
C MET C 1264 37.39 -38.15 72.18
N GLN C 1265 36.53 -37.16 72.36
CA GLN C 1265 35.09 -37.41 72.40
C GLN C 1265 34.47 -36.87 71.16
N GLY C 1266 33.31 -37.37 70.78
CA GLY C 1266 32.68 -36.75 69.62
C GLY C 1266 31.36 -37.35 69.25
N LEU C 1267 30.75 -36.72 68.26
CA LEU C 1267 29.45 -37.05 67.75
C LEU C 1267 29.29 -36.79 66.28
N TYR C 1268 28.32 -37.43 65.73
CA TYR C 1268 27.94 -37.17 64.39
C TYR C 1268 26.71 -36.31 64.44
N ILE C 1269 26.58 -35.43 63.47
CA ILE C 1269 25.33 -34.71 63.28
C ILE C 1269 24.91 -35.00 61.86
N PHE C 1270 23.66 -35.35 61.69
CA PHE C 1270 23.22 -35.72 60.37
C PHE C 1270 22.40 -34.65 59.71
N ALA C 1271 22.10 -34.86 58.42
CA ALA C 1271 21.31 -33.88 57.66
C ALA C 1271 20.00 -33.63 58.38
N ASP C 1272 19.48 -34.69 58.97
CA ASP C 1272 18.31 -34.62 59.80
C ASP C 1272 19.00 -34.19 61.07
N MET C 1273 18.73 -33.00 61.57
CA MET C 1273 19.52 -32.48 62.67
C MET C 1273 19.30 -33.20 63.98
N ALA C 1274 19.95 -34.33 64.04
CA ALA C 1274 19.91 -35.31 65.09
C ALA C 1274 21.32 -35.75 65.33
N SER C 1275 21.60 -36.14 66.56
CA SER C 1275 22.94 -36.57 66.91
C SER C 1275 23.10 -38.04 67.16
N LYS C 1276 24.34 -38.47 67.04
CA LYS C 1276 24.72 -39.82 67.42
C LYS C 1276 26.13 -39.82 67.94
N ASP C 1277 26.34 -40.37 69.11
CA ASP C 1277 27.68 -40.40 69.66
C ASP C 1277 28.61 -41.23 68.84
N MET C 1278 29.87 -40.80 68.76
CA MET C 1278 30.85 -41.63 68.10
C MET C 1278 31.25 -42.67 69.11
N THR C 1279 31.50 -43.88 68.65
CA THR C 1279 32.02 -44.93 69.49
C THR C 1279 33.53 -44.80 69.37
N PRO C 1280 34.33 -45.11 70.40
CA PRO C 1280 35.79 -45.07 70.38
C PRO C 1280 36.38 -45.81 69.20
N GLU C 1281 35.72 -46.87 68.76
CA GLU C 1281 36.27 -47.61 67.64
C GLU C 1281 36.36 -46.74 66.40
N GLN C 1282 35.42 -45.81 66.25
CA GLN C 1282 35.42 -44.93 65.11
C GLN C 1282 36.19 -43.66 65.40
N SER C 1283 36.14 -43.20 66.67
CA SER C 1283 36.79 -41.92 66.96
C SER C 1283 38.28 -42.10 66.85
N ASN C 1284 38.74 -43.35 66.99
CA ASN C 1284 40.13 -43.70 66.84
C ASN C 1284 40.59 -43.55 65.41
N VAL C 1285 39.69 -43.72 64.45
CA VAL C 1285 40.06 -43.60 63.06
C VAL C 1285 40.12 -42.15 62.75
N TYR C 1286 39.13 -41.41 63.20
CA TYR C 1286 39.12 -40.00 62.88
C TYR C 1286 40.36 -39.40 63.48
N ARG C 1287 40.77 -39.84 64.68
CA ARG C 1287 42.02 -39.33 65.20
C ARG C 1287 43.19 -39.66 64.28
N ASP C 1288 43.32 -40.92 63.84
CA ASP C 1288 44.50 -41.26 63.06
C ASP C 1288 44.61 -40.44 61.81
N ASN C 1289 43.47 -40.10 61.26
CA ASN C 1289 43.39 -39.33 60.05
C ASN C 1289 43.14 -37.83 60.26
N SER C 1290 43.08 -37.35 61.51
CA SER C 1290 42.84 -35.93 61.77
C SER C 1290 43.98 -35.32 62.55
N TYR C 1291 44.83 -36.12 63.18
CA TYR C 1291 45.89 -35.46 63.88
C TYR C 1291 46.68 -34.93 62.75
N GLN C 1292 47.41 -33.88 63.00
CA GLN C 1292 48.12 -33.10 61.99
C GLN C 1292 47.26 -31.86 61.69
N GLN C 1293 45.92 -31.99 61.80
CA GLN C 1293 45.00 -30.87 61.62
C GLN C 1293 44.53 -30.25 62.94
N PHE C 1294 44.85 -30.85 64.07
CA PHE C 1294 44.33 -30.33 65.33
C PHE C 1294 45.07 -29.09 65.80
N ASP C 1295 44.38 -28.23 66.53
CA ASP C 1295 45.02 -27.07 67.13
C ASP C 1295 45.90 -27.58 68.22
N THR C 1296 46.96 -26.85 68.51
CA THR C 1296 47.83 -27.17 69.62
C THR C 1296 48.10 -25.88 70.30
N ASN C 1297 48.66 -25.91 71.47
CA ASN C 1297 48.89 -24.67 72.15
C ASN C 1297 49.75 -23.74 71.30
N ASN C 1298 49.32 -22.48 71.26
CA ASN C 1298 49.94 -21.36 70.55
C ASN C 1298 49.87 -21.42 69.02
N VAL C 1299 49.10 -22.35 68.47
CA VAL C 1299 48.91 -22.43 67.03
C VAL C 1299 47.52 -22.95 66.68
N ARG C 1300 46.93 -22.45 65.61
CA ARG C 1300 45.61 -22.93 65.24
C ARG C 1300 45.59 -23.29 63.79
N ARG C 1301 44.88 -24.36 63.47
CA ARG C 1301 44.91 -24.94 62.14
C ARG C 1301 43.57 -25.06 61.46
N VAL C 1302 43.61 -25.13 60.14
CA VAL C 1302 42.44 -25.29 59.35
C VAL C 1302 42.13 -26.74 59.11
N ASN C 1303 40.93 -27.13 59.47
CA ASN C 1303 40.48 -28.49 59.34
C ASN C 1303 39.95 -28.62 57.94
N ASN C 1304 39.93 -29.82 57.37
CA ASN C 1304 39.37 -29.96 56.04
C ASN C 1304 38.43 -31.17 55.91
N ARG C 1305 37.91 -31.48 54.73
CA ARG C 1305 36.92 -32.57 54.66
C ARG C 1305 37.53 -33.93 54.87
N TYR C 1306 36.76 -34.82 55.44
CA TYR C 1306 37.23 -36.17 55.63
C TYR C 1306 36.68 -37.10 54.58
N ALA C 1307 37.56 -37.69 53.78
CA ALA C 1307 37.08 -38.58 52.73
C ALA C 1307 37.59 -39.96 52.93
N GLU C 1308 36.79 -40.93 52.53
CA GLU C 1308 37.20 -42.32 52.58
C GLU C 1308 37.12 -42.99 51.23
N ASP C 1309 38.26 -43.22 50.58
CA ASP C 1309 38.21 -43.87 49.29
C ASP C 1309 38.54 -45.33 49.52
N TYR C 1310 37.63 -46.22 49.16
CA TYR C 1310 37.91 -47.63 49.39
C TYR C 1310 38.33 -48.31 48.12
N GLU C 1311 39.49 -48.94 48.17
CA GLU C 1311 40.01 -49.66 47.02
C GLU C 1311 39.69 -51.12 47.21
N ILE C 1312 38.73 -51.56 46.42
CA ILE C 1312 38.24 -52.92 46.42
C ILE C 1312 38.38 -53.39 44.98
N PRO C 1313 39.10 -54.47 44.69
CA PRO C 1313 39.35 -54.90 43.34
C PRO C 1313 38.05 -55.31 42.73
N SER C 1314 37.92 -55.11 41.42
CA SER C 1314 36.69 -55.45 40.70
C SER C 1314 36.42 -56.93 40.60
N SER C 1315 37.42 -57.74 40.84
CA SER C 1315 37.32 -59.18 40.75
C SER C 1315 38.46 -59.83 41.53
N VAL C 1316 38.31 -61.12 41.80
CA VAL C 1316 39.40 -61.87 42.41
C VAL C 1316 39.70 -63.16 41.66
N SER C 1317 40.97 -63.31 41.30
CA SER C 1317 41.48 -64.49 40.61
C SER C 1317 42.83 -64.85 41.20
N SER C 1318 42.73 -65.43 42.37
CA SER C 1318 43.84 -65.84 43.23
C SER C 1318 43.25 -66.70 44.31
N ARG C 1319 44.00 -67.65 44.84
CA ARG C 1319 43.47 -68.48 45.94
C ARG C 1319 44.43 -68.45 47.11
N LYS C 1320 43.89 -68.66 48.30
CA LYS C 1320 44.69 -68.75 49.50
C LYS C 1320 44.79 -70.20 49.98
N ASP C 1321 43.74 -70.97 49.75
CA ASP C 1321 43.73 -72.38 50.19
C ASP C 1321 42.73 -73.19 49.35
N TYR C 1322 42.69 -74.50 49.58
CA TYR C 1322 41.76 -75.42 48.90
C TYR C 1322 41.75 -76.81 49.48
N GLY C 1323 40.78 -77.63 49.08
CA GLY C 1323 40.88 -79.03 49.43
C GLY C 1323 39.79 -79.91 48.87
N TRP C 1324 39.92 -81.19 49.19
CA TRP C 1324 39.09 -82.28 48.68
C TRP C 1324 37.98 -82.75 49.57
N GLY C 1325 36.96 -83.34 48.93
CA GLY C 1325 35.86 -83.92 49.65
C GLY C 1325 36.30 -85.18 50.38
N ASP C 1326 35.39 -85.74 51.16
CA ASP C 1326 35.69 -86.84 52.08
C ASP C 1326 36.31 -88.08 51.48
N TYR C 1327 35.87 -88.42 50.30
CA TYR C 1327 36.34 -89.61 49.62
C TYR C 1327 37.20 -89.30 48.44
N TYR C 1328 37.61 -88.03 48.32
CA TYR C 1328 38.48 -87.57 47.27
C TYR C 1328 37.98 -87.85 45.86
N LEU C 1329 36.66 -87.80 45.65
CA LEU C 1329 36.07 -88.04 44.31
C LEU C 1329 35.65 -86.75 43.65
N SER C 1330 35.97 -85.67 44.32
CA SER C 1330 35.64 -84.33 43.89
C SER C 1330 36.37 -83.30 44.70
N MET C 1331 36.37 -82.07 44.18
CA MET C 1331 36.78 -80.91 44.95
C MET C 1331 36.26 -79.65 44.29
N VAL C 1332 36.37 -78.56 45.00
CA VAL C 1332 36.04 -77.29 44.41
C VAL C 1332 37.32 -76.79 43.77
N TYR C 1333 37.27 -76.56 42.47
CA TYR C 1333 38.44 -76.16 41.71
C TYR C 1333 38.42 -74.70 41.43
N ASN C 1334 39.60 -74.15 41.20
CA ASN C 1334 39.76 -72.72 41.04
C ASN C 1334 38.63 -72.06 40.25
N GLY C 1335 37.67 -71.59 41.03
CA GLY C 1335 36.53 -70.81 40.63
C GLY C 1335 36.97 -69.42 40.88
N ASP C 1336 36.04 -68.49 40.97
CA ASP C 1336 36.51 -67.13 41.13
C ASP C 1336 35.47 -66.18 41.61
N ILE C 1337 35.87 -64.92 41.74
CA ILE C 1337 34.91 -63.91 42.02
C ILE C 1337 34.95 -62.97 40.84
N PRO C 1338 34.15 -63.22 39.80
CA PRO C 1338 34.23 -62.58 38.51
C PRO C 1338 33.90 -61.10 38.55
N THR C 1339 33.22 -60.68 39.60
CA THR C 1339 32.86 -59.29 39.76
C THR C 1339 32.65 -58.90 41.22
N ILE C 1340 33.01 -57.66 41.55
CA ILE C 1340 32.75 -57.06 42.84
C ILE C 1340 32.24 -55.62 42.75
N ASN C 1341 31.15 -55.34 43.46
CA ASN C 1341 30.64 -53.98 43.54
C ASN C 1341 30.59 -53.56 45.00
N TYR C 1342 30.58 -52.27 45.28
CA TYR C 1342 30.40 -51.89 46.68
C TYR C 1342 29.83 -50.50 46.87
N LYS C 1343 29.25 -50.30 48.04
CA LYS C 1343 28.79 -48.99 48.45
C LYS C 1343 29.39 -48.62 49.80
N ALA C 1344 30.16 -47.56 49.85
CA ALA C 1344 30.78 -47.17 51.11
C ALA C 1344 29.98 -46.04 51.72
N ALA C 1345 30.01 -45.91 53.06
CA ALA C 1345 29.33 -44.79 53.70
C ALA C 1345 29.94 -44.45 55.04
N SER C 1346 29.72 -43.25 55.53
CA SER C 1346 30.19 -43.03 56.88
C SER C 1346 29.43 -44.05 57.69
N SER C 1347 30.11 -44.75 58.56
CA SER C 1347 29.52 -45.76 59.43
C SER C 1347 28.96 -46.99 58.72
N ASP C 1348 29.28 -47.22 57.44
CA ASP C 1348 28.80 -48.44 56.80
C ASP C 1348 29.63 -48.86 55.61
N LEU C 1349 29.30 -50.04 55.09
CA LEU C 1349 29.90 -50.57 53.89
C LEU C 1349 29.13 -51.79 53.40
N LYS C 1350 28.74 -51.75 52.15
CA LYS C 1350 28.04 -52.89 51.56
C LYS C 1350 28.80 -53.43 50.39
N ILE C 1351 29.20 -54.67 50.50
CA ILE C 1351 29.98 -55.27 49.43
C ILE C 1351 29.17 -56.33 48.72
N TYR C 1352 29.15 -56.28 47.41
CA TYR C 1352 28.38 -57.19 46.61
C TYR C 1352 29.25 -58.13 45.79
N ILE C 1353 29.26 -59.37 46.20
CA ILE C 1353 30.10 -60.37 45.56
C ILE C 1353 29.27 -61.24 44.66
N SER C 1354 29.69 -61.48 43.43
CA SER C 1354 28.87 -62.38 42.60
C SER C 1354 29.70 -63.56 42.12
N PRO C 1355 30.10 -64.46 43.03
CA PRO C 1355 31.03 -65.56 42.89
C PRO C 1355 30.53 -66.75 42.08
N LYS C 1356 31.50 -67.52 41.58
CA LYS C 1356 31.22 -68.77 40.86
C LYS C 1356 31.96 -69.95 41.46
N LEU C 1357 31.19 -70.94 41.88
CA LEU C 1357 31.73 -72.12 42.52
C LEU C 1357 31.81 -73.29 41.50
N ARG C 1358 33.01 -73.80 41.27
CA ARG C 1358 33.18 -74.90 40.29
C ARG C 1358 33.25 -76.27 40.97
N ILE C 1359 32.21 -77.09 40.81
CA ILE C 1359 32.29 -78.41 41.46
C ILE C 1359 32.59 -79.40 40.36
N ILE C 1360 33.77 -79.99 40.48
CA ILE C 1360 34.27 -80.89 39.47
C ILE C 1360 34.40 -82.29 40.02
N HIS C 1361 33.87 -83.32 39.32
CA HIS C 1361 34.11 -84.66 39.84
C HIS C 1361 35.41 -85.24 39.33
N ASN C 1362 36.49 -84.56 39.72
CA ASN C 1362 37.89 -84.92 39.54
C ASN C 1362 38.41 -85.07 40.94
N GLY C 1363 39.00 -86.20 41.21
CA GLY C 1363 39.45 -86.57 42.53
C GLY C 1363 40.90 -86.31 42.77
N TYR C 1364 41.39 -86.88 43.84
CA TYR C 1364 42.78 -86.75 44.25
C TYR C 1364 43.69 -87.51 43.28
N GLU C 1365 44.80 -86.92 42.90
CA GLU C 1365 45.68 -87.59 41.95
C GLU C 1365 46.08 -88.96 42.50
N GLY C 1366 46.11 -89.95 41.63
CA GLY C 1366 46.36 -91.32 42.05
C GLY C 1366 45.15 -92.14 41.62
N GLN C 1367 44.92 -93.26 42.29
CA GLN C 1367 43.81 -94.13 41.93
C GLN C 1367 42.46 -93.44 42.22
N LYS C 1368 42.51 -92.38 43.01
CA LYS C 1368 41.32 -91.64 43.35
C LYS C 1368 40.86 -90.80 42.14
N ARG C 1369 41.81 -90.38 41.29
CA ARG C 1369 41.43 -89.66 40.10
C ARG C 1369 40.80 -90.68 39.17
N ASN C 1370 41.35 -91.89 39.19
CA ASN C 1370 40.88 -92.94 38.30
C ASN C 1370 39.44 -93.28 38.61
N GLN C 1371 39.06 -93.30 39.89
CA GLN C 1371 37.67 -93.58 40.21
C GLN C 1371 36.79 -92.47 39.62
N CYS C 1372 37.30 -91.25 39.61
CA CYS C 1372 36.54 -90.19 38.98
C CYS C 1372 36.49 -90.34 37.47
N ASN C 1373 37.53 -90.91 36.87
CA ASN C 1373 37.55 -91.06 35.43
C ASN C 1373 36.47 -92.06 35.07
N LEU C 1374 36.24 -93.02 35.96
CA LEU C 1374 35.21 -93.99 35.68
C LEU C 1374 33.86 -93.30 35.69
N MET C 1375 33.63 -92.39 36.65
CA MET C 1375 32.33 -91.71 36.69
C MET C 1375 32.12 -90.88 35.43
N ASN C 1376 33.21 -90.33 34.93
CA ASN C 1376 33.18 -89.48 33.76
C ASN C 1376 32.98 -90.29 32.45
N LYS C 1377 33.33 -91.58 32.42
CA LYS C 1377 33.20 -92.39 31.21
C LYS C 1377 31.97 -93.29 31.19
N TYR C 1378 31.49 -93.68 32.36
CA TYR C 1378 30.40 -94.65 32.47
C TYR C 1378 29.02 -94.10 32.84
N GLY C 1379 28.82 -92.80 32.83
CA GLY C 1379 27.51 -92.27 33.17
C GLY C 1379 27.46 -90.76 33.22
N LYS C 1380 26.29 -90.23 33.59
CA LYS C 1380 26.11 -88.78 33.66
C LYS C 1380 25.43 -88.44 34.98
N LEU C 1381 26.08 -87.59 35.75
CA LEU C 1381 25.60 -87.19 37.06
C LEU C 1381 24.09 -86.98 36.99
N ALA C 1492 27.05 -86.88 43.40
CA ALA C 1492 25.76 -86.43 43.89
C ALA C 1492 25.90 -85.07 44.56
N ILE C 1493 25.50 -83.99 43.89
CA ILE C 1493 25.63 -82.64 44.45
C ILE C 1493 24.31 -82.02 44.84
N SER C 1494 24.15 -81.66 46.10
CA SER C 1494 22.89 -81.05 46.52
C SER C 1494 22.93 -79.52 46.56
N PRO C 1495 22.15 -78.79 45.75
CA PRO C 1495 22.20 -77.33 45.65
C PRO C 1495 21.87 -76.64 46.99
N ALA C 1496 21.15 -77.34 47.85
CA ALA C 1496 20.81 -76.85 49.18
C ALA C 1496 22.04 -76.79 50.06
N LYS C 1497 23.07 -77.51 49.64
CA LYS C 1497 24.33 -77.62 50.31
C LYS C 1497 25.47 -77.00 49.56
N VAL C 1498 25.19 -76.15 48.57
CA VAL C 1498 26.28 -75.51 47.86
C VAL C 1498 26.33 -74.11 48.45
N GLN C 1499 27.41 -73.82 49.15
CA GLN C 1499 27.47 -72.58 49.92
C GLN C 1499 28.72 -71.76 49.79
N ILE C 1500 28.57 -70.48 50.01
CA ILE C 1500 29.74 -69.64 50.16
C ILE C 1500 29.66 -68.97 51.52
N ILE C 1501 30.69 -69.18 52.31
CA ILE C 1501 30.71 -68.63 53.65
C ILE C 1501 31.63 -67.45 53.65
N VAL C 1502 31.08 -66.31 54.02
CA VAL C 1502 31.82 -65.08 53.93
C VAL C 1502 32.03 -64.38 55.27
N LYS C 1503 33.28 -64.13 55.62
CA LYS C 1503 33.51 -63.44 56.88
C LYS C 1503 34.25 -62.13 56.69
N ALA C 1504 33.52 -61.05 56.96
CA ALA C 1504 34.07 -59.71 56.82
C ALA C 1504 34.56 -59.26 58.17
N GLY C 1505 35.84 -59.38 58.41
CA GLY C 1505 36.27 -59.08 59.76
C GLY C 1505 35.55 -60.00 60.74
N GLY C 1506 34.82 -59.41 61.69
CA GLY C 1506 34.12 -60.19 62.70
C GLY C 1506 32.70 -60.67 62.30
N LYS C 1507 32.20 -60.30 61.13
CA LYS C 1507 30.85 -60.73 60.76
C LYS C 1507 30.78 -61.83 59.71
N GLU C 1508 30.35 -63.00 60.17
CA GLU C 1508 30.22 -64.20 59.35
C GLU C 1508 28.80 -64.44 58.81
N GLN C 1509 28.68 -64.50 57.49
CA GLN C 1509 27.42 -64.72 56.76
C GLN C 1509 27.48 -65.97 55.87
N THR C 1510 26.38 -66.71 55.76
CA THR C 1510 26.38 -67.86 54.85
C THR C 1510 25.37 -67.73 53.74
N PHE C 1511 25.84 -67.93 52.50
CA PHE C 1511 24.98 -67.81 51.34
C PHE C 1511 24.79 -69.15 50.63
N THR C 1512 23.55 -69.58 50.52
CA THR C 1512 23.28 -70.90 49.97
C THR C 1512 22.72 -70.81 48.56
N ALA C 1513 23.29 -71.61 47.66
CA ALA C 1513 22.95 -71.63 46.24
C ALA C 1513 21.48 -71.82 46.02
N ASP C 1514 20.87 -72.56 46.92
CA ASP C 1514 19.45 -72.82 46.89
C ASP C 1514 18.64 -71.54 46.58
N LYS C 1515 19.03 -70.40 47.17
CA LYS C 1515 18.31 -69.16 46.89
C LYS C 1515 19.13 -68.15 46.11
N ASP C 1516 20.46 -68.30 46.15
CA ASP C 1516 21.39 -67.36 45.52
C ASP C 1516 21.72 -67.64 44.05
N VAL C 1517 21.60 -68.89 43.62
CA VAL C 1517 21.90 -69.27 42.24
C VAL C 1517 20.60 -69.40 41.46
N SER C 1518 20.33 -68.39 40.61
CA SER C 1518 19.05 -68.26 39.91
C SER C 1518 18.78 -69.36 38.89
N ILE C 1519 19.82 -69.90 38.30
CA ILE C 1519 19.69 -71.03 37.41
C ILE C 1519 20.62 -72.10 37.86
N GLN C 1520 20.11 -73.29 38.09
CA GLN C 1520 21.00 -74.33 38.54
C GLN C 1520 21.58 -74.92 37.29
N PRO C 1521 22.86 -75.28 37.27
CA PRO C 1521 23.51 -75.88 36.14
C PRO C 1521 23.01 -77.27 35.91
N SER C 1522 23.03 -77.71 34.67
CA SER C 1522 22.68 -79.08 34.34
C SER C 1522 23.75 -79.97 34.94
N PRO C 1523 23.40 -81.16 35.45
CA PRO C 1523 24.34 -82.08 36.02
C PRO C 1523 25.28 -82.63 34.98
N SER C 1524 26.50 -82.84 35.41
CA SER C 1524 27.58 -83.42 34.64
C SER C 1524 28.67 -83.82 35.58
N PHE C 1525 29.42 -84.84 35.24
CA PHE C 1525 30.54 -85.16 36.10
C PHE C 1525 31.73 -84.25 35.85
N ASP C 1526 31.84 -83.63 34.67
CA ASP C 1526 33.05 -82.88 34.45
C ASP C 1526 32.97 -81.53 35.15
N GLU C 1527 31.98 -80.72 34.83
CA GLU C 1527 31.87 -79.45 35.54
C GLU C 1527 30.48 -78.88 35.70
N MET C 1528 30.19 -78.42 36.92
CA MET C 1528 28.97 -77.68 37.19
C MET C 1528 29.35 -76.33 37.75
N ASN C 1529 28.66 -75.30 37.30
CA ASN C 1529 28.96 -73.99 37.82
C ASN C 1529 27.86 -73.34 38.57
N TYR C 1530 28.14 -73.02 39.81
CA TYR C 1530 27.12 -72.38 40.58
C TYR C 1530 27.43 -70.90 40.62
N GLN C 1531 26.65 -70.15 39.85
CA GLN C 1531 26.86 -68.72 39.75
C GLN C 1531 25.83 -68.01 40.58
N PHE C 1532 26.33 -67.40 41.62
CA PHE C 1532 25.51 -66.74 42.61
C PHE C 1532 25.18 -65.35 42.10
N ASN C 1533 24.00 -64.85 42.42
CA ASN C 1533 23.58 -63.53 41.98
C ASN C 1533 24.44 -62.42 42.56
N ALA C 1534 24.25 -62.12 43.83
CA ALA C 1534 25.04 -61.11 44.50
C ALA C 1534 24.89 -61.34 45.97
N LEU C 1535 26.00 -61.49 46.63
CA LEU C 1535 25.99 -61.76 48.04
C LEU C 1535 26.27 -60.47 48.75
N GLU C 1536 25.28 -59.95 49.48
CA GLU C 1536 25.50 -58.66 50.13
C GLU C 1536 26.15 -58.87 51.48
N ILE C 1537 27.33 -58.30 51.61
CA ILE C 1537 28.16 -58.41 52.77
C ILE C 1537 28.11 -57.19 53.66
N ASP C 1538 27.88 -57.44 54.93
CA ASP C 1538 27.90 -56.37 55.90
C ASP C 1538 29.35 -56.06 56.27
N GLY C 1539 29.87 -54.98 55.71
CA GLY C 1539 31.25 -54.59 55.85
C GLY C 1539 31.52 -53.74 57.07
N SER C 1540 30.49 -53.47 57.89
CA SER C 1540 30.65 -52.61 59.05
C SER C 1540 31.51 -53.29 60.11
N GLY C 1541 31.58 -54.62 60.06
CA GLY C 1541 32.38 -55.40 60.98
C GLY C 1541 33.75 -55.66 60.41
N LEU C 1542 34.07 -55.01 59.30
CA LEU C 1542 35.35 -55.27 58.69
C LEU C 1542 36.36 -54.39 59.40
N ASN C 1543 37.31 -55.04 60.05
CA ASN C 1543 38.30 -54.40 60.91
C ASN C 1543 39.57 -54.06 60.19
N PHE C 1544 39.88 -52.77 60.11
CA PHE C 1544 41.03 -52.27 59.38
C PHE C 1544 42.21 -51.92 60.26
N ILE C 1545 43.37 -52.41 59.86
CA ILE C 1545 44.64 -52.13 60.53
C ILE C 1545 45.52 -51.46 59.51
N ASN C 1546 46.06 -50.29 59.81
CA ASN C 1546 46.89 -49.58 58.82
C ASN C 1546 46.09 -49.41 57.53
N ASN C 1547 44.81 -49.14 57.70
CA ASN C 1547 43.83 -48.96 56.65
C ASN C 1547 43.68 -50.19 55.75
N SER C 1548 43.86 -51.38 56.29
CA SER C 1548 43.66 -52.57 55.48
C SER C 1548 42.96 -53.69 56.22
N ALA C 1549 42.00 -54.28 55.53
CA ALA C 1549 41.20 -55.37 56.04
C ALA C 1549 40.90 -56.34 54.93
N SER C 1550 40.32 -57.50 55.25
CA SER C 1550 39.96 -58.45 54.22
C SER C 1550 38.74 -59.28 54.57
N ILE C 1551 38.17 -59.84 53.52
CA ILE C 1551 37.02 -60.71 53.63
C ILE C 1551 37.36 -62.13 53.21
N ASP C 1552 37.05 -63.07 54.09
CA ASP C 1552 37.28 -64.49 53.87
C ASP C 1552 36.15 -65.11 53.09
N VAL C 1553 36.40 -65.49 51.84
CA VAL C 1553 35.33 -66.04 51.04
C VAL C 1553 35.59 -67.50 50.74
N THR C 1554 34.88 -68.38 51.42
CA THR C 1554 35.15 -69.80 51.23
C THR C 1554 34.01 -70.51 50.57
N PHE C 1555 34.37 -71.18 49.50
CA PHE C 1555 33.48 -71.91 48.66
C PHE C 1555 33.44 -73.33 49.15
N THR C 1556 32.27 -73.84 49.47
CA THR C 1556 32.20 -75.20 49.99
C THR C 1556 30.93 -75.90 49.63
N ALA C 1557 30.96 -77.21 49.59
CA ALA C 1557 29.72 -77.89 49.29
C ALA C 1557 29.64 -79.32 49.84
N PHE C 1558 28.39 -79.76 50.05
CA PHE C 1558 28.11 -81.15 50.47
C PHE C 1558 27.25 -81.91 49.47
N ALA C 1559 27.54 -83.19 49.44
CA ALA C 1559 26.89 -84.18 48.63
C ALA C 1559 25.51 -84.42 49.09
N GLU C 1560 24.73 -84.99 48.22
CA GLU C 1560 23.34 -85.30 48.55
C GLU C 1560 23.25 -86.19 49.78
N ASP C 1561 24.22 -87.09 49.98
CA ASP C 1561 24.18 -87.98 51.11
C ASP C 1561 25.06 -87.53 52.30
N GLY C 1562 25.44 -86.26 52.33
CA GLY C 1562 26.17 -85.68 53.46
C GLY C 1562 27.68 -85.60 53.34
N ARG C 1563 28.26 -86.24 52.33
CA ARG C 1563 29.70 -86.21 52.16
C ARG C 1563 30.20 -84.83 51.81
N LYS C 1564 31.32 -84.42 52.33
CA LYS C 1564 31.85 -83.14 51.90
C LYS C 1564 32.26 -83.33 50.45
N LEU C 1565 31.87 -82.41 49.54
CA LEU C 1565 32.30 -82.47 48.14
C LEU C 1565 33.67 -81.83 48.02
N GLY C 1566 33.88 -80.82 48.87
CA GLY C 1566 35.17 -80.11 48.92
C GLY C 1566 35.05 -78.63 49.28
N TYR C 1567 36.20 -77.92 49.19
CA TYR C 1567 36.22 -76.49 49.50
C TYR C 1567 37.31 -75.70 48.78
N GLU C 1568 37.14 -74.37 48.70
CA GLU C 1568 38.16 -73.48 48.17
C GLU C 1568 38.17 -72.10 48.84
N SER C 1569 39.35 -71.56 49.15
CA SER C 1569 39.35 -70.28 49.87
C SER C 1569 40.04 -69.11 49.17
N PHE C 1570 39.30 -68.02 49.11
CA PHE C 1570 39.65 -66.73 48.53
C PHE C 1570 39.71 -65.66 49.59
N SER C 1571 40.39 -64.56 49.29
CA SER C 1571 40.43 -63.42 50.20
C SER C 1571 40.35 -62.13 49.41
N ILE C 1572 39.41 -61.27 49.78
CA ILE C 1572 39.24 -60.01 49.11
C ILE C 1572 39.88 -58.92 49.96
N PRO C 1573 40.94 -58.25 49.51
CA PRO C 1573 41.57 -57.19 50.26
C PRO C 1573 40.68 -55.97 50.17
N VAL C 1574 40.66 -55.16 51.21
CA VAL C 1574 40.03 -53.85 51.13
C VAL C 1574 40.99 -52.80 51.68
N THR C 1575 41.34 -51.81 50.87
CA THR C 1575 42.27 -50.80 51.35
C THR C 1575 41.62 -49.43 51.47
N LEU C 1576 41.82 -48.76 52.59
CA LEU C 1576 41.25 -47.45 52.74
C LEU C 1576 42.24 -46.31 52.59
N LYS C 1577 41.97 -45.45 51.62
CA LYS C 1577 42.82 -44.32 51.41
C LYS C 1577 42.20 -43.07 52.00
N VAL C 1578 42.98 -42.37 52.81
CA VAL C 1578 42.56 -41.09 53.35
C VAL C 1578 43.70 -40.10 53.16
N SER C 1579 43.44 -38.94 52.56
CA SER C 1579 44.50 -37.96 52.38
C SER C 1579 44.83 -37.28 53.69
N THR C 1580 46.12 -37.14 53.95
CA THR C 1580 46.56 -36.47 55.16
C THR C 1580 47.60 -35.41 54.80
N ASP C 1581 47.09 -34.27 54.34
CA ASP C 1581 47.92 -33.14 53.90
C ASP C 1581 48.32 -32.31 55.11
N ASN C 1582 49.08 -31.26 54.88
CA ASN C 1582 49.50 -30.35 55.94
C ASN C 1582 48.50 -29.21 56.07
N ALA C 1583 47.89 -29.10 57.22
CA ALA C 1583 46.83 -28.13 57.44
C ALA C 1583 47.30 -26.72 57.25
N LEU C 1584 46.41 -25.89 56.74
CA LEU C 1584 46.74 -24.50 56.56
C LEU C 1584 46.80 -24.00 58.00
N THR C 1585 47.72 -23.12 58.31
CA THR C 1585 47.86 -22.63 59.67
C THR C 1585 47.64 -21.13 59.80
N LEU C 1586 46.89 -20.73 60.81
CA LEU C 1586 46.65 -19.30 60.96
C LEU C 1586 47.51 -18.73 62.06
N HIS C 1587 48.04 -17.55 61.80
CA HIS C 1587 48.90 -16.86 62.75
C HIS C 1587 48.57 -15.38 62.95
N HIS C 1588 48.84 -14.88 64.14
CA HIS C 1588 48.69 -13.47 64.45
C HIS C 1588 49.97 -13.01 65.11
N ASN C 1589 50.73 -12.16 64.45
CA ASN C 1589 52.03 -11.82 64.96
C ASN C 1589 51.99 -10.64 65.94
N GLU C 1590 53.16 -10.36 66.50
CA GLU C 1590 53.39 -9.31 67.47
C GLU C 1590 53.24 -7.93 66.88
N ASN C 1591 53.57 -7.82 65.62
CA ASN C 1591 53.54 -6.57 64.93
C ASN C 1591 52.18 -6.27 64.34
N GLY C 1592 51.19 -7.10 64.65
CA GLY C 1592 49.83 -6.89 64.20
C GLY C 1592 49.48 -7.54 62.88
N ALA C 1593 50.49 -8.06 62.18
CA ALA C 1593 50.20 -8.72 60.93
C ALA C 1593 49.48 -10.01 61.20
N GLN C 1594 48.55 -10.37 60.33
CA GLN C 1594 47.91 -11.66 60.43
C GLN C 1594 48.26 -12.37 59.16
N TYR C 1595 48.42 -13.68 59.25
CA TYR C 1595 48.72 -14.41 58.06
C TYR C 1595 48.30 -15.84 58.08
N MET C 1596 48.21 -16.37 56.89
CA MET C 1596 47.98 -17.78 56.73
C MET C 1596 49.22 -18.36 56.14
N GLN C 1597 49.62 -19.49 56.65
CA GLN C 1597 50.83 -20.18 56.20
C GLN C 1597 50.52 -21.60 55.91
N TRP C 1598 51.07 -22.17 54.84
CA TRP C 1598 50.75 -23.58 54.71
C TRP C 1598 51.86 -24.35 54.09
N GLN C 1599 52.80 -23.64 53.54
CA GLN C 1599 54.01 -24.33 53.08
C GLN C 1599 55.09 -23.52 53.70
N SER C 1600 56.01 -23.10 52.86
CA SER C 1600 56.91 -22.04 53.18
C SER C 1600 56.19 -20.75 52.85
N TYR C 1601 55.11 -20.89 52.07
CA TYR C 1601 54.34 -19.76 51.63
C TYR C 1601 53.54 -19.24 52.78
N ARG C 1602 53.40 -17.92 52.81
CA ARG C 1602 52.57 -17.18 53.73
C ARG C 1602 51.76 -16.17 52.93
N THR C 1603 50.62 -15.75 53.45
CA THR C 1603 49.85 -14.70 52.82
C THR C 1603 49.27 -13.77 53.86
N ARG C 1604 49.10 -12.52 53.49
CA ARG C 1604 48.61 -11.51 54.43
C ARG C 1604 47.11 -11.46 54.55
N LEU C 1605 46.60 -11.56 55.77
CA LEU C 1605 45.15 -11.55 55.96
C LEU C 1605 44.51 -10.21 56.32
N ASN C 1606 45.30 -9.20 56.66
CA ASN C 1606 44.75 -7.90 57.07
C ASN C 1606 45.60 -6.71 56.69
N THR C 1607 45.03 -5.52 56.83
CA THR C 1607 45.82 -4.31 56.64
C THR C 1607 45.65 -3.42 57.83
N LEU C 1608 46.72 -2.76 58.21
CA LEU C 1608 46.69 -1.93 59.39
C LEU C 1608 46.65 -0.43 59.13
N PHE C 1609 46.55 -0.01 57.88
CA PHE C 1609 46.60 1.44 57.61
C PHE C 1609 45.37 2.01 56.96
N ALA C 1610 44.23 1.40 57.14
CA ALA C 1610 43.02 1.90 56.46
C ALA C 1610 42.75 3.34 56.82
N ARG C 1611 43.12 3.74 58.02
CA ARG C 1611 42.90 5.08 58.49
C ARG C 1611 43.69 6.10 57.68
N GLN C 1612 44.88 5.72 57.23
CA GLN C 1612 45.70 6.65 56.48
C GLN C 1612 45.08 6.86 55.13
N LEU C 1613 44.48 5.81 54.61
CA LEU C 1613 43.89 5.92 53.29
C LEU C 1613 42.73 6.89 53.36
N VAL C 1614 41.97 6.83 54.44
CA VAL C 1614 40.85 7.72 54.56
C VAL C 1614 41.35 9.14 54.64
N ALA C 1615 42.41 9.37 55.39
CA ALA C 1615 42.92 10.72 55.45
C ALA C 1615 43.39 11.21 54.08
N ARG C 1616 44.07 10.37 53.31
CA ARG C 1616 44.59 10.86 52.04
C ARG C 1616 43.46 11.09 51.06
N ALA C 1617 42.38 10.36 51.22
CA ALA C 1617 41.24 10.52 50.34
C ALA C 1617 40.46 11.76 50.71
N THR C 1618 40.79 12.37 51.84
CA THR C 1618 40.08 13.52 52.28
C THR C 1618 40.71 14.70 51.60
N THR C 1619 42.03 14.69 51.52
CA THR C 1619 42.77 15.77 50.89
C THR C 1619 42.63 15.83 49.37
N GLY C 1620 42.33 14.71 48.72
CA GLY C 1620 42.09 14.78 47.28
C GLY C 1620 42.47 13.57 46.45
N ILE C 1621 41.99 13.55 45.20
CA ILE C 1621 42.24 12.43 44.32
C ILE C 1621 43.70 12.24 44.04
N ASP C 1622 44.42 13.34 44.00
CA ASP C 1622 45.82 13.26 43.73
C ASP C 1622 46.59 12.72 44.89
N THR C 1623 46.09 12.83 46.12
CA THR C 1623 46.85 12.30 47.21
C THR C 1623 46.54 10.84 47.41
N ILE C 1624 45.32 10.44 47.12
CA ILE C 1624 45.01 9.04 47.28
C ILE C 1624 45.64 8.21 46.18
N LEU C 1625 45.78 8.77 44.98
CA LEU C 1625 46.33 8.02 43.86
C LEU C 1625 47.81 8.22 43.62
N SER C 1626 48.51 9.00 44.43
CA SER C 1626 49.93 9.22 44.19
C SER C 1626 50.69 7.98 44.53
N MET C 1627 51.93 7.89 44.04
CA MET C 1627 52.73 6.70 44.30
C MET C 1627 53.05 6.53 45.75
N GLU C 1628 53.22 7.62 46.46
CA GLU C 1628 53.58 7.53 47.87
C GLU C 1628 52.55 6.76 48.64
N THR C 1629 51.31 6.88 48.24
CA THR C 1629 50.22 6.21 48.89
C THR C 1629 50.41 4.73 48.79
N GLN C 1630 50.91 4.27 47.67
CA GLN C 1630 51.02 2.86 47.42
C GLN C 1630 52.25 2.28 48.10
N ASN C 1631 52.99 3.15 48.76
CA ASN C 1631 54.16 2.78 49.51
C ASN C 1631 53.88 2.88 51.00
N ILE C 1632 52.60 2.90 51.39
CA ILE C 1632 52.38 2.84 52.82
C ILE C 1632 52.80 1.44 53.14
N GLN C 1633 53.64 1.26 54.14
CA GLN C 1633 54.13 -0.06 54.45
C GLN C 1633 53.37 -0.84 55.50
N GLU C 1634 53.45 -2.14 55.31
CA GLU C 1634 52.90 -3.17 56.14
C GLU C 1634 54.05 -3.93 56.82
N PRO C 1635 53.87 -4.46 58.04
CA PRO C 1635 54.86 -5.26 58.74
C PRO C 1635 55.16 -6.57 58.05
N GLN C 1636 56.39 -7.08 58.18
CA GLN C 1636 56.70 -8.39 57.62
C GLN C 1636 55.79 -9.38 58.31
N LEU C 1637 55.36 -10.41 57.58
CA LEU C 1637 54.41 -11.36 58.15
C LEU C 1637 54.94 -12.24 59.25
N GLY C 1638 56.20 -12.60 59.21
CA GLY C 1638 56.70 -13.54 60.18
C GLY C 1638 58.19 -13.64 60.10
N LYS C 1639 58.78 -14.53 60.87
CA LYS C 1639 60.22 -14.66 60.88
C LYS C 1639 60.69 -14.84 59.46
N GLY C 1640 61.67 -14.05 59.08
CA GLY C 1640 62.20 -14.07 57.73
C GLY C 1640 62.90 -12.77 57.47
N PHE C 1641 63.28 -12.57 56.24
CA PHE C 1641 64.01 -11.38 55.83
C PHE C 1641 63.76 -11.02 54.40
N TYR C 1642 64.10 -9.82 54.00
CA TYR C 1642 63.91 -9.47 52.61
C TYR C 1642 65.23 -9.57 51.90
N ALA C 1643 65.19 -9.92 50.62
CA ALA C 1643 66.42 -9.97 49.84
C ALA C 1643 66.16 -9.64 48.39
N THR C 1644 67.12 -9.03 47.75
CA THR C 1644 66.94 -8.68 46.35
C THR C 1644 67.80 -9.49 45.43
N PHE C 1645 67.14 -10.04 44.44
CA PHE C 1645 67.76 -10.89 43.46
C PHE C 1645 67.74 -10.23 42.10
N VAL C 1646 68.90 -9.97 41.55
CA VAL C 1646 68.94 -9.35 40.25
C VAL C 1646 69.39 -10.39 39.26
N ILE C 1647 68.52 -10.64 38.32
CA ILE C 1647 68.63 -11.66 37.28
C ILE C 1647 69.26 -11.11 36.02
N PRO C 1648 70.32 -11.73 35.49
CA PRO C 1648 71.07 -11.22 34.37
C PRO C 1648 70.23 -11.25 33.11
N PRO C 1649 70.61 -10.50 32.07
CA PRO C 1649 69.97 -10.43 30.78
C PRO C 1649 70.12 -11.74 30.06
N TYR C 1650 69.16 -12.05 29.22
CA TYR C 1650 69.12 -13.27 28.44
C TYR C 1650 70.28 -13.42 27.48
N ASN C 1651 70.83 -14.61 27.42
CA ASN C 1651 71.92 -14.92 26.51
C ASN C 1651 71.76 -16.37 26.14
N LEU C 1652 72.62 -16.90 25.28
CA LEU C 1652 72.50 -18.30 24.95
C LEU C 1652 73.72 -19.11 25.32
N SER C 1653 74.49 -18.65 26.30
CA SER C 1653 75.63 -19.42 26.77
C SER C 1653 75.05 -20.35 27.80
N THR C 1654 74.10 -19.77 28.48
CA THR C 1654 73.28 -20.35 29.51
C THR C 1654 71.90 -19.91 29.07
N HIS C 1655 70.83 -20.45 29.62
CA HIS C 1655 69.47 -20.01 29.27
C HIS C 1655 69.12 -20.30 27.80
N GLY C 1656 69.97 -21.00 27.11
CA GLY C 1656 69.78 -21.12 25.68
C GLY C 1656 68.45 -21.69 25.26
N ASP C 1657 67.92 -21.06 24.23
CA ASP C 1657 66.74 -21.42 23.46
C ASP C 1657 65.38 -21.36 24.16
N GLU C 1658 65.33 -20.94 25.41
CA GLU C 1658 64.07 -20.75 26.10
C GLU C 1658 64.22 -19.52 26.94
N ARG C 1659 63.16 -18.80 27.21
CA ARG C 1659 63.28 -17.61 28.03
C ARG C 1659 62.71 -17.74 29.40
N TRP C 1660 62.57 -18.92 29.92
CA TRP C 1660 61.99 -18.98 31.25
C TRP C 1660 63.04 -19.14 32.29
N PHE C 1661 62.70 -18.75 33.49
CA PHE C 1661 63.52 -19.07 34.63
C PHE C 1661 62.58 -19.28 35.80
N LYS C 1662 63.04 -20.04 36.76
CA LYS C 1662 62.27 -20.24 37.97
C LYS C 1662 63.13 -20.13 39.20
N LEU C 1663 62.59 -19.55 40.24
CA LEU C 1663 63.33 -19.49 41.48
C LEU C 1663 62.65 -20.35 42.47
N TYR C 1664 63.44 -21.13 43.16
CA TYR C 1664 62.94 -22.01 44.17
C TYR C 1664 63.55 -21.78 45.50
N ILE C 1665 62.75 -22.03 46.51
CA ILE C 1665 63.20 -21.96 47.88
C ILE C 1665 63.15 -23.37 48.46
N LYS C 1666 64.15 -23.73 49.25
CA LYS C 1666 64.22 -25.07 49.82
C LYS C 1666 64.74 -25.05 51.26
N HIS C 1667 64.38 -26.09 52.05
CA HIS C 1667 64.81 -26.28 53.45
C HIS C 1667 64.25 -25.25 54.40
N VAL C 1668 63.03 -24.79 54.13
CA VAL C 1668 62.45 -23.79 55.01
C VAL C 1668 61.54 -24.34 56.09
N VAL C 1669 60.57 -25.19 55.72
CA VAL C 1669 59.65 -25.78 56.69
C VAL C 1669 59.77 -27.26 56.49
N ASP C 1670 60.36 -27.58 55.36
CA ASP C 1670 60.59 -28.94 54.91
C ASP C 1670 61.78 -28.89 53.99
N ASN C 1671 62.20 -30.02 53.49
CA ASN C 1671 63.38 -30.08 52.65
C ASN C 1671 63.03 -30.17 51.19
N ASN C 1672 61.77 -29.94 50.89
CA ASN C 1672 61.28 -29.95 49.55
C ASN C 1672 61.45 -28.59 48.96
N SER C 1673 61.56 -28.52 47.65
CA SER C 1673 61.64 -27.23 47.01
C SER C 1673 60.24 -26.68 46.81
N HIS C 1674 60.15 -25.38 46.80
CA HIS C 1674 58.90 -24.72 46.49
C HIS C 1674 59.19 -23.59 45.54
N ILE C 1675 58.33 -23.37 44.58
CA ILE C 1675 58.55 -22.25 43.71
C ILE C 1675 58.35 -21.00 44.52
N ILE C 1676 59.25 -20.04 44.42
CA ILE C 1676 59.06 -18.79 45.15
C ILE C 1676 58.73 -17.68 44.17
N TYR C 1677 59.25 -17.81 42.98
CA TYR C 1677 59.06 -16.85 41.90
C TYR C 1677 59.20 -17.54 40.56
N SER C 1678 58.41 -17.17 39.57
CA SER C 1678 58.67 -17.71 38.24
C SER C 1678 58.49 -16.60 37.23
N GLY C 1679 59.15 -16.69 36.10
CA GLY C 1679 59.00 -15.64 35.11
C GLY C 1679 59.83 -15.85 33.88
N GLN C 1680 59.81 -14.88 32.98
CA GLN C 1680 60.56 -14.99 31.75
C GLN C 1680 61.70 -13.97 31.69
N LEU C 1681 62.78 -14.36 31.05
CA LEU C 1681 63.98 -13.58 30.85
C LEU C 1681 63.76 -12.57 29.75
N THR C 1682 64.40 -11.43 29.93
CA THR C 1682 64.34 -10.29 29.04
C THR C 1682 65.76 -9.96 28.67
N ASP C 1683 65.94 -8.90 27.90
CA ASP C 1683 67.24 -8.47 27.43
C ASP C 1683 68.04 -7.70 28.47
N THR C 1684 67.41 -7.40 29.59
CA THR C 1684 67.97 -6.61 30.67
C THR C 1684 67.96 -7.31 32.01
N ASN C 1685 68.36 -6.59 33.03
CA ASN C 1685 68.36 -7.16 34.36
C ASN C 1685 66.97 -7.16 34.98
N ILE C 1686 66.56 -8.27 35.57
CA ILE C 1686 65.26 -8.28 36.24
C ILE C 1686 65.49 -8.17 37.73
N ASN C 1687 64.96 -7.11 38.32
CA ASN C 1687 65.22 -6.86 39.74
C ASN C 1687 64.05 -7.26 40.64
N ILE C 1688 64.20 -8.39 41.35
CA ILE C 1688 63.12 -8.92 42.18
C ILE C 1688 63.40 -8.94 43.67
N THR C 1689 62.54 -8.33 44.47
CA THR C 1689 62.74 -8.43 45.91
C THR C 1689 61.80 -9.48 46.43
N LEU C 1690 62.34 -10.41 47.18
CA LEU C 1690 61.51 -11.45 47.74
C LEU C 1690 61.53 -11.44 49.25
N PHE C 1691 60.42 -11.82 49.84
CA PHE C 1691 60.47 -12.03 51.27
C PHE C 1691 60.79 -13.47 51.46
N ILE C 1692 61.83 -13.73 52.21
CA ILE C 1692 62.25 -15.07 52.41
C ILE C 1692 61.80 -15.53 53.79
N PRO C 1693 60.84 -16.46 53.89
CA PRO C 1693 60.31 -16.96 55.13
C PRO C 1693 61.28 -17.87 55.81
N LEU C 1694 61.24 -17.93 57.12
CA LEU C 1694 62.01 -18.90 57.88
C LEU C 1694 61.18 -19.62 58.95
N ASP C 1695 61.54 -20.85 59.29
CA ASP C 1695 60.91 -21.54 60.42
C ASP C 1695 61.71 -21.21 61.69
N ASP C 1696 61.27 -21.74 62.82
CA ASP C 1696 61.97 -21.51 64.07
C ASP C 1696 63.13 -22.46 64.27
N VAL C 1697 63.00 -23.65 63.70
CA VAL C 1697 64.00 -24.69 63.83
C VAL C 1697 64.66 -24.95 62.47
N PRO C 1698 65.97 -24.77 62.30
CA PRO C 1698 66.67 -24.97 61.06
C PRO C 1698 66.71 -26.43 60.67
N LEU C 1699 66.75 -26.70 59.38
CA LEU C 1699 66.87 -28.05 58.85
C LEU C 1699 68.30 -28.31 58.34
N ASN C 1700 69.16 -27.35 58.60
CA ASN C 1700 70.55 -27.37 58.17
C ASN C 1700 71.39 -26.45 59.04
N GLN C 1701 72.65 -26.83 59.32
CA GLN C 1701 73.53 -25.99 60.13
C GLN C 1701 74.35 -24.95 59.36
N ASP C 1702 74.48 -25.09 58.04
CA ASP C 1702 75.21 -24.13 57.23
C ASP C 1702 74.28 -23.00 56.84
N TYR C 1703 73.00 -23.31 56.73
CA TYR C 1703 72.03 -22.31 56.33
C TYR C 1703 70.64 -22.53 56.87
N HIS C 1704 69.90 -21.45 57.03
CA HIS C 1704 68.50 -21.54 57.39
C HIS C 1704 67.62 -21.69 56.15
N ALA C 1705 68.13 -21.26 54.98
CA ALA C 1705 67.33 -21.41 53.76
C ALA C 1705 68.20 -21.45 52.50
N LYS C 1706 67.70 -22.13 51.47
CA LYS C 1706 68.38 -22.11 50.17
C LYS C 1706 67.46 -21.51 49.12
N VAL C 1707 68.00 -20.70 48.22
CA VAL C 1707 67.24 -20.19 47.08
C VAL C 1707 68.03 -20.42 45.81
N TYR C 1708 67.41 -20.95 44.77
CA TYR C 1708 68.16 -21.18 43.55
C TYR C 1708 67.39 -20.98 42.27
N MET C 1709 68.11 -20.75 41.18
CA MET C 1709 67.48 -20.58 39.88
C MET C 1709 67.68 -21.75 38.92
N THR C 1710 66.60 -22.10 38.20
CA THR C 1710 66.67 -23.06 37.11
C THR C 1710 66.23 -22.34 35.84
N PHE C 1711 66.73 -22.80 34.68
CA PHE C 1711 66.39 -22.14 33.42
C PHE C 1711 66.55 -22.98 32.16
N LYS C 1712 66.18 -24.25 32.23
CA LYS C 1712 66.28 -25.23 31.14
C LYS C 1712 67.69 -25.74 31.03
N LYS C 1713 68.63 -24.84 30.90
CA LYS C 1713 70.01 -25.20 30.95
C LYS C 1713 70.33 -25.32 32.43
N SER C 1714 71.17 -26.26 32.77
CA SER C 1714 71.59 -26.49 34.13
C SER C 1714 70.50 -26.46 35.21
N PRO C 1715 69.33 -27.13 35.05
CA PRO C 1715 68.31 -27.23 36.08
C PRO C 1715 68.74 -28.32 37.06
N SER C 1716 69.89 -28.11 37.69
CA SER C 1716 70.47 -29.14 38.55
C SER C 1716 70.07 -29.08 40.00
N ASP C 1717 69.64 -27.91 40.47
CA ASP C 1717 69.22 -27.70 41.85
C ASP C 1717 70.22 -28.26 42.87
N GLY C 1718 71.51 -28.19 42.55
CA GLY C 1718 72.49 -28.89 43.35
C GLY C 1718 72.98 -28.19 44.60
N THR C 1719 73.93 -28.86 45.23
CA THR C 1719 74.50 -28.37 46.46
C THR C 1719 75.29 -27.13 46.12
N TRP C 1720 75.10 -26.09 46.91
CA TRP C 1720 75.72 -24.79 46.79
C TRP C 1720 75.30 -24.00 45.57
N TRP C 1721 74.31 -24.42 44.84
CA TRP C 1721 73.88 -23.54 43.78
C TRP C 1721 72.95 -22.45 44.28
N GLY C 1722 73.23 -21.21 43.93
CA GLY C 1722 72.39 -20.10 44.39
C GLY C 1722 72.75 -19.81 45.84
N PRO C 1723 72.18 -18.78 46.45
CA PRO C 1723 72.44 -18.40 47.82
C PRO C 1723 71.89 -19.37 48.83
N HIS C 1724 72.62 -19.46 49.91
CA HIS C 1724 72.38 -20.26 51.11
C HIS C 1724 72.44 -19.29 52.26
N PHE C 1725 71.29 -18.98 52.81
CA PHE C 1725 71.19 -17.92 53.78
C PHE C 1725 71.28 -18.45 55.18
N VAL C 1726 72.04 -17.76 56.01
CA VAL C 1726 72.16 -18.14 57.39
C VAL C 1726 71.77 -16.98 58.27
N ARG C 1727 70.96 -17.23 59.27
CA ARG C 1727 70.56 -16.17 60.16
C ARG C 1727 71.46 -16.11 61.38
N ASP C 1728 72.14 -15.00 61.53
CA ASP C 1728 73.03 -14.76 62.64
C ASP C 1728 72.19 -14.23 63.77
N ASP C 1729 72.79 -13.94 64.90
CA ASP C 1729 72.01 -13.39 65.96
C ASP C 1729 71.59 -12.00 65.53
N LYS C 1730 70.56 -11.51 66.19
CA LYS C 1730 69.98 -10.19 65.98
C LYS C 1730 69.39 -10.04 64.59
N GLY C 1731 69.08 -11.17 63.97
CA GLY C 1731 68.43 -11.21 62.68
C GLY C 1731 69.30 -10.85 61.51
N ILE C 1732 70.61 -10.88 61.66
CA ILE C 1732 71.36 -10.49 60.50
C ILE C 1732 71.60 -11.68 59.63
N VAL C 1733 71.02 -11.62 58.46
CA VAL C 1733 71.11 -12.72 57.55
C VAL C 1733 72.16 -12.50 56.49
N THR C 1734 73.03 -13.47 56.38
CA THR C 1734 74.13 -13.39 55.44
C THR C 1734 74.11 -14.57 54.50
N ILE C 1735 74.89 -14.47 53.43
CA ILE C 1735 74.97 -15.57 52.50
C ILE C 1735 76.22 -16.36 52.76
N ASN C 1736 76.04 -17.65 52.95
CA ASN C 1736 77.09 -18.58 53.24
C ASN C 1736 78.08 -18.63 52.07
N PRO C 1737 79.37 -18.35 52.27
CA PRO C 1737 80.41 -18.22 51.27
C PRO C 1737 80.68 -19.49 50.48
N LYS C 1738 80.12 -20.60 50.93
CA LYS C 1738 80.31 -21.87 50.23
C LYS C 1738 79.43 -21.90 48.96
N SER C 1739 78.46 -20.98 48.90
CA SER C 1739 77.49 -20.91 47.80
C SER C 1739 78.04 -20.37 46.48
N ILE C 1740 77.35 -20.72 45.39
CA ILE C 1740 77.71 -20.30 44.05
C ILE C 1740 76.69 -19.30 43.49
N LEU C 1741 77.04 -18.04 43.54
CA LEU C 1741 76.11 -17.01 43.08
C LEU C 1741 76.36 -16.68 41.64
N THR C 1742 76.11 -17.64 40.76
CA THR C 1742 76.40 -17.40 39.33
C THR C 1742 75.20 -17.37 38.42
N HIS C 1743 74.01 -17.67 38.93
CA HIS C 1743 72.81 -17.65 38.10
C HIS C 1743 72.08 -16.33 38.31
N PHE C 1744 72.71 -15.48 39.09
CA PHE C 1744 72.17 -14.19 39.44
C PHE C 1744 73.19 -13.16 39.08
N GLU C 1745 72.76 -11.98 38.69
CA GLU C 1745 73.68 -10.88 38.44
C GLU C 1745 74.20 -10.41 39.79
N SER C 1746 73.28 -10.39 40.75
CA SER C 1746 73.56 -9.95 42.11
C SER C 1746 72.54 -10.42 43.14
N VAL C 1747 72.99 -10.70 44.37
CA VAL C 1747 72.06 -11.01 45.45
C VAL C 1747 72.43 -10.19 46.68
N ASN C 1748 71.45 -9.49 47.26
CA ASN C 1748 71.69 -8.67 48.45
C ASN C 1748 70.67 -8.85 49.54
N VAL C 1749 71.12 -9.16 50.75
CA VAL C 1749 70.15 -9.34 51.82
C VAL C 1749 69.79 -7.99 52.39
N LEU C 1750 68.52 -7.69 52.41
CA LEU C 1750 68.11 -6.39 52.87
C LEU C 1750 67.89 -6.39 54.36
N ASN C 1751 69.01 -6.39 55.05
CA ASN C 1751 68.97 -6.43 56.48
C ASN C 1751 68.38 -5.13 56.94
N ASN C 1752 67.71 -5.20 58.08
CA ASN C 1752 67.01 -4.10 58.73
C ASN C 1752 65.70 -3.68 58.03
N ILE C 1753 65.27 -4.40 57.00
CA ILE C 1753 63.98 -4.12 56.43
C ILE C 1753 62.98 -5.06 57.08
N SER C 1754 62.05 -4.49 57.83
CA SER C 1754 61.09 -5.25 58.60
C SER C 1754 59.68 -5.04 58.10
N SER C 1755 59.59 -4.43 56.94
CA SER C 1755 58.35 -4.01 56.32
C SER C 1755 58.37 -4.04 54.80
N GLU C 1756 57.18 -3.91 54.21
CA GLU C 1756 57.06 -3.86 52.76
C GLU C 1756 55.89 -2.98 52.36
N PRO C 1757 55.86 -2.42 51.16
CA PRO C 1757 54.78 -1.58 50.67
C PRO C 1757 53.49 -2.36 50.46
N MET C 1758 52.37 -1.64 50.62
CA MET C 1758 51.00 -2.10 50.45
C MET C 1758 50.89 -3.31 49.56
N ASP C 1759 50.39 -4.38 50.15
CA ASP C 1759 50.39 -5.67 49.52
C ASP C 1759 49.22 -6.03 48.60
N PHE C 1760 49.47 -5.99 47.30
CA PHE C 1760 48.47 -6.24 46.27
C PHE C 1760 48.24 -7.72 46.06
N SER C 1761 48.91 -8.55 46.85
CA SER C 1761 48.71 -9.99 46.82
C SER C 1761 48.02 -10.45 48.12
N GLY C 1762 47.65 -9.52 48.99
CA GLY C 1762 47.05 -9.93 50.26
C GLY C 1762 45.55 -10.08 50.16
N ALA C 1763 44.91 -10.41 51.28
CA ALA C 1763 43.46 -10.64 51.34
C ALA C 1763 42.64 -9.40 51.07
N ASN C 1764 43.25 -8.25 51.15
CA ASN C 1764 42.54 -7.01 50.91
C ASN C 1764 43.09 -6.36 49.68
N SER C 1765 43.82 -7.12 48.86
CA SER C 1765 44.38 -6.53 47.68
C SER C 1765 43.37 -6.11 46.70
N LEU C 1766 42.24 -6.78 46.71
CA LEU C 1766 41.21 -6.49 45.77
C LEU C 1766 40.77 -5.06 45.87
N TYR C 1767 40.81 -4.50 47.06
CA TYR C 1767 40.36 -3.15 47.24
C TYR C 1767 41.37 -2.18 46.65
N PHE C 1768 42.64 -2.56 46.58
CA PHE C 1768 43.60 -1.62 46.08
C PHE C 1768 43.59 -1.70 44.58
N TRP C 1769 43.18 -2.84 44.06
CA TRP C 1769 43.12 -2.92 42.63
C TRP C 1769 41.99 -2.04 42.16
N GLU C 1770 40.91 -1.96 42.93
CA GLU C 1770 39.83 -1.09 42.55
C GLU C 1770 40.19 0.37 42.76
N LEU C 1771 40.87 0.66 43.85
CA LEU C 1771 41.26 2.02 44.16
C LEU C 1771 42.29 2.59 43.19
N PHE C 1772 43.30 1.83 42.85
CA PHE C 1772 44.36 2.38 42.02
C PHE C 1772 44.33 2.04 40.56
N TYR C 1773 43.67 0.96 40.15
CA TYR C 1773 43.70 0.58 38.74
C TYR C 1773 42.34 0.59 38.10
N TYR C 1774 41.38 -0.12 38.66
CA TYR C 1774 40.15 -0.22 37.91
C TYR C 1774 39.37 1.06 37.93
N THR C 1775 39.43 1.81 39.00
CA THR C 1775 38.67 3.02 38.97
C THR C 1775 39.19 3.97 37.90
N PRO C 1776 40.46 4.38 37.84
CA PRO C 1776 40.87 5.32 36.83
C PRO C 1776 40.71 4.76 35.42
N MET C 1777 40.75 3.43 35.25
CA MET C 1777 40.56 2.91 33.92
C MET C 1777 39.10 3.01 33.53
N LEU C 1778 38.23 2.90 34.53
CA LEU C 1778 36.82 2.96 34.29
C LEU C 1778 36.45 4.35 33.93
N VAL C 1779 36.96 5.29 34.68
CA VAL C 1779 36.58 6.64 34.44
C VAL C 1779 37.02 7.04 33.06
N ALA C 1780 38.22 6.65 32.65
CA ALA C 1780 38.60 6.99 31.31
C ALA C 1780 37.66 6.34 30.29
N GLN C 1781 37.18 5.12 30.58
CA GLN C 1781 36.31 4.41 29.66
C GLN C 1781 35.04 5.16 29.45
N ARG C 1782 34.46 5.64 30.53
CA ARG C 1782 33.21 6.32 30.36
C ARG C 1782 33.38 7.63 29.67
N LEU C 1783 34.46 8.32 29.96
CA LEU C 1783 34.66 9.60 29.35
C LEU C 1783 34.92 9.45 27.88
N LEU C 1784 35.57 8.36 27.51
CA LEU C 1784 35.83 8.10 26.13
C LEU C 1784 34.52 7.84 25.40
N HIS C 1785 33.61 7.11 26.01
CA HIS C 1785 32.34 6.85 25.34
C HIS C 1785 31.64 8.17 25.06
N GLU C 1786 31.82 9.15 25.95
CA GLU C 1786 31.20 10.48 25.82
C GLU C 1786 31.97 11.40 24.87
N GLN C 1787 33.10 10.93 24.34
CA GLN C 1787 33.99 11.68 23.47
C GLN C 1787 34.71 12.78 24.19
N ASN C 1788 34.92 12.63 25.49
CA ASN C 1788 35.69 13.63 26.19
C ASN C 1788 37.09 13.13 26.12
N PHE C 1789 37.73 13.46 25.03
CA PHE C 1789 39.03 12.88 24.79
C PHE C 1789 40.08 13.45 25.70
N ASP C 1790 39.93 14.69 26.10
CA ASP C 1790 40.95 15.27 26.93
C ASP C 1790 40.91 14.70 28.32
N GLU C 1791 39.73 14.49 28.86
CA GLU C 1791 39.70 13.92 30.18
C GLU C 1791 40.05 12.46 30.12
N ALA C 1792 39.64 11.75 29.07
CA ALA C 1792 40.01 10.35 29.04
C ALA C 1792 41.52 10.23 29.07
N ASN C 1793 42.21 11.14 28.41
CA ASN C 1793 43.65 11.10 28.43
C ASN C 1793 44.17 11.32 29.83
N ARG C 1794 43.65 12.34 30.49
CA ARG C 1794 44.12 12.65 31.82
C ARG C 1794 43.91 11.50 32.76
N TRP C 1795 42.78 10.84 32.66
CA TRP C 1795 42.53 9.77 33.58
C TRP C 1795 43.42 8.58 33.32
N LEU C 1796 43.81 8.34 32.07
CA LEU C 1796 44.65 7.19 31.81
C LEU C 1796 46.01 7.39 32.42
N LYS C 1797 46.44 8.65 32.50
CA LYS C 1797 47.72 9.00 33.06
C LYS C 1797 47.85 8.65 34.52
N TYR C 1798 46.74 8.43 35.22
CA TYR C 1798 46.83 8.04 36.61
C TYR C 1798 47.35 6.62 36.68
N VAL C 1799 47.24 5.88 35.58
CA VAL C 1799 47.74 4.53 35.48
C VAL C 1799 49.04 4.49 34.68
N TRP C 1800 49.09 5.23 33.56
CA TRP C 1800 50.28 5.22 32.74
C TRP C 1800 50.53 6.46 31.92
N SER C 1801 51.75 6.94 32.00
CA SER C 1801 52.19 8.10 31.26
C SER C 1801 53.46 7.81 30.52
N PRO C 1802 53.48 7.60 29.20
CA PRO C 1802 54.66 7.22 28.49
C PRO C 1802 55.76 8.27 28.62
N SER C 1803 55.35 9.52 28.87
CA SER C 1803 56.25 10.64 29.04
C SER C 1803 56.79 10.80 30.46
N GLY C 1804 56.28 10.00 31.39
CA GLY C 1804 56.67 10.06 32.79
C GLY C 1804 55.81 10.97 33.66
N TYR C 1805 56.26 11.15 34.90
CA TYR C 1805 55.56 11.93 35.91
C TYR C 1805 56.49 12.86 36.62
N ILE C 1806 55.94 13.93 37.17
CA ILE C 1806 56.72 14.79 38.03
C ILE C 1806 56.21 14.70 39.46
N VAL C 1807 57.08 14.41 40.41
CA VAL C 1807 56.69 14.30 41.80
C VAL C 1807 57.50 15.23 42.65
N HIS C 1808 56.84 16.13 43.35
CA HIS C 1808 57.55 17.12 44.18
C HIS C 1808 58.53 17.92 43.34
N GLY C 1809 58.17 18.15 42.08
CA GLY C 1809 59.01 18.91 41.17
C GLY C 1809 60.11 18.05 40.56
N GLN C 1810 60.21 16.82 40.97
CA GLN C 1810 61.31 16.03 40.47
C GLN C 1810 60.91 15.23 39.29
N ILE C 1811 61.85 15.06 38.39
CA ILE C 1811 61.56 14.28 37.23
C ILE C 1811 61.70 12.83 37.61
N GLN C 1812 60.67 12.06 37.37
CA GLN C 1812 60.68 10.67 37.76
C GLN C 1812 61.19 9.79 36.67
N ASN C 1813 61.59 8.61 37.08
CA ASN C 1813 62.12 7.59 36.22
C ASN C 1813 61.14 6.48 35.92
N TYR C 1814 59.85 6.76 35.92
CA TYR C 1814 58.93 5.69 35.63
C TYR C 1814 57.72 6.13 34.85
N GLN C 1815 57.11 5.19 34.14
CA GLN C 1815 55.88 5.48 33.40
C GLN C 1815 54.66 4.91 34.08
N TRP C 1816 54.84 3.81 34.77
CA TRP C 1816 53.69 3.13 35.32
C TRP C 1816 53.40 3.68 36.71
N ASN C 1817 52.19 4.17 36.94
CA ASN C 1817 51.93 4.79 38.23
C ASN C 1817 51.20 3.87 39.19
N VAL C 1818 51.05 2.63 38.81
CA VAL C 1818 50.46 1.64 39.67
C VAL C 1818 51.60 0.76 40.08
N ARG C 1819 51.89 0.73 41.36
CA ARG C 1819 53.05 0.05 41.88
C ARG C 1819 53.19 -1.35 41.29
N PRO C 1820 52.19 -2.24 41.31
CA PRO C 1820 52.32 -3.59 40.82
C PRO C 1820 52.48 -3.70 39.32
N LEU C 1821 52.33 -2.62 38.58
CA LEU C 1821 52.51 -2.70 37.16
C LEU C 1821 53.90 -2.20 36.86
N LEU C 1822 54.39 -1.33 37.72
CA LEU C 1822 55.72 -0.77 37.58
C LEU C 1822 56.72 -1.83 37.91
N GLU C 1823 56.40 -2.58 38.92
CA GLU C 1823 57.23 -3.65 39.40
C GLU C 1823 56.90 -4.89 38.63
N ASP C 1824 57.88 -5.77 38.47
CA ASP C 1824 57.66 -7.04 37.79
C ASP C 1824 57.42 -6.77 36.30
N THR C 1825 58.50 -6.72 35.55
CA THR C 1825 58.47 -6.34 34.16
C THR C 1825 58.59 -7.53 33.24
N SER C 1826 58.55 -8.70 33.83
CA SER C 1826 58.66 -9.95 33.11
C SER C 1826 57.33 -10.65 33.07
N TRP C 1827 57.17 -11.53 32.10
CA TRP C 1827 55.97 -12.35 32.02
C TRP C 1827 56.11 -13.52 32.94
N ASN C 1828 55.02 -13.96 33.53
CA ASN C 1828 55.13 -15.16 34.33
C ASN C 1828 55.38 -16.32 33.37
N SER C 1829 56.26 -17.26 33.73
CA SER C 1829 56.46 -18.43 32.90
C SER C 1829 55.35 -19.44 33.10
N ASP C 1830 54.76 -19.42 34.29
CA ASP C 1830 53.64 -20.28 34.61
C ASP C 1830 52.37 -19.47 34.73
N PRO C 1831 51.42 -19.61 33.81
CA PRO C 1831 50.21 -18.86 33.79
C PRO C 1831 49.37 -19.36 34.92
N LEU C 1832 48.46 -18.55 35.39
CA LEU C 1832 47.55 -19.04 36.39
C LEU C 1832 46.53 -19.94 35.76
N ASP C 1833 46.34 -21.12 36.33
CA ASP C 1833 45.38 -22.05 35.76
C ASP C 1833 44.00 -21.69 36.28
N SER C 1834 43.34 -20.83 35.54
CA SER C 1834 42.05 -20.31 35.91
C SER C 1834 41.13 -20.11 34.76
N VAL C 1835 39.93 -19.68 35.11
CA VAL C 1835 38.91 -19.36 34.12
C VAL C 1835 38.58 -17.89 34.16
N ASP C 1836 39.06 -17.18 35.18
CA ASP C 1836 38.78 -15.76 35.27
C ASP C 1836 39.98 -15.01 34.72
N PRO C 1837 39.86 -14.20 33.67
CA PRO C 1837 40.93 -13.45 33.06
C PRO C 1837 41.40 -12.35 33.98
N ASP C 1838 40.59 -12.07 34.98
CA ASP C 1838 40.84 -11.04 35.96
C ASP C 1838 41.73 -11.61 37.03
N ALA C 1839 41.68 -12.93 37.24
CA ALA C 1839 42.53 -13.56 38.23
C ALA C 1839 43.87 -13.81 37.59
N VAL C 1840 43.87 -13.95 36.27
CA VAL C 1840 45.12 -14.15 35.57
C VAL C 1840 45.85 -12.82 35.54
N ALA C 1841 45.13 -11.79 35.17
CA ALA C 1841 45.69 -10.47 35.27
C ALA C 1841 45.69 -10.35 36.76
N GLN C 1842 46.49 -9.52 37.36
CA GLN C 1842 46.59 -9.41 38.83
C GLN C 1842 47.34 -10.59 39.43
N HIS C 1843 47.81 -11.50 38.61
CA HIS C 1843 48.62 -12.58 39.09
C HIS C 1843 49.88 -12.28 38.35
N ASP C 1844 49.66 -12.01 37.07
CA ASP C 1844 50.68 -11.58 36.16
C ASP C 1844 50.30 -10.19 35.67
N PRO C 1845 50.80 -9.11 36.28
CA PRO C 1845 50.46 -7.72 36.06
C PRO C 1845 50.74 -7.26 34.65
N MET C 1846 51.53 -8.04 33.90
CA MET C 1846 51.87 -7.66 32.55
C MET C 1846 50.64 -7.55 31.71
N HIS C 1847 49.60 -8.28 32.07
CA HIS C 1847 48.42 -8.22 31.28
C HIS C 1847 47.75 -6.88 31.41
N TYR C 1848 47.85 -6.24 32.57
CA TYR C 1848 47.22 -4.97 32.69
C TYR C 1848 48.04 -3.94 32.01
N LYS C 1849 49.33 -4.16 32.02
CA LYS C 1849 50.18 -3.19 31.38
C LYS C 1849 49.81 -3.18 29.91
N VAL C 1850 49.55 -4.34 29.36
CA VAL C 1850 49.18 -4.39 27.97
C VAL C 1850 47.81 -3.80 27.75
N SER C 1851 46.83 -4.09 28.61
CA SER C 1851 45.51 -3.53 28.35
C SER C 1851 45.54 -2.02 28.49
N THR C 1852 46.41 -1.51 29.34
CA THR C 1852 46.52 -0.09 29.53
C THR C 1852 47.07 0.52 28.28
N PHE C 1853 48.07 -0.14 27.72
CA PHE C 1853 48.71 0.30 26.50
C PHE C 1853 47.64 0.35 25.43
N MET C 1854 46.84 -0.72 25.31
CA MET C 1854 45.78 -0.75 24.30
C MET C 1854 44.82 0.39 24.50
N ARG C 1855 44.42 0.68 25.72
CA ARG C 1855 43.47 1.77 25.83
C ARG C 1855 44.11 3.05 25.36
N THR C 1856 45.38 3.25 25.64
CA THR C 1856 46.00 4.46 25.13
C THR C 1856 45.90 4.47 23.60
N LEU C 1857 46.13 3.32 22.97
CA LEU C 1857 45.97 3.21 21.51
C LEU C 1857 44.54 3.37 21.05
N ASP C 1858 43.55 3.01 21.87
CA ASP C 1858 42.17 3.17 21.47
C ASP C 1858 41.77 4.63 21.59
N LEU C 1859 42.39 5.35 22.52
CA LEU C 1859 42.17 6.78 22.69
C LEU C 1859 42.79 7.47 21.47
N LEU C 1860 43.99 7.04 21.12
CA LEU C 1860 44.64 7.49 19.90
C LEU C 1860 43.81 6.72 18.96
N ILE C 1861 43.89 6.94 17.68
CA ILE C 1861 42.99 6.25 16.78
C ILE C 1861 41.61 6.84 16.97
N ALA C 1862 40.91 6.67 18.09
CA ALA C 1862 39.57 7.24 18.19
C ALA C 1862 39.57 8.73 17.92
N ARG C 1863 40.62 9.42 18.30
CA ARG C 1863 40.71 10.85 18.05
C ARG C 1863 40.96 11.09 16.56
N GLY C 1864 41.71 10.19 15.94
CA GLY C 1864 42.04 10.34 14.52
C GLY C 1864 40.85 9.95 13.68
N ASP C 1865 40.07 9.03 14.19
CA ASP C 1865 38.91 8.48 13.55
C ASP C 1865 37.87 9.57 13.57
N HIS C 1866 37.74 10.23 14.70
CA HIS C 1866 36.83 11.32 14.80
C HIS C 1866 37.17 12.36 13.77
N ALA C 1867 38.42 12.78 13.74
CA ALA C 1867 38.84 13.78 12.78
C ALA C 1867 38.66 13.31 11.35
N TYR C 1868 38.89 12.02 11.12
CA TYR C 1868 38.89 11.55 9.77
C TYR C 1868 37.55 11.85 9.16
N ARG C 1869 36.50 11.56 9.92
CA ARG C 1869 35.13 11.66 9.43
C ARG C 1869 34.63 13.04 9.20
N GLN C 1870 35.39 14.02 9.59
CA GLN C 1870 34.96 15.36 9.37
C GLN C 1870 35.15 15.68 7.87
N LEU C 1871 35.97 14.91 7.15
CA LEU C 1871 36.14 15.03 5.71
C LEU C 1871 36.54 16.36 5.14
N GLU C 1872 37.34 17.11 5.83
CA GLU C 1872 37.85 18.33 5.27
C GLU C 1872 39.30 18.01 5.09
N ARG C 1873 40.00 18.65 4.18
CA ARG C 1873 41.40 18.23 4.02
C ARG C 1873 42.16 18.45 5.31
N ASP C 1874 41.74 19.41 6.11
CA ASP C 1874 42.40 19.68 7.35
C ASP C 1874 42.19 18.57 8.35
N THR C 1875 41.02 17.93 8.32
CA THR C 1875 40.74 16.97 9.36
C THR C 1875 41.31 15.66 8.96
N LEU C 1876 41.51 15.49 7.67
CA LEU C 1876 42.15 14.28 7.22
C LEU C 1876 43.62 14.37 7.56
N ASN C 1877 44.20 15.58 7.45
CA ASN C 1877 45.59 15.72 7.81
C ASN C 1877 45.74 15.56 9.32
N GLU C 1878 44.76 16.02 10.07
CA GLU C 1878 44.83 15.85 11.49
C GLU C 1878 44.76 14.39 11.81
N ALA C 1879 43.87 13.67 11.15
CA ALA C 1879 43.73 12.27 11.44
C ALA C 1879 45.03 11.58 11.22
N LYS C 1880 45.75 11.98 10.19
CA LYS C 1880 47.01 11.37 9.91
C LYS C 1880 47.93 11.55 11.07
N MET C 1881 47.92 12.73 11.68
CA MET C 1881 48.82 13.01 12.78
C MET C 1881 48.55 12.04 13.88
N TRP C 1882 47.28 11.85 14.17
CA TRP C 1882 46.93 10.97 15.26
C TRP C 1882 47.28 9.54 14.96
N TYR C 1883 47.17 9.13 13.71
CA TYR C 1883 47.53 7.78 13.41
C TYR C 1883 49.02 7.62 13.48
N MET C 1884 49.78 8.64 13.11
CA MET C 1884 51.22 8.46 13.19
C MET C 1884 51.62 8.34 14.64
N GLN C 1885 50.92 9.02 15.54
CA GLN C 1885 51.28 8.90 16.95
C GLN C 1885 50.94 7.53 17.45
N ALA C 1886 49.84 6.96 16.96
CA ALA C 1886 49.52 5.62 17.39
C ALA C 1886 50.57 4.65 16.90
N LEU C 1887 51.05 4.84 15.67
CA LEU C 1887 52.08 3.94 15.16
C LEU C 1887 53.34 4.09 15.93
N HIS C 1888 53.63 5.30 16.34
CA HIS C 1888 54.82 5.60 17.10
C HIS C 1888 54.76 4.82 18.40
N LEU C 1889 53.60 4.88 19.06
CA LEU C 1889 53.40 4.18 20.32
C LEU C 1889 53.54 2.69 20.15
N LEU C 1890 53.00 2.12 19.07
CA LEU C 1890 53.16 0.70 18.84
C LEU C 1890 54.59 0.32 18.55
N GLY C 1891 55.28 1.13 17.78
CA GLY C 1891 56.64 0.81 17.40
C GLY C 1891 56.55 -0.20 16.28
N ASP C 1892 57.67 -0.82 15.93
CA ASP C 1892 57.65 -1.77 14.84
C ASP C 1892 56.83 -2.99 15.14
N LYS C 1893 56.20 -3.52 14.11
CA LYS C 1893 55.47 -4.76 14.24
C LYS C 1893 56.53 -5.79 14.53
N PRO C 1894 56.38 -6.64 15.53
CA PRO C 1894 57.35 -7.63 15.89
C PRO C 1894 57.38 -8.73 14.86
N TYR C 1895 58.52 -9.38 14.72
CA TYR C 1895 58.62 -10.54 13.88
C TYR C 1895 58.23 -11.71 14.72
N LEU C 1896 57.25 -12.46 14.25
CA LEU C 1896 56.76 -13.59 14.99
C LEU C 1896 56.86 -14.85 14.16
N PRO C 1897 57.97 -15.58 14.17
CA PRO C 1897 58.20 -16.75 13.37
C PRO C 1897 57.31 -17.87 13.85
N LEU C 1898 56.94 -18.75 12.95
CA LEU C 1898 56.17 -19.88 13.36
C LEU C 1898 57.04 -21.13 13.39
N SER C 1899 56.77 -21.95 14.37
CA SER C 1899 57.39 -23.25 14.54
C SER C 1899 56.74 -24.25 13.63
N THR C 1900 57.56 -25.14 13.10
CA THR C 1900 57.12 -26.23 12.25
C THR C 1900 57.51 -27.57 12.88
N THR C 1901 57.94 -27.53 14.13
CA THR C 1901 58.41 -28.74 14.80
C THR C 1901 57.36 -29.33 15.73
N TRP C 1902 57.15 -30.62 15.58
CA TRP C 1902 56.21 -31.33 16.43
C TRP C 1902 56.64 -32.76 16.56
N SER C 1903 56.72 -33.24 17.80
CA SER C 1903 57.17 -34.58 18.11
C SER C 1903 56.16 -35.72 17.95
N ASP C 1904 54.89 -35.41 17.72
CA ASP C 1904 53.84 -36.42 17.61
C ASP C 1904 53.89 -37.36 18.82
N PRO C 1905 53.87 -36.84 20.05
CA PRO C 1905 54.01 -37.61 21.26
C PRO C 1905 52.80 -38.45 21.48
N ARG C 1906 52.97 -39.52 22.25
CA ARG C 1906 51.87 -40.36 22.64
C ARG C 1906 51.09 -39.61 23.68
N LEU C 1907 49.82 -39.88 23.80
CA LEU C 1907 48.99 -39.21 24.77
C LEU C 1907 49.44 -39.40 26.21
N ASP C 1908 49.86 -40.60 26.62
CA ASP C 1908 50.25 -40.74 28.01
C ASP C 1908 51.46 -39.88 28.35
N ARG C 1909 52.31 -39.72 27.36
CA ARG C 1909 53.52 -38.92 27.48
C ARG C 1909 53.23 -37.46 27.35
N ALA C 1910 52.26 -37.15 26.49
CA ALA C 1910 51.82 -35.80 26.22
C ALA C 1910 51.28 -35.19 27.48
N ALA C 1911 50.69 -36.03 28.32
CA ALA C 1911 50.10 -35.63 29.58
C ALA C 1911 51.19 -35.43 30.65
N ASP C 1912 52.00 -34.42 30.35
CA ASP C 1912 53.16 -33.94 31.07
C ASP C 1912 52.67 -32.83 32.01
N ILE C 1913 52.70 -33.07 33.32
CA ILE C 1913 52.07 -32.13 34.24
C ILE C 1913 52.92 -31.54 35.33
N THR C 1914 52.42 -30.43 35.88
CA THR C 1914 53.03 -29.73 36.99
C THR C 1914 52.35 -30.07 38.31
N THR C 1915 53.02 -29.71 39.41
CA THR C 1915 52.49 -29.94 40.75
C THR C 1915 52.95 -28.85 41.73
N GLN C 1916 52.79 -29.13 43.02
CA GLN C 1916 53.15 -28.21 44.11
C GLN C 1916 54.56 -28.46 44.61
N THR C 1943 61.73 -30.08 21.56
CA THR C 1943 62.58 -30.06 22.75
C THR C 1943 62.17 -28.91 23.66
N LEU C 1944 60.90 -28.55 23.59
CA LEU C 1944 60.37 -27.48 24.42
C LEU C 1944 59.93 -28.00 25.77
N THR C 1945 60.16 -27.22 26.82
CA THR C 1945 59.65 -27.57 28.14
C THR C 1945 58.13 -27.62 28.08
N ASP C 1946 57.57 -26.65 27.39
CA ASP C 1946 56.14 -26.60 27.23
C ASP C 1946 55.80 -27.29 25.94
N LEU C 1947 55.21 -28.45 26.04
CA LEU C 1947 54.90 -29.24 24.87
C LEU C 1947 54.12 -28.52 23.78
N PHE C 1948 53.19 -27.64 24.15
CA PHE C 1948 52.36 -26.98 23.15
C PHE C 1948 52.70 -25.51 22.95
N LEU C 1949 52.31 -24.95 21.83
CA LEU C 1949 52.69 -23.58 21.57
C LEU C 1949 51.56 -22.58 21.44
N PRO C 1950 51.78 -21.32 21.75
CA PRO C 1950 50.83 -20.26 21.67
C PRO C 1950 50.58 -19.87 20.26
N GLN C 1951 49.53 -19.12 20.07
CA GLN C 1951 49.23 -18.53 18.80
C GLN C 1951 49.60 -17.07 18.84
N ILE C 1952 49.47 -16.40 17.73
CA ILE C 1952 49.87 -15.02 17.52
C ILE C 1952 49.24 -13.90 18.33
N ASN C 1953 47.93 -13.97 18.58
CA ASN C 1953 47.20 -12.88 19.25
C ASN C 1953 46.91 -11.79 18.27
N GLU C 1954 46.03 -12.11 17.35
CA GLU C 1954 45.61 -11.26 16.27
C GLU C 1954 44.98 -10.00 16.77
N VAL C 1955 44.48 -10.01 17.97
CA VAL C 1955 43.86 -8.80 18.47
C VAL C 1955 44.90 -7.72 18.57
N MET C 1956 46.10 -8.08 19.01
CA MET C 1956 47.12 -7.08 19.14
C MET C 1956 47.72 -6.79 17.78
N MET C 1957 47.80 -7.81 16.94
CA MET C 1957 48.45 -7.61 15.66
C MET C 1957 47.62 -6.72 14.77
N ASN C 1958 46.32 -6.76 15.00
CA ASN C 1958 45.37 -5.98 14.27
C ASN C 1958 45.54 -4.51 14.51
N TYR C 1959 46.26 -4.09 15.54
CA TYR C 1959 46.43 -2.67 15.70
C TYR C 1959 47.34 -2.16 14.63
N TRP C 1960 48.26 -2.98 14.16
CA TRP C 1960 49.11 -2.49 13.12
C TRP C 1960 48.34 -2.61 11.85
N GLN C 1961 47.61 -3.69 11.71
CA GLN C 1961 46.89 -3.84 10.45
C GLN C 1961 45.87 -2.73 10.28
N THR C 1962 45.27 -2.31 11.37
CA THR C 1962 44.27 -1.27 11.38
C THR C 1962 44.88 0.06 11.04
N LEU C 1963 45.99 0.40 11.67
CA LEU C 1963 46.58 1.67 11.36
C LEU C 1963 47.13 1.68 9.97
N ALA C 1964 47.63 0.55 9.52
CA ALA C 1964 48.19 0.52 8.21
C ALA C 1964 47.14 0.84 7.19
N GLN C 1965 45.93 0.30 7.37
CA GLN C 1965 44.90 0.61 6.42
C GLN C 1965 44.42 2.04 6.50
N ARG C 1966 44.35 2.58 7.71
CA ARG C 1966 43.87 3.94 7.85
C ARG C 1966 44.82 4.91 7.21
N VAL C 1967 46.10 4.62 7.33
CA VAL C 1967 47.11 5.46 6.76
C VAL C 1967 47.09 5.24 5.28
N TYR C 1968 46.98 3.99 4.82
CA TYR C 1968 46.92 3.74 3.40
C TYR C 1968 45.88 4.62 2.81
N ASN C 1969 44.68 4.65 3.40
CA ASN C 1969 43.61 5.40 2.83
C ASN C 1969 43.92 6.87 2.75
N LEU C 1970 44.55 7.42 3.77
CA LEU C 1970 44.82 8.83 3.63
C LEU C 1970 45.78 9.08 2.48
N ARG C 1971 46.75 8.20 2.35
CA ARG C 1971 47.76 8.33 1.32
C ARG C 1971 47.20 8.09 -0.06
N HIS C 1972 46.13 7.32 -0.17
CA HIS C 1972 45.52 7.05 -1.45
C HIS C 1972 44.21 7.78 -1.68
N ASN C 1973 43.94 8.80 -0.89
CA ASN C 1973 42.75 9.62 -1.01
C ASN C 1973 41.45 8.84 -0.94
N LEU C 1974 41.35 7.98 0.05
CA LEU C 1974 40.15 7.23 0.29
C LEU C 1974 39.56 7.58 1.64
N SER C 1975 38.29 7.31 1.78
CA SER C 1975 37.58 7.58 2.98
C SER C 1975 37.81 6.52 4.00
N ILE C 1976 37.13 6.63 5.10
CA ILE C 1976 37.36 5.78 6.25
C ILE C 1976 37.17 4.31 5.94
N ASP C 1977 36.26 4.00 5.02
CA ASP C 1977 35.93 2.66 4.60
C ASP C 1977 36.51 2.30 3.25
N GLY C 1978 37.47 3.06 2.77
CA GLY C 1978 38.10 2.73 1.50
C GLY C 1978 37.36 3.28 0.29
N GLN C 1979 36.30 4.04 0.51
CA GLN C 1979 35.58 4.56 -0.65
C GLN C 1979 36.31 5.79 -1.18
N PRO C 1980 36.21 6.11 -2.46
CA PRO C 1980 36.85 7.25 -3.05
C PRO C 1980 36.15 8.48 -2.61
N LEU C 1981 36.83 9.61 -2.63
CA LEU C 1981 36.20 10.86 -2.32
C LEU C 1981 36.84 11.97 -3.10
N TYR C 1982 36.11 13.04 -3.31
CA TYR C 1982 36.62 14.14 -4.09
C TYR C 1982 36.47 15.45 -3.37
N LEU C 1983 37.25 15.63 -2.34
CA LEU C 1983 37.10 16.82 -1.56
C LEU C 1983 37.77 17.96 -2.27
N PRO C 1984 37.29 19.20 -2.11
CA PRO C 1984 37.90 20.39 -2.62
C PRO C 1984 39.13 20.63 -1.82
N ILE C 1985 40.09 21.33 -2.40
CA ILE C 1985 41.28 21.66 -1.65
C ILE C 1985 40.98 22.62 -0.53
N TYR C 1986 40.21 23.64 -0.81
CA TYR C 1986 39.91 24.55 0.28
C TYR C 1986 38.53 24.26 0.73
N ALA C 1987 38.38 24.08 2.02
CA ALA C 1987 37.10 23.75 2.60
C ALA C 1987 36.16 24.92 2.50
N THR C 1988 34.88 24.62 2.35
CA THR C 1988 33.87 25.65 2.37
C THR C 1988 33.90 26.20 3.79
N PRO C 1989 33.89 27.52 4.00
CA PRO C 1989 33.85 28.12 5.31
C PRO C 1989 32.62 27.66 6.04
N ALA C 1990 32.77 27.43 7.34
CA ALA C 1990 31.68 27.02 8.19
C ALA C 1990 30.72 28.16 8.23
N ASP C 1991 29.44 27.88 8.32
CA ASP C 1991 28.50 28.97 8.37
C ASP C 1991 28.52 29.59 9.75
N PRO C 1992 28.97 30.85 9.90
CA PRO C 1992 29.17 31.50 11.15
C PRO C 1992 27.93 31.58 12.01
N LYS C 1993 26.74 31.53 11.43
CA LYS C 1993 25.60 31.60 12.32
C LYS C 1993 25.51 30.35 13.15
N ALA C 1994 25.98 29.22 12.60
CA ALA C 1994 25.90 27.96 13.31
C ALA C 1994 27.03 27.89 14.29
N LEU C 1995 28.14 28.52 13.93
CA LEU C 1995 29.27 28.47 14.86
C LEU C 1995 28.88 29.19 16.10
N LEU C 1996 28.10 30.24 15.92
CA LEU C 1996 27.67 30.97 17.07
C LEU C 1996 26.73 30.15 17.89
N SER C 1997 25.72 29.52 17.29
CA SER C 1997 24.82 28.84 18.20
C SER C 1997 25.49 27.67 18.89
N ALA C 1998 26.54 27.12 18.28
CA ALA C 1998 27.26 26.08 18.95
C ALA C 1998 28.07 26.68 20.11
N ALA C 1999 28.69 27.84 19.87
CA ALA C 1999 29.50 28.50 20.88
C ALA C 1999 28.66 28.89 22.05
N VAL C 2000 27.42 29.27 21.76
CA VAL C 2000 26.51 29.66 22.79
C VAL C 2000 26.10 28.43 23.56
N ALA C 2001 25.74 27.36 22.88
CA ALA C 2001 25.30 26.20 23.61
C ALA C 2001 26.36 25.73 24.58
N THR C 2002 27.62 25.85 24.19
CA THR C 2002 28.69 25.45 25.07
C THR C 2002 28.85 26.43 26.23
N SER C 2003 28.83 27.74 25.96
CA SER C 2003 29.03 28.72 27.02
C SER C 2003 27.85 28.79 27.99
N GLN C 2004 26.68 28.33 27.54
CA GLN C 2004 25.48 28.31 28.37
C GLN C 2004 25.59 27.27 29.46
N GLY C 2005 26.52 26.34 29.33
CA GLY C 2005 26.66 25.29 30.32
C GLY C 2005 26.10 24.00 29.81
N GLY C 2006 25.86 23.07 30.71
CA GLY C 2006 25.45 21.72 30.33
C GLY C 2006 26.69 20.94 29.99
N GLY C 2007 27.39 21.39 28.96
CA GLY C 2007 28.67 20.81 28.54
C GLY C 2007 28.48 19.55 27.73
N LYS C 2008 27.85 18.57 28.36
CA LYS C 2008 27.61 17.27 27.76
C LYS C 2008 26.44 17.32 26.81
N LEU C 2009 26.74 17.87 25.65
CA LEU C 2009 25.81 18.07 24.57
C LEU C 2009 26.46 17.41 23.38
N PRO C 2010 26.47 16.06 23.36
CA PRO C 2010 27.23 15.22 22.48
C PRO C 2010 26.75 15.24 21.07
N GLU C 2011 27.67 14.87 20.19
CA GLU C 2011 27.36 14.72 18.81
C GLU C 2011 26.27 13.70 18.70
N SER C 2012 25.24 14.03 17.94
CA SER C 2012 24.14 13.12 17.71
C SER C 2012 24.54 12.14 16.63
N PHE C 2013 23.92 10.99 16.65
CA PHE C 2013 24.17 9.96 15.67
C PHE C 2013 23.65 10.38 14.32
N MET C 2014 24.36 10.05 13.23
CA MET C 2014 23.88 10.34 11.87
C MET C 2014 22.66 9.46 11.60
N SER C 2015 21.55 9.84 12.21
CA SER C 2015 20.31 9.11 12.28
C SER C 2015 19.59 8.82 11.01
N LEU C 2016 19.04 7.62 10.99
CA LEU C 2016 18.25 7.12 9.89
C LEU C 2016 16.81 7.53 10.06
N TRP C 2017 16.44 8.01 11.23
CA TRP C 2017 15.05 8.35 11.46
C TRP C 2017 14.72 9.80 11.22
N ARG C 2018 13.56 10.03 10.62
CA ARG C 2018 13.08 11.35 10.34
C ARG C 2018 12.57 12.00 11.60
N PHE C 2019 12.35 13.30 11.54
CA PHE C 2019 11.94 14.00 12.73
C PHE C 2019 10.69 13.48 13.41
N PRO C 2020 9.52 13.33 12.78
CA PRO C 2020 8.32 12.91 13.48
C PRO C 2020 8.53 11.66 14.30
N HIS C 2021 9.34 10.73 13.80
CA HIS C 2021 9.60 9.52 14.53
C HIS C 2021 10.42 9.80 15.74
N MET C 2022 11.51 10.54 15.55
CA MET C 2022 12.37 10.80 16.67
C MET C 2022 11.71 11.65 17.69
N LEU C 2023 10.80 12.49 17.26
CA LEU C 2023 10.11 13.34 18.18
C LEU C 2023 9.27 12.48 19.08
N GLU C 2024 8.55 11.51 18.52
CA GLU C 2024 7.71 10.67 19.35
C GLU C 2024 8.55 9.87 20.32
N ASN C 2025 9.72 9.42 19.87
CA ASN C 2025 10.52 8.67 20.81
C ASN C 2025 11.04 9.54 21.90
N ALA C 2026 11.52 10.73 21.56
CA ALA C 2026 12.05 11.62 22.56
C ALA C 2026 10.96 12.01 23.52
N ARG C 2027 9.77 12.18 23.01
CA ARG C 2027 8.69 12.59 23.87
C ARG C 2027 8.35 11.51 24.86
N GLY C 2028 8.29 10.27 24.41
CA GLY C 2028 8.00 9.17 25.34
C GLY C 2028 9.12 9.05 26.36
N MET C 2029 10.32 9.33 25.91
CA MET C 2029 11.47 9.24 26.78
C MET C 2029 11.38 10.31 27.86
N VAL C 2030 11.00 11.53 27.49
CA VAL C 2030 10.91 12.56 28.49
C VAL C 2030 9.73 12.27 29.40
N SER C 2031 8.59 11.84 28.89
CA SER C 2031 7.49 11.59 29.80
C SER C 2031 7.84 10.48 30.79
N GLN C 2032 8.75 9.58 30.42
CA GLN C 2032 9.18 8.64 31.44
C GLN C 2032 10.02 9.40 32.47
N LEU C 2033 10.87 10.30 32.00
CA LEU C 2033 11.73 11.04 32.91
C LEU C 2033 10.90 11.83 33.90
N THR C 2034 9.79 12.36 33.45
CA THR C 2034 8.96 13.14 34.35
C THR C 2034 8.35 12.29 35.44
N GLN C 2035 8.14 10.98 35.21
CA GLN C 2035 7.58 10.14 36.24
C GLN C 2035 8.65 9.79 37.24
N PHE C 2036 9.88 9.72 36.78
CA PHE C 2036 10.92 9.41 37.74
C PHE C 2036 11.08 10.62 38.61
N GLY C 2037 10.87 11.77 38.01
CA GLY C 2037 10.96 13.02 38.69
C GLY C 2037 9.94 13.10 39.80
N SER C 2038 8.66 12.97 39.48
CA SER C 2038 7.66 13.06 40.54
C SER C 2038 7.82 11.96 41.57
N THR C 2039 8.33 10.82 41.15
CA THR C 2039 8.53 9.74 42.08
C THR C 2039 9.62 10.13 43.04
N LEU C 2040 10.70 10.70 42.54
CA LEU C 2040 11.80 11.11 43.39
C LEU C 2040 11.34 12.18 44.32
N GLN C 2041 10.49 13.06 43.83
CA GLN C 2041 10.04 14.12 44.68
C GLN C 2041 9.28 13.55 45.85
N ASN C 2042 8.41 12.56 45.62
CA ASN C 2042 7.67 12.00 46.74
C ASN C 2042 8.59 11.31 47.72
N ILE C 2043 9.63 10.67 47.21
CA ILE C 2043 10.57 9.98 48.08
C ILE C 2043 11.25 10.97 48.96
N ILE C 2044 11.67 12.08 48.40
CA ILE C 2044 12.32 13.09 49.19
C ILE C 2044 11.39 13.61 50.26
N GLU C 2045 10.14 13.92 49.91
CA GLU C 2045 9.26 14.48 50.90
C GLU C 2045 9.02 13.52 52.04
N ARG C 2046 8.99 12.23 51.73
CA ARG C 2046 8.79 11.23 52.75
C ARG C 2046 10.06 11.08 53.57
N GLN C 2047 11.20 11.11 52.93
CA GLN C 2047 12.44 10.96 53.66
C GLN C 2047 12.52 12.01 54.74
N ASP C 2048 12.11 13.21 54.40
CA ASP C 2048 12.15 14.29 55.36
C ASP C 2048 11.07 14.15 56.40
N ALA C 2049 9.87 13.71 56.03
CA ALA C 2049 8.81 13.54 57.01
C ALA C 2049 9.18 12.52 58.06
N GLU C 2050 9.90 11.49 57.65
CA GLU C 2050 10.30 10.49 58.60
C GLU C 2050 11.36 11.04 59.51
N ALA C 2051 12.27 11.84 58.97
CA ALA C 2051 13.29 12.43 59.80
C ALA C 2051 12.63 13.29 60.87
N LEU C 2052 11.55 13.95 60.49
CA LEU C 2052 10.85 14.78 61.44
C LEU C 2052 10.20 13.97 62.53
N ASN C 2053 9.56 12.85 62.20
CA ASN C 2053 8.95 12.12 63.29
C ASN C 2053 10.01 11.61 64.23
N ALA C 2054 11.15 11.23 63.69
CA ALA C 2054 12.22 10.73 64.53
C ALA C 2054 12.69 11.82 65.47
N LEU C 2055 12.78 13.03 64.96
CA LEU C 2055 13.20 14.16 65.75
C LEU C 2055 12.22 14.43 66.86
N LEU C 2056 10.94 14.38 66.54
CA LEU C 2056 9.95 14.66 67.55
C LEU C 2056 9.92 13.62 68.64
N GLN C 2057 10.07 12.34 68.31
CA GLN C 2057 10.05 11.35 69.36
C GLN C 2057 11.29 11.44 70.22
N ASN C 2058 12.39 11.84 69.61
CA ASN C 2058 13.59 11.96 70.40
C ASN C 2058 13.39 13.08 71.40
N GLN C 2059 12.79 14.18 70.95
CA GLN C 2059 12.59 15.29 71.83
C GLN C 2059 11.64 14.94 72.95
N ALA C 2060 10.63 14.16 72.66
CA ALA C 2060 9.69 13.81 73.70
C ALA C 2060 10.39 13.11 74.84
N ALA C 2061 11.38 12.30 74.52
CA ALA C 2061 12.07 11.59 75.57
C ALA C 2061 12.81 12.58 76.46
N GLU C 2062 13.35 13.63 75.86
CA GLU C 2062 14.12 14.58 76.65
C GLU C 2062 13.25 15.29 77.67
N LEU C 2063 12.02 15.58 77.27
CA LEU C 2063 11.13 16.28 78.18
C LEU C 2063 10.64 15.37 79.26
N ILE C 2064 10.44 14.10 78.95
CA ILE C 2064 9.98 13.18 79.96
C ILE C 2064 11.04 13.06 81.02
N LEU C 2065 12.30 12.98 80.62
CA LEU C 2065 13.33 12.83 81.61
C LEU C 2065 13.38 14.05 82.52
N THR C 2066 13.19 15.24 81.98
CA THR C 2066 13.23 16.40 82.84
C THR C 2066 12.08 16.36 83.82
N ASN C 2067 10.92 15.93 83.34
CA ASN C 2067 9.72 15.86 84.14
C ASN C 2067 9.87 14.85 85.27
N LEU C 2068 10.65 13.80 85.03
CA LEU C 2068 10.88 12.85 86.10
C LEU C 2068 11.66 13.51 87.21
N SER C 2069 12.66 14.31 86.86
CA SER C 2069 13.43 14.97 87.91
C SER C 2069 12.50 15.87 88.73
N ILE C 2070 11.56 16.48 88.05
CA ILE C 2070 10.62 17.35 88.72
C ILE C 2070 9.75 16.56 89.68
N GLN C 2071 9.25 15.41 89.26
CA GLN C 2071 8.42 14.60 90.13
C GLN C 2071 9.22 14.11 91.33
N ASP C 2072 10.51 13.85 91.14
CA ASP C 2072 11.31 13.42 92.28
C ASP C 2072 11.44 14.53 93.30
N LYS C 2073 11.59 15.76 92.83
CA LYS C 2073 11.69 16.85 93.77
C LYS C 2073 10.36 17.04 94.46
N THR C 2074 9.27 16.81 93.74
CA THR C 2074 7.92 16.97 94.26
C THR C 2074 7.73 16.01 95.42
N ILE C 2075 8.19 14.78 95.27
CA ILE C 2075 8.08 13.86 96.38
C ILE C 2075 8.96 14.35 97.53
N GLU C 2076 10.18 14.83 97.27
CA GLU C 2076 11.02 15.27 98.38
C GLU C 2076 10.32 16.39 99.14
N GLU C 2077 9.62 17.23 98.41
CA GLU C 2077 8.89 18.29 99.07
C GLU C 2077 7.86 17.69 99.99
N LEU C 2078 7.11 16.69 99.53
CA LEU C 2078 6.11 16.14 100.42
C LEU C 2078 6.75 15.51 101.64
N ASP C 2079 7.90 14.93 101.47
CA ASP C 2079 8.60 14.32 102.59
C ASP C 2079 9.05 15.40 103.58
N ALA C 2080 9.40 16.57 103.05
CA ALA C 2080 9.79 17.69 103.89
C ALA C 2080 8.57 18.19 104.65
N GLU C 2081 7.39 18.12 104.04
CA GLU C 2081 6.19 18.56 104.72
C GLU C 2081 5.93 17.62 105.87
N LYS C 2082 6.24 16.36 105.66
CA LYS C 2082 6.06 15.37 106.72
C LYS C 2082 6.84 15.83 107.92
N THR C 2083 8.07 16.27 107.70
CA THR C 2083 8.88 16.73 108.81
C THR C 2083 8.38 18.05 109.39
N VAL C 2084 7.65 18.86 108.62
CA VAL C 2084 7.10 20.09 109.19
C VAL C 2084 6.04 19.69 110.19
N LEU C 2085 5.19 18.75 109.80
CA LEU C 2085 4.14 18.29 110.69
C LEU C 2085 4.71 17.60 111.91
N GLU C 2086 5.83 16.90 111.75
CA GLU C 2086 6.46 16.25 112.89
C GLU C 2086 6.95 17.27 113.91
N LYS C 2087 7.48 18.40 113.44
CA LYS C 2087 7.93 19.41 114.37
C LYS C 2087 6.72 20.07 115.04
N SER C 2088 5.62 20.21 114.29
CA SER C 2088 4.43 20.78 114.86
C SER C 2088 3.96 19.90 116.00
N LYS C 2089 3.98 18.59 115.75
CA LYS C 2089 3.56 17.62 116.73
C LYS C 2089 4.41 17.69 117.96
N ALA C 2090 5.72 17.84 117.80
CA ALA C 2090 6.60 17.92 118.96
C ALA C 2090 6.18 19.07 119.86
N GLY C 2091 5.72 20.16 119.26
CA GLY C 2091 5.24 21.29 120.02
C GLY C 2091 4.02 20.84 120.80
N ALA C 2092 3.05 20.25 120.11
CA ALA C 2092 1.84 19.85 120.78
C ALA C 2092 2.16 18.89 121.90
N GLN C 2093 3.16 18.05 121.69
CA GLN C 2093 3.51 17.08 122.69
C GLN C 2093 4.13 17.75 123.88
N SER C 2094 5.02 18.74 123.69
CA SER C 2094 5.64 19.31 124.88
C SER C 2094 4.58 20.03 125.69
N ARG C 2095 3.59 20.61 125.01
CA ARG C 2095 2.55 21.29 125.73
C ARG C 2095 1.73 20.29 126.50
N PHE C 2096 1.43 19.18 125.87
CA PHE C 2096 0.65 18.16 126.51
C PHE C 2096 1.33 17.60 127.72
N ASP C 2097 2.62 17.29 127.59
CA ASP C 2097 3.33 16.67 128.67
C ASP C 2097 3.44 17.64 129.82
N SER C 2098 3.60 18.92 129.50
CA SER C 2098 3.75 19.94 130.51
C SER C 2098 2.48 20.10 131.31
N TYR C 2099 1.33 20.03 130.64
CA TYR C 2099 0.10 20.16 131.39
C TYR C 2099 -0.18 18.87 132.12
N GLY C 2100 0.23 17.75 131.55
CA GLY C 2100 -0.02 16.45 132.16
C GLY C 2100 0.66 16.40 133.50
N LYS C 2101 1.84 17.00 133.57
CA LYS C 2101 2.60 17.03 134.79
C LYS C 2101 1.95 17.92 135.81
N LEU C 2102 1.51 19.10 135.40
CA LEU C 2102 0.90 20.00 136.34
C LEU C 2102 -0.35 19.39 136.90
N TYR C 2103 -1.07 18.68 136.06
CA TYR C 2103 -2.31 18.07 136.46
C TYR C 2103 -2.04 16.99 137.51
N ASP C 2104 -1.00 16.17 137.31
CA ASP C 2104 -0.71 15.20 138.35
C ASP C 2104 -0.28 15.89 139.64
N GLU C 2105 0.52 16.97 139.55
CA GLU C 2105 0.93 17.68 140.75
C GLU C 2105 -0.11 18.74 141.04
N ASN C 2106 -1.32 18.27 141.37
CA ASN C 2106 -2.46 19.16 141.52
C ASN C 2106 -2.14 20.32 142.41
N ILE C 2107 -1.52 19.99 143.52
CA ILE C 2107 -1.01 20.92 144.50
C ILE C 2107 0.42 20.46 144.74
N ASN C 2108 1.35 21.38 144.62
CA ASN C 2108 2.76 21.04 144.77
C ASN C 2108 3.04 20.69 146.20
N ALA C 2109 4.01 19.82 146.44
CA ALA C 2109 4.31 19.46 147.81
C ALA C 2109 4.60 20.68 148.64
N GLY C 2110 5.23 21.69 148.04
CA GLY C 2110 5.50 22.91 148.78
C GLY C 2110 4.19 23.60 149.12
N GLU C 2111 3.22 23.52 148.21
CA GLU C 2111 1.96 24.16 148.43
C GLU C 2111 1.20 23.43 149.51
N ASN C 2112 1.38 22.12 149.55
CA ASN C 2112 0.73 21.29 150.54
C ASN C 2112 1.34 21.59 151.90
N GLN C 2113 2.64 21.91 151.90
CA GLN C 2113 3.31 22.29 153.12
C GLN C 2113 2.72 23.57 153.65
N ALA C 2114 2.51 24.56 152.77
CA ALA C 2114 1.93 25.83 153.21
C ALA C 2114 0.54 25.61 153.74
N MET C 2115 -0.23 24.72 153.11
CA MET C 2115 -1.59 24.48 153.58
C MET C 2115 -1.57 23.82 154.94
N THR C 2116 -0.62 22.92 155.15
CA THR C 2116 -0.46 22.22 156.40
C THR C 2116 -0.12 23.21 157.49
N LEU C 2117 0.80 24.13 157.18
CA LEU C 2117 1.19 25.17 158.11
C LEU C 2117 0.03 26.09 158.45
N ARG C 2118 -0.80 26.42 157.47
CA ARG C 2118 -1.93 27.28 157.77
C ARG C 2118 -2.91 26.54 158.65
N ALA C 2119 -3.11 25.25 158.38
CA ALA C 2119 -4.01 24.43 159.18
C ALA C 2119 -3.48 24.32 160.60
N SER C 2120 -2.16 24.20 160.75
CA SER C 2120 -1.54 24.12 162.04
C SER C 2120 -1.78 25.41 162.79
N ALA C 2121 -1.58 26.55 162.10
CA ALA C 2121 -1.80 27.81 162.77
C ALA C 2121 -3.23 27.94 163.20
N ALA C 2122 -4.15 27.49 162.35
CA ALA C 2122 -5.56 27.56 162.66
C ALA C 2122 -5.88 26.72 163.85
N GLY C 2123 -5.26 25.54 163.92
CA GLY C 2123 -5.46 24.63 165.02
C GLY C 2123 -5.03 25.26 166.32
N LEU C 2124 -3.85 25.84 166.32
CA LEU C 2124 -3.25 26.47 167.49
C LEU C 2124 -4.05 27.69 167.91
N THR C 2125 -4.51 28.43 166.91
CA THR C 2125 -5.26 29.65 167.13
C THR C 2125 -6.61 29.31 167.75
N THR C 2126 -7.25 28.28 167.21
CA THR C 2126 -8.56 27.88 167.66
C THR C 2126 -8.44 27.32 169.06
N ALA C 2127 -7.42 26.47 169.29
CA ALA C 2127 -7.23 25.85 170.57
C ALA C 2127 -7.02 26.89 171.65
N VAL C 2128 -6.28 27.96 171.34
CA VAL C 2128 -6.07 29.03 172.31
C VAL C 2128 -7.30 29.83 172.54
N GLN C 2129 -8.00 30.20 171.50
CA GLN C 2129 -9.15 31.02 171.74
C GLN C 2129 -10.13 30.22 172.60
N ALA C 2130 -10.21 28.91 172.34
CA ALA C 2130 -11.10 28.06 173.07
C ALA C 2130 -10.70 27.90 174.53
N SER C 2131 -9.39 27.73 174.83
CA SER C 2131 -8.96 27.54 176.21
C SER C 2131 -8.86 28.85 176.97
N ARG C 2132 -8.64 29.94 176.24
CA ARG C 2132 -8.55 31.25 176.83
C ARG C 2132 -9.94 31.64 177.24
N LEU C 2133 -10.91 31.33 176.39
CA LEU C 2133 -12.29 31.63 176.69
C LEU C 2133 -12.77 30.75 177.81
N ALA C 2134 -12.49 29.45 177.78
CA ALA C 2134 -12.95 28.58 178.84
C ALA C 2134 -12.41 29.08 180.17
N GLY C 2135 -11.20 29.60 180.14
CA GLY C 2135 -10.61 30.16 181.31
C GLY C 2135 -11.46 31.33 181.76
N ALA C 2136 -11.77 32.26 180.87
CA ALA C 2136 -12.58 33.40 181.28
C ALA C 2136 -13.94 32.97 181.80
N ALA C 2137 -14.50 31.93 181.18
CA ALA C 2137 -15.81 31.41 181.52
C ALA C 2137 -15.81 30.93 182.96
N ALA C 2138 -14.67 30.40 183.40
CA ALA C 2138 -14.54 29.90 184.76
C ALA C 2138 -14.83 30.98 185.79
N ASP C 2139 -14.47 32.23 185.50
CA ASP C 2139 -14.69 33.31 186.45
C ASP C 2139 -16.02 34.00 186.22
N LEU C 2140 -16.45 34.02 184.96
CA LEU C 2140 -17.67 34.72 184.57
C LEU C 2140 -18.95 33.96 184.86
N VAL C 2141 -18.98 32.68 184.59
CA VAL C 2141 -20.22 31.94 184.70
C VAL C 2141 -20.84 31.99 186.09
N PRO C 2142 -20.13 31.74 187.20
CA PRO C 2142 -20.67 31.75 188.55
C PRO C 2142 -21.29 33.08 188.95
N ASN C 2143 -20.96 34.15 188.23
CA ASN C 2143 -21.48 35.47 188.57
C ASN C 2143 -22.66 35.80 187.68
N ILE C 2144 -22.66 35.24 186.48
CA ILE C 2144 -23.71 35.48 185.51
C ILE C 2144 -24.99 34.96 186.08
N PHE C 2145 -24.87 33.81 186.69
CA PHE C 2145 -25.98 33.09 187.27
C PHE C 2145 -26.66 33.80 188.45
N GLY C 2146 -26.14 34.95 188.90
CA GLY C 2146 -26.79 35.66 190.00
C GLY C 2146 -27.78 36.72 189.48
N PHE C 2147 -27.93 36.82 188.16
CA PHE C 2147 -28.77 37.85 187.53
C PHE C 2147 -29.77 37.26 186.53
N ALA C 2148 -30.85 38.01 186.24
CA ALA C 2148 -31.84 37.61 185.24
C ALA C 2148 -31.79 38.52 183.98
N GLY C 2149 -32.28 38.01 182.84
CA GLY C 2149 -32.40 38.78 181.58
C GLY C 2149 -31.17 38.77 180.66
N GLY C 2150 -31.19 39.61 179.62
CA GLY C 2150 -30.13 39.65 178.60
C GLY C 2150 -29.03 40.62 178.98
N GLY C 2151 -29.16 41.89 178.54
CA GLY C 2151 -28.18 42.94 178.84
C GLY C 2151 -28.17 43.20 180.34
N SER C 2152 -29.23 42.77 181.00
CA SER C 2152 -29.45 42.85 182.42
C SER C 2152 -28.49 41.92 183.18
N ARG C 2153 -28.08 40.79 182.58
CA ARG C 2153 -27.14 39.92 183.26
C ARG C 2153 -25.75 40.46 183.00
N TRP C 2154 -25.58 41.08 181.84
CA TRP C 2154 -24.34 41.71 181.38
C TRP C 2154 -23.28 40.69 181.07
N GLY C 2155 -22.86 39.96 182.11
CA GLY C 2155 -21.84 38.94 181.98
C GLY C 2155 -22.29 37.92 180.95
N ALA C 2156 -23.60 37.68 180.85
CA ALA C 2156 -24.14 36.75 179.89
C ALA C 2156 -23.80 37.17 178.48
N ILE C 2157 -23.78 38.47 178.24
CA ILE C 2157 -23.53 39.01 176.94
C ILE C 2157 -22.05 38.97 176.74
N ALA C 2158 -21.30 39.26 177.79
CA ALA C 2158 -19.85 39.26 177.73
C ALA C 2158 -19.37 37.84 177.36
N GLU C 2159 -20.06 36.84 177.89
CA GLU C 2159 -19.75 35.47 177.60
C GLU C 2159 -20.18 35.16 176.18
N ALA C 2160 -21.37 35.62 175.79
CA ALA C 2160 -21.82 35.40 174.42
C ALA C 2160 -20.85 36.04 173.46
N THR C 2161 -20.30 37.19 173.87
CA THR C 2161 -19.34 37.94 173.08
C THR C 2161 -18.10 37.12 172.92
N GLY C 2162 -17.59 36.58 174.02
CA GLY C 2162 -16.39 35.79 173.92
C GLY C 2162 -16.61 34.62 173.00
N TYR C 2163 -17.68 33.87 173.20
CA TYR C 2163 -17.89 32.72 172.35
C TYR C 2163 -18.14 33.05 170.90
N VAL C 2164 -19.06 33.94 170.64
CA VAL C 2164 -19.39 34.21 169.28
C VAL C 2164 -18.29 34.94 168.52
N MET C 2165 -17.72 35.97 169.12
CA MET C 2165 -16.71 36.76 168.48
C MET C 2165 -15.35 36.08 168.37
N GLU C 2166 -14.91 35.42 169.45
CA GLU C 2166 -13.57 34.86 169.47
C GLU C 2166 -13.51 33.40 169.02
N PHE C 2167 -14.64 32.69 169.07
CA PHE C 2167 -14.60 31.30 168.68
C PHE C 2167 -15.47 30.99 167.46
N SER C 2168 -16.78 31.23 167.54
CA SER C 2168 -17.66 30.79 166.47
C SER C 2168 -17.43 31.49 165.14
N ALA C 2169 -17.37 32.83 165.17
CA ALA C 2169 -17.16 33.58 163.95
C ALA C 2169 -15.82 33.23 163.33
N ASN C 2170 -14.83 33.00 164.20
CA ASN C 2170 -13.49 32.71 163.76
C ASN C 2170 -13.39 31.33 163.15
N VAL C 2171 -14.09 30.35 163.73
CA VAL C 2171 -14.06 29.02 163.16
C VAL C 2171 -14.73 29.03 161.81
N MET C 2172 -15.86 29.71 161.68
CA MET C 2172 -16.51 29.77 160.38
C MET C 2172 -15.61 30.40 159.33
N ASN C 2173 -14.98 31.54 159.65
CA ASN C 2173 -14.07 32.14 158.66
C ASN C 2173 -12.86 31.28 158.41
N THR C 2174 -12.38 30.57 159.42
CA THR C 2174 -11.22 29.73 159.23
C THR C 2174 -11.51 28.67 158.19
N GLU C 2175 -12.67 28.05 158.32
CA GLU C 2175 -13.05 27.03 157.38
C GLU C 2175 -13.39 27.64 156.03
N ALA C 2176 -14.02 28.82 156.02
CA ALA C 2176 -14.41 29.44 154.76
C ALA C 2176 -13.21 29.73 153.91
N ASP C 2177 -12.13 30.13 154.57
CA ASP C 2177 -10.93 30.47 153.87
C ASP C 2177 -10.22 29.24 153.37
N LYS C 2178 -10.18 28.16 154.14
CA LYS C 2178 -9.53 26.95 153.64
C LYS C 2178 -10.29 26.45 152.43
N ILE C 2179 -11.60 26.60 152.47
CA ILE C 2179 -12.39 26.13 151.36
C ILE C 2179 -12.06 26.96 150.15
N SER C 2180 -12.00 28.28 150.30
CA SER C 2180 -11.71 29.10 149.15
C SER C 2180 -10.38 28.71 148.55
N GLN C 2181 -9.38 28.46 149.38
CA GLN C 2181 -8.09 28.07 148.83
C GLN C 2181 -8.21 26.76 148.06
N SER C 2182 -8.93 25.78 148.60
CA SER C 2182 -9.05 24.51 147.89
C SER C 2182 -9.81 24.67 146.60
N GLU C 2183 -10.80 25.53 146.61
CA GLU C 2183 -11.61 25.78 145.43
C GLU C 2183 -10.80 26.51 144.40
N THR C 2184 -9.90 27.37 144.86
CA THR C 2184 -9.02 28.10 143.97
C THR C 2184 -8.12 27.11 143.27
N TYR C 2185 -7.62 26.12 144.01
CA TYR C 2185 -6.78 25.11 143.40
C TYR C 2185 -7.61 24.26 142.45
N ARG C 2186 -8.89 24.03 142.76
CA ARG C 2186 -9.73 23.25 141.87
C ARG C 2186 -9.92 23.98 140.56
N ARG C 2187 -10.10 25.30 140.61
CA ARG C 2187 -10.28 26.01 139.37
C ARG C 2187 -8.99 25.98 138.58
N ARG C 2188 -7.85 26.12 139.25
CA ARG C 2188 -6.59 26.04 138.53
C ARG C 2188 -6.49 24.70 137.81
N ARG C 2189 -6.92 23.63 138.47
CA ARG C 2189 -6.91 22.31 137.90
C ARG C 2189 -7.77 22.24 136.65
N GLN C 2190 -8.96 22.83 136.70
CA GLN C 2190 -9.88 22.81 135.57
C GLN C 2190 -9.27 23.54 134.37
N GLU C 2191 -8.55 24.61 134.65
CA GLU C 2191 -7.94 25.38 133.59
C GLU C 2191 -6.87 24.54 132.92
N TRP C 2192 -6.11 23.81 133.72
CA TRP C 2192 -5.13 22.94 133.14
C TRP C 2192 -5.81 21.87 132.32
N GLU C 2193 -6.94 21.32 132.77
CA GLU C 2193 -7.57 20.29 131.96
C GLU C 2193 -7.93 20.83 130.62
N ILE C 2194 -8.40 22.06 130.55
CA ILE C 2194 -8.75 22.56 129.26
C ILE C 2194 -7.51 22.67 128.38
N GLN C 2195 -6.42 23.25 128.90
CA GLN C 2195 -5.26 23.42 128.05
C GLN C 2195 -4.61 22.09 127.70
N ARG C 2196 -4.69 21.15 128.62
CA ARG C 2196 -4.15 19.84 128.41
C ARG C 2196 -4.90 19.14 127.31
N ASN C 2197 -6.23 19.23 127.37
CA ASN C 2197 -7.09 18.58 126.41
C ASN C 2197 -6.93 19.24 125.05
N ASN C 2198 -6.62 20.53 125.07
CA ASN C 2198 -6.39 21.19 123.82
C ASN C 2198 -5.16 20.58 123.19
N ALA C 2199 -4.09 20.44 123.98
CA ALA C 2199 -2.87 19.88 123.42
C ALA C 2199 -3.12 18.46 122.93
N GLU C 2200 -3.97 17.73 123.62
CA GLU C 2200 -4.24 16.38 123.21
C GLU C 2200 -4.90 16.40 121.85
N ALA C 2201 -5.89 17.29 121.68
CA ALA C 2201 -6.60 17.34 120.44
C ALA C 2201 -5.65 17.64 119.32
N GLU C 2202 -4.65 18.47 119.59
CA GLU C 2202 -3.71 18.79 118.55
C GLU C 2202 -2.94 17.55 118.16
N LEU C 2203 -2.61 16.70 119.12
CA LEU C 2203 -1.81 15.53 118.79
C LEU C 2203 -2.61 14.57 117.92
N LYS C 2204 -3.88 14.45 118.23
CA LYS C 2204 -4.77 13.57 117.49
C LYS C 2204 -5.04 14.12 116.10
N GLN C 2205 -5.22 15.44 115.99
CA GLN C 2205 -5.49 16.03 114.72
C GLN C 2205 -4.26 15.93 113.86
N ILE C 2206 -3.09 16.17 114.43
CA ILE C 2206 -1.91 16.10 113.61
C ILE C 2206 -1.75 14.71 113.07
N ASP C 2207 -1.97 13.66 113.85
CA ASP C 2207 -1.81 12.36 113.22
C ASP C 2207 -2.74 12.21 112.03
N ALA C 2208 -3.96 12.73 112.11
CA ALA C 2208 -4.84 12.65 110.96
C ALA C 2208 -4.24 13.41 109.77
N GLN C 2209 -3.53 14.52 110.05
CA GLN C 2209 -2.92 15.32 108.99
C GLN C 2209 -1.75 14.59 108.37
N LEU C 2210 -0.97 13.90 109.19
CA LEU C 2210 0.15 13.16 108.68
C LEU C 2210 -0.36 12.07 107.79
N LYS C 2211 -1.49 11.48 108.16
CA LYS C 2211 -2.04 10.45 107.34
C LYS C 2211 -2.56 10.99 106.01
N SER C 2212 -3.23 12.15 105.97
CA SER C 2212 -3.68 12.59 104.65
C SER C 2212 -2.47 12.92 103.80
N LEU C 2213 -1.38 13.32 104.44
CA LEU C 2213 -0.16 13.57 103.71
C LEU C 2213 0.39 12.28 103.18
N ALA C 2214 0.41 11.22 103.99
CA ALA C 2214 0.94 9.96 103.52
C ALA C 2214 0.19 9.50 102.28
N VAL C 2215 -1.10 9.77 102.23
CA VAL C 2215 -1.84 9.36 101.06
C VAL C 2215 -1.38 10.20 99.89
N ARG C 2216 -1.24 11.51 100.09
CA ARG C 2216 -0.82 12.42 99.04
C ARG C 2216 0.51 11.95 98.50
N ARG C 2217 1.37 11.48 99.39
CA ARG C 2217 2.64 10.99 98.95
C ARG C 2217 2.45 9.80 98.06
N GLU C 2218 1.59 8.87 98.45
CA GLU C 2218 1.42 7.67 97.64
C GLU C 2218 0.90 8.05 96.27
N ALA C 2219 0.05 9.06 96.23
CA ALA C 2219 -0.46 9.53 94.97
C ALA C 2219 0.68 10.10 94.13
N ALA C 2220 1.64 10.78 94.78
CA ALA C 2220 2.78 11.37 94.10
C ALA C 2220 3.64 10.26 93.52
N VAL C 2221 3.70 9.15 94.22
CA VAL C 2221 4.48 8.03 93.75
C VAL C 2221 3.83 7.55 92.47
N LEU C 2222 2.51 7.45 92.46
CA LEU C 2222 1.84 7.02 91.26
C LEU C 2222 2.04 8.02 90.13
N GLN C 2223 2.09 9.30 90.44
CA GLN C 2223 2.31 10.23 89.36
C GLN C 2223 3.65 9.91 88.72
N LYS C 2224 4.63 9.50 89.51
CA LYS C 2224 5.90 9.15 88.90
C LYS C 2224 5.70 7.96 88.01
N THR C 2225 4.92 7.00 88.46
CA THR C 2225 4.68 5.82 87.67
C THR C 2225 4.10 6.20 86.31
N SER C 2226 3.19 7.16 86.25
CA SER C 2226 2.62 7.48 84.95
C SER C 2226 3.71 8.13 84.09
N LEU C 2227 4.65 8.83 84.71
CA LEU C 2227 5.72 9.43 83.92
C LEU C 2227 6.63 8.36 83.40
N LYS C 2228 6.90 7.34 84.21
CA LYS C 2228 7.78 6.27 83.77
C LYS C 2228 7.08 5.50 82.66
N THR C 2229 5.77 5.41 82.76
CA THR C 2229 5.02 4.73 81.74
C THR C 2229 5.17 5.53 80.46
N GLN C 2230 5.05 6.85 80.52
CA GLN C 2230 5.16 7.64 79.32
C GLN C 2230 6.53 7.45 78.72
N GLN C 2231 7.53 7.31 79.58
CA GLN C 2231 8.87 7.11 79.10
C GLN C 2231 8.95 5.82 78.32
N GLU C 2232 8.36 4.75 78.84
CA GLU C 2232 8.42 3.49 78.12
C GLU C 2232 7.66 3.56 76.82
N GLN C 2233 6.55 4.27 76.83
CA GLN C 2233 5.73 4.36 75.65
C GLN C 2233 6.45 5.14 74.57
N THR C 2234 7.20 6.14 75.01
CA THR C 2234 7.95 6.94 74.10
C THR C 2234 8.98 6.07 73.45
N GLN C 2235 9.66 5.25 74.24
CA GLN C 2235 10.69 4.40 73.71
C GLN C 2235 10.14 3.32 72.81
N SER C 2236 8.92 2.85 73.08
CA SER C 2236 8.37 1.81 72.23
C SER C 2236 8.07 2.41 70.87
N GLN C 2237 7.82 3.72 70.81
CA GLN C 2237 7.57 4.32 69.53
C GLN C 2237 8.87 4.58 68.84
N LEU C 2238 9.91 4.91 69.57
CA LEU C 2238 11.15 5.07 68.86
C LEU C 2238 11.55 3.76 68.25
N ALA C 2239 11.28 2.68 68.95
CA ALA C 2239 11.60 1.38 68.42
C ALA C 2239 10.75 1.09 67.19
N PHE C 2240 9.48 1.46 67.23
CA PHE C 2240 8.58 1.27 66.11
C PHE C 2240 9.16 1.97 64.91
N LEU C 2241 9.61 3.19 65.08
CA LEU C 2241 10.09 3.99 63.96
C LEU C 2241 11.30 3.41 63.28
N GLN C 2242 11.96 2.46 63.88
CA GLN C 2242 13.12 1.85 63.29
C GLN C 2242 12.81 0.44 62.78
N ARG C 2243 11.84 -0.20 63.40
CA ARG C 2243 11.47 -1.57 63.10
C ARG C 2243 10.45 -1.67 61.99
N LYS C 2244 9.63 -0.65 61.83
CA LYS C 2244 8.61 -0.65 60.81
C LYS C 2244 9.32 -0.71 59.49
N PHE C 2245 8.70 -1.26 58.47
CA PHE C 2245 9.39 -1.39 57.21
C PHE C 2245 9.74 -0.06 56.62
N SER C 2246 8.77 0.84 56.56
CA SER C 2246 9.00 2.14 55.92
C SER C 2246 9.73 3.11 56.80
N ASN C 2247 10.93 2.75 57.21
CA ASN C 2247 11.70 3.56 58.10
C ASN C 2247 12.60 4.51 57.39
N GLN C 2248 13.36 5.27 58.13
CA GLN C 2248 14.19 6.29 57.53
C GLN C 2248 15.18 5.70 56.57
N ALA C 2249 15.70 4.53 56.90
CA ALA C 2249 16.67 3.90 56.03
C ALA C 2249 16.05 3.53 54.71
N LEU C 2250 14.81 3.05 54.72
CA LEU C 2250 14.19 2.72 53.46
C LEU C 2250 14.18 3.90 52.55
N TYR C 2251 13.90 5.06 53.09
CA TYR C 2251 13.82 6.19 52.22
C TYR C 2251 15.19 6.66 51.82
N ASN C 2252 16.15 6.57 52.70
CA ASN C 2252 17.46 7.03 52.31
C ASN C 2252 17.93 6.17 51.14
N TRP C 2253 17.59 4.89 51.21
CA TRP C 2253 17.93 3.92 50.19
C TRP C 2253 17.20 4.16 48.89
N LEU C 2254 15.89 4.38 48.95
CA LEU C 2254 15.12 4.57 47.75
C LEU C 2254 15.58 5.80 47.07
N ARG C 2255 15.92 6.81 47.84
CA ARG C 2255 16.35 8.03 47.24
C ARG C 2255 17.65 7.83 46.56
N GLY C 2256 18.59 7.19 47.22
CA GLY C 2256 19.88 7.07 46.59
C GLY C 2256 19.80 6.28 45.31
N ARG C 2257 18.97 5.26 45.29
CA ARG C 2257 18.88 4.39 44.13
C ARG C 2257 18.12 5.08 43.03
N LEU C 2258 17.05 5.77 43.35
CA LEU C 2258 16.31 6.40 42.31
C LEU C 2258 17.08 7.56 41.78
N ALA C 2259 17.82 8.25 42.63
CA ALA C 2259 18.56 9.39 42.17
C ALA C 2259 19.55 8.95 41.12
N ALA C 2260 20.20 7.80 41.33
CA ALA C 2260 21.13 7.34 40.32
C ALA C 2260 20.42 7.05 39.03
N ILE C 2261 19.23 6.46 39.11
CA ILE C 2261 18.50 6.16 37.91
C ILE C 2261 18.05 7.41 37.20
N TYR C 2262 17.51 8.37 37.95
CA TYR C 2262 16.98 9.58 37.39
C TYR C 2262 18.05 10.32 36.65
N PHE C 2263 19.24 10.42 37.21
CA PHE C 2263 20.28 11.10 36.49
C PHE C 2263 20.67 10.35 35.24
N GLN C 2264 20.84 9.05 35.32
CA GLN C 2264 21.26 8.36 34.11
C GLN C 2264 20.20 8.44 33.05
N PHE C 2265 18.95 8.40 33.49
CA PHE C 2265 17.86 8.38 32.56
C PHE C 2265 17.89 9.72 31.87
N TYR C 2266 18.12 10.79 32.63
CA TYR C 2266 18.20 12.11 32.06
C TYR C 2266 19.21 12.17 30.97
N ASP C 2267 20.43 11.69 31.19
CA ASP C 2267 21.32 11.84 30.06
C ASP C 2267 20.82 11.13 28.83
N LEU C 2268 20.20 9.99 28.99
CA LEU C 2268 19.70 9.32 27.81
C LEU C 2268 18.58 10.14 27.19
N ALA C 2269 17.72 10.72 28.02
CA ALA C 2269 16.62 11.50 27.52
C ALA C 2269 17.09 12.70 26.77
N VAL C 2270 18.17 13.28 27.23
CA VAL C 2270 18.69 14.44 26.59
C VAL C 2270 19.29 14.08 25.30
N ALA C 2271 20.03 12.98 25.26
CA ALA C 2271 20.64 12.59 24.04
C ALA C 2271 19.60 12.36 22.96
N ARG C 2272 18.46 11.78 23.31
CA ARG C 2272 17.47 11.58 22.27
C ARG C 2272 16.81 12.87 21.90
N CYS C 2273 16.64 13.76 22.86
CA CYS C 2273 16.05 15.02 22.50
C CYS C 2273 16.93 15.68 21.45
N LEU C 2274 18.25 15.58 21.63
CA LEU C 2274 19.18 16.11 20.67
C LEU C 2274 19.09 15.34 19.36
N MET C 2275 18.93 14.02 19.38
CA MET C 2275 18.81 13.35 18.10
C MET C 2275 17.61 13.87 17.34
N ALA C 2276 16.51 14.14 18.04
CA ALA C 2276 15.38 14.71 17.35
C ALA C 2276 15.77 16.09 16.83
N GLU C 2277 16.51 16.86 17.62
CA GLU C 2277 16.93 18.19 17.22
C GLU C 2277 17.71 18.10 15.92
N GLN C 2278 18.50 17.06 15.79
CA GLN C 2278 19.26 16.90 14.59
C GLN C 2278 18.35 16.59 13.43
N ALA C 2279 17.40 15.68 13.63
CA ALA C 2279 16.52 15.33 12.55
C ALA C 2279 15.78 16.56 12.07
N TYR C 2280 15.43 17.43 13.00
CA TYR C 2280 14.77 18.68 12.68
C TYR C 2280 15.63 19.46 11.73
N ARG C 2281 16.90 19.60 12.08
CA ARG C 2281 17.86 20.35 11.29
C ARG C 2281 18.11 19.72 9.93
N TRP C 2282 17.99 18.41 9.84
CA TRP C 2282 18.18 17.81 8.55
C TRP C 2282 16.99 17.97 7.63
N GLU C 2283 15.77 17.91 8.15
CA GLU C 2283 14.62 18.07 7.27
C GLU C 2283 14.46 19.51 6.82
N LEU C 2284 14.80 20.41 7.71
CA LEU C 2284 14.74 21.83 7.48
C LEU C 2284 16.15 22.21 7.36
N ASN C 2285 16.62 22.57 6.18
CA ASN C 2285 18.05 22.76 6.04
C ASN C 2285 18.52 23.98 6.79
N ASP C 2286 18.74 23.79 8.08
CA ASP C 2286 19.09 24.80 9.05
C ASP C 2286 20.04 24.24 10.07
N ASP C 2287 21.31 24.59 10.01
CA ASP C 2287 22.30 24.03 10.87
C ASP C 2287 22.48 24.79 12.18
N SER C 2288 21.68 25.83 12.38
CA SER C 2288 21.82 26.68 13.55
C SER C 2288 20.81 26.48 14.65
N ALA C 2289 19.71 25.82 14.38
CA ALA C 2289 18.64 25.75 15.37
C ALA C 2289 19.06 25.02 16.60
N ARG C 2290 18.63 25.51 17.75
CA ARG C 2290 18.88 24.83 19.01
C ARG C 2290 17.64 24.98 19.87
N PHE C 2291 17.08 23.88 20.33
CA PHE C 2291 15.90 23.92 21.17
C PHE C 2291 16.17 23.34 22.53
N ILE C 2292 17.20 22.54 22.64
CA ILE C 2292 17.40 21.90 23.93
C ILE C 2292 18.27 22.78 24.79
N LYS C 2293 17.71 23.20 25.92
CA LYS C 2293 18.40 24.11 26.80
C LYS C 2293 19.22 23.34 27.83
N PRO C 2294 20.52 23.64 27.95
CA PRO C 2294 21.50 22.94 28.76
C PRO C 2294 21.31 23.03 30.27
N GLY C 2295 20.43 23.91 30.71
CA GLY C 2295 20.21 24.12 32.13
C GLY C 2295 19.13 23.21 32.71
N ALA C 2296 18.59 22.30 31.91
CA ALA C 2296 17.48 21.48 32.42
C ALA C 2296 17.80 20.76 33.71
N TRP C 2297 19.01 20.30 33.88
CA TRP C 2297 19.34 19.61 35.10
C TRP C 2297 20.09 20.46 36.07
N GLN C 2298 19.44 20.82 37.14
CA GLN C 2298 20.14 21.59 38.14
C GLN C 2298 20.72 20.62 39.12
N GLY C 2299 21.96 20.81 39.52
CA GLY C 2299 22.53 19.91 40.52
C GLY C 2299 21.80 20.07 41.82
N THR C 2300 21.42 21.30 42.09
CA THR C 2300 20.71 21.61 43.30
C THR C 2300 19.27 21.30 43.02
N TYR C 2301 18.46 21.23 44.06
CA TYR C 2301 17.05 20.95 43.87
C TYR C 2301 16.87 19.57 43.26
N ALA C 2302 17.86 18.71 43.45
CA ALA C 2302 17.91 17.30 43.09
C ALA C 2302 17.65 17.02 41.63
N GLY C 2303 17.80 17.99 40.76
CA GLY C 2303 17.52 17.73 39.38
C GLY C 2303 16.01 17.75 39.08
N LEU C 2304 15.22 18.26 40.00
CA LEU C 2304 13.79 18.24 39.81
C LEU C 2304 13.42 19.15 38.68
N LEU C 2305 12.38 18.74 37.98
CA LEU C 2305 11.82 19.37 36.80
C LEU C 2305 12.72 19.30 35.58
N ALA C 2306 13.79 18.50 35.62
CA ALA C 2306 14.58 18.38 34.42
C ALA C 2306 13.71 17.85 33.28
N GLY C 2307 12.79 16.95 33.61
CA GLY C 2307 11.92 16.35 32.62
C GLY C 2307 10.99 17.36 31.99
N GLU C 2308 10.32 18.13 32.83
CA GLU C 2308 9.37 19.12 32.40
C GLU C 2308 10.02 20.17 31.54
N THR C 2309 11.26 20.48 31.87
CA THR C 2309 12.00 21.47 31.12
C THR C 2309 12.23 20.92 29.72
N LEU C 2310 12.63 19.66 29.61
CA LEU C 2310 12.84 19.10 28.28
C LEU C 2310 11.53 18.99 27.52
N MET C 2311 10.44 18.64 28.18
CA MET C 2311 9.18 18.51 27.49
C MET C 2311 8.78 19.81 26.82
N LEU C 2312 9.09 20.92 27.46
CA LEU C 2312 8.77 22.19 26.85
C LEU C 2312 9.60 22.39 25.64
N SER C 2313 10.89 22.10 25.73
CA SER C 2313 11.74 22.30 24.58
C SER C 2313 11.33 21.46 23.42
N LEU C 2314 10.90 20.24 23.66
CA LEU C 2314 10.47 19.42 22.55
C LEU C 2314 9.24 20.01 21.94
N ALA C 2315 8.31 20.50 22.74
CA ALA C 2315 7.11 21.07 22.15
C ALA C 2315 7.45 22.25 21.26
N GLN C 2316 8.45 23.02 21.67
CA GLN C 2316 8.85 24.18 20.90
C GLN C 2316 9.44 23.74 19.56
N MET C 2317 10.16 22.63 19.57
CA MET C 2317 10.79 22.10 18.39
C MET C 2317 9.71 21.68 17.41
N GLU C 2318 8.71 20.99 17.93
CA GLU C 2318 7.60 20.53 17.12
C GLU C 2318 6.87 21.71 16.53
N ASP C 2319 6.73 22.75 17.32
CA ASP C 2319 6.01 23.92 16.88
C ASP C 2319 6.74 24.57 15.73
N ALA C 2320 8.06 24.69 15.86
CA ALA C 2320 8.84 25.27 14.81
C ALA C 2320 8.72 24.44 13.55
N HIS C 2321 8.67 23.13 13.74
CA HIS C 2321 8.58 22.22 12.62
C HIS C 2321 7.29 22.45 11.89
N LEU C 2322 6.18 22.57 12.62
CA LEU C 2322 4.91 22.78 11.95
C LEU C 2322 4.82 24.08 11.19
N LYS C 2323 5.36 25.16 11.75
CA LYS C 2323 5.25 26.45 11.10
C LYS C 2323 6.20 26.62 9.94
N ARG C 2324 7.31 25.93 10.00
CA ARG C 2324 8.31 26.05 8.95
C ARG C 2324 8.26 24.89 7.98
N ASP C 2325 7.27 24.01 8.14
CA ASP C 2325 7.16 22.90 7.23
C ASP C 2325 6.61 23.46 5.95
N LYS C 2326 6.80 22.73 4.90
CA LYS C 2326 6.32 23.12 3.61
C LYS C 2326 6.22 21.92 2.72
N ARG C 2327 5.14 21.75 2.01
CA ARG C 2327 5.19 20.66 1.07
C ARG C 2327 6.17 21.17 0.02
N ALA C 2328 7.20 20.41 -0.24
CA ALA C 2328 8.20 20.83 -1.21
C ALA C 2328 7.77 20.41 -2.57
N LEU C 2329 8.31 21.02 -3.59
CA LEU C 2329 7.93 20.50 -4.87
C LEU C 2329 8.69 19.21 -5.04
N GLU C 2330 8.00 18.17 -5.45
CA GLU C 2330 8.62 16.88 -5.65
C GLU C 2330 8.93 16.69 -7.12
N VAL C 2331 10.22 16.67 -7.45
CA VAL C 2331 10.74 16.67 -8.81
C VAL C 2331 11.64 15.49 -9.16
N GLU C 2332 11.38 14.84 -10.28
CA GLU C 2332 12.22 13.75 -10.72
C GLU C 2332 13.11 14.24 -11.86
N ARG C 2333 14.32 13.69 -11.99
CA ARG C 2333 15.16 14.00 -13.13
C ARG C 2333 15.96 12.78 -13.59
N THR C 2334 16.06 12.55 -14.88
CA THR C 2334 16.77 11.37 -15.34
C THR C 2334 18.12 11.73 -15.94
N VAL C 2335 19.17 11.10 -15.46
CA VAL C 2335 20.51 11.38 -15.95
C VAL C 2335 21.20 10.24 -16.67
N SER C 2336 21.56 10.48 -17.92
CA SER C 2336 22.32 9.50 -18.68
C SER C 2336 23.77 9.76 -18.57
N LEU C 2337 24.54 8.82 -18.05
CA LEU C 2337 25.95 9.12 -17.91
C LEU C 2337 26.62 9.14 -19.24
N ALA C 2338 26.08 8.41 -20.19
CA ALA C 2338 26.73 8.47 -21.47
C ALA C 2338 26.71 9.90 -21.97
N GLU C 2339 25.66 10.65 -21.68
CA GLU C 2339 25.53 12.02 -22.18
C GLU C 2339 26.31 13.01 -21.32
N VAL C 2340 26.81 12.54 -20.21
CA VAL C 2340 27.55 13.38 -19.31
C VAL C 2340 28.96 13.36 -19.74
N TYR C 2341 29.45 12.17 -20.01
CA TYR C 2341 30.83 12.05 -20.38
C TYR C 2341 31.01 12.50 -21.80
N ALA C 2342 30.03 12.25 -22.63
CA ALA C 2342 30.08 12.62 -24.01
C ALA C 2342 30.05 14.12 -24.15
N GLY C 2343 29.38 14.77 -23.21
CA GLY C 2343 29.18 16.21 -23.21
C GLY C 2343 30.23 17.02 -22.47
N LEU C 2344 31.33 16.41 -22.07
CA LEU C 2344 32.32 17.18 -21.35
C LEU C 2344 32.94 18.18 -22.32
N PRO C 2345 33.42 19.33 -21.86
CA PRO C 2345 34.13 20.29 -22.66
C PRO C 2345 35.29 19.57 -23.25
N LYS C 2346 35.73 19.95 -24.44
CA LYS C 2346 36.81 19.18 -25.07
C LYS C 2346 38.05 19.07 -24.20
N ASP C 2347 38.29 20.06 -23.37
CA ASP C 2347 39.49 20.10 -22.58
C ASP C 2347 39.43 19.19 -21.38
N ASN C 2348 38.26 18.63 -21.13
CA ASN C 2348 38.09 17.72 -20.02
C ASN C 2348 38.16 16.29 -20.49
N GLY C 2349 38.34 16.07 -21.79
CA GLY C 2349 38.41 14.72 -22.28
C GLY C 2349 37.04 14.07 -22.37
N PRO C 2350 36.15 14.49 -23.27
CA PRO C 2350 34.84 13.90 -23.45
C PRO C 2350 35.04 12.54 -24.01
N PHE C 2351 34.13 11.66 -23.72
CA PHE C 2351 34.26 10.31 -24.24
C PHE C 2351 32.98 9.54 -24.36
N SER C 2352 33.02 8.48 -25.14
CA SER C 2352 31.90 7.58 -25.26
C SER C 2352 32.06 6.55 -24.19
N LEU C 2353 31.12 6.54 -23.27
CA LEU C 2353 31.18 5.68 -22.11
C LEU C 2353 31.33 4.23 -22.45
N ALA C 2354 30.47 3.70 -23.29
CA ALA C 2354 30.56 2.27 -23.53
C ALA C 2354 31.92 1.85 -24.07
N GLN C 2355 32.51 2.69 -24.90
CA GLN C 2355 33.78 2.38 -25.50
C GLN C 2355 34.93 2.47 -24.53
N GLU C 2356 34.89 3.46 -23.65
CA GLU C 2356 35.97 3.56 -22.69
C GLU C 2356 35.87 2.44 -21.71
N ILE C 2357 34.66 2.02 -21.41
CA ILE C 2357 34.53 0.91 -20.50
C ILE C 2357 35.13 -0.29 -21.14
N ASP C 2358 34.82 -0.53 -22.40
CA ASP C 2358 35.38 -1.71 -22.99
C ASP C 2358 36.90 -1.69 -22.90
N LYS C 2359 37.53 -0.55 -23.18
CA LYS C 2359 38.98 -0.52 -23.09
C LYS C 2359 39.48 -0.75 -21.68
N LEU C 2360 38.82 -0.15 -20.69
CA LEU C 2360 39.25 -0.28 -19.32
C LEU C 2360 39.00 -1.66 -18.76
N VAL C 2361 38.05 -2.38 -19.30
CA VAL C 2361 37.84 -3.73 -18.84
C VAL C 2361 38.88 -4.64 -19.44
N SER C 2362 39.16 -4.47 -20.73
CA SER C 2362 40.14 -5.31 -21.38
C SER C 2362 41.53 -5.09 -20.80
N GLN C 2363 41.87 -3.84 -20.53
CA GLN C 2363 43.13 -3.53 -19.90
C GLN C 2363 42.86 -3.74 -18.44
N GLY C 2364 43.86 -3.99 -17.62
CA GLY C 2364 43.57 -4.13 -16.20
C GLY C 2364 43.74 -2.83 -15.43
N SER C 2365 44.00 -1.77 -16.16
CA SER C 2365 44.26 -0.46 -15.59
C SER C 2365 43.82 0.65 -16.52
N GLY C 2366 44.20 1.86 -16.16
CA GLY C 2366 43.87 3.04 -16.94
C GLY C 2366 42.70 3.83 -16.39
N SER C 2367 42.38 4.89 -17.11
CA SER C 2367 41.34 5.83 -16.79
C SER C 2367 40.87 6.57 -18.04
N ALA C 2368 39.75 7.28 -17.92
CA ALA C 2368 39.22 8.10 -18.99
C ALA C 2368 38.57 9.33 -18.41
N GLY C 2369 38.65 10.45 -19.11
CA GLY C 2369 38.03 11.66 -18.59
C GLY C 2369 38.98 12.40 -17.67
N SER C 2370 38.43 13.26 -16.84
CA SER C 2370 39.25 14.12 -15.99
C SER C 2370 38.46 14.67 -14.83
N GLY C 2371 39.15 15.24 -13.86
CA GLY C 2371 38.45 15.90 -12.78
C GLY C 2371 37.56 14.94 -12.04
N ASN C 2372 36.30 15.29 -11.93
CA ASN C 2372 35.31 14.48 -11.24
C ASN C 2372 34.34 13.84 -12.23
N ASN C 2373 34.71 13.81 -13.49
CA ASN C 2373 33.89 13.23 -14.53
C ASN C 2373 34.74 12.28 -15.29
N ASN C 2374 34.77 11.06 -14.82
CA ASN C 2374 35.70 10.09 -15.34
C ASN C 2374 35.38 8.65 -15.05
N LEU C 2375 36.19 7.77 -15.63
CA LEU C 2375 36.16 6.36 -15.33
C LEU C 2375 37.54 6.02 -14.87
N ALA C 2376 37.64 5.20 -13.86
CA ALA C 2376 38.98 4.81 -13.46
C ALA C 2376 39.01 3.57 -12.65
N PHE C 2377 40.15 2.93 -12.61
CA PHE C 2377 40.27 1.87 -11.64
C PHE C 2377 40.51 2.45 -10.27
N GLY C 2378 39.97 1.78 -9.25
CA GLY C 2378 40.11 2.25 -7.88
C GLY C 2378 41.50 2.03 -7.31
N ALA C 2379 41.78 2.63 -6.15
CA ALA C 2379 43.08 2.55 -5.50
C ALA C 2379 43.01 2.05 -4.07
N GLY C 2380 42.04 1.23 -3.79
CA GLY C 2380 41.93 0.68 -2.45
C GLY C 2380 42.78 -0.54 -2.44
N THR C 2381 42.78 -1.31 -1.39
CA THR C 2381 43.63 -2.46 -1.41
C THR C 2381 42.92 -3.66 -2.03
N ASP C 2382 41.60 -3.61 -2.01
CA ASP C 2382 40.76 -4.64 -2.58
C ASP C 2382 39.82 -4.10 -3.66
N THR C 2383 40.09 -2.87 -4.11
CA THR C 2383 39.27 -2.22 -5.13
C THR C 2383 40.05 -1.91 -6.40
N LYS C 2384 41.29 -2.38 -6.50
CA LYS C 2384 42.16 -2.10 -7.64
C LYS C 2384 41.66 -2.72 -8.92
N THR C 2385 40.76 -3.65 -8.77
CA THR C 2385 40.17 -4.39 -9.84
C THR C 2385 38.76 -3.93 -10.11
N SER C 2386 38.37 -2.78 -9.54
CA SER C 2386 37.02 -2.27 -9.75
C SER C 2386 37.01 -1.08 -10.68
N LEU C 2387 35.90 -0.86 -11.38
CA LEU C 2387 35.77 0.36 -12.15
C LEU C 2387 34.88 1.36 -11.52
N GLN C 2388 35.39 2.56 -11.39
CA GLN C 2388 34.66 3.60 -10.77
C GLN C 2388 34.21 4.67 -11.71
N ALA C 2389 32.90 4.79 -11.88
CA ALA C 2389 32.39 5.84 -12.72
C ALA C 2389 32.14 7.04 -11.84
N SER C 2390 32.65 8.20 -12.18
CA SER C 2390 32.46 9.37 -11.31
C SER C 2390 31.69 10.43 -12.03
N VAL C 2391 30.73 11.04 -11.35
CA VAL C 2391 29.98 12.18 -11.89
C VAL C 2391 29.85 13.36 -10.95
N SER C 2392 30.28 14.52 -11.38
CA SER C 2392 30.15 15.72 -10.58
C SER C 2392 28.76 16.27 -10.65
N PHE C 2393 28.14 16.47 -9.50
CA PHE C 2393 26.78 16.98 -9.52
C PHE C 2393 26.74 18.36 -10.05
N ALA C 2394 27.78 19.12 -9.79
CA ALA C 2394 27.80 20.50 -10.21
C ALA C 2394 27.67 20.61 -11.72
N ASP C 2395 28.20 19.64 -12.45
CA ASP C 2395 28.23 19.73 -13.88
C ASP C 2395 26.95 19.25 -14.51
N LEU C 2396 26.04 18.74 -13.70
CA LEU C 2396 24.80 18.27 -14.27
C LEU C 2396 23.85 19.41 -14.47
N LYS C 2397 24.11 20.57 -13.85
CA LYS C 2397 23.26 21.74 -14.00
C LYS C 2397 21.81 21.45 -13.67
N ILE C 2398 21.58 20.69 -12.62
CA ILE C 2398 20.23 20.36 -12.25
C ILE C 2398 19.49 21.63 -11.94
N ARG C 2399 20.14 22.55 -11.25
CA ARG C 2399 19.52 23.78 -10.79
C ARG C 2399 19.03 24.68 -11.91
N GLU C 2400 19.38 24.40 -13.15
CA GLU C 2400 18.93 25.24 -14.24
C GLU C 2400 17.62 24.77 -14.86
N ASP C 2401 17.11 23.60 -14.40
CA ASP C 2401 15.90 23.04 -14.96
C ASP C 2401 14.64 23.80 -14.58
N TYR C 2402 14.64 24.35 -13.39
CA TYR C 2402 13.51 25.11 -12.87
C TYR C 2402 14.02 26.47 -12.44
N PRO C 2403 13.20 27.54 -12.48
CA PRO C 2403 13.57 28.89 -12.12
C PRO C 2403 13.89 29.02 -10.67
N ALA C 2404 14.80 29.92 -10.38
CA ALA C 2404 15.30 30.16 -9.05
C ALA C 2404 14.22 30.53 -8.08
N SER C 2405 13.24 31.25 -8.54
CA SER C 2405 12.19 31.79 -7.68
C SER C 2405 11.37 30.73 -6.95
N LEU C 2406 11.46 29.48 -7.38
CA LEU C 2406 10.69 28.43 -6.74
C LEU C 2406 11.26 27.99 -5.42
N GLY C 2407 12.48 28.41 -5.12
CA GLY C 2407 13.13 28.04 -3.88
C GLY C 2407 14.61 27.82 -4.11
N LYS C 2408 15.40 28.12 -3.08
CA LYS C 2408 16.84 27.98 -3.16
C LYS C 2408 17.31 26.64 -2.65
N ILE C 2409 16.50 26.00 -1.83
CA ILE C 2409 16.95 24.73 -1.31
C ILE C 2409 16.58 23.68 -2.30
N ARG C 2410 17.58 23.01 -2.82
CA ARG C 2410 17.29 21.95 -3.76
C ARG C 2410 18.11 20.75 -3.35
N ARG C 2411 17.44 19.76 -2.78
CA ARG C 2411 18.13 18.61 -2.18
C ARG C 2411 17.59 17.29 -2.65
N ILE C 2412 18.46 16.32 -2.76
CA ILE C 2412 18.12 14.99 -3.23
C ILE C 2412 17.36 14.18 -2.25
N LYS C 2413 16.27 13.60 -2.68
CA LYS C 2413 15.51 12.75 -1.81
C LYS C 2413 15.90 11.30 -1.99
N GLN C 2414 16.09 10.89 -3.23
CA GLN C 2414 16.34 9.48 -3.48
C GLN C 2414 17.06 9.25 -4.81
N ILE C 2415 17.98 8.29 -4.85
CA ILE C 2415 18.62 7.98 -6.13
C ILE C 2415 18.48 6.52 -6.45
N SER C 2416 18.02 6.24 -7.67
CA SER C 2416 17.84 4.89 -8.19
C SER C 2416 18.72 4.63 -9.40
N VAL C 2417 19.32 3.46 -9.51
CA VAL C 2417 20.21 3.22 -10.63
C VAL C 2417 19.68 2.21 -11.62
N THR C 2418 19.63 2.62 -12.86
CA THR C 2418 19.22 1.74 -13.92
C THR C 2418 20.38 1.46 -14.83
N LEU C 2419 20.59 0.21 -15.09
CA LEU C 2419 21.65 -0.24 -15.94
C LEU C 2419 21.04 -1.06 -17.03
N PRO C 2420 20.59 -0.47 -18.16
CA PRO C 2420 19.82 -1.13 -19.22
C PRO C 2420 20.77 -1.99 -20.05
N ALA C 2421 21.33 -2.95 -19.36
CA ALA C 2421 22.29 -3.91 -19.77
C ALA C 2421 21.58 -5.13 -20.17
N LEU C 2422 22.26 -6.00 -20.85
CA LEU C 2422 21.69 -7.26 -21.20
C LEU C 2422 21.87 -8.20 -20.01
N LEU C 2423 21.30 -7.81 -18.89
CA LEU C 2423 21.41 -8.49 -17.63
C LEU C 2423 20.14 -9.25 -17.45
N GLY C 2424 20.22 -10.55 -17.53
CA GLY C 2424 19.01 -11.34 -17.49
C GLY C 2424 18.40 -11.40 -16.11
N PRO C 2425 17.21 -11.99 -15.97
CA PRO C 2425 16.43 -12.09 -14.77
C PRO C 2425 17.05 -12.95 -13.69
N TYR C 2426 18.01 -13.75 -14.07
CA TYR C 2426 18.72 -14.60 -13.17
C TYR C 2426 20.19 -14.21 -13.10
N GLN C 2427 20.52 -12.99 -13.48
CA GLN C 2427 21.90 -12.54 -13.44
C GLN C 2427 22.05 -11.32 -12.56
N ASP C 2428 23.17 -11.24 -11.85
CA ASP C 2428 23.39 -10.12 -10.95
C ASP C 2428 24.50 -9.19 -11.36
N VAL C 2429 24.39 -7.97 -10.89
CA VAL C 2429 25.43 -6.99 -11.08
C VAL C 2429 25.90 -6.53 -9.74
N GLN C 2430 27.17 -6.44 -9.55
CA GLN C 2430 27.61 -5.95 -8.28
C GLN C 2430 28.07 -4.53 -8.38
N ALA C 2431 27.30 -3.60 -7.86
CA ALA C 2431 27.81 -2.24 -7.96
C ALA C 2431 27.45 -1.40 -6.76
N ILE C 2432 28.37 -0.54 -6.37
CA ILE C 2432 28.10 0.38 -5.27
C ILE C 2432 28.05 1.82 -5.67
N LEU C 2433 26.97 2.47 -5.30
CA LEU C 2433 26.83 3.86 -5.58
C LEU C 2433 27.16 4.62 -4.32
N SER C 2434 28.03 5.61 -4.41
CA SER C 2434 28.42 6.34 -3.20
C SER C 2434 28.64 7.83 -3.39
N TYR C 2435 28.51 8.58 -2.31
CA TYR C 2435 28.78 10.02 -2.37
C TYR C 2435 30.13 10.41 -1.81
N GLY C 2436 30.98 10.93 -2.68
CA GLY C 2436 32.36 11.25 -2.31
C GLY C 2436 32.58 12.66 -1.77
N ASP C 2437 31.80 13.06 -0.79
CA ASP C 2437 31.93 14.42 -0.27
C ASP C 2437 31.33 14.56 1.12
N LYS C 2438 31.42 15.74 1.68
CA LYS C 2438 30.83 16.08 2.96
C LYS C 2438 29.38 16.55 2.81
N ALA C 2439 28.45 15.89 3.50
CA ALA C 2439 27.04 16.24 3.43
C ALA C 2439 26.31 15.69 4.64
N GLY C 2440 25.09 16.17 4.91
CA GLY C 2440 24.26 15.69 6.04
C GLY C 2440 23.64 14.30 5.78
N LEU C 2441 24.52 13.32 5.60
CA LEU C 2441 24.18 11.94 5.29
C LEU C 2441 23.88 11.19 6.54
N ALA C 2442 23.03 10.18 6.45
CA ALA C 2442 22.82 9.29 7.58
C ALA C 2442 23.89 8.20 7.51
N ASN C 2443 24.15 7.52 8.61
CA ASN C 2443 25.20 6.51 8.57
C ASN C 2443 24.67 5.21 7.96
N GLY C 2444 25.22 4.91 6.80
CA GLY C 2444 24.83 3.80 5.96
C GLY C 2444 24.04 4.30 4.77
N CYS C 2445 23.80 5.62 4.71
CA CYS C 2445 23.13 6.22 3.59
C CYS C 2445 24.13 6.82 2.63
N GLU C 2446 25.42 6.76 3.00
CA GLU C 2446 26.50 7.25 2.17
C GLU C 2446 26.70 6.34 0.98
N ALA C 2447 26.26 5.07 1.07
CA ALA C 2447 26.42 4.17 -0.05
C ALA C 2447 25.27 3.22 -0.21
N LEU C 2448 24.95 2.98 -1.47
CA LEU C 2448 23.85 2.16 -1.93
C LEU C 2448 24.29 1.01 -2.79
N ALA C 2449 23.72 -0.15 -2.59
CA ALA C 2449 24.09 -1.25 -3.46
C ALA C 2449 23.06 -1.45 -4.56
N VAL C 2450 23.57 -1.65 -5.77
CA VAL C 2450 22.79 -1.90 -6.97
C VAL C 2450 22.97 -3.36 -7.37
N SER C 2451 21.88 -4.14 -7.40
CA SER C 2451 22.05 -5.56 -7.66
C SER C 2451 21.35 -6.10 -8.89
N HIS C 2452 20.32 -5.42 -9.36
CA HIS C 2452 19.61 -5.91 -10.52
C HIS C 2452 19.57 -4.90 -11.64
N GLY C 2453 19.79 -3.65 -11.31
CA GLY C 2453 19.86 -2.60 -12.31
C GLY C 2453 18.54 -2.14 -12.94
N MET C 2454 17.40 -2.45 -12.37
CA MET C 2454 16.16 -2.02 -12.98
C MET C 2454 15.43 -1.07 -12.06
N ASN C 2455 15.71 0.23 -12.17
CA ASN C 2455 15.18 1.18 -11.20
C ASN C 2455 15.53 0.66 -9.83
N ASP C 2456 16.79 0.36 -9.67
CA ASP C 2456 17.29 -0.28 -8.50
C ASP C 2456 17.68 0.65 -7.36
N SER C 2457 16.84 0.67 -6.33
CA SER C 2457 17.15 1.43 -5.13
C SER C 2457 17.82 0.39 -4.28
N GLY C 2458 18.82 0.71 -3.49
CA GLY C 2458 19.46 -0.33 -2.70
C GLY C 2458 18.67 -0.65 -1.44
N GLN C 2459 17.47 -1.15 -1.66
CA GLN C 2459 16.54 -1.51 -0.63
C GLN C 2459 15.84 -2.78 -1.04
N PHE C 2460 15.46 -3.63 -0.11
CA PHE C 2460 14.70 -4.78 -0.54
C PHE C 2460 13.29 -4.32 -0.93
N GLN C 2461 12.82 -3.29 -0.24
CA GLN C 2461 11.54 -2.67 -0.52
C GLN C 2461 11.69 -1.15 -0.45
N LEU C 2462 10.98 -0.43 -1.31
CA LEU C 2462 11.03 1.03 -1.25
C LEU C 2462 9.75 1.58 -0.71
N ASP C 2463 9.89 2.41 0.30
CA ASP C 2463 8.78 3.03 0.97
C ASP C 2463 9.16 4.44 1.32
N PHE C 2464 8.51 5.42 0.72
CA PHE C 2464 8.89 6.81 0.93
C PHE C 2464 8.23 7.39 2.16
N ASN C 2465 7.47 6.56 2.87
CA ASN C 2465 6.78 6.98 4.07
C ASN C 2465 7.02 6.03 5.24
N ASP C 2466 8.20 5.46 5.39
CA ASP C 2466 8.43 4.51 6.48
C ASP C 2466 9.01 5.16 7.71
N GLY C 2467 9.09 6.48 7.67
CA GLY C 2467 9.63 7.27 8.75
C GLY C 2467 11.13 7.46 8.70
N LYS C 2468 11.80 6.88 7.70
CA LYS C 2468 13.26 6.96 7.62
C LYS C 2468 13.82 7.82 6.51
N PHE C 2469 15.08 8.19 6.69
CA PHE C 2469 15.83 8.90 5.68
C PHE C 2469 16.29 7.87 4.69
N LEU C 2470 16.30 8.24 3.44
CA LEU C 2470 16.67 7.39 2.34
C LEU C 2470 18.15 7.54 2.03
N PRO C 2471 18.74 6.62 1.25
CA PRO C 2471 20.09 6.74 0.82
C PRO C 2471 20.24 8.07 0.11
N PHE C 2472 21.34 8.73 0.36
CA PHE C 2472 21.65 10.03 -0.23
C PHE C 2472 20.68 11.16 0.07
N GLU C 2473 19.72 10.95 0.95
CA GLU C 2473 18.77 12.00 1.20
C GLU C 2473 19.40 13.21 1.84
N GLY C 2474 19.05 14.37 1.30
CA GLY C 2474 19.48 15.66 1.81
C GLY C 2474 20.69 16.26 1.11
N ILE C 2475 21.29 15.55 0.19
CA ILE C 2475 22.46 16.09 -0.50
C ILE C 2475 22.04 17.19 -1.45
N ALA C 2476 22.71 18.33 -1.41
CA ALA C 2476 22.33 19.39 -2.33
C ALA C 2476 22.53 18.91 -3.75
N ILE C 2477 21.62 19.24 -4.64
CA ILE C 2477 21.72 18.77 -6.02
C ILE C 2477 22.90 19.23 -6.83
N ASP C 2478 23.55 20.32 -6.46
CA ASP C 2478 24.71 20.76 -7.19
C ASP C 2478 26.02 20.48 -6.46
N GLN C 2479 26.00 19.73 -5.36
CA GLN C 2479 27.26 19.55 -4.64
C GLN C 2479 27.83 18.17 -4.54
N GLY C 2480 29.13 18.08 -4.67
CA GLY C 2480 29.82 16.81 -4.51
C GLY C 2480 29.78 15.97 -5.75
N THR C 2481 30.19 14.73 -5.60
CA THR C 2481 30.35 13.77 -6.68
C THR C 2481 29.81 12.38 -6.36
N LEU C 2482 29.19 11.74 -7.33
CA LEU C 2482 28.82 10.35 -7.10
C LEU C 2482 29.76 9.44 -7.77
N THR C 2483 29.96 8.28 -7.17
CA THR C 2483 30.74 7.25 -7.78
C THR C 2483 29.95 5.98 -7.88
N LEU C 2484 30.01 5.31 -9.02
CA LEU C 2484 29.39 4.00 -9.15
C LEU C 2484 30.49 2.99 -9.40
N SER C 2485 30.74 2.14 -8.41
CA SER C 2485 31.86 1.19 -8.46
C SER C 2485 31.49 -0.24 -8.75
N PHE C 2486 32.12 -0.78 -9.79
CA PHE C 2486 31.89 -2.15 -10.24
C PHE C 2486 33.12 -3.01 -9.94
N PRO C 2487 33.13 -3.82 -8.86
CA PRO C 2487 34.24 -4.61 -8.42
C PRO C 2487 34.43 -5.78 -9.34
N ASN C 2488 35.62 -6.36 -9.35
CA ASN C 2488 35.89 -7.55 -10.11
C ASN C 2488 35.62 -7.28 -11.58
N ALA C 2489 36.02 -6.10 -12.04
CA ALA C 2489 35.88 -5.65 -13.41
C ALA C 2489 37.05 -5.96 -14.31
N SER C 2490 38.24 -6.00 -13.77
CA SER C 2490 39.43 -6.15 -14.61
C SER C 2490 39.49 -7.51 -15.31
N MET C 2491 39.53 -7.50 -16.66
CA MET C 2491 39.55 -8.74 -17.41
C MET C 2491 40.81 -9.57 -17.18
N PRO C 2492 42.02 -9.00 -17.08
CA PRO C 2492 43.24 -9.73 -16.85
C PRO C 2492 43.25 -10.48 -15.53
N GLU C 2493 42.37 -10.11 -14.61
CA GLU C 2493 42.30 -10.74 -13.32
C GLU C 2493 41.21 -11.78 -13.31
N LYS C 2494 40.55 -11.95 -14.46
CA LYS C 2494 39.41 -12.80 -14.64
C LYS C 2494 38.28 -12.37 -13.73
N GLY C 2495 38.08 -11.06 -13.60
CA GLY C 2495 37.03 -10.55 -12.76
C GLY C 2495 35.65 -10.97 -13.23
N LYS C 2496 34.77 -11.22 -12.28
CA LYS C 2496 33.43 -11.70 -12.50
C LYS C 2496 32.54 -10.80 -13.34
N GLN C 2497 32.72 -9.51 -13.23
CA GLN C 2497 31.92 -8.56 -13.97
C GLN C 2497 32.57 -8.19 -15.28
N ALA C 2498 33.76 -8.71 -15.51
CA ALA C 2498 34.52 -8.29 -16.67
C ALA C 2498 33.77 -8.53 -17.97
N THR C 2499 32.95 -9.54 -18.02
CA THR C 2499 32.25 -9.80 -19.24
C THR C 2499 30.95 -9.02 -19.38
N MET C 2500 30.36 -8.59 -18.28
CA MET C 2500 29.10 -7.86 -18.35
C MET C 2500 29.35 -6.42 -18.66
N LEU C 2501 30.48 -5.95 -18.22
CA LEU C 2501 30.79 -4.56 -18.40
C LEU C 2501 31.04 -4.23 -19.85
N LYS C 2502 31.48 -5.21 -20.61
CA LYS C 2502 31.76 -5.03 -22.00
C LYS C 2502 30.47 -4.86 -22.80
N THR C 2503 29.33 -5.17 -22.18
CA THR C 2503 28.04 -5.10 -22.82
C THR C 2503 27.16 -4.02 -22.18
N LEU C 2504 27.74 -3.15 -21.37
CA LEU C 2504 26.94 -2.13 -20.71
C LEU C 2504 26.77 -0.93 -21.62
N ASN C 2505 25.53 -0.70 -22.06
CA ASN C 2505 25.24 0.36 -23.00
C ASN C 2505 25.24 1.74 -22.39
N ASP C 2506 24.79 1.84 -21.14
CA ASP C 2506 24.68 3.11 -20.44
C ASP C 2506 24.49 2.93 -18.95
N ILE C 2507 24.54 4.03 -18.24
CA ILE C 2507 24.22 4.08 -16.83
C ILE C 2507 23.19 5.17 -16.64
N ILE C 2508 22.06 4.84 -16.04
CA ILE C 2508 21.04 5.85 -15.85
C ILE C 2508 20.75 6.15 -14.39
N LEU C 2509 20.83 7.40 -14.01
CA LEU C 2509 20.52 7.70 -12.63
C LEU C 2509 19.20 8.41 -12.54
N HIS C 2510 18.31 7.88 -11.75
CA HIS C 2510 17.03 8.52 -11.59
C HIS C 2510 17.10 9.28 -10.30
N ILE C 2511 17.08 10.58 -10.38
CA ILE C 2511 17.27 11.36 -9.18
C ILE C 2511 16.03 12.07 -8.77
N ARG C 2512 15.61 11.84 -7.56
CA ARG C 2512 14.46 12.51 -7.05
C ARG C 2512 14.97 13.56 -6.13
N TYR C 2513 14.47 14.76 -6.25
CA TYR C 2513 14.90 15.84 -5.40
C TYR C 2513 13.73 16.73 -5.12
N THR C 2514 13.86 17.55 -4.09
CA THR C 2514 12.78 18.45 -3.80
C THR C 2514 13.23 19.90 -3.77
N ILE C 2515 12.27 20.79 -4.02
CA ILE C 2515 12.56 22.22 -4.01
C ILE C 2515 11.82 23.00 -2.94
N LYS C 2516 12.56 23.80 -2.17
CA LYS C 2516 11.97 24.66 -1.15
C LYS C 2516 12.98 25.65 -0.57
N LEU D 89 13.94 -52.31 41.96
CA LEU D 89 14.52 -52.85 40.75
C LEU D 89 14.63 -51.81 39.67
N ILE D 90 15.36 -52.11 38.62
CA ILE D 90 15.49 -51.13 37.56
C ILE D 90 14.70 -51.54 36.34
N GLY D 91 13.83 -50.64 35.89
CA GLY D 91 13.02 -50.87 34.70
C GLY D 91 11.53 -50.96 34.96
N TYR D 92 10.80 -50.42 33.99
CA TYR D 92 9.35 -50.39 33.97
C TYR D 92 8.83 -51.81 33.91
N ASN D 93 9.61 -52.69 33.33
CA ASN D 93 9.16 -54.05 33.21
C ASN D 93 9.39 -54.84 34.50
N ASN D 94 10.06 -54.24 35.50
CA ASN D 94 10.38 -54.91 36.75
C ASN D 94 9.57 -54.34 37.91
N GLN D 95 9.20 -53.09 37.76
CA GLN D 95 8.39 -52.36 38.71
C GLN D 95 7.20 -51.99 37.89
N PHE D 96 6.03 -51.91 38.45
CA PHE D 96 4.82 -51.47 37.72
C PHE D 96 4.27 -52.49 36.72
N SER D 97 5.10 -53.39 36.25
CA SER D 97 4.68 -54.42 35.34
C SER D 97 3.82 -55.42 36.04
N GLY D 98 3.13 -56.24 35.27
CA GLY D 98 2.32 -57.27 35.88
C GLY D 98 0.94 -56.80 36.31
N ARG D 99 0.44 -55.71 35.71
CA ARG D 99 -0.87 -55.23 36.10
C ARG D 99 -1.98 -55.94 35.34
N ALA D 100 -2.29 -55.43 34.17
CA ALA D 100 -3.39 -55.94 33.40
C ALA D 100 -3.13 -57.10 32.50
N SER D 101 -2.89 -58.27 33.07
CA SER D 101 -2.71 -59.52 32.28
C SER D 101 -2.67 -59.28 30.76
N GLN D 102 -3.80 -59.52 30.08
CA GLN D 102 -3.95 -59.33 28.64
C GLN D 102 -4.48 -57.96 28.27
N TYR D 103 -4.11 -57.47 27.10
CA TYR D 103 -4.59 -56.19 26.60
C TYR D 103 -5.37 -56.35 25.32
N VAL D 104 -6.15 -55.36 24.97
CA VAL D 104 -6.81 -55.40 23.67
C VAL D 104 -6.56 -54.16 22.84
N ALA D 105 -6.82 -54.29 21.56
CA ALA D 105 -6.64 -53.22 20.59
C ALA D 105 -7.68 -52.15 20.86
N PRO D 106 -7.40 -50.89 20.54
CA PRO D 106 -8.25 -49.74 20.80
C PRO D 106 -9.59 -49.70 20.10
N GLY D 107 -9.79 -50.53 19.10
CA GLY D 107 -11.07 -50.51 18.40
C GLY D 107 -11.96 -51.71 18.67
N THR D 108 -11.55 -52.62 19.56
CA THR D 108 -12.39 -53.78 19.72
C THR D 108 -13.48 -53.58 20.73
N VAL D 109 -14.49 -54.42 20.63
CA VAL D 109 -15.63 -54.45 21.52
C VAL D 109 -15.22 -54.77 22.91
N SER D 110 -14.20 -55.60 23.02
CA SER D 110 -13.65 -56.06 24.25
C SER D 110 -12.94 -54.99 25.05
N SER D 111 -12.64 -53.86 24.47
CA SER D 111 -11.99 -52.80 25.22
C SER D 111 -12.89 -52.21 26.25
N MET D 112 -12.36 -51.99 27.42
CA MET D 112 -13.09 -51.36 28.52
C MET D 112 -13.50 -49.95 28.25
N PHE D 113 -12.99 -49.37 27.18
CA PHE D 113 -13.34 -48.02 26.83
C PHE D 113 -14.22 -48.01 25.59
N SER D 114 -14.63 -49.18 25.10
CA SER D 114 -15.40 -49.34 23.88
C SER D 114 -16.82 -48.92 24.17
N PRO D 115 -17.62 -48.59 23.14
CA PRO D 115 -19.01 -48.28 23.31
C PRO D 115 -19.75 -49.39 24.01
N ALA D 116 -19.36 -50.63 23.84
CA ALA D 116 -20.02 -51.71 24.52
C ALA D 116 -19.81 -51.62 26.00
N ALA D 117 -18.65 -51.14 26.42
CA ALA D 117 -18.34 -51.01 27.82
C ALA D 117 -19.23 -49.96 28.39
N TYR D 118 -19.47 -48.92 27.59
CA TYR D 118 -20.31 -47.80 27.97
C TYR D 118 -21.73 -48.26 28.05
N LEU D 119 -22.13 -49.08 27.12
CA LEU D 119 -23.47 -49.57 27.13
C LEU D 119 -23.70 -50.41 28.35
N THR D 120 -22.74 -51.26 28.68
CA THR D 120 -22.87 -52.14 29.81
C THR D 120 -23.05 -51.33 31.07
N GLU D 121 -22.26 -50.27 31.23
CA GLU D 121 -22.39 -49.46 32.41
C GLU D 121 -23.72 -48.73 32.44
N LEU D 122 -24.16 -48.18 31.32
CA LEU D 122 -25.42 -47.47 31.36
C LEU D 122 -26.55 -48.38 31.72
N TYR D 123 -26.48 -49.58 31.19
CA TYR D 123 -27.52 -50.55 31.42
C TYR D 123 -27.55 -50.95 32.86
N ARG D 124 -26.41 -51.27 33.48
CA ARG D 124 -26.52 -51.74 34.84
C ARG D 124 -27.06 -50.66 35.76
N GLU D 125 -26.85 -49.40 35.42
CA GLU D 125 -27.35 -48.33 36.26
C GLU D 125 -28.80 -47.96 35.95
N ALA D 126 -29.17 -47.95 34.67
CA ALA D 126 -30.50 -47.54 34.24
C ALA D 126 -31.53 -48.62 34.49
N ARG D 127 -31.07 -49.85 34.48
CA ARG D 127 -31.90 -51.01 34.63
C ARG D 127 -32.82 -50.93 35.82
N ASN D 128 -32.38 -50.32 36.92
CA ASN D 128 -33.24 -50.29 38.07
C ASN D 128 -33.80 -48.92 38.45
N LEU D 129 -33.84 -47.97 37.53
CA LEU D 129 -34.44 -46.65 37.83
C LEU D 129 -35.92 -46.68 38.13
N HIS D 130 -36.64 -47.60 37.52
CA HIS D 130 -38.08 -47.69 37.75
C HIS D 130 -38.45 -49.02 38.35
N ALA D 131 -39.59 -49.05 39.01
CA ALA D 131 -40.12 -50.27 39.61
C ALA D 131 -40.39 -51.29 38.55
N SER D 132 -40.24 -52.56 38.90
CA SER D 132 -40.45 -53.67 37.97
C SER D 132 -41.88 -53.80 37.47
N ASP D 133 -42.83 -53.18 38.14
CA ASP D 133 -44.21 -53.21 37.74
C ASP D 133 -44.65 -51.89 37.13
N SER D 134 -43.69 -51.03 36.81
CA SER D 134 -43.98 -49.76 36.19
C SER D 134 -43.94 -49.83 34.69
N VAL D 135 -44.78 -49.05 34.07
CA VAL D 135 -44.84 -48.91 32.63
C VAL D 135 -43.55 -48.37 32.05
N TYR D 136 -42.76 -47.71 32.89
CA TYR D 136 -41.52 -47.15 32.41
C TYR D 136 -40.35 -48.02 32.81
N TYR D 137 -40.61 -49.22 33.27
CA TYR D 137 -39.52 -50.10 33.61
C TYR D 137 -38.75 -50.33 32.32
N LEU D 138 -37.42 -50.26 32.37
CA LEU D 138 -36.66 -50.36 31.14
C LEU D 138 -36.97 -51.59 30.32
N ASP D 139 -37.23 -52.72 30.96
CA ASP D 139 -37.46 -53.94 30.21
C ASP D 139 -38.87 -54.01 29.68
N THR D 140 -39.74 -53.13 30.15
CA THR D 140 -41.10 -53.11 29.70
C THR D 140 -41.08 -52.36 28.40
N ARG D 141 -40.35 -51.26 28.39
CA ARG D 141 -40.26 -50.46 27.19
C ARG D 141 -39.51 -51.11 26.08
N ARG D 142 -38.47 -51.83 26.44
CA ARG D 142 -37.62 -52.48 25.48
C ARG D 142 -37.18 -53.86 25.88
N PRO D 143 -38.04 -54.87 25.77
CA PRO D 143 -37.80 -56.24 26.16
C PRO D 143 -36.62 -56.88 25.45
N ASP D 144 -36.22 -56.31 24.29
CA ASP D 144 -35.11 -56.85 23.54
C ASP D 144 -33.77 -56.33 23.99
N LEU D 145 -33.74 -55.21 24.67
CA LEU D 145 -32.46 -54.59 24.95
C LEU D 145 -31.53 -55.51 25.72
N LYS D 146 -32.08 -56.20 26.67
CA LYS D 146 -31.33 -57.08 27.55
C LYS D 146 -30.65 -58.23 26.85
N SER D 147 -31.18 -58.65 25.69
CA SER D 147 -30.62 -59.79 24.99
C SER D 147 -29.61 -59.40 23.94
N MET D 148 -29.35 -58.10 23.77
CA MET D 148 -28.43 -57.72 22.75
C MET D 148 -27.09 -58.30 23.07
N ALA D 149 -26.43 -58.88 22.08
CA ALA D 149 -25.11 -59.40 22.35
C ALA D 149 -24.11 -58.33 22.08
N LEU D 150 -23.08 -58.29 22.89
CA LEU D 150 -22.06 -57.31 22.66
C LEU D 150 -21.03 -57.87 21.71
N SER D 151 -21.46 -58.14 20.51
CA SER D 151 -20.58 -58.68 19.51
C SER D 151 -19.84 -57.55 18.85
N GLN D 152 -18.78 -57.88 18.11
CA GLN D 152 -18.06 -56.86 17.38
C GLN D 152 -18.93 -56.33 16.25
N GLN D 153 -19.71 -57.22 15.66
CA GLN D 153 -20.52 -56.88 14.52
C GLN D 153 -21.61 -55.90 14.88
N ASN D 154 -22.06 -55.96 16.11
CA ASN D 154 -23.12 -55.06 16.55
C ASN D 154 -22.57 -53.64 16.74
N MET D 155 -21.24 -53.53 16.77
CA MET D 155 -20.55 -52.27 16.93
C MET D 155 -20.15 -51.68 15.58
N ASP D 156 -19.71 -52.53 14.66
CA ASP D 156 -19.22 -52.06 13.37
C ASP D 156 -20.19 -52.06 12.19
N ILE D 157 -21.19 -52.93 12.16
CA ILE D 157 -22.00 -52.90 10.97
C ILE D 157 -23.02 -51.80 11.06
N GLU D 158 -23.03 -50.92 10.08
CA GLU D 158 -23.99 -49.84 10.09
C GLU D 158 -25.29 -50.29 9.45
N LEU D 159 -26.35 -50.03 10.16
CA LEU D 159 -27.71 -50.33 9.81
C LEU D 159 -28.41 -49.03 9.70
N SER D 160 -29.48 -48.96 8.97
CA SER D 160 -30.16 -47.71 8.98
C SER D 160 -31.01 -47.56 10.21
N THR D 161 -31.29 -46.33 10.57
CA THR D 161 -32.25 -46.12 11.60
C THR D 161 -33.50 -46.45 10.85
N LEU D 162 -34.61 -46.55 11.51
CA LEU D 162 -35.85 -47.01 10.89
C LEU D 162 -35.76 -48.51 10.69
N SER D 163 -34.74 -49.04 10.01
CA SER D 163 -34.74 -50.49 9.86
C SER D 163 -34.69 -51.14 11.23
N LEU D 164 -33.99 -50.52 12.16
CA LEU D 164 -33.99 -51.05 13.51
C LEU D 164 -35.31 -50.82 14.22
N SER D 165 -35.98 -49.71 13.92
CA SER D 165 -37.24 -49.37 14.55
C SER D 165 -38.30 -50.32 14.07
N ASN D 166 -38.15 -50.73 12.83
CA ASN D 166 -39.06 -51.65 12.24
C ASN D 166 -38.82 -52.99 12.90
N GLU D 167 -37.59 -53.38 13.16
CA GLU D 167 -37.44 -54.67 13.81
C GLU D 167 -38.11 -54.66 15.17
N LEU D 168 -38.01 -53.54 15.86
CA LEU D 168 -38.60 -53.44 17.16
C LEU D 168 -40.11 -53.51 17.13
N LEU D 169 -40.72 -52.78 16.20
CA LEU D 169 -42.16 -52.80 16.10
C LEU D 169 -42.63 -54.11 15.54
N LEU D 170 -41.85 -54.69 14.65
CA LEU D 170 -42.27 -55.92 14.06
C LEU D 170 -42.31 -56.99 15.11
N GLU D 171 -41.36 -56.99 16.04
CA GLU D 171 -41.49 -58.01 17.06
C GLU D 171 -42.67 -57.66 17.95
N SER D 172 -42.83 -56.38 18.33
CA SER D 172 -43.93 -56.07 19.25
C SER D 172 -45.30 -56.33 18.64
N ILE D 173 -45.38 -56.35 17.32
CA ILE D 173 -46.60 -56.67 16.62
C ILE D 173 -46.74 -58.15 16.36
N LYS D 174 -45.67 -58.80 15.91
CA LYS D 174 -45.67 -60.23 15.59
C LYS D 174 -46.07 -61.04 16.80
N THR D 175 -45.63 -60.59 17.96
CA THR D 175 -45.96 -61.30 19.18
C THR D 175 -47.46 -61.29 19.45
N GLU D 176 -48.17 -60.23 19.04
CA GLU D 176 -49.58 -60.22 19.32
C GLU D 176 -50.15 -61.20 18.35
N SER D 177 -51.11 -61.99 18.79
CA SER D 177 -51.72 -63.01 17.93
C SER D 177 -50.71 -64.12 17.58
N LYS D 178 -49.53 -64.10 18.21
CA LYS D 178 -48.53 -65.16 18.09
C LYS D 178 -48.25 -65.56 16.65
N LEU D 179 -47.95 -64.61 15.79
CA LEU D 179 -47.70 -64.91 14.40
C LEU D 179 -46.31 -65.49 14.25
N GLU D 180 -46.17 -66.50 13.40
CA GLU D 180 -44.92 -67.21 13.19
C GLU D 180 -43.86 -66.55 12.33
N ASN D 181 -44.19 -65.47 11.65
CA ASN D 181 -43.21 -64.86 10.77
C ASN D 181 -43.49 -63.40 10.57
N TYR D 182 -42.65 -62.73 9.79
CA TYR D 182 -42.88 -61.33 9.55
C TYR D 182 -43.85 -61.13 8.42
N THR D 183 -43.92 -62.10 7.53
CA THR D 183 -44.78 -62.03 6.35
C THR D 183 -46.22 -62.22 6.76
N LYS D 184 -46.38 -62.78 7.94
CA LYS D 184 -47.66 -63.05 8.54
C LYS D 184 -48.18 -61.79 9.17
N VAL D 185 -47.33 -60.79 9.22
CA VAL D 185 -47.69 -59.52 9.76
C VAL D 185 -47.79 -58.54 8.62
N MET D 186 -46.75 -58.45 7.80
CA MET D 186 -46.75 -57.41 6.81
C MET D 186 -47.75 -57.60 5.68
N GLU D 187 -48.05 -58.84 5.35
CA GLU D 187 -48.98 -59.08 4.25
C GLU D 187 -50.36 -59.45 4.75
N MET D 188 -50.43 -60.05 5.92
CA MET D 188 -51.72 -60.54 6.38
C MET D 188 -52.43 -59.65 7.40
N LEU D 189 -51.67 -58.93 8.23
CA LEU D 189 -52.28 -58.14 9.27
C LEU D 189 -52.27 -56.67 8.94
N SER D 190 -51.14 -56.19 8.44
CA SER D 190 -50.98 -54.78 8.11
C SER D 190 -51.82 -54.38 6.90
N THR D 191 -51.94 -55.30 5.97
CA THR D 191 -52.63 -55.11 4.70
C THR D 191 -54.12 -55.17 4.82
N PHE D 192 -54.60 -56.00 5.72
CA PHE D 192 -56.01 -56.26 5.80
C PHE D 192 -56.67 -55.69 7.03
N ARG D 193 -56.06 -54.66 7.57
CA ARG D 193 -56.60 -53.96 8.70
C ARG D 193 -56.80 -52.50 8.31
N PRO D 194 -58.02 -52.10 7.88
CA PRO D 194 -58.36 -50.78 7.36
C PRO D 194 -58.38 -49.65 8.37
N SER D 195 -58.41 -49.99 9.64
CA SER D 195 -58.45 -49.05 10.75
C SER D 195 -57.19 -48.21 10.92
N GLY D 196 -57.38 -46.98 11.36
CA GLY D 196 -56.25 -46.10 11.61
C GLY D 196 -55.89 -45.48 10.29
N ALA D 197 -54.70 -44.91 10.20
CA ALA D 197 -54.35 -44.21 8.99
C ALA D 197 -54.29 -45.15 7.79
N THR D 198 -53.89 -46.42 7.95
CA THR D 198 -53.78 -47.22 6.72
C THR D 198 -53.63 -48.75 6.79
N PRO D 199 -54.28 -49.50 5.86
CA PRO D 199 -54.11 -50.92 5.60
C PRO D 199 -52.87 -51.07 4.73
N TYR D 200 -51.73 -50.87 5.32
CA TYR D 200 -50.50 -50.82 4.54
C TYR D 200 -50.14 -52.13 3.89
N HIS D 201 -49.91 -52.09 2.60
CA HIS D 201 -49.56 -53.32 1.93
C HIS D 201 -48.13 -53.26 1.47
N ASP D 202 -47.29 -54.08 2.10
CA ASP D 202 -45.88 -54.00 1.81
C ASP D 202 -45.52 -54.49 0.43
N ALA D 203 -46.00 -55.67 0.05
CA ALA D 203 -45.59 -56.17 -1.25
C ALA D 203 -46.02 -55.26 -2.37
N TYR D 204 -47.17 -54.63 -2.22
CA TYR D 204 -47.63 -53.70 -3.23
C TYR D 204 -46.63 -52.59 -3.35
N GLU D 205 -46.23 -52.03 -2.23
CA GLU D 205 -45.25 -50.97 -2.27
C GLU D 205 -43.91 -51.48 -2.77
N ASN D 206 -43.57 -52.70 -2.46
CA ASN D 206 -42.28 -53.18 -2.87
C ASN D 206 -42.20 -53.22 -4.39
N VAL D 207 -43.29 -53.67 -5.04
CA VAL D 207 -43.26 -53.74 -6.49
C VAL D 207 -43.45 -52.38 -7.10
N ARG D 208 -44.28 -51.54 -6.49
CA ARG D 208 -44.53 -50.23 -7.04
C ARG D 208 -43.25 -49.44 -7.09
N GLU D 209 -42.44 -49.52 -6.02
CA GLU D 209 -41.24 -48.74 -6.03
C GLU D 209 -40.30 -49.27 -7.11
N VAL D 210 -40.23 -50.59 -7.33
CA VAL D 210 -39.32 -51.01 -8.37
C VAL D 210 -39.76 -50.45 -9.68
N ILE D 211 -41.05 -50.46 -9.93
CA ILE D 211 -41.58 -49.96 -11.17
C ILE D 211 -41.16 -48.52 -11.40
N GLN D 212 -41.12 -47.71 -10.35
CA GLN D 212 -40.70 -46.33 -10.54
C GLN D 212 -39.16 -46.23 -10.65
N LEU D 213 -38.43 -47.17 -10.05
CA LEU D 213 -36.96 -47.19 -10.13
C LEU D 213 -36.55 -47.61 -11.53
N GLN D 214 -37.40 -48.39 -12.16
CA GLN D 214 -37.24 -48.80 -13.53
C GLN D 214 -37.89 -47.71 -14.36
N ASP D 215 -37.05 -46.77 -14.77
CA ASP D 215 -37.39 -45.53 -15.44
C ASP D 215 -38.72 -45.48 -16.23
N PRO D 216 -39.10 -46.46 -17.11
CA PRO D 216 -40.32 -46.34 -17.89
C PRO D 216 -41.60 -46.17 -17.08
N GLY D 217 -41.66 -46.58 -15.82
CA GLY D 217 -42.94 -46.32 -15.14
C GLY D 217 -44.10 -47.08 -15.79
N LEU D 218 -43.80 -48.30 -16.25
CA LEU D 218 -44.68 -49.22 -16.99
C LEU D 218 -44.92 -48.88 -18.45
N GLU D 219 -44.29 -47.83 -18.98
CA GLU D 219 -44.45 -47.53 -20.40
C GLU D 219 -43.88 -48.69 -21.21
N GLN D 220 -42.86 -49.32 -20.67
CA GLN D 220 -42.21 -50.46 -21.28
C GLN D 220 -43.13 -51.68 -21.37
N LEU D 221 -44.07 -51.87 -20.45
CA LEU D 221 -44.88 -53.06 -20.64
C LEU D 221 -45.88 -52.78 -21.73
N ASN D 222 -46.34 -51.53 -21.79
CA ASN D 222 -47.35 -51.10 -22.74
C ASN D 222 -46.77 -51.08 -24.15
N ALA D 223 -45.45 -50.86 -24.21
CA ALA D 223 -44.67 -50.86 -25.44
C ALA D 223 -44.63 -52.25 -26.04
N SER D 224 -44.95 -53.24 -25.21
CA SER D 224 -44.94 -54.64 -25.48
C SER D 224 -46.33 -55.22 -25.21
N PRO D 225 -47.32 -54.85 -26.06
CA PRO D 225 -48.75 -55.08 -25.90
C PRO D 225 -49.16 -56.54 -25.86
N ALA D 226 -48.32 -57.44 -26.39
CA ALA D 226 -48.67 -58.85 -26.38
C ALA D 226 -48.80 -59.34 -24.96
N ILE D 227 -47.98 -58.76 -24.09
CA ILE D 227 -47.91 -59.14 -22.70
C ILE D 227 -48.77 -58.20 -21.90
N ALA D 228 -48.66 -56.90 -22.15
CA ALA D 228 -49.45 -55.96 -21.38
C ALA D 228 -50.94 -56.23 -21.54
N GLY D 229 -51.35 -56.71 -22.71
CA GLY D 229 -52.74 -56.98 -23.04
C GLY D 229 -53.27 -58.22 -22.30
N LEU D 230 -52.40 -58.92 -21.60
CA LEU D 230 -52.75 -60.10 -20.83
C LEU D 230 -53.34 -59.74 -19.48
N MET D 231 -52.95 -58.59 -18.92
CA MET D 231 -53.40 -58.18 -17.59
C MET D 231 -54.43 -57.08 -17.78
N HIS D 232 -55.37 -56.91 -16.87
CA HIS D 232 -56.34 -55.86 -17.12
C HIS D 232 -55.60 -54.54 -17.12
N GLN D 233 -56.00 -53.63 -18.00
CA GLN D 233 -55.34 -52.33 -18.05
C GLN D 233 -55.46 -51.63 -16.70
N ALA D 234 -56.56 -51.86 -16.01
CA ALA D 234 -56.81 -51.28 -14.71
C ALA D 234 -55.75 -51.70 -13.72
N SER D 235 -55.19 -52.89 -13.88
CA SER D 235 -54.19 -53.31 -12.95
C SER D 235 -53.05 -52.35 -13.13
N LEU D 236 -52.67 -52.10 -14.37
CA LEU D 236 -51.55 -51.21 -14.60
C LEU D 236 -51.87 -49.81 -14.07
N LEU D 237 -53.11 -49.40 -14.22
CA LEU D 237 -53.51 -48.07 -13.79
C LEU D 237 -53.41 -47.93 -12.29
N GLY D 238 -53.65 -49.03 -11.55
CA GLY D 238 -53.62 -49.07 -10.10
C GLY D 238 -52.19 -49.00 -9.58
N ILE D 239 -51.23 -49.09 -10.47
CA ILE D 239 -49.88 -48.98 -10.01
C ILE D 239 -49.53 -47.51 -10.09
N ASN D 240 -49.90 -46.89 -11.19
CA ASN D 240 -49.61 -45.47 -11.35
C ASN D 240 -50.40 -44.65 -10.32
N ALA D 241 -51.66 -45.03 -10.12
CA ALA D 241 -52.54 -44.50 -9.10
C ALA D 241 -52.38 -45.45 -7.95
N SER D 242 -51.64 -45.10 -6.93
CA SER D 242 -51.20 -46.10 -5.97
C SER D 242 -52.27 -46.73 -5.09
N ILE D 243 -53.08 -47.61 -5.67
CA ILE D 243 -54.15 -48.20 -4.91
C ILE D 243 -53.81 -49.65 -4.57
N SER D 244 -53.56 -49.88 -3.31
CA SER D 244 -53.24 -51.22 -2.84
C SER D 244 -54.53 -52.00 -3.00
N PRO D 245 -54.51 -53.33 -3.10
CA PRO D 245 -55.73 -54.09 -3.23
C PRO D 245 -56.65 -53.94 -2.05
N GLU D 246 -56.13 -53.65 -0.87
CA GLU D 246 -57.09 -53.47 0.18
C GLU D 246 -57.77 -52.16 -0.04
N LEU D 247 -57.02 -51.15 -0.46
CA LEU D 247 -57.67 -49.88 -0.67
C LEU D 247 -58.79 -50.03 -1.71
N PHE D 248 -58.60 -50.89 -2.72
CA PHE D 248 -59.66 -51.09 -3.73
C PHE D 248 -60.90 -51.67 -3.07
N ASN D 249 -60.70 -52.53 -2.08
CA ASN D 249 -61.80 -53.23 -1.43
C ASN D 249 -62.65 -52.27 -0.59
N ILE D 250 -62.16 -51.06 -0.43
CA ILE D 250 -62.83 -50.04 0.31
C ILE D 250 -63.39 -49.02 -0.68
N LEU D 251 -62.53 -48.54 -1.57
CA LEU D 251 -62.91 -47.47 -2.47
C LEU D 251 -63.96 -47.82 -3.47
N THR D 252 -64.08 -49.08 -3.87
CA THR D 252 -65.05 -49.42 -4.88
C THR D 252 -66.40 -49.83 -4.29
N GLU D 253 -66.55 -49.83 -2.96
CA GLU D 253 -67.82 -50.22 -2.35
C GLU D 253 -68.69 -48.99 -2.11
N GLU D 254 -69.93 -49.04 -2.57
CA GLU D 254 -70.90 -47.97 -2.41
C GLU D 254 -71.24 -47.68 -0.96
N ILE D 255 -71.40 -46.41 -0.59
CA ILE D 255 -71.76 -46.17 0.78
C ILE D 255 -73.25 -46.27 0.91
N THR D 256 -73.66 -47.41 1.36
CA THR D 256 -75.06 -47.64 1.54
C THR D 256 -75.43 -46.99 2.84
N GLU D 257 -76.40 -46.08 2.81
CA GLU D 257 -76.77 -45.37 4.03
C GLU D 257 -77.34 -46.33 5.06
N GLY D 258 -78.03 -47.35 4.58
CA GLY D 258 -78.68 -48.34 5.44
C GLY D 258 -77.66 -49.21 6.17
N ASN D 259 -76.41 -49.12 5.74
CA ASN D 259 -75.32 -49.84 6.34
C ASN D 259 -74.22 -48.88 6.76
N ALA D 260 -74.48 -47.57 6.84
CA ALA D 260 -73.35 -46.68 7.10
C ALA D 260 -72.66 -47.01 8.40
N GLU D 261 -73.40 -47.42 9.39
CA GLU D 261 -72.80 -47.74 10.67
C GLU D 261 -71.97 -49.01 10.53
N GLU D 262 -72.45 -49.94 9.73
CA GLU D 262 -71.76 -51.21 9.59
C GLU D 262 -70.49 -51.02 8.79
N LEU D 263 -70.57 -50.13 7.81
CA LEU D 263 -69.45 -49.82 6.94
C LEU D 263 -68.42 -49.06 7.74
N TYR D 264 -68.91 -48.29 8.69
CA TYR D 264 -68.07 -47.59 9.58
C TYR D 264 -67.27 -48.63 10.36
N LYS D 265 -67.93 -49.64 10.92
CA LYS D 265 -67.22 -50.68 11.67
C LYS D 265 -66.23 -51.44 10.77
N LYS D 266 -66.56 -51.59 9.51
CA LYS D 266 -65.65 -52.24 8.57
C LYS D 266 -64.33 -51.48 8.48
N ASN D 267 -64.39 -50.14 8.48
CA ASN D 267 -63.22 -49.30 8.29
C ASN D 267 -62.65 -48.66 9.56
N PHE D 268 -63.42 -48.65 10.63
CA PHE D 268 -63.01 -48.05 11.88
C PHE D 268 -63.07 -49.06 12.99
N GLY D 269 -62.26 -48.87 13.98
CA GLY D 269 -62.34 -49.78 15.11
C GLY D 269 -63.47 -49.27 15.97
N ASN D 270 -63.44 -49.59 17.25
CA ASN D 270 -64.53 -49.20 18.12
C ASN D 270 -64.36 -47.76 18.58
N ILE D 271 -64.42 -46.88 17.60
CA ILE D 271 -64.19 -45.48 17.80
C ILE D 271 -65.50 -44.77 17.83
N GLU D 272 -65.82 -44.16 18.95
CA GLU D 272 -67.07 -43.44 18.96
C GLU D 272 -66.90 -42.34 17.93
N PRO D 273 -67.89 -42.05 17.05
CA PRO D 273 -67.82 -41.02 16.03
C PRO D 273 -67.52 -39.66 16.65
N ALA D 274 -67.85 -39.53 17.92
CA ALA D 274 -67.68 -38.34 18.69
C ALA D 274 -66.25 -37.85 18.70
N SER D 275 -65.28 -38.76 18.64
CA SER D 275 -63.92 -38.26 18.67
C SER D 275 -63.47 -37.84 17.28
N LEU D 276 -64.05 -38.45 16.24
CA LEU D 276 -63.70 -38.16 14.84
C LEU D 276 -64.25 -36.80 14.49
N ALA D 277 -65.29 -36.42 15.18
CA ALA D 277 -65.87 -35.12 14.98
C ALA D 277 -64.85 -34.01 15.22
N MET D 278 -63.90 -34.19 16.14
CA MET D 278 -62.95 -33.13 16.42
C MET D 278 -61.84 -33.07 15.39
N PRO D 279 -61.67 -31.97 14.65
CA PRO D 279 -60.65 -31.80 13.64
C PRO D 279 -59.27 -32.21 14.10
N GLU D 280 -58.98 -31.95 15.38
CA GLU D 280 -57.68 -32.33 15.91
C GLU D 280 -57.47 -33.82 15.90
N TYR D 281 -58.55 -34.54 16.19
CA TYR D 281 -58.49 -35.97 16.26
C TYR D 281 -58.17 -36.45 14.88
N LEU D 282 -58.84 -35.85 13.91
CA LEU D 282 -58.72 -36.22 12.51
C LEU D 282 -57.34 -35.92 12.01
N LYS D 283 -56.74 -34.84 12.52
CA LYS D 283 -55.40 -34.54 12.07
C LYS D 283 -54.54 -35.73 12.45
N ARG D 284 -54.71 -36.25 13.67
CA ARG D 284 -53.92 -37.37 14.13
C ARG D 284 -54.36 -38.68 13.50
N TYR D 285 -55.65 -38.81 13.23
CA TYR D 285 -56.17 -40.05 12.69
C TYR D 285 -55.64 -40.29 11.31
N TYR D 286 -55.62 -39.24 10.50
CA TYR D 286 -55.15 -39.37 9.14
C TYR D 286 -53.77 -38.77 8.87
N ASN D 287 -53.14 -38.12 9.86
CA ASN D 287 -51.84 -37.48 9.67
C ASN D 287 -51.89 -36.42 8.58
N LEU D 288 -52.92 -35.59 8.70
CA LEU D 288 -53.20 -34.48 7.79
C LEU D 288 -53.09 -33.14 8.46
N SER D 289 -52.86 -32.11 7.67
CA SER D 289 -52.88 -30.76 8.20
C SER D 289 -54.32 -30.30 8.38
N ASP D 290 -54.49 -29.22 9.12
CA ASP D 290 -55.81 -28.61 9.29
C ASP D 290 -56.16 -27.88 8.03
N GLU D 291 -55.13 -27.42 7.37
CA GLU D 291 -55.29 -26.70 6.12
C GLU D 291 -55.97 -27.60 5.12
N GLU D 292 -55.64 -28.90 5.15
CA GLU D 292 -56.26 -29.87 4.28
C GLU D 292 -57.65 -30.28 4.77
N LEU D 293 -57.84 -30.48 6.08
CA LEU D 293 -59.15 -30.93 6.56
C LEU D 293 -60.23 -29.91 6.27
N SER D 294 -59.85 -28.66 6.29
CA SER D 294 -60.76 -27.54 6.07
C SER D 294 -61.24 -27.46 4.64
N GLN D 295 -60.60 -28.19 3.73
CA GLN D 295 -60.98 -28.17 2.33
C GLN D 295 -62.07 -29.17 2.04
N PHE D 296 -62.32 -30.06 2.99
CA PHE D 296 -63.31 -31.09 2.71
C PHE D 296 -64.71 -30.64 3.02
N ILE D 297 -65.31 -30.05 2.01
CA ILE D 297 -66.64 -29.51 2.07
C ILE D 297 -67.39 -30.28 1.00
N GLY D 298 -68.71 -30.33 1.05
CA GLY D 298 -69.35 -31.19 0.05
C GLY D 298 -69.11 -32.63 0.48
N LYS D 299 -69.10 -32.85 1.80
CA LYS D 299 -68.87 -34.17 2.40
C LYS D 299 -70.08 -35.08 2.10
N ALA D 300 -71.14 -34.46 1.60
CA ALA D 300 -72.36 -35.08 1.14
C ALA D 300 -72.27 -34.94 -0.39
N SER D 301 -73.27 -34.38 -1.05
CA SER D 301 -73.18 -34.30 -2.51
C SER D 301 -72.66 -32.96 -3.01
N ASN D 302 -73.55 -32.00 -3.13
CA ASN D 302 -73.26 -30.63 -3.57
C ASN D 302 -72.70 -29.85 -2.40
N PHE D 303 -72.37 -28.60 -2.63
CA PHE D 303 -71.92 -27.79 -1.54
C PHE D 303 -73.14 -26.95 -1.15
N GLY D 304 -73.95 -26.64 -2.16
CA GLY D 304 -75.14 -25.79 -2.03
C GLY D 304 -76.43 -26.61 -2.13
N GLN D 305 -76.95 -26.73 -3.35
CA GLN D 305 -78.21 -27.43 -3.54
C GLN D 305 -77.95 -28.93 -3.58
N GLN D 306 -77.83 -29.46 -2.38
CA GLN D 306 -77.48 -30.85 -2.11
C GLN D 306 -78.59 -31.85 -2.42
N GLU D 307 -78.17 -33.06 -2.74
CA GLU D 307 -79.05 -34.14 -3.08
C GLU D 307 -79.84 -34.63 -1.90
N TYR D 308 -81.06 -35.05 -2.17
CA TYR D 308 -81.94 -35.61 -1.16
C TYR D 308 -82.87 -36.63 -1.77
N SER D 309 -83.46 -37.46 -0.94
CA SER D 309 -84.43 -38.44 -1.42
C SER D 309 -85.48 -38.70 -0.38
N ASN D 310 -86.72 -38.87 -0.82
CA ASN D 310 -87.83 -39.09 0.11
C ASN D 310 -87.87 -37.94 1.11
N ASN D 311 -87.61 -36.73 0.60
CA ASN D 311 -87.59 -35.48 1.37
C ASN D 311 -86.50 -35.42 2.44
N GLN D 312 -85.56 -36.35 2.39
CA GLN D 312 -84.48 -36.40 3.35
C GLN D 312 -83.17 -35.87 2.82
N LEU D 313 -82.83 -34.67 3.26
CA LEU D 313 -81.62 -34.00 2.82
C LEU D 313 -80.51 -34.15 3.83
N ILE D 314 -79.45 -34.84 3.48
CA ILE D 314 -78.39 -35.08 4.47
C ILE D 314 -77.13 -34.31 4.13
N THR D 315 -76.77 -33.36 4.99
CA THR D 315 -75.64 -32.48 4.72
C THR D 315 -74.72 -32.25 5.92
N PRO D 316 -73.44 -31.94 5.72
CA PRO D 316 -72.52 -31.47 6.73
C PRO D 316 -72.83 -30.01 7.03
N VAL D 317 -72.64 -29.58 8.26
CA VAL D 317 -72.69 -28.18 8.63
C VAL D 317 -71.51 -27.92 9.56
N VAL D 318 -70.86 -26.78 9.43
CA VAL D 318 -69.72 -26.51 10.30
C VAL D 318 -69.79 -25.23 11.08
N ASN D 319 -69.02 -25.20 12.17
CA ASN D 319 -68.83 -23.99 12.95
C ASN D 319 -67.66 -23.24 12.32
N SER D 320 -67.33 -22.06 12.85
CA SER D 320 -66.23 -21.30 12.25
C SER D 320 -64.94 -21.25 13.04
N SER D 321 -64.99 -21.52 14.32
CA SER D 321 -63.80 -21.37 15.17
C SER D 321 -62.84 -22.57 15.20
N ASP D 322 -63.30 -23.75 14.78
CA ASP D 322 -62.49 -24.93 14.80
C ASP D 322 -62.82 -25.74 13.58
N GLY D 323 -63.99 -25.47 13.07
CA GLY D 323 -64.54 -26.14 11.89
C GLY D 323 -65.20 -27.48 12.20
N THR D 324 -65.60 -27.72 13.45
CA THR D 324 -66.22 -29.01 13.77
C THR D 324 -67.44 -29.17 12.90
N VAL D 325 -67.56 -30.37 12.34
CA VAL D 325 -68.66 -30.68 11.46
C VAL D 325 -69.69 -31.55 12.14
N LYS D 326 -70.92 -31.19 11.88
CA LYS D 326 -72.08 -31.89 12.35
C LYS D 326 -72.84 -32.36 11.12
N VAL D 327 -73.47 -33.52 11.17
CA VAL D 327 -74.22 -33.89 9.97
C VAL D 327 -75.67 -33.86 10.32
N TYR D 328 -76.40 -33.12 9.52
CA TYR D 328 -77.80 -32.90 9.71
C TYR D 328 -78.64 -33.49 8.64
N ARG D 329 -79.85 -33.82 9.03
CA ARG D 329 -80.82 -34.23 8.06
C ARG D 329 -82.00 -33.31 8.14
N ILE D 330 -82.29 -32.72 7.02
CA ILE D 330 -83.36 -31.79 6.95
C ILE D 330 -84.51 -32.53 6.31
N THR D 331 -85.62 -32.62 7.02
CA THR D 331 -86.73 -33.36 6.44
C THR D 331 -87.87 -32.45 6.05
N ARG D 332 -88.31 -32.59 4.79
CA ARG D 332 -89.39 -31.77 4.23
C ARG D 332 -90.75 -32.47 4.10
N GLU D 333 -91.85 -31.77 4.40
CA GLU D 333 -93.17 -32.35 4.14
C GLU D 333 -94.10 -31.31 3.52
N TYR D 334 -94.89 -31.69 2.55
CA TYR D 334 -95.81 -30.67 2.05
C TYR D 334 -97.11 -30.74 2.77
N THR D 335 -97.61 -29.56 3.09
CA THR D 335 -98.87 -29.43 3.80
C THR D 335 -99.92 -28.83 2.87
N THR D 336 -99.44 -28.52 1.67
CA THR D 336 -100.14 -27.89 0.57
C THR D 336 -99.87 -28.62 -0.72
N ASN D 337 -100.43 -28.10 -1.80
CA ASN D 337 -100.21 -28.68 -3.10
C ASN D 337 -98.82 -28.27 -3.66
N ALA D 338 -97.94 -29.26 -3.74
CA ALA D 338 -96.54 -29.11 -4.18
C ALA D 338 -96.45 -28.91 -5.69
N TYR D 339 -97.60 -29.02 -6.35
CA TYR D 339 -97.69 -28.89 -7.77
C TYR D 339 -98.21 -27.52 -8.10
N GLN D 340 -98.28 -26.68 -7.07
CA GLN D 340 -98.52 -25.27 -7.30
C GLN D 340 -97.14 -24.68 -7.13
N MET D 341 -96.44 -25.11 -6.06
CA MET D 341 -95.08 -24.67 -5.80
C MET D 341 -94.24 -25.52 -4.81
N ASP D 342 -92.96 -25.73 -5.16
CA ASP D 342 -91.96 -26.38 -4.28
C ASP D 342 -91.07 -25.44 -3.49
N VAL D 343 -90.63 -25.92 -2.33
CA VAL D 343 -89.58 -25.26 -1.52
C VAL D 343 -88.60 -26.29 -0.99
N GLU D 344 -87.33 -25.92 -0.97
CA GLU D 344 -86.27 -26.76 -0.44
C GLU D 344 -85.42 -25.96 0.53
N LEU D 345 -84.96 -26.57 1.62
CA LEU D 345 -84.12 -25.89 2.61
C LEU D 345 -82.74 -26.53 2.70
N PHE D 346 -81.66 -25.73 2.51
CA PHE D 346 -80.30 -26.27 2.57
C PHE D 346 -79.35 -25.49 3.48
N PRO D 347 -78.76 -26.06 4.52
CA PRO D 347 -77.92 -25.36 5.46
C PRO D 347 -76.62 -24.95 4.79
N PHE D 348 -75.99 -23.90 5.31
CA PHE D 348 -74.69 -23.47 4.85
C PHE D 348 -73.87 -23.06 6.05
N GLY D 349 -74.53 -22.95 7.19
CA GLY D 349 -73.86 -22.63 8.45
C GLY D 349 -74.84 -22.83 9.60
N GLY D 350 -74.38 -22.67 10.84
CA GLY D 350 -75.33 -22.86 11.92
C GLY D 350 -76.38 -21.79 11.73
N GLU D 351 -77.67 -22.15 11.88
CA GLU D 351 -78.82 -21.27 11.74
C GLU D 351 -78.88 -20.58 10.36
N ASN D 352 -78.20 -21.12 9.38
CA ASN D 352 -78.14 -20.50 8.07
C ASN D 352 -78.40 -21.45 6.95
N TYR D 353 -79.45 -21.13 6.19
CA TYR D 353 -79.95 -21.98 5.14
C TYR D 353 -80.27 -21.28 3.84
N ARG D 354 -80.09 -21.96 2.76
CA ARG D 354 -80.51 -21.41 1.50
C ARG D 354 -81.84 -21.99 1.15
N LEU D 355 -82.74 -21.15 0.68
CA LEU D 355 -83.96 -21.73 0.17
C LEU D 355 -83.92 -21.73 -1.31
N ASP D 356 -84.37 -22.82 -1.85
CA ASP D 356 -84.55 -22.93 -3.27
C ASP D 356 -86.03 -23.08 -3.45
N TYR D 357 -86.53 -22.66 -4.58
CA TYR D 357 -87.93 -22.82 -4.86
C TYR D 357 -88.25 -22.90 -6.35
N LYS D 358 -89.40 -23.52 -6.64
CA LYS D 358 -89.86 -23.74 -8.02
C LYS D 358 -91.36 -23.70 -8.18
N PHE D 359 -91.81 -23.08 -9.26
CA PHE D 359 -93.23 -22.94 -9.48
C PHE D 359 -93.69 -23.93 -10.50
N LYS D 360 -94.89 -24.44 -10.31
CA LYS D 360 -95.50 -25.37 -11.24
C LYS D 360 -96.70 -24.71 -11.91
N ASN D 361 -97.43 -23.91 -11.14
CA ASN D 361 -98.63 -23.27 -11.63
C ASN D 361 -98.39 -21.76 -11.66
N PHE D 362 -98.36 -21.18 -12.85
CA PHE D 362 -98.06 -19.76 -12.97
C PHE D 362 -99.25 -18.86 -12.68
N TYR D 363 -99.02 -17.87 -11.85
CA TYR D 363 -99.96 -16.81 -11.53
C TYR D 363 -99.18 -15.51 -11.73
N ASN D 364 -99.82 -14.42 -12.12
CA ASN D 364 -99.00 -13.22 -12.36
C ASN D 364 -98.72 -12.39 -11.11
N ALA D 365 -97.78 -12.87 -10.32
CA ALA D 365 -97.37 -12.26 -9.07
C ALA D 365 -96.63 -10.97 -9.27
N SER D 366 -96.84 -10.06 -8.33
CA SER D 366 -96.11 -8.81 -8.31
C SER D 366 -94.82 -9.06 -7.53
N TYR D 367 -94.92 -9.97 -6.56
CA TYR D 367 -93.80 -10.42 -5.74
C TYR D 367 -94.12 -11.73 -5.02
N LEU D 368 -93.07 -12.38 -4.52
CA LEU D 368 -93.18 -13.59 -3.73
C LEU D 368 -92.82 -13.29 -2.28
N SER D 369 -93.60 -13.87 -1.37
CA SER D 369 -93.32 -13.74 0.05
C SER D 369 -93.16 -15.09 0.74
N ILE D 370 -91.94 -15.36 1.22
CA ILE D 370 -91.69 -16.63 1.91
C ILE D 370 -91.56 -16.38 3.38
N LYS D 371 -92.43 -17.03 4.17
CA LYS D 371 -92.50 -16.74 5.60
C LYS D 371 -92.53 -17.95 6.56
N LEU D 372 -92.14 -17.72 7.82
CA LEU D 372 -92.24 -18.77 8.84
C LEU D 372 -93.52 -18.71 9.62
N ASN D 373 -94.33 -19.74 9.40
CA ASN D 373 -95.67 -19.91 9.94
C ASN D 373 -96.51 -18.68 9.59
N ASP D 374 -96.23 -18.14 8.41
CA ASP D 374 -96.80 -16.95 7.82
C ASP D 374 -96.65 -15.72 8.72
N LYS D 375 -95.58 -15.67 9.54
CA LYS D 375 -95.30 -14.55 10.42
C LYS D 375 -93.96 -13.88 10.14
N ARG D 376 -92.85 -14.63 10.18
CA ARG D 376 -91.56 -13.97 9.97
C ARG D 376 -91.15 -14.05 8.51
N GLU D 377 -90.67 -12.95 7.95
CA GLU D 377 -90.23 -13.00 6.55
C GLU D 377 -88.83 -13.61 6.42
N LEU D 378 -88.70 -14.51 5.45
CA LEU D 378 -87.42 -15.11 5.11
C LEU D 378 -86.93 -14.64 3.75
N VAL D 379 -87.83 -14.62 2.75
CA VAL D 379 -87.42 -14.22 1.39
C VAL D 379 -88.34 -13.19 0.79
N ARG D 380 -87.72 -12.16 0.20
CA ARG D 380 -88.47 -11.15 -0.51
C ARG D 380 -88.01 -11.14 -1.96
N THR D 381 -88.86 -11.64 -2.87
CA THR D 381 -88.49 -11.73 -4.30
C THR D 381 -89.44 -10.89 -5.15
N GLU D 382 -88.90 -9.96 -5.92
CA GLU D 382 -89.74 -9.06 -6.73
C GLU D 382 -90.14 -9.65 -8.07
N GLY D 383 -91.31 -9.25 -8.59
CA GLY D 383 -91.77 -9.66 -9.91
C GLY D 383 -92.44 -11.01 -9.85
N ALA D 384 -92.69 -11.61 -11.02
CA ALA D 384 -93.34 -12.91 -11.06
C ALA D 384 -92.32 -14.00 -11.38
N PRO D 385 -92.00 -14.89 -10.44
CA PRO D 385 -91.10 -16.00 -10.67
C PRO D 385 -91.78 -16.90 -11.68
N GLN D 386 -91.02 -17.62 -12.49
CA GLN D 386 -91.58 -18.47 -13.50
C GLN D 386 -91.63 -19.95 -13.17
N VAL D 387 -92.50 -20.62 -13.91
CA VAL D 387 -92.72 -22.05 -13.85
C VAL D 387 -91.61 -22.88 -14.48
N ASN D 388 -91.20 -23.91 -13.73
CA ASN D 388 -90.14 -24.86 -14.01
C ASN D 388 -88.77 -24.20 -14.19
N ILE D 389 -88.57 -23.16 -13.40
CA ILE D 389 -87.36 -22.37 -13.30
C ILE D 389 -87.02 -22.35 -11.82
N GLU D 390 -85.74 -22.47 -11.48
CA GLU D 390 -85.42 -22.47 -10.06
C GLU D 390 -84.95 -21.10 -9.62
N TYR D 391 -85.33 -20.76 -8.40
CA TYR D 391 -84.97 -19.50 -7.76
C TYR D 391 -84.45 -19.73 -6.36
N SER D 392 -83.64 -18.81 -5.84
CA SER D 392 -83.15 -19.01 -4.48
C SER D 392 -82.76 -17.76 -3.68
N ALA D 393 -82.59 -17.95 -2.36
CA ALA D 393 -82.14 -16.90 -1.43
C ALA D 393 -81.51 -17.46 -0.15
N ASN D 394 -80.59 -16.69 0.45
CA ASN D 394 -79.97 -17.07 1.73
C ASN D 394 -80.68 -16.46 2.93
N ILE D 395 -81.12 -17.32 3.84
CA ILE D 395 -81.90 -16.92 5.01
C ILE D 395 -81.35 -17.39 6.35
N THR D 396 -81.82 -16.77 7.43
CA THR D 396 -81.45 -17.22 8.77
C THR D 396 -82.68 -17.79 9.49
N LEU D 397 -82.51 -19.01 10.02
CA LEU D 397 -83.52 -19.75 10.79
C LEU D 397 -82.86 -20.15 12.10
N ASN D 398 -83.33 -19.66 13.22
CA ASN D 398 -82.56 -19.93 14.43
C ASN D 398 -82.90 -21.26 15.05
N THR D 399 -82.25 -21.63 16.16
CA THR D 399 -82.55 -22.93 16.75
C THR D 399 -84.00 -23.01 17.20
N ALA D 400 -84.55 -21.87 17.61
CA ALA D 400 -85.94 -21.82 18.02
C ALA D 400 -86.85 -22.20 16.85
N ASP D 401 -86.45 -21.89 15.62
CA ASP D 401 -87.24 -22.15 14.44
C ASP D 401 -87.03 -23.55 13.87
N ILE D 402 -85.82 -24.11 14.01
CA ILE D 402 -85.50 -25.38 13.34
C ILE D 402 -85.40 -26.63 14.23
N SER D 403 -85.33 -26.46 15.55
CA SER D 403 -85.25 -27.64 16.43
C SER D 403 -86.64 -28.26 16.51
N GLN D 404 -87.62 -27.45 16.19
CA GLN D 404 -89.02 -27.77 16.15
C GLN D 404 -89.39 -27.87 14.70
N PRO D 405 -90.46 -28.56 14.32
CA PRO D 405 -90.97 -28.54 12.98
C PRO D 405 -91.54 -27.16 12.75
N PHE D 406 -91.40 -26.63 11.56
CA PHE D 406 -91.97 -25.34 11.24
C PHE D 406 -92.40 -25.30 9.80
N GLU D 407 -93.31 -24.40 9.43
CA GLU D 407 -93.66 -24.37 8.01
C GLU D 407 -93.25 -23.14 7.28
N ILE D 408 -92.74 -23.34 6.08
CA ILE D 408 -92.40 -22.20 5.27
C ILE D 408 -93.52 -21.97 4.27
N GLY D 409 -94.19 -20.83 4.44
CA GLY D 409 -95.30 -20.47 3.59
C GLY D 409 -94.70 -19.93 2.33
N LEU D 410 -95.34 -20.22 1.20
CA LEU D 410 -94.87 -19.70 -0.06
C LEU D 410 -96.00 -18.93 -0.72
N THR D 411 -95.98 -17.60 -0.64
CA THR D 411 -97.11 -16.86 -1.15
C THR D 411 -96.80 -16.08 -2.42
N ARG D 412 -97.53 -16.37 -3.48
CA ARG D 412 -97.36 -15.60 -4.69
C ARG D 412 -98.35 -14.50 -4.63
N VAL D 413 -97.86 -13.31 -4.37
CA VAL D 413 -98.73 -12.19 -4.16
C VAL D 413 -99.07 -11.60 -5.50
N LEU D 414 -100.35 -11.56 -5.80
CA LEU D 414 -100.86 -11.12 -7.07
C LEU D 414 -101.21 -9.65 -6.93
N PRO D 415 -101.41 -8.88 -8.02
CA PRO D 415 -101.77 -7.46 -8.04
C PRO D 415 -103.16 -7.16 -7.47
N SER D 416 -103.94 -8.20 -7.22
CA SER D 416 -105.27 -8.15 -6.66
C SER D 416 -105.18 -8.46 -5.16
N GLY D 417 -106.30 -8.79 -4.54
CA GLY D 417 -106.32 -9.06 -3.10
C GLY D 417 -106.09 -10.55 -2.79
N SER D 418 -105.87 -11.31 -3.85
CA SER D 418 -105.68 -12.74 -3.84
C SER D 418 -104.22 -13.14 -3.96
N TRP D 419 -103.98 -14.43 -3.74
CA TRP D 419 -102.66 -14.99 -3.87
C TRP D 419 -102.73 -16.47 -4.17
N ALA D 420 -101.63 -17.00 -4.69
CA ALA D 420 -101.49 -18.45 -4.86
C ALA D 420 -100.67 -18.93 -3.68
N TYR D 421 -100.86 -20.19 -3.24
CA TYR D 421 -100.12 -20.61 -2.05
C TYR D 421 -99.73 -22.07 -1.97
N ALA D 422 -98.53 -22.28 -1.47
CA ALA D 422 -97.99 -23.61 -1.19
C ALA D 422 -97.08 -23.50 0.05
N ALA D 423 -96.78 -24.63 0.70
CA ALA D 423 -95.89 -24.62 1.86
C ALA D 423 -95.31 -25.99 2.19
N ALA D 424 -94.13 -25.98 2.81
CA ALA D 424 -93.62 -27.25 3.35
C ALA D 424 -93.07 -27.07 4.72
N LYS D 425 -93.27 -28.11 5.51
CA LYS D 425 -92.81 -28.23 6.85
C LYS D 425 -91.40 -28.75 6.84
N PHE D 426 -90.54 -28.15 7.63
CA PHE D 426 -89.19 -28.63 7.73
C PHE D 426 -88.81 -28.87 9.17
N THR D 427 -88.01 -29.91 9.40
CA THR D 427 -87.42 -30.17 10.72
C THR D 427 -85.93 -30.43 10.56
N VAL D 428 -85.08 -29.80 11.39
CA VAL D 428 -83.65 -30.05 11.26
C VAL D 428 -83.07 -30.78 12.47
N GLU D 429 -82.47 -31.95 12.23
CA GLU D 429 -81.90 -32.75 13.31
C GLU D 429 -80.48 -33.22 13.00
N GLU D 430 -79.60 -33.17 14.00
CA GLU D 430 -78.25 -33.69 13.86
C GLU D 430 -78.23 -35.19 14.09
N TYR D 431 -77.61 -35.93 13.17
CA TYR D 431 -77.59 -37.39 13.28
C TYR D 431 -76.28 -38.12 13.34
N ASN D 432 -76.15 -38.96 14.37
CA ASN D 432 -74.97 -39.79 14.55
C ASN D 432 -74.96 -40.81 13.44
N GLN D 433 -76.16 -41.13 12.99
CA GLN D 433 -76.41 -42.03 11.90
C GLN D 433 -75.81 -41.57 10.57
N TYR D 434 -75.52 -40.27 10.39
CA TYR D 434 -74.93 -39.89 9.11
C TYR D 434 -73.49 -39.45 9.29
N SER D 435 -73.16 -39.08 10.52
CA SER D 435 -71.83 -38.60 10.87
C SER D 435 -70.84 -39.75 11.01
N PHE D 436 -70.66 -40.45 9.91
CA PHE D 436 -69.72 -41.52 9.79
C PHE D 436 -68.79 -40.96 8.77
N LEU D 437 -69.36 -40.09 7.95
CA LEU D 437 -68.57 -39.40 6.91
C LEU D 437 -67.67 -40.38 6.19
N LEU D 438 -68.22 -41.50 5.78
CA LEU D 438 -67.38 -42.50 5.16
C LEU D 438 -66.82 -42.01 3.85
N LYS D 439 -67.51 -41.04 3.24
CA LYS D 439 -67.03 -40.43 2.04
C LYS D 439 -65.73 -39.69 2.33
N LEU D 440 -65.60 -39.08 3.51
CA LEU D 440 -64.41 -38.35 3.88
C LEU D 440 -63.28 -39.35 4.02
N ASN D 441 -63.61 -40.47 4.61
CA ASN D 441 -62.60 -41.49 4.85
C ASN D 441 -61.97 -41.89 3.52
N LYS D 442 -62.83 -42.13 2.55
CA LYS D 442 -62.41 -42.54 1.24
C LYS D 442 -61.76 -41.42 0.47
N ALA D 443 -62.28 -40.20 0.60
CA ALA D 443 -61.74 -39.10 -0.16
C ALA D 443 -60.32 -38.84 0.25
N ILE D 444 -60.04 -38.95 1.56
CA ILE D 444 -58.70 -38.71 2.03
C ILE D 444 -57.76 -39.75 1.51
N ARG D 445 -58.12 -41.01 1.62
CA ARG D 445 -57.18 -42.00 1.18
C ARG D 445 -56.95 -41.97 -0.31
N LEU D 446 -57.98 -41.67 -1.07
CA LEU D 446 -57.82 -41.64 -2.50
C LEU D 446 -57.00 -40.45 -2.96
N SER D 447 -57.23 -39.26 -2.39
CA SER D 447 -56.49 -38.10 -2.88
C SER D 447 -55.02 -38.26 -2.52
N ARG D 448 -54.75 -38.98 -1.44
CA ARG D 448 -53.37 -39.16 -1.08
C ARG D 448 -52.71 -40.16 -1.99
N ALA D 449 -53.40 -41.25 -2.30
CA ALA D 449 -52.86 -42.29 -3.15
C ALA D 449 -52.55 -41.78 -4.54
N THR D 450 -53.35 -40.83 -5.00
CA THR D 450 -53.24 -40.29 -6.33
C THR D 450 -52.55 -38.92 -6.41
N GLU D 451 -52.05 -38.40 -5.29
CA GLU D 451 -51.38 -37.09 -5.24
C GLU D 451 -52.25 -35.97 -5.83
N LEU D 452 -53.51 -35.95 -5.48
CA LEU D 452 -54.41 -34.90 -5.94
C LEU D 452 -54.89 -34.03 -4.81
N SER D 453 -55.19 -32.77 -5.09
CA SER D 453 -55.83 -31.97 -4.07
C SER D 453 -57.24 -32.52 -3.99
N PRO D 454 -58.00 -32.31 -2.91
CA PRO D 454 -59.37 -32.73 -2.82
C PRO D 454 -60.25 -31.97 -3.80
N THR D 455 -59.85 -30.77 -4.23
CA THR D 455 -60.63 -30.03 -5.20
C THR D 455 -60.53 -30.70 -6.54
N ILE D 456 -59.33 -31.13 -6.93
CA ILE D 456 -59.22 -31.79 -8.21
C ILE D 456 -60.01 -33.08 -8.14
N LEU D 457 -59.83 -33.85 -7.08
CA LEU D 457 -60.54 -35.11 -7.00
C LEU D 457 -62.05 -34.91 -7.05
N GLU D 458 -62.58 -33.90 -6.35
CA GLU D 458 -64.00 -33.66 -6.42
C GLU D 458 -64.36 -33.17 -7.82
N GLY D 459 -63.44 -32.43 -8.43
CA GLY D 459 -63.55 -31.88 -9.77
C GLY D 459 -63.69 -33.01 -10.78
N ILE D 460 -63.04 -34.13 -10.49
CA ILE D 460 -63.17 -35.28 -11.34
C ILE D 460 -64.55 -35.84 -11.18
N VAL D 461 -65.01 -36.01 -9.95
CA VAL D 461 -66.31 -36.63 -9.75
C VAL D 461 -67.44 -35.80 -10.30
N ARG D 462 -67.42 -34.49 -10.06
CA ARG D 462 -68.55 -33.67 -10.49
C ARG D 462 -68.63 -33.55 -12.01
N SER D 463 -67.58 -34.00 -12.71
CA SER D 463 -67.49 -33.95 -14.14
C SER D 463 -67.85 -35.30 -14.77
N VAL D 464 -68.00 -36.35 -13.95
CA VAL D 464 -68.26 -37.67 -14.50
C VAL D 464 -69.48 -38.39 -13.93
N ASN D 465 -69.84 -38.12 -12.66
CA ASN D 465 -70.92 -38.89 -12.05
C ASN D 465 -71.57 -38.15 -10.88
N LEU D 466 -72.54 -38.78 -10.27
CA LEU D 466 -73.23 -38.23 -9.11
C LEU D 466 -72.31 -38.24 -7.90
N GLN D 467 -72.28 -37.14 -7.17
CA GLN D 467 -71.48 -37.08 -5.97
C GLN D 467 -72.02 -38.08 -4.98
N LEU D 468 -71.12 -38.71 -4.24
CA LEU D 468 -71.39 -39.82 -3.30
C LEU D 468 -71.72 -41.14 -3.99
N ASP D 469 -71.64 -41.21 -5.32
CA ASP D 469 -71.78 -42.49 -5.98
C ASP D 469 -70.36 -43.04 -6.05
N ILE D 470 -70.02 -43.91 -5.13
CA ILE D 470 -68.66 -44.39 -5.04
C ILE D 470 -68.58 -45.81 -5.48
N ASN D 471 -67.89 -46.03 -6.56
CA ASN D 471 -67.83 -47.35 -7.13
C ASN D 471 -66.61 -47.51 -8.00
N THR D 472 -66.48 -48.71 -8.57
CA THR D 472 -65.42 -49.14 -9.46
C THR D 472 -65.20 -48.26 -10.67
N ASP D 473 -66.27 -47.77 -11.27
CA ASP D 473 -66.12 -47.05 -12.51
C ASP D 473 -65.72 -45.64 -12.19
N VAL D 474 -66.17 -45.15 -11.06
CA VAL D 474 -65.81 -43.80 -10.69
C VAL D 474 -64.33 -43.81 -10.43
N LEU D 475 -63.86 -44.83 -9.70
CA LEU D 475 -62.45 -44.93 -9.43
C LEU D 475 -61.70 -45.00 -10.76
N GLY D 476 -62.23 -45.74 -11.73
CA GLY D 476 -61.60 -45.83 -13.03
C GLY D 476 -61.46 -44.46 -13.70
N LYS D 477 -62.40 -43.55 -13.46
CA LYS D 477 -62.33 -42.22 -14.08
C LYS D 477 -61.15 -41.47 -13.49
N VAL D 478 -60.90 -41.74 -12.20
CA VAL D 478 -59.83 -41.09 -11.50
C VAL D 478 -58.52 -41.59 -12.04
N PHE D 479 -58.44 -42.89 -12.25
CA PHE D 479 -57.24 -43.50 -12.77
C PHE D 479 -56.92 -42.97 -14.13
N LEU D 480 -57.94 -42.78 -14.93
CA LEU D 480 -57.75 -42.31 -16.28
C LEU D 480 -57.23 -40.86 -16.25
N THR D 481 -57.78 -40.04 -15.35
CA THR D 481 -57.31 -38.67 -15.27
C THR D 481 -55.85 -38.67 -14.81
N LYS D 482 -55.56 -39.50 -13.80
CA LYS D 482 -54.22 -39.60 -13.26
C LYS D 482 -53.26 -40.04 -14.33
N TYR D 483 -53.72 -40.97 -15.15
CA TYR D 483 -52.98 -41.52 -16.24
C TYR D 483 -52.57 -40.47 -17.26
N TYR D 484 -53.54 -39.69 -17.72
CA TYR D 484 -53.20 -38.75 -18.78
C TYR D 484 -52.27 -37.70 -18.28
N MET D 485 -52.40 -37.35 -17.02
CA MET D 485 -51.56 -36.37 -16.38
C MET D 485 -50.09 -36.84 -16.33
N GLN D 486 -49.85 -38.15 -16.43
CA GLN D 486 -48.48 -38.64 -16.39
C GLN D 486 -47.93 -38.80 -17.80
N ARG D 487 -48.81 -39.19 -18.73
CA ARG D 487 -48.42 -39.46 -20.12
C ARG D 487 -48.09 -38.17 -20.85
N TYR D 488 -48.79 -37.10 -20.50
CA TYR D 488 -48.54 -35.84 -21.16
C TYR D 488 -48.25 -34.81 -20.11
N ALA D 489 -47.42 -33.82 -20.44
CA ALA D 489 -47.13 -32.76 -19.49
C ALA D 489 -48.27 -31.74 -19.47
N ILE D 490 -49.37 -32.15 -18.90
CA ILE D 490 -50.60 -31.39 -18.87
C ILE D 490 -51.15 -31.23 -17.46
N HIS D 491 -52.00 -30.23 -17.29
CA HIS D 491 -52.69 -29.95 -16.03
C HIS D 491 -53.73 -31.03 -15.76
N ALA D 492 -53.98 -31.35 -14.49
CA ALA D 492 -54.99 -32.37 -14.18
C ALA D 492 -56.35 -32.07 -14.81
N GLU D 493 -56.72 -30.80 -14.92
CA GLU D 493 -58.00 -30.47 -15.54
C GLU D 493 -57.98 -30.80 -17.03
N THR D 494 -56.82 -30.68 -17.66
CA THR D 494 -56.65 -30.98 -19.06
C THR D 494 -56.79 -32.48 -19.24
N ALA D 495 -56.21 -33.20 -18.29
CA ALA D 495 -56.24 -34.66 -18.25
C ALA D 495 -57.69 -35.12 -18.14
N LEU D 496 -58.47 -34.36 -17.39
CA LEU D 496 -59.88 -34.64 -17.22
C LEU D 496 -60.58 -34.43 -18.55
N ILE D 497 -60.23 -33.38 -19.29
CA ILE D 497 -60.86 -33.20 -20.60
C ILE D 497 -60.60 -34.42 -21.50
N LEU D 498 -59.38 -34.98 -21.49
CA LEU D 498 -59.04 -36.15 -22.31
C LEU D 498 -59.79 -37.42 -21.88
N CYS D 499 -60.54 -37.34 -20.80
CA CYS D 499 -61.36 -38.41 -20.28
C CYS D 499 -62.78 -38.23 -20.79
N ASN D 500 -62.93 -37.37 -21.81
CA ASN D 500 -64.17 -37.01 -22.47
C ASN D 500 -65.07 -36.28 -21.51
N ALA D 501 -64.44 -35.46 -20.69
CA ALA D 501 -65.14 -34.63 -19.73
C ALA D 501 -65.67 -33.41 -20.47
N PRO D 502 -66.80 -32.83 -20.07
CA PRO D 502 -67.34 -31.61 -20.59
C PRO D 502 -66.52 -30.44 -20.11
N ILE D 503 -66.59 -29.33 -20.81
CA ILE D 503 -65.95 -28.15 -20.25
C ILE D 503 -66.80 -27.74 -19.09
N SER D 504 -66.20 -27.53 -17.93
CA SER D 504 -66.98 -27.13 -16.80
C SER D 504 -67.04 -25.64 -16.65
N GLN D 505 -68.25 -25.13 -16.65
CA GLN D 505 -68.57 -23.72 -16.49
C GLN D 505 -68.63 -23.34 -15.02
N ARG D 506 -68.50 -24.34 -14.18
CA ARG D 506 -68.63 -24.15 -12.75
C ARG D 506 -67.33 -23.73 -12.09
N SER D 507 -67.44 -22.74 -11.23
CA SER D 507 -66.31 -22.22 -10.48
C SER D 507 -66.05 -23.10 -9.27
N TYR D 508 -64.89 -22.90 -8.67
CA TYR D 508 -64.56 -23.59 -7.42
C TYR D 508 -63.54 -22.78 -6.67
N ASP D 509 -63.56 -22.81 -5.34
CA ASP D 509 -62.54 -22.15 -4.49
C ASP D 509 -62.25 -20.70 -4.91
N ASN D 510 -63.29 -19.98 -5.35
CA ASN D 510 -63.23 -18.61 -5.84
C ASN D 510 -62.28 -18.45 -7.05
N GLN D 511 -62.11 -19.53 -7.81
CA GLN D 511 -61.29 -19.58 -9.03
C GLN D 511 -62.21 -19.66 -10.24
N PRO D 512 -61.77 -19.23 -11.43
CA PRO D 512 -62.51 -19.28 -12.68
C PRO D 512 -62.71 -20.70 -13.16
N SER D 513 -63.80 -20.88 -13.90
CA SER D 513 -64.16 -22.15 -14.50
C SER D 513 -63.36 -22.40 -15.77
N GLN D 514 -63.43 -23.63 -16.31
CA GLN D 514 -62.72 -23.93 -17.55
C GLN D 514 -63.34 -23.11 -18.67
N PHE D 515 -64.65 -22.93 -18.60
CA PHE D 515 -65.35 -22.18 -19.61
C PHE D 515 -64.90 -20.75 -19.51
N ASP D 516 -64.85 -20.20 -18.31
CA ASP D 516 -64.54 -18.78 -18.18
C ASP D 516 -63.23 -18.44 -18.85
N ARG D 517 -62.25 -19.30 -18.66
CA ARG D 517 -60.90 -19.07 -19.17
C ARG D 517 -60.85 -19.12 -20.70
N LEU D 518 -61.64 -20.00 -21.28
CA LEU D 518 -61.62 -20.16 -22.72
C LEU D 518 -62.51 -19.22 -23.49
N PHE D 519 -63.67 -18.89 -22.93
CA PHE D 519 -64.62 -18.12 -23.70
C PHE D 519 -64.90 -16.68 -23.26
N ASN D 520 -64.82 -16.35 -21.97
CA ASN D 520 -65.17 -14.97 -21.62
C ASN D 520 -63.97 -14.19 -21.12
N THR D 521 -62.96 -14.87 -20.62
CA THR D 521 -61.77 -14.18 -20.24
C THR D 521 -61.33 -13.40 -21.47
N PRO D 522 -61.30 -14.01 -22.69
CA PRO D 522 -61.03 -13.31 -23.93
C PRO D 522 -62.29 -12.60 -24.43
N LEU D 523 -62.78 -11.62 -23.68
CA LEU D 523 -63.97 -10.88 -24.11
C LEU D 523 -63.67 -10.16 -25.38
N LEU D 524 -64.60 -10.16 -26.32
CA LEU D 524 -64.40 -9.43 -27.56
C LEU D 524 -65.60 -8.58 -27.85
N ASN D 525 -65.79 -7.56 -27.03
CA ASN D 525 -66.98 -6.71 -27.06
C ASN D 525 -68.23 -7.55 -26.86
N GLY D 526 -68.14 -8.53 -25.98
CA GLY D 526 -69.26 -9.38 -25.67
C GLY D 526 -68.81 -10.73 -25.12
N GLN D 527 -69.80 -11.53 -24.74
CA GLN D 527 -69.62 -12.85 -24.15
C GLN D 527 -70.35 -13.96 -24.88
N TYR D 528 -69.80 -15.15 -24.74
CA TYR D 528 -70.34 -16.39 -25.29
C TYR D 528 -70.82 -17.28 -24.15
N PHE D 529 -72.04 -17.80 -24.25
CA PHE D 529 -72.59 -18.57 -23.14
C PHE D 529 -72.82 -20.07 -23.27
N SER D 530 -72.67 -20.64 -24.45
CA SER D 530 -72.98 -22.08 -24.63
C SER D 530 -74.36 -22.50 -24.10
N THR D 531 -75.38 -21.69 -24.35
CA THR D 531 -76.76 -21.94 -23.91
C THR D 531 -77.75 -22.45 -24.96
N GLY D 532 -77.23 -22.80 -26.14
CA GLY D 532 -78.04 -23.35 -27.24
C GLY D 532 -78.68 -22.38 -28.24
N ASP D 533 -78.74 -21.09 -27.91
CA ASP D 533 -79.40 -20.08 -28.76
C ASP D 533 -78.49 -19.25 -29.66
N GLU D 534 -77.25 -19.06 -29.23
CA GLU D 534 -76.28 -18.23 -29.94
C GLU D 534 -75.71 -19.05 -31.06
N GLU D 535 -76.43 -19.12 -32.17
CA GLU D 535 -75.94 -19.93 -33.27
C GLU D 535 -74.91 -19.13 -34.04
N ILE D 536 -73.71 -19.68 -34.11
CA ILE D 536 -72.56 -19.08 -34.73
C ILE D 536 -72.09 -19.96 -35.88
N ASP D 537 -71.88 -19.39 -37.05
CA ASP D 537 -71.42 -20.16 -38.22
C ASP D 537 -69.90 -20.41 -38.21
N LEU D 538 -69.54 -21.70 -38.08
CA LEU D 538 -68.17 -22.18 -37.99
C LEU D 538 -67.67 -22.90 -39.24
N ASN D 539 -68.32 -22.70 -40.38
CA ASN D 539 -67.85 -23.35 -41.59
C ASN D 539 -66.51 -22.80 -42.05
N SER D 540 -65.71 -23.61 -42.72
CA SER D 540 -64.43 -23.13 -43.22
C SER D 540 -64.61 -21.98 -44.20
N GLY D 541 -65.76 -21.97 -44.88
CA GLY D 541 -66.10 -20.94 -45.83
C GLY D 541 -66.94 -19.80 -45.26
N SER D 542 -67.15 -19.72 -43.93
CA SER D 542 -68.03 -18.67 -43.41
C SER D 542 -67.65 -18.10 -42.04
N THR D 543 -67.73 -16.78 -41.94
CA THR D 543 -67.44 -16.01 -40.73
C THR D 543 -68.64 -15.90 -39.82
N GLY D 544 -68.41 -15.45 -38.59
CA GLY D 544 -69.49 -15.24 -37.62
C GLY D 544 -69.44 -13.84 -36.99
N ASP D 545 -69.94 -13.75 -35.76
CA ASP D 545 -70.06 -12.55 -34.94
C ASP D 545 -68.87 -12.54 -33.97
N TRP D 546 -68.91 -11.67 -32.95
CA TRP D 546 -67.79 -11.63 -32.03
C TRP D 546 -67.66 -12.91 -31.20
N ARG D 547 -68.71 -13.73 -31.18
CA ARG D 547 -68.69 -14.94 -30.39
C ARG D 547 -67.87 -15.92 -31.18
N LYS D 548 -67.90 -15.74 -32.51
CA LYS D 548 -67.08 -16.56 -33.36
C LYS D 548 -65.64 -16.19 -33.14
N THR D 549 -65.38 -14.91 -32.96
CA THR D 549 -64.01 -14.51 -32.72
C THR D 549 -63.58 -15.02 -31.35
N ILE D 550 -64.53 -15.13 -30.42
CA ILE D 550 -64.23 -15.73 -29.13
C ILE D 550 -63.88 -17.18 -29.33
N LEU D 551 -64.66 -17.91 -30.14
CA LEU D 551 -64.38 -19.31 -30.30
C LEU D 551 -62.99 -19.46 -30.88
N LYS D 552 -62.61 -18.60 -31.80
CA LYS D 552 -61.27 -18.70 -32.34
C LYS D 552 -60.25 -18.57 -31.22
N ARG D 553 -60.51 -17.72 -30.21
CA ARG D 553 -59.60 -17.53 -29.08
C ARG D 553 -59.63 -18.71 -28.11
N ALA D 554 -60.79 -19.37 -28.00
CA ALA D 554 -60.97 -20.53 -27.12
C ALA D 554 -60.13 -21.67 -27.66
N PHE D 555 -60.06 -21.74 -28.98
CA PHE D 555 -59.35 -22.82 -29.62
C PHE D 555 -57.97 -22.38 -30.18
N ASN D 556 -57.74 -21.06 -30.31
CA ASN D 556 -56.55 -20.40 -30.86
C ASN D 556 -56.26 -20.81 -32.30
N ILE D 557 -57.33 -20.96 -33.07
CA ILE D 557 -57.26 -21.34 -34.49
C ILE D 557 -58.21 -20.50 -35.38
N ASP D 558 -57.95 -20.41 -36.69
CA ASP D 558 -58.82 -19.61 -37.58
C ASP D 558 -60.08 -20.35 -38.07
N ASP D 559 -60.90 -19.70 -38.93
CA ASP D 559 -62.16 -20.30 -39.37
C ASP D 559 -62.02 -21.61 -40.10
N VAL D 560 -60.98 -21.71 -40.90
CA VAL D 560 -60.82 -22.92 -41.66
C VAL D 560 -60.43 -24.03 -40.74
N SER D 561 -59.47 -23.75 -39.86
CA SER D 561 -59.01 -24.74 -38.95
C SER D 561 -60.05 -25.10 -37.88
N LEU D 562 -60.93 -24.16 -37.52
CA LEU D 562 -61.99 -24.42 -36.56
C LEU D 562 -62.98 -25.34 -37.19
N PHE D 563 -63.28 -25.13 -38.46
CA PHE D 563 -64.12 -26.05 -39.16
C PHE D 563 -63.47 -27.41 -39.18
N ARG D 564 -62.17 -27.49 -39.46
CA ARG D 564 -61.55 -28.78 -39.52
C ARG D 564 -61.77 -29.47 -38.18
N LEU D 565 -61.68 -28.75 -37.05
CA LEU D 565 -61.97 -29.46 -35.81
C LEU D 565 -63.41 -29.91 -35.79
N LEU D 566 -64.34 -29.08 -36.27
CA LEU D 566 -65.75 -29.41 -36.21
C LEU D 566 -66.03 -30.67 -37.00
N LYS D 567 -65.36 -30.81 -38.14
CA LYS D 567 -65.47 -31.96 -39.04
C LYS D 567 -64.88 -33.19 -38.38
N ILE D 568 -63.72 -33.03 -37.76
CA ILE D 568 -63.05 -34.15 -37.10
C ILE D 568 -63.91 -34.68 -35.97
N THR D 569 -64.48 -33.79 -35.18
CA THR D 569 -65.28 -34.21 -34.07
C THR D 569 -66.69 -34.62 -34.50
N ASP D 570 -67.14 -34.10 -35.64
CA ASP D 570 -68.41 -34.43 -36.23
C ASP D 570 -68.33 -34.37 -37.75
N HIS D 571 -68.30 -35.53 -38.40
CA HIS D 571 -68.12 -35.55 -39.85
C HIS D 571 -69.44 -35.51 -40.58
N ASP D 572 -70.55 -35.47 -39.85
CA ASP D 572 -71.86 -35.39 -40.48
C ASP D 572 -72.12 -33.91 -40.61
N ASN D 573 -71.57 -33.19 -39.67
CA ASN D 573 -71.69 -31.75 -39.61
C ASN D 573 -70.66 -31.09 -40.50
N LYS D 574 -70.92 -31.12 -41.79
CA LYS D 574 -70.01 -30.54 -42.79
C LYS D 574 -70.37 -29.06 -42.99
N ASP D 575 -71.42 -28.69 -42.27
CA ASP D 575 -72.07 -27.40 -42.17
C ASP D 575 -71.36 -26.54 -41.13
N GLY D 576 -71.83 -25.35 -40.94
CA GLY D 576 -71.23 -24.42 -40.00
C GLY D 576 -71.90 -24.45 -38.64
N LYS D 577 -72.82 -25.37 -38.43
CA LYS D 577 -73.59 -25.40 -37.19
C LYS D 577 -72.76 -25.70 -35.96
N ILE D 578 -73.05 -24.96 -34.90
CA ILE D 578 -72.45 -25.11 -33.57
C ILE D 578 -73.54 -25.63 -32.64
N LYS D 579 -73.20 -26.59 -31.79
CA LYS D 579 -74.22 -27.14 -30.89
C LYS D 579 -74.38 -26.32 -29.61
N ASN D 580 -73.49 -25.37 -29.39
CA ASN D 580 -73.58 -24.44 -28.27
C ASN D 580 -73.81 -25.02 -26.92
N ASN D 581 -73.01 -25.99 -26.55
CA ASN D 581 -73.10 -26.61 -25.26
C ASN D 581 -71.67 -27.00 -24.89
N LEU D 582 -71.46 -27.50 -23.68
CA LEU D 582 -70.11 -27.78 -23.20
C LEU D 582 -69.63 -29.18 -23.53
N LYS D 583 -70.48 -29.93 -24.17
CA LYS D 583 -70.18 -31.31 -24.56
C LYS D 583 -69.48 -31.26 -25.91
N ASN D 584 -70.03 -30.47 -26.82
CA ASN D 584 -69.46 -30.39 -28.13
C ASN D 584 -68.31 -29.40 -28.14
N LEU D 585 -68.39 -28.32 -27.35
CA LEU D 585 -67.23 -27.44 -27.32
C LEU D 585 -66.07 -28.19 -26.74
N SER D 586 -66.35 -29.11 -25.81
CA SER D 586 -65.30 -29.91 -25.24
C SER D 586 -64.72 -30.75 -26.33
N ASN D 587 -65.54 -31.39 -27.15
CA ASN D 587 -65.01 -32.25 -28.19
C ASN D 587 -64.14 -31.48 -29.17
N LEU D 588 -64.49 -30.21 -29.42
CA LEU D 588 -63.65 -29.39 -30.28
C LEU D 588 -62.34 -29.13 -29.56
N TYR D 589 -62.43 -28.82 -28.28
CA TYR D 589 -61.28 -28.53 -27.47
C TYR D 589 -60.37 -29.73 -27.47
N ILE D 590 -60.98 -30.91 -27.37
CA ILE D 590 -60.24 -32.14 -27.38
C ILE D 590 -59.54 -32.23 -28.71
N GLY D 591 -60.20 -31.98 -29.84
CA GLY D 591 -59.48 -32.11 -31.08
C GLY D 591 -58.22 -31.23 -31.07
N LYS D 592 -58.34 -30.03 -30.51
CA LYS D 592 -57.20 -29.13 -30.42
C LYS D 592 -56.17 -29.73 -29.48
N LEU D 593 -56.64 -30.24 -28.36
CA LEU D 593 -55.78 -30.79 -27.36
C LEU D 593 -55.01 -31.95 -27.92
N LEU D 594 -55.64 -32.78 -28.75
CA LEU D 594 -54.93 -33.88 -29.33
C LEU D 594 -53.78 -33.31 -30.16
N ALA D 595 -54.02 -32.21 -30.89
CA ALA D 595 -52.91 -31.58 -31.60
C ALA D 595 -51.82 -31.05 -30.66
N ASP D 596 -52.21 -30.56 -29.48
CA ASP D 596 -51.25 -29.99 -28.51
C ASP D 596 -50.44 -31.02 -27.72
N ILE D 597 -51.06 -32.15 -27.38
CA ILE D 597 -50.39 -33.19 -26.61
C ILE D 597 -49.42 -33.95 -27.51
N HIS D 598 -49.78 -34.04 -28.79
CA HIS D 598 -48.96 -34.63 -29.82
C HIS D 598 -48.41 -33.39 -30.45
N GLN D 599 -47.52 -33.47 -31.42
CA GLN D 599 -47.07 -32.21 -32.02
C GLN D 599 -47.64 -32.06 -33.42
N LEU D 600 -48.89 -31.63 -33.50
CA LEU D 600 -49.61 -31.59 -34.78
C LEU D 600 -50.19 -30.22 -35.09
N THR D 601 -50.37 -29.94 -36.37
CA THR D 601 -51.11 -28.74 -36.77
C THR D 601 -52.54 -29.20 -36.98
N ILE D 602 -53.45 -28.27 -37.22
CA ILE D 602 -54.81 -28.72 -37.41
C ILE D 602 -54.94 -29.48 -38.72
N ASP D 603 -54.29 -29.03 -39.81
CA ASP D 603 -54.46 -29.79 -41.04
C ASP D 603 -53.82 -31.18 -40.90
N GLU D 604 -52.86 -31.33 -40.00
CA GLU D 604 -52.30 -32.63 -39.73
C GLU D 604 -53.34 -33.51 -39.05
N LEU D 605 -54.23 -32.91 -38.25
CA LEU D 605 -55.26 -33.70 -37.62
C LEU D 605 -56.17 -34.25 -38.72
N ASP D 606 -56.43 -33.44 -39.76
CA ASP D 606 -57.24 -33.99 -40.87
C ASP D 606 -56.48 -35.08 -41.60
N LEU D 607 -55.16 -34.97 -41.70
CA LEU D 607 -54.40 -35.98 -42.43
C LEU D 607 -54.51 -37.32 -41.72
N LEU D 608 -54.62 -37.29 -40.40
CA LEU D 608 -54.70 -38.49 -39.57
C LEU D 608 -56.02 -39.24 -39.80
N LEU D 609 -56.98 -38.59 -40.47
CA LEU D 609 -58.24 -39.23 -40.74
C LEU D 609 -57.97 -40.40 -41.70
N ILE D 610 -56.92 -40.27 -42.52
CA ILE D 610 -56.49 -41.30 -43.46
C ILE D 610 -55.21 -41.96 -43.00
N ALA D 611 -54.23 -41.16 -42.56
CA ALA D 611 -52.91 -41.68 -42.19
C ALA D 611 -53.00 -42.71 -41.09
N VAL D 612 -53.92 -42.47 -40.16
CA VAL D 612 -54.19 -43.31 -39.03
C VAL D 612 -55.49 -44.05 -39.27
N GLY D 613 -56.47 -43.35 -39.80
CA GLY D 613 -57.76 -43.96 -40.06
C GLY D 613 -58.81 -43.45 -39.12
N GLU D 614 -58.66 -42.20 -38.70
CA GLU D 614 -59.58 -41.55 -37.77
C GLU D 614 -60.80 -40.94 -38.49
N GLY D 615 -60.87 -41.08 -39.81
CA GLY D 615 -61.92 -40.53 -40.62
C GLY D 615 -63.23 -41.09 -40.23
N LYS D 616 -64.23 -40.23 -40.24
CA LYS D 616 -65.61 -40.55 -39.90
C LYS D 616 -65.78 -41.06 -38.48
N THR D 617 -64.77 -40.93 -37.64
CA THR D 617 -64.91 -41.30 -36.24
C THR D 617 -65.22 -40.02 -35.54
N ASN D 618 -66.38 -39.97 -34.93
CA ASN D 618 -66.81 -38.74 -34.30
C ASN D 618 -66.53 -38.70 -32.80
N LEU D 619 -66.42 -37.48 -32.26
CA LEU D 619 -66.31 -37.26 -30.82
C LEU D 619 -67.64 -36.80 -30.28
N SER D 620 -68.55 -36.40 -31.18
CA SER D 620 -69.87 -35.89 -30.80
C SER D 620 -70.67 -36.93 -30.02
N ALA D 621 -70.38 -38.20 -30.26
CA ALA D 621 -71.02 -39.28 -29.55
C ALA D 621 -70.01 -40.34 -29.17
N ILE D 622 -68.88 -39.94 -28.59
CA ILE D 622 -67.87 -40.93 -28.26
C ILE D 622 -67.84 -41.20 -26.75
N SER D 623 -67.73 -42.48 -26.37
CA SER D 623 -67.64 -42.80 -24.95
C SER D 623 -66.22 -42.47 -24.51
N ASP D 624 -65.96 -42.42 -23.21
CA ASP D 624 -64.59 -42.12 -22.83
C ASP D 624 -63.71 -43.32 -23.11
N LYS D 625 -64.29 -44.50 -23.00
CA LYS D 625 -63.57 -45.72 -23.30
C LYS D 625 -63.01 -45.64 -24.70
N GLN D 626 -63.88 -45.21 -25.63
CA GLN D 626 -63.51 -45.05 -27.01
C GLN D 626 -62.54 -43.90 -27.22
N LEU D 627 -62.72 -42.80 -26.51
CA LEU D 627 -61.83 -41.69 -26.72
C LEU D 627 -60.43 -42.05 -26.29
N ALA D 628 -60.33 -42.73 -25.16
CA ALA D 628 -59.08 -43.14 -24.59
C ALA D 628 -58.40 -44.11 -25.52
N THR D 629 -59.21 -44.93 -26.16
CA THR D 629 -58.68 -45.88 -27.10
C THR D 629 -58.08 -45.12 -28.27
N LEU D 630 -58.78 -44.08 -28.74
CA LEU D 630 -58.27 -43.30 -29.85
C LEU D 630 -57.02 -42.55 -29.44
N ILE D 631 -56.96 -42.08 -28.20
CA ILE D 631 -55.79 -41.36 -27.76
C ILE D 631 -54.60 -42.28 -27.77
N ARG D 632 -54.76 -43.50 -27.27
CA ARG D 632 -53.64 -44.43 -27.26
C ARG D 632 -53.21 -44.77 -28.68
N LYS D 633 -54.17 -44.92 -29.60
CA LYS D 633 -53.83 -45.22 -30.98
C LYS D 633 -53.04 -44.05 -31.54
N LEU D 634 -53.47 -42.83 -31.24
CA LEU D 634 -52.77 -41.67 -31.72
C LEU D 634 -51.42 -41.55 -31.10
N ASN D 635 -51.29 -41.87 -29.81
CA ASN D 635 -50.01 -41.77 -29.14
C ASN D 635 -49.05 -42.74 -29.75
N THR D 636 -49.58 -43.89 -30.13
CA THR D 636 -48.78 -44.92 -30.72
C THR D 636 -48.25 -44.36 -32.01
N ILE D 637 -49.11 -43.72 -32.80
CA ILE D 637 -48.72 -43.17 -34.07
C ILE D 637 -47.81 -41.96 -33.97
N THR D 638 -48.11 -41.03 -33.09
CA THR D 638 -47.28 -39.87 -33.06
C THR D 638 -45.93 -40.19 -32.49
N SER D 639 -45.86 -41.08 -31.50
CA SER D 639 -44.56 -41.43 -30.97
C SER D 639 -43.82 -42.28 -32.00
N TRP D 640 -44.58 -43.00 -32.82
CA TRP D 640 -44.04 -43.79 -33.91
C TRP D 640 -43.40 -42.88 -34.92
N LEU D 641 -44.07 -41.81 -35.29
CA LEU D 641 -43.52 -40.88 -36.26
C LEU D 641 -42.27 -40.21 -35.73
N HIS D 642 -42.28 -39.93 -34.43
CA HIS D 642 -41.15 -39.25 -33.79
C HIS D 642 -39.94 -40.17 -33.80
N THR D 643 -40.22 -41.46 -33.61
CA THR D 643 -39.25 -42.55 -33.59
C THR D 643 -38.67 -42.75 -34.98
N GLN D 644 -39.58 -42.75 -35.98
CA GLN D 644 -39.29 -43.02 -37.37
C GLN D 644 -38.85 -41.83 -38.21
N LYS D 645 -39.00 -40.62 -37.71
CA LYS D 645 -38.64 -39.41 -38.44
C LYS D 645 -39.48 -39.30 -39.69
N TRP D 646 -40.76 -39.67 -39.55
CA TRP D 646 -41.69 -39.58 -40.67
C TRP D 646 -42.66 -38.44 -40.39
N SER D 647 -43.04 -37.68 -41.40
CA SER D 647 -44.05 -36.67 -41.20
C SER D 647 -45.42 -37.31 -41.22
N VAL D 648 -46.44 -36.56 -40.78
CA VAL D 648 -47.82 -37.04 -40.83
C VAL D 648 -48.24 -37.25 -42.27
N PHE D 649 -47.82 -36.33 -43.14
CA PHE D 649 -48.14 -36.44 -44.54
C PHE D 649 -47.51 -37.69 -45.10
N GLN D 650 -46.26 -37.96 -44.77
CA GLN D 650 -45.72 -39.18 -45.32
C GLN D 650 -46.58 -40.36 -44.90
N LEU D 651 -47.07 -40.39 -43.63
CA LEU D 651 -47.90 -41.51 -43.18
C LEU D 651 -49.20 -41.54 -43.97
N PHE D 652 -49.77 -40.37 -44.27
CA PHE D 652 -51.00 -40.21 -45.05
C PHE D 652 -50.83 -41.01 -46.32
N ILE D 653 -49.67 -40.90 -46.90
CA ILE D 653 -49.34 -41.63 -48.09
C ILE D 653 -48.93 -43.10 -47.81
N MET D 654 -48.11 -43.38 -46.76
CA MET D 654 -47.58 -44.73 -46.52
C MET D 654 -48.65 -45.75 -46.24
N THR D 655 -49.72 -45.34 -45.59
CA THR D 655 -50.81 -46.23 -45.22
C THR D 655 -52.01 -46.11 -46.15
N SER D 656 -51.91 -45.30 -47.20
CA SER D 656 -53.05 -45.13 -48.06
C SER D 656 -53.48 -46.40 -48.76
N THR D 657 -54.79 -46.60 -48.79
CA THR D 657 -55.44 -47.72 -49.46
C THR D 657 -56.34 -47.18 -50.55
N SER D 658 -56.08 -45.92 -50.92
CA SER D 658 -56.88 -45.20 -51.91
C SER D 658 -56.68 -45.62 -53.37
N TYR D 659 -55.56 -46.28 -53.70
CA TYR D 659 -55.24 -46.70 -55.07
C TYR D 659 -55.77 -45.69 -56.10
N ASN D 660 -55.24 -44.47 -56.02
CA ASN D 660 -55.70 -43.38 -56.86
C ASN D 660 -55.12 -43.47 -58.25
N LYS D 661 -55.54 -42.53 -59.10
CA LYS D 661 -55.08 -42.46 -60.47
C LYS D 661 -54.82 -41.01 -60.84
N THR D 662 -54.05 -40.84 -61.89
CA THR D 662 -53.69 -39.56 -62.46
C THR D 662 -53.37 -39.66 -63.94
N LEU D 663 -53.53 -38.54 -64.63
CA LEU D 663 -53.10 -38.43 -66.02
C LEU D 663 -51.75 -37.75 -66.12
N THR D 664 -51.20 -37.36 -64.97
CA THR D 664 -49.95 -36.65 -64.95
C THR D 664 -48.75 -37.61 -65.02
N PRO D 665 -47.56 -37.11 -65.49
CA PRO D 665 -46.27 -37.77 -65.62
C PRO D 665 -45.77 -38.43 -64.34
N GLU D 666 -46.16 -37.90 -63.18
CA GLU D 666 -45.74 -38.46 -61.90
C GLU D 666 -45.93 -39.96 -61.87
N ILE D 667 -47.05 -40.43 -62.40
CA ILE D 667 -47.29 -41.85 -62.46
C ILE D 667 -47.21 -42.29 -63.91
N LYS D 668 -47.71 -41.49 -64.86
CA LYS D 668 -47.75 -41.97 -66.24
C LYS D 668 -46.39 -42.32 -66.86
N ASN D 669 -45.31 -41.69 -66.45
CA ASN D 669 -44.01 -42.01 -67.06
C ASN D 669 -43.54 -43.41 -66.66
N LEU D 670 -44.16 -43.97 -65.62
CA LEU D 670 -43.77 -45.25 -65.10
C LEU D 670 -44.32 -46.31 -66.06
N LEU D 671 -45.34 -45.92 -66.84
CA LEU D 671 -45.99 -46.81 -67.77
C LEU D 671 -45.16 -46.87 -69.02
N ASP D 672 -44.55 -45.73 -69.40
CA ASP D 672 -43.68 -45.73 -70.58
C ASP D 672 -42.50 -46.65 -70.32
N THR D 673 -42.04 -46.64 -69.08
CA THR D 673 -40.89 -47.46 -68.73
C THR D 673 -41.18 -48.95 -68.90
N VAL D 674 -42.35 -49.40 -68.41
CA VAL D 674 -42.70 -50.82 -68.53
C VAL D 674 -43.12 -51.15 -69.95
N TYR D 675 -43.93 -50.29 -70.54
CA TYR D 675 -44.37 -50.46 -71.92
C TYR D 675 -43.21 -50.65 -72.84
N HIS D 676 -42.23 -49.78 -72.74
CA HIS D 676 -41.08 -49.88 -73.58
C HIS D 676 -40.33 -51.16 -73.26
N GLY D 677 -39.98 -51.36 -71.99
CA GLY D 677 -39.17 -52.50 -71.60
C GLY D 677 -39.75 -53.85 -72.01
N LEU D 678 -41.07 -53.98 -71.96
CA LEU D 678 -41.70 -55.22 -72.35
C LEU D 678 -42.44 -55.17 -73.69
N GLN D 679 -42.21 -54.14 -74.51
CA GLN D 679 -42.89 -54.18 -75.81
C GLN D 679 -42.28 -55.34 -76.55
N GLY D 680 -40.98 -55.54 -76.36
CA GLY D 680 -40.27 -56.63 -77.02
C GLY D 680 -40.38 -57.91 -76.19
N PHE D 681 -41.61 -58.25 -75.82
CA PHE D 681 -41.84 -59.40 -74.95
C PHE D 681 -43.18 -60.12 -75.15
N ASP D 682 -43.14 -61.46 -75.16
CA ASP D 682 -44.34 -62.27 -75.29
C ASP D 682 -44.92 -62.74 -73.95
N LYS D 683 -46.03 -62.13 -73.58
CA LYS D 683 -46.76 -62.38 -72.34
C LYS D 683 -47.07 -63.84 -72.13
N ASP D 684 -47.39 -64.58 -73.20
CA ASP D 684 -47.83 -65.96 -73.04
C ASP D 684 -46.66 -66.94 -73.07
N LYS D 685 -45.43 -66.42 -73.23
CA LYS D 685 -44.25 -67.26 -73.30
C LYS D 685 -43.51 -67.29 -71.96
N ALA D 686 -43.49 -66.15 -71.26
CA ALA D 686 -42.76 -66.12 -69.99
C ALA D 686 -43.49 -65.27 -68.97
N ASP D 687 -43.25 -65.57 -67.68
CA ASP D 687 -43.89 -64.88 -66.57
C ASP D 687 -43.52 -63.40 -66.47
N LEU D 688 -44.55 -62.56 -66.54
CA LEU D 688 -44.41 -61.11 -66.47
C LEU D 688 -43.81 -60.71 -65.15
N LEU D 689 -44.13 -61.42 -64.10
CA LEU D 689 -43.62 -61.00 -62.82
C LEU D 689 -42.09 -61.08 -62.76
N HIS D 690 -41.47 -61.97 -63.54
CA HIS D 690 -40.03 -62.07 -63.50
C HIS D 690 -39.38 -61.06 -64.44
N VAL D 691 -39.96 -60.91 -65.63
CA VAL D 691 -39.36 -60.04 -66.66
C VAL D 691 -39.66 -58.57 -66.47
N MET D 692 -40.81 -58.27 -65.87
CA MET D 692 -41.27 -56.93 -65.63
C MET D 692 -40.50 -56.26 -64.52
N ALA D 693 -40.01 -57.03 -63.57
CA ALA D 693 -39.35 -56.48 -62.39
C ALA D 693 -38.32 -55.37 -62.71
N PRO D 694 -37.38 -55.46 -63.67
CA PRO D 694 -36.36 -54.45 -63.97
C PRO D 694 -36.96 -53.10 -64.41
N TYR D 695 -38.23 -53.11 -64.80
CA TYR D 695 -38.88 -51.92 -65.30
C TYR D 695 -39.85 -51.37 -64.27
N ILE D 696 -39.85 -52.01 -63.12
CA ILE D 696 -40.57 -51.63 -61.93
C ILE D 696 -39.49 -51.05 -61.03
N ALA D 697 -38.34 -51.68 -61.01
CA ALA D 697 -37.23 -51.22 -60.19
C ALA D 697 -36.94 -49.74 -60.46
N ALA D 698 -37.14 -49.33 -61.72
CA ALA D 698 -36.96 -47.99 -62.28
C ALA D 698 -38.18 -47.06 -62.09
N THR D 699 -39.26 -47.56 -61.47
CA THR D 699 -40.50 -46.81 -61.21
C THR D 699 -40.51 -46.65 -59.72
N LEU D 700 -39.79 -47.57 -59.11
CA LEU D 700 -39.58 -47.63 -57.69
C LEU D 700 -38.36 -46.80 -57.39
N GLN D 701 -38.11 -46.50 -56.14
CA GLN D 701 -36.98 -45.67 -55.79
C GLN D 701 -35.63 -46.43 -55.82
N LEU D 702 -35.21 -46.75 -57.05
CA LEU D 702 -33.95 -47.43 -57.38
C LEU D 702 -33.79 -48.77 -56.69
N SER D 703 -34.87 -49.56 -56.64
CA SER D 703 -34.77 -50.84 -55.98
C SER D 703 -34.12 -51.84 -56.92
N SER D 704 -33.70 -52.98 -56.44
CA SER D 704 -33.20 -53.98 -57.37
C SER D 704 -34.38 -54.71 -58.00
N GLU D 705 -34.17 -55.45 -59.10
CA GLU D 705 -35.27 -56.22 -59.70
C GLU D 705 -35.75 -57.35 -58.77
N ASN D 706 -34.88 -57.76 -57.85
CA ASN D 706 -35.18 -58.80 -56.86
C ASN D 706 -36.22 -58.29 -55.87
N VAL D 707 -36.35 -56.97 -55.80
CA VAL D 707 -37.28 -56.28 -54.95
C VAL D 707 -38.49 -55.86 -55.74
N ALA D 708 -38.25 -55.34 -56.94
CA ALA D 708 -39.34 -54.85 -57.75
C ALA D 708 -40.35 -55.96 -57.97
N HIS D 709 -39.86 -57.19 -58.06
CA HIS D 709 -40.70 -58.36 -58.19
C HIS D 709 -41.70 -58.50 -57.04
N SER D 710 -41.26 -58.31 -55.80
CA SER D 710 -42.19 -58.56 -54.70
C SER D 710 -43.18 -57.40 -54.66
N VAL D 711 -42.76 -56.25 -55.19
CA VAL D 711 -43.65 -55.11 -55.25
C VAL D 711 -44.80 -55.42 -56.21
N LEU D 712 -44.49 -56.06 -57.34
CA LEU D 712 -45.52 -56.48 -58.26
C LEU D 712 -46.48 -57.49 -57.61
N LEU D 713 -45.95 -58.43 -56.85
CA LEU D 713 -46.83 -59.41 -56.20
C LEU D 713 -47.74 -58.74 -55.18
N TRP D 714 -47.21 -57.74 -54.51
CA TRP D 714 -47.99 -57.05 -53.52
C TRP D 714 -49.16 -56.39 -54.20
N ALA D 715 -48.88 -55.60 -55.24
CA ALA D 715 -49.95 -54.88 -55.91
C ALA D 715 -50.99 -55.86 -56.47
N ASP D 716 -50.53 -57.05 -56.88
CA ASP D 716 -51.43 -58.06 -57.41
C ASP D 716 -52.47 -58.50 -56.37
N LYS D 717 -52.07 -58.54 -55.10
CA LYS D 717 -53.03 -58.97 -54.08
C LYS D 717 -53.94 -57.81 -53.69
N LEU D 718 -53.41 -56.59 -53.79
CA LEU D 718 -54.15 -55.38 -53.45
C LEU D 718 -55.20 -55.04 -54.49
N GLN D 719 -54.91 -55.37 -55.74
CA GLN D 719 -55.79 -55.09 -56.86
C GLN D 719 -56.19 -53.60 -56.90
N PRO D 720 -55.23 -52.71 -57.19
CA PRO D 720 -55.39 -51.28 -57.27
C PRO D 720 -56.11 -50.90 -58.57
N GLY D 721 -57.41 -51.10 -58.57
CA GLY D 721 -58.23 -50.90 -59.76
C GLY D 721 -59.65 -51.35 -59.47
N ASP D 722 -60.49 -51.41 -60.50
CA ASP D 722 -61.87 -51.81 -60.26
C ASP D 722 -62.02 -53.33 -60.28
N GLY D 723 -61.16 -54.00 -61.04
CA GLY D 723 -61.18 -55.45 -61.19
C GLY D 723 -59.89 -56.05 -60.65
N ALA D 724 -59.47 -57.18 -61.23
CA ALA D 724 -58.28 -57.88 -60.75
C ALA D 724 -57.04 -57.22 -61.30
N MET D 725 -56.68 -56.10 -60.72
CA MET D 725 -55.57 -55.36 -61.27
C MET D 725 -54.23 -55.92 -60.81
N THR D 726 -53.69 -56.74 -61.67
CA THR D 726 -52.44 -57.47 -61.49
C THR D 726 -51.48 -57.19 -62.64
N ALA D 727 -50.25 -57.71 -62.53
CA ALA D 727 -49.24 -57.55 -63.59
C ALA D 727 -49.74 -58.02 -64.94
N GLU D 728 -50.57 -59.08 -64.99
CA GLU D 728 -51.08 -59.57 -66.26
C GLU D 728 -51.91 -58.52 -66.99
N LYS D 729 -52.68 -57.74 -66.23
CA LYS D 729 -53.57 -56.74 -66.82
C LYS D 729 -52.75 -55.53 -67.15
N PHE D 730 -51.72 -55.33 -66.35
CA PHE D 730 -50.86 -54.21 -66.54
C PHE D 730 -50.12 -54.34 -67.85
N TRP D 731 -49.50 -55.49 -68.11
CA TRP D 731 -48.89 -55.66 -69.41
C TRP D 731 -49.95 -55.64 -70.51
N ASP D 732 -51.08 -56.37 -70.36
CA ASP D 732 -52.01 -56.36 -71.49
C ASP D 732 -52.49 -54.99 -71.88
N TRP D 733 -52.76 -54.13 -70.92
CA TRP D 733 -53.19 -52.83 -71.32
C TRP D 733 -52.02 -52.01 -71.85
N LEU D 734 -50.83 -52.14 -71.24
CA LEU D 734 -49.69 -51.38 -71.72
C LEU D 734 -49.33 -51.73 -73.14
N ASN D 735 -49.43 -52.99 -73.49
CA ASN D 735 -49.00 -53.39 -74.80
C ASN D 735 -50.15 -53.72 -75.77
N THR D 736 -51.38 -53.27 -75.43
CA THR D 736 -52.53 -53.42 -76.33
C THR D 736 -53.13 -52.07 -76.67
N LYS D 737 -53.34 -51.21 -75.66
CA LYS D 737 -53.95 -49.90 -75.89
C LYS D 737 -52.99 -48.74 -75.63
N TYR D 738 -52.08 -48.90 -74.69
CA TYR D 738 -51.13 -47.85 -74.35
C TYR D 738 -50.09 -47.76 -75.48
N THR D 739 -49.66 -46.57 -75.78
CA THR D 739 -48.55 -46.40 -76.69
C THR D 739 -47.67 -45.49 -75.86
N PRO D 740 -46.35 -45.40 -76.08
CA PRO D 740 -45.52 -44.59 -75.22
C PRO D 740 -46.01 -43.16 -75.34
N GLY D 741 -46.08 -42.48 -74.21
CA GLY D 741 -46.47 -41.08 -74.14
C GLY D 741 -47.99 -40.86 -74.07
N SER D 742 -48.77 -41.93 -74.19
CA SER D 742 -50.22 -41.75 -74.18
C SER D 742 -50.85 -41.74 -72.81
N SER D 743 -51.34 -40.57 -72.42
CA SER D 743 -51.98 -40.42 -71.12
C SER D 743 -53.38 -41.05 -71.15
N GLU D 744 -53.96 -41.19 -72.35
CA GLU D 744 -55.28 -41.74 -72.55
C GLU D 744 -55.38 -42.58 -73.82
N ALA D 745 -56.13 -43.68 -73.74
CA ALA D 745 -56.40 -44.56 -74.88
C ALA D 745 -57.77 -45.19 -74.65
N VAL D 746 -57.88 -45.84 -73.51
CA VAL D 746 -59.10 -46.49 -73.03
C VAL D 746 -59.31 -46.14 -71.55
N GLU D 747 -60.47 -46.45 -71.01
CA GLU D 747 -60.81 -46.21 -69.61
C GLU D 747 -60.01 -47.08 -68.64
N THR D 748 -59.40 -48.14 -69.15
CA THR D 748 -58.63 -49.03 -68.30
C THR D 748 -57.23 -48.51 -68.12
N GLN D 749 -56.90 -47.41 -68.78
CA GLN D 749 -55.57 -46.88 -68.64
C GLN D 749 -55.45 -46.26 -67.25
N GLU D 750 -56.57 -46.02 -66.56
CA GLU D 750 -56.44 -45.52 -65.20
C GLU D 750 -56.00 -46.67 -64.28
N HIS D 751 -56.32 -47.91 -64.65
CA HIS D 751 -56.01 -49.08 -63.86
C HIS D 751 -54.52 -49.38 -63.92
N ILE D 752 -53.90 -49.12 -65.08
CA ILE D 752 -52.45 -49.33 -65.20
C ILE D 752 -51.73 -48.28 -64.35
N VAL D 753 -52.33 -47.10 -64.24
CA VAL D 753 -51.77 -46.05 -63.41
C VAL D 753 -51.89 -46.39 -61.95
N GLN D 754 -53.06 -46.89 -61.53
CA GLN D 754 -53.29 -47.25 -60.14
C GLN D 754 -52.32 -48.32 -59.70
N TYR D 755 -52.00 -49.21 -60.61
CA TYR D 755 -51.05 -50.24 -60.29
C TYR D 755 -49.70 -49.56 -60.13
N CYS D 756 -49.30 -48.66 -61.03
CA CYS D 756 -48.01 -48.02 -60.83
C CYS D 756 -47.98 -47.17 -59.58
N GLN D 757 -49.12 -46.63 -59.20
CA GLN D 757 -49.18 -45.87 -57.98
C GLN D 757 -48.92 -46.82 -56.83
N ALA D 758 -49.63 -47.95 -56.79
CA ALA D 758 -49.48 -48.92 -55.73
C ALA D 758 -48.08 -49.50 -55.70
N LEU D 759 -47.49 -49.68 -56.88
CA LEU D 759 -46.17 -50.28 -56.92
C LEU D 759 -45.16 -49.28 -56.42
N ALA D 760 -45.22 -48.05 -56.93
CA ALA D 760 -44.31 -47.01 -56.48
C ALA D 760 -44.48 -46.80 -55.01
N GLN D 761 -45.73 -46.89 -54.56
CA GLN D 761 -46.08 -46.68 -53.18
C GLN D 761 -45.53 -47.75 -52.29
N LEU D 762 -45.42 -48.99 -52.75
CA LEU D 762 -44.94 -49.93 -51.80
C LEU D 762 -43.50 -49.59 -51.57
N GLU D 763 -42.76 -49.23 -52.60
CA GLU D 763 -41.37 -48.90 -52.32
C GLU D 763 -41.31 -47.70 -51.41
N MET D 764 -42.21 -46.73 -51.57
CA MET D 764 -42.17 -45.60 -50.65
C MET D 764 -42.36 -46.12 -49.21
N VAL D 765 -43.16 -47.18 -49.05
CA VAL D 765 -43.36 -47.79 -47.75
C VAL D 765 -42.09 -48.48 -47.32
N TYR D 766 -41.44 -49.23 -48.21
CA TYR D 766 -40.25 -49.96 -47.85
C TYR D 766 -39.10 -49.02 -47.50
N HIS D 767 -39.06 -47.90 -48.20
CA HIS D 767 -38.09 -46.84 -48.06
C HIS D 767 -38.17 -46.29 -46.64
N SER D 768 -39.40 -45.96 -46.22
CA SER D 768 -39.68 -45.44 -44.89
C SER D 768 -39.51 -46.53 -43.80
N THR D 769 -39.83 -47.78 -44.16
CA THR D 769 -39.79 -48.95 -43.29
C THR D 769 -38.36 -49.43 -42.95
N GLY D 770 -37.45 -49.46 -43.92
CA GLY D 770 -36.04 -49.84 -43.69
C GLY D 770 -35.73 -51.33 -43.77
N ILE D 771 -35.69 -51.93 -44.96
CA ILE D 771 -35.38 -53.37 -45.02
C ILE D 771 -34.33 -53.84 -46.05
N ASN D 772 -33.83 -55.09 -45.85
CA ASN D 772 -32.94 -55.74 -46.84
C ASN D 772 -33.75 -56.58 -47.84
N GLU D 773 -33.05 -57.23 -48.78
CA GLU D 773 -33.72 -58.00 -49.84
C GLU D 773 -34.57 -59.19 -49.39
N ASN D 774 -34.12 -59.95 -48.41
CA ASN D 774 -34.95 -61.08 -48.02
C ASN D 774 -36.23 -60.59 -47.38
N ALA D 775 -36.14 -59.44 -46.72
CA ALA D 775 -37.30 -58.87 -46.09
C ALA D 775 -38.26 -58.31 -47.11
N PHE D 776 -37.75 -57.81 -48.25
CA PHE D 776 -38.60 -57.19 -49.26
C PHE D 776 -39.46 -58.24 -49.87
N ARG D 777 -38.89 -59.43 -49.94
CA ARG D 777 -39.55 -60.60 -50.47
C ARG D 777 -40.51 -61.21 -49.45
N LEU D 778 -40.08 -61.43 -48.21
CA LEU D 778 -40.94 -62.09 -47.23
C LEU D 778 -42.17 -61.29 -46.95
N PHE D 779 -42.00 -59.98 -46.94
CA PHE D 779 -43.03 -59.02 -46.66
C PHE D 779 -44.29 -59.34 -47.48
N VAL D 780 -44.07 -59.78 -48.71
CA VAL D 780 -45.09 -60.01 -49.68
C VAL D 780 -45.40 -61.49 -49.90
N THR D 781 -44.36 -62.33 -49.94
CA THR D 781 -44.52 -63.71 -50.35
C THR D 781 -44.97 -64.66 -49.26
N LYS D 782 -44.82 -64.29 -47.99
CA LYS D 782 -45.27 -65.20 -46.93
C LYS D 782 -46.17 -64.49 -45.92
N PRO D 783 -47.39 -64.03 -46.29
CA PRO D 783 -48.30 -63.20 -45.50
C PRO D 783 -48.71 -63.82 -44.16
N GLU D 784 -48.64 -65.16 -44.04
CA GLU D 784 -49.02 -65.86 -42.82
C GLU D 784 -48.09 -65.47 -41.67
N MET D 785 -46.93 -64.92 -42.02
CA MET D 785 -45.95 -64.48 -41.06
C MET D 785 -46.48 -63.32 -40.24
N PHE D 786 -47.43 -62.55 -40.82
CA PHE D 786 -47.99 -61.42 -40.13
C PHE D 786 -49.39 -61.73 -39.63
N GLY D 787 -49.95 -62.85 -40.10
CA GLY D 787 -51.30 -63.22 -39.74
C GLY D 787 -52.29 -62.82 -40.83
N ALA D 788 -51.77 -62.47 -42.01
CA ALA D 788 -52.58 -62.07 -43.12
C ALA D 788 -53.19 -63.31 -43.75
N ALA D 789 -54.09 -63.08 -44.69
CA ALA D 789 -54.86 -64.14 -45.34
C ALA D 789 -54.02 -65.26 -45.97
N THR D 790 -52.77 -65.01 -46.39
CA THR D 790 -51.87 -66.03 -47.00
C THR D 790 -52.17 -66.10 -48.47
N GLY D 791 -53.44 -66.23 -48.79
CA GLY D 791 -53.92 -66.13 -50.16
C GLY D 791 -53.92 -64.64 -50.59
N ALA D 792 -53.59 -63.76 -49.63
CA ALA D 792 -53.51 -62.32 -49.83
C ALA D 792 -52.57 -61.66 -48.81
N ALA D 793 -52.14 -60.46 -49.20
CA ALA D 793 -51.25 -59.56 -48.49
C ALA D 793 -51.90 -58.95 -47.24
N PRO D 794 -51.12 -58.51 -46.24
CA PRO D 794 -51.58 -57.75 -45.09
C PRO D 794 -52.17 -56.42 -45.51
N ALA D 795 -53.20 -55.98 -44.79
CA ALA D 795 -53.80 -54.68 -45.05
C ALA D 795 -52.84 -53.57 -44.65
N HIS D 796 -52.91 -52.44 -45.34
CA HIS D 796 -52.11 -51.27 -44.95
C HIS D 796 -52.75 -50.47 -43.82
N ASP D 797 -52.98 -51.14 -42.70
CA ASP D 797 -53.49 -50.46 -41.53
C ASP D 797 -52.32 -49.67 -40.99
N ALA D 798 -52.60 -48.65 -40.19
CA ALA D 798 -51.53 -47.88 -39.62
C ALA D 798 -50.86 -48.70 -38.57
N LEU D 799 -51.66 -49.50 -37.89
CA LEU D 799 -51.14 -50.35 -36.83
C LEU D 799 -50.37 -51.50 -37.46
N SER D 800 -50.80 -51.91 -38.64
CA SER D 800 -50.09 -52.96 -39.36
C SER D 800 -48.78 -52.37 -39.85
N LEU D 801 -48.76 -51.10 -40.29
CA LEU D 801 -47.48 -50.56 -40.72
C LEU D 801 -46.49 -50.60 -39.57
N ILE D 802 -46.96 -50.34 -38.34
CA ILE D 802 -46.05 -50.43 -37.22
C ILE D 802 -45.56 -51.86 -37.07
N MET D 803 -46.46 -52.85 -37.16
CA MET D 803 -46.09 -54.25 -37.07
C MET D 803 -45.07 -54.68 -38.13
N LEU D 804 -45.34 -54.27 -39.35
CA LEU D 804 -44.55 -54.59 -40.52
C LEU D 804 -43.17 -53.98 -40.36
N THR D 805 -43.13 -52.80 -39.75
CA THR D 805 -41.90 -52.10 -39.52
C THR D 805 -41.17 -52.74 -38.34
N ARG D 806 -41.88 -53.22 -37.32
CA ARG D 806 -41.19 -53.89 -36.23
C ARG D 806 -40.41 -55.06 -36.84
N PHE D 807 -41.00 -55.76 -37.82
CA PHE D 807 -40.23 -56.79 -38.49
C PHE D 807 -39.03 -56.10 -39.11
N ALA D 808 -39.20 -54.96 -39.79
CA ALA D 808 -38.03 -54.36 -40.42
C ALA D 808 -36.90 -54.07 -39.45
N ASP D 809 -37.24 -53.61 -38.26
CA ASP D 809 -36.21 -53.31 -37.30
C ASP D 809 -35.59 -54.57 -36.79
N TRP D 810 -36.39 -55.62 -36.72
CA TRP D 810 -35.90 -56.91 -36.34
C TRP D 810 -34.87 -57.34 -37.33
N VAL D 811 -35.16 -57.14 -38.59
CA VAL D 811 -34.25 -57.55 -39.64
C VAL D 811 -32.97 -56.74 -39.53
N ASN D 812 -33.11 -55.44 -39.29
CA ASN D 812 -31.99 -54.52 -39.25
C ASN D 812 -31.07 -54.84 -38.09
N ALA D 813 -31.68 -55.31 -37.02
CA ALA D 813 -31.01 -55.66 -35.79
C ALA D 813 -30.15 -56.90 -35.91
N LEU D 814 -30.33 -57.69 -36.97
CA LEU D 814 -29.58 -58.90 -37.16
C LEU D 814 -28.28 -58.65 -37.91
N GLY D 815 -28.13 -57.45 -38.47
CA GLY D 815 -26.90 -57.09 -39.16
C GLY D 815 -26.55 -58.02 -40.31
N GLU D 816 -25.31 -58.47 -40.30
CA GLU D 816 -24.76 -59.35 -41.33
C GLU D 816 -25.35 -60.76 -41.31
N LYS D 817 -26.03 -61.14 -40.23
CA LYS D 817 -26.61 -62.48 -40.17
C LYS D 817 -28.05 -62.44 -40.58
N ALA D 818 -28.56 -61.26 -40.94
CA ALA D 818 -29.95 -61.15 -41.29
C ALA D 818 -30.28 -62.08 -42.44
N SER D 819 -29.36 -62.29 -43.36
CA SER D 819 -29.68 -63.14 -44.48
C SER D 819 -29.78 -64.61 -44.12
N SER D 820 -29.09 -65.08 -43.07
CA SER D 820 -29.17 -66.49 -42.76
C SER D 820 -30.39 -66.73 -41.94
N VAL D 821 -30.76 -65.68 -41.21
CA VAL D 821 -31.92 -65.72 -40.37
C VAL D 821 -33.16 -65.63 -41.15
N LEU D 822 -33.22 -64.70 -42.10
CA LEU D 822 -34.44 -64.57 -42.84
C LEU D 822 -34.60 -65.74 -43.78
N ALA D 823 -33.49 -66.36 -44.20
CA ALA D 823 -33.62 -67.54 -45.02
C ALA D 823 -34.20 -68.67 -44.16
N ALA D 824 -33.70 -68.78 -42.93
CA ALA D 824 -34.13 -69.77 -41.97
C ALA D 824 -35.57 -69.54 -41.56
N PHE D 825 -35.98 -68.26 -41.52
CA PHE D 825 -37.32 -67.76 -41.23
C PHE D 825 -38.30 -68.15 -42.33
N GLU D 826 -37.90 -67.95 -43.60
CA GLU D 826 -38.74 -68.32 -44.74
C GLU D 826 -38.98 -69.83 -44.67
N ALA D 827 -37.92 -70.51 -44.25
CA ALA D 827 -37.85 -71.94 -44.00
C ALA D 827 -38.33 -72.19 -42.58
N ASN D 828 -38.41 -73.45 -42.18
CA ASN D 828 -38.79 -73.75 -40.81
C ASN D 828 -37.57 -73.98 -39.93
N SER D 829 -36.40 -73.59 -40.43
CA SER D 829 -35.12 -73.79 -39.76
C SER D 829 -34.78 -72.79 -38.66
N LEU D 830 -35.38 -71.61 -38.68
CA LEU D 830 -35.07 -70.67 -37.62
C LEU D 830 -35.76 -71.07 -36.35
N THR D 831 -35.02 -71.07 -35.27
CA THR D 831 -35.55 -71.31 -33.94
C THR D 831 -34.80 -70.52 -32.88
N ALA D 832 -35.11 -70.81 -31.63
CA ALA D 832 -34.50 -70.19 -30.48
C ALA D 832 -33.03 -70.55 -30.49
N GLU D 833 -32.21 -69.75 -29.82
CA GLU D 833 -30.76 -69.95 -29.73
C GLU D 833 -30.07 -69.55 -31.00
N GLN D 834 -30.47 -70.14 -32.12
CA GLN D 834 -29.85 -69.71 -33.35
C GLN D 834 -30.25 -68.27 -33.64
N LEU D 835 -31.49 -67.90 -33.38
CA LEU D 835 -31.85 -66.51 -33.61
C LEU D 835 -31.06 -65.64 -32.66
N ALA D 836 -30.92 -66.11 -31.43
CA ALA D 836 -30.22 -65.37 -30.39
C ALA D 836 -28.80 -65.09 -30.83
N ASP D 837 -28.20 -66.01 -31.57
CA ASP D 837 -26.85 -65.73 -31.97
C ASP D 837 -26.88 -64.58 -32.96
N ALA D 838 -27.81 -64.64 -33.90
CA ALA D 838 -27.90 -63.61 -34.91
C ALA D 838 -28.25 -62.25 -34.36
N MET D 839 -29.05 -62.27 -33.31
CA MET D 839 -29.54 -61.09 -32.64
C MET D 839 -28.61 -60.65 -31.50
N ASN D 840 -27.55 -61.41 -31.25
CA ASN D 840 -26.60 -61.19 -30.18
C ASN D 840 -27.24 -61.17 -28.79
N LEU D 841 -28.22 -62.05 -28.58
CA LEU D 841 -28.91 -62.21 -27.30
C LEU D 841 -28.36 -63.35 -26.51
N ASP D 842 -28.55 -63.30 -25.21
CA ASP D 842 -28.26 -64.50 -24.46
C ASP D 842 -29.22 -65.58 -24.98
N ALA D 843 -28.70 -66.75 -25.30
CA ALA D 843 -29.55 -67.81 -25.80
C ALA D 843 -30.59 -68.27 -24.80
N ASN D 844 -30.26 -68.29 -23.51
CA ASN D 844 -31.21 -68.77 -22.53
C ASN D 844 -32.27 -67.73 -22.35
N LEU D 845 -31.89 -66.48 -22.54
CA LEU D 845 -32.89 -65.42 -22.43
C LEU D 845 -33.93 -65.58 -23.53
N LEU D 846 -33.47 -65.80 -24.76
CA LEU D 846 -34.42 -65.95 -25.86
C LEU D 846 -35.24 -67.21 -25.65
N LEU D 847 -34.60 -68.24 -25.13
CA LEU D 847 -35.26 -69.50 -24.92
C LEU D 847 -36.35 -69.35 -23.88
N GLN D 848 -36.07 -68.68 -22.79
CA GLN D 848 -37.06 -68.50 -21.76
C GLN D 848 -38.20 -67.68 -22.30
N ALA D 849 -37.89 -66.70 -23.13
CA ALA D 849 -38.89 -65.85 -23.72
C ALA D 849 -39.76 -66.65 -24.66
N SER D 850 -39.14 -67.62 -25.34
CA SER D 850 -39.86 -68.49 -26.26
C SER D 850 -40.85 -69.29 -25.47
N ILE D 851 -40.39 -69.80 -24.34
CA ILE D 851 -41.20 -70.61 -23.48
C ILE D 851 -42.37 -69.80 -22.94
N GLN D 852 -42.12 -68.59 -22.45
CA GLN D 852 -43.22 -67.79 -21.91
C GLN D 852 -44.21 -67.41 -23.01
N ALA D 853 -43.73 -67.16 -24.22
CA ALA D 853 -44.64 -66.82 -25.30
C ALA D 853 -45.63 -67.93 -25.53
N GLN D 854 -45.21 -69.17 -25.33
CA GLN D 854 -46.10 -70.27 -25.58
C GLN D 854 -46.88 -70.75 -24.35
N ASN D 855 -46.40 -70.43 -23.14
CA ASN D 855 -47.03 -70.90 -21.91
C ASN D 855 -48.07 -69.96 -21.32
N HIS D 856 -48.37 -68.88 -22.00
CA HIS D 856 -49.33 -67.91 -21.54
C HIS D 856 -50.26 -67.49 -22.64
N GLN D 857 -51.44 -67.04 -22.27
CA GLN D 857 -52.35 -66.49 -23.25
C GLN D 857 -51.73 -65.18 -23.66
N HIS D 858 -51.97 -64.78 -24.88
CA HIS D 858 -51.46 -63.51 -25.39
C HIS D 858 -52.47 -62.75 -26.16
N LEU D 859 -52.26 -61.44 -26.26
CA LEU D 859 -53.12 -60.64 -27.09
C LEU D 859 -53.11 -61.21 -28.54
N PRO D 860 -51.94 -61.41 -29.20
CA PRO D 860 -51.82 -62.13 -30.46
C PRO D 860 -51.95 -63.60 -30.17
N PRO D 861 -52.30 -64.44 -31.13
CA PRO D 861 -52.30 -65.88 -31.02
C PRO D 861 -50.88 -66.37 -31.03
N VAL D 862 -50.62 -67.54 -30.45
CA VAL D 862 -49.30 -68.14 -30.57
C VAL D 862 -49.41 -69.62 -30.95
N THR D 863 -48.37 -70.14 -31.60
CA THR D 863 -48.23 -71.54 -32.00
C THR D 863 -46.78 -71.96 -31.86
N PRO D 864 -46.39 -72.91 -31.00
CA PRO D 864 -44.99 -73.24 -30.78
C PRO D 864 -44.25 -73.71 -32.03
N GLU D 865 -44.96 -74.29 -32.98
CA GLU D 865 -44.31 -74.76 -34.20
C GLU D 865 -43.90 -73.59 -35.09
N ASN D 866 -44.50 -72.44 -34.85
CA ASN D 866 -44.24 -71.24 -35.59
C ASN D 866 -43.58 -70.22 -34.72
N ALA D 867 -43.00 -70.66 -33.59
CA ALA D 867 -42.42 -69.72 -32.65
C ALA D 867 -41.45 -68.81 -33.34
N PHE D 868 -40.72 -69.33 -34.32
CA PHE D 868 -39.78 -68.51 -35.06
C PHE D 868 -40.01 -68.48 -36.57
N SER D 869 -41.23 -68.81 -37.05
CA SER D 869 -41.49 -68.81 -38.49
C SER D 869 -42.44 -67.69 -38.83
N CYS D 870 -43.16 -67.24 -37.83
CA CYS D 870 -44.09 -66.14 -38.03
C CYS D 870 -43.53 -64.91 -37.33
N TRP D 871 -43.75 -63.74 -37.92
CA TRP D 871 -43.27 -62.55 -37.30
C TRP D 871 -44.01 -62.26 -36.04
N THR D 872 -45.29 -62.53 -36.05
CA THR D 872 -46.09 -62.22 -34.87
C THR D 872 -45.67 -63.09 -33.70
N SER D 873 -45.21 -64.30 -34.01
CA SER D 873 -44.74 -65.21 -32.98
C SER D 873 -43.40 -64.72 -32.45
N ILE D 874 -42.50 -64.28 -33.35
CA ILE D 874 -41.21 -63.84 -32.87
C ILE D 874 -41.41 -62.59 -32.07
N ASN D 875 -42.23 -61.69 -32.58
CA ASN D 875 -42.53 -60.44 -31.95
C ASN D 875 -42.98 -60.66 -30.52
N THR D 876 -43.89 -61.61 -30.30
CA THR D 876 -44.36 -61.90 -28.96
C THR D 876 -43.20 -62.36 -28.08
N ILE D 877 -42.35 -63.22 -28.63
CA ILE D 877 -41.21 -63.71 -27.88
C ILE D 877 -40.28 -62.57 -27.52
N LEU D 878 -40.00 -61.70 -28.48
CA LEU D 878 -39.09 -60.62 -28.22
C LEU D 878 -39.67 -59.65 -27.22
N GLN D 879 -40.98 -59.56 -27.13
CA GLN D 879 -41.50 -58.71 -26.10
C GLN D 879 -41.14 -59.31 -24.74
N TRP D 880 -41.21 -60.64 -24.60
CA TRP D 880 -40.84 -61.24 -23.32
C TRP D 880 -39.35 -61.03 -23.06
N VAL D 881 -38.57 -60.99 -24.14
CA VAL D 881 -37.17 -60.74 -23.99
C VAL D 881 -36.93 -59.32 -23.52
N ASN D 882 -37.54 -58.37 -24.21
CA ASN D 882 -37.29 -56.95 -24.01
C ASN D 882 -37.80 -56.46 -22.68
N VAL D 883 -38.87 -57.07 -22.22
CA VAL D 883 -39.36 -56.63 -20.94
C VAL D 883 -38.36 -57.10 -19.92
N ALA D 884 -37.94 -58.37 -20.02
CA ALA D 884 -37.02 -58.91 -19.05
C ALA D 884 -35.74 -58.11 -19.02
N GLN D 885 -35.32 -57.59 -20.18
CA GLN D 885 -34.11 -56.78 -20.29
C GLN D 885 -34.23 -55.48 -19.52
N GLN D 886 -35.41 -54.88 -19.50
CA GLN D 886 -35.57 -53.65 -18.74
C GLN D 886 -35.53 -53.95 -17.27
N LEU D 887 -36.12 -55.08 -16.93
CA LEU D 887 -36.26 -55.44 -15.55
C LEU D 887 -35.15 -56.31 -15.00
N ASN D 888 -34.30 -56.87 -15.85
CA ASN D 888 -33.27 -57.80 -15.40
C ASN D 888 -33.90 -58.96 -14.62
N VAL D 889 -35.04 -59.45 -15.11
CA VAL D 889 -35.72 -60.57 -14.42
C VAL D 889 -35.82 -61.91 -15.16
N ALA D 890 -35.32 -62.02 -16.40
CA ALA D 890 -35.40 -63.32 -17.11
C ALA D 890 -36.84 -63.85 -17.30
N PRO D 891 -37.55 -63.41 -18.36
CA PRO D 891 -38.99 -63.66 -18.68
C PRO D 891 -39.90 -64.40 -17.70
N GLN D 892 -39.48 -65.51 -17.11
CA GLN D 892 -40.37 -66.15 -16.14
C GLN D 892 -40.60 -65.15 -15.04
N GLY D 893 -39.56 -64.39 -14.76
CA GLY D 893 -39.63 -63.34 -13.79
C GLY D 893 -40.62 -62.25 -14.23
N VAL D 894 -40.74 -61.98 -15.54
CA VAL D 894 -41.64 -60.92 -15.99
C VAL D 894 -43.06 -61.26 -15.64
N SER D 895 -43.38 -62.52 -15.82
CA SER D 895 -44.74 -63.02 -15.62
C SER D 895 -45.17 -62.84 -14.18
N ALA D 896 -44.20 -62.68 -13.26
CA ALA D 896 -44.46 -62.54 -11.86
C ALA D 896 -45.16 -61.23 -11.61
N LEU D 897 -44.92 -60.22 -12.44
CA LEU D 897 -45.55 -58.92 -12.28
C LEU D 897 -46.81 -58.83 -13.10
N VAL D 898 -46.74 -59.43 -14.26
CA VAL D 898 -47.83 -59.30 -15.19
C VAL D 898 -49.07 -59.99 -14.68
N GLY D 899 -48.94 -61.19 -14.11
CA GLY D 899 -50.12 -61.91 -13.64
C GLY D 899 -50.73 -61.43 -12.31
N LEU D 900 -50.93 -60.13 -12.17
CA LEU D 900 -51.61 -59.54 -11.02
C LEU D 900 -52.69 -58.60 -11.48
N ASP D 901 -53.84 -58.67 -10.85
CA ASP D 901 -55.02 -57.90 -11.19
C ASP D 901 -55.90 -57.49 -10.03
N TYR D 902 -56.72 -56.47 -10.29
CA TYR D 902 -57.71 -56.03 -9.32
C TYR D 902 -59.08 -56.09 -10.00
N ILE D 903 -59.28 -55.20 -10.96
CA ILE D 903 -60.54 -55.13 -11.70
C ILE D 903 -60.51 -56.08 -12.88
N GLU D 904 -60.40 -57.34 -12.58
CA GLU D 904 -60.31 -58.35 -13.61
C GLU D 904 -61.56 -59.17 -13.74
N SER D 905 -62.17 -59.13 -14.91
CA SER D 905 -63.41 -59.83 -15.15
C SER D 905 -63.24 -61.35 -15.03
N MET D 906 -62.02 -61.85 -15.23
CA MET D 906 -61.69 -63.27 -15.07
C MET D 906 -61.38 -63.61 -13.60
N LYS D 907 -61.45 -62.60 -12.75
CA LYS D 907 -61.21 -62.62 -11.32
C LYS D 907 -59.85 -63.15 -10.92
N GLU D 908 -58.82 -62.80 -11.67
CA GLU D 908 -57.48 -63.29 -11.35
C GLU D 908 -56.82 -62.47 -10.25
N THR D 909 -57.38 -62.60 -9.06
CA THR D 909 -56.89 -61.86 -7.90
C THR D 909 -55.67 -62.59 -7.35
N PRO D 910 -54.49 -61.96 -7.30
CA PRO D 910 -53.25 -62.55 -6.83
C PRO D 910 -53.28 -62.72 -5.32
N THR D 911 -52.68 -63.79 -4.85
CA THR D 911 -52.59 -64.00 -3.41
C THR D 911 -51.46 -63.18 -2.86
N TYR D 912 -51.44 -63.00 -1.55
CA TYR D 912 -50.38 -62.20 -0.95
C TYR D 912 -49.02 -62.78 -1.26
N ALA D 913 -48.94 -64.09 -1.35
CA ALA D 913 -47.68 -64.71 -1.62
C ALA D 913 -47.19 -64.35 -3.01
N GLN D 914 -48.11 -64.21 -3.95
CA GLN D 914 -47.74 -63.89 -5.31
C GLN D 914 -47.23 -62.48 -5.35
N TRP D 915 -47.80 -61.65 -4.50
CA TRP D 915 -47.35 -60.27 -4.44
C TRP D 915 -45.93 -60.26 -3.86
N GLU D 916 -45.66 -61.13 -2.88
CA GLU D 916 -44.32 -61.18 -2.30
C GLU D 916 -43.32 -61.65 -3.33
N ASN D 917 -43.73 -62.62 -4.15
CA ASN D 917 -42.84 -63.15 -5.15
C ASN D 917 -42.56 -62.12 -6.20
N ALA D 918 -43.59 -61.37 -6.59
CA ALA D 918 -43.39 -60.37 -7.61
C ALA D 918 -42.34 -59.39 -7.15
N ALA D 919 -42.37 -59.05 -5.86
CA ALA D 919 -41.35 -58.17 -5.34
C ALA D 919 -40.01 -58.87 -5.26
N GLY D 920 -39.97 -60.13 -4.82
CA GLY D 920 -38.70 -60.81 -4.66
C GLY D 920 -37.95 -60.87 -5.96
N VAL D 921 -38.67 -61.00 -7.04
CA VAL D 921 -38.08 -61.04 -8.34
C VAL D 921 -37.69 -59.65 -8.81
N LEU D 922 -38.58 -58.68 -8.66
CA LEU D 922 -38.29 -57.37 -9.19
C LEU D 922 -37.13 -56.64 -8.56
N THR D 923 -36.91 -56.83 -7.27
CA THR D 923 -35.85 -56.07 -6.62
C THR D 923 -34.49 -56.64 -7.00
N ALA D 924 -34.48 -57.84 -7.56
CA ALA D 924 -33.26 -58.52 -7.93
C ALA D 924 -32.60 -57.84 -9.10
N GLY D 925 -33.37 -57.04 -9.84
CA GLY D 925 -32.88 -56.39 -11.02
C GLY D 925 -32.31 -55.00 -10.77
N LEU D 926 -32.19 -54.62 -9.49
CA LEU D 926 -31.72 -53.27 -9.16
C LEU D 926 -30.23 -53.18 -8.89
N ASN D 927 -29.64 -52.02 -9.22
CA ASN D 927 -28.23 -51.80 -8.91
C ASN D 927 -28.11 -51.30 -7.48
N SER D 928 -26.90 -51.03 -7.02
CA SER D 928 -26.76 -50.64 -5.61
C SER D 928 -27.39 -49.29 -5.28
N GLN D 929 -27.46 -48.41 -6.25
CA GLN D 929 -28.01 -47.10 -5.97
C GLN D 929 -29.51 -47.19 -5.90
N GLN D 930 -30.08 -48.00 -6.77
CA GLN D 930 -31.50 -48.20 -6.77
C GLN D 930 -31.91 -48.96 -5.55
N ALA D 931 -31.08 -49.90 -5.13
CA ALA D 931 -31.39 -50.69 -3.96
C ALA D 931 -31.40 -49.83 -2.73
N ASN D 932 -30.46 -48.89 -2.63
CA ASN D 932 -30.44 -48.04 -1.47
C ASN D 932 -31.65 -47.13 -1.47
N THR D 933 -32.06 -46.71 -2.66
CA THR D 933 -33.19 -45.83 -2.86
C THR D 933 -34.48 -46.57 -2.50
N LEU D 934 -34.56 -47.82 -2.94
CA LEU D 934 -35.71 -48.64 -2.67
C LEU D 934 -35.88 -48.80 -1.21
N HIS D 935 -34.79 -49.14 -0.53
CA HIS D 935 -34.92 -49.37 0.87
C HIS D 935 -35.27 -48.07 1.53
N ALA D 936 -34.67 -46.96 1.13
CA ALA D 936 -35.01 -45.74 1.84
C ALA D 936 -36.51 -45.46 1.79
N PHE D 937 -37.12 -45.70 0.64
CA PHE D 937 -38.53 -45.42 0.51
C PHE D 937 -39.36 -46.39 1.28
N LEU D 938 -39.01 -47.66 1.22
CA LEU D 938 -39.81 -48.64 1.92
C LEU D 938 -39.64 -48.54 3.41
N ASP D 939 -38.46 -48.19 3.85
CA ASP D 939 -38.24 -48.14 5.28
C ASP D 939 -39.05 -47.02 5.87
N GLU D 940 -39.14 -45.90 5.16
CA GLU D 940 -39.91 -44.80 5.67
C GLU D 940 -41.43 -45.07 5.67
N SER D 941 -41.96 -45.71 4.61
CA SER D 941 -43.40 -45.94 4.60
C SER D 941 -43.77 -47.07 5.53
N ARG D 942 -42.84 -47.97 5.72
CA ARG D 942 -43.08 -49.10 6.56
C ARG D 942 -43.09 -48.71 8.00
N SER D 943 -42.18 -47.83 8.45
CA SER D 943 -42.22 -47.51 9.86
C SER D 943 -43.47 -46.74 10.17
N ALA D 944 -43.96 -45.99 9.19
CA ALA D 944 -45.15 -45.24 9.45
C ALA D 944 -46.32 -46.19 9.64
N ALA D 945 -46.38 -47.22 8.81
CA ALA D 945 -47.47 -48.16 8.91
C ALA D 945 -47.45 -48.89 10.23
N LEU D 946 -46.26 -49.21 10.68
CA LEU D 946 -46.11 -49.99 11.87
C LEU D 946 -46.39 -49.16 13.09
N SER D 947 -45.99 -47.90 13.07
CA SER D 947 -46.21 -47.04 14.21
C SER D 947 -47.69 -46.82 14.36
N THR D 948 -48.37 -46.72 13.24
CA THR D 948 -49.79 -46.49 13.24
C THR D 948 -50.52 -47.68 13.87
N TYR D 949 -50.14 -48.88 13.46
CA TYR D 949 -50.75 -50.09 13.98
C TYR D 949 -50.48 -50.19 15.45
N TYR D 950 -49.22 -50.00 15.82
CA TYR D 950 -48.78 -50.18 17.18
C TYR D 950 -49.56 -49.30 18.12
N ILE D 951 -49.71 -48.05 17.76
CA ILE D 951 -50.37 -47.17 18.70
C ILE D 951 -51.77 -47.61 18.99
N ARG D 952 -52.54 -47.99 18.00
CA ARG D 952 -53.90 -48.40 18.30
C ARG D 952 -54.07 -49.84 18.76
N GLN D 953 -53.20 -50.73 18.34
CA GLN D 953 -53.39 -52.14 18.62
C GLN D 953 -52.46 -52.83 19.62
N VAL D 954 -51.29 -52.28 19.83
CA VAL D 954 -50.29 -52.95 20.65
C VAL D 954 -50.00 -52.18 21.91
N ALA D 955 -49.91 -50.86 21.78
CA ALA D 955 -49.52 -50.06 22.91
C ALA D 955 -50.43 -50.36 24.07
N LYS D 956 -49.87 -50.43 25.25
CA LYS D 956 -50.66 -50.74 26.41
C LYS D 956 -51.22 -49.45 26.92
N ALA D 957 -52.35 -49.49 27.58
CA ALA D 957 -52.98 -48.27 28.06
C ALA D 957 -52.10 -47.47 28.97
N ALA D 958 -51.29 -48.12 29.79
CA ALA D 958 -50.47 -47.43 30.79
C ALA D 958 -49.50 -46.44 30.15
N ALA D 959 -49.22 -46.65 28.90
CA ALA D 959 -48.30 -45.82 28.19
C ALA D 959 -49.17 -44.79 27.50
N ALA D 960 -49.07 -43.54 27.88
CA ALA D 960 -49.99 -42.57 27.31
C ALA D 960 -49.55 -42.13 25.93
N ILE D 961 -49.66 -43.05 24.98
CA ILE D 961 -49.24 -42.81 23.63
C ILE D 961 -50.40 -42.48 22.76
N LYS D 962 -50.46 -41.25 22.28
CA LYS D 962 -51.57 -40.84 21.45
C LYS D 962 -51.06 -40.63 20.05
N SER D 963 -49.80 -40.24 20.01
CA SER D 963 -49.12 -39.90 18.78
C SER D 963 -47.86 -40.67 18.50
N ARG D 964 -47.35 -40.43 17.30
CA ARG D 964 -46.14 -41.03 16.78
C ARG D 964 -44.94 -40.52 17.56
N ASP D 965 -45.07 -39.31 18.11
CA ASP D 965 -43.98 -38.70 18.86
C ASP D 965 -43.96 -39.27 20.25
N ASP D 966 -45.13 -39.62 20.73
CA ASP D 966 -45.28 -40.14 22.07
C ASP D 966 -44.71 -41.53 22.06
N LEU D 967 -44.85 -42.18 20.92
CA LEU D 967 -44.33 -43.52 20.77
C LEU D 967 -42.82 -43.45 20.86
N TYR D 968 -42.20 -42.49 20.17
CA TYR D 968 -40.76 -42.31 20.26
C TYR D 968 -40.29 -42.22 21.69
N GLN D 969 -41.03 -41.49 22.48
CA GLN D 969 -40.65 -41.25 23.86
C GLN D 969 -40.90 -42.45 24.77
N TYR D 970 -41.59 -43.47 24.27
CA TYR D 970 -41.89 -44.65 25.06
C TYR D 970 -40.93 -45.76 24.67
N LEU D 971 -40.75 -45.97 23.38
CA LEU D 971 -39.90 -47.06 22.91
C LEU D 971 -38.47 -46.63 22.79
N LEU D 972 -38.22 -45.40 23.18
CA LEU D 972 -36.90 -44.86 23.21
C LEU D 972 -36.17 -44.92 21.88
N ILE D 973 -36.90 -44.70 20.80
CA ILE D 973 -36.31 -44.74 19.47
C ILE D 973 -37.06 -43.82 18.53
N ASP D 974 -36.37 -43.10 17.69
CA ASP D 974 -37.10 -42.18 16.84
C ASP D 974 -37.52 -42.84 15.54
N ASN D 975 -38.81 -43.04 15.41
CA ASN D 975 -39.42 -43.72 14.29
C ASN D 975 -39.87 -42.78 13.17
N GLN D 976 -39.46 -41.53 13.25
CA GLN D 976 -39.73 -40.49 12.28
C GLN D 976 -38.48 -39.92 11.64
N VAL D 977 -37.39 -40.62 11.74
CA VAL D 977 -36.14 -40.15 11.17
C VAL D 977 -36.09 -40.58 9.76
N SER D 978 -35.29 -39.93 8.94
CA SER D 978 -35.18 -40.40 7.58
C SER D 978 -34.27 -41.63 7.51
N ALA D 979 -34.34 -42.35 6.41
CA ALA D 979 -33.51 -43.54 6.18
C ALA D 979 -32.04 -43.21 5.97
N ALA D 980 -31.78 -41.93 5.78
CA ALA D 980 -30.46 -41.37 5.58
C ALA D 980 -29.57 -41.55 6.79
N ILE D 981 -30.13 -41.59 7.99
CA ILE D 981 -29.29 -41.71 9.16
C ILE D 981 -28.87 -43.15 9.40
N LYS D 982 -27.57 -43.37 9.58
CA LYS D 982 -27.07 -44.70 9.85
C LYS D 982 -26.62 -44.80 11.29
N THR D 983 -26.69 -46.00 11.83
CA THR D 983 -26.33 -46.31 13.20
C THR D 983 -25.88 -47.73 13.36
N THR D 984 -25.51 -48.12 14.54
CA THR D 984 -25.15 -49.51 14.80
C THR D 984 -26.06 -50.02 15.88
N ARG D 985 -26.14 -51.33 16.08
CA ARG D 985 -27.07 -51.80 17.11
C ARG D 985 -26.69 -51.30 18.47
N ILE D 986 -25.40 -51.26 18.72
CA ILE D 986 -24.91 -50.77 19.98
C ILE D 986 -25.16 -49.28 20.06
N ALA D 987 -24.88 -48.53 19.01
CA ALA D 987 -25.10 -47.12 19.12
C ALA D 987 -26.54 -46.79 19.47
N GLU D 988 -27.51 -47.53 18.94
CA GLU D 988 -28.88 -47.21 19.33
C GLU D 988 -29.12 -47.59 20.77
N ALA D 989 -28.56 -48.69 21.23
CA ALA D 989 -28.78 -49.02 22.62
C ALA D 989 -28.25 -47.88 23.48
N ILE D 990 -27.15 -47.28 23.04
CA ILE D 990 -26.58 -46.17 23.76
C ILE D 990 -27.23 -44.94 23.19
N ALA D 991 -28.49 -44.81 23.46
CA ALA D 991 -29.28 -43.71 23.02
C ALA D 991 -30.60 -43.92 23.62
N SER D 992 -31.11 -45.14 23.45
CA SER D 992 -32.38 -45.45 24.03
C SER D 992 -32.25 -45.37 25.54
N ILE D 993 -31.08 -45.72 26.04
CA ILE D 993 -30.82 -45.69 27.45
C ILE D 993 -30.51 -44.27 27.85
N GLN D 994 -29.77 -43.55 27.04
CA GLN D 994 -29.45 -42.21 27.46
C GLN D 994 -30.72 -41.39 27.58
N LEU D 995 -31.69 -41.62 26.70
CA LEU D 995 -32.95 -40.92 26.79
C LEU D 995 -33.68 -41.40 28.03
N TYR D 996 -33.69 -42.71 28.26
CA TYR D 996 -34.36 -43.26 29.42
C TYR D 996 -33.88 -42.55 30.66
N VAL D 997 -32.57 -42.41 30.79
CA VAL D 997 -32.03 -41.77 31.94
C VAL D 997 -32.37 -40.31 31.97
N ASN D 998 -32.28 -39.60 30.87
CA ASN D 998 -32.54 -38.19 30.94
C ASN D 998 -33.98 -37.88 31.32
N ARG D 999 -34.91 -38.70 30.89
CA ARG D 999 -36.29 -38.43 31.22
C ARG D 999 -36.51 -38.70 32.71
N ALA D 1000 -35.76 -39.67 33.23
CA ALA D 1000 -35.88 -39.95 34.65
C ALA D 1000 -35.28 -38.82 35.48
N LEU D 1001 -34.13 -38.29 35.05
CA LEU D 1001 -33.45 -37.27 35.84
C LEU D 1001 -34.15 -35.94 35.80
N GLU D 1002 -34.85 -35.69 34.72
CA GLU D 1002 -35.58 -34.45 34.53
C GLU D 1002 -37.00 -34.55 35.06
N ASN D 1003 -37.29 -35.69 35.68
CA ASN D 1003 -38.57 -35.99 36.28
C ASN D 1003 -39.71 -35.90 35.31
N VAL D 1004 -39.49 -36.33 34.09
CA VAL D 1004 -40.55 -36.37 33.13
C VAL D 1004 -41.35 -37.55 33.56
N GLU D 1005 -40.60 -38.56 33.93
CA GLU D 1005 -41.13 -39.81 34.42
C GLU D 1005 -41.15 -39.57 35.91
N GLU D 1006 -42.33 -39.28 36.41
CA GLU D 1006 -42.53 -38.77 37.75
C GLU D 1006 -42.20 -39.66 38.95
N ASN D 1007 -42.15 -40.98 38.81
CA ASN D 1007 -41.82 -41.74 40.01
C ASN D 1007 -40.64 -42.67 39.85
N ALA D 1008 -39.47 -42.09 39.70
CA ALA D 1008 -38.24 -42.86 39.59
C ALA D 1008 -37.83 -43.28 40.99
N ASN D 1009 -37.00 -44.31 41.10
CA ASN D 1009 -36.54 -44.78 42.37
C ASN D 1009 -35.42 -43.90 42.89
N SER D 1010 -35.70 -43.13 43.92
CA SER D 1010 -34.76 -42.14 44.44
C SER D 1010 -33.50 -42.77 45.01
N GLY D 1011 -33.55 -44.04 45.32
CA GLY D 1011 -32.39 -44.72 45.86
C GLY D 1011 -31.42 -45.07 44.74
N VAL D 1012 -31.86 -44.88 43.50
CA VAL D 1012 -31.06 -45.17 42.34
C VAL D 1012 -30.58 -43.84 41.79
N ILE D 1013 -31.46 -42.86 41.76
CA ILE D 1013 -31.15 -41.54 41.25
C ILE D 1013 -29.99 -40.96 42.04
N SER D 1014 -29.99 -41.19 43.33
CA SER D 1014 -29.00 -40.70 44.27
C SER D 1014 -27.60 -41.29 44.09
N ARG D 1015 -27.46 -42.33 43.26
CA ARG D 1015 -26.18 -42.97 43.07
C ARG D 1015 -25.22 -42.08 42.32
N GLN D 1016 -23.95 -42.24 42.61
CA GLN D 1016 -22.93 -41.39 41.99
C GLN D 1016 -22.93 -41.40 40.49
N PHE D 1017 -23.27 -42.51 39.90
CA PHE D 1017 -23.29 -42.54 38.47
C PHE D 1017 -24.14 -41.43 37.89
N PHE D 1018 -25.29 -41.19 38.49
CA PHE D 1018 -26.19 -40.18 37.98
C PHE D 1018 -25.72 -38.82 38.42
N ILE D 1019 -25.07 -38.75 39.55
CA ILE D 1019 -24.60 -37.46 40.02
C ILE D 1019 -23.65 -36.88 38.99
N ASP D 1020 -22.81 -37.71 38.42
CA ASP D 1020 -21.85 -37.34 37.38
C ASP D 1020 -22.42 -37.29 35.96
N TRP D 1021 -23.70 -37.59 35.80
CA TRP D 1021 -24.33 -37.66 34.50
C TRP D 1021 -24.10 -36.42 33.68
N ASP D 1022 -24.27 -35.26 34.29
CA ASP D 1022 -24.20 -34.03 33.51
C ASP D 1022 -22.81 -33.55 33.20
N LYS D 1023 -21.81 -34.18 33.75
CA LYS D 1023 -20.46 -33.76 33.44
C LYS D 1023 -19.71 -34.81 32.66
N TYR D 1024 -19.96 -36.08 32.96
CA TYR D 1024 -19.20 -37.13 32.35
C TYR D 1024 -19.99 -38.28 31.77
N ASN D 1025 -21.05 -38.71 32.45
CA ASN D 1025 -21.61 -39.99 32.06
C ASN D 1025 -22.69 -39.99 31.00
N LYS D 1026 -23.18 -38.82 30.60
CA LYS D 1026 -24.25 -38.74 29.60
C LYS D 1026 -23.78 -38.78 28.16
N ARG D 1027 -22.50 -38.79 27.93
CA ARG D 1027 -21.97 -38.82 26.58
C ARG D 1027 -20.86 -39.83 26.46
N TYR D 1028 -20.78 -40.51 25.34
CA TYR D 1028 -19.69 -41.44 25.16
C TYR D 1028 -18.38 -40.74 25.22
N SER D 1029 -18.33 -39.57 24.61
CA SER D 1029 -17.08 -38.87 24.52
C SER D 1029 -16.51 -38.48 25.86
N THR D 1030 -17.34 -38.08 26.78
CA THR D 1030 -16.81 -37.68 28.06
C THR D 1030 -16.66 -38.86 28.95
N TRP D 1031 -17.48 -39.86 28.75
CA TRP D 1031 -17.38 -41.04 29.55
C TRP D 1031 -16.07 -41.69 29.26
N ALA D 1032 -15.78 -41.85 27.98
CA ALA D 1032 -14.57 -42.49 27.56
C ALA D 1032 -13.38 -41.69 28.00
N GLY D 1033 -13.51 -40.39 27.95
CA GLY D 1033 -12.44 -39.52 28.34
C GLY D 1033 -12.11 -39.78 29.79
N VAL D 1034 -13.13 -39.76 30.64
CA VAL D 1034 -12.87 -39.95 32.05
C VAL D 1034 -12.36 -41.29 32.34
N SER D 1035 -12.93 -42.30 31.75
CA SER D 1035 -12.46 -43.62 32.05
C SER D 1035 -10.98 -43.71 31.77
N GLN D 1036 -10.49 -43.06 30.73
CA GLN D 1036 -9.07 -43.14 30.48
C GLN D 1036 -8.32 -42.36 31.54
N LEU D 1037 -8.87 -41.23 31.96
CA LEU D 1037 -8.23 -40.38 32.95
C LEU D 1037 -8.05 -41.10 34.25
N VAL D 1038 -9.07 -41.81 34.66
CA VAL D 1038 -9.00 -42.51 35.90
C VAL D 1038 -8.24 -43.80 35.79
N TYR D 1039 -8.32 -44.52 34.67
CA TYR D 1039 -7.62 -45.79 34.56
C TYR D 1039 -6.12 -45.58 34.55
N TYR D 1040 -5.63 -44.57 33.84
CA TYR D 1040 -4.21 -44.29 33.82
C TYR D 1040 -3.90 -42.87 34.25
N PRO D 1041 -4.17 -42.51 35.51
CA PRO D 1041 -4.09 -41.17 36.01
C PRO D 1041 -2.68 -40.63 35.93
N GLU D 1042 -1.68 -41.49 35.89
CA GLU D 1042 -0.30 -41.04 35.83
C GLU D 1042 0.05 -40.24 34.61
N ASN D 1043 -0.77 -40.28 33.59
CA ASN D 1043 -0.48 -39.54 32.40
C ASN D 1043 -1.14 -38.19 32.42
N TYR D 1044 -1.91 -37.90 33.45
CA TYR D 1044 -2.66 -36.67 33.48
C TYR D 1044 -2.51 -35.87 34.75
N ILE D 1045 -2.17 -36.55 35.83
CA ILE D 1045 -2.10 -35.93 37.15
C ILE D 1045 -0.95 -34.98 37.20
N ASP D 1046 -1.11 -33.98 38.03
CA ASP D 1046 -0.15 -32.93 38.17
C ASP D 1046 -0.20 -32.32 39.55
N PRO D 1047 0.93 -31.99 40.19
CA PRO D 1047 0.97 -31.39 41.48
C PRO D 1047 0.30 -30.03 41.54
N THR D 1048 0.16 -29.32 40.40
CA THR D 1048 -0.51 -28.05 40.42
C THR D 1048 -1.96 -28.29 40.03
N MET D 1049 -2.16 -28.98 38.91
CA MET D 1049 -3.51 -29.21 38.42
C MET D 1049 -4.11 -30.43 39.03
N ARG D 1050 -4.72 -30.23 40.18
CA ARG D 1050 -5.30 -31.32 40.95
C ARG D 1050 -6.51 -30.89 41.76
N ILE D 1051 -7.31 -31.85 42.12
CA ILE D 1051 -8.51 -31.62 42.87
C ILE D 1051 -8.24 -31.86 44.35
N GLY D 1052 -8.65 -30.94 45.20
CA GLY D 1052 -8.39 -31.13 46.61
C GLY D 1052 -7.24 -30.30 47.13
N GLN D 1053 -6.86 -29.26 46.42
CA GLN D 1053 -5.82 -28.41 46.95
C GLN D 1053 -6.44 -27.67 48.11
N THR D 1054 -5.82 -27.73 49.27
CA THR D 1054 -6.41 -27.10 50.45
C THR D 1054 -6.09 -25.63 50.57
N LYS D 1055 -6.82 -24.93 51.43
CA LYS D 1055 -6.57 -23.53 51.70
C LYS D 1055 -5.17 -23.33 52.23
N MET D 1056 -4.70 -24.30 52.99
CA MET D 1056 -3.38 -24.22 53.55
C MET D 1056 -2.34 -24.31 52.45
N MET D 1057 -2.65 -24.99 51.35
CA MET D 1057 -1.69 -25.12 50.29
C MET D 1057 -1.67 -23.84 49.53
N ASP D 1058 -2.81 -23.16 49.47
CA ASP D 1058 -2.82 -21.92 48.75
C ASP D 1058 -1.93 -20.96 49.48
N ALA D 1059 -1.99 -20.98 50.81
CA ALA D 1059 -1.16 -20.11 51.60
C ALA D 1059 0.30 -20.46 51.42
N LEU D 1060 0.61 -21.76 51.34
CA LEU D 1060 1.98 -22.16 51.16
C LEU D 1060 2.45 -21.56 49.87
N LEU D 1061 1.68 -21.76 48.82
CA LEU D 1061 2.11 -21.32 47.54
C LEU D 1061 2.26 -19.84 47.48
N GLN D 1062 1.37 -19.11 48.12
CA GLN D 1062 1.51 -17.69 48.05
C GLN D 1062 2.81 -17.21 48.64
N SER D 1063 3.24 -17.76 49.78
CA SER D 1063 4.50 -17.23 50.31
C SER D 1063 5.69 -17.74 49.52
N VAL D 1064 5.54 -18.90 48.93
CA VAL D 1064 6.61 -19.45 48.12
C VAL D 1064 6.79 -18.58 46.90
N SER D 1065 5.68 -18.14 46.38
CA SER D 1065 5.61 -17.34 45.18
C SER D 1065 6.16 -15.93 45.35
N GLN D 1066 6.43 -15.48 46.58
CA GLN D 1066 6.93 -14.13 46.81
C GLN D 1066 8.42 -13.99 46.61
N SER D 1067 9.14 -15.08 46.47
CA SER D 1067 10.57 -14.98 46.33
C SER D 1067 11.13 -16.04 45.44
N GLN D 1068 12.44 -16.18 45.45
CA GLN D 1068 13.02 -17.19 44.61
C GLN D 1068 12.68 -18.53 45.18
N LEU D 1069 12.43 -19.50 44.32
CA LEU D 1069 12.14 -20.82 44.82
C LEU D 1069 13.39 -21.58 45.11
N ASN D 1070 13.53 -21.93 46.36
CA ASN D 1070 14.67 -22.66 46.83
C ASN D 1070 14.26 -23.32 48.12
N ALA D 1071 15.14 -24.12 48.67
CA ALA D 1071 14.83 -24.84 49.89
C ALA D 1071 14.50 -23.95 51.07
N ASP D 1072 15.10 -22.78 51.20
CA ASP D 1072 14.84 -22.03 52.42
C ASP D 1072 13.47 -21.43 52.35
N THR D 1073 13.08 -21.03 51.15
CA THR D 1073 11.78 -20.43 50.93
C THR D 1073 10.71 -21.43 51.32
N VAL D 1074 10.90 -22.68 50.91
CA VAL D 1074 9.89 -23.67 51.26
C VAL D 1074 9.97 -24.06 52.73
N GLU D 1075 11.14 -24.04 53.37
CA GLU D 1075 11.13 -24.37 54.78
C GLU D 1075 10.25 -23.45 55.57
N ASP D 1076 10.26 -22.17 55.25
CA ASP D 1076 9.44 -21.31 56.06
C ASP D 1076 8.00 -21.48 55.68
N ALA D 1077 7.73 -21.75 54.41
CA ALA D 1077 6.37 -21.98 54.02
C ALA D 1077 5.82 -23.24 54.68
N PHE D 1078 6.64 -24.28 54.84
CA PHE D 1078 6.16 -25.49 55.48
C PHE D 1078 5.84 -25.23 56.91
N MET D 1079 6.59 -24.36 57.54
CA MET D 1079 6.29 -24.10 58.92
C MET D 1079 4.94 -23.45 59.07
N SER D 1080 4.61 -22.48 58.23
CA SER D 1080 3.31 -21.85 58.41
C SER D 1080 2.20 -22.81 58.00
N TYR D 1081 2.52 -23.72 57.10
CA TYR D 1081 1.55 -24.70 56.68
C TYR D 1081 1.17 -25.50 57.89
N LEU D 1082 2.17 -25.98 58.59
CA LEU D 1082 1.93 -26.82 59.73
C LEU D 1082 1.29 -26.14 60.88
N THR D 1083 1.61 -24.87 61.13
CA THR D 1083 0.97 -24.24 62.25
C THR D 1083 -0.50 -23.97 61.97
N SER D 1084 -0.87 -23.82 60.70
CA SER D 1084 -2.27 -23.63 60.35
C SER D 1084 -3.00 -24.94 60.54
N PHE D 1085 -2.29 -26.01 60.22
CA PHE D 1085 -2.77 -27.37 60.34
C PHE D 1085 -3.02 -27.76 61.74
N GLU D 1086 -2.05 -27.49 62.60
CA GLU D 1086 -2.18 -27.93 63.96
C GLU D 1086 -3.47 -27.51 64.58
N GLN D 1087 -3.94 -26.33 64.26
CA GLN D 1087 -5.13 -25.79 64.88
C GLN D 1087 -6.37 -26.65 64.72
N VAL D 1088 -6.47 -27.43 63.64
CA VAL D 1088 -7.65 -28.24 63.45
C VAL D 1088 -7.31 -29.71 63.38
N ALA D 1089 -6.10 -30.05 63.77
CA ALA D 1089 -5.59 -31.39 63.73
C ALA D 1089 -6.34 -32.34 64.65
N ASN D 1090 -6.84 -31.81 65.76
CA ASN D 1090 -7.49 -32.65 66.73
C ASN D 1090 -8.81 -32.13 67.23
N LEU D 1091 -9.65 -31.60 66.35
CA LEU D 1091 -10.92 -31.11 66.83
C LEU D 1091 -11.72 -32.31 67.29
N LYS D 1092 -12.53 -32.13 68.30
CA LYS D 1092 -13.37 -33.24 68.66
C LYS D 1092 -14.47 -33.33 67.66
N VAL D 1093 -14.77 -34.51 67.18
CA VAL D 1093 -15.91 -34.65 66.29
C VAL D 1093 -17.12 -34.92 67.17
N ILE D 1094 -18.16 -34.12 67.00
CA ILE D 1094 -19.36 -34.23 67.81
C ILE D 1094 -20.46 -35.06 67.19
N SER D 1095 -20.76 -34.82 65.94
CA SER D 1095 -21.85 -35.51 65.27
C SER D 1095 -21.69 -35.46 63.78
N ALA D 1096 -22.50 -36.24 63.06
CA ALA D 1096 -22.46 -36.18 61.62
C ALA D 1096 -23.75 -36.64 60.96
N TYR D 1097 -23.99 -36.19 59.74
CA TYR D 1097 -25.17 -36.51 58.93
C TYR D 1097 -24.85 -36.95 57.53
N HIS D 1098 -25.40 -38.09 57.16
CA HIS D 1098 -25.21 -38.65 55.85
C HIS D 1098 -26.27 -38.07 54.93
N ASP D 1099 -25.92 -37.56 53.76
CA ASP D 1099 -26.96 -36.98 52.91
C ASP D 1099 -27.51 -37.93 51.87
N ASN D 1100 -27.21 -39.21 51.94
CA ASN D 1100 -27.77 -40.15 50.98
C ASN D 1100 -28.75 -41.06 51.69
N ILE D 1101 -29.33 -41.97 50.94
CA ILE D 1101 -30.23 -42.98 51.42
C ILE D 1101 -29.39 -44.22 51.61
N ASN D 1102 -28.49 -44.37 50.65
CA ASN D 1102 -27.58 -45.48 50.56
C ASN D 1102 -26.33 -45.12 51.32
N ASN D 1103 -25.98 -45.87 52.34
CA ASN D 1103 -24.85 -45.44 53.14
C ASN D 1103 -23.49 -45.35 52.44
N ASP D 1104 -23.29 -46.05 51.34
CA ASP D 1104 -22.02 -45.95 50.65
C ASP D 1104 -21.99 -44.90 49.53
N GLN D 1105 -23.06 -44.15 49.36
CA GLN D 1105 -23.16 -43.13 48.32
C GLN D 1105 -23.27 -41.74 48.93
N GLY D 1106 -22.94 -40.69 48.19
CA GLY D 1106 -23.13 -39.35 48.73
C GLY D 1106 -22.06 -38.97 49.72
N LEU D 1107 -22.38 -38.04 50.64
CA LEU D 1107 -21.41 -37.52 51.58
C LEU D 1107 -21.85 -37.51 53.05
N THR D 1108 -20.88 -37.64 53.93
CA THR D 1108 -21.21 -37.44 55.34
C THR D 1108 -20.62 -36.16 55.85
N TYR D 1109 -21.46 -35.35 56.46
CA TYR D 1109 -21.07 -34.06 56.98
C TYR D 1109 -20.85 -34.14 58.46
N PHE D 1110 -19.70 -33.66 58.90
CA PHE D 1110 -19.32 -33.74 60.30
C PHE D 1110 -19.19 -32.39 60.94
N ILE D 1111 -19.54 -32.31 62.20
CA ILE D 1111 -19.30 -31.10 62.97
C ILE D 1111 -18.41 -31.42 64.14
N GLY D 1112 -17.34 -30.64 64.26
CA GLY D 1112 -16.41 -30.79 65.34
C GLY D 1112 -16.33 -29.53 66.18
N LEU D 1113 -15.45 -29.57 67.17
CA LEU D 1113 -15.22 -28.49 68.11
C LEU D 1113 -13.80 -28.33 68.58
N SER D 1114 -13.31 -27.10 68.63
CA SER D 1114 -11.94 -26.90 69.10
C SER D 1114 -11.66 -27.51 70.44
N GLU D 1115 -10.48 -28.10 70.55
CA GLU D 1115 -10.00 -28.71 71.77
C GLU D 1115 -9.43 -27.67 72.75
N THR D 1116 -9.40 -26.42 72.31
CA THR D 1116 -8.84 -25.30 73.06
C THR D 1116 -9.96 -24.40 73.57
N ASP D 1117 -10.40 -23.48 72.74
CA ASP D 1117 -11.51 -22.59 73.09
C ASP D 1117 -12.74 -23.44 73.29
N ALA D 1118 -13.57 -23.08 74.25
CA ALA D 1118 -14.82 -23.78 74.54
C ALA D 1118 -15.79 -23.81 73.35
N GLY D 1119 -15.77 -22.76 72.51
CA GLY D 1119 -16.64 -22.65 71.35
C GLY D 1119 -15.80 -23.01 70.14
N GLU D 1120 -16.10 -22.40 68.99
CA GLU D 1120 -15.44 -22.69 67.72
C GLU D 1120 -15.93 -23.99 67.11
N TYR D 1121 -16.87 -23.91 66.20
CA TYR D 1121 -17.35 -25.13 65.58
C TYR D 1121 -16.85 -25.17 64.16
N TYR D 1122 -16.55 -26.37 63.73
CA TYR D 1122 -16.01 -26.56 62.39
C TYR D 1122 -16.63 -27.71 61.66
N TRP D 1123 -16.64 -27.70 60.33
CA TRP D 1123 -17.20 -28.86 59.65
C TRP D 1123 -16.35 -29.43 58.52
N ARG D 1124 -16.58 -30.71 58.25
CA ARG D 1124 -15.92 -31.52 57.19
C ARG D 1124 -16.96 -32.24 56.43
N SER D 1125 -16.60 -32.71 55.26
CA SER D 1125 -17.49 -33.65 54.61
C SER D 1125 -16.65 -34.71 53.96
N VAL D 1126 -17.17 -35.92 53.90
CA VAL D 1126 -16.42 -36.95 53.21
C VAL D 1126 -17.23 -37.55 52.12
N ASP D 1127 -16.61 -37.66 50.98
CA ASP D 1127 -17.25 -38.24 49.82
C ASP D 1127 -17.13 -39.76 49.84
N HIS D 1128 -18.26 -40.43 49.96
CA HIS D 1128 -18.27 -41.87 50.08
C HIS D 1128 -18.03 -42.54 48.76
N SER D 1129 -18.11 -41.81 47.66
CA SER D 1129 -17.88 -42.42 46.36
C SER D 1129 -16.41 -42.74 46.20
N LYS D 1130 -15.57 -42.18 47.07
CA LYS D 1130 -14.15 -42.38 47.02
C LYS D 1130 -13.72 -43.45 48.01
N PHE D 1131 -14.70 -44.12 48.59
CA PHE D 1131 -14.47 -45.20 49.53
C PHE D 1131 -14.47 -46.50 48.79
N ASN D 1132 -13.45 -47.31 48.96
CA ASN D 1132 -13.49 -48.59 48.26
C ASN D 1132 -13.03 -49.80 49.08
N ASP D 1133 -11.74 -50.13 49.13
CA ASP D 1133 -11.34 -51.36 49.82
C ASP D 1133 -11.12 -51.13 51.30
N GLY D 1134 -12.17 -50.71 51.94
CA GLY D 1134 -12.20 -50.48 53.36
C GLY D 1134 -11.66 -49.14 53.83
N LYS D 1135 -11.23 -48.33 52.89
CA LYS D 1135 -10.66 -47.04 53.23
C LYS D 1135 -10.97 -45.95 52.22
N PHE D 1136 -10.85 -44.71 52.70
CA PHE D 1136 -11.10 -43.54 51.89
C PHE D 1136 -9.88 -43.07 51.18
N ALA D 1137 -10.07 -42.62 49.95
CA ALA D 1137 -8.98 -42.15 49.15
C ALA D 1137 -8.52 -40.73 49.43
N ALA D 1138 -8.09 -40.46 50.67
CA ALA D 1138 -7.43 -39.23 51.18
C ALA D 1138 -8.03 -37.87 50.79
N ASN D 1139 -8.23 -37.59 49.50
CA ASN D 1139 -8.75 -36.28 49.11
C ASN D 1139 -10.25 -36.40 49.03
N ALA D 1140 -10.74 -37.50 49.59
CA ALA D 1140 -12.13 -37.80 49.77
C ALA D 1140 -12.66 -36.91 50.84
N TRP D 1141 -11.76 -36.41 51.67
CA TRP D 1141 -12.17 -35.58 52.76
C TRP D 1141 -11.94 -34.12 52.48
N SER D 1142 -12.91 -33.30 52.82
CA SER D 1142 -12.71 -31.87 52.69
C SER D 1142 -11.96 -31.39 53.91
N GLU D 1143 -11.38 -30.22 53.85
CA GLU D 1143 -10.68 -29.61 55.00
C GLU D 1143 -11.67 -29.05 55.99
N TRP D 1144 -11.26 -28.77 57.24
CA TRP D 1144 -12.22 -28.18 58.17
C TRP D 1144 -12.55 -26.75 57.83
N HIS D 1145 -13.84 -26.43 57.90
CA HIS D 1145 -14.34 -25.08 57.67
C HIS D 1145 -14.89 -24.50 58.93
N LYS D 1146 -14.63 -23.24 59.18
CA LYS D 1146 -15.10 -22.65 60.42
C LYS D 1146 -16.49 -22.06 60.36
N ILE D 1147 -17.28 -22.32 61.38
CA ILE D 1147 -18.59 -21.74 61.53
C ILE D 1147 -18.45 -20.47 62.35
N ASP D 1148 -18.86 -19.32 61.82
CA ASP D 1148 -18.68 -18.05 62.54
C ASP D 1148 -19.85 -17.65 63.42
N CYS D 1149 -20.82 -18.53 63.49
CA CYS D 1149 -22.00 -18.35 64.32
C CYS D 1149 -21.67 -18.67 65.78
N PRO D 1150 -21.95 -17.80 66.75
CA PRO D 1150 -21.66 -17.98 68.16
C PRO D 1150 -22.62 -18.95 68.84
N ILE D 1151 -22.49 -20.22 68.48
CA ILE D 1151 -23.28 -21.35 68.95
C ILE D 1151 -22.88 -21.74 70.36
N ASN D 1152 -23.86 -21.92 71.25
CA ASN D 1152 -23.60 -22.33 72.63
C ASN D 1152 -24.59 -23.41 73.05
N PRO D 1153 -24.45 -24.62 72.51
CA PRO D 1153 -25.41 -25.68 72.63
C PRO D 1153 -25.48 -26.27 74.01
N TYR D 1154 -26.64 -26.80 74.36
CA TYR D 1154 -26.85 -27.53 75.58
C TYR D 1154 -26.50 -28.98 75.40
N LYS D 1155 -25.50 -29.44 76.13
CA LYS D 1155 -25.00 -30.81 76.03
C LYS D 1155 -24.65 -31.14 74.59
N SER D 1156 -24.11 -30.18 73.87
CA SER D 1156 -23.68 -30.39 72.50
C SER D 1156 -24.72 -31.06 71.60
N THR D 1157 -26.02 -30.74 71.75
CA THR D 1157 -27.01 -31.37 70.87
C THR D 1157 -27.04 -30.69 69.55
N ILE D 1158 -26.01 -30.86 68.77
CA ILE D 1158 -25.88 -30.25 67.47
C ILE D 1158 -25.86 -31.27 66.37
N ARG D 1159 -26.69 -31.09 65.37
CA ARG D 1159 -26.68 -31.98 64.23
C ARG D 1159 -26.58 -31.18 62.95
N PRO D 1160 -25.76 -31.57 61.97
CA PRO D 1160 -25.73 -31.04 60.63
C PRO D 1160 -26.88 -31.68 59.91
N VAL D 1161 -27.42 -31.03 58.91
CA VAL D 1161 -28.37 -31.67 58.04
C VAL D 1161 -28.27 -31.06 56.65
N ILE D 1162 -28.50 -31.82 55.61
CA ILE D 1162 -28.56 -31.17 54.32
C ILE D 1162 -29.98 -30.95 54.01
N TYR D 1163 -30.30 -29.71 53.87
CA TYR D 1163 -31.67 -29.31 53.70
C TYR D 1163 -31.74 -28.25 52.67
N LYS D 1164 -32.64 -28.42 51.71
CA LYS D 1164 -32.72 -27.52 50.58
C LYS D 1164 -31.38 -27.46 49.85
N SER D 1165 -30.66 -28.60 49.84
CA SER D 1165 -29.33 -28.74 49.27
C SER D 1165 -28.32 -27.74 49.83
N ARG D 1166 -28.49 -27.36 51.09
CA ARG D 1166 -27.63 -26.43 51.79
C ARG D 1166 -27.19 -27.00 53.11
N LEU D 1167 -26.05 -26.57 53.63
CA LEU D 1167 -25.70 -27.10 54.91
C LEU D 1167 -26.27 -26.30 56.03
N TYR D 1168 -27.18 -26.92 56.74
CA TYR D 1168 -27.91 -26.43 57.84
C TYR D 1168 -27.44 -27.14 59.09
N LEU D 1169 -27.51 -26.47 60.20
CA LEU D 1169 -27.30 -27.23 61.40
C LEU D 1169 -28.29 -26.75 62.42
N LEU D 1170 -28.66 -27.65 63.31
CA LEU D 1170 -29.60 -27.27 64.32
C LEU D 1170 -29.24 -27.82 65.66
N TRP D 1171 -29.61 -27.07 66.67
CA TRP D 1171 -29.23 -27.48 68.00
C TRP D 1171 -30.11 -26.95 69.12
N LEU D 1172 -29.99 -27.54 70.31
CA LEU D 1172 -30.74 -26.94 71.41
C LEU D 1172 -29.93 -26.07 72.32
N GLU D 1173 -30.58 -25.04 72.83
CA GLU D 1173 -30.02 -24.22 73.89
C GLU D 1173 -31.03 -24.02 75.00
N GLN D 1174 -30.55 -23.97 76.23
CA GLN D 1174 -31.46 -23.70 77.32
C GLN D 1174 -31.43 -22.24 77.72
N LYS D 1175 -32.60 -21.68 77.79
CA LYS D 1175 -32.73 -20.30 78.20
C LYS D 1175 -33.14 -20.25 79.65
N GLU D 1176 -32.24 -19.77 80.50
CA GLU D 1176 -32.55 -19.74 81.92
C GLU D 1176 -33.38 -18.55 82.30
N ILE D 1177 -34.68 -18.66 82.08
CA ILE D 1177 -35.49 -17.52 82.36
C ILE D 1177 -36.30 -17.77 83.59
N THR D 1178 -36.25 -16.81 84.50
CA THR D 1178 -37.02 -16.97 85.69
C THR D 1178 -37.33 -15.64 86.34
N LYS D 1179 -37.94 -15.72 87.49
CA LYS D 1179 -38.35 -14.54 88.21
C LYS D 1179 -37.21 -14.12 89.13
N GLN D 1180 -37.18 -12.85 89.50
CA GLN D 1180 -36.09 -12.46 90.38
C GLN D 1180 -36.48 -12.60 91.85
N THR D 1181 -37.75 -12.98 92.07
CA THR D 1181 -38.29 -13.19 93.41
C THR D 1181 -38.95 -14.57 93.50
N GLY D 1182 -38.57 -15.34 94.51
CA GLY D 1182 -38.99 -16.72 94.74
C GLY D 1182 -40.48 -16.98 94.79
N ASN D 1183 -41.21 -16.01 95.31
CA ASN D 1183 -42.65 -16.11 95.43
C ASN D 1183 -43.33 -14.86 94.92
N SER D 1184 -42.61 -14.09 94.10
CA SER D 1184 -43.07 -12.83 93.51
C SER D 1184 -43.31 -11.69 94.52
N LYS D 1185 -42.95 -11.90 95.79
CA LYS D 1185 -43.09 -10.87 96.82
C LYS D 1185 -41.80 -10.61 97.62
N ASP D 1186 -41.22 -11.65 98.21
CA ASP D 1186 -39.99 -11.51 99.01
C ASP D 1186 -39.20 -12.83 99.05
N GLY D 1187 -38.13 -12.94 98.26
CA GLY D 1187 -37.36 -14.17 98.14
C GLY D 1187 -36.59 -14.14 96.83
N TYR D 1188 -36.06 -15.28 96.39
CA TYR D 1188 -35.33 -15.35 95.12
C TYR D 1188 -35.61 -16.70 94.47
N GLN D 1189 -35.42 -16.82 93.14
CA GLN D 1189 -35.61 -18.11 92.49
C GLN D 1189 -34.32 -18.91 92.53
N THR D 1190 -34.45 -20.23 92.50
CA THR D 1190 -33.31 -21.13 92.54
C THR D 1190 -32.76 -21.47 91.17
N GLU D 1191 -33.52 -22.24 90.41
CA GLU D 1191 -33.06 -22.67 89.10
C GLU D 1191 -33.68 -21.82 88.01
N THR D 1192 -34.31 -22.45 87.03
CA THR D 1192 -34.84 -21.66 85.93
C THR D 1192 -35.87 -22.40 85.14
N ASP D 1193 -36.68 -21.64 84.42
CA ASP D 1193 -37.57 -22.27 83.50
C ASP D 1193 -36.68 -22.47 82.29
N TYR D 1194 -36.02 -23.62 82.28
CA TYR D 1194 -35.03 -23.88 81.27
C TYR D 1194 -35.73 -24.16 79.98
N ARG D 1195 -36.00 -23.08 79.25
CA ARG D 1195 -36.75 -23.20 78.05
C ARG D 1195 -35.88 -23.72 76.96
N TYR D 1196 -36.46 -24.52 76.11
CA TYR D 1196 -35.71 -25.09 75.03
C TYR D 1196 -35.95 -24.48 73.69
N GLU D 1197 -34.90 -23.83 73.25
CA GLU D 1197 -34.90 -23.16 71.98
C GLU D 1197 -34.26 -24.08 70.97
N LEU D 1198 -34.97 -24.39 69.90
CA LEU D 1198 -34.34 -25.20 68.89
C LEU D 1198 -33.90 -24.25 67.81
N LYS D 1199 -32.61 -24.15 67.60
CA LYS D 1199 -32.13 -23.17 66.66
C LYS D 1199 -31.69 -23.77 65.35
N LEU D 1200 -32.06 -23.12 64.25
CA LEU D 1200 -31.66 -23.61 62.92
C LEU D 1200 -31.01 -22.53 62.06
N ALA D 1201 -29.79 -22.78 61.60
CA ALA D 1201 -29.04 -21.80 60.79
C ALA D 1201 -28.38 -22.46 59.62
N HIS D 1202 -28.06 -21.67 58.59
CA HIS D 1202 -27.38 -22.25 57.47
C HIS D 1202 -26.32 -21.39 56.87
N ILE D 1203 -25.43 -22.07 56.19
CA ILE D 1203 -24.33 -21.46 55.51
C ILE D 1203 -24.84 -20.69 54.32
N ARG D 1204 -24.28 -19.52 54.09
CA ARG D 1204 -24.56 -18.69 52.94
C ARG D 1204 -23.61 -19.14 51.87
N TYR D 1205 -23.85 -18.77 50.66
CA TYR D 1205 -23.00 -19.22 49.57
C TYR D 1205 -21.55 -18.73 49.65
N ASP D 1206 -21.28 -17.75 50.50
CA ASP D 1206 -19.94 -17.18 50.63
C ASP D 1206 -19.16 -17.81 51.78
N GLY D 1207 -19.74 -18.81 52.43
CA GLY D 1207 -19.11 -19.54 53.52
C GLY D 1207 -19.47 -19.04 54.91
N THR D 1208 -20.09 -17.86 55.01
CA THR D 1208 -20.45 -17.33 56.31
C THR D 1208 -21.77 -17.93 56.71
N TRP D 1209 -22.14 -17.81 57.97
CA TRP D 1209 -23.42 -18.31 58.43
C TRP D 1209 -24.39 -17.20 58.76
N ASN D 1210 -25.67 -17.45 58.61
CA ASN D 1210 -26.66 -16.46 59.01
C ASN D 1210 -27.21 -16.65 60.42
N THR D 1211 -28.10 -15.76 60.80
CA THR D 1211 -28.76 -15.76 62.09
C THR D 1211 -29.71 -16.95 62.16
N PRO D 1212 -29.69 -17.76 63.22
CA PRO D 1212 -30.58 -18.89 63.36
C PRO D 1212 -32.02 -18.50 63.61
N ILE D 1213 -32.91 -19.35 63.17
CA ILE D 1213 -34.33 -19.21 63.44
C ILE D 1213 -34.63 -20.05 64.66
N THR D 1214 -35.35 -19.50 65.60
CA THR D 1214 -35.63 -20.24 66.82
C THR D 1214 -37.04 -20.78 66.88
N PHE D 1215 -37.13 -22.06 67.21
CA PHE D 1215 -38.40 -22.74 67.34
C PHE D 1215 -38.63 -23.14 68.81
N ASP D 1216 -39.88 -23.15 69.25
CA ASP D 1216 -40.23 -23.51 70.64
C ASP D 1216 -40.56 -24.99 70.81
N VAL D 1217 -39.72 -25.71 71.54
CA VAL D 1217 -39.91 -27.14 71.70
C VAL D 1217 -40.09 -27.55 73.16
N ASN D 1218 -40.52 -26.61 74.01
CA ASN D 1218 -40.59 -26.92 75.44
C ASN D 1218 -41.60 -27.96 75.82
N LYS D 1219 -42.68 -28.00 75.08
CA LYS D 1219 -43.71 -28.98 75.38
C LYS D 1219 -43.28 -30.37 75.00
N LYS D 1220 -42.30 -30.49 74.10
CA LYS D 1220 -41.89 -31.80 73.67
C LYS D 1220 -40.88 -32.37 74.63
N ILE D 1221 -40.09 -31.48 75.16
CA ILE D 1221 -39.02 -31.84 76.04
C ILE D 1221 -39.54 -32.12 77.41
N SER D 1222 -40.49 -31.32 77.91
CA SER D 1222 -41.09 -31.60 79.20
C SER D 1222 -41.82 -32.94 79.18
N GLU D 1223 -42.38 -33.32 78.02
CA GLU D 1223 -43.06 -34.60 77.86
C GLU D 1223 -42.09 -35.77 77.92
N LEU D 1224 -40.92 -35.64 77.30
CA LEU D 1224 -39.99 -36.75 77.39
C LEU D 1224 -39.50 -36.91 78.81
N LYS D 1225 -39.47 -38.13 79.29
CA LYS D 1225 -39.02 -38.30 80.67
C LYS D 1225 -37.52 -38.45 80.77
N LEU D 1226 -36.89 -37.29 80.72
CA LEU D 1226 -35.44 -37.10 80.75
C LEU D 1226 -35.00 -36.74 82.17
N GLU D 1227 -33.78 -37.10 82.54
CA GLU D 1227 -33.33 -36.68 83.86
C GLU D 1227 -32.84 -35.23 83.83
N LYS D 1228 -32.44 -34.74 84.99
CA LYS D 1228 -31.98 -33.36 85.14
C LYS D 1228 -30.84 -33.02 84.18
N ASN D 1229 -29.93 -33.96 83.99
CA ASN D 1229 -28.75 -33.75 83.18
C ASN D 1229 -28.81 -34.36 81.79
N ARG D 1230 -29.98 -34.78 81.33
CA ARG D 1230 -30.01 -35.44 80.03
C ARG D 1230 -30.72 -34.67 78.94
N ALA D 1231 -29.98 -34.31 77.93
CA ALA D 1231 -30.56 -33.66 76.78
C ALA D 1231 -31.35 -34.72 76.03
N PRO D 1232 -32.41 -34.39 75.33
CA PRO D 1232 -33.15 -35.34 74.56
C PRO D 1232 -32.29 -35.78 73.44
N GLY D 1233 -32.51 -36.98 72.96
CA GLY D 1233 -31.82 -37.42 71.79
C GLY D 1233 -32.44 -36.59 70.71
N LEU D 1234 -31.67 -36.20 69.73
CA LEU D 1234 -32.22 -35.41 68.66
C LEU D 1234 -31.99 -36.05 67.32
N TYR D 1235 -33.07 -36.45 66.68
CA TYR D 1235 -33.00 -37.07 65.39
C TYR D 1235 -33.27 -36.05 64.36
N CYS D 1236 -32.39 -35.87 63.42
CA CYS D 1236 -32.74 -34.96 62.35
C CYS D 1236 -32.37 -35.52 61.04
N ALA D 1237 -33.33 -35.51 60.14
CA ALA D 1237 -33.01 -35.98 58.82
C ALA D 1237 -33.86 -35.29 57.82
N GLY D 1238 -33.26 -35.01 56.70
CA GLY D 1238 -34.04 -34.41 55.68
C GLY D 1238 -34.89 -35.46 55.06
N TYR D 1239 -36.08 -35.07 54.69
CA TYR D 1239 -36.91 -35.89 53.87
C TYR D 1239 -36.19 -35.81 52.53
N GLN D 1240 -36.16 -36.89 51.78
CA GLN D 1240 -35.51 -36.97 50.45
C GLN D 1240 -35.85 -35.86 49.46
N GLY D 1241 -36.90 -35.11 49.71
CA GLY D 1241 -37.33 -34.04 48.84
C GLY D 1241 -38.29 -33.16 49.61
N GLU D 1242 -39.00 -32.28 48.89
CA GLU D 1242 -40.02 -31.41 49.46
C GLU D 1242 -39.54 -30.45 50.53
N ASP D 1243 -38.24 -30.32 50.64
CA ASP D 1243 -37.62 -29.41 51.57
C ASP D 1243 -38.23 -29.52 52.94
N THR D 1244 -38.50 -30.74 53.36
CA THR D 1244 -39.08 -30.91 54.66
C THR D 1244 -38.12 -31.62 55.59
N LEU D 1245 -37.91 -31.00 56.72
CA LEU D 1245 -37.01 -31.53 57.73
C LEU D 1245 -37.77 -32.24 58.82
N LEU D 1246 -37.37 -33.48 59.07
CA LEU D 1246 -38.01 -34.31 60.06
C LEU D 1246 -37.23 -34.31 61.35
N VAL D 1247 -37.80 -33.72 62.39
CA VAL D 1247 -37.08 -33.66 63.65
C VAL D 1247 -37.80 -34.42 64.72
N MET D 1248 -37.10 -35.33 65.39
CA MET D 1248 -37.74 -36.05 66.47
C MET D 1248 -36.92 -36.01 67.73
N PHE D 1249 -37.59 -35.83 68.86
CA PHE D 1249 -36.87 -35.86 70.12
C PHE D 1249 -37.18 -37.14 70.87
N TYR D 1250 -36.19 -37.68 71.58
CA TYR D 1250 -36.44 -38.90 72.32
C TYR D 1250 -35.63 -39.14 73.58
N ASN D 1251 -36.17 -39.96 74.45
CA ASN D 1251 -35.41 -40.27 75.64
C ASN D 1251 -34.43 -41.38 75.32
N GLN D 1252 -33.16 -41.02 75.23
CA GLN D 1252 -32.11 -41.94 74.82
C GLN D 1252 -32.01 -43.14 75.75
N GLN D 1253 -32.00 -44.32 75.13
CA GLN D 1253 -31.96 -45.62 75.78
C GLN D 1253 -30.60 -46.26 75.74
N ASP D 1254 -30.46 -47.41 76.39
CA ASP D 1254 -29.20 -48.11 76.40
C ASP D 1254 -29.01 -48.96 75.15
N THR D 1255 -30.11 -49.46 74.60
CA THR D 1255 -30.04 -50.33 73.43
C THR D 1255 -31.03 -49.89 72.37
N LEU D 1256 -30.79 -50.30 71.13
CA LEU D 1256 -31.69 -49.95 70.03
C LEU D 1256 -33.02 -50.63 70.02
N ASP D 1257 -33.11 -51.81 70.60
CA ASP D 1257 -34.37 -52.51 70.62
C ASP D 1257 -35.33 -51.80 71.58
N SER D 1258 -34.80 -50.92 72.42
CA SER D 1258 -35.62 -50.25 73.40
C SER D 1258 -36.40 -49.13 72.74
N TYR D 1259 -36.11 -48.85 71.48
CA TYR D 1259 -36.86 -47.83 70.79
C TYR D 1259 -38.02 -48.48 70.07
N LYS D 1260 -38.10 -49.80 70.10
CA LYS D 1260 -39.24 -50.39 69.47
C LYS D 1260 -40.38 -50.04 70.39
N ASN D 1261 -41.44 -49.54 69.79
CA ASN D 1261 -42.63 -49.08 70.49
C ASN D 1261 -42.32 -47.95 71.47
N ALA D 1262 -41.30 -47.14 71.19
CA ALA D 1262 -41.02 -46.03 72.06
C ALA D 1262 -41.58 -44.75 71.51
N SER D 1263 -42.38 -44.07 72.31
CA SER D 1263 -42.98 -42.80 71.96
C SER D 1263 -41.91 -41.76 71.70
N MET D 1264 -42.17 -40.89 70.71
CA MET D 1264 -41.24 -39.82 70.36
C MET D 1264 -42.04 -38.54 70.18
N GLN D 1265 -41.40 -37.40 70.40
CA GLN D 1265 -42.03 -36.11 70.16
C GLN D 1265 -41.39 -35.36 69.00
N GLY D 1266 -42.03 -35.34 67.83
CA GLY D 1266 -41.38 -34.70 66.70
C GLY D 1266 -42.10 -33.49 66.13
N LEU D 1267 -41.52 -32.97 65.05
CA LEU D 1267 -42.01 -31.82 64.33
C LEU D 1267 -41.53 -31.81 62.91
N TYR D 1268 -42.30 -31.17 62.08
CA TYR D 1268 -41.86 -30.96 60.73
C TYR D 1268 -41.44 -29.53 60.60
N ILE D 1269 -40.38 -29.29 59.85
CA ILE D 1269 -39.95 -27.92 59.53
C ILE D 1269 -39.96 -27.78 58.03
N PHE D 1270 -40.58 -26.75 57.53
CA PHE D 1270 -40.70 -26.62 56.08
C PHE D 1270 -39.79 -25.51 55.55
N ALA D 1271 -39.60 -25.46 54.21
CA ALA D 1271 -38.75 -24.39 53.63
C ALA D 1271 -39.28 -23.04 54.04
N ASP D 1272 -40.59 -22.95 54.10
CA ASP D 1272 -41.20 -21.77 54.64
C ASP D 1272 -41.07 -22.15 56.08
N MET D 1273 -40.24 -21.46 56.87
CA MET D 1273 -39.85 -21.92 58.21
C MET D 1273 -40.92 -21.87 59.29
N ALA D 1274 -41.96 -22.58 59.01
CA ALA D 1274 -43.11 -22.85 59.79
C ALA D 1274 -42.93 -24.25 60.26
N SER D 1275 -43.65 -24.63 61.27
CA SER D 1275 -43.51 -25.99 61.71
C SER D 1275 -44.83 -26.54 62.16
N LYS D 1276 -44.90 -27.85 62.19
CA LYS D 1276 -46.08 -28.54 62.66
C LYS D 1276 -45.70 -29.67 63.56
N ASP D 1277 -46.51 -29.92 64.57
CA ASP D 1277 -46.26 -31.07 65.42
C ASP D 1277 -46.41 -32.33 64.61
N MET D 1278 -45.58 -33.30 64.92
CA MET D 1278 -45.65 -34.54 64.24
C MET D 1278 -46.49 -35.47 65.06
N THR D 1279 -47.67 -35.73 64.56
CA THR D 1279 -48.63 -36.58 65.22
C THR D 1279 -48.00 -37.93 65.45
N PRO D 1280 -48.27 -38.63 66.57
CA PRO D 1280 -47.73 -39.93 66.87
C PRO D 1280 -48.12 -40.91 65.80
N GLU D 1281 -49.20 -40.65 65.08
CA GLU D 1281 -49.55 -41.59 64.05
C GLU D 1281 -48.43 -41.69 63.02
N GLN D 1282 -47.74 -40.58 62.77
CA GLN D 1282 -46.66 -40.57 61.81
C GLN D 1282 -45.32 -40.75 62.47
N SER D 1283 -45.15 -40.28 63.72
CA SER D 1283 -43.83 -40.39 64.32
C SER D 1283 -43.52 -41.84 64.57
N ASN D 1284 -44.57 -42.66 64.70
CA ASN D 1284 -44.42 -44.06 64.91
C ASN D 1284 -43.85 -44.74 63.68
N VAL D 1285 -44.13 -44.20 62.49
CA VAL D 1285 -43.65 -44.81 61.29
C VAL D 1285 -42.23 -44.43 61.12
N TYR D 1286 -41.96 -43.16 61.32
CA TYR D 1286 -40.62 -42.71 61.11
C TYR D 1286 -39.74 -43.47 62.07
N ARG D 1287 -40.23 -43.72 63.27
CA ARG D 1287 -39.44 -44.43 64.22
C ARG D 1287 -39.14 -45.84 63.75
N ASP D 1288 -40.14 -46.56 63.26
CA ASP D 1288 -39.87 -47.94 62.87
C ASP D 1288 -38.86 -48.00 61.74
N ASN D 1289 -38.87 -47.00 60.88
CA ASN D 1289 -37.96 -46.96 59.77
C ASN D 1289 -36.64 -46.23 60.03
N SER D 1290 -36.61 -45.32 60.99
CA SER D 1290 -35.45 -44.48 61.26
C SER D 1290 -34.66 -44.81 62.51
N TYR D 1291 -35.12 -45.73 63.36
CA TYR D 1291 -34.35 -46.06 64.56
C TYR D 1291 -33.13 -46.75 63.97
N GLN D 1292 -32.18 -47.16 64.81
CA GLN D 1292 -30.87 -47.72 64.36
C GLN D 1292 -29.98 -46.62 63.82
N GLN D 1293 -30.44 -45.40 64.00
CA GLN D 1293 -29.76 -44.17 63.70
C GLN D 1293 -29.78 -43.42 64.98
N PHE D 1294 -30.56 -43.94 65.90
CA PHE D 1294 -30.75 -43.24 67.15
C PHE D 1294 -29.56 -43.51 68.02
N ASP D 1295 -29.15 -42.52 68.75
CA ASP D 1295 -28.06 -42.72 69.67
C ASP D 1295 -28.54 -43.54 70.81
N THR D 1296 -27.65 -44.32 71.34
CA THR D 1296 -27.88 -45.07 72.56
C THR D 1296 -26.77 -44.71 73.48
N ASN D 1297 -26.89 -45.04 74.72
CA ASN D 1297 -25.84 -44.66 75.63
C ASN D 1297 -24.51 -45.25 75.19
N ASN D 1298 -23.49 -44.40 75.27
CA ASN D 1298 -22.08 -44.64 74.94
C ASN D 1298 -21.71 -44.76 73.46
N VAL D 1299 -22.65 -44.54 72.54
CA VAL D 1299 -22.34 -44.50 71.11
C VAL D 1299 -22.98 -43.30 70.44
N ARG D 1300 -22.51 -42.94 69.27
CA ARG D 1300 -23.19 -41.91 68.50
C ARG D 1300 -23.41 -42.41 67.11
N ARG D 1301 -24.55 -42.10 66.55
CA ARG D 1301 -24.85 -42.56 65.20
C ARG D 1301 -25.19 -41.44 64.25
N VAL D 1302 -24.89 -41.71 63.01
CA VAL D 1302 -25.15 -40.82 61.92
C VAL D 1302 -26.49 -41.08 61.27
N ASN D 1303 -27.28 -40.03 61.18
CA ASN D 1303 -28.59 -40.11 60.59
C ASN D 1303 -28.41 -40.01 59.10
N ASN D 1304 -29.36 -40.52 58.34
CA ASN D 1304 -29.30 -40.39 56.89
C ASN D 1304 -30.62 -39.84 56.36
N ARG D 1305 -30.80 -39.71 55.04
CA ARG D 1305 -32.06 -39.15 54.55
C ARG D 1305 -33.22 -40.09 54.70
N TYR D 1306 -34.40 -39.54 54.90
CA TYR D 1306 -35.55 -40.39 54.97
C TYR D 1306 -36.29 -40.41 53.65
N ALA D 1307 -36.55 -41.60 53.15
CA ALA D 1307 -37.26 -41.69 51.90
C ALA D 1307 -38.35 -42.73 51.93
N GLU D 1308 -39.44 -42.46 51.22
CA GLU D 1308 -40.53 -43.39 51.04
C GLU D 1308 -40.77 -43.68 49.58
N ASP D 1309 -40.46 -44.90 49.16
CA ASP D 1309 -40.59 -45.24 47.77
C ASP D 1309 -41.89 -46.02 47.61
N TYR D 1310 -42.90 -45.38 47.07
CA TYR D 1310 -44.18 -46.06 46.99
C TYR D 1310 -44.30 -46.84 45.72
N GLU D 1311 -44.45 -48.15 45.85
CA GLU D 1311 -44.58 -48.99 44.68
C GLU D 1311 -46.03 -49.32 44.47
N ILE D 1312 -46.55 -48.76 43.41
CA ILE D 1312 -47.94 -48.89 43.03
C ILE D 1312 -47.88 -49.37 41.60
N PRO D 1313 -48.54 -50.48 41.23
CA PRO D 1313 -48.47 -51.04 39.90
C PRO D 1313 -49.06 -50.08 38.94
N SER D 1314 -48.56 -50.07 37.70
CA SER D 1314 -49.07 -49.15 36.68
C SER D 1314 -50.46 -49.50 36.16
N SER D 1315 -50.88 -50.73 36.38
CA SER D 1315 -52.16 -51.22 35.90
C SER D 1315 -52.61 -52.43 36.71
N VAL D 1316 -53.91 -52.55 36.93
CA VAL D 1316 -54.44 -53.76 37.60
C VAL D 1316 -55.56 -54.44 36.84
N SER D 1317 -55.39 -55.74 36.58
CA SER D 1317 -56.42 -56.48 35.88
C SER D 1317 -56.56 -57.88 36.45
N SER D 1318 -57.23 -57.91 37.57
CA SER D 1318 -57.50 -59.08 38.39
C SER D 1318 -58.61 -58.69 39.32
N ARG D 1319 -59.48 -59.60 39.72
CA ARG D 1319 -60.55 -59.17 40.61
C ARG D 1319 -60.58 -59.97 41.89
N LYS D 1320 -61.05 -59.33 42.94
CA LYS D 1320 -61.19 -59.94 44.24
C LYS D 1320 -62.64 -60.35 44.48
N ASP D 1321 -63.57 -59.62 43.88
CA ASP D 1321 -64.99 -59.92 44.06
C ASP D 1321 -65.83 -59.48 42.86
N TYR D 1322 -67.11 -59.79 42.89
CA TYR D 1322 -68.06 -59.44 41.83
C TYR D 1322 -69.49 -59.80 42.17
N GLY D 1323 -70.42 -59.39 41.32
CA GLY D 1323 -71.78 -59.83 41.55
C GLY D 1323 -72.72 -59.55 40.40
N TRP D 1324 -73.87 -60.20 40.49
CA TRP D 1324 -74.95 -60.17 39.54
C TRP D 1324 -75.94 -59.05 39.78
N GLY D 1325 -76.64 -58.60 38.73
CA GLY D 1325 -77.67 -57.60 38.96
C GLY D 1325 -78.86 -58.26 39.67
N ASP D 1326 -79.84 -57.45 40.04
CA ASP D 1326 -80.93 -57.89 40.92
C ASP D 1326 -81.74 -59.07 40.43
N TYR D 1327 -81.95 -59.13 39.14
CA TYR D 1327 -82.72 -60.21 38.56
C TYR D 1327 -81.87 -61.07 37.67
N TYR D 1328 -80.55 -60.96 37.82
CA TYR D 1328 -79.61 -61.71 37.02
C TYR D 1328 -79.79 -61.49 35.53
N LEU D 1329 -80.15 -60.28 35.14
CA LEU D 1329 -80.37 -59.94 33.73
C LEU D 1329 -79.18 -59.24 33.09
N SER D 1330 -78.16 -58.98 33.88
CA SER D 1330 -76.95 -58.31 33.44
C SER D 1330 -75.90 -58.45 34.54
N MET D 1331 -74.67 -58.05 34.22
CA MET D 1331 -73.65 -57.92 35.27
C MET D 1331 -72.56 -56.92 34.89
N VAL D 1332 -71.87 -56.41 35.90
CA VAL D 1332 -70.68 -55.64 35.62
C VAL D 1332 -69.71 -56.68 35.10
N TYR D 1333 -69.09 -56.37 33.98
CA TYR D 1333 -68.22 -57.27 33.27
C TYR D 1333 -66.79 -57.11 33.73
N ASN D 1334 -65.91 -57.89 33.13
CA ASN D 1334 -64.53 -57.99 33.50
C ASN D 1334 -63.72 -56.80 33.03
N GLY D 1335 -63.82 -55.73 33.81
CA GLY D 1335 -63.18 -54.48 33.52
C GLY D 1335 -61.83 -54.46 34.17
N ASP D 1336 -61.25 -53.31 34.23
CA ASP D 1336 -59.93 -53.21 34.80
C ASP D 1336 -59.58 -51.79 35.16
N ILE D 1337 -58.38 -51.63 35.66
CA ILE D 1337 -57.88 -50.31 35.90
C ILE D 1337 -56.68 -50.19 35.02
N PRO D 1338 -56.87 -49.82 33.76
CA PRO D 1338 -55.85 -49.91 32.75
C PRO D 1338 -54.64 -49.06 33.03
N THR D 1339 -54.79 -47.96 33.78
CA THR D 1339 -53.62 -47.18 34.09
C THR D 1339 -53.69 -46.73 35.54
N ILE D 1340 -52.53 -46.55 36.14
CA ILE D 1340 -52.42 -45.99 37.47
C ILE D 1340 -51.24 -45.01 37.52
N ASN D 1341 -51.46 -43.85 38.12
CA ASN D 1341 -50.40 -42.87 38.32
C ASN D 1341 -50.48 -42.36 39.74
N TYR D 1342 -49.41 -41.83 40.29
CA TYR D 1342 -49.51 -41.29 41.64
C TYR D 1342 -48.49 -40.23 41.92
N LYS D 1343 -48.75 -39.47 42.96
CA LYS D 1343 -47.80 -38.51 43.47
C LYS D 1343 -47.72 -38.63 44.99
N ALA D 1344 -46.53 -38.80 45.52
CA ALA D 1344 -46.37 -38.94 46.96
C ALA D 1344 -45.75 -37.70 47.53
N ALA D 1345 -46.02 -37.43 48.80
CA ALA D 1345 -45.38 -36.32 49.47
C ALA D 1345 -45.35 -36.60 50.98
N SER D 1346 -44.51 -35.91 51.73
CA SER D 1346 -44.50 -36.18 53.14
C SER D 1346 -45.83 -35.80 53.73
N SER D 1347 -46.48 -36.79 54.31
CA SER D 1347 -47.82 -36.69 54.85
C SER D 1347 -48.93 -36.43 53.80
N ASP D 1348 -48.76 -36.96 52.57
CA ASP D 1348 -49.78 -36.89 51.53
C ASP D 1348 -49.55 -37.96 50.47
N LEU D 1349 -50.59 -38.29 49.75
CA LEU D 1349 -50.50 -39.21 48.64
C LEU D 1349 -51.72 -39.10 47.76
N LYS D 1350 -51.47 -38.84 46.50
CA LYS D 1350 -52.54 -38.74 45.54
C LYS D 1350 -52.39 -39.81 44.50
N ILE D 1351 -53.42 -40.61 44.39
CA ILE D 1351 -53.40 -41.70 43.45
C ILE D 1351 -54.40 -41.40 42.38
N TYR D 1352 -53.97 -41.57 41.16
CA TYR D 1352 -54.83 -41.30 40.04
C TYR D 1352 -55.17 -42.60 39.36
N ILE D 1353 -56.44 -42.91 39.40
CA ILE D 1353 -56.92 -44.15 38.82
C ILE D 1353 -57.67 -43.79 37.55
N SER D 1354 -57.43 -44.47 36.42
CA SER D 1354 -58.25 -44.15 35.23
C SER D 1354 -58.97 -45.40 34.74
N PRO D 1355 -59.95 -45.88 35.52
CA PRO D 1355 -60.66 -47.13 35.42
C PRO D 1355 -61.64 -47.20 34.28
N LYS D 1356 -61.95 -48.42 33.88
CA LYS D 1356 -62.96 -48.69 32.87
C LYS D 1356 -63.99 -49.69 33.40
N LEU D 1357 -65.25 -49.26 33.44
CA LEU D 1357 -66.31 -50.09 33.97
C LEU D 1357 -66.99 -50.73 32.79
N ARG D 1358 -67.08 -52.03 32.80
CA ARG D 1358 -67.69 -52.69 31.67
C ARG D 1358 -69.03 -53.25 32.08
N ILE D 1359 -69.99 -53.23 31.17
CA ILE D 1359 -71.27 -53.87 31.44
C ILE D 1359 -71.58 -54.86 30.33
N ILE D 1360 -71.90 -56.08 30.72
CA ILE D 1360 -72.24 -57.07 29.72
C ILE D 1360 -73.66 -57.52 29.94
N HIS D 1361 -74.41 -57.69 28.87
CA HIS D 1361 -75.75 -58.17 29.08
C HIS D 1361 -75.75 -59.68 29.02
N ASN D 1362 -75.22 -60.23 30.09
CA ASN D 1362 -75.00 -61.63 30.34
C ASN D 1362 -75.55 -61.93 31.72
N GLY D 1363 -76.63 -62.68 31.73
CA GLY D 1363 -77.38 -63.01 32.93
C GLY D 1363 -76.83 -64.23 33.63
N TYR D 1364 -77.53 -64.71 34.64
CA TYR D 1364 -76.98 -65.85 35.37
C TYR D 1364 -76.82 -67.01 34.42
N GLU D 1365 -75.68 -67.70 34.50
CA GLU D 1365 -75.45 -68.80 33.59
C GLU D 1365 -76.62 -69.75 33.69
N GLY D 1366 -77.20 -70.07 32.55
CA GLY D 1366 -78.38 -70.91 32.53
C GLY D 1366 -79.48 -70.14 31.84
N GLN D 1367 -80.71 -70.38 32.22
CA GLN D 1367 -81.82 -69.79 31.51
C GLN D 1367 -81.84 -68.27 31.55
N LYS D 1368 -81.16 -67.66 32.50
CA LYS D 1368 -81.18 -66.21 32.60
C LYS D 1368 -80.25 -65.63 31.56
N ARG D 1369 -79.17 -66.33 31.27
CA ARG D 1369 -78.24 -65.86 30.28
C ARG D 1369 -78.97 -65.88 28.97
N ASN D 1370 -79.78 -66.92 28.79
CA ASN D 1370 -80.52 -67.08 27.56
C ASN D 1370 -81.55 -65.95 27.42
N GLN D 1371 -82.18 -65.52 28.52
CA GLN D 1371 -83.12 -64.41 28.39
C GLN D 1371 -82.37 -63.17 27.90
N CYS D 1372 -81.15 -62.98 28.39
CA CYS D 1372 -80.37 -61.84 27.95
C CYS D 1372 -80.02 -61.98 26.47
N ASN D 1373 -79.80 -63.20 26.00
CA ASN D 1373 -79.41 -63.43 24.62
C ASN D 1373 -80.54 -63.04 23.70
N LEU D 1374 -81.77 -63.22 24.16
CA LEU D 1374 -82.89 -62.85 23.32
C LEU D 1374 -82.97 -61.33 23.21
N MET D 1375 -82.77 -60.65 24.33
CA MET D 1375 -82.81 -59.19 24.40
C MET D 1375 -81.76 -58.58 23.48
N ASN D 1376 -80.61 -59.25 23.45
CA ASN D 1376 -79.44 -58.82 22.73
C ASN D 1376 -79.66 -58.87 21.21
N LYS D 1377 -80.68 -59.60 20.77
CA LYS D 1377 -80.97 -59.75 19.36
C LYS D 1377 -82.24 -59.00 18.95
N TYR D 1378 -83.22 -58.90 19.85
CA TYR D 1378 -84.48 -58.25 19.54
C TYR D 1378 -84.43 -56.73 19.47
N GLY D 1379 -83.50 -56.11 20.20
CA GLY D 1379 -83.47 -54.64 20.18
C GLY D 1379 -82.16 -54.04 20.64
N LYS D 1380 -82.16 -52.74 20.87
CA LYS D 1380 -80.96 -52.03 21.30
C LYS D 1380 -81.28 -51.17 22.51
N LEU D 1381 -80.44 -51.24 23.52
CA LEU D 1381 -80.63 -50.48 24.74
C LEU D 1381 -81.22 -49.11 24.46
N ALA D 1492 -81.52 -51.50 30.34
CA ALA D 1492 -81.81 -50.13 30.74
C ALA D 1492 -80.72 -49.62 31.68
N ILE D 1493 -79.80 -48.77 31.22
CA ILE D 1493 -78.68 -48.29 32.05
C ILE D 1493 -78.66 -46.77 32.16
N SER D 1494 -78.60 -46.25 33.39
CA SER D 1494 -78.51 -44.79 33.57
C SER D 1494 -77.11 -44.38 34.03
N PRO D 1495 -76.28 -43.66 33.23
CA PRO D 1495 -74.89 -43.26 33.51
C PRO D 1495 -74.72 -42.55 34.84
N ALA D 1496 -75.80 -41.95 35.30
CA ALA D 1496 -75.83 -41.20 36.54
C ALA D 1496 -75.55 -42.11 37.71
N LYS D 1497 -75.87 -43.38 37.54
CA LYS D 1497 -75.70 -44.37 38.56
C LYS D 1497 -74.62 -45.38 38.19
N VAL D 1498 -73.82 -45.08 37.16
CA VAL D 1498 -72.71 -45.95 36.80
C VAL D 1498 -71.59 -45.38 37.62
N GLN D 1499 -71.06 -46.15 38.55
CA GLN D 1499 -70.16 -45.54 39.50
C GLN D 1499 -69.05 -46.42 40.02
N ILE D 1500 -68.01 -45.77 40.49
CA ILE D 1500 -66.93 -46.47 41.12
C ILE D 1500 -66.70 -45.97 42.54
N ILE D 1501 -66.68 -46.90 43.47
CA ILE D 1501 -66.50 -46.55 44.87
C ILE D 1501 -65.11 -46.91 45.32
N VAL D 1502 -64.38 -45.91 45.77
CA VAL D 1502 -63.02 -46.18 46.15
C VAL D 1502 -62.78 -46.03 47.63
N LYS D 1503 -62.33 -47.11 48.24
CA LYS D 1503 -62.03 -47.12 49.67
C LYS D 1503 -60.56 -46.81 49.83
N ALA D 1504 -60.26 -45.53 50.02
CA ALA D 1504 -58.88 -45.09 50.09
C ALA D 1504 -58.47 -44.95 51.53
N GLY D 1505 -57.90 -46.00 52.09
CA GLY D 1505 -57.60 -45.92 53.48
C GLY D 1505 -58.87 -45.71 54.29
N GLY D 1506 -58.82 -44.69 55.15
CA GLY D 1506 -59.92 -44.35 56.04
C GLY D 1506 -61.07 -43.53 55.42
N LYS D 1507 -61.01 -43.21 54.13
CA LYS D 1507 -62.08 -42.38 53.53
C LYS D 1507 -62.59 -42.92 52.20
N GLU D 1508 -63.90 -42.90 52.03
CA GLU D 1508 -64.45 -43.32 50.76
C GLU D 1508 -64.75 -42.17 49.83
N GLN D 1509 -64.52 -42.41 48.56
CA GLN D 1509 -64.86 -41.48 47.49
C GLN D 1509 -65.76 -42.18 46.47
N THR D 1510 -66.76 -41.48 45.94
CA THR D 1510 -67.61 -42.09 44.92
C THR D 1510 -67.61 -41.24 43.68
N PHE D 1511 -67.38 -41.89 42.55
CA PHE D 1511 -67.33 -41.19 41.28
C PHE D 1511 -68.39 -41.73 40.34
N THR D 1512 -68.98 -40.88 39.49
CA THR D 1512 -70.00 -41.38 38.56
C THR D 1512 -69.71 -41.06 37.11
N ALA D 1513 -70.24 -41.89 36.23
CA ALA D 1513 -70.01 -41.74 34.81
C ALA D 1513 -70.52 -40.45 34.27
N ASP D 1514 -71.59 -39.91 34.84
CA ASP D 1514 -72.09 -38.69 34.23
C ASP D 1514 -71.11 -37.51 34.41
N LYS D 1515 -70.15 -37.61 35.33
CA LYS D 1515 -69.19 -36.54 35.52
C LYS D 1515 -67.79 -36.90 35.01
N ASP D 1516 -67.39 -38.16 35.18
CA ASP D 1516 -66.04 -38.62 34.84
C ASP D 1516 -65.88 -39.29 33.48
N VAL D 1517 -66.95 -39.79 32.88
CA VAL D 1517 -66.82 -40.42 31.57
C VAL D 1517 -67.20 -39.35 30.57
N SER D 1518 -66.19 -38.85 29.86
CA SER D 1518 -66.38 -37.73 28.95
C SER D 1518 -67.24 -38.10 27.75
N ILE D 1519 -67.08 -39.32 27.31
CA ILE D 1519 -67.87 -39.87 26.21
C ILE D 1519 -68.48 -41.15 26.71
N GLN D 1520 -69.79 -41.19 26.84
CA GLN D 1520 -70.43 -42.40 27.29
C GLN D 1520 -70.47 -43.26 26.05
N PRO D 1521 -70.38 -44.58 26.15
CA PRO D 1521 -70.43 -45.51 25.06
C PRO D 1521 -71.80 -45.52 24.43
N SER D 1522 -71.83 -45.80 23.14
CA SER D 1522 -73.08 -45.93 22.42
C SER D 1522 -73.92 -47.00 23.11
N PRO D 1523 -75.24 -46.82 23.27
CA PRO D 1523 -76.12 -47.78 23.90
C PRO D 1523 -76.08 -49.03 23.08
N SER D 1524 -76.06 -50.16 23.75
CA SER D 1524 -76.00 -51.45 23.11
C SER D 1524 -76.39 -52.52 24.07
N PHE D 1525 -76.98 -53.59 23.58
CA PHE D 1525 -77.20 -54.67 24.52
C PHE D 1525 -76.10 -55.71 24.48
N ASP D 1526 -75.07 -55.61 23.66
CA ASP D 1526 -74.10 -56.68 23.78
C ASP D 1526 -73.07 -56.35 24.87
N GLU D 1527 -72.39 -55.23 24.72
CA GLU D 1527 -71.37 -54.74 25.64
C GLU D 1527 -71.22 -53.22 25.65
N MET D 1528 -71.02 -52.66 26.83
CA MET D 1528 -70.72 -51.23 26.94
C MET D 1528 -69.47 -51.00 27.76
N ASN D 1529 -68.69 -49.98 27.39
CA ASN D 1529 -67.48 -49.64 28.13
C ASN D 1529 -67.41 -48.19 28.58
N TYR D 1530 -67.44 -47.96 29.89
CA TYR D 1530 -67.40 -46.61 30.44
C TYR D 1530 -66.00 -46.30 30.91
N GLN D 1531 -65.33 -45.45 30.17
CA GLN D 1531 -63.96 -45.09 30.49
C GLN D 1531 -63.91 -43.75 31.17
N PHE D 1532 -63.50 -43.77 32.42
CA PHE D 1532 -63.45 -42.60 33.27
C PHE D 1532 -62.15 -41.88 32.97
N ASN D 1533 -62.14 -40.55 33.02
CA ASN D 1533 -60.91 -39.82 32.72
C ASN D 1533 -59.80 -40.16 33.71
N ALA D 1534 -60.03 -39.82 34.96
CA ALA D 1534 -59.15 -40.13 36.07
C ALA D 1534 -59.97 -39.96 37.32
N LEU D 1535 -59.60 -40.64 38.37
CA LEU D 1535 -60.22 -40.41 39.63
C LEU D 1535 -59.15 -39.97 40.60
N GLU D 1536 -59.25 -38.77 41.18
CA GLU D 1536 -58.19 -38.40 42.09
C GLU D 1536 -58.50 -38.89 43.49
N ILE D 1537 -57.65 -39.78 43.96
CA ILE D 1537 -57.81 -40.47 45.22
C ILE D 1537 -56.91 -39.99 46.33
N ASP D 1538 -57.52 -39.72 47.46
CA ASP D 1538 -56.78 -39.26 48.62
C ASP D 1538 -56.27 -40.44 49.44
N GLY D 1539 -54.99 -40.73 49.29
CA GLY D 1539 -54.33 -41.87 49.90
C GLY D 1539 -53.66 -41.48 51.21
N SER D 1540 -53.87 -40.24 51.68
CA SER D 1540 -53.18 -39.75 52.89
C SER D 1540 -53.71 -40.45 54.12
N GLY D 1541 -54.87 -41.06 53.97
CA GLY D 1541 -55.55 -41.80 55.01
C GLY D 1541 -55.20 -43.27 54.93
N LEU D 1542 -54.23 -43.63 54.10
CA LEU D 1542 -53.96 -45.04 53.91
C LEU D 1542 -52.97 -45.56 54.90
N ASN D 1543 -53.47 -46.43 55.75
CA ASN D 1543 -52.65 -47.02 56.79
C ASN D 1543 -51.97 -48.24 56.24
N PHE D 1544 -50.81 -48.54 56.79
CA PHE D 1544 -50.04 -49.70 56.38
C PHE D 1544 -49.80 -50.69 57.48
N ILE D 1545 -49.78 -51.97 57.12
CA ILE D 1545 -49.42 -53.02 58.05
C ILE D 1545 -48.12 -53.63 57.56
N ASN D 1546 -47.03 -53.43 58.29
CA ASN D 1546 -45.75 -53.96 57.85
C ASN D 1546 -45.45 -53.54 56.42
N ASN D 1547 -45.73 -52.27 56.12
CA ASN D 1547 -45.56 -51.62 54.82
C ASN D 1547 -46.50 -52.11 53.71
N SER D 1548 -47.50 -52.92 54.07
CA SER D 1548 -48.49 -53.34 53.10
C SER D 1548 -49.82 -52.58 53.23
N ALA D 1549 -50.32 -52.08 52.10
CA ALA D 1549 -51.60 -51.38 52.07
C ALA D 1549 -52.24 -51.53 50.71
N SER D 1550 -53.54 -51.29 50.60
CA SER D 1550 -54.16 -51.34 49.28
C SER D 1550 -55.37 -50.43 49.16
N ILE D 1551 -55.73 -50.10 47.93
CA ILE D 1551 -56.94 -49.32 47.64
C ILE D 1551 -58.01 -50.26 47.11
N ASP D 1552 -59.17 -50.28 47.77
CA ASP D 1552 -60.25 -51.20 47.35
C ASP D 1552 -61.22 -50.48 46.39
N VAL D 1553 -61.20 -50.87 45.13
CA VAL D 1553 -61.96 -50.18 44.10
C VAL D 1553 -63.14 -50.98 43.58
N THR D 1554 -64.35 -50.51 43.88
CA THR D 1554 -65.53 -51.25 43.48
C THR D 1554 -66.21 -50.61 42.29
N PHE D 1555 -66.46 -51.42 41.30
CA PHE D 1555 -67.14 -51.03 40.09
C PHE D 1555 -68.57 -51.50 40.20
N THR D 1556 -69.51 -50.58 40.18
CA THR D 1556 -70.90 -50.98 40.33
C THR D 1556 -71.81 -50.08 39.54
N ALA D 1557 -72.95 -50.60 39.13
CA ALA D 1557 -73.83 -49.72 38.39
C ALA D 1557 -75.30 -50.04 38.55
N PHE D 1558 -76.14 -49.04 38.32
CA PHE D 1558 -77.60 -49.25 38.36
C PHE D 1558 -78.32 -48.95 37.06
N ALA D 1559 -79.41 -49.69 36.92
CA ALA D 1559 -80.34 -49.62 35.84
C ALA D 1559 -81.15 -48.38 35.92
N GLU D 1560 -81.76 -48.03 34.81
CA GLU D 1560 -82.60 -46.83 34.77
C GLU D 1560 -83.73 -46.91 35.80
N ASP D 1561 -84.24 -48.10 36.06
CA ASP D 1561 -85.34 -48.33 36.99
C ASP D 1561 -84.87 -48.59 38.43
N GLY D 1562 -83.58 -48.42 38.69
CA GLY D 1562 -83.01 -48.60 40.02
C GLY D 1562 -82.44 -49.99 40.30
N ARG D 1563 -82.66 -50.94 39.39
CA ARG D 1563 -82.12 -52.29 39.62
C ARG D 1563 -80.60 -52.28 39.62
N LYS D 1564 -80.00 -53.00 40.53
CA LYS D 1564 -78.54 -53.08 40.51
C LYS D 1564 -78.15 -53.93 39.30
N LEU D 1565 -77.05 -53.57 38.64
CA LEU D 1565 -76.47 -54.26 37.49
C LEU D 1565 -75.26 -55.08 37.94
N GLY D 1566 -75.15 -55.28 39.23
CA GLY D 1566 -74.08 -56.05 39.82
C GLY D 1566 -72.81 -55.22 39.98
N TYR D 1567 -71.71 -55.92 40.29
CA TYR D 1567 -70.46 -55.24 40.61
C TYR D 1567 -69.20 -56.07 40.33
N GLU D 1568 -68.06 -55.40 40.41
CA GLU D 1568 -66.74 -56.05 40.35
C GLU D 1568 -65.76 -55.31 41.26
N SER D 1569 -64.96 -56.03 42.04
CA SER D 1569 -64.03 -55.31 42.92
C SER D 1569 -62.59 -55.68 42.70
N PHE D 1570 -61.77 -54.63 42.63
CA PHE D 1570 -60.33 -54.65 42.40
C PHE D 1570 -59.57 -54.19 43.62
N SER D 1571 -58.35 -54.63 43.76
CA SER D 1571 -57.53 -54.15 44.86
C SER D 1571 -56.17 -53.76 44.36
N ILE D 1572 -55.83 -52.49 44.55
CA ILE D 1572 -54.54 -52.01 44.05
C ILE D 1572 -53.57 -51.98 45.20
N PRO D 1573 -52.53 -52.83 45.23
CA PRO D 1573 -51.59 -52.86 46.30
C PRO D 1573 -50.76 -51.61 46.25
N VAL D 1574 -50.42 -51.13 47.42
CA VAL D 1574 -49.52 -50.04 47.61
C VAL D 1574 -48.43 -50.49 48.56
N THR D 1575 -47.19 -50.44 48.13
CA THR D 1575 -46.13 -50.88 49.02
C THR D 1575 -45.26 -49.72 49.45
N LEU D 1576 -45.05 -49.62 50.75
CA LEU D 1576 -44.17 -48.61 51.26
C LEU D 1576 -42.79 -49.15 51.43
N LYS D 1577 -41.89 -48.81 50.53
CA LYS D 1577 -40.57 -49.34 50.62
C LYS D 1577 -39.62 -48.32 51.18
N VAL D 1578 -39.04 -48.66 52.31
CA VAL D 1578 -38.07 -47.78 52.92
C VAL D 1578 -36.81 -48.59 53.11
N SER D 1579 -35.73 -48.17 52.49
CA SER D 1579 -34.50 -48.90 52.64
C SER D 1579 -33.95 -48.62 54.02
N THR D 1580 -33.40 -49.64 54.65
CA THR D 1580 -32.75 -49.44 55.93
C THR D 1580 -31.38 -50.07 55.88
N ASP D 1581 -30.49 -49.58 56.73
CA ASP D 1581 -29.13 -50.10 56.88
C ASP D 1581 -28.65 -49.69 58.26
N ASN D 1582 -27.45 -50.08 58.59
CA ASN D 1582 -26.82 -49.74 59.83
C ASN D 1582 -26.26 -48.33 59.76
N ALA D 1583 -26.47 -47.54 60.78
CA ALA D 1583 -25.98 -46.17 60.79
C ALA D 1583 -24.48 -46.12 60.92
N LEU D 1584 -23.87 -45.07 60.41
CA LEU D 1584 -22.45 -44.97 60.61
C LEU D 1584 -22.32 -44.63 62.09
N THR D 1585 -21.30 -45.13 62.75
CA THR D 1585 -21.10 -44.88 64.17
C THR D 1585 -19.83 -44.08 64.44
N LEU D 1586 -19.93 -43.12 65.34
CA LEU D 1586 -18.75 -42.34 65.70
C LEU D 1586 -18.24 -42.78 67.05
N HIS D 1587 -16.92 -42.79 67.20
CA HIS D 1587 -16.27 -43.20 68.43
C HIS D 1587 -15.12 -42.32 68.87
N HIS D 1588 -14.94 -42.23 70.18
CA HIS D 1588 -13.79 -41.55 70.75
C HIS D 1588 -13.13 -42.49 71.73
N ASN D 1589 -11.93 -42.95 71.44
CA ASN D 1589 -11.35 -43.96 72.31
C ASN D 1589 -10.58 -43.34 73.47
N GLU D 1590 -10.09 -44.21 74.35
CA GLU D 1590 -9.36 -43.85 75.55
C GLU D 1590 -8.00 -43.32 75.22
N ASN D 1591 -7.45 -43.80 74.13
CA ASN D 1591 -6.12 -43.43 73.73
C ASN D 1591 -6.12 -42.15 72.90
N GLY D 1592 -7.28 -41.50 72.80
CA GLY D 1592 -7.42 -40.25 72.10
C GLY D 1592 -7.71 -40.38 70.63
N ALA D 1593 -7.71 -41.60 70.10
CA ALA D 1593 -8.00 -41.73 68.70
C ALA D 1593 -9.47 -41.48 68.52
N GLN D 1594 -9.85 -40.89 67.41
CA GLN D 1594 -11.26 -40.74 67.10
C GLN D 1594 -11.43 -41.46 65.79
N TYR D 1595 -12.55 -42.12 65.64
CA TYR D 1595 -12.76 -42.83 64.40
C TYR D 1595 -14.22 -43.02 64.05
N MET D 1596 -14.42 -43.33 62.79
CA MET D 1596 -15.72 -43.66 62.27
C MET D 1596 -15.81 -45.13 61.91
N GLN D 1597 -16.89 -45.77 62.24
CA GLN D 1597 -17.07 -47.19 61.95
C GLN D 1597 -18.44 -47.47 61.41
N TRP D 1598 -18.60 -48.33 60.42
CA TRP D 1598 -19.96 -48.57 60.00
C TRP D 1598 -20.13 -50.00 59.62
N GLN D 1599 -19.03 -50.60 59.29
CA GLN D 1599 -19.04 -52.01 59.04
C GLN D 1599 -17.94 -52.54 59.89
N SER D 1600 -17.02 -53.28 59.30
CA SER D 1600 -15.86 -53.74 60.02
C SER D 1600 -14.73 -52.78 59.75
N TYR D 1601 -15.02 -51.73 59.02
CA TYR D 1601 -14.04 -50.76 58.63
C TYR D 1601 -13.98 -49.67 59.67
N ARG D 1602 -12.78 -49.22 60.04
CA ARG D 1602 -12.65 -48.12 61.00
C ARG D 1602 -11.79 -47.00 60.40
N THR D 1603 -12.35 -45.82 60.24
CA THR D 1603 -11.65 -44.69 59.64
C THR D 1603 -11.19 -43.66 60.65
N ARG D 1604 -9.91 -43.37 60.68
CA ARG D 1604 -9.41 -42.42 61.67
C ARG D 1604 -9.88 -41.00 61.35
N LEU D 1605 -10.39 -40.28 62.33
CA LEU D 1605 -10.86 -38.90 62.14
C LEU D 1605 -9.89 -37.78 62.53
N ASN D 1606 -8.93 -38.06 63.38
CA ASN D 1606 -8.00 -37.05 63.86
C ASN D 1606 -6.54 -37.46 63.84
N THR D 1607 -5.66 -36.57 64.31
CA THR D 1607 -4.25 -36.89 64.50
C THR D 1607 -3.85 -36.33 65.81
N LEU D 1608 -2.92 -36.98 66.48
CA LEU D 1608 -2.46 -36.46 67.73
C LEU D 1608 -1.03 -35.93 67.73
N PHE D 1609 -0.37 -35.86 66.58
CA PHE D 1609 1.02 -35.42 66.63
C PHE D 1609 1.33 -34.21 65.78
N ALA D 1610 0.34 -33.37 65.55
CA ALA D 1610 0.57 -32.17 64.76
C ALA D 1610 1.66 -31.31 65.37
N ARG D 1611 1.77 -31.34 66.70
CA ARG D 1611 2.79 -30.55 67.34
C ARG D 1611 4.17 -31.06 66.99
N GLN D 1612 4.33 -32.36 66.82
CA GLN D 1612 5.66 -32.88 66.57
C GLN D 1612 6.07 -32.42 65.21
N LEU D 1613 5.11 -32.33 64.30
CA LEU D 1613 5.44 -31.94 62.95
C LEU D 1613 5.91 -30.51 62.96
N VAL D 1614 5.28 -29.66 63.74
CA VAL D 1614 5.72 -28.28 63.76
C VAL D 1614 7.16 -28.23 64.27
N ALA D 1615 7.44 -28.99 65.31
CA ALA D 1615 8.76 -29.06 65.89
C ALA D 1615 9.78 -29.56 64.89
N ARG D 1616 9.38 -30.47 63.99
CA ARG D 1616 10.32 -30.99 63.03
C ARG D 1616 10.55 -29.99 61.91
N ALA D 1617 9.52 -29.28 61.46
CA ALA D 1617 9.70 -28.32 60.39
C ALA D 1617 10.64 -27.23 60.83
N THR D 1618 10.57 -26.93 62.10
CA THR D 1618 11.37 -25.91 62.71
C THR D 1618 12.86 -26.17 62.54
N THR D 1619 13.30 -27.43 62.46
CA THR D 1619 14.73 -27.68 62.37
C THR D 1619 15.22 -27.83 60.94
N GLY D 1620 14.34 -27.69 59.96
CA GLY D 1620 14.74 -27.78 58.57
C GLY D 1620 13.98 -28.76 57.70
N ILE D 1621 14.11 -28.59 56.40
CA ILE D 1621 13.42 -29.39 55.41
C ILE D 1621 13.73 -30.86 55.47
N ASP D 1622 14.93 -31.19 55.87
CA ASP D 1622 15.32 -32.57 55.88
C ASP D 1622 14.77 -33.24 57.10
N THR D 1623 14.52 -32.51 58.16
CA THR D 1623 13.96 -33.15 59.30
C THR D 1623 12.52 -33.43 58.96
N ILE D 1624 11.80 -32.44 58.47
CA ILE D 1624 10.40 -32.70 58.22
C ILE D 1624 10.17 -33.72 57.14
N LEU D 1625 10.99 -33.76 56.08
CA LEU D 1625 10.73 -34.71 55.02
C LEU D 1625 11.43 -36.05 55.14
N SER D 1626 12.04 -36.33 56.28
CA SER D 1626 12.74 -37.60 56.44
C SER D 1626 11.76 -38.74 56.51
N MET D 1627 12.27 -39.97 56.43
CA MET D 1627 11.41 -41.11 56.57
C MET D 1627 10.95 -41.22 58.01
N GLU D 1628 11.79 -40.82 58.93
CA GLU D 1628 11.48 -40.90 60.34
C GLU D 1628 10.24 -40.12 60.66
N THR D 1629 10.04 -39.01 59.98
CA THR D 1629 8.89 -38.17 60.20
C THR D 1629 7.64 -38.97 59.92
N GLN D 1630 7.67 -39.80 58.93
CA GLN D 1630 6.49 -40.47 58.46
C GLN D 1630 6.19 -41.70 59.28
N ASN D 1631 7.07 -41.95 60.25
CA ASN D 1631 6.94 -43.05 61.16
C ASN D 1631 6.52 -42.54 62.52
N ILE D 1632 6.03 -41.32 62.59
CA ILE D 1632 5.49 -40.91 63.86
C ILE D 1632 4.25 -41.75 63.98
N GLN D 1633 4.08 -42.41 65.12
CA GLN D 1633 2.95 -43.28 65.29
C GLN D 1633 1.73 -42.69 65.97
N GLU D 1634 0.61 -43.26 65.56
CA GLU D 1634 -0.73 -43.01 66.02
C GLU D 1634 -1.24 -44.23 66.79
N PRO D 1635 -2.12 -44.09 67.77
CA PRO D 1635 -2.75 -45.19 68.50
C PRO D 1635 -3.66 -46.01 67.60
N GLN D 1636 -3.83 -47.30 67.90
CA GLN D 1636 -4.78 -48.11 67.15
C GLN D 1636 -6.17 -47.56 67.38
N LEU D 1637 -7.07 -47.79 66.44
CA LEU D 1637 -8.38 -47.17 66.53
C LEU D 1637 -9.33 -47.76 67.53
N GLY D 1638 -9.25 -49.04 67.78
CA GLY D 1638 -10.22 -49.66 68.66
C GLY D 1638 -9.81 -51.06 68.97
N LYS D 1639 -10.64 -51.78 69.68
CA LYS D 1639 -10.27 -53.13 70.02
C LYS D 1639 -9.94 -53.84 68.72
N GLY D 1640 -8.78 -54.48 68.69
CA GLY D 1640 -8.30 -55.17 67.52
C GLY D 1640 -6.81 -55.38 67.67
N PHE D 1641 -6.19 -55.86 66.61
CA PHE D 1641 -4.76 -56.15 66.62
C PHE D 1641 -4.16 -56.05 65.25
N TYR D 1642 -2.86 -55.98 65.18
CA TYR D 1642 -2.25 -55.93 63.87
C TYR D 1642 -1.71 -57.28 63.49
N ALA D 1643 -1.80 -57.61 62.22
CA ALA D 1643 -1.17 -58.85 61.78
C ALA D 1643 -0.55 -58.69 60.42
N THR D 1644 0.60 -59.32 60.26
CA THR D 1644 1.30 -59.26 59.00
C THR D 1644 0.99 -60.47 58.17
N PHE D 1645 0.63 -60.20 56.95
CA PHE D 1645 0.28 -61.22 56.01
C PHE D 1645 1.23 -61.21 54.85
N VAL D 1646 1.75 -62.37 54.52
CA VAL D 1646 2.61 -62.42 53.37
C VAL D 1646 2.00 -63.33 52.36
N ILE D 1647 1.81 -62.77 51.19
CA ILE D 1647 1.20 -63.42 50.06
C ILE D 1647 2.34 -63.92 49.18
N PRO D 1648 2.42 -65.20 48.84
CA PRO D 1648 3.52 -65.80 48.12
C PRO D 1648 3.58 -65.30 46.67
N PRO D 1649 4.70 -65.55 45.96
CA PRO D 1649 4.93 -65.22 44.56
C PRO D 1649 3.93 -65.91 43.66
N TYR D 1650 3.62 -65.26 42.54
CA TYR D 1650 2.69 -65.75 41.55
C TYR D 1650 3.11 -67.06 40.93
N ASN D 1651 2.17 -67.97 40.78
CA ASN D 1651 2.41 -69.24 40.17
C ASN D 1651 1.20 -69.61 39.35
N LEU D 1652 1.25 -70.74 38.67
CA LEU D 1652 0.12 -71.22 37.92
C LEU D 1652 -0.47 -72.47 38.54
N SER D 1653 0.33 -73.15 39.38
CA SER D 1653 -0.10 -74.40 40.03
C SER D 1653 -1.16 -74.08 41.07
N THR D 1654 -1.15 -72.83 41.42
CA THR D 1654 -2.02 -72.12 42.31
C THR D 1654 -2.02 -70.73 41.73
N HIS D 1655 -3.11 -70.02 41.88
CA HIS D 1655 -3.27 -68.67 41.32
C HIS D 1655 -3.17 -68.68 39.79
N GLY D 1656 -3.73 -69.70 39.17
CA GLY D 1656 -3.64 -69.80 37.73
C GLY D 1656 -4.28 -68.69 36.96
N ASP D 1657 -3.64 -68.38 35.82
CA ASP D 1657 -4.05 -67.46 34.77
C ASP D 1657 -4.10 -65.98 35.10
N GLU D 1658 -4.82 -65.66 36.14
CA GLU D 1658 -5.02 -64.30 36.54
C GLU D 1658 -4.09 -63.97 37.69
N ARG D 1659 -3.79 -62.69 37.91
CA ARG D 1659 -2.89 -62.28 38.99
C ARG D 1659 -3.57 -61.60 40.15
N TRP D 1660 -4.86 -61.60 40.22
CA TRP D 1660 -5.45 -60.85 41.32
C TRP D 1660 -5.70 -61.73 42.50
N PHE D 1661 -5.76 -61.11 43.66
CA PHE D 1661 -6.19 -61.79 44.84
C PHE D 1661 -6.88 -60.78 45.72
N LYS D 1662 -7.72 -61.27 46.61
CA LYS D 1662 -8.35 -60.39 47.58
C LYS D 1662 -8.35 -61.01 48.94
N LEU D 1663 -8.26 -60.18 49.96
CA LEU D 1663 -8.34 -60.64 51.31
C LEU D 1663 -9.58 -60.11 51.94
N TYR D 1664 -10.28 -61.01 52.57
CA TYR D 1664 -11.51 -60.71 53.22
C TYR D 1664 -11.55 -61.05 54.67
N ILE D 1665 -12.32 -60.29 55.42
CA ILE D 1665 -12.52 -60.60 56.83
C ILE D 1665 -13.97 -60.99 57.09
N LYS D 1666 -14.18 -61.99 57.95
CA LYS D 1666 -15.50 -62.47 58.38
C LYS D 1666 -15.67 -62.55 59.88
N HIS D 1667 -16.94 -62.59 60.29
CA HIS D 1667 -17.39 -62.75 61.67
C HIS D 1667 -16.96 -61.64 62.59
N VAL D 1668 -16.92 -60.42 62.08
CA VAL D 1668 -16.52 -59.33 62.94
C VAL D 1668 -17.68 -58.46 63.38
N VAL D 1669 -18.55 -58.05 62.45
CA VAL D 1669 -19.68 -57.20 62.78
C VAL D 1669 -20.90 -57.92 62.26
N ASP D 1670 -20.58 -58.92 61.46
CA ASP D 1670 -21.56 -59.75 60.78
C ASP D 1670 -20.87 -61.06 60.49
N ASN D 1671 -21.60 -62.01 59.93
CA ASN D 1671 -21.00 -63.31 59.57
C ASN D 1671 -20.68 -63.34 58.09
N ASN D 1672 -20.89 -62.20 57.48
CA ASN D 1672 -20.63 -61.94 56.09
C ASN D 1672 -19.20 -61.54 55.93
N SER D 1673 -18.76 -61.30 54.71
CA SER D 1673 -17.39 -60.92 54.51
C SER D 1673 -17.24 -59.51 54.00
N HIS D 1674 -16.06 -58.95 54.24
CA HIS D 1674 -15.71 -57.63 53.74
C HIS D 1674 -14.29 -57.64 53.20
N ILE D 1675 -14.01 -56.86 52.17
CA ILE D 1675 -12.65 -56.83 51.64
C ILE D 1675 -11.78 -55.93 52.48
N ILE D 1676 -10.68 -56.47 52.97
CA ILE D 1676 -9.79 -55.67 53.78
C ILE D 1676 -8.51 -55.33 53.05
N TYR D 1677 -8.22 -56.07 52.00
CA TYR D 1677 -7.08 -55.80 51.14
C TYR D 1677 -7.28 -56.37 49.76
N SER D 1678 -6.86 -55.69 48.73
CA SER D 1678 -6.90 -56.30 47.41
C SER D 1678 -5.65 -55.92 46.63
N GLY D 1679 -5.25 -56.77 45.70
CA GLY D 1679 -4.05 -56.45 44.95
C GLY D 1679 -3.72 -57.51 43.93
N GLN D 1680 -2.52 -57.42 43.37
CA GLN D 1680 -2.12 -58.36 42.36
C GLN D 1680 -0.75 -58.98 42.59
N LEU D 1681 -0.68 -60.26 42.34
CA LEU D 1681 0.47 -61.10 42.53
C LEU D 1681 1.57 -60.75 41.56
N THR D 1682 2.79 -60.72 42.09
CA THR D 1682 3.99 -60.34 41.38
C THR D 1682 4.93 -61.52 41.31
N ASP D 1683 6.16 -61.28 40.89
CA ASP D 1683 7.12 -62.36 40.76
C ASP D 1683 7.70 -62.76 42.11
N THR D 1684 7.41 -61.96 43.11
CA THR D 1684 7.88 -62.11 44.48
C THR D 1684 6.73 -62.03 45.43
N ASN D 1685 7.00 -62.02 46.72
CA ASN D 1685 5.88 -62.01 47.63
C ASN D 1685 5.36 -60.60 47.88
N ILE D 1686 4.25 -60.50 48.58
CA ILE D 1686 3.69 -59.22 48.96
C ILE D 1686 3.57 -59.20 50.46
N ASN D 1687 4.29 -58.30 51.10
CA ASN D 1687 4.29 -58.28 52.55
C ASN D 1687 3.55 -57.07 53.09
N ILE D 1688 2.37 -57.31 53.67
CA ILE D 1688 1.52 -56.23 54.16
C ILE D 1688 1.07 -56.43 55.59
N THR D 1689 0.75 -55.34 56.28
CA THR D 1689 0.21 -55.44 57.63
C THR D 1689 -1.14 -54.80 57.66
N LEU D 1690 -2.09 -55.50 58.23
CA LEU D 1690 -3.43 -55.01 58.30
C LEU D 1690 -3.91 -54.93 59.73
N PHE D 1691 -4.74 -53.95 60.01
CA PHE D 1691 -5.35 -53.89 61.32
C PHE D 1691 -6.60 -54.70 61.28
N ILE D 1692 -6.72 -55.60 62.22
CA ILE D 1692 -7.89 -56.42 62.32
C ILE D 1692 -8.73 -56.01 63.52
N PRO D 1693 -9.88 -55.40 63.29
CA PRO D 1693 -10.78 -54.90 64.28
C PRO D 1693 -11.51 -56.04 64.92
N LEU D 1694 -11.90 -55.85 66.16
CA LEU D 1694 -12.75 -56.82 66.84
C LEU D 1694 -13.97 -56.16 67.45
N ASP D 1695 -15.07 -56.88 67.59
CA ASP D 1695 -16.22 -56.28 68.26
C ASP D 1695 -16.12 -56.55 69.75
N ASP D 1696 -17.07 -56.03 70.51
CA ASP D 1696 -17.09 -56.26 71.95
C ASP D 1696 -17.35 -57.72 72.31
N VAL D 1697 -18.21 -58.36 71.53
CA VAL D 1697 -18.60 -59.74 71.71
C VAL D 1697 -18.38 -60.48 70.40
N PRO D 1698 -17.62 -61.57 70.36
CA PRO D 1698 -17.37 -62.32 69.15
C PRO D 1698 -18.60 -63.06 68.66
N LEU D 1699 -18.68 -63.22 67.34
CA LEU D 1699 -19.76 -63.94 66.67
C LEU D 1699 -19.42 -65.40 66.43
N ASN D 1700 -18.28 -65.80 66.93
CA ASN D 1700 -17.76 -67.15 66.78
C ASN D 1700 -16.92 -67.48 68.00
N GLN D 1701 -17.14 -68.65 68.59
CA GLN D 1701 -16.38 -68.98 69.79
C GLN D 1701 -15.05 -69.71 69.56
N ASP D 1702 -14.77 -70.16 68.33
CA ASP D 1702 -13.48 -70.79 68.04
C ASP D 1702 -12.51 -69.69 67.71
N TYR D 1703 -13.05 -68.66 67.12
CA TYR D 1703 -12.27 -67.54 66.70
C TYR D 1703 -13.10 -66.30 66.69
N HIS D 1704 -12.46 -65.17 66.83
CA HIS D 1704 -13.15 -63.92 66.87
C HIS D 1704 -13.10 -63.20 65.53
N ALA D 1705 -12.25 -63.69 64.64
CA ALA D 1705 -12.16 -63.13 63.29
C ALA D 1705 -11.60 -64.20 62.33
N LYS D 1706 -12.01 -64.13 61.08
CA LYS D 1706 -11.49 -65.01 60.05
C LYS D 1706 -10.98 -64.21 58.90
N VAL D 1707 -9.81 -64.56 58.36
CA VAL D 1707 -9.35 -63.88 57.16
C VAL D 1707 -9.05 -64.87 56.07
N TYR D 1708 -9.53 -64.61 54.87
CA TYR D 1708 -9.30 -65.57 53.80
C TYR D 1708 -8.99 -64.91 52.48
N MET D 1709 -8.37 -65.68 51.59
CA MET D 1709 -8.01 -65.15 50.30
C MET D 1709 -8.81 -65.76 49.16
N THR D 1710 -9.14 -64.94 48.17
CA THR D 1710 -9.74 -65.41 46.92
C THR D 1710 -8.83 -64.99 45.81
N PHE D 1711 -8.78 -65.75 44.73
CA PHE D 1711 -7.87 -65.45 43.62
C PHE D 1711 -8.21 -66.16 42.33
N LYS D 1712 -9.48 -66.26 42.00
CA LYS D 1712 -10.00 -66.94 40.79
C LYS D 1712 -9.89 -68.44 40.89
N LYS D 1713 -8.70 -68.96 41.08
CA LYS D 1713 -8.58 -70.39 41.22
C LYS D 1713 -8.97 -70.78 42.62
N SER D 1714 -9.90 -71.71 42.74
CA SER D 1714 -10.37 -72.19 44.03
C SER D 1714 -10.62 -71.11 45.10
N PRO D 1715 -11.38 -70.04 44.82
CA PRO D 1715 -11.72 -68.99 45.79
C PRO D 1715 -12.86 -69.51 46.66
N SER D 1716 -12.58 -70.58 47.39
CA SER D 1716 -13.58 -71.34 48.11
C SER D 1716 -14.17 -70.82 49.43
N ASP D 1717 -13.46 -69.99 50.18
CA ASP D 1717 -13.96 -69.57 51.52
C ASP D 1717 -14.42 -70.77 52.35
N GLY D 1718 -13.59 -71.81 52.41
CA GLY D 1718 -13.97 -72.97 53.19
C GLY D 1718 -13.68 -72.76 54.68
N THR D 1719 -14.15 -73.67 55.50
CA THR D 1719 -13.91 -73.56 56.92
C THR D 1719 -12.45 -73.88 57.10
N TRP D 1720 -11.74 -73.07 57.87
CA TRP D 1720 -10.31 -73.21 58.11
C TRP D 1720 -9.45 -72.87 56.92
N TRP D 1721 -10.02 -72.24 55.92
CA TRP D 1721 -9.16 -71.76 54.87
C TRP D 1721 -8.83 -70.31 55.16
N GLY D 1722 -7.56 -70.09 55.47
CA GLY D 1722 -7.03 -68.81 55.90
C GLY D 1722 -6.93 -68.92 57.42
N PRO D 1723 -6.25 -67.99 58.09
CA PRO D 1723 -6.10 -67.99 59.52
C PRO D 1723 -7.38 -67.63 60.24
N HIS D 1724 -7.56 -68.25 61.38
CA HIS D 1724 -8.64 -67.91 62.29
C HIS D 1724 -8.02 -67.29 63.54
N PHE D 1725 -8.45 -66.10 63.92
CA PHE D 1725 -7.82 -65.43 65.04
C PHE D 1725 -8.71 -65.42 66.25
N VAL D 1726 -8.12 -65.56 67.44
CA VAL D 1726 -8.88 -65.52 68.67
C VAL D 1726 -8.23 -64.59 69.71
N ARG D 1727 -9.05 -63.80 70.42
CA ARG D 1727 -8.53 -62.93 71.46
C ARG D 1727 -8.55 -63.66 72.78
N ASP D 1728 -7.39 -63.80 73.37
CA ASP D 1728 -7.22 -64.44 74.65
C ASP D 1728 -7.38 -63.34 75.66
N ASP D 1729 -7.25 -63.66 76.93
CA ASP D 1729 -7.36 -62.59 77.88
C ASP D 1729 -6.08 -61.76 77.76
N LYS D 1730 -6.02 -60.68 78.50
CA LYS D 1730 -4.85 -59.82 78.60
C LYS D 1730 -4.37 -59.23 77.26
N GLY D 1731 -5.25 -59.21 76.27
CA GLY D 1731 -4.99 -58.60 74.96
C GLY D 1731 -4.17 -59.48 74.02
N ILE D 1732 -3.97 -60.72 74.38
CA ILE D 1732 -3.13 -61.58 73.57
C ILE D 1732 -3.85 -62.21 72.41
N VAL D 1733 -3.31 -62.07 71.22
CA VAL D 1733 -3.99 -62.66 70.09
C VAL D 1733 -3.24 -63.81 69.49
N THR D 1734 -3.96 -64.89 69.30
CA THR D 1734 -3.35 -66.09 68.73
C THR D 1734 -4.13 -66.60 67.55
N ILE D 1735 -3.51 -67.49 66.80
CA ILE D 1735 -4.21 -68.10 65.69
C ILE D 1735 -4.73 -69.44 66.12
N ASN D 1736 -6.01 -69.67 65.92
CA ASN D 1736 -6.64 -70.92 66.26
C ASN D 1736 -6.04 -71.98 65.36
N PRO D 1737 -5.37 -73.01 65.90
CA PRO D 1737 -4.61 -74.03 65.21
C PRO D 1737 -5.42 -74.89 64.26
N LYS D 1738 -6.74 -74.80 64.34
CA LYS D 1738 -7.55 -75.58 63.44
C LYS D 1738 -7.47 -75.01 62.02
N SER D 1739 -7.07 -73.73 61.91
CA SER D 1739 -7.05 -73.07 60.62
C SER D 1739 -5.84 -73.47 59.75
N ILE D 1740 -5.95 -73.26 58.43
CA ILE D 1740 -4.90 -73.64 57.50
C ILE D 1740 -4.34 -72.47 56.67
N LEU D 1741 -3.03 -72.26 56.70
CA LEU D 1741 -2.46 -71.20 55.87
C LEU D 1741 -2.05 -71.71 54.50
N THR D 1742 -3.02 -72.09 53.72
CA THR D 1742 -2.75 -72.65 52.40
C THR D 1742 -2.40 -71.55 51.41
N HIS D 1743 -3.04 -70.41 51.57
CA HIS D 1743 -2.94 -69.32 50.62
C HIS D 1743 -2.06 -68.20 51.10
N PHE D 1744 -1.28 -68.46 52.12
CA PHE D 1744 -0.40 -67.45 52.65
C PHE D 1744 0.99 -68.02 52.75
N GLU D 1745 1.99 -67.19 52.54
CA GLU D 1745 3.35 -67.64 52.72
C GLU D 1745 3.54 -67.73 54.22
N SER D 1746 2.97 -66.72 54.89
CA SER D 1746 3.01 -66.62 56.35
C SER D 1746 1.94 -65.66 56.91
N VAL D 1747 1.60 -65.87 58.18
CA VAL D 1747 0.76 -64.94 58.95
C VAL D 1747 1.40 -64.70 60.32
N ASN D 1748 1.57 -63.45 60.71
CA ASN D 1748 2.19 -63.13 61.99
C ASN D 1748 1.40 -62.15 62.86
N VAL D 1749 0.90 -62.63 64.00
CA VAL D 1749 0.15 -61.71 64.83
C VAL D 1749 1.14 -60.85 65.59
N LEU D 1750 1.01 -59.56 65.41
CA LEU D 1750 1.96 -58.65 65.98
C LEU D 1750 1.60 -58.25 67.38
N ASN D 1751 1.81 -59.17 68.27
CA ASN D 1751 1.48 -58.93 69.64
C ASN D 1751 2.35 -57.81 70.14
N ASN D 1752 1.78 -57.04 71.04
CA ASN D 1752 2.36 -55.87 71.69
C ASN D 1752 2.44 -54.63 70.80
N ILE D 1753 1.90 -54.68 69.59
CA ILE D 1753 1.85 -53.48 68.78
C ILE D 1753 0.48 -52.87 68.93
N SER D 1754 0.45 -51.70 69.54
CA SER D 1754 -0.80 -51.00 69.81
C SER D 1754 -0.94 -49.75 68.98
N SER D 1755 -0.01 -49.58 68.07
CA SER D 1755 0.13 -48.39 67.24
C SER D 1755 0.49 -48.66 65.80
N GLU D 1756 0.39 -47.61 65.00
CA GLU D 1756 0.71 -47.66 63.58
C GLU D 1756 1.30 -46.34 63.16
N PRO D 1757 2.09 -46.28 62.09
CA PRO D 1757 2.65 -45.06 61.54
C PRO D 1757 1.59 -44.20 60.89
N MET D 1758 1.88 -42.90 60.83
CA MET D 1758 1.07 -41.85 60.22
C MET D 1758 0.11 -42.31 59.13
N ASP D 1759 -1.16 -42.11 59.39
CA ASP D 1759 -2.17 -42.66 58.52
C ASP D 1759 -2.53 -41.84 57.29
N PHE D 1760 -1.94 -42.22 56.18
CA PHE D 1760 -2.16 -41.54 54.90
C PHE D 1760 -3.53 -41.87 54.28
N SER D 1761 -4.33 -42.68 54.95
CA SER D 1761 -5.67 -43.00 54.52
C SER D 1761 -6.69 -42.37 55.48
N GLY D 1762 -6.20 -41.66 56.49
CA GLY D 1762 -7.10 -41.11 57.49
C GLY D 1762 -7.68 -39.80 57.07
N ALA D 1763 -8.55 -39.22 57.89
CA ALA D 1763 -9.20 -37.97 57.55
C ALA D 1763 -8.24 -36.81 57.32
N ASN D 1764 -7.10 -36.79 57.98
CA ASN D 1764 -6.19 -35.67 57.78
C ASN D 1764 -5.08 -36.03 56.83
N SER D 1765 -5.21 -37.16 56.14
CA SER D 1765 -4.15 -37.59 55.28
C SER D 1765 -3.89 -36.68 54.14
N LEU D 1766 -4.87 -35.91 53.74
CA LEU D 1766 -4.70 -35.00 52.64
C LEU D 1766 -3.54 -34.07 52.89
N TYR D 1767 -3.31 -33.71 54.15
CA TYR D 1767 -2.27 -32.79 54.46
C TYR D 1767 -0.92 -33.47 54.35
N PHE D 1768 -0.86 -34.77 54.57
CA PHE D 1768 0.40 -35.46 54.51
C PHE D 1768 0.75 -35.65 53.06
N TRP D 1769 -0.26 -35.79 52.24
CA TRP D 1769 0.05 -35.95 50.84
C TRP D 1769 0.61 -34.66 50.29
N GLU D 1770 0.11 -33.52 50.75
CA GLU D 1770 0.67 -32.28 50.27
C GLU D 1770 2.07 -32.07 50.85
N LEU D 1771 2.24 -32.41 52.11
CA LEU D 1771 3.52 -32.22 52.76
C LEU D 1771 4.63 -33.12 52.23
N PHE D 1772 4.34 -34.39 52.00
CA PHE D 1772 5.41 -35.30 51.61
C PHE D 1772 5.50 -35.65 50.15
N TYR D 1773 4.41 -35.56 49.39
CA TYR D 1773 4.49 -35.92 47.99
C TYR D 1773 4.27 -34.77 47.06
N TYR D 1774 3.18 -34.03 47.22
CA TYR D 1774 2.97 -33.06 46.18
C TYR D 1774 3.92 -31.91 46.27
N THR D 1775 4.22 -31.42 47.47
CA THR D 1775 5.10 -30.28 47.51
C THR D 1775 6.42 -30.56 46.80
N PRO D 1776 7.21 -31.59 47.12
CA PRO D 1776 8.46 -31.78 46.45
C PRO D 1776 8.33 -32.04 44.96
N MET D 1777 7.18 -32.57 44.51
CA MET D 1777 7.04 -32.79 43.09
C MET D 1777 6.79 -31.48 42.40
N LEU D 1778 6.12 -30.57 43.10
CA LEU D 1778 5.81 -29.29 42.54
C LEU D 1778 7.07 -28.49 42.43
N VAL D 1779 7.84 -28.53 43.48
CA VAL D 1779 9.04 -27.74 43.47
C VAL D 1779 9.92 -28.22 42.33
N ALA D 1780 10.06 -29.52 42.16
CA ALA D 1780 10.87 -29.97 41.05
C ALA D 1780 10.29 -29.50 39.72
N GLN D 1781 8.96 -29.47 39.60
CA GLN D 1781 8.32 -29.07 38.36
C GLN D 1781 8.67 -27.68 37.98
N ARG D 1782 8.67 -26.80 38.97
CA ARG D 1782 8.96 -25.43 38.68
C ARG D 1782 10.41 -25.21 38.36
N LEU D 1783 11.29 -25.91 39.04
CA LEU D 1783 12.69 -25.72 38.78
C LEU D 1783 12.99 -26.19 37.38
N LEU D 1784 12.41 -27.31 36.98
CA LEU D 1784 12.60 -27.79 35.64
C LEU D 1784 12.11 -26.80 34.62
N HIS D 1785 10.98 -26.14 34.84
CA HIS D 1785 10.55 -25.17 33.85
C HIS D 1785 11.57 -24.06 33.68
N GLU D 1786 12.27 -23.72 34.75
CA GLU D 1786 13.28 -22.65 34.75
C GLU D 1786 14.62 -23.14 34.21
N GLN D 1787 14.67 -24.41 33.85
CA GLN D 1787 15.82 -25.12 33.34
C GLN D 1787 16.86 -25.37 34.41
N ASN D 1788 16.44 -25.35 35.67
CA ASN D 1788 17.36 -25.68 36.72
C ASN D 1788 17.27 -27.15 36.88
N PHE D 1789 18.00 -27.85 36.03
CA PHE D 1789 17.83 -29.28 35.98
C PHE D 1789 18.44 -29.92 37.20
N ASP D 1790 19.50 -29.34 37.73
CA ASP D 1790 20.14 -29.98 38.86
C ASP D 1790 19.32 -29.85 40.11
N GLU D 1791 18.67 -28.71 40.32
CA GLU D 1791 17.87 -28.68 41.50
C GLU D 1791 16.65 -29.54 41.31
N ALA D 1792 16.06 -29.56 40.10
CA ALA D 1792 14.88 -30.39 39.96
C ALA D 1792 15.24 -31.82 40.29
N ASN D 1793 16.44 -32.23 39.94
CA ASN D 1793 16.90 -33.56 40.25
C ASN D 1793 16.91 -33.76 41.74
N ARG D 1794 17.54 -32.85 42.44
CA ARG D 1794 17.65 -32.98 43.88
C ARG D 1794 16.30 -33.05 44.52
N TRP D 1795 15.37 -32.28 44.03
CA TRP D 1795 14.07 -32.29 44.64
C TRP D 1795 13.32 -33.57 44.38
N LEU D 1796 13.56 -34.21 43.25
CA LEU D 1796 12.84 -35.44 42.98
C LEU D 1796 13.31 -36.52 43.91
N LYS D 1797 14.56 -36.43 44.36
CA LYS D 1797 15.16 -37.38 45.29
C LYS D 1797 14.47 -37.39 46.63
N TYR D 1798 13.69 -36.36 46.94
CA TYR D 1798 12.96 -36.35 48.19
C TYR D 1798 11.81 -37.32 48.10
N VAL D 1799 11.40 -37.67 46.87
CA VAL D 1799 10.33 -38.61 46.67
C VAL D 1799 10.89 -39.96 46.24
N TRP D 1800 11.85 -39.94 45.31
CA TRP D 1800 12.43 -41.16 44.79
C TRP D 1800 13.89 -41.04 44.42
N SER D 1801 14.70 -41.93 44.95
CA SER D 1801 16.09 -42.00 44.60
C SER D 1801 16.38 -43.34 43.96
N PRO D 1802 16.59 -43.44 42.66
CA PRO D 1802 16.80 -44.70 41.98
C PRO D 1802 17.99 -45.48 42.52
N SER D 1803 18.90 -44.80 43.21
CA SER D 1803 20.10 -45.37 43.79
C SER D 1803 20.01 -45.54 45.31
N GLY D 1804 18.84 -45.33 45.88
CA GLY D 1804 18.64 -45.49 47.32
C GLY D 1804 19.08 -44.27 48.13
N TYR D 1805 19.12 -44.45 49.45
CA TYR D 1805 19.44 -43.38 50.40
C TYR D 1805 20.44 -43.78 51.44
N ILE D 1806 21.09 -42.77 51.99
CA ILE D 1806 21.95 -42.95 53.14
C ILE D 1806 21.28 -42.23 54.27
N VAL D 1807 21.05 -42.90 55.38
CA VAL D 1807 20.45 -42.23 56.51
C VAL D 1807 21.25 -42.53 57.74
N HIS D 1808 21.71 -41.49 58.39
CA HIS D 1808 22.55 -41.64 59.56
C HIS D 1808 23.74 -42.51 59.25
N GLY D 1809 24.33 -42.31 58.07
CA GLY D 1809 25.50 -43.05 57.64
C GLY D 1809 25.13 -44.41 57.04
N GLN D 1810 24.25 -45.10 57.71
CA GLN D 1810 23.81 -46.40 57.30
C GLN D 1810 23.26 -46.37 55.89
N ILE D 1811 23.67 -47.34 55.11
CA ILE D 1811 23.18 -47.44 53.78
C ILE D 1811 21.79 -48.00 53.91
N GLN D 1812 20.81 -47.33 53.36
CA GLN D 1812 19.46 -47.80 53.52
C GLN D 1812 19.08 -48.70 52.37
N ASN D 1813 18.07 -49.52 52.60
CA ASN D 1813 17.60 -50.50 51.65
C ASN D 1813 16.34 -50.13 50.91
N TYR D 1814 16.10 -48.86 50.68
CA TYR D 1814 14.90 -48.50 49.96
C TYR D 1814 15.12 -47.35 49.01
N GLN D 1815 14.26 -47.25 48.00
CA GLN D 1815 14.32 -46.15 47.05
C GLN D 1815 13.20 -45.14 47.20
N TRP D 1816 12.05 -45.56 47.64
CA TRP D 1816 10.95 -44.62 47.71
C TRP D 1816 10.97 -43.94 49.05
N ASN D 1817 10.97 -42.62 49.07
CA ASN D 1817 11.09 -41.94 50.35
C ASN D 1817 9.76 -41.46 50.91
N VAL D 1818 8.69 -41.80 50.25
CA VAL D 1818 7.37 -41.46 50.73
C VAL D 1818 6.81 -42.76 51.19
N ARG D 1819 6.52 -42.84 52.46
CA ARG D 1819 6.15 -44.09 53.08
C ARG D 1819 5.09 -44.85 52.27
N PRO D 1820 3.95 -44.29 51.86
CA PRO D 1820 2.91 -45.01 51.13
C PRO D 1820 3.30 -45.42 49.74
N LEU D 1821 4.44 -44.97 49.24
CA LEU D 1821 4.88 -45.35 47.93
C LEU D 1821 5.90 -46.47 48.11
N LEU D 1822 6.52 -46.52 49.28
CA LEU D 1822 7.47 -47.57 49.59
C LEU D 1822 6.68 -48.82 49.83
N GLU D 1823 5.57 -48.62 50.50
CA GLU D 1823 4.59 -49.62 50.83
C GLU D 1823 3.73 -49.66 49.60
N ASP D 1824 2.98 -50.74 49.39
CA ASP D 1824 2.12 -50.88 48.22
C ASP D 1824 2.97 -51.05 46.97
N THR D 1825 3.34 -52.30 46.79
CA THR D 1825 4.22 -52.77 45.74
C THR D 1825 3.45 -53.72 44.84
N SER D 1826 2.15 -53.57 44.89
CA SER D 1826 1.20 -54.35 44.15
C SER D 1826 0.06 -53.44 43.74
N TRP D 1827 -0.40 -53.60 42.52
CA TRP D 1827 -1.49 -52.80 42.00
C TRP D 1827 -2.77 -53.17 42.65
N ASN D 1828 -3.65 -52.22 42.89
CA ASN D 1828 -4.91 -52.63 43.45
C ASN D 1828 -5.67 -53.28 42.32
N SER D 1829 -6.24 -54.47 42.56
CA SER D 1829 -6.97 -55.18 41.53
C SER D 1829 -8.34 -54.57 41.25
N ASP D 1830 -8.90 -53.89 42.23
CA ASP D 1830 -10.15 -53.18 42.04
C ASP D 1830 -9.81 -51.72 41.92
N PRO D 1831 -10.12 -51.06 40.80
CA PRO D 1831 -9.84 -49.68 40.59
C PRO D 1831 -10.80 -48.90 41.44
N LEU D 1832 -10.48 -47.67 41.77
CA LEU D 1832 -11.45 -46.87 42.47
C LEU D 1832 -12.47 -46.35 41.47
N ASP D 1833 -13.73 -46.52 41.78
CA ASP D 1833 -14.77 -46.08 40.88
C ASP D 1833 -15.02 -44.59 41.06
N SER D 1834 -14.19 -43.79 40.39
CA SER D 1834 -14.20 -42.34 40.53
C SER D 1834 -14.09 -41.61 39.22
N VAL D 1835 -14.05 -40.29 39.32
CA VAL D 1835 -13.89 -39.40 38.17
C VAL D 1835 -12.68 -38.54 38.41
N ASP D 1836 -12.15 -38.66 39.62
CA ASP D 1836 -11.01 -37.89 40.11
C ASP D 1836 -9.72 -38.70 40.11
N PRO D 1837 -8.77 -38.46 39.20
CA PRO D 1837 -7.57 -39.25 39.06
C PRO D 1837 -6.69 -39.25 40.33
N ASP D 1838 -6.82 -38.23 41.19
CA ASP D 1838 -6.04 -38.18 42.42
C ASP D 1838 -6.69 -39.00 43.47
N ALA D 1839 -7.98 -39.19 43.39
CA ALA D 1839 -8.60 -40.03 44.35
C ALA D 1839 -8.23 -41.46 43.97
N VAL D 1840 -8.03 -41.68 42.67
CA VAL D 1840 -7.65 -43.02 42.24
C VAL D 1840 -6.23 -43.26 42.71
N ALA D 1841 -5.34 -42.34 42.43
CA ALA D 1841 -4.01 -42.43 42.94
C ALA D 1841 -4.24 -42.19 44.40
N GLN D 1842 -3.31 -42.44 45.28
CA GLN D 1842 -3.57 -42.27 46.74
C GLN D 1842 -4.31 -43.51 47.21
N HIS D 1843 -5.47 -43.77 46.65
CA HIS D 1843 -6.17 -45.00 46.95
C HIS D 1843 -5.26 -46.12 46.53
N ASP D 1844 -4.69 -45.98 45.34
CA ASP D 1844 -3.69 -46.89 44.85
C ASP D 1844 -2.40 -46.10 44.60
N PRO D 1845 -1.48 -46.03 45.56
CA PRO D 1845 -0.27 -45.23 45.53
C PRO D 1845 0.64 -45.59 44.38
N MET D 1846 0.41 -46.74 43.76
CA MET D 1846 1.25 -47.17 42.68
C MET D 1846 1.22 -46.18 41.56
N HIS D 1847 0.13 -45.47 41.42
CA HIS D 1847 0.03 -44.53 40.34
C HIS D 1847 0.99 -43.37 40.55
N TYR D 1848 1.27 -43.01 41.79
CA TYR D 1848 2.18 -41.93 41.99
C TYR D 1848 3.56 -42.42 41.75
N LYS D 1849 3.79 -43.68 42.04
CA LYS D 1849 5.13 -44.21 41.83
C LYS D 1849 5.44 -44.11 40.36
N VAL D 1850 4.42 -44.35 39.54
CA VAL D 1850 4.59 -44.29 38.11
C VAL D 1850 4.76 -42.86 37.65
N SER D 1851 3.96 -41.92 38.16
CA SER D 1851 4.14 -40.56 37.68
C SER D 1851 5.49 -40.04 38.11
N THR D 1852 5.99 -40.51 39.23
CA THR D 1852 7.27 -40.07 39.71
C THR D 1852 8.33 -40.60 38.77
N PHE D 1853 8.17 -41.85 38.36
CA PHE D 1853 9.07 -42.49 37.45
C PHE D 1853 9.12 -41.68 36.16
N MET D 1854 7.94 -41.29 35.66
CA MET D 1854 7.89 -40.50 34.45
C MET D 1854 8.59 -39.19 34.62
N ARG D 1855 8.41 -38.51 35.73
CA ARG D 1855 9.05 -37.22 35.86
C ARG D 1855 10.54 -37.38 35.86
N THR D 1856 11.03 -38.46 36.42
CA THR D 1856 12.46 -38.67 36.44
C THR D 1856 12.94 -38.80 35.00
N LEU D 1857 12.20 -39.55 34.17
CA LEU D 1857 12.60 -39.67 32.78
C LEU D 1857 12.49 -38.34 32.07
N ASP D 1858 11.46 -37.57 32.36
CA ASP D 1858 11.28 -36.32 31.65
C ASP D 1858 12.47 -35.45 31.91
N LEU D 1859 13.01 -35.53 33.11
CA LEU D 1859 14.16 -34.74 33.44
C LEU D 1859 15.37 -35.22 32.66
N LEU D 1860 15.58 -36.53 32.57
CA LEU D 1860 16.74 -37.03 31.85
C LEU D 1860 16.64 -36.67 30.39
N ILE D 1861 15.43 -36.73 29.88
CA ILE D 1861 15.18 -36.44 28.49
C ILE D 1861 15.40 -34.99 28.27
N ALA D 1862 14.90 -34.14 29.14
CA ALA D 1862 15.08 -32.72 28.96
C ALA D 1862 16.55 -32.35 28.96
N ARG D 1863 17.34 -32.99 29.82
CA ARG D 1863 18.76 -32.66 29.88
C ARG D 1863 19.39 -33.06 28.55
N GLY D 1864 18.97 -34.21 28.03
CA GLY D 1864 19.48 -34.67 26.77
C GLY D 1864 19.09 -33.76 25.64
N ASP D 1865 17.84 -33.32 25.64
CA ASP D 1865 17.30 -32.48 24.59
C ASP D 1865 17.98 -31.13 24.63
N HIS D 1866 18.29 -30.69 25.82
CA HIS D 1866 18.95 -29.42 26.01
C HIS D 1866 20.29 -29.47 25.32
N ALA D 1867 21.05 -30.54 25.57
CA ALA D 1867 22.34 -30.72 24.94
C ALA D 1867 22.22 -30.93 23.44
N TYR D 1868 21.17 -31.60 23.02
CA TYR D 1868 21.04 -31.98 21.63
C TYR D 1868 21.03 -30.72 20.82
N ARG D 1869 20.25 -29.77 21.28
CA ARG D 1869 19.95 -28.53 20.59
C ARG D 1869 21.10 -27.58 20.50
N GLN D 1870 22.21 -27.90 21.14
CA GLN D 1870 23.35 -27.02 21.08
C GLN D 1870 24.02 -27.18 19.72
N LEU D 1871 23.83 -28.34 19.08
CA LEU D 1871 24.37 -28.65 17.76
C LEU D 1871 25.86 -28.58 17.62
N GLU D 1872 26.56 -28.97 18.66
CA GLU D 1872 27.99 -29.07 18.65
C GLU D 1872 28.21 -30.55 18.72
N ARG D 1873 29.14 -31.14 17.98
CA ARG D 1873 29.17 -32.60 18.09
C ARG D 1873 29.38 -33.10 19.51
N ASP D 1874 30.10 -32.35 20.31
CA ASP D 1874 30.32 -32.75 21.68
C ASP D 1874 29.03 -32.77 22.48
N THR D 1875 28.08 -31.90 22.16
CA THR D 1875 26.86 -31.86 22.93
C THR D 1875 25.91 -32.87 22.38
N LEU D 1876 26.08 -33.21 21.13
CA LEU D 1876 25.25 -34.26 20.61
C LEU D 1876 25.64 -35.56 21.30
N ASN D 1877 26.93 -35.73 21.60
CA ASN D 1877 27.34 -36.92 22.32
C ASN D 1877 26.82 -36.88 23.75
N GLU D 1878 26.71 -35.69 24.33
CA GLU D 1878 26.15 -35.57 25.66
C GLU D 1878 24.70 -35.99 25.62
N ALA D 1879 23.99 -35.57 24.58
CA ALA D 1879 22.61 -35.91 24.48
C ALA D 1879 22.47 -37.40 24.39
N LYS D 1880 23.36 -38.06 23.66
CA LYS D 1880 23.27 -39.49 23.53
C LYS D 1880 23.39 -40.10 24.87
N MET D 1881 24.34 -39.63 25.65
CA MET D 1881 24.55 -40.16 26.97
C MET D 1881 23.31 -40.06 27.83
N TRP D 1882 22.66 -38.90 27.79
CA TRP D 1882 21.50 -38.76 28.63
C TRP D 1882 20.36 -39.63 28.17
N TYR D 1883 20.29 -39.88 26.87
CA TYR D 1883 19.20 -40.69 26.42
C TYR D 1883 19.49 -42.13 26.78
N MET D 1884 20.75 -42.50 26.81
CA MET D 1884 21.07 -43.88 27.12
C MET D 1884 20.74 -44.15 28.57
N GLN D 1885 20.87 -43.12 29.39
CA GLN D 1885 20.50 -43.31 30.78
C GLN D 1885 19.01 -43.48 30.88
N ALA D 1886 18.25 -42.69 30.14
CA ALA D 1886 16.81 -42.82 30.22
C ALA D 1886 16.41 -44.22 29.79
N LEU D 1887 17.13 -44.76 28.81
CA LEU D 1887 16.82 -46.11 28.39
C LEU D 1887 17.17 -47.11 29.46
N HIS D 1888 18.30 -46.92 30.13
CA HIS D 1888 18.67 -47.80 31.20
C HIS D 1888 17.59 -47.84 32.24
N LEU D 1889 17.04 -46.68 32.55
CA LEU D 1889 16.02 -46.55 33.55
C LEU D 1889 14.70 -47.18 33.12
N LEU D 1890 14.30 -46.99 31.85
CA LEU D 1890 13.08 -47.63 31.40
C LEU D 1890 13.22 -49.13 31.41
N GLY D 1891 14.39 -49.58 31.04
CA GLY D 1891 14.63 -51.00 30.92
C GLY D 1891 14.01 -51.45 29.62
N ASP D 1892 13.80 -52.74 29.48
CA ASP D 1892 13.28 -53.29 28.25
C ASP D 1892 11.83 -52.91 28.02
N LYS D 1893 11.50 -52.68 26.77
CA LYS D 1893 10.13 -52.38 26.41
C LYS D 1893 9.39 -53.66 26.70
N PRO D 1894 8.29 -53.65 27.44
CA PRO D 1894 7.57 -54.84 27.78
C PRO D 1894 6.87 -55.39 26.58
N TYR D 1895 6.73 -56.70 26.56
CA TYR D 1895 5.92 -57.31 25.55
C TYR D 1895 4.53 -57.35 26.08
N LEU D 1896 3.61 -56.80 25.32
CA LEU D 1896 2.23 -56.73 25.73
C LEU D 1896 1.35 -57.38 24.66
N PRO D 1897 1.07 -58.68 24.74
CA PRO D 1897 0.31 -59.39 23.75
C PRO D 1897 -1.12 -58.93 23.80
N LEU D 1898 -1.79 -58.97 22.66
CA LEU D 1898 -3.19 -58.62 22.63
C LEU D 1898 -4.06 -59.84 22.49
N SER D 1899 -5.17 -59.81 23.18
CA SER D 1899 -6.12 -60.90 23.13
C SER D 1899 -7.17 -60.71 22.08
N THR D 1900 -7.61 -61.83 21.55
CA THR D 1900 -8.67 -61.91 20.57
C THR D 1900 -9.86 -62.65 21.13
N THR D 1901 -9.81 -62.96 22.43
CA THR D 1901 -10.90 -63.72 23.03
C THR D 1901 -12.04 -62.84 23.47
N TRP D 1902 -13.22 -63.17 23.00
CA TRP D 1902 -14.42 -62.45 23.35
C TRP D 1902 -15.61 -63.37 23.22
N SER D 1903 -16.43 -63.39 24.26
CA SER D 1903 -17.61 -64.26 24.34
C SER D 1903 -18.92 -63.73 23.74
N ASP D 1904 -18.94 -62.47 23.28
CA ASP D 1904 -20.15 -61.86 22.74
C ASP D 1904 -21.34 -62.04 23.67
N PRO D 1905 -21.24 -61.70 24.96
CA PRO D 1905 -22.27 -61.92 25.94
C PRO D 1905 -23.47 -61.03 25.78
N ARG D 1906 -24.60 -61.48 26.28
CA ARG D 1906 -25.80 -60.68 26.31
C ARG D 1906 -25.64 -59.53 27.26
N LEU D 1907 -26.15 -58.36 26.93
CA LEU D 1907 -26.02 -57.19 27.76
C LEU D 1907 -26.39 -57.43 29.22
N ASP D 1908 -27.45 -58.19 29.45
CA ASP D 1908 -27.86 -58.46 30.81
C ASP D 1908 -26.81 -59.27 31.56
N ARG D 1909 -26.07 -60.12 30.85
CA ARG D 1909 -25.06 -60.94 31.48
C ARG D 1909 -23.79 -60.14 31.65
N ALA D 1910 -23.59 -59.23 30.71
CA ALA D 1910 -22.45 -58.34 30.68
C ALA D 1910 -22.48 -57.46 31.90
N ALA D 1911 -23.68 -57.14 32.38
CA ALA D 1911 -23.87 -56.27 33.54
C ALA D 1911 -23.56 -57.00 34.84
N ASP D 1912 -22.27 -57.25 34.98
CA ASP D 1912 -21.58 -57.95 36.05
C ASP D 1912 -21.06 -56.90 37.04
N ILE D 1913 -21.61 -56.88 38.24
CA ILE D 1913 -21.30 -55.83 39.20
C ILE D 1913 -20.69 -56.36 40.48
N THR D 1914 -20.06 -55.47 41.24
CA THR D 1914 -19.53 -55.81 42.57
C THR D 1914 -20.00 -54.82 43.62
N THR D 1915 -20.49 -55.37 44.73
CA THR D 1915 -20.96 -54.61 45.89
C THR D 1915 -20.72 -55.42 47.16
N GLN D 1916 -21.29 -54.96 48.28
CA GLN D 1916 -21.14 -55.64 49.56
C GLN D 1916 -22.49 -56.12 50.07
N THR D 1943 -14.03 -65.70 30.13
CA THR D 1943 -13.36 -66.63 31.04
C THR D 1943 -12.66 -65.82 32.11
N LEU D 1944 -13.00 -64.55 32.11
CA LEU D 1944 -12.48 -63.51 33.01
C LEU D 1944 -13.41 -63.23 34.20
N THR D 1945 -12.88 -62.53 35.21
CA THR D 1945 -13.61 -62.12 36.42
C THR D 1945 -14.27 -60.77 36.25
N ASP D 1946 -14.11 -60.24 35.07
CA ASP D 1946 -14.67 -58.99 34.59
C ASP D 1946 -14.89 -59.26 33.14
N LEU D 1947 -15.43 -58.34 32.42
CA LEU D 1947 -15.66 -58.63 31.03
C LEU D 1947 -14.72 -57.94 30.08
N PHE D 1948 -14.37 -56.72 30.39
CA PHE D 1948 -13.62 -55.94 29.43
C PHE D 1948 -12.14 -55.86 29.75
N LEU D 1949 -11.36 -55.54 28.75
CA LEU D 1949 -9.93 -55.47 28.89
C LEU D 1949 -9.38 -54.08 28.61
N PRO D 1950 -8.31 -53.69 29.27
CA PRO D 1950 -7.63 -52.43 29.11
C PRO D 1950 -6.82 -52.31 27.86
N GLN D 1951 -6.48 -51.08 27.56
CA GLN D 1951 -5.60 -50.80 26.45
C GLN D 1951 -4.20 -50.64 26.97
N ILE D 1952 -3.29 -50.49 26.05
CA ILE D 1952 -1.85 -50.43 26.23
C ILE D 1952 -1.22 -49.32 27.07
N ASN D 1953 -1.75 -48.11 27.02
CA ASN D 1953 -1.15 -46.95 27.68
C ASN D 1953 -0.01 -46.42 26.88
N GLU D 1954 -0.38 -45.91 25.74
CA GLU D 1954 0.51 -45.38 24.73
C GLU D 1954 1.38 -44.29 25.27
N VAL D 1955 0.90 -43.52 26.22
CA VAL D 1955 1.76 -42.48 26.75
C VAL D 1955 3.00 -43.06 27.37
N MET D 1956 2.88 -44.18 28.06
CA MET D 1956 4.06 -44.75 28.66
C MET D 1956 4.88 -45.45 27.60
N MET D 1957 4.21 -46.02 26.64
CA MET D 1957 4.93 -46.80 25.64
C MET D 1957 5.74 -45.89 24.76
N ASN D 1958 5.26 -44.67 24.63
CA ASN D 1958 5.87 -43.66 23.84
C ASN D 1958 7.19 -43.25 24.40
N TYR D 1959 7.51 -43.57 25.64
CA TYR D 1959 8.81 -43.19 26.11
C TYR D 1959 9.86 -44.02 25.44
N TRP D 1960 9.54 -45.25 25.07
CA TRP D 1960 10.56 -46.03 24.43
C TRP D 1960 10.61 -45.60 23.01
N GLN D 1961 9.46 -45.23 22.48
CA GLN D 1961 9.42 -44.87 21.09
C GLN D 1961 10.15 -43.56 20.87
N THR D 1962 10.01 -42.67 21.84
CA THR D 1962 10.62 -41.37 21.80
C THR D 1962 12.10 -41.47 21.90
N LEU D 1963 12.60 -42.27 22.82
CA LEU D 1963 14.02 -42.39 22.95
C LEU D 1963 14.58 -43.12 21.76
N ALA D 1964 13.84 -44.08 21.25
CA ALA D 1964 14.37 -44.82 20.14
C ALA D 1964 14.59 -43.92 18.98
N GLN D 1965 13.65 -42.99 18.76
CA GLN D 1965 13.80 -42.07 17.67
C GLN D 1965 14.89 -41.07 17.88
N ARG D 1966 15.05 -40.58 19.09
CA ARG D 1966 16.08 -39.59 19.34
C ARG D 1966 17.44 -40.22 19.18
N VAL D 1967 17.57 -41.46 19.61
CA VAL D 1967 18.83 -42.13 19.52
C VAL D 1967 19.09 -42.40 18.07
N TYR D 1968 18.08 -42.87 17.33
CA TYR D 1968 18.24 -43.12 15.92
C TYR D 1968 18.81 -41.89 15.25
N ASN D 1969 18.26 -40.72 15.53
CA ASN D 1969 18.76 -39.55 14.88
C ASN D 1969 20.22 -39.30 15.22
N LEU D 1970 20.65 -39.64 16.42
CA LEU D 1970 22.03 -39.39 16.68
C LEU D 1970 22.90 -40.36 15.88
N ARG D 1971 22.46 -41.59 15.80
CA ARG D 1971 23.20 -42.64 15.09
C ARG D 1971 23.25 -42.39 13.59
N HIS D 1972 22.26 -41.71 13.07
CA HIS D 1972 22.22 -41.39 11.66
C HIS D 1972 22.56 -39.95 11.31
N ASN D 1973 23.16 -39.23 12.24
CA ASN D 1973 23.58 -37.85 12.01
C ASN D 1973 22.44 -36.92 11.60
N LEU D 1974 21.32 -36.98 12.29
CA LEU D 1974 20.18 -36.12 12.02
C LEU D 1974 19.87 -35.21 13.19
N SER D 1975 19.20 -34.12 12.90
CA SER D 1975 18.82 -33.17 13.90
C SER D 1975 17.66 -33.67 14.68
N ILE D 1976 17.19 -32.84 15.58
CA ILE D 1976 16.17 -33.25 16.51
C ILE D 1976 14.89 -33.65 15.80
N ASP D 1977 14.60 -33.02 14.67
CA ASP D 1977 13.45 -33.31 13.86
C ASP D 1977 13.79 -34.12 12.61
N GLY D 1978 14.92 -34.80 12.63
CA GLY D 1978 15.25 -35.67 11.51
C GLY D 1978 15.88 -34.97 10.30
N GLN D 1979 16.23 -33.71 10.43
CA GLN D 1979 16.81 -33.00 9.31
C GLN D 1979 18.26 -33.39 9.23
N PRO D 1980 18.88 -33.41 8.08
CA PRO D 1980 20.28 -33.70 7.96
C PRO D 1980 21.04 -32.53 8.49
N LEU D 1981 22.25 -32.76 8.94
CA LEU D 1981 23.08 -31.64 9.34
C LEU D 1981 24.51 -31.97 9.08
N TYR D 1982 25.30 -30.94 8.87
CA TYR D 1982 26.68 -31.11 8.50
C TYR D 1982 27.59 -30.35 9.40
N LEU D 1983 27.69 -30.78 10.63
CA LEU D 1983 28.49 -30.07 11.57
C LEU D 1983 29.94 -30.39 11.26
N PRO D 1984 30.88 -29.53 11.61
CA PRO D 1984 32.29 -29.75 11.46
C PRO D 1984 32.71 -30.79 12.43
N ILE D 1985 33.87 -31.41 12.21
CA ILE D 1985 34.32 -32.39 13.19
C ILE D 1985 34.73 -31.69 14.46
N TYR D 1986 35.41 -30.57 14.32
CA TYR D 1986 35.80 -29.87 15.52
C TYR D 1986 35.05 -28.58 15.54
N ALA D 1987 34.52 -28.26 16.69
CA ALA D 1987 33.73 -27.06 16.88
C ALA D 1987 34.52 -25.79 16.78
N THR D 1988 33.86 -24.76 16.28
CA THR D 1988 34.42 -23.44 16.26
C THR D 1988 34.51 -23.02 17.71
N PRO D 1989 35.63 -22.47 18.19
CA PRO D 1989 35.79 -21.99 19.53
C PRO D 1989 34.77 -20.93 19.85
N ALA D 1990 34.29 -20.95 21.07
CA ALA D 1990 33.33 -19.99 21.57
C ALA D 1990 33.99 -18.65 21.62
N ASP D 1991 33.25 -17.59 21.38
CA ASP D 1991 33.87 -16.28 21.44
C ASP D 1991 34.12 -15.89 22.88
N PRO D 1992 35.39 -15.78 23.31
CA PRO D 1992 35.78 -15.55 24.67
C PRO D 1992 35.22 -14.28 25.25
N LYS D 1993 34.89 -13.29 24.43
CA LYS D 1993 34.35 -12.08 25.02
C LYS D 1993 32.97 -12.36 25.54
N ALA D 1994 32.24 -13.21 24.82
CA ALA D 1994 30.89 -13.52 25.19
C ALA D 1994 30.90 -14.47 26.36
N LEU D 1995 31.91 -15.32 26.43
CA LEU D 1995 31.96 -16.24 27.55
C LEU D 1995 32.15 -15.46 28.81
N LEU D 1996 32.92 -14.40 28.70
CA LEU D 1996 33.17 -13.59 29.85
C LEU D 1996 31.93 -12.86 30.25
N SER D 1997 31.21 -12.25 29.32
CA SER D 1997 30.08 -11.48 29.80
C SER D 1997 29.07 -12.38 30.45
N ALA D 1998 28.99 -13.62 30.00
CA ALA D 1998 28.07 -14.52 30.61
C ALA D 1998 28.52 -14.86 32.01
N ALA D 1999 29.82 -15.12 32.18
CA ALA D 1999 30.36 -15.48 33.46
C ALA D 1999 30.19 -14.36 34.45
N VAL D 2000 30.36 -13.14 33.96
CA VAL D 2000 30.26 -11.97 34.79
C VAL D 2000 28.86 -11.75 35.18
N ALA D 2001 27.93 -11.83 34.26
CA ALA D 2001 26.57 -11.58 34.65
C ALA D 2001 26.12 -12.63 35.64
N THR D 2002 26.51 -13.87 35.42
CA THR D 2002 26.10 -14.93 36.31
C THR D 2002 26.60 -14.67 37.73
N SER D 2003 27.84 -14.22 37.85
CA SER D 2003 28.48 -13.94 39.12
C SER D 2003 28.32 -12.49 39.57
N GLN D 2004 27.58 -11.69 38.80
CA GLN D 2004 27.37 -10.28 39.11
C GLN D 2004 26.40 -10.17 40.24
N GLY D 2005 25.48 -11.10 40.28
CA GLY D 2005 24.46 -11.14 41.29
C GLY D 2005 23.29 -11.87 40.71
N GLY D 2006 22.35 -12.24 41.56
CA GLY D 2006 21.17 -12.95 41.09
C GLY D 2006 21.54 -14.35 40.64
N GLY D 2007 22.01 -14.43 39.40
CA GLY D 2007 22.39 -15.64 38.70
C GLY D 2007 21.21 -16.14 37.89
N LYS D 2008 20.04 -15.59 38.16
CA LYS D 2008 18.85 -16.04 37.48
C LYS D 2008 18.69 -15.30 36.17
N LEU D 2009 19.48 -15.74 35.23
CA LEU D 2009 19.57 -15.15 33.92
C LEU D 2009 19.38 -16.27 32.91
N PRO D 2010 18.15 -16.80 32.79
CA PRO D 2010 17.75 -17.98 32.08
C PRO D 2010 17.85 -17.77 30.61
N GLU D 2011 17.77 -18.86 29.87
CA GLU D 2011 17.84 -18.71 28.45
C GLU D 2011 16.84 -17.70 27.98
N SER D 2012 17.35 -16.75 27.25
CA SER D 2012 16.57 -15.71 26.65
C SER D 2012 16.23 -16.27 25.32
N PHE D 2013 14.97 -16.57 25.05
CA PHE D 2013 14.79 -17.22 23.79
C PHE D 2013 14.68 -16.25 22.62
N MET D 2014 15.57 -16.49 21.66
CA MET D 2014 15.60 -15.74 20.41
C MET D 2014 14.45 -16.15 19.53
N SER D 2015 13.41 -15.37 19.52
CA SER D 2015 12.22 -15.72 18.79
C SER D 2015 12.11 -14.95 17.51
N LEU D 2016 10.93 -15.05 16.95
CA LEU D 2016 10.60 -14.46 15.68
C LEU D 2016 10.56 -12.96 15.71
N TRP D 2017 10.24 -12.35 16.81
CA TRP D 2017 10.12 -10.91 16.77
C TRP D 2017 11.43 -10.15 16.79
N ARG D 2018 11.49 -9.11 15.98
CA ARG D 2018 12.64 -8.22 15.87
C ARG D 2018 12.73 -7.29 17.04
N PHE D 2019 13.90 -6.70 17.22
CA PHE D 2019 14.16 -5.86 18.36
C PHE D 2019 13.13 -4.79 18.65
N PRO D 2020 12.73 -3.88 17.76
CA PRO D 2020 11.79 -2.85 18.12
C PRO D 2020 10.44 -3.38 18.56
N HIS D 2021 10.07 -4.59 18.12
CA HIS D 2021 8.82 -5.10 18.58
C HIS D 2021 9.00 -5.48 20.01
N MET D 2022 10.06 -6.25 20.26
CA MET D 2022 10.26 -6.75 21.60
C MET D 2022 10.59 -5.66 22.56
N LEU D 2023 11.19 -4.61 22.08
CA LEU D 2023 11.49 -3.54 22.98
C LEU D 2023 10.22 -2.96 23.49
N GLU D 2024 9.26 -2.72 22.61
CA GLU D 2024 8.03 -2.11 23.06
C GLU D 2024 7.30 -3.06 23.98
N ASN D 2025 7.38 -4.35 23.71
CA ASN D 2025 6.67 -5.27 24.57
C ASN D 2025 7.30 -5.29 25.95
N ALA D 2026 8.62 -5.32 26.00
CA ALA D 2026 9.30 -5.36 27.28
C ALA D 2026 9.02 -4.09 28.02
N ARG D 2027 8.94 -3.01 27.30
CA ARG D 2027 8.69 -1.73 27.91
C ARG D 2027 7.34 -1.67 28.53
N GLY D 2028 6.33 -2.16 27.85
CA GLY D 2028 4.99 -2.15 28.43
C GLY D 2028 4.96 -3.02 29.67
N MET D 2029 5.69 -4.11 29.63
CA MET D 2029 5.73 -5.04 30.73
C MET D 2029 6.39 -4.41 31.93
N VAL D 2030 7.36 -3.56 31.69
CA VAL D 2030 8.04 -2.92 32.77
C VAL D 2030 7.21 -1.80 33.33
N SER D 2031 6.54 -1.00 32.50
CA SER D 2031 5.76 0.07 33.10
C SER D 2031 4.65 -0.54 33.94
N GLN D 2032 4.17 -1.73 33.57
CA GLN D 2032 3.15 -2.35 34.39
C GLN D 2032 3.76 -2.73 35.73
N LEU D 2033 5.01 -3.17 35.70
CA LEU D 2033 5.70 -3.51 36.92
C LEU D 2033 5.93 -2.27 37.77
N THR D 2034 6.30 -1.14 37.17
CA THR D 2034 6.52 0.04 38.00
C THR D 2034 5.22 0.45 38.67
N GLN D 2035 4.09 0.19 38.01
CA GLN D 2035 2.83 0.50 38.66
C GLN D 2035 2.60 -0.43 39.84
N PHE D 2036 2.93 -1.72 39.71
CA PHE D 2036 2.69 -2.57 40.86
C PHE D 2036 3.60 -2.13 41.98
N GLY D 2037 4.78 -1.65 41.61
CA GLY D 2037 5.73 -1.17 42.56
C GLY D 2037 5.13 -0.06 43.40
N SER D 2038 4.64 1.01 42.77
CA SER D 2038 4.13 2.12 43.56
C SER D 2038 2.92 1.71 44.36
N THR D 2039 2.19 0.74 43.85
CA THR D 2039 1.02 0.27 44.54
C THR D 2039 1.45 -0.40 45.82
N LEU D 2040 2.49 -1.22 45.74
CA LEU D 2040 2.99 -1.93 46.90
C LEU D 2040 3.54 -0.94 47.90
N GLN D 2041 4.16 0.11 47.40
CA GLN D 2041 4.71 1.11 48.29
C GLN D 2041 3.61 1.73 49.10
N ASN D 2042 2.48 2.03 48.46
CA ASN D 2042 1.39 2.63 49.20
C ASN D 2042 0.83 1.68 50.22
N ILE D 2043 0.76 0.40 49.89
CA ILE D 2043 0.23 -0.56 50.84
C ILE D 2043 1.11 -0.61 52.03
N ILE D 2044 2.40 -0.65 51.81
CA ILE D 2044 3.33 -0.71 52.90
C ILE D 2044 3.22 0.50 53.79
N GLU D 2045 3.16 1.69 53.22
CA GLU D 2045 3.10 2.85 54.07
C GLU D 2045 1.83 2.86 54.88
N ARG D 2046 0.77 2.33 54.31
CA ARG D 2046 -0.50 2.30 55.01
C ARG D 2046 -0.45 1.23 56.08
N GLN D 2047 0.12 0.09 55.79
CA GLN D 2047 0.18 -0.98 56.76
C GLN D 2047 0.87 -0.48 58.01
N ASP D 2048 1.92 0.30 57.82
CA ASP D 2048 2.65 0.85 58.94
C ASP D 2048 1.87 1.96 59.64
N ALA D 2049 1.17 2.82 58.89
CA ALA D 2049 0.39 3.88 59.50
C ALA D 2049 -0.69 3.33 60.41
N GLU D 2050 -1.27 2.21 59.99
CA GLU D 2050 -2.31 1.60 60.79
C GLU D 2050 -1.73 0.95 62.00
N ALA D 2051 -0.56 0.34 61.86
CA ALA D 2051 0.06 -0.29 63.01
C ALA D 2051 0.30 0.75 64.08
N LEU D 2052 0.65 1.95 63.65
CA LEU D 2052 0.89 3.01 64.59
C LEU D 2052 -0.40 3.47 65.22
N ASN D 2053 -1.48 3.66 64.45
CA ASN D 2053 -2.67 4.17 65.12
C ASN D 2053 -3.13 3.22 66.20
N ALA D 2054 -2.97 1.94 65.96
CA ALA D 2054 -3.37 0.98 66.95
C ALA D 2054 -2.46 1.06 68.16
N LEU D 2055 -1.16 1.25 67.93
CA LEU D 2055 -0.23 1.35 69.03
C LEU D 2055 -0.57 2.52 69.90
N LEU D 2056 -0.88 3.63 69.27
CA LEU D 2056 -1.13 4.84 69.99
C LEU D 2056 -2.36 4.73 70.85
N GLN D 2057 -3.36 3.98 70.40
CA GLN D 2057 -4.54 3.84 71.22
C GLN D 2057 -4.28 2.90 72.37
N ASN D 2058 -3.49 1.87 72.15
CA ASN D 2058 -3.22 0.99 73.27
C ASN D 2058 -2.44 1.76 74.33
N GLN D 2059 -1.59 2.67 73.88
CA GLN D 2059 -0.84 3.46 74.81
C GLN D 2059 -1.72 4.44 75.56
N ALA D 2060 -2.71 5.03 74.88
CA ALA D 2060 -3.59 5.92 75.60
C ALA D 2060 -4.33 5.15 76.68
N ALA D 2061 -4.70 3.92 76.36
CA ALA D 2061 -5.47 3.13 77.31
C ALA D 2061 -4.67 2.88 78.57
N GLU D 2062 -3.39 2.59 78.42
CA GLU D 2062 -2.56 2.34 79.58
C GLU D 2062 -2.41 3.56 80.46
N LEU D 2063 -2.24 4.73 79.86
CA LEU D 2063 -2.06 5.92 80.68
C LEU D 2063 -3.34 6.23 81.44
N ILE D 2064 -4.48 5.92 80.85
CA ILE D 2064 -5.73 6.16 81.52
C ILE D 2064 -5.80 5.29 82.75
N LEU D 2065 -5.42 4.02 82.64
CA LEU D 2065 -5.52 3.19 83.81
C LEU D 2065 -4.69 3.74 84.96
N THR D 2066 -3.53 4.28 84.63
CA THR D 2066 -2.69 4.83 85.67
C THR D 2066 -3.37 6.06 86.29
N ASN D 2067 -3.98 6.90 85.45
CA ASN D 2067 -4.65 8.07 85.97
C ASN D 2067 -5.84 7.69 86.84
N LEU D 2068 -6.49 6.57 86.55
CA LEU D 2068 -7.59 6.13 87.38
C LEU D 2068 -7.10 5.79 88.77
N SER D 2069 -5.93 5.15 88.88
CA SER D 2069 -5.39 4.84 90.20
C SER D 2069 -5.07 6.11 90.95
N ILE D 2070 -4.56 7.11 90.24
CA ILE D 2070 -4.24 8.38 90.87
C ILE D 2070 -5.49 9.04 91.42
N GLN D 2071 -6.57 9.04 90.63
CA GLN D 2071 -7.80 9.65 91.09
C GLN D 2071 -8.36 8.91 92.30
N ASP D 2072 -8.21 7.59 92.37
CA ASP D 2072 -8.69 6.88 93.54
C ASP D 2072 -7.92 7.29 94.77
N LYS D 2073 -6.62 7.50 94.64
CA LYS D 2073 -5.86 7.90 95.80
C LYS D 2073 -6.26 9.30 96.19
N THR D 2074 -6.58 10.13 95.22
CA THR D 2074 -6.98 11.51 95.46
C THR D 2074 -8.24 11.51 96.30
N ILE D 2075 -9.18 10.64 95.98
CA ILE D 2075 -10.39 10.55 96.76
C ILE D 2075 -10.05 10.07 98.18
N GLU D 2076 -9.17 9.08 98.32
CA GLU D 2076 -8.83 8.62 99.67
C GLU D 2076 -8.23 9.75 100.47
N GLU D 2077 -7.45 10.59 99.80
CA GLU D 2077 -6.87 11.71 100.49
C GLU D 2077 -7.95 12.63 101.00
N LEU D 2078 -8.96 12.91 100.19
CA LEU D 2078 -9.99 13.81 100.67
C LEU D 2078 -10.70 13.20 101.85
N ASP D 2079 -10.83 11.90 101.84
CA ASP D 2079 -11.48 11.22 102.94
C ASP D 2079 -10.61 11.37 104.20
N ALA D 2080 -9.30 11.37 104.01
CA ALA D 2080 -8.38 11.53 105.12
C ALA D 2080 -8.53 12.96 105.69
N GLU D 2081 -8.79 13.93 104.83
CA GLU D 2081 -8.99 15.33 105.22
C GLU D 2081 -10.25 15.45 106.04
N LYS D 2082 -11.23 14.63 105.71
CA LYS D 2082 -12.46 14.62 106.47
C LYS D 2082 -12.09 14.22 107.89
N THR D 2083 -11.28 13.18 108.02
CA THR D 2083 -10.88 12.73 109.35
C THR D 2083 -10.17 13.86 110.07
N VAL D 2084 -9.37 14.63 109.36
CA VAL D 2084 -8.67 15.71 110.04
C VAL D 2084 -9.69 16.67 110.60
N LEU D 2085 -10.68 17.05 109.80
CA LEU D 2085 -11.68 18.00 110.26
C LEU D 2085 -12.48 17.42 111.42
N GLU D 2086 -12.71 16.13 111.41
CA GLU D 2086 -13.45 15.50 112.48
C GLU D 2086 -12.66 15.62 113.79
N LYS D 2087 -11.34 15.58 113.71
CA LYS D 2087 -10.58 15.67 114.94
C LYS D 2087 -10.63 17.09 115.46
N SER D 2088 -10.64 18.08 114.56
CA SER D 2088 -10.71 19.47 115.05
C SER D 2088 -12.09 19.70 115.64
N LYS D 2089 -13.08 18.94 115.15
CA LYS D 2089 -14.43 19.05 115.66
C LYS D 2089 -14.46 18.56 117.08
N ALA D 2090 -13.80 17.43 117.33
CA ALA D 2090 -13.76 16.88 118.68
C ALA D 2090 -13.10 17.85 119.63
N GLY D 2091 -12.08 18.54 119.13
CA GLY D 2091 -11.33 19.51 119.90
C GLY D 2091 -12.20 20.67 120.33
N ALA D 2092 -12.91 21.26 119.36
CA ALA D 2092 -13.78 22.38 119.64
C ALA D 2092 -14.90 21.94 120.55
N GLN D 2093 -15.34 20.69 120.39
CA GLN D 2093 -16.42 20.21 121.21
C GLN D 2093 -15.93 20.09 122.63
N SER D 2094 -14.71 19.59 122.83
CA SER D 2094 -14.20 19.41 124.18
C SER D 2094 -14.21 20.72 124.91
N ARG D 2095 -13.80 21.77 124.21
CA ARG D 2095 -13.76 23.08 124.81
C ARG D 2095 -15.16 23.57 125.11
N PHE D 2096 -16.08 23.38 124.18
CA PHE D 2096 -17.45 23.84 124.33
C PHE D 2096 -18.08 23.21 125.54
N ASP D 2097 -17.83 21.92 125.68
CA ASP D 2097 -18.43 21.14 126.73
C ASP D 2097 -17.81 21.53 128.06
N SER D 2098 -16.50 21.77 128.08
CA SER D 2098 -15.83 22.13 129.31
C SER D 2098 -16.34 23.45 129.80
N TYR D 2099 -16.60 24.38 128.88
CA TYR D 2099 -17.08 25.65 129.30
C TYR D 2099 -18.55 25.59 129.62
N GLY D 2100 -19.34 24.77 128.92
CA GLY D 2100 -20.75 24.73 129.26
C GLY D 2100 -20.89 24.33 130.72
N LYS D 2101 -20.01 23.44 131.16
CA LYS D 2101 -20.05 23.02 132.53
C LYS D 2101 -19.67 24.14 133.47
N LEU D 2102 -18.58 24.87 133.17
CA LEU D 2102 -18.11 25.94 134.04
C LEU D 2102 -19.07 27.10 134.05
N TYR D 2103 -19.71 27.33 132.94
CA TYR D 2103 -20.63 28.41 132.87
C TYR D 2103 -21.81 28.12 133.77
N ASP D 2104 -22.36 26.91 133.65
CA ASP D 2104 -23.55 26.62 134.43
C ASP D 2104 -23.22 26.52 135.91
N GLU D 2105 -22.10 25.90 136.25
CA GLU D 2105 -21.71 25.80 137.65
C GLU D 2105 -20.89 27.03 137.98
N ASN D 2106 -21.52 28.20 137.89
CA ASN D 2106 -20.76 29.44 137.97
C ASN D 2106 -20.01 29.61 139.26
N ILE D 2107 -20.54 29.04 140.35
CA ILE D 2107 -19.91 29.04 141.65
C ILE D 2107 -20.03 27.60 142.13
N ASN D 2108 -18.92 27.02 142.56
CA ASN D 2108 -18.97 25.63 142.99
C ASN D 2108 -19.65 25.52 144.32
N ALA D 2109 -20.17 24.35 144.62
CA ALA D 2109 -20.84 24.14 145.88
C ALA D 2109 -19.91 24.45 147.04
N GLY D 2110 -18.64 24.12 146.89
CA GLY D 2110 -17.69 24.42 147.95
C GLY D 2110 -17.53 25.93 148.08
N GLU D 2111 -17.55 26.63 146.96
CA GLU D 2111 -17.37 28.07 146.96
C GLU D 2111 -18.57 28.71 147.62
N ASN D 2112 -19.73 28.11 147.39
CA ASN D 2112 -20.96 28.60 147.96
C ASN D 2112 -20.95 28.35 149.45
N GLN D 2113 -20.38 27.22 149.89
CA GLN D 2113 -20.31 26.95 151.31
C GLN D 2113 -19.36 27.93 151.98
N ALA D 2114 -18.25 28.27 151.33
CA ALA D 2114 -17.34 29.23 151.92
C ALA D 2114 -18.00 30.57 152.07
N MET D 2115 -18.79 30.97 151.07
CA MET D 2115 -19.47 32.26 151.13
C MET D 2115 -20.48 32.24 152.25
N THR D 2116 -21.11 31.09 152.44
CA THR D 2116 -22.11 30.89 153.47
C THR D 2116 -21.50 31.03 154.84
N LEU D 2117 -20.37 30.37 155.07
CA LEU D 2117 -19.72 30.43 156.36
C LEU D 2117 -19.25 31.83 156.66
N ARG D 2118 -18.79 32.50 155.62
CA ARG D 2118 -18.27 33.82 155.77
C ARG D 2118 -19.40 34.79 156.06
N ALA D 2119 -20.53 34.66 155.36
CA ALA D 2119 -21.66 35.54 155.59
C ALA D 2119 -22.18 35.37 157.01
N SER D 2120 -22.14 34.14 157.50
CA SER D 2120 -22.60 33.85 158.83
C SER D 2120 -21.61 34.35 159.87
N ALA D 2121 -20.30 34.21 159.61
CA ALA D 2121 -19.33 34.73 160.56
C ALA D 2121 -19.51 36.23 160.70
N ALA D 2122 -19.84 36.86 159.57
CA ALA D 2122 -20.08 38.29 159.55
C ALA D 2122 -21.34 38.62 160.35
N GLY D 2123 -22.39 37.80 160.22
CA GLY D 2123 -23.61 38.02 160.95
C GLY D 2123 -23.36 37.91 162.45
N LEU D 2124 -22.48 36.98 162.81
CA LEU D 2124 -22.12 36.74 164.19
C LEU D 2124 -21.29 37.86 164.74
N THR D 2125 -20.38 38.37 163.94
CA THR D 2125 -19.52 39.44 164.35
C THR D 2125 -20.37 40.67 164.60
N THR D 2126 -21.33 40.86 163.70
CA THR D 2126 -22.22 41.99 163.73
C THR D 2126 -23.13 41.91 164.94
N ALA D 2127 -23.68 40.73 165.23
CA ALA D 2127 -24.59 40.60 166.36
C ALA D 2127 -23.88 40.94 167.65
N VAL D 2128 -22.62 40.54 167.74
CA VAL D 2128 -21.87 40.81 168.93
C VAL D 2128 -21.49 42.24 169.06
N GLN D 2129 -21.01 42.84 168.00
CA GLN D 2129 -20.62 44.21 168.14
C GLN D 2129 -21.84 45.10 168.36
N ALA D 2130 -22.98 44.70 167.79
CA ALA D 2130 -24.19 45.47 167.97
C ALA D 2130 -24.62 45.48 169.44
N SER D 2131 -24.51 44.33 170.12
CA SER D 2131 -24.87 44.29 171.54
C SER D 2131 -23.88 45.08 172.37
N ARG D 2132 -22.61 45.02 171.98
CA ARG D 2132 -21.58 45.72 172.73
C ARG D 2132 -21.74 47.22 172.58
N LEU D 2133 -22.16 47.65 171.39
CA LEU D 2133 -22.43 49.03 171.11
C LEU D 2133 -23.63 49.50 171.89
N ALA D 2134 -24.70 48.71 171.92
CA ALA D 2134 -25.89 49.10 172.67
C ALA D 2134 -25.52 49.25 174.13
N GLY D 2135 -24.63 48.38 174.59
CA GLY D 2135 -24.16 48.41 175.95
C GLY D 2135 -23.47 49.73 176.20
N ALA D 2136 -22.43 50.00 175.41
CA ALA D 2136 -21.69 51.23 175.57
C ALA D 2136 -22.57 52.46 175.41
N ALA D 2137 -23.54 52.39 174.51
CA ALA D 2137 -24.43 53.50 174.30
C ALA D 2137 -25.27 53.76 175.55
N ALA D 2138 -25.68 52.69 176.24
CA ALA D 2138 -26.54 52.82 177.40
C ALA D 2138 -25.84 53.63 178.47
N ASP D 2139 -24.54 53.43 178.56
CA ASP D 2139 -23.67 54.06 179.54
C ASP D 2139 -23.57 55.58 179.34
N LEU D 2140 -23.88 56.04 178.14
CA LEU D 2140 -23.76 57.45 177.80
C LEU D 2140 -25.09 58.16 177.95
N VAL D 2141 -26.15 57.43 178.27
CA VAL D 2141 -27.46 58.08 178.32
C VAL D 2141 -27.51 59.34 179.17
N PRO D 2142 -27.13 59.37 180.46
CA PRO D 2142 -27.20 60.58 181.26
C PRO D 2142 -26.33 61.71 180.73
N ASN D 2143 -25.30 61.39 179.95
CA ASN D 2143 -24.45 62.43 179.41
C ASN D 2143 -25.10 63.08 178.19
N ILE D 2144 -25.96 62.33 177.49
CA ILE D 2144 -26.59 62.83 176.28
C ILE D 2144 -27.97 63.39 176.55
N PHE D 2145 -28.78 62.66 177.29
CA PHE D 2145 -30.19 63.03 177.48
C PHE D 2145 -30.35 63.92 178.69
N GLY D 2146 -29.22 64.20 179.32
CA GLY D 2146 -29.08 65.04 180.47
C GLY D 2146 -28.38 66.35 180.10
N PHE D 2147 -28.19 66.65 178.81
CA PHE D 2147 -27.44 67.87 178.50
C PHE D 2147 -27.93 68.55 177.21
N ALA D 2148 -28.03 69.88 177.28
CA ALA D 2148 -28.45 70.69 176.15
C ALA D 2148 -27.25 71.17 175.35
N GLY D 2149 -27.00 70.54 174.22
CA GLY D 2149 -25.84 70.86 173.41
C GLY D 2149 -25.64 69.85 172.31
N GLY D 2150 -24.59 70.03 171.54
CA GLY D 2150 -24.20 69.13 170.46
C GLY D 2150 -22.95 68.38 170.89
N GLY D 2151 -21.80 68.75 170.33
CA GLY D 2151 -20.55 68.10 170.70
C GLY D 2151 -20.31 68.29 172.20
N SER D 2152 -20.73 69.43 172.75
CA SER D 2152 -20.54 69.80 174.15
C SER D 2152 -21.21 68.87 175.16
N ARG D 2153 -22.07 67.98 174.69
CA ARG D 2153 -22.69 67.01 175.56
C ARG D 2153 -21.65 65.98 175.99
N TRP D 2154 -20.58 65.86 175.19
CA TRP D 2154 -19.47 64.93 175.35
C TRP D 2154 -19.84 63.45 175.23
N GLY D 2155 -20.88 63.01 175.96
CA GLY D 2155 -21.35 61.64 175.81
C GLY D 2155 -21.75 61.42 174.36
N ALA D 2156 -22.25 62.48 173.73
CA ALA D 2156 -22.66 62.44 172.34
C ALA D 2156 -21.51 62.12 171.42
N ILE D 2157 -20.30 62.58 171.75
CA ILE D 2157 -19.15 62.35 170.90
C ILE D 2157 -18.79 60.91 171.03
N ALA D 2158 -18.77 60.40 172.26
CA ALA D 2158 -18.42 59.01 172.44
C ALA D 2158 -19.41 58.13 171.69
N GLU D 2159 -20.68 58.55 171.67
CA GLU D 2159 -21.68 57.79 170.98
C GLU D 2159 -21.44 57.88 169.50
N ALA D 2160 -21.09 59.06 169.00
CA ALA D 2160 -20.80 59.17 167.59
C ALA D 2160 -19.59 58.36 167.19
N THR D 2161 -18.54 58.32 168.02
CA THR D 2161 -17.35 57.59 167.63
C THR D 2161 -17.60 56.08 167.70
N GLY D 2162 -18.45 55.71 168.64
CA GLY D 2162 -18.82 54.34 168.84
C GLY D 2162 -19.68 53.90 167.67
N TYR D 2163 -20.85 54.50 167.57
CA TYR D 2163 -21.82 54.15 166.56
C TYR D 2163 -21.31 54.25 165.15
N VAL D 2164 -20.65 55.35 164.82
CA VAL D 2164 -20.24 55.45 163.45
C VAL D 2164 -19.15 54.45 163.11
N MET D 2165 -18.15 54.23 163.98
CA MET D 2165 -17.14 53.28 163.57
C MET D 2165 -17.58 51.82 163.69
N GLU D 2166 -18.27 51.46 164.78
CA GLU D 2166 -18.68 50.09 165.01
C GLU D 2166 -19.85 49.63 164.18
N PHE D 2167 -20.76 50.52 163.88
CA PHE D 2167 -21.95 50.11 163.17
C PHE D 2167 -21.96 50.60 161.76
N SER D 2168 -21.93 51.91 161.57
CA SER D 2168 -22.14 52.38 160.22
C SER D 2168 -20.98 52.03 159.30
N ALA D 2169 -19.75 52.27 159.75
CA ALA D 2169 -18.62 51.95 158.90
C ALA D 2169 -18.54 50.44 158.66
N ASN D 2170 -18.89 49.64 159.68
CA ASN D 2170 -18.79 48.20 159.56
C ASN D 2170 -19.82 47.64 158.61
N VAL D 2171 -21.03 48.19 158.64
CA VAL D 2171 -22.05 47.70 157.74
C VAL D 2171 -21.67 48.03 156.32
N MET D 2172 -21.19 49.26 156.08
CA MET D 2172 -20.86 49.63 154.73
C MET D 2172 -19.74 48.76 154.17
N ASN D 2173 -18.72 48.42 154.99
CA ASN D 2173 -17.67 47.57 154.48
C ASN D 2173 -18.09 46.14 154.31
N THR D 2174 -18.95 45.65 155.20
CA THR D 2174 -19.37 44.27 155.12
C THR D 2174 -20.12 44.04 153.83
N GLU D 2175 -21.01 44.99 153.51
CA GLU D 2175 -21.81 44.86 152.32
C GLU D 2175 -20.95 44.98 151.08
N ALA D 2176 -19.96 45.88 151.09
CA ALA D 2176 -19.13 46.02 149.91
C ALA D 2176 -18.33 44.78 149.61
N ASP D 2177 -17.82 44.13 150.66
CA ASP D 2177 -17.02 42.95 150.43
C ASP D 2177 -17.86 41.81 149.89
N LYS D 2178 -19.10 41.65 150.39
CA LYS D 2178 -19.92 40.58 149.87
C LYS D 2178 -20.22 40.83 148.40
N ILE D 2179 -20.47 42.09 148.04
CA ILE D 2179 -20.77 42.41 146.67
C ILE D 2179 -19.59 42.11 145.80
N SER D 2180 -18.41 42.54 146.22
CA SER D 2180 -17.22 42.39 145.42
C SER D 2180 -16.96 40.94 145.12
N GLN D 2181 -17.07 40.06 146.11
CA GLN D 2181 -16.82 38.67 145.80
C GLN D 2181 -17.81 38.16 144.79
N SER D 2182 -19.08 38.55 144.92
CA SER D 2182 -20.07 38.06 143.99
C SER D 2182 -19.80 38.57 142.59
N GLU D 2183 -19.41 39.82 142.45
CA GLU D 2183 -19.12 40.36 141.12
C GLU D 2183 -17.88 39.71 140.56
N THR D 2184 -16.96 39.39 141.43
CA THR D 2184 -15.75 38.75 140.96
C THR D 2184 -16.15 37.43 140.30
N TYR D 2185 -17.05 36.70 140.94
CA TYR D 2185 -17.51 35.47 140.34
C TYR D 2185 -18.34 35.75 139.07
N ARG D 2186 -19.10 36.84 139.07
CA ARG D 2186 -19.94 37.18 137.92
C ARG D 2186 -19.07 37.41 136.70
N ARG D 2187 -17.96 38.13 136.90
CA ARG D 2187 -17.06 38.42 135.82
C ARG D 2187 -16.39 37.15 135.34
N ARG D 2188 -16.06 36.24 136.26
CA ARG D 2188 -15.46 34.99 135.86
C ARG D 2188 -16.43 34.24 134.97
N ARG D 2189 -17.71 34.25 135.34
CA ARG D 2189 -18.72 33.57 134.57
C ARG D 2189 -18.81 34.19 133.18
N GLN D 2190 -18.72 35.52 133.09
CA GLN D 2190 -18.81 36.19 131.78
C GLN D 2190 -17.66 35.79 130.89
N GLU D 2191 -16.50 35.61 131.50
CA GLU D 2191 -15.33 35.24 130.75
C GLU D 2191 -15.51 33.84 130.21
N TRP D 2192 -16.07 32.96 131.03
CA TRP D 2192 -16.32 31.61 130.58
C TRP D 2192 -17.32 31.62 129.44
N GLU D 2193 -18.30 32.50 129.52
CA GLU D 2193 -19.33 32.55 128.49
C GLU D 2193 -18.70 32.90 127.16
N ILE D 2194 -17.76 33.84 127.17
CA ILE D 2194 -17.10 34.17 125.92
C ILE D 2194 -16.31 33.00 125.42
N GLN D 2195 -15.56 32.33 126.28
CA GLN D 2195 -14.75 31.23 125.79
C GLN D 2195 -15.62 30.08 125.29
N ARG D 2196 -16.78 29.90 125.92
CA ARG D 2196 -17.72 28.88 125.48
C ARG D 2196 -18.13 29.23 124.08
N ASN D 2197 -18.49 30.49 123.86
CA ASN D 2197 -18.95 30.97 122.58
C ASN D 2197 -17.88 30.86 121.53
N ASN D 2198 -16.63 30.99 121.93
CA ASN D 2198 -15.59 30.85 120.96
C ASN D 2198 -15.60 29.41 120.46
N ALA D 2199 -15.73 28.45 121.38
CA ALA D 2199 -15.76 27.06 120.99
C ALA D 2199 -16.97 26.79 120.11
N GLU D 2200 -18.07 27.46 120.43
CA GLU D 2200 -19.29 27.26 119.66
C GLU D 2200 -19.10 27.70 118.23
N ALA D 2201 -18.47 28.86 118.05
CA ALA D 2201 -18.21 29.37 116.73
C ALA D 2201 -17.32 28.43 115.95
N GLU D 2202 -16.34 27.83 116.64
CA GLU D 2202 -15.47 26.90 115.96
C GLU D 2202 -16.24 25.68 115.50
N LEU D 2203 -17.18 25.18 116.31
CA LEU D 2203 -17.95 24.02 115.91
C LEU D 2203 -18.79 24.32 114.70
N LYS D 2204 -19.36 25.52 114.65
CA LYS D 2204 -20.16 25.88 113.50
C LYS D 2204 -19.34 25.98 112.23
N GLN D 2205 -18.13 26.54 112.33
CA GLN D 2205 -17.28 26.65 111.16
C GLN D 2205 -16.85 25.30 110.68
N ILE D 2206 -16.62 24.40 111.60
CA ILE D 2206 -16.15 23.08 111.25
C ILE D 2206 -17.21 22.35 110.49
N ASP D 2207 -18.46 22.42 110.92
CA ASP D 2207 -19.46 21.75 110.13
C ASP D 2207 -19.56 22.34 108.74
N ALA D 2208 -19.45 23.65 108.61
CA ALA D 2208 -19.52 24.26 107.29
C ALA D 2208 -18.37 23.75 106.43
N GLN D 2209 -17.22 23.55 107.05
CA GLN D 2209 -16.07 23.04 106.33
C GLN D 2209 -16.29 21.62 105.90
N LEU D 2210 -16.89 20.80 106.75
CA LEU D 2210 -17.14 19.43 106.35
C LEU D 2210 -18.08 19.42 105.18
N LYS D 2211 -19.03 20.35 105.17
CA LYS D 2211 -19.93 20.42 104.05
C LYS D 2211 -19.14 20.77 102.79
N SER D 2212 -18.25 21.76 102.87
CA SER D 2212 -17.49 22.15 101.70
C SER D 2212 -16.69 20.98 101.19
N LEU D 2213 -16.13 20.21 102.11
CA LEU D 2213 -15.33 19.07 101.74
C LEU D 2213 -16.22 18.05 101.06
N ALA D 2214 -17.42 17.80 101.58
CA ALA D 2214 -18.30 16.82 100.97
C ALA D 2214 -18.54 17.16 99.51
N VAL D 2215 -18.62 18.46 99.20
CA VAL D 2215 -18.83 18.86 97.83
C VAL D 2215 -17.56 18.59 97.06
N ARG D 2216 -16.42 18.96 97.62
CA ARG D 2216 -15.16 18.74 96.93
C ARG D 2216 -15.03 17.28 96.60
N ARG D 2217 -15.45 16.43 97.51
CA ARG D 2217 -15.37 15.02 97.27
C ARG D 2217 -16.26 14.65 96.14
N GLU D 2218 -17.51 15.14 96.11
CA GLU D 2218 -18.37 14.73 95.03
C GLU D 2218 -17.76 15.10 93.71
N ALA D 2219 -17.13 16.27 93.64
CA ALA D 2219 -16.50 16.68 92.41
C ALA D 2219 -15.38 15.71 92.03
N ALA D 2220 -14.65 15.19 93.03
CA ALA D 2220 -13.57 14.26 92.78
C ALA D 2220 -14.13 12.97 92.22
N VAL D 2221 -15.32 12.63 92.68
CA VAL D 2221 -15.95 11.45 92.18
C VAL D 2221 -16.33 11.67 90.73
N LEU D 2222 -16.86 12.85 90.41
CA LEU D 2222 -17.20 13.09 89.01
C LEU D 2222 -15.96 13.03 88.16
N GLN D 2223 -14.82 13.46 88.68
CA GLN D 2223 -13.60 13.42 87.93
C GLN D 2223 -13.27 11.97 87.61
N LYS D 2224 -13.57 11.07 88.55
CA LYS D 2224 -13.33 9.67 88.32
C LYS D 2224 -14.19 9.21 87.15
N THR D 2225 -15.43 9.66 87.14
CA THR D 2225 -16.37 9.32 86.07
C THR D 2225 -15.84 9.82 84.74
N SER D 2226 -15.25 11.01 84.74
CA SER D 2226 -14.71 11.60 83.53
C SER D 2226 -13.59 10.70 83.03
N LEU D 2227 -12.73 10.24 83.93
CA LEU D 2227 -11.66 9.36 83.50
C LEU D 2227 -12.21 8.03 83.02
N LYS D 2228 -13.25 7.50 83.64
CA LYS D 2228 -13.83 6.23 83.20
C LYS D 2228 -14.40 6.41 81.82
N THR D 2229 -14.94 7.57 81.56
CA THR D 2229 -15.52 7.86 80.27
C THR D 2229 -14.39 7.82 79.27
N GLN D 2230 -13.25 8.44 79.58
CA GLN D 2230 -12.15 8.47 78.64
C GLN D 2230 -11.69 7.06 78.35
N GLN D 2231 -11.74 6.21 79.35
CA GLN D 2231 -11.33 4.84 79.17
C GLN D 2231 -12.22 4.14 78.17
N GLU D 2232 -13.50 4.40 78.25
CA GLU D 2232 -14.47 3.75 77.38
C GLU D 2232 -14.34 4.27 75.98
N GLN D 2233 -14.05 5.56 75.88
CA GLN D 2233 -13.92 6.19 74.59
C GLN D 2233 -12.70 5.63 73.90
N THR D 2234 -11.64 5.39 74.66
CA THR D 2234 -10.44 4.85 74.11
C THR D 2234 -10.72 3.45 73.61
N GLN D 2235 -11.48 2.67 74.37
CA GLN D 2235 -11.77 1.33 73.92
C GLN D 2235 -12.68 1.33 72.73
N SER D 2236 -13.61 2.29 72.60
CA SER D 2236 -14.44 2.26 71.42
C SER D 2236 -13.61 2.65 70.23
N GLN D 2237 -12.55 3.44 70.42
CA GLN D 2237 -11.73 3.76 69.30
C GLN D 2237 -10.99 2.52 68.87
N LEU D 2238 -10.54 1.71 69.81
CA LEU D 2238 -9.88 0.50 69.34
C LEU D 2238 -10.86 -0.35 68.59
N ALA D 2239 -12.10 -0.44 69.06
CA ALA D 2239 -13.06 -1.26 68.34
C ALA D 2239 -13.23 -0.73 66.94
N PHE D 2240 -13.18 0.58 66.78
CA PHE D 2240 -13.33 1.13 65.48
C PHE D 2240 -12.16 0.67 64.65
N LEU D 2241 -10.96 0.83 65.17
CA LEU D 2241 -9.79 0.52 64.35
C LEU D 2241 -9.77 -0.92 63.94
N GLN D 2242 -10.27 -1.78 64.80
CA GLN D 2242 -10.29 -3.19 64.54
C GLN D 2242 -11.45 -3.64 63.64
N ARG D 2243 -12.56 -2.91 63.66
CA ARG D 2243 -13.75 -3.32 62.93
C ARG D 2243 -13.94 -2.62 61.60
N LYS D 2244 -13.33 -1.47 61.44
CA LYS D 2244 -13.49 -0.75 60.20
C LYS D 2244 -12.94 -1.60 59.11
N PHE D 2245 -13.45 -1.44 57.90
CA PHE D 2245 -12.98 -2.28 56.83
C PHE D 2245 -11.49 -2.12 56.59
N SER D 2246 -11.01 -0.89 56.52
CA SER D 2246 -9.61 -0.66 56.18
C SER D 2246 -8.67 -0.81 57.36
N ASN D 2247 -8.67 -1.98 57.96
CA ASN D 2247 -7.88 -2.29 59.15
C ASN D 2247 -6.56 -2.95 58.81
N GLN D 2248 -5.80 -3.31 59.83
CA GLN D 2248 -4.50 -3.90 59.55
C GLN D 2248 -4.62 -5.21 58.83
N ALA D 2249 -5.68 -5.97 59.08
CA ALA D 2249 -5.84 -7.24 58.41
C ALA D 2249 -5.96 -7.01 56.92
N LEU D 2250 -6.60 -5.93 56.53
CA LEU D 2250 -6.75 -5.63 55.13
C LEU D 2250 -5.42 -5.36 54.53
N TYR D 2251 -4.61 -4.57 55.20
CA TYR D 2251 -3.33 -4.23 54.62
C TYR D 2251 -2.39 -5.40 54.67
N ASN D 2252 -2.56 -6.27 55.65
CA ASN D 2252 -1.68 -7.40 55.72
C ASN D 2252 -1.99 -8.30 54.55
N TRP D 2253 -3.28 -8.48 54.27
CA TRP D 2253 -3.70 -9.31 53.18
C TRP D 2253 -3.29 -8.71 51.87
N LEU D 2254 -3.52 -7.42 51.69
CA LEU D 2254 -3.18 -6.80 50.44
C LEU D 2254 -1.71 -6.87 50.20
N ARG D 2255 -0.90 -6.66 51.23
CA ARG D 2255 0.52 -6.71 50.98
C ARG D 2255 0.93 -8.08 50.62
N GLY D 2256 0.44 -9.07 51.33
CA GLY D 2256 0.90 -10.40 51.06
C GLY D 2256 0.55 -10.83 49.66
N ARG D 2257 -0.65 -10.50 49.23
CA ARG D 2257 -1.10 -10.93 47.95
C ARG D 2257 -0.45 -10.13 46.85
N LEU D 2258 -0.34 -8.83 47.03
CA LEU D 2258 0.27 -8.07 45.98
C LEU D 2258 1.70 -8.41 45.86
N ALA D 2259 2.36 -8.67 46.98
CA ALA D 2259 3.76 -8.96 46.95
C ALA D 2259 4.00 -10.20 46.13
N ALA D 2260 3.13 -11.21 46.27
CA ALA D 2260 3.32 -12.40 45.47
C ALA D 2260 3.20 -12.07 44.01
N ILE D 2261 2.27 -11.17 43.68
CA ILE D 2261 2.07 -10.80 42.30
C ILE D 2261 3.25 -10.06 41.76
N TYR D 2262 3.73 -9.10 42.53
CA TYR D 2262 4.82 -8.26 42.11
C TYR D 2262 6.02 -9.09 41.83
N PHE D 2263 6.35 -10.03 42.69
CA PHE D 2263 7.48 -10.86 42.42
C PHE D 2263 7.27 -11.70 41.18
N GLN D 2264 6.12 -12.32 41.02
CA GLN D 2264 5.96 -13.14 39.85
C GLN D 2264 5.99 -12.31 38.61
N PHE D 2265 5.45 -11.13 38.69
CA PHE D 2265 5.35 -10.26 37.54
C PHE D 2265 6.77 -9.93 37.15
N TYR D 2266 7.59 -9.67 38.15
CA TYR D 2266 8.97 -9.33 37.95
C TYR D 2266 9.68 -10.39 37.19
N ASP D 2267 9.56 -11.66 37.57
CA ASP D 2267 10.28 -12.64 36.77
C ASP D 2267 9.89 -12.57 35.32
N LEU D 2268 8.62 -12.31 35.06
CA LEU D 2268 8.20 -12.26 33.69
C LEU D 2268 8.76 -11.00 33.02
N ALA D 2269 8.75 -9.88 33.73
CA ALA D 2269 9.25 -8.65 33.16
C ALA D 2269 10.68 -8.80 32.79
N VAL D 2270 11.41 -9.51 33.60
CA VAL D 2270 12.79 -9.69 33.28
C VAL D 2270 12.88 -10.55 32.07
N ALA D 2271 12.12 -11.63 32.00
CA ALA D 2271 12.25 -12.48 30.86
C ALA D 2271 11.99 -11.75 29.57
N ARG D 2272 11.05 -10.82 29.54
CA ARG D 2272 10.88 -10.11 28.29
C ARG D 2272 11.97 -9.13 28.03
N CYS D 2273 12.55 -8.58 29.08
CA CYS D 2273 13.63 -7.65 28.88
C CYS D 2273 14.78 -8.42 28.26
N LEU D 2274 14.95 -9.64 28.73
CA LEU D 2274 15.99 -10.50 28.24
C LEU D 2274 15.71 -10.94 26.83
N MET D 2275 14.44 -11.13 26.47
CA MET D 2275 14.16 -11.45 25.08
C MET D 2275 14.49 -10.29 24.18
N ALA D 2276 14.20 -9.07 24.61
CA ALA D 2276 14.55 -7.91 23.80
C ALA D 2276 16.05 -7.84 23.64
N GLU D 2277 16.75 -8.23 24.69
CA GLU D 2277 18.20 -8.23 24.72
C GLU D 2277 18.73 -9.24 23.72
N GLN D 2278 18.10 -10.40 23.65
CA GLN D 2278 18.52 -11.37 22.68
C GLN D 2278 18.25 -10.89 21.28
N ALA D 2279 17.11 -10.22 21.06
CA ALA D 2279 16.81 -9.73 19.72
C ALA D 2279 17.88 -8.74 19.32
N TYR D 2280 18.30 -7.90 20.26
CA TYR D 2280 19.33 -6.92 20.02
C TYR D 2280 20.59 -7.60 19.54
N ARG D 2281 21.00 -8.64 20.28
CA ARG D 2281 22.22 -9.38 19.95
C ARG D 2281 22.14 -10.03 18.59
N TRP D 2282 20.97 -10.49 18.23
CA TRP D 2282 20.89 -11.13 16.95
C TRP D 2282 20.93 -10.10 15.81
N GLU D 2283 20.21 -8.98 15.94
CA GLU D 2283 20.22 -8.01 14.85
C GLU D 2283 21.60 -7.40 14.68
N LEU D 2284 22.24 -7.10 15.78
CA LEU D 2284 23.55 -6.53 15.77
C LEU D 2284 24.40 -7.69 16.12
N ASN D 2285 25.16 -8.21 15.20
CA ASN D 2285 25.83 -9.46 15.47
C ASN D 2285 26.95 -9.29 16.47
N ASP D 2286 26.56 -9.27 17.74
CA ASP D 2286 27.44 -9.08 18.87
C ASP D 2286 26.90 -9.79 20.09
N ASP D 2287 27.43 -10.94 20.39
CA ASP D 2287 26.82 -11.75 21.41
C ASP D 2287 27.33 -11.45 22.80
N SER D 2288 28.18 -10.45 22.90
CA SER D 2288 28.74 -10.05 24.17
C SER D 2288 27.86 -9.00 24.82
N ALA D 2289 26.91 -8.45 24.10
CA ALA D 2289 26.13 -7.38 24.69
C ALA D 2289 25.27 -7.88 25.83
N ARG D 2290 25.25 -7.12 26.91
CA ARG D 2290 24.38 -7.38 28.06
C ARG D 2290 23.92 -6.04 28.60
N PHE D 2291 22.64 -5.90 28.83
CA PHE D 2291 22.07 -4.70 29.42
C PHE D 2291 21.31 -4.97 30.69
N ILE D 2292 20.76 -6.16 30.82
CA ILE D 2292 19.90 -6.38 31.97
C ILE D 2292 20.69 -6.93 33.13
N LYS D 2293 20.86 -6.10 34.13
CA LYS D 2293 21.63 -6.45 35.30
C LYS D 2293 20.73 -7.28 36.19
N PRO D 2294 21.25 -8.22 36.96
CA PRO D 2294 20.52 -9.10 37.86
C PRO D 2294 20.12 -8.47 39.18
N GLY D 2295 20.52 -7.25 39.41
CA GLY D 2295 20.33 -6.60 40.71
C GLY D 2295 19.04 -5.81 40.83
N ALA D 2296 18.14 -5.93 39.86
CA ALA D 2296 16.92 -5.17 39.92
C ALA D 2296 16.09 -5.52 41.15
N TRP D 2297 16.09 -6.76 41.57
CA TRP D 2297 15.26 -7.14 42.69
C TRP D 2297 16.01 -7.35 43.97
N GLN D 2298 15.87 -6.42 44.88
CA GLN D 2298 16.51 -6.60 46.16
C GLN D 2298 15.50 -7.17 47.12
N GLY D 2299 15.80 -8.31 47.73
CA GLY D 2299 14.86 -8.89 48.68
C GLY D 2299 14.67 -7.95 49.85
N THR D 2300 15.75 -7.30 50.23
CA THR D 2300 15.75 -6.35 51.29
C THR D 2300 15.08 -5.19 50.61
N TYR D 2301 14.17 -4.52 51.26
CA TYR D 2301 13.42 -3.44 50.64
C TYR D 2301 12.35 -3.97 49.69
N ALA D 2302 12.08 -5.27 49.73
CA ALA D 2302 10.95 -5.89 49.05
C ALA D 2302 10.82 -5.67 47.57
N GLY D 2303 11.90 -5.57 46.84
CA GLY D 2303 11.78 -5.42 45.41
C GLY D 2303 11.46 -4.01 44.99
N LEU D 2304 11.48 -3.07 45.91
CA LEU D 2304 11.12 -1.75 45.52
C LEU D 2304 12.13 -1.20 44.54
N LEU D 2305 11.58 -0.51 43.57
CA LEU D 2305 12.28 0.09 42.45
C LEU D 2305 12.87 -0.92 41.47
N ALA D 2306 12.43 -2.19 41.53
CA ALA D 2306 12.89 -3.16 40.54
C ALA D 2306 12.46 -2.74 39.15
N GLY D 2307 11.25 -2.20 39.05
CA GLY D 2307 10.70 -1.79 37.78
C GLY D 2307 11.55 -0.70 37.17
N GLU D 2308 11.80 0.33 37.94
CA GLU D 2308 12.53 1.50 37.50
C GLU D 2308 13.92 1.12 37.08
N THR D 2309 14.47 0.14 37.76
CA THR D 2309 15.80 -0.30 37.42
C THR D 2309 15.75 -0.85 36.02
N LEU D 2310 14.76 -1.69 35.72
CA LEU D 2310 14.65 -2.31 34.41
C LEU D 2310 14.33 -1.28 33.34
N MET D 2311 13.57 -0.26 33.69
CA MET D 2311 13.21 0.71 32.69
C MET D 2311 14.45 1.40 32.18
N LEU D 2312 15.42 1.59 33.07
CA LEU D 2312 16.65 2.23 32.67
C LEU D 2312 17.46 1.34 31.79
N SER D 2313 17.57 0.08 32.14
CA SER D 2313 18.39 -0.78 31.33
C SER D 2313 17.82 -0.96 29.95
N LEU D 2314 16.50 -0.88 29.83
CA LEU D 2314 15.90 -0.96 28.52
C LEU D 2314 16.23 0.28 27.73
N ALA D 2315 16.20 1.43 28.37
CA ALA D 2315 16.53 2.63 27.66
C ALA D 2315 17.97 2.59 27.17
N GLN D 2316 18.85 2.00 27.97
CA GLN D 2316 20.25 1.92 27.58
C GLN D 2316 20.40 1.02 26.38
N MET D 2317 19.64 -0.06 26.36
CA MET D 2317 19.66 -0.99 25.25
C MET D 2317 19.21 -0.31 23.98
N GLU D 2318 18.11 0.44 24.06
CA GLU D 2318 17.59 1.12 22.89
C GLU D 2318 18.57 2.15 22.40
N ASP D 2319 19.25 2.80 23.32
CA ASP D 2319 20.20 3.83 22.95
C ASP D 2319 21.33 3.16 22.19
N ALA D 2320 21.79 2.02 22.71
CA ALA D 2320 22.88 1.31 22.08
C ALA D 2320 22.52 0.93 20.68
N HIS D 2321 21.25 0.64 20.44
CA HIS D 2321 20.75 0.27 19.15
C HIS D 2321 20.79 1.51 18.29
N LEU D 2322 20.29 2.63 18.77
CA LEU D 2322 20.24 3.81 17.91
C LEU D 2322 21.62 4.25 17.44
N LYS D 2323 22.63 4.05 18.27
CA LYS D 2323 23.99 4.46 17.94
C LYS D 2323 24.77 3.46 17.11
N ARG D 2324 24.26 2.27 16.94
CA ARG D 2324 24.97 1.24 16.20
C ARG D 2324 24.23 0.85 14.96
N ASP D 2325 22.93 1.09 14.97
CA ASP D 2325 22.09 0.80 13.84
C ASP D 2325 22.56 1.64 12.69
N LYS D 2326 22.79 1.00 11.57
CA LYS D 2326 23.24 1.65 10.36
C LYS D 2326 22.48 1.07 9.22
N ARG D 2327 22.32 1.82 8.15
CA ARG D 2327 21.67 1.19 7.04
C ARG D 2327 22.68 0.22 6.43
N ALA D 2328 22.29 -1.04 6.30
CA ALA D 2328 23.17 -2.05 5.73
C ALA D 2328 23.06 -2.02 4.25
N LEU D 2329 24.04 -2.51 3.52
CA LEU D 2329 23.85 -2.56 2.10
C LEU D 2329 22.98 -3.74 1.79
N GLU D 2330 21.89 -3.50 1.09
CA GLU D 2330 20.95 -4.55 0.77
C GLU D 2330 21.26 -5.07 -0.62
N VAL D 2331 21.71 -6.31 -0.68
CA VAL D 2331 22.16 -6.92 -1.91
C VAL D 2331 21.49 -8.24 -2.18
N GLU D 2332 21.53 -8.68 -3.43
CA GLU D 2332 20.93 -9.96 -3.77
C GLU D 2332 21.86 -10.78 -4.62
N ARG D 2333 21.75 -12.10 -4.55
CA ARG D 2333 22.52 -12.94 -5.44
C ARG D 2333 21.73 -14.16 -5.87
N THR D 2334 21.77 -14.47 -7.15
CA THR D 2334 21.05 -15.61 -7.68
C THR D 2334 21.97 -16.78 -7.87
N VAL D 2335 21.61 -17.92 -7.28
CA VAL D 2335 22.46 -19.09 -7.32
C VAL D 2335 21.89 -20.31 -8.00
N SER D 2336 22.60 -20.82 -8.99
CA SER D 2336 22.19 -22.05 -9.64
C SER D 2336 22.86 -23.17 -8.96
N LEU D 2337 22.13 -24.17 -8.54
CA LEU D 2337 22.85 -25.25 -7.91
C LEU D 2337 23.46 -26.09 -8.98
N ALA D 2338 22.90 -26.09 -10.17
CA ALA D 2338 23.50 -26.89 -11.21
C ALA D 2338 24.94 -26.43 -11.42
N GLU D 2339 25.18 -25.13 -11.28
CA GLU D 2339 26.50 -24.54 -11.43
C GLU D 2339 27.46 -24.96 -10.34
N VAL D 2340 26.94 -25.33 -9.19
CA VAL D 2340 27.78 -25.70 -8.08
C VAL D 2340 28.18 -27.11 -8.30
N TYR D 2341 27.23 -27.93 -8.66
CA TYR D 2341 27.54 -29.32 -8.75
C TYR D 2341 28.40 -29.62 -9.93
N ALA D 2342 28.15 -28.94 -11.04
CA ALA D 2342 28.96 -29.15 -12.22
C ALA D 2342 30.32 -28.53 -12.04
N GLY D 2343 30.43 -27.66 -11.05
CA GLY D 2343 31.62 -26.90 -10.75
C GLY D 2343 32.47 -27.50 -9.64
N LEU D 2344 32.12 -28.67 -9.12
CA LEU D 2344 32.92 -29.19 -8.02
C LEU D 2344 34.30 -29.61 -8.53
N PRO D 2345 35.35 -29.52 -7.71
CA PRO D 2345 36.68 -29.97 -8.03
C PRO D 2345 36.58 -31.42 -8.38
N LYS D 2346 37.44 -31.93 -9.24
CA LYS D 2346 37.28 -33.31 -9.68
C LYS D 2346 37.20 -34.30 -8.52
N ASP D 2347 37.85 -34.00 -7.41
CA ASP D 2347 37.90 -34.91 -6.28
C ASP D 2347 36.64 -34.89 -5.44
N ASN D 2348 35.75 -33.99 -5.77
CA ASN D 2348 34.49 -33.87 -5.07
C ASN D 2348 33.38 -34.44 -5.92
N GLY D 2349 33.74 -34.97 -7.10
CA GLY D 2349 32.74 -35.55 -7.96
C GLY D 2349 31.80 -34.53 -8.57
N PRO D 2350 32.19 -33.75 -9.57
CA PRO D 2350 31.30 -32.83 -10.22
C PRO D 2350 30.29 -33.63 -10.95
N PHE D 2351 29.11 -33.08 -11.10
CA PHE D 2351 28.07 -33.79 -11.80
C PHE D 2351 27.02 -32.90 -12.42
N SER D 2352 26.26 -33.45 -13.36
CA SER D 2352 25.15 -32.72 -13.92
C SER D 2352 23.95 -32.99 -13.07
N LEU D 2353 23.43 -31.96 -12.47
CA LEU D 2353 22.33 -32.08 -11.54
C LEU D 2353 21.11 -32.73 -12.12
N ALA D 2354 20.68 -32.30 -13.29
CA ALA D 2354 19.45 -32.87 -13.81
C ALA D 2354 19.60 -34.35 -14.08
N GLN D 2355 20.78 -34.75 -14.54
CA GLN D 2355 20.99 -36.14 -14.88
C GLN D 2355 21.11 -37.02 -13.68
N GLU D 2356 21.74 -36.53 -12.63
CA GLU D 2356 21.86 -37.37 -11.47
C GLU D 2356 20.51 -37.52 -10.85
N ILE D 2357 19.67 -36.50 -10.93
CA ILE D 2357 18.35 -36.62 -10.37
C ILE D 2357 17.61 -37.69 -11.09
N ASP D 2358 17.66 -37.72 -12.41
CA ASP D 2358 16.92 -38.76 -13.08
C ASP D 2358 17.38 -40.13 -12.65
N LYS D 2359 18.68 -40.31 -12.49
CA LYS D 2359 19.14 -41.62 -12.08
C LYS D 2359 18.70 -41.98 -10.70
N LEU D 2360 18.76 -41.05 -9.77
CA LEU D 2360 18.40 -41.30 -8.39
C LEU D 2360 16.93 -41.52 -8.22
N VAL D 2361 16.15 -40.88 -9.05
CA VAL D 2361 14.73 -41.09 -8.99
C VAL D 2361 14.37 -42.44 -9.58
N SER D 2362 14.99 -42.82 -10.71
CA SER D 2362 14.69 -44.12 -11.30
C SER D 2362 15.21 -45.28 -10.44
N GLN D 2363 16.30 -45.06 -9.74
CA GLN D 2363 16.88 -46.07 -8.88
C GLN D 2363 16.24 -45.95 -7.53
N GLY D 2364 16.27 -46.99 -6.74
CA GLY D 2364 15.67 -46.85 -5.42
C GLY D 2364 16.50 -46.01 -4.46
N SER D 2365 17.77 -45.84 -4.79
CA SER D 2365 18.72 -45.10 -3.99
C SER D 2365 19.95 -44.70 -4.74
N GLY D 2366 20.83 -44.01 -4.02
CA GLY D 2366 22.11 -43.60 -4.56
C GLY D 2366 22.50 -42.23 -4.03
N SER D 2367 23.54 -41.68 -4.60
CA SER D 2367 24.05 -40.38 -4.23
C SER D 2367 24.86 -39.80 -5.37
N ALA D 2368 25.17 -38.52 -5.28
CA ALA D 2368 26.04 -37.90 -6.27
C ALA D 2368 26.85 -36.81 -5.63
N GLY D 2369 28.10 -36.67 -6.03
CA GLY D 2369 28.93 -35.64 -5.46
C GLY D 2369 29.40 -36.07 -4.09
N SER D 2370 30.00 -35.15 -3.35
CA SER D 2370 30.49 -35.50 -2.04
C SER D 2370 30.51 -34.33 -1.09
N GLY D 2371 31.07 -34.56 0.08
CA GLY D 2371 31.17 -33.50 1.06
C GLY D 2371 29.81 -32.96 1.45
N ASN D 2372 29.68 -31.65 1.33
CA ASN D 2372 28.45 -30.95 1.66
C ASN D 2372 27.78 -30.43 0.40
N ASN D 2373 28.14 -31.00 -0.74
CA ASN D 2373 27.60 -30.58 -2.02
C ASN D 2373 27.21 -31.81 -2.78
N ASN D 2374 26.10 -32.37 -2.41
CA ASN D 2374 25.73 -33.64 -2.99
C ASN D 2374 24.24 -33.92 -3.07
N LEU D 2375 23.93 -35.05 -3.66
CA LEU D 2375 22.57 -35.53 -3.72
C LEU D 2375 22.53 -36.82 -3.00
N ALA D 2376 21.46 -37.09 -2.31
CA ALA D 2376 21.32 -38.37 -1.64
C ALA D 2376 19.91 -38.62 -1.21
N PHE D 2377 19.60 -39.85 -0.90
CA PHE D 2377 18.32 -40.08 -0.28
C PHE D 2377 18.50 -39.90 1.20
N GLY D 2378 17.41 -39.56 1.89
CA GLY D 2378 17.47 -39.34 3.32
C GLY D 2378 17.72 -40.60 4.13
N ALA D 2379 18.06 -40.41 5.41
CA ALA D 2379 18.33 -41.51 6.35
C ALA D 2379 17.49 -41.39 7.59
N GLY D 2380 16.34 -40.79 7.45
CA GLY D 2380 15.42 -40.61 8.58
C GLY D 2380 14.61 -41.85 8.59
N THR D 2381 13.50 -41.86 9.30
CA THR D 2381 12.72 -43.08 9.33
C THR D 2381 11.55 -42.97 8.38
N ASP D 2382 11.20 -41.74 8.05
CA ASP D 2382 10.13 -41.42 7.14
C ASP D 2382 10.62 -40.59 5.96
N THR D 2383 11.94 -40.48 5.84
CA THR D 2383 12.57 -39.70 4.78
C THR D 2383 13.43 -40.54 3.87
N LYS D 2384 13.42 -41.84 4.02
CA LYS D 2384 14.28 -42.65 3.18
C LYS D 2384 13.97 -42.51 1.71
N THR D 2385 12.72 -42.22 1.37
CA THR D 2385 12.29 -42.07 0.00
C THR D 2385 12.28 -40.60 -0.43
N SER D 2386 12.82 -39.73 0.43
CA SER D 2386 12.94 -38.31 0.13
C SER D 2386 14.24 -38.08 -0.58
N LEU D 2387 14.24 -37.22 -1.57
CA LEU D 2387 15.47 -36.92 -2.28
C LEU D 2387 16.04 -35.64 -1.77
N GLN D 2388 17.29 -35.66 -1.35
CA GLN D 2388 17.90 -34.48 -0.81
C GLN D 2388 19.00 -33.95 -1.66
N ALA D 2389 19.12 -32.63 -1.69
CA ALA D 2389 20.21 -31.96 -2.37
C ALA D 2389 20.82 -31.00 -1.41
N SER D 2390 22.13 -30.82 -1.47
CA SER D 2390 22.72 -29.88 -0.54
C SER D 2390 23.78 -28.98 -1.13
N VAL D 2391 23.95 -27.84 -0.49
CA VAL D 2391 24.99 -26.94 -0.92
C VAL D 2391 25.71 -26.24 0.23
N SER D 2392 27.01 -26.20 0.14
CA SER D 2392 27.79 -25.52 1.16
C SER D 2392 27.87 -24.07 0.86
N PHE D 2393 27.56 -23.22 1.83
CA PHE D 2393 27.62 -21.79 1.59
C PHE D 2393 29.02 -21.37 1.31
N ALA D 2394 29.95 -22.03 1.94
CA ALA D 2394 31.35 -21.73 1.81
C ALA D 2394 31.84 -21.89 0.39
N ASP D 2395 31.17 -22.71 -0.41
CA ASP D 2395 31.61 -22.98 -1.74
C ASP D 2395 30.94 -22.08 -2.75
N LEU D 2396 30.02 -21.23 -2.28
CA LEU D 2396 29.35 -20.34 -3.20
C LEU D 2396 30.18 -19.11 -3.47
N LYS D 2397 31.09 -18.78 -2.56
CA LYS D 2397 31.98 -17.64 -2.70
C LYS D 2397 31.24 -16.34 -2.92
N ILE D 2398 30.22 -16.17 -2.11
CA ILE D 2398 29.38 -14.99 -2.09
C ILE D 2398 30.17 -13.81 -1.60
N ARG D 2399 30.94 -14.03 -0.56
CA ARG D 2399 31.68 -12.94 0.06
C ARG D 2399 32.55 -12.19 -0.91
N GLU D 2400 33.18 -12.92 -1.79
CA GLU D 2400 34.13 -12.41 -2.76
C GLU D 2400 33.53 -11.48 -3.81
N ASP D 2401 32.20 -11.47 -3.92
CA ASP D 2401 31.52 -10.61 -4.87
C ASP D 2401 31.70 -9.13 -4.54
N TYR D 2402 31.86 -8.78 -3.27
CA TYR D 2402 32.06 -7.38 -2.89
C TYR D 2402 33.38 -7.19 -2.09
N PRO D 2403 34.06 -6.04 -2.20
CA PRO D 2403 35.31 -5.70 -1.51
C PRO D 2403 35.17 -5.83 0.01
N ALA D 2404 36.26 -6.23 0.65
CA ALA D 2404 36.28 -6.46 2.09
C ALA D 2404 36.00 -5.20 2.83
N SER D 2405 36.45 -4.11 2.26
CA SER D 2405 36.33 -2.81 2.90
C SER D 2405 34.91 -2.37 3.16
N LEU D 2406 33.94 -3.00 2.53
CA LEU D 2406 32.54 -2.62 2.71
C LEU D 2406 31.97 -3.08 4.02
N GLY D 2407 32.66 -4.00 4.68
CA GLY D 2407 32.17 -4.54 5.93
C GLY D 2407 32.38 -6.04 5.98
N LYS D 2408 32.56 -6.55 7.19
CA LYS D 2408 32.81 -7.95 7.37
C LYS D 2408 31.58 -8.75 7.73
N ILE D 2409 30.54 -8.09 8.21
CA ILE D 2409 29.43 -8.88 8.65
C ILE D 2409 28.47 -9.03 7.53
N ARG D 2410 28.43 -10.22 6.98
CA ARG D 2410 27.61 -10.46 5.82
C ARG D 2410 26.69 -11.61 6.13
N ARG D 2411 25.42 -11.27 6.29
CA ARG D 2411 24.42 -12.22 6.75
C ARG D 2411 23.22 -12.27 5.86
N ILE D 2412 22.61 -13.43 5.77
CA ILE D 2412 21.44 -13.68 4.96
C ILE D 2412 20.20 -13.06 5.51
N LYS D 2413 19.45 -12.42 4.63
CA LYS D 2413 18.22 -11.80 5.03
C LYS D 2413 17.05 -12.71 4.69
N GLN D 2414 17.06 -13.27 3.50
CA GLN D 2414 15.91 -14.06 3.06
C GLN D 2414 16.28 -15.04 1.96
N ILE D 2415 15.66 -16.22 1.92
CA ILE D 2415 15.93 -17.07 0.75
C ILE D 2415 14.65 -17.56 0.10
N SER D 2416 14.54 -17.38 -1.21
CA SER D 2416 13.40 -17.91 -1.98
C SER D 2416 13.89 -18.98 -2.93
N VAL D 2417 13.03 -19.92 -3.31
CA VAL D 2417 13.48 -20.97 -4.20
C VAL D 2417 12.69 -21.09 -5.50
N THR D 2418 13.42 -21.13 -6.59
CA THR D 2418 12.85 -21.32 -7.91
C THR D 2418 13.24 -22.70 -8.41
N LEU D 2419 12.26 -23.44 -8.88
CA LEU D 2419 12.46 -24.78 -9.39
C LEU D 2419 11.93 -24.88 -10.79
N PRO D 2420 12.70 -24.51 -11.82
CA PRO D 2420 12.27 -24.59 -13.17
C PRO D 2420 12.05 -26.06 -13.40
N ALA D 2421 10.83 -26.42 -13.74
CA ALA D 2421 10.45 -27.78 -13.96
C ALA D 2421 9.19 -27.80 -14.79
N LEU D 2422 8.91 -28.90 -15.43
CA LEU D 2422 7.62 -28.93 -16.10
C LEU D 2422 6.56 -29.63 -15.27
N LEU D 2423 5.58 -28.83 -14.83
CA LEU D 2423 4.47 -29.24 -13.97
C LEU D 2423 3.11 -29.03 -14.61
N GLY D 2424 2.13 -29.88 -14.24
CA GLY D 2424 0.77 -29.73 -14.74
C GLY D 2424 0.04 -28.61 -13.97
N PRO D 2425 -1.16 -28.19 -14.42
CA PRO D 2425 -1.91 -27.05 -13.88
C PRO D 2425 -2.34 -27.12 -12.43
N TYR D 2426 -2.48 -28.32 -11.89
CA TYR D 2426 -2.89 -28.48 -10.51
C TYR D 2426 -1.85 -29.27 -9.78
N GLN D 2427 -0.63 -29.24 -10.29
CA GLN D 2427 0.42 -30.02 -9.66
C GLN D 2427 1.24 -29.15 -8.76
N ASP D 2428 1.42 -29.58 -7.53
CA ASP D 2428 2.21 -28.78 -6.61
C ASP D 2428 3.59 -29.38 -6.42
N VAL D 2429 4.39 -28.68 -5.64
CA VAL D 2429 5.72 -29.09 -5.26
C VAL D 2429 5.81 -29.27 -3.79
N GLN D 2430 6.42 -30.35 -3.37
CA GLN D 2430 6.62 -30.49 -1.95
C GLN D 2430 8.07 -30.44 -1.62
N ALA D 2431 8.59 -29.34 -1.09
CA ALA D 2431 10.02 -29.42 -0.79
C ALA D 2431 10.37 -28.62 0.44
N ILE D 2432 11.29 -29.14 1.23
CA ILE D 2432 11.73 -28.41 2.41
C ILE D 2432 13.16 -27.94 2.34
N LEU D 2433 13.34 -26.68 2.56
CA LEU D 2433 14.65 -26.11 2.58
C LEU D 2433 15.06 -25.95 4.02
N SER D 2434 16.22 -26.45 4.38
CA SER D 2434 16.62 -26.31 5.78
C SER D 2434 18.11 -26.09 5.95
N TYR D 2435 18.47 -25.48 7.08
CA TYR D 2435 19.89 -25.23 7.35
C TYR D 2435 20.54 -26.24 8.28
N GLY D 2436 21.51 -26.96 7.76
CA GLY D 2436 22.17 -28.04 8.48
C GLY D 2436 23.38 -27.62 9.32
N ASP D 2437 23.22 -26.62 10.16
CA ASP D 2437 24.37 -26.19 10.97
C ASP D 2437 23.91 -25.41 12.19
N LYS D 2438 24.87 -25.01 13.01
CA LYS D 2438 24.63 -24.20 14.16
C LYS D 2438 24.56 -22.73 13.79
N ALA D 2439 23.44 -22.13 14.08
CA ALA D 2439 23.20 -20.72 13.78
C ALA D 2439 22.03 -20.23 14.59
N GLY D 2440 21.92 -18.92 14.71
CA GLY D 2440 20.77 -18.29 15.37
C GLY D 2440 19.53 -18.33 14.49
N LEU D 2441 19.02 -19.52 14.32
CA LEU D 2441 17.82 -19.76 13.59
C LEU D 2441 16.73 -19.44 14.58
N ALA D 2442 15.67 -18.78 14.17
CA ALA D 2442 14.58 -18.51 15.11
C ALA D 2442 13.71 -19.74 15.19
N ASN D 2443 12.87 -19.83 16.19
CA ASN D 2443 12.06 -21.03 16.27
C ASN D 2443 10.99 -20.98 15.20
N GLY D 2444 11.23 -21.78 14.16
CA GLY D 2444 10.40 -21.84 12.97
C GLY D 2444 11.08 -21.22 11.74
N CYS D 2445 12.27 -20.66 11.92
CA CYS D 2445 13.00 -20.10 10.78
C CYS D 2445 14.13 -21.05 10.40
N GLU D 2446 14.11 -22.22 11.04
CA GLU D 2446 15.05 -23.30 10.83
C GLU D 2446 14.86 -23.94 9.47
N ALA D 2447 13.60 -24.03 9.03
CA ALA D 2447 13.24 -24.69 7.79
C ALA D 2447 12.08 -24.01 7.10
N LEU D 2448 12.06 -24.15 5.79
CA LEU D 2448 11.10 -23.53 4.90
C LEU D 2448 10.43 -24.46 3.90
N ALA D 2449 9.14 -24.32 3.73
CA ALA D 2449 8.48 -25.09 2.69
C ALA D 2449 8.43 -24.34 1.38
N VAL D 2450 8.50 -25.10 0.31
CA VAL D 2450 8.33 -24.66 -1.07
C VAL D 2450 7.07 -25.34 -1.58
N SER D 2451 6.15 -24.58 -2.20
CA SER D 2451 4.92 -25.19 -2.70
C SER D 2451 4.73 -25.04 -4.20
N HIS D 2452 5.32 -24.02 -4.77
CA HIS D 2452 5.12 -23.70 -6.17
C HIS D 2452 6.39 -23.77 -6.97
N GLY D 2453 7.47 -23.28 -6.41
CA GLY D 2453 8.73 -23.26 -7.15
C GLY D 2453 8.92 -22.05 -8.07
N MET D 2454 8.07 -21.05 -7.99
CA MET D 2454 8.25 -19.86 -8.83
C MET D 2454 8.67 -18.67 -7.96
N ASN D 2455 9.95 -18.56 -7.62
CA ASN D 2455 10.43 -17.53 -6.70
C ASN D 2455 9.59 -17.63 -5.45
N ASP D 2456 9.51 -18.83 -4.96
CA ASP D 2456 8.66 -19.23 -3.89
C ASP D 2456 9.26 -19.06 -2.51
N SER D 2457 8.72 -18.12 -1.75
CA SER D 2457 9.20 -17.84 -0.41
C SER D 2457 8.52 -18.85 0.48
N GLY D 2458 8.88 -18.88 1.75
CA GLY D 2458 8.27 -19.84 2.65
C GLY D 2458 7.01 -19.36 3.31
N GLN D 2459 6.52 -18.22 2.87
CA GLN D 2459 5.38 -17.58 3.48
C GLN D 2459 4.26 -17.37 2.51
N PHE D 2460 3.04 -17.29 3.05
CA PHE D 2460 1.89 -16.97 2.23
C PHE D 2460 2.01 -15.53 1.77
N GLN D 2461 2.67 -14.70 2.58
CA GLN D 2461 2.96 -13.33 2.21
C GLN D 2461 4.40 -13.01 2.57
N LEU D 2462 5.10 -12.30 1.70
CA LEU D 2462 6.44 -11.86 2.03
C LEU D 2462 6.46 -10.38 2.27
N ASP D 2463 6.91 -10.04 3.46
CA ASP D 2463 6.98 -8.68 3.96
C ASP D 2463 8.24 -8.48 4.77
N PHE D 2464 9.06 -7.52 4.40
CA PHE D 2464 10.32 -7.32 5.10
C PHE D 2464 10.15 -6.34 6.24
N ASN D 2465 8.91 -5.89 6.43
CA ASN D 2465 8.52 -4.91 7.44
C ASN D 2465 7.44 -5.40 8.41
N ASP D 2466 7.30 -6.69 8.70
CA ASP D 2466 6.21 -7.10 9.59
C ASP D 2466 6.63 -7.21 11.03
N GLY D 2467 7.85 -6.83 11.29
CA GLY D 2467 8.43 -6.88 12.61
C GLY D 2467 9.02 -8.23 12.98
N LYS D 2468 9.01 -9.21 12.07
CA LYS D 2468 9.55 -10.52 12.40
C LYS D 2468 10.81 -10.86 11.64
N PHE D 2469 11.56 -11.81 12.16
CA PHE D 2469 12.72 -12.29 11.47
C PHE D 2469 12.21 -13.29 10.46
N LEU D 2470 12.83 -13.29 9.31
CA LEU D 2470 12.51 -14.14 8.18
C LEU D 2470 13.17 -15.50 8.31
N PRO D 2471 12.73 -16.50 7.55
CA PRO D 2471 13.36 -17.79 7.50
C PRO D 2471 14.81 -17.56 7.16
N PHE D 2472 15.70 -18.26 7.82
CA PHE D 2472 17.14 -18.18 7.64
C PHE D 2472 17.80 -16.82 7.90
N GLU D 2473 17.06 -15.86 8.42
CA GLU D 2473 17.67 -14.57 8.65
C GLU D 2473 18.77 -14.60 9.71
N GLY D 2474 19.88 -13.97 9.36
CA GLY D 2474 21.04 -13.84 10.23
C GLY D 2474 22.14 -14.88 10.02
N ILE D 2475 21.96 -15.79 9.09
CA ILE D 2475 22.99 -16.78 8.86
C ILE D 2475 24.14 -16.19 8.09
N ALA D 2476 25.37 -16.39 8.54
CA ALA D 2476 26.48 -15.84 7.78
C ALA D 2476 26.51 -16.46 6.41
N ILE D 2477 26.77 -15.65 5.40
CA ILE D 2477 26.79 -16.12 3.99
C ILE D 2477 27.85 -17.15 3.64
N ASP D 2478 28.80 -17.35 4.52
CA ASP D 2478 29.87 -18.33 4.36
C ASP D 2478 29.68 -19.63 5.11
N GLN D 2479 28.85 -19.61 6.13
CA GLN D 2479 28.80 -20.73 7.05
C GLN D 2479 27.62 -21.65 6.93
N GLY D 2480 27.92 -22.94 6.89
CA GLY D 2480 26.89 -23.96 6.90
C GLY D 2480 26.49 -24.44 5.54
N THR D 2481 25.46 -25.26 5.56
CA THR D 2481 24.96 -25.96 4.41
C THR D 2481 23.45 -25.94 4.32
N LEU D 2482 22.93 -25.72 3.14
CA LEU D 2482 21.49 -25.83 2.96
C LEU D 2482 21.16 -27.16 2.38
N THR D 2483 20.02 -27.69 2.75
CA THR D 2483 19.51 -28.89 2.13
C THR D 2483 18.11 -28.70 1.63
N LEU D 2484 17.84 -29.12 0.41
CA LEU D 2484 16.51 -29.04 -0.11
C LEU D 2484 16.00 -30.47 -0.25
N SER D 2485 14.98 -30.78 0.52
CA SER D 2485 14.44 -32.15 0.56
C SER D 2485 13.10 -32.32 -0.12
N PHE D 2486 13.05 -33.23 -1.07
CA PHE D 2486 11.85 -33.49 -1.85
C PHE D 2486 11.29 -34.86 -1.46
N PRO D 2487 10.25 -34.94 -0.66
CA PRO D 2487 9.71 -36.17 -0.14
C PRO D 2487 9.03 -36.90 -1.25
N ASN D 2488 8.83 -38.18 -1.07
CA ASN D 2488 8.11 -38.98 -2.04
C ASN D 2488 8.73 -38.87 -3.42
N ALA D 2489 10.06 -38.95 -3.46
CA ALA D 2489 10.84 -38.86 -4.68
C ALA D 2489 11.14 -40.17 -5.37
N SER D 2490 11.34 -41.24 -4.61
CA SER D 2490 11.78 -42.49 -5.23
C SER D 2490 10.72 -43.10 -6.17
N MET D 2491 11.10 -43.36 -7.42
CA MET D 2491 10.16 -43.91 -8.41
C MET D 2491 9.68 -45.31 -8.06
N PRO D 2492 10.54 -46.23 -7.59
CA PRO D 2492 10.13 -47.56 -7.23
C PRO D 2492 9.10 -47.61 -6.14
N GLU D 2493 8.94 -46.53 -5.38
CA GLU D 2493 8.01 -46.49 -4.29
C GLU D 2493 6.76 -45.75 -4.71
N LYS D 2494 6.71 -45.43 -6.00
CA LYS D 2494 5.64 -44.68 -6.63
C LYS D 2494 5.45 -43.33 -5.97
N GLY D 2495 6.55 -42.67 -5.64
CA GLY D 2495 6.46 -41.39 -5.00
C GLY D 2495 5.78 -40.34 -5.87
N LYS D 2496 4.98 -39.50 -5.24
CA LYS D 2496 4.26 -38.46 -5.94
C LYS D 2496 5.13 -37.48 -6.71
N GLN D 2497 6.31 -37.19 -6.21
CA GLN D 2497 7.18 -36.25 -6.87
C GLN D 2497 8.10 -36.95 -7.84
N ALA D 2498 8.04 -38.27 -7.89
CA ALA D 2498 8.96 -39.01 -8.72
C ALA D 2498 8.88 -38.60 -10.18
N THR D 2499 7.73 -38.20 -10.64
CA THR D 2499 7.61 -37.80 -12.02
C THR D 2499 7.97 -36.34 -12.23
N MET D 2500 7.83 -35.53 -11.18
CA MET D 2500 8.11 -34.09 -11.25
C MET D 2500 9.60 -33.89 -11.25
N LEU D 2501 10.28 -34.64 -10.43
CA LEU D 2501 11.71 -34.48 -10.31
C LEU D 2501 12.37 -34.79 -11.63
N LYS D 2502 11.79 -35.67 -12.38
CA LYS D 2502 12.36 -36.02 -13.65
C LYS D 2502 12.15 -34.91 -14.70
N THR D 2503 11.36 -33.89 -14.39
CA THR D 2503 11.14 -32.78 -15.29
C THR D 2503 11.81 -31.53 -14.75
N LEU D 2504 12.60 -31.68 -13.66
CA LEU D 2504 13.30 -30.59 -12.98
C LEU D 2504 14.61 -30.38 -13.65
N ASN D 2505 14.90 -29.13 -14.01
CA ASN D 2505 16.12 -28.83 -14.74
C ASN D 2505 17.21 -28.19 -13.94
N ASP D 2506 16.83 -27.51 -12.89
CA ASP D 2506 17.76 -26.81 -12.03
C ASP D 2506 17.08 -26.43 -10.76
N ILE D 2507 17.88 -25.96 -9.84
CA ILE D 2507 17.39 -25.39 -8.63
C ILE D 2507 18.01 -24.02 -8.47
N ILE D 2508 17.20 -22.99 -8.35
CA ILE D 2508 17.76 -21.66 -8.21
C ILE D 2508 17.42 -21.01 -6.89
N LEU D 2509 18.44 -20.59 -6.18
CA LEU D 2509 18.17 -19.95 -4.92
C LEU D 2509 18.27 -18.46 -5.12
N HIS D 2510 17.42 -17.73 -4.48
CA HIS D 2510 17.52 -16.30 -4.55
C HIS D 2510 17.85 -15.84 -3.17
N ILE D 2511 19.07 -15.40 -2.98
CA ILE D 2511 19.48 -15.07 -1.65
C ILE D 2511 19.61 -13.59 -1.46
N ARG D 2512 18.88 -13.08 -0.50
CA ARG D 2512 18.96 -11.69 -0.19
C ARG D 2512 19.84 -11.64 1.01
N TYR D 2513 20.76 -10.69 1.08
CA TYR D 2513 21.64 -10.62 2.24
C TYR D 2513 22.05 -9.20 2.46
N THR D 2514 22.59 -8.92 3.63
CA THR D 2514 23.05 -7.57 3.86
C THR D 2514 24.51 -7.50 4.26
N ILE D 2515 25.14 -6.37 3.91
CA ILE D 2515 26.52 -6.15 4.29
C ILE D 2515 26.65 -5.07 5.33
N LYS D 2516 27.23 -5.41 6.46
CA LYS D 2516 27.40 -4.48 7.55
C LYS D 2516 28.48 -4.89 8.55
N LEU E 89 -53.68 -28.51 33.40
CA LEU E 89 -53.75 -28.42 31.95
C LEU E 89 -52.39 -28.29 31.33
N ILE E 90 -52.28 -28.78 30.10
CA ILE E 90 -51.05 -28.75 29.33
C ILE E 90 -51.29 -28.11 27.98
N GLY E 91 -50.42 -27.22 27.57
CA GLY E 91 -50.55 -26.68 26.24
C GLY E 91 -51.22 -25.33 26.08
N TYR E 92 -50.80 -24.69 25.02
CA TYR E 92 -51.24 -23.38 24.63
C TYR E 92 -52.72 -23.40 24.29
N ASN E 93 -53.26 -24.50 23.83
CA ASN E 93 -54.65 -24.44 23.53
C ASN E 93 -55.56 -24.81 24.71
N ASN E 94 -54.97 -25.11 25.87
CA ASN E 94 -55.76 -25.44 27.04
C ASN E 94 -55.74 -24.28 28.03
N GLN E 95 -54.70 -23.49 27.93
CA GLN E 95 -54.57 -22.29 28.72
C GLN E 95 -54.26 -21.23 27.72
N PHE E 96 -54.71 -20.02 27.95
CA PHE E 96 -54.42 -18.87 27.07
C PHE E 96 -55.17 -18.94 25.73
N SER E 97 -56.01 -19.93 25.57
CA SER E 97 -56.78 -20.10 24.37
C SER E 97 -58.09 -19.33 24.43
N GLY E 98 -58.78 -19.24 23.29
CA GLY E 98 -60.06 -18.56 23.25
C GLY E 98 -59.97 -17.05 23.09
N ARG E 99 -58.85 -16.54 22.62
CA ARG E 99 -58.75 -15.12 22.49
C ARG E 99 -59.35 -14.60 21.20
N ALA E 100 -60.42 -13.85 21.33
CA ALA E 100 -61.10 -13.16 20.23
C ALA E 100 -61.61 -13.98 19.04
N SER E 101 -61.76 -15.28 19.17
CA SER E 101 -62.36 -16.09 18.08
C SER E 101 -61.69 -16.04 16.70
N GLN E 102 -62.18 -15.14 15.86
CA GLN E 102 -61.76 -14.99 14.46
C GLN E 102 -60.52 -14.19 14.28
N TYR E 103 -59.71 -14.55 13.30
CA TYR E 103 -58.51 -13.81 12.97
C TYR E 103 -58.51 -13.36 11.55
N VAL E 104 -57.71 -12.37 11.24
CA VAL E 104 -57.60 -11.95 9.85
C VAL E 104 -56.17 -11.85 9.36
N ALA E 105 -56.03 -11.84 8.05
CA ALA E 105 -54.74 -11.69 7.41
C ALA E 105 -54.19 -10.30 7.67
N PRO E 106 -52.89 -10.11 7.77
CA PRO E 106 -52.29 -8.83 8.05
C PRO E 106 -52.57 -7.70 7.05
N GLY E 107 -52.89 -8.02 5.80
CA GLY E 107 -53.12 -6.96 4.83
C GLY E 107 -54.57 -6.53 4.65
N THR E 108 -55.49 -7.08 5.41
CA THR E 108 -56.88 -6.71 5.18
C THR E 108 -57.35 -5.54 5.98
N VAL E 109 -58.31 -4.84 5.39
CA VAL E 109 -58.97 -3.70 5.99
C VAL E 109 -59.64 -4.05 7.29
N SER E 110 -60.07 -5.30 7.41
CA SER E 110 -60.74 -5.74 8.60
C SER E 110 -59.82 -5.88 9.81
N SER E 111 -58.51 -5.84 9.63
CA SER E 111 -57.60 -5.95 10.76
C SER E 111 -57.59 -4.74 11.63
N MET E 112 -57.52 -4.96 12.93
CA MET E 112 -57.43 -3.91 13.93
C MET E 112 -56.18 -3.07 13.84
N PHE E 113 -55.23 -3.50 13.04
CA PHE E 113 -54.01 -2.75 12.84
C PHE E 113 -53.98 -2.13 11.45
N SER E 114 -55.07 -2.27 10.69
CA SER E 114 -55.12 -1.78 9.32
C SER E 114 -55.20 -0.29 9.34
N PRO E 115 -54.83 0.41 8.27
CA PRO E 115 -54.99 1.84 8.16
C PRO E 115 -56.40 2.29 8.44
N ALA E 116 -57.38 1.47 8.10
CA ALA E 116 -58.75 1.82 8.38
C ALA E 116 -59.01 1.84 9.87
N ALA E 117 -58.33 0.97 10.60
CA ALA E 117 -58.52 0.92 12.03
C ALA E 117 -57.96 2.19 12.61
N TYR E 118 -56.88 2.65 12.01
CA TYR E 118 -56.24 3.87 12.44
C TYR E 118 -57.14 5.02 12.12
N LEU E 119 -57.67 5.03 10.93
CA LEU E 119 -58.56 6.09 10.55
C LEU E 119 -59.74 6.16 11.45
N THR E 120 -60.30 5.02 11.83
CA THR E 120 -61.44 5.06 12.67
C THR E 120 -61.08 5.74 13.97
N GLU E 121 -59.95 5.39 14.54
CA GLU E 121 -59.59 6.02 15.79
C GLU E 121 -59.35 7.51 15.60
N LEU E 122 -58.69 7.91 14.51
CA LEU E 122 -58.45 9.32 14.34
C LEU E 122 -59.73 10.09 14.18
N TYR E 123 -60.66 9.55 13.44
CA TYR E 123 -61.89 10.26 13.20
C TYR E 123 -62.70 10.42 14.44
N ARG E 124 -62.85 9.36 15.21
CA ARG E 124 -63.73 9.45 16.34
C ARG E 124 -63.19 10.41 17.39
N GLU E 125 -61.89 10.57 17.45
CA GLU E 125 -61.34 11.52 18.40
C GLU E 125 -61.32 12.95 17.84
N ALA E 126 -60.98 13.08 16.56
CA ALA E 126 -60.83 14.37 15.90
C ALA E 126 -62.14 15.07 15.68
N ARG E 127 -63.19 14.32 15.48
CA ARG E 127 -64.46 14.93 15.13
C ARG E 127 -65.03 15.78 16.25
N ASN E 128 -64.49 15.68 17.44
CA ASN E 128 -64.98 16.47 18.54
C ASN E 128 -64.09 17.65 18.90
N LEU E 129 -63.04 17.92 18.13
CA LEU E 129 -62.15 19.01 18.50
C LEU E 129 -62.76 20.38 18.42
N HIS E 130 -63.68 20.59 17.51
CA HIS E 130 -64.28 21.91 17.40
C HIS E 130 -65.78 21.81 17.56
N ALA E 131 -66.39 22.91 17.95
CA ALA E 131 -67.83 23.01 18.10
C ALA E 131 -68.49 22.78 16.77
N SER E 132 -69.70 22.24 16.80
CA SER E 132 -70.44 21.95 15.58
C SER E 132 -70.84 23.16 14.77
N ASP E 133 -70.86 24.33 15.38
CA ASP E 133 -71.21 25.52 14.66
C ASP E 133 -69.99 26.33 14.26
N SER E 134 -68.81 25.73 14.39
CA SER E 134 -67.60 26.38 13.97
C SER E 134 -67.24 26.05 12.55
N VAL E 135 -66.64 27.00 11.86
CA VAL E 135 -66.21 26.81 10.48
C VAL E 135 -65.09 25.78 10.40
N TYR E 136 -64.45 25.54 11.53
CA TYR E 136 -63.35 24.62 11.62
C TYR E 136 -63.85 23.22 11.93
N TYR E 137 -65.15 23.04 12.05
CA TYR E 137 -65.63 21.74 12.39
C TYR E 137 -65.26 20.74 11.33
N LEU E 138 -64.73 19.59 11.73
CA LEU E 138 -64.27 18.60 10.77
C LEU E 138 -65.32 18.22 9.76
N ASP E 139 -66.57 18.09 10.17
CA ASP E 139 -67.63 17.62 9.29
C ASP E 139 -68.29 18.74 8.52
N THR E 140 -67.79 19.95 8.70
CA THR E 140 -68.24 21.13 7.98
C THR E 140 -67.23 21.33 6.87
N ARG E 141 -65.95 21.15 7.19
CA ARG E 141 -64.92 21.28 6.19
C ARG E 141 -64.98 20.15 5.22
N ARG E 142 -65.11 18.95 5.77
CA ARG E 142 -65.09 17.75 5.01
C ARG E 142 -66.26 16.86 5.29
N PRO E 143 -67.45 17.21 4.82
CA PRO E 143 -68.69 16.54 5.09
C PRO E 143 -68.71 15.17 4.44
N ASP E 144 -67.75 14.87 3.56
CA ASP E 144 -67.70 13.59 2.94
C ASP E 144 -66.97 12.56 3.78
N LEU E 145 -66.14 12.95 4.76
CA LEU E 145 -65.36 11.88 5.40
C LEU E 145 -66.22 10.85 6.06
N LYS E 146 -67.28 11.30 6.66
CA LYS E 146 -68.16 10.46 7.42
C LYS E 146 -68.81 9.38 6.57
N SER E 147 -68.98 9.62 5.27
CA SER E 147 -69.64 8.65 4.45
C SER E 147 -68.69 7.74 3.71
N MET E 148 -67.39 7.88 3.93
CA MET E 148 -66.49 7.02 3.21
C MET E 148 -66.62 5.64 3.78
N ALA E 149 -66.69 4.63 2.91
CA ALA E 149 -66.78 3.27 3.39
C ALA E 149 -65.41 2.71 3.58
N LEU E 150 -65.23 1.97 4.63
CA LEU E 150 -63.95 1.35 4.86
C LEU E 150 -63.90 0.01 4.18
N SER E 151 -64.02 0.02 2.88
CA SER E 151 -63.96 -1.20 2.12
C SER E 151 -62.54 -1.46 1.75
N GLN E 152 -62.23 -2.69 1.34
CA GLN E 152 -60.85 -3.04 0.97
C GLN E 152 -60.43 -2.24 -0.24
N GLN E 153 -61.37 -1.96 -1.11
CA GLN E 153 -61.11 -1.24 -2.31
C GLN E 153 -60.64 0.18 -2.03
N ASN E 154 -61.00 0.77 -0.90
CA ASN E 154 -60.58 2.13 -0.68
C ASN E 154 -59.18 2.17 -0.10
N MET E 155 -58.69 0.99 0.26
CA MET E 155 -57.38 0.83 0.83
C MET E 155 -56.36 0.51 -0.22
N ASP E 156 -56.76 -0.34 -1.17
CA ASP E 156 -55.87 -0.81 -2.24
C ASP E 156 -55.94 -0.11 -3.59
N ILE E 157 -57.04 0.50 -3.98
CA ILE E 157 -57.01 1.09 -5.29
C ILE E 157 -56.26 2.39 -5.23
N GLU E 158 -55.23 2.51 -6.03
CA GLU E 158 -54.45 3.73 -6.05
C GLU E 158 -55.04 4.73 -7.02
N LEU E 159 -55.28 5.90 -6.53
CA LEU E 159 -55.83 7.03 -7.23
C LEU E 159 -54.83 8.12 -7.25
N SER E 160 -54.91 9.02 -8.17
CA SER E 160 -53.98 10.10 -8.08
C SER E 160 -54.46 11.12 -7.09
N THR E 161 -53.53 11.88 -6.56
CA THR E 161 -53.92 13.00 -5.78
C THR E 161 -54.40 13.91 -6.87
N LEU E 162 -55.02 15.01 -6.57
CA LEU E 162 -55.64 15.86 -7.57
C LEU E 162 -56.91 15.22 -8.05
N SER E 163 -56.90 13.98 -8.53
CA SER E 163 -58.19 13.46 -8.94
C SER E 163 -59.12 13.42 -7.74
N LEU E 164 -58.59 13.12 -6.57
CA LEU E 164 -59.43 13.17 -5.37
C LEU E 164 -59.78 14.59 -4.96
N SER E 165 -58.85 15.50 -5.17
CA SER E 165 -59.05 16.89 -4.78
C SER E 165 -60.12 17.50 -5.64
N ASN E 166 -60.14 17.07 -6.88
CA ASN E 166 -61.08 17.54 -7.85
C ASN E 166 -62.43 16.98 -7.48
N GLU E 167 -62.50 15.73 -7.02
CA GLU E 167 -63.81 15.21 -6.65
C GLU E 167 -64.40 16.00 -5.53
N LEU E 168 -63.57 16.40 -4.57
CA LEU E 168 -64.08 17.11 -3.43
C LEU E 168 -64.57 18.47 -3.84
N LEU E 169 -63.78 19.17 -4.64
CA LEU E 169 -64.20 20.48 -5.02
C LEU E 169 -65.42 20.39 -5.88
N LEU E 170 -65.52 19.40 -6.75
CA LEU E 170 -66.69 19.32 -7.57
C LEU E 170 -67.91 19.03 -6.76
N GLU E 171 -67.85 18.19 -5.74
CA GLU E 171 -69.06 17.94 -5.01
C GLU E 171 -69.54 19.22 -4.35
N SER E 172 -68.61 20.00 -3.78
CA SER E 172 -69.00 21.24 -3.12
C SER E 172 -69.54 22.25 -4.11
N ILE E 173 -68.92 22.31 -5.28
CA ILE E 173 -69.36 23.22 -6.30
C ILE E 173 -70.71 22.84 -6.84
N LYS E 174 -70.95 21.55 -7.09
CA LYS E 174 -72.24 21.06 -7.56
C LYS E 174 -73.31 21.41 -6.57
N THR E 175 -72.98 21.29 -5.29
CA THR E 175 -73.92 21.58 -4.23
C THR E 175 -74.33 23.04 -4.33
N GLU E 176 -73.37 23.93 -4.51
CA GLU E 176 -73.73 25.33 -4.68
C GLU E 176 -74.43 25.45 -6.00
N SER E 177 -75.46 26.27 -6.04
CA SER E 177 -76.25 26.48 -7.24
C SER E 177 -77.08 25.25 -7.62
N LYS E 178 -77.05 24.20 -6.80
CA LYS E 178 -77.89 23.03 -6.98
C LYS E 178 -77.83 22.43 -8.38
N LEU E 179 -76.63 22.13 -8.85
CA LEU E 179 -76.50 21.58 -10.18
C LEU E 179 -76.74 20.09 -10.14
N GLU E 180 -77.22 19.54 -11.25
CA GLU E 180 -77.56 18.13 -11.35
C GLU E 180 -76.40 17.16 -11.44
N ASN E 181 -75.33 17.57 -12.10
CA ASN E 181 -74.22 16.67 -12.28
C ASN E 181 -72.93 17.42 -12.54
N TYR E 182 -71.85 16.67 -12.69
CA TYR E 182 -70.54 17.23 -12.87
C TYR E 182 -70.31 17.73 -14.25
N THR E 183 -71.03 17.20 -15.19
CA THR E 183 -70.83 17.66 -16.53
C THR E 183 -71.34 19.08 -16.62
N LYS E 184 -72.36 19.42 -15.85
CA LYS E 184 -72.89 20.77 -15.89
C LYS E 184 -71.98 21.68 -15.10
N VAL E 185 -71.34 21.11 -14.10
CA VAL E 185 -70.44 21.93 -13.34
C VAL E 185 -69.32 22.38 -14.24
N MET E 186 -68.76 21.47 -15.02
CA MET E 186 -67.65 21.90 -15.81
C MET E 186 -68.04 22.58 -17.10
N GLU E 187 -69.00 22.01 -17.80
CA GLU E 187 -69.36 22.49 -19.11
C GLU E 187 -70.23 23.72 -19.09
N MET E 188 -70.95 23.94 -18.01
CA MET E 188 -71.76 25.13 -17.99
C MET E 188 -71.15 26.15 -17.02
N LEU E 189 -71.04 25.78 -15.75
CA LEU E 189 -70.58 26.75 -14.77
C LEU E 189 -69.16 27.22 -14.96
N SER E 190 -68.21 26.33 -15.12
CA SER E 190 -66.84 26.80 -15.31
C SER E 190 -66.67 27.40 -16.69
N THR E 191 -67.11 26.67 -17.69
CA THR E 191 -66.92 27.07 -19.07
C THR E 191 -67.37 28.45 -19.44
N PHE E 192 -68.52 28.87 -18.98
CA PHE E 192 -69.05 30.16 -19.41
C PHE E 192 -68.96 31.24 -18.38
N ARG E 193 -68.10 31.07 -17.41
CA ARG E 193 -67.95 32.08 -16.39
C ARG E 193 -66.63 32.83 -16.51
N PRO E 194 -66.61 34.07 -17.05
CA PRO E 194 -65.43 34.90 -17.31
C PRO E 194 -64.76 35.47 -16.06
N SER E 195 -65.47 35.44 -14.94
CA SER E 195 -64.99 36.04 -13.69
C SER E 195 -63.96 35.15 -13.03
N GLY E 196 -63.27 35.69 -12.03
CA GLY E 196 -62.27 34.89 -11.35
C GLY E 196 -61.05 34.85 -12.23
N ALA E 197 -60.05 34.08 -11.85
CA ALA E 197 -58.86 34.03 -12.67
C ALA E 197 -59.17 33.48 -14.05
N THR E 198 -60.11 32.54 -14.17
CA THR E 198 -60.33 31.96 -15.50
C THR E 198 -61.66 31.22 -15.79
N PRO E 199 -62.18 31.33 -17.05
CA PRO E 199 -63.28 30.59 -17.70
C PRO E 199 -62.76 29.28 -18.23
N TYR E 200 -62.53 28.33 -17.38
CA TYR E 200 -61.92 27.09 -17.82
C TYR E 200 -62.88 26.13 -18.50
N HIS E 201 -62.57 25.74 -19.72
CA HIS E 201 -63.44 24.84 -20.44
C HIS E 201 -62.81 23.46 -20.54
N ASP E 202 -63.41 22.46 -19.89
CA ASP E 202 -62.75 21.19 -19.83
C ASP E 202 -62.80 20.43 -21.16
N ALA E 203 -63.96 20.37 -21.83
CA ALA E 203 -63.98 19.63 -23.09
C ALA E 203 -63.02 20.24 -24.08
N TYR E 204 -62.87 21.55 -24.05
CA TYR E 204 -61.93 22.20 -24.94
C TYR E 204 -60.58 21.65 -24.74
N GLU E 205 -60.15 21.50 -23.48
CA GLU E 205 -58.83 20.97 -23.15
C GLU E 205 -58.67 19.47 -23.44
N ASN E 206 -59.73 18.66 -23.31
CA ASN E 206 -59.54 17.25 -23.66
C ASN E 206 -59.17 17.19 -25.14
N VAL E 207 -59.84 18.04 -25.89
CA VAL E 207 -59.66 18.26 -27.30
C VAL E 207 -58.42 19.10 -27.24
N ARG E 208 -57.55 19.03 -28.18
CA ARG E 208 -56.32 19.82 -28.06
C ARG E 208 -55.29 19.02 -27.29
N GLU E 209 -55.58 18.56 -26.08
CA GLU E 209 -54.53 17.78 -25.46
C GLU E 209 -54.36 16.49 -26.23
N VAL E 210 -55.46 15.89 -26.70
CA VAL E 210 -55.31 14.68 -27.49
C VAL E 210 -54.53 14.97 -28.74
N ILE E 211 -54.82 16.09 -29.32
CA ILE E 211 -54.22 16.50 -30.56
C ILE E 211 -52.73 16.67 -30.38
N GLN E 212 -52.31 17.19 -29.25
CA GLN E 212 -50.88 17.33 -29.03
C GLN E 212 -50.25 15.97 -28.69
N LEU E 213 -51.03 15.08 -28.08
CA LEU E 213 -50.56 13.71 -27.78
C LEU E 213 -50.39 12.96 -29.09
N GLN E 214 -51.22 13.30 -30.04
CA GLN E 214 -51.13 12.76 -31.38
C GLN E 214 -50.12 13.64 -32.07
N ASP E 215 -48.86 13.20 -31.97
CA ASP E 215 -47.65 13.91 -32.40
C ASP E 215 -47.83 15.00 -33.48
N PRO E 216 -48.55 14.80 -34.61
CA PRO E 216 -48.68 15.84 -35.60
C PRO E 216 -49.15 17.20 -35.09
N GLY E 217 -49.94 17.30 -34.04
CA GLY E 217 -50.28 18.67 -33.67
C GLY E 217 -51.10 19.35 -34.77
N LEU E 218 -51.94 18.54 -35.43
CA LEU E 218 -52.78 18.85 -36.58
C LEU E 218 -52.03 18.92 -37.93
N GLU E 219 -50.75 18.61 -37.97
CA GLU E 219 -50.05 18.57 -39.26
C GLU E 219 -50.66 17.55 -40.21
N GLN E 220 -51.14 16.44 -39.68
CA GLN E 220 -51.73 15.45 -40.56
C GLN E 220 -53.14 15.83 -40.98
N LEU E 221 -53.75 16.78 -40.30
CA LEU E 221 -55.05 17.20 -40.76
C LEU E 221 -54.82 18.09 -41.96
N ASN E 222 -53.78 18.93 -41.87
CA ASN E 222 -53.42 19.87 -42.93
C ASN E 222 -52.95 19.11 -44.16
N ALA E 223 -52.36 17.95 -43.92
CA ALA E 223 -51.88 17.06 -44.96
C ALA E 223 -53.03 16.47 -45.76
N SER E 224 -54.23 16.55 -45.18
CA SER E 224 -55.44 16.02 -45.72
C SER E 224 -56.48 17.12 -45.87
N PRO E 225 -56.29 18.05 -46.83
CA PRO E 225 -57.05 19.26 -47.01
C PRO E 225 -58.52 19.00 -47.26
N ALA E 226 -58.88 17.82 -47.76
CA ALA E 226 -60.28 17.55 -48.00
C ALA E 226 -61.06 17.65 -46.71
N ILE E 227 -60.41 17.30 -45.60
CA ILE E 227 -61.08 17.33 -44.31
C ILE E 227 -60.74 18.63 -43.64
N ALA E 228 -59.49 19.06 -43.72
CA ALA E 228 -59.14 20.31 -43.05
C ALA E 228 -60.05 21.43 -43.56
N GLY E 229 -60.41 21.39 -44.83
CA GLY E 229 -61.20 22.41 -45.49
C GLY E 229 -62.67 22.39 -45.11
N LEU E 230 -63.09 21.44 -44.26
CA LEU E 230 -64.48 21.33 -43.84
C LEU E 230 -64.76 22.17 -42.63
N MET E 231 -63.76 22.87 -42.17
CA MET E 231 -63.88 23.70 -40.98
C MET E 231 -63.13 24.98 -41.26
N HIS E 232 -63.41 26.02 -40.50
CA HIS E 232 -62.71 27.25 -40.79
C HIS E 232 -61.26 27.03 -40.44
N GLN E 233 -60.35 27.57 -41.21
CA GLN E 233 -58.95 27.28 -40.91
C GLN E 233 -58.48 27.98 -39.64
N ALA E 234 -59.12 29.07 -39.27
CA ALA E 234 -58.72 29.78 -38.08
C ALA E 234 -59.12 28.97 -36.87
N SER E 235 -59.99 28.00 -37.05
CA SER E 235 -60.39 27.19 -35.95
C SER E 235 -59.27 26.23 -35.60
N LEU E 236 -58.37 25.95 -36.54
CA LEU E 236 -57.30 25.05 -36.22
C LEU E 236 -56.34 25.84 -35.36
N LEU E 237 -56.23 27.13 -35.67
CA LEU E 237 -55.33 28.01 -34.95
C LEU E 237 -55.83 28.13 -33.50
N GLY E 238 -57.15 28.07 -33.37
CA GLY E 238 -57.87 28.14 -32.10
C GLY E 238 -57.56 26.96 -31.17
N ILE E 239 -57.00 25.90 -31.73
CA ILE E 239 -56.63 24.72 -30.99
C ILE E 239 -55.17 24.76 -30.66
N ASN E 240 -54.32 25.12 -31.60
CA ASN E 240 -52.91 25.09 -31.22
C ASN E 240 -52.60 26.18 -30.20
N ALA E 241 -53.33 27.28 -30.23
CA ALA E 241 -53.19 28.30 -29.21
C ALA E 241 -54.17 27.90 -28.14
N SER E 242 -53.95 28.21 -26.86
CA SER E 242 -54.93 27.72 -25.89
C SER E 242 -56.15 28.60 -25.76
N ILE E 243 -56.96 28.66 -26.80
CA ILE E 243 -58.11 29.54 -26.78
C ILE E 243 -59.43 28.82 -26.67
N SER E 244 -60.00 28.81 -25.48
CA SER E 244 -61.26 28.15 -25.31
C SER E 244 -62.23 29.01 -26.06
N PRO E 245 -63.39 28.53 -26.50
CA PRO E 245 -64.33 29.37 -27.19
C PRO E 245 -64.85 30.49 -26.32
N GLU E 246 -64.87 30.29 -25.01
CA GLU E 246 -65.34 31.39 -24.22
C GLU E 246 -64.26 32.42 -24.17
N LEU E 247 -62.99 32.02 -24.05
CA LEU E 247 -61.97 33.04 -24.02
C LEU E 247 -62.06 33.87 -25.27
N PHE E 248 -62.31 33.21 -26.39
CA PHE E 248 -62.38 33.95 -27.63
C PHE E 248 -63.44 35.02 -27.50
N ASN E 249 -64.59 34.65 -26.96
CA ASN E 249 -65.72 35.55 -26.82
C ASN E 249 -65.45 36.75 -25.92
N ILE E 250 -64.34 36.72 -25.20
CA ILE E 250 -63.94 37.78 -24.31
C ILE E 250 -62.91 38.66 -25.00
N LEU E 251 -61.95 38.02 -25.64
CA LEU E 251 -60.86 38.71 -26.32
C LEU E 251 -61.35 39.48 -27.54
N THR E 252 -62.32 38.92 -28.24
CA THR E 252 -62.84 39.55 -29.45
C THR E 252 -63.71 40.78 -29.20
N GLU E 253 -64.43 40.79 -28.09
CA GLU E 253 -65.39 41.85 -27.80
C GLU E 253 -64.74 43.22 -27.65
N GLU E 254 -65.31 44.23 -28.30
CA GLU E 254 -64.73 45.56 -28.25
C GLU E 254 -64.97 46.24 -26.92
N ILE E 255 -64.12 47.19 -26.60
CA ILE E 255 -64.35 47.92 -25.38
C ILE E 255 -64.88 49.30 -25.63
N THR E 256 -66.08 49.50 -25.15
CA THR E 256 -66.72 50.78 -25.25
C THR E 256 -66.39 51.50 -23.97
N GLU E 257 -65.68 52.61 -24.03
CA GLU E 257 -65.29 53.24 -22.77
C GLU E 257 -66.50 53.73 -22.03
N GLY E 258 -67.47 54.17 -22.79
CA GLY E 258 -68.73 54.69 -22.26
C GLY E 258 -69.54 53.61 -21.53
N ASN E 259 -69.17 52.35 -21.74
CA ASN E 259 -69.80 51.22 -21.12
C ASN E 259 -68.74 50.27 -20.56
N ALA E 260 -67.57 50.80 -20.17
CA ALA E 260 -66.56 49.93 -19.61
C ALA E 260 -67.06 49.31 -18.34
N GLU E 261 -67.83 50.07 -17.58
CA GLU E 261 -68.35 49.57 -16.32
C GLU E 261 -69.30 48.40 -16.56
N GLU E 262 -70.07 48.48 -17.63
CA GLU E 262 -71.03 47.45 -17.90
C GLU E 262 -70.30 46.17 -18.27
N LEU E 263 -69.23 46.30 -19.06
CA LEU E 263 -68.46 45.13 -19.42
C LEU E 263 -67.74 44.61 -18.20
N TYR E 264 -67.30 45.52 -17.35
CA TYR E 264 -66.56 45.17 -16.15
C TYR E 264 -67.40 44.23 -15.35
N LYS E 265 -68.67 44.56 -15.16
CA LYS E 265 -69.58 43.75 -14.36
C LYS E 265 -69.83 42.35 -14.92
N LYS E 266 -69.46 42.11 -16.17
CA LYS E 266 -69.63 40.80 -16.73
C LYS E 266 -68.31 40.05 -16.62
N ASN E 267 -67.21 40.75 -16.90
CA ASN E 267 -65.88 40.15 -16.85
C ASN E 267 -65.40 39.92 -15.43
N PHE E 268 -65.86 40.74 -14.52
CA PHE E 268 -65.51 40.68 -13.13
C PHE E 268 -66.76 40.55 -12.31
N GLY E 269 -66.65 39.93 -11.16
CA GLY E 269 -67.80 39.83 -10.30
C GLY E 269 -67.88 41.15 -9.60
N ASN E 270 -68.53 41.20 -8.45
CA ASN E 270 -68.67 42.50 -7.81
C ASN E 270 -67.42 42.84 -7.01
N ILE E 271 -66.35 43.05 -7.75
CA ILE E 271 -65.07 43.35 -7.20
C ILE E 271 -64.89 44.81 -7.28
N GLU E 272 -64.88 45.48 -6.16
CA GLU E 272 -64.71 46.89 -6.28
C GLU E 272 -63.35 47.06 -6.93
N PRO E 273 -63.22 47.84 -8.00
CA PRO E 273 -62.01 48.00 -8.79
C PRO E 273 -60.87 48.51 -7.93
N ALA E 274 -61.22 49.09 -6.81
CA ALA E 274 -60.25 49.63 -5.90
C ALA E 274 -59.33 48.53 -5.39
N SER E 275 -59.87 47.33 -5.19
CA SER E 275 -59.02 46.28 -4.70
C SER E 275 -58.32 45.69 -5.87
N LEU E 276 -59.00 45.73 -7.00
CA LEU E 276 -58.47 45.12 -8.20
C LEU E 276 -57.22 45.85 -8.62
N ALA E 277 -57.26 47.15 -8.41
CA ALA E 277 -56.21 48.10 -8.75
C ALA E 277 -54.88 47.81 -8.07
N MET E 278 -54.90 47.14 -6.93
CA MET E 278 -53.66 46.92 -6.22
C MET E 278 -52.87 45.80 -6.87
N PRO E 279 -51.56 45.95 -7.13
CA PRO E 279 -50.77 44.90 -7.71
C PRO E 279 -50.77 43.65 -6.85
N GLU E 280 -50.94 43.82 -5.54
CA GLU E 280 -50.98 42.67 -4.66
C GLU E 280 -52.22 41.84 -4.91
N TYR E 281 -53.25 42.46 -5.47
CA TYR E 281 -54.48 41.78 -5.74
C TYR E 281 -54.39 41.15 -7.10
N LEU E 282 -53.82 41.90 -8.04
CA LEU E 282 -53.76 41.47 -9.43
C LEU E 282 -52.93 40.23 -9.54
N LYS E 283 -51.89 40.16 -8.73
CA LYS E 283 -51.05 38.99 -8.78
C LYS E 283 -51.78 37.77 -8.23
N ARG E 284 -52.83 37.94 -7.44
CA ARG E 284 -53.54 36.80 -6.91
C ARG E 284 -54.64 36.46 -7.87
N TYR E 285 -55.17 37.49 -8.50
CA TYR E 285 -56.28 37.35 -9.41
C TYR E 285 -55.82 36.61 -10.66
N TYR E 286 -54.66 36.99 -11.19
CA TYR E 286 -54.15 36.37 -12.40
C TYR E 286 -53.01 35.40 -12.15
N ASN E 287 -52.66 35.19 -10.89
CA ASN E 287 -51.58 34.29 -10.53
C ASN E 287 -50.26 34.59 -11.25
N LEU E 288 -49.96 35.86 -11.42
CA LEU E 288 -48.74 36.25 -12.09
C LEU E 288 -47.65 36.58 -11.12
N SER E 289 -46.42 36.35 -11.52
CA SER E 289 -45.33 36.81 -10.69
C SER E 289 -45.22 38.32 -10.94
N ASP E 290 -44.45 39.01 -10.11
CA ASP E 290 -44.34 40.46 -10.24
C ASP E 290 -43.44 40.78 -11.39
N GLU E 291 -42.56 39.85 -11.70
CA GLU E 291 -41.63 39.94 -12.79
C GLU E 291 -42.35 40.08 -14.13
N GLU E 292 -43.62 39.65 -14.18
CA GLU E 292 -44.44 39.76 -15.37
C GLU E 292 -45.50 40.84 -15.17
N LEU E 293 -46.00 41.01 -13.95
CA LEU E 293 -47.08 41.95 -13.70
C LEU E 293 -46.62 43.37 -13.96
N SER E 294 -45.37 43.63 -13.63
CA SER E 294 -44.77 44.94 -13.75
C SER E 294 -44.61 45.37 -15.20
N GLN E 295 -44.72 44.42 -16.14
CA GLN E 295 -44.55 44.74 -17.53
C GLN E 295 -45.85 45.24 -18.12
N PHE E 296 -46.94 45.04 -17.40
CA PHE E 296 -48.23 45.43 -17.90
C PHE E 296 -48.55 46.87 -17.56
N ILE E 297 -47.77 47.75 -18.14
CA ILE E 297 -47.83 49.18 -17.95
C ILE E 297 -47.89 49.83 -19.32
N GLY E 298 -48.27 51.10 -19.39
CA GLY E 298 -48.32 51.76 -20.70
C GLY E 298 -49.58 51.37 -21.44
N LYS E 299 -50.57 50.85 -20.72
CA LYS E 299 -51.81 50.44 -21.34
C LYS E 299 -52.66 51.69 -21.51
N ALA E 300 -52.24 52.44 -22.52
CA ALA E 300 -52.66 53.75 -22.92
C ALA E 300 -52.42 53.91 -24.39
N SER E 301 -52.82 55.02 -24.99
CA SER E 301 -52.65 55.13 -26.44
C SER E 301 -51.16 55.08 -26.90
N ASN E 302 -50.21 55.25 -25.98
CA ASN E 302 -48.78 55.07 -26.29
C ASN E 302 -47.93 54.93 -24.99
N PHE E 303 -46.62 54.74 -25.18
CA PHE E 303 -45.63 54.59 -24.10
C PHE E 303 -44.74 55.83 -23.94
N GLY E 304 -45.14 56.90 -24.61
CA GLY E 304 -44.44 58.16 -24.65
C GLY E 304 -45.40 59.21 -25.15
N GLN E 305 -45.28 59.55 -26.42
CA GLN E 305 -46.23 60.51 -26.97
C GLN E 305 -47.53 59.80 -27.29
N GLN E 306 -48.43 59.90 -26.36
CA GLN E 306 -49.73 59.25 -26.39
C GLN E 306 -50.63 59.92 -27.40
N GLU E 307 -51.49 59.15 -28.01
CA GLU E 307 -52.40 59.78 -28.95
C GLU E 307 -53.52 60.45 -28.17
N TYR E 308 -53.82 61.69 -28.56
CA TYR E 308 -54.93 62.48 -28.04
C TYR E 308 -56.13 62.30 -28.94
N SER E 309 -57.28 62.18 -28.33
CA SER E 309 -58.54 62.06 -29.07
C SER E 309 -59.55 62.92 -28.37
N ASN E 310 -60.25 63.77 -29.12
CA ASN E 310 -61.20 64.73 -28.55
C ASN E 310 -60.50 65.57 -27.51
N ASN E 311 -59.26 65.93 -27.84
CA ASN E 311 -58.35 66.72 -27.04
C ASN E 311 -58.07 66.12 -25.67
N GLN E 312 -58.00 64.79 -25.57
CA GLN E 312 -57.65 64.18 -24.29
C GLN E 312 -56.91 62.85 -24.35
N LEU E 313 -56.25 62.55 -23.23
CA LEU E 313 -55.60 61.26 -23.01
C LEU E 313 -56.22 60.52 -21.86
N ILE E 314 -56.24 59.20 -21.94
CA ILE E 314 -56.59 58.38 -20.78
C ILE E 314 -55.42 57.44 -20.60
N THR E 315 -54.88 57.36 -19.39
CA THR E 315 -53.72 56.52 -19.19
C THR E 315 -53.35 56.23 -17.76
N PRO E 316 -52.80 55.05 -17.48
CA PRO E 316 -52.21 54.72 -16.23
C PRO E 316 -50.93 55.49 -16.10
N VAL E 317 -50.54 55.76 -14.87
CA VAL E 317 -49.29 56.36 -14.53
C VAL E 317 -48.66 55.47 -13.46
N VAL E 318 -47.39 55.10 -13.61
CA VAL E 318 -46.84 54.16 -12.63
C VAL E 318 -45.78 54.73 -11.71
N ASN E 319 -45.95 54.41 -10.44
CA ASN E 319 -45.03 54.75 -9.40
C ASN E 319 -43.98 53.67 -9.33
N SER E 320 -42.79 53.98 -9.83
CA SER E 320 -41.70 53.03 -9.98
C SER E 320 -41.15 52.43 -8.68
N SER E 321 -41.51 53.03 -7.54
CA SER E 321 -41.06 52.56 -6.24
C SER E 321 -42.17 51.76 -5.57
N ASP E 322 -43.36 52.33 -5.52
CA ASP E 322 -44.49 51.69 -4.86
C ASP E 322 -45.11 50.55 -5.66
N GLY E 323 -45.07 50.62 -6.99
CA GLY E 323 -45.73 49.64 -7.85
C GLY E 323 -47.19 50.02 -8.09
N THR E 324 -47.57 51.14 -7.51
CA THR E 324 -48.91 51.70 -7.59
C THR E 324 -49.15 52.31 -8.96
N VAL E 325 -50.29 51.98 -9.53
CA VAL E 325 -50.69 52.56 -10.81
C VAL E 325 -52.02 53.29 -10.69
N LYS E 326 -52.02 54.54 -11.11
CA LYS E 326 -53.23 55.34 -11.04
C LYS E 326 -53.66 55.72 -12.45
N VAL E 327 -54.97 55.82 -12.70
CA VAL E 327 -55.40 56.18 -14.05
C VAL E 327 -55.91 57.57 -14.13
N TYR E 328 -55.35 58.30 -15.04
CA TYR E 328 -55.66 59.69 -15.22
C TYR E 328 -56.29 59.99 -16.54
N ARG E 329 -57.05 61.05 -16.56
CA ARG E 329 -57.55 61.58 -17.81
C ARG E 329 -57.07 63.01 -17.87
N ILE E 330 -56.44 63.30 -18.99
CA ILE E 330 -55.86 64.59 -19.24
C ILE E 330 -56.57 65.27 -20.34
N THR E 331 -57.13 66.41 -20.06
CA THR E 331 -57.81 67.11 -21.13
C THR E 331 -56.95 68.27 -21.55
N ARG E 332 -57.19 68.77 -22.77
CA ARG E 332 -56.51 69.94 -23.33
C ARG E 332 -57.48 71.01 -23.82
N GLU E 333 -57.22 72.25 -23.46
CA GLU E 333 -58.04 73.37 -23.91
C GLU E 333 -57.16 74.50 -24.40
N TYR E 334 -57.53 75.16 -25.47
CA TYR E 334 -56.67 76.25 -25.90
C TYR E 334 -57.10 77.54 -25.27
N THR E 335 -56.13 78.40 -24.98
CA THR E 335 -56.44 79.71 -24.45
C THR E 335 -56.13 80.70 -25.56
N THR E 336 -55.32 80.21 -26.49
CA THR E 336 -54.89 80.92 -27.69
C THR E 336 -55.60 80.42 -28.94
N ASN E 337 -55.07 80.81 -30.09
CA ASN E 337 -55.67 80.38 -31.33
C ASN E 337 -55.18 78.96 -31.66
N ALA E 338 -56.11 78.02 -31.56
CA ALA E 338 -55.87 76.58 -31.72
C ALA E 338 -55.32 76.19 -33.07
N TYR E 339 -55.40 77.09 -34.03
CA TYR E 339 -54.94 76.82 -35.36
C TYR E 339 -53.59 77.50 -35.62
N GLN E 340 -52.95 77.94 -34.55
CA GLN E 340 -51.59 78.51 -34.59
C GLN E 340 -50.62 77.55 -33.87
N MET E 341 -51.15 76.80 -32.91
CA MET E 341 -50.38 75.90 -32.05
C MET E 341 -50.94 74.48 -31.86
N ASP E 342 -50.03 73.50 -31.73
CA ASP E 342 -50.39 72.13 -31.40
C ASP E 342 -49.51 71.66 -30.20
N VAL E 343 -50.10 71.57 -29.00
CA VAL E 343 -49.29 71.26 -27.81
C VAL E 343 -49.85 70.09 -27.04
N GLU E 344 -48.98 69.21 -26.58
CA GLU E 344 -49.40 68.00 -25.89
C GLU E 344 -48.68 67.74 -24.56
N LEU E 345 -49.42 67.22 -23.57
CA LEU E 345 -48.82 66.88 -22.27
C LEU E 345 -48.94 65.39 -21.97
N PHE E 346 -47.85 64.75 -21.55
CA PHE E 346 -47.93 63.31 -21.26
C PHE E 346 -47.38 62.84 -19.93
N PRO E 347 -48.22 62.39 -19.00
CA PRO E 347 -47.75 61.96 -17.70
C PRO E 347 -46.93 60.73 -17.89
N PHE E 348 -45.96 60.53 -17.01
CA PHE E 348 -45.24 59.29 -17.09
C PHE E 348 -44.88 58.83 -15.69
N GLY E 349 -45.01 59.75 -14.75
CA GLY E 349 -44.74 59.42 -13.35
C GLY E 349 -45.24 60.51 -12.43
N GLY E 350 -45.07 60.35 -11.12
CA GLY E 350 -45.56 61.41 -10.25
C GLY E 350 -44.75 62.63 -10.62
N GLU E 351 -45.41 63.79 -10.69
CA GLU E 351 -44.79 65.09 -11.02
C GLU E 351 -44.02 65.11 -12.35
N ASN E 352 -44.22 64.11 -13.18
CA ASN E 352 -43.48 63.98 -14.42
C ASN E 352 -44.33 63.84 -15.64
N TYR E 353 -44.18 64.86 -16.50
CA TYR E 353 -44.92 64.96 -17.73
C TYR E 353 -44.01 65.30 -18.88
N ARG E 354 -44.24 64.70 -20.02
CA ARG E 354 -43.49 65.10 -21.19
C ARG E 354 -44.21 66.26 -21.83
N LEU E 355 -43.46 67.27 -22.25
CA LEU E 355 -44.07 68.40 -22.92
C LEU E 355 -43.66 68.42 -24.38
N ASP E 356 -44.63 68.14 -25.25
CA ASP E 356 -44.34 68.09 -26.67
C ASP E 356 -44.98 69.21 -27.38
N TYR E 357 -44.38 69.60 -28.50
CA TYR E 357 -45.02 70.64 -29.27
C TYR E 357 -44.70 70.64 -30.76
N LYS E 358 -45.66 71.19 -31.48
CA LYS E 358 -45.67 71.41 -32.91
C LYS E 358 -46.37 72.73 -33.18
N PHE E 359 -46.00 73.45 -34.22
CA PHE E 359 -46.75 74.66 -34.51
C PHE E 359 -47.53 74.50 -35.78
N LYS E 360 -48.65 75.20 -35.86
CA LYS E 360 -49.51 75.15 -37.04
C LYS E 360 -49.31 76.40 -37.89
N ASN E 361 -48.40 77.25 -37.46
CA ASN E 361 -48.07 78.48 -38.16
C ASN E 361 -46.63 78.88 -37.86
N PHE E 362 -45.82 79.04 -38.89
CA PHE E 362 -44.44 79.41 -38.67
C PHE E 362 -44.21 80.90 -38.41
N TYR E 363 -43.44 81.18 -37.38
CA TYR E 363 -43.02 82.52 -37.05
C TYR E 363 -41.52 82.50 -36.93
N ASN E 364 -40.83 83.55 -37.36
CA ASN E 364 -39.38 83.49 -37.29
C ASN E 364 -38.84 83.94 -35.95
N ALA E 365 -39.03 83.08 -34.98
CA ALA E 365 -38.62 83.31 -33.62
C ALA E 365 -37.12 83.11 -33.43
N SER E 366 -36.54 83.92 -32.55
CA SER E 366 -35.16 83.74 -32.14
C SER E 366 -35.10 82.50 -31.27
N TYR E 367 -36.14 82.34 -30.47
CA TYR E 367 -36.28 81.19 -29.58
C TYR E 367 -37.70 80.98 -29.13
N LEU E 368 -37.99 79.79 -28.63
CA LEU E 368 -39.31 79.51 -28.08
C LEU E 368 -39.23 79.45 -26.56
N SER E 369 -40.01 80.27 -25.89
CA SER E 369 -40.01 80.29 -24.44
C SER E 369 -41.21 79.52 -23.89
N ILE E 370 -40.96 78.40 -23.22
CA ILE E 370 -42.06 77.58 -22.73
C ILE E 370 -42.22 77.74 -21.25
N LYS E 371 -43.38 78.27 -20.85
CA LYS E 371 -43.56 78.60 -19.44
C LYS E 371 -44.86 78.16 -18.76
N LEU E 372 -44.73 77.78 -17.50
CA LEU E 372 -45.87 77.34 -16.70
C LEU E 372 -46.63 78.47 -16.07
N ASN E 373 -47.88 78.57 -16.51
CA ASN E 373 -48.84 79.61 -16.23
C ASN E 373 -48.17 80.92 -16.65
N ASP E 374 -47.35 80.83 -17.70
CA ASP E 374 -46.56 81.93 -18.23
C ASP E 374 -45.56 82.52 -17.22
N LYS E 375 -45.24 81.80 -16.14
CA LYS E 375 -44.30 82.30 -15.12
C LYS E 375 -43.01 81.51 -14.97
N ARG E 376 -43.10 80.18 -14.84
CA ARG E 376 -41.88 79.39 -14.65
C ARG E 376 -41.40 78.89 -15.99
N GLU E 377 -40.17 79.15 -16.36
CA GLU E 377 -39.74 78.61 -17.64
C GLU E 377 -39.43 77.16 -17.43
N LEU E 378 -39.94 76.33 -18.32
CA LEU E 378 -39.75 74.90 -18.24
C LEU E 378 -38.81 74.37 -19.32
N VAL E 379 -39.00 74.87 -20.53
CA VAL E 379 -38.28 74.39 -21.73
C VAL E 379 -37.85 75.56 -22.64
N ARG E 380 -36.68 75.46 -23.29
CA ARG E 380 -36.37 76.53 -24.25
C ARG E 380 -35.82 76.00 -25.57
N THR E 381 -36.42 76.42 -26.67
CA THR E 381 -35.90 75.99 -27.98
C THR E 381 -35.11 77.12 -28.59
N GLU E 382 -33.85 76.88 -28.89
CA GLU E 382 -33.06 77.95 -29.51
C GLU E 382 -33.27 77.88 -31.02
N GLY E 383 -33.72 78.98 -31.60
CA GLY E 383 -34.03 79.06 -33.02
C GLY E 383 -35.52 78.84 -33.14
N ALA E 384 -36.13 79.38 -34.19
CA ALA E 384 -37.57 79.20 -34.35
C ALA E 384 -37.95 77.74 -34.50
N PRO E 385 -39.03 77.30 -33.87
CA PRO E 385 -39.64 76.02 -34.12
C PRO E 385 -40.24 76.08 -35.51
N GLN E 386 -40.28 74.99 -36.23
CA GLN E 386 -40.92 75.01 -37.53
C GLN E 386 -42.34 74.49 -37.51
N VAL E 387 -43.14 75.01 -38.42
CA VAL E 387 -44.49 74.55 -38.59
C VAL E 387 -44.44 73.09 -38.99
N ASN E 388 -45.31 72.31 -38.38
CA ASN E 388 -45.48 70.87 -38.56
C ASN E 388 -44.32 70.01 -38.04
N ILE E 389 -43.35 70.61 -37.38
CA ILE E 389 -42.21 69.87 -36.84
C ILE E 389 -42.30 69.70 -35.34
N GLU E 390 -42.13 68.47 -34.89
CA GLU E 390 -42.18 68.20 -33.46
C GLU E 390 -40.85 68.40 -32.73
N TYR E 391 -40.97 68.87 -31.50
CA TYR E 391 -39.87 69.04 -30.57
C TYR E 391 -40.32 68.41 -29.25
N SER E 392 -39.38 67.95 -28.41
CA SER E 392 -39.77 67.32 -27.14
C SER E 392 -38.79 67.47 -25.97
N ALA E 393 -39.34 67.67 -24.76
CA ALA E 393 -38.55 67.71 -23.53
C ALA E 393 -39.40 67.27 -22.34
N ASN E 394 -38.80 66.74 -21.29
CA ASN E 394 -39.62 66.42 -20.12
C ASN E 394 -39.63 67.60 -19.18
N ILE E 395 -40.72 67.72 -18.43
CA ILE E 395 -40.87 68.78 -17.44
C ILE E 395 -41.33 68.27 -16.07
N THR E 396 -41.04 69.07 -15.04
CA THR E 396 -41.52 68.74 -13.71
C THR E 396 -42.58 69.74 -13.26
N LEU E 397 -43.73 69.19 -12.89
CA LEU E 397 -44.89 69.96 -12.45
C LEU E 397 -45.37 69.39 -11.12
N ASN E 398 -45.71 70.20 -10.13
CA ASN E 398 -46.11 69.54 -8.87
C ASN E 398 -47.61 69.30 -8.83
N THR E 399 -48.11 68.73 -7.75
CA THR E 399 -49.53 68.41 -7.71
C THR E 399 -50.41 69.66 -7.68
N ALA E 400 -49.87 70.79 -7.22
CA ALA E 400 -50.65 72.03 -7.14
C ALA E 400 -50.77 72.66 -8.51
N ASP E 401 -49.99 72.15 -9.46
CA ASP E 401 -50.04 72.65 -10.81
C ASP E 401 -50.99 71.76 -11.59
N ILE E 402 -50.87 70.46 -11.34
CA ILE E 402 -51.55 69.40 -12.06
C ILE E 402 -53.05 69.23 -11.85
N SER E 403 -53.53 69.32 -10.62
CA SER E 403 -54.95 69.12 -10.35
C SER E 403 -55.80 70.28 -10.86
N GLN E 404 -55.13 71.36 -11.19
CA GLN E 404 -55.74 72.58 -11.63
C GLN E 404 -55.76 72.66 -13.15
N PRO E 405 -56.62 73.49 -13.75
CA PRO E 405 -56.65 73.77 -15.18
C PRO E 405 -55.53 74.76 -15.50
N PHE E 406 -54.31 74.26 -15.36
CA PHE E 406 -53.07 75.01 -15.46
C PHE E 406 -52.68 75.08 -16.91
N GLU E 407 -51.81 76.02 -17.29
CA GLU E 407 -51.42 76.05 -18.69
C GLU E 407 -49.97 76.27 -18.96
N ILE E 408 -49.57 75.83 -20.12
CA ILE E 408 -48.22 76.02 -20.59
C ILE E 408 -48.23 76.85 -21.85
N GLY E 409 -47.53 77.97 -21.80
CA GLY E 409 -47.46 78.82 -22.96
C GLY E 409 -46.27 78.42 -23.77
N LEU E 410 -46.37 78.57 -25.08
CA LEU E 410 -45.25 78.34 -25.96
C LEU E 410 -45.07 79.68 -26.66
N THR E 411 -44.12 80.49 -26.21
CA THR E 411 -44.02 81.82 -26.78
C THR E 411 -42.93 81.95 -27.81
N ARG E 412 -43.34 82.28 -29.01
CA ARG E 412 -42.40 82.36 -30.11
C ARG E 412 -41.81 83.75 -30.08
N VAL E 413 -40.62 83.85 -29.53
CA VAL E 413 -40.00 85.13 -29.30
C VAL E 413 -39.35 85.60 -30.56
N LEU E 414 -39.78 86.74 -31.06
CA LEU E 414 -39.27 87.27 -32.31
C LEU E 414 -38.04 88.10 -32.01
N PRO E 415 -37.20 88.41 -32.99
CA PRO E 415 -35.98 89.24 -32.86
C PRO E 415 -36.19 90.66 -32.32
N SER E 416 -37.43 91.13 -32.32
CA SER E 416 -37.82 92.47 -31.86
C SER E 416 -38.49 92.39 -30.49
N GLY E 417 -39.35 93.35 -30.19
CA GLY E 417 -40.00 93.42 -28.87
C GLY E 417 -41.33 92.68 -28.81
N SER E 418 -41.67 92.03 -29.91
CA SER E 418 -42.92 91.30 -30.08
C SER E 418 -42.72 89.80 -30.03
N TRP E 419 -43.83 89.10 -29.92
CA TRP E 419 -43.79 87.65 -29.92
C TRP E 419 -45.09 87.08 -30.40
N ALA E 420 -45.04 85.86 -30.88
CA ALA E 420 -46.25 85.20 -31.27
C ALA E 420 -46.69 84.28 -30.13
N TYR E 421 -47.70 84.73 -29.41
CA TYR E 421 -48.20 84.06 -28.23
C TYR E 421 -49.01 82.81 -28.53
N ALA E 422 -48.82 81.78 -27.72
CA ALA E 422 -49.67 80.61 -27.77
C ALA E 422 -49.72 79.95 -26.39
N ALA E 423 -50.84 79.30 -26.05
CA ALA E 423 -50.99 78.60 -24.78
C ALA E 423 -52.22 77.70 -24.73
N ALA E 424 -52.11 76.66 -23.91
CA ALA E 424 -53.23 75.77 -23.68
C ALA E 424 -53.23 75.20 -22.29
N LYS E 425 -54.42 74.95 -21.77
CA LYS E 425 -54.58 74.39 -20.46
C LYS E 425 -54.60 72.92 -20.52
N PHE E 426 -54.19 72.32 -19.44
CA PHE E 426 -54.31 70.91 -19.28
C PHE E 426 -54.88 70.66 -17.92
N THR E 427 -55.78 69.71 -17.83
CA THR E 427 -56.33 69.38 -16.52
C THR E 427 -56.11 67.93 -16.29
N VAL E 428 -55.43 67.56 -15.20
CA VAL E 428 -55.15 66.16 -14.97
C VAL E 428 -55.78 65.71 -13.67
N GLU E 429 -56.62 64.70 -13.74
CA GLU E 429 -57.26 64.18 -12.53
C GLU E 429 -57.33 62.67 -12.59
N GLU E 430 -57.39 62.04 -11.43
CA GLU E 430 -57.45 60.59 -11.40
C GLU E 430 -58.89 60.12 -11.58
N TYR E 431 -59.10 59.28 -12.56
CA TYR E 431 -60.46 58.84 -12.83
C TYR E 431 -60.73 57.38 -12.64
N ASN E 432 -61.67 57.12 -11.72
CA ASN E 432 -62.09 55.78 -11.39
C ASN E 432 -62.81 55.24 -12.60
N GLN E 433 -63.42 56.14 -13.33
CA GLN E 433 -64.21 55.87 -14.50
C GLN E 433 -63.47 55.11 -15.59
N TYR E 434 -62.14 55.12 -15.59
CA TYR E 434 -61.46 54.39 -16.64
C TYR E 434 -60.63 53.27 -16.06
N SER E 435 -60.65 53.16 -14.74
CA SER E 435 -59.83 52.21 -14.01
C SER E 435 -60.51 50.87 -13.95
N PHE E 436 -60.86 50.39 -15.12
CA PHE E 436 -61.46 49.11 -15.32
C PHE E 436 -60.39 48.33 -16.00
N LEU E 437 -59.58 49.02 -16.81
CA LEU E 437 -58.48 48.37 -17.48
C LEU E 437 -58.90 47.02 -18.05
N LEU E 438 -60.02 47.00 -18.75
CA LEU E 438 -60.52 45.77 -19.32
C LEU E 438 -59.54 45.28 -20.36
N LYS E 439 -58.81 46.24 -20.90
CA LYS E 439 -57.78 46.06 -21.88
C LYS E 439 -56.66 45.21 -21.31
N LEU E 440 -56.41 45.36 -20.01
CA LEU E 440 -55.40 44.60 -19.34
C LEU E 440 -55.86 43.19 -19.17
N ASN E 441 -57.12 43.03 -18.76
CA ASN E 441 -57.64 41.69 -18.56
C ASN E 441 -57.39 40.86 -19.81
N LYS E 442 -57.60 41.51 -20.97
CA LYS E 442 -57.40 40.81 -22.21
C LYS E 442 -55.94 40.55 -22.43
N ALA E 443 -55.08 41.52 -22.18
CA ALA E 443 -53.67 41.33 -22.47
C ALA E 443 -53.10 40.19 -21.67
N ILE E 444 -53.52 40.08 -20.43
CA ILE E 444 -52.99 39.04 -19.58
C ILE E 444 -53.48 37.69 -20.02
N ARG E 445 -54.77 37.55 -20.28
CA ARG E 445 -55.23 36.24 -20.64
C ARG E 445 -54.70 35.83 -21.99
N LEU E 446 -54.51 36.80 -22.86
CA LEU E 446 -54.03 36.53 -24.18
C LEU E 446 -52.59 36.12 -24.17
N SER E 447 -51.73 36.79 -23.42
CA SER E 447 -50.32 36.43 -23.50
C SER E 447 -50.10 35.09 -22.85
N ARG E 448 -50.96 34.72 -21.92
CA ARG E 448 -50.77 33.44 -21.31
C ARG E 448 -51.22 32.34 -22.26
N ALA E 449 -52.35 32.53 -22.93
CA ALA E 449 -52.87 31.52 -23.83
C ALA E 449 -51.95 31.27 -25.01
N THR E 450 -51.25 32.32 -25.43
CA THR E 450 -50.39 32.27 -26.58
C THR E 450 -48.93 32.09 -26.25
N GLU E 451 -48.58 31.94 -24.97
CA GLU E 451 -47.19 31.76 -24.57
C GLU E 451 -46.27 32.86 -25.10
N LEU E 452 -46.73 34.10 -25.00
CA LEU E 452 -45.93 35.24 -25.44
C LEU E 452 -45.55 36.17 -24.31
N SER E 453 -44.45 36.87 -24.45
CA SER E 453 -44.17 37.89 -23.46
C SER E 453 -45.23 38.94 -23.73
N PRO E 454 -45.61 39.78 -22.77
CA PRO E 454 -46.57 40.81 -23.02
C PRO E 454 -46.07 41.85 -23.99
N THR E 455 -44.76 42.00 -24.13
CA THR E 455 -44.28 43.03 -25.01
C THR E 455 -44.13 42.55 -26.43
N ILE E 456 -43.85 41.27 -26.65
CA ILE E 456 -43.82 40.81 -28.03
C ILE E 456 -45.27 40.83 -28.50
N LEU E 457 -46.18 40.54 -27.58
CA LEU E 457 -47.58 40.57 -27.92
C LEU E 457 -47.96 41.97 -28.33
N GLU E 458 -47.51 42.99 -27.60
CA GLU E 458 -47.85 44.33 -28.01
C GLU E 458 -47.30 44.58 -29.38
N GLY E 459 -46.10 44.09 -29.67
CA GLY E 459 -45.54 44.29 -31.00
C GLY E 459 -46.49 43.75 -32.07
N ILE E 460 -47.19 42.66 -31.77
CA ILE E 460 -48.12 42.13 -32.73
C ILE E 460 -49.27 43.11 -32.84
N VAL E 461 -49.79 43.55 -31.70
CA VAL E 461 -50.94 44.41 -31.76
C VAL E 461 -50.64 45.71 -32.48
N ARG E 462 -49.49 46.30 -32.19
CA ARG E 462 -49.08 47.57 -32.75
C ARG E 462 -48.66 47.47 -34.23
N SER E 463 -48.02 46.38 -34.64
CA SER E 463 -47.64 46.25 -36.05
C SER E 463 -48.84 45.89 -36.92
N VAL E 464 -49.85 45.29 -36.30
CA VAL E 464 -51.10 44.90 -36.94
C VAL E 464 -52.19 45.97 -36.88
N ASN E 465 -52.28 46.66 -35.77
CA ASN E 465 -53.34 47.60 -35.51
C ASN E 465 -52.86 48.71 -34.58
N LEU E 466 -53.75 49.62 -34.27
CA LEU E 466 -53.44 50.73 -33.40
C LEU E 466 -53.24 50.23 -32.00
N GLN E 467 -52.43 50.95 -31.25
CA GLN E 467 -52.15 50.64 -29.86
C GLN E 467 -53.46 50.45 -29.10
N LEU E 468 -53.50 49.34 -28.36
CA LEU E 468 -54.62 48.87 -27.55
C LEU E 468 -55.86 48.39 -28.29
N ASP E 469 -55.78 48.17 -29.59
CA ASP E 469 -56.97 47.65 -30.24
C ASP E 469 -56.91 46.12 -30.37
N ILE E 470 -57.64 45.40 -29.51
CA ILE E 470 -57.66 43.94 -29.57
C ILE E 470 -59.06 43.50 -29.92
N ASN E 471 -59.16 42.80 -31.02
CA ASN E 471 -60.41 42.35 -31.61
C ASN E 471 -60.11 41.13 -32.47
N THR E 472 -61.11 40.58 -33.13
CA THR E 472 -60.92 39.40 -33.95
C THR E 472 -59.90 39.56 -35.06
N ASP E 473 -59.90 40.72 -35.72
CA ASP E 473 -59.01 40.90 -36.86
C ASP E 473 -57.57 40.83 -36.39
N VAL E 474 -57.37 41.35 -35.20
CA VAL E 474 -56.06 41.34 -34.59
C VAL E 474 -55.73 39.95 -34.10
N LEU E 475 -56.68 39.26 -33.50
CA LEU E 475 -56.42 37.93 -32.98
C LEU E 475 -56.00 37.05 -34.12
N GLY E 476 -56.59 37.26 -35.30
CA GLY E 476 -56.21 36.46 -36.43
C GLY E 476 -54.70 36.54 -36.66
N LYS E 477 -54.08 37.69 -36.40
CA LYS E 477 -52.66 37.81 -36.61
C LYS E 477 -51.89 37.33 -35.41
N VAL E 478 -52.51 37.32 -34.25
CA VAL E 478 -51.81 36.83 -33.08
C VAL E 478 -51.61 35.34 -33.32
N PHE E 479 -52.66 34.71 -33.84
CA PHE E 479 -52.67 33.30 -34.11
C PHE E 479 -51.77 32.95 -35.28
N LEU E 480 -51.78 33.79 -36.31
CA LEU E 480 -50.96 33.53 -37.47
C LEU E 480 -49.50 33.65 -37.09
N THR E 481 -49.18 34.62 -36.25
CA THR E 481 -47.81 34.82 -35.87
C THR E 481 -47.36 33.57 -35.14
N LYS E 482 -48.18 33.04 -34.23
CA LYS E 482 -47.80 31.84 -33.51
C LYS E 482 -47.59 30.71 -34.48
N TYR E 483 -48.48 30.60 -35.46
CA TYR E 483 -48.39 29.53 -36.42
C TYR E 483 -47.08 29.54 -37.13
N TYR E 484 -46.66 30.70 -37.64
CA TYR E 484 -45.44 30.69 -38.41
C TYR E 484 -44.28 30.37 -37.51
N MET E 485 -44.36 30.77 -36.25
CA MET E 485 -43.29 30.47 -35.30
C MET E 485 -43.21 28.96 -35.06
N GLN E 486 -44.33 28.25 -35.17
CA GLN E 486 -44.26 26.83 -34.95
C GLN E 486 -43.90 26.09 -36.22
N ARG E 487 -44.26 26.68 -37.35
CA ARG E 487 -44.02 26.10 -38.67
C ARG E 487 -42.56 26.21 -39.06
N TYR E 488 -41.94 27.31 -38.71
CA TYR E 488 -40.56 27.56 -39.08
C TYR E 488 -39.75 27.87 -37.85
N ALA E 489 -38.44 27.64 -37.89
CA ALA E 489 -37.62 27.97 -36.74
C ALA E 489 -37.28 29.46 -36.75
N ILE E 490 -38.30 30.27 -36.50
CA ILE E 490 -38.17 31.71 -36.59
C ILE E 490 -38.66 32.47 -35.37
N HIS E 491 -38.19 33.70 -35.25
CA HIS E 491 -38.58 34.64 -34.21
C HIS E 491 -39.92 35.25 -34.52
N ALA E 492 -40.67 35.67 -33.50
CA ALA E 492 -41.95 36.34 -33.71
C ALA E 492 -41.82 37.54 -34.64
N GLU E 493 -40.70 38.25 -34.60
CA GLU E 493 -40.55 39.41 -35.47
C GLU E 493 -40.58 38.98 -36.94
N THR E 494 -40.02 37.81 -37.22
CA THR E 494 -39.96 37.24 -38.55
C THR E 494 -41.34 36.78 -38.95
N ALA E 495 -42.03 36.16 -38.00
CA ALA E 495 -43.36 35.66 -38.24
C ALA E 495 -44.26 36.83 -38.63
N LEU E 496 -44.03 37.98 -38.03
CA LEU E 496 -44.79 39.18 -38.36
C LEU E 496 -44.49 39.64 -39.78
N ILE E 497 -43.26 39.53 -40.22
CA ILE E 497 -42.98 39.89 -41.60
C ILE E 497 -43.77 38.96 -42.53
N LEU E 498 -43.88 37.68 -42.16
CA LEU E 498 -44.62 36.72 -42.96
C LEU E 498 -46.16 36.92 -42.87
N CYS E 499 -46.61 37.84 -41.99
CA CYS E 499 -48.02 38.19 -41.80
C CYS E 499 -48.27 39.48 -42.56
N ASN E 500 -47.27 39.90 -43.33
CA ASN E 500 -47.23 41.10 -44.11
C ASN E 500 -47.17 42.35 -43.22
N ALA E 501 -46.56 42.22 -42.05
CA ALA E 501 -46.34 43.34 -41.17
C ALA E 501 -45.01 43.94 -41.62
N PRO E 502 -44.75 45.24 -41.37
CA PRO E 502 -43.51 45.95 -41.65
C PRO E 502 -42.39 45.55 -40.70
N ILE E 503 -41.14 45.86 -41.08
CA ILE E 503 -40.04 45.60 -40.16
C ILE E 503 -40.11 46.59 -39.03
N SER E 504 -40.15 46.08 -37.82
CA SER E 504 -40.24 47.02 -36.73
C SER E 504 -39.04 47.91 -36.59
N GLN E 505 -39.29 49.21 -36.44
CA GLN E 505 -38.25 50.20 -36.23
C GLN E 505 -38.32 50.70 -34.80
N ARG E 506 -39.08 49.97 -33.97
CA ARG E 506 -39.23 50.35 -32.59
C ARG E 506 -38.26 49.58 -31.72
N SER E 507 -37.46 50.34 -30.99
CA SER E 507 -36.51 49.77 -30.06
C SER E 507 -37.16 49.71 -28.70
N TYR E 508 -37.23 48.52 -28.13
CA TYR E 508 -37.87 48.38 -26.83
C TYR E 508 -37.25 47.24 -26.03
N ASP E 509 -37.46 47.24 -24.72
CA ASP E 509 -36.93 46.23 -23.79
C ASP E 509 -35.41 46.14 -23.89
N ASN E 510 -34.77 47.29 -24.09
CA ASN E 510 -33.33 47.48 -24.20
C ASN E 510 -32.71 46.69 -25.34
N GLN E 511 -33.50 46.43 -26.38
CA GLN E 511 -33.05 45.75 -27.57
C GLN E 511 -33.07 46.67 -28.79
N PRO E 512 -32.29 46.37 -29.83
CA PRO E 512 -32.34 47.04 -31.11
C PRO E 512 -33.65 46.62 -31.75
N SER E 513 -34.20 47.45 -32.60
CA SER E 513 -35.43 47.11 -33.28
C SER E 513 -35.14 46.03 -34.31
N GLN E 514 -36.17 45.40 -34.84
CA GLN E 514 -35.94 44.38 -35.85
C GLN E 514 -35.10 44.95 -36.98
N PHE E 515 -35.41 46.19 -37.32
CA PHE E 515 -34.73 46.93 -38.34
C PHE E 515 -33.29 47.18 -37.96
N ASP E 516 -33.06 47.65 -36.76
CA ASP E 516 -31.72 48.00 -36.34
C ASP E 516 -30.83 46.77 -36.40
N ARG E 517 -31.39 45.61 -36.10
CA ARG E 517 -30.64 44.36 -36.11
C ARG E 517 -30.01 44.09 -37.48
N LEU E 518 -30.66 44.49 -38.57
CA LEU E 518 -30.14 44.25 -39.89
C LEU E 518 -29.45 45.48 -40.49
N PHE E 519 -29.91 46.67 -40.13
CA PHE E 519 -29.43 47.88 -40.78
C PHE E 519 -28.52 48.84 -40.00
N ASN E 520 -28.58 48.84 -38.66
CA ASN E 520 -27.77 49.76 -37.87
C ASN E 520 -26.83 49.02 -36.95
N THR E 521 -27.14 47.78 -36.69
CA THR E 521 -26.27 46.99 -35.86
C THR E 521 -24.98 46.89 -36.68
N PRO E 522 -25.00 46.43 -37.95
CA PRO E 522 -23.86 46.56 -38.82
C PRO E 522 -23.82 48.03 -39.20
N LEU E 523 -22.64 48.62 -39.34
CA LEU E 523 -22.56 50.00 -39.82
C LEU E 523 -21.45 50.17 -40.84
N LEU E 524 -21.69 51.02 -41.83
CA LEU E 524 -20.69 51.32 -42.84
C LEU E 524 -20.61 52.79 -43.07
N ASN E 525 -19.68 53.47 -42.43
CA ASN E 525 -19.63 54.92 -42.60
C ASN E 525 -20.99 55.52 -42.25
N GLY E 526 -21.62 54.99 -41.21
CA GLY E 526 -22.91 55.47 -40.79
C GLY E 526 -24.05 54.45 -40.85
N GLN E 527 -25.23 54.98 -40.54
CA GLN E 527 -26.50 54.28 -40.42
C GLN E 527 -27.40 54.31 -41.65
N TYR E 528 -28.52 53.58 -41.55
CA TYR E 528 -29.56 53.50 -42.56
C TYR E 528 -30.93 53.57 -41.89
N PHE E 529 -31.83 54.41 -42.41
CA PHE E 529 -33.10 54.61 -41.73
C PHE E 529 -34.37 54.14 -42.45
N SER E 530 -34.28 53.86 -43.72
CA SER E 530 -35.44 53.45 -44.50
C SER E 530 -36.66 54.36 -44.34
N THR E 531 -36.43 55.67 -44.41
CA THR E 531 -37.48 56.67 -44.26
C THR E 531 -37.77 57.32 -45.60
N GLY E 532 -37.25 56.73 -46.67
CA GLY E 532 -37.43 57.30 -47.99
C GLY E 532 -36.45 58.46 -48.21
N ASP E 533 -35.33 58.43 -47.50
CA ASP E 533 -34.31 59.46 -47.56
C ASP E 533 -33.36 59.29 -48.76
N GLU E 534 -32.82 58.10 -48.93
CA GLU E 534 -31.85 57.82 -49.99
C GLU E 534 -32.34 56.74 -50.94
N GLU E 535 -32.69 57.11 -52.17
CA GLU E 535 -33.23 56.12 -53.09
C GLU E 535 -32.11 55.35 -53.79
N ILE E 536 -31.78 54.21 -53.20
CA ILE E 536 -30.69 53.33 -53.60
C ILE E 536 -30.97 52.52 -54.84
N ASP E 537 -30.02 52.55 -55.76
CA ASP E 537 -30.12 51.74 -56.94
C ASP E 537 -29.73 50.32 -56.57
N LEU E 538 -30.70 49.44 -56.57
CA LEU E 538 -30.52 48.05 -56.15
C LEU E 538 -30.18 47.11 -57.27
N ASN E 539 -29.87 47.62 -58.46
CA ASN E 539 -29.63 46.67 -59.53
C ASN E 539 -28.26 46.00 -59.40
N SER E 540 -27.99 45.07 -60.31
CA SER E 540 -26.75 44.31 -60.26
C SER E 540 -25.60 45.16 -60.71
N GLY E 541 -25.73 45.68 -61.91
CA GLY E 541 -24.73 46.56 -62.49
C GLY E 541 -24.90 48.00 -62.02
N SER E 542 -24.92 48.20 -60.70
CA SER E 542 -25.12 49.55 -60.19
C SER E 542 -24.48 49.82 -58.83
N THR E 543 -24.41 51.11 -58.52
CA THR E 543 -23.80 51.65 -57.32
C THR E 543 -24.75 52.50 -56.49
N GLY E 544 -24.24 52.92 -55.34
CA GLY E 544 -24.94 53.76 -54.39
C GLY E 544 -23.95 54.08 -53.28
N ASP E 545 -24.39 54.80 -52.26
CA ASP E 545 -23.49 55.19 -51.18
C ASP E 545 -23.45 54.08 -50.15
N TRP E 546 -22.86 54.35 -48.99
CA TRP E 546 -22.63 53.36 -47.93
C TRP E 546 -23.89 52.59 -47.55
N ARG E 547 -25.06 53.17 -47.85
CA ARG E 547 -26.33 52.57 -47.51
C ARG E 547 -26.63 51.41 -48.44
N LYS E 548 -26.14 51.44 -49.67
CA LYS E 548 -26.34 50.32 -50.58
C LYS E 548 -25.55 49.18 -50.02
N THR E 549 -24.39 49.53 -49.54
CA THR E 549 -23.52 48.51 -48.98
C THR E 549 -24.09 48.01 -47.64
N ILE E 550 -24.85 48.86 -46.93
CA ILE E 550 -25.55 48.41 -45.73
C ILE E 550 -26.59 47.40 -46.11
N LEU E 551 -27.36 47.66 -47.18
CA LEU E 551 -28.40 46.70 -47.55
C LEU E 551 -27.74 45.39 -47.91
N LYS E 552 -26.59 45.45 -48.56
CA LYS E 552 -25.90 44.22 -48.90
C LYS E 552 -25.63 43.41 -47.63
N ARG E 553 -25.10 44.07 -46.59
CA ARG E 553 -24.80 43.41 -45.31
C ARG E 553 -26.04 43.01 -44.54
N ALA E 554 -27.08 43.81 -44.64
CA ALA E 554 -28.34 43.59 -43.96
C ALA E 554 -28.99 42.31 -44.45
N PHE E 555 -28.82 42.04 -45.73
CA PHE E 555 -29.40 40.87 -46.32
C PHE E 555 -28.38 39.75 -46.52
N ASN E 556 -27.08 40.09 -46.45
CA ASN E 556 -25.93 39.20 -46.65
C ASN E 556 -25.95 38.52 -47.99
N ILE E 557 -26.31 39.30 -48.99
CA ILE E 557 -26.38 38.83 -50.36
C ILE E 557 -25.62 39.72 -51.33
N ASP E 558 -25.36 39.20 -52.52
CA ASP E 558 -24.67 39.94 -53.57
C ASP E 558 -25.59 40.97 -54.21
N ASP E 559 -25.09 41.73 -55.17
CA ASP E 559 -25.87 42.79 -55.78
C ASP E 559 -26.81 42.24 -56.81
N VAL E 560 -26.44 41.15 -57.42
CA VAL E 560 -27.35 40.55 -58.40
C VAL E 560 -28.49 39.94 -57.63
N SER E 561 -28.17 39.41 -56.45
CA SER E 561 -29.14 38.80 -55.60
C SER E 561 -30.06 39.82 -54.97
N LEU E 562 -29.51 41.03 -54.71
CA LEU E 562 -30.30 42.11 -54.16
C LEU E 562 -31.26 42.56 -55.22
N PHE E 563 -30.79 42.62 -56.44
CA PHE E 563 -31.67 42.97 -57.52
C PHE E 563 -32.76 41.96 -57.68
N ARG E 564 -32.43 40.68 -57.67
CA ARG E 564 -33.44 39.68 -57.85
C ARG E 564 -34.41 39.72 -56.69
N LEU E 565 -33.93 40.07 -55.50
CA LEU E 565 -34.81 40.16 -54.36
C LEU E 565 -35.88 41.20 -54.68
N LEU E 566 -35.49 42.27 -55.38
CA LEU E 566 -36.42 43.30 -55.78
C LEU E 566 -37.39 42.68 -56.76
N LYS E 567 -36.88 41.94 -57.75
CA LYS E 567 -37.75 41.32 -58.74
C LYS E 567 -38.80 40.40 -58.06
N ILE E 568 -38.40 39.65 -57.03
CA ILE E 568 -39.35 38.78 -56.31
C ILE E 568 -40.41 39.63 -55.62
N THR E 569 -39.93 40.72 -55.02
CA THR E 569 -40.75 41.70 -54.32
C THR E 569 -41.65 42.47 -55.26
N ASP E 570 -41.10 42.80 -56.39
CA ASP E 570 -41.71 43.59 -57.42
C ASP E 570 -41.22 43.15 -58.79
N HIS E 571 -42.07 42.49 -59.55
CA HIS E 571 -41.65 41.93 -60.81
C HIS E 571 -41.79 42.94 -61.93
N ASP E 572 -42.32 44.11 -61.62
CA ASP E 572 -42.48 45.15 -62.63
C ASP E 572 -41.23 46.02 -62.51
N ASN E 573 -40.73 46.10 -61.29
CA ASN E 573 -39.59 46.93 -61.03
C ASN E 573 -38.29 46.21 -61.25
N LYS E 574 -37.79 46.38 -62.45
CA LYS E 574 -36.53 45.77 -62.85
C LYS E 574 -35.52 46.89 -63.06
N ASP E 575 -35.87 48.06 -62.56
CA ASP E 575 -35.07 49.26 -62.72
C ASP E 575 -34.06 49.44 -61.60
N GLY E 576 -33.27 50.50 -61.69
CA GLY E 576 -32.24 50.81 -60.72
C GLY E 576 -32.76 51.62 -59.55
N LYS E 577 -33.81 51.13 -58.91
CA LYS E 577 -34.40 51.90 -57.81
C LYS E 577 -35.35 51.16 -56.90
N ILE E 578 -35.44 51.70 -55.70
CA ILE E 578 -36.38 51.37 -54.66
C ILE E 578 -36.53 52.67 -53.89
N LYS E 579 -37.69 52.93 -53.31
CA LYS E 579 -37.90 54.14 -52.51
C LYS E 579 -37.12 54.20 -51.21
N ASN E 580 -36.69 53.05 -50.70
CA ASN E 580 -36.00 52.93 -49.42
C ASN E 580 -36.79 53.52 -48.29
N ASN E 581 -38.07 53.24 -48.32
CA ASN E 581 -38.96 53.57 -47.26
C ASN E 581 -39.11 52.26 -46.50
N LEU E 582 -39.80 52.28 -45.38
CA LEU E 582 -39.95 51.03 -44.66
C LEU E 582 -40.76 50.04 -45.45
N LYS E 583 -41.85 50.49 -46.06
CA LYS E 583 -42.73 49.56 -46.76
C LYS E 583 -42.02 48.61 -47.70
N ASN E 584 -41.28 49.12 -48.66
CA ASN E 584 -40.71 48.19 -49.60
C ASN E 584 -39.47 47.52 -49.10
N LEU E 585 -38.83 48.06 -48.08
CA LEU E 585 -37.69 47.38 -47.53
C LEU E 585 -38.20 46.11 -46.86
N SER E 586 -39.35 46.27 -46.24
CA SER E 586 -39.99 45.19 -45.51
C SER E 586 -40.38 44.13 -46.49
N ASN E 587 -40.81 44.56 -47.65
CA ASN E 587 -41.25 43.66 -48.68
C ASN E 587 -40.04 42.92 -49.29
N LEU E 588 -38.87 43.59 -49.31
CA LEU E 588 -37.64 42.90 -49.76
C LEU E 588 -37.32 41.84 -48.74
N TYR E 589 -37.54 42.15 -47.49
CA TYR E 589 -37.24 41.21 -46.46
C TYR E 589 -38.17 40.03 -46.57
N ILE E 590 -39.45 40.25 -46.91
CA ILE E 590 -40.36 39.11 -47.06
C ILE E 590 -39.82 38.18 -48.11
N GLY E 591 -39.37 38.72 -49.25
CA GLY E 591 -38.85 37.85 -50.31
C GLY E 591 -37.65 37.03 -49.84
N LYS E 592 -36.76 37.66 -49.07
CA LYS E 592 -35.62 36.97 -48.56
C LYS E 592 -36.05 35.86 -47.66
N LEU E 593 -37.04 36.13 -46.82
CA LEU E 593 -37.48 35.11 -45.92
C LEU E 593 -38.06 33.95 -46.66
N LEU E 594 -38.79 34.20 -47.75
CA LEU E 594 -39.39 33.10 -48.45
C LEU E 594 -38.29 32.15 -48.90
N ALA E 595 -37.13 32.70 -49.28
CA ALA E 595 -36.02 31.86 -49.67
C ALA E 595 -35.41 31.13 -48.47
N ASP E 596 -35.27 31.82 -47.35
CA ASP E 596 -34.64 31.27 -46.13
C ASP E 596 -35.49 30.24 -45.36
N ILE E 597 -36.80 30.41 -45.37
CA ILE E 597 -37.73 29.56 -44.60
C ILE E 597 -37.87 28.13 -45.16
N HIS E 598 -37.37 27.88 -46.35
CA HIS E 598 -37.38 26.57 -46.96
C HIS E 598 -35.99 26.35 -47.52
N GLN E 599 -35.72 25.19 -48.14
CA GLN E 599 -34.36 25.00 -48.67
C GLN E 599 -34.24 25.64 -50.04
N LEU E 600 -34.33 26.96 -50.03
CA LEU E 600 -34.39 27.78 -51.21
C LEU E 600 -33.43 28.94 -51.20
N THR E 601 -33.21 29.49 -52.38
CA THR E 601 -32.46 30.72 -52.55
C THR E 601 -33.32 31.68 -53.34
N ILE E 602 -32.89 32.92 -53.46
CA ILE E 602 -33.72 33.93 -54.12
C ILE E 602 -33.96 33.52 -55.55
N ASP E 603 -32.91 33.10 -56.22
CA ASP E 603 -32.99 32.75 -57.63
C ASP E 603 -34.01 31.66 -57.93
N GLU E 604 -34.22 30.73 -57.00
CA GLU E 604 -35.10 29.61 -57.23
C GLU E 604 -36.53 29.91 -56.87
N LEU E 605 -36.78 31.00 -56.15
CA LEU E 605 -38.15 31.33 -55.82
C LEU E 605 -38.95 31.58 -57.06
N ASP E 606 -38.29 32.03 -58.12
CA ASP E 606 -39.00 32.25 -59.37
C ASP E 606 -39.46 30.95 -59.99
N LEU E 607 -38.72 29.87 -59.80
CA LEU E 607 -39.06 28.62 -60.44
C LEU E 607 -40.35 28.13 -59.83
N LEU E 608 -40.45 28.32 -58.52
CA LEU E 608 -41.61 27.90 -57.76
C LEU E 608 -42.82 28.73 -58.06
N LEU E 609 -42.62 30.04 -58.22
CA LEU E 609 -43.71 30.94 -58.47
C LEU E 609 -44.31 30.65 -59.83
N ILE E 610 -43.46 30.35 -60.81
CA ILE E 610 -43.96 30.05 -62.12
C ILE E 610 -44.67 28.71 -62.11
N ALA E 611 -44.06 27.69 -61.50
CA ALA E 611 -44.63 26.37 -61.47
C ALA E 611 -45.98 26.35 -60.75
N VAL E 612 -46.12 27.15 -59.71
CA VAL E 612 -47.38 27.18 -58.99
C VAL E 612 -48.41 28.07 -59.69
N GLY E 613 -47.94 29.13 -60.34
CA GLY E 613 -48.80 30.11 -61.00
C GLY E 613 -48.86 31.45 -60.27
N GLU E 614 -47.93 31.69 -59.34
CA GLU E 614 -47.82 32.91 -58.54
C GLU E 614 -46.73 33.83 -59.11
N GLY E 615 -46.23 33.49 -60.29
CA GLY E 615 -45.23 34.31 -60.94
C GLY E 615 -45.89 35.63 -61.22
N LYS E 616 -45.09 36.69 -61.25
CA LYS E 616 -45.52 38.07 -61.47
C LYS E 616 -46.33 38.66 -60.30
N THR E 617 -46.48 37.93 -59.20
CA THR E 617 -47.17 38.51 -58.07
C THR E 617 -46.21 39.34 -57.24
N ASN E 618 -46.60 40.55 -56.95
CA ASN E 618 -45.71 41.42 -56.19
C ASN E 618 -45.93 41.21 -54.71
N LEU E 619 -44.92 41.51 -53.90
CA LEU E 619 -45.00 41.51 -52.45
C LEU E 619 -45.25 42.94 -52.03
N SER E 620 -44.77 43.86 -52.87
CA SER E 620 -44.91 45.30 -52.64
C SER E 620 -46.38 45.71 -52.71
N ALA E 621 -47.19 44.80 -53.22
CA ALA E 621 -48.61 44.94 -53.37
C ALA E 621 -49.33 43.64 -53.03
N ILE E 622 -48.91 42.92 -51.98
CA ILE E 622 -49.61 41.67 -51.69
C ILE E 622 -50.50 41.85 -50.48
N SER E 623 -51.71 41.32 -50.54
CA SER E 623 -52.61 41.38 -49.39
C SER E 623 -52.08 40.41 -48.35
N ASP E 624 -52.54 40.51 -47.12
CA ASP E 624 -52.04 39.61 -46.11
C ASP E 624 -52.61 38.23 -46.31
N LYS E 625 -53.84 38.18 -46.79
CA LYS E 625 -54.45 36.91 -47.08
C LYS E 625 -53.67 36.23 -48.20
N GLN E 626 -53.31 36.99 -49.23
CA GLN E 626 -52.60 36.42 -50.35
C GLN E 626 -51.20 35.98 -49.92
N LEU E 627 -50.57 36.70 -49.00
CA LEU E 627 -49.25 36.29 -48.55
C LEU E 627 -49.36 34.99 -47.79
N ALA E 628 -50.37 34.88 -46.92
CA ALA E 628 -50.54 33.66 -46.15
C ALA E 628 -50.82 32.50 -47.11
N THR E 629 -51.55 32.82 -48.18
CA THR E 629 -51.92 31.86 -49.21
C THR E 629 -50.67 31.40 -49.94
N LEU E 630 -49.79 32.34 -50.29
CA LEU E 630 -48.55 32.00 -50.97
C LEU E 630 -47.71 31.10 -50.13
N ILE E 631 -47.57 31.45 -48.86
CA ILE E 631 -46.77 30.65 -47.98
C ILE E 631 -47.41 29.27 -47.85
N ARG E 632 -48.74 29.20 -47.70
CA ARG E 632 -49.41 27.93 -47.62
C ARG E 632 -49.08 27.09 -48.84
N LYS E 633 -49.11 27.67 -50.04
CA LYS E 633 -48.80 26.89 -51.21
C LYS E 633 -47.37 26.40 -51.12
N LEU E 634 -46.44 27.25 -50.65
CA LEU E 634 -45.06 26.79 -50.55
C LEU E 634 -44.98 25.64 -49.59
N ASN E 635 -45.74 25.69 -48.51
CA ASN E 635 -45.70 24.61 -47.55
C ASN E 635 -46.07 23.27 -48.18
N THR E 636 -46.96 23.29 -49.17
CA THR E 636 -47.43 22.07 -49.84
C THR E 636 -46.62 21.72 -51.09
N ILE E 637 -45.64 22.55 -51.44
CA ILE E 637 -44.80 22.30 -52.59
C ILE E 637 -43.41 21.98 -52.16
N THR E 638 -42.83 22.79 -51.29
CA THR E 638 -41.45 22.56 -50.92
C THR E 638 -41.37 21.30 -50.09
N SER E 639 -42.36 21.04 -49.23
CA SER E 639 -42.31 19.82 -48.44
C SER E 639 -42.62 18.65 -49.35
N TRP E 640 -43.40 18.92 -50.38
CA TRP E 640 -43.73 17.90 -51.34
C TRP E 640 -42.45 17.50 -52.05
N LEU E 641 -41.66 18.46 -52.48
CA LEU E 641 -40.44 18.16 -53.19
C LEU E 641 -39.50 17.40 -52.30
N HIS E 642 -39.50 17.71 -51.01
CA HIS E 642 -38.62 17.05 -50.08
C HIS E 642 -39.02 15.59 -49.97
N THR E 643 -40.33 15.34 -50.02
CA THR E 643 -40.95 14.03 -49.91
C THR E 643 -40.64 13.22 -51.14
N GLN E 644 -40.73 13.88 -52.30
CA GLN E 644 -40.55 13.28 -53.61
C GLN E 644 -39.11 13.24 -54.08
N LYS E 645 -38.23 13.96 -53.41
CA LYS E 645 -36.82 14.07 -53.75
C LYS E 645 -36.67 14.67 -55.14
N TRP E 646 -37.52 15.65 -55.42
CA TRP E 646 -37.46 16.36 -56.68
C TRP E 646 -36.83 17.71 -56.46
N SER E 647 -36.01 18.18 -57.39
CA SER E 647 -35.46 19.51 -57.22
C SER E 647 -36.49 20.55 -57.60
N VAL E 648 -36.22 21.81 -57.24
CA VAL E 648 -37.13 22.90 -57.59
C VAL E 648 -37.16 23.04 -59.10
N PHE E 649 -35.99 22.91 -59.70
CA PHE E 649 -35.90 23.02 -61.12
C PHE E 649 -36.62 21.85 -61.75
N GLN E 650 -36.44 20.66 -61.22
CA GLN E 650 -37.11 19.50 -61.80
C GLN E 650 -38.61 19.75 -61.90
N LEU E 651 -39.15 20.39 -60.90
CA LEU E 651 -40.55 20.72 -60.95
C LEU E 651 -40.77 21.73 -62.07
N PHE E 652 -39.95 22.77 -62.12
CA PHE E 652 -40.09 23.82 -63.10
C PHE E 652 -40.04 23.33 -64.53
N ILE E 653 -39.10 22.47 -64.81
CA ILE E 653 -38.90 21.98 -66.15
C ILE E 653 -40.10 21.16 -66.58
N MET E 654 -40.72 20.44 -65.64
CA MET E 654 -41.90 19.66 -65.94
C MET E 654 -43.11 20.57 -66.08
N THR E 655 -43.07 21.69 -65.39
CA THR E 655 -44.14 22.67 -65.43
C THR E 655 -43.88 23.76 -66.44
N SER E 656 -42.78 23.67 -67.15
CA SER E 656 -42.51 24.68 -68.13
C SER E 656 -43.34 24.40 -69.34
N THR E 657 -44.08 25.39 -69.77
CA THR E 657 -44.91 25.26 -70.93
C THR E 657 -44.44 26.24 -71.98
N SER E 658 -43.20 26.71 -71.80
CA SER E 658 -42.60 27.67 -72.71
C SER E 658 -42.32 27.08 -74.09
N TYR E 659 -42.11 25.77 -74.15
CA TYR E 659 -41.88 25.02 -75.39
C TYR E 659 -41.03 25.75 -76.42
N ASN E 660 -39.72 25.75 -76.23
CA ASN E 660 -38.85 26.44 -77.18
C ASN E 660 -38.70 25.54 -78.41
N LYS E 661 -37.96 25.98 -79.42
CA LYS E 661 -37.85 25.16 -80.62
C LYS E 661 -36.46 25.20 -81.28
N THR E 662 -36.08 24.08 -81.88
CA THR E 662 -34.82 23.85 -82.60
C THR E 662 -34.97 22.80 -83.68
N LEU E 663 -34.20 22.91 -84.75
CA LEU E 663 -34.26 21.88 -85.78
C LEU E 663 -33.01 21.02 -85.86
N THR E 664 -32.20 21.07 -84.81
CA THR E 664 -30.96 20.34 -84.73
C THR E 664 -31.26 18.83 -84.56
N PRO E 665 -30.26 17.90 -84.79
CA PRO E 665 -30.34 16.44 -84.77
C PRO E 665 -31.01 15.82 -83.56
N GLU E 666 -30.92 16.47 -82.40
CA GLU E 666 -31.52 15.93 -81.18
C GLU E 666 -32.99 15.68 -81.39
N ILE E 667 -33.63 16.51 -82.21
CA ILE E 667 -35.02 16.34 -82.54
C ILE E 667 -35.10 15.80 -83.96
N LYS E 668 -34.37 16.41 -84.88
CA LYS E 668 -34.51 16.07 -86.30
C LYS E 668 -34.34 14.59 -86.60
N ASN E 669 -33.43 13.90 -85.95
CA ASN E 669 -33.19 12.51 -86.31
C ASN E 669 -34.44 11.66 -86.01
N LEU E 670 -35.24 12.12 -85.07
CA LEU E 670 -36.41 11.40 -84.64
C LEU E 670 -37.53 11.67 -85.63
N LEU E 671 -37.48 12.84 -86.25
CA LEU E 671 -38.48 13.20 -87.23
C LEU E 671 -38.23 12.32 -88.45
N ASP E 672 -36.95 12.05 -88.71
CA ASP E 672 -36.52 11.19 -89.82
C ASP E 672 -36.92 9.76 -89.55
N THR E 673 -36.83 9.38 -88.29
CA THR E 673 -37.16 8.05 -87.84
C THR E 673 -38.63 7.75 -88.08
N VAL E 674 -39.51 8.69 -87.73
CA VAL E 674 -40.93 8.49 -87.93
C VAL E 674 -41.28 8.62 -89.40
N TYR E 675 -40.74 9.64 -90.06
CA TYR E 675 -41.01 9.90 -91.46
C TYR E 675 -40.71 8.69 -92.31
N HIS E 676 -39.55 8.09 -92.11
CA HIS E 676 -39.22 6.92 -92.88
C HIS E 676 -39.91 5.68 -92.30
N GLY E 677 -39.94 5.55 -90.98
CA GLY E 677 -40.53 4.39 -90.33
C GLY E 677 -41.98 4.16 -90.73
N LEU E 678 -42.68 5.24 -91.03
CA LEU E 678 -44.05 5.26 -91.50
C LEU E 678 -44.13 5.85 -92.90
N GLN E 679 -43.12 5.64 -93.74
CA GLN E 679 -43.06 6.29 -95.05
C GLN E 679 -44.34 6.10 -95.89
N GLY E 680 -44.96 4.92 -95.81
CA GLY E 680 -46.17 4.63 -96.61
C GLY E 680 -47.50 4.91 -95.88
N PHE E 681 -47.41 5.47 -94.69
CA PHE E 681 -48.54 5.74 -93.81
C PHE E 681 -49.37 6.97 -94.18
N ASP E 682 -50.67 6.86 -93.98
CA ASP E 682 -51.57 7.99 -94.10
C ASP E 682 -52.69 7.81 -93.07
N LYS E 683 -53.58 8.78 -93.00
CA LYS E 683 -54.62 8.80 -91.98
C LYS E 683 -55.56 7.59 -91.94
N ASP E 684 -55.83 7.00 -93.09
CA ASP E 684 -56.73 5.86 -93.13
C ASP E 684 -56.06 4.49 -93.18
N LYS E 685 -54.74 4.43 -92.96
CA LYS E 685 -54.07 3.14 -93.03
C LYS E 685 -54.10 2.40 -91.70
N ALA E 686 -54.04 3.15 -90.62
CA ALA E 686 -53.98 2.63 -89.26
C ALA E 686 -54.14 3.79 -88.30
N ASP E 687 -54.40 3.51 -87.03
CA ASP E 687 -54.31 4.63 -86.10
C ASP E 687 -52.87 5.12 -86.03
N LEU E 688 -52.66 6.40 -86.25
CA LEU E 688 -51.33 6.98 -86.25
C LEU E 688 -50.57 6.80 -84.98
N LEU E 689 -51.22 6.90 -83.83
CA LEU E 689 -50.42 6.85 -82.64
C LEU E 689 -49.98 5.43 -82.46
N HIS E 690 -50.84 4.48 -82.80
CA HIS E 690 -50.45 3.10 -82.61
C HIS E 690 -49.26 2.71 -83.46
N VAL E 691 -49.23 3.18 -84.70
CA VAL E 691 -48.11 2.84 -85.56
C VAL E 691 -46.88 3.68 -85.26
N MET E 692 -47.09 4.91 -84.83
CA MET E 692 -46.01 5.83 -84.58
C MET E 692 -45.35 5.65 -83.22
N ALA E 693 -46.10 5.11 -82.27
CA ALA E 693 -45.67 4.89 -80.90
C ALA E 693 -44.27 4.27 -80.78
N PRO E 694 -43.86 3.24 -81.57
CA PRO E 694 -42.53 2.67 -81.47
C PRO E 694 -41.40 3.59 -81.92
N TYR E 695 -41.69 4.61 -82.72
CA TYR E 695 -40.62 5.47 -83.14
C TYR E 695 -40.47 6.52 -82.06
N ILE E 696 -41.61 6.84 -81.48
CA ILE E 696 -41.68 7.84 -80.43
C ILE E 696 -40.94 7.26 -79.26
N ALA E 697 -41.08 5.98 -79.02
CA ALA E 697 -40.36 5.32 -77.96
C ALA E 697 -38.85 5.60 -78.01
N ALA E 698 -38.27 5.90 -79.21
CA ALA E 698 -36.84 6.20 -79.41
C ALA E 698 -36.56 7.66 -79.00
N THR E 699 -37.58 8.52 -79.12
CA THR E 699 -37.54 9.92 -78.68
C THR E 699 -37.44 9.89 -77.18
N LEU E 700 -38.20 8.98 -76.65
CA LEU E 700 -38.37 8.71 -75.26
C LEU E 700 -37.28 7.72 -74.89
N GLN E 701 -37.00 7.54 -73.62
CA GLN E 701 -35.91 6.63 -73.27
C GLN E 701 -36.34 5.17 -73.23
N LEU E 702 -36.49 4.61 -74.44
CA LEU E 702 -36.97 3.25 -74.67
C LEU E 702 -38.29 2.99 -74.01
N SER E 703 -39.25 3.85 -74.23
CA SER E 703 -40.51 3.59 -73.56
C SER E 703 -41.18 2.44 -74.30
N SER E 704 -42.13 1.76 -73.67
CA SER E 704 -42.84 0.74 -74.42
C SER E 704 -43.82 1.45 -75.32
N GLU E 705 -44.34 0.78 -76.34
CA GLU E 705 -45.31 1.41 -77.24
C GLU E 705 -46.54 1.91 -76.50
N ASN E 706 -46.94 1.24 -75.42
CA ASN E 706 -48.11 1.68 -74.67
C ASN E 706 -47.82 2.99 -73.99
N VAL E 707 -46.58 3.22 -73.61
CA VAL E 707 -46.23 4.45 -72.97
C VAL E 707 -46.10 5.50 -74.03
N ALA E 708 -45.42 5.18 -75.12
CA ALA E 708 -45.23 6.17 -76.16
C ALA E 708 -46.60 6.63 -76.63
N HIS E 709 -47.57 5.71 -76.67
CA HIS E 709 -48.92 6.04 -77.06
C HIS E 709 -49.49 7.05 -76.08
N SER E 710 -49.41 6.76 -74.78
CA SER E 710 -49.97 7.66 -73.78
C SER E 710 -49.29 9.01 -73.77
N VAL E 711 -48.00 9.02 -74.04
CA VAL E 711 -47.26 10.25 -74.08
C VAL E 711 -47.79 11.12 -75.23
N LEU E 712 -48.04 10.50 -76.40
CA LEU E 712 -48.62 11.20 -77.52
C LEU E 712 -50.01 11.68 -77.19
N LEU E 713 -50.81 10.84 -76.51
CA LEU E 713 -52.19 11.20 -76.26
C LEU E 713 -52.29 12.46 -75.43
N TRP E 714 -51.45 12.60 -74.42
CA TRP E 714 -51.57 13.79 -73.60
C TRP E 714 -51.36 15.00 -74.44
N ALA E 715 -50.31 15.00 -75.23
CA ALA E 715 -49.99 16.17 -76.00
C ALA E 715 -51.11 16.49 -76.96
N ASP E 716 -51.72 15.45 -77.48
CA ASP E 716 -52.79 15.63 -78.44
C ASP E 716 -53.95 16.37 -77.79
N LYS E 717 -54.17 16.14 -76.51
CA LYS E 717 -55.26 16.78 -75.81
C LYS E 717 -54.91 18.22 -75.43
N LEU E 718 -53.64 18.51 -75.20
CA LEU E 718 -53.29 19.86 -74.77
C LEU E 718 -52.84 20.81 -75.88
N GLN E 719 -52.38 20.27 -77.00
CA GLN E 719 -51.79 21.09 -78.06
C GLN E 719 -50.68 21.99 -77.47
N PRO E 720 -49.59 21.39 -76.94
CA PRO E 720 -48.49 22.05 -76.26
C PRO E 720 -47.48 22.74 -77.18
N GLY E 721 -47.94 23.81 -77.82
CA GLY E 721 -47.08 24.56 -78.75
C GLY E 721 -47.82 25.76 -79.33
N ASP E 722 -47.24 26.38 -80.37
CA ASP E 722 -47.81 27.58 -80.97
C ASP E 722 -49.03 27.22 -81.80
N GLY E 723 -48.98 26.05 -82.42
CA GLY E 723 -50.06 25.56 -83.28
C GLY E 723 -50.78 24.38 -82.66
N ALA E 724 -51.60 23.69 -83.46
CA ALA E 724 -52.36 22.55 -82.95
C ALA E 724 -51.50 21.32 -82.92
N MET E 725 -50.68 21.28 -81.90
CA MET E 725 -49.69 20.24 -81.74
C MET E 725 -50.25 18.92 -81.32
N THR E 726 -50.68 18.15 -82.31
CA THR E 726 -51.23 16.81 -82.11
C THR E 726 -50.45 15.88 -83.04
N ALA E 727 -50.49 14.58 -82.76
CA ALA E 727 -49.83 13.58 -83.58
C ALA E 727 -50.28 13.60 -85.02
N GLU E 728 -51.54 13.87 -85.28
CA GLU E 728 -51.96 13.95 -86.67
C GLU E 728 -51.32 15.10 -87.42
N LYS E 729 -51.05 16.21 -86.71
CA LYS E 729 -50.46 17.39 -87.32
C LYS E 729 -49.02 17.07 -87.63
N PHE E 730 -48.43 16.30 -86.73
CA PHE E 730 -47.05 15.86 -86.80
C PHE E 730 -46.85 15.09 -88.09
N TRP E 731 -47.75 14.15 -88.36
CA TRP E 731 -47.63 13.39 -89.59
C TRP E 731 -47.85 14.27 -90.82
N ASP E 732 -48.83 15.18 -90.78
CA ASP E 732 -49.08 16.00 -91.95
C ASP E 732 -47.90 16.88 -92.26
N TRP E 733 -47.22 17.44 -91.26
CA TRP E 733 -46.11 18.27 -91.67
C TRP E 733 -44.94 17.45 -92.14
N LEU E 734 -44.75 16.27 -91.57
CA LEU E 734 -43.62 15.49 -92.02
C LEU E 734 -43.81 15.10 -93.46
N ASN E 735 -45.01 14.83 -93.89
CA ASN E 735 -45.16 14.39 -95.25
C ASN E 735 -45.61 15.46 -96.20
N THR E 736 -45.47 16.71 -95.79
CA THR E 736 -45.82 17.82 -96.68
C THR E 736 -44.58 18.65 -96.98
N LYS E 737 -43.87 19.09 -95.93
CA LYS E 737 -42.72 19.97 -96.13
C LYS E 737 -41.40 19.42 -95.59
N TYR E 738 -41.37 18.15 -95.24
CA TYR E 738 -40.19 17.54 -94.64
C TYR E 738 -39.58 16.46 -95.52
N THR E 739 -38.26 16.47 -95.59
CA THR E 739 -37.56 15.44 -96.36
C THR E 739 -36.64 14.83 -95.32
N PRO E 740 -36.12 13.62 -95.49
CA PRO E 740 -35.28 13.14 -94.44
C PRO E 740 -34.11 14.09 -94.36
N GLY E 741 -33.70 14.45 -93.17
CA GLY E 741 -32.56 15.30 -92.93
C GLY E 741 -32.82 16.81 -93.05
N SER E 742 -34.06 17.21 -93.41
CA SER E 742 -34.34 18.63 -93.59
C SER E 742 -35.72 19.10 -93.13
N SER E 743 -35.69 20.13 -92.28
CA SER E 743 -36.88 20.78 -91.74
C SER E 743 -37.02 22.24 -92.18
N GLU E 744 -35.96 22.82 -92.72
CA GLU E 744 -36.01 24.23 -93.05
C GLU E 744 -36.73 24.46 -94.36
N ALA E 745 -38.04 24.47 -94.23
CA ALA E 745 -39.02 24.62 -95.28
C ALA E 745 -40.09 25.59 -94.83
N VAL E 746 -40.75 25.26 -93.74
CA VAL E 746 -41.79 26.09 -93.16
C VAL E 746 -41.58 26.24 -91.66
N GLU E 747 -42.19 27.26 -91.07
CA GLU E 747 -42.14 27.52 -89.62
C GLU E 747 -42.86 26.45 -88.83
N THR E 748 -43.74 25.72 -89.49
CA THR E 748 -44.51 24.71 -88.82
C THR E 748 -43.65 23.51 -88.49
N GLN E 749 -42.50 23.37 -89.15
CA GLN E 749 -41.63 22.27 -88.80
C GLN E 749 -40.95 22.61 -87.47
N GLU E 750 -40.87 23.91 -87.12
CA GLU E 750 -40.26 24.30 -85.86
C GLU E 750 -41.30 24.10 -84.77
N HIS E 751 -42.56 24.30 -85.14
CA HIS E 751 -43.67 24.17 -84.19
C HIS E 751 -43.78 22.72 -83.73
N ILE E 752 -43.44 21.82 -84.62
CA ILE E 752 -43.42 20.39 -84.33
C ILE E 752 -42.43 20.05 -83.22
N VAL E 753 -41.40 20.85 -83.07
CA VAL E 753 -40.43 20.60 -82.04
C VAL E 753 -41.10 20.74 -80.69
N GLN E 754 -42.01 21.70 -80.56
CA GLN E 754 -42.65 21.95 -79.31
C GLN E 754 -43.45 20.73 -78.94
N TYR E 755 -44.07 20.11 -79.95
CA TYR E 755 -44.82 18.87 -79.73
C TYR E 755 -43.86 17.83 -79.19
N CYS E 756 -42.70 17.72 -79.85
CA CYS E 756 -41.73 16.73 -79.47
C CYS E 756 -41.29 16.91 -78.02
N GLN E 757 -41.04 18.16 -77.61
CA GLN E 757 -40.57 18.42 -76.26
C GLN E 757 -41.61 18.04 -75.26
N ALA E 758 -42.87 18.32 -75.57
CA ALA E 758 -43.95 17.99 -74.66
C ALA E 758 -43.99 16.50 -74.37
N LEU E 759 -43.61 15.70 -75.37
CA LEU E 759 -43.67 14.27 -75.17
C LEU E 759 -42.53 13.89 -74.25
N ALA E 760 -41.36 14.46 -74.49
CA ALA E 760 -40.22 14.15 -73.65
C ALA E 760 -40.50 14.57 -72.21
N GLN E 761 -41.21 15.69 -72.07
CA GLN E 761 -41.55 16.21 -70.77
C GLN E 761 -42.42 15.22 -70.04
N LEU E 762 -43.43 14.65 -70.72
CA LEU E 762 -44.31 13.70 -70.07
C LEU E 762 -43.62 12.49 -69.59
N GLU E 763 -42.65 12.03 -70.33
CA GLU E 763 -41.96 10.88 -69.84
C GLU E 763 -41.21 11.23 -68.57
N MET E 764 -40.56 12.41 -68.54
CA MET E 764 -39.82 12.80 -67.34
C MET E 764 -40.76 12.80 -66.18
N VAL E 765 -41.97 13.29 -66.43
CA VAL E 765 -42.98 13.38 -65.41
C VAL E 765 -43.42 12.02 -64.97
N TYR E 766 -43.73 11.13 -65.89
CA TYR E 766 -44.27 9.85 -65.49
C TYR E 766 -43.26 9.04 -64.71
N HIS E 767 -41.98 9.14 -65.11
CA HIS E 767 -40.92 8.40 -64.46
C HIS E 767 -40.66 8.94 -63.08
N SER E 768 -40.68 10.27 -62.94
CA SER E 768 -40.43 10.93 -61.69
C SER E 768 -41.62 10.73 -60.77
N THR E 769 -42.78 10.64 -61.39
CA THR E 769 -44.06 10.40 -60.75
C THR E 769 -44.17 8.98 -60.23
N GLY E 770 -43.71 7.98 -61.00
CA GLY E 770 -43.75 6.61 -60.53
C GLY E 770 -45.04 5.85 -60.82
N ILE E 771 -45.78 6.26 -61.84
CA ILE E 771 -47.04 5.55 -62.18
C ILE E 771 -46.86 4.19 -62.93
N ASN E 772 -47.85 3.29 -62.79
CA ASN E 772 -47.83 2.00 -63.51
C ASN E 772 -48.46 2.12 -64.92
N GLU E 773 -48.46 1.05 -65.70
CA GLU E 773 -48.90 1.13 -67.09
C GLU E 773 -50.31 1.66 -67.33
N ASN E 774 -51.28 1.18 -66.57
CA ASN E 774 -52.65 1.59 -66.83
C ASN E 774 -52.85 3.05 -66.50
N ALA E 775 -52.03 3.56 -65.59
CA ALA E 775 -52.09 4.93 -65.15
C ALA E 775 -51.58 5.88 -66.22
N PHE E 776 -50.66 5.40 -67.09
CA PHE E 776 -50.13 6.28 -68.11
C PHE E 776 -51.25 6.57 -69.05
N ARG E 777 -52.05 5.54 -69.27
CA ARG E 777 -53.17 5.64 -70.17
C ARG E 777 -54.29 6.46 -69.54
N LEU E 778 -54.66 6.14 -68.31
CA LEU E 778 -55.76 6.81 -67.62
C LEU E 778 -55.58 8.28 -67.48
N PHE E 779 -54.35 8.69 -67.25
CA PHE E 779 -54.04 10.09 -67.06
C PHE E 779 -54.64 10.94 -68.16
N VAL E 780 -54.66 10.42 -69.36
CA VAL E 780 -55.14 11.15 -70.49
C VAL E 780 -56.50 10.67 -70.97
N THR E 781 -56.74 9.35 -70.97
CA THR E 781 -57.97 8.83 -71.55
C THR E 781 -59.20 9.11 -70.72
N LYS E 782 -59.06 9.32 -69.41
CA LYS E 782 -60.23 9.60 -68.61
C LYS E 782 -60.05 10.80 -67.69
N PRO E 783 -59.87 12.02 -68.21
CA PRO E 783 -59.57 13.23 -67.44
C PRO E 783 -60.56 13.46 -66.31
N GLU E 784 -61.82 13.04 -66.50
CA GLU E 784 -62.81 13.24 -65.47
C GLU E 784 -62.35 12.61 -64.18
N MET E 785 -61.72 11.45 -64.30
CA MET E 785 -61.30 10.63 -63.20
C MET E 785 -60.19 11.28 -62.42
N PHE E 786 -59.50 12.24 -63.00
CA PHE E 786 -58.42 12.91 -62.32
C PHE E 786 -58.88 14.26 -61.82
N GLY E 787 -60.16 14.56 -62.01
CA GLY E 787 -60.70 15.86 -61.63
C GLY E 787 -60.27 16.94 -62.63
N ALA E 788 -59.90 16.51 -63.83
CA ALA E 788 -59.44 17.37 -64.89
C ALA E 788 -60.61 17.72 -65.79
N ALA E 789 -60.43 18.74 -66.63
CA ALA E 789 -61.49 19.08 -67.56
C ALA E 789 -61.79 17.80 -68.31
N THR E 790 -63.06 17.51 -68.51
CA THR E 790 -63.44 16.27 -69.14
C THR E 790 -63.04 16.19 -70.60
N GLY E 791 -62.78 17.34 -71.22
CA GLY E 791 -62.39 17.38 -72.62
C GLY E 791 -60.88 17.31 -72.86
N ALA E 792 -60.05 17.27 -71.80
CA ALA E 792 -58.60 17.24 -72.02
C ALA E 792 -57.84 16.73 -70.81
N ALA E 793 -56.64 16.22 -71.04
CA ALA E 793 -55.79 15.84 -69.95
C ALA E 793 -55.44 17.11 -69.19
N PRO E 794 -55.12 17.07 -67.92
CA PRO E 794 -54.72 18.24 -67.18
C PRO E 794 -53.37 18.74 -67.69
N ALA E 795 -53.20 20.05 -67.65
CA ALA E 795 -51.99 20.75 -68.06
C ALA E 795 -50.86 20.55 -67.07
N HIS E 796 -49.62 20.77 -67.53
CA HIS E 796 -48.44 20.64 -66.67
C HIS E 796 -48.22 21.83 -65.77
N ASP E 797 -49.10 21.96 -64.80
CA ASP E 797 -49.02 22.98 -63.80
C ASP E 797 -48.47 22.27 -62.56
N ALA E 798 -47.79 22.95 -61.64
CA ALA E 798 -47.23 22.17 -60.52
C ALA E 798 -48.25 21.41 -59.76
N LEU E 799 -49.41 21.99 -59.63
CA LEU E 799 -50.49 21.41 -58.89
C LEU E 799 -51.03 20.16 -59.56
N SER E 800 -50.92 20.08 -60.89
CA SER E 800 -51.41 18.92 -61.62
C SER E 800 -50.43 17.77 -61.41
N LEU E 801 -49.16 18.14 -61.36
CA LEU E 801 -48.10 17.14 -61.22
C LEU E 801 -48.24 16.51 -59.85
N ILE E 802 -48.63 17.35 -58.90
CA ILE E 802 -48.83 16.96 -57.53
C ILE E 802 -50.02 16.03 -57.39
N MET E 803 -51.17 16.37 -58.00
CA MET E 803 -52.32 15.49 -57.83
C MET E 803 -52.08 14.14 -58.51
N LEU E 804 -51.28 14.13 -59.59
CA LEU E 804 -50.99 12.89 -60.26
C LEU E 804 -50.11 12.07 -59.38
N THR E 805 -49.13 12.69 -58.76
CA THR E 805 -48.24 11.93 -57.95
C THR E 805 -49.01 11.29 -56.83
N ARG E 806 -49.96 11.99 -56.22
CA ARG E 806 -50.70 11.31 -55.17
C ARG E 806 -51.30 10.02 -55.73
N PHE E 807 -51.81 10.07 -56.96
CA PHE E 807 -52.34 8.88 -57.60
C PHE E 807 -51.21 7.87 -57.71
N ALA E 808 -50.04 8.29 -58.18
CA ALA E 808 -48.94 7.36 -58.35
C ALA E 808 -48.53 6.66 -57.09
N ASP E 809 -48.54 7.40 -55.99
CA ASP E 809 -48.13 6.88 -54.70
C ASP E 809 -49.15 5.84 -54.28
N TRP E 810 -50.43 6.13 -54.54
CA TRP E 810 -51.52 5.22 -54.29
C TRP E 810 -51.31 3.98 -55.12
N VAL E 811 -50.96 4.16 -56.39
CA VAL E 811 -50.82 3.03 -57.27
C VAL E 811 -49.75 2.09 -56.75
N ASN E 812 -48.65 2.63 -56.31
CA ASN E 812 -47.61 1.78 -55.84
C ASN E 812 -48.03 1.06 -54.57
N ALA E 813 -48.85 1.71 -53.74
CA ALA E 813 -49.32 1.13 -52.48
C ALA E 813 -50.13 -0.12 -52.76
N LEU E 814 -50.86 -0.12 -53.86
CA LEU E 814 -51.70 -1.24 -54.27
C LEU E 814 -50.76 -2.41 -54.59
N GLY E 815 -49.58 -2.04 -55.11
CA GLY E 815 -48.51 -2.96 -55.42
C GLY E 815 -48.86 -3.95 -56.49
N GLU E 816 -48.79 -5.23 -56.14
CA GLU E 816 -49.06 -6.32 -57.05
C GLU E 816 -50.48 -6.27 -57.60
N LYS E 817 -51.43 -5.72 -56.83
CA LYS E 817 -52.80 -5.64 -57.30
C LYS E 817 -53.07 -4.35 -58.06
N ALA E 818 -52.06 -3.50 -58.20
CA ALA E 818 -52.25 -2.20 -58.82
C ALA E 818 -52.85 -2.26 -60.19
N SER E 819 -52.53 -3.27 -60.97
CA SER E 819 -53.05 -3.35 -62.32
C SER E 819 -54.50 -3.81 -62.40
N SER E 820 -55.01 -4.53 -61.38
CA SER E 820 -56.39 -4.99 -61.47
C SER E 820 -57.25 -3.84 -61.00
N VAL E 821 -56.66 -3.03 -60.12
CA VAL E 821 -57.33 -1.89 -59.57
C VAL E 821 -57.39 -0.78 -60.58
N LEU E 822 -56.29 -0.50 -61.26
CA LEU E 822 -56.36 0.55 -62.25
C LEU E 822 -57.35 0.17 -63.33
N ALA E 823 -57.41 -1.08 -63.75
CA ALA E 823 -58.42 -1.40 -64.74
C ALA E 823 -59.84 -1.19 -64.17
N ALA E 824 -60.06 -1.56 -62.90
CA ALA E 824 -61.35 -1.38 -62.26
C ALA E 824 -61.69 0.10 -62.09
N PHE E 825 -60.65 0.92 -61.90
CA PHE E 825 -60.70 2.39 -61.80
C PHE E 825 -61.12 3.04 -63.12
N GLU E 826 -60.53 2.57 -64.24
CA GLU E 826 -60.86 3.06 -65.58
C GLU E 826 -62.33 2.79 -65.82
N ALA E 827 -62.77 1.66 -65.31
CA ALA E 827 -64.12 1.16 -65.29
C ALA E 827 -64.79 1.73 -64.06
N ASN E 828 -66.06 1.52 -63.93
CA ASN E 828 -66.76 1.94 -62.72
C ASN E 828 -66.94 0.70 -61.85
N SER E 829 -65.93 -0.19 -61.85
CA SER E 829 -66.00 -1.45 -61.16
C SER E 829 -65.48 -1.45 -59.72
N LEU E 830 -64.79 -0.37 -59.30
CA LEU E 830 -64.31 -0.35 -57.93
C LEU E 830 -65.34 0.07 -56.92
N THR E 831 -65.25 -0.54 -55.76
CA THR E 831 -66.07 -0.15 -54.64
C THR E 831 -65.40 -0.50 -53.29
N ALA E 832 -66.21 -0.40 -52.24
CA ALA E 832 -65.80 -0.68 -50.88
C ALA E 832 -65.60 -2.18 -50.79
N GLU E 833 -64.81 -2.65 -49.83
CA GLU E 833 -64.54 -4.08 -49.64
C GLU E 833 -63.71 -4.68 -50.79
N GLN E 834 -63.20 -3.83 -51.64
CA GLN E 834 -62.34 -4.21 -52.74
C GLN E 834 -61.05 -3.45 -52.68
N LEU E 835 -61.18 -2.12 -52.83
CA LEU E 835 -60.01 -1.27 -52.87
C LEU E 835 -59.30 -1.39 -51.56
N ALA E 836 -60.06 -1.52 -50.48
CA ALA E 836 -59.52 -1.62 -49.15
C ALA E 836 -58.57 -2.81 -49.06
N ASP E 837 -58.83 -3.88 -49.80
CA ASP E 837 -57.92 -4.98 -49.65
C ASP E 837 -56.63 -4.59 -50.31
N ALA E 838 -56.71 -3.99 -51.50
CA ALA E 838 -55.49 -3.60 -52.22
C ALA E 838 -54.69 -2.59 -51.41
N MET E 839 -55.40 -1.74 -50.68
CA MET E 839 -54.82 -0.69 -49.86
C MET E 839 -54.51 -1.11 -48.42
N ASN E 840 -54.74 -2.37 -48.06
CA ASN E 840 -54.50 -2.90 -46.72
C ASN E 840 -55.26 -2.12 -45.64
N LEU E 841 -56.48 -1.76 -45.94
CA LEU E 841 -57.37 -1.04 -45.04
C LEU E 841 -58.48 -1.97 -44.62
N ASP E 842 -59.16 -1.67 -43.53
CA ASP E 842 -60.35 -2.46 -43.29
C ASP E 842 -61.33 -2.01 -44.34
N ALA E 843 -62.29 -2.84 -44.65
CA ALA E 843 -63.31 -2.41 -45.57
C ALA E 843 -64.16 -1.40 -44.89
N ASN E 844 -64.38 -1.63 -43.61
CA ASN E 844 -65.29 -0.81 -42.84
C ASN E 844 -64.78 0.60 -42.66
N LEU E 845 -63.47 0.77 -42.62
CA LEU E 845 -62.94 2.11 -42.48
C LEU E 845 -63.08 2.83 -43.79
N LEU E 846 -62.98 2.10 -44.89
CA LEU E 846 -63.06 2.73 -46.19
C LEU E 846 -64.51 3.14 -46.39
N LEU E 847 -65.39 2.30 -45.88
CA LEU E 847 -66.81 2.53 -45.97
C LEU E 847 -67.26 3.66 -45.10
N GLN E 848 -66.81 3.73 -43.85
CA GLN E 848 -67.23 4.87 -43.05
C GLN E 848 -66.73 6.14 -43.67
N ALA E 849 -65.56 6.07 -44.27
CA ALA E 849 -64.97 7.21 -44.90
C ALA E 849 -65.81 7.69 -46.07
N SER E 850 -66.43 6.77 -46.83
CA SER E 850 -67.23 7.17 -47.97
C SER E 850 -68.53 7.76 -47.48
N ILE E 851 -68.95 7.29 -46.34
CA ILE E 851 -70.15 7.80 -45.72
C ILE E 851 -69.94 9.22 -45.25
N GLN E 852 -68.81 9.46 -44.58
CA GLN E 852 -68.65 10.82 -44.16
C GLN E 852 -68.41 11.65 -45.38
N ALA E 853 -67.65 11.18 -46.36
CA ALA E 853 -67.42 12.06 -47.46
C ALA E 853 -68.74 12.53 -48.10
N GLN E 854 -69.72 11.64 -48.16
CA GLN E 854 -71.03 11.98 -48.70
C GLN E 854 -71.86 12.90 -47.81
N ASN E 855 -71.62 12.89 -46.51
CA ASN E 855 -72.38 13.69 -45.56
C ASN E 855 -71.69 14.98 -45.16
N HIS E 856 -70.63 15.34 -45.89
CA HIS E 856 -69.89 16.56 -45.64
C HIS E 856 -69.74 17.30 -46.94
N GLN E 857 -69.65 18.62 -46.88
CA GLN E 857 -69.45 19.31 -48.12
C GLN E 857 -68.00 19.61 -48.34
N HIS E 858 -67.42 18.93 -49.29
CA HIS E 858 -66.02 19.04 -49.65
C HIS E 858 -65.99 19.94 -50.85
N LEU E 859 -64.82 20.27 -51.37
CA LEU E 859 -64.86 21.13 -52.54
C LEU E 859 -65.84 20.60 -53.59
N PRO E 860 -65.74 19.34 -54.09
CA PRO E 860 -66.74 18.74 -54.92
C PRO E 860 -67.79 18.14 -54.00
N PRO E 861 -69.01 17.91 -54.46
CA PRO E 861 -69.97 17.11 -53.75
C PRO E 861 -69.46 15.71 -53.89
N VAL E 862 -69.70 14.88 -52.90
CA VAL E 862 -69.28 13.51 -53.09
C VAL E 862 -70.47 12.67 -53.42
N THR E 863 -70.48 12.24 -54.66
CA THR E 863 -71.56 11.46 -55.23
C THR E 863 -71.28 9.99 -54.98
N PRO E 864 -72.16 9.23 -54.31
CA PRO E 864 -71.84 7.87 -53.97
C PRO E 864 -71.55 6.99 -55.19
N GLU E 865 -72.12 7.33 -56.33
CA GLU E 865 -71.88 6.55 -57.53
C GLU E 865 -70.47 6.73 -58.09
N ASN E 866 -69.82 7.81 -57.68
CA ASN E 866 -68.49 8.11 -58.15
C ASN E 866 -67.46 7.95 -57.05
N ALA E 867 -67.90 7.43 -55.89
CA ALA E 867 -67.07 7.38 -54.69
C ALA E 867 -65.77 6.66 -54.91
N PHE E 868 -65.77 5.62 -55.71
CA PHE E 868 -64.56 4.88 -55.94
C PHE E 868 -64.14 4.87 -57.39
N SER E 869 -64.65 5.81 -58.17
CA SER E 869 -64.28 5.84 -59.58
C SER E 869 -63.48 7.06 -59.92
N CYS E 870 -63.82 8.19 -59.33
CA CYS E 870 -63.06 9.38 -59.64
C CYS E 870 -61.97 9.54 -58.61
N TRP E 871 -60.77 9.81 -59.04
CA TRP E 871 -59.65 9.95 -58.15
C TRP E 871 -59.90 10.99 -57.10
N THR E 872 -60.57 12.07 -57.42
CA THR E 872 -60.78 13.07 -56.40
C THR E 872 -61.86 12.64 -55.40
N SER E 873 -62.72 11.67 -55.78
CA SER E 873 -63.68 11.15 -54.82
C SER E 873 -62.86 10.33 -53.86
N ILE E 874 -61.93 9.55 -54.44
CA ILE E 874 -61.09 8.63 -53.70
C ILE E 874 -60.20 9.38 -52.77
N ASN E 875 -59.59 10.47 -53.23
CA ASN E 875 -58.75 11.24 -52.35
C ASN E 875 -59.50 11.69 -51.14
N THR E 876 -60.74 12.10 -51.32
CA THR E 876 -61.48 12.56 -50.18
C THR E 876 -61.67 11.41 -49.21
N ILE E 877 -62.06 10.28 -49.74
CA ILE E 877 -62.35 9.14 -48.90
C ILE E 877 -61.11 8.64 -48.19
N LEU E 878 -60.01 8.50 -48.89
CA LEU E 878 -58.81 7.99 -48.27
C LEU E 878 -58.33 8.92 -47.19
N GLN E 879 -58.53 10.23 -47.36
CA GLN E 879 -58.13 11.18 -46.33
C GLN E 879 -58.93 10.95 -45.06
N TRP E 880 -60.20 10.55 -45.20
CA TRP E 880 -61.06 10.27 -44.05
C TRP E 880 -60.61 9.03 -43.35
N VAL E 881 -60.01 8.13 -44.11
CA VAL E 881 -59.49 6.95 -43.49
C VAL E 881 -58.21 7.33 -42.76
N ASN E 882 -57.33 8.06 -43.43
CA ASN E 882 -56.03 8.39 -42.87
C ASN E 882 -56.10 9.21 -41.59
N VAL E 883 -57.07 10.09 -41.52
CA VAL E 883 -57.17 10.88 -40.32
C VAL E 883 -57.68 9.98 -39.22
N ALA E 884 -58.67 9.17 -39.52
CA ALA E 884 -59.18 8.29 -38.49
C ALA E 884 -58.12 7.39 -37.94
N GLN E 885 -57.23 6.94 -38.83
CA GLN E 885 -56.15 6.06 -38.43
C GLN E 885 -55.14 6.81 -37.57
N GLN E 886 -54.84 8.06 -37.87
CA GLN E 886 -53.92 8.78 -36.99
C GLN E 886 -54.53 8.90 -35.61
N LEU E 887 -55.82 9.11 -35.57
CA LEU E 887 -56.49 9.33 -34.32
C LEU E 887 -57.01 8.08 -33.63
N ASN E 888 -57.14 6.96 -34.35
CA ASN E 888 -57.74 5.72 -33.85
C ASN E 888 -59.17 5.95 -33.38
N VAL E 889 -59.91 6.75 -34.16
CA VAL E 889 -61.30 7.04 -33.84
C VAL E 889 -62.33 6.58 -34.86
N ALA E 890 -61.88 6.08 -36.02
CA ALA E 890 -62.74 5.69 -37.14
C ALA E 890 -63.35 6.96 -37.74
N PRO E 891 -63.62 7.04 -39.05
CA PRO E 891 -64.13 8.25 -39.71
C PRO E 891 -65.36 8.81 -39.01
N GLN E 892 -66.17 7.95 -38.39
CA GLN E 892 -67.34 8.43 -37.69
C GLN E 892 -66.96 9.34 -36.54
N GLY E 893 -65.80 9.08 -35.90
CA GLY E 893 -65.30 9.87 -34.80
C GLY E 893 -64.47 11.06 -35.29
N VAL E 894 -64.12 11.06 -36.56
CA VAL E 894 -63.35 12.15 -37.14
C VAL E 894 -64.30 13.28 -37.44
N SER E 895 -65.47 12.93 -37.93
CA SER E 895 -66.46 13.93 -38.32
C SER E 895 -66.86 14.78 -37.15
N ALA E 896 -66.80 14.20 -35.97
CA ALA E 896 -67.13 14.85 -34.72
C ALA E 896 -66.25 16.06 -34.45
N LEU E 897 -65.04 16.04 -35.00
CA LEU E 897 -64.06 17.07 -34.77
C LEU E 897 -64.19 18.19 -35.78
N VAL E 898 -64.99 17.96 -36.79
CA VAL E 898 -65.10 18.97 -37.79
C VAL E 898 -65.90 20.11 -37.24
N GLY E 899 -67.01 19.81 -36.60
CA GLY E 899 -67.89 20.87 -36.11
C GLY E 899 -67.47 21.50 -34.79
N LEU E 900 -66.19 21.89 -34.68
CA LEU E 900 -65.66 22.49 -33.47
C LEU E 900 -65.03 23.83 -33.81
N ASP E 901 -65.81 24.66 -34.47
CA ASP E 901 -65.36 25.95 -34.96
C ASP E 901 -65.39 27.10 -33.98
N TYR E 902 -64.56 28.07 -34.30
CA TYR E 902 -64.47 29.34 -33.63
C TYR E 902 -64.87 30.38 -34.64
N ILE E 903 -64.14 30.44 -35.74
CA ILE E 903 -64.46 31.38 -36.79
C ILE E 903 -65.51 30.80 -37.74
N GLU E 904 -66.62 30.36 -37.19
CA GLU E 904 -67.70 29.87 -38.03
C GLU E 904 -68.31 31.05 -38.75
N SER E 905 -68.34 31.03 -40.07
CA SER E 905 -68.83 32.18 -40.82
C SER E 905 -70.32 32.43 -40.59
N MET E 906 -71.05 31.37 -40.23
CA MET E 906 -72.48 31.49 -39.95
C MET E 906 -72.71 31.85 -38.49
N LYS E 907 -71.62 31.96 -37.75
CA LYS E 907 -71.56 32.23 -36.33
C LYS E 907 -72.33 31.21 -35.50
N GLU E 908 -72.29 29.94 -35.91
CA GLU E 908 -72.95 28.88 -35.19
C GLU E 908 -71.97 28.21 -34.28
N THR E 909 -72.01 28.57 -33.02
CA THR E 909 -71.06 28.06 -32.07
C THR E 909 -71.53 26.67 -31.65
N PRO E 910 -70.68 25.64 -31.68
CA PRO E 910 -71.03 24.29 -31.28
C PRO E 910 -71.29 24.31 -29.80
N THR E 911 -72.19 23.46 -29.36
CA THR E 911 -72.56 23.44 -27.96
C THR E 911 -71.56 22.68 -27.14
N TYR E 912 -71.63 22.86 -25.84
CA TYR E 912 -70.73 22.16 -24.96
C TYR E 912 -70.83 20.66 -25.14
N ALA E 913 -72.02 20.16 -25.43
CA ALA E 913 -72.23 18.76 -25.59
C ALA E 913 -71.46 18.24 -26.76
N GLN E 914 -71.34 19.06 -27.81
CA GLN E 914 -70.64 18.65 -28.99
C GLN E 914 -69.16 18.60 -28.69
N TRP E 915 -68.68 19.55 -27.89
CA TRP E 915 -67.27 19.56 -27.55
C TRP E 915 -66.95 18.36 -26.70
N GLU E 916 -67.90 17.98 -25.87
CA GLU E 916 -67.75 16.86 -25.00
C GLU E 916 -67.82 15.56 -25.75
N ASN E 917 -68.77 15.43 -26.66
CA ASN E 917 -68.86 14.17 -27.36
C ASN E 917 -67.59 13.97 -28.14
N ALA E 918 -67.05 15.06 -28.66
CA ALA E 918 -65.86 14.94 -29.43
C ALA E 918 -64.75 14.45 -28.55
N ALA E 919 -64.62 14.99 -27.34
CA ALA E 919 -63.58 14.55 -26.45
C ALA E 919 -63.77 13.10 -26.08
N GLY E 920 -65.01 12.70 -25.90
CA GLY E 920 -65.31 11.34 -25.47
C GLY E 920 -64.78 10.33 -26.46
N VAL E 921 -64.85 10.68 -27.72
CA VAL E 921 -64.37 9.80 -28.76
C VAL E 921 -62.89 9.95 -28.94
N LEU E 922 -62.45 11.18 -28.98
CA LEU E 922 -61.10 11.49 -29.27
C LEU E 922 -60.09 10.89 -28.27
N THR E 923 -60.44 10.83 -26.99
CA THR E 923 -59.50 10.34 -25.99
C THR E 923 -59.40 8.83 -26.03
N ALA E 924 -60.36 8.19 -26.70
CA ALA E 924 -60.41 6.75 -26.75
C ALA E 924 -59.32 6.20 -27.64
N GLY E 925 -58.72 7.07 -28.45
CA GLY E 925 -57.70 6.67 -29.39
C GLY E 925 -56.30 6.71 -28.81
N LEU E 926 -56.18 6.99 -27.51
CA LEU E 926 -54.87 7.10 -26.88
C LEU E 926 -54.36 5.76 -26.36
N ASN E 927 -53.04 5.59 -26.35
CA ASN E 927 -52.52 4.37 -25.75
C ASN E 927 -52.39 4.58 -24.26
N SER E 928 -51.93 3.59 -23.51
CA SER E 928 -51.91 3.77 -22.06
C SER E 928 -50.95 4.85 -21.59
N GLN E 929 -49.88 5.06 -22.32
CA GLN E 929 -48.95 6.08 -21.89
C GLN E 929 -49.53 7.44 -22.12
N GLN E 930 -50.15 7.62 -23.27
CA GLN E 930 -50.74 8.89 -23.60
C GLN E 930 -51.93 9.15 -22.74
N ALA E 931 -52.67 8.11 -22.42
CA ALA E 931 -53.86 8.26 -21.61
C ALA E 931 -53.48 8.72 -20.22
N ASN E 932 -52.40 8.19 -19.68
CA ASN E 932 -52.01 8.63 -18.37
C ASN E 932 -51.49 10.05 -18.44
N THR E 933 -50.84 10.38 -19.55
CA THR E 933 -50.31 11.72 -19.73
C THR E 933 -51.46 12.70 -19.79
N LEU E 934 -52.52 12.33 -20.50
CA LEU E 934 -53.69 13.16 -20.62
C LEU E 934 -54.27 13.41 -19.27
N HIS E 935 -54.41 12.37 -18.49
CA HIS E 935 -55.04 12.59 -17.22
C HIS E 935 -54.18 13.47 -16.37
N ALA E 936 -52.86 13.28 -16.39
CA ALA E 936 -52.05 14.11 -15.53
C ALA E 936 -52.26 15.57 -15.85
N PHE E 937 -52.33 15.86 -17.13
CA PHE E 937 -52.56 17.20 -17.59
C PHE E 937 -53.90 17.74 -17.16
N LEU E 938 -54.94 16.99 -17.42
CA LEU E 938 -56.25 17.49 -17.12
C LEU E 938 -56.42 17.68 -15.65
N ASP E 939 -55.85 16.81 -14.86
CA ASP E 939 -56.03 16.92 -13.44
C ASP E 939 -55.33 18.14 -12.89
N GLU E 940 -54.15 18.45 -13.40
CA GLU E 940 -53.47 19.62 -12.88
C GLU E 940 -54.21 20.91 -13.27
N SER E 941 -54.72 20.96 -14.50
CA SER E 941 -55.42 22.14 -14.98
C SER E 941 -56.78 22.30 -14.34
N ARG E 942 -57.47 21.18 -14.19
CA ARG E 942 -58.79 21.18 -13.63
C ARG E 942 -58.71 21.63 -12.20
N SER E 943 -57.69 21.20 -11.45
CA SER E 943 -57.59 21.61 -10.07
C SER E 943 -57.45 23.09 -9.95
N ALA E 944 -56.59 23.69 -10.75
CA ALA E 944 -56.45 25.12 -10.64
C ALA E 944 -57.75 25.82 -10.93
N ALA E 945 -58.47 25.34 -11.94
CA ALA E 945 -59.71 25.99 -12.29
C ALA E 945 -60.76 25.89 -11.20
N LEU E 946 -60.84 24.71 -10.57
CA LEU E 946 -61.83 24.50 -9.55
C LEU E 946 -61.46 25.19 -8.29
N SER E 947 -60.18 25.23 -7.98
CA SER E 947 -59.73 25.83 -6.75
C SER E 947 -60.03 27.29 -6.81
N THR E 948 -59.87 27.86 -7.99
CA THR E 948 -60.11 29.26 -8.16
C THR E 948 -61.58 29.55 -7.98
N TYR E 949 -62.42 28.73 -8.60
CA TYR E 949 -63.84 28.97 -8.50
C TYR E 949 -64.23 28.94 -7.06
N TYR E 950 -63.81 27.90 -6.36
CA TYR E 950 -64.21 27.70 -5.01
C TYR E 950 -63.82 28.88 -4.14
N ILE E 951 -62.59 29.36 -4.27
CA ILE E 951 -62.14 30.44 -3.42
C ILE E 951 -62.99 31.67 -3.62
N ARG E 952 -63.32 31.98 -4.85
CA ARG E 952 -64.10 33.18 -5.09
C ARG E 952 -65.61 33.05 -4.92
N GLN E 953 -66.18 31.92 -5.28
CA GLN E 953 -67.63 31.76 -5.29
C GLN E 953 -68.28 30.84 -4.25
N VAL E 954 -67.53 29.94 -3.66
CA VAL E 954 -68.12 28.93 -2.77
C VAL E 954 -67.71 29.09 -1.33
N ALA E 955 -66.44 29.30 -1.12
CA ALA E 955 -65.91 29.38 0.21
C ALA E 955 -66.68 30.40 1.01
N LYS E 956 -66.94 30.07 2.26
CA LYS E 956 -67.67 30.97 3.13
C LYS E 956 -66.68 31.91 3.72
N ALA E 957 -67.12 33.12 4.04
CA ALA E 957 -66.26 34.16 4.61
C ALA E 957 -65.60 33.71 5.88
N ALA E 958 -66.29 32.90 6.67
CA ALA E 958 -65.74 32.50 7.96
C ALA E 958 -64.36 31.87 7.80
N ALA E 959 -64.13 31.19 6.70
CA ALA E 959 -62.85 30.61 6.44
C ALA E 959 -62.06 31.65 5.68
N ALA E 960 -61.00 32.16 6.25
CA ALA E 960 -60.29 33.23 5.57
C ALA E 960 -59.38 32.68 4.49
N ILE E 961 -59.98 32.27 3.39
CA ILE E 961 -59.24 31.68 2.31
C ILE E 961 -58.97 32.70 1.24
N LYS E 962 -57.70 33.01 1.01
CA LYS E 962 -57.36 34.04 0.05
C LYS E 962 -56.73 33.40 -1.16
N SER E 963 -56.06 32.30 -0.91
CA SER E 963 -55.34 31.57 -1.95
C SER E 963 -55.43 30.08 -1.82
N ARG E 964 -54.72 29.39 -2.71
CA ARG E 964 -54.77 27.94 -2.78
C ARG E 964 -54.08 27.29 -1.62
N ASP E 965 -53.26 28.05 -0.93
CA ASP E 965 -52.54 27.53 0.20
C ASP E 965 -53.47 27.54 1.40
N ASP E 966 -54.44 28.43 1.41
CA ASP E 966 -55.30 28.51 2.55
C ASP E 966 -56.36 27.50 2.31
N LEU E 967 -56.65 27.28 1.02
CA LEU E 967 -57.66 26.34 0.65
C LEU E 967 -57.16 25.00 1.13
N TYR E 968 -55.88 24.71 0.89
CA TYR E 968 -55.28 23.48 1.40
C TYR E 968 -55.52 23.30 2.86
N GLN E 969 -55.24 24.33 3.63
CA GLN E 969 -55.39 24.22 5.05
C GLN E 969 -56.84 23.98 5.46
N TYR E 970 -57.77 24.61 4.75
CA TYR E 970 -59.18 24.49 5.05
C TYR E 970 -59.80 23.17 4.65
N LEU E 971 -59.49 22.70 3.46
CA LEU E 971 -60.09 21.47 3.00
C LEU E 971 -59.27 20.26 3.35
N LEU E 972 -58.09 20.49 3.90
CA LEU E 972 -57.24 19.42 4.31
C LEU E 972 -56.81 18.53 3.15
N ILE E 973 -56.67 19.12 1.96
CA ILE E 973 -56.18 18.42 0.77
C ILE E 973 -55.19 19.28 0.06
N ASP E 974 -54.23 18.70 -0.64
CA ASP E 974 -53.32 19.54 -1.38
C ASP E 974 -53.70 19.53 -2.83
N ASN E 975 -54.17 20.65 -3.30
CA ASN E 975 -54.66 20.80 -4.64
C ASN E 975 -53.63 21.36 -5.60
N GLN E 976 -52.39 21.50 -5.11
CA GLN E 976 -51.25 22.03 -5.87
C GLN E 976 -50.18 20.98 -6.08
N VAL E 977 -50.52 19.75 -5.87
CA VAL E 977 -49.56 18.67 -6.01
C VAL E 977 -49.51 18.22 -7.42
N SER E 978 -48.45 17.58 -7.78
CA SER E 978 -48.35 17.02 -9.10
C SER E 978 -49.24 15.79 -9.22
N ALA E 979 -49.59 15.43 -10.45
CA ALA E 979 -50.39 14.23 -10.69
C ALA E 979 -49.61 12.94 -10.51
N ALA E 980 -48.32 13.11 -10.34
CA ALA E 980 -47.38 12.05 -10.12
C ALA E 980 -47.60 11.36 -8.79
N ILE E 981 -48.16 12.07 -7.81
CA ILE E 981 -48.32 11.43 -6.52
C ILE E 981 -49.57 10.57 -6.48
N LYS E 982 -49.40 9.32 -6.06
CA LYS E 982 -50.53 8.41 -5.97
C LYS E 982 -50.85 8.15 -4.53
N THR E 983 -52.10 7.87 -4.26
CA THR E 983 -52.59 7.62 -2.92
C THR E 983 -53.82 6.76 -2.94
N THR E 984 -54.40 6.52 -1.80
CA THR E 984 -55.64 5.76 -1.73
C THR E 984 -56.69 6.60 -1.03
N ARG E 985 -57.97 6.23 -1.13
CA ARG E 985 -58.96 7.06 -0.46
C ARG E 985 -58.76 7.02 1.04
N ILE E 986 -58.44 5.85 1.56
CA ILE E 986 -58.16 5.77 2.97
C ILE E 986 -56.92 6.53 3.31
N ALA E 987 -55.84 6.39 2.54
CA ALA E 987 -54.65 7.10 2.92
C ALA E 987 -54.86 8.59 2.97
N GLU E 988 -55.67 9.16 2.09
CA GLU E 988 -55.91 10.58 2.18
C GLU E 988 -56.73 10.92 3.39
N ALA E 989 -57.63 10.04 3.78
CA ALA E 989 -58.42 10.36 4.93
C ALA E 989 -57.47 10.48 6.12
N ILE E 990 -56.45 9.61 6.10
CA ILE E 990 -55.44 9.59 7.13
C ILE E 990 -54.36 10.53 6.69
N ALA E 991 -54.70 11.78 6.68
CA ALA E 991 -53.83 12.84 6.28
C ALA E 991 -54.61 14.06 6.50
N SER E 992 -55.82 14.05 5.98
CA SER E 992 -56.68 15.18 6.17
C SER E 992 -56.96 15.30 7.64
N ILE E 993 -57.19 14.18 8.30
CA ILE E 993 -57.42 14.26 9.71
C ILE E 993 -56.12 14.52 10.42
N GLN E 994 -55.02 13.88 10.06
CA GLN E 994 -53.82 14.13 10.82
C GLN E 994 -53.46 15.62 10.78
N LEU E 995 -53.72 16.28 9.67
CA LEU E 995 -53.46 17.69 9.57
C LEU E 995 -54.41 18.44 10.45
N TYR E 996 -55.68 18.09 10.38
CA TYR E 996 -56.69 18.74 11.19
C TYR E 996 -56.28 18.75 12.63
N VAL E 997 -55.82 17.60 13.08
CA VAL E 997 -55.44 17.49 14.45
C VAL E 997 -54.23 18.32 14.73
N ASN E 998 -53.21 18.27 13.89
CA ASN E 998 -52.02 19.03 14.22
C ASN E 998 -52.28 20.50 14.30
N ARG E 999 -53.14 20.99 13.47
CA ARG E 999 -53.42 22.40 13.50
C ARG E 999 -54.14 22.76 14.78
N ALA E 1000 -54.97 21.85 15.27
CA ALA E 1000 -55.66 22.14 16.51
C ALA E 1000 -54.67 22.14 17.67
N LEU E 1001 -53.75 21.19 17.67
CA LEU E 1001 -52.83 21.05 18.79
C LEU E 1001 -51.83 22.17 18.88
N GLU E 1002 -51.51 22.74 17.74
CA GLU E 1002 -50.56 23.82 17.65
C GLU E 1002 -51.24 25.16 17.82
N ASN E 1003 -52.53 25.13 18.10
CA ASN E 1003 -53.38 26.30 18.28
C ASN E 1003 -53.40 27.21 17.08
N VAL E 1004 -53.37 26.64 15.90
CA VAL E 1004 -53.47 27.43 14.70
C VAL E 1004 -54.93 27.80 14.62
N GLU E 1005 -55.71 26.80 14.94
CA GLU E 1005 -57.15 26.87 14.97
C GLU E 1005 -57.48 27.31 16.38
N GLU E 1006 -57.99 28.52 16.50
CA GLU E 1006 -58.12 29.23 17.77
C GLU E 1006 -58.98 28.66 18.90
N ASN E 1007 -60.07 27.97 18.62
CA ASN E 1007 -60.88 27.56 19.76
C ASN E 1007 -61.29 26.11 19.79
N ALA E 1008 -60.32 25.25 19.97
CA ALA E 1008 -60.60 23.83 20.10
C ALA E 1008 -61.19 23.60 21.48
N ASN E 1009 -61.90 22.52 21.62
CA ASN E 1009 -62.52 22.15 22.88
C ASN E 1009 -61.48 21.61 23.84
N SER E 1010 -61.30 22.28 24.97
CA SER E 1010 -60.24 21.87 25.90
C SER E 1010 -60.48 20.48 26.46
N GLY E 1011 -61.73 20.05 26.50
CA GLY E 1011 -62.10 18.76 27.06
C GLY E 1011 -61.84 17.63 26.08
N VAL E 1012 -61.44 17.99 24.89
CA VAL E 1012 -61.14 17.05 23.85
C VAL E 1012 -59.63 17.04 23.68
N ILE E 1013 -59.01 18.20 23.66
CA ILE E 1013 -57.56 18.32 23.50
C ILE E 1013 -56.85 17.58 24.59
N SER E 1014 -57.37 17.66 25.80
CA SER E 1014 -56.77 17.02 26.94
C SER E 1014 -56.92 15.51 26.95
N ARG E 1015 -57.72 14.93 26.05
CA ARG E 1015 -57.91 13.50 26.07
C ARG E 1015 -56.60 12.81 25.79
N GLN E 1016 -56.42 11.65 26.40
CA GLN E 1016 -55.17 10.93 26.30
C GLN E 1016 -54.75 10.72 24.88
N PHE E 1017 -55.68 10.49 24.00
CA PHE E 1017 -55.31 10.24 22.63
C PHE E 1017 -54.39 11.31 22.08
N PHE E 1018 -54.69 12.55 22.39
CA PHE E 1018 -53.94 13.65 21.89
C PHE E 1018 -52.67 13.83 22.68
N ILE E 1019 -52.71 13.44 23.92
CA ILE E 1019 -51.53 13.60 24.77
C ILE E 1019 -50.40 12.78 24.16
N ASP E 1020 -50.74 11.62 23.66
CA ASP E 1020 -49.81 10.68 23.05
C ASP E 1020 -49.54 10.93 21.57
N TRP E 1021 -50.16 11.96 21.02
CA TRP E 1021 -50.05 12.30 19.61
C TRP E 1021 -48.62 12.38 19.20
N ASP E 1022 -47.81 13.14 19.93
CA ASP E 1022 -46.45 13.38 19.52
C ASP E 1022 -45.50 12.23 19.70
N LYS E 1023 -45.95 11.14 20.29
CA LYS E 1023 -45.06 10.01 20.44
C LYS E 1023 -45.52 8.85 19.60
N TYR E 1024 -46.82 8.65 19.50
CA TYR E 1024 -47.32 7.50 18.80
C TYR E 1024 -48.45 7.76 17.83
N ASN E 1025 -49.42 8.57 18.23
CA ASN E 1025 -50.67 8.56 17.51
C ASN E 1025 -50.70 9.41 16.26
N LYS E 1026 -49.68 10.23 16.03
CA LYS E 1026 -49.65 11.07 14.86
C LYS E 1026 -49.13 10.38 13.62
N ARG E 1027 -48.66 9.15 13.72
CA ARG E 1027 -48.15 8.47 12.53
C ARG E 1027 -48.69 7.08 12.45
N TYR E 1028 -49.04 6.64 11.27
CA TYR E 1028 -49.51 5.29 11.17
C TYR E 1028 -48.52 4.28 11.67
N SER E 1029 -47.26 4.41 11.30
CA SER E 1029 -46.33 3.38 11.68
C SER E 1029 -46.15 3.22 13.17
N THR E 1030 -46.21 4.31 13.89
CA THR E 1030 -46.00 4.22 15.32
C THR E 1030 -47.26 3.83 15.98
N TRP E 1031 -48.37 4.18 15.38
CA TRP E 1031 -49.63 3.79 15.93
C TRP E 1031 -49.73 2.29 15.86
N ALA E 1032 -49.42 1.73 14.69
CA ALA E 1032 -49.50 0.30 14.49
C ALA E 1032 -48.53 -0.43 15.39
N GLY E 1033 -47.37 0.18 15.58
CA GLY E 1033 -46.33 -0.40 16.40
C GLY E 1033 -46.83 -0.53 17.81
N VAL E 1034 -47.40 0.53 18.34
CA VAL E 1034 -47.89 0.47 19.69
C VAL E 1034 -49.05 -0.47 19.78
N SER E 1035 -49.97 -0.41 18.86
CA SER E 1035 -51.12 -1.28 18.98
C SER E 1035 -50.66 -2.72 19.03
N GLN E 1036 -49.64 -3.11 18.27
CA GLN E 1036 -49.21 -4.48 18.45
C GLN E 1036 -48.58 -4.65 19.82
N LEU E 1037 -47.79 -3.67 20.25
CA LEU E 1037 -47.08 -3.74 21.52
C LEU E 1037 -47.99 -3.98 22.70
N VAL E 1038 -49.15 -3.40 22.66
CA VAL E 1038 -50.08 -3.50 23.76
C VAL E 1038 -51.23 -4.46 23.52
N TYR E 1039 -51.20 -5.19 22.42
CA TYR E 1039 -52.24 -6.17 22.14
C TYR E 1039 -51.66 -7.52 22.44
N TYR E 1040 -50.41 -7.73 22.06
CA TYR E 1040 -49.74 -8.96 22.38
C TYR E 1040 -48.43 -8.66 23.14
N PRO E 1041 -48.50 -8.05 24.34
CA PRO E 1041 -47.38 -7.55 25.11
C PRO E 1041 -46.48 -8.66 25.59
N GLU E 1042 -46.95 -9.88 25.58
CA GLU E 1042 -46.13 -11.00 25.99
C GLU E 1042 -44.94 -11.22 25.10
N ASN E 1043 -44.94 -10.60 23.93
CA ASN E 1043 -43.84 -10.76 23.04
C ASN E 1043 -42.81 -9.66 23.27
N TYR E 1044 -43.14 -8.69 24.13
CA TYR E 1044 -42.27 -7.54 24.33
C TYR E 1044 -41.89 -7.30 25.79
N ILE E 1045 -42.67 -7.84 26.70
CA ILE E 1045 -42.45 -7.63 28.13
C ILE E 1045 -41.19 -8.26 28.59
N ASP E 1046 -40.47 -7.49 29.36
CA ASP E 1046 -39.20 -7.90 29.89
C ASP E 1046 -39.05 -7.32 31.29
N PRO E 1047 -38.69 -8.11 32.31
CA PRO E 1047 -38.54 -7.66 33.69
C PRO E 1047 -37.40 -6.66 33.85
N THR E 1048 -36.45 -6.62 32.91
CA THR E 1048 -35.36 -5.67 33.02
C THR E 1048 -35.83 -4.37 32.42
N MET E 1049 -36.48 -4.50 31.27
CA MET E 1049 -36.89 -3.34 30.50
C MET E 1049 -38.38 -3.11 30.55
N ARG E 1050 -38.77 -2.17 31.38
CA ARG E 1050 -40.18 -1.91 31.62
C ARG E 1050 -40.44 -0.50 32.09
N ILE E 1051 -41.67 -0.06 32.00
CA ILE E 1051 -42.00 1.29 32.37
C ILE E 1051 -42.48 1.42 33.81
N GLY E 1052 -41.88 2.35 34.54
CA GLY E 1052 -42.28 2.56 35.92
C GLY E 1052 -41.44 1.83 36.95
N GLN E 1053 -40.25 1.40 36.58
CA GLN E 1053 -39.40 0.72 37.54
C GLN E 1053 -39.25 1.62 38.73
N THR E 1054 -39.44 1.07 39.92
CA THR E 1054 -39.39 1.87 41.14
C THR E 1054 -37.99 2.15 41.60
N LYS E 1055 -37.86 3.10 42.51
CA LYS E 1055 -36.55 3.42 43.05
C LYS E 1055 -36.13 2.35 44.01
N MET E 1056 -37.09 1.66 44.60
CA MET E 1056 -36.72 0.60 45.49
C MET E 1056 -36.21 -0.58 44.66
N MET E 1057 -36.67 -0.70 43.42
CA MET E 1057 -36.19 -1.77 42.56
C MET E 1057 -34.78 -1.43 42.16
N ASP E 1058 -34.49 -0.14 42.04
CA ASP E 1058 -33.15 0.23 41.68
C ASP E 1058 -32.26 -0.23 42.80
N ALA E 1059 -32.70 -0.04 44.03
CA ALA E 1059 -31.87 -0.49 45.14
C ALA E 1059 -31.69 -1.99 45.09
N LEU E 1060 -32.72 -2.76 44.71
CA LEU E 1060 -32.49 -4.18 44.65
C LEU E 1060 -31.46 -4.49 43.59
N LEU E 1061 -31.57 -3.86 42.45
CA LEU E 1061 -30.70 -4.19 41.37
C LEU E 1061 -29.28 -3.85 41.71
N GLN E 1062 -29.11 -2.77 42.43
CA GLN E 1062 -27.80 -2.34 42.79
C GLN E 1062 -27.20 -3.22 43.85
N SER E 1063 -27.96 -3.65 44.84
CA SER E 1063 -27.37 -4.51 45.83
C SER E 1063 -26.95 -5.80 45.17
N VAL E 1064 -27.79 -6.26 44.27
CA VAL E 1064 -27.56 -7.53 43.63
C VAL E 1064 -26.35 -7.48 42.75
N SER E 1065 -26.20 -6.42 41.99
CA SER E 1065 -25.11 -6.35 41.05
C SER E 1065 -23.74 -6.27 41.68
N GLN E 1066 -23.66 -6.14 43.00
CA GLN E 1066 -22.36 -6.07 43.66
C GLN E 1066 -21.72 -7.42 43.87
N SER E 1067 -22.46 -8.50 43.69
CA SER E 1067 -21.90 -9.81 43.93
C SER E 1067 -22.49 -10.87 43.04
N GLN E 1068 -22.27 -12.11 43.42
CA GLN E 1068 -22.75 -13.22 42.64
C GLN E 1068 -24.25 -13.29 42.77
N LEU E 1069 -24.94 -13.63 41.70
CA LEU E 1069 -26.38 -13.74 41.81
C LEU E 1069 -26.81 -15.11 42.24
N ASN E 1070 -27.45 -15.12 43.38
CA ASN E 1070 -27.93 -16.32 44.01
C ASN E 1070 -29.01 -15.95 45.00
N ALA E 1071 -29.60 -16.96 45.62
CA ALA E 1071 -30.66 -16.73 46.59
C ALA E 1071 -30.26 -15.88 47.78
N ASP E 1072 -29.04 -15.94 48.24
CA ASP E 1072 -28.75 -15.20 49.45
C ASP E 1072 -28.66 -13.73 49.14
N THR E 1073 -28.08 -13.44 47.98
CA THR E 1073 -27.87 -12.07 47.56
C THR E 1073 -29.21 -11.38 47.46
N VAL E 1074 -30.19 -12.09 46.93
CA VAL E 1074 -31.49 -11.50 46.78
C VAL E 1074 -32.22 -11.42 48.12
N GLU E 1075 -32.02 -12.37 49.03
CA GLU E 1075 -32.69 -12.19 50.30
C GLU E 1075 -32.24 -10.92 50.97
N ASP E 1076 -30.95 -10.65 50.96
CA ASP E 1076 -30.55 -9.44 51.65
C ASP E 1076 -31.15 -8.24 50.98
N ALA E 1077 -31.20 -8.30 49.67
CA ALA E 1077 -31.74 -7.22 48.91
C ALA E 1077 -33.22 -7.01 49.23
N PHE E 1078 -33.96 -8.10 49.49
CA PHE E 1078 -35.38 -7.93 49.75
C PHE E 1078 -35.58 -7.32 51.08
N MET E 1079 -34.71 -7.62 52.01
CA MET E 1079 -34.90 -7.06 53.31
C MET E 1079 -34.82 -5.55 53.28
N SER E 1080 -33.85 -4.99 52.55
CA SER E 1080 -33.78 -3.53 52.55
C SER E 1080 -34.89 -2.94 51.70
N TYR E 1081 -35.33 -3.69 50.71
CA TYR E 1081 -36.40 -3.25 49.85
C TYR E 1081 -37.64 -3.06 50.67
N LEU E 1082 -37.95 -4.06 51.45
CA LEU E 1082 -39.15 -4.02 52.24
C LEU E 1082 -39.05 -3.05 53.35
N THR E 1083 -37.85 -2.84 53.86
CA THR E 1083 -37.71 -1.89 54.93
C THR E 1083 -38.10 -0.51 54.42
N SER E 1084 -37.62 -0.15 53.24
CA SER E 1084 -37.94 1.14 52.67
C SER E 1084 -39.40 1.23 52.37
N PHE E 1085 -39.96 0.11 51.94
CA PHE E 1085 -41.37 0.07 51.67
C PHE E 1085 -42.15 0.34 52.92
N GLU E 1086 -41.82 -0.30 54.02
CA GLU E 1086 -42.61 -0.11 55.21
C GLU E 1086 -42.74 1.36 55.56
N GLN E 1087 -41.69 2.11 55.39
CA GLN E 1087 -41.65 3.51 55.80
C GLN E 1087 -42.66 4.41 55.08
N VAL E 1088 -43.16 3.98 53.94
CA VAL E 1088 -44.13 4.75 53.17
C VAL E 1088 -45.37 3.94 52.87
N ALA E 1089 -45.45 2.75 53.43
CA ALA E 1089 -46.51 1.83 53.15
C ALA E 1089 -47.86 2.33 53.61
N ASN E 1090 -47.90 3.13 54.68
CA ASN E 1090 -49.15 3.60 55.21
C ASN E 1090 -49.13 5.03 55.63
N LEU E 1091 -49.04 5.92 54.67
CA LEU E 1091 -49.04 7.32 55.00
C LEU E 1091 -50.48 7.72 55.04
N LYS E 1092 -50.81 8.77 55.76
CA LYS E 1092 -52.18 9.19 55.69
C LYS E 1092 -52.34 10.04 54.48
N VAL E 1093 -53.37 9.81 53.70
CA VAL E 1093 -53.59 10.70 52.59
C VAL E 1093 -54.42 11.84 53.09
N ILE E 1094 -53.97 13.05 52.84
CA ILE E 1094 -54.62 14.26 53.29
C ILE E 1094 -55.54 14.88 52.28
N SER E 1095 -55.05 14.98 51.06
CA SER E 1095 -55.80 15.66 50.02
C SER E 1095 -55.31 15.26 48.66
N ALA E 1096 -56.05 15.65 47.64
CA ALA E 1096 -55.68 15.32 46.28
C ALA E 1096 -56.27 16.29 45.28
N TYR E 1097 -55.69 16.30 44.09
CA TYR E 1097 -56.12 17.16 42.98
C TYR E 1097 -56.04 16.51 41.63
N HIS E 1098 -57.09 16.66 40.85
CA HIS E 1098 -57.14 16.09 39.52
C HIS E 1098 -56.67 17.12 38.46
N ASP E 1099 -55.87 16.74 37.47
CA ASP E 1099 -55.39 17.77 36.53
C ASP E 1099 -56.09 17.88 35.18
N ASN E 1100 -57.32 17.41 35.06
CA ASN E 1100 -58.07 17.48 33.78
C ASN E 1100 -59.45 17.90 34.16
N ILE E 1101 -60.36 18.04 33.20
CA ILE E 1101 -61.68 18.48 33.60
C ILE E 1101 -62.67 17.33 33.70
N ASN E 1102 -62.23 16.13 33.32
CA ASN E 1102 -63.04 14.93 33.37
C ASN E 1102 -62.38 13.93 34.32
N ASN E 1103 -63.14 13.13 35.07
CA ASN E 1103 -62.44 12.26 36.03
C ASN E 1103 -62.03 10.90 35.53
N ASP E 1104 -62.13 10.70 34.23
CA ASP E 1104 -61.68 9.46 33.64
C ASP E 1104 -60.31 9.59 32.98
N GLN E 1105 -59.76 10.81 32.91
CA GLN E 1105 -58.50 11.06 32.22
C GLN E 1105 -57.57 11.98 32.97
N GLY E 1106 -56.29 11.93 32.65
CA GLY E 1106 -55.33 12.80 33.32
C GLY E 1106 -54.86 12.14 34.59
N LEU E 1107 -54.32 12.92 35.50
CA LEU E 1107 -53.77 12.38 36.71
C LEU E 1107 -54.32 12.98 37.97
N THR E 1108 -54.35 12.17 39.01
CA THR E 1108 -54.68 12.72 40.31
C THR E 1108 -53.46 12.71 41.14
N TYR E 1109 -53.17 13.85 41.73
CA TYR E 1109 -52.01 14.04 42.57
C TYR E 1109 -52.48 13.97 43.99
N PHE E 1110 -51.70 13.34 44.84
CA PHE E 1110 -52.07 13.15 46.22
C PHE E 1110 -51.01 13.64 47.15
N ILE E 1111 -51.42 14.18 48.27
CA ILE E 1111 -50.53 14.56 49.35
C ILE E 1111 -50.83 13.70 50.53
N GLY E 1112 -49.80 13.07 51.06
CA GLY E 1112 -49.95 12.29 52.26
C GLY E 1112 -48.99 12.77 53.33
N LEU E 1113 -49.03 12.10 54.48
CA LEU E 1113 -48.18 12.46 55.60
C LEU E 1113 -47.76 11.30 56.48
N SER E 1114 -46.48 11.28 56.80
CA SER E 1114 -45.91 10.30 57.69
C SER E 1114 -46.53 10.31 59.06
N GLU E 1115 -46.73 9.13 59.61
CA GLU E 1115 -47.25 8.98 60.96
C GLU E 1115 -46.15 9.12 62.01
N THR E 1116 -44.89 9.20 61.57
CA THR E 1116 -43.73 9.23 62.44
C THR E 1116 -43.12 10.60 62.68
N ASP E 1117 -43.62 11.62 62.00
CA ASP E 1117 -43.10 12.97 62.10
C ASP E 1117 -44.16 13.97 61.73
N ALA E 1118 -44.07 15.17 62.28
CA ALA E 1118 -44.98 16.26 61.94
C ALA E 1118 -44.89 16.65 60.47
N GLY E 1119 -43.68 16.53 59.92
CA GLY E 1119 -43.39 16.87 58.56
C GLY E 1119 -43.32 15.60 57.76
N GLU E 1120 -42.41 15.53 56.81
CA GLU E 1120 -42.35 14.36 55.95
C GLU E 1120 -43.65 14.20 55.15
N TYR E 1121 -43.91 15.20 54.34
CA TYR E 1121 -45.05 15.17 53.47
C TYR E 1121 -44.58 14.49 52.21
N TYR E 1122 -45.43 13.69 51.65
CA TYR E 1122 -45.11 12.93 50.47
C TYR E 1122 -46.14 13.09 49.39
N TRP E 1123 -45.77 12.85 48.15
CA TRP E 1123 -46.81 12.90 47.13
C TRP E 1123 -46.77 11.76 46.14
N ARG E 1124 -47.94 11.51 45.54
CA ARG E 1124 -48.17 10.47 44.53
C ARG E 1124 -48.91 11.05 43.39
N SER E 1125 -48.90 10.35 42.28
CA SER E 1125 -49.84 10.67 41.24
C SER E 1125 -50.34 9.37 40.63
N VAL E 1126 -51.59 9.36 40.18
CA VAL E 1126 -52.09 8.17 39.50
C VAL E 1126 -52.62 8.52 38.14
N ASP E 1127 -52.26 7.72 37.17
CA ASP E 1127 -52.70 7.93 35.82
C ASP E 1127 -54.06 7.30 35.56
N HIS E 1128 -55.06 8.12 35.30
CA HIS E 1128 -56.42 7.64 35.11
C HIS E 1128 -56.57 6.88 33.82
N SER E 1129 -55.67 7.09 32.88
CA SER E 1129 -55.76 6.43 31.59
C SER E 1129 -55.46 4.96 31.72
N LYS E 1130 -54.91 4.56 32.86
CA LYS E 1130 -54.59 3.18 33.09
C LYS E 1130 -55.70 2.50 33.89
N PHE E 1131 -56.81 3.20 34.05
CA PHE E 1131 -57.98 2.69 34.75
C PHE E 1131 -58.97 2.11 33.78
N ASN E 1132 -59.44 0.90 34.03
CA ASN E 1132 -60.43 0.36 33.09
C ASN E 1132 -61.66 -0.34 33.70
N ASP E 1133 -61.61 -1.63 33.98
CA ASP E 1133 -62.80 -2.34 34.45
C ASP E 1133 -62.94 -2.29 35.95
N GLY E 1134 -63.02 -1.08 36.44
CA GLY E 1134 -63.17 -0.80 37.85
C GLY E 1134 -61.89 -0.82 38.65
N LYS E 1135 -60.76 -1.00 38.00
CA LYS E 1135 -59.49 -1.04 38.71
C LYS E 1135 -58.33 -0.48 37.91
N PHE E 1136 -57.27 -0.11 38.63
CA PHE E 1136 -56.08 0.46 38.03
C PHE E 1136 -54.95 -0.50 37.81
N ALA E 1137 -54.20 -0.29 36.74
CA ALA E 1137 -52.98 -1.06 36.58
C ALA E 1137 -52.07 -0.71 37.73
N ALA E 1138 -51.32 -1.66 38.22
CA ALA E 1138 -50.40 -1.36 39.30
C ALA E 1138 -49.42 -0.28 38.93
N ASN E 1139 -49.01 -0.21 37.68
CA ASN E 1139 -48.02 0.81 37.37
C ASN E 1139 -48.71 2.09 36.94
N ALA E 1140 -50.00 2.21 37.25
CA ALA E 1140 -50.73 3.42 37.04
C ALA E 1140 -50.32 4.39 38.11
N TRP E 1141 -49.75 3.87 39.18
CA TRP E 1141 -49.37 4.70 40.28
C TRP E 1141 -47.89 5.02 40.32
N SER E 1142 -47.59 6.25 40.69
CA SER E 1142 -46.24 6.71 40.93
C SER E 1142 -45.85 6.25 42.29
N GLU E 1143 -44.61 6.41 42.65
CA GLU E 1143 -44.19 6.07 44.00
C GLU E 1143 -44.42 7.26 44.86
N TRP E 1144 -44.18 7.14 46.17
CA TRP E 1144 -44.25 8.32 47.00
C TRP E 1144 -42.98 9.07 46.85
N HIS E 1145 -43.10 10.37 46.73
CA HIS E 1145 -41.94 11.22 46.63
C HIS E 1145 -41.90 12.10 47.84
N LYS E 1146 -40.74 12.31 48.43
CA LYS E 1146 -40.68 13.11 49.63
C LYS E 1146 -40.49 14.58 49.38
N ILE E 1147 -41.30 15.38 50.04
CA ILE E 1147 -41.20 16.82 49.97
C ILE E 1147 -40.28 17.27 51.09
N ASP E 1148 -39.21 17.99 50.78
CA ASP E 1148 -38.27 18.39 51.80
C ASP E 1148 -38.55 19.79 52.39
N CYS E 1149 -39.59 20.41 51.92
CA CYS E 1149 -40.02 21.70 52.41
C CYS E 1149 -40.68 21.52 53.78
N PRO E 1150 -40.32 22.29 54.82
CA PRO E 1150 -40.84 22.17 56.16
C PRO E 1150 -42.24 22.78 56.28
N ILE E 1151 -43.19 22.09 55.68
CA ILE E 1151 -44.57 22.51 55.63
C ILE E 1151 -45.29 22.19 56.92
N ASN E 1152 -45.88 23.18 57.55
CA ASN E 1152 -46.57 23.03 58.82
C ASN E 1152 -47.93 23.68 58.78
N PRO E 1153 -48.87 23.12 58.02
CA PRO E 1153 -50.17 23.68 57.76
C PRO E 1153 -51.03 23.66 58.99
N TYR E 1154 -51.93 24.60 59.06
CA TYR E 1154 -52.94 24.67 60.10
C TYR E 1154 -54.11 23.82 59.73
N LYS E 1155 -54.42 22.83 60.55
CA LYS E 1155 -55.53 21.92 60.31
C LYS E 1155 -55.47 21.26 58.96
N SER E 1156 -54.30 20.86 58.50
CA SER E 1156 -54.21 20.10 57.26
C SER E 1156 -54.96 20.68 56.05
N THR E 1157 -54.67 21.93 55.69
CA THR E 1157 -55.33 22.59 54.57
C THR E 1157 -54.51 22.46 53.31
N ILE E 1158 -53.46 21.70 53.41
CA ILE E 1158 -52.55 21.50 52.31
C ILE E 1158 -53.25 20.81 51.17
N ARG E 1159 -53.07 21.37 49.98
CA ARG E 1159 -53.68 20.82 48.78
C ARG E 1159 -52.76 21.04 47.58
N PRO E 1160 -52.47 20.01 46.76
CA PRO E 1160 -51.68 20.09 45.56
C PRO E 1160 -52.48 20.73 44.47
N VAL E 1161 -51.82 21.32 43.50
CA VAL E 1161 -52.46 21.79 42.30
C VAL E 1161 -51.48 21.73 41.14
N ILE E 1162 -51.93 21.54 39.93
CA ILE E 1162 -50.97 21.64 38.85
C ILE E 1162 -51.11 22.98 38.27
N TYR E 1163 -50.01 23.68 38.22
CA TYR E 1163 -50.06 25.04 37.78
C TYR E 1163 -48.86 25.36 36.95
N LYS E 1164 -49.10 25.93 35.78
CA LYS E 1164 -48.03 26.19 34.85
C LYS E 1164 -47.32 24.88 34.57
N SER E 1165 -48.08 23.80 34.51
CA SER E 1165 -47.60 22.44 34.25
C SER E 1165 -46.62 21.91 35.30
N ARG E 1166 -46.47 22.58 36.43
CA ARG E 1166 -45.59 22.14 37.50
C ARG E 1166 -46.42 21.71 38.68
N LEU E 1167 -45.86 20.89 39.56
CA LEU E 1167 -46.60 20.61 40.77
C LEU E 1167 -46.32 21.64 41.82
N TYR E 1168 -47.39 22.27 42.23
CA TYR E 1168 -47.49 23.30 43.23
C TYR E 1168 -48.30 22.82 44.39
N LEU E 1169 -48.05 23.35 45.54
CA LEU E 1169 -48.95 23.02 46.63
C LEU E 1169 -49.09 24.21 47.51
N LEU E 1170 -50.26 24.33 48.11
CA LEU E 1170 -50.52 25.46 48.94
C LEU E 1170 -51.22 25.11 50.22
N TRP E 1171 -50.97 25.91 51.24
CA TRP E 1171 -51.58 25.68 52.53
C TRP E 1171 -51.73 26.91 53.38
N LEU E 1172 -52.60 26.82 54.37
CA LEU E 1172 -52.67 27.90 55.33
C LEU E 1172 -51.92 27.53 56.55
N GLU E 1173 -51.41 28.53 57.23
CA GLU E 1173 -50.79 28.31 58.50
C GLU E 1173 -51.07 29.49 59.38
N GLN E 1174 -51.05 29.27 60.69
CA GLN E 1174 -51.25 30.39 61.60
C GLN E 1174 -49.96 30.92 62.15
N LYS E 1175 -49.77 32.20 62.00
CA LYS E 1175 -48.62 32.86 62.55
C LYS E 1175 -49.06 33.40 63.87
N GLU E 1176 -48.57 32.82 64.95
CA GLU E 1176 -49.07 33.23 66.24
C GLU E 1176 -48.30 34.40 66.79
N ILE E 1177 -48.94 35.55 66.80
CA ILE E 1177 -48.30 36.77 67.21
C ILE E 1177 -48.77 37.19 68.58
N THR E 1178 -47.83 37.41 69.49
CA THR E 1178 -48.26 37.88 70.79
C THR E 1178 -47.47 39.07 71.25
N LYS E 1179 -48.10 39.89 72.07
CA LYS E 1179 -47.40 41.01 72.65
C LYS E 1179 -46.79 40.61 73.98
N GLN E 1180 -45.62 41.14 74.30
CA GLN E 1180 -45.08 40.92 75.65
C GLN E 1180 -45.92 41.69 76.65
N THR E 1181 -46.39 42.84 76.19
CA THR E 1181 -47.21 43.79 76.91
C THR E 1181 -48.54 43.93 76.19
N GLY E 1182 -49.59 43.30 76.71
CA GLY E 1182 -50.87 43.22 76.01
C GLY E 1182 -51.48 44.57 75.63
N ASN E 1183 -51.23 45.58 76.45
CA ASN E 1183 -51.72 46.92 76.27
C ASN E 1183 -50.60 47.96 76.28
N SER E 1184 -49.39 47.56 75.90
CA SER E 1184 -48.18 48.40 75.97
C SER E 1184 -47.90 48.88 77.40
N LYS E 1185 -48.33 48.07 78.36
CA LYS E 1185 -48.18 48.25 79.80
C LYS E 1185 -47.87 46.90 80.41
N ASP E 1186 -47.61 46.85 81.70
CA ASP E 1186 -47.40 45.54 82.28
C ASP E 1186 -48.78 44.93 82.47
N GLY E 1187 -49.15 44.12 81.49
CA GLY E 1187 -50.46 43.49 81.38
C GLY E 1187 -50.46 42.47 80.26
N TYR E 1188 -51.59 41.80 80.07
CA TYR E 1188 -51.67 40.73 79.09
C TYR E 1188 -52.85 40.81 78.15
N GLN E 1189 -52.65 40.23 76.99
CA GLN E 1189 -53.68 40.09 75.98
C GLN E 1189 -54.40 38.80 76.28
N THR E 1190 -55.41 38.47 75.50
CA THR E 1190 -56.20 37.27 75.74
C THR E 1190 -55.55 36.03 75.14
N GLU E 1191 -55.64 35.90 73.83
CA GLU E 1191 -55.07 34.77 73.11
C GLU E 1191 -53.89 35.21 72.28
N THR E 1192 -54.04 35.19 70.97
CA THR E 1192 -52.97 35.60 70.08
C THR E 1192 -53.55 36.07 68.79
N ASP E 1193 -52.78 36.87 68.10
CA ASP E 1193 -53.23 37.31 66.81
C ASP E 1193 -52.75 36.24 65.86
N TYR E 1194 -53.66 35.41 65.39
CA TYR E 1194 -53.24 34.34 64.54
C TYR E 1194 -53.47 34.77 63.13
N ARG E 1195 -52.38 35.05 62.44
CA ARG E 1195 -52.55 35.51 61.09
C ARG E 1195 -52.55 34.32 60.20
N TYR E 1196 -53.37 34.37 59.20
CA TYR E 1196 -53.40 33.33 58.25
C TYR E 1196 -52.68 33.70 57.01
N GLU E 1197 -51.58 33.02 56.84
CA GLU E 1197 -50.77 33.25 55.69
C GLU E 1197 -51.04 32.12 54.74
N LEU E 1198 -51.10 32.43 53.48
CA LEU E 1198 -51.25 31.39 52.50
C LEU E 1198 -49.92 31.21 51.85
N LYS E 1199 -49.42 30.00 51.87
CA LYS E 1199 -48.14 29.72 51.23
C LYS E 1199 -48.30 28.88 50.02
N LEU E 1200 -47.52 29.20 49.00
CA LEU E 1200 -47.48 28.47 47.76
C LEU E 1200 -46.05 28.11 47.39
N ALA E 1201 -45.80 26.86 47.06
CA ALA E 1201 -44.45 26.40 46.69
C ALA E 1201 -44.54 25.39 45.58
N HIS E 1202 -43.44 25.20 44.85
CA HIS E 1202 -43.47 24.24 43.76
C HIS E 1202 -42.22 23.44 43.67
N ILE E 1203 -42.36 22.31 43.02
CA ILE E 1203 -41.27 21.41 42.80
C ILE E 1203 -40.37 21.92 41.69
N ARG E 1204 -39.09 21.78 41.91
CA ARG E 1204 -38.07 22.14 40.96
C ARG E 1204 -37.70 20.94 40.11
N TYR E 1205 -37.12 21.20 38.96
CA TYR E 1205 -36.74 20.18 38.00
C TYR E 1205 -35.92 19.02 38.56
N ASP E 1206 -35.12 19.23 39.62
CA ASP E 1206 -34.30 18.17 40.14
C ASP E 1206 -34.93 17.42 41.31
N GLY E 1207 -36.19 17.71 41.61
CA GLY E 1207 -36.90 17.07 42.69
C GLY E 1207 -36.86 17.87 43.98
N THR E 1208 -36.07 18.94 44.01
CA THR E 1208 -35.99 19.75 45.21
C THR E 1208 -37.18 20.67 45.17
N TRP E 1209 -37.47 21.35 46.25
CA TRP E 1209 -38.60 22.28 46.29
C TRP E 1209 -38.16 23.71 46.41
N ASN E 1210 -38.92 24.62 45.83
CA ASN E 1210 -38.51 26.01 45.88
C ASN E 1210 -38.94 26.63 47.21
N THR E 1211 -38.56 27.88 47.37
CA THR E 1211 -38.89 28.68 48.53
C THR E 1211 -40.37 29.05 48.45
N PRO E 1212 -41.19 28.88 49.49
CA PRO E 1212 -42.59 29.26 49.47
C PRO E 1212 -42.77 30.75 49.42
N ILE E 1213 -43.81 31.17 48.75
CA ILE E 1213 -44.23 32.56 48.64
C ILE E 1213 -45.53 32.78 49.34
N THR E 1214 -45.60 33.82 50.17
CA THR E 1214 -46.80 34.11 50.90
C THR E 1214 -47.74 35.15 50.35
N PHE E 1215 -49.00 34.98 50.74
CA PHE E 1215 -50.08 35.91 50.50
C PHE E 1215 -50.82 36.15 51.83
N ASP E 1216 -51.30 37.36 52.06
CA ASP E 1216 -52.08 37.67 53.26
C ASP E 1216 -53.55 37.44 53.01
N VAL E 1217 -54.13 36.47 53.66
CA VAL E 1217 -55.51 36.12 53.40
C VAL E 1217 -56.42 36.32 54.60
N ASN E 1218 -55.97 37.09 55.59
CA ASN E 1218 -56.75 37.21 56.81
C ASN E 1218 -58.07 37.88 56.61
N LYS E 1219 -58.13 38.76 55.62
CA LYS E 1219 -59.35 39.47 55.36
C LYS E 1219 -60.39 38.57 54.69
N LYS E 1220 -59.96 37.53 54.00
CA LYS E 1220 -60.95 36.69 53.35
C LYS E 1220 -61.41 35.63 54.30
N ILE E 1221 -60.55 35.27 55.23
CA ILE E 1221 -60.88 34.25 56.18
C ILE E 1221 -61.75 34.79 57.29
N SER E 1222 -61.45 35.95 57.87
CA SER E 1222 -62.24 36.45 59.02
C SER E 1222 -63.69 36.77 58.65
N GLU E 1223 -63.92 36.86 57.37
CA GLU E 1223 -65.19 37.15 56.73
C GLU E 1223 -66.13 35.96 56.88
N LEU E 1224 -65.56 34.76 56.82
CA LEU E 1224 -66.33 33.54 56.86
C LEU E 1224 -66.73 33.27 58.28
N LYS E 1225 -67.96 32.86 58.50
CA LYS E 1225 -68.36 32.63 59.88
C LYS E 1225 -67.99 31.23 60.33
N LEU E 1226 -66.70 31.09 60.53
CA LEU E 1226 -66.06 29.85 60.91
C LEU E 1226 -66.15 29.63 62.40
N GLU E 1227 -66.16 28.38 62.77
CA GLU E 1227 -66.08 27.98 64.15
C GLU E 1227 -64.67 28.21 64.63
N LYS E 1228 -64.50 28.37 65.92
CA LYS E 1228 -63.19 28.72 66.47
C LYS E 1228 -62.05 27.80 66.10
N ASN E 1229 -62.32 26.52 65.98
CA ASN E 1229 -61.26 25.57 65.67
C ASN E 1229 -61.40 24.95 64.29
N ARG E 1230 -62.17 25.60 63.41
CA ARG E 1230 -62.38 25.04 62.09
C ARG E 1230 -61.78 25.88 60.98
N ALA E 1231 -60.88 25.28 60.24
CA ALA E 1231 -60.23 25.94 59.13
C ALA E 1231 -61.25 26.17 58.03
N PRO E 1232 -61.10 27.20 57.20
CA PRO E 1232 -61.94 27.45 56.07
C PRO E 1232 -61.64 26.38 55.08
N GLY E 1233 -62.58 26.04 54.26
CA GLY E 1233 -62.26 25.07 53.28
C GLY E 1233 -61.42 25.76 52.26
N LEU E 1234 -60.34 25.13 51.84
CA LEU E 1234 -59.52 25.77 50.84
C LEU E 1234 -59.69 25.11 49.51
N TYR E 1235 -60.45 25.76 48.67
CA TYR E 1235 -60.71 25.27 47.34
C TYR E 1235 -59.59 25.69 46.44
N CYS E 1236 -59.10 24.81 45.62
CA CYS E 1236 -58.13 25.33 44.71
C CYS E 1236 -58.04 24.54 43.44
N ALA E 1237 -58.09 25.24 42.34
CA ALA E 1237 -57.96 24.56 41.08
C ALA E 1237 -57.36 25.45 40.06
N GLY E 1238 -56.60 24.86 39.17
CA GLY E 1238 -56.04 25.65 38.11
C GLY E 1238 -57.10 26.02 37.12
N TYR E 1239 -56.97 27.20 36.56
CA TYR E 1239 -57.77 27.56 35.43
C TYR E 1239 -57.14 26.75 34.33
N GLN E 1240 -57.91 26.20 33.41
CA GLN E 1240 -57.35 25.33 32.38
C GLN E 1240 -56.16 25.92 31.63
N GLY E 1241 -56.19 27.20 31.34
CA GLY E 1241 -55.09 27.86 30.66
C GLY E 1241 -54.72 29.14 31.43
N GLU E 1242 -54.07 30.07 30.74
CA GLU E 1242 -53.73 31.39 31.26
C GLU E 1242 -52.86 31.42 32.50
N ASP E 1243 -52.37 30.27 32.93
CA ASP E 1243 -51.52 30.20 34.10
C ASP E 1243 -52.13 30.99 35.23
N THR E 1244 -53.43 30.87 35.38
CA THR E 1244 -54.11 31.56 36.45
C THR E 1244 -54.70 30.57 37.40
N LEU E 1245 -54.43 30.77 38.68
CA LEU E 1245 -54.89 29.87 39.70
C LEU E 1245 -56.11 30.41 40.44
N LEU E 1246 -57.13 29.57 40.57
CA LEU E 1246 -58.35 29.95 41.24
C LEU E 1246 -58.41 29.47 42.67
N VAL E 1247 -58.38 30.38 43.63
CA VAL E 1247 -58.38 29.97 45.03
C VAL E 1247 -59.63 30.48 45.73
N MET E 1248 -60.35 29.61 46.43
CA MET E 1248 -61.52 30.13 47.15
C MET E 1248 -61.63 29.64 48.57
N PHE E 1249 -61.98 30.54 49.48
CA PHE E 1249 -62.15 30.12 50.84
C PHE E 1249 -63.62 30.00 51.18
N TYR E 1250 -63.98 28.97 51.93
CA TYR E 1250 -65.38 28.89 52.31
C TYR E 1250 -65.70 28.28 53.67
N ASN E 1251 -66.86 28.61 54.20
CA ASN E 1251 -67.23 28.00 55.46
C ASN E 1251 -67.84 26.65 55.16
N GLN E 1252 -67.09 25.61 55.44
CA GLN E 1252 -67.48 24.26 55.09
C GLN E 1252 -68.77 23.84 55.76
N GLN E 1253 -69.67 23.31 54.93
CA GLN E 1253 -71.01 22.87 55.31
C GLN E 1253 -71.11 21.39 55.42
N ASP E 1254 -72.26 20.88 55.82
CA ASP E 1254 -72.43 19.45 55.99
C ASP E 1254 -72.74 18.74 54.68
N THR E 1255 -73.40 19.45 53.76
CA THR E 1255 -73.77 18.87 52.48
C THR E 1255 -73.35 19.77 51.34
N LEU E 1256 -73.19 19.21 50.14
CA LEU E 1256 -72.75 19.99 48.98
C LEU E 1256 -73.79 20.96 48.45
N ASP E 1257 -75.05 20.67 48.65
CA ASP E 1257 -76.08 21.53 48.12
C ASP E 1257 -76.22 22.77 48.97
N SER E 1258 -75.55 22.79 50.11
CA SER E 1258 -75.59 23.91 51.02
C SER E 1258 -74.69 25.01 50.52
N TYR E 1259 -73.95 24.74 49.43
CA TYR E 1259 -73.10 25.75 48.89
C TYR E 1259 -73.86 26.56 47.85
N LYS E 1260 -75.10 26.15 47.55
CA LYS E 1260 -75.86 26.90 46.58
C LYS E 1260 -76.21 28.22 47.21
N ASN E 1261 -75.96 29.25 46.44
CA ASN E 1261 -76.15 30.64 46.84
C ASN E 1261 -75.31 30.96 48.09
N ALA E 1262 -74.15 30.34 48.20
CA ALA E 1262 -73.28 30.61 49.33
C ALA E 1262 -72.27 31.69 49.02
N SER E 1263 -71.83 32.39 50.05
CA SER E 1263 -70.80 33.40 49.88
C SER E 1263 -69.42 32.78 50.03
N MET E 1264 -68.58 32.99 49.02
CA MET E 1264 -67.22 32.46 49.04
C MET E 1264 -66.22 33.60 48.83
N GLN E 1265 -65.09 33.53 49.51
CA GLN E 1265 -64.10 34.59 49.37
C GLN E 1265 -62.89 34.12 48.62
N GLY E 1266 -62.81 34.48 47.34
CA GLY E 1266 -61.69 33.99 46.55
C GLY E 1266 -60.74 35.05 46.04
N LEU E 1267 -59.75 34.55 45.32
CA LEU E 1267 -58.69 35.33 44.70
C LEU E 1267 -58.07 34.64 43.52
N TYR E 1268 -57.51 35.43 42.65
CA TYR E 1268 -56.75 34.87 41.57
C TYR E 1268 -55.29 35.06 41.86
N ILE E 1269 -54.51 34.04 41.59
CA ILE E 1269 -53.06 34.17 41.65
C ILE E 1269 -52.60 33.98 40.23
N PHE E 1270 -51.76 34.87 39.76
CA PHE E 1270 -51.36 34.81 38.38
C PHE E 1270 -49.97 34.27 38.31
N ALA E 1271 -49.48 33.96 37.11
CA ALA E 1271 -48.12 33.42 36.98
C ALA E 1271 -47.13 34.36 37.63
N ASP E 1272 -47.40 35.64 37.52
CA ASP E 1272 -46.61 36.61 38.22
C ASP E 1272 -47.16 36.48 39.61
N MET E 1273 -46.36 36.11 40.59
CA MET E 1273 -46.86 35.85 41.93
C MET E 1273 -47.34 37.12 42.58
N ALA E 1274 -48.55 37.43 42.21
CA ALA E 1274 -49.34 38.59 42.50
C ALA E 1274 -50.76 38.13 42.45
N SER E 1275 -51.64 38.86 43.11
CA SER E 1275 -53.02 38.42 43.11
C SER E 1275 -54.03 39.55 43.06
N LYS E 1276 -55.23 39.17 42.68
CA LYS E 1276 -56.38 40.07 42.66
C LYS E 1276 -57.59 39.37 43.22
N ASP E 1277 -58.41 40.09 43.95
CA ASP E 1277 -59.60 39.50 44.53
C ASP E 1277 -60.64 39.10 43.51
N MET E 1278 -61.37 38.03 43.80
CA MET E 1278 -62.49 37.74 42.94
C MET E 1278 -63.62 38.61 43.44
N THR E 1279 -64.36 39.22 42.55
CA THR E 1279 -65.50 39.99 43.00
C THR E 1279 -66.55 38.90 43.14
N PRO E 1280 -67.66 39.08 43.88
CA PRO E 1280 -68.70 38.07 44.03
C PRO E 1280 -69.33 37.68 42.70
N GLU E 1281 -69.28 38.58 41.73
CA GLU E 1281 -69.82 38.30 40.42
C GLU E 1281 -69.02 37.21 39.74
N GLN E 1282 -67.78 37.00 40.20
CA GLN E 1282 -66.92 36.00 39.63
C GLN E 1282 -66.88 34.79 40.55
N SER E 1283 -66.82 35.01 41.87
CA SER E 1283 -66.71 33.83 42.74
C SER E 1283 -67.97 32.99 42.66
N ASN E 1284 -69.09 33.63 42.34
CA ASN E 1284 -70.36 32.95 42.17
C ASN E 1284 -70.34 32.08 40.92
N VAL E 1285 -69.54 32.46 39.93
CA VAL E 1285 -69.48 31.71 38.71
C VAL E 1285 -68.71 30.46 38.96
N TYR E 1286 -67.62 30.57 39.69
CA TYR E 1286 -66.85 29.38 39.89
C TYR E 1286 -67.62 28.50 40.87
N ARG E 1287 -68.31 29.12 41.82
CA ARG E 1287 -69.07 28.42 42.83
C ARG E 1287 -70.10 27.52 42.20
N ASP E 1288 -70.85 28.06 41.26
CA ASP E 1288 -71.95 27.36 40.63
C ASP E 1288 -71.49 26.19 39.78
N ASN E 1289 -70.20 26.17 39.47
CA ASN E 1289 -69.59 25.16 38.66
C ASN E 1289 -68.50 24.43 39.44
N SER E 1290 -68.37 24.70 40.73
CA SER E 1290 -67.38 24.03 41.55
C SER E 1290 -68.04 23.28 42.68
N TYR E 1291 -69.28 23.59 42.97
CA TYR E 1291 -69.87 22.89 44.07
C TYR E 1291 -69.87 21.46 43.58
N GLN E 1292 -69.81 20.54 44.53
CA GLN E 1292 -69.60 19.10 44.37
C GLN E 1292 -68.11 18.79 44.25
N GLN E 1293 -67.26 19.83 44.23
CA GLN E 1293 -65.82 19.69 44.29
C GLN E 1293 -65.35 20.40 45.54
N PHE E 1294 -66.29 20.68 46.42
CA PHE E 1294 -66.00 21.33 47.67
C PHE E 1294 -66.04 20.28 48.73
N ASP E 1295 -65.23 20.43 49.74
CA ASP E 1295 -65.26 19.51 50.84
C ASP E 1295 -66.46 19.88 51.65
N THR E 1296 -67.03 18.89 52.30
CA THR E 1296 -68.12 19.03 53.26
C THR E 1296 -67.70 18.38 54.54
N ASN E 1297 -68.42 18.60 55.60
CA ASN E 1297 -68.04 17.94 56.81
C ASN E 1297 -68.13 16.45 56.55
N ASN E 1298 -67.07 15.76 56.94
CA ASN E 1298 -66.88 14.32 56.81
C ASN E 1298 -66.75 13.77 55.37
N VAL E 1299 -66.68 14.63 54.35
CA VAL E 1299 -66.40 14.08 53.01
C VAL E 1299 -65.32 14.91 52.32
N ARG E 1300 -64.22 14.27 51.92
CA ARG E 1300 -63.14 15.00 51.26
C ARG E 1300 -63.22 14.88 49.76
N ARG E 1301 -63.15 16.00 49.06
CA ARG E 1301 -63.27 15.93 47.60
C ARG E 1301 -62.09 16.52 46.84
N VAL E 1302 -61.85 15.92 45.70
CA VAL E 1302 -60.79 16.30 44.80
C VAL E 1302 -61.23 17.32 43.79
N ASN E 1303 -60.51 18.41 43.70
CA ASN E 1303 -60.89 19.46 42.78
C ASN E 1303 -60.29 19.10 41.45
N ASN E 1304 -60.86 19.59 40.36
CA ASN E 1304 -60.25 19.35 39.06
C ASN E 1304 -60.06 20.67 38.33
N ARG E 1305 -59.57 20.66 37.09
CA ARG E 1305 -59.33 21.94 36.41
C ARG E 1305 -60.60 22.64 36.03
N TYR E 1306 -60.57 23.94 36.05
CA TYR E 1306 -61.74 24.67 35.63
C TYR E 1306 -61.60 25.18 34.20
N ALA E 1307 -62.55 24.86 33.36
CA ALA E 1307 -62.47 25.32 31.98
C ALA E 1307 -63.76 25.97 31.55
N GLU E 1308 -63.65 26.94 30.67
CA GLU E 1308 -64.81 27.59 30.09
C GLU E 1308 -64.82 27.55 28.59
N ASP E 1309 -65.51 26.60 27.98
CA ASP E 1309 -65.52 26.60 26.54
C ASP E 1309 -66.61 27.54 26.08
N TYR E 1310 -66.30 28.44 25.18
CA TYR E 1310 -67.35 29.33 24.70
C TYR E 1310 -67.79 28.94 23.31
N GLU E 1311 -69.08 28.66 23.18
CA GLU E 1311 -69.59 28.30 21.88
C GLU E 1311 -70.30 29.48 21.25
N ILE E 1312 -69.62 30.01 20.26
CA ILE E 1312 -70.02 31.18 19.50
C ILE E 1312 -70.03 30.71 18.05
N PRO E 1313 -71.13 30.85 17.31
CA PRO E 1313 -71.25 30.36 15.96
C PRO E 1313 -70.29 31.10 15.09
N SER E 1314 -69.83 30.48 14.02
CA SER E 1314 -68.91 31.10 13.09
C SER E 1314 -69.51 32.24 12.31
N SER E 1315 -70.82 32.28 12.15
CA SER E 1315 -71.48 33.34 11.43
C SER E 1315 -72.94 33.46 11.83
N VAL E 1316 -73.55 34.59 11.48
CA VAL E 1316 -74.98 34.76 11.71
C VAL E 1316 -75.72 35.27 10.47
N SER E 1317 -76.78 34.58 10.11
CA SER E 1317 -77.60 34.98 8.98
C SER E 1317 -79.04 34.74 9.37
N SER E 1318 -79.49 35.63 10.22
CA SER E 1318 -80.81 35.63 10.85
C SER E 1318 -80.95 36.95 11.56
N ARG E 1319 -82.15 37.47 11.69
CA ARG E 1319 -82.31 38.73 12.41
C ARG E 1319 -83.60 38.73 13.22
N LYS E 1320 -83.61 39.53 14.26
CA LYS E 1320 -84.76 39.65 15.14
C LYS E 1320 -85.64 40.82 14.77
N ASP E 1321 -85.05 41.82 14.12
CA ASP E 1321 -85.80 43.02 13.77
C ASP E 1321 -85.21 43.75 12.57
N TYR E 1322 -86.01 44.57 11.91
CA TYR E 1322 -85.49 45.38 10.82
C TYR E 1322 -86.38 46.56 10.57
N GLY E 1323 -85.88 47.54 9.84
CA GLY E 1323 -86.77 48.60 9.44
C GLY E 1323 -86.17 49.60 8.49
N TRP E 1324 -87.07 50.48 8.08
CA TRP E 1324 -86.91 51.55 7.12
C TRP E 1324 -86.53 52.87 7.70
N GLY E 1325 -85.95 53.69 6.86
CA GLY E 1325 -85.57 55.01 7.27
C GLY E 1325 -86.76 55.93 7.42
N ASP E 1326 -86.49 57.15 7.84
CA ASP E 1326 -87.51 58.14 8.21
C ASP E 1326 -88.52 58.42 7.12
N TYR E 1327 -88.06 58.44 5.89
CA TYR E 1327 -88.87 58.74 4.74
C TYR E 1327 -89.16 57.51 3.91
N TYR E 1328 -88.85 56.34 4.44
CA TYR E 1328 -89.14 55.09 3.76
C TYR E 1328 -88.60 54.95 2.34
N LEU E 1329 -87.46 55.58 2.01
CA LEU E 1329 -86.91 55.40 0.67
C LEU E 1329 -85.68 54.51 0.66
N SER E 1330 -85.39 53.92 1.80
CA SER E 1330 -84.31 52.97 1.96
C SER E 1330 -84.51 52.22 3.27
N MET E 1331 -83.87 51.06 3.36
CA MET E 1331 -83.84 50.29 4.59
C MET E 1331 -82.53 49.57 4.81
N VAL E 1332 -82.25 49.26 6.05
CA VAL E 1332 -81.06 48.46 6.30
C VAL E 1332 -81.61 47.08 6.42
N TYR E 1333 -81.29 46.25 5.45
CA TYR E 1333 -81.96 44.96 5.35
C TYR E 1333 -81.18 43.88 4.67
N ASN E 1334 -81.29 42.66 5.21
CA ASN E 1334 -80.69 41.46 4.69
C ASN E 1334 -79.17 41.54 4.68
N GLY E 1335 -78.64 42.11 5.75
CA GLY E 1335 -77.20 42.18 5.95
C GLY E 1335 -76.83 40.93 6.71
N ASP E 1336 -75.62 40.85 7.21
CA ASP E 1336 -75.25 39.65 7.94
C ASP E 1336 -74.01 39.79 8.80
N ILE E 1337 -73.66 38.70 9.46
CA ILE E 1337 -72.41 38.66 10.15
C ILE E 1337 -71.66 37.49 9.56
N PRO E 1338 -70.89 37.70 8.49
CA PRO E 1338 -70.29 36.66 7.67
C PRO E 1338 -69.24 35.84 8.42
N THR E 1339 -68.73 36.39 9.51
CA THR E 1339 -67.75 35.69 10.30
C THR E 1339 -67.70 36.20 11.74
N ILE E 1340 -67.42 35.29 12.66
CA ILE E 1340 -67.20 35.63 14.06
C ILE E 1340 -66.00 34.87 14.62
N ASN E 1341 -65.09 35.58 15.27
CA ASN E 1341 -63.94 34.94 15.89
C ASN E 1341 -63.84 35.40 17.31
N TYR E 1342 -63.20 34.64 18.17
CA TYR E 1342 -63.08 35.14 19.52
C TYR E 1342 -61.90 34.58 20.26
N LYS E 1343 -61.52 35.31 21.28
CA LYS E 1343 -60.53 34.83 22.20
C LYS E 1343 -61.06 34.97 23.61
N ALA E 1344 -61.12 33.86 24.31
CA ALA E 1344 -61.61 33.86 25.67
C ALA E 1344 -60.45 33.77 26.60
N ALA E 1345 -60.60 34.28 27.81
CA ALA E 1345 -59.56 34.14 28.80
C ALA E 1345 -60.16 34.16 30.18
N SER E 1346 -59.45 33.62 31.16
CA SER E 1346 -59.96 33.71 32.50
C SER E 1346 -60.19 35.17 32.77
N SER E 1347 -61.42 35.51 33.12
CA SER E 1347 -61.90 36.87 33.37
C SER E 1347 -61.73 37.91 32.24
N ASP E 1348 -61.86 37.49 30.96
CA ASP E 1348 -61.87 38.38 29.79
C ASP E 1348 -62.49 37.68 28.59
N LEU E 1349 -63.02 38.45 27.67
CA LEU E 1349 -63.51 37.89 26.44
C LEU E 1349 -63.54 38.93 25.34
N LYS E 1350 -62.87 38.63 24.24
CA LYS E 1350 -62.81 39.52 23.09
C LYS E 1350 -63.42 38.87 21.88
N ILE E 1351 -64.49 39.48 21.42
CA ILE E 1351 -65.21 38.94 20.29
C ILE E 1351 -65.01 39.81 19.08
N TYR E 1352 -64.57 39.19 18.02
CA TYR E 1352 -64.27 39.90 16.82
C TYR E 1352 -65.40 39.66 15.85
N ILE E 1353 -66.15 40.71 15.57
CA ILE E 1353 -67.28 40.55 14.66
C ILE E 1353 -66.87 41.19 13.36
N SER E 1354 -67.05 40.54 12.21
CA SER E 1354 -66.67 41.25 10.97
C SER E 1354 -67.88 41.35 10.05
N PRO E 1355 -68.88 42.18 10.41
CA PRO E 1355 -70.18 42.34 9.83
C PRO E 1355 -70.21 43.04 8.49
N LYS E 1356 -71.30 42.80 7.75
CA LYS E 1356 -71.54 43.49 6.50
C LYS E 1356 -72.89 44.22 6.62
N LEU E 1357 -72.87 45.52 6.39
CA LEU E 1357 -74.09 46.28 6.51
C LEU E 1357 -74.61 46.48 5.13
N ARG E 1358 -75.89 46.19 4.92
CA ARG E 1358 -76.46 46.31 3.59
C ARG E 1358 -77.59 47.34 3.49
N ILE E 1359 -77.36 48.39 2.71
CA ILE E 1359 -78.39 49.41 2.57
C ILE E 1359 -79.06 49.25 1.21
N ILE E 1360 -80.35 48.99 1.26
CA ILE E 1360 -81.09 48.73 0.04
C ILE E 1360 -82.10 49.79 -0.29
N HIS E 1361 -82.01 50.36 -1.48
CA HIS E 1361 -82.98 51.38 -1.86
C HIS E 1361 -84.28 50.81 -2.43
N ASN E 1362 -84.94 50.07 -1.56
CA ASN E 1362 -86.26 49.54 -1.76
C ASN E 1362 -87.11 50.19 -0.70
N GLY E 1363 -88.05 50.98 -1.13
CA GLY E 1363 -88.85 51.73 -0.19
C GLY E 1363 -89.91 50.87 0.41
N TYR E 1364 -90.65 51.45 1.32
CA TYR E 1364 -91.73 50.77 2.00
C TYR E 1364 -92.75 50.28 0.97
N GLU E 1365 -93.26 49.08 1.14
CA GLU E 1365 -94.18 48.54 0.16
C GLU E 1365 -95.32 49.52 -0.04
N GLY E 1366 -95.73 49.67 -1.30
CA GLY E 1366 -96.72 50.66 -1.66
C GLY E 1366 -95.99 51.73 -2.44
N GLN E 1367 -96.51 52.95 -2.45
CA GLN E 1367 -95.97 53.98 -3.34
C GLN E 1367 -94.52 54.33 -3.05
N LYS E 1368 -94.03 54.02 -1.86
CA LYS E 1368 -92.67 54.34 -1.50
C LYS E 1368 -91.70 53.39 -2.23
N ARG E 1369 -92.15 52.18 -2.57
CA ARG E 1369 -91.30 51.26 -3.30
C ARG E 1369 -91.20 51.80 -4.71
N ASN E 1370 -92.32 52.32 -5.21
CA ASN E 1370 -92.36 52.83 -6.57
C ASN E 1370 -91.52 54.09 -6.71
N GLN E 1371 -91.49 54.87 -5.64
CA GLN E 1371 -90.69 56.08 -5.67
C GLN E 1371 -89.23 55.70 -5.74
N CYS E 1372 -88.83 54.66 -5.00
CA CYS E 1372 -87.44 54.24 -5.06
C CYS E 1372 -87.11 53.66 -6.42
N ASN E 1373 -88.09 53.07 -7.08
CA ASN E 1373 -87.76 52.51 -8.37
C ASN E 1373 -87.33 53.64 -9.31
N LEU E 1374 -88.06 54.76 -9.28
CA LEU E 1374 -87.73 55.90 -10.13
C LEU E 1374 -86.49 56.65 -9.61
N MET E 1375 -86.35 56.68 -8.30
CA MET E 1375 -85.25 57.35 -7.64
C MET E 1375 -83.94 56.70 -8.02
N ASN E 1376 -83.92 55.37 -8.03
CA ASN E 1376 -82.71 54.65 -8.32
C ASN E 1376 -82.40 54.71 -9.82
N LYS E 1377 -83.45 54.81 -10.62
CA LYS E 1377 -83.31 54.85 -12.07
C LYS E 1377 -82.79 56.20 -12.58
N TYR E 1378 -83.28 57.30 -12.03
CA TYR E 1378 -82.86 58.59 -12.53
C TYR E 1378 -81.89 59.30 -11.58
N GLY E 1379 -80.63 59.38 -12.01
CA GLY E 1379 -79.57 60.00 -11.21
C GLY E 1379 -78.80 58.97 -10.39
N LYS E 1380 -77.89 59.47 -9.54
CA LYS E 1380 -77.00 58.63 -8.75
C LYS E 1380 -77.17 58.92 -7.27
N LEU E 1381 -76.83 57.96 -6.42
CA LEU E 1381 -76.94 58.12 -4.97
C LEU E 1381 -76.56 59.53 -4.55
N ALA E 1492 -78.14 59.45 -1.11
CA ALA E 1492 -77.07 60.14 -0.40
C ALA E 1492 -76.85 59.50 0.97
N ILE E 1493 -75.76 58.77 1.12
CA ILE E 1493 -75.41 58.07 2.36
C ILE E 1493 -74.07 58.52 2.87
N SER E 1494 -73.99 58.90 4.15
CA SER E 1494 -72.72 59.32 4.69
C SER E 1494 -72.01 58.14 5.35
N PRO E 1495 -70.86 57.65 4.85
CA PRO E 1495 -70.18 56.46 5.39
C PRO E 1495 -69.75 56.69 6.83
N ALA E 1496 -69.56 57.94 7.20
CA ALA E 1496 -69.19 58.24 8.58
C ALA E 1496 -70.33 57.93 9.53
N LYS E 1497 -71.55 57.80 8.99
CA LYS E 1497 -72.72 57.54 9.78
C LYS E 1497 -73.29 56.16 9.49
N VAL E 1498 -72.54 55.35 8.72
CA VAL E 1498 -72.96 53.98 8.47
C VAL E 1498 -72.32 53.29 9.62
N GLN E 1499 -73.13 52.70 10.47
CA GLN E 1499 -72.58 52.24 11.71
C GLN E 1499 -73.20 51.00 12.27
N ILE E 1500 -72.42 50.31 13.07
CA ILE E 1500 -72.93 49.16 13.77
C ILE E 1500 -72.74 49.36 15.24
N ILE E 1501 -73.84 49.29 15.97
CA ILE E 1501 -73.74 49.52 17.38
C ILE E 1501 -73.95 48.22 18.10
N VAL E 1502 -72.95 47.86 18.86
CA VAL E 1502 -73.01 46.58 19.50
C VAL E 1502 -73.21 46.68 20.98
N LYS E 1503 -74.32 46.11 21.47
CA LYS E 1503 -74.55 46.15 22.89
C LYS E 1503 -74.16 44.81 23.47
N ALA E 1504 -72.97 44.80 24.05
CA ALA E 1504 -72.41 43.59 24.57
C ALA E 1504 -72.64 43.58 26.05
N GLY E 1505 -73.65 42.86 26.47
CA GLY E 1505 -73.97 42.91 27.86
C GLY E 1505 -74.31 44.33 28.27
N GLY E 1506 -73.60 44.80 29.28
CA GLY E 1506 -73.80 46.13 29.85
C GLY E 1506 -73.10 47.30 29.13
N LYS E 1507 -72.34 47.06 28.05
CA LYS E 1507 -71.64 48.18 27.42
C LYS E 1507 -71.92 48.33 25.93
N GLU E 1508 -72.10 49.57 25.47
CA GLU E 1508 -72.30 49.76 24.05
C GLU E 1508 -71.06 50.32 23.39
N GLN E 1509 -70.77 49.77 22.22
CA GLN E 1509 -69.69 50.23 21.38
C GLN E 1509 -70.20 50.65 20.00
N THR E 1510 -69.68 51.76 19.46
CA THR E 1510 -70.11 52.19 18.13
C THR E 1510 -69.00 52.14 17.13
N PHE E 1511 -69.27 51.49 16.02
CA PHE E 1511 -68.31 51.36 14.95
C PHE E 1511 -68.84 51.99 13.68
N THR E 1512 -67.97 52.59 12.87
CA THR E 1512 -68.44 53.25 11.64
C THR E 1512 -67.69 52.85 10.36
N ALA E 1513 -68.35 53.08 9.21
CA ALA E 1513 -67.76 52.76 7.91
C ALA E 1513 -66.59 53.64 7.53
N ASP E 1514 -66.41 54.81 8.15
CA ASP E 1514 -65.24 55.57 7.77
C ASP E 1514 -64.01 55.18 8.57
N LYS E 1515 -64.14 54.23 9.50
CA LYS E 1515 -62.99 53.78 10.28
C LYS E 1515 -62.69 52.29 10.05
N ASP E 1516 -63.75 51.49 10.00
CA ASP E 1516 -63.69 50.02 9.91
C ASP E 1516 -63.79 49.43 8.49
N VAL E 1517 -64.36 50.17 7.55
CA VAL E 1517 -64.57 49.65 6.20
C VAL E 1517 -63.48 50.24 5.29
N SER E 1518 -62.59 49.36 4.81
CA SER E 1518 -61.42 49.80 4.03
C SER E 1518 -61.76 50.30 2.63
N ILE E 1519 -62.78 49.71 2.04
CA ILE E 1519 -63.27 50.09 0.73
C ILE E 1519 -64.74 50.38 0.80
N GLN E 1520 -65.17 51.54 0.32
CA GLN E 1520 -66.58 51.82 0.40
C GLN E 1520 -67.18 51.29 -0.89
N PRO E 1521 -68.42 50.79 -0.89
CA PRO E 1521 -69.13 50.30 -2.05
C PRO E 1521 -69.46 51.40 -3.03
N SER E 1522 -69.48 51.06 -4.32
CA SER E 1522 -69.83 52.01 -5.36
C SER E 1522 -71.18 52.67 -5.06
N PRO E 1523 -71.34 54.00 -5.23
CA PRO E 1523 -72.52 54.78 -4.87
C PRO E 1523 -73.72 54.61 -5.79
N SER E 1524 -74.19 53.38 -5.82
CA SER E 1524 -75.36 52.98 -6.55
C SER E 1524 -76.45 52.87 -5.54
N PHE E 1525 -77.55 52.26 -5.93
CA PHE E 1525 -78.69 52.20 -5.04
C PHE E 1525 -79.16 50.80 -4.63
N ASP E 1526 -79.12 49.87 -5.57
CA ASP E 1526 -79.77 48.59 -5.33
C ASP E 1526 -79.22 47.80 -4.14
N GLU E 1527 -77.92 47.87 -3.92
CA GLU E 1527 -77.34 47.14 -2.81
C GLU E 1527 -75.99 47.71 -2.38
N MET E 1528 -75.98 48.44 -1.27
CA MET E 1528 -74.76 49.05 -0.75
C MET E 1528 -74.15 48.22 0.36
N ASN E 1529 -73.09 47.48 0.04
CA ASN E 1529 -72.47 46.59 1.02
C ASN E 1529 -71.22 47.14 1.70
N TYR E 1530 -71.36 47.44 2.97
CA TYR E 1530 -70.25 47.97 3.74
C TYR E 1530 -69.67 46.85 4.55
N GLN E 1531 -68.49 46.41 4.17
CA GLN E 1531 -67.84 45.31 4.86
C GLN E 1531 -66.77 45.79 5.81
N PHE E 1532 -67.01 45.58 7.09
CA PHE E 1532 -66.17 46.05 8.17
C PHE E 1532 -65.04 45.05 8.37
N ASN E 1533 -63.84 45.52 8.71
CA ASN E 1533 -62.73 44.58 8.90
C ASN E 1533 -62.98 43.64 10.06
N ALA E 1534 -63.08 44.19 11.26
CA ALA E 1534 -63.43 43.46 12.47
C ALA E 1534 -63.89 44.49 13.46
N LEU E 1535 -64.76 44.13 14.35
CA LEU E 1535 -65.13 45.02 15.42
C LEU E 1535 -64.75 44.38 16.73
N GLU E 1536 -63.88 45.01 17.50
CA GLU E 1536 -63.48 44.38 18.74
C GLU E 1536 -64.44 44.66 19.87
N ILE E 1537 -65.14 43.63 20.28
CA ILE E 1537 -66.19 43.72 21.27
C ILE E 1537 -65.76 43.25 22.64
N ASP E 1538 -66.01 44.08 23.63
CA ASP E 1538 -65.67 43.72 24.98
C ASP E 1538 -66.76 42.84 25.60
N GLY E 1539 -66.46 41.55 25.68
CA GLY E 1539 -67.41 40.56 26.15
C GLY E 1539 -67.32 40.34 27.65
N SER E 1540 -66.44 41.06 28.33
CA SER E 1540 -66.23 40.83 29.78
C SER E 1540 -67.41 41.34 30.58
N GLY E 1541 -68.23 42.16 29.94
CA GLY E 1541 -69.41 42.75 30.52
C GLY E 1541 -70.64 41.93 30.14
N LEU E 1542 -70.42 40.73 29.58
CA LEU E 1542 -71.55 39.96 29.10
C LEU E 1542 -72.14 39.13 30.24
N ASN E 1543 -73.43 39.35 30.46
CA ASN E 1543 -74.18 38.72 31.54
C ASN E 1543 -74.73 37.35 31.20
N PHE E 1544 -74.15 36.32 31.80
CA PHE E 1544 -74.56 34.95 31.54
C PHE E 1544 -75.57 34.47 32.56
N ILE E 1545 -76.70 34.02 32.04
CA ILE E 1545 -77.79 33.51 32.84
C ILE E 1545 -78.04 32.09 32.38
N ASN E 1546 -78.07 31.14 33.31
CA ASN E 1546 -78.26 29.74 32.98
C ASN E 1546 -77.24 29.32 31.92
N ASN E 1547 -76.03 29.84 32.11
CA ASN E 1547 -74.86 29.65 31.26
C ASN E 1547 -75.05 30.07 29.80
N SER E 1548 -75.80 31.14 29.55
CA SER E 1548 -75.92 31.64 28.18
C SER E 1548 -76.06 33.14 28.18
N ALA E 1549 -75.68 33.74 27.07
CA ALA E 1549 -75.77 35.17 26.91
C ALA E 1549 -75.82 35.50 25.45
N SER E 1550 -76.10 36.74 25.10
CA SER E 1550 -76.10 37.12 23.71
C SER E 1550 -75.68 38.56 23.51
N ILE E 1551 -75.26 38.86 22.31
CA ILE E 1551 -74.86 40.21 21.93
C ILE E 1551 -75.79 40.79 20.87
N ASP E 1552 -76.27 42.01 21.13
CA ASP E 1552 -77.15 42.73 20.21
C ASP E 1552 -76.36 43.54 19.21
N VAL E 1553 -76.38 43.12 17.96
CA VAL E 1553 -75.61 43.81 16.95
C VAL E 1553 -76.56 44.53 16.02
N THR E 1554 -76.61 45.84 16.13
CA THR E 1554 -77.56 46.54 15.28
C THR E 1554 -76.89 47.37 14.22
N PHE E 1555 -77.32 47.09 13.02
CA PHE E 1555 -76.84 47.68 11.82
C PHE E 1555 -77.71 48.83 11.45
N THR E 1556 -77.16 50.01 11.43
CA THR E 1556 -77.99 51.16 11.14
C THR E 1556 -77.21 52.22 10.42
N ALA E 1557 -77.90 53.07 9.72
CA ALA E 1557 -77.13 54.11 9.05
C ALA E 1557 -77.89 55.40 8.86
N PHE E 1558 -77.13 56.50 8.75
CA PHE E 1558 -77.74 57.80 8.44
C PHE E 1558 -77.31 58.38 7.11
N ALA E 1559 -78.25 59.07 6.54
CA ALA E 1559 -78.12 59.77 5.29
C ALA E 1559 -77.32 61.01 5.43
N GLU E 1560 -76.85 61.51 4.30
CA GLU E 1560 -76.10 62.77 4.30
C GLU E 1560 -76.93 63.93 4.85
N ASP E 1561 -78.26 63.90 4.67
CA ASP E 1561 -79.11 64.97 5.15
C ASP E 1561 -79.59 64.70 6.58
N GLY E 1562 -79.07 63.65 7.21
CA GLY E 1562 -79.41 63.29 8.58
C GLY E 1562 -80.57 62.32 8.71
N ARG E 1563 -81.29 62.01 7.63
CA ARG E 1563 -82.41 61.08 7.81
C ARG E 1563 -81.91 59.70 8.17
N LYS E 1564 -82.65 58.99 8.99
CA LYS E 1564 -82.30 57.61 9.30
C LYS E 1564 -82.54 56.81 8.04
N LEU E 1565 -81.64 55.88 7.72
CA LEU E 1565 -81.72 54.97 6.55
C LEU E 1565 -82.24 53.59 6.94
N GLY E 1566 -82.67 53.48 8.17
CA GLY E 1566 -83.20 52.23 8.70
C GLY E 1566 -82.23 51.51 9.62
N TYR E 1567 -82.63 50.30 10.01
CA TYR E 1567 -81.86 49.47 10.93
C TYR E 1567 -82.11 47.96 10.75
N GLU E 1568 -81.17 47.13 11.21
CA GLU E 1568 -81.40 45.69 11.30
C GLU E 1568 -80.75 45.09 12.54
N SER E 1569 -81.47 44.21 13.24
CA SER E 1569 -80.95 43.69 14.50
C SER E 1569 -80.69 42.22 14.54
N PHE E 1570 -79.43 41.90 14.82
CA PHE E 1570 -78.88 40.55 14.88
C PHE E 1570 -78.54 40.18 16.30
N SER E 1571 -78.61 38.90 16.60
CA SER E 1571 -78.24 38.47 17.94
C SER E 1571 -77.28 37.31 17.89
N ILE E 1572 -76.11 37.51 18.50
CA ILE E 1572 -75.11 36.47 18.51
C ILE E 1572 -75.22 35.73 19.82
N PRO E 1573 -75.60 34.45 19.84
CA PRO E 1573 -75.70 33.70 21.06
C PRO E 1573 -74.30 33.40 21.50
N VAL E 1574 -74.08 33.37 22.80
CA VAL E 1574 -72.83 32.93 23.37
C VAL E 1574 -73.12 31.89 24.45
N THR E 1575 -72.69 30.65 24.24
CA THR E 1575 -72.99 29.62 25.24
C THR E 1575 -71.76 29.25 26.04
N LEU E 1576 -71.92 29.21 27.35
CA LEU E 1576 -70.81 28.83 28.22
C LEU E 1576 -70.90 27.37 28.63
N LYS E 1577 -69.94 26.59 28.18
CA LYS E 1577 -69.99 25.17 28.49
C LYS E 1577 -68.92 24.77 29.48
N VAL E 1578 -69.37 24.21 30.59
CA VAL E 1578 -68.46 23.77 31.64
C VAL E 1578 -68.76 22.31 31.96
N SER E 1579 -67.74 21.45 31.94
CA SER E 1579 -67.98 20.04 32.23
C SER E 1579 -68.36 19.85 33.70
N THR E 1580 -69.38 19.04 33.93
CA THR E 1580 -69.86 18.69 35.26
C THR E 1580 -69.65 17.21 35.51
N ASP E 1581 -69.06 16.86 36.65
CA ASP E 1581 -68.81 15.47 36.97
C ASP E 1581 -68.87 15.23 38.47
N ASN E 1582 -68.70 13.97 38.85
CA ASN E 1582 -68.69 13.56 40.24
C ASN E 1582 -67.26 13.57 40.81
N ALA E 1583 -66.96 14.49 41.71
CA ALA E 1583 -65.60 14.64 42.22
C ALA E 1583 -65.12 13.38 42.87
N LEU E 1584 -63.83 13.11 42.77
CA LEU E 1584 -63.32 11.91 43.38
C LEU E 1584 -63.36 12.20 44.88
N THR E 1585 -63.65 11.18 45.68
CA THR E 1585 -63.71 11.35 47.13
C THR E 1585 -62.72 10.52 47.91
N LEU E 1586 -62.10 11.14 48.89
CA LEU E 1586 -61.15 10.42 49.72
C LEU E 1586 -61.86 9.98 50.98
N HIS E 1587 -61.54 8.78 51.41
CA HIS E 1587 -62.12 8.23 52.62
C HIS E 1587 -61.11 7.55 53.52
N HIS E 1588 -61.42 7.52 54.80
CA HIS E 1588 -60.56 6.83 55.75
C HIS E 1588 -61.48 6.07 56.69
N ASN E 1589 -61.34 4.76 56.69
CA ASN E 1589 -62.22 3.88 57.42
C ASN E 1589 -61.82 3.73 58.89
N GLU E 1590 -62.61 2.98 59.63
CA GLU E 1590 -62.39 2.71 61.03
C GLU E 1590 -61.47 1.52 61.14
N ASN E 1591 -61.50 0.69 60.12
CA ASN E 1591 -60.70 -0.52 60.12
C ASN E 1591 -59.29 -0.26 59.60
N GLY E 1592 -58.99 1.01 59.37
CA GLY E 1592 -57.68 1.47 58.95
C GLY E 1592 -57.49 1.57 57.46
N ALA E 1593 -58.43 1.07 56.70
CA ALA E 1593 -58.27 1.14 55.27
C ALA E 1593 -58.41 2.56 54.78
N GLN E 1594 -57.64 2.92 53.78
CA GLN E 1594 -57.83 4.19 53.13
C GLN E 1594 -58.22 3.90 51.73
N TYR E 1595 -59.10 4.71 51.19
CA TYR E 1595 -59.50 4.46 49.83
C TYR E 1595 -59.96 5.67 49.10
N MET E 1596 -59.96 5.53 47.80
CA MET E 1596 -60.52 6.53 46.94
C MET E 1596 -61.76 5.95 46.33
N GLN E 1597 -62.80 6.73 46.24
CA GLN E 1597 -64.07 6.33 45.66
C GLN E 1597 -64.56 7.39 44.74
N TRP E 1598 -65.13 7.04 43.60
CA TRP E 1598 -65.62 8.13 42.80
C TRP E 1598 -66.85 7.75 42.08
N GLN E 1599 -67.04 6.46 41.95
CA GLN E 1599 -68.29 5.97 41.37
C GLN E 1599 -68.75 4.93 42.31
N SER E 1600 -69.00 3.75 41.77
CA SER E 1600 -69.21 2.54 42.52
C SER E 1600 -67.86 1.91 42.65
N TYR E 1601 -66.87 2.56 42.06
CA TYR E 1601 -65.53 2.09 42.07
C TYR E 1601 -64.87 2.69 43.28
N ARG E 1602 -64.13 1.84 43.99
CA ARG E 1602 -63.33 2.20 45.15
C ARG E 1602 -61.94 1.60 44.93
N THR E 1603 -60.89 2.20 45.47
CA THR E 1603 -59.59 1.56 45.37
C THR E 1603 -58.73 1.81 46.60
N ARG E 1604 -57.86 0.86 46.92
CA ARG E 1604 -57.07 0.93 48.13
C ARG E 1604 -55.89 1.87 48.05
N LEU E 1605 -55.75 2.74 49.04
CA LEU E 1605 -54.63 3.68 49.07
C LEU E 1605 -53.48 3.31 50.00
N ASN E 1606 -53.65 2.32 50.87
CA ASN E 1606 -52.58 1.97 51.80
C ASN E 1606 -52.41 0.50 52.12
N THR E 1607 -51.27 0.18 52.71
CA THR E 1607 -50.90 -1.15 53.14
C THR E 1607 -50.91 -1.23 54.65
N LEU E 1608 -51.54 -2.24 55.20
CA LEU E 1608 -51.60 -2.37 56.65
C LEU E 1608 -50.84 -3.55 57.21
N PHE E 1609 -49.96 -4.12 56.41
CA PHE E 1609 -49.18 -5.27 56.82
C PHE E 1609 -47.73 -5.24 56.38
N ALA E 1610 -47.19 -4.07 56.09
CA ALA E 1610 -45.80 -4.03 55.63
C ALA E 1610 -44.87 -4.64 56.66
N ARG E 1611 -45.20 -4.55 57.94
CA ARG E 1611 -44.34 -5.13 58.94
C ARG E 1611 -44.24 -6.62 58.79
N GLN E 1612 -45.33 -7.27 58.37
CA GLN E 1612 -45.31 -8.70 58.26
C GLN E 1612 -44.41 -9.07 57.12
N LEU E 1613 -44.42 -8.26 56.08
CA LEU E 1613 -43.62 -8.57 54.92
C LEU E 1613 -42.17 -8.48 55.26
N VAL E 1614 -41.82 -7.55 56.12
CA VAL E 1614 -40.44 -7.41 56.52
C VAL E 1614 -40.03 -8.63 57.32
N ALA E 1615 -40.89 -9.06 58.23
CA ALA E 1615 -40.58 -10.21 59.03
C ALA E 1615 -40.42 -11.46 58.17
N ARG E 1616 -41.24 -11.59 57.14
CA ARG E 1616 -41.15 -12.77 56.33
C ARG E 1616 -39.92 -12.72 55.44
N ALA E 1617 -39.45 -11.53 55.10
CA ALA E 1617 -38.22 -11.52 54.32
C ALA E 1617 -37.07 -11.91 55.19
N THR E 1618 -37.15 -11.52 56.44
CA THR E 1618 -36.09 -11.73 57.40
C THR E 1618 -35.78 -13.20 57.55
N THR E 1619 -36.82 -14.02 57.53
CA THR E 1619 -36.68 -15.45 57.69
C THR E 1619 -36.25 -16.24 56.44
N GLY E 1620 -36.14 -15.59 55.28
CA GLY E 1620 -35.72 -16.30 54.08
C GLY E 1620 -36.57 -16.07 52.84
N ILE E 1621 -35.97 -16.28 51.68
CA ILE E 1621 -36.66 -16.06 50.42
C ILE E 1621 -37.88 -16.90 50.24
N ASP E 1622 -37.91 -18.06 50.84
CA ASP E 1622 -39.03 -18.92 50.66
C ASP E 1622 -40.16 -18.52 51.57
N THR E 1623 -39.90 -17.84 52.67
CA THR E 1623 -40.99 -17.42 53.51
C THR E 1623 -41.61 -16.17 52.93
N ILE E 1624 -40.81 -15.38 52.22
CA ILE E 1624 -41.40 -14.20 51.60
C ILE E 1624 -42.09 -14.53 50.29
N LEU E 1625 -41.58 -15.48 49.50
CA LEU E 1625 -42.20 -15.78 48.21
C LEU E 1625 -43.19 -16.93 48.21
N SER E 1626 -43.54 -17.46 49.36
CA SER E 1626 -44.49 -18.56 49.40
C SER E 1626 -45.87 -18.00 49.10
N MET E 1627 -46.83 -18.88 48.85
CA MET E 1627 -48.18 -18.44 48.54
C MET E 1627 -48.81 -17.82 49.75
N GLU E 1628 -48.45 -18.32 50.91
CA GLU E 1628 -49.02 -17.83 52.14
C GLU E 1628 -48.83 -16.33 52.28
N THR E 1629 -47.72 -15.80 51.78
CA THR E 1629 -47.41 -14.38 51.88
C THR E 1629 -48.47 -13.61 51.15
N GLN E 1630 -48.92 -14.13 50.04
CA GLN E 1630 -49.80 -13.38 49.19
C GLN E 1630 -51.22 -13.44 49.68
N ASN E 1631 -51.42 -14.16 50.76
CA ASN E 1631 -52.70 -14.29 51.39
C ASN E 1631 -52.73 -13.56 52.72
N ILE E 1632 -51.81 -12.62 52.90
CA ILE E 1632 -51.93 -11.78 54.06
C ILE E 1632 -53.18 -11.01 53.77
N GLN E 1633 -54.09 -10.93 54.74
CA GLN E 1633 -55.35 -10.25 54.49
C GLN E 1633 -55.34 -8.78 54.84
N GLU E 1634 -56.13 -8.05 54.07
CA GLU E 1634 -56.39 -6.63 54.19
C GLU E 1634 -57.87 -6.45 54.51
N PRO E 1635 -58.27 -5.42 55.25
CA PRO E 1635 -59.64 -5.10 55.55
C PRO E 1635 -60.40 -4.59 54.35
N GLN E 1636 -61.72 -4.84 54.32
CA GLN E 1636 -62.53 -4.32 53.24
C GLN E 1636 -62.50 -2.81 53.26
N LEU E 1637 -62.56 -2.21 52.07
CA LEU E 1637 -62.42 -0.77 51.96
C LEU E 1637 -63.52 0.03 52.62
N GLY E 1638 -64.72 -0.48 52.62
CA GLY E 1638 -65.83 0.28 53.17
C GLY E 1638 -67.05 -0.56 53.15
N LYS E 1639 -68.19 0.02 53.46
CA LYS E 1639 -69.44 -0.72 53.52
C LYS E 1639 -69.64 -1.45 52.20
N GLY E 1640 -69.91 -2.74 52.29
CA GLY E 1640 -70.11 -3.60 51.15
C GLY E 1640 -69.90 -5.04 51.58
N PHE E 1641 -69.86 -5.94 50.63
CA PHE E 1641 -69.72 -7.36 50.91
C PHE E 1641 -69.02 -8.11 49.80
N TYR E 1642 -68.57 -9.30 50.09
CA TYR E 1642 -67.94 -10.06 49.05
C TYR E 1642 -68.90 -11.08 48.51
N ALA E 1643 -68.85 -11.33 47.21
CA ALA E 1643 -69.69 -12.39 46.68
C ALA E 1643 -68.96 -13.13 45.59
N THR E 1644 -69.15 -14.44 45.58
CA THR E 1644 -68.53 -15.26 44.59
C THR E 1644 -69.49 -15.55 43.49
N PHE E 1645 -69.04 -15.31 42.28
CA PHE E 1645 -69.83 -15.50 41.10
C PHE E 1645 -69.18 -16.57 40.25
N VAL E 1646 -69.95 -17.57 39.88
CA VAL E 1646 -69.40 -18.61 39.06
C VAL E 1646 -70.15 -18.59 37.76
N ILE E 1647 -69.41 -18.37 36.70
CA ILE E 1647 -69.91 -18.23 35.36
C ILE E 1647 -69.82 -19.57 34.60
N PRO E 1648 -70.93 -20.06 34.02
CA PRO E 1648 -71.03 -21.35 33.35
C PRO E 1648 -70.20 -21.36 32.09
N PRO E 1649 -69.88 -22.53 31.54
CA PRO E 1649 -69.11 -22.72 30.33
C PRO E 1649 -69.84 -22.28 29.08
N TYR E 1650 -69.05 -21.93 28.09
CA TYR E 1650 -69.46 -21.50 26.78
C TYR E 1650 -70.13 -22.58 25.95
N ASN E 1651 -71.19 -22.21 25.24
CA ASN E 1651 -71.91 -23.05 24.31
C ASN E 1651 -72.49 -22.04 23.36
N LEU E 1652 -73.23 -22.44 22.33
CA LEU E 1652 -73.81 -21.39 21.47
C LEU E 1652 -75.34 -21.36 21.47
N SER E 1653 -75.96 -21.93 22.51
CA SER E 1653 -77.41 -21.89 22.62
C SER E 1653 -77.72 -20.65 23.41
N THR E 1654 -76.73 -20.36 24.22
CA THR E 1654 -76.57 -19.23 25.09
C THR E 1654 -75.22 -18.79 24.65
N HIS E 1655 -74.77 -17.60 24.98
CA HIS E 1655 -73.41 -17.21 24.61
C HIS E 1655 -73.20 -17.45 23.12
N GLY E 1656 -74.19 -17.13 22.32
CA GLY E 1656 -74.07 -17.38 20.91
C GLY E 1656 -72.99 -16.53 20.28
N ASP E 1657 -72.33 -17.11 19.28
CA ASP E 1657 -71.34 -16.48 18.41
C ASP E 1657 -70.01 -16.05 19.00
N GLU E 1658 -70.04 -15.22 20.03
CA GLU E 1658 -68.82 -14.68 20.60
C GLU E 1658 -68.64 -15.11 22.03
N ARG E 1659 -67.40 -15.15 22.48
CA ARG E 1659 -67.09 -15.56 23.83
C ARG E 1659 -67.03 -14.44 24.85
N TRP E 1660 -67.42 -13.24 24.52
CA TRP E 1660 -67.25 -12.26 25.57
C TRP E 1660 -68.41 -12.22 26.51
N PHE E 1661 -68.14 -11.80 27.73
CA PHE E 1661 -69.21 -11.48 28.65
C PHE E 1661 -68.77 -10.31 29.50
N LYS E 1662 -69.74 -9.62 30.06
CA LYS E 1662 -69.47 -8.52 30.95
C LYS E 1662 -70.40 -8.51 32.14
N LEU E 1663 -69.88 -8.14 33.30
CA LEU E 1663 -70.71 -8.00 34.47
C LEU E 1663 -70.80 -6.59 34.87
N TYR E 1664 -72.00 -6.20 35.14
CA TYR E 1664 -72.29 -4.85 35.52
C TYR E 1664 -72.92 -4.73 36.84
N ILE E 1665 -72.63 -3.63 37.51
CA ILE E 1665 -73.23 -3.34 38.79
C ILE E 1665 -74.11 -2.09 38.70
N LYS E 1666 -75.30 -2.13 39.29
CA LYS E 1666 -76.27 -1.01 39.22
C LYS E 1666 -76.91 -0.68 40.58
N HIS E 1667 -77.38 0.58 40.69
CA HIS E 1667 -78.09 1.15 41.86
C HIS E 1667 -77.19 1.32 43.05
N VAL E 1668 -75.93 1.62 42.82
CA VAL E 1668 -75.06 1.77 43.97
C VAL E 1668 -74.86 3.22 44.38
N VAL E 1669 -74.52 4.10 43.42
CA VAL E 1669 -74.30 5.51 43.69
C VAL E 1669 -75.16 6.27 42.74
N ASP E 1670 -75.66 5.51 41.79
CA ASP E 1670 -76.49 5.98 40.70
C ASP E 1670 -77.35 4.82 40.30
N ASN E 1671 -78.24 5.04 39.34
CA ASN E 1671 -79.14 3.99 38.87
C ASN E 1671 -78.74 3.60 37.46
N ASN E 1672 -77.53 4.01 37.14
CA ASN E 1672 -76.86 3.72 35.91
C ASN E 1672 -75.85 2.66 36.26
N SER E 1673 -75.65 1.68 35.40
CA SER E 1673 -74.66 0.68 35.70
C SER E 1673 -73.23 1.08 35.41
N HIS E 1674 -72.35 0.29 36.00
CA HIS E 1674 -70.92 0.38 35.84
C HIS E 1674 -70.38 -0.99 35.55
N ILE E 1675 -69.22 -1.07 34.94
CA ILE E 1675 -68.69 -2.38 34.64
C ILE E 1675 -67.87 -2.87 35.81
N ILE E 1676 -68.22 -4.03 36.34
CA ILE E 1676 -67.51 -4.54 37.50
C ILE E 1676 -66.57 -5.71 37.18
N TYR E 1677 -66.82 -6.39 36.07
CA TYR E 1677 -65.96 -7.48 35.62
C TYR E 1677 -66.09 -7.71 34.12
N SER E 1678 -65.03 -8.08 33.44
CA SER E 1678 -65.19 -8.43 32.04
C SER E 1678 -64.20 -9.48 31.58
N GLY E 1679 -64.60 -10.27 30.57
CA GLY E 1679 -63.66 -11.24 30.00
C GLY E 1679 -64.26 -12.24 29.06
N GLN E 1680 -63.45 -13.22 28.65
CA GLN E 1680 -63.96 -14.24 27.75
C GLN E 1680 -64.52 -15.42 28.48
N LEU E 1681 -65.47 -16.07 27.85
CA LEU E 1681 -66.04 -17.29 28.33
C LEU E 1681 -65.16 -18.41 27.88
N THR E 1682 -65.02 -19.39 28.74
CA THR E 1682 -64.18 -20.56 28.51
C THR E 1682 -65.09 -21.76 28.48
N ASP E 1683 -64.51 -22.94 28.37
CA ASP E 1683 -65.21 -24.20 28.31
C ASP E 1683 -65.45 -24.82 29.68
N THR E 1684 -65.10 -24.08 30.71
CA THR E 1684 -65.26 -24.50 32.09
C THR E 1684 -65.84 -23.40 32.92
N ASN E 1685 -65.87 -23.60 34.22
CA ASN E 1685 -66.45 -22.58 35.07
C ASN E 1685 -65.47 -21.46 35.36
N ILE E 1686 -65.93 -20.25 35.27
CA ILE E 1686 -65.06 -19.13 35.61
C ILE E 1686 -65.44 -18.67 37.00
N ASN E 1687 -64.53 -18.82 37.93
CA ASN E 1687 -64.85 -18.53 39.31
C ASN E 1687 -64.18 -17.25 39.80
N ILE E 1688 -64.98 -16.21 40.03
CA ILE E 1688 -64.44 -14.92 40.46
C ILE E 1688 -65.13 -14.40 41.71
N THR E 1689 -64.46 -13.52 42.45
CA THR E 1689 -65.08 -12.87 43.59
C THR E 1689 -64.97 -11.39 43.42
N LEU E 1690 -66.06 -10.72 43.68
CA LEU E 1690 -66.08 -9.29 43.56
C LEU E 1690 -66.46 -8.67 44.86
N PHE E 1691 -65.89 -7.52 45.15
CA PHE E 1691 -66.33 -6.79 46.31
C PHE E 1691 -67.42 -5.88 45.85
N ILE E 1692 -68.56 -6.01 46.45
CA ILE E 1692 -69.68 -5.22 46.06
C ILE E 1692 -69.85 -4.10 47.05
N PRO E 1693 -69.54 -2.86 46.68
CA PRO E 1693 -69.62 -1.72 47.51
C PRO E 1693 -71.06 -1.36 47.70
N LEU E 1694 -71.40 -0.79 48.84
CA LEU E 1694 -72.73 -0.26 49.03
C LEU E 1694 -72.67 1.15 49.57
N ASP E 1695 -73.60 2.01 49.20
CA ASP E 1695 -73.55 3.36 49.76
C ASP E 1695 -74.22 3.36 51.14
N ASP E 1696 -74.21 4.52 51.79
CA ASP E 1696 -74.82 4.66 53.11
C ASP E 1696 -76.32 4.43 53.09
N VAL E 1697 -76.97 4.89 52.03
CA VAL E 1697 -78.40 4.80 51.85
C VAL E 1697 -78.66 4.21 50.47
N PRO E 1698 -79.47 3.15 50.33
CA PRO E 1698 -79.78 2.52 49.07
C PRO E 1698 -80.69 3.38 48.20
N LEU E 1699 -80.60 3.15 46.89
CA LEU E 1699 -81.42 3.79 45.86
C LEU E 1699 -82.58 2.92 45.44
N ASN E 1700 -82.72 1.82 46.12
CA ASN E 1700 -83.75 0.85 45.82
C ASN E 1700 -84.09 0.11 47.11
N GLN E 1701 -85.35 0.11 47.50
CA GLN E 1701 -85.78 -0.56 48.72
C GLN E 1701 -85.96 -2.06 48.60
N ASP E 1702 -85.96 -2.62 47.39
CA ASP E 1702 -86.22 -4.05 47.26
C ASP E 1702 -84.92 -4.77 47.34
N TYR E 1703 -83.92 -4.08 46.86
CA TYR E 1703 -82.57 -4.57 46.87
C TYR E 1703 -81.71 -3.35 46.89
N HIS E 1704 -80.53 -3.46 47.44
CA HIS E 1704 -79.68 -2.31 47.52
C HIS E 1704 -78.75 -2.21 46.34
N ALA E 1705 -78.48 -3.32 45.67
CA ALA E 1705 -77.63 -3.31 44.49
C ALA E 1705 -77.91 -4.47 43.56
N LYS E 1706 -77.66 -4.28 42.28
CA LYS E 1706 -77.83 -5.36 41.32
C LYS E 1706 -76.57 -5.68 40.56
N VAL E 1707 -76.34 -6.96 40.30
CA VAL E 1707 -75.27 -7.33 39.40
C VAL E 1707 -75.84 -8.20 38.31
N TYR E 1708 -75.50 -7.92 37.07
CA TYR E 1708 -76.07 -8.68 35.96
C TYR E 1708 -75.06 -8.92 34.88
N MET E 1709 -75.35 -9.87 34.01
CA MET E 1709 -74.43 -10.20 32.92
C MET E 1709 -74.99 -9.90 31.54
N THR E 1710 -74.12 -9.44 30.65
CA THR E 1710 -74.45 -9.30 29.24
C THR E 1710 -73.46 -10.21 28.53
N PHE E 1711 -73.81 -10.80 27.38
CA PHE E 1711 -72.86 -11.72 26.76
C PHE E 1711 -73.19 -11.94 25.31
N LYS E 1712 -73.43 -10.84 24.61
CA LYS E 1712 -73.88 -10.77 23.21
C LYS E 1712 -75.34 -11.13 23.14
N LYS E 1713 -75.68 -12.29 23.69
CA LYS E 1713 -77.04 -12.68 23.85
C LYS E 1713 -77.60 -11.92 25.05
N SER E 1714 -78.85 -11.47 24.91
CA SER E 1714 -79.60 -10.80 25.94
C SER E 1714 -78.85 -9.76 26.77
N PRO E 1715 -78.16 -8.78 26.16
CA PRO E 1715 -77.50 -7.69 26.86
C PRO E 1715 -78.58 -6.67 27.20
N SER E 1716 -79.56 -7.08 27.98
CA SER E 1716 -80.73 -6.27 28.23
C SER E 1716 -80.82 -5.51 29.55
N ASP E 1717 -80.05 -5.92 30.55
CA ASP E 1717 -80.19 -5.28 31.87
C ASP E 1717 -81.63 -5.21 32.38
N GLY E 1718 -82.38 -6.30 32.32
CA GLY E 1718 -83.74 -6.22 32.79
C GLY E 1718 -83.83 -6.44 34.29
N THR E 1719 -85.04 -6.35 34.82
CA THR E 1719 -85.27 -6.54 36.24
C THR E 1719 -85.23 -8.05 36.51
N TRP E 1720 -84.52 -8.47 37.56
CA TRP E 1720 -84.37 -9.88 37.94
C TRP E 1720 -83.61 -10.69 36.93
N TRP E 1721 -82.67 -10.03 36.24
CA TRP E 1721 -81.80 -10.66 35.25
C TRP E 1721 -80.36 -10.82 35.70
N GLY E 1722 -80.21 -10.90 37.00
CA GLY E 1722 -78.97 -11.14 37.71
C GLY E 1722 -79.37 -11.04 39.16
N PRO E 1723 -78.49 -11.36 40.10
CA PRO E 1723 -78.80 -11.30 41.50
C PRO E 1723 -79.04 -9.88 41.97
N HIS E 1724 -80.06 -9.76 42.77
CA HIS E 1724 -80.43 -8.53 43.42
C HIS E 1724 -80.03 -8.68 44.87
N PHE E 1725 -79.20 -7.79 45.37
CA PHE E 1725 -78.69 -7.95 46.72
C PHE E 1725 -79.27 -6.95 47.67
N VAL E 1726 -79.67 -7.42 48.84
CA VAL E 1726 -80.20 -6.56 49.88
C VAL E 1726 -79.41 -6.70 51.17
N ARG E 1727 -79.04 -5.60 51.80
CA ARG E 1727 -78.32 -5.71 53.06
C ARG E 1727 -79.31 -5.68 54.21
N ASP E 1728 -79.32 -6.73 54.98
CA ASP E 1728 -80.20 -6.85 56.11
C ASP E 1728 -79.53 -6.18 57.27
N ASP E 1729 -80.18 -6.17 58.41
CA ASP E 1729 -79.55 -5.57 59.55
C ASP E 1729 -78.34 -6.44 59.89
N LYS E 1730 -77.43 -5.85 60.61
CA LYS E 1730 -76.20 -6.44 61.12
C LYS E 1730 -75.28 -6.92 60.00
N GLY E 1731 -75.44 -6.33 58.82
CA GLY E 1731 -74.59 -6.56 57.68
C GLY E 1731 -74.83 -7.83 56.87
N ILE E 1732 -75.91 -8.54 57.09
CA ILE E 1732 -76.03 -9.76 56.33
C ILE E 1732 -76.70 -9.52 55.01
N VAL E 1733 -75.99 -9.83 53.95
CA VAL E 1733 -76.52 -9.57 52.63
C VAL E 1733 -77.07 -10.82 52.00
N THR E 1734 -78.30 -10.72 51.55
CA THR E 1734 -78.98 -11.85 50.96
C THR E 1734 -79.43 -11.50 49.56
N ILE E 1735 -79.86 -12.51 48.80
CA ILE E 1735 -80.32 -12.24 47.46
C ILE E 1735 -81.84 -12.25 47.42
N ASN E 1736 -82.38 -11.17 46.87
CA ASN E 1736 -83.82 -11.01 46.75
C ASN E 1736 -84.30 -12.18 45.89
N PRO E 1737 -85.18 -13.06 46.41
CA PRO E 1737 -85.64 -14.31 45.83
C PRO E 1737 -86.37 -14.15 44.52
N LYS E 1738 -86.74 -12.94 44.16
CA LYS E 1738 -87.43 -12.77 42.90
C LYS E 1738 -86.43 -12.83 41.76
N SER E 1739 -85.15 -12.58 42.04
CA SER E 1739 -84.16 -12.58 40.97
C SER E 1739 -83.96 -13.97 40.46
N ILE E 1740 -83.60 -14.09 39.18
CA ILE E 1740 -83.28 -15.41 38.66
C ILE E 1740 -81.84 -15.44 38.23
N LEU E 1741 -81.09 -16.44 38.67
CA LEU E 1741 -79.69 -16.51 38.26
C LEU E 1741 -79.54 -17.26 36.94
N THR E 1742 -80.17 -16.73 35.92
CA THR E 1742 -80.22 -17.32 34.58
C THR E 1742 -78.88 -17.34 33.91
N HIS E 1743 -78.01 -16.41 34.26
CA HIS E 1743 -76.72 -16.30 33.63
C HIS E 1743 -75.57 -16.70 34.52
N PHE E 1744 -75.85 -17.39 35.62
CA PHE E 1744 -74.77 -17.78 36.51
C PHE E 1744 -74.85 -19.24 36.85
N GLU E 1745 -73.70 -19.86 37.05
CA GLU E 1745 -73.64 -21.23 37.50
C GLU E 1745 -74.07 -21.20 38.96
N SER E 1746 -73.56 -20.17 39.63
CA SER E 1746 -73.80 -19.92 41.05
C SER E 1746 -73.46 -18.50 41.50
N VAL E 1747 -74.21 -17.98 42.47
CA VAL E 1747 -73.87 -16.72 43.12
C VAL E 1747 -73.97 -16.89 44.64
N ASN E 1748 -72.93 -16.52 45.38
CA ASN E 1748 -72.99 -16.68 46.82
C ASN E 1748 -72.40 -15.57 47.67
N VAL E 1749 -73.23 -15.03 48.56
CA VAL E 1749 -72.75 -13.98 49.44
C VAL E 1749 -71.87 -14.57 50.52
N LEU E 1750 -70.68 -14.04 50.65
CA LEU E 1750 -69.77 -14.60 51.59
C LEU E 1750 -69.92 -13.93 52.92
N ASN E 1751 -70.81 -14.45 53.71
CA ASN E 1751 -71.07 -13.84 54.99
C ASN E 1751 -69.86 -14.02 55.88
N ASN E 1752 -69.66 -13.05 56.75
CA ASN E 1752 -68.56 -12.97 57.70
C ASN E 1752 -67.17 -12.87 57.08
N ILE E 1753 -67.08 -12.26 55.90
CA ILE E 1753 -65.79 -11.98 55.29
C ILE E 1753 -65.64 -10.48 55.26
N SER E 1754 -64.69 -9.97 56.02
CA SER E 1754 -64.50 -8.54 56.13
C SER E 1754 -63.15 -8.13 55.61
N SER E 1755 -62.52 -9.05 54.90
CA SER E 1755 -61.18 -8.91 54.40
C SER E 1755 -60.92 -9.63 53.08
N GLU E 1756 -59.78 -9.33 52.49
CA GLU E 1756 -59.36 -9.94 51.23
C GLU E 1756 -57.84 -10.09 51.20
N PRO E 1757 -57.27 -10.99 50.41
CA PRO E 1757 -55.85 -11.17 50.29
C PRO E 1757 -55.16 -10.00 49.62
N MET E 1758 -53.90 -9.80 50.00
CA MET E 1758 -53.00 -8.78 49.49
C MET E 1758 -53.30 -8.35 48.09
N ASP E 1759 -53.78 -7.12 47.98
CA ASP E 1759 -54.23 -6.48 46.76
C ASP E 1759 -53.17 -6.19 45.73
N PHE E 1760 -53.39 -6.62 44.51
CA PHE E 1760 -52.50 -6.36 43.39
C PHE E 1760 -53.01 -5.27 42.45
N SER E 1761 -54.09 -4.59 42.85
CA SER E 1761 -54.68 -3.50 42.05
C SER E 1761 -54.65 -2.10 42.72
N GLY E 1762 -54.22 -2.01 43.97
CA GLY E 1762 -54.25 -0.74 44.70
C GLY E 1762 -52.97 0.07 44.60
N ALA E 1763 -52.88 1.13 45.39
CA ALA E 1763 -51.76 2.06 45.33
C ALA E 1763 -50.39 1.46 45.58
N ASN E 1764 -50.28 0.43 46.38
CA ASN E 1764 -48.96 -0.11 46.65
C ASN E 1764 -48.76 -1.41 45.94
N SER E 1765 -49.67 -1.76 45.05
CA SER E 1765 -49.60 -3.03 44.41
C SER E 1765 -48.40 -3.20 43.55
N LEU E 1766 -47.86 -2.12 43.06
CA LEU E 1766 -46.70 -2.21 42.22
C LEU E 1766 -45.54 -2.83 42.93
N TYR E 1767 -45.45 -2.63 44.24
CA TYR E 1767 -44.34 -3.18 44.94
C TYR E 1767 -44.48 -4.67 45.04
N PHE E 1768 -45.71 -5.18 45.03
CA PHE E 1768 -45.90 -6.59 45.16
C PHE E 1768 -45.55 -7.17 43.81
N TRP E 1769 -45.91 -6.49 42.74
CA TRP E 1769 -45.57 -7.03 41.44
C TRP E 1769 -44.08 -7.18 41.31
N GLU E 1770 -43.32 -6.23 41.86
CA GLU E 1770 -41.88 -6.39 41.83
C GLU E 1770 -41.39 -7.50 42.76
N LEU E 1771 -42.00 -7.62 43.92
CA LEU E 1771 -41.60 -8.63 44.88
C LEU E 1771 -41.87 -10.05 44.42
N PHE E 1772 -43.01 -10.29 43.81
CA PHE E 1772 -43.36 -11.64 43.46
C PHE E 1772 -43.21 -12.02 42.00
N TYR E 1773 -43.30 -11.09 41.08
CA TYR E 1773 -43.23 -11.47 39.70
C TYR E 1773 -42.00 -10.95 39.01
N TYR E 1774 -41.76 -9.65 39.06
CA TYR E 1774 -40.67 -9.19 38.23
C TYR E 1774 -39.34 -9.58 38.77
N THR E 1775 -39.18 -9.63 40.09
CA THR E 1775 -37.88 -10.00 40.58
C THR E 1775 -37.52 -11.42 40.18
N PRO E 1776 -38.28 -12.48 40.49
CA PRO E 1776 -37.87 -13.80 40.11
C PRO E 1776 -37.79 -13.98 38.61
N MET E 1777 -38.55 -13.21 37.83
CA MET E 1777 -38.42 -13.39 36.40
C MET E 1777 -37.10 -12.82 35.93
N LEU E 1778 -36.64 -11.77 36.61
CA LEU E 1778 -35.40 -11.11 36.29
C LEU E 1778 -34.24 -11.96 36.68
N VAL E 1779 -34.37 -12.59 37.82
CA VAL E 1779 -33.27 -13.40 38.27
C VAL E 1779 -33.13 -14.55 37.31
N ALA E 1780 -34.23 -15.19 36.92
CA ALA E 1780 -34.10 -16.29 36.00
C ALA E 1780 -33.51 -15.81 34.69
N GLN E 1781 -33.86 -14.62 34.25
CA GLN E 1781 -33.36 -14.09 33.00
C GLN E 1781 -31.87 -13.93 33.03
N ARG E 1782 -31.35 -13.37 34.11
CA ARG E 1782 -29.92 -13.20 34.12
C ARG E 1782 -29.23 -14.54 34.14
N LEU E 1783 -29.77 -15.48 34.89
CA LEU E 1783 -29.10 -16.74 34.98
C LEU E 1783 -29.03 -17.40 33.64
N LEU E 1784 -30.08 -17.30 32.85
CA LEU E 1784 -30.06 -17.90 31.55
C LEU E 1784 -28.97 -17.30 30.69
N HIS E 1785 -28.73 -16.01 30.83
CA HIS E 1785 -27.71 -15.37 30.00
C HIS E 1785 -26.34 -15.91 30.33
N GLU E 1786 -26.17 -16.31 31.58
CA GLU E 1786 -24.95 -16.85 32.12
C GLU E 1786 -24.85 -18.37 31.89
N GLN E 1787 -25.89 -18.93 31.29
CA GLN E 1787 -26.05 -20.36 31.02
C GLN E 1787 -26.20 -21.19 32.26
N ASN E 1788 -26.76 -20.62 33.32
CA ASN E 1788 -26.99 -21.44 34.48
C ASN E 1788 -28.37 -21.99 34.29
N PHE E 1789 -28.44 -23.07 33.55
CA PHE E 1789 -29.74 -23.57 33.18
C PHE E 1789 -30.47 -24.14 34.36
N ASP E 1790 -29.73 -24.70 35.30
CA ASP E 1790 -30.37 -25.35 36.41
C ASP E 1790 -31.00 -24.35 37.34
N GLU E 1791 -30.32 -23.24 37.58
CA GLU E 1791 -30.92 -22.27 38.46
C GLU E 1791 -31.96 -21.50 37.74
N ALA E 1792 -31.80 -21.27 36.45
CA ALA E 1792 -32.79 -20.49 35.75
C ALA E 1792 -34.11 -21.20 35.90
N ASN E 1793 -34.06 -22.52 35.87
CA ASN E 1793 -35.25 -23.30 36.01
C ASN E 1793 -35.77 -23.09 37.41
N ARG E 1794 -34.92 -23.23 38.40
CA ARG E 1794 -35.40 -23.16 39.76
C ARG E 1794 -36.10 -21.85 40.02
N TRP E 1795 -35.58 -20.80 39.46
CA TRP E 1795 -36.15 -19.50 39.66
C TRP E 1795 -37.46 -19.32 38.94
N LEU E 1796 -37.64 -19.96 37.80
CA LEU E 1796 -38.90 -19.80 37.09
C LEU E 1796 -40.01 -20.45 37.87
N LYS E 1797 -39.67 -21.48 38.63
CA LYS E 1797 -40.61 -22.22 39.45
C LYS E 1797 -41.22 -21.37 40.55
N TYR E 1798 -40.60 -20.23 40.87
CA TYR E 1798 -41.19 -19.39 41.90
C TYR E 1798 -42.42 -18.70 41.34
N VAL E 1799 -42.53 -18.63 40.02
CA VAL E 1799 -43.67 -18.02 39.38
C VAL E 1799 -44.61 -19.07 38.79
N TRP E 1800 -44.04 -20.06 38.11
CA TRP E 1800 -44.83 -21.10 37.45
C TRP E 1800 -44.17 -22.44 37.50
N SER E 1801 -44.87 -23.44 37.98
CA SER E 1801 -44.26 -24.75 38.03
C SER E 1801 -45.21 -25.79 37.49
N PRO E 1802 -45.15 -26.11 36.21
CA PRO E 1802 -46.07 -27.04 35.66
C PRO E 1802 -45.78 -28.28 36.45
N SER E 1803 -46.82 -29.04 36.79
CA SER E 1803 -46.77 -30.27 37.60
C SER E 1803 -47.07 -29.96 39.07
N GLY E 1804 -47.16 -28.68 39.42
CA GLY E 1804 -47.59 -28.25 40.74
C GLY E 1804 -46.49 -28.04 41.79
N TYR E 1805 -46.95 -27.82 43.02
CA TYR E 1805 -46.11 -27.50 44.15
C TYR E 1805 -46.35 -28.36 45.36
N ILE E 1806 -45.32 -28.52 46.18
CA ILE E 1806 -45.53 -29.18 47.46
C ILE E 1806 -45.41 -28.15 48.56
N VAL E 1807 -46.46 -28.04 49.35
CA VAL E 1807 -46.50 -27.08 50.43
C VAL E 1807 -46.78 -27.75 51.73
N HIS E 1808 -45.86 -27.62 52.67
CA HIS E 1808 -46.02 -28.27 53.96
C HIS E 1808 -46.18 -29.77 53.79
N GLY E 1809 -45.54 -30.34 52.76
CA GLY E 1809 -45.62 -31.76 52.48
C GLY E 1809 -46.89 -32.14 51.72
N GLN E 1810 -47.75 -31.19 51.45
CA GLN E 1810 -49.01 -31.50 50.80
C GLN E 1810 -48.96 -31.21 49.31
N ILE E 1811 -49.71 -31.97 48.55
CA ILE E 1811 -49.72 -31.76 47.12
C ILE E 1811 -50.75 -30.71 46.76
N GLN E 1812 -50.30 -29.63 46.14
CA GLN E 1812 -51.19 -28.55 45.80
C GLN E 1812 -51.73 -28.73 44.43
N ASN E 1813 -52.91 -28.20 44.21
CA ASN E 1813 -53.58 -28.28 42.92
C ASN E 1813 -53.39 -27.07 42.04
N TYR E 1814 -52.50 -26.19 42.41
CA TYR E 1814 -52.31 -25.03 41.59
C TYR E 1814 -51.02 -25.17 40.82
N GLN E 1815 -50.95 -24.49 39.69
CA GLN E 1815 -49.73 -24.50 38.88
C GLN E 1815 -48.99 -23.18 38.99
N TRP E 1816 -49.69 -22.12 39.38
CA TRP E 1816 -49.09 -20.80 39.35
C TRP E 1816 -48.89 -20.32 40.75
N ASN E 1817 -47.72 -19.78 41.05
CA ASN E 1817 -47.44 -19.39 42.42
C ASN E 1817 -47.61 -17.92 42.71
N VAL E 1818 -48.20 -17.21 41.79
CA VAL E 1818 -48.44 -15.80 41.98
C VAL E 1818 -49.93 -15.66 42.02
N ARG E 1819 -50.44 -15.20 43.15
CA ARG E 1819 -51.87 -15.16 43.36
C ARG E 1819 -52.62 -14.55 42.18
N PRO E 1820 -52.28 -13.38 41.64
CA PRO E 1820 -53.01 -12.76 40.56
C PRO E 1820 -52.87 -13.47 39.23
N LEU E 1821 -52.00 -14.45 39.13
CA LEU E 1821 -51.88 -15.15 37.87
C LEU E 1821 -52.69 -16.42 38.01
N LEU E 1822 -52.78 -16.90 39.23
CA LEU E 1822 -53.51 -18.10 39.51
C LEU E 1822 -54.98 -17.80 39.38
N GLU E 1823 -55.36 -16.63 39.84
CA GLU E 1823 -56.71 -16.17 39.77
C GLU E 1823 -56.93 -15.62 38.39
N ASP E 1824 -58.16 -15.68 37.88
CA ASP E 1824 -58.52 -15.13 36.57
C ASP E 1824 -57.84 -15.86 35.42
N THR E 1825 -58.56 -16.85 34.89
CA THR E 1825 -58.07 -17.66 33.80
C THR E 1825 -58.69 -17.24 32.49
N SER E 1826 -59.51 -16.23 32.59
CA SER E 1826 -60.22 -15.66 31.47
C SER E 1826 -59.46 -14.49 30.88
N TRP E 1827 -59.11 -14.61 29.61
CA TRP E 1827 -58.43 -13.54 28.90
C TRP E 1827 -59.50 -12.50 28.79
N ASN E 1828 -59.16 -11.22 28.91
CA ASN E 1828 -60.23 -10.23 28.97
C ASN E 1828 -60.92 -9.99 27.63
N SER E 1829 -61.94 -9.14 27.62
CA SER E 1829 -62.72 -8.81 26.45
C SER E 1829 -62.66 -7.35 26.15
N ASP E 1830 -62.28 -6.56 27.11
CA ASP E 1830 -62.27 -5.12 26.89
C ASP E 1830 -60.99 -4.59 27.48
N PRO E 1831 -59.89 -4.65 26.70
CA PRO E 1831 -58.52 -4.35 27.08
C PRO E 1831 -58.32 -2.94 27.48
N LEU E 1832 -57.33 -2.74 28.33
CA LEU E 1832 -56.94 -1.41 28.73
C LEU E 1832 -56.46 -0.62 27.54
N ASP E 1833 -56.95 0.60 27.43
CA ASP E 1833 -56.54 1.47 26.34
C ASP E 1833 -55.32 2.27 26.76
N SER E 1834 -54.15 1.86 26.30
CA SER E 1834 -52.90 2.50 26.68
C SER E 1834 -51.80 2.27 25.69
N VAL E 1835 -50.65 2.86 25.98
CA VAL E 1835 -49.46 2.73 25.15
C VAL E 1835 -48.39 1.97 25.90
N ASP E 1836 -48.71 1.64 27.14
CA ASP E 1836 -47.84 0.95 28.06
C ASP E 1836 -48.16 -0.55 28.22
N PRO E 1837 -47.38 -1.48 27.67
CA PRO E 1837 -47.63 -2.91 27.70
C PRO E 1837 -47.57 -3.46 29.11
N ASP E 1838 -46.95 -2.73 30.02
CA ASP E 1838 -46.82 -3.19 31.37
C ASP E 1838 -48.09 -2.90 32.11
N ALA E 1839 -48.78 -1.85 31.70
CA ALA E 1839 -50.01 -1.50 32.35
C ALA E 1839 -51.10 -2.39 31.83
N VAL E 1840 -50.92 -2.84 30.59
CA VAL E 1840 -51.91 -3.74 30.03
C VAL E 1840 -51.81 -5.04 30.73
N ALA E 1841 -50.60 -5.53 30.86
CA ALA E 1841 -50.38 -6.71 31.63
C ALA E 1841 -50.61 -6.21 33.02
N GLN E 1842 -50.82 -7.05 33.99
CA GLN E 1842 -51.13 -6.61 35.36
C GLN E 1842 -52.62 -6.35 35.40
N HIS E 1843 -53.07 -5.43 34.57
CA HIS E 1843 -54.48 -5.14 34.47
C HIS E 1843 -55.15 -6.43 34.04
N ASP E 1844 -54.59 -7.07 33.02
CA ASP E 1844 -55.03 -8.39 32.62
C ASP E 1844 -53.84 -9.35 32.78
N PRO E 1845 -53.74 -10.07 33.89
CA PRO E 1845 -52.66 -10.94 34.30
C PRO E 1845 -52.38 -12.04 33.31
N MET E 1846 -53.30 -12.32 32.40
CA MET E 1846 -53.09 -13.38 31.44
C MET E 1846 -51.89 -13.12 30.59
N HIS E 1847 -51.53 -11.87 30.42
CA HIS E 1847 -50.40 -11.60 29.58
C HIS E 1847 -49.11 -12.04 30.25
N TYR E 1848 -49.07 -12.01 31.59
CA TYR E 1848 -47.86 -12.44 32.24
C TYR E 1848 -47.83 -13.94 32.25
N LYS E 1849 -48.98 -14.54 32.29
CA LYS E 1849 -48.99 -15.99 32.31
C LYS E 1849 -48.39 -16.49 31.01
N VAL E 1850 -48.69 -15.77 29.94
CA VAL E 1850 -48.18 -16.15 28.65
C VAL E 1850 -46.71 -15.84 28.55
N SER E 1851 -46.26 -14.67 29.01
CA SER E 1851 -44.84 -14.41 28.91
C SER E 1851 -44.06 -15.38 29.78
N THR E 1852 -44.65 -15.84 30.86
CA THR E 1852 -43.98 -16.77 31.72
C THR E 1852 -43.85 -18.08 31.00
N PHE E 1853 -44.93 -18.47 30.32
CA PHE E 1853 -44.95 -19.70 29.57
C PHE E 1853 -43.84 -19.63 28.54
N MET E 1854 -43.75 -18.52 27.81
CA MET E 1854 -42.70 -18.40 26.81
C MET E 1854 -41.34 -18.54 27.42
N ARG E 1855 -41.09 -17.94 28.56
CA ARG E 1855 -39.76 -18.07 29.11
C ARG E 1855 -39.45 -19.52 29.42
N THR E 1856 -40.44 -20.28 29.84
CA THR E 1856 -40.17 -21.67 30.12
C THR E 1856 -39.77 -22.35 28.83
N LEU E 1857 -40.47 -22.06 27.75
CA LEU E 1857 -40.14 -22.67 26.48
C LEU E 1857 -38.79 -22.24 25.99
N ASP E 1858 -38.44 -20.99 26.23
CA ASP E 1858 -37.16 -20.45 25.79
C ASP E 1858 -36.05 -21.19 26.49
N LEU E 1859 -36.30 -21.54 27.74
CA LEU E 1859 -35.31 -22.23 28.53
C LEU E 1859 -35.10 -23.62 27.99
N LEU E 1860 -36.18 -24.32 27.68
CA LEU E 1860 -36.05 -25.68 27.20
C LEU E 1860 -35.35 -25.67 25.87
N ILE E 1861 -35.63 -24.67 25.07
CA ILE E 1861 -35.00 -24.57 23.79
C ILE E 1861 -33.55 -24.29 23.98
N ALA E 1862 -33.19 -23.37 24.86
CA ALA E 1862 -31.80 -23.07 25.03
C ALA E 1862 -31.03 -24.29 25.45
N ARG E 1863 -31.62 -25.14 26.27
CA ARG E 1863 -30.91 -26.34 26.68
C ARG E 1863 -30.71 -27.21 25.46
N GLY E 1864 -31.72 -27.25 24.62
CA GLY E 1864 -31.66 -28.01 23.41
C GLY E 1864 -30.55 -27.53 22.53
N ASP E 1865 -30.50 -26.24 22.28
CA ASP E 1865 -29.54 -25.65 21.35
C ASP E 1865 -28.15 -25.85 21.85
N HIS E 1866 -28.00 -25.79 23.14
CA HIS E 1866 -26.71 -25.97 23.72
C HIS E 1866 -26.21 -27.35 23.36
N ALA E 1867 -27.04 -28.35 23.60
CA ALA E 1867 -26.62 -29.71 23.30
C ALA E 1867 -26.43 -29.88 21.81
N TYR E 1868 -27.25 -29.22 21.03
CA TYR E 1868 -27.25 -29.41 19.60
C TYR E 1868 -25.90 -29.07 19.08
N ARG E 1869 -25.39 -27.95 19.54
CA ARG E 1869 -24.16 -27.35 19.09
C ARG E 1869 -22.92 -28.09 19.48
N GLN E 1870 -23.04 -29.08 20.33
CA GLN E 1870 -21.88 -29.84 20.71
C GLN E 1870 -21.57 -30.85 19.60
N LEU E 1871 -22.54 -31.05 18.70
CA LEU E 1871 -22.40 -31.89 17.52
C LEU E 1871 -21.91 -33.29 17.72
N GLU E 1872 -22.27 -33.95 18.78
CA GLU E 1872 -21.86 -35.32 18.93
C GLU E 1872 -23.14 -36.06 18.65
N ARG E 1873 -23.10 -37.32 18.27
CA ARG E 1873 -24.41 -37.92 18.02
C ARG E 1873 -25.21 -37.95 19.31
N ASP E 1874 -24.50 -38.14 20.39
CA ASP E 1874 -25.14 -38.25 21.67
C ASP E 1874 -25.78 -36.93 22.10
N THR E 1875 -25.18 -35.80 21.74
CA THR E 1875 -25.71 -34.53 22.22
C THR E 1875 -26.78 -34.08 21.30
N LEU E 1876 -26.77 -34.58 20.08
CA LEU E 1876 -27.85 -34.25 19.20
C LEU E 1876 -29.10 -34.94 19.70
N ASN E 1877 -28.96 -36.18 20.18
CA ASN E 1877 -30.13 -36.87 20.68
C ASN E 1877 -30.63 -36.17 21.93
N GLU E 1878 -29.71 -35.60 22.69
CA GLU E 1878 -30.12 -34.86 23.86
C GLU E 1878 -30.89 -33.64 23.38
N ALA E 1879 -30.39 -32.95 22.38
CA ALA E 1879 -31.10 -31.77 21.95
C ALA E 1879 -32.50 -32.15 21.59
N LYS E 1880 -32.63 -33.30 20.96
CA LYS E 1880 -33.92 -33.72 20.52
C LYS E 1880 -34.86 -33.82 21.68
N MET E 1881 -34.44 -34.42 22.79
CA MET E 1881 -35.46 -34.54 23.82
C MET E 1881 -35.86 -33.20 24.34
N TRP E 1882 -34.97 -32.23 24.30
CA TRP E 1882 -35.34 -30.97 24.86
C TRP E 1882 -36.35 -30.30 23.95
N TYR E 1883 -36.27 -30.58 22.68
CA TYR E 1883 -37.20 -29.95 21.80
C TYR E 1883 -38.49 -30.67 21.93
N MET E 1884 -38.44 -31.97 22.18
CA MET E 1884 -39.67 -32.72 22.26
C MET E 1884 -40.41 -32.29 23.49
N GLN E 1885 -39.70 -31.92 24.54
CA GLN E 1885 -40.38 -31.45 25.72
C GLN E 1885 -41.01 -30.13 25.45
N ALA E 1886 -40.33 -29.25 24.74
CA ALA E 1886 -40.95 -27.99 24.46
C ALA E 1886 -42.22 -28.22 23.66
N LEU E 1887 -42.21 -29.19 22.74
CA LEU E 1887 -43.41 -29.46 21.99
C LEU E 1887 -44.50 -29.99 22.87
N HIS E 1888 -44.17 -30.86 23.82
CA HIS E 1888 -45.15 -31.40 24.73
C HIS E 1888 -45.79 -30.27 25.50
N LEU E 1889 -44.97 -29.35 25.98
CA LEU E 1889 -45.46 -28.28 26.80
C LEU E 1889 -46.38 -27.36 26.00
N LEU E 1890 -46.02 -27.08 24.74
CA LEU E 1890 -46.87 -26.28 23.87
C LEU E 1890 -48.15 -26.97 23.52
N GLY E 1891 -48.04 -28.26 23.36
CA GLY E 1891 -49.16 -29.08 22.98
C GLY E 1891 -49.40 -28.82 21.51
N ASP E 1892 -50.58 -29.17 21.04
CA ASP E 1892 -50.88 -29.02 19.64
C ASP E 1892 -50.99 -27.59 19.22
N LYS E 1893 -50.57 -27.33 17.99
CA LYS E 1893 -50.70 -26.03 17.39
C LYS E 1893 -52.18 -25.83 17.14
N PRO E 1894 -52.79 -24.75 17.63
CA PRO E 1894 -54.20 -24.44 17.52
C PRO E 1894 -54.59 -24.05 16.13
N TYR E 1895 -55.86 -24.27 15.81
CA TYR E 1895 -56.40 -23.82 14.55
C TYR E 1895 -56.91 -22.42 14.71
N LEU E 1896 -56.41 -21.54 13.87
CA LEU E 1896 -56.78 -20.15 13.93
C LEU E 1896 -57.29 -19.67 12.57
N PRO E 1897 -58.56 -19.90 12.24
CA PRO E 1897 -59.09 -19.61 10.94
C PRO E 1897 -59.11 -18.15 10.63
N LEU E 1898 -58.87 -17.83 9.38
CA LEU E 1898 -58.95 -16.45 8.97
C LEU E 1898 -60.28 -16.19 8.35
N SER E 1899 -61.01 -15.26 8.92
CA SER E 1899 -62.32 -14.95 8.39
C SER E 1899 -62.22 -13.89 7.33
N THR E 1900 -63.29 -13.75 6.56
CA THR E 1900 -63.37 -12.75 5.50
C THR E 1900 -64.51 -11.76 5.66
N THR E 1901 -65.40 -12.00 6.62
CA THR E 1901 -66.57 -11.16 6.76
C THR E 1901 -66.21 -9.72 7.07
N TRP E 1902 -66.76 -8.81 6.30
CA TRP E 1902 -66.54 -7.41 6.49
C TRP E 1902 -67.71 -6.63 5.94
N SER E 1903 -68.22 -5.74 6.76
CA SER E 1903 -69.39 -4.94 6.43
C SER E 1903 -69.17 -3.70 5.57
N ASP E 1904 -67.94 -3.33 5.32
CA ASP E 1904 -67.62 -2.11 4.56
C ASP E 1904 -68.40 -0.93 5.12
N PRO E 1905 -68.34 -0.67 6.42
CA PRO E 1905 -69.11 0.34 7.09
C PRO E 1905 -68.63 1.71 6.73
N ARG E 1906 -69.53 2.66 6.84
CA ARG E 1906 -69.18 4.06 6.66
C ARG E 1906 -68.38 4.45 7.88
N LEU E 1907 -67.49 5.41 7.74
CA LEU E 1907 -66.67 5.87 8.84
C LEU E 1907 -67.46 6.34 10.05
N ASP E 1908 -68.62 6.96 9.83
CA ASP E 1908 -69.43 7.42 10.96
C ASP E 1908 -69.94 6.26 11.80
N ARG E 1909 -70.21 5.16 11.15
CA ARG E 1909 -70.73 3.97 11.80
C ARG E 1909 -69.60 3.19 12.41
N ALA E 1910 -68.47 3.25 11.73
CA ALA E 1910 -67.27 2.57 12.14
C ALA E 1910 -66.73 3.16 13.42
N ALA E 1911 -67.05 4.43 13.69
CA ALA E 1911 -66.63 5.10 14.91
C ALA E 1911 -67.48 4.67 16.10
N ASP E 1912 -67.33 3.40 16.45
CA ASP E 1912 -68.03 2.68 17.49
C ASP E 1912 -67.16 2.65 18.76
N ILE E 1913 -67.59 3.37 19.79
CA ILE E 1913 -66.77 3.55 20.98
C ILE E 1913 -67.29 2.98 22.29
N THR E 1914 -66.34 2.73 23.19
CA THR E 1914 -66.62 2.25 24.53
C THR E 1914 -66.84 3.42 25.47
N THR E 1915 -67.97 3.40 26.17
CA THR E 1915 -68.32 4.44 27.11
C THR E 1915 -68.75 3.81 28.44
N GLN E 1916 -68.89 4.66 29.47
CA GLN E 1916 -69.37 4.20 30.78
C GLN E 1916 -70.75 4.76 31.08
N THR E 1943 -70.43 -8.12 11.84
CA THR E 1943 -71.37 -8.94 12.60
C THR E 1943 -70.77 -9.21 13.96
N LEU E 1944 -69.75 -8.45 14.29
CA LEU E 1944 -69.07 -8.53 15.56
C LEU E 1944 -69.28 -7.25 16.34
N THR E 1945 -69.18 -7.32 17.66
CA THR E 1945 -69.30 -6.10 18.44
C THR E 1945 -68.15 -5.19 18.10
N ASP E 1946 -66.95 -5.61 18.41
CA ASP E 1946 -65.82 -4.80 18.00
C ASP E 1946 -65.60 -5.07 16.54
N LEU E 1947 -65.77 -4.02 15.75
CA LEU E 1947 -65.70 -4.09 14.32
C LEU E 1947 -64.43 -4.70 13.77
N PHE E 1948 -63.28 -4.46 14.39
CA PHE E 1948 -62.06 -4.94 13.77
C PHE E 1948 -61.53 -6.22 14.39
N LEU E 1949 -60.79 -6.99 13.60
CA LEU E 1949 -60.32 -8.28 14.05
C LEU E 1949 -58.83 -8.34 14.32
N PRO E 1950 -58.38 -9.23 15.19
CA PRO E 1950 -57.00 -9.45 15.53
C PRO E 1950 -56.25 -10.17 14.46
N GLN E 1951 -54.95 -10.08 14.52
CA GLN E 1951 -54.09 -10.87 13.67
C GLN E 1951 -53.60 -12.03 14.51
N ILE E 1952 -52.89 -12.95 13.90
CA ILE E 1952 -52.45 -14.20 14.50
C ILE E 1952 -51.52 -14.21 15.70
N ASN E 1953 -50.59 -13.29 15.78
CA ASN E 1953 -49.56 -13.30 16.82
C ASN E 1953 -48.53 -14.31 16.47
N GLU E 1954 -47.88 -14.03 15.36
CA GLU E 1954 -46.91 -14.89 14.77
C GLU E 1954 -45.77 -15.21 15.69
N VAL E 1955 -45.44 -14.32 16.61
CA VAL E 1955 -44.35 -14.63 17.50
C VAL E 1955 -44.64 -15.87 18.31
N MET E 1956 -45.88 -16.05 18.75
CA MET E 1956 -46.15 -17.24 19.52
C MET E 1956 -46.26 -18.43 18.59
N MET E 1957 -46.75 -18.18 17.41
CA MET E 1957 -46.96 -19.30 16.50
C MET E 1957 -45.63 -19.85 16.03
N ASN E 1958 -44.65 -18.98 16.03
CA ASN E 1958 -43.31 -19.28 15.63
C ASN E 1958 -42.66 -20.27 16.55
N TYR E 1959 -43.21 -20.49 17.75
CA TYR E 1959 -42.58 -21.47 18.60
C TYR E 1959 -42.85 -22.83 18.05
N TRP E 1960 -43.96 -23.04 17.37
CA TRP E 1960 -44.18 -24.36 16.86
C TRP E 1960 -43.40 -24.47 15.61
N GLN E 1961 -43.26 -23.36 14.91
CA GLN E 1961 -42.56 -23.41 13.66
C GLN E 1961 -41.09 -23.70 13.90
N THR E 1962 -40.56 -23.11 14.97
CA THR E 1962 -39.16 -23.26 15.30
C THR E 1962 -38.88 -24.64 15.75
N LEU E 1963 -39.73 -25.19 16.59
CA LEU E 1963 -39.46 -26.51 17.06
C LEU E 1963 -39.63 -27.48 15.94
N ALA E 1964 -40.60 -27.26 15.05
CA ALA E 1964 -40.75 -28.20 13.98
C ALA E 1964 -39.49 -28.22 13.15
N GLN E 1965 -38.91 -27.05 12.92
CA GLN E 1965 -37.71 -27.00 12.13
C GLN E 1965 -36.52 -27.60 12.83
N ARG E 1966 -36.39 -27.39 14.13
CA ARG E 1966 -35.23 -27.93 14.81
C ARG E 1966 -35.30 -29.43 14.82
N VAL E 1967 -36.51 -29.95 14.96
CA VAL E 1967 -36.67 -31.39 15.00
C VAL E 1967 -36.44 -31.91 13.61
N TYR E 1968 -36.97 -31.25 12.59
CA TYR E 1968 -36.77 -31.69 11.23
C TYR E 1968 -35.29 -31.86 10.97
N ASN E 1969 -34.49 -30.90 11.37
CA ASN E 1969 -33.09 -31.03 11.11
C ASN E 1969 -32.50 -32.23 11.82
N LEU E 1970 -32.98 -32.56 12.98
CA LEU E 1970 -32.39 -33.71 13.63
C LEU E 1970 -32.73 -34.98 12.89
N ARG E 1971 -33.96 -35.04 12.43
CA ARG E 1971 -34.48 -36.20 11.74
C ARG E 1971 -33.82 -36.41 10.38
N HIS E 1972 -33.39 -35.32 9.77
CA HIS E 1972 -32.74 -35.37 8.48
C HIS E 1972 -31.24 -35.20 8.54
N ASN E 1973 -30.64 -35.33 9.72
CA ASN E 1973 -29.19 -35.21 9.84
C ASN E 1973 -28.62 -33.90 9.37
N LEU E 1974 -29.20 -32.80 9.78
CA LEU E 1974 -28.72 -31.48 9.45
C LEU E 1974 -28.32 -30.75 10.71
N SER E 1975 -27.45 -29.77 10.59
CA SER E 1975 -27.04 -29.02 11.73
C SER E 1975 -28.08 -28.03 12.07
N ILE E 1976 -27.81 -27.22 13.06
CA ILE E 1976 -28.86 -26.35 13.56
C ILE E 1976 -29.40 -25.38 12.53
N ASP E 1977 -28.57 -24.99 11.57
CA ASP E 1977 -28.95 -24.08 10.51
C ASP E 1977 -29.28 -24.80 9.22
N GLY E 1978 -29.45 -26.09 9.25
CA GLY E 1978 -29.78 -26.82 8.05
C GLY E 1978 -28.58 -27.27 7.24
N GLN E 1979 -27.36 -27.05 7.71
CA GLN E 1979 -26.21 -27.51 6.94
C GLN E 1979 -26.11 -29.02 7.07
N PRO E 1980 -25.61 -29.74 6.08
CA PRO E 1980 -25.39 -31.15 6.16
C PRO E 1980 -24.24 -31.41 7.07
N LEU E 1981 -24.18 -32.57 7.68
CA LEU E 1981 -23.03 -32.90 8.49
C LEU E 1981 -22.80 -34.39 8.48
N TYR E 1982 -21.58 -34.78 8.76
CA TYR E 1982 -21.22 -36.17 8.72
C TYR E 1982 -20.53 -36.63 9.97
N LEU E 1983 -21.28 -36.73 11.03
CA LEU E 1983 -20.69 -37.09 12.29
C LEU E 1983 -20.42 -38.58 12.29
N PRO E 1984 -19.42 -39.06 13.02
CA PRO E 1984 -19.08 -40.45 13.18
C PRO E 1984 -20.13 -41.11 14.04
N ILE E 1985 -20.25 -42.43 13.93
CA ILE E 1985 -21.26 -43.10 14.73
C ILE E 1985 -20.93 -43.00 16.19
N TYR E 1986 -19.66 -43.16 16.51
CA TYR E 1986 -19.27 -43.06 17.90
C TYR E 1986 -18.37 -41.88 18.00
N ALA E 1987 -18.57 -41.08 19.03
CA ALA E 1987 -17.77 -39.90 19.23
C ALA E 1987 -16.34 -40.21 19.54
N THR E 1988 -15.46 -39.34 19.12
CA THR E 1988 -14.07 -39.41 19.47
C THR E 1988 -14.05 -39.21 20.97
N PRO E 1989 -13.33 -40.00 21.77
CA PRO E 1989 -13.28 -39.84 23.19
C PRO E 1989 -12.66 -38.51 23.50
N ALA E 1990 -13.17 -37.85 24.52
CA ALA E 1990 -12.66 -36.57 24.95
C ALA E 1990 -11.27 -36.75 25.46
N ASP E 1991 -10.42 -35.76 25.28
CA ASP E 1991 -9.07 -35.91 25.75
C ASP E 1991 -9.01 -35.73 27.26
N PRO E 1992 -8.65 -36.76 28.03
CA PRO E 1992 -8.68 -36.76 29.46
C PRO E 1992 -7.83 -35.68 30.09
N LYS E 1993 -6.80 -35.19 29.41
CA LYS E 1993 -6.04 -34.17 30.09
C LYS E 1993 -6.84 -32.89 30.14
N ALA E 1994 -7.72 -32.69 29.17
CA ALA E 1994 -8.48 -31.47 29.10
C ALA E 1994 -9.60 -31.56 30.09
N LEU E 1995 -10.11 -32.77 30.28
CA LEU E 1995 -11.20 -32.97 31.21
C LEU E 1995 -10.72 -32.67 32.59
N LEU E 1996 -9.47 -33.01 32.84
CA LEU E 1996 -8.93 -32.72 34.14
C LEU E 1996 -8.78 -31.24 34.31
N SER E 1997 -8.26 -30.52 33.32
CA SER E 1997 -8.07 -29.10 33.57
C SER E 1997 -9.39 -28.47 33.89
N ALA E 1998 -10.42 -28.90 33.20
CA ALA E 1998 -11.72 -28.34 33.47
C ALA E 1998 -12.19 -28.72 34.84
N ALA E 1999 -12.00 -29.98 35.25
CA ALA E 1999 -12.49 -30.38 36.55
C ALA E 1999 -11.82 -29.61 37.66
N VAL E 2000 -10.53 -29.36 37.52
CA VAL E 2000 -9.81 -28.63 38.54
C VAL E 2000 -10.36 -27.24 38.57
N ALA E 2001 -10.57 -26.69 37.39
CA ALA E 2001 -11.05 -25.35 37.21
C ALA E 2001 -12.54 -25.25 37.44
N THR E 2002 -13.22 -26.35 37.76
CA THR E 2002 -14.63 -26.34 38.05
C THR E 2002 -14.81 -26.28 39.56
N SER E 2003 -14.01 -27.03 40.32
CA SER E 2003 -14.17 -26.97 41.77
C SER E 2003 -13.32 -25.89 42.42
N GLN E 2004 -12.27 -25.48 41.74
CA GLN E 2004 -11.39 -24.50 42.31
C GLN E 2004 -12.00 -23.15 42.16
N GLY E 2005 -12.23 -22.49 43.26
CA GLY E 2005 -12.82 -21.17 43.20
C GLY E 2005 -14.29 -21.27 42.83
N GLY E 2006 -14.85 -22.47 42.97
CA GLY E 2006 -16.24 -22.69 42.62
C GLY E 2006 -16.41 -22.85 41.12
N GLY E 2007 -15.31 -22.72 40.37
CA GLY E 2007 -15.37 -22.82 38.94
C GLY E 2007 -16.05 -21.66 38.28
N LYS E 2008 -16.01 -20.47 38.87
CA LYS E 2008 -16.75 -19.40 38.22
C LYS E 2008 -16.01 -18.74 37.06
N LEU E 2009 -15.90 -19.52 36.00
CA LEU E 2009 -15.23 -19.22 34.74
C LEU E 2009 -16.20 -19.47 33.58
N PRO E 2010 -16.87 -18.41 33.08
CA PRO E 2010 -17.89 -18.42 32.02
C PRO E 2010 -17.36 -18.94 30.69
N GLU E 2011 -18.27 -19.38 29.83
CA GLU E 2011 -17.90 -19.90 28.52
C GLU E 2011 -17.04 -18.94 27.73
N SER E 2012 -15.95 -19.46 27.20
CA SER E 2012 -15.05 -18.68 26.38
C SER E 2012 -15.46 -18.95 24.96
N PHE E 2013 -16.23 -18.07 24.37
CA PHE E 2013 -16.78 -18.37 23.06
C PHE E 2013 -15.72 -18.35 21.96
N MET E 2014 -15.77 -19.33 21.04
CA MET E 2014 -14.80 -19.30 19.96
C MET E 2014 -15.09 -18.12 19.05
N SER E 2015 -14.10 -17.28 18.89
CA SER E 2015 -14.25 -16.03 18.16
C SER E 2015 -13.51 -15.92 16.87
N LEU E 2016 -13.64 -14.74 16.29
CA LEU E 2016 -13.02 -14.40 15.04
C LEU E 2016 -11.68 -13.77 15.23
N TRP E 2017 -11.39 -13.32 16.43
CA TRP E 2017 -10.13 -12.64 16.64
C TRP E 2017 -9.00 -13.54 17.11
N ARG E 2018 -7.81 -13.29 16.57
CA ARG E 2018 -6.58 -13.99 16.93
C ARG E 2018 -6.07 -13.54 18.26
N PHE E 2019 -5.23 -14.38 18.87
CA PHE E 2019 -4.71 -14.13 20.19
C PHE E 2019 -4.16 -12.75 20.41
N PRO E 2020 -3.22 -12.19 19.66
CA PRO E 2020 -2.70 -10.89 20.00
C PRO E 2020 -3.75 -9.79 20.00
N HIS E 2021 -4.83 -9.94 19.26
CA HIS E 2021 -5.83 -8.90 19.30
C HIS E 2021 -6.50 -9.01 20.62
N MET E 2022 -6.94 -10.22 20.94
CA MET E 2022 -7.70 -10.40 22.15
C MET E 2022 -6.87 -10.18 23.35
N LEU E 2023 -5.59 -10.44 23.27
CA LEU E 2023 -4.75 -10.21 24.39
C LEU E 2023 -4.73 -8.75 24.69
N GLU E 2024 -4.59 -7.92 23.66
CA GLU E 2024 -4.55 -6.51 23.93
C GLU E 2024 -5.89 -6.03 24.42
N ASN E 2025 -6.99 -6.57 23.92
CA ASN E 2025 -8.25 -6.08 24.41
C ASN E 2025 -8.39 -6.44 25.86
N ALA E 2026 -8.01 -7.67 26.23
CA ALA E 2026 -8.15 -8.06 27.60
C ALA E 2026 -7.26 -7.20 28.45
N ARG E 2027 -6.04 -6.92 28.01
CA ARG E 2027 -5.17 -6.17 28.86
C ARG E 2027 -5.74 -4.82 29.15
N GLY E 2028 -6.30 -4.17 28.15
CA GLY E 2028 -6.90 -2.86 28.36
C GLY E 2028 -8.07 -2.94 29.34
N MET E 2029 -8.80 -4.05 29.26
CA MET E 2029 -9.95 -4.24 30.10
C MET E 2029 -9.52 -4.44 31.53
N VAL E 2030 -8.37 -5.06 31.72
CA VAL E 2030 -7.92 -5.29 33.04
C VAL E 2030 -7.35 -4.00 33.58
N SER E 2031 -6.57 -3.26 32.82
CA SER E 2031 -6.03 -2.04 33.40
C SER E 2031 -7.17 -1.10 33.77
N GLN E 2032 -8.27 -1.16 33.05
CA GLN E 2032 -9.34 -0.34 33.49
C GLN E 2032 -9.84 -0.89 34.80
N LEU E 2033 -9.96 -2.21 34.94
CA LEU E 2033 -10.46 -2.77 36.17
C LEU E 2033 -9.60 -2.31 37.32
N THR E 2034 -8.29 -2.27 37.13
CA THR E 2034 -7.38 -1.91 38.20
C THR E 2034 -7.57 -0.46 38.61
N GLN E 2035 -8.01 0.40 37.71
CA GLN E 2035 -8.24 1.78 38.12
C GLN E 2035 -9.50 1.86 38.96
N PHE E 2036 -10.46 0.98 38.70
CA PHE E 2036 -11.66 1.08 39.50
C PHE E 2036 -11.32 0.57 40.86
N GLY E 2037 -10.42 -0.39 40.89
CA GLY E 2037 -9.96 -0.99 42.11
C GLY E 2037 -9.31 0.08 42.96
N SER E 2038 -8.30 0.76 42.44
CA SER E 2038 -7.64 1.77 43.26
C SER E 2038 -8.58 2.90 43.63
N THR E 2039 -9.57 3.16 42.79
CA THR E 2039 -10.50 4.20 43.12
C THR E 2039 -11.27 3.77 44.34
N LEU E 2040 -11.72 2.52 44.33
CA LEU E 2040 -12.50 2.02 45.43
C LEU E 2040 -11.68 2.00 46.68
N GLN E 2041 -10.40 1.70 46.54
CA GLN E 2041 -9.54 1.65 47.70
C GLN E 2041 -9.56 2.99 48.40
N ASN E 2042 -9.62 4.07 47.63
CA ASN E 2042 -9.62 5.38 48.22
C ASN E 2042 -10.95 5.67 48.86
N ILE E 2043 -12.02 5.15 48.28
CA ILE E 2043 -13.33 5.41 48.83
C ILE E 2043 -13.46 4.75 50.15
N ILE E 2044 -13.01 3.51 50.27
CA ILE E 2044 -13.14 2.84 51.55
C ILE E 2044 -12.24 3.46 52.61
N GLU E 2045 -11.07 3.99 52.23
CA GLU E 2045 -10.24 4.61 53.23
C GLU E 2045 -10.81 5.93 53.67
N ARG E 2046 -11.41 6.67 52.74
CA ARG E 2046 -11.96 7.95 53.12
C ARG E 2046 -13.21 7.71 53.92
N GLN E 2047 -14.02 6.76 53.49
CA GLN E 2047 -15.24 6.48 54.22
C GLN E 2047 -14.94 6.19 55.67
N ASP E 2048 -13.90 5.39 55.93
CA ASP E 2048 -13.57 5.10 57.31
C ASP E 2048 -12.99 6.31 58.02
N ALA E 2049 -12.16 7.10 57.35
CA ALA E 2049 -11.61 8.27 58.02
C ALA E 2049 -12.71 9.23 58.42
N GLU E 2050 -13.71 9.36 57.59
CA GLU E 2050 -14.76 10.30 57.90
C GLU E 2050 -15.58 9.79 59.06
N ALA E 2051 -15.74 8.48 59.12
CA ALA E 2051 -16.48 7.89 60.21
C ALA E 2051 -15.78 8.17 61.52
N LEU E 2052 -14.47 8.15 61.48
CA LEU E 2052 -13.66 8.39 62.65
C LEU E 2052 -13.80 9.79 63.13
N ASN E 2053 -13.93 10.72 62.21
CA ASN E 2053 -14.06 12.08 62.66
C ASN E 2053 -15.37 12.23 63.41
N ALA E 2054 -16.44 11.64 62.90
CA ALA E 2054 -17.70 11.76 63.61
C ALA E 2054 -17.59 11.16 64.99
N LEU E 2055 -16.83 10.07 65.10
CA LEU E 2055 -16.66 9.42 66.37
C LEU E 2055 -15.93 10.31 67.33
N LEU E 2056 -14.84 10.91 66.90
CA LEU E 2056 -14.05 11.71 67.80
C LEU E 2056 -14.83 12.91 68.28
N GLN E 2057 -15.65 13.46 67.41
CA GLN E 2057 -16.39 14.60 67.82
C GLN E 2057 -17.53 14.23 68.76
N ASN E 2058 -18.14 13.08 68.54
CA ASN E 2058 -19.19 12.72 69.47
C ASN E 2058 -18.59 12.46 70.84
N GLN E 2059 -17.38 11.94 70.85
CA GLN E 2059 -16.71 11.67 72.10
C GLN E 2059 -16.37 12.96 72.82
N ALA E 2060 -16.05 14.02 72.06
CA ALA E 2060 -15.74 15.27 72.70
C ALA E 2060 -16.96 15.73 73.44
N ALA E 2061 -18.13 15.59 72.81
CA ALA E 2061 -19.35 16.05 73.45
C ALA E 2061 -19.58 15.35 74.78
N GLU E 2062 -19.27 14.06 74.84
CA GLU E 2062 -19.47 13.35 76.08
C GLU E 2062 -18.59 13.89 77.21
N LEU E 2063 -17.37 14.28 76.86
CA LEU E 2063 -16.47 14.77 77.89
C LEU E 2063 -16.80 16.18 78.28
N ILE E 2064 -17.30 16.97 77.34
CA ILE E 2064 -17.65 18.32 77.65
C ILE E 2064 -18.78 18.30 78.66
N LEU E 2065 -19.78 17.45 78.43
CA LEU E 2065 -20.88 17.41 79.36
C LEU E 2065 -20.42 16.99 80.74
N THR E 2066 -19.49 16.06 80.82
CA THR E 2066 -19.03 15.63 82.12
C THR E 2066 -18.32 16.78 82.82
N ASN E 2067 -17.52 17.54 82.08
CA ASN E 2067 -16.79 18.65 82.64
C ASN E 2067 -17.71 19.75 83.11
N LEU E 2068 -18.87 19.90 82.47
CA LEU E 2068 -19.80 20.90 82.94
C LEU E 2068 -20.30 20.50 84.31
N SER E 2069 -20.58 19.22 84.51
CA SER E 2069 -21.04 18.80 85.84
C SER E 2069 -19.97 19.09 86.89
N ILE E 2070 -18.72 18.89 86.52
CA ILE E 2070 -17.64 19.16 87.44
C ILE E 2070 -17.55 20.65 87.76
N GLN E 2071 -17.69 21.51 86.75
CA GLN E 2071 -17.64 22.94 87.02
C GLN E 2071 -18.82 23.36 87.90
N ASP E 2072 -19.98 22.73 87.74
CA ASP E 2072 -21.09 23.10 88.62
C ASP E 2072 -20.78 22.76 90.04
N LYS E 2073 -20.12 21.62 90.28
CA LYS E 2073 -19.81 21.29 91.65
C LYS E 2073 -18.76 22.23 92.18
N THR E 2074 -17.87 22.68 91.32
CA THR E 2074 -16.80 23.60 91.70
C THR E 2074 -17.42 24.88 92.22
N ILE E 2075 -18.44 25.36 91.53
CA ILE E 2075 -19.11 26.56 91.99
C ILE E 2075 -19.78 26.28 93.34
N GLU E 2076 -20.46 25.14 93.49
CA GLU E 2076 -21.14 24.86 94.75
C GLU E 2076 -20.13 24.82 95.88
N GLU E 2077 -18.94 24.33 95.60
CA GLU E 2077 -17.94 24.30 96.63
C GLU E 2077 -17.66 25.72 97.04
N LEU E 2078 -17.50 26.64 96.09
CA LEU E 2078 -17.18 28.00 96.49
C LEU E 2078 -18.29 28.59 97.33
N ASP E 2079 -19.52 28.23 97.03
CA ASP E 2079 -20.64 28.72 97.82
C ASP E 2079 -20.55 28.14 99.23
N ALA E 2080 -20.08 26.90 99.35
CA ALA E 2080 -19.94 26.28 100.65
C ALA E 2080 -18.90 27.04 101.46
N GLU E 2081 -17.88 27.56 100.78
CA GLU E 2081 -16.87 28.36 101.44
C GLU E 2081 -17.46 29.67 101.89
N LYS E 2082 -18.37 30.24 101.12
CA LYS E 2082 -18.99 31.46 101.60
C LYS E 2082 -19.61 31.17 102.95
N THR E 2083 -20.23 30.00 103.06
CA THR E 2083 -20.86 29.60 104.31
C THR E 2083 -19.82 29.47 105.41
N VAL E 2084 -18.66 28.88 105.11
CA VAL E 2084 -17.64 28.74 106.14
C VAL E 2084 -17.19 30.11 106.62
N LEU E 2085 -16.97 31.03 105.69
CA LEU E 2085 -16.54 32.34 106.09
C LEU E 2085 -17.61 33.02 106.91
N GLU E 2086 -18.88 32.85 106.57
CA GLU E 2086 -19.94 33.47 107.33
C GLU E 2086 -19.98 32.98 108.74
N LYS E 2087 -19.66 31.72 108.96
CA LYS E 2087 -19.71 31.22 110.33
C LYS E 2087 -18.57 31.89 111.09
N SER E 2088 -17.46 32.16 110.41
CA SER E 2088 -16.34 32.81 111.05
C SER E 2088 -16.79 34.20 111.44
N LYS E 2089 -17.48 34.88 110.52
CA LYS E 2089 -17.94 36.23 110.74
C LYS E 2089 -18.76 36.27 112.00
N ALA E 2090 -19.67 35.31 112.15
CA ALA E 2090 -20.52 35.28 113.31
C ALA E 2090 -19.69 35.14 114.57
N GLY E 2091 -18.61 34.37 114.49
CA GLY E 2091 -17.75 34.14 115.62
C GLY E 2091 -17.14 35.46 116.05
N ALA E 2092 -16.59 36.17 115.08
CA ALA E 2092 -15.97 37.45 115.37
C ALA E 2092 -16.99 38.43 115.90
N GLN E 2093 -18.21 38.36 115.37
CA GLN E 2093 -19.28 39.27 115.76
C GLN E 2093 -19.68 39.02 117.18
N SER E 2094 -19.63 37.77 117.60
CA SER E 2094 -19.99 37.44 118.94
C SER E 2094 -18.99 38.06 119.87
N ARG E 2095 -17.71 37.88 119.57
CA ARG E 2095 -16.68 38.45 120.42
C ARG E 2095 -16.72 39.94 120.38
N PHE E 2096 -17.02 40.49 119.24
CA PHE E 2096 -17.01 41.92 119.10
C PHE E 2096 -18.06 42.52 119.98
N ASP E 2097 -19.27 41.99 119.93
CA ASP E 2097 -20.32 42.55 120.73
C ASP E 2097 -20.12 42.20 122.19
N SER E 2098 -19.56 41.03 122.47
CA SER E 2098 -19.41 40.61 123.84
C SER E 2098 -18.43 41.53 124.56
N TYR E 2099 -17.35 41.89 123.87
CA TYR E 2099 -16.40 42.77 124.50
C TYR E 2099 -16.89 44.18 124.45
N GLY E 2100 -17.61 44.55 123.39
CA GLY E 2100 -18.12 45.91 123.25
C GLY E 2100 -19.04 46.21 124.41
N LYS E 2101 -19.78 45.21 124.84
CA LYS E 2101 -20.70 45.37 125.94
C LYS E 2101 -19.96 45.50 127.23
N LEU E 2102 -18.93 44.67 127.45
CA LEU E 2102 -18.22 44.76 128.68
C LEU E 2102 -17.52 46.11 128.78
N TYR E 2103 -17.06 46.60 127.64
CA TYR E 2103 -16.38 47.85 127.59
C TYR E 2103 -17.37 48.94 128.02
N ASP E 2104 -18.60 48.91 127.48
CA ASP E 2104 -19.56 49.94 127.90
C ASP E 2104 -19.93 49.82 129.38
N GLU E 2105 -20.07 48.60 129.89
CA GLU E 2105 -20.37 48.43 131.30
C GLU E 2105 -19.06 48.39 132.03
N ASN E 2106 -18.38 49.53 132.03
CA ASN E 2106 -17.03 49.63 132.53
C ASN E 2106 -16.90 49.04 133.91
N ILE E 2107 -17.85 49.38 134.76
CA ILE E 2107 -17.96 48.88 136.11
C ILE E 2107 -19.41 48.48 136.24
N ASN E 2108 -19.67 47.28 136.75
CA ASN E 2108 -21.05 46.84 136.86
C ASN E 2108 -21.75 47.55 137.96
N ALA E 2109 -23.06 47.59 137.92
CA ALA E 2109 -23.80 48.26 138.97
C ALA E 2109 -23.46 47.66 140.31
N GLY E 2110 -23.27 46.36 140.35
CA GLY E 2110 -22.91 45.69 141.58
C GLY E 2110 -21.57 46.22 142.05
N GLU E 2111 -20.61 46.25 141.15
CA GLU E 2111 -19.28 46.69 141.46
C GLU E 2111 -19.26 48.14 141.90
N ASN E 2112 -20.12 48.95 141.29
CA ASN E 2112 -20.19 50.36 141.62
C ASN E 2112 -20.77 50.53 143.02
N GLN E 2113 -21.67 49.65 143.40
CA GLN E 2113 -22.25 49.75 144.72
C GLN E 2113 -21.19 49.40 145.74
N ALA E 2114 -20.35 48.39 145.46
CA ALA E 2114 -19.32 48.03 146.41
C ALA E 2114 -18.33 49.16 146.60
N MET E 2115 -18.00 49.85 145.52
CA MET E 2115 -17.07 50.96 145.61
C MET E 2115 -17.68 52.10 146.41
N THR E 2116 -18.97 52.33 146.19
CA THR E 2116 -19.69 53.38 146.89
C THR E 2116 -19.71 53.09 148.38
N LEU E 2117 -19.97 51.84 148.73
CA LEU E 2117 -20.04 51.43 150.11
C LEU E 2117 -18.68 51.54 150.78
N ARG E 2118 -17.60 51.22 150.07
CA ARG E 2118 -16.29 51.38 150.68
C ARG E 2118 -16.00 52.85 150.89
N ALA E 2119 -16.40 53.69 149.93
CA ALA E 2119 -16.18 55.12 150.07
C ALA E 2119 -16.99 55.65 151.24
N SER E 2120 -18.20 55.12 151.41
CA SER E 2120 -19.04 55.55 152.50
C SER E 2120 -18.42 55.17 153.82
N ALA E 2121 -18.01 53.91 153.95
CA ALA E 2121 -17.35 53.46 155.17
C ALA E 2121 -16.11 54.27 155.45
N ALA E 2122 -15.39 54.60 154.39
CA ALA E 2122 -14.18 55.36 154.54
C ALA E 2122 -14.44 56.73 155.10
N GLY E 2123 -15.54 57.35 154.66
CA GLY E 2123 -15.87 58.69 155.10
C GLY E 2123 -16.19 58.69 156.57
N LEU E 2124 -16.89 57.63 156.96
CA LEU E 2124 -17.36 57.44 158.31
C LEU E 2124 -16.21 57.11 159.24
N THR E 2125 -15.29 56.29 158.76
CA THR E 2125 -14.15 55.85 159.52
C THR E 2125 -13.27 57.03 159.77
N THR E 2126 -13.11 57.87 158.73
CA THR E 2126 -12.28 59.04 158.82
C THR E 2126 -12.89 60.03 159.77
N ALA E 2127 -14.21 60.25 159.69
CA ALA E 2127 -14.87 61.22 160.54
C ALA E 2127 -14.69 60.85 161.99
N VAL E 2128 -14.74 59.55 162.27
CA VAL E 2128 -14.57 59.09 163.62
C VAL E 2128 -13.18 59.19 164.11
N GLN E 2129 -12.21 58.81 163.30
CA GLN E 2129 -10.90 58.91 163.87
C GLN E 2129 -10.60 60.38 164.13
N ALA E 2130 -11.10 61.24 163.25
CA ALA E 2130 -10.85 62.66 163.41
C ALA E 2130 -11.54 63.20 164.65
N SER E 2131 -12.78 62.78 164.95
CA SER E 2131 -13.49 63.29 166.12
C SER E 2131 -13.07 62.60 167.40
N ARG E 2132 -12.54 61.39 167.29
CA ARG E 2132 -12.08 60.65 168.45
C ARG E 2132 -10.80 61.32 168.91
N LEU E 2133 -9.95 61.69 167.95
CA LEU E 2133 -8.73 62.38 168.27
C LEU E 2133 -9.06 63.77 168.75
N ALA E 2134 -9.96 64.47 168.05
CA ALA E 2134 -10.31 65.83 168.46
C ALA E 2134 -10.86 65.83 169.88
N GLY E 2135 -11.59 64.77 170.21
CA GLY E 2135 -12.11 64.63 171.54
C GLY E 2135 -10.94 64.59 172.50
N ALA E 2136 -9.98 63.71 172.24
CA ALA E 2136 -8.79 63.58 173.09
C ALA E 2136 -8.00 64.88 173.14
N ALA E 2137 -7.98 65.58 172.01
CA ALA E 2137 -7.25 66.83 171.82
C ALA E 2137 -7.72 67.88 172.78
N ALA E 2138 -8.98 67.83 173.17
CA ALA E 2138 -9.47 68.85 174.08
C ALA E 2138 -8.61 68.91 175.35
N ASP E 2139 -8.06 67.76 175.80
CA ASP E 2139 -7.25 67.73 177.01
C ASP E 2139 -5.75 67.89 176.73
N LEU E 2140 -5.37 67.96 175.44
CA LEU E 2140 -3.98 68.08 175.03
C LEU E 2140 -3.69 69.51 174.58
N VAL E 2141 -4.71 70.19 174.08
CA VAL E 2141 -4.57 71.55 173.63
C VAL E 2141 -3.96 72.45 174.70
N PRO E 2142 -4.38 72.44 175.97
CA PRO E 2142 -3.74 73.27 176.97
C PRO E 2142 -2.26 72.93 177.15
N ASN E 2143 -1.84 71.68 176.85
CA ASN E 2143 -0.45 71.33 176.97
C ASN E 2143 0.34 71.89 175.80
N ILE E 2144 -0.35 72.07 174.67
CA ILE E 2144 0.27 72.63 173.48
C ILE E 2144 0.48 74.12 173.72
N PHE E 2145 -0.53 74.75 174.31
CA PHE E 2145 -0.50 76.18 174.56
C PHE E 2145 0.40 76.58 175.73
N GLY E 2146 0.45 75.73 176.75
CA GLY E 2146 1.19 76.01 177.99
C GLY E 2146 2.65 75.52 178.04
N PHE E 2147 3.10 74.82 177.01
CA PHE E 2147 4.44 74.26 176.99
C PHE E 2147 5.13 74.45 175.65
N ALA E 2148 6.45 74.62 175.69
CA ALA E 2148 7.22 74.74 174.47
C ALA E 2148 8.45 73.86 174.58
N GLY E 2149 8.86 73.28 173.46
CA GLY E 2149 10.03 72.43 173.45
C GLY E 2149 9.86 71.31 172.44
N GLY E 2150 10.68 70.29 172.57
CA GLY E 2150 10.67 69.16 171.68
C GLY E 2150 9.82 68.12 172.37
N GLY E 2151 10.35 66.91 172.54
CA GLY E 2151 9.58 65.82 173.13
C GLY E 2151 9.07 66.14 174.55
N SER E 2152 9.66 67.16 175.16
CA SER E 2152 9.40 67.64 176.51
C SER E 2152 7.99 68.18 176.71
N ARG E 2153 7.28 68.47 175.62
CA ARG E 2153 5.90 68.93 175.74
C ARG E 2153 4.91 67.78 176.03
N TRP E 2154 5.33 66.54 175.78
CA TRP E 2154 4.60 65.30 176.06
C TRP E 2154 3.21 65.26 175.44
N GLY E 2155 2.23 65.88 176.12
CA GLY E 2155 0.82 65.84 175.69
C GLY E 2155 0.67 66.49 174.34
N ALA E 2156 1.48 67.51 174.13
CA ALA E 2156 1.46 68.22 172.87
C ALA E 2156 1.93 67.31 171.76
N ILE E 2157 2.87 66.44 172.09
CA ILE E 2157 3.47 65.56 171.13
C ILE E 2157 2.45 64.53 170.81
N ALA E 2158 1.74 64.08 171.83
CA ALA E 2158 0.75 63.04 171.62
C ALA E 2158 -0.27 63.49 170.62
N GLU E 2159 -0.71 64.75 170.69
CA GLU E 2159 -1.67 65.18 169.68
C GLU E 2159 -1.01 65.31 168.33
N ALA E 2160 0.21 65.87 168.29
CA ALA E 2160 0.87 66.09 167.03
C ALA E 2160 1.12 64.78 166.28
N THR E 2161 1.51 63.74 167.00
CA THR E 2161 1.85 62.50 166.35
C THR E 2161 0.60 61.68 166.16
N GLY E 2162 -0.41 61.95 166.98
CA GLY E 2162 -1.69 61.32 166.85
C GLY E 2162 -2.21 61.77 165.51
N TYR E 2163 -2.25 63.08 165.29
CA TYR E 2163 -2.77 63.62 164.05
C TYR E 2163 -2.03 63.10 162.82
N VAL E 2164 -0.71 63.07 162.88
CA VAL E 2164 0.01 62.61 161.72
C VAL E 2164 -0.29 61.16 161.35
N MET E 2165 -0.35 60.25 162.31
CA MET E 2165 -0.65 58.87 161.95
C MET E 2165 -2.12 58.53 161.87
N GLU E 2166 -2.90 59.04 162.80
CA GLU E 2166 -4.30 58.71 162.88
C GLU E 2166 -5.10 59.36 161.76
N PHE E 2167 -4.68 60.53 161.32
CA PHE E 2167 -5.46 61.23 160.32
C PHE E 2167 -4.70 61.38 159.01
N SER E 2168 -3.56 62.07 159.02
CA SER E 2168 -2.94 62.35 157.73
C SER E 2168 -2.47 61.09 157.01
N ALA E 2169 -1.85 60.16 157.73
CA ALA E 2169 -1.41 58.94 157.09
C ALA E 2169 -2.58 58.08 156.67
N ASN E 2170 -3.64 58.08 157.48
CA ASN E 2170 -4.81 57.25 157.21
C ASN E 2170 -5.59 57.75 156.04
N VAL E 2171 -5.58 59.05 155.85
CA VAL E 2171 -6.26 59.62 154.72
C VAL E 2171 -5.50 59.29 153.47
N MET E 2172 -4.18 59.43 153.47
CA MET E 2172 -3.45 59.14 152.25
C MET E 2172 -3.54 57.68 151.88
N ASN E 2173 -3.63 56.81 152.88
CA ASN E 2173 -3.75 55.42 152.56
C ASN E 2173 -5.13 55.12 152.02
N THR E 2174 -6.14 55.75 152.58
CA THR E 2174 -7.49 55.50 152.12
C THR E 2174 -7.59 55.89 150.66
N GLU E 2175 -6.97 57.01 150.32
CA GLU E 2175 -7.03 57.51 148.98
C GLU E 2175 -6.17 56.65 148.05
N ALA E 2176 -5.02 56.15 148.50
CA ALA E 2176 -4.20 55.33 147.63
C ALA E 2176 -4.97 54.08 147.22
N ASP E 2177 -5.79 53.58 148.13
CA ASP E 2177 -6.53 52.37 147.82
C ASP E 2177 -7.79 52.64 147.02
N LYS E 2178 -8.48 53.77 147.24
CA LYS E 2178 -9.63 54.03 146.38
C LYS E 2178 -9.14 54.18 144.94
N ILE E 2179 -7.95 54.75 144.79
CA ILE E 2179 -7.38 54.94 143.49
C ILE E 2179 -7.02 53.62 142.87
N SER E 2180 -6.36 52.72 143.62
CA SER E 2180 -5.97 51.49 142.99
C SER E 2180 -7.18 50.70 142.54
N GLN E 2181 -8.30 50.85 143.24
CA GLN E 2181 -9.49 50.14 142.82
C GLN E 2181 -9.98 50.70 141.49
N SER E 2182 -9.94 52.03 141.33
CA SER E 2182 -10.36 52.65 140.08
C SER E 2182 -9.41 52.30 138.95
N GLU E 2183 -8.13 52.24 139.26
CA GLU E 2183 -7.11 51.97 138.29
C GLU E 2183 -7.21 50.52 137.84
N THR E 2184 -7.64 49.66 138.75
CA THR E 2184 -7.85 48.26 138.42
C THR E 2184 -8.88 48.20 137.32
N TYR E 2185 -9.94 48.98 137.45
CA TYR E 2185 -10.95 48.99 136.42
C TYR E 2185 -10.48 49.69 135.17
N ARG E 2186 -9.64 50.69 135.32
CA ARG E 2186 -9.14 51.41 134.15
C ARG E 2186 -8.33 50.45 133.30
N ARG E 2187 -7.50 49.63 133.94
CA ARG E 2187 -6.70 48.70 133.19
C ARG E 2187 -7.56 47.58 132.61
N ARG E 2188 -8.55 47.10 133.37
CA ARG E 2188 -9.41 46.06 132.84
C ARG E 2188 -10.07 46.55 131.58
N ARG E 2189 -10.45 47.82 131.58
CA ARG E 2189 -11.07 48.45 130.44
C ARG E 2189 -10.15 48.40 129.24
N GLN E 2190 -8.88 48.74 129.45
CA GLN E 2190 -7.90 48.76 128.37
C GLN E 2190 -7.71 47.36 127.79
N GLU E 2191 -7.77 46.38 128.66
CA GLU E 2191 -7.60 45.02 128.19
C GLU E 2191 -8.78 44.63 127.33
N TRP E 2192 -9.98 45.02 127.75
CA TRP E 2192 -11.14 44.72 126.96
C TRP E 2192 -11.08 45.46 125.65
N GLU E 2193 -10.56 46.68 125.67
CA GLU E 2193 -10.51 47.45 124.45
C GLU E 2193 -9.64 46.78 123.43
N ILE E 2194 -8.50 46.24 123.85
CA ILE E 2194 -7.68 45.56 122.88
C ILE E 2194 -8.43 44.36 122.34
N GLN E 2195 -9.08 43.59 123.22
CA GLN E 2195 -9.75 42.44 122.69
C GLN E 2195 -10.95 42.78 121.78
N ARG E 2196 -11.74 43.83 122.08
CA ARG E 2196 -12.85 44.11 121.17
C ARG E 2196 -12.29 44.53 119.82
N ASN E 2197 -11.12 45.15 119.85
CA ASN E 2197 -10.50 45.57 118.62
C ASN E 2197 -9.98 44.39 117.82
N ASN E 2198 -9.58 43.33 118.50
CA ASN E 2198 -9.09 42.19 117.76
C ASN E 2198 -10.28 41.60 117.03
N ALA E 2199 -11.42 41.62 117.70
CA ALA E 2199 -12.63 41.06 117.11
C ALA E 2199 -13.03 41.91 115.92
N GLU E 2200 -12.86 43.22 116.03
CA GLU E 2200 -13.21 44.10 114.94
C GLU E 2200 -12.33 43.83 113.75
N ALA E 2201 -11.03 43.64 114.00
CA ALA E 2201 -10.10 43.36 112.93
C ALA E 2201 -10.46 42.08 112.23
N GLU E 2202 -10.98 41.11 112.96
CA GLU E 2202 -11.36 39.87 112.32
C GLU E 2202 -12.55 40.14 111.42
N LEU E 2203 -13.50 40.93 111.89
CA LEU E 2203 -14.68 41.17 111.07
C LEU E 2203 -14.30 41.85 109.78
N LYS E 2204 -13.33 42.74 109.83
CA LYS E 2204 -12.97 43.44 108.63
C LYS E 2204 -12.24 42.52 107.65
N GLN E 2205 -11.38 41.64 108.16
CA GLN E 2205 -10.66 40.73 107.29
C GLN E 2205 -11.61 39.73 106.70
N ILE E 2206 -12.59 39.33 107.47
CA ILE E 2206 -13.53 38.34 107.01
C ILE E 2206 -14.32 38.98 105.91
N ASP E 2207 -14.79 40.21 106.10
CA ASP E 2207 -15.54 40.79 105.00
C ASP E 2207 -14.68 40.89 103.76
N ALA E 2208 -13.40 41.19 103.90
CA ALA E 2208 -12.53 41.24 102.74
C ALA E 2208 -12.43 39.85 102.10
N GLN E 2209 -12.43 38.80 102.92
CA GLN E 2209 -12.34 37.44 102.41
C GLN E 2209 -13.59 37.07 101.67
N LEU E 2210 -14.72 37.56 102.14
CA LEU E 2210 -15.98 37.27 101.48
C LEU E 2210 -15.97 37.92 100.12
N LYS E 2211 -15.35 39.09 100.03
CA LYS E 2211 -15.28 39.79 98.76
C LYS E 2211 -14.30 39.13 97.81
N SER E 2212 -13.14 38.64 98.30
CA SER E 2212 -12.22 38.00 97.36
C SER E 2212 -12.81 36.69 96.90
N LEU E 2213 -13.65 36.09 97.75
CA LEU E 2213 -14.29 34.87 97.38
C LEU E 2213 -15.31 35.17 96.31
N ALA E 2214 -16.07 36.25 96.47
CA ALA E 2214 -17.06 36.58 95.47
C ALA E 2214 -16.41 36.73 94.11
N VAL E 2215 -15.19 37.26 94.07
CA VAL E 2215 -14.54 37.39 92.80
C VAL E 2215 -14.22 36.01 92.29
N ARG E 2216 -13.69 35.15 93.15
CA ARG E 2216 -13.34 33.80 92.74
C ARG E 2216 -14.57 33.14 92.16
N ARG E 2217 -15.73 33.40 92.75
CA ARG E 2217 -16.95 32.80 92.25
C ARG E 2217 -17.19 33.31 90.85
N GLU E 2218 -17.05 34.60 90.59
CA GLU E 2218 -17.32 35.07 89.25
C GLU E 2218 -16.38 34.42 88.27
N ALA E 2219 -15.15 34.21 88.67
CA ALA E 2219 -14.22 33.57 87.78
C ALA E 2219 -14.68 32.15 87.47
N ALA E 2220 -15.19 31.43 88.49
CA ALA E 2220 -15.71 30.08 88.30
C ALA E 2220 -16.90 30.10 87.36
N VAL E 2221 -17.68 31.16 87.45
CA VAL E 2221 -18.81 31.25 86.57
C VAL E 2221 -18.32 31.40 85.15
N LEU E 2222 -17.33 32.25 84.93
CA LEU E 2222 -16.82 32.40 83.58
C LEU E 2222 -16.23 31.10 83.08
N GLN E 2223 -15.64 30.33 83.98
CA GLN E 2223 -15.08 29.05 83.59
C GLN E 2223 -16.19 28.14 83.12
N LYS E 2224 -17.39 28.28 83.66
CA LYS E 2224 -18.46 27.48 83.15
C LYS E 2224 -18.81 27.98 81.76
N THR E 2225 -18.84 29.28 81.58
CA THR E 2225 -19.18 29.85 80.28
C THR E 2225 -18.17 29.36 79.25
N SER E 2226 -16.90 29.27 79.64
CA SER E 2226 -15.84 28.85 78.73
C SER E 2226 -15.98 27.39 78.37
N LEU E 2227 -16.78 26.61 79.09
CA LEU E 2227 -17.03 25.23 78.74
C LEU E 2227 -18.26 25.21 77.89
N LYS E 2228 -19.25 26.05 78.19
CA LYS E 2228 -20.46 25.98 77.39
C LYS E 2228 -20.11 26.29 75.97
N THR E 2229 -19.20 27.23 75.78
CA THR E 2229 -18.82 27.61 74.44
C THR E 2229 -18.12 26.44 73.76
N GLN E 2230 -17.44 25.58 74.51
CA GLN E 2230 -16.79 24.47 73.89
C GLN E 2230 -17.80 23.44 73.51
N GLN E 2231 -18.96 23.45 74.15
CA GLN E 2231 -20.01 22.53 73.78
C GLN E 2231 -20.58 22.99 72.46
N GLU E 2232 -20.68 24.29 72.32
CA GLU E 2232 -21.23 24.92 71.13
C GLU E 2232 -20.31 24.69 69.96
N GLN E 2233 -19.02 24.75 70.23
CA GLN E 2233 -18.01 24.59 69.22
C GLN E 2233 -17.97 23.15 68.76
N THR E 2234 -18.16 22.22 69.69
CA THR E 2234 -18.20 20.84 69.29
C THR E 2234 -19.42 20.61 68.45
N GLN E 2235 -20.56 21.15 68.87
CA GLN E 2235 -21.74 20.91 68.08
C GLN E 2235 -21.61 21.55 66.72
N SER E 2236 -20.90 22.66 66.63
CA SER E 2236 -20.69 23.32 65.36
C SER E 2236 -19.84 22.44 64.45
N GLN E 2237 -18.87 21.72 65.04
CA GLN E 2237 -18.02 20.87 64.24
C GLN E 2237 -18.80 19.65 63.78
N LEU E 2238 -19.68 19.14 64.63
CA LEU E 2238 -20.48 18.00 64.22
C LEU E 2238 -21.42 18.42 63.13
N ALA E 2239 -21.95 19.63 63.25
CA ALA E 2239 -22.88 20.11 62.27
C ALA E 2239 -22.17 20.20 60.96
N PHE E 2240 -20.92 20.68 60.98
CA PHE E 2240 -20.13 20.81 59.78
C PHE E 2240 -19.96 19.45 59.13
N LEU E 2241 -19.64 18.44 59.93
CA LEU E 2241 -19.40 17.13 59.35
C LEU E 2241 -20.67 16.63 58.66
N GLN E 2242 -21.82 17.02 59.15
CA GLN E 2242 -23.09 16.60 58.62
C GLN E 2242 -23.62 17.47 57.49
N ARG E 2243 -22.94 18.57 57.17
CA ARG E 2243 -23.43 19.47 56.15
C ARG E 2243 -22.46 19.71 55.02
N LYS E 2244 -21.20 19.37 55.23
CA LYS E 2244 -20.21 19.59 54.21
C LYS E 2244 -20.53 18.63 53.09
N PHE E 2245 -20.18 18.99 51.86
CA PHE E 2245 -20.51 18.09 50.77
C PHE E 2245 -19.91 16.72 50.96
N SER E 2246 -18.62 16.67 51.28
CA SER E 2246 -17.94 15.38 51.42
C SER E 2246 -18.23 14.73 52.77
N ASN E 2247 -19.48 14.43 53.01
CA ASN E 2247 -19.89 13.82 54.26
C ASN E 2247 -19.90 12.32 54.13
N GLN E 2248 -20.30 11.62 55.18
CA GLN E 2248 -20.30 10.18 55.10
C GLN E 2248 -21.31 9.68 54.09
N ALA E 2249 -22.41 10.39 53.92
CA ALA E 2249 -23.41 9.94 52.98
C ALA E 2249 -22.79 9.86 51.60
N LEU E 2250 -21.89 10.77 51.29
CA LEU E 2250 -21.27 10.79 50.00
C LEU E 2250 -20.44 9.59 49.80
N TYR E 2251 -19.68 9.23 50.82
CA TYR E 2251 -18.81 8.09 50.65
C TYR E 2251 -19.56 6.80 50.66
N ASN E 2252 -20.68 6.76 51.35
CA ASN E 2252 -21.40 5.52 51.37
C ASN E 2252 -22.05 5.34 50.01
N TRP E 2253 -22.45 6.45 49.44
CA TRP E 2253 -23.07 6.46 48.14
C TRP E 2253 -22.06 6.09 47.07
N LEU E 2254 -20.90 6.74 47.11
CA LEU E 2254 -19.88 6.48 46.11
C LEU E 2254 -19.45 5.06 46.18
N ARG E 2255 -19.40 4.53 47.38
CA ARG E 2255 -19.02 3.16 47.49
C ARG E 2255 -20.12 2.31 46.92
N GLY E 2256 -21.36 2.56 47.25
CA GLY E 2256 -22.37 1.65 46.76
C GLY E 2256 -22.36 1.55 45.24
N ARG E 2257 -22.11 2.67 44.57
CA ARG E 2257 -22.10 2.63 43.14
C ARG E 2257 -20.81 2.14 42.57
N LEU E 2258 -19.69 2.51 43.15
CA LEU E 2258 -18.50 2.04 42.53
C LEU E 2258 -18.40 0.56 42.73
N ALA E 2259 -18.76 0.08 43.90
CA ALA E 2259 -18.68 -1.33 44.13
C ALA E 2259 -19.55 -2.08 43.14
N ALA E 2260 -20.74 -1.57 42.83
CA ALA E 2260 -21.56 -2.26 41.86
C ALA E 2260 -20.88 -2.30 40.52
N ILE E 2261 -20.24 -1.19 40.14
CA ILE E 2261 -19.57 -1.16 38.86
C ILE E 2261 -18.42 -2.08 38.83
N TYR E 2262 -17.61 -2.06 39.87
CA TYR E 2262 -16.40 -2.81 39.93
C TYR E 2262 -16.69 -4.27 39.79
N PHE E 2263 -17.71 -4.75 40.47
CA PHE E 2263 -18.03 -6.14 40.31
C PHE E 2263 -18.46 -6.45 38.91
N GLN E 2264 -19.35 -5.66 38.35
CA GLN E 2264 -19.83 -6.00 37.02
C GLN E 2264 -18.71 -5.92 36.02
N PHE E 2265 -17.83 -4.97 36.22
CA PHE E 2265 -16.77 -4.74 35.28
C PHE E 2265 -15.90 -5.96 35.37
N TYR E 2266 -15.63 -6.45 36.58
CA TYR E 2266 -14.84 -7.65 36.77
C TYR E 2266 -15.42 -8.79 35.97
N ASP E 2267 -16.71 -9.06 36.07
CA ASP E 2267 -17.15 -10.19 35.28
C ASP E 2267 -16.87 -10.00 33.81
N LEU E 2268 -17.04 -8.79 33.31
CA LEU E 2268 -16.76 -8.61 31.91
C LEU E 2268 -15.26 -8.80 31.64
N ALA E 2269 -14.41 -8.31 32.53
CA ALA E 2269 -12.97 -8.42 32.36
C ALA E 2269 -12.54 -9.85 32.36
N VAL E 2270 -13.19 -10.66 33.18
CA VAL E 2270 -12.83 -12.04 33.23
C VAL E 2270 -13.25 -12.69 31.96
N ALA E 2271 -14.45 -12.41 31.52
CA ALA E 2271 -14.91 -13.06 30.32
C ALA E 2271 -13.99 -12.75 29.17
N ARG E 2272 -13.46 -11.55 29.08
CA ARG E 2272 -12.57 -11.32 27.97
C ARG E 2272 -11.27 -12.00 28.19
N CYS E 2273 -10.78 -12.06 29.41
CA CYS E 2273 -9.52 -12.74 29.61
C CYS E 2273 -9.69 -14.19 29.18
N LEU E 2274 -10.87 -14.74 29.44
CA LEU E 2274 -11.19 -16.11 29.07
C LEU E 2274 -11.30 -16.25 27.56
N MET E 2275 -11.71 -15.21 26.85
CA MET E 2275 -11.80 -15.26 25.40
C MET E 2275 -10.41 -15.22 24.82
N ALA E 2276 -9.53 -14.43 25.42
CA ALA E 2276 -8.16 -14.36 24.97
C ALA E 2276 -7.56 -15.71 25.14
N GLU E 2277 -7.98 -16.38 26.19
CA GLU E 2277 -7.51 -17.69 26.48
C GLU E 2277 -8.03 -18.63 25.39
N GLN E 2278 -9.28 -18.52 24.98
CA GLN E 2278 -9.69 -19.44 23.92
C GLN E 2278 -8.88 -19.21 22.67
N ALA E 2279 -8.52 -17.97 22.39
CA ALA E 2279 -7.72 -17.75 21.21
C ALA E 2279 -6.37 -18.42 21.39
N TYR E 2280 -5.80 -18.32 22.59
CA TYR E 2280 -4.52 -18.95 22.87
C TYR E 2280 -4.58 -20.42 22.52
N ARG E 2281 -5.63 -21.07 22.98
CA ARG E 2281 -5.85 -22.49 22.76
C ARG E 2281 -6.09 -22.87 21.32
N TRP E 2282 -6.78 -22.01 20.58
CA TRP E 2282 -7.06 -22.37 19.22
C TRP E 2282 -5.84 -22.21 18.34
N GLU E 2283 -4.98 -21.25 18.67
CA GLU E 2283 -3.78 -21.06 17.87
C GLU E 2283 -2.75 -22.11 18.20
N LEU E 2284 -2.56 -22.35 19.47
CA LEU E 2284 -1.63 -23.36 19.88
C LEU E 2284 -2.51 -24.50 20.18
N ASN E 2285 -2.46 -25.54 19.39
CA ASN E 2285 -3.48 -26.57 19.56
C ASN E 2285 -3.28 -27.37 20.83
N ASP E 2286 -3.77 -26.78 21.91
CA ASP E 2286 -3.64 -27.31 23.27
C ASP E 2286 -4.83 -26.92 24.12
N ASP E 2287 -5.75 -27.84 24.32
CA ASP E 2287 -6.96 -27.45 25.00
C ASP E 2287 -6.93 -27.60 26.50
N SER E 2288 -5.78 -28.00 27.04
CA SER E 2288 -5.66 -28.21 28.47
C SER E 2288 -5.24 -26.94 29.19
N ALA E 2289 -4.84 -25.94 28.43
CA ALA E 2289 -4.32 -24.72 29.01
C ALA E 2289 -5.39 -23.94 29.71
N ARG E 2290 -5.04 -23.43 30.90
CA ARG E 2290 -5.88 -22.53 31.68
C ARG E 2290 -4.93 -21.58 32.40
N PHE E 2291 -5.10 -20.29 32.20
CA PHE E 2291 -4.29 -19.27 32.87
C PHE E 2291 -5.13 -18.44 33.79
N ILE E 2292 -6.42 -18.38 33.52
CA ILE E 2292 -7.24 -17.50 34.33
C ILE E 2292 -7.73 -18.23 35.55
N LYS E 2293 -7.36 -17.73 36.72
CA LYS E 2293 -7.71 -18.40 37.94
C LYS E 2293 -8.96 -17.78 38.58
N PRO E 2294 -9.90 -18.60 39.03
CA PRO E 2294 -11.20 -18.23 39.56
C PRO E 2294 -11.18 -17.52 40.90
N GLY E 2295 -10.05 -17.48 41.55
CA GLY E 2295 -9.98 -16.87 42.86
C GLY E 2295 -9.71 -15.37 42.83
N ALA E 2296 -9.60 -14.77 41.64
CA ALA E 2296 -9.23 -13.35 41.59
C ALA E 2296 -10.14 -12.45 42.39
N TRP E 2297 -11.42 -12.73 42.45
CA TRP E 2297 -12.31 -11.88 43.22
C TRP E 2297 -12.65 -12.45 44.55
N GLN E 2298 -12.11 -11.88 45.60
CA GLN E 2298 -12.45 -12.36 46.91
C GLN E 2298 -13.56 -11.51 47.46
N GLY E 2299 -14.64 -12.14 47.93
CA GLY E 2299 -15.73 -11.35 48.50
C GLY E 2299 -15.25 -10.64 49.75
N THR E 2300 -14.42 -11.33 50.49
CA THR E 2300 -13.84 -10.80 51.69
C THR E 2300 -12.86 -9.85 51.09
N TYR E 2301 -12.73 -8.66 51.61
CA TYR E 2301 -11.84 -7.65 51.04
C TYR E 2301 -12.44 -7.01 49.79
N ALA E 2302 -13.68 -7.35 49.47
CA ALA E 2302 -14.47 -6.72 48.43
C ALA E 2302 -13.86 -6.61 47.05
N GLY E 2303 -13.18 -7.62 46.57
CA GLY E 2303 -12.64 -7.56 45.23
C GLY E 2303 -11.33 -6.83 45.11
N LEU E 2304 -10.75 -6.38 46.19
CA LEU E 2304 -9.53 -5.65 46.02
C LEU E 2304 -8.46 -6.55 45.47
N LEU E 2305 -7.69 -5.99 44.56
CA LEU E 2305 -6.62 -6.62 43.83
C LEU E 2305 -7.07 -7.67 42.83
N ALA E 2306 -8.37 -7.77 42.54
CA ALA E 2306 -8.83 -8.69 41.52
C ALA E 2306 -8.22 -8.35 40.18
N GLY E 2307 -8.08 -7.06 39.90
CA GLY E 2307 -7.54 -6.60 38.64
C GLY E 2307 -6.10 -7.00 38.49
N GLU E 2308 -5.31 -6.75 39.50
CA GLU E 2308 -3.89 -7.03 39.51
C GLU E 2308 -3.68 -8.53 39.35
N THR E 2309 -4.57 -9.31 39.94
CA THR E 2309 -4.46 -10.73 39.84
C THR E 2309 -4.62 -11.11 38.38
N LEU E 2310 -5.63 -10.55 37.70
CA LEU E 2310 -5.87 -10.89 36.31
C LEU E 2310 -4.76 -10.42 35.42
N MET E 2311 -4.15 -9.29 35.76
CA MET E 2311 -3.09 -8.74 34.94
C MET E 2311 -1.93 -9.70 34.90
N LEU E 2312 -1.70 -10.38 36.01
CA LEU E 2312 -0.62 -11.33 36.05
C LEU E 2312 -0.97 -12.49 35.19
N SER E 2313 -2.19 -12.98 35.29
CA SER E 2313 -2.53 -14.14 34.52
C SER E 2313 -2.37 -13.87 33.04
N LEU E 2314 -2.73 -12.67 32.60
CA LEU E 2314 -2.54 -12.38 31.20
C LEU E 2314 -1.06 -12.33 30.87
N ALA E 2315 -0.23 -11.76 31.73
CA ALA E 2315 1.18 -11.72 31.40
C ALA E 2315 1.72 -13.12 31.22
N GLN E 2316 1.21 -14.06 32.01
CA GLN E 2316 1.64 -15.43 31.93
C GLN E 2316 1.18 -16.07 30.64
N MET E 2317 -0.03 -15.77 30.23
CA MET E 2317 -0.57 -16.31 29.00
C MET E 2317 0.26 -15.83 27.84
N GLU E 2318 0.60 -14.57 27.88
CA GLU E 2318 1.38 -13.95 26.83
C GLU E 2318 2.75 -14.58 26.75
N ASP E 2319 3.37 -14.84 27.90
CA ASP E 2319 4.68 -15.44 27.93
C ASP E 2319 4.61 -16.83 27.33
N ALA E 2320 3.57 -17.58 27.71
CA ALA E 2320 3.41 -18.93 27.22
C ALA E 2320 3.30 -18.93 25.72
N HIS E 2321 2.70 -17.89 25.17
CA HIS E 2321 2.57 -17.80 23.75
C HIS E 2321 3.94 -17.55 23.15
N LEU E 2322 4.67 -16.59 23.69
CA LEU E 2322 5.95 -16.24 23.09
C LEU E 2322 6.91 -17.39 23.05
N LYS E 2323 6.86 -18.25 24.02
CA LYS E 2323 7.77 -19.38 24.06
C LYS E 2323 7.31 -20.59 23.27
N ARG E 2324 6.08 -20.60 22.81
CA ARG E 2324 5.55 -21.75 22.11
C ARG E 2324 5.19 -21.48 20.67
N ASP E 2325 5.05 -20.22 20.30
CA ASP E 2325 4.57 -19.88 18.96
C ASP E 2325 5.63 -19.95 17.86
N LYS E 2326 5.96 -21.17 17.51
CA LYS E 2326 6.89 -21.52 16.46
C LYS E 2326 6.37 -21.06 15.10
N ARG E 2327 7.23 -20.53 14.24
CA ARG E 2327 6.71 -20.24 12.91
C ARG E 2327 6.46 -21.60 12.26
N ALA E 2328 5.26 -21.82 11.77
CA ALA E 2328 4.93 -23.09 11.13
C ALA E 2328 5.30 -23.06 9.67
N LEU E 2329 5.44 -24.23 9.07
CA LEU E 2329 5.72 -24.22 7.66
C LEU E 2329 4.43 -23.89 6.95
N GLU E 2330 4.49 -22.96 6.01
CA GLU E 2330 3.31 -22.64 5.25
C GLU E 2330 3.33 -23.43 3.96
N VAL E 2331 2.32 -24.28 3.77
CA VAL E 2331 2.21 -25.20 2.66
C VAL E 2331 0.92 -25.05 1.86
N GLU E 2332 1.02 -24.97 0.54
CA GLU E 2332 -0.19 -24.86 -0.25
C GLU E 2332 -0.40 -26.07 -1.15
N ARG E 2333 -1.60 -26.66 -1.09
CA ARG E 2333 -1.92 -27.84 -1.89
C ARG E 2333 -3.20 -27.72 -2.72
N THR E 2334 -3.15 -28.14 -3.97
CA THR E 2334 -4.29 -28.06 -4.87
C THR E 2334 -5.06 -29.38 -4.87
N VAL E 2335 -6.39 -29.33 -4.75
CA VAL E 2335 -7.17 -30.55 -4.78
C VAL E 2335 -8.22 -30.59 -5.87
N SER E 2336 -8.13 -31.57 -6.75
CA SER E 2336 -9.14 -31.68 -7.79
C SER E 2336 -10.16 -32.67 -7.35
N LEU E 2337 -11.40 -32.25 -7.21
CA LEU E 2337 -12.38 -33.19 -6.69
C LEU E 2337 -12.69 -34.23 -7.71
N ALA E 2338 -12.54 -33.93 -8.97
CA ALA E 2338 -12.82 -34.94 -9.93
C ALA E 2338 -11.90 -36.11 -9.73
N GLU E 2339 -10.67 -35.85 -9.34
CA GLU E 2339 -9.72 -36.90 -9.14
C GLU E 2339 -10.05 -37.65 -7.87
N VAL E 2340 -10.56 -36.94 -6.88
CA VAL E 2340 -10.92 -37.54 -5.62
C VAL E 2340 -12.00 -38.55 -5.81
N TYR E 2341 -12.96 -38.17 -6.62
CA TYR E 2341 -14.07 -39.04 -6.87
C TYR E 2341 -13.74 -40.14 -7.85
N ALA E 2342 -12.92 -39.85 -8.84
CA ALA E 2342 -12.58 -40.85 -9.82
C ALA E 2342 -11.79 -41.96 -9.19
N GLY E 2343 -11.01 -41.61 -8.19
CA GLY E 2343 -10.10 -42.52 -7.51
C GLY E 2343 -10.71 -43.29 -6.35
N LEU E 2344 -12.01 -43.24 -6.15
CA LEU E 2344 -12.56 -43.96 -5.02
C LEU E 2344 -12.44 -45.46 -5.30
N PRO E 2345 -12.34 -46.30 -4.28
CA PRO E 2345 -12.35 -47.75 -4.36
C PRO E 2345 -13.65 -48.24 -4.93
N LYS E 2346 -13.64 -49.41 -5.55
CA LYS E 2346 -14.86 -49.97 -6.15
C LYS E 2346 -15.98 -50.10 -5.14
N ASP E 2347 -15.62 -50.26 -3.88
CA ASP E 2347 -16.56 -50.42 -2.80
C ASP E 2347 -17.25 -49.10 -2.47
N ASN E 2348 -16.59 -47.97 -2.73
CA ASN E 2348 -17.15 -46.66 -2.46
C ASN E 2348 -17.92 -46.17 -3.65
N GLY E 2349 -17.55 -46.67 -4.83
CA GLY E 2349 -18.21 -46.29 -6.06
C GLY E 2349 -17.62 -45.04 -6.67
N PRO E 2350 -16.51 -45.13 -7.41
CA PRO E 2350 -15.84 -44.04 -8.08
C PRO E 2350 -16.70 -43.54 -9.18
N PHE E 2351 -16.51 -42.28 -9.51
CA PHE E 2351 -17.31 -41.70 -10.58
C PHE E 2351 -16.72 -40.51 -11.30
N SER E 2352 -17.29 -40.20 -12.45
CA SER E 2352 -16.89 -39.01 -13.16
C SER E 2352 -17.69 -37.84 -12.69
N LEU E 2353 -17.05 -36.95 -12.01
CA LEU E 2353 -17.73 -35.81 -11.43
C LEU E 2353 -18.45 -35.04 -12.50
N ALA E 2354 -17.82 -34.86 -13.64
CA ALA E 2354 -18.47 -34.07 -14.65
C ALA E 2354 -19.75 -34.73 -15.14
N GLN E 2355 -19.72 -36.05 -15.35
CA GLN E 2355 -20.93 -36.69 -15.84
C GLN E 2355 -21.98 -36.79 -14.78
N GLU E 2356 -21.57 -36.99 -13.55
CA GLU E 2356 -22.55 -37.20 -12.52
C GLU E 2356 -23.25 -35.92 -12.22
N ILE E 2357 -22.56 -34.78 -12.30
CA ILE E 2357 -23.24 -33.55 -12.09
C ILE E 2357 -24.26 -33.38 -13.17
N ASP E 2358 -23.90 -33.66 -14.41
CA ASP E 2358 -24.87 -33.46 -15.45
C ASP E 2358 -26.10 -34.31 -15.24
N LYS E 2359 -25.91 -35.56 -14.85
CA LYS E 2359 -27.08 -36.39 -14.66
C LYS E 2359 -27.96 -35.93 -13.52
N LEU E 2360 -27.36 -35.51 -12.41
CA LEU E 2360 -28.12 -35.07 -11.27
C LEU E 2360 -28.80 -33.76 -11.52
N VAL E 2361 -28.24 -32.94 -12.36
CA VAL E 2361 -28.91 -31.71 -12.69
C VAL E 2361 -30.09 -31.96 -13.63
N SER E 2362 -29.92 -32.84 -14.61
CA SER E 2362 -30.99 -33.17 -15.55
C SER E 2362 -32.15 -33.89 -14.86
N GLN E 2363 -31.84 -34.70 -13.86
CA GLN E 2363 -32.82 -35.41 -13.07
C GLN E 2363 -33.17 -34.54 -11.90
N GLY E 2364 -34.30 -34.73 -11.27
CA GLY E 2364 -34.56 -33.85 -10.13
C GLY E 2364 -33.94 -34.34 -8.82
N SER E 2365 -33.30 -35.49 -8.90
CA SER E 2365 -32.72 -36.15 -7.75
C SER E 2365 -31.71 -37.20 -8.10
N GLY E 2366 -31.20 -37.84 -7.07
CA GLY E 2366 -30.23 -38.90 -7.22
C GLY E 2366 -29.03 -38.66 -6.34
N SER E 2367 -28.01 -39.46 -6.55
CA SER E 2367 -26.78 -39.37 -5.81
C SER E 2367 -25.68 -40.06 -6.59
N ALA E 2368 -24.45 -39.84 -6.17
CA ALA E 2368 -23.33 -40.55 -6.76
C ALA E 2368 -22.29 -40.79 -5.71
N GLY E 2369 -21.64 -41.94 -5.74
CA GLY E 2369 -20.63 -42.21 -4.74
C GLY E 2369 -21.30 -42.64 -3.46
N SER E 2370 -20.54 -42.77 -2.39
CA SER E 2370 -21.09 -43.22 -1.12
C SER E 2370 -20.17 -42.84 0.01
N GLY E 2371 -20.66 -42.90 1.24
CA GLY E 2371 -19.82 -42.53 2.35
C GLY E 2371 -19.78 -41.04 2.25
N ASN E 2372 -18.75 -40.40 2.78
CA ASN E 2372 -18.75 -38.94 2.73
C ASN E 2372 -18.38 -38.40 1.37
N ASN E 2373 -17.85 -39.26 0.51
CA ASN E 2373 -17.40 -38.89 -0.82
C ASN E 2373 -18.52 -39.09 -1.81
N ASN E 2374 -19.35 -38.07 -1.98
CA ASN E 2374 -20.52 -38.27 -2.81
C ASN E 2374 -21.09 -36.99 -3.39
N LEU E 2375 -22.08 -37.17 -4.25
CA LEU E 2375 -22.90 -36.08 -4.75
C LEU E 2375 -24.32 -36.42 -4.34
N ALA E 2376 -25.11 -35.41 -4.01
CA ALA E 2376 -26.50 -35.67 -3.67
C ALA E 2376 -27.33 -34.40 -3.65
N PHE E 2377 -28.63 -34.51 -3.73
CA PHE E 2377 -29.40 -33.31 -3.44
C PHE E 2377 -29.62 -33.23 -1.95
N GLY E 2378 -29.73 -32.02 -1.42
CA GLY E 2378 -29.91 -31.86 0.01
C GLY E 2378 -31.29 -32.23 0.51
N ALA E 2379 -31.45 -32.26 1.85
CA ALA E 2379 -32.71 -32.63 2.48
C ALA E 2379 -33.17 -31.60 3.48
N GLY E 2380 -32.86 -30.37 3.22
CA GLY E 2380 -33.30 -29.29 4.11
C GLY E 2380 -34.67 -28.94 3.64
N THR E 2381 -35.27 -27.89 4.16
CA THR E 2381 -36.60 -27.60 3.70
C THR E 2381 -36.57 -26.67 2.50
N ASP E 2382 -35.48 -25.93 2.33
CA ASP E 2382 -35.28 -25.02 1.24
C ASP E 2382 -34.02 -25.35 0.46
N THR E 2383 -33.47 -26.53 0.72
CA THR E 2383 -32.24 -26.97 0.07
C THR E 2383 -32.44 -28.20 -0.79
N LYS E 2384 -33.65 -28.67 -0.96
CA LYS E 2384 -33.84 -29.89 -1.75
C LYS E 2384 -33.41 -29.74 -3.20
N THR E 2385 -33.43 -28.53 -3.72
CA THR E 2385 -33.04 -28.25 -5.09
C THR E 2385 -31.58 -27.87 -5.16
N SER E 2386 -30.89 -27.98 -4.03
CA SER E 2386 -29.49 -27.65 -3.93
C SER E 2386 -28.64 -28.87 -4.15
N LEU E 2387 -27.72 -28.78 -5.08
CA LEU E 2387 -26.87 -29.91 -5.37
C LEU E 2387 -25.63 -29.85 -4.53
N GLN E 2388 -25.40 -30.89 -3.77
CA GLN E 2388 -24.29 -30.92 -2.86
C GLN E 2388 -23.22 -31.89 -3.27
N ALA E 2389 -21.99 -31.51 -3.01
CA ALA E 2389 -20.86 -32.38 -3.23
C ALA E 2389 -20.12 -32.46 -1.93
N SER E 2390 -19.68 -33.64 -1.55
CA SER E 2390 -18.95 -33.76 -0.30
C SER E 2390 -17.72 -34.62 -0.42
N VAL E 2391 -16.67 -34.25 0.32
CA VAL E 2391 -15.45 -35.05 0.37
C VAL E 2391 -14.88 -35.23 1.75
N SER E 2392 -14.21 -36.33 1.94
CA SER E 2392 -13.58 -36.59 3.22
C SER E 2392 -12.15 -36.14 3.24
N PHE E 2393 -11.77 -35.38 4.25
CA PHE E 2393 -10.40 -34.92 4.33
C PHE E 2393 -9.50 -36.11 4.50
N ALA E 2394 -9.99 -37.11 5.17
CA ALA E 2394 -9.24 -38.30 5.42
C ALA E 2394 -8.79 -38.98 4.12
N ASP E 2395 -9.56 -38.83 3.04
CA ASP E 2395 -9.22 -39.49 1.80
C ASP E 2395 -8.45 -38.60 0.87
N LEU E 2396 -8.16 -37.37 1.29
CA LEU E 2396 -7.43 -36.51 0.39
C LEU E 2396 -5.96 -36.83 0.50
N LYS E 2397 -5.56 -37.48 1.61
CA LYS E 2397 -4.18 -37.88 1.84
C LYS E 2397 -3.20 -36.74 1.78
N ILE E 2398 -3.61 -35.64 2.40
CA ILE E 2398 -2.80 -34.46 2.48
C ILE E 2398 -1.62 -34.71 3.39
N ARG E 2399 -1.88 -35.37 4.50
CA ARG E 2399 -0.85 -35.57 5.51
C ARG E 2399 0.37 -36.27 4.94
N GLU E 2400 0.12 -37.24 4.11
CA GLU E 2400 1.10 -38.10 3.46
C GLU E 2400 2.09 -37.38 2.56
N ASP E 2401 1.75 -36.16 2.12
CA ASP E 2401 2.60 -35.38 1.25
C ASP E 2401 3.92 -34.99 1.89
N TYR E 2402 3.95 -34.82 3.20
CA TYR E 2402 5.17 -34.46 3.91
C TYR E 2402 5.48 -35.48 5.00
N PRO E 2403 6.74 -35.72 5.36
CA PRO E 2403 7.13 -36.66 6.38
C PRO E 2403 6.65 -36.23 7.74
N ALA E 2404 6.38 -37.20 8.59
CA ALA E 2404 5.90 -37.02 9.95
C ALA E 2404 6.87 -36.24 10.80
N SER E 2405 8.15 -36.39 10.54
CA SER E 2405 9.15 -35.76 11.37
C SER E 2405 9.08 -34.24 11.36
N LEU E 2406 8.37 -33.63 10.40
CA LEU E 2406 8.27 -32.19 10.30
C LEU E 2406 7.23 -31.60 11.22
N GLY E 2407 6.53 -32.44 11.93
CA GLY E 2407 5.50 -32.01 12.84
C GLY E 2407 4.20 -32.73 12.59
N LYS E 2408 3.46 -32.91 13.67
CA LYS E 2408 2.20 -33.62 13.60
C LYS E 2408 1.01 -32.70 13.55
N ILE E 2409 1.20 -31.44 13.90
CA ILE E 2409 0.04 -30.60 13.90
C ILE E 2409 -0.11 -30.02 12.55
N ARG E 2410 -1.09 -30.50 11.83
CA ARG E 2410 -1.27 -30.06 10.48
C ARG E 2410 -2.68 -29.56 10.34
N ARG E 2411 -2.80 -28.26 10.25
CA ARG E 2411 -4.10 -27.61 10.28
C ARG E 2411 -4.29 -26.64 9.15
N ILE E 2412 -5.52 -26.53 8.69
CA ILE E 2412 -5.90 -25.66 7.61
C ILE E 2412 -5.88 -24.21 7.99
N LYS E 2413 -5.31 -23.37 7.15
CA LYS E 2413 -5.30 -21.96 7.43
C LYS E 2413 -6.33 -21.26 6.55
N GLN E 2414 -6.40 -21.64 5.28
CA GLN E 2414 -7.35 -20.98 4.37
C GLN E 2414 -7.82 -21.90 3.25
N ILE E 2415 -9.05 -21.70 2.81
CA ILE E 2415 -9.49 -22.45 1.65
C ILE E 2415 -10.12 -21.54 0.62
N SER E 2416 -9.68 -21.64 -0.62
CA SER E 2416 -10.29 -20.89 -1.71
C SER E 2416 -10.86 -21.89 -2.69
N VAL E 2417 -11.89 -21.51 -3.44
CA VAL E 2417 -12.45 -22.47 -4.39
C VAL E 2417 -12.48 -22.00 -5.84
N THR E 2418 -11.98 -22.85 -6.73
CA THR E 2418 -12.09 -22.54 -8.14
C THR E 2418 -13.14 -23.46 -8.76
N LEU E 2419 -14.04 -22.86 -9.50
CA LEU E 2419 -15.10 -23.55 -10.19
C LEU E 2419 -14.98 -23.33 -11.67
N PRO E 2420 -14.30 -24.23 -12.39
CA PRO E 2420 -14.04 -24.13 -13.78
C PRO E 2420 -15.29 -24.45 -14.57
N ALA E 2421 -16.08 -23.40 -14.74
CA ALA E 2421 -17.36 -23.41 -15.41
C ALA E 2421 -17.42 -22.21 -16.29
N LEU E 2422 -18.28 -22.27 -17.27
CA LEU E 2422 -18.35 -21.20 -18.21
C LEU E 2422 -19.28 -20.10 -17.78
N LEU E 2423 -18.70 -19.14 -17.08
CA LEU E 2423 -19.44 -17.97 -16.63
C LEU E 2423 -19.09 -16.83 -17.56
N GLY E 2424 -20.05 -15.97 -17.83
CA GLY E 2424 -19.76 -14.81 -18.65
C GLY E 2424 -19.14 -13.70 -17.80
N PRO E 2425 -18.84 -12.53 -18.40
CA PRO E 2425 -18.22 -11.38 -17.76
C PRO E 2425 -19.07 -10.79 -16.66
N TYR E 2426 -20.38 -10.98 -16.74
CA TYR E 2426 -21.25 -10.48 -15.74
C TYR E 2426 -22.17 -11.58 -15.31
N GLN E 2427 -21.58 -12.66 -14.84
CA GLN E 2427 -22.34 -13.80 -14.40
C GLN E 2427 -21.68 -14.40 -13.20
N ASP E 2428 -22.47 -14.64 -12.17
CA ASP E 2428 -21.91 -15.14 -10.94
C ASP E 2428 -22.24 -16.61 -10.75
N VAL E 2429 -21.74 -17.15 -9.67
CA VAL E 2429 -22.01 -18.51 -9.23
C VAL E 2429 -22.46 -18.47 -7.81
N GLN E 2430 -23.44 -19.26 -7.44
CA GLN E 2430 -23.83 -19.24 -6.05
C GLN E 2430 -23.52 -20.52 -5.32
N ALA E 2431 -22.52 -20.53 -4.46
CA ALA E 2431 -22.28 -21.79 -3.79
C ALA E 2431 -21.77 -21.62 -2.38
N ILE E 2432 -22.16 -22.53 -1.51
CA ILE E 2432 -21.69 -22.51 -0.13
C ILE E 2432 -20.81 -23.66 0.23
N LEU E 2433 -19.66 -23.34 0.78
CA LEU E 2433 -18.73 -24.35 1.24
C LEU E 2433 -18.83 -24.44 2.74
N SER E 2434 -18.95 -25.63 3.29
CA SER E 2434 -19.05 -25.73 4.75
C SER E 2434 -18.40 -26.96 5.33
N TYR E 2435 -18.09 -26.90 6.63
CA TYR E 2435 -17.49 -28.06 7.29
C TYR E 2435 -18.49 -28.88 8.09
N GLY E 2436 -18.66 -30.12 7.69
CA GLY E 2436 -19.66 -31.01 8.29
C GLY E 2436 -19.18 -31.87 9.47
N ASP E 2437 -18.52 -31.29 10.44
CA ASP E 2437 -18.05 -32.09 11.57
C ASP E 2437 -17.83 -31.20 12.79
N LYS E 2438 -17.43 -31.80 13.88
CA LYS E 2438 -17.14 -31.06 15.09
C LYS E 2438 -15.71 -30.55 15.10
N ALA E 2439 -15.58 -29.24 15.15
CA ALA E 2439 -14.30 -28.58 15.18
C ALA E 2439 -14.51 -27.20 15.75
N GLY E 2440 -13.44 -26.59 16.25
CA GLY E 2440 -13.48 -25.21 16.78
C GLY E 2440 -13.58 -24.16 15.68
N LEU E 2441 -14.69 -24.20 14.98
CA LEU E 2441 -15.00 -23.29 13.93
C LEU E 2441 -15.33 -22.00 14.62
N ALA E 2442 -14.92 -20.88 14.08
CA ALA E 2442 -15.33 -19.62 14.68
C ALA E 2442 -16.72 -19.31 14.21
N ASN E 2443 -17.43 -18.44 14.89
CA ASN E 2443 -18.77 -18.14 14.44
C ASN E 2443 -18.69 -17.28 13.19
N GLY E 2444 -18.99 -17.90 12.07
CA GLY E 2444 -18.88 -17.28 10.77
C GLY E 2444 -17.75 -17.90 9.95
N CYS E 2445 -16.96 -18.79 10.55
CA CYS E 2445 -15.91 -19.49 9.83
C CYS E 2445 -16.38 -20.90 9.57
N GLU E 2446 -17.64 -21.15 9.96
CA GLU E 2446 -18.30 -22.44 9.80
C GLU E 2446 -18.56 -22.71 8.33
N ALA E 2447 -18.89 -21.64 7.60
CA ALA E 2447 -19.23 -21.75 6.19
C ALA E 2447 -18.76 -20.54 5.41
N LEU E 2448 -18.44 -20.80 4.17
CA LEU E 2448 -17.94 -19.85 3.22
C LEU E 2448 -18.72 -19.72 1.94
N ALA E 2449 -18.93 -18.49 1.52
CA ALA E 2449 -19.57 -18.25 0.24
C ALA E 2449 -18.59 -18.32 -0.90
N VAL E 2450 -19.08 -18.69 -2.06
CA VAL E 2450 -18.36 -18.68 -3.32
C VAL E 2450 -19.21 -17.84 -4.26
N SER E 2451 -18.62 -16.88 -4.96
CA SER E 2451 -19.40 -16.00 -5.83
C SER E 2451 -18.84 -15.78 -7.25
N HIS E 2452 -17.54 -15.84 -7.42
CA HIS E 2452 -16.96 -15.56 -8.74
C HIS E 2452 -16.41 -16.81 -9.38
N GLY E 2453 -16.00 -17.74 -8.55
CA GLY E 2453 -15.47 -19.03 -9.00
C GLY E 2453 -14.00 -19.08 -9.37
N MET E 2454 -13.29 -17.97 -9.41
CA MET E 2454 -11.87 -18.09 -9.77
C MET E 2454 -10.95 -17.84 -8.61
N ASN E 2455 -10.44 -18.93 -8.01
CA ASN E 2455 -9.62 -18.86 -6.79
C ASN E 2455 -10.34 -17.96 -5.83
N ASP E 2456 -11.60 -18.28 -5.61
CA ASP E 2456 -12.49 -17.45 -4.86
C ASP E 2456 -12.46 -17.66 -3.36
N SER E 2457 -11.95 -16.67 -2.62
CA SER E 2457 -11.86 -16.75 -1.17
C SER E 2457 -13.21 -16.40 -0.56
N GLY E 2458 -13.44 -16.73 0.69
CA GLY E 2458 -14.72 -16.41 1.34
C GLY E 2458 -14.81 -15.03 1.93
N GLN E 2459 -14.46 -14.06 1.14
CA GLN E 2459 -14.39 -12.72 1.65
C GLN E 2459 -14.22 -11.69 0.56
N PHE E 2460 -14.59 -10.46 0.86
CA PHE E 2460 -14.44 -9.38 -0.09
C PHE E 2460 -13.00 -8.94 -0.24
N GLN E 2461 -12.20 -9.11 0.80
CA GLN E 2461 -10.78 -8.80 0.78
C GLN E 2461 -10.06 -9.88 1.50
N LEU E 2462 -8.89 -10.25 1.02
CA LEU E 2462 -8.10 -11.23 1.73
C LEU E 2462 -6.86 -10.65 2.29
N ASP E 2463 -6.73 -10.80 3.58
CA ASP E 2463 -5.59 -10.29 4.29
C ASP E 2463 -5.28 -11.21 5.44
N PHE E 2464 -4.06 -11.66 5.51
CA PHE E 2464 -3.60 -12.62 6.51
C PHE E 2464 -3.08 -11.90 7.75
N ASN E 2465 -3.15 -10.58 7.69
CA ASN E 2465 -2.68 -9.69 8.73
C ASN E 2465 -3.77 -8.86 9.41
N ASP E 2466 -5.06 -9.21 9.30
CA ASP E 2466 -6.06 -8.32 9.90
C ASP E 2466 -6.39 -8.65 11.33
N GLY E 2467 -5.68 -9.61 11.88
CA GLY E 2467 -5.86 -10.03 13.25
C GLY E 2467 -7.01 -11.02 13.43
N LYS E 2468 -7.64 -11.45 12.34
CA LYS E 2468 -8.75 -12.37 12.47
C LYS E 2468 -8.43 -13.75 11.94
N PHE E 2469 -9.23 -14.71 12.37
CA PHE E 2469 -9.14 -16.08 11.92
C PHE E 2469 -9.78 -16.15 10.57
N LEU E 2470 -9.30 -17.01 9.72
CA LEU E 2470 -9.88 -17.16 8.40
C LEU E 2470 -10.95 -18.25 8.41
N PRO E 2471 -11.78 -18.35 7.38
CA PRO E 2471 -12.76 -19.40 7.27
C PRO E 2471 -12.03 -20.72 7.36
N PHE E 2472 -12.64 -21.67 8.06
CA PHE E 2472 -12.09 -23.01 8.25
C PHE E 2472 -10.74 -23.09 8.94
N GLU E 2473 -10.23 -21.99 9.44
CA GLU E 2473 -8.93 -22.06 10.05
C GLU E 2473 -8.89 -22.88 11.32
N GLY E 2474 -7.89 -23.73 11.39
CA GLY E 2474 -7.61 -24.58 12.52
C GLY E 2474 -8.12 -26.02 12.39
N ILE E 2475 -8.78 -26.34 11.28
CA ILE E 2475 -9.28 -27.69 11.08
C ILE E 2475 -8.18 -28.67 10.72
N ALA E 2476 -8.16 -29.82 11.36
CA ALA E 2476 -7.12 -30.78 11.01
C ALA E 2476 -7.25 -31.18 9.56
N ILE E 2477 -6.14 -31.22 8.86
CA ILE E 2477 -6.14 -31.58 7.44
C ILE E 2477 -6.62 -32.97 7.10
N ASP E 2478 -6.74 -33.82 8.07
CA ASP E 2478 -7.20 -35.17 7.84
C ASP E 2478 -8.49 -35.54 8.58
N GLN E 2479 -9.27 -34.56 9.04
CA GLN E 2479 -10.50 -34.91 9.72
C GLN E 2479 -11.75 -34.19 9.24
N GLY E 2480 -12.84 -34.91 9.23
CA GLY E 2480 -14.12 -34.35 8.88
C GLY E 2480 -14.33 -34.29 7.39
N THR E 2481 -15.38 -33.58 7.01
CA THR E 2481 -15.86 -33.52 5.65
C THR E 2481 -16.18 -32.12 5.17
N LEU E 2482 -15.87 -31.82 3.92
CA LEU E 2482 -16.33 -30.58 3.35
C LEU E 2482 -17.48 -30.82 2.45
N THR E 2483 -18.38 -29.87 2.39
CA THR E 2483 -19.47 -29.89 1.45
C THR E 2483 -19.55 -28.61 0.68
N LEU E 2484 -19.76 -28.71 -0.63
CA LEU E 2484 -19.99 -27.54 -1.44
C LEU E 2484 -21.42 -27.65 -1.97
N SER E 2485 -22.22 -26.64 -1.72
CA SER E 2485 -23.64 -26.66 -2.05
C SER E 2485 -24.09 -25.61 -3.05
N PHE E 2486 -24.72 -26.07 -4.13
CA PHE E 2486 -25.21 -25.21 -5.19
C PHE E 2486 -26.73 -25.13 -5.19
N PRO E 2487 -27.32 -24.07 -4.64
CA PRO E 2487 -28.73 -23.92 -4.49
C PRO E 2487 -29.31 -23.73 -5.84
N ASN E 2488 -30.56 -24.03 -6.05
CA ASN E 2488 -31.19 -23.79 -7.32
C ASN E 2488 -30.44 -24.49 -8.46
N ALA E 2489 -29.96 -25.72 -8.20
CA ALA E 2489 -29.29 -26.56 -9.16
C ALA E 2489 -30.21 -27.45 -9.96
N SER E 2490 -31.32 -27.84 -9.40
CA SER E 2490 -32.18 -28.78 -10.12
C SER E 2490 -32.70 -28.19 -11.44
N MET E 2491 -32.55 -28.93 -12.56
CA MET E 2491 -33.05 -28.47 -13.85
C MET E 2491 -34.56 -28.53 -13.98
N PRO E 2492 -35.27 -29.58 -13.56
CA PRO E 2492 -36.71 -29.70 -13.75
C PRO E 2492 -37.50 -28.57 -13.10
N GLU E 2493 -36.90 -27.92 -12.13
CA GLU E 2493 -37.53 -26.84 -11.40
C GLU E 2493 -37.02 -25.49 -11.86
N LYS E 2494 -36.28 -25.50 -12.97
CA LYS E 2494 -35.71 -24.33 -13.59
C LYS E 2494 -34.80 -23.54 -12.67
N GLY E 2495 -33.83 -24.20 -12.05
CA GLY E 2495 -32.94 -23.47 -11.16
C GLY E 2495 -31.93 -22.64 -11.94
N LYS E 2496 -31.19 -21.82 -11.25
CA LYS E 2496 -30.25 -20.94 -11.92
C LYS E 2496 -28.89 -21.53 -12.08
N GLN E 2497 -28.55 -22.47 -11.21
CA GLN E 2497 -27.23 -23.03 -11.28
C GLN E 2497 -27.41 -24.17 -12.24
N ALA E 2498 -28.66 -24.56 -12.42
CA ALA E 2498 -29.00 -25.68 -13.26
C ALA E 2498 -28.46 -25.59 -14.67
N THR E 2499 -28.31 -24.41 -15.24
CA THR E 2499 -27.79 -24.37 -16.59
C THR E 2499 -26.27 -24.30 -16.61
N MET E 2500 -25.72 -23.72 -15.57
CA MET E 2500 -24.29 -23.53 -15.41
C MET E 2500 -23.57 -24.78 -14.96
N LEU E 2501 -24.27 -25.59 -14.19
CA LEU E 2501 -23.70 -26.80 -13.65
C LEU E 2501 -23.44 -27.81 -14.72
N LYS E 2502 -24.19 -27.72 -15.80
CA LYS E 2502 -24.00 -28.64 -16.91
C LYS E 2502 -22.70 -28.33 -17.64
N THR E 2503 -22.10 -27.17 -17.32
CA THR E 2503 -20.86 -26.70 -17.89
C THR E 2503 -19.75 -26.65 -16.85
N LEU E 2504 -19.94 -27.26 -15.68
CA LEU E 2504 -18.91 -27.26 -14.65
C LEU E 2504 -18.08 -28.52 -14.79
N ASN E 2505 -16.83 -28.36 -15.17
CA ASN E 2505 -15.98 -29.51 -15.44
C ASN E 2505 -15.40 -30.15 -14.20
N ASP E 2506 -15.11 -29.34 -13.21
CA ASP E 2506 -14.46 -29.83 -12.01
C ASP E 2506 -14.70 -28.89 -10.84
N ILE E 2507 -14.22 -29.27 -9.69
CA ILE E 2507 -14.21 -28.40 -8.52
C ILE E 2507 -12.79 -28.41 -7.99
N ILE E 2508 -12.19 -27.24 -7.80
CA ILE E 2508 -10.83 -27.24 -7.28
C ILE E 2508 -10.68 -26.56 -5.94
N LEU E 2509 -10.12 -27.26 -4.98
CA LEU E 2509 -9.94 -26.59 -3.72
C LEU E 2509 -8.50 -26.16 -3.63
N HIS E 2510 -8.29 -25.03 -3.04
CA HIS E 2510 -6.94 -24.58 -2.81
C HIS E 2510 -6.77 -24.56 -1.33
N ILE E 2511 -5.97 -25.47 -0.81
CA ILE E 2511 -5.89 -25.53 0.63
C ILE E 2511 -4.57 -25.08 1.16
N ARG E 2512 -4.62 -24.03 1.94
CA ARG E 2512 -3.44 -23.50 2.54
C ARG E 2512 -3.42 -24.03 3.93
N TYR E 2513 -2.38 -24.72 4.31
CA TYR E 2513 -2.33 -25.32 5.64
C TYR E 2513 -0.97 -25.15 6.19
N THR E 2514 -0.84 -25.33 7.49
CA THR E 2514 0.48 -25.21 8.07
C THR E 2514 0.89 -26.43 8.85
N ILE E 2515 2.20 -26.65 8.92
CA ILE E 2515 2.74 -27.77 9.70
C ILE E 2515 3.47 -27.22 10.88
N LYS E 2516 3.09 -27.67 12.08
CA LYS E 2516 3.74 -27.21 13.28
C LYS E 2516 4.20 -28.38 14.18
N MET F 1 -2.91 -6.77 -99.25
CA MET F 1 -3.47 -6.12 -100.42
C MET F 1 -4.41 -4.98 -100.02
N GLN F 2 -4.17 -3.81 -100.58
CA GLN F 2 -5.04 -2.67 -100.30
C GLN F 2 -6.30 -2.86 -101.11
N ASN F 3 -7.37 -2.22 -100.72
CA ASN F 3 -8.61 -2.37 -101.46
C ASN F 3 -9.08 -3.83 -101.54
N SER F 4 -8.96 -4.51 -100.42
CA SER F 4 -9.33 -5.90 -100.17
C SER F 4 -9.72 -6.03 -98.71
N GLN F 5 -10.47 -7.06 -98.34
CA GLN F 5 -10.84 -7.20 -96.93
C GLN F 5 -10.17 -8.37 -96.23
N ASP F 6 -9.97 -8.21 -94.93
CA ASP F 6 -9.27 -9.17 -94.10
C ASP F 6 -10.15 -10.28 -93.57
N PHE F 7 -11.39 -10.23 -93.97
CA PHE F 7 -12.36 -11.25 -93.65
C PHE F 7 -12.76 -11.99 -94.91
N SER F 8 -11.99 -11.83 -95.99
CA SER F 8 -12.33 -12.51 -97.22
C SER F 8 -12.24 -14.03 -97.05
N ILE F 9 -13.27 -14.74 -97.51
CA ILE F 9 -13.31 -16.19 -97.47
C ILE F 9 -13.29 -16.71 -98.87
N THR F 10 -12.15 -17.23 -99.29
CA THR F 10 -12.00 -17.68 -100.66
C THR F 10 -11.69 -19.15 -100.81
N GLU F 11 -11.32 -19.81 -99.72
CA GLU F 11 -10.89 -21.20 -99.83
C GLU F 11 -11.50 -22.11 -98.80
N LEU F 12 -11.64 -23.36 -99.22
CA LEU F 12 -12.09 -24.46 -98.39
C LEU F 12 -10.96 -25.49 -98.29
N SER F 13 -9.75 -24.96 -98.32
CA SER F 13 -8.49 -25.72 -98.34
C SER F 13 -8.26 -26.58 -97.13
N LEU F 14 -7.63 -27.72 -97.38
CA LEU F 14 -7.35 -28.67 -96.33
C LEU F 14 -6.04 -28.30 -95.61
N PRO F 15 -5.90 -28.63 -94.33
CA PRO F 15 -4.73 -28.44 -93.51
C PRO F 15 -3.65 -29.40 -93.92
N LYS F 16 -2.41 -29.06 -93.60
CA LYS F 16 -1.29 -29.96 -93.87
C LYS F 16 -0.86 -30.62 -92.58
N GLY F 17 -0.25 -31.78 -92.67
CA GLY F 17 0.25 -32.47 -91.49
C GLY F 17 1.75 -32.37 -91.32
N GLY F 18 2.28 -33.21 -90.43
CA GLY F 18 3.70 -33.25 -90.15
C GLY F 18 4.16 -32.00 -89.44
N GLY F 19 5.42 -31.67 -89.66
CA GLY F 19 6.01 -30.52 -89.01
C GLY F 19 6.41 -30.84 -87.59
N ALA F 20 6.70 -29.78 -86.84
CA ALA F 20 7.17 -29.84 -85.47
C ALA F 20 6.06 -30.21 -84.52
N ILE F 21 6.42 -30.83 -83.41
CA ILE F 21 5.44 -31.17 -82.41
C ILE F 21 5.43 -30.06 -81.38
N THR F 22 4.33 -29.35 -81.21
CA THR F 22 4.36 -28.24 -80.25
C THR F 22 3.94 -28.65 -78.87
N GLY F 23 3.10 -29.67 -78.81
CA GLY F 23 2.54 -30.08 -77.54
C GLY F 23 1.53 -29.04 -77.10
N MET F 24 1.17 -29.07 -75.81
CA MET F 24 0.18 -28.18 -75.20
C MET F 24 0.78 -26.83 -74.85
N GLY F 25 -0.03 -25.78 -74.82
CA GLY F 25 0.48 -24.49 -74.38
C GLY F 25 0.78 -24.50 -72.90
N GLU F 26 1.80 -23.74 -72.50
CA GLU F 26 2.26 -23.60 -71.11
C GLU F 26 2.70 -22.17 -70.88
N ALA F 27 1.79 -21.29 -70.55
CA ALA F 27 2.16 -19.89 -70.53
C ALA F 27 2.77 -19.52 -69.21
N LEU F 28 4.08 -19.60 -69.13
CA LEU F 28 4.66 -19.22 -67.87
C LEU F 28 4.69 -17.72 -67.99
N THR F 29 3.78 -17.11 -67.25
CA THR F 29 3.44 -15.71 -67.35
C THR F 29 4.53 -14.76 -66.89
N PRO F 30 4.91 -13.77 -67.71
CA PRO F 30 5.93 -12.77 -67.43
C PRO F 30 5.36 -11.72 -66.53
N THR F 31 5.20 -12.05 -65.26
CA THR F 31 4.58 -11.14 -64.33
C THR F 31 5.56 -10.02 -63.98
N GLY F 32 5.05 -8.95 -63.42
CA GLY F 32 5.89 -7.81 -63.08
C GLY F 32 5.77 -7.37 -61.63
N PRO F 33 5.13 -6.23 -61.37
CA PRO F 33 5.07 -5.54 -60.09
C PRO F 33 4.43 -6.34 -58.98
N ASP F 34 3.62 -7.36 -59.25
CA ASP F 34 3.07 -8.07 -58.14
C ASP F 34 4.06 -9.07 -57.57
N GLY F 35 4.97 -9.55 -58.41
CA GLY F 35 5.97 -10.53 -58.00
C GLY F 35 5.47 -11.96 -57.92
N MET F 36 4.23 -12.24 -58.27
CA MET F 36 3.74 -13.60 -58.13
C MET F 36 4.08 -14.47 -59.31
N ALA F 37 4.25 -15.76 -59.08
CA ALA F 37 4.43 -16.67 -60.19
C ALA F 37 3.08 -17.06 -60.74
N ALA F 38 2.95 -17.19 -62.05
CA ALA F 38 1.68 -17.63 -62.58
C ALA F 38 1.83 -18.38 -63.88
N LEU F 39 0.89 -19.28 -64.12
CA LEU F 39 0.88 -20.13 -65.29
C LEU F 39 -0.48 -20.42 -65.87
N SER F 40 -0.61 -20.27 -67.16
CA SER F 40 -1.90 -20.58 -67.76
C SER F 40 -1.81 -21.79 -68.66
N LEU F 41 -2.83 -22.63 -68.58
CA LEU F 41 -2.92 -23.77 -69.47
C LEU F 41 -4.22 -23.63 -70.25
N PRO F 42 -4.25 -23.91 -71.54
CA PRO F 42 -5.45 -23.91 -72.34
C PRO F 42 -6.30 -25.13 -72.04
N LEU F 43 -7.58 -25.02 -72.27
CA LEU F 43 -8.47 -26.16 -72.17
C LEU F 43 -8.88 -26.60 -73.56
N PRO F 44 -9.29 -27.87 -73.75
CA PRO F 44 -9.69 -28.42 -75.03
C PRO F 44 -11.08 -28.00 -75.43
N ILE F 45 -11.24 -26.72 -75.67
CA ILE F 45 -12.54 -26.19 -75.98
C ILE F 45 -12.66 -25.90 -77.46
N SER F 46 -13.61 -26.53 -78.11
CA SER F 46 -13.78 -26.35 -79.52
C SER F 46 -14.24 -24.94 -79.79
N ALA F 47 -13.75 -24.33 -80.87
CA ALA F 47 -14.21 -22.99 -81.24
C ALA F 47 -15.70 -22.99 -81.50
N GLY F 48 -16.17 -24.10 -82.04
CA GLY F 48 -17.55 -24.26 -82.37
C GLY F 48 -17.90 -23.28 -83.44
N ARG F 49 -18.99 -22.57 -83.25
CA ARG F 49 -19.40 -21.60 -84.24
C ARG F 49 -18.56 -20.31 -84.15
N GLY F 50 -17.72 -20.19 -83.11
CA GLY F 50 -16.94 -18.97 -82.91
C GLY F 50 -17.29 -18.24 -81.61
N TYR F 51 -18.11 -18.87 -80.77
CA TYR F 51 -18.51 -18.29 -79.51
C TYR F 51 -18.50 -19.39 -78.48
N ALA F 52 -17.31 -19.68 -78.03
CA ALA F 52 -17.02 -20.72 -77.08
C ALA F 52 -16.73 -20.05 -75.76
N PRO F 53 -16.87 -20.70 -74.61
CA PRO F 53 -16.51 -20.15 -73.34
C PRO F 53 -15.02 -19.89 -73.35
N ALA F 54 -14.61 -18.76 -72.83
CA ALA F 54 -13.20 -18.38 -72.81
C ALA F 54 -12.49 -18.90 -71.59
N PHE F 55 -12.39 -20.19 -71.48
CA PHE F 55 -11.74 -20.71 -70.30
C PHE F 55 -10.31 -21.11 -70.53
N THR F 56 -9.59 -21.06 -69.44
CA THR F 56 -8.20 -21.46 -69.27
C THR F 56 -8.09 -21.87 -67.85
N LEU F 57 -7.10 -22.65 -67.52
CA LEU F 57 -6.87 -23.05 -66.14
C LEU F 57 -5.65 -22.28 -65.59
N ASN F 58 -5.84 -21.50 -64.51
CA ASN F 58 -4.74 -20.60 -64.05
C ASN F 58 -4.09 -20.80 -62.71
N TYR F 59 -2.79 -20.96 -62.72
CA TYR F 59 -2.03 -21.07 -61.50
C TYR F 59 -1.59 -19.73 -61.06
N ASN F 60 -1.80 -19.43 -59.80
CA ASN F 60 -1.33 -18.18 -59.29
C ASN F 60 -0.86 -18.35 -57.89
N SER F 61 0.42 -18.20 -57.67
CA SER F 61 0.90 -18.41 -56.34
C SER F 61 0.11 -17.48 -55.44
N GLY F 62 -0.37 -17.99 -54.32
CA GLY F 62 -1.15 -17.17 -53.39
C GLY F 62 -2.66 -17.29 -53.59
N ALA F 63 -3.07 -17.98 -54.66
CA ALA F 63 -4.48 -18.20 -55.02
C ALA F 63 -5.31 -18.95 -53.96
N GLY F 64 -4.72 -19.84 -53.18
CA GLY F 64 -5.50 -20.59 -52.21
C GLY F 64 -6.03 -21.87 -52.83
N ASN F 65 -6.90 -22.60 -52.13
CA ASN F 65 -7.30 -23.88 -52.69
C ASN F 65 -8.46 -23.70 -53.65
N SER F 66 -8.89 -24.78 -54.30
CA SER F 66 -9.95 -24.67 -55.29
C SER F 66 -10.41 -26.04 -55.75
N PRO F 67 -11.49 -26.13 -56.52
CA PRO F 67 -11.98 -27.31 -57.24
C PRO F 67 -10.97 -27.87 -58.25
N PHE F 68 -9.93 -27.12 -58.57
CA PHE F 68 -8.93 -27.59 -59.50
C PHE F 68 -7.61 -27.91 -58.86
N GLY F 69 -7.56 -27.91 -57.54
CA GLY F 69 -6.33 -28.21 -56.83
C GLY F 69 -5.72 -26.94 -56.32
N LEU F 70 -4.86 -27.07 -55.34
CA LEU F 70 -4.27 -25.91 -54.71
C LEU F 70 -3.47 -25.03 -55.64
N GLY F 71 -3.77 -23.74 -55.63
CA GLY F 71 -3.11 -22.76 -56.45
C GLY F 71 -3.77 -22.51 -57.81
N TRP F 72 -4.70 -23.35 -58.22
CA TRP F 72 -5.29 -23.13 -59.54
C TRP F 72 -6.73 -22.62 -59.50
N ASP F 73 -7.06 -21.66 -60.36
CA ASP F 73 -8.45 -21.21 -60.47
C ASP F 73 -9.14 -21.65 -61.74
N CYS F 74 -10.48 -21.67 -61.65
CA CYS F 74 -11.42 -21.97 -62.72
C CYS F 74 -11.58 -20.89 -63.78
N ASN F 75 -11.32 -19.63 -63.44
CA ASN F 75 -11.42 -18.48 -64.34
C ASN F 75 -12.80 -18.28 -64.98
N VAL F 76 -13.83 -18.47 -64.20
CA VAL F 76 -15.21 -18.30 -64.63
C VAL F 76 -15.66 -16.93 -64.17
N MET F 77 -16.33 -16.17 -65.01
CA MET F 77 -16.76 -14.86 -64.60
C MET F 77 -17.93 -14.88 -63.60
N THR F 78 -17.75 -14.13 -62.51
CA THR F 78 -18.75 -13.98 -61.45
C THR F 78 -18.87 -12.55 -60.93
N ILE F 79 -20.00 -12.27 -60.28
CA ILE F 79 -20.23 -11.07 -59.48
C ILE F 79 -20.42 -11.50 -58.04
N ARG F 80 -19.73 -10.84 -57.13
CA ARG F 80 -19.81 -11.26 -55.73
C ARG F 80 -19.89 -10.14 -54.74
N ARG F 81 -20.43 -10.42 -53.56
CA ARG F 81 -20.42 -9.39 -52.55
C ARG F 81 -19.00 -9.18 -52.09
N ARG F 82 -18.65 -7.94 -51.79
CA ARG F 82 -17.33 -7.68 -51.31
C ARG F 82 -17.24 -8.04 -49.84
N THR F 83 -16.23 -8.84 -49.47
CA THR F 83 -16.04 -9.27 -48.10
C THR F 83 -14.79 -8.69 -47.45
N HIS F 84 -14.00 -7.95 -48.20
CA HIS F 84 -12.70 -7.48 -47.70
C HIS F 84 -12.80 -6.61 -46.46
N PHE F 85 -13.91 -5.91 -46.28
CA PHE F 85 -14.09 -5.08 -45.12
C PHE F 85 -15.14 -5.60 -44.18
N GLY F 86 -15.36 -6.89 -44.22
CA GLY F 86 -16.29 -7.52 -43.33
C GLY F 86 -17.31 -8.37 -44.04
N VAL F 87 -17.90 -9.25 -43.26
CA VAL F 87 -18.93 -10.14 -43.72
C VAL F 87 -20.10 -9.28 -44.12
N PRO F 88 -20.72 -9.48 -45.27
CA PRO F 88 -21.80 -8.68 -45.79
C PRO F 88 -23.00 -8.79 -44.92
N HIS F 89 -23.83 -7.75 -44.95
CA HIS F 89 -25.06 -7.69 -44.21
C HIS F 89 -26.25 -8.11 -45.03
N TYR F 90 -26.13 -8.08 -46.36
CA TYR F 90 -27.21 -8.38 -47.30
C TYR F 90 -28.40 -7.46 -47.13
N ASP F 91 -28.14 -6.20 -46.76
CA ASP F 91 -29.15 -5.17 -46.54
C ASP F 91 -28.98 -3.95 -47.41
N GLU F 92 -28.30 -4.12 -48.51
CA GLU F 92 -27.97 -3.07 -49.46
C GLU F 92 -27.05 -1.98 -48.92
N THR F 93 -26.31 -2.26 -47.85
CA THR F 93 -25.28 -1.34 -47.39
C THR F 93 -23.95 -1.87 -47.91
N ASP F 94 -24.03 -3.08 -48.42
CA ASP F 94 -22.92 -3.83 -48.95
C ASP F 94 -22.52 -3.31 -50.30
N THR F 95 -21.27 -3.54 -50.67
CA THR F 95 -20.89 -3.22 -52.03
C THR F 95 -20.56 -4.51 -52.72
N PHE F 96 -20.29 -4.41 -53.98
CA PHE F 96 -20.09 -5.57 -54.82
C PHE F 96 -18.83 -5.50 -55.60
N LEU F 97 -18.31 -6.65 -55.94
CA LEU F 97 -17.20 -6.72 -56.84
C LEU F 97 -17.64 -7.29 -58.16
N GLY F 98 -17.04 -6.78 -59.22
CA GLY F 98 -17.38 -7.23 -60.56
C GLY F 98 -16.52 -8.39 -61.06
N PRO F 99 -16.57 -8.68 -62.37
CA PRO F 99 -15.89 -9.78 -63.06
C PRO F 99 -14.43 -9.87 -62.67
N GLU F 100 -13.85 -8.72 -62.48
CA GLU F 100 -12.50 -8.55 -62.00
C GLU F 100 -12.84 -7.88 -60.71
N GLY F 101 -12.09 -8.14 -59.65
CA GLY F 101 -12.47 -7.64 -58.33
C GLY F 101 -12.35 -6.14 -58.04
N GLU F 102 -13.04 -5.34 -58.82
CA GLU F 102 -13.12 -3.92 -58.62
C GLU F 102 -14.41 -3.64 -57.93
N VAL F 103 -14.44 -2.56 -57.21
CA VAL F 103 -15.64 -2.18 -56.53
C VAL F 103 -16.58 -1.50 -57.44
N LEU F 104 -17.81 -1.98 -57.49
CA LEU F 104 -18.82 -1.40 -58.33
C LEU F 104 -19.49 -0.26 -57.62
N VAL F 105 -19.87 0.75 -58.37
CA VAL F 105 -20.55 1.90 -57.82
C VAL F 105 -21.84 2.10 -58.57
N VAL F 106 -22.79 2.81 -58.01
CA VAL F 106 -23.99 3.04 -58.79
C VAL F 106 -23.81 4.18 -59.73
N ALA F 107 -24.07 3.92 -60.97
CA ALA F 107 -23.97 4.93 -61.98
C ALA F 107 -25.32 5.44 -62.40
N ASP F 108 -26.27 4.54 -62.48
CA ASP F 108 -27.56 4.90 -63.01
C ASP F 108 -28.60 4.93 -61.94
N GLN F 109 -29.38 5.99 -61.91
CA GLN F 109 -30.46 6.07 -60.96
C GLN F 109 -31.32 4.89 -61.27
N PRO F 110 -31.92 4.24 -60.29
CA PRO F 110 -32.72 3.07 -60.47
C PRO F 110 -33.94 3.37 -61.30
N ARG F 111 -34.31 2.41 -62.11
CA ARG F 111 -35.48 2.50 -62.98
C ARG F 111 -36.29 1.24 -62.84
N ASP F 112 -37.56 1.27 -63.20
CA ASP F 112 -38.28 -0.01 -63.12
C ASP F 112 -38.27 -0.73 -64.43
N GLU F 113 -38.39 -2.04 -64.36
CA GLU F 113 -38.55 -2.84 -65.57
C GLU F 113 -39.29 -4.13 -65.29
N SER F 114 -39.97 -4.70 -66.30
CA SER F 114 -40.65 -5.98 -66.14
C SER F 114 -40.30 -6.94 -67.27
N THR F 115 -39.78 -6.41 -68.36
CA THR F 115 -39.51 -7.25 -69.52
C THR F 115 -38.08 -7.20 -69.96
N LEU F 116 -37.47 -8.35 -69.97
CA LEU F 116 -36.08 -8.43 -70.34
C LEU F 116 -35.94 -9.06 -71.67
N GLN F 117 -35.54 -8.28 -72.64
CA GLN F 117 -35.42 -8.79 -74.00
C GLN F 117 -36.75 -9.41 -74.44
N GLY F 118 -37.85 -8.78 -74.03
CA GLY F 118 -39.19 -9.21 -74.39
C GLY F 118 -39.79 -10.23 -73.42
N ILE F 119 -39.00 -10.73 -72.49
CA ILE F 119 -39.53 -11.74 -71.60
C ILE F 119 -40.17 -11.14 -70.39
N ASN F 120 -41.45 -11.40 -70.22
CA ASN F 120 -42.13 -10.86 -69.07
C ASN F 120 -41.77 -11.75 -67.92
N LEU F 121 -40.95 -11.22 -67.06
CA LEU F 121 -40.33 -11.94 -65.98
C LEU F 121 -41.31 -12.31 -64.88
N GLY F 122 -42.51 -11.75 -64.92
CA GLY F 122 -43.56 -12.02 -63.93
C GLY F 122 -43.59 -11.04 -62.77
N ALA F 123 -42.64 -10.14 -62.73
CA ALA F 123 -42.58 -9.14 -61.67
C ALA F 123 -41.86 -7.91 -62.12
N THR F 124 -42.14 -6.83 -61.43
CA THR F 124 -41.40 -5.61 -61.66
C THR F 124 -40.17 -5.68 -60.80
N PHE F 125 -39.06 -5.29 -61.40
CA PHE F 125 -37.74 -5.24 -60.81
C PHE F 125 -37.20 -3.83 -60.78
N THR F 126 -36.47 -3.52 -59.76
CA THR F 126 -35.80 -2.26 -59.74
C THR F 126 -34.48 -2.52 -60.40
N VAL F 127 -34.13 -1.73 -61.37
CA VAL F 127 -32.90 -1.97 -62.05
C VAL F 127 -31.94 -0.83 -61.81
N THR F 128 -30.80 -1.15 -61.22
CA THR F 128 -29.78 -0.15 -60.88
C THR F 128 -28.55 -0.36 -61.73
N GLY F 129 -28.00 0.72 -62.29
CA GLY F 129 -26.82 0.52 -63.14
C GLY F 129 -25.55 0.75 -62.35
N TYR F 130 -24.51 0.01 -62.70
CA TYR F 130 -23.20 0.04 -62.09
C TYR F 130 -22.02 0.20 -63.03
N ARG F 131 -20.98 0.81 -62.50
CA ARG F 131 -19.68 0.98 -63.15
C ARG F 131 -18.62 0.54 -62.19
N SER F 132 -17.47 0.15 -62.68
CA SER F 132 -16.37 -0.17 -61.79
C SER F 132 -15.75 1.11 -61.29
N ARG F 133 -15.22 1.13 -60.06
CA ARG F 133 -14.51 2.31 -59.60
C ARG F 133 -13.36 2.63 -60.55
N LEU F 134 -12.66 1.61 -60.99
CA LEU F 134 -11.62 1.79 -62.01
C LEU F 134 -12.24 1.24 -63.25
N GLU F 135 -12.55 2.11 -64.19
CA GLU F 135 -13.35 1.68 -65.31
C GLU F 135 -12.55 1.04 -66.42
N SER F 136 -12.35 -0.25 -66.28
CA SER F 136 -11.59 -1.01 -67.24
C SER F 136 -12.52 -1.60 -68.25
N HIS F 137 -12.32 -1.22 -69.49
CA HIS F 137 -13.09 -1.62 -70.66
C HIS F 137 -14.51 -1.09 -70.71
N PHE F 138 -14.89 -0.21 -69.81
CA PHE F 138 -16.18 0.46 -69.90
C PHE F 138 -17.41 -0.42 -70.03
N SER F 139 -17.43 -1.57 -69.40
CA SER F 139 -18.60 -2.40 -69.46
C SER F 139 -19.65 -1.78 -68.55
N ARG F 140 -20.89 -2.19 -68.74
CA ARG F 140 -21.99 -1.70 -67.92
C ARG F 140 -22.72 -2.82 -67.23
N LEU F 141 -22.97 -2.65 -65.95
CA LEU F 141 -23.62 -3.71 -65.22
C LEU F 141 -24.94 -3.28 -64.66
N GLU F 142 -25.89 -4.21 -64.59
CA GLU F 142 -27.17 -3.90 -63.97
C GLU F 142 -27.51 -4.88 -62.88
N TYR F 143 -28.12 -4.36 -61.83
CA TYR F 143 -28.62 -5.21 -60.78
C TYR F 143 -30.12 -5.17 -60.75
N TRP F 144 -30.72 -6.32 -60.95
CA TRP F 144 -32.16 -6.45 -61.02
C TRP F 144 -32.73 -6.96 -59.73
N GLN F 145 -33.53 -6.13 -59.06
CA GLN F 145 -34.09 -6.48 -57.77
C GLN F 145 -35.60 -6.52 -57.76
N PRO F 146 -36.21 -7.66 -57.59
CA PRO F 146 -37.63 -7.80 -57.69
C PRO F 146 -38.27 -6.99 -56.61
N LYS F 147 -39.46 -6.48 -56.87
CA LYS F 147 -40.24 -5.73 -55.88
C LYS F 147 -41.17 -6.65 -55.12
N THR F 148 -41.04 -7.93 -55.39
CA THR F 148 -41.80 -9.01 -54.81
C THR F 148 -40.91 -9.95 -54.03
N THR F 149 -41.54 -10.99 -53.51
CA THR F 149 -40.87 -12.00 -52.71
C THR F 149 -40.84 -13.34 -53.42
N GLY F 150 -41.61 -13.46 -54.51
CA GLY F 150 -41.71 -14.73 -55.23
C GLY F 150 -40.65 -14.89 -56.31
N LYS F 151 -39.77 -13.92 -56.40
CA LYS F 151 -38.74 -13.85 -57.42
C LYS F 151 -37.43 -13.48 -56.79
N THR F 152 -36.36 -13.97 -57.38
CA THR F 152 -35.00 -13.66 -56.97
C THR F 152 -34.44 -12.54 -57.81
N ASP F 153 -33.29 -12.02 -57.40
CA ASP F 153 -32.62 -10.97 -58.13
C ASP F 153 -31.74 -11.56 -59.21
N PHE F 154 -31.03 -10.72 -59.95
CA PHE F 154 -30.05 -11.18 -60.93
C PHE F 154 -29.18 -10.04 -61.41
N TRP F 155 -28.11 -10.37 -62.10
CA TRP F 155 -27.30 -9.32 -62.71
C TRP F 155 -27.12 -9.48 -64.20
N LEU F 156 -27.04 -8.35 -64.87
CA LEU F 156 -26.73 -8.36 -66.29
C LEU F 156 -25.44 -7.61 -66.56
N ILE F 157 -24.72 -8.04 -67.56
CA ILE F 157 -23.56 -7.29 -67.99
C ILE F 157 -23.62 -7.02 -69.45
N TYR F 158 -23.43 -5.78 -69.81
CA TYR F 158 -23.38 -5.41 -71.19
C TYR F 158 -21.95 -5.11 -71.55
N SER F 159 -21.37 -5.96 -72.36
CA SER F 159 -19.98 -5.79 -72.73
C SER F 159 -19.92 -4.76 -73.83
N PRO F 160 -18.79 -4.12 -74.07
CA PRO F 160 -18.56 -3.18 -75.13
C PRO F 160 -18.77 -3.73 -76.53
N ASP F 161 -18.78 -5.03 -76.70
CA ASP F 161 -18.96 -5.62 -78.02
C ASP F 161 -20.36 -6.10 -78.26
N GLY F 162 -21.30 -5.69 -77.43
CA GLY F 162 -22.68 -6.08 -77.59
C GLY F 162 -22.98 -7.42 -76.94
N GLN F 163 -21.97 -8.03 -76.35
CA GLN F 163 -22.18 -9.29 -75.70
C GLN F 163 -22.97 -9.04 -74.43
N VAL F 164 -23.97 -9.85 -74.18
CA VAL F 164 -24.74 -9.68 -72.95
C VAL F 164 -24.70 -10.90 -72.09
N HIS F 165 -24.42 -10.68 -70.83
CA HIS F 165 -24.31 -11.76 -69.87
C HIS F 165 -25.35 -11.68 -68.79
N LEU F 166 -25.79 -12.82 -68.35
CA LEU F 166 -26.71 -12.99 -67.23
C LEU F 166 -26.09 -13.82 -66.15
N LEU F 167 -26.10 -13.29 -64.94
CA LEU F 167 -25.49 -13.97 -63.83
C LEU F 167 -26.45 -14.20 -62.69
N GLY F 168 -26.35 -15.37 -62.08
CA GLY F 168 -27.10 -15.68 -60.87
C GLY F 168 -28.60 -15.75 -61.07
N LYS F 169 -29.10 -16.07 -62.24
CA LYS F 169 -30.55 -16.05 -62.33
C LYS F 169 -31.20 -17.28 -61.70
N SER F 170 -30.79 -18.46 -62.13
CA SER F 170 -31.39 -19.69 -61.63
C SER F 170 -30.73 -20.08 -60.33
N PRO F 171 -31.38 -20.81 -59.44
CA PRO F 171 -30.81 -21.25 -58.18
C PRO F 171 -29.45 -21.89 -58.27
N GLN F 172 -29.16 -22.65 -59.33
CA GLN F 172 -27.87 -23.30 -59.42
C GLN F 172 -26.74 -22.34 -59.75
N ALA F 173 -27.08 -21.15 -60.20
CA ALA F 173 -26.11 -20.14 -60.58
C ALA F 173 -25.81 -19.27 -59.37
N ARG F 174 -26.41 -19.62 -58.25
CA ARG F 174 -26.24 -18.84 -57.07
C ARG F 174 -25.54 -19.53 -55.96
N ILE F 175 -24.78 -18.76 -55.23
CA ILE F 175 -24.24 -19.20 -53.95
C ILE F 175 -24.94 -18.37 -52.91
N SER F 176 -25.68 -19.00 -52.03
CA SER F 176 -26.46 -18.27 -51.05
C SER F 176 -26.54 -19.00 -49.75
N ASN F 177 -26.88 -18.26 -48.71
CA ASN F 177 -27.04 -18.82 -47.39
C ASN F 177 -28.02 -19.97 -47.51
N PRO F 178 -27.65 -21.20 -47.17
CA PRO F 178 -28.47 -22.37 -47.31
C PRO F 178 -29.84 -22.27 -46.67
N SER F 179 -30.00 -21.45 -45.64
CA SER F 179 -31.31 -21.35 -45.03
C SER F 179 -31.98 -20.09 -45.53
N GLN F 180 -31.26 -18.99 -45.44
CA GLN F 180 -31.82 -17.72 -45.86
C GLN F 180 -31.42 -17.54 -47.30
N THR F 181 -32.10 -18.23 -48.17
CA THR F 181 -31.72 -18.40 -49.55
C THR F 181 -31.81 -17.14 -50.40
N THR F 182 -32.34 -16.07 -49.81
CA THR F 182 -32.39 -14.80 -50.48
C THR F 182 -31.04 -14.09 -50.34
N GLN F 183 -30.19 -14.54 -49.41
CA GLN F 183 -28.90 -13.92 -49.17
C GLN F 183 -27.86 -14.44 -50.12
N THR F 184 -27.87 -13.89 -51.32
CA THR F 184 -26.98 -14.39 -52.33
C THR F 184 -25.63 -13.75 -52.17
N ALA F 185 -24.62 -14.58 -52.04
CA ALA F 185 -23.25 -14.17 -51.91
C ALA F 185 -22.64 -13.97 -53.25
N GLN F 186 -22.99 -14.87 -54.15
CA GLN F 186 -22.45 -14.80 -55.50
C GLN F 186 -23.45 -15.11 -56.59
N TRP F 187 -23.29 -14.38 -57.68
CA TRP F 187 -24.07 -14.55 -58.88
C TRP F 187 -23.13 -15.06 -59.96
N LEU F 188 -23.26 -16.30 -60.33
CA LEU F 188 -22.31 -16.90 -61.23
C LEU F 188 -22.79 -16.77 -62.66
N LEU F 189 -21.89 -16.70 -63.63
CA LEU F 189 -22.39 -16.59 -64.96
C LEU F 189 -23.22 -17.77 -65.35
N GLU F 190 -24.42 -17.50 -65.82
CA GLU F 190 -25.34 -18.52 -66.23
C GLU F 190 -25.55 -18.52 -67.71
N ALA F 191 -25.57 -17.35 -68.29
CA ALA F 191 -25.87 -17.33 -69.70
C ALA F 191 -25.32 -16.14 -70.42
N SER F 192 -25.11 -16.29 -71.72
CA SER F 192 -24.75 -15.14 -72.51
C SER F 192 -25.20 -15.25 -73.94
N VAL F 193 -25.39 -14.08 -74.56
CA VAL F 193 -25.74 -13.99 -75.97
C VAL F 193 -24.89 -12.96 -76.71
N SER F 194 -24.54 -13.25 -77.97
CA SER F 194 -23.78 -12.33 -78.80
C SER F 194 -24.71 -11.51 -79.67
N SER F 195 -24.21 -10.43 -80.25
CA SER F 195 -25.01 -9.58 -81.13
C SER F 195 -25.40 -10.26 -82.42
N ARG F 196 -24.67 -11.30 -82.78
CA ARG F 196 -24.89 -12.01 -84.02
C ARG F 196 -25.86 -13.17 -83.85
N GLY F 197 -26.43 -13.30 -82.65
CA GLY F 197 -27.42 -14.31 -82.30
C GLY F 197 -26.91 -15.62 -81.69
N GLU F 198 -25.64 -15.68 -81.31
CA GLU F 198 -25.12 -16.90 -80.73
C GLU F 198 -25.28 -16.94 -79.22
N GLN F 199 -25.37 -18.13 -78.65
CA GLN F 199 -25.56 -18.30 -77.22
C GLN F 199 -24.65 -19.29 -76.51
N ILE F 200 -24.46 -19.05 -75.20
CA ILE F 200 -23.82 -19.97 -74.26
C ILE F 200 -24.68 -20.12 -73.00
N TYR F 201 -24.86 -21.34 -72.51
CA TYR F 201 -25.56 -21.56 -71.25
C TYR F 201 -24.72 -22.40 -70.29
N TYR F 202 -24.56 -21.95 -69.06
CA TYR F 202 -23.71 -22.63 -68.10
C TYR F 202 -24.52 -23.36 -67.04
N GLN F 203 -24.41 -24.68 -67.02
CA GLN F 203 -25.13 -25.48 -66.06
C GLN F 203 -24.23 -25.80 -64.89
N TYR F 204 -24.68 -25.44 -63.72
CA TYR F 204 -23.94 -25.69 -62.51
C TYR F 204 -24.54 -26.85 -61.74
N ARG F 205 -23.69 -27.54 -61.00
CA ARG F 205 -24.14 -28.60 -60.14
C ARG F 205 -23.97 -28.18 -58.70
N ALA F 206 -24.97 -28.48 -57.88
CA ALA F 206 -24.91 -28.15 -56.47
C ALA F 206 -24.18 -29.20 -55.70
N GLU F 207 -23.50 -28.76 -54.67
CA GLU F 207 -22.81 -29.62 -53.74
C GLU F 207 -23.79 -30.55 -53.03
N ASP F 208 -23.42 -31.83 -52.91
CA ASP F 208 -24.24 -32.82 -52.24
C ASP F 208 -23.32 -33.74 -51.44
N ASP F 209 -23.86 -34.77 -50.82
CA ASP F 209 -23.10 -35.66 -49.96
C ASP F 209 -22.77 -37.02 -50.56
N THR F 210 -22.92 -37.19 -51.85
CA THR F 210 -22.63 -38.52 -52.33
C THR F 210 -21.14 -38.66 -52.24
N GLY F 211 -20.65 -39.87 -52.10
CA GLY F 211 -19.20 -40.02 -52.10
C GLY F 211 -18.54 -39.63 -50.76
N CYS F 212 -19.33 -39.19 -49.79
CA CYS F 212 -18.81 -38.74 -48.50
C CYS F 212 -19.11 -39.75 -47.41
N GLU F 213 -18.31 -39.76 -46.35
CA GLU F 213 -18.58 -40.69 -45.26
C GLU F 213 -19.47 -40.00 -44.25
N ALA F 214 -19.83 -40.75 -43.21
CA ALA F 214 -20.70 -40.23 -42.17
C ALA F 214 -20.09 -39.06 -41.43
N ASP F 215 -18.78 -39.08 -41.25
CA ASP F 215 -18.13 -38.06 -40.45
C ASP F 215 -18.30 -36.69 -41.05
N GLU F 216 -18.24 -36.65 -42.37
CA GLU F 216 -18.37 -35.43 -43.13
C GLU F 216 -19.79 -34.95 -43.05
N ILE F 217 -20.70 -35.87 -43.18
CA ILE F 217 -22.11 -35.57 -43.17
C ILE F 217 -22.55 -35.06 -41.81
N THR F 218 -22.03 -35.70 -40.78
CA THR F 218 -22.33 -35.38 -39.41
C THR F 218 -21.88 -33.98 -39.03
N HIS F 219 -20.66 -33.63 -39.41
CA HIS F 219 -20.13 -32.32 -39.09
C HIS F 219 -20.56 -31.15 -39.94
N HIS F 220 -20.93 -31.40 -41.17
CA HIS F 220 -21.23 -30.34 -42.10
C HIS F 220 -22.60 -30.62 -42.67
N LEU F 221 -23.60 -30.39 -41.82
CA LEU F 221 -24.99 -30.76 -42.03
C LEU F 221 -25.65 -30.09 -43.22
N GLN F 222 -25.27 -28.85 -43.51
CA GLN F 222 -25.83 -28.20 -44.66
C GLN F 222 -24.75 -28.28 -45.70
N ALA F 223 -23.87 -27.29 -45.76
CA ALA F 223 -22.75 -27.40 -46.68
C ALA F 223 -23.19 -27.79 -48.09
N THR F 224 -24.24 -27.16 -48.58
CA THR F 224 -24.76 -27.41 -49.93
C THR F 224 -24.56 -26.19 -50.80
N ALA F 225 -23.98 -25.16 -50.20
CA ALA F 225 -23.76 -23.84 -50.77
C ALA F 225 -22.87 -23.79 -51.99
N GLN F 226 -21.89 -24.65 -52.08
CA GLN F 226 -20.92 -24.60 -53.16
C GLN F 226 -21.57 -25.04 -54.45
N ARG F 227 -21.10 -24.46 -55.54
CA ARG F 227 -21.56 -24.80 -56.86
C ARG F 227 -20.36 -25.12 -57.72
N TYR F 228 -20.57 -26.00 -58.67
CA TYR F 228 -19.51 -26.35 -59.56
C TYR F 228 -19.95 -26.19 -60.97
N LEU F 229 -19.05 -25.77 -61.82
CA LEU F 229 -19.49 -25.71 -63.18
C LEU F 229 -19.52 -27.12 -63.70
N HIS F 230 -20.64 -27.54 -64.26
CA HIS F 230 -20.78 -28.89 -64.75
C HIS F 230 -20.81 -28.98 -66.26
N ILE F 231 -21.77 -28.32 -66.93
CA ILE F 231 -21.80 -28.38 -68.40
C ILE F 231 -21.96 -27.05 -69.09
N VAL F 232 -21.11 -26.78 -70.05
CA VAL F 232 -21.32 -25.54 -70.77
C VAL F 232 -21.91 -25.89 -72.11
N TYR F 233 -23.06 -25.34 -72.38
CA TYR F 233 -23.78 -25.62 -73.59
C TYR F 233 -23.57 -24.50 -74.56
N TYR F 234 -23.03 -24.80 -75.73
CA TYR F 234 -22.80 -23.71 -76.66
C TYR F 234 -23.02 -24.11 -78.08
N GLY F 235 -23.19 -23.11 -78.94
CA GLY F 235 -23.47 -23.44 -80.32
C GLY F 235 -24.93 -23.75 -80.42
N ASN F 236 -25.75 -22.75 -80.23
CA ASN F 236 -27.17 -22.96 -80.28
C ASN F 236 -27.50 -23.47 -81.66
N ARG F 237 -28.40 -24.43 -81.77
CA ARG F 237 -28.80 -24.86 -83.10
C ARG F 237 -29.66 -23.78 -83.75
N THR F 238 -30.44 -23.08 -82.94
CA THR F 238 -31.35 -22.06 -83.45
C THR F 238 -30.90 -20.65 -83.11
N ALA F 239 -30.76 -19.80 -84.10
CA ALA F 239 -30.31 -18.44 -83.83
C ALA F 239 -31.29 -17.72 -82.94
N SER F 240 -30.77 -16.92 -82.01
CA SER F 240 -31.63 -16.14 -81.13
C SER F 240 -30.93 -14.95 -80.56
N GLU F 241 -31.67 -13.87 -80.38
CA GLU F 241 -31.13 -12.65 -79.82
C GLU F 241 -31.23 -12.58 -78.31
N THR F 242 -31.96 -13.51 -77.72
CA THR F 242 -32.15 -13.42 -76.28
C THR F 242 -31.20 -14.30 -75.51
N LEU F 243 -31.10 -14.05 -74.23
CA LEU F 243 -30.33 -14.85 -73.32
C LEU F 243 -30.98 -16.21 -73.13
N PRO F 244 -30.26 -17.33 -73.23
CA PRO F 244 -30.77 -18.69 -73.15
C PRO F 244 -31.27 -19.09 -71.77
N GLY F 245 -30.97 -18.30 -70.76
CA GLY F 245 -31.37 -18.65 -69.40
C GLY F 245 -32.68 -18.02 -68.97
N LEU F 246 -33.30 -17.24 -69.84
CA LEU F 246 -34.50 -16.60 -69.38
C LEU F 246 -35.60 -17.61 -69.27
N ASP F 247 -36.49 -17.33 -68.34
CA ASP F 247 -37.62 -18.15 -67.95
C ASP F 247 -37.24 -19.43 -67.23
N GLY F 248 -35.95 -19.62 -66.93
CA GLY F 248 -35.55 -20.75 -66.10
C GLY F 248 -35.70 -22.07 -66.82
N SER F 249 -35.59 -22.05 -68.13
CA SER F 249 -35.74 -23.29 -68.87
C SER F 249 -34.46 -24.09 -68.81
N ALA F 250 -34.54 -25.30 -68.30
CA ALA F 250 -33.36 -26.12 -68.20
C ALA F 250 -32.83 -26.36 -69.59
N PRO F 251 -31.52 -26.38 -69.80
CA PRO F 251 -30.93 -26.63 -71.08
C PRO F 251 -31.17 -28.07 -71.43
N SER F 252 -31.22 -28.35 -72.71
CA SER F 252 -31.32 -29.69 -73.21
C SER F 252 -30.44 -29.86 -74.39
N GLN F 253 -29.67 -30.93 -74.40
CA GLN F 253 -28.68 -31.19 -75.43
C GLN F 253 -29.30 -31.24 -76.82
N ALA F 254 -30.59 -31.42 -76.90
CA ALA F 254 -31.24 -31.42 -78.18
C ALA F 254 -30.98 -30.12 -78.94
N ASP F 255 -30.86 -29.01 -78.21
CA ASP F 255 -30.68 -27.72 -78.82
C ASP F 255 -29.25 -27.23 -78.96
N TRP F 256 -28.27 -28.01 -78.51
CA TRP F 256 -26.91 -27.46 -78.58
C TRP F 256 -25.93 -28.32 -79.34
N LEU F 257 -25.07 -27.70 -80.09
CA LEU F 257 -24.10 -28.42 -80.86
C LEU F 257 -22.84 -28.81 -80.12
N PHE F 258 -22.50 -28.06 -79.08
CA PHE F 258 -21.24 -28.36 -78.40
C PHE F 258 -21.40 -28.44 -76.90
N TYR F 259 -20.67 -29.36 -76.27
CA TYR F 259 -20.75 -29.42 -74.82
C TYR F 259 -19.41 -29.52 -74.14
N LEU F 260 -19.24 -28.74 -73.10
CA LEU F 260 -18.02 -28.84 -72.34
C LEU F 260 -18.40 -29.40 -71.01
N VAL F 261 -17.80 -30.50 -70.65
CA VAL F 261 -18.21 -31.18 -69.43
C VAL F 261 -17.10 -31.27 -68.41
N PHE F 262 -17.43 -30.92 -67.18
CA PHE F 262 -16.45 -31.01 -66.12
C PHE F 262 -16.73 -32.21 -65.25
N ASP F 263 -15.78 -33.10 -65.21
CA ASP F 263 -15.87 -34.33 -64.46
C ASP F 263 -15.22 -34.23 -63.08
N TYR F 264 -16.01 -34.50 -62.06
CA TYR F 264 -15.63 -34.46 -60.66
C TYR F 264 -15.38 -35.89 -60.10
N GLY F 265 -15.11 -36.82 -61.00
CA GLY F 265 -14.81 -38.20 -60.66
C GLY F 265 -16.00 -39.10 -60.86
N GLU F 266 -16.96 -38.61 -61.63
CA GLU F 266 -18.20 -39.31 -61.90
C GLU F 266 -18.04 -40.46 -62.89
N ARG F 267 -17.06 -40.37 -63.78
CA ARG F 267 -16.93 -41.44 -64.75
C ARG F 267 -15.47 -41.77 -65.02
N SER F 268 -15.21 -42.99 -65.46
CA SER F 268 -13.85 -43.43 -65.69
C SER F 268 -13.05 -42.51 -66.57
N ASN F 269 -11.81 -42.31 -66.16
CA ASN F 269 -10.86 -41.47 -66.86
C ASN F 269 -9.66 -42.26 -67.34
N ASN F 270 -9.84 -43.56 -67.55
CA ASN F 270 -8.71 -44.38 -67.96
C ASN F 270 -8.42 -44.28 -69.45
N LEU F 271 -7.41 -44.99 -69.92
CA LEU F 271 -7.03 -44.91 -71.32
C LEU F 271 -7.58 -46.04 -72.17
N LYS F 272 -8.51 -46.81 -71.64
CA LYS F 272 -9.02 -47.97 -72.36
C LYS F 272 -10.32 -47.73 -73.11
N THR F 273 -11.05 -46.72 -72.71
CA THR F 273 -12.33 -46.44 -73.33
C THR F 273 -12.59 -44.98 -73.04
N PRO F 274 -13.25 -44.24 -73.91
CA PRO F 274 -13.66 -42.89 -73.65
C PRO F 274 -14.83 -42.90 -72.68
N PRO F 275 -15.04 -41.85 -71.91
CA PRO F 275 -16.22 -41.60 -71.11
C PRO F 275 -17.44 -41.19 -71.95
N ALA F 276 -18.63 -41.60 -71.50
CA ALA F 276 -19.89 -41.21 -72.17
C ALA F 276 -20.31 -39.82 -71.76
N PHE F 277 -21.08 -39.14 -72.60
CA PHE F 277 -21.62 -37.84 -72.20
C PHE F 277 -22.51 -38.01 -70.98
N SER F 278 -23.40 -39.00 -71.07
CA SER F 278 -24.32 -39.25 -69.99
C SER F 278 -23.92 -40.46 -69.21
N THR F 279 -23.61 -40.23 -67.95
CA THR F 279 -23.18 -41.27 -67.05
C THR F 279 -23.96 -41.16 -65.78
N THR F 280 -23.75 -42.11 -64.89
CA THR F 280 -24.36 -42.11 -63.59
C THR F 280 -23.31 -42.34 -62.54
N GLY F 281 -23.72 -42.41 -61.31
CA GLY F 281 -22.80 -42.64 -60.21
C GLY F 281 -22.37 -41.37 -59.51
N SER F 282 -21.77 -41.56 -58.35
CA SER F 282 -21.30 -40.51 -57.48
C SER F 282 -20.03 -39.87 -57.97
N TRP F 283 -19.68 -38.75 -57.40
CA TRP F 283 -18.44 -38.06 -57.69
C TRP F 283 -17.44 -38.47 -56.62
N LEU F 284 -16.19 -38.07 -56.69
CA LEU F 284 -15.28 -38.51 -55.66
C LEU F 284 -15.00 -37.44 -54.63
N CYS F 285 -15.00 -37.84 -53.37
CA CYS F 285 -14.72 -36.89 -52.32
C CYS F 285 -13.24 -36.73 -52.05
N ARG F 286 -12.78 -35.49 -52.10
CA ARG F 286 -11.36 -35.16 -51.88
C ARG F 286 -10.99 -35.26 -50.41
N GLN F 287 -9.71 -35.48 -50.12
CA GLN F 287 -9.24 -35.55 -48.74
C GLN F 287 -9.07 -34.18 -48.09
N ASP F 288 -8.59 -33.20 -48.85
CA ASP F 288 -8.32 -31.88 -48.30
C ASP F 288 -9.55 -31.03 -48.44
N ARG F 289 -10.59 -31.43 -47.74
CA ARG F 289 -11.85 -30.74 -47.82
C ARG F 289 -11.69 -29.43 -47.10
N PHE F 290 -12.28 -28.38 -47.63
CA PHE F 290 -12.11 -27.11 -46.95
C PHE F 290 -13.32 -26.23 -46.94
N SER F 291 -13.35 -25.29 -46.01
CA SER F 291 -14.46 -24.36 -45.92
C SER F 291 -14.06 -22.90 -45.91
N ARG F 292 -15.04 -22.06 -46.21
CA ARG F 292 -14.91 -20.63 -46.18
C ARG F 292 -16.11 -20.03 -45.47
N TYR F 293 -15.88 -18.96 -44.71
CA TYR F 293 -16.95 -18.34 -43.95
C TYR F 293 -17.18 -16.86 -44.19
N GLU F 294 -16.46 -16.24 -45.12
CA GLU F 294 -16.54 -14.78 -45.29
C GLU F 294 -17.87 -14.23 -45.76
N TYR F 295 -18.79 -15.09 -46.13
CA TYR F 295 -20.10 -14.65 -46.55
C TYR F 295 -21.16 -14.86 -45.48
N GLY F 296 -20.74 -15.24 -44.29
CA GLY F 296 -21.68 -15.42 -43.17
C GLY F 296 -22.25 -16.82 -43.05
N PHE F 297 -21.77 -17.72 -43.86
CA PHE F 297 -22.23 -19.09 -43.84
C PHE F 297 -21.17 -19.99 -44.33
N GLU F 298 -21.28 -21.26 -44.02
CA GLU F 298 -20.26 -22.16 -44.47
C GLU F 298 -20.42 -22.57 -45.90
N ILE F 299 -19.38 -22.33 -46.65
CA ILE F 299 -19.32 -22.75 -48.01
C ILE F 299 -18.27 -23.83 -47.99
N ARG F 300 -18.61 -25.04 -48.39
CA ARG F 300 -17.63 -26.09 -48.27
C ARG F 300 -17.39 -26.82 -49.55
N THR F 301 -16.12 -27.01 -49.85
CA THR F 301 -15.68 -27.70 -51.04
C THR F 301 -15.14 -29.05 -50.71
N ARG F 302 -15.78 -30.07 -51.25
CA ARG F 302 -15.37 -31.42 -50.98
C ARG F 302 -15.11 -32.30 -52.20
N ARG F 303 -14.91 -31.71 -53.35
CA ARG F 303 -14.65 -32.49 -54.56
C ARG F 303 -13.74 -31.68 -55.42
N LEU F 304 -13.18 -32.29 -56.44
CA LEU F 304 -12.35 -31.53 -57.36
C LEU F 304 -12.45 -32.16 -58.72
N CYS F 305 -12.26 -31.35 -59.73
CA CYS F 305 -12.36 -31.80 -61.10
C CYS F 305 -11.21 -32.72 -61.42
N ARG F 306 -11.55 -33.88 -61.96
CA ARG F 306 -10.62 -34.94 -62.33
C ARG F 306 -10.33 -34.92 -63.81
N GLN F 307 -11.31 -34.49 -64.59
CA GLN F 307 -11.08 -34.42 -66.03
C GLN F 307 -12.01 -33.42 -66.65
N VAL F 308 -11.61 -32.90 -67.79
CA VAL F 308 -12.44 -31.98 -68.53
C VAL F 308 -12.63 -32.59 -69.87
N LEU F 309 -13.84 -32.67 -70.35
CA LEU F 309 -14.01 -33.32 -71.61
C LEU F 309 -14.98 -32.62 -72.56
N MET F 310 -14.67 -32.71 -73.85
CA MET F 310 -15.43 -32.03 -74.88
C MET F 310 -16.21 -32.97 -75.78
N TYR F 311 -17.48 -32.66 -75.96
CA TYR F 311 -18.36 -33.46 -76.82
C TYR F 311 -18.99 -32.69 -77.94
N HIS F 312 -19.22 -33.32 -79.08
CA HIS F 312 -19.99 -32.67 -80.15
C HIS F 312 -21.27 -33.39 -80.47
N HIS F 313 -22.33 -32.63 -80.74
CA HIS F 313 -23.58 -33.24 -81.12
C HIS F 313 -23.45 -33.56 -82.59
N LEU F 314 -22.83 -34.68 -82.89
CA LEU F 314 -22.48 -34.96 -84.26
C LEU F 314 -23.72 -35.21 -85.07
N GLN F 315 -24.78 -35.66 -84.43
CA GLN F 315 -25.98 -35.86 -85.19
C GLN F 315 -26.48 -34.57 -85.78
N ALA F 316 -26.34 -33.49 -85.01
CA ALA F 316 -26.87 -32.22 -85.44
C ALA F 316 -25.95 -31.56 -86.45
N LEU F 317 -24.65 -31.79 -86.29
CA LEU F 317 -23.64 -31.18 -87.14
C LEU F 317 -23.46 -31.82 -88.50
N ASP F 318 -23.47 -33.14 -88.55
CA ASP F 318 -23.23 -33.90 -89.77
C ASP F 318 -24.50 -34.19 -90.55
N SER F 319 -24.35 -34.86 -91.69
CA SER F 319 -25.47 -35.29 -92.49
C SER F 319 -25.64 -36.79 -92.31
N LYS F 320 -26.83 -37.29 -92.63
CA LYS F 320 -27.12 -38.73 -92.58
C LYS F 320 -26.88 -39.37 -91.23
N ILE F 321 -27.15 -38.65 -90.14
CA ILE F 321 -26.96 -39.26 -88.83
C ILE F 321 -28.29 -39.41 -88.12
N THR F 322 -28.51 -40.62 -87.63
CA THR F 322 -29.70 -41.03 -86.91
C THR F 322 -29.33 -41.49 -85.50
N GLU F 323 -30.31 -42.03 -84.76
CA GLU F 323 -30.15 -42.59 -83.40
C GLU F 323 -29.92 -41.61 -82.25
N HIS F 324 -29.15 -40.55 -82.43
CA HIS F 324 -28.98 -39.57 -81.35
C HIS F 324 -28.56 -40.23 -80.05
N ASN F 325 -27.58 -41.10 -80.12
CA ASN F 325 -27.11 -41.91 -78.99
C ASN F 325 -26.42 -41.14 -77.88
N GLY F 326 -26.11 -39.89 -78.14
CA GLY F 326 -25.44 -39.03 -77.18
C GLY F 326 -24.42 -38.18 -77.91
N PRO F 327 -23.98 -37.08 -77.30
CA PRO F 327 -22.93 -36.26 -77.84
C PRO F 327 -21.70 -37.14 -77.88
N THR F 328 -20.83 -36.93 -78.85
CA THR F 328 -19.66 -37.77 -78.96
C THR F 328 -18.39 -37.08 -78.56
N LEU F 329 -17.65 -37.71 -77.69
CA LEU F 329 -16.42 -37.14 -77.22
C LEU F 329 -15.47 -36.89 -78.33
N VAL F 330 -14.93 -35.70 -78.38
CA VAL F 330 -13.97 -35.41 -79.41
C VAL F 330 -12.57 -35.32 -78.81
N SER F 331 -12.50 -34.96 -77.54
CA SER F 331 -11.24 -34.89 -76.81
C SER F 331 -11.45 -34.80 -75.31
N ARG F 332 -10.41 -35.14 -74.53
CA ARG F 332 -10.50 -34.92 -73.09
C ARG F 332 -9.15 -34.60 -72.47
N LEU F 333 -9.20 -33.98 -71.30
CA LEU F 333 -8.02 -33.66 -70.55
C LEU F 333 -8.04 -34.36 -69.19
N ILE F 334 -6.98 -35.07 -68.91
CA ILE F 334 -6.82 -35.81 -67.66
C ILE F 334 -6.08 -35.00 -66.65
N LEU F 335 -6.61 -34.93 -65.44
CA LEU F 335 -5.94 -34.25 -64.37
C LEU F 335 -5.64 -35.22 -63.22
N ASN F 336 -4.38 -35.42 -62.88
CA ASN F 336 -4.15 -36.29 -61.74
C ASN F 336 -3.63 -35.41 -60.65
N TYR F 337 -3.97 -35.78 -59.43
CA TYR F 337 -3.58 -34.99 -58.31
C TYR F 337 -2.77 -35.73 -57.28
N ASP F 338 -1.89 -34.98 -56.65
CA ASP F 338 -1.11 -35.46 -55.55
C ASP F 338 -2.04 -35.27 -54.38
N GLU F 339 -2.92 -36.22 -54.21
CA GLU F 339 -3.98 -36.03 -53.26
C GLU F 339 -3.53 -36.38 -51.86
N SER F 340 -3.72 -35.45 -50.93
CA SER F 340 -3.36 -35.65 -49.54
C SER F 340 -4.33 -34.87 -48.71
N ALA F 341 -4.48 -35.25 -47.45
CA ALA F 341 -5.36 -34.56 -46.52
C ALA F 341 -4.95 -33.12 -46.28
N ILE F 342 -3.66 -32.83 -46.32
CA ILE F 342 -3.24 -31.46 -46.13
C ILE F 342 -3.51 -30.63 -47.38
N ALA F 343 -3.17 -31.15 -48.54
CA ALA F 343 -3.44 -30.40 -49.75
C ALA F 343 -3.38 -31.26 -50.97
N SER F 344 -4.36 -31.12 -51.84
CA SER F 344 -4.33 -31.82 -53.10
C SER F 344 -3.81 -30.91 -54.17
N THR F 345 -2.68 -31.26 -54.76
CA THR F 345 -2.10 -30.38 -55.76
C THR F 345 -2.26 -30.99 -57.14
N LEU F 346 -2.22 -30.18 -58.18
CA LEU F 346 -2.34 -30.75 -59.52
C LEU F 346 -0.99 -31.13 -60.03
N VAL F 347 -0.79 -32.40 -60.36
CA VAL F 347 0.54 -32.80 -60.78
C VAL F 347 0.65 -33.36 -62.16
N PHE F 348 -0.46 -33.71 -62.75
CA PHE F 348 -0.37 -34.30 -64.06
C PHE F 348 -1.46 -33.82 -64.96
N VAL F 349 -1.07 -33.32 -66.11
CA VAL F 349 -2.03 -32.86 -67.09
C VAL F 349 -1.82 -33.53 -68.43
N ARG F 350 -2.82 -34.21 -68.96
CA ARG F 350 -2.58 -34.85 -70.26
C ARG F 350 -3.77 -34.80 -71.19
N ARG F 351 -3.52 -34.43 -72.44
CA ARG F 351 -4.60 -34.39 -73.41
C ARG F 351 -4.65 -35.69 -74.16
N VAL F 352 -5.83 -36.29 -74.13
CA VAL F 352 -6.08 -37.58 -74.72
C VAL F 352 -7.24 -37.63 -75.69
N GLY F 353 -7.02 -38.19 -76.87
CA GLY F 353 -8.08 -38.40 -77.81
C GLY F 353 -8.41 -39.88 -77.81
N HIS F 354 -9.47 -40.25 -78.50
CA HIS F 354 -9.87 -41.62 -78.62
C HIS F 354 -10.28 -41.90 -80.03
N GLU F 355 -10.09 -43.12 -80.46
CA GLU F 355 -10.48 -43.50 -81.80
C GLU F 355 -11.81 -44.21 -81.78
N GLN F 356 -12.47 -44.23 -82.92
CA GLN F 356 -13.75 -44.90 -83.06
C GLN F 356 -13.67 -46.41 -82.90
N ASP F 357 -12.46 -46.98 -82.93
CA ASP F 357 -12.29 -48.41 -82.74
C ASP F 357 -11.88 -48.72 -81.31
N GLY F 358 -11.94 -47.73 -80.44
CA GLY F 358 -11.59 -47.89 -79.04
C GLY F 358 -10.12 -47.63 -78.75
N ASN F 359 -9.36 -47.19 -79.74
CA ASN F 359 -7.96 -46.95 -79.45
C ASN F 359 -7.81 -45.61 -78.74
N VAL F 360 -6.59 -45.24 -78.39
CA VAL F 360 -6.35 -44.00 -77.66
C VAL F 360 -5.15 -43.25 -78.22
N VAL F 361 -5.24 -41.93 -78.25
CA VAL F 361 -4.13 -41.13 -78.71
C VAL F 361 -3.69 -40.17 -77.63
N THR F 362 -2.45 -40.27 -77.21
CA THR F 362 -2.02 -39.40 -76.14
C THR F 362 -0.89 -38.50 -76.59
N LEU F 363 -0.72 -37.42 -75.86
CA LEU F 363 0.35 -36.47 -76.03
C LEU F 363 1.19 -36.52 -74.78
N PRO F 364 2.47 -36.13 -74.79
CA PRO F 364 3.29 -36.14 -73.63
C PRO F 364 2.61 -35.26 -72.59
N PRO F 365 2.50 -35.71 -71.34
CA PRO F 365 1.87 -35.03 -70.25
C PRO F 365 2.67 -33.90 -69.70
N LEU F 366 1.99 -32.99 -69.07
CA LEU F 366 2.68 -31.96 -68.33
C LEU F 366 2.77 -32.34 -66.89
N GLU F 367 3.99 -32.45 -66.45
CA GLU F 367 4.24 -32.87 -65.10
C GLU F 367 4.50 -31.65 -64.26
N LEU F 368 3.89 -31.58 -63.09
CA LEU F 368 4.13 -30.46 -62.21
C LEU F 368 4.65 -30.93 -60.87
N ALA F 369 5.43 -30.10 -60.19
CA ALA F 369 5.86 -30.42 -58.85
C ALA F 369 5.72 -29.20 -58.00
N TYR F 370 5.46 -29.43 -56.73
CA TYR F 370 5.32 -28.40 -55.72
C TYR F 370 6.33 -28.67 -54.66
N GLN F 371 6.71 -27.65 -53.94
CA GLN F 371 7.67 -27.83 -52.86
C GLN F 371 7.07 -28.61 -51.68
N ASP F 372 7.89 -29.43 -51.04
CA ASP F 372 7.46 -30.27 -49.93
C ASP F 372 7.72 -29.72 -48.56
N PHE F 373 6.98 -30.23 -47.59
CA PHE F 373 7.20 -29.92 -46.19
C PHE F 373 7.47 -31.19 -45.44
N SER F 374 8.62 -31.27 -44.81
CA SER F 374 8.99 -32.47 -44.10
C SER F 374 9.74 -32.12 -42.82
N PRO F 375 9.03 -31.72 -41.77
CA PRO F 375 9.53 -31.14 -40.55
C PRO F 375 10.40 -32.08 -39.76
N ARG F 376 10.34 -33.38 -40.04
CA ARG F 376 11.20 -34.25 -39.29
C ARG F 376 12.57 -34.34 -39.92
N HIS F 377 12.61 -34.27 -41.24
CA HIS F 377 13.86 -34.42 -42.00
C HIS F 377 14.65 -33.17 -41.80
N HIS F 378 13.91 -32.10 -41.69
CA HIS F 378 14.51 -30.83 -41.46
C HIS F 378 13.97 -30.36 -40.16
N ALA F 379 14.81 -30.56 -39.19
CA ALA F 379 14.55 -30.31 -37.80
C ALA F 379 15.83 -29.78 -37.23
N HIS F 380 16.29 -28.67 -37.76
CA HIS F 380 17.64 -28.33 -37.44
C HIS F 380 17.82 -27.29 -36.39
N TRP F 381 18.30 -27.71 -35.23
CA TRP F 381 18.49 -26.74 -34.17
C TRP F 381 19.82 -26.05 -34.37
N GLN F 382 19.83 -24.75 -34.21
CA GLN F 382 21.04 -23.96 -34.23
C GLN F 382 20.97 -22.97 -33.10
N PRO F 383 22.08 -22.62 -32.48
CA PRO F 383 22.11 -21.63 -31.45
C PRO F 383 21.89 -20.27 -32.07
N MET F 384 21.31 -19.37 -31.30
CA MET F 384 21.16 -17.98 -31.70
C MET F 384 21.76 -17.05 -30.67
N ASP F 385 23.04 -16.78 -30.76
CA ASP F 385 23.72 -15.98 -29.74
C ASP F 385 23.44 -14.50 -29.94
N VAL F 386 22.82 -14.24 -31.06
CA VAL F 386 22.45 -12.91 -31.46
C VAL F 386 21.35 -12.36 -30.59
N LEU F 387 20.49 -13.20 -30.01
CA LEU F 387 19.43 -12.63 -29.19
C LEU F 387 19.95 -12.52 -27.78
N ALA F 388 20.97 -11.73 -27.59
CA ALA F 388 21.54 -11.67 -26.27
C ALA F 388 20.52 -11.07 -25.35
N ASN F 389 20.25 -11.78 -24.27
CA ASN F 389 19.29 -11.41 -23.25
C ASN F 389 17.86 -11.19 -23.73
N PHE F 390 17.41 -11.86 -24.78
CA PHE F 390 16.03 -11.62 -25.09
C PHE F 390 15.24 -12.48 -24.13
N ASN F 391 14.66 -11.85 -23.14
CA ASN F 391 13.99 -12.52 -22.06
C ASN F 391 12.51 -12.49 -22.04
N ALA F 392 11.94 -13.65 -21.93
CA ALA F 392 10.51 -13.87 -21.88
C ALA F 392 9.82 -13.19 -20.71
N ILE F 393 10.59 -12.89 -19.67
CA ILE F 393 10.08 -12.32 -18.45
C ILE F 393 10.62 -10.92 -18.12
N GLN F 394 11.19 -10.25 -19.11
CA GLN F 394 11.62 -8.87 -18.96
C GLN F 394 10.83 -8.11 -20.01
N ARG F 395 10.99 -6.80 -20.12
CA ARG F 395 10.19 -6.09 -21.10
C ARG F 395 10.69 -6.22 -22.53
N TRP F 396 10.58 -7.43 -23.09
CA TRP F 396 11.03 -7.71 -24.45
C TRP F 396 9.92 -8.21 -25.36
N GLN F 397 10.00 -7.83 -26.63
CA GLN F 397 9.05 -8.34 -27.60
C GLN F 397 9.55 -8.32 -29.05
N LEU F 398 8.99 -9.20 -29.87
CA LEU F 398 9.35 -9.21 -31.29
C LEU F 398 8.34 -8.47 -32.10
N VAL F 399 8.73 -7.30 -32.58
CA VAL F 399 7.76 -6.45 -33.27
C VAL F 399 8.22 -5.80 -34.55
N ASP F 400 7.27 -5.45 -35.39
CA ASP F 400 7.55 -4.76 -36.64
C ASP F 400 7.56 -3.25 -36.49
N LEU F 401 8.43 -2.76 -35.65
CA LEU F 401 8.47 -1.32 -35.59
C LEU F 401 9.02 -0.85 -36.88
N LYS F 402 8.51 0.27 -37.31
CA LYS F 402 8.88 0.97 -38.54
C LYS F 402 8.40 0.25 -39.80
N GLY F 403 7.61 -0.82 -39.67
CA GLY F 403 7.01 -1.46 -40.83
C GLY F 403 7.88 -2.36 -41.67
N GLU F 404 8.97 -2.86 -41.14
CA GLU F 404 9.83 -3.73 -41.92
C GLU F 404 9.19 -5.10 -41.89
N GLY F 405 9.51 -5.97 -42.85
CA GLY F 405 8.90 -7.29 -42.94
C GLY F 405 9.40 -8.31 -41.92
N LEU F 406 10.42 -7.94 -41.16
CA LEU F 406 10.99 -8.78 -40.13
C LEU F 406 10.87 -8.07 -38.81
N PRO F 407 10.66 -8.78 -37.71
CA PRO F 407 10.59 -8.22 -36.41
C PRO F 407 11.94 -7.80 -35.96
N GLY F 408 11.99 -6.78 -35.13
CA GLY F 408 13.22 -6.46 -34.47
C GLY F 408 13.04 -6.81 -33.01
N LEU F 409 14.04 -6.52 -32.24
CA LEU F 409 13.96 -6.84 -30.85
C LEU F 409 13.69 -5.55 -30.13
N LEU F 410 12.55 -5.47 -29.48
CA LEU F 410 12.20 -4.27 -28.76
C LEU F 410 12.32 -4.46 -27.29
N TYR F 411 12.96 -3.51 -26.64
CA TYR F 411 13.10 -3.52 -25.20
C TYR F 411 12.57 -2.24 -24.61
N GLN F 412 11.64 -2.38 -23.68
CA GLN F 412 11.03 -1.19 -23.12
C GLN F 412 11.53 -0.90 -21.70
N ASP F 413 12.33 0.14 -21.63
CA ASP F 413 13.00 0.65 -20.44
C ASP F 413 12.12 1.70 -19.77
N LYS F 414 12.61 2.24 -18.68
CA LYS F 414 11.91 3.31 -18.04
C LYS F 414 12.40 4.61 -18.63
N GLY F 415 11.56 5.21 -19.45
CA GLY F 415 11.91 6.46 -20.12
C GLY F 415 12.47 6.28 -21.52
N ALA F 416 12.85 5.07 -21.90
CA ALA F 416 13.42 4.84 -23.22
C ALA F 416 13.04 3.53 -23.80
N TRP F 417 12.93 3.47 -25.11
CA TRP F 417 12.79 2.16 -25.71
C TRP F 417 14.05 1.97 -26.47
N TRP F 418 14.51 0.75 -26.48
CA TRP F 418 15.69 0.37 -27.22
C TRP F 418 15.29 -0.56 -28.31
N TYR F 419 15.94 -0.48 -29.45
CA TYR F 419 15.53 -1.39 -30.50
C TYR F 419 16.62 -1.83 -31.42
N ARG F 420 16.59 -3.13 -31.73
CA ARG F 420 17.51 -3.75 -32.66
C ARG F 420 16.76 -4.19 -33.89
N SER F 421 16.98 -3.55 -35.03
CA SER F 421 16.22 -3.96 -36.19
C SER F 421 16.94 -5.12 -36.85
N ALA F 422 16.26 -5.80 -37.75
CA ALA F 422 16.89 -6.89 -38.47
C ALA F 422 17.90 -6.33 -39.46
N GLN F 423 18.98 -7.06 -39.66
CA GLN F 423 20.03 -6.68 -40.59
C GLN F 423 20.49 -7.80 -41.48
N ARG F 424 20.99 -7.43 -42.64
CA ARG F 424 21.60 -8.45 -43.47
C ARG F 424 22.92 -8.87 -42.90
N LEU F 425 23.11 -10.16 -42.76
CA LEU F 425 24.37 -10.68 -42.27
C LEU F 425 25.22 -11.14 -43.43
N GLY F 426 26.42 -10.64 -43.47
CA GLY F 426 27.31 -11.02 -44.53
C GLY F 426 27.01 -10.17 -45.75
N GLU F 427 27.52 -10.60 -46.88
CA GLU F 427 27.37 -9.82 -48.09
C GLU F 427 25.94 -9.79 -48.57
N ILE F 428 25.64 -8.78 -49.35
CA ILE F 428 24.32 -8.59 -49.90
C ILE F 428 24.04 -9.73 -50.84
N GLY F 429 22.85 -10.30 -50.71
CA GLY F 429 22.47 -11.46 -51.51
C GLY F 429 22.53 -12.75 -50.68
N SER F 430 23.18 -12.72 -49.50
CA SER F 430 23.18 -13.90 -48.65
C SER F 430 21.77 -13.94 -48.10
N ASP F 431 21.35 -15.05 -47.52
CA ASP F 431 20.04 -15.10 -46.90
C ASP F 431 20.13 -15.09 -45.38
N ALA F 432 21.25 -14.64 -44.83
CA ALA F 432 21.43 -14.64 -43.40
C ALA F 432 20.83 -13.38 -42.76
N VAL F 433 20.20 -13.57 -41.59
CA VAL F 433 19.60 -12.46 -40.86
C VAL F 433 20.12 -12.34 -39.44
N THR F 434 20.52 -11.13 -39.07
CA THR F 434 20.98 -10.83 -37.72
C THR F 434 20.33 -9.57 -37.20
N TRP F 435 20.75 -9.14 -36.03
CA TRP F 435 20.18 -7.90 -35.48
C TRP F 435 21.27 -6.94 -35.06
N GLU F 436 21.02 -5.66 -35.23
CA GLU F 436 22.05 -4.66 -34.91
C GLU F 436 22.22 -4.41 -33.43
N LYS F 437 23.20 -3.57 -33.08
CA LYS F 437 23.41 -3.21 -31.68
C LYS F 437 22.22 -2.42 -31.21
N MET F 438 21.69 -2.70 -30.02
CA MET F 438 20.52 -1.94 -29.64
C MET F 438 20.82 -0.49 -29.42
N GLN F 439 19.93 0.35 -29.92
CA GLN F 439 20.05 1.78 -29.74
C GLN F 439 18.75 2.33 -29.23
N PRO F 440 18.73 3.39 -28.45
CA PRO F 440 17.53 4.02 -28.02
C PRO F 440 16.80 4.50 -29.24
N LEU F 441 15.50 4.45 -29.25
CA LEU F 441 14.79 5.04 -30.36
C LEU F 441 14.99 6.49 -30.09
N SER F 442 15.13 7.30 -31.13
CA SER F 442 15.36 8.70 -30.86
C SER F 442 14.19 9.38 -30.20
N VAL F 443 12.99 8.94 -30.54
CA VAL F 443 11.77 9.49 -29.97
C VAL F 443 10.75 8.43 -29.61
N ILE F 444 10.19 8.55 -28.42
CA ILE F 444 9.09 7.69 -27.98
C ILE F 444 7.99 8.56 -27.36
N PRO F 445 6.75 8.08 -27.22
CA PRO F 445 5.69 8.76 -26.52
C PRO F 445 6.05 8.96 -25.08
N SER F 446 5.66 10.11 -24.50
CA SER F 446 5.90 10.31 -23.09
C SER F 446 4.94 9.52 -22.24
N LEU F 447 3.76 9.24 -22.79
CA LEU F 447 2.76 8.54 -22.01
C LEU F 447 2.80 7.07 -22.21
N GLN F 448 3.30 6.38 -21.19
CA GLN F 448 3.47 4.96 -21.22
C GLN F 448 2.94 4.30 -19.97
N SER F 449 1.71 4.65 -19.65
CA SER F 449 1.06 4.19 -18.44
C SER F 449 0.23 2.95 -18.65
N ASN F 450 -0.91 3.16 -19.27
CA ASN F 450 -1.93 2.17 -19.54
C ASN F 450 -1.96 1.85 -21.01
N ALA F 451 -0.81 2.05 -21.63
CA ALA F 451 -0.67 1.88 -23.06
C ALA F 451 -0.05 0.57 -23.50
N SER F 452 -0.33 0.22 -24.76
CA SER F 452 0.25 -0.96 -25.38
C SER F 452 0.54 -0.74 -26.85
N LEU F 453 1.39 -1.58 -27.42
CA LEU F 453 1.74 -1.42 -28.82
C LEU F 453 0.93 -2.37 -29.68
N VAL F 454 -0.12 -1.86 -30.30
CA VAL F 454 -1.03 -2.67 -31.11
C VAL F 454 -1.49 -1.93 -32.36
N ASP F 455 -1.86 -2.63 -33.41
CA ASP F 455 -2.41 -1.90 -34.57
C ASP F 455 -3.93 -1.78 -34.45
N ILE F 456 -4.46 -0.57 -34.31
CA ILE F 456 -5.92 -0.45 -34.15
C ILE F 456 -6.61 0.19 -35.32
N ASN F 457 -5.85 0.55 -36.36
CA ASN F 457 -6.47 1.14 -37.53
C ASN F 457 -6.41 0.17 -38.69
N GLY F 458 -5.54 -0.82 -38.60
CA GLY F 458 -5.37 -1.78 -39.67
C GLY F 458 -4.52 -1.20 -40.79
N ASP F 459 -3.67 -0.24 -40.43
CA ASP F 459 -2.80 0.48 -41.34
C ASP F 459 -1.48 -0.22 -41.61
N GLY F 460 -1.05 -1.09 -40.70
CA GLY F 460 0.25 -1.74 -40.79
C GLY F 460 1.21 -1.05 -39.83
N GLN F 461 0.81 0.11 -39.35
CA GLN F 461 1.58 0.87 -38.41
C GLN F 461 1.14 0.52 -37.01
N LEU F 462 2.06 0.10 -36.16
CA LEU F 462 1.69 -0.20 -34.79
C LEU F 462 1.37 1.10 -34.09
N ASP F 463 0.35 1.08 -33.24
CA ASP F 463 -0.06 2.28 -32.55
C ASP F 463 0.18 2.20 -31.06
N TRP F 464 0.91 3.14 -30.52
CA TRP F 464 1.03 3.09 -29.09
C TRP F 464 -0.28 3.62 -28.57
N VAL F 465 -1.12 2.73 -28.08
CA VAL F 465 -2.48 3.10 -27.71
C VAL F 465 -2.68 3.21 -26.25
N ILE F 466 -3.08 4.38 -25.83
CA ILE F 466 -3.24 4.75 -24.45
C ILE F 466 -4.67 4.71 -24.04
N THR F 467 -4.99 3.93 -23.03
CA THR F 467 -6.35 3.96 -22.53
C THR F 467 -6.28 4.07 -21.04
N GLY F 468 -6.07 5.29 -20.58
CA GLY F 468 -5.83 5.55 -19.17
C GLY F 468 -7.04 6.19 -18.53
N PRO F 469 -6.91 6.63 -17.28
CA PRO F 469 -7.96 7.24 -16.49
C PRO F 469 -8.25 8.63 -16.98
N GLY F 470 -9.24 8.75 -17.83
CA GLY F 470 -9.59 10.03 -18.43
C GLY F 470 -8.93 10.31 -19.76
N LEU F 471 -8.20 9.36 -20.33
CA LEU F 471 -7.60 9.71 -21.62
C LEU F 471 -7.45 8.60 -22.61
N ARG F 472 -8.03 8.82 -23.78
CA ARG F 472 -7.97 7.83 -24.83
C ARG F 472 -7.41 8.37 -26.13
N GLY F 473 -6.36 7.71 -26.65
CA GLY F 473 -5.72 8.12 -27.90
C GLY F 473 -4.48 7.31 -28.20
N TYR F 474 -3.75 7.69 -29.24
CA TYR F 474 -2.58 6.94 -29.62
C TYR F 474 -1.53 7.69 -30.42
N HIS F 475 -0.35 7.12 -30.49
CA HIS F 475 0.73 7.65 -31.31
C HIS F 475 1.09 6.61 -32.35
N SER F 476 0.89 6.91 -33.62
CA SER F 476 1.16 5.86 -34.58
C SER F 476 2.62 5.88 -35.00
N GLN F 477 3.25 4.72 -35.07
CA GLN F 477 4.65 4.68 -35.51
C GLN F 477 4.72 4.73 -37.01
N ARG F 478 5.33 5.77 -37.56
CA ARG F 478 5.42 5.94 -38.99
C ARG F 478 6.54 5.07 -39.51
N PRO F 479 6.56 4.72 -40.80
CA PRO F 479 7.58 3.92 -41.41
C PRO F 479 8.95 4.60 -41.48
N ASP F 480 9.03 5.92 -41.34
CA ASP F 480 10.35 6.51 -41.42
C ASP F 480 11.01 6.59 -40.04
N GLY F 481 10.36 6.04 -39.02
CA GLY F 481 10.90 6.03 -37.66
C GLY F 481 10.30 7.11 -36.77
N SER F 482 9.67 8.10 -37.35
CA SER F 482 9.06 9.15 -36.55
C SER F 482 7.72 8.66 -36.03
N TRP F 483 7.17 9.38 -35.07
CA TRP F 483 5.84 9.09 -34.51
C TRP F 483 4.88 10.19 -34.81
N THR F 484 3.62 9.85 -34.87
CA THR F 484 2.65 10.91 -35.02
C THR F 484 2.45 11.54 -33.67
N ARG F 485 1.80 12.68 -33.68
CA ARG F 485 1.41 13.30 -32.45
C ARG F 485 0.26 12.54 -31.89
N PHE F 486 -0.04 12.81 -30.63
CA PHE F 486 -1.12 12.11 -30.00
C PHE F 486 -2.39 12.34 -30.74
N THR F 487 -3.06 11.28 -31.05
CA THR F 487 -4.29 11.30 -31.76
C THR F 487 -5.37 10.77 -30.84
N PRO F 488 -6.40 11.53 -30.52
CA PRO F 488 -7.45 11.11 -29.63
C PRO F 488 -8.24 10.04 -30.31
N LEU F 489 -8.85 9.14 -29.56
CA LEU F 489 -9.74 8.18 -30.19
C LEU F 489 -11.06 8.87 -30.30
N ASN F 490 -11.82 8.60 -31.34
CA ASN F 490 -13.12 9.22 -31.40
C ASN F 490 -14.07 8.60 -30.42
N ALA F 491 -13.91 7.32 -30.20
CA ALA F 491 -14.75 6.61 -29.27
C ALA F 491 -14.13 5.33 -28.80
N LEU F 492 -14.11 5.13 -27.49
CA LEU F 492 -13.60 3.89 -26.94
C LEU F 492 -14.65 3.33 -25.99
N PRO F 493 -14.93 2.03 -26.02
CA PRO F 493 -15.81 1.37 -25.11
C PRO F 493 -15.33 1.42 -23.69
N VAL F 494 -16.26 1.58 -22.79
CA VAL F 494 -15.99 1.55 -21.37
C VAL F 494 -15.40 0.21 -20.98
N GLU F 495 -15.85 -0.84 -21.63
CA GLU F 495 -15.41 -2.20 -21.37
C GLU F 495 -14.07 -2.55 -21.96
N TYR F 496 -13.43 -1.65 -22.66
CA TYR F 496 -12.16 -1.96 -23.30
C TYR F 496 -11.18 -2.58 -22.34
N THR F 497 -11.16 -2.06 -21.13
CA THR F 497 -10.25 -2.45 -20.07
C THR F 497 -10.80 -3.53 -19.15
N HIS F 498 -11.96 -4.08 -19.48
CA HIS F 498 -12.59 -5.11 -18.70
C HIS F 498 -11.69 -6.34 -18.65
N PRO F 499 -11.60 -7.05 -17.52
CA PRO F 499 -10.77 -8.23 -17.38
C PRO F 499 -10.92 -9.33 -18.43
N ARG F 500 -12.08 -9.48 -19.06
CA ARG F 500 -12.17 -10.53 -20.05
C ARG F 500 -12.11 -9.97 -21.45
N ALA F 501 -11.80 -8.69 -21.58
CA ALA F 501 -11.76 -8.07 -22.89
C ALA F 501 -10.67 -8.67 -23.74
N GLN F 502 -11.01 -8.96 -24.99
CA GLN F 502 -10.04 -9.44 -25.95
C GLN F 502 -10.19 -8.74 -27.26
N LEU F 503 -9.12 -8.65 -28.02
CA LEU F 503 -9.29 -8.11 -29.33
C LEU F 503 -9.20 -9.26 -30.32
N ALA F 504 -10.09 -9.27 -31.29
CA ALA F 504 -10.13 -10.30 -32.31
C ALA F 504 -10.87 -9.82 -33.52
N ASP F 505 -10.59 -10.35 -34.70
CA ASP F 505 -11.37 -9.93 -35.86
C ASP F 505 -12.66 -10.73 -35.99
N LEU F 506 -13.78 -10.17 -35.54
CA LEU F 506 -15.01 -10.91 -35.63
C LEU F 506 -15.87 -10.34 -36.73
N MET F 507 -15.56 -9.14 -37.18
CA MET F 507 -16.31 -8.57 -38.27
C MET F 507 -15.87 -9.19 -39.60
N GLY F 508 -14.63 -9.71 -39.63
CA GLY F 508 -14.03 -10.31 -40.81
C GLY F 508 -13.45 -9.22 -41.67
N ALA F 509 -13.13 -8.10 -41.02
CA ALA F 509 -12.63 -6.90 -41.69
C ALA F 509 -11.12 -6.72 -41.64
N GLY F 510 -10.39 -7.61 -40.99
CA GLY F 510 -8.93 -7.49 -40.87
C GLY F 510 -8.51 -6.59 -39.72
N LEU F 511 -9.50 -6.07 -39.03
CA LEU F 511 -9.33 -5.17 -37.91
C LEU F 511 -9.55 -5.94 -36.65
N SER F 512 -9.01 -5.47 -35.55
CA SER F 512 -9.26 -6.15 -34.30
C SER F 512 -10.40 -5.47 -33.57
N ASP F 513 -11.45 -6.23 -33.35
CA ASP F 513 -12.67 -5.73 -32.74
C ASP F 513 -12.62 -6.00 -31.27
N LEU F 514 -13.40 -5.29 -30.48
CA LEU F 514 -13.39 -5.57 -29.05
C LEU F 514 -14.51 -6.50 -28.69
N VAL F 515 -14.16 -7.57 -27.99
CA VAL F 515 -15.20 -8.50 -27.64
C VAL F 515 -15.08 -9.13 -26.25
N LEU F 516 -16.25 -9.36 -25.64
CA LEU F 516 -16.36 -10.12 -24.40
C LEU F 516 -17.16 -11.37 -24.68
N ILE F 517 -16.63 -12.51 -24.30
CA ILE F 517 -17.30 -13.77 -24.58
C ILE F 517 -17.98 -14.35 -23.38
N GLY F 518 -19.28 -14.63 -23.49
CA GLY F 518 -19.98 -15.32 -22.44
C GLY F 518 -20.31 -16.66 -23.06
N PRO F 519 -20.89 -17.61 -22.35
CA PRO F 519 -21.23 -18.90 -22.88
C PRO F 519 -22.38 -18.91 -23.87
N LYS F 520 -23.27 -17.92 -23.82
CA LYS F 520 -24.41 -17.91 -24.74
C LYS F 520 -24.45 -16.72 -25.67
N SER F 521 -23.61 -15.75 -25.44
CA SER F 521 -23.64 -14.53 -26.23
C SER F 521 -22.29 -13.88 -26.24
N VAL F 522 -22.09 -12.98 -27.19
CA VAL F 522 -20.88 -12.20 -27.14
C VAL F 522 -21.20 -10.74 -27.25
N ARG F 523 -20.43 -9.92 -26.59
CA ARG F 523 -20.65 -8.49 -26.71
C ARG F 523 -19.61 -7.95 -27.62
N LEU F 524 -20.04 -7.44 -28.76
CA LEU F 524 -19.09 -7.02 -29.78
C LEU F 524 -19.15 -5.56 -30.17
N TYR F 525 -17.98 -4.93 -30.14
CA TYR F 525 -17.84 -3.54 -30.54
C TYR F 525 -16.98 -3.49 -31.78
N ALA F 526 -17.59 -3.24 -32.92
CA ALA F 526 -16.82 -3.27 -34.15
C ALA F 526 -15.79 -2.17 -34.23
N ASN F 527 -14.66 -2.49 -34.79
CA ASN F 527 -13.62 -1.52 -35.04
C ASN F 527 -13.95 -0.76 -36.30
N THR F 528 -14.15 0.55 -36.18
CA THR F 528 -14.56 1.42 -37.29
C THR F 528 -13.40 2.23 -37.84
N ARG F 529 -12.21 1.86 -37.39
CA ARG F 529 -10.92 2.43 -37.74
C ARG F 529 -10.67 3.89 -37.32
N ASP F 530 -11.29 4.33 -36.23
CA ASP F 530 -11.03 5.67 -35.70
C ASP F 530 -11.49 5.70 -34.26
N GLY F 531 -12.13 4.62 -33.89
CA GLY F 531 -12.72 4.34 -32.63
C GLY F 531 -13.58 3.15 -32.92
N PHE F 532 -14.42 2.78 -31.97
CA PHE F 532 -15.30 1.64 -32.07
C PHE F 532 -16.77 2.00 -32.17
N ALA F 533 -17.50 1.09 -32.74
CA ALA F 533 -18.93 1.13 -32.92
C ALA F 533 -19.69 0.84 -31.65
N LYS F 534 -20.96 1.26 -31.61
CA LYS F 534 -21.82 0.94 -30.49
C LYS F 534 -21.84 -0.55 -30.31
N GLY F 535 -21.65 -1.00 -29.07
CA GLY F 535 -21.62 -2.43 -28.83
C GLY F 535 -22.95 -3.07 -29.05
N LYS F 536 -22.90 -4.29 -29.56
CA LYS F 536 -24.06 -5.11 -29.80
C LYS F 536 -23.95 -6.44 -29.09
N ASP F 537 -25.06 -6.91 -28.53
CA ASP F 537 -25.03 -8.24 -27.95
C ASP F 537 -25.52 -9.25 -28.94
N VAL F 538 -24.67 -10.20 -29.24
CA VAL F 538 -25.01 -11.20 -30.20
C VAL F 538 -25.31 -12.48 -29.49
N VAL F 539 -26.53 -12.95 -29.66
CA VAL F 539 -26.98 -14.17 -29.02
C VAL F 539 -26.69 -15.32 -29.93
N GLN F 540 -26.11 -16.38 -29.40
CA GLN F 540 -25.78 -17.48 -30.27
C GLN F 540 -26.99 -18.33 -30.54
N SER F 541 -27.02 -18.90 -31.73
CA SER F 541 -28.10 -19.73 -32.18
C SER F 541 -28.09 -21.12 -31.61
N GLY F 542 -29.23 -21.79 -31.79
CA GLY F 542 -29.37 -23.17 -31.41
C GLY F 542 -29.08 -23.37 -29.95
N GLU F 543 -28.25 -24.35 -29.69
CA GLU F 543 -27.82 -24.72 -28.37
C GLU F 543 -26.33 -24.54 -28.27
N ILE F 544 -25.80 -23.64 -29.09
CA ILE F 544 -24.38 -23.43 -29.11
C ILE F 544 -23.92 -22.79 -27.83
N THR F 545 -22.90 -23.38 -27.24
CA THR F 545 -22.32 -22.86 -26.03
C THR F 545 -20.87 -22.61 -26.36
N LEU F 546 -20.41 -21.42 -26.04
CA LEU F 546 -19.05 -21.04 -26.37
C LEU F 546 -18.17 -21.19 -25.16
N PRO F 547 -16.90 -21.54 -25.33
CA PRO F 547 -15.93 -21.59 -24.28
C PRO F 547 -15.62 -20.17 -23.91
N VAL F 548 -15.29 -19.94 -22.67
CA VAL F 548 -14.90 -18.64 -22.24
C VAL F 548 -13.45 -18.71 -21.81
N PRO F 549 -12.53 -18.01 -22.46
CA PRO F 549 -11.13 -18.13 -22.18
C PRO F 549 -10.83 -17.73 -20.77
N GLY F 550 -10.01 -18.55 -20.15
CA GLY F 550 -9.58 -18.37 -18.77
C GLY F 550 -10.48 -19.11 -17.78
N ALA F 551 -11.64 -19.60 -18.26
CA ALA F 551 -12.61 -20.30 -17.42
C ALA F 551 -12.12 -21.62 -16.84
N ASP F 552 -11.25 -22.33 -17.54
CA ASP F 552 -10.84 -23.65 -17.08
C ASP F 552 -9.35 -23.92 -17.30
N PRO F 553 -8.52 -23.98 -16.24
CA PRO F 553 -7.07 -24.17 -16.28
C PRO F 553 -6.61 -25.46 -16.97
N ARG F 554 -7.52 -26.39 -17.23
CA ARG F 554 -7.12 -27.62 -17.87
C ARG F 554 -7.20 -27.54 -19.38
N LYS F 555 -7.62 -26.41 -19.94
CA LYS F 555 -7.69 -26.33 -21.39
C LYS F 555 -7.40 -24.95 -21.96
N LEU F 556 -6.98 -24.94 -23.21
CA LEU F 556 -6.67 -23.70 -23.89
C LEU F 556 -7.81 -23.20 -24.70
N VAL F 557 -8.13 -21.95 -24.56
CA VAL F 557 -9.14 -21.35 -25.39
C VAL F 557 -8.51 -20.15 -26.06
N ALA F 558 -8.57 -20.11 -27.37
CA ALA F 558 -7.95 -19.01 -28.09
C ALA F 558 -8.57 -18.76 -29.45
N PHE F 559 -8.37 -17.56 -29.98
CA PHE F 559 -8.81 -17.31 -31.34
C PHE F 559 -7.70 -17.58 -32.31
N SER F 560 -7.95 -18.51 -33.22
CA SER F 560 -6.95 -18.89 -34.22
C SER F 560 -7.58 -19.51 -35.44
N ASP F 561 -6.89 -19.45 -36.57
CA ASP F 561 -7.45 -20.09 -37.74
C ASP F 561 -6.98 -21.52 -37.87
N VAL F 562 -7.85 -22.45 -37.56
CA VAL F 562 -7.54 -23.87 -37.59
C VAL F 562 -8.31 -24.57 -38.66
N LEU F 563 -9.02 -23.80 -39.47
CA LEU F 563 -9.77 -24.40 -40.55
C LEU F 563 -9.09 -24.04 -41.88
N GLY F 564 -8.35 -22.95 -41.86
CA GLY F 564 -7.63 -22.44 -43.02
C GLY F 564 -8.47 -21.61 -43.93
N SER F 565 -9.53 -21.05 -43.36
CA SER F 565 -10.49 -20.23 -44.04
C SER F 565 -10.11 -18.77 -44.10
N GLY F 566 -9.09 -18.34 -43.34
CA GLY F 566 -8.71 -16.93 -43.32
C GLY F 566 -9.45 -16.12 -42.26
N GLN F 567 -10.01 -16.79 -41.26
CA GLN F 567 -10.70 -16.11 -40.17
C GLN F 567 -10.30 -16.77 -38.88
N ALA F 568 -10.16 -16.02 -37.81
CA ALA F 568 -9.87 -16.72 -36.58
C ALA F 568 -11.14 -17.36 -36.10
N HIS F 569 -11.03 -18.58 -35.62
CA HIS F 569 -12.18 -19.28 -35.10
C HIS F 569 -11.99 -19.46 -33.64
N LEU F 570 -13.05 -19.73 -32.91
CA LEU F 570 -12.82 -19.90 -31.49
C LEU F 570 -12.47 -21.34 -31.23
N VAL F 571 -11.29 -21.58 -30.70
CA VAL F 571 -10.82 -22.94 -30.53
C VAL F 571 -10.54 -23.32 -29.10
N GLU F 572 -11.04 -24.49 -28.71
CA GLU F 572 -10.80 -25.07 -27.40
C GLU F 572 -9.94 -26.33 -27.50
N VAL F 573 -8.81 -26.36 -26.81
CA VAL F 573 -7.92 -27.51 -26.85
C VAL F 573 -7.77 -28.17 -25.50
N SER F 574 -8.12 -29.44 -25.43
CA SER F 574 -7.95 -30.18 -24.19
C SER F 574 -7.12 -31.39 -24.43
N ALA F 575 -6.93 -32.19 -23.42
CA ALA F 575 -6.10 -33.37 -23.57
C ALA F 575 -6.65 -34.37 -24.54
N THR F 576 -7.97 -34.46 -24.65
CA THR F 576 -8.55 -35.50 -25.47
C THR F 576 -9.10 -35.08 -26.81
N LYS F 577 -9.31 -33.80 -27.03
CA LYS F 577 -9.89 -33.36 -28.28
C LYS F 577 -9.66 -31.89 -28.54
N VAL F 578 -9.84 -31.50 -29.80
CA VAL F 578 -9.83 -30.10 -30.19
C VAL F 578 -11.18 -29.70 -30.77
N THR F 579 -11.80 -28.67 -30.19
CA THR F 579 -13.10 -28.25 -30.69
C THR F 579 -13.11 -26.83 -31.23
N CYS F 580 -13.53 -26.71 -32.46
CA CYS F 580 -13.58 -25.42 -33.12
C CYS F 580 -14.96 -24.88 -33.39
N TRP F 581 -15.22 -23.63 -33.01
CA TRP F 581 -16.49 -22.97 -33.28
C TRP F 581 -16.28 -21.93 -34.37
N PRO F 582 -16.78 -22.15 -35.59
CA PRO F 582 -16.55 -21.28 -36.70
C PRO F 582 -17.03 -19.89 -36.47
N ASN F 583 -16.25 -18.94 -36.95
CA ASN F 583 -16.54 -17.52 -36.92
C ASN F 583 -17.32 -17.17 -38.16
N LEU F 584 -18.60 -16.87 -38.01
CA LEU F 584 -19.45 -16.60 -39.15
C LEU F 584 -19.58 -15.11 -39.34
N GLY F 585 -18.83 -14.37 -38.57
CA GLY F 585 -18.87 -12.93 -38.67
C GLY F 585 -19.86 -12.27 -37.75
N ARG F 586 -19.50 -11.07 -37.36
CA ARG F 586 -20.31 -10.22 -36.51
C ARG F 586 -20.70 -10.89 -35.22
N GLY F 587 -19.78 -11.65 -34.66
CA GLY F 587 -19.99 -12.30 -33.38
C GLY F 587 -20.77 -13.59 -33.45
N ARG F 588 -21.17 -14.01 -34.63
CA ARG F 588 -21.92 -15.24 -34.72
C ARG F 588 -21.01 -16.42 -34.79
N PHE F 589 -21.31 -17.43 -34.02
CA PHE F 589 -20.52 -18.63 -34.11
C PHE F 589 -21.34 -19.82 -34.53
N GLY F 590 -20.71 -20.71 -35.27
CA GLY F 590 -21.37 -21.92 -35.71
C GLY F 590 -21.25 -23.00 -34.68
N GLN F 591 -21.72 -24.17 -35.03
CA GLN F 591 -21.70 -25.30 -34.15
C GLN F 591 -20.27 -25.75 -34.03
N PRO F 592 -19.89 -26.36 -32.92
CA PRO F 592 -18.58 -26.88 -32.71
C PRO F 592 -18.25 -27.99 -33.65
N ILE F 593 -17.01 -28.03 -34.07
CA ILE F 593 -16.44 -29.05 -34.93
C ILE F 593 -15.40 -29.81 -34.18
N THR F 594 -15.45 -31.14 -34.21
CA THR F 594 -14.38 -31.83 -33.54
C THR F 594 -13.28 -32.12 -34.54
N LEU F 595 -12.06 -31.76 -34.17
CA LEU F 595 -10.91 -31.99 -35.00
C LEU F 595 -10.08 -33.08 -34.33
N PRO F 596 -10.24 -34.35 -34.74
CA PRO F 596 -9.65 -35.52 -34.14
C PRO F 596 -8.18 -35.59 -34.42
N GLY F 597 -7.49 -36.42 -33.66
CA GLY F 597 -6.06 -36.71 -33.84
C GLY F 597 -5.19 -36.12 -32.75
N PHE F 598 -5.66 -35.09 -32.07
CA PHE F 598 -4.84 -34.57 -31.00
C PHE F 598 -5.15 -35.23 -29.70
N SER F 599 -4.13 -35.76 -29.06
CA SER F 599 -4.31 -36.40 -27.78
C SER F 599 -3.05 -36.46 -26.92
N GLN F 600 -3.24 -36.06 -25.68
CA GLN F 600 -2.25 -36.05 -24.62
C GLN F 600 -2.70 -36.98 -23.48
N PRO F 601 -1.80 -37.39 -22.55
CA PRO F 601 -2.09 -38.30 -21.44
C PRO F 601 -3.18 -37.84 -20.46
N ALA F 602 -3.59 -36.58 -20.51
CA ALA F 602 -4.65 -36.02 -19.66
C ALA F 602 -4.38 -35.97 -18.17
N THR F 603 -3.16 -36.26 -17.76
CA THR F 603 -2.79 -36.08 -16.39
C THR F 603 -1.63 -35.16 -16.48
N GLU F 604 -0.95 -35.31 -17.62
CA GLU F 604 0.25 -34.56 -17.97
C GLU F 604 -0.07 -33.39 -18.88
N PHE F 605 -1.34 -33.20 -19.14
CA PHE F 605 -1.72 -32.14 -20.04
C PHE F 605 -1.75 -30.80 -19.37
N ASN F 606 -1.05 -29.87 -19.96
CA ASN F 606 -0.97 -28.53 -19.44
C ASN F 606 -1.05 -27.55 -20.58
N PRO F 607 -2.11 -26.76 -20.72
CA PRO F 607 -2.38 -25.81 -21.79
C PRO F 607 -1.24 -24.85 -22.03
N ALA F 608 -0.40 -24.67 -21.03
CA ALA F 608 0.75 -23.78 -21.12
C ALA F 608 1.70 -24.26 -22.20
N GLN F 609 1.65 -25.54 -22.47
CA GLN F 609 2.50 -26.23 -23.39
C GLN F 609 1.89 -26.32 -24.77
N VAL F 610 0.74 -25.70 -24.98
CA VAL F 610 0.08 -25.77 -26.29
C VAL F 610 0.30 -24.51 -27.07
N TYR F 611 0.96 -24.65 -28.20
CA TYR F 611 1.27 -23.51 -29.03
C TYR F 611 0.66 -23.68 -30.39
N LEU F 612 0.22 -22.59 -31.01
CA LEU F 612 -0.37 -22.73 -32.33
C LEU F 612 0.40 -21.92 -33.38
N ALA F 613 0.60 -22.50 -34.56
CA ALA F 613 1.30 -21.81 -35.67
C ALA F 613 1.09 -22.46 -37.03
N ASP F 614 1.11 -21.67 -38.08
CA ASP F 614 1.02 -22.18 -39.46
C ASP F 614 2.39 -22.54 -39.99
N LEU F 615 2.97 -23.54 -39.38
CA LEU F 615 4.35 -23.91 -39.63
C LEU F 615 4.65 -24.32 -41.06
N ASP F 616 3.70 -24.86 -41.80
CA ASP F 616 4.02 -25.29 -43.14
C ASP F 616 3.73 -24.20 -44.16
N GLY F 617 3.32 -23.04 -43.69
CA GLY F 617 3.02 -21.94 -44.57
C GLY F 617 1.67 -22.07 -45.25
N SER F 618 0.81 -22.95 -44.78
CA SER F 618 -0.48 -23.14 -45.42
C SER F 618 -1.56 -22.37 -44.75
N GLY F 619 -2.79 -22.72 -45.07
CA GLY F 619 -3.94 -22.03 -44.54
C GLY F 619 -4.10 -22.17 -43.03
N PRO F 620 -4.48 -23.36 -42.53
CA PRO F 620 -4.76 -23.65 -41.15
C PRO F 620 -3.52 -23.68 -40.29
N THR F 621 -3.73 -23.39 -39.02
CA THR F 621 -2.74 -23.39 -37.97
C THR F 621 -2.50 -24.77 -37.35
N ASP F 622 -1.23 -25.15 -37.17
CA ASP F 622 -0.90 -26.45 -36.60
C ASP F 622 -0.92 -26.38 -35.10
N LEU F 623 -0.68 -27.52 -34.44
CA LEU F 623 -0.68 -27.54 -33.00
C LEU F 623 0.59 -28.18 -32.48
N ILE F 624 1.30 -27.46 -31.64
CA ILE F 624 2.55 -27.94 -31.10
C ILE F 624 2.44 -28.18 -29.60
N TYR F 625 2.72 -29.39 -29.14
CA TYR F 625 2.64 -29.63 -27.72
C TYR F 625 4.02 -29.81 -27.15
N VAL F 626 4.39 -28.99 -26.21
CA VAL F 626 5.73 -29.12 -25.72
C VAL F 626 5.89 -30.07 -24.53
N HIS F 627 6.79 -31.03 -24.67
CA HIS F 627 7.13 -31.98 -23.64
C HIS F 627 8.50 -31.55 -23.20
N THR F 628 8.94 -31.89 -22.02
CA THR F 628 10.20 -31.35 -21.56
C THR F 628 11.42 -31.66 -22.42
N ASN F 629 11.46 -32.82 -23.07
CA ASN F 629 12.60 -33.17 -23.90
C ASN F 629 12.31 -33.21 -25.40
N ARG F 630 11.14 -32.73 -25.84
CA ARG F 630 10.77 -32.82 -27.25
C ARG F 630 9.56 -32.00 -27.69
N LEU F 631 9.51 -31.65 -28.97
CA LEU F 631 8.32 -30.98 -29.49
C LEU F 631 7.43 -31.93 -30.25
N ASP F 632 6.18 -32.01 -29.83
CA ASP F 632 5.20 -32.88 -30.43
C ASP F 632 4.36 -32.11 -31.44
N ILE F 633 4.68 -32.21 -32.74
CA ILE F 633 3.98 -31.37 -33.72
C ILE F 633 2.90 -32.06 -34.53
N PHE F 634 1.69 -31.57 -34.40
CA PHE F 634 0.54 -32.12 -35.07
C PHE F 634 0.15 -31.25 -36.22
N LEU F 635 0.27 -31.76 -37.44
CA LEU F 635 -0.04 -30.88 -38.55
C LEU F 635 -1.53 -30.82 -38.77
N ASN F 636 -2.03 -29.69 -39.15
CA ASN F 636 -3.46 -29.52 -39.37
C ASN F 636 -3.91 -29.94 -40.76
N LYS F 637 -4.68 -31.01 -40.83
CA LYS F 637 -5.09 -31.54 -42.11
C LYS F 637 -6.29 -30.79 -42.65
N SER F 638 -6.07 -29.57 -43.07
CA SER F 638 -7.12 -28.72 -43.64
C SER F 638 -8.41 -28.63 -42.83
N GLY F 639 -8.32 -28.56 -41.53
CA GLY F 639 -9.51 -28.41 -40.72
C GLY F 639 -10.29 -29.70 -40.53
N ASN F 640 -9.74 -30.83 -40.95
CA ASN F 640 -10.46 -32.09 -40.84
C ASN F 640 -9.84 -33.00 -39.80
N GLY F 641 -9.03 -32.43 -38.94
CA GLY F 641 -8.32 -33.17 -37.90
C GLY F 641 -6.82 -32.97 -38.01
N PHE F 642 -6.08 -33.66 -37.16
CA PHE F 642 -4.64 -33.54 -37.13
C PHE F 642 -3.90 -34.76 -37.59
N ALA F 643 -2.74 -34.50 -38.13
CA ALA F 643 -1.81 -35.51 -38.59
C ALA F 643 -1.12 -36.13 -37.40
N GLU F 644 -0.63 -37.33 -37.57
CA GLU F 644 0.10 -37.99 -36.52
C GLU F 644 1.27 -37.10 -36.14
N PRO F 645 1.59 -36.97 -34.86
CA PRO F 645 2.60 -36.09 -34.36
C PRO F 645 4.01 -36.39 -34.81
N VAL F 646 4.70 -35.33 -35.15
CA VAL F 646 6.09 -35.42 -35.56
C VAL F 646 6.94 -35.07 -34.38
N THR F 647 7.78 -35.98 -33.93
CA THR F 647 8.52 -35.63 -32.73
C THR F 647 9.90 -35.08 -32.99
N LEU F 648 10.11 -33.85 -32.56
CA LEU F 648 11.41 -33.25 -32.76
C LEU F 648 12.15 -33.19 -31.45
N ARG F 649 13.22 -33.91 -31.35
CA ARG F 649 13.92 -33.92 -30.08
C ARG F 649 14.64 -32.59 -29.88
N PHE F 650 14.77 -32.16 -28.63
CA PHE F 650 15.52 -30.96 -28.30
C PHE F 650 16.99 -31.26 -28.42
N PRO F 651 17.86 -30.28 -28.66
CA PRO F 651 19.27 -30.48 -28.75
C PRO F 651 19.73 -30.90 -27.39
N GLU F 652 20.77 -31.70 -27.33
CA GLU F 652 21.23 -32.18 -26.06
C GLU F 652 21.61 -31.05 -25.14
N GLY F 653 21.22 -31.21 -23.89
CA GLY F 653 21.50 -30.26 -22.85
C GLY F 653 20.35 -29.30 -22.64
N LEU F 654 19.41 -29.24 -23.57
CA LEU F 654 18.31 -28.34 -23.38
C LEU F 654 17.09 -29.09 -22.93
N ARG F 655 16.44 -28.54 -21.94
CA ARG F 655 15.20 -29.09 -21.45
C ARG F 655 14.22 -27.95 -21.26
N PHE F 656 12.96 -28.20 -21.56
CA PHE F 656 11.92 -27.20 -21.46
C PHE F 656 11.18 -27.26 -20.12
N ASP F 657 10.89 -26.10 -19.54
CA ASP F 657 10.16 -26.00 -18.29
C ASP F 657 9.30 -24.74 -18.17
N HIS F 658 8.66 -24.52 -17.02
CA HIS F 658 7.77 -23.36 -16.86
C HIS F 658 8.44 -21.99 -16.92
N THR F 659 9.77 -21.93 -17.03
CA THR F 659 10.44 -20.64 -17.11
C THR F 659 10.88 -20.37 -18.53
N CYS F 660 10.81 -21.39 -19.36
CA CYS F 660 11.33 -21.37 -20.71
C CYS F 660 10.29 -20.92 -21.70
N GLN F 661 10.70 -20.19 -22.71
CA GLN F 661 9.72 -19.74 -23.68
C GLN F 661 9.87 -20.29 -25.06
N LEU F 662 8.77 -20.78 -25.59
CA LEU F 662 8.77 -21.19 -26.98
C LEU F 662 8.08 -20.12 -27.79
N GLN F 663 8.80 -19.56 -28.72
CA GLN F 663 8.32 -18.49 -29.58
C GLN F 663 8.17 -19.03 -30.97
N MET F 664 7.24 -18.48 -31.73
CA MET F 664 7.14 -18.91 -33.11
C MET F 664 7.04 -17.71 -34.00
N ALA F 665 8.08 -17.49 -34.79
CA ALA F 665 8.07 -16.30 -35.63
C ALA F 665 8.95 -16.45 -36.84
N ASP F 666 8.61 -15.74 -37.91
CA ASP F 666 9.41 -15.78 -39.11
C ASP F 666 10.55 -14.78 -39.02
N VAL F 667 11.49 -15.09 -38.16
CA VAL F 667 12.62 -14.21 -37.95
C VAL F 667 13.55 -14.18 -39.13
N GLN F 668 13.51 -15.23 -39.93
CA GLN F 668 14.34 -15.37 -41.11
C GLN F 668 13.66 -14.97 -42.40
N GLY F 669 12.42 -14.48 -42.34
CA GLY F 669 11.78 -14.07 -43.59
C GLY F 669 11.50 -15.21 -44.56
N LEU F 670 11.30 -16.41 -44.06
CA LEU F 670 11.10 -17.57 -44.90
C LEU F 670 9.65 -17.82 -45.24
N GLY F 671 8.76 -17.00 -44.68
CA GLY F 671 7.32 -17.09 -44.89
C GLY F 671 6.66 -18.01 -43.90
N VAL F 672 7.47 -18.68 -43.13
CA VAL F 672 7.01 -19.62 -42.15
C VAL F 672 7.69 -19.32 -40.84
N ALA F 673 7.04 -19.63 -39.75
CA ALA F 673 7.66 -19.43 -38.46
C ALA F 673 8.75 -20.44 -38.19
N SER F 674 9.77 -20.00 -37.46
CA SER F 674 10.75 -20.93 -36.96
C SER F 674 10.47 -21.06 -35.49
N LEU F 675 10.92 -22.16 -34.92
CA LEU F 675 10.68 -22.43 -33.52
C LEU F 675 11.83 -21.90 -32.72
N ILE F 676 11.59 -20.97 -31.80
CA ILE F 676 12.69 -20.43 -31.00
C ILE F 676 12.54 -20.71 -29.51
N LEU F 677 13.57 -21.30 -28.95
CA LEU F 677 13.60 -21.63 -27.53
C LEU F 677 14.42 -20.68 -26.73
N SER F 678 13.77 -19.91 -25.89
CA SER F 678 14.47 -18.92 -25.10
C SER F 678 14.61 -19.40 -23.67
N VAL F 679 15.83 -19.68 -23.23
CA VAL F 679 16.02 -20.22 -21.89
C VAL F 679 16.94 -19.37 -20.99
N PRO F 680 16.42 -18.60 -20.03
CA PRO F 680 17.15 -17.68 -19.17
C PRO F 680 17.80 -18.37 -17.98
N HIS F 681 18.53 -19.42 -18.19
CA HIS F 681 19.05 -20.12 -17.02
C HIS F 681 20.41 -19.69 -16.62
N MET F 682 20.41 -18.54 -15.95
CA MET F 682 21.54 -17.79 -15.40
C MET F 682 22.36 -17.07 -16.46
N SER F 683 22.02 -17.33 -17.71
CA SER F 683 22.67 -16.79 -18.87
C SER F 683 21.79 -17.13 -20.03
N PRO F 684 20.94 -16.21 -20.48
CA PRO F 684 20.03 -16.50 -21.54
C PRO F 684 20.76 -16.92 -22.76
N HIS F 685 20.22 -17.94 -23.34
CA HIS F 685 20.71 -18.51 -24.57
C HIS F 685 19.53 -18.93 -25.36
N HIS F 686 19.68 -19.02 -26.67
CA HIS F 686 18.55 -19.36 -27.48
C HIS F 686 18.90 -20.37 -28.53
N TRP F 687 17.93 -21.19 -28.85
CA TRP F 687 18.05 -22.15 -29.94
C TRP F 687 16.93 -21.99 -30.94
N ARG F 688 17.20 -22.25 -32.20
CA ARG F 688 16.15 -22.14 -33.21
C ARG F 688 16.06 -23.32 -34.15
N CYS F 689 14.86 -23.87 -34.33
CA CYS F 689 14.70 -24.97 -35.25
C CYS F 689 14.10 -24.57 -36.56
N ASP F 690 14.83 -24.81 -37.61
CA ASP F 690 14.28 -24.50 -38.91
C ASP F 690 13.69 -25.76 -39.50
N LEU F 691 12.42 -25.68 -39.88
CA LEU F 691 11.71 -26.82 -40.44
C LEU F 691 11.82 -26.82 -41.94
N THR F 692 12.02 -25.65 -42.49
CA THR F 692 12.16 -25.46 -43.91
C THR F 692 12.88 -24.19 -44.16
N ASN F 693 13.52 -24.11 -45.32
CA ASN F 693 14.11 -22.89 -45.77
C ASN F 693 13.41 -22.39 -47.03
N MET F 694 12.31 -23.06 -47.37
CA MET F 694 11.47 -22.73 -48.52
C MET F 694 10.03 -22.90 -48.16
N LYS F 695 9.14 -22.04 -48.68
CA LYS F 695 7.73 -22.20 -48.40
C LYS F 695 7.18 -23.38 -49.20
N PRO F 696 6.64 -24.41 -48.56
CA PRO F 696 6.13 -25.62 -49.18
C PRO F 696 5.20 -25.50 -50.35
N TRP F 697 4.04 -24.91 -50.19
CA TRP F 697 3.06 -25.13 -51.24
C TRP F 697 3.08 -24.19 -52.42
N LEU F 698 4.22 -24.10 -53.04
CA LEU F 698 4.37 -23.28 -54.23
C LEU F 698 4.74 -24.14 -55.39
N LEU F 699 4.33 -23.74 -56.60
CA LEU F 699 4.74 -24.50 -57.76
C LEU F 699 6.22 -24.41 -57.83
N ASN F 700 6.86 -25.55 -57.94
CA ASN F 700 8.29 -25.61 -57.96
C ASN F 700 8.84 -26.03 -59.31
N GLU F 701 8.18 -26.97 -59.98
CA GLU F 701 8.72 -27.42 -61.27
C GLU F 701 7.67 -27.70 -62.34
N MET F 702 8.08 -27.57 -63.59
CA MET F 702 7.28 -28.05 -64.71
C MET F 702 8.11 -28.83 -65.69
N ASN F 703 7.60 -29.96 -66.16
CA ASN F 703 8.31 -30.67 -67.20
C ASN F 703 7.35 -31.14 -68.27
N ASN F 704 7.52 -30.65 -69.49
CA ASN F 704 6.55 -30.97 -70.52
C ASN F 704 6.84 -32.24 -71.28
N ASN F 705 7.84 -32.99 -70.85
CA ASN F 705 8.23 -34.22 -71.51
C ASN F 705 8.53 -34.07 -72.99
N MET F 706 9.12 -32.95 -73.38
CA MET F 706 9.52 -32.73 -74.75
C MET F 706 10.82 -31.98 -74.66
N GLY F 707 11.49 -32.20 -73.55
CA GLY F 707 12.74 -31.58 -73.24
C GLY F 707 12.68 -30.23 -72.54
N VAL F 708 11.53 -29.72 -72.10
CA VAL F 708 11.60 -28.42 -71.46
C VAL F 708 11.27 -28.52 -69.99
N HIS F 709 12.24 -28.17 -69.18
CA HIS F 709 12.10 -28.25 -67.75
C HIS F 709 12.23 -26.91 -67.05
N HIS F 710 11.16 -26.44 -66.44
CA HIS F 710 11.20 -25.15 -65.77
C HIS F 710 11.26 -25.31 -64.28
N THR F 711 12.23 -24.68 -63.65
CA THR F 711 12.38 -24.69 -62.20
C THR F 711 12.11 -23.30 -61.64
N LEU F 712 11.24 -23.21 -60.65
CA LEU F 712 10.94 -21.92 -60.07
C LEU F 712 11.58 -21.87 -58.72
N ARG F 713 11.94 -20.69 -58.29
CA ARG F 713 12.47 -20.50 -56.97
C ARG F 713 11.80 -19.27 -56.44
N TYR F 714 11.69 -19.17 -55.15
CA TYR F 714 11.07 -18.01 -54.58
C TYR F 714 11.94 -17.40 -53.54
N ARG F 715 11.78 -16.11 -53.34
CA ARG F 715 12.50 -15.42 -52.30
C ARG F 715 11.52 -14.43 -51.70
N SER F 716 11.47 -14.33 -50.39
CA SER F 716 10.53 -13.41 -49.77
C SER F 716 10.92 -11.96 -49.97
N SER F 717 9.92 -11.10 -49.89
CA SER F 717 10.12 -9.68 -50.03
C SER F 717 10.91 -9.10 -48.89
N SER F 718 10.92 -9.76 -47.74
CA SER F 718 11.69 -9.22 -46.66
C SER F 718 13.17 -9.45 -46.87
N GLN F 719 13.56 -10.41 -47.72
CA GLN F 719 14.98 -10.58 -47.93
C GLN F 719 15.42 -9.58 -48.96
N PHE F 720 14.49 -9.22 -49.83
CA PHE F 720 14.86 -8.23 -50.81
C PHE F 720 15.00 -6.94 -50.06
N TRP F 721 14.09 -6.67 -49.14
CA TRP F 721 14.23 -5.50 -48.32
C TRP F 721 15.54 -5.46 -47.59
N LEU F 722 15.96 -6.54 -46.97
CA LEU F 722 17.23 -6.40 -46.29
C LEU F 722 18.35 -6.08 -47.24
N ASP F 723 18.35 -6.63 -48.45
CA ASP F 723 19.43 -6.25 -49.35
C ASP F 723 19.36 -4.77 -49.69
N GLU F 724 18.15 -4.24 -49.87
CA GLU F 724 17.98 -2.83 -50.18
C GLU F 724 18.48 -1.98 -49.04
N LYS F 725 18.16 -2.40 -47.83
CA LYS F 725 18.55 -1.69 -46.65
C LYS F 725 20.06 -1.64 -46.55
N ALA F 726 20.70 -2.78 -46.75
CA ALA F 726 22.14 -2.83 -46.63
C ALA F 726 22.78 -1.95 -47.68
N ALA F 727 22.25 -1.97 -48.90
CA ALA F 727 22.86 -1.19 -49.95
C ALA F 727 22.82 0.27 -49.58
N ALA F 728 21.72 0.71 -48.98
CA ALA F 728 21.60 2.09 -48.58
C ALA F 728 22.68 2.46 -47.59
N LEU F 729 23.06 1.53 -46.72
CA LEU F 729 24.00 1.87 -45.68
C LEU F 729 25.31 2.27 -46.31
N THR F 730 25.64 1.64 -47.41
CA THR F 730 26.93 1.87 -48.05
C THR F 730 26.98 3.22 -48.76
N THR F 731 25.82 3.87 -48.91
CA THR F 731 25.74 5.15 -49.58
C THR F 731 25.28 6.23 -48.62
N GLY F 732 25.11 5.88 -47.34
CA GLY F 732 24.69 6.82 -46.32
C GLY F 732 23.22 7.25 -46.39
N GLN F 733 22.37 6.44 -46.99
CA GLN F 733 20.98 6.84 -47.15
C GLN F 733 20.08 6.13 -46.18
N THR F 734 18.91 6.71 -45.94
CA THR F 734 17.93 6.07 -45.07
C THR F 734 16.74 5.57 -45.86
N PRO F 735 16.69 4.29 -46.21
CA PRO F 735 15.64 3.68 -46.99
C PRO F 735 14.45 3.51 -46.08
N VAL F 736 13.26 3.45 -46.66
CA VAL F 736 12.07 3.14 -45.89
C VAL F 736 11.29 2.00 -46.49
N CYS F 737 10.95 0.99 -45.68
CA CYS F 737 10.19 -0.12 -46.19
C CYS F 737 8.73 0.18 -46.03
N TYR F 738 8.01 0.15 -47.12
CA TYR F 738 6.62 0.47 -47.08
C TYR F 738 5.76 -0.77 -47.13
N LEU F 739 6.37 -1.93 -46.93
CA LEU F 739 5.67 -3.20 -47.02
C LEU F 739 5.83 -4.09 -45.77
N PRO F 740 5.00 -3.91 -44.73
CA PRO F 740 5.04 -4.64 -43.47
C PRO F 740 4.68 -6.12 -43.58
N PHE F 741 4.06 -6.48 -44.68
CA PHE F 741 3.56 -7.82 -44.87
C PHE F 741 4.38 -8.52 -45.93
N PRO F 742 5.29 -9.42 -45.56
CA PRO F 742 6.18 -10.06 -46.48
C PRO F 742 5.39 -10.97 -47.39
N ILE F 743 5.84 -11.07 -48.63
CA ILE F 743 5.24 -11.93 -49.64
C ILE F 743 6.31 -12.73 -50.36
N HIS F 744 5.95 -13.84 -51.00
CA HIS F 744 6.96 -14.59 -51.75
C HIS F 744 6.96 -14.31 -53.20
N THR F 745 8.01 -13.73 -53.66
CA THR F 745 8.01 -13.39 -55.03
C THR F 745 8.78 -14.39 -55.83
N LEU F 746 8.54 -14.40 -57.11
CA LEU F 746 9.26 -15.27 -57.99
C LEU F 746 10.68 -14.78 -58.15
N TRP F 747 11.62 -15.70 -58.05
CA TRP F 747 13.02 -15.40 -58.19
C TRP F 747 13.78 -16.56 -58.80
N GLN F 748 14.75 -16.28 -59.67
CA GLN F 748 15.59 -17.31 -60.28
C GLN F 748 14.83 -18.39 -61.02
N THR F 749 14.06 -17.94 -62.00
CA THR F 749 13.32 -18.88 -62.83
C THR F 749 14.31 -19.51 -63.79
N GLU F 750 14.40 -20.81 -63.79
CA GLU F 750 15.36 -21.49 -64.64
C GLU F 750 14.76 -22.40 -65.66
N THR F 751 15.08 -22.20 -66.92
CA THR F 751 14.56 -23.10 -67.93
C THR F 751 15.66 -23.92 -68.57
N GLU F 752 15.53 -25.21 -68.43
CA GLU F 752 16.53 -26.11 -68.98
C GLU F 752 16.02 -26.78 -70.22
N ASP F 753 16.75 -26.61 -71.31
CA ASP F 753 16.36 -27.22 -72.56
C ASP F 753 17.15 -28.52 -72.71
N GLU F 754 16.48 -29.63 -72.53
CA GLU F 754 17.13 -30.93 -72.57
C GLU F 754 17.32 -31.14 -74.03
N ILE F 755 18.15 -32.10 -74.43
CA ILE F 755 18.47 -32.36 -75.84
C ILE F 755 19.58 -31.38 -76.21
N SER F 756 19.23 -30.09 -76.16
CA SER F 756 20.12 -28.98 -76.46
C SER F 756 21.20 -28.82 -75.39
N GLY F 757 20.79 -28.94 -74.12
CA GLY F 757 21.67 -28.82 -72.98
C GLY F 757 21.92 -27.39 -72.48
N ASN F 758 21.15 -26.41 -72.94
CA ASN F 758 21.37 -25.03 -72.50
C ASN F 758 20.47 -24.68 -71.33
N LYS F 759 20.91 -23.71 -70.52
CA LYS F 759 20.05 -23.22 -69.45
C LYS F 759 19.84 -21.71 -69.48
N LEU F 760 18.59 -21.32 -69.32
CA LEU F 760 18.25 -19.91 -69.27
C LEU F 760 17.78 -19.49 -67.91
N VAL F 761 18.46 -18.51 -67.34
CA VAL F 761 18.09 -18.10 -65.99
C VAL F 761 17.62 -16.67 -65.83
N THR F 762 16.42 -16.51 -65.29
CA THR F 762 15.91 -15.17 -65.06
C THR F 762 15.93 -14.81 -63.58
N THR F 763 16.68 -13.78 -63.26
CA THR F 763 16.75 -13.41 -61.86
C THR F 763 15.98 -12.16 -61.68
N LEU F 764 15.15 -12.13 -60.67
CA LEU F 764 14.41 -10.92 -60.42
C LEU F 764 14.88 -10.29 -59.15
N ARG F 765 14.82 -9.00 -59.10
CA ARG F 765 15.13 -8.32 -57.88
C ARG F 765 14.04 -7.31 -57.70
N TYR F 766 13.56 -7.19 -56.50
CA TYR F 766 12.47 -6.29 -56.27
C TYR F 766 12.87 -5.26 -55.27
N ALA F 767 12.28 -4.09 -55.35
CA ALA F 767 12.58 -3.05 -54.38
C ALA F 767 11.44 -2.10 -54.21
N ARG F 768 11.46 -1.38 -53.12
CA ARG F 768 10.49 -0.32 -52.94
C ARG F 768 9.04 -0.72 -53.11
N GLY F 769 8.66 -1.86 -52.60
CA GLY F 769 7.27 -2.22 -52.71
C GLY F 769 6.47 -1.67 -51.60
N ALA F 770 5.16 -1.72 -51.74
CA ALA F 770 4.36 -1.20 -50.65
C ALA F 770 2.97 -1.74 -50.48
N TRP F 771 2.55 -1.63 -49.23
CA TRP F 771 1.24 -1.90 -48.72
C TRP F 771 0.46 -0.62 -48.74
N ASP F 772 -0.80 -0.69 -49.11
CA ASP F 772 -1.61 0.52 -49.16
C ASP F 772 -1.87 1.11 -47.77
N GLY F 773 -2.49 0.30 -46.93
CA GLY F 773 -2.86 0.64 -45.56
C GLY F 773 -4.28 1.17 -45.41
N ARG F 774 -4.91 1.65 -46.47
CA ARG F 774 -6.26 2.18 -46.34
C ARG F 774 -7.24 1.19 -46.91
N GLU F 775 -6.89 0.65 -48.05
CA GLU F 775 -7.69 -0.38 -48.71
C GLU F 775 -7.14 -1.74 -48.37
N ARG F 776 -6.17 -1.76 -47.48
CA ARG F 776 -5.61 -3.02 -47.01
C ARG F 776 -5.24 -3.99 -48.10
N GLU F 777 -4.48 -3.53 -49.05
CA GLU F 777 -4.06 -4.32 -50.19
C GLU F 777 -2.62 -4.05 -50.50
N PHE F 778 -2.00 -4.99 -51.20
CA PHE F 778 -0.64 -4.80 -51.69
C PHE F 778 -0.67 -4.08 -53.02
N ARG F 779 0.08 -2.99 -53.12
CA ARG F 779 0.06 -2.21 -54.35
C ARG F 779 0.94 -2.76 -55.44
N GLY F 780 1.98 -3.45 -55.08
CA GLY F 780 2.94 -3.93 -56.05
C GLY F 780 4.28 -3.33 -55.72
N PHE F 781 5.31 -3.77 -56.42
CA PHE F 781 6.64 -3.25 -56.22
C PHE F 781 6.85 -2.06 -57.09
N GLY F 782 7.51 -1.02 -56.58
CA GLY F 782 7.80 0.14 -57.40
C GLY F 782 8.97 -0.11 -58.33
N TYR F 783 9.67 -1.20 -58.12
CA TYR F 783 10.79 -1.52 -58.94
C TYR F 783 11.00 -2.99 -59.08
N VAL F 784 11.22 -3.41 -60.32
CA VAL F 784 11.54 -4.78 -60.64
C VAL F 784 12.75 -4.79 -61.55
N GLU F 785 13.75 -5.54 -61.18
CA GLU F 785 14.93 -5.64 -61.99
C GLU F 785 15.15 -7.05 -62.43
N GLN F 786 15.30 -7.23 -63.71
CA GLN F 786 15.44 -8.57 -64.23
C GLN F 786 16.72 -8.86 -64.93
N THR F 787 17.39 -9.95 -64.56
CA THR F 787 18.59 -10.26 -65.31
C THR F 787 18.18 -11.39 -66.21
N ASP F 788 18.95 -11.60 -67.25
CA ASP F 788 18.69 -12.66 -68.20
C ASP F 788 19.99 -13.32 -68.61
N SER F 789 20.25 -14.50 -68.07
CA SER F 789 21.55 -15.14 -68.28
C SER F 789 21.57 -16.46 -69.02
N HIS F 790 22.57 -16.61 -69.86
CA HIS F 790 22.69 -17.83 -70.63
C HIS F 790 23.83 -18.70 -70.21
N GLN F 791 23.50 -19.92 -69.84
CA GLN F 791 24.50 -20.87 -69.49
C GLN F 791 24.49 -21.84 -70.63
N LEU F 792 25.37 -21.64 -71.58
CA LEU F 792 25.29 -22.49 -72.74
C LEU F 792 25.94 -23.79 -72.40
N ALA F 793 25.53 -24.84 -73.08
CA ALA F 793 26.04 -26.16 -72.86
C ALA F 793 27.53 -26.19 -72.97
N GLN F 794 28.15 -26.94 -72.09
CA GLN F 794 29.58 -27.01 -72.08
C GLN F 794 30.07 -27.54 -73.39
N GLY F 795 31.14 -26.91 -73.88
CA GLY F 795 31.75 -27.31 -75.12
C GLY F 795 31.22 -26.53 -76.32
N ASN F 796 30.12 -25.77 -76.13
CA ASN F 796 29.54 -25.01 -77.21
C ASN F 796 30.24 -23.70 -77.52
N ALA F 797 30.68 -22.99 -76.50
CA ALA F 797 31.24 -21.69 -76.76
C ALA F 797 32.15 -21.23 -75.65
N PRO F 798 33.10 -20.32 -75.94
CA PRO F 798 33.98 -19.67 -75.00
C PRO F 798 33.27 -18.53 -74.30
N GLU F 799 32.22 -18.87 -73.55
CA GLU F 799 31.37 -17.95 -72.79
C GLU F 799 30.79 -16.85 -73.64
N ARG F 800 30.34 -17.20 -74.82
CA ARG F 800 29.72 -16.23 -75.69
C ARG F 800 28.30 -16.03 -75.20
N THR F 801 27.73 -14.88 -75.55
CA THR F 801 26.37 -14.45 -75.21
C THR F 801 26.34 -13.95 -73.77
N PRO F 802 26.64 -12.67 -73.52
CA PRO F 802 26.71 -12.09 -72.20
C PRO F 802 25.28 -11.98 -71.72
N PRO F 803 25.04 -11.89 -70.42
CA PRO F 803 23.74 -11.69 -69.83
C PRO F 803 23.23 -10.29 -70.07
N ALA F 804 21.91 -10.15 -70.03
CA ALA F 804 21.25 -8.86 -70.15
C ALA F 804 20.67 -8.43 -68.84
N LEU F 805 20.38 -7.15 -68.71
CA LEU F 805 19.73 -6.56 -67.55
C LEU F 805 18.61 -5.63 -67.93
N THR F 806 17.45 -5.81 -67.34
CA THR F 806 16.34 -4.91 -67.59
C THR F 806 15.84 -4.27 -66.32
N LYS F 807 15.77 -2.95 -66.32
CA LYS F 807 15.28 -2.28 -65.14
C LYS F 807 13.90 -1.76 -65.40
N ASN F 808 12.95 -2.09 -64.54
CA ASN F 808 11.59 -1.61 -64.72
C ASN F 808 11.04 -0.88 -63.51
N TRP F 809 10.54 0.32 -63.73
CA TRP F 809 9.97 1.07 -62.64
C TRP F 809 8.49 1.15 -62.83
N TYR F 810 7.75 0.92 -61.78
CA TYR F 810 6.30 0.92 -61.83
C TYR F 810 5.68 1.81 -60.80
N ALA F 811 4.54 2.36 -61.09
CA ALA F 811 3.85 3.09 -60.07
C ALA F 811 3.31 2.20 -58.98
N THR F 812 3.49 2.64 -57.75
CA THR F 812 2.85 1.97 -56.64
C THR F 812 1.58 2.73 -56.33
N GLY F 813 1.53 4.00 -56.72
CA GLY F 813 0.41 4.87 -56.48
C GLY F 813 0.50 5.54 -55.11
N LEU F 814 1.68 5.44 -54.49
CA LEU F 814 1.97 6.02 -53.20
C LEU F 814 3.12 6.97 -53.46
N PRO F 815 2.86 8.28 -53.67
CA PRO F 815 3.80 9.28 -54.15
C PRO F 815 4.78 9.76 -53.10
N VAL F 816 5.46 8.79 -52.52
CA VAL F 816 6.52 8.96 -51.57
C VAL F 816 7.58 8.05 -52.14
N ILE F 817 7.09 7.07 -52.89
CA ILE F 817 7.91 6.10 -53.58
C ILE F 817 8.00 6.52 -55.00
N ASP F 818 6.85 6.79 -55.62
CA ASP F 818 6.83 7.10 -57.04
C ASP F 818 7.70 8.31 -57.34
N ASN F 819 7.74 9.24 -56.41
CA ASN F 819 8.53 10.45 -56.54
C ASN F 819 10.02 10.18 -56.39
N ALA F 820 10.37 9.17 -55.60
CA ALA F 820 11.76 8.85 -55.31
C ALA F 820 12.35 8.07 -56.45
N LEU F 821 11.51 7.34 -57.15
CA LEU F 821 12.00 6.43 -58.17
C LEU F 821 12.79 7.17 -59.22
N SER F 822 12.50 8.43 -59.49
CA SER F 822 13.22 9.11 -60.55
C SER F 822 14.72 9.22 -60.35
N THR F 823 15.21 9.15 -59.14
CA THR F 823 16.64 9.34 -58.91
C THR F 823 17.42 8.11 -59.30
N GLU F 824 16.72 7.03 -59.55
CA GLU F 824 17.32 5.79 -59.92
C GLU F 824 17.43 5.65 -61.43
N TYR F 825 16.94 6.64 -62.16
CA TYR F 825 16.93 6.53 -63.60
C TYR F 825 18.31 6.80 -64.15
N TRP F 826 18.64 6.21 -65.29
CA TRP F 826 19.93 6.51 -65.88
C TRP F 826 19.94 7.92 -66.37
N ARG F 827 21.01 8.62 -66.07
CA ARG F 827 21.06 10.00 -66.45
C ARG F 827 21.72 10.34 -67.76
N ASP F 828 20.93 11.02 -68.55
CA ASP F 828 21.29 11.64 -69.80
C ASP F 828 21.08 13.14 -69.65
N ASP F 829 22.17 13.89 -69.58
CA ASP F 829 22.13 15.32 -69.34
C ASP F 829 21.43 16.11 -70.42
N GLN F 830 21.31 15.53 -71.60
CA GLN F 830 20.68 16.19 -72.73
C GLN F 830 19.31 15.61 -73.02
N ALA F 831 18.75 14.89 -72.05
CA ALA F 831 17.46 14.23 -72.19
C ALA F 831 16.31 15.19 -72.22
N PHE F 832 15.21 14.71 -72.72
CA PHE F 832 14.00 15.47 -72.74
C PHE F 832 13.47 15.43 -71.32
N ALA F 833 12.65 16.39 -70.95
CA ALA F 833 12.13 16.46 -69.60
C ALA F 833 11.35 15.20 -69.32
N GLY F 834 11.45 14.69 -68.10
CA GLY F 834 10.77 13.45 -67.78
C GLY F 834 9.29 13.66 -67.54
N PHE F 835 8.59 12.57 -67.29
CA PHE F 835 7.17 12.67 -67.12
C PHE F 835 6.72 12.65 -65.68
N SER F 836 5.53 13.17 -65.47
CA SER F 836 4.82 13.19 -64.21
C SER F 836 3.38 12.88 -64.61
N PRO F 837 2.54 12.32 -63.74
CA PRO F 837 1.17 11.99 -64.04
C PRO F 837 0.31 13.22 -64.20
N ARG F 838 -0.70 13.09 -65.04
CA ARG F 838 -1.66 14.15 -65.27
C ARG F 838 -2.99 13.76 -64.70
N PHE F 839 -3.69 14.68 -64.06
CA PHE F 839 -4.99 14.32 -63.56
C PHE F 839 -5.99 15.24 -64.20
N THR F 840 -7.10 14.68 -64.65
CA THR F 840 -8.15 15.43 -65.31
C THR F 840 -9.53 15.11 -64.82
N THR F 841 -10.48 15.91 -65.29
CA THR F 841 -11.89 15.66 -65.04
C THR F 841 -12.69 15.84 -66.31
N TRP F 842 -13.67 14.97 -66.50
CA TRP F 842 -14.49 15.04 -67.70
C TRP F 842 -15.53 16.13 -67.55
N GLN F 843 -15.18 17.29 -68.06
CA GLN F 843 -15.96 18.50 -67.87
C GLN F 843 -16.49 19.00 -69.18
N ASP F 844 -17.80 18.94 -69.36
CA ASP F 844 -18.42 19.36 -70.61
C ASP F 844 -17.77 18.65 -71.79
N ASN F 845 -17.49 17.39 -71.56
CA ASN F 845 -16.83 16.47 -72.45
C ASN F 845 -15.42 16.86 -72.83
N LYS F 846 -14.74 17.60 -71.98
CA LYS F 846 -13.35 17.91 -72.22
C LYS F 846 -12.45 17.27 -71.19
N ASP F 847 -11.24 16.98 -71.61
CA ASP F 847 -10.26 16.40 -70.73
C ASP F 847 -9.55 17.52 -69.96
N VAL F 848 -10.27 18.14 -69.04
CA VAL F 848 -9.82 19.30 -68.29
C VAL F 848 -8.85 18.96 -67.17
N PRO F 849 -7.68 19.59 -67.09
CA PRO F 849 -6.70 19.32 -66.06
C PRO F 849 -7.25 19.70 -64.71
N LEU F 850 -6.88 18.93 -63.73
CA LEU F 850 -7.30 19.13 -62.36
C LEU F 850 -6.21 18.84 -61.35
N THR F 851 -6.15 19.68 -60.34
CA THR F 851 -5.28 19.45 -59.21
C THR F 851 -6.21 18.97 -58.10
N PRO F 852 -6.08 17.75 -57.57
CA PRO F 852 -7.00 17.19 -56.58
C PRO F 852 -7.22 18.15 -55.43
N GLU F 853 -8.49 18.34 -55.10
CA GLU F 853 -8.99 19.26 -54.09
C GLU F 853 -8.54 19.00 -52.65
N ASP F 854 -8.41 17.75 -52.28
CA ASP F 854 -8.10 17.37 -50.92
C ASP F 854 -7.26 16.10 -50.88
N ASP F 855 -7.12 15.52 -49.70
CA ASP F 855 -6.29 14.34 -49.56
C ASP F 855 -7.05 13.10 -50.00
N ASN F 856 -8.36 13.12 -49.87
CA ASN F 856 -9.09 11.95 -50.28
C ASN F 856 -9.00 11.80 -51.77
N SER F 857 -9.11 12.90 -52.51
CA SER F 857 -8.98 12.81 -53.94
C SER F 857 -7.55 12.46 -54.30
N ARG F 858 -6.56 13.02 -53.61
CA ARG F 858 -5.20 12.63 -53.97
C ARG F 858 -5.03 11.14 -53.79
N TYR F 859 -5.58 10.58 -52.74
CA TYR F 859 -5.48 9.17 -52.58
C TYR F 859 -6.14 8.40 -53.70
N TRP F 860 -7.38 8.75 -54.04
CA TRP F 860 -8.09 7.97 -55.03
C TRP F 860 -7.49 8.12 -56.39
N PHE F 861 -6.93 9.27 -56.67
CA PHE F 861 -6.34 9.46 -57.96
C PHE F 861 -5.02 8.76 -58.05
N ASN F 862 -4.20 8.83 -57.03
CA ASN F 862 -2.89 8.24 -57.16
C ASN F 862 -2.96 6.73 -57.17
N ARG F 863 -3.94 6.16 -56.52
CA ARG F 863 -3.98 4.71 -56.52
C ARG F 863 -4.37 4.19 -57.89
N ALA F 864 -4.92 5.03 -58.75
CA ALA F 864 -5.40 4.58 -60.04
C ALA F 864 -4.26 4.38 -60.98
N LEU F 865 -3.09 4.79 -60.53
CA LEU F 865 -1.88 4.67 -61.29
C LEU F 865 -1.19 3.35 -61.00
N LYS F 866 -1.66 2.62 -60.00
CA LYS F 866 -0.87 1.46 -59.60
C LYS F 866 -0.71 0.46 -60.71
N GLY F 867 0.51 -0.05 -60.81
CA GLY F 867 0.85 -1.09 -61.77
C GLY F 867 1.31 -0.55 -63.11
N GLN F 868 1.18 0.73 -63.31
CA GLN F 868 1.60 1.27 -64.57
C GLN F 868 3.12 1.26 -64.69
N LEU F 869 3.61 0.73 -65.80
CA LEU F 869 5.05 0.83 -66.04
C LEU F 869 5.34 2.27 -66.32
N LEU F 870 6.31 2.82 -65.63
CA LEU F 870 6.68 4.20 -65.79
C LEU F 870 7.93 4.36 -66.60
N ARG F 871 8.82 3.41 -66.45
CA ARG F 871 10.07 3.49 -67.17
C ARG F 871 10.70 2.14 -67.34
N SER F 872 11.35 1.94 -68.48
CA SER F 872 12.08 0.70 -68.68
C SER F 872 13.42 0.94 -69.33
N GLU F 873 14.46 0.36 -68.77
CA GLU F 873 15.80 0.51 -69.33
C GLU F 873 16.43 -0.82 -69.61
N LEU F 874 17.06 -0.96 -70.76
CA LEU F 874 17.71 -2.22 -71.09
C LEU F 874 19.18 -2.05 -71.30
N TYR F 875 19.95 -2.86 -70.59
CA TYR F 875 21.40 -2.86 -70.61
C TYR F 875 21.94 -4.22 -70.96
N GLY F 876 23.07 -4.26 -71.64
CA GLY F 876 23.73 -5.55 -71.79
C GLY F 876 24.82 -5.61 -70.75
N LEU F 877 25.00 -6.76 -70.13
CA LEU F 877 26.06 -6.87 -69.15
C LEU F 877 27.32 -7.43 -69.75
N ASP F 878 27.94 -6.63 -70.57
CA ASP F 878 29.20 -7.03 -71.20
C ASP F 878 30.35 -6.45 -70.40
N ASP F 879 31.56 -6.60 -70.94
CA ASP F 879 32.77 -6.10 -70.33
C ASP F 879 33.33 -4.86 -71.05
N SER F 880 32.47 -4.09 -71.72
CA SER F 880 32.95 -2.93 -72.46
C SER F 880 33.01 -1.65 -71.67
N THR F 881 33.35 -0.57 -72.36
CA THR F 881 33.54 0.70 -71.69
C THR F 881 32.24 1.45 -71.54
N ASN F 882 31.27 1.10 -72.37
CA ASN F 882 29.97 1.70 -72.36
C ASN F 882 28.91 0.74 -71.86
N LYS F 883 29.34 -0.18 -71.01
CA LYS F 883 28.46 -1.19 -70.40
C LYS F 883 27.43 -0.59 -69.46
N HIS F 884 27.63 0.67 -69.12
CA HIS F 884 26.79 1.41 -68.19
C HIS F 884 25.81 2.33 -68.88
N VAL F 885 25.69 2.18 -70.19
CA VAL F 885 24.78 2.99 -70.97
C VAL F 885 23.75 1.98 -71.48
N PRO F 886 22.47 2.24 -71.43
CA PRO F 886 21.45 1.35 -71.89
C PRO F 886 21.44 1.30 -73.38
N TYR F 887 20.87 0.24 -73.91
CA TYR F 887 20.61 0.18 -75.31
C TYR F 887 19.38 0.97 -75.56
N THR F 888 18.40 0.81 -74.69
CA THR F 888 17.14 1.51 -74.87
C THR F 888 16.62 2.08 -73.58
N VAL F 889 15.79 3.10 -73.73
CA VAL F 889 15.03 3.67 -72.64
C VAL F 889 13.59 3.92 -73.05
N THR F 890 12.65 3.48 -72.25
CA THR F 890 11.26 3.77 -72.57
C THR F 890 10.62 4.47 -71.39
N GLU F 891 9.92 5.56 -71.63
CA GLU F 891 9.25 6.30 -70.57
C GLU F 891 7.77 6.43 -70.83
N PHE F 892 6.97 6.45 -69.77
CA PHE F 892 5.55 6.63 -69.99
C PHE F 892 4.93 7.70 -69.12
N ARG F 893 3.89 8.32 -69.61
CA ARG F 893 3.15 9.27 -68.82
C ARG F 893 1.72 8.86 -68.76
N SER F 894 1.24 8.63 -67.56
CA SER F 894 -0.12 8.21 -67.39
C SER F 894 -1.00 9.35 -67.00
N GLN F 895 -2.28 9.12 -67.17
CA GLN F 895 -3.30 10.07 -66.81
C GLN F 895 -4.49 9.43 -66.19
N VAL F 896 -5.00 10.08 -65.16
CA VAL F 896 -6.19 9.58 -64.50
C VAL F 896 -7.31 10.62 -64.61
N ARG F 897 -8.41 10.21 -65.20
CA ARG F 897 -9.55 11.06 -65.41
C ARG F 897 -10.69 10.76 -64.48
N ARG F 898 -11.26 11.78 -63.88
CA ARG F 898 -12.41 11.60 -63.02
C ARG F 898 -13.69 11.71 -63.83
N LEU F 899 -14.45 10.64 -63.82
CA LEU F 899 -15.66 10.57 -64.60
C LEU F 899 -16.94 10.77 -63.79
N GLN F 900 -16.91 10.36 -62.55
CA GLN F 900 -18.08 10.48 -61.67
C GLN F 900 -17.72 10.53 -60.20
N HIS F 901 -18.15 11.54 -59.46
CA HIS F 901 -17.87 11.51 -58.02
C HIS F 901 -19.11 11.79 -57.21
N THR F 902 -20.24 11.58 -57.84
CA THR F 902 -21.53 11.74 -57.23
C THR F 902 -21.89 10.42 -56.60
N ASP F 903 -21.15 10.05 -55.56
CA ASP F 903 -21.27 8.75 -54.96
C ASP F 903 -20.74 8.75 -53.53
N SER F 904 -20.34 7.58 -53.04
CA SER F 904 -19.75 7.42 -51.73
C SER F 904 -18.45 8.13 -51.91
N ARG F 905 -17.62 8.27 -50.89
CA ARG F 905 -16.51 9.14 -51.17
C ARG F 905 -15.66 8.80 -52.41
N TYR F 906 -15.43 7.54 -52.75
CA TYR F 906 -14.56 7.36 -53.89
C TYR F 906 -15.18 7.75 -55.24
N PRO F 907 -14.39 8.33 -56.15
CA PRO F 907 -14.71 8.64 -57.51
C PRO F 907 -14.57 7.47 -58.46
N VAL F 908 -15.26 7.54 -59.58
CA VAL F 908 -15.03 6.66 -60.70
C VAL F 908 -13.94 7.26 -61.53
N LEU F 909 -12.87 6.51 -61.65
CA LEU F 909 -11.71 6.96 -62.37
C LEU F 909 -11.37 6.10 -63.54
N TRP F 910 -10.75 6.70 -64.52
CA TRP F 910 -10.26 5.96 -65.65
C TRP F 910 -8.85 6.35 -65.98
N SER F 911 -8.03 5.40 -66.38
CA SER F 911 -6.70 5.81 -66.70
C SER F 911 -6.10 5.10 -67.87
N SER F 912 -5.12 5.77 -68.45
CA SER F 912 -4.39 5.29 -69.61
C SER F 912 -3.07 6.00 -69.75
N VAL F 913 -2.28 5.56 -70.73
CA VAL F 913 -1.04 6.23 -71.02
C VAL F 913 -1.22 7.29 -72.06
N VAL F 914 -1.00 8.52 -71.68
CA VAL F 914 -1.17 9.62 -72.60
C VAL F 914 0.07 9.81 -73.43
N GLU F 915 1.21 9.53 -72.85
CA GLU F 915 2.44 9.70 -73.61
C GLU F 915 3.39 8.54 -73.44
N SER F 916 4.14 8.26 -74.49
CA SER F 916 5.17 7.25 -74.44
C SER F 916 6.39 7.68 -75.23
N ARG F 917 7.54 7.66 -74.58
CA ARG F 917 8.76 8.12 -75.21
C ARG F 917 9.81 7.05 -75.30
N ASN F 918 10.38 6.92 -76.47
CA ASN F 918 11.37 5.89 -76.73
C ASN F 918 12.70 6.43 -77.16
N TYR F 919 13.75 6.05 -76.44
CA TYR F 919 15.08 6.46 -76.81
C TYR F 919 15.85 5.24 -77.23
N HIS F 920 16.73 5.40 -78.20
CA HIS F 920 17.61 4.34 -78.61
C HIS F 920 19.03 4.82 -78.54
N TYR F 921 19.77 4.28 -77.59
CA TYR F 921 21.14 4.70 -77.37
C TYR F 921 22.09 3.71 -77.96
N GLU F 922 21.73 2.45 -77.95
CA GLU F 922 22.63 1.40 -78.41
C GLU F 922 23.94 1.53 -77.68
N ARG F 923 23.88 1.86 -76.39
CA ARG F 923 25.01 2.03 -75.51
C ARG F 923 25.90 3.23 -75.86
N ILE F 924 25.50 4.07 -76.80
CA ILE F 924 26.27 5.26 -77.06
C ILE F 924 25.57 6.41 -76.42
N ALA F 925 26.19 7.01 -75.43
CA ALA F 925 25.48 8.02 -74.67
C ALA F 925 25.02 9.22 -75.49
N SER F 926 25.76 9.59 -76.51
CA SER F 926 25.44 10.73 -77.35
C SER F 926 24.64 10.29 -78.57
N ASP F 927 24.07 11.26 -79.28
CA ASP F 927 23.34 10.98 -80.51
C ASP F 927 22.28 9.87 -80.46
N PRO F 928 21.38 9.77 -79.48
CA PRO F 928 20.36 8.76 -79.46
C PRO F 928 19.26 9.09 -80.45
N GLN F 929 18.52 8.08 -80.86
CA GLN F 929 17.32 8.40 -81.63
C GLN F 929 16.26 8.54 -80.61
N CYS F 930 15.25 9.33 -80.90
CA CYS F 930 14.15 9.41 -79.98
C CYS F 930 12.86 9.81 -80.60
N SER F 931 11.81 9.12 -80.19
CA SER F 931 10.47 9.41 -80.68
C SER F 931 9.44 9.32 -79.57
N GLN F 932 8.30 9.94 -79.80
CA GLN F 932 7.26 9.94 -78.78
C GLN F 932 5.82 9.87 -79.29
N ASN F 933 5.03 9.01 -78.69
CA ASN F 933 3.63 8.90 -79.03
C ASN F 933 2.78 9.61 -78.03
N ILE F 934 1.96 10.53 -78.50
CA ILE F 934 1.11 11.33 -77.64
C ILE F 934 -0.39 11.24 -77.97
N THR F 935 -1.22 10.94 -76.99
CA THR F 935 -2.64 10.96 -77.26
C THR F 935 -3.08 12.30 -76.76
N LEU F 936 -3.51 13.13 -77.67
CA LEU F 936 -3.84 14.50 -77.38
C LEU F 936 -5.23 14.63 -76.85
N SER F 937 -6.07 13.75 -77.31
CA SER F 937 -7.45 13.75 -76.89
C SER F 937 -8.12 12.42 -77.00
N SER F 938 -9.04 12.18 -76.09
CA SER F 938 -9.76 10.95 -76.13
C SER F 938 -11.19 11.13 -75.73
N ASP F 939 -12.00 10.17 -76.12
CA ASP F 939 -13.43 10.19 -75.90
C ASP F 939 -13.81 9.81 -74.49
N ARG F 940 -15.12 9.86 -74.23
CA ARG F 940 -15.66 9.53 -72.92
C ARG F 940 -15.49 8.06 -72.61
N PHE F 941 -15.21 7.27 -73.65
CA PHE F 941 -14.98 5.85 -73.49
C PHE F 941 -13.53 5.51 -73.75
N GLY F 942 -12.66 6.50 -73.68
CA GLY F 942 -11.24 6.27 -73.83
C GLY F 942 -10.72 6.07 -75.24
N GLN F 943 -11.46 6.49 -76.26
CA GLN F 943 -10.95 6.25 -77.60
C GLN F 943 -10.07 7.41 -78.02
N PRO F 944 -9.00 7.17 -78.77
CA PRO F 944 -8.01 8.14 -79.20
C PRO F 944 -8.45 9.06 -80.33
N LEU F 945 -9.18 10.10 -79.97
CA LEU F 945 -9.76 11.06 -80.90
C LEU F 945 -8.68 11.84 -81.64
N LYS F 946 -7.61 12.14 -80.93
CA LYS F 946 -6.48 12.83 -81.54
C LYS F 946 -5.17 12.26 -81.10
N GLN F 947 -4.37 11.82 -82.07
CA GLN F 947 -3.06 11.29 -81.75
C GLN F 947 -1.95 11.91 -82.54
N LEU F 948 -0.81 11.91 -81.92
CA LEU F 948 0.39 12.42 -82.52
C LEU F 948 1.64 11.57 -82.33
N SER F 949 2.39 11.37 -83.41
CA SER F 949 3.67 10.67 -83.29
C SER F 949 4.79 11.62 -83.64
N VAL F 950 5.73 11.76 -82.72
CA VAL F 950 6.83 12.68 -82.89
C VAL F 950 8.18 12.02 -83.11
N GLN F 951 8.83 12.35 -84.19
CA GLN F 951 10.17 11.83 -84.47
C GLN F 951 11.14 12.98 -84.25
N TYR F 952 11.95 12.90 -83.22
CA TYR F 952 12.81 14.03 -82.89
C TYR F 952 14.06 14.02 -83.76
N PRO F 953 14.65 15.18 -84.05
CA PRO F 953 15.86 15.35 -84.81
C PRO F 953 17.08 14.88 -84.08
N ARG F 954 18.09 14.51 -84.84
CA ARG F 954 19.40 14.12 -84.35
C ARG F 954 20.09 15.29 -83.74
N ARG F 955 20.76 15.07 -82.62
CA ARG F 955 21.53 16.13 -81.95
C ARG F 955 22.71 16.52 -82.84
N GLN F 956 22.96 17.81 -82.96
CA GLN F 956 23.96 18.46 -83.85
C GLN F 956 25.46 18.16 -83.78
N GLN F 957 25.85 16.91 -83.61
CA GLN F 957 27.24 16.49 -83.64
C GLN F 957 28.12 17.08 -82.54
N PRO F 958 28.16 16.50 -81.34
CA PRO F 958 28.93 16.97 -80.22
C PRO F 958 30.40 16.72 -80.50
N ALA F 959 31.26 17.43 -79.78
CA ALA F 959 32.72 17.30 -79.88
C ALA F 959 33.29 15.92 -79.53
N ILE F 960 32.68 15.20 -78.61
CA ILE F 960 33.26 13.93 -78.21
C ILE F 960 32.48 12.78 -78.79
N ASN F 961 33.15 11.98 -79.59
CA ASN F 961 32.46 10.93 -80.33
C ASN F 961 31.71 9.91 -79.47
N LEU F 962 32.43 9.29 -78.54
CA LEU F 962 31.88 8.19 -77.73
C LEU F 962 31.46 7.01 -78.61
N TYR F 963 32.16 6.83 -79.73
CA TYR F 963 31.98 5.75 -80.68
C TYR F 963 33.24 4.92 -80.54
N PRO F 964 33.28 3.66 -80.96
CA PRO F 964 34.43 2.78 -80.85
C PRO F 964 35.73 3.28 -81.46
N ASP F 965 35.66 4.22 -82.36
CA ASP F 965 36.84 4.75 -83.05
C ASP F 965 37.71 3.65 -83.68
N THR F 966 37.05 2.67 -84.27
CA THR F 966 37.63 1.55 -85.01
C THR F 966 37.04 1.72 -86.39
N LEU F 967 36.28 2.79 -86.50
CA LEU F 967 35.50 3.15 -87.64
C LEU F 967 36.40 3.71 -88.75
N PRO F 968 35.96 3.65 -90.00
CA PRO F 968 36.58 4.25 -91.15
C PRO F 968 36.71 5.73 -90.98
N ASP F 969 37.74 6.30 -91.59
CA ASP F 969 37.98 7.72 -91.47
C ASP F 969 36.78 8.53 -91.93
N LYS F 970 36.46 9.52 -91.13
CA LYS F 970 35.37 10.46 -91.35
C LYS F 970 33.99 9.83 -91.39
N LEU F 971 33.87 8.57 -91.01
CA LEU F 971 32.55 7.97 -91.07
C LEU F 971 31.56 8.71 -90.23
N LEU F 972 31.98 9.20 -89.08
CA LEU F 972 30.97 9.84 -88.30
C LEU F 972 30.52 11.10 -88.98
N ALA F 973 31.43 11.85 -89.56
CA ALA F 973 31.03 13.07 -90.25
C ALA F 973 30.09 12.75 -91.40
N ASN F 974 30.34 11.62 -92.03
CA ASN F 974 29.61 11.17 -93.18
C ASN F 974 28.28 10.56 -92.81
N SER F 975 28.03 10.41 -91.52
CA SER F 975 26.79 9.82 -91.06
C SER F 975 25.77 10.89 -90.76
N TYR F 976 26.16 12.16 -90.86
CA TYR F 976 25.19 13.21 -90.56
C TYR F 976 24.56 13.71 -91.84
N ASP F 977 23.25 13.91 -91.80
CA ASP F 977 22.54 14.42 -92.96
C ASP F 977 21.40 15.32 -92.53
N ASP F 978 20.68 15.87 -93.48
CA ASP F 978 19.63 16.81 -93.20
C ASP F 978 18.32 16.16 -92.85
N GLN F 979 18.06 14.96 -93.37
CA GLN F 979 16.76 14.34 -93.12
C GLN F 979 16.66 14.02 -91.63
N GLN F 980 17.82 13.73 -91.07
CA GLN F 980 17.99 13.38 -89.67
C GLN F 980 17.67 14.54 -88.76
N ARG F 981 17.66 15.76 -89.28
CA ARG F 981 17.44 16.94 -88.49
C ARG F 981 16.03 17.46 -88.60
N GLN F 982 15.13 16.72 -89.25
CA GLN F 982 13.77 17.21 -89.35
C GLN F 982 12.92 16.71 -88.21
N LEU F 983 12.01 17.55 -87.76
CA LEU F 983 11.09 17.17 -86.72
C LEU F 983 9.81 16.73 -87.36
N ARG F 984 9.44 15.50 -87.10
CA ARG F 984 8.26 15.00 -87.78
C ARG F 984 7.12 14.85 -86.83
N LEU F 985 5.96 15.34 -87.22
CA LEU F 985 4.78 15.15 -86.41
C LEU F 985 3.69 14.52 -87.23
N THR F 986 3.35 13.29 -86.93
CA THR F 986 2.29 12.63 -87.68
C THR F 986 1.04 12.88 -86.88
N TYR F 987 0.02 13.45 -87.48
CA TYR F 987 -1.16 13.82 -86.71
C TYR F 987 -2.41 13.19 -87.23
N GLN F 988 -3.08 12.46 -86.35
CA GLN F 988 -4.24 11.75 -86.78
C GLN F 988 -5.51 12.00 -85.98
N GLN F 989 -6.57 12.32 -86.72
CA GLN F 989 -7.89 12.57 -86.17
C GLN F 989 -8.72 11.31 -86.29
N SER F 990 -9.64 11.12 -85.37
CA SER F 990 -10.49 9.95 -85.47
C SER F 990 -11.86 10.11 -84.85
N SER F 991 -12.75 9.19 -85.21
CA SER F 991 -14.10 9.14 -84.66
C SER F 991 -14.70 7.75 -84.70
N TRP F 992 -15.51 7.47 -83.68
CA TRP F 992 -16.19 6.21 -83.43
C TRP F 992 -17.65 6.38 -83.10
N HIS F 993 -18.42 5.32 -83.31
CA HIS F 993 -19.82 5.29 -82.94
C HIS F 993 -19.99 4.54 -81.66
N HIS F 994 -20.95 4.96 -80.87
CA HIS F 994 -21.22 4.23 -79.66
C HIS F 994 -22.70 4.00 -79.52
N LEU F 995 -23.09 2.76 -79.38
CA LEU F 995 -24.47 2.43 -79.24
C LEU F 995 -24.71 2.23 -77.78
N THR F 996 -25.28 3.23 -77.15
CA THR F 996 -25.45 3.12 -75.73
C THR F 996 -26.86 3.40 -75.30
N ASN F 997 -27.49 2.38 -74.78
CA ASN F 997 -28.84 2.46 -74.30
C ASN F 997 -28.98 1.41 -73.22
N ASN F 998 -30.16 1.28 -72.64
CA ASN F 998 -30.34 0.32 -71.55
C ASN F 998 -30.33 -1.12 -72.05
N THR F 999 -30.50 -1.31 -73.34
CA THR F 999 -30.55 -2.63 -73.93
C THR F 999 -29.37 -2.97 -74.82
N VAL F 1000 -28.63 -1.98 -75.27
CA VAL F 1000 -27.53 -2.21 -76.19
C VAL F 1000 -26.28 -1.54 -75.73
N ARG F 1001 -25.17 -2.24 -75.81
CA ARG F 1001 -23.94 -1.56 -75.53
C ARG F 1001 -22.89 -1.95 -76.51
N VAL F 1002 -22.60 -1.07 -77.42
CA VAL F 1002 -21.53 -1.35 -78.33
C VAL F 1002 -20.64 -0.14 -78.31
N LEU F 1003 -19.38 -0.30 -77.99
CA LEU F 1003 -18.53 0.86 -77.97
C LEU F 1003 -17.39 0.75 -78.96
N GLY F 1004 -16.97 1.89 -79.47
CA GLY F 1004 -15.77 1.93 -80.30
C GLY F 1004 -15.94 1.46 -81.72
N LEU F 1005 -17.13 1.48 -82.29
CA LEU F 1005 -17.16 1.05 -83.68
C LEU F 1005 -16.49 2.15 -84.46
N PRO F 1006 -15.47 1.89 -85.25
CA PRO F 1006 -14.78 2.93 -85.97
C PRO F 1006 -15.68 3.52 -86.99
N ASP F 1007 -15.51 4.81 -87.22
CA ASP F 1007 -16.23 5.51 -88.26
C ASP F 1007 -15.26 6.06 -89.26
N SER F 1008 -14.37 6.91 -88.76
CA SER F 1008 -13.49 7.63 -89.64
C SER F 1008 -12.16 8.00 -89.06
N THR F 1009 -11.20 8.25 -89.95
CA THR F 1009 -9.93 8.80 -89.56
C THR F 1009 -9.27 9.62 -90.66
N ARG F 1010 -8.49 10.60 -90.25
CA ARG F 1010 -7.68 11.44 -91.13
C ARG F 1010 -6.30 11.59 -90.63
N SER F 1011 -5.34 11.41 -91.50
CA SER F 1011 -3.95 11.51 -91.12
C SER F 1011 -3.19 12.52 -91.94
N ASP F 1012 -2.65 13.50 -91.25
CA ASP F 1012 -1.85 14.54 -91.85
C ASP F 1012 -0.44 14.48 -91.29
N ILE F 1013 0.42 15.35 -91.79
CA ILE F 1013 1.76 15.44 -91.25
C ILE F 1013 2.33 16.84 -91.26
N PHE F 1014 3.13 17.13 -90.26
CA PHE F 1014 3.80 18.41 -90.22
C PHE F 1014 5.29 18.17 -90.24
N THR F 1015 6.03 19.08 -90.83
CA THR F 1015 7.48 19.03 -90.71
C THR F 1015 8.00 20.36 -90.22
N TYR F 1016 8.82 20.31 -89.20
CA TYR F 1016 9.44 21.46 -88.59
C TYR F 1016 10.92 21.27 -88.51
N GLY F 1017 11.68 22.33 -88.34
CA GLY F 1017 13.12 22.11 -88.31
C GLY F 1017 13.57 21.78 -86.92
N ALA F 1018 14.88 21.58 -86.75
CA ALA F 1018 15.39 21.25 -85.43
C ALA F 1018 15.09 22.40 -84.50
N GLU F 1019 15.11 23.62 -85.03
CA GLU F 1019 14.92 24.87 -84.30
C GLU F 1019 13.55 24.98 -83.64
N ASN F 1020 12.65 24.09 -83.98
CA ASN F 1020 11.31 24.11 -83.45
C ASN F 1020 11.08 23.15 -82.30
N VAL F 1021 12.10 22.42 -81.87
CA VAL F 1021 11.87 21.49 -80.77
C VAL F 1021 12.08 22.18 -79.45
N PRO F 1022 11.06 22.47 -78.67
CA PRO F 1022 11.20 23.30 -77.50
C PRO F 1022 12.11 22.60 -76.53
N ALA F 1023 12.85 23.36 -75.75
CA ALA F 1023 13.72 22.71 -74.82
C ALA F 1023 12.88 21.86 -73.92
N GLY F 1024 13.37 20.66 -73.64
CA GLY F 1024 12.66 19.74 -72.78
C GLY F 1024 11.81 18.78 -73.59
N GLY F 1025 11.62 19.05 -74.88
CA GLY F 1025 10.85 18.19 -75.77
C GLY F 1025 9.38 18.53 -75.78
N LEU F 1026 8.64 17.81 -76.58
CA LEU F 1026 7.23 18.04 -76.69
C LEU F 1026 6.51 17.20 -75.68
N ASN F 1027 5.37 17.69 -75.28
CA ASN F 1027 4.51 17.01 -74.37
C ASN F 1027 3.12 17.51 -74.59
N LEU F 1028 2.16 16.94 -73.89
CA LEU F 1028 0.80 17.38 -74.06
C LEU F 1028 0.56 18.83 -73.69
N GLU F 1029 1.05 19.32 -72.55
CA GLU F 1029 0.73 20.70 -72.22
C GLU F 1029 1.15 21.70 -73.28
N LEU F 1030 2.26 21.44 -73.94
CA LEU F 1030 2.71 22.33 -74.98
C LEU F 1030 1.88 22.17 -76.24
N LEU F 1031 1.60 20.94 -76.61
CA LEU F 1031 0.89 20.69 -77.85
C LEU F 1031 -0.55 21.09 -77.83
N SER F 1032 -1.17 21.05 -76.67
CA SER F 1032 -2.56 21.43 -76.56
C SER F 1032 -2.71 22.96 -76.67
N ASP F 1033 -1.61 23.70 -76.57
CA ASP F 1033 -1.60 25.15 -76.65
C ASP F 1033 -2.07 25.62 -78.02
N LYS F 1034 -2.85 26.67 -78.02
CA LYS F 1034 -3.41 27.23 -79.25
C LYS F 1034 -2.38 27.67 -80.28
N ASN F 1035 -1.14 27.92 -79.85
CA ASN F 1035 -0.08 28.34 -80.74
C ASN F 1035 0.97 27.24 -80.98
N SER F 1036 0.60 26.00 -80.68
CA SER F 1036 1.51 24.85 -80.76
C SER F 1036 1.77 24.42 -82.17
N LEU F 1037 2.69 23.49 -82.32
CA LEU F 1037 3.11 23.00 -83.62
C LEU F 1037 2.02 22.22 -84.35
N ILE F 1038 0.96 21.88 -83.63
CA ILE F 1038 -0.15 21.15 -84.22
C ILE F 1038 -1.41 21.96 -84.14
N ALA F 1039 -1.26 23.25 -83.86
CA ALA F 1039 -2.37 24.16 -83.73
C ALA F 1039 -2.95 24.36 -85.09
N ASP F 1040 -4.06 25.05 -85.18
CA ASP F 1040 -4.63 25.23 -86.48
C ASP F 1040 -3.85 26.30 -87.22
N ASP F 1041 -4.22 26.55 -88.46
CA ASP F 1041 -3.52 27.50 -89.32
C ASP F 1041 -2.05 27.16 -89.47
N LYS F 1042 -1.78 25.86 -89.63
CA LYS F 1042 -0.47 25.33 -89.87
C LYS F 1042 -0.50 24.56 -91.18
N PRO F 1043 0.63 24.40 -91.87
CA PRO F 1043 0.76 23.73 -93.14
C PRO F 1043 0.75 22.21 -93.04
N ARG F 1044 -0.41 21.67 -92.71
CA ARG F 1044 -0.55 20.23 -92.62
C ARG F 1044 -0.55 19.57 -93.99
N GLU F 1045 0.26 18.55 -94.19
CA GLU F 1045 0.20 17.83 -95.45
C GLU F 1045 -0.71 16.65 -95.27
N TYR F 1046 -1.49 16.32 -96.26
CA TYR F 1046 -2.41 15.20 -96.14
C TYR F 1046 -1.80 13.87 -96.49
N LEU F 1047 -1.87 12.89 -95.58
CA LEU F 1047 -1.33 11.58 -95.88
C LEU F 1047 -2.41 10.64 -96.39
N GLY F 1048 -3.62 10.84 -95.91
CA GLY F 1048 -4.74 9.96 -96.28
C GLY F 1048 -5.83 9.90 -95.23
N GLN F 1049 -6.99 9.36 -95.60
CA GLN F 1049 -8.11 9.22 -94.67
C GLN F 1049 -8.87 7.94 -94.99
N GLN F 1050 -9.56 7.40 -93.99
CA GLN F 1050 -10.40 6.22 -94.18
C GLN F 1050 -11.76 6.30 -93.51
N LYS F 1051 -12.73 5.59 -94.08
CA LYS F 1051 -14.07 5.49 -93.51
C LYS F 1051 -14.68 4.10 -93.56
N THR F 1052 -15.35 3.73 -92.49
CA THR F 1052 -16.02 2.44 -92.43
C THR F 1052 -17.51 2.61 -92.73
N ALA F 1053 -17.99 1.88 -93.72
CA ALA F 1053 -19.39 1.97 -94.10
C ALA F 1053 -20.17 0.81 -93.55
N TYR F 1054 -21.23 1.08 -92.82
CA TYR F 1054 -22.03 0.02 -92.23
C TYR F 1054 -23.37 -0.20 -92.94
N THR F 1055 -23.83 -1.44 -92.85
CA THR F 1055 -25.11 -1.92 -93.37
C THR F 1055 -26.00 -2.53 -92.32
N ASP F 1056 -27.19 -2.93 -92.75
CA ASP F 1056 -28.16 -3.58 -91.93
C ASP F 1056 -28.56 -4.94 -92.52
N GLY F 1057 -27.85 -5.35 -93.56
CA GLY F 1057 -28.07 -6.64 -94.20
C GLY F 1057 -29.22 -6.61 -95.21
N GLN F 1058 -29.88 -5.47 -95.32
CA GLN F 1058 -31.01 -5.35 -96.23
C GLN F 1058 -30.76 -4.33 -97.32
N ASN F 1059 -30.19 -3.20 -96.93
CA ASN F 1059 -29.98 -2.13 -97.87
C ASN F 1059 -28.60 -2.14 -98.47
N THR F 1060 -28.51 -1.55 -99.65
CA THR F 1060 -27.22 -1.36 -100.29
C THR F 1060 -26.70 0.03 -99.97
N THR F 1061 -27.62 0.91 -99.62
CA THR F 1061 -27.30 2.27 -99.23
C THR F 1061 -26.73 2.13 -97.83
N PRO F 1062 -25.57 2.73 -97.50
CA PRO F 1062 -24.95 2.64 -96.19
C PRO F 1062 -25.77 3.42 -95.19
N LEU F 1063 -25.67 2.99 -93.94
CA LEU F 1063 -26.36 3.59 -92.83
C LEU F 1063 -25.63 4.80 -92.31
N GLN F 1064 -26.37 5.75 -91.73
CA GLN F 1064 -25.74 6.90 -91.08
C GLN F 1064 -24.95 6.48 -89.85
N THR F 1065 -25.47 5.49 -89.13
CA THR F 1065 -24.84 4.95 -87.93
C THR F 1065 -24.89 3.44 -88.08
N PRO F 1066 -24.01 2.69 -87.45
CA PRO F 1066 -24.00 1.25 -87.42
C PRO F 1066 -25.09 0.71 -86.56
N THR F 1067 -25.44 -0.54 -86.83
CA THR F 1067 -26.37 -1.27 -86.02
C THR F 1067 -25.67 -2.08 -84.98
N ARG F 1068 -26.44 -2.81 -84.19
CA ARG F 1068 -25.88 -3.57 -83.09
C ARG F 1068 -24.89 -4.61 -83.54
N GLN F 1069 -25.12 -5.18 -84.70
CA GLN F 1069 -24.30 -6.23 -85.24
C GLN F 1069 -23.03 -5.72 -85.89
N ALA F 1070 -22.89 -4.40 -86.04
CA ALA F 1070 -21.71 -3.84 -86.66
C ALA F 1070 -21.39 -4.48 -87.99
N LEU F 1071 -22.37 -4.56 -88.86
CA LEU F 1071 -22.12 -5.21 -90.12
C LEU F 1071 -21.44 -4.24 -91.03
N ILE F 1072 -20.22 -4.53 -91.40
CA ILE F 1072 -19.53 -3.56 -92.25
C ILE F 1072 -19.82 -3.85 -93.68
N ALA F 1073 -20.35 -2.86 -94.37
CA ALA F 1073 -20.68 -2.97 -95.75
C ALA F 1073 -19.45 -2.94 -96.61
N PHE F 1074 -18.60 -1.95 -96.36
CA PHE F 1074 -17.36 -1.73 -97.11
C PHE F 1074 -16.45 -0.72 -96.44
N THR F 1075 -15.24 -0.58 -96.95
CA THR F 1075 -14.34 0.46 -96.48
C THR F 1075 -13.89 1.41 -97.59
N GLU F 1076 -13.83 2.69 -97.24
CA GLU F 1076 -13.39 3.77 -98.11
C GLU F 1076 -11.99 4.27 -97.78
N THR F 1077 -11.13 4.35 -98.79
CA THR F 1077 -9.75 4.89 -98.61
C THR F 1077 -9.39 5.95 -99.64
N THR F 1078 -8.79 7.06 -99.21
CA THR F 1078 -8.35 8.03 -100.22
C THR F 1078 -7.11 7.52 -100.90
N VAL F 1079 -7.12 7.56 -102.22
CA VAL F 1079 -6.01 7.15 -103.01
C VAL F 1079 -5.31 8.37 -103.62
N PHE F 1080 -6.08 9.37 -104.10
CA PHE F 1080 -5.38 10.50 -104.70
C PHE F 1080 -5.91 11.83 -104.22
N ASN F 1081 -5.01 12.76 -103.94
CA ASN F 1081 -5.45 14.10 -103.65
C ASN F 1081 -5.27 14.88 -104.94
N GLN F 1082 -5.66 16.14 -104.95
CA GLN F 1082 -5.47 16.90 -106.17
C GLN F 1082 -4.00 17.06 -106.47
N SER F 1083 -3.21 17.14 -105.41
CA SER F 1083 -1.78 17.30 -105.50
C SER F 1083 -1.05 16.01 -105.85
N THR F 1084 -1.72 14.84 -105.80
CA THR F 1084 -1.03 13.61 -106.10
C THR F 1084 -1.38 13.20 -107.52
N LEU F 1085 -2.44 13.77 -108.07
CA LEU F 1085 -2.83 13.50 -109.45
C LEU F 1085 -1.87 14.20 -110.38
N SER F 1086 -1.11 15.11 -109.80
CA SER F 1086 -0.10 15.90 -110.48
C SER F 1086 1.02 14.96 -110.88
N ALA F 1087 1.09 13.82 -110.21
CA ALA F 1087 2.07 12.81 -110.45
C ALA F 1087 1.99 12.33 -111.84
N PHE F 1088 0.82 12.33 -112.46
CA PHE F 1088 0.76 11.74 -113.77
C PHE F 1088 1.57 12.56 -114.79
N ASN F 1089 2.02 13.76 -114.39
CA ASN F 1089 2.82 14.67 -115.18
C ASN F 1089 2.10 14.92 -116.48
N GLY F 1090 0.82 15.13 -116.36
CA GLY F 1090 0.03 15.30 -117.54
C GLY F 1090 0.08 13.92 -118.20
N SER F 1091 0.49 13.83 -119.46
CA SER F 1091 0.57 12.54 -120.18
C SER F 1091 -0.78 11.81 -120.32
N ILE F 1092 -1.83 12.49 -119.96
CA ILE F 1092 -3.19 12.06 -120.09
C ILE F 1092 -3.97 13.37 -120.14
N PRO F 1093 -5.01 13.50 -120.94
CA PRO F 1093 -5.85 14.69 -120.94
C PRO F 1093 -6.48 14.83 -119.57
N SER F 1094 -6.75 16.04 -119.11
CA SER F 1094 -7.36 16.21 -117.79
C SER F 1094 -8.76 15.66 -117.69
N ASP F 1095 -9.49 15.66 -118.80
CA ASP F 1095 -10.84 15.14 -118.79
C ASP F 1095 -10.78 13.64 -118.86
N LYS F 1096 -9.76 13.17 -119.56
CA LYS F 1096 -9.53 11.76 -119.73
C LYS F 1096 -9.18 11.18 -118.39
N LEU F 1097 -8.41 11.92 -117.62
CA LEU F 1097 -7.98 11.44 -116.33
C LEU F 1097 -9.14 11.30 -115.39
N SER F 1098 -10.04 12.28 -115.32
CA SER F 1098 -11.11 12.07 -114.35
C SER F 1098 -11.97 10.92 -114.81
N THR F 1099 -12.09 10.74 -116.12
CA THR F 1099 -12.91 9.70 -116.69
C THR F 1099 -12.33 8.35 -116.40
N THR F 1100 -11.00 8.26 -116.55
CA THR F 1100 -10.28 7.04 -116.35
C THR F 1100 -10.40 6.62 -114.92
N LEU F 1101 -10.26 7.57 -113.99
CA LEU F 1101 -10.37 7.25 -112.60
C LEU F 1101 -11.76 6.77 -112.25
N GLU F 1102 -12.79 7.35 -112.85
CA GLU F 1102 -14.11 6.84 -112.54
C GLU F 1102 -14.24 5.40 -113.03
N GLN F 1103 -13.70 5.10 -114.22
CA GLN F 1103 -13.78 3.77 -114.82
C GLN F 1103 -13.05 2.75 -113.99
N ALA F 1104 -11.99 3.23 -113.39
CA ALA F 1104 -11.11 2.45 -112.54
C ALA F 1104 -11.71 2.22 -111.14
N GLY F 1105 -12.85 2.85 -110.83
CA GLY F 1105 -13.45 2.63 -109.54
C GLY F 1105 -13.12 3.67 -108.49
N TYR F 1106 -12.54 4.79 -108.89
CA TYR F 1106 -12.21 5.79 -107.90
C TYR F 1106 -13.38 6.76 -107.86
N GLN F 1107 -13.67 7.34 -106.72
CA GLN F 1107 -14.75 8.32 -106.66
C GLN F 1107 -14.40 9.58 -105.91
N GLN F 1108 -14.95 10.72 -106.31
CA GLN F 1108 -14.59 11.92 -105.58
C GLN F 1108 -15.49 12.32 -104.44
N THR F 1109 -14.88 12.47 -103.27
CA THR F 1109 -15.60 12.88 -102.08
C THR F 1109 -14.84 13.87 -101.21
N ASN F 1110 -15.48 14.28 -100.13
CA ASN F 1110 -14.92 15.28 -99.25
C ASN F 1110 -13.96 14.70 -98.21
N TYR F 1111 -13.40 15.55 -97.39
CA TYR F 1111 -12.55 15.11 -96.33
C TYR F 1111 -13.42 14.81 -95.13
N LEU F 1112 -13.08 13.74 -94.43
CA LEU F 1112 -13.81 13.28 -93.27
C LEU F 1112 -13.67 14.23 -92.12
N PHE F 1113 -12.50 14.83 -92.06
CA PHE F 1113 -12.12 15.82 -91.10
C PHE F 1113 -11.57 16.98 -91.89
N PRO F 1114 -12.42 17.77 -92.54
CA PRO F 1114 -12.10 18.84 -93.46
C PRO F 1114 -11.58 20.07 -92.77
N ARG F 1115 -10.88 20.87 -93.53
CA ARG F 1115 -10.43 22.18 -93.13
C ARG F 1115 -10.89 23.20 -94.16
N THR F 1116 -10.88 24.45 -93.77
CA THR F 1116 -11.15 25.51 -94.72
C THR F 1116 -10.04 25.49 -95.76
N GLY F 1117 -10.40 25.61 -97.04
CA GLY F 1117 -9.38 25.66 -98.07
C GLY F 1117 -9.02 24.37 -98.82
N GLU F 1118 -9.93 23.41 -98.94
CA GLU F 1118 -9.61 22.21 -99.72
C GLU F 1118 -10.81 21.62 -100.48
N ASP F 1119 -10.51 20.95 -101.59
CA ASP F 1119 -11.47 20.31 -102.54
C ASP F 1119 -11.62 18.80 -102.33
N LYS F 1120 -12.46 18.16 -103.13
CA LYS F 1120 -12.68 16.72 -103.08
C LYS F 1120 -11.47 15.90 -103.51
N VAL F 1121 -11.38 14.69 -102.96
CA VAL F 1121 -10.31 13.74 -103.23
C VAL F 1121 -10.84 12.41 -103.77
N TRP F 1122 -9.99 11.61 -104.40
CA TRP F 1122 -10.42 10.36 -104.99
C TRP F 1122 -10.23 9.20 -104.05
N VAL F 1123 -11.27 8.40 -103.87
CA VAL F 1123 -11.20 7.28 -102.97
C VAL F 1123 -11.55 5.98 -103.63
N ALA F 1124 -11.16 4.89 -103.02
CA ALA F 1124 -11.53 3.57 -103.49
C ALA F 1124 -12.51 2.97 -102.52
N HIS F 1125 -13.45 2.18 -103.02
CA HIS F 1125 -14.35 1.43 -102.15
C HIS F 1125 -14.07 -0.04 -102.28
N HIS F 1126 -13.97 -0.70 -101.15
CA HIS F 1126 -13.63 -2.10 -101.17
C HIS F 1126 -14.07 -2.93 -100.01
N GLY F 1127 -13.95 -4.24 -100.18
CA GLY F 1127 -14.25 -5.10 -99.07
C GLY F 1127 -15.74 -5.18 -98.91
N TYR F 1128 -16.43 -5.49 -99.96
CA TYR F 1128 -17.85 -5.48 -99.87
C TYR F 1128 -18.38 -6.78 -99.39
N THR F 1129 -19.25 -6.69 -98.40
CA THR F 1129 -19.91 -7.87 -97.92
C THR F 1129 -21.41 -7.75 -97.79
N ASP F 1130 -22.08 -8.72 -98.37
CA ASP F 1130 -23.51 -8.83 -98.25
C ASP F 1130 -23.74 -9.80 -97.13
N TYR F 1131 -24.50 -9.40 -96.14
CA TYR F 1131 -24.75 -10.28 -94.99
C TYR F 1131 -26.10 -10.90 -95.06
N GLY F 1132 -26.24 -12.06 -94.44
CA GLY F 1132 -27.50 -12.74 -94.36
C GLY F 1132 -28.30 -12.11 -93.25
N THR F 1133 -29.34 -12.79 -92.83
CA THR F 1133 -30.23 -12.21 -91.82
C THR F 1133 -30.02 -12.79 -90.44
N ALA F 1134 -30.70 -12.21 -89.45
CA ALA F 1134 -30.68 -12.66 -88.05
C ALA F 1134 -31.19 -14.06 -87.84
N ALA F 1135 -32.15 -14.51 -88.66
CA ALA F 1135 -32.67 -15.87 -88.50
C ALA F 1135 -31.53 -16.84 -88.71
N GLN F 1136 -30.65 -16.47 -89.60
CA GLN F 1136 -29.47 -17.21 -89.91
C GLN F 1136 -28.53 -16.67 -88.89
N PHE F 1137 -27.50 -17.36 -88.54
CA PHE F 1137 -26.60 -16.64 -87.69
C PHE F 1137 -26.09 -15.60 -88.66
N TRP F 1138 -25.87 -14.35 -88.23
CA TRP F 1138 -25.51 -13.31 -89.20
C TRP F 1138 -24.17 -13.46 -89.91
N ARG F 1139 -24.11 -14.43 -90.81
CA ARG F 1139 -22.96 -14.77 -91.58
C ARG F 1139 -22.96 -13.97 -92.87
N PRO F 1140 -21.79 -13.68 -93.46
CA PRO F 1140 -21.66 -13.05 -94.75
C PRO F 1140 -22.16 -14.04 -95.76
N GLN F 1141 -22.87 -13.58 -96.77
CA GLN F 1141 -23.33 -14.50 -97.80
C GLN F 1141 -22.57 -14.30 -99.07
N LYS F 1142 -22.15 -13.08 -99.33
CA LYS F 1142 -21.44 -12.79 -100.57
C LYS F 1142 -20.32 -11.80 -100.37
N GLN F 1143 -19.18 -12.05 -101.01
CA GLN F 1143 -18.07 -11.13 -100.83
C GLN F 1143 -17.36 -10.66 -102.11
N SER F 1144 -16.85 -9.44 -102.07
CA SER F 1144 -16.05 -8.92 -103.18
C SER F 1144 -15.00 -7.91 -102.79
N ASN F 1145 -13.89 -7.99 -103.47
CA ASN F 1145 -12.89 -7.00 -103.19
C ASN F 1145 -13.44 -5.64 -103.54
N THR F 1146 -14.22 -5.55 -104.61
CA THR F 1146 -14.78 -4.27 -105.03
C THR F 1146 -15.93 -4.40 -106.03
N GLN F 1147 -16.29 -3.28 -106.65
CA GLN F 1147 -17.40 -3.23 -107.62
C GLN F 1147 -16.95 -3.43 -109.05
N LEU F 1148 -15.67 -3.68 -109.20
CA LEU F 1148 -15.06 -3.90 -110.49
C LEU F 1148 -15.10 -5.36 -110.85
N THR F 1149 -15.46 -6.18 -109.90
CA THR F 1149 -15.51 -7.63 -110.07
C THR F 1149 -16.78 -8.21 -109.53
N GLY F 1150 -16.88 -9.52 -109.60
CA GLY F 1150 -18.08 -10.20 -109.16
C GLY F 1150 -18.03 -10.62 -107.70
N LYS F 1151 -19.04 -11.35 -107.25
CA LYS F 1151 -19.07 -11.75 -105.86
C LYS F 1151 -18.95 -13.24 -105.65
N ILE F 1152 -18.25 -13.61 -104.59
CA ILE F 1152 -18.13 -15.00 -104.23
C ILE F 1152 -19.24 -15.37 -103.29
N THR F 1153 -19.97 -16.40 -103.65
CA THR F 1153 -21.10 -16.82 -102.84
C THR F 1153 -20.64 -17.82 -101.80
N LEU F 1154 -21.02 -17.59 -100.55
CA LEU F 1154 -20.69 -18.47 -99.45
C LEU F 1154 -21.88 -19.25 -98.97
N ILE F 1155 -21.85 -20.55 -99.18
CA ILE F 1155 -22.94 -21.36 -98.76
C ILE F 1155 -22.58 -22.03 -97.48
N TRP F 1156 -23.30 -21.68 -96.47
CA TRP F 1156 -23.12 -22.10 -95.11
C TRP F 1156 -23.82 -23.40 -94.85
N ASP F 1157 -23.28 -24.20 -93.95
CA ASP F 1157 -23.93 -25.45 -93.64
C ASP F 1157 -25.20 -25.21 -92.85
N ALA F 1158 -25.89 -26.29 -92.50
CA ALA F 1158 -27.20 -26.23 -91.86
C ALA F 1158 -27.21 -25.55 -90.51
N ASN F 1159 -26.04 -25.45 -89.90
CA ASN F 1159 -25.89 -24.89 -88.61
C ASN F 1159 -25.07 -23.64 -88.68
N TYR F 1160 -24.81 -23.15 -89.88
CA TYR F 1160 -24.05 -21.95 -90.07
C TYR F 1160 -22.75 -21.97 -89.31
N CYS F 1161 -22.09 -23.11 -89.29
CA CYS F 1161 -20.82 -23.24 -88.59
C CYS F 1161 -19.66 -23.07 -89.55
N VAL F 1162 -19.69 -23.79 -90.65
CA VAL F 1162 -18.63 -23.70 -91.64
C VAL F 1162 -19.20 -23.45 -93.01
N VAL F 1163 -18.35 -22.98 -93.93
CA VAL F 1163 -18.80 -22.82 -95.30
C VAL F 1163 -18.66 -24.15 -95.98
N VAL F 1164 -19.72 -24.59 -96.62
CA VAL F 1164 -19.74 -25.85 -97.31
C VAL F 1164 -19.35 -25.69 -98.76
N GLN F 1165 -19.89 -24.66 -99.38
CA GLN F 1165 -19.65 -24.47 -100.80
C GLN F 1165 -19.40 -23.02 -101.16
N THR F 1166 -18.40 -22.82 -102.00
CA THR F 1166 -18.12 -21.49 -102.49
C THR F 1166 -18.34 -21.44 -103.99
N ARG F 1167 -18.80 -20.29 -104.45
CA ARG F 1167 -18.96 -20.15 -105.90
C ARG F 1167 -18.35 -18.87 -106.37
N ASP F 1168 -17.61 -18.92 -107.46
CA ASP F 1168 -17.04 -17.71 -107.96
C ASP F 1168 -18.04 -17.03 -108.88
N ALA F 1169 -17.66 -15.88 -109.37
CA ALA F 1169 -18.48 -15.07 -110.25
C ALA F 1169 -18.77 -15.79 -111.56
N ALA F 1170 -17.83 -16.62 -111.98
CA ALA F 1170 -17.94 -17.34 -113.22
C ALA F 1170 -18.74 -18.63 -113.09
N GLY F 1171 -19.24 -18.94 -111.90
CA GLY F 1171 -19.96 -20.19 -111.67
C GLY F 1171 -19.04 -21.33 -111.25
N LEU F 1172 -17.76 -21.03 -111.21
CA LEU F 1172 -16.79 -22.03 -110.82
C LEU F 1172 -17.00 -22.34 -109.36
N THR F 1173 -17.14 -23.62 -109.06
CA THR F 1173 -17.53 -24.02 -107.72
C THR F 1173 -16.68 -25.08 -107.04
N THR F 1174 -16.40 -24.83 -105.75
CA THR F 1174 -15.69 -25.79 -104.88
C THR F 1174 -16.53 -26.10 -103.66
N SER F 1175 -16.25 -27.20 -103.00
CA SER F 1175 -17.03 -27.55 -101.81
C SER F 1175 -16.28 -28.46 -100.88
N ALA F 1176 -16.73 -28.57 -99.63
CA ALA F 1176 -16.03 -29.51 -98.79
C ALA F 1176 -16.87 -30.19 -97.73
N LYS F 1177 -16.49 -31.42 -97.44
CA LYS F 1177 -17.05 -32.14 -96.33
C LYS F 1177 -16.12 -31.90 -95.17
N TYR F 1178 -16.69 -31.90 -93.99
CA TYR F 1178 -15.97 -31.64 -92.76
C TYR F 1178 -15.96 -32.78 -91.79
N ASP F 1179 -14.88 -32.85 -91.04
CA ASP F 1179 -14.81 -33.76 -89.94
C ASP F 1179 -15.36 -33.02 -88.77
N TRP F 1180 -16.57 -33.37 -88.42
CA TRP F 1180 -17.36 -32.65 -87.45
C TRP F 1180 -16.85 -32.77 -86.04
N ARG F 1181 -15.87 -33.65 -85.81
CA ARG F 1181 -15.32 -33.73 -84.49
C ARG F 1181 -14.38 -32.56 -84.27
N PHE F 1182 -13.86 -32.00 -85.36
CA PHE F 1182 -12.91 -30.91 -85.27
C PHE F 1182 -13.39 -29.65 -85.95
N LEU F 1183 -14.40 -29.80 -86.80
CA LEU F 1183 -14.93 -28.73 -87.65
C LEU F 1183 -13.86 -28.25 -88.62
N THR F 1184 -13.11 -29.20 -89.14
CA THR F 1184 -12.07 -28.91 -90.13
C THR F 1184 -12.50 -29.60 -91.39
N PRO F 1185 -12.20 -29.08 -92.58
CA PRO F 1185 -12.53 -29.69 -93.83
C PRO F 1185 -11.66 -30.89 -93.97
N VAL F 1186 -12.21 -31.96 -94.52
CA VAL F 1186 -11.45 -33.15 -94.83
C VAL F 1186 -11.59 -33.63 -96.26
N GLN F 1187 -12.67 -33.27 -96.93
CA GLN F 1187 -12.84 -33.70 -98.30
C GLN F 1187 -13.14 -32.54 -99.17
N LEU F 1188 -12.24 -32.24 -100.05
CA LEU F 1188 -12.42 -31.08 -100.89
C LEU F 1188 -12.65 -31.36 -102.35
N THR F 1189 -13.70 -30.76 -102.85
CA THR F 1189 -14.03 -30.86 -104.24
C THR F 1189 -13.46 -29.66 -104.94
N ASP F 1190 -12.68 -29.92 -105.97
CA ASP F 1190 -12.01 -28.92 -106.77
C ASP F 1190 -12.98 -28.38 -107.81
N ILE F 1191 -12.53 -27.45 -108.62
CA ILE F 1191 -13.40 -26.92 -109.67
C ILE F 1191 -13.54 -27.99 -110.73
N ASN F 1192 -12.41 -28.60 -110.98
CA ASN F 1192 -12.24 -29.61 -111.98
C ASN F 1192 -12.67 -30.95 -111.44
N ASP F 1193 -12.61 -32.00 -112.25
CA ASP F 1193 -13.03 -33.27 -111.69
C ASP F 1193 -11.91 -33.85 -110.88
N ASN F 1194 -11.78 -33.35 -109.66
CA ASN F 1194 -10.68 -33.68 -108.78
C ASN F 1194 -11.05 -33.60 -107.30
N GLN F 1195 -10.94 -34.74 -106.63
CA GLN F 1195 -11.21 -34.85 -105.19
C GLN F 1195 -9.91 -34.86 -104.41
N HIS F 1196 -9.87 -34.12 -103.31
CA HIS F 1196 -8.71 -34.08 -102.43
C HIS F 1196 -9.12 -34.41 -101.00
N LEU F 1197 -8.72 -35.57 -100.50
CA LEU F 1197 -9.16 -36.01 -99.17
C LEU F 1197 -8.09 -36.23 -98.14
N ILE F 1198 -8.41 -35.94 -96.89
CA ILE F 1198 -7.52 -36.28 -95.81
C ILE F 1198 -8.18 -37.02 -94.68
N THR F 1199 -7.37 -37.76 -93.97
CA THR F 1199 -7.83 -38.48 -92.80
C THR F 1199 -7.18 -37.87 -91.60
N LEU F 1200 -7.95 -37.57 -90.56
CA LEU F 1200 -7.39 -37.04 -89.33
C LEU F 1200 -7.49 -38.07 -88.24
N ASP F 1201 -6.57 -38.06 -87.28
CA ASP F 1201 -6.72 -38.94 -86.11
C ASP F 1201 -7.41 -38.24 -84.97
N ALA F 1202 -7.55 -38.93 -83.85
CA ALA F 1202 -8.12 -38.28 -82.71
C ALA F 1202 -7.17 -37.17 -82.38
N LEU F 1203 -7.71 -36.07 -81.90
CA LEU F 1203 -6.99 -34.83 -81.65
C LEU F 1203 -6.70 -34.06 -82.96
N GLY F 1204 -7.18 -34.58 -84.08
CA GLY F 1204 -7.22 -33.88 -85.36
C GLY F 1204 -5.97 -33.75 -86.20
N ARG F 1205 -4.95 -34.57 -86.00
CA ARG F 1205 -3.77 -34.38 -86.83
C ARG F 1205 -3.96 -35.09 -88.16
N PRO F 1206 -3.58 -34.50 -89.30
CA PRO F 1206 -3.65 -35.17 -90.58
C PRO F 1206 -2.78 -36.38 -90.55
N ILE F 1207 -3.34 -37.46 -91.08
CA ILE F 1207 -2.70 -38.74 -91.18
C ILE F 1207 -2.47 -39.10 -92.62
N THR F 1208 -3.50 -39.02 -93.45
CA THR F 1208 -3.29 -39.42 -94.84
C THR F 1208 -3.79 -38.40 -95.82
N LEU F 1209 -3.25 -38.41 -97.03
CA LEU F 1209 -3.75 -37.61 -98.14
C LEU F 1209 -3.96 -38.41 -99.43
N ARG F 1210 -5.12 -38.27 -100.01
CA ARG F 1210 -5.38 -38.90 -101.29
C ARG F 1210 -6.00 -37.92 -102.22
N PHE F 1211 -5.76 -38.09 -103.50
CA PHE F 1211 -6.49 -37.28 -104.43
C PHE F 1211 -6.70 -38.08 -105.67
N TRP F 1212 -7.75 -37.76 -106.40
CA TRP F 1212 -8.01 -38.43 -107.64
C TRP F 1212 -8.92 -37.67 -108.54
N GLY F 1213 -8.93 -38.03 -109.79
CA GLY F 1213 -9.82 -37.38 -110.72
C GLY F 1213 -9.40 -37.66 -112.13
N THR F 1214 -10.01 -36.97 -113.06
CA THR F 1214 -9.63 -37.23 -114.42
C THR F 1214 -8.54 -36.32 -114.87
N GLU F 1215 -7.82 -36.75 -115.88
CA GLU F 1215 -6.83 -35.88 -116.53
C GLU F 1215 -7.14 -35.66 -117.99
N ASN F 1216 -7.58 -36.70 -118.69
CA ASN F 1216 -7.92 -36.53 -120.08
C ASN F 1216 -9.22 -37.24 -120.40
N GLY F 1217 -10.28 -36.96 -119.63
CA GLY F 1217 -11.57 -37.62 -119.83
C GLY F 1217 -11.69 -38.99 -119.19
N LYS F 1218 -10.62 -39.40 -118.54
CA LYS F 1218 -10.54 -40.69 -117.88
C LYS F 1218 -9.91 -40.53 -116.53
N MET F 1219 -10.34 -41.36 -115.57
CA MET F 1219 -9.87 -41.25 -114.20
C MET F 1219 -8.58 -41.95 -113.88
N THR F 1220 -7.76 -41.22 -113.14
CA THR F 1220 -6.49 -41.63 -112.62
C THR F 1220 -6.30 -41.04 -111.23
N GLY F 1221 -5.07 -41.04 -110.75
CA GLY F 1221 -4.83 -40.57 -109.40
C GLY F 1221 -4.73 -41.73 -108.44
N TYR F 1222 -5.00 -41.47 -107.18
CA TYR F 1222 -4.90 -42.49 -106.14
C TYR F 1222 -6.22 -43.19 -106.06
N SER F 1223 -6.21 -44.46 -105.72
CA SER F 1223 -7.46 -45.15 -105.57
C SER F 1223 -8.20 -44.54 -104.41
N SER F 1224 -9.50 -44.44 -104.54
CA SER F 1224 -10.30 -43.90 -103.46
C SER F 1224 -10.25 -44.88 -102.28
N PRO F 1225 -10.41 -44.41 -101.02
CA PRO F 1225 -10.36 -45.18 -99.79
C PRO F 1225 -11.43 -46.24 -99.63
N GLU F 1226 -12.55 -46.10 -100.34
CA GLU F 1226 -13.58 -47.11 -100.22
C GLU F 1226 -13.20 -48.36 -100.99
N LYS F 1227 -12.15 -48.29 -101.82
CA LYS F 1227 -11.67 -49.42 -102.57
C LYS F 1227 -10.31 -49.81 -102.04
N ALA F 1228 -9.43 -48.82 -101.88
CA ALA F 1228 -8.09 -49.08 -101.39
C ALA F 1228 -8.00 -48.73 -99.94
N SER F 1229 -8.13 -49.72 -99.08
CA SER F 1229 -8.10 -49.43 -97.67
C SER F 1229 -6.66 -49.22 -97.27
N PHE F 1230 -6.45 -48.61 -96.13
CA PHE F 1230 -5.10 -48.41 -95.66
C PHE F 1230 -5.03 -48.30 -94.15
N SER F 1231 -4.06 -48.99 -93.58
CA SER F 1231 -3.79 -48.92 -92.16
C SER F 1231 -2.42 -48.26 -91.96
N PRO F 1232 -2.37 -47.04 -91.43
CA PRO F 1232 -1.15 -46.32 -91.20
C PRO F 1232 -0.37 -47.16 -90.21
N PRO F 1233 0.96 -47.12 -90.25
CA PRO F 1233 1.82 -47.82 -89.34
C PRO F 1233 1.74 -47.12 -88.01
N SER F 1234 2.07 -47.84 -86.96
CA SER F 1234 2.07 -47.33 -85.62
C SER F 1234 3.37 -46.67 -85.25
N ASP F 1235 4.39 -47.48 -85.07
CA ASP F 1235 5.72 -47.03 -84.72
C ASP F 1235 6.36 -46.36 -85.91
N VAL F 1236 7.36 -45.55 -85.61
CA VAL F 1236 8.09 -44.83 -86.62
C VAL F 1236 9.05 -45.79 -87.24
N ASN F 1237 9.67 -46.63 -86.42
CA ASN F 1237 10.63 -47.56 -86.95
C ASN F 1237 9.92 -48.54 -87.84
N ALA F 1238 8.66 -48.85 -87.51
CA ALA F 1238 7.86 -49.74 -88.32
C ALA F 1238 7.51 -49.09 -89.63
N ALA F 1239 7.17 -47.81 -89.56
CA ALA F 1239 6.78 -47.03 -90.71
C ALA F 1239 7.88 -46.94 -91.72
N ILE F 1240 9.11 -46.93 -91.27
CA ILE F 1240 10.21 -46.82 -92.22
C ILE F 1240 10.17 -48.01 -93.18
N GLU F 1241 9.85 -49.20 -92.69
CA GLU F 1241 9.86 -50.37 -93.53
C GLU F 1241 8.53 -50.68 -94.23
N LEU F 1242 8.09 -49.78 -95.11
CA LEU F 1242 6.85 -50.11 -95.85
C LEU F 1242 7.20 -50.59 -97.22
N LYS F 1243 6.29 -51.33 -97.81
CA LYS F 1243 6.49 -51.83 -99.15
C LYS F 1243 5.91 -50.86 -100.15
N LYS F 1244 6.39 -50.97 -101.38
CA LYS F 1244 6.02 -50.11 -102.49
C LYS F 1244 4.54 -49.77 -102.77
N PRO F 1245 3.57 -50.70 -102.80
CA PRO F 1245 2.19 -50.43 -103.18
C PRO F 1245 1.40 -49.75 -102.08
N LEU F 1246 1.77 -48.53 -101.80
CA LEU F 1246 1.21 -47.69 -100.77
C LEU F 1246 0.21 -46.70 -101.36
N PRO F 1247 -1.12 -46.90 -101.23
CA PRO F 1247 -2.15 -46.10 -101.86
C PRO F 1247 -2.47 -44.80 -101.14
N VAL F 1248 -1.45 -44.01 -100.89
CA VAL F 1248 -1.60 -42.78 -100.15
C VAL F 1248 -0.43 -41.82 -100.34
N ALA F 1249 -0.71 -40.53 -100.26
CA ALA F 1249 0.34 -39.55 -100.28
C ALA F 1249 0.54 -39.01 -98.86
N GLN F 1250 1.78 -38.71 -98.52
CA GLN F 1250 2.09 -38.02 -97.28
C GLN F 1250 1.48 -38.67 -96.06
N CYS F 1251 1.63 -39.97 -95.92
CA CYS F 1251 1.09 -40.58 -94.74
C CYS F 1251 1.93 -40.12 -93.58
N GLN F 1252 1.29 -39.62 -92.55
CA GLN F 1252 1.98 -39.13 -91.39
C GLN F 1252 1.99 -40.14 -90.28
N VAL F 1253 3.11 -40.16 -89.57
CA VAL F 1253 3.28 -40.96 -88.38
C VAL F 1253 3.80 -40.01 -87.34
N TYR F 1254 3.23 -40.00 -86.14
CA TYR F 1254 3.73 -39.05 -85.15
C TYR F 1254 4.24 -39.78 -83.94
N ALA F 1255 5.27 -39.23 -83.33
CA ALA F 1255 5.84 -39.76 -82.11
C ALA F 1255 6.17 -38.63 -81.15
N PRO F 1256 5.16 -37.89 -80.68
CA PRO F 1256 5.28 -36.71 -79.87
C PRO F 1256 5.80 -37.06 -78.49
N GLU F 1257 5.75 -38.33 -78.15
CA GLU F 1257 6.15 -38.84 -76.87
C GLU F 1257 7.52 -39.49 -76.87
N SER F 1258 8.27 -39.39 -77.96
CA SER F 1258 9.56 -40.09 -78.07
C SER F 1258 10.62 -39.67 -77.06
N TRP F 1259 10.39 -38.54 -76.42
CA TRP F 1259 11.28 -37.99 -75.44
C TRP F 1259 11.15 -38.66 -74.10
N MET F 1260 10.03 -39.29 -73.80
CA MET F 1260 9.97 -39.87 -72.49
C MET F 1260 10.74 -41.17 -72.51
N PRO F 1261 11.41 -41.57 -71.42
CA PRO F 1261 12.02 -42.86 -71.26
C PRO F 1261 10.89 -43.87 -71.16
N VAL F 1262 11.11 -45.11 -71.57
CA VAL F 1262 10.05 -46.12 -71.48
C VAL F 1262 10.51 -47.43 -70.89
N LEU F 1263 9.56 -48.29 -70.49
CA LEU F 1263 9.95 -49.62 -70.03
C LEU F 1263 10.02 -50.69 -71.09
N SER F 1264 11.18 -51.33 -71.14
CA SER F 1264 11.42 -52.43 -72.05
C SER F 1264 10.70 -53.63 -71.46
N GLN F 1265 10.46 -54.67 -72.25
CA GLN F 1265 9.78 -55.83 -71.69
C GLN F 1265 10.60 -56.51 -70.61
N LYS F 1266 11.92 -56.52 -70.78
CA LYS F 1266 12.74 -57.21 -69.81
C LYS F 1266 12.80 -56.49 -68.48
N THR F 1267 12.92 -55.15 -68.51
CA THR F 1267 12.99 -54.45 -67.25
C THR F 1267 11.66 -54.64 -66.58
N PHE F 1268 10.58 -54.55 -67.36
CA PHE F 1268 9.26 -54.73 -66.81
C PHE F 1268 9.13 -56.06 -66.13
N ASN F 1269 9.54 -57.13 -66.77
CA ASN F 1269 9.33 -58.43 -66.17
C ASN F 1269 9.99 -58.52 -64.80
N ARG F 1270 11.14 -57.84 -64.62
CA ARG F 1270 11.84 -57.86 -63.35
C ARG F 1270 11.11 -57.03 -62.29
N LEU F 1271 10.49 -55.94 -62.72
CA LEU F 1271 9.82 -55.02 -61.83
C LEU F 1271 8.43 -55.48 -61.45
N ALA F 1272 7.81 -56.22 -62.36
CA ALA F 1272 6.41 -56.64 -62.37
C ALA F 1272 5.99 -57.35 -61.11
N GLU F 1273 6.88 -58.09 -60.46
CA GLU F 1273 6.48 -58.76 -59.23
C GLU F 1273 6.27 -57.83 -58.03
N GLN F 1274 7.02 -56.69 -57.96
CA GLN F 1274 6.94 -55.83 -56.78
C GLN F 1274 7.06 -54.31 -57.02
N ASP F 1275 8.07 -53.93 -57.81
CA ASP F 1275 8.46 -52.53 -57.91
C ASP F 1275 7.61 -51.84 -58.89
N TRP F 1276 7.14 -52.57 -59.86
CA TRP F 1276 6.33 -51.97 -60.89
C TRP F 1276 5.16 -51.28 -60.22
N GLN F 1277 4.57 -51.93 -59.23
CA GLN F 1277 3.40 -51.40 -58.54
C GLN F 1277 3.76 -50.21 -57.68
N LYS F 1278 4.94 -50.24 -57.05
CA LYS F 1278 5.31 -49.10 -56.23
C LYS F 1278 5.55 -47.87 -57.11
N LEU F 1279 6.23 -48.09 -58.23
CA LEU F 1279 6.62 -47.08 -59.20
C LEU F 1279 5.41 -46.59 -59.98
N TYR F 1280 4.48 -47.50 -60.24
CA TYR F 1280 3.29 -47.15 -60.97
C TYR F 1280 2.44 -46.22 -60.09
N ASN F 1281 2.28 -46.56 -58.80
CA ASN F 1281 1.43 -45.75 -57.93
C ASN F 1281 2.04 -44.36 -57.72
N ALA F 1282 3.36 -44.29 -57.78
CA ALA F 1282 4.14 -43.07 -57.59
C ALA F 1282 4.13 -42.21 -58.84
N ARG F 1283 3.48 -42.72 -59.86
CA ARG F 1283 3.36 -42.16 -61.18
C ARG F 1283 4.68 -42.02 -61.87
N ILE F 1284 5.54 -43.00 -61.64
CA ILE F 1284 6.80 -43.10 -62.32
C ILE F 1284 6.51 -43.86 -63.55
N ILE F 1285 5.78 -44.94 -63.39
CA ILE F 1285 5.41 -45.70 -64.56
C ILE F 1285 4.00 -45.29 -64.89
N THR F 1286 3.82 -44.79 -66.09
CA THR F 1286 2.56 -44.28 -66.54
C THR F 1286 1.64 -45.42 -66.91
N GLU F 1287 0.37 -45.11 -67.16
CA GLU F 1287 -0.60 -46.12 -67.51
C GLU F 1287 -0.21 -46.95 -68.74
N ASP F 1288 0.54 -46.35 -69.69
CA ASP F 1288 0.97 -47.05 -70.88
C ASP F 1288 2.43 -47.53 -70.81
N GLY F 1289 3.04 -47.55 -69.61
CA GLY F 1289 4.39 -48.07 -69.46
C GLY F 1289 5.55 -47.10 -69.72
N ARG F 1290 5.29 -45.80 -69.68
CA ARG F 1290 6.34 -44.81 -69.93
C ARG F 1290 6.92 -44.35 -68.61
N ILE F 1291 8.11 -43.80 -68.62
CA ILE F 1291 8.66 -43.29 -67.40
C ILE F 1291 8.49 -41.77 -67.32
N CYS F 1292 7.79 -41.35 -66.27
CA CYS F 1292 7.49 -39.97 -65.94
C CYS F 1292 8.77 -39.26 -65.54
N THR F 1293 9.04 -38.11 -66.13
CA THR F 1293 10.33 -37.51 -65.88
C THR F 1293 10.52 -37.01 -64.46
N LEU F 1294 9.56 -36.25 -63.96
CA LEU F 1294 9.74 -35.67 -62.64
C LEU F 1294 9.53 -36.70 -61.57
N ALA F 1295 8.65 -37.66 -61.81
CA ALA F 1295 8.40 -38.63 -60.77
C ALA F 1295 9.57 -39.56 -60.60
N TYR F 1296 10.26 -39.91 -61.70
CA TYR F 1296 11.41 -40.76 -61.50
C TYR F 1296 12.47 -39.94 -60.82
N ARG F 1297 12.69 -38.71 -61.29
CA ARG F 1297 13.75 -37.95 -60.68
C ARG F 1297 13.48 -37.74 -59.20
N ARG F 1298 12.24 -37.48 -58.82
CA ARG F 1298 11.99 -37.30 -57.41
C ARG F 1298 12.38 -38.55 -56.64
N TRP F 1299 12.07 -39.74 -57.16
CA TRP F 1299 12.49 -40.96 -56.46
C TRP F 1299 14.00 -41.18 -56.52
N VAL F 1300 14.68 -40.69 -57.54
CA VAL F 1300 16.11 -40.89 -57.56
C VAL F 1300 16.72 -40.01 -56.47
N GLN F 1301 16.26 -38.78 -56.40
CA GLN F 1301 16.75 -37.79 -55.44
C GLN F 1301 16.45 -38.21 -54.01
N SER F 1302 15.31 -38.87 -53.84
CA SER F 1302 14.78 -39.32 -52.57
C SER F 1302 15.29 -40.69 -52.15
N GLN F 1303 16.07 -41.34 -53.01
CA GLN F 1303 16.57 -42.70 -52.83
C GLN F 1303 15.45 -43.73 -52.65
N LYS F 1304 14.39 -43.56 -53.44
CA LYS F 1304 13.23 -44.45 -53.49
C LYS F 1304 13.20 -45.22 -54.81
N ALA F 1305 13.92 -44.70 -55.80
CA ALA F 1305 14.00 -45.26 -57.14
C ALA F 1305 14.64 -46.61 -57.10
N ILE F 1306 14.20 -47.47 -58.01
CA ILE F 1306 14.77 -48.78 -58.14
C ILE F 1306 15.89 -48.69 -59.19
N PRO F 1307 17.04 -49.35 -58.97
CA PRO F 1307 18.13 -49.41 -59.94
C PRO F 1307 17.72 -50.05 -61.26
N GLN F 1308 16.67 -50.85 -61.26
CA GLN F 1308 16.21 -51.49 -62.48
C GLN F 1308 15.73 -50.50 -63.52
N LEU F 1309 15.24 -49.31 -63.14
CA LEU F 1309 14.82 -48.40 -64.19
C LEU F 1309 16.01 -47.60 -64.74
N ILE F 1310 17.19 -47.69 -64.12
CA ILE F 1310 18.35 -46.92 -64.57
C ILE F 1310 18.72 -47.35 -65.97
N SER F 1311 18.61 -48.64 -66.23
CA SER F 1311 18.99 -49.20 -67.50
C SER F 1311 18.15 -48.60 -68.63
N LEU F 1312 16.96 -48.09 -68.31
CA LEU F 1312 16.07 -47.58 -69.32
C LEU F 1312 16.38 -46.15 -69.68
N LEU F 1313 17.32 -45.57 -68.97
CA LEU F 1313 17.75 -44.22 -69.29
C LEU F 1313 19.04 -44.30 -70.12
N ASN F 1314 19.60 -45.52 -70.24
CA ASN F 1314 20.88 -45.70 -70.91
C ASN F 1314 20.84 -46.62 -72.13
N ASN F 1315 20.03 -47.68 -72.07
CA ASN F 1315 19.94 -48.67 -73.15
C ASN F 1315 18.73 -48.40 -74.03
N GLY F 1316 18.12 -47.26 -73.80
CA GLY F 1316 16.94 -46.80 -74.50
C GLY F 1316 16.98 -45.28 -74.56
N PRO F 1317 17.92 -44.68 -75.31
CA PRO F 1317 18.11 -43.26 -75.40
C PRO F 1317 16.88 -42.65 -76.00
N ARG F 1318 16.59 -41.45 -75.56
CA ARG F 1318 15.42 -40.71 -75.96
C ARG F 1318 15.66 -39.95 -77.23
N LEU F 1319 14.61 -39.75 -77.99
CA LEU F 1319 14.72 -38.95 -79.17
C LEU F 1319 13.82 -37.75 -79.00
N PRO F 1320 14.12 -36.60 -79.59
CA PRO F 1320 13.28 -35.45 -79.53
C PRO F 1320 11.97 -35.90 -80.10
N PRO F 1321 10.86 -35.25 -79.78
CA PRO F 1321 9.55 -35.56 -80.27
C PRO F 1321 9.65 -35.39 -81.74
N HIS F 1322 9.03 -36.29 -82.47
CA HIS F 1322 9.17 -36.22 -83.91
C HIS F 1322 7.98 -36.70 -84.70
N SER F 1323 8.09 -36.49 -86.00
CA SER F 1323 7.11 -36.89 -86.98
C SER F 1323 7.80 -37.45 -88.22
N LEU F 1324 7.09 -38.31 -88.93
CA LEU F 1324 7.54 -38.94 -90.17
C LEU F 1324 6.53 -38.87 -91.31
N THR F 1325 7.01 -38.46 -92.47
CA THR F 1325 6.20 -38.39 -93.68
C THR F 1325 6.61 -39.43 -94.71
N LEU F 1326 5.63 -40.12 -95.25
CA LEU F 1326 5.82 -41.12 -96.30
C LEU F 1326 5.06 -40.75 -97.57
N THR F 1327 5.75 -40.37 -98.64
CA THR F 1327 5.02 -39.91 -99.82
C THR F 1327 5.40 -40.67 -101.06
N THR F 1328 4.43 -41.16 -101.84
CA THR F 1328 4.85 -41.84 -103.03
C THR F 1328 5.09 -40.82 -104.12
N ASP F 1329 5.97 -41.15 -105.05
CA ASP F 1329 6.20 -40.23 -106.16
C ASP F 1329 5.11 -40.41 -107.19
N ARG F 1330 4.84 -41.66 -107.50
CA ARG F 1330 3.91 -42.12 -108.52
C ARG F 1330 2.60 -42.62 -107.95
N TYR F 1331 1.61 -42.74 -108.81
CA TYR F 1331 0.26 -43.17 -108.48
C TYR F 1331 0.17 -44.65 -108.22
N ASP F 1332 -0.87 -45.06 -107.55
CA ASP F 1332 -1.09 -46.44 -107.09
C ASP F 1332 -0.95 -47.55 -108.12
N HIS F 1333 -1.35 -47.31 -109.35
CA HIS F 1333 -1.28 -48.39 -110.32
C HIS F 1333 0.13 -48.59 -110.87
N ASP F 1334 1.03 -47.63 -110.63
CA ASP F 1334 2.35 -47.71 -111.18
C ASP F 1334 3.19 -48.80 -110.51
N PRO F 1335 4.03 -49.52 -111.25
CA PRO F 1335 4.92 -50.57 -110.75
C PRO F 1335 6.16 -50.01 -110.06
N GLU F 1336 6.31 -48.70 -110.08
CA GLU F 1336 7.47 -48.01 -109.57
C GLU F 1336 7.14 -46.97 -108.51
N GLN F 1337 6.26 -47.26 -107.57
CA GLN F 1337 6.02 -46.24 -106.57
C GLN F 1337 7.10 -46.27 -105.55
N GLN F 1338 7.85 -45.20 -105.47
CA GLN F 1338 8.91 -45.11 -104.50
C GLN F 1338 8.36 -44.41 -103.32
N ILE F 1339 8.79 -44.77 -102.13
CA ILE F 1339 8.26 -44.05 -100.99
C ILE F 1339 9.30 -43.10 -100.45
N ARG F 1340 9.03 -41.82 -100.55
CA ARG F 1340 9.99 -40.86 -100.08
C ARG F 1340 9.79 -40.73 -98.61
N GLN F 1341 10.85 -40.84 -97.85
CA GLN F 1341 10.71 -40.76 -96.41
C GLN F 1341 11.39 -39.56 -95.83
N GLN F 1342 10.73 -38.91 -94.89
CA GLN F 1342 11.39 -37.82 -94.17
C GLN F 1342 11.07 -37.79 -92.70
N VAL F 1343 12.09 -37.61 -91.89
CA VAL F 1343 11.91 -37.54 -90.44
C VAL F 1343 12.21 -36.15 -89.96
N VAL F 1344 11.34 -35.66 -89.11
CA VAL F 1344 11.42 -34.32 -88.58
C VAL F 1344 11.51 -34.30 -87.06
N PHE F 1345 12.55 -33.70 -86.50
CA PHE F 1345 12.68 -33.64 -85.05
C PHE F 1345 12.55 -32.24 -84.56
N SER F 1346 11.82 -32.06 -83.47
CA SER F 1346 11.63 -30.75 -82.90
C SER F 1346 11.87 -30.72 -81.42
N ASP F 1347 11.99 -29.53 -80.85
CA ASP F 1347 12.15 -29.41 -79.41
C ASP F 1347 10.78 -29.22 -78.74
N GLY F 1348 10.79 -29.02 -77.43
CA GLY F 1348 9.57 -28.86 -76.66
C GLY F 1348 8.91 -27.50 -76.79
N PHE F 1349 9.52 -26.64 -77.58
CA PHE F 1349 8.99 -25.34 -77.81
C PHE F 1349 8.36 -25.35 -79.20
N GLY F 1350 8.43 -26.50 -79.90
CA GLY F 1350 7.91 -26.67 -81.23
C GLY F 1350 8.84 -26.20 -82.33
N ARG F 1351 10.14 -26.06 -82.05
CA ARG F 1351 11.06 -25.59 -83.07
C ARG F 1351 11.70 -26.73 -83.78
N LEU F 1352 11.97 -26.58 -85.06
CA LEU F 1352 12.66 -27.66 -85.71
C LEU F 1352 14.10 -27.74 -85.27
N LEU F 1353 14.54 -28.94 -84.90
CA LEU F 1353 15.92 -29.19 -84.55
C LEU F 1353 16.67 -29.67 -85.75
N GLN F 1354 16.05 -30.53 -86.54
CA GLN F 1354 16.64 -31.06 -87.77
C GLN F 1354 15.65 -31.88 -88.52
N ALA F 1355 15.96 -32.17 -89.75
CA ALA F 1355 15.16 -33.13 -90.49
C ALA F 1355 16.07 -33.94 -91.38
N ALA F 1356 15.64 -35.14 -91.77
CA ALA F 1356 16.47 -35.89 -92.67
C ALA F 1356 15.63 -36.61 -93.70
N ALA F 1357 16.19 -36.74 -94.89
CA ALA F 1357 15.50 -37.44 -95.96
C ALA F 1357 16.20 -38.72 -96.31
N ARG F 1358 15.43 -39.71 -96.74
CA ARG F 1358 16.01 -40.97 -97.16
C ARG F 1358 16.66 -40.85 -98.52
N HIS F 1359 17.85 -41.40 -98.64
CA HIS F 1359 18.61 -41.44 -99.89
C HIS F 1359 18.99 -42.85 -100.27
N GLU F 1360 19.61 -42.98 -101.42
CA GLU F 1360 20.03 -44.27 -101.91
C GLU F 1360 21.26 -44.70 -101.16
N ALA F 1361 21.53 -45.99 -101.18
CA ALA F 1361 22.65 -46.56 -100.46
C ALA F 1361 23.95 -45.90 -100.85
N GLY F 1362 24.79 -45.68 -99.86
CA GLY F 1362 26.07 -45.03 -100.08
C GLY F 1362 26.78 -44.76 -98.77
N MET F 1363 27.77 -43.87 -98.82
CA MET F 1363 28.58 -43.57 -97.64
C MET F 1363 27.86 -42.67 -96.68
N ALA F 1364 28.04 -42.92 -95.39
CA ALA F 1364 27.45 -42.08 -94.37
C ALA F 1364 28.19 -42.09 -93.06
N ARG F 1365 28.03 -41.01 -92.30
CA ARG F 1365 28.60 -40.93 -90.97
C ARG F 1365 27.78 -41.84 -90.14
N GLN F 1366 28.33 -42.32 -89.05
CA GLN F 1366 27.58 -43.32 -88.35
C GLN F 1366 27.03 -42.88 -87.01
N ARG F 1367 25.84 -43.35 -86.69
CA ARG F 1367 25.27 -43.04 -85.39
C ARG F 1367 25.60 -44.18 -84.46
N ASN F 1368 26.26 -43.88 -83.36
CA ASN F 1368 26.63 -44.93 -82.44
C ASN F 1368 25.43 -45.28 -81.57
N GLU F 1369 25.61 -46.25 -80.70
CA GLU F 1369 24.54 -46.76 -79.85
C GLU F 1369 23.95 -45.71 -78.93
N ASP F 1370 24.77 -44.78 -78.48
CA ASP F 1370 24.34 -43.75 -77.56
C ASP F 1370 24.01 -42.43 -78.26
N GLY F 1371 23.96 -42.45 -79.59
CA GLY F 1371 23.66 -41.25 -80.35
C GLY F 1371 24.91 -40.47 -80.73
N SER F 1372 26.09 -40.98 -80.39
CA SER F 1372 27.35 -40.33 -80.73
C SER F 1372 27.57 -40.30 -82.24
N LEU F 1373 28.17 -39.22 -82.74
CA LEU F 1373 28.42 -39.13 -84.17
C LEU F 1373 29.82 -39.58 -84.56
N ILE F 1374 29.87 -40.56 -85.43
CA ILE F 1374 31.12 -41.07 -85.92
C ILE F 1374 31.41 -40.48 -87.27
N ILE F 1375 32.45 -39.68 -87.30
CA ILE F 1375 32.92 -38.95 -88.47
C ILE F 1375 33.40 -39.85 -89.61
N ASN F 1376 34.03 -40.96 -89.27
CA ASN F 1376 34.55 -41.85 -90.29
C ASN F 1376 33.41 -42.66 -90.92
N VAL F 1377 33.11 -42.32 -92.18
CA VAL F 1377 32.01 -42.86 -92.96
C VAL F 1377 32.21 -44.27 -93.48
N GLN F 1378 31.09 -44.98 -93.57
CA GLN F 1378 31.02 -46.33 -94.13
C GLN F 1378 29.84 -46.49 -95.00
N HIS F 1379 29.94 -47.41 -95.94
CA HIS F 1379 28.83 -47.69 -96.83
C HIS F 1379 27.70 -48.36 -96.11
N THR F 1380 26.49 -47.96 -96.45
CA THR F 1380 25.31 -48.56 -95.91
C THR F 1380 24.12 -48.48 -96.82
N GLU F 1381 23.23 -49.45 -96.64
CA GLU F 1381 21.99 -49.46 -97.37
C GLU F 1381 21.03 -48.42 -96.84
N ASN F 1382 21.10 -48.19 -95.54
CA ASN F 1382 20.20 -47.27 -94.88
C ASN F 1382 20.87 -45.93 -94.75
N ARG F 1383 20.55 -45.01 -95.62
CA ARG F 1383 21.22 -43.74 -95.60
C ARG F 1383 20.27 -42.56 -95.69
N TRP F 1384 20.48 -41.61 -94.78
CA TRP F 1384 19.68 -40.40 -94.71
C TRP F 1384 20.53 -39.14 -94.79
N ALA F 1385 19.98 -38.09 -95.35
CA ALA F 1385 20.72 -36.84 -95.39
C ALA F 1385 20.18 -35.91 -94.35
N VAL F 1386 21.05 -35.54 -93.43
CA VAL F 1386 20.68 -34.72 -92.31
C VAL F 1386 20.88 -33.29 -92.70
N THR F 1387 19.86 -32.48 -92.52
CA THR F 1387 19.93 -31.08 -92.85
C THR F 1387 19.14 -30.20 -91.92
N GLY F 1388 19.54 -28.94 -91.84
CA GLY F 1388 18.81 -27.99 -91.04
C GLY F 1388 19.01 -28.24 -89.56
N ARG F 1389 20.17 -28.79 -89.20
CA ARG F 1389 20.39 -29.11 -87.81
C ARG F 1389 20.82 -27.87 -87.03
N THR F 1390 19.99 -27.50 -86.06
CA THR F 1390 20.23 -26.31 -85.26
C THR F 1390 20.05 -26.42 -83.75
N GLU F 1391 21.00 -25.86 -83.02
CA GLU F 1391 20.89 -25.71 -81.58
C GLU F 1391 20.39 -24.29 -81.31
N TYR F 1392 19.57 -24.14 -80.28
CA TYR F 1392 18.97 -22.86 -79.91
C TYR F 1392 19.40 -22.44 -78.50
N ASP F 1393 19.16 -21.18 -78.17
CA ASP F 1393 19.49 -20.54 -76.89
C ASP F 1393 18.34 -20.44 -75.90
N ASN F 1394 17.29 -21.22 -76.11
CA ASN F 1394 16.06 -21.25 -75.31
C ASN F 1394 15.18 -20.00 -75.46
N LYS F 1395 15.48 -19.13 -76.41
CA LYS F 1395 14.62 -18.01 -76.76
C LYS F 1395 14.08 -18.35 -78.12
N GLY F 1396 14.93 -19.04 -78.87
CA GLY F 1396 14.61 -19.38 -80.25
C GLY F 1396 15.46 -18.71 -81.27
N GLN F 1397 16.61 -18.26 -80.83
CA GLN F 1397 17.52 -17.62 -81.74
C GLN F 1397 18.54 -18.68 -82.03
N PRO F 1398 18.59 -19.25 -83.23
CA PRO F 1398 19.48 -20.34 -83.52
C PRO F 1398 20.87 -19.86 -83.20
N ILE F 1399 21.63 -20.68 -82.49
CA ILE F 1399 23.00 -20.31 -82.12
C ILE F 1399 24.06 -21.15 -82.75
N ARG F 1400 23.74 -22.38 -83.07
CA ARG F 1400 24.74 -23.21 -83.72
C ARG F 1400 24.05 -23.92 -84.86
N THR F 1401 24.48 -23.64 -86.07
CA THR F 1401 23.82 -24.21 -87.23
C THR F 1401 24.80 -25.04 -88.03
N TYR F 1402 24.42 -26.26 -88.30
CA TYR F 1402 25.27 -27.23 -88.94
C TYR F 1402 25.12 -27.41 -90.43
N GLN F 1403 26.23 -27.82 -91.02
CA GLN F 1403 26.26 -28.16 -92.44
C GLN F 1403 25.61 -29.52 -92.56
N PRO F 1404 25.02 -29.86 -93.71
CA PRO F 1404 24.39 -31.13 -93.97
C PRO F 1404 25.39 -32.26 -94.09
N TYR F 1405 24.96 -33.47 -93.76
CA TYR F 1405 25.78 -34.66 -93.85
C TYR F 1405 24.95 -35.90 -94.05
N PHE F 1406 25.57 -36.98 -94.47
CA PHE F 1406 24.82 -38.22 -94.54
C PHE F 1406 25.04 -39.00 -93.29
N LEU F 1407 24.02 -39.73 -92.88
CA LEU F 1407 24.00 -40.54 -91.67
C LEU F 1407 23.37 -41.92 -91.89
N ASN F 1408 23.97 -42.97 -91.34
CA ASN F 1408 23.44 -44.33 -91.52
C ASN F 1408 22.29 -44.68 -90.56
N ASP F 1409 21.43 -43.72 -90.32
CA ASP F 1409 20.32 -43.81 -89.39
C ASP F 1409 19.35 -42.72 -89.74
N TRP F 1410 18.24 -42.64 -89.01
CA TRP F 1410 17.27 -41.59 -89.22
C TRP F 1410 17.12 -40.94 -87.88
N ARG F 1411 17.55 -41.69 -86.87
CA ARG F 1411 17.41 -41.23 -85.51
C ARG F 1411 18.36 -40.08 -85.25
N TYR F 1412 17.91 -39.15 -84.42
CA TYR F 1412 18.62 -37.94 -84.04
C TYR F 1412 19.96 -38.18 -83.37
N VAL F 1413 20.94 -37.39 -83.80
CA VAL F 1413 22.29 -37.39 -83.28
C VAL F 1413 22.40 -36.50 -82.05
N SER F 1414 23.04 -37.01 -81.02
CA SER F 1414 23.19 -36.29 -79.77
C SER F 1414 24.03 -35.02 -79.94
N ASN F 1415 23.69 -33.96 -79.20
CA ASN F 1415 24.38 -32.68 -79.33
C ASN F 1415 25.69 -32.58 -78.58
N ASP F 1416 25.88 -33.41 -77.57
CA ASP F 1416 27.11 -33.35 -76.80
C ASP F 1416 28.19 -33.96 -77.63
N SER F 1417 27.76 -34.88 -78.47
CA SER F 1417 28.66 -35.51 -79.38
C SER F 1417 28.92 -34.55 -80.53
N ALA F 1418 27.89 -34.03 -81.18
CA ALA F 1418 28.18 -33.20 -82.34
C ALA F 1418 29.09 -32.03 -81.99
N ARG F 1419 28.89 -31.39 -80.84
CA ARG F 1419 29.67 -30.22 -80.45
C ARG F 1419 31.16 -30.46 -80.26
N GLN F 1420 31.52 -31.71 -80.08
CA GLN F 1420 32.87 -32.12 -79.83
C GLN F 1420 33.59 -32.71 -81.02
N GLU F 1421 32.90 -32.94 -82.14
CA GLU F 1421 33.58 -33.59 -83.25
C GLU F 1421 34.38 -32.64 -84.10
N LYS F 1422 34.01 -31.36 -84.12
CA LYS F 1422 34.66 -30.28 -84.88
C LYS F 1422 34.45 -30.37 -86.40
N GLU F 1423 34.64 -31.56 -86.96
CA GLU F 1423 34.44 -31.81 -88.38
C GLU F 1423 32.96 -31.77 -88.70
N ALA F 1424 32.13 -31.84 -87.66
CA ALA F 1424 30.71 -31.68 -87.78
C ALA F 1424 30.48 -30.18 -87.83
N TYR F 1425 30.85 -29.62 -88.96
CA TYR F 1425 30.94 -28.21 -89.18
C TYR F 1425 29.65 -27.48 -88.92
N ALA F 1426 29.79 -26.30 -88.32
CA ALA F 1426 28.67 -25.42 -88.01
C ALA F 1426 29.12 -24.00 -87.86
N ASP F 1427 28.17 -23.09 -88.00
CA ASP F 1427 28.43 -21.69 -87.75
C ASP F 1427 27.93 -21.35 -86.35
N THR F 1428 28.54 -20.37 -85.73
CA THR F 1428 28.12 -19.90 -84.41
C THR F 1428 27.50 -18.52 -84.54
N HIS F 1429 26.32 -18.35 -83.99
CA HIS F 1429 25.62 -17.07 -84.13
C HIS F 1429 25.49 -16.40 -82.78
N VAL F 1430 26.18 -15.29 -82.62
CA VAL F 1430 26.18 -14.56 -81.37
C VAL F 1430 25.23 -13.39 -81.49
N TYR F 1431 24.31 -13.27 -80.55
CA TYR F 1431 23.27 -12.24 -80.56
C TYR F 1431 23.41 -11.24 -79.42
N ASP F 1432 22.90 -10.03 -79.62
CA ASP F 1432 22.88 -9.02 -78.59
C ASP F 1432 21.59 -9.13 -77.76
N PRO F 1433 21.39 -8.30 -76.73
CA PRO F 1433 20.19 -8.22 -75.88
C PRO F 1433 18.92 -7.77 -76.57
N ILE F 1434 19.03 -7.33 -77.80
CA ILE F 1434 17.94 -6.86 -78.58
C ILE F 1434 17.40 -8.06 -79.35
N GLY F 1435 18.28 -9.01 -79.65
CA GLY F 1435 17.96 -10.16 -80.45
C GLY F 1435 18.56 -10.07 -81.84
N ARG F 1436 19.44 -9.11 -82.07
CA ARG F 1436 20.06 -8.99 -83.38
C ARG F 1436 21.36 -9.76 -83.39
N GLU F 1437 21.75 -10.28 -84.54
CA GLU F 1437 23.06 -10.89 -84.63
C GLU F 1437 24.14 -9.85 -84.43
N ILE F 1438 25.19 -10.22 -83.73
CA ILE F 1438 26.38 -9.40 -83.57
C ILE F 1438 27.47 -9.97 -84.41
N LYS F 1439 27.65 -11.27 -84.27
CA LYS F 1439 28.76 -11.91 -84.93
C LYS F 1439 28.39 -13.28 -85.40
N VAL F 1440 28.88 -13.65 -86.57
CA VAL F 1440 28.67 -15.00 -87.02
C VAL F 1440 29.98 -15.64 -87.38
N ILE F 1441 30.31 -16.72 -86.72
CA ILE F 1441 31.60 -17.35 -86.97
C ILE F 1441 31.42 -18.61 -87.72
N THR F 1442 32.03 -18.72 -88.88
CA THR F 1442 31.82 -19.94 -89.66
C THR F 1442 32.82 -21.02 -89.35
N ALA F 1443 32.68 -22.14 -90.04
CA ALA F 1443 33.47 -23.35 -89.80
C ALA F 1443 34.94 -23.18 -90.14
N LYS F 1444 35.23 -22.13 -90.87
CA LYS F 1444 36.56 -21.79 -91.33
C LYS F 1444 37.28 -20.90 -90.31
N GLY F 1445 36.53 -20.39 -89.33
CA GLY F 1445 37.05 -19.48 -88.32
C GLY F 1445 36.83 -18.02 -88.71
N TRP F 1446 36.43 -17.83 -89.92
CA TRP F 1446 36.17 -16.54 -90.51
C TRP F 1446 34.88 -16.00 -89.93
N PHE F 1447 34.73 -14.69 -89.83
CA PHE F 1447 33.47 -14.22 -89.32
C PHE F 1447 32.90 -12.94 -89.90
N ARG F 1448 31.60 -12.78 -89.72
CA ARG F 1448 30.93 -11.53 -90.07
C ARG F 1448 30.64 -10.81 -88.79
N ARG F 1449 30.58 -9.50 -88.83
CA ARG F 1449 30.26 -8.78 -87.61
C ARG F 1449 29.51 -7.49 -87.88
N THR F 1450 28.52 -7.19 -87.05
CA THR F 1450 27.79 -5.96 -87.25
C THR F 1450 27.75 -5.02 -86.05
N LEU F 1451 28.11 -3.78 -86.31
CA LEU F 1451 28.04 -2.78 -85.28
C LEU F 1451 26.81 -1.93 -85.43
N PHE F 1452 26.03 -1.85 -84.37
CA PHE F 1452 24.86 -1.02 -84.45
C PHE F 1452 25.04 0.21 -83.62
N THR F 1453 24.68 1.35 -84.18
CA THR F 1453 24.73 2.60 -83.48
C THR F 1453 23.33 3.14 -83.71
N PRO F 1454 22.89 4.20 -83.03
CA PRO F 1454 21.60 4.78 -83.23
C PRO F 1454 21.34 5.32 -84.63
N TRP F 1455 22.38 5.59 -85.42
CA TRP F 1455 22.10 6.17 -86.74
C TRP F 1455 22.59 5.33 -87.86
N PHE F 1456 23.43 4.37 -87.59
CA PHE F 1456 23.96 3.60 -88.67
C PHE F 1456 24.32 2.17 -88.29
N THR F 1457 24.44 1.34 -89.31
CA THR F 1457 24.83 -0.03 -89.11
C THR F 1457 26.07 -0.35 -89.92
N VAL F 1458 27.10 -0.84 -89.26
CA VAL F 1458 28.34 -1.13 -89.94
C VAL F 1458 28.48 -2.62 -90.16
N ASN F 1459 28.38 -3.04 -91.41
CA ASN F 1459 28.38 -4.45 -91.73
C ASN F 1459 29.72 -4.96 -92.26
N GLU F 1460 30.43 -5.73 -91.46
CA GLU F 1460 31.72 -6.24 -91.87
C GLU F 1460 31.58 -7.65 -92.42
N ASP F 1461 32.14 -7.89 -93.59
CA ASP F 1461 32.09 -9.22 -94.20
C ASP F 1461 33.32 -10.01 -93.79
N GLU F 1462 33.46 -11.22 -94.32
CA GLU F 1462 34.57 -12.06 -93.93
C GLU F 1462 35.94 -11.57 -94.38
N ASN F 1463 36.00 -10.66 -95.35
CA ASN F 1463 37.30 -10.19 -95.78
C ASN F 1463 37.72 -9.06 -94.87
N ASP F 1464 36.74 -8.26 -94.46
CA ASP F 1464 36.97 -7.11 -93.58
C ASP F 1464 37.58 -7.58 -92.26
N THR F 1465 37.15 -8.76 -91.84
CA THR F 1465 37.58 -9.39 -90.61
C THR F 1465 38.72 -10.37 -90.80
N ALA F 1466 39.21 -10.56 -92.01
CA ALA F 1466 40.23 -11.56 -92.27
C ALA F 1466 41.47 -11.35 -91.41
N ALA F 1467 41.81 -10.12 -91.14
CA ALA F 1467 42.99 -9.81 -90.35
C ALA F 1467 42.86 -10.24 -88.89
N GLU F 1468 41.64 -10.41 -88.43
CA GLU F 1468 41.41 -10.76 -87.04
C GLU F 1468 41.32 -12.27 -86.84
N VAL F 1469 41.38 -13.02 -87.92
CA VAL F 1469 41.25 -14.47 -87.86
C VAL F 1469 42.53 -15.12 -88.33
N LYS F 1470 43.59 -14.32 -88.35
CA LYS F 1470 44.92 -14.66 -88.86
C LYS F 1470 45.60 -15.87 -88.22
N LYS F 1471 45.15 -16.24 -87.03
CA LYS F 1471 45.69 -17.33 -86.24
C LYS F 1471 44.75 -17.61 -85.09
N ASN F 1482 46.55 -15.72 -100.16
CA ASN F 1482 45.19 -15.35 -100.56
C ASN F 1482 45.22 -13.86 -100.91
N ILE F 1483 44.17 -13.11 -100.61
CA ILE F 1483 44.18 -11.68 -100.86
C ILE F 1483 44.69 -10.96 -99.63
N ASP F 1484 45.67 -10.08 -99.82
CA ASP F 1484 46.23 -9.37 -98.70
C ASP F 1484 45.12 -8.63 -97.96
N PRO F 1485 44.79 -9.05 -96.71
CA PRO F 1485 43.67 -8.63 -95.93
C PRO F 1485 43.73 -7.18 -95.55
N LYS F 1486 44.89 -6.56 -95.72
CA LYS F 1486 45.05 -5.16 -95.37
C LYS F 1486 44.05 -4.37 -96.20
N LEU F 1487 43.80 -4.84 -97.42
CA LEU F 1487 42.86 -4.21 -98.32
C LEU F 1487 41.49 -4.00 -97.74
N TYR F 1488 41.02 -4.89 -96.88
CA TYR F 1488 39.67 -4.72 -96.43
C TYR F 1488 39.61 -4.13 -95.04
N GLN F 1489 40.76 -3.75 -94.51
CA GLN F 1489 40.71 -3.20 -93.20
C GLN F 1489 39.99 -1.90 -93.34
N LYS F 1490 39.05 -1.70 -92.45
CA LYS F 1490 38.20 -0.54 -92.44
C LYS F 1490 37.43 -0.30 -93.73
N THR F 1491 36.91 -1.37 -94.38
CA THR F 1491 36.04 -1.13 -95.53
C THR F 1491 34.68 -1.85 -95.38
N PRO F 1492 33.93 -1.61 -94.29
CA PRO F 1492 32.64 -2.18 -94.01
C PRO F 1492 31.60 -1.50 -94.85
N THR F 1493 30.43 -2.07 -94.96
CA THR F 1493 29.38 -1.35 -95.65
C THR F 1493 28.58 -0.61 -94.60
N VAL F 1494 28.40 0.70 -94.75
CA VAL F 1494 27.65 1.37 -93.69
C VAL F 1494 26.32 1.93 -94.13
N SER F 1495 25.28 1.46 -93.46
CA SER F 1495 23.92 1.91 -93.73
C SER F 1495 23.55 3.02 -92.78
N VAL F 1496 23.23 4.21 -93.29
CA VAL F 1496 22.91 5.34 -92.45
C VAL F 1496 21.43 5.66 -92.54
N TYR F 1497 20.80 5.77 -91.39
CA TYR F 1497 19.40 5.98 -91.23
C TYR F 1497 18.97 7.40 -90.89
N ASP F 1498 17.73 7.73 -91.24
CA ASP F 1498 17.12 8.98 -90.81
C ASP F 1498 16.37 8.70 -89.50
N ASN F 1499 15.64 9.67 -89.00
CA ASN F 1499 14.99 9.52 -87.73
C ASN F 1499 13.60 8.93 -87.84
N ARG F 1500 13.30 8.37 -89.01
CA ARG F 1500 12.08 7.66 -89.27
C ARG F 1500 12.43 6.20 -89.48
N GLY F 1501 13.73 5.86 -89.35
CA GLY F 1501 14.17 4.48 -89.54
C GLY F 1501 14.36 4.09 -90.99
N LEU F 1502 14.52 5.05 -91.88
CA LEU F 1502 14.68 4.76 -93.29
C LEU F 1502 16.16 4.92 -93.62
N ILE F 1503 16.68 4.19 -94.61
CA ILE F 1503 18.10 4.34 -94.93
C ILE F 1503 18.31 5.45 -95.93
N ILE F 1504 19.09 6.46 -95.56
CA ILE F 1504 19.29 7.59 -96.45
C ILE F 1504 20.67 7.63 -97.10
N ARG F 1505 21.62 6.92 -96.51
CA ARG F 1505 22.94 6.84 -97.14
C ARG F 1505 23.50 5.45 -97.09
N ASN F 1506 24.22 5.08 -98.13
CA ASN F 1506 24.95 3.83 -98.12
C ASN F 1506 26.38 4.16 -98.41
N ILE F 1507 27.24 3.92 -97.43
CA ILE F 1507 28.61 4.31 -97.60
C ILE F 1507 29.54 3.14 -97.79
N ASP F 1508 30.16 3.09 -98.95
CA ASP F 1508 31.10 2.03 -99.27
C ASP F 1508 32.50 2.60 -99.22
N PHE F 1509 33.51 1.76 -99.05
CA PHE F 1509 34.87 2.31 -99.06
C PHE F 1509 35.66 1.66 -100.16
N HIS F 1510 36.45 2.48 -100.86
CA HIS F 1510 37.11 1.95 -102.03
C HIS F 1510 38.61 2.07 -102.17
N ARG F 1511 39.23 0.90 -102.26
CA ARG F 1511 40.65 0.75 -102.49
C ARG F 1511 40.88 -0.33 -103.51
N THR F 1512 41.87 -0.14 -104.38
CA THR F 1512 42.23 -1.12 -105.38
C THR F 1512 43.57 -1.75 -105.08
N THR F 1513 44.08 -1.43 -103.92
CA THR F 1513 45.36 -1.93 -103.44
C THR F 1513 45.34 -1.93 -101.94
N ALA F 1514 46.04 -2.88 -101.35
CA ALA F 1514 46.02 -3.06 -99.90
C ALA F 1514 46.54 -1.87 -99.12
N ASN F 1515 47.47 -1.14 -99.69
CA ASN F 1515 48.04 0.00 -98.97
C ASN F 1515 47.50 1.35 -99.42
N GLY F 1516 46.39 1.37 -100.16
CA GLY F 1516 45.85 2.64 -100.60
C GLY F 1516 45.08 3.34 -99.49
N ASP F 1517 44.79 4.62 -99.69
CA ASP F 1517 43.99 5.42 -98.77
C ASP F 1517 42.54 5.30 -99.26
N PRO F 1518 41.62 4.63 -98.54
CA PRO F 1518 40.29 4.33 -99.02
C PRO F 1518 39.45 5.54 -99.32
N ASP F 1519 38.75 5.46 -100.44
CA ASP F 1519 37.84 6.50 -100.83
C ASP F 1519 36.57 6.29 -100.09
N THR F 1520 35.65 7.20 -100.27
CA THR F 1520 34.33 7.07 -99.71
C THR F 1520 33.36 7.20 -100.87
N ARG F 1521 32.46 6.24 -101.00
CA ARG F 1521 31.50 6.22 -102.08
C ARG F 1521 30.11 6.22 -101.52
N ILE F 1522 29.40 7.34 -101.61
CA ILE F 1522 28.13 7.39 -100.93
C ILE F 1522 26.91 7.47 -101.82
N THR F 1523 26.02 6.50 -101.68
CA THR F 1523 24.79 6.51 -102.45
C THR F 1523 23.72 7.14 -101.60
N ARG F 1524 23.04 8.13 -102.14
CA ARG F 1524 22.04 8.84 -101.34
C ARG F 1524 20.62 8.51 -101.71
N HIS F 1525 19.76 8.57 -100.70
CA HIS F 1525 18.33 8.33 -100.87
C HIS F 1525 17.50 9.33 -100.11
N GLN F 1526 16.36 9.71 -100.66
CA GLN F 1526 15.45 10.58 -99.93
C GLN F 1526 14.08 9.99 -99.91
N TYR F 1527 13.39 10.19 -98.81
CA TYR F 1527 12.05 9.64 -98.69
C TYR F 1527 11.01 10.72 -98.53
N ASP F 1528 9.82 10.46 -99.04
CA ASP F 1528 8.76 11.46 -98.96
C ASP F 1528 8.04 11.40 -97.63
N ILE F 1529 6.96 12.17 -97.50
CA ILE F 1529 6.22 12.26 -96.26
C ILE F 1529 5.55 10.96 -95.80
N HIS F 1530 5.41 9.97 -96.67
CA HIS F 1530 4.85 8.69 -96.29
C HIS F 1530 5.95 7.67 -96.09
N GLY F 1531 7.20 8.09 -96.23
CA GLY F 1531 8.32 7.19 -96.12
C GLY F 1531 8.56 6.42 -97.42
N HIS F 1532 8.02 6.88 -98.55
CA HIS F 1532 8.24 6.15 -99.77
C HIS F 1532 9.54 6.65 -100.36
N LEU F 1533 10.21 5.86 -101.17
CA LEU F 1533 11.46 6.42 -101.68
C LEU F 1533 11.17 7.38 -102.79
N ASN F 1534 11.59 8.62 -102.60
CA ASN F 1534 11.34 9.70 -103.53
C ASN F 1534 12.39 9.77 -104.59
N GLN F 1535 13.62 9.60 -104.19
CA GLN F 1535 14.70 9.69 -105.16
C GLN F 1535 15.98 9.05 -104.68
N SER F 1536 16.86 8.79 -105.64
CA SER F 1536 18.18 8.26 -105.31
C SER F 1536 19.29 8.80 -106.22
N ILE F 1537 20.50 8.90 -105.65
CA ILE F 1537 21.63 9.39 -106.41
C ILE F 1537 22.91 8.55 -106.30
N ASP F 1538 23.44 8.16 -107.45
CA ASP F 1538 24.70 7.46 -107.62
C ASP F 1538 25.79 8.43 -107.25
N PRO F 1539 26.77 8.11 -106.39
CA PRO F 1539 27.78 9.04 -105.97
C PRO F 1539 28.52 9.72 -107.12
N ARG F 1540 28.60 9.10 -108.29
CA ARG F 1540 29.29 9.76 -109.38
C ARG F 1540 28.51 10.98 -109.81
N LEU F 1541 27.21 10.79 -109.87
CA LEU F 1541 26.31 11.81 -110.35
C LEU F 1541 26.15 12.83 -109.28
N TYR F 1542 26.22 12.38 -108.03
CA TYR F 1542 26.05 13.29 -106.92
C TYR F 1542 27.10 14.36 -106.94
N GLU F 1543 28.35 13.96 -107.11
CA GLU F 1543 29.39 14.96 -107.11
C GLU F 1543 29.21 15.87 -108.29
N ALA F 1544 28.77 15.31 -109.41
CA ALA F 1544 28.54 16.12 -110.59
C ALA F 1544 27.43 17.13 -110.35
N LYS F 1545 26.38 16.71 -109.65
CA LYS F 1545 25.24 17.57 -109.35
C LYS F 1545 25.66 18.78 -108.56
N GLN F 1546 26.64 18.60 -107.69
CA GLN F 1546 27.14 19.68 -106.87
C GLN F 1546 27.88 20.74 -107.68
N THR F 1547 28.27 20.38 -108.90
CA THR F 1547 28.98 21.27 -109.81
C THR F 1547 27.96 21.89 -110.78
N ASN F 1548 27.00 21.08 -111.21
CA ASN F 1548 25.99 21.51 -112.17
C ASN F 1548 24.60 21.10 -111.70
N ASN F 1549 23.84 22.07 -111.25
CA ASN F 1549 22.58 21.84 -110.57
C ASN F 1549 21.44 21.42 -111.48
N THR F 1550 21.70 21.28 -112.77
CA THR F 1550 20.66 20.87 -113.70
C THR F 1550 20.60 19.36 -113.79
N ILE F 1551 21.51 18.70 -113.07
CA ILE F 1551 21.58 17.25 -113.03
C ILE F 1551 20.48 16.64 -112.19
N LYS F 1552 19.80 15.65 -112.75
CA LYS F 1552 18.72 14.96 -112.07
C LYS F 1552 19.26 13.81 -111.23
N PRO F 1553 18.52 13.35 -110.23
CA PRO F 1553 18.78 12.16 -109.46
C PRO F 1553 18.72 10.97 -110.38
N ASN F 1554 19.38 9.88 -110.03
CA ASN F 1554 19.35 8.70 -110.88
C ASN F 1554 17.95 8.27 -111.09
N PHE F 1555 17.22 8.30 -109.99
CA PHE F 1555 15.84 7.91 -109.98
C PHE F 1555 14.98 8.87 -109.25
N LEU F 1556 13.77 9.03 -109.74
CA LEU F 1556 12.75 9.75 -109.04
C LEU F 1556 11.47 8.95 -109.01
N TRP F 1557 10.69 9.06 -107.97
CA TRP F 1557 9.40 8.41 -107.91
C TRP F 1557 8.28 9.29 -107.40
N GLN F 1558 7.10 9.02 -107.89
CA GLN F 1558 5.88 9.69 -107.45
C GLN F 1558 4.90 8.60 -107.08
N TYR F 1559 4.24 8.76 -105.93
CA TYR F 1559 3.34 7.72 -105.41
C TYR F 1559 1.96 8.22 -105.12
N ASP F 1560 1.00 7.31 -105.12
CA ASP F 1560 -0.33 7.66 -104.67
C ASP F 1560 -0.35 7.48 -103.15
N LEU F 1561 -1.50 7.62 -102.51
CA LEU F 1561 -1.48 7.63 -101.06
C LEU F 1561 -1.47 6.23 -100.46
N THR F 1562 -1.43 5.18 -101.27
CA THR F 1562 -1.41 3.84 -100.72
C THR F 1562 -0.02 3.30 -100.95
N GLY F 1563 0.85 4.14 -101.52
CA GLY F 1563 2.21 3.75 -101.82
C GLY F 1563 2.41 3.11 -103.16
N ASN F 1564 1.45 3.20 -104.07
CA ASN F 1564 1.70 2.58 -105.35
C ASN F 1564 2.49 3.60 -106.12
N PRO F 1565 3.60 3.25 -106.75
CA PRO F 1565 4.31 4.19 -107.56
C PRO F 1565 3.35 4.46 -108.68
N LEU F 1566 3.31 5.69 -109.14
CA LEU F 1566 2.51 6.05 -110.27
C LEU F 1566 3.48 6.37 -111.32
N CYS F 1567 4.59 6.91 -110.88
CA CYS F 1567 5.58 7.31 -111.83
C CYS F 1567 6.94 6.95 -111.37
N THR F 1568 7.81 6.77 -112.34
CA THR F 1568 9.20 6.62 -112.05
C THR F 1568 9.97 7.24 -113.17
N GLU F 1569 11.11 7.79 -112.84
CA GLU F 1569 11.97 8.36 -113.84
C GLU F 1569 13.38 7.99 -113.59
N SER F 1570 14.08 7.57 -114.64
CA SER F 1570 15.46 7.18 -114.49
C SER F 1570 16.35 7.76 -115.54
N ILE F 1571 17.51 8.21 -115.12
CA ILE F 1571 18.47 8.79 -116.06
C ILE F 1571 18.95 7.72 -117.02
N ASP F 1572 18.77 6.46 -116.65
CA ASP F 1572 19.11 5.36 -117.51
C ASP F 1572 17.94 4.81 -118.32
N ALA F 1573 16.68 5.12 -117.96
CA ALA F 1573 15.57 4.48 -118.68
C ALA F 1573 14.37 5.36 -119.01
N GLY F 1574 14.45 6.66 -118.79
CA GLY F 1574 13.37 7.55 -119.14
C GLY F 1574 12.27 7.55 -118.10
N ARG F 1575 11.11 8.09 -118.46
CA ARG F 1575 10.04 8.20 -117.49
C ARG F 1575 8.84 7.40 -117.88
N THR F 1576 8.26 6.70 -116.93
CA THR F 1576 7.07 5.96 -117.20
C THR F 1576 6.00 6.43 -116.25
N VAL F 1577 4.75 6.26 -116.67
CA VAL F 1577 3.62 6.59 -115.82
C VAL F 1577 2.60 5.45 -115.85
N THR F 1578 2.10 5.05 -114.70
CA THR F 1578 1.11 3.98 -114.62
C THR F 1578 -0.09 4.30 -113.73
N LEU F 1579 -1.26 3.90 -114.19
CA LEU F 1579 -2.48 3.97 -113.45
C LEU F 1579 -3.06 2.57 -113.28
N ASN F 1580 -3.24 2.14 -112.03
CA ASN F 1580 -3.85 0.84 -111.77
C ASN F 1580 -5.24 1.11 -111.30
N ASP F 1581 -6.12 0.16 -111.45
CA ASP F 1581 -7.46 0.43 -110.98
C ASP F 1581 -7.51 0.04 -109.54
N ILE F 1582 -8.65 0.15 -108.90
CA ILE F 1582 -8.67 -0.10 -107.47
C ILE F 1582 -8.33 -1.52 -107.03
N GLU F 1583 -8.25 -2.50 -107.92
CA GLU F 1583 -7.87 -3.84 -107.47
C GLU F 1583 -6.37 -4.06 -107.56
N GLY F 1584 -5.66 -3.08 -108.07
CA GLY F 1584 -4.22 -3.12 -108.21
C GLY F 1584 -3.77 -3.62 -109.57
N ARG F 1585 -4.68 -4.20 -110.33
CA ARG F 1585 -4.31 -4.66 -111.65
C ARG F 1585 -4.13 -3.37 -112.46
N PRO F 1586 -3.20 -3.31 -113.42
CA PRO F 1586 -2.95 -2.16 -114.26
C PRO F 1586 -4.09 -1.90 -115.20
N LEU F 1587 -4.38 -0.63 -115.44
CA LEU F 1587 -5.42 -0.27 -116.40
C LEU F 1587 -4.85 0.49 -117.59
N LEU F 1588 -3.97 1.44 -117.29
CA LEU F 1588 -3.36 2.30 -118.30
C LEU F 1588 -1.90 2.59 -117.97
N THR F 1589 -1.03 2.49 -118.94
CA THR F 1589 0.37 2.83 -118.71
C THR F 1589 1.05 3.40 -119.95
N VAL F 1590 2.06 4.24 -119.72
CA VAL F 1590 2.89 4.80 -120.79
C VAL F 1590 4.38 4.51 -120.60
N THR F 1591 5.02 4.06 -121.68
CA THR F 1591 6.45 3.77 -121.65
C THR F 1591 7.24 5.04 -121.88
N ALA F 1592 8.55 5.00 -121.66
CA ALA F 1592 9.43 6.16 -121.88
C ALA F 1592 9.44 6.59 -123.34
N THR F 1593 9.12 5.65 -124.21
CA THR F 1593 9.12 5.83 -125.63
C THR F 1593 7.75 6.33 -126.12
N GLY F 1594 6.81 6.52 -125.19
CA GLY F 1594 5.48 7.04 -125.51
C GLY F 1594 4.47 6.00 -125.95
N VAL F 1595 4.71 4.74 -125.67
CA VAL F 1595 3.74 3.77 -126.11
C VAL F 1595 2.66 3.70 -125.07
N ILE F 1596 1.43 3.87 -125.48
CA ILE F 1596 0.35 3.84 -124.52
C ILE F 1596 -0.23 2.46 -124.54
N GLN F 1597 -0.29 1.84 -123.39
CA GLN F 1597 -0.85 0.51 -123.27
C GLN F 1597 -2.00 0.50 -122.30
N THR F 1598 -3.11 -0.08 -122.72
CA THR F 1598 -4.27 -0.16 -121.86
C THR F 1598 -4.77 -1.59 -121.80
N ARG F 1599 -5.57 -1.88 -120.78
CA ARG F 1599 -6.05 -3.24 -120.64
C ARG F 1599 -7.56 -3.35 -120.46
N GLN F 1600 -8.08 -4.44 -120.97
CA GLN F 1600 -9.49 -4.77 -120.88
C GLN F 1600 -9.69 -5.96 -120.00
N TYR F 1601 -10.49 -5.77 -118.98
CA TYR F 1601 -10.78 -6.84 -118.03
C TYR F 1601 -12.23 -7.26 -118.16
N GLU F 1602 -12.52 -8.43 -117.62
CA GLU F 1602 -13.86 -8.96 -117.60
C GLU F 1602 -14.75 -8.07 -116.76
N THR F 1603 -16.03 -8.09 -117.06
CA THR F 1603 -17.02 -7.27 -116.38
C THR F 1603 -17.36 -7.82 -115.00
N SER F 1604 -18.13 -7.05 -114.23
CA SER F 1604 -18.49 -7.39 -112.85
C SER F 1604 -19.35 -8.65 -112.72
N SER F 1605 -19.95 -9.12 -113.78
CA SER F 1605 -20.72 -10.36 -113.68
C SER F 1605 -19.78 -11.56 -113.66
N LEU F 1606 -18.52 -11.32 -114.01
CA LEU F 1606 -17.44 -12.27 -114.13
C LEU F 1606 -16.38 -11.97 -113.06
N PRO F 1607 -15.37 -12.83 -112.85
CA PRO F 1607 -14.29 -12.65 -111.89
C PRO F 1607 -13.39 -11.43 -112.12
N GLY F 1608 -13.43 -10.80 -113.29
CA GLY F 1608 -12.54 -9.65 -113.49
C GLY F 1608 -11.14 -10.01 -114.02
N ARG F 1609 -11.03 -11.15 -114.70
CA ARG F 1609 -9.77 -11.61 -115.27
C ARG F 1609 -9.42 -10.76 -116.49
N LEU F 1610 -8.15 -10.73 -116.88
CA LEU F 1610 -7.77 -9.96 -118.07
C LEU F 1610 -8.29 -10.56 -119.34
N LEU F 1611 -8.84 -9.75 -120.23
CA LEU F 1611 -9.25 -10.22 -121.54
C LEU F 1611 -8.34 -9.74 -122.66
N SER F 1612 -7.93 -8.49 -122.64
CA SER F 1612 -7.07 -8.05 -123.73
C SER F 1612 -6.12 -6.92 -123.41
N VAL F 1613 -5.08 -6.84 -124.24
CA VAL F 1613 -4.10 -5.78 -124.15
C VAL F 1613 -3.97 -5.06 -125.46
N ALA F 1614 -4.10 -3.74 -125.40
CA ALA F 1614 -3.99 -2.95 -126.61
C ALA F 1614 -2.99 -1.85 -126.43
N GLU F 1615 -2.34 -1.47 -127.51
CA GLU F 1615 -1.37 -0.40 -127.40
C GLU F 1615 -1.30 0.50 -128.63
N GLN F 1616 -0.85 1.73 -128.42
CA GLN F 1616 -0.72 2.69 -129.49
C GLN F 1616 0.54 3.53 -129.39
N THR F 1617 1.29 3.65 -130.49
CA THR F 1617 2.48 4.47 -130.43
C THR F 1617 2.04 5.91 -130.74
N PRO F 1618 2.83 6.96 -130.46
CA PRO F 1618 2.52 8.35 -130.78
C PRO F 1618 2.16 8.61 -132.25
N GLU F 1619 2.77 7.85 -133.15
CA GLU F 1619 2.55 7.97 -134.58
C GLU F 1619 1.20 7.41 -135.07
N GLU F 1620 0.56 6.59 -134.26
CA GLU F 1620 -0.65 5.89 -134.64
C GLU F 1620 -1.94 6.57 -134.21
N LYS F 1621 -3.00 6.36 -134.97
CA LYS F 1621 -4.29 6.92 -134.60
C LYS F 1621 -5.10 6.01 -133.68
N THR F 1622 -4.89 4.71 -133.80
CA THR F 1622 -5.67 3.74 -133.01
C THR F 1622 -4.74 2.73 -132.38
N SER F 1623 -5.24 2.06 -131.35
CA SER F 1623 -4.47 1.03 -130.72
C SER F 1623 -4.59 -0.28 -131.47
N ARG F 1624 -3.67 -1.18 -131.20
CA ARG F 1624 -3.69 -2.50 -131.77
C ARG F 1624 -3.83 -3.51 -130.67
N ILE F 1625 -4.45 -4.62 -130.96
CA ILE F 1625 -4.57 -5.63 -129.92
C ILE F 1625 -3.49 -6.64 -130.05
N THR F 1626 -2.65 -6.67 -129.05
CA THR F 1626 -1.50 -7.51 -129.14
C THR F 1626 -1.70 -8.72 -128.30
N GLU F 1627 -2.58 -8.64 -127.32
CA GLU F 1627 -2.82 -9.84 -126.54
C GLU F 1627 -4.30 -10.03 -126.31
N ARG F 1628 -4.71 -11.29 -126.28
CA ARG F 1628 -6.11 -11.61 -126.04
C ARG F 1628 -6.26 -12.96 -125.35
N LEU F 1629 -7.06 -13.00 -124.31
CA LEU F 1629 -7.20 -14.22 -123.56
C LEU F 1629 -8.57 -14.86 -123.57
N ILE F 1630 -8.67 -16.03 -124.15
CA ILE F 1630 -9.94 -16.73 -124.10
C ILE F 1630 -9.80 -17.63 -122.91
N TRP F 1631 -10.75 -17.51 -122.01
CA TRP F 1631 -10.72 -18.28 -120.79
C TRP F 1631 -11.70 -19.42 -120.77
N ALA F 1632 -11.30 -20.49 -120.13
CA ALA F 1632 -12.15 -21.59 -119.83
C ALA F 1632 -13.15 -21.18 -118.77
N GLY F 1633 -14.29 -21.83 -118.84
CA GLY F 1633 -15.40 -21.71 -117.91
C GLY F 1633 -15.37 -22.94 -117.00
N ASN F 1634 -16.55 -23.51 -116.72
CA ASN F 1634 -16.73 -24.66 -115.84
C ASN F 1634 -17.54 -25.77 -116.51
N THR F 1635 -17.32 -25.96 -117.80
CA THR F 1635 -18.10 -26.94 -118.57
C THR F 1635 -17.51 -28.33 -118.39
N GLU F 1636 -18.23 -29.36 -118.79
CA GLU F 1636 -17.77 -30.73 -118.58
C GLU F 1636 -16.45 -31.07 -119.24
N ALA F 1637 -16.21 -30.53 -120.41
CA ALA F 1637 -14.97 -30.85 -121.10
C ALA F 1637 -13.78 -30.29 -120.34
N GLU F 1638 -13.97 -29.14 -119.76
CA GLU F 1638 -12.93 -28.49 -119.02
C GLU F 1638 -12.68 -29.28 -117.75
N LYS F 1639 -13.74 -29.84 -117.18
CA LYS F 1639 -13.55 -30.61 -115.97
C LYS F 1639 -12.73 -31.85 -116.27
N ASP F 1640 -12.99 -32.46 -117.44
CA ASP F 1640 -12.35 -33.67 -117.93
C ASP F 1640 -10.88 -33.48 -118.17
N HIS F 1641 -10.50 -32.27 -118.58
CA HIS F 1641 -9.12 -31.96 -118.87
C HIS F 1641 -8.50 -31.02 -117.85
N ASN F 1642 -9.18 -30.83 -116.74
CA ASN F 1642 -8.75 -30.00 -115.63
C ASN F 1642 -8.42 -28.58 -116.04
N LEU F 1643 -9.20 -28.02 -116.94
CA LEU F 1643 -8.98 -26.68 -117.45
C LEU F 1643 -9.87 -25.59 -116.91
N ALA F 1644 -10.79 -25.87 -116.01
CA ALA F 1644 -11.72 -24.82 -115.69
C ALA F 1644 -11.04 -23.61 -115.13
N GLY F 1645 -11.52 -22.47 -115.60
CA GLY F 1645 -11.06 -21.15 -115.17
C GLY F 1645 -9.72 -20.70 -115.73
N GLN F 1646 -9.13 -21.51 -116.59
CA GLN F 1646 -7.80 -21.19 -117.10
C GLN F 1646 -7.78 -20.45 -118.40
N CYS F 1647 -6.76 -19.66 -118.63
CA CYS F 1647 -6.68 -19.14 -119.97
C CYS F 1647 -6.39 -20.34 -120.83
N VAL F 1648 -7.15 -20.52 -121.89
CA VAL F 1648 -6.88 -21.63 -122.76
C VAL F 1648 -6.43 -21.22 -124.14
N ARG F 1649 -6.78 -20.02 -124.59
CA ARG F 1649 -6.29 -19.61 -125.91
C ARG F 1649 -5.67 -18.25 -125.77
N HIS F 1650 -4.35 -18.22 -125.80
CA HIS F 1650 -3.62 -17.01 -125.55
C HIS F 1650 -3.01 -16.44 -126.80
N TYR F 1651 -3.55 -15.31 -127.20
CA TYR F 1651 -3.10 -14.66 -128.40
C TYR F 1651 -2.09 -13.65 -127.94
N ASP F 1652 -0.95 -13.59 -128.57
CA ASP F 1652 0.08 -12.65 -128.14
C ASP F 1652 0.82 -12.08 -129.34
N THR F 1653 2.02 -11.59 -129.10
CA THR F 1653 2.84 -10.97 -130.11
C THR F 1653 3.61 -11.94 -131.00
N ALA F 1654 3.71 -13.21 -130.61
CA ALA F 1654 4.47 -14.19 -131.38
C ALA F 1654 3.58 -15.06 -132.23
N GLY F 1655 2.39 -15.31 -131.70
CA GLY F 1655 1.44 -16.24 -132.28
C GLY F 1655 0.31 -16.58 -131.31
N VAL F 1656 -0.12 -17.84 -131.32
CA VAL F 1656 -1.17 -18.27 -130.39
C VAL F 1656 -0.77 -19.52 -129.62
N THR F 1657 -0.92 -19.47 -128.30
CA THR F 1657 -0.63 -20.62 -127.44
C THR F 1657 -1.92 -21.22 -126.94
N ARG F 1658 -2.05 -22.51 -127.12
CA ARG F 1658 -3.25 -23.21 -126.78
C ARG F 1658 -3.08 -24.26 -125.68
N LEU F 1659 -3.86 -24.13 -124.62
CA LEU F 1659 -3.78 -25.11 -123.56
C LEU F 1659 -4.85 -26.16 -123.78
N GLU F 1660 -4.42 -27.41 -123.83
CA GLU F 1660 -5.36 -28.49 -124.06
C GLU F 1660 -5.60 -29.34 -122.82
N SER F 1661 -4.57 -29.57 -122.01
CA SER F 1661 -4.80 -30.40 -120.81
C SER F 1661 -3.87 -30.14 -119.64
N LEU F 1662 -4.47 -30.13 -118.43
CA LEU F 1662 -3.75 -30.03 -117.17
C LEU F 1662 -3.90 -31.26 -116.30
N SER F 1663 -2.90 -31.47 -115.45
CA SER F 1663 -2.83 -32.60 -114.52
C SER F 1663 -3.62 -32.37 -113.25
N LEU F 1664 -3.73 -33.44 -112.45
CA LEU F 1664 -4.41 -33.37 -111.15
C LEU F 1664 -3.60 -32.55 -110.15
N THR F 1665 -2.35 -32.24 -110.52
CA THR F 1665 -1.38 -31.51 -109.74
C THR F 1665 -1.29 -30.06 -110.23
N GLY F 1666 -2.07 -29.70 -111.25
CA GLY F 1666 -2.06 -28.35 -111.80
C GLY F 1666 -0.96 -28.02 -112.82
N THR F 1667 -0.38 -29.03 -113.47
CA THR F 1667 0.68 -28.74 -114.46
C THR F 1667 0.23 -29.05 -115.85
N VAL F 1668 1.09 -28.80 -116.83
CA VAL F 1668 0.69 -28.96 -118.23
C VAL F 1668 1.00 -30.30 -118.83
N LEU F 1669 -0.07 -30.95 -119.29
CA LEU F 1669 -0.02 -32.25 -119.94
C LEU F 1669 -0.06 -32.13 -121.45
N SER F 1670 -0.75 -31.10 -121.94
CA SER F 1670 -0.83 -30.93 -123.38
C SER F 1670 -0.96 -29.47 -123.77
N GLN F 1671 -0.03 -29.02 -124.60
CA GLN F 1671 0.01 -27.64 -125.04
C GLN F 1671 0.42 -27.58 -126.48
N SER F 1672 -0.23 -26.70 -127.23
CA SER F 1672 0.10 -26.57 -128.63
C SER F 1672 0.18 -25.13 -129.04
N SER F 1673 0.86 -24.85 -130.14
CA SER F 1673 0.97 -23.46 -130.58
C SER F 1673 1.28 -23.24 -132.05
N GLN F 1674 1.00 -22.01 -132.49
CA GLN F 1674 1.35 -21.59 -133.84
C GLN F 1674 1.97 -20.22 -133.85
N LEU F 1675 2.88 -19.97 -134.77
CA LEU F 1675 3.45 -18.65 -134.93
C LEU F 1675 2.64 -17.78 -135.86
N LEU F 1676 2.85 -16.48 -135.72
CA LEU F 1676 2.38 -15.48 -136.67
C LEU F 1676 3.09 -15.60 -137.98
N ILE F 1677 2.40 -15.20 -139.03
CA ILE F 1677 2.98 -15.10 -140.34
C ILE F 1677 4.00 -13.99 -140.23
N ASP F 1678 5.19 -14.18 -140.78
CA ASP F 1678 6.26 -13.20 -140.63
C ASP F 1678 5.87 -11.76 -140.97
N THR F 1679 5.01 -11.59 -141.96
CA THR F 1679 4.62 -10.25 -142.41
C THR F 1679 3.37 -9.70 -141.72
N GLN F 1680 2.79 -10.47 -140.81
CA GLN F 1680 1.56 -10.07 -140.11
C GLN F 1680 1.78 -9.80 -138.63
N GLU F 1681 1.56 -8.56 -138.22
CA GLU F 1681 1.74 -8.14 -136.84
C GLU F 1681 0.59 -8.64 -135.99
N ALA F 1682 0.78 -8.74 -134.70
CA ALA F 1682 -0.35 -9.11 -133.89
C ALA F 1682 -1.29 -7.93 -133.79
N ASN F 1683 -2.52 -8.14 -134.20
CA ASN F 1683 -3.56 -7.14 -134.11
C ASN F 1683 -4.85 -7.90 -134.06
N TRP F 1684 -5.09 -8.52 -132.94
CA TRP F 1684 -6.15 -9.50 -132.80
C TRP F 1684 -7.47 -8.81 -132.53
N THR F 1685 -7.92 -8.04 -133.50
CA THR F 1685 -9.13 -7.23 -133.37
C THR F 1685 -10.38 -7.99 -133.66
N GLY F 1686 -11.51 -7.41 -133.27
CA GLY F 1686 -12.80 -8.03 -133.49
C GLY F 1686 -12.98 -9.14 -132.47
N ASP F 1687 -13.86 -10.07 -132.75
CA ASP F 1687 -14.23 -11.16 -131.87
C ASP F 1687 -14.24 -12.54 -132.51
N ASN F 1688 -13.60 -12.68 -133.66
CA ASN F 1688 -13.69 -13.90 -134.44
C ASN F 1688 -12.38 -14.61 -134.66
N GLU F 1689 -12.25 -15.78 -134.06
CA GLU F 1689 -11.02 -16.56 -134.16
C GLU F 1689 -10.78 -17.05 -135.56
N THR F 1690 -11.80 -17.01 -136.39
CA THR F 1690 -11.67 -17.43 -137.76
C THR F 1690 -10.70 -16.48 -138.42
N VAL F 1691 -10.81 -15.21 -138.06
CA VAL F 1691 -10.01 -14.15 -138.62
C VAL F 1691 -8.62 -14.24 -138.07
N TRP F 1692 -8.53 -14.49 -136.78
CA TRP F 1692 -7.25 -14.53 -136.09
C TRP F 1692 -6.42 -15.66 -136.65
N GLN F 1693 -7.08 -16.72 -137.04
CA GLN F 1693 -6.39 -17.86 -137.61
C GLN F 1693 -5.70 -17.49 -138.90
N ASN F 1694 -6.21 -16.53 -139.65
CA ASN F 1694 -5.63 -16.23 -140.94
C ASN F 1694 -4.36 -15.42 -140.80
N MET F 1695 -4.06 -15.00 -139.58
CA MET F 1695 -2.86 -14.24 -139.31
C MET F 1695 -1.71 -15.19 -139.00
N LEU F 1696 -2.05 -16.47 -138.87
CA LEU F 1696 -1.14 -17.51 -138.46
C LEU F 1696 -0.71 -18.48 -139.50
N ALA F 1697 0.44 -19.07 -139.20
CA ALA F 1697 0.94 -20.17 -139.97
C ALA F 1697 0.05 -21.34 -139.65
N ASP F 1698 -0.05 -22.31 -140.55
CA ASP F 1698 -0.83 -23.51 -140.31
C ASP F 1698 0.02 -24.64 -139.72
N ASP F 1699 1.24 -24.29 -139.40
CA ASP F 1699 2.24 -25.16 -138.83
C ASP F 1699 2.06 -25.19 -137.31
N ILE F 1700 1.41 -26.24 -136.81
CA ILE F 1700 1.14 -26.30 -135.37
C ILE F 1700 2.02 -27.29 -134.68
N TYR F 1701 2.58 -26.86 -133.58
CA TYR F 1701 3.45 -27.69 -132.79
C TYR F 1701 2.73 -28.09 -131.53
N THR F 1702 2.91 -29.33 -131.07
CA THR F 1702 2.33 -29.76 -129.80
C THR F 1702 3.29 -30.51 -128.95
N THR F 1703 3.30 -30.23 -127.67
CA THR F 1703 4.15 -31.03 -126.80
C THR F 1703 3.24 -31.69 -125.78
N LEU F 1704 3.65 -32.87 -125.32
CA LEU F 1704 2.85 -33.65 -124.39
C LEU F 1704 3.69 -34.09 -123.20
N SER F 1705 3.06 -34.27 -122.06
CA SER F 1705 3.85 -34.70 -120.92
C SER F 1705 3.15 -35.64 -119.93
N THR F 1706 3.97 -36.37 -119.18
CA THR F 1706 3.52 -37.19 -118.07
C THR F 1706 4.28 -36.84 -116.81
N PHE F 1707 3.53 -36.68 -115.73
CA PHE F 1707 4.08 -36.34 -114.43
C PHE F 1707 3.67 -37.35 -113.40
N ASP F 1708 4.44 -37.44 -112.34
CA ASP F 1708 4.10 -38.31 -111.23
C ASP F 1708 3.14 -37.60 -110.25
N ALA F 1709 2.79 -38.23 -109.12
CA ALA F 1709 1.85 -37.67 -108.14
C ALA F 1709 2.40 -36.41 -107.52
N THR F 1710 3.72 -36.38 -107.38
CA THR F 1710 4.46 -35.22 -106.86
C THR F 1710 4.38 -34.07 -107.84
N GLY F 1711 4.47 -34.41 -109.11
CA GLY F 1711 4.50 -33.46 -110.18
C GLY F 1711 5.86 -33.43 -110.87
N ALA F 1712 6.75 -34.36 -110.54
CA ALA F 1712 8.03 -34.41 -111.21
C ALA F 1712 7.77 -34.81 -112.65
N LEU F 1713 8.57 -34.33 -113.57
CA LEU F 1713 8.36 -34.71 -114.95
C LEU F 1713 8.93 -36.06 -115.21
N LEU F 1714 8.12 -36.96 -115.77
CA LEU F 1714 8.58 -38.30 -116.05
C LEU F 1714 8.81 -38.51 -117.54
N THR F 1715 7.89 -38.00 -118.35
CA THR F 1715 8.00 -38.14 -119.81
C THR F 1715 7.65 -36.87 -120.54
N GLN F 1716 8.43 -36.54 -121.56
CA GLN F 1716 8.12 -35.38 -122.38
C GLN F 1716 8.23 -35.66 -123.87
N THR F 1717 7.15 -35.44 -124.59
CA THR F 1717 7.14 -35.64 -126.03
C THR F 1717 7.23 -34.26 -126.67
N ASP F 1718 8.21 -34.06 -127.54
CA ASP F 1718 8.31 -32.74 -128.15
C ASP F 1718 7.42 -32.66 -129.39
N ALA F 1719 7.47 -31.52 -130.08
CA ALA F 1719 6.59 -31.31 -131.22
C ALA F 1719 6.93 -32.07 -132.49
N LYS F 1720 8.04 -32.80 -132.50
CA LYS F 1720 8.40 -33.61 -133.63
C LYS F 1720 8.25 -35.08 -133.28
N GLY F 1721 7.79 -35.36 -132.06
CA GLY F 1721 7.60 -36.71 -131.56
C GLY F 1721 8.80 -37.35 -130.85
N ASN F 1722 9.81 -36.58 -130.49
CA ASN F 1722 10.96 -37.16 -129.80
C ASN F 1722 10.59 -37.27 -128.33
N ILE F 1723 11.06 -38.32 -127.64
CA ILE F 1723 10.64 -38.47 -126.24
C ILE F 1723 11.72 -38.55 -125.18
N GLN F 1724 11.62 -37.67 -124.20
CA GLN F 1724 12.54 -37.69 -123.09
C GLN F 1724 11.92 -38.47 -121.95
N ARG F 1725 12.73 -39.26 -121.26
CA ARG F 1725 12.26 -40.00 -120.11
C ARG F 1725 13.18 -39.74 -118.93
N LEU F 1726 12.60 -39.42 -117.79
CA LEU F 1726 13.39 -39.11 -116.62
C LEU F 1726 13.14 -40.08 -115.48
N ALA F 1727 14.18 -40.37 -114.72
CA ALA F 1727 14.02 -41.22 -113.55
C ALA F 1727 14.41 -40.47 -112.32
N TYR F 1728 13.75 -40.79 -111.22
CA TYR F 1728 14.06 -40.15 -109.98
C TYR F 1728 14.38 -41.18 -108.94
N ASP F 1729 15.19 -40.80 -107.96
CA ASP F 1729 15.54 -41.71 -106.88
C ASP F 1729 14.57 -41.61 -105.69
N VAL F 1730 14.89 -42.33 -104.61
CA VAL F 1730 14.08 -42.37 -103.40
C VAL F 1730 13.98 -41.01 -102.70
N ALA F 1731 14.88 -40.10 -103.01
CA ALA F 1731 14.93 -38.78 -102.44
C ALA F 1731 14.16 -37.80 -103.30
N GLY F 1732 13.65 -38.25 -104.46
CA GLY F 1732 12.95 -37.40 -105.40
C GLY F 1732 13.89 -36.66 -106.36
N GLN F 1733 15.17 -36.99 -106.32
CA GLN F 1733 16.17 -36.31 -107.13
C GLN F 1733 16.25 -36.96 -108.48
N LEU F 1734 16.69 -36.24 -109.51
CA LEU F 1734 16.81 -36.89 -110.81
C LEU F 1734 17.98 -37.85 -110.73
N ASN F 1735 17.79 -39.12 -111.10
CA ASN F 1735 18.92 -40.04 -111.00
C ASN F 1735 19.42 -40.67 -112.30
N GLY F 1736 18.85 -40.27 -113.44
CA GLY F 1736 19.24 -40.78 -114.76
C GLY F 1736 18.31 -40.19 -115.82
N SER F 1737 18.67 -40.36 -117.10
CA SER F 1737 17.87 -39.80 -118.20
C SER F 1737 18.06 -40.48 -119.55
N TRP F 1738 16.95 -40.62 -120.29
CA TRP F 1738 16.93 -41.27 -121.59
C TRP F 1738 16.24 -40.46 -122.66
N LEU F 1739 16.66 -40.67 -123.91
CA LEU F 1739 16.03 -40.05 -125.06
C LEU F 1739 15.81 -40.99 -126.21
N THR F 1740 14.57 -41.03 -126.66
CA THR F 1740 14.17 -41.82 -127.80
C THR F 1740 13.89 -40.83 -128.91
N LEU F 1741 14.46 -41.02 -130.06
CA LEU F 1741 14.16 -40.08 -131.12
C LEU F 1741 12.98 -40.67 -131.86
N LYS F 1742 12.22 -39.86 -132.52
CA LYS F 1742 11.16 -40.47 -133.28
C LYS F 1742 11.78 -41.42 -134.29
N GLY F 1743 11.29 -42.65 -134.33
CA GLY F 1743 11.78 -43.64 -135.29
C GLY F 1743 13.05 -44.36 -134.85
N GLN F 1744 13.55 -44.03 -133.67
CA GLN F 1744 14.77 -44.62 -133.16
C GLN F 1744 14.56 -45.38 -131.88
N THR F 1745 15.64 -45.97 -131.39
CA THR F 1745 15.70 -46.66 -130.13
C THR F 1745 15.93 -45.66 -129.00
N GLU F 1746 15.82 -46.11 -127.77
CA GLU F 1746 16.05 -45.24 -126.62
C GLU F 1746 17.51 -45.24 -126.21
N GLN F 1747 18.09 -44.06 -126.11
CA GLN F 1747 19.48 -43.92 -125.72
C GLN F 1747 19.58 -43.49 -124.28
N VAL F 1748 20.68 -43.81 -123.62
CA VAL F 1748 20.81 -43.31 -122.27
C VAL F 1748 21.71 -42.12 -122.36
N ILE F 1749 21.26 -41.01 -121.83
CA ILE F 1749 22.00 -39.78 -121.92
C ILE F 1749 22.81 -39.62 -120.66
N ILE F 1750 22.17 -39.90 -119.55
CA ILE F 1750 22.76 -39.87 -118.24
C ILE F 1750 22.58 -41.26 -117.70
N LYS F 1751 23.67 -41.91 -117.34
CA LYS F 1751 23.54 -43.26 -116.82
C LYS F 1751 23.25 -43.19 -115.35
N SER F 1752 23.81 -42.18 -114.70
CA SER F 1752 23.67 -42.02 -113.26
C SER F 1752 23.94 -40.65 -112.68
N LEU F 1753 23.21 -40.33 -111.63
CA LEU F 1753 23.50 -39.13 -110.83
C LEU F 1753 23.51 -39.43 -109.35
N THR F 1754 24.48 -38.84 -108.67
CA THR F 1754 24.61 -38.93 -107.22
C THR F 1754 24.65 -37.53 -106.69
N TYR F 1755 23.98 -37.30 -105.57
CA TYR F 1755 23.94 -35.98 -104.95
C TYR F 1755 24.52 -36.03 -103.56
N SER F 1756 25.01 -34.88 -103.12
CA SER F 1756 25.54 -34.76 -101.78
C SER F 1756 24.46 -34.46 -100.78
N ALA F 1757 24.86 -34.33 -99.53
CA ALA F 1757 23.89 -34.12 -98.47
C ALA F 1757 23.14 -32.82 -98.70
N ALA F 1758 23.82 -31.86 -99.31
CA ALA F 1758 23.26 -30.54 -99.56
C ALA F 1758 22.34 -30.53 -100.77
N GLY F 1759 22.20 -31.67 -101.45
CA GLY F 1759 21.35 -31.77 -102.62
C GLY F 1759 22.07 -31.40 -103.90
N GLN F 1760 23.36 -31.12 -103.76
CA GLN F 1760 24.24 -30.71 -104.83
C GLN F 1760 24.68 -31.90 -105.64
N LYS F 1761 24.90 -31.70 -106.93
CA LYS F 1761 25.34 -32.83 -107.73
C LYS F 1761 26.75 -33.24 -107.37
N LEU F 1762 26.91 -34.51 -107.01
CA LEU F 1762 28.18 -35.06 -106.56
C LEU F 1762 28.89 -35.90 -107.60
N ARG F 1763 28.13 -36.69 -108.35
CA ARG F 1763 28.70 -37.54 -109.40
C ARG F 1763 27.80 -37.58 -110.60
N GLU F 1764 28.39 -37.40 -111.76
CA GLU F 1764 27.67 -37.46 -113.01
C GLU F 1764 28.25 -38.47 -113.99
N GLU F 1765 27.45 -39.44 -114.42
CA GLU F 1765 27.96 -40.40 -115.40
C GLU F 1765 27.14 -40.32 -116.66
N HIS F 1766 27.79 -39.90 -117.72
CA HIS F 1766 27.18 -39.70 -119.00
C HIS F 1766 27.11 -40.94 -119.85
N GLY F 1767 26.16 -40.97 -120.76
CA GLY F 1767 25.93 -42.11 -121.67
C GLY F 1767 27.12 -42.46 -122.56
N ASN F 1768 28.08 -41.57 -122.65
CA ASN F 1768 29.29 -41.71 -123.46
C ASN F 1768 30.46 -42.20 -122.60
N ASP F 1769 30.15 -42.67 -121.40
CA ASP F 1769 31.09 -43.19 -120.41
C ASP F 1769 32.02 -42.16 -119.82
N VAL F 1770 31.69 -40.89 -119.96
CA VAL F 1770 32.51 -39.88 -119.32
C VAL F 1770 31.94 -39.60 -117.94
N ILE F 1771 32.82 -39.61 -116.95
CA ILE F 1771 32.41 -39.41 -115.58
C ILE F 1771 32.94 -38.12 -114.99
N THR F 1772 32.03 -37.32 -114.44
CA THR F 1772 32.42 -36.09 -113.80
C THR F 1772 32.15 -36.15 -112.30
N GLU F 1773 33.21 -35.94 -111.55
CA GLU F 1773 33.14 -35.95 -110.11
C GLU F 1773 33.10 -34.50 -109.63
N TYR F 1774 32.32 -34.22 -108.59
CA TYR F 1774 32.27 -32.86 -108.09
C TYR F 1774 32.76 -32.79 -106.67
N SER F 1775 33.69 -31.91 -106.43
CA SER F 1775 34.25 -31.79 -105.11
C SER F 1775 33.75 -30.55 -104.46
N TYR F 1776 33.13 -30.69 -103.31
CA TYR F 1776 32.62 -29.53 -102.60
C TYR F 1776 33.42 -29.36 -101.33
N GLU F 1777 33.68 -28.13 -100.96
CA GLU F 1777 34.38 -27.84 -99.73
C GLU F 1777 33.38 -28.07 -98.63
N PRO F 1778 33.56 -29.06 -97.75
CA PRO F 1778 32.57 -29.45 -96.77
C PRO F 1778 32.28 -28.42 -95.68
N GLU F 1779 33.22 -27.50 -95.45
CA GLU F 1779 33.03 -26.48 -94.45
C GLU F 1779 32.06 -25.42 -94.91
N THR F 1780 32.01 -25.21 -96.21
CA THR F 1780 31.23 -24.17 -96.84
C THR F 1780 30.14 -24.69 -97.77
N GLN F 1781 30.21 -25.97 -98.11
CA GLN F 1781 29.31 -26.65 -99.04
C GLN F 1781 29.26 -25.95 -100.38
N ARG F 1782 30.43 -25.62 -100.88
CA ARG F 1782 30.50 -24.99 -102.18
C ARG F 1782 31.52 -25.65 -103.05
N LEU F 1783 31.28 -25.61 -104.34
CA LEU F 1783 32.16 -26.32 -105.24
C LEU F 1783 33.58 -25.84 -105.13
N ILE F 1784 34.48 -26.79 -104.99
CA ILE F 1784 35.88 -26.49 -104.87
C ILE F 1784 36.62 -27.09 -106.05
N GLY F 1785 36.03 -28.05 -106.72
CA GLY F 1785 36.67 -28.61 -107.91
C GLY F 1785 35.79 -29.52 -108.74
N ILE F 1786 36.23 -29.75 -109.98
CA ILE F 1786 35.54 -30.60 -110.96
C ILE F 1786 36.52 -31.57 -111.61
N LYS F 1787 36.20 -32.84 -111.68
CA LYS F 1787 37.13 -33.76 -112.34
C LYS F 1787 36.42 -34.57 -113.41
N THR F 1788 36.85 -34.40 -114.64
CA THR F 1788 36.19 -35.07 -115.77
C THR F 1788 37.14 -36.09 -116.35
N ARG F 1789 36.72 -37.35 -116.34
CA ARG F 1789 37.58 -38.41 -116.82
C ARG F 1789 36.91 -39.46 -117.68
N ARG F 1790 37.74 -40.10 -118.50
CA ARG F 1790 37.29 -41.19 -119.32
C ARG F 1790 37.84 -42.49 -118.75
N PRO F 1791 37.00 -43.38 -118.19
CA PRO F 1791 37.39 -44.63 -117.54
C PRO F 1791 37.94 -45.63 -118.54
N SER F 1792 37.68 -45.40 -119.83
CA SER F 1792 38.10 -46.25 -120.92
C SER F 1792 39.62 -46.25 -121.08
N ASP F 1793 40.23 -45.12 -120.80
CA ASP F 1793 41.67 -44.95 -120.93
C ASP F 1793 42.19 -44.10 -119.77
N THR F 1794 41.40 -44.05 -118.71
CA THR F 1794 41.69 -43.31 -117.47
C THR F 1794 42.33 -41.97 -117.77
N LYS F 1795 41.70 -41.24 -118.68
CA LYS F 1795 42.22 -39.97 -119.10
C LYS F 1795 41.43 -38.81 -118.54
N VAL F 1796 42.13 -37.93 -117.84
CA VAL F 1796 41.46 -36.80 -117.26
C VAL F 1796 41.44 -35.68 -118.26
N LEU F 1797 40.24 -35.22 -118.59
CA LEU F 1797 40.05 -34.19 -119.57
C LEU F 1797 40.04 -32.84 -118.91
N GLN F 1798 39.49 -32.79 -117.71
CA GLN F 1798 39.41 -31.55 -116.92
C GLN F 1798 39.72 -31.84 -115.47
N ASP F 1799 40.43 -30.95 -114.81
CA ASP F 1799 40.63 -31.17 -113.38
C ASP F 1799 40.72 -29.80 -112.77
N LEU F 1800 39.60 -29.28 -112.33
CA LEU F 1800 39.55 -27.91 -111.91
C LEU F 1800 39.57 -27.77 -110.43
N ARG F 1801 40.13 -26.66 -109.98
CA ARG F 1801 40.10 -26.27 -108.58
C ARG F 1801 39.81 -24.79 -108.45
N TYR F 1802 38.95 -24.45 -107.50
CA TYR F 1802 38.58 -23.08 -107.28
C TYR F 1802 39.06 -22.59 -105.94
N GLU F 1803 39.94 -21.63 -105.95
CA GLU F 1803 40.44 -21.11 -104.71
C GLU F 1803 39.67 -19.86 -104.43
N TYR F 1804 39.23 -19.70 -103.20
CA TYR F 1804 38.40 -18.58 -102.81
C TYR F 1804 38.94 -17.72 -101.71
N ASP F 1805 38.50 -16.47 -101.68
CA ASP F 1805 38.78 -15.61 -100.55
C ASP F 1805 37.74 -15.95 -99.46
N PRO F 1806 37.78 -15.29 -98.29
CA PRO F 1806 36.82 -15.51 -97.21
C PRO F 1806 35.37 -15.20 -97.52
N VAL F 1807 35.10 -14.44 -98.55
CA VAL F 1807 33.75 -14.06 -98.93
C VAL F 1807 33.16 -15.08 -99.88
N GLY F 1808 34.00 -15.64 -100.72
CA GLY F 1808 33.55 -16.58 -101.72
C GLY F 1808 33.83 -16.15 -103.14
N ASN F 1809 34.69 -15.16 -103.33
CA ASN F 1809 35.05 -14.77 -104.66
C ASN F 1809 36.14 -15.74 -105.08
N VAL F 1810 36.14 -16.22 -106.32
CA VAL F 1810 37.22 -17.09 -106.71
C VAL F 1810 38.37 -16.22 -107.03
N ILE F 1811 39.48 -16.52 -106.40
CA ILE F 1811 40.66 -15.75 -106.61
C ILE F 1811 41.62 -16.51 -107.50
N SER F 1812 41.40 -17.82 -107.65
CA SER F 1812 42.22 -18.52 -108.62
C SER F 1812 41.58 -19.79 -109.14
N ILE F 1813 41.67 -20.00 -110.45
CA ILE F 1813 41.18 -21.26 -110.97
C ILE F 1813 42.32 -22.03 -111.58
N ARG F 1814 42.49 -23.22 -111.11
CA ARG F 1814 43.55 -24.06 -111.61
C ARG F 1814 42.98 -25.16 -112.44
N ASN F 1815 43.70 -25.57 -113.47
CA ASN F 1815 43.25 -26.70 -114.27
C ASN F 1815 44.42 -27.63 -114.41
N ASP F 1816 44.36 -28.74 -113.71
CA ASP F 1816 45.47 -29.68 -113.66
C ASP F 1816 45.42 -30.67 -114.81
N ALA F 1817 44.39 -30.57 -115.64
CA ALA F 1817 44.28 -31.41 -116.81
C ALA F 1817 45.37 -31.02 -117.77
N GLU F 1818 45.76 -31.96 -118.61
CA GLU F 1818 46.77 -31.71 -119.62
C GLU F 1818 46.15 -31.02 -120.82
N ALA F 1819 46.96 -30.22 -121.50
CA ALA F 1819 46.51 -29.59 -122.74
C ALA F 1819 46.18 -30.69 -123.72
N THR F 1820 45.20 -30.46 -124.57
CA THR F 1820 44.74 -31.49 -125.50
C THR F 1820 45.35 -31.42 -126.91
N ARG F 1821 44.75 -32.16 -127.82
CA ARG F 1821 45.16 -32.42 -129.19
C ARG F 1821 45.29 -31.19 -130.07
N PHE F 1822 44.76 -30.07 -129.65
CA PHE F 1822 44.77 -28.86 -130.44
C PHE F 1822 45.94 -27.97 -130.04
N TRP F 1823 46.78 -28.47 -129.13
CA TRP F 1823 47.88 -27.69 -128.57
C TRP F 1823 49.26 -28.08 -129.07
N HIS F 1824 49.77 -27.24 -129.95
CA HIS F 1824 51.03 -27.52 -130.58
C HIS F 1824 52.24 -27.41 -129.69
N ASN F 1825 52.64 -28.58 -129.22
CA ASN F 1825 53.76 -28.78 -128.31
C ASN F 1825 53.59 -28.03 -127.01
N GLN F 1826 52.36 -28.03 -126.51
CA GLN F 1826 52.11 -27.41 -125.22
C GLN F 1826 51.43 -28.41 -124.31
N LYS F 1827 51.72 -28.33 -123.00
CA LYS F 1827 51.12 -29.26 -122.04
C LYS F 1827 50.44 -28.63 -120.82
N VAL F 1828 51.12 -27.67 -120.19
CA VAL F 1828 50.67 -27.16 -118.89
C VAL F 1828 50.08 -25.76 -118.95
N MET F 1829 48.91 -25.61 -118.36
CA MET F 1829 48.22 -24.34 -118.33
C MET F 1829 48.43 -23.63 -116.98
N PRO F 1830 48.52 -22.28 -116.97
CA PRO F 1830 48.62 -21.40 -115.82
C PRO F 1830 47.29 -21.29 -115.14
N GLU F 1831 47.30 -20.81 -113.92
CA GLU F 1831 46.08 -20.54 -113.21
C GLU F 1831 45.44 -19.24 -113.69
N ASN F 1832 44.13 -19.20 -113.60
CA ASN F 1832 43.38 -18.01 -113.89
C ASN F 1832 43.31 -17.25 -112.60
N THR F 1833 44.26 -16.36 -112.38
CA THR F 1833 44.39 -15.64 -111.15
C THR F 1833 43.48 -14.45 -111.26
N TYR F 1834 42.77 -14.11 -110.19
CA TYR F 1834 41.91 -12.94 -110.23
C TYR F 1834 42.21 -12.00 -109.08
N THR F 1835 42.19 -10.72 -109.36
CA THR F 1835 42.41 -9.70 -108.35
C THR F 1835 41.17 -8.88 -108.20
N TYR F 1836 40.73 -8.67 -106.97
CA TYR F 1836 39.55 -7.88 -106.70
C TYR F 1836 39.82 -6.68 -105.85
N ASP F 1837 39.02 -5.64 -106.02
CA ASP F 1837 39.15 -4.47 -105.15
C ASP F 1837 38.24 -4.61 -103.94
N SER F 1838 38.20 -3.57 -103.10
CA SER F 1838 37.40 -3.61 -101.89
C SER F 1838 35.89 -3.67 -102.13
N LEU F 1839 35.46 -3.35 -103.35
CA LEU F 1839 34.06 -3.34 -103.71
C LEU F 1839 33.74 -4.60 -104.47
N TYR F 1840 34.72 -5.48 -104.51
CA TYR F 1840 34.76 -6.75 -105.18
C TYR F 1840 34.55 -6.65 -106.66
N GLN F 1841 35.13 -5.63 -107.24
CA GLN F 1841 35.05 -5.53 -108.66
C GLN F 1841 36.23 -6.31 -109.16
N LEU F 1842 36.09 -6.95 -110.28
CA LEU F 1842 37.24 -7.62 -110.80
C LEU F 1842 38.19 -6.58 -111.34
N ILE F 1843 39.42 -6.60 -110.88
CA ILE F 1843 40.44 -5.67 -111.32
C ILE F 1843 41.35 -6.31 -112.33
N SER F 1844 41.74 -7.53 -112.09
CA SER F 1844 42.61 -8.15 -113.08
C SER F 1844 42.37 -9.62 -113.13
N ALA F 1845 42.74 -10.21 -114.26
CA ALA F 1845 42.63 -11.65 -114.40
C ALA F 1845 43.67 -12.22 -115.36
N THR F 1846 43.98 -13.50 -115.19
CA THR F 1846 44.88 -14.18 -116.13
C THR F 1846 44.22 -15.39 -116.76
N GLY F 1847 44.83 -15.91 -117.82
CA GLY F 1847 44.37 -17.14 -118.47
C GLY F 1847 45.03 -17.36 -119.83
N ARG F 1848 44.59 -18.39 -120.57
CA ARG F 1848 45.19 -18.66 -121.88
C ARG F 1848 44.34 -18.19 -123.02
N GLU F 1849 44.99 -17.86 -124.11
CA GLU F 1849 44.26 -17.46 -125.29
C GLU F 1849 44.93 -17.95 -126.55
N MET F 1850 44.18 -18.08 -127.60
CA MET F 1850 44.75 -18.49 -128.86
C MET F 1850 45.70 -17.44 -129.40
N ALA F 1851 46.88 -17.85 -129.83
CA ALA F 1851 47.86 -16.88 -130.30
C ALA F 1851 47.33 -16.00 -131.42
N ASN F 1852 46.46 -16.57 -132.23
CA ASN F 1852 45.89 -15.92 -133.38
C ASN F 1852 44.47 -15.46 -133.12
N ILE F 1853 44.10 -15.31 -131.84
CA ILE F 1853 42.77 -14.87 -131.45
C ILE F 1853 42.50 -13.43 -131.90
N GLY F 1854 43.55 -12.62 -131.90
CA GLY F 1854 43.46 -11.23 -132.32
C GLY F 1854 42.76 -10.37 -131.28
N GLN F 1855 42.31 -9.21 -131.72
CA GLN F 1855 41.64 -8.24 -130.89
C GLN F 1855 40.23 -8.70 -130.58
N GLN F 1856 39.72 -8.37 -129.42
CA GLN F 1856 38.35 -8.74 -129.16
C GLN F 1856 37.36 -7.80 -129.79
N SER F 1857 36.43 -8.37 -130.53
CA SER F 1857 35.38 -7.63 -131.18
C SER F 1857 34.14 -8.50 -131.25
N HIS F 1858 33.14 -8.05 -131.99
CA HIS F 1858 31.90 -8.81 -132.09
C HIS F 1858 31.98 -10.05 -132.99
N GLN F 1859 32.99 -10.11 -133.86
CA GLN F 1859 33.13 -11.25 -134.72
C GLN F 1859 33.84 -12.41 -134.05
N PHE F 1860 33.17 -13.55 -134.02
CA PHE F 1860 33.67 -14.77 -133.41
C PHE F 1860 34.82 -15.29 -134.29
N PRO F 1861 35.95 -15.74 -133.72
CA PRO F 1861 37.11 -16.25 -134.42
C PRO F 1861 36.87 -17.63 -135.00
N SER F 1862 37.65 -17.99 -136.00
CA SER F 1862 37.65 -19.35 -136.51
C SER F 1862 38.23 -20.25 -135.43
N PRO F 1863 37.80 -21.50 -135.27
CA PRO F 1863 38.39 -22.40 -134.32
C PRO F 1863 39.73 -22.81 -134.86
N ALA F 1864 40.65 -23.12 -133.99
CA ALA F 1864 41.86 -23.79 -134.45
C ALA F 1864 41.46 -25.21 -134.77
N LEU F 1865 42.08 -25.81 -135.76
CA LEU F 1865 41.85 -27.22 -136.02
C LEU F 1865 43.12 -27.95 -135.60
N PRO F 1866 43.09 -29.25 -135.28
CA PRO F 1866 44.26 -29.99 -134.84
C PRO F 1866 45.37 -30.03 -135.88
N SER F 1867 45.03 -29.86 -137.15
CA SER F 1867 46.01 -29.86 -138.21
C SER F 1867 46.75 -28.53 -138.35
N ASP F 1868 46.29 -27.48 -137.65
CA ASP F 1868 46.87 -26.15 -137.78
C ASP F 1868 48.13 -25.97 -136.98
N ASN F 1869 48.34 -26.76 -135.93
CA ASN F 1869 49.53 -26.62 -135.12
C ASN F 1869 49.67 -25.22 -134.50
N ASN F 1870 48.56 -24.71 -134.01
CA ASN F 1870 48.53 -23.42 -133.33
C ASN F 1870 48.85 -23.59 -131.86
N THR F 1871 49.30 -22.50 -131.26
CA THR F 1871 49.65 -22.41 -129.86
C THR F 1871 48.81 -21.37 -129.19
N TYR F 1872 48.88 -21.37 -127.87
CA TYR F 1872 48.12 -20.47 -127.06
C TYR F 1872 49.10 -19.68 -126.21
N THR F 1873 48.73 -18.46 -125.86
CA THR F 1873 49.61 -17.60 -125.07
C THR F 1873 49.07 -17.37 -123.69
N ASN F 1874 49.93 -16.84 -122.84
CA ASN F 1874 49.58 -16.48 -121.50
C ASN F 1874 49.24 -15.01 -121.45
N TYR F 1875 48.07 -14.66 -120.97
CA TYR F 1875 47.70 -13.26 -120.94
C TYR F 1875 47.18 -12.81 -119.60
N THR F 1876 47.24 -11.50 -119.41
CA THR F 1876 46.64 -10.80 -118.30
C THR F 1876 45.77 -9.68 -118.83
N ARG F 1877 44.64 -9.48 -118.19
CA ARG F 1877 43.76 -8.40 -118.56
C ARG F 1877 43.35 -7.59 -117.32
N THR F 1878 43.44 -6.27 -117.41
CA THR F 1878 43.12 -5.34 -116.31
C THR F 1878 41.88 -4.48 -116.59
N TYR F 1879 41.06 -4.31 -115.57
CA TYR F 1879 39.80 -3.58 -115.66
C TYR F 1879 39.74 -2.32 -114.80
N THR F 1880 39.43 -1.20 -115.42
CA THR F 1880 39.31 0.09 -114.72
C THR F 1880 37.88 0.54 -114.63
N TYR F 1881 37.43 0.91 -113.43
CA TYR F 1881 36.06 1.35 -113.24
C TYR F 1881 35.94 2.76 -112.68
N ASP F 1882 34.85 3.46 -113.04
CA ASP F 1882 34.57 4.78 -112.49
C ASP F 1882 33.78 4.67 -111.19
N ARG F 1883 33.35 5.82 -110.67
CA ARG F 1883 32.69 5.89 -109.38
C ARG F 1883 31.30 5.26 -109.35
N GLY F 1884 30.69 5.03 -110.52
CA GLY F 1884 29.36 4.47 -110.63
C GLY F 1884 29.42 2.98 -110.95
N GLY F 1885 30.63 2.42 -110.99
CA GLY F 1885 30.82 1.01 -111.33
C GLY F 1885 30.87 0.77 -112.82
N ASN F 1886 31.03 1.82 -113.62
CA ASN F 1886 31.06 1.63 -115.04
C ASN F 1886 32.45 1.21 -115.43
N LEU F 1887 32.56 0.19 -116.25
CA LEU F 1887 33.87 -0.18 -116.73
C LEU F 1887 34.25 0.82 -117.79
N THR F 1888 35.38 1.48 -117.58
CA THR F 1888 35.84 2.55 -118.45
C THR F 1888 37.01 2.15 -119.34
N LYS F 1889 37.77 1.16 -118.88
CA LYS F 1889 38.92 0.74 -119.66
C LYS F 1889 39.26 -0.72 -119.45
N ILE F 1890 39.58 -1.40 -120.54
CA ILE F 1890 40.05 -2.76 -120.40
C ILE F 1890 41.43 -2.84 -121.04
N GLN F 1891 42.43 -3.20 -120.27
CA GLN F 1891 43.78 -3.24 -120.83
C GLN F 1891 44.29 -4.66 -120.99
N HIS F 1892 44.46 -5.07 -122.24
CA HIS F 1892 44.92 -6.41 -122.55
C HIS F 1892 46.43 -6.47 -122.62
N SER F 1893 47.01 -7.56 -122.14
CA SER F 1893 48.44 -7.78 -122.31
C SER F 1893 48.79 -9.26 -122.53
N SER F 1894 49.30 -9.59 -123.72
CA SER F 1894 49.69 -10.96 -124.06
C SER F 1894 51.00 -10.87 -124.87
N PRO F 1895 52.15 -10.78 -124.16
CA PRO F 1895 53.50 -10.51 -124.64
C PRO F 1895 54.01 -11.47 -125.70
N ALA F 1896 53.42 -12.66 -125.77
CA ALA F 1896 53.85 -13.63 -126.76
C ALA F 1896 53.64 -13.12 -128.18
N THR F 1897 52.57 -12.32 -128.36
CA THR F 1897 52.21 -11.76 -129.66
C THR F 1897 52.24 -10.26 -129.55
N GLN F 1898 52.45 -9.79 -128.32
CA GLN F 1898 52.45 -8.38 -127.92
C GLN F 1898 51.11 -7.77 -128.18
N ASN F 1899 50.09 -8.53 -127.84
CA ASN F 1899 48.76 -8.03 -128.00
C ASN F 1899 48.53 -7.12 -126.82
N ASN F 1900 48.44 -5.84 -127.11
CA ASN F 1900 48.30 -4.81 -126.11
C ASN F 1900 47.03 -4.02 -126.36
N TYR F 1901 46.05 -4.72 -126.92
CA TYR F 1901 44.77 -4.16 -127.26
C TYR F 1901 44.05 -3.55 -126.08
N THR F 1902 43.52 -2.36 -126.29
CA THR F 1902 42.80 -1.65 -125.25
C THR F 1902 41.39 -1.30 -125.64
N THR F 1903 40.46 -1.60 -124.75
CA THR F 1903 39.09 -1.23 -125.01
C THR F 1903 38.78 0.04 -124.26
N ASN F 1904 38.44 1.07 -125.00
CA ASN F 1904 38.15 2.35 -124.36
C ASN F 1904 36.65 2.59 -124.39
N ILE F 1905 36.10 2.84 -123.20
CA ILE F 1905 34.66 3.03 -123.04
C ILE F 1905 34.35 4.48 -122.66
N THR F 1906 33.46 5.10 -123.41
CA THR F 1906 33.07 6.47 -123.15
C THR F 1906 31.83 6.44 -122.30
N VAL F 1907 31.89 7.04 -121.13
CA VAL F 1907 30.75 6.98 -120.23
C VAL F 1907 30.10 8.33 -120.13
N SER F 1908 28.79 8.36 -120.29
CA SER F 1908 28.05 9.61 -120.21
C SER F 1908 28.24 10.33 -118.91
N ASN F 1909 28.27 11.64 -118.99
CA ASN F 1909 28.39 12.47 -117.80
C ASN F 1909 27.05 12.90 -117.22
N ARG F 1910 25.96 12.33 -117.72
CA ARG F 1910 24.61 12.62 -117.22
C ARG F 1910 23.72 11.41 -117.04
N SER F 1911 24.30 10.24 -117.16
CA SER F 1911 23.61 8.97 -117.11
C SER F 1911 24.65 7.92 -116.87
N ASN F 1912 24.26 6.67 -116.67
CA ASN F 1912 25.23 5.61 -116.52
C ASN F 1912 25.41 4.89 -117.84
N ARG F 1913 24.88 5.47 -118.91
CA ARG F 1913 24.97 4.94 -120.25
C ARG F 1913 26.36 5.04 -120.82
N ALA F 1914 26.83 4.01 -121.51
CA ALA F 1914 28.16 4.10 -122.07
C ALA F 1914 28.28 3.26 -123.32
N VAL F 1915 29.21 3.68 -124.16
CA VAL F 1915 29.52 3.05 -125.41
C VAL F 1915 31.01 2.92 -125.63
N LEU F 1916 31.42 2.17 -126.63
CA LEU F 1916 32.83 2.18 -126.95
C LEU F 1916 33.16 3.44 -127.69
N SER F 1917 34.42 3.83 -127.60
CA SER F 1917 34.93 5.07 -128.17
C SER F 1917 34.70 5.19 -129.67
N THR F 1918 34.43 4.06 -130.29
CA THR F 1918 34.16 3.97 -131.70
C THR F 1918 32.81 4.58 -132.08
N LEU F 1919 31.86 4.70 -131.13
CA LEU F 1919 30.60 5.34 -131.49
C LEU F 1919 30.71 6.81 -131.12
N THR F 1920 31.48 7.09 -130.07
CA THR F 1920 31.78 8.46 -129.67
C THR F 1920 32.87 8.50 -128.63
N GLU F 1921 33.59 9.60 -128.60
CA GLU F 1921 34.58 9.84 -127.56
C GLU F 1921 34.06 10.78 -126.47
N ASP F 1922 33.02 11.55 -126.80
CA ASP F 1922 32.48 12.61 -125.97
C ASP F 1922 31.37 12.19 -124.96
N PRO F 1923 31.57 12.30 -123.63
CA PRO F 1923 30.62 11.98 -122.57
C PRO F 1923 29.32 12.78 -122.69
N ALA F 1924 29.37 13.90 -123.42
CA ALA F 1924 28.20 14.72 -123.63
C ALA F 1924 27.34 14.21 -124.79
N GLN F 1925 27.92 13.33 -125.61
CA GLN F 1925 27.24 12.80 -126.80
C GLN F 1925 26.77 11.39 -126.60
N VAL F 1926 27.30 10.70 -125.60
CA VAL F 1926 26.96 9.29 -125.38
C VAL F 1926 25.47 9.04 -125.30
N ASP F 1927 24.70 9.92 -124.69
CA ASP F 1927 23.27 9.70 -124.56
C ASP F 1927 22.53 9.83 -125.87
N ALA F 1928 23.14 10.46 -126.86
CA ALA F 1928 22.49 10.69 -128.14
C ALA F 1928 22.38 9.37 -128.90
N LEU F 1929 23.11 8.38 -128.42
CA LEU F 1929 23.15 7.08 -129.02
C LEU F 1929 22.10 6.16 -128.43
N PHE F 1930 21.31 6.65 -127.48
CA PHE F 1930 20.28 5.87 -126.81
C PHE F 1930 18.88 6.43 -127.03
N ASP F 1931 17.87 5.58 -127.00
CA ASP F 1931 16.53 6.14 -127.13
C ASP F 1931 15.99 6.54 -125.77
N ALA F 1932 14.73 6.96 -125.76
CA ALA F 1932 14.07 7.42 -124.55
C ALA F 1932 13.98 6.39 -123.45
N GLY F 1933 13.95 5.10 -123.79
CA GLY F 1933 13.81 4.07 -122.77
C GLY F 1933 15.16 3.56 -122.32
N GLY F 1934 16.25 4.11 -122.85
CA GLY F 1934 17.57 3.62 -122.49
C GLY F 1934 18.01 2.47 -123.34
N HIS F 1935 17.39 2.30 -124.49
CA HIS F 1935 17.79 1.25 -125.36
C HIS F 1935 18.92 1.79 -126.24
N GLN F 1936 19.87 0.96 -126.60
CA GLN F 1936 20.96 1.45 -127.45
C GLN F 1936 20.48 1.55 -128.89
N ASN F 1937 20.71 2.68 -129.56
CA ASN F 1937 20.26 2.86 -130.95
C ASN F 1937 21.07 2.12 -131.99
N THR F 1938 22.37 1.96 -131.73
CA THR F 1938 23.34 1.31 -132.63
C THR F 1938 24.24 0.40 -131.82
N LEU F 1939 24.47 -0.83 -132.29
CA LEU F 1939 25.33 -1.77 -131.58
C LEU F 1939 26.80 -1.45 -131.78
N ILE F 1940 27.18 -1.35 -133.04
CA ILE F 1940 28.51 -1.00 -133.49
C ILE F 1940 28.23 -0.05 -134.63
N SER F 1941 29.13 0.84 -134.98
CA SER F 1941 28.78 1.73 -136.08
C SER F 1941 28.32 0.95 -137.30
N GLY F 1942 27.19 1.39 -137.85
CA GLY F 1942 26.56 0.81 -139.03
C GLY F 1942 25.45 -0.22 -138.71
N GLN F 1943 25.43 -0.74 -137.49
CA GLN F 1943 24.42 -1.74 -137.14
C GLN F 1943 23.35 -1.16 -136.24
N ASN F 1944 22.25 -0.80 -136.87
CA ASN F 1944 21.17 -0.10 -136.22
C ASN F 1944 20.33 -1.06 -135.40
N LEU F 1945 19.79 -0.58 -134.30
CA LEU F 1945 18.95 -1.42 -133.46
C LEU F 1945 17.51 -0.93 -133.36
N ASN F 1946 16.61 -1.80 -133.78
CA ASN F 1946 15.20 -1.51 -133.78
C ASN F 1946 14.53 -2.08 -132.56
N TRP F 1947 14.11 -1.23 -131.67
CA TRP F 1947 13.48 -1.73 -130.48
C TRP F 1947 11.98 -1.70 -130.71
N ASN F 1948 11.25 -2.68 -130.21
CA ASN F 1948 9.80 -2.69 -130.39
C ASN F 1948 9.09 -1.99 -129.26
N THR F 1949 7.78 -2.07 -129.27
CA THR F 1949 6.91 -1.39 -128.32
C THR F 1949 6.99 -1.93 -126.90
N ARG F 1950 7.67 -3.05 -126.72
CA ARG F 1950 7.83 -3.65 -125.42
C ARG F 1950 9.28 -3.51 -124.94
N GLY F 1951 10.11 -2.79 -125.71
CA GLY F 1951 11.51 -2.60 -125.34
C GLY F 1951 12.37 -3.77 -125.75
N GLU F 1952 11.82 -4.67 -126.54
CA GLU F 1952 12.52 -5.86 -126.96
C GLU F 1952 13.28 -5.53 -128.23
N LEU F 1953 14.34 -6.26 -128.51
CA LEU F 1953 15.04 -5.93 -129.72
C LEU F 1953 14.41 -6.60 -130.90
N GLN F 1954 13.76 -5.80 -131.73
CA GLN F 1954 13.05 -6.29 -132.89
C GLN F 1954 13.94 -6.66 -134.03
N GLN F 1955 14.95 -5.84 -134.23
CA GLN F 1955 15.83 -5.98 -135.39
C GLN F 1955 17.24 -5.43 -135.24
N VAL F 1956 18.20 -6.14 -135.83
CA VAL F 1956 19.55 -5.64 -135.89
C VAL F 1956 19.95 -5.47 -137.34
N THR F 1957 20.33 -4.29 -137.73
CA THR F 1957 20.75 -4.15 -139.10
C THR F 1957 22.15 -4.69 -139.14
N LEU F 1958 22.43 -5.58 -140.07
CA LEU F 1958 23.76 -6.15 -140.12
C LEU F 1958 24.65 -5.52 -141.16
N VAL F 1959 24.10 -5.28 -142.35
CA VAL F 1959 24.87 -4.63 -143.40
C VAL F 1959 24.09 -3.53 -144.03
N LYS F 1960 24.58 -2.31 -143.98
CA LYS F 1960 23.84 -1.22 -144.58
C LYS F 1960 24.15 -1.13 -146.07
N ARG F 1961 23.12 -1.20 -146.91
CA ARG F 1961 23.27 -1.14 -148.35
C ARG F 1961 22.53 0.03 -149.01
N ASP F 1962 22.52 0.01 -150.33
CA ASP F 1962 21.92 1.04 -151.17
C ASP F 1962 20.41 0.81 -151.25
N LYS F 1963 19.72 1.51 -152.14
CA LYS F 1963 18.26 1.40 -152.16
C LYS F 1963 17.78 0.29 -153.10
N GLY F 1964 18.71 -0.49 -153.61
CA GLY F 1964 18.49 -1.62 -154.48
C GLY F 1964 18.57 -2.87 -153.62
N ALA F 1965 19.80 -3.21 -153.22
CA ALA F 1965 20.05 -4.38 -152.39
C ALA F 1965 19.48 -4.13 -151.00
N ASN F 1966 19.00 -5.15 -150.33
CA ASN F 1966 18.47 -4.90 -149.01
C ASN F 1966 19.57 -4.99 -147.97
N ASP F 1967 19.37 -4.32 -146.85
CA ASP F 1967 20.31 -4.43 -145.75
C ASP F 1967 20.29 -5.83 -145.19
N ASP F 1968 21.46 -6.40 -144.85
CA ASP F 1968 21.40 -7.71 -144.19
C ASP F 1968 20.78 -7.39 -142.87
N ARG F 1969 20.00 -8.31 -142.32
CA ARG F 1969 19.42 -8.00 -141.02
C ARG F 1969 19.05 -9.22 -140.23
N GLU F 1970 18.87 -9.02 -138.94
CA GLU F 1970 18.30 -10.08 -138.12
C GLU F 1970 17.08 -9.57 -137.42
N TRP F 1971 16.07 -10.41 -137.31
CA TRP F 1971 14.88 -9.96 -136.60
C TRP F 1971 14.21 -11.00 -135.74
N TYR F 1972 13.41 -10.50 -134.80
CA TYR F 1972 12.84 -11.40 -133.82
C TYR F 1972 11.34 -11.35 -133.53
N ARG F 1973 10.88 -12.45 -132.94
CA ARG F 1973 9.52 -12.51 -132.39
C ARG F 1973 9.63 -13.06 -130.99
N TYR F 1974 8.93 -12.41 -130.08
CA TYR F 1974 8.92 -12.80 -128.70
C TYR F 1974 7.49 -13.09 -128.36
N SER F 1975 7.26 -14.03 -127.45
CA SER F 1975 5.93 -14.36 -126.91
C SER F 1975 5.53 -13.48 -125.76
N GLY F 1976 4.28 -13.56 -125.34
CA GLY F 1976 3.72 -12.73 -124.26
C GLY F 1976 4.15 -13.11 -122.84
N ASP F 1977 5.46 -13.24 -122.66
CA ASP F 1977 6.13 -13.51 -121.42
C ASP F 1977 7.55 -12.98 -121.56
N GLY F 1978 7.79 -12.39 -122.73
CA GLY F 1978 9.05 -11.79 -123.14
C GLY F 1978 10.06 -12.78 -123.72
N ARG F 1979 9.64 -14.04 -123.84
CA ARG F 1979 10.50 -15.11 -124.33
C ARG F 1979 10.75 -15.00 -125.81
N ARG F 1980 11.98 -15.16 -126.23
CA ARG F 1980 12.21 -15.12 -127.65
C ARG F 1980 11.77 -16.42 -128.27
N MET F 1981 10.90 -16.35 -129.27
CA MET F 1981 10.35 -17.54 -129.92
C MET F 1981 10.94 -17.79 -131.27
N LEU F 1982 11.31 -16.72 -131.93
CA LEU F 1982 11.78 -16.85 -133.29
C LEU F 1982 12.94 -15.92 -133.57
N LYS F 1983 13.97 -16.49 -134.16
CA LYS F 1983 15.16 -15.77 -134.59
C LYS F 1983 15.34 -15.87 -136.11
N ILE F 1984 15.29 -14.75 -136.81
CA ILE F 1984 15.49 -14.81 -138.24
C ILE F 1984 16.72 -14.11 -138.74
N ASN F 1985 17.63 -14.86 -139.32
CA ASN F 1985 18.83 -14.27 -139.89
C ASN F 1985 18.72 -14.16 -141.38
N GLU F 1986 18.55 -12.94 -141.90
CA GLU F 1986 18.38 -12.77 -143.33
C GLU F 1986 19.59 -12.19 -144.04
N GLN F 1987 20.24 -12.98 -144.88
CA GLN F 1987 21.34 -12.43 -145.63
C GLN F 1987 20.69 -11.97 -146.89
N GLN F 1988 21.09 -10.82 -147.43
CA GLN F 1988 20.46 -10.30 -148.64
C GLN F 1988 21.36 -10.37 -149.87
N ALA F 1989 22.50 -11.01 -149.75
CA ALA F 1989 23.39 -11.07 -150.89
C ALA F 1989 22.62 -11.70 -152.02
N SER F 1990 22.66 -11.10 -153.20
CA SER F 1990 21.84 -11.61 -154.28
C SER F 1990 22.14 -13.05 -154.69
N ASN F 1991 23.35 -13.51 -154.48
CA ASN F 1991 23.68 -14.88 -154.82
C ASN F 1991 23.89 -15.72 -153.58
N ASN F 1992 23.77 -15.10 -152.41
CA ASN F 1992 23.95 -15.72 -151.11
C ASN F 1992 22.89 -15.28 -150.12
N ALA F 1993 21.67 -14.98 -150.55
CA ALA F 1993 20.65 -14.49 -149.63
C ALA F 1993 20.02 -15.61 -148.85
N GLN F 1994 20.84 -16.16 -147.97
CA GLN F 1994 20.55 -17.27 -147.10
C GLN F 1994 19.68 -16.83 -145.94
N THR F 1995 18.70 -17.63 -145.59
CA THR F 1995 17.92 -17.31 -144.42
C THR F 1995 18.02 -18.41 -143.39
N GLN F 1996 18.40 -18.04 -142.17
CA GLN F 1996 18.49 -19.01 -141.10
C GLN F 1996 17.37 -18.76 -140.11
N ARG F 1997 16.33 -19.58 -140.23
CA ARG F 1997 15.11 -19.45 -139.45
C ARG F 1997 15.11 -20.34 -138.22
N VAL F 1998 15.21 -19.76 -137.03
CA VAL F 1998 15.26 -20.62 -135.87
C VAL F 1998 14.07 -20.48 -134.94
N THR F 1999 13.36 -21.59 -134.78
CA THR F 1999 12.18 -21.56 -133.93
C THR F 1999 12.45 -22.25 -132.60
N TYR F 2000 12.11 -21.57 -131.52
CA TYR F 2000 12.35 -22.17 -130.22
C TYR F 2000 11.07 -22.74 -129.63
N LEU F 2001 11.14 -23.99 -129.21
CA LEU F 2001 10.05 -24.70 -128.61
C LEU F 2001 10.58 -25.30 -127.33
N PRO F 2002 9.77 -25.64 -126.34
CA PRO F 2002 10.28 -26.27 -125.15
C PRO F 2002 11.07 -27.49 -125.57
N ASN F 2003 12.30 -27.59 -125.07
CA ASN F 2003 13.23 -28.70 -125.31
C ASN F 2003 13.58 -28.96 -126.78
N LEU F 2004 13.22 -28.06 -127.68
CA LEU F 2004 13.47 -28.24 -129.09
C LEU F 2004 13.79 -26.97 -129.84
N GLU F 2005 14.87 -27.00 -130.57
CA GLU F 2005 15.26 -25.88 -131.38
C GLU F 2005 15.26 -26.29 -132.85
N LEU F 2006 14.48 -25.59 -133.65
CA LEU F 2006 14.42 -25.92 -135.06
C LEU F 2006 15.23 -25.00 -135.92
N ARG F 2007 16.30 -25.51 -136.51
CA ARG F 2007 17.18 -24.69 -137.31
C ARG F 2007 16.93 -24.92 -138.79
N LEU F 2008 16.17 -24.03 -139.41
CA LEU F 2008 15.84 -24.22 -140.82
C LEU F 2008 16.64 -23.26 -141.68
N THR F 2009 17.44 -23.80 -142.57
CA THR F 2009 18.26 -22.92 -143.39
C THR F 2009 17.94 -23.05 -144.84
N GLN F 2010 17.71 -21.89 -145.47
CA GLN F 2010 17.42 -21.85 -146.89
C GLN F 2010 18.40 -20.96 -147.61
N ASN F 2011 18.75 -21.30 -148.84
CA ASN F 2011 19.59 -20.44 -149.65
C ASN F 2011 18.62 -19.53 -150.35
N SER F 2012 19.08 -18.69 -151.25
CA SER F 2012 18.18 -17.72 -151.89
C SER F 2012 17.04 -18.33 -152.71
N THR F 2013 17.12 -19.62 -153.02
CA THR F 2013 16.13 -20.35 -153.81
C THR F 2013 15.37 -21.45 -153.06
N ALA F 2014 16.05 -22.23 -152.22
CA ALA F 2014 15.46 -23.39 -151.58
C ALA F 2014 16.16 -23.82 -150.30
N THR F 2015 15.46 -24.66 -149.52
CA THR F 2015 15.98 -25.22 -148.28
C THR F 2015 17.27 -25.99 -148.50
N THR F 2016 18.27 -25.69 -147.67
CA THR F 2016 19.54 -26.38 -147.74
C THR F 2016 19.75 -27.26 -146.52
N GLU F 2017 19.12 -26.92 -145.40
CA GLU F 2017 19.30 -27.73 -144.19
C GLU F 2017 18.10 -27.68 -143.25
N ASP F 2018 17.75 -28.84 -142.70
CA ASP F 2018 16.65 -28.91 -141.75
C ASP F 2018 17.10 -29.72 -140.53
N LEU F 2019 17.48 -29.00 -139.47
CA LEU F 2019 18.04 -29.61 -138.27
C LEU F 2019 17.28 -29.37 -136.98
N GLN F 2020 16.96 -30.46 -136.35
CA GLN F 2020 16.28 -30.43 -135.08
C GLN F 2020 17.30 -30.58 -134.00
N VAL F 2021 17.31 -29.67 -133.05
CA VAL F 2021 18.23 -29.84 -131.96
C VAL F 2021 17.45 -30.16 -130.70
N ILE F 2022 17.73 -31.32 -130.18
CA ILE F 2022 16.98 -31.78 -129.03
C ILE F 2022 17.78 -31.56 -127.79
N THR F 2023 17.22 -30.82 -126.86
CA THR F 2023 18.00 -30.54 -125.68
C THR F 2023 17.50 -31.36 -124.52
N VAL F 2024 18.44 -31.95 -123.80
CA VAL F 2024 18.18 -32.68 -122.58
C VAL F 2024 18.95 -31.95 -121.47
N GLY F 2025 18.24 -31.47 -120.46
CA GLY F 2025 18.89 -30.73 -119.38
C GLY F 2025 18.98 -29.24 -119.70
N GLU F 2026 19.45 -28.46 -118.74
CA GLU F 2026 19.55 -27.01 -118.89
C GLU F 2026 20.93 -26.59 -119.32
N ALA F 2027 21.02 -25.47 -120.03
CA ALA F 2027 22.32 -24.96 -120.44
C ALA F 2027 23.05 -24.59 -119.18
N GLY F 2028 24.33 -24.88 -119.10
CA GLY F 2028 25.10 -24.51 -117.92
C GLY F 2028 24.96 -25.56 -116.83
N ARG F 2029 24.11 -26.56 -117.07
CA ARG F 2029 23.84 -27.62 -116.13
C ARG F 2029 23.99 -28.99 -116.79
N ALA F 2030 25.14 -29.21 -117.43
CA ALA F 2030 25.48 -30.46 -118.13
C ALA F 2030 24.48 -30.86 -119.21
N GLN F 2031 24.05 -29.88 -119.99
CA GLN F 2031 23.13 -30.10 -121.09
C GLN F 2031 23.73 -30.97 -122.18
N VAL F 2032 22.93 -31.88 -122.70
CA VAL F 2032 23.34 -32.70 -123.82
C VAL F 2032 22.40 -32.44 -124.98
N ARG F 2033 22.97 -32.24 -126.16
CA ARG F 2033 22.16 -31.98 -127.34
C ARG F 2033 22.25 -33.05 -128.40
N VAL F 2034 21.14 -33.26 -129.11
CA VAL F 2034 21.14 -34.18 -130.24
C VAL F 2034 20.82 -33.49 -131.55
N LEU F 2035 21.66 -33.73 -132.54
CA LEU F 2035 21.46 -33.10 -133.81
C LEU F 2035 20.86 -34.06 -134.83
N HIS F 2036 19.59 -33.84 -135.10
CA HIS F 2036 18.84 -34.72 -135.98
C HIS F 2036 18.46 -34.03 -137.27
N TRP F 2037 18.88 -34.60 -138.37
CA TRP F 2037 18.54 -33.94 -139.62
C TRP F 2037 17.48 -34.68 -140.39
N GLU F 2038 16.59 -33.88 -140.96
CA GLU F 2038 15.60 -34.40 -141.89
C GLU F 2038 16.08 -34.06 -143.29
N SER F 2039 16.91 -33.02 -143.38
CA SER F 2039 17.46 -32.59 -144.64
C SER F 2039 18.75 -31.83 -144.47
N GLY F 2040 19.62 -31.93 -145.48
CA GLY F 2040 20.87 -31.18 -145.51
C GLY F 2040 21.96 -31.65 -144.56
N LYS F 2041 21.94 -32.90 -144.17
CA LYS F 2041 22.97 -33.34 -143.25
C LYS F 2041 24.31 -33.21 -143.95
N PRO F 2042 25.35 -32.61 -143.35
CA PRO F 2042 26.68 -32.48 -143.91
C PRO F 2042 27.30 -33.84 -144.16
N GLU F 2043 28.12 -33.95 -145.20
CA GLU F 2043 28.74 -35.20 -145.58
C GLU F 2043 29.62 -35.84 -144.51
N ASP F 2044 30.23 -35.02 -143.66
CA ASP F 2044 31.12 -35.54 -142.63
C ASP F 2044 30.47 -35.63 -141.25
N ILE F 2045 29.15 -35.48 -141.18
CA ILE F 2045 28.46 -35.56 -139.91
C ILE F 2045 27.48 -36.74 -139.84
N ASP F 2046 27.59 -37.53 -138.79
CA ASP F 2046 26.67 -38.66 -138.54
C ASP F 2046 25.34 -38.09 -138.13
N ASN F 2047 24.23 -38.80 -138.36
CA ASN F 2047 23.00 -38.20 -137.91
C ASN F 2047 22.88 -38.53 -136.44
N ASN F 2048 21.85 -38.01 -135.81
CA ASN F 2048 21.57 -38.29 -134.41
C ASN F 2048 22.84 -38.09 -133.59
N GLN F 2049 23.54 -37.02 -133.88
CA GLN F 2049 24.81 -36.74 -133.24
C GLN F 2049 24.63 -36.21 -131.84
N LEU F 2050 25.41 -36.69 -130.88
CA LEU F 2050 25.28 -36.14 -129.54
C LEU F 2050 26.40 -35.19 -129.21
N ARG F 2051 26.06 -34.17 -128.45
CA ARG F 2051 27.00 -33.19 -127.94
C ARG F 2051 26.88 -33.10 -126.42
N TYR F 2052 27.91 -33.46 -125.70
CA TYR F 2052 27.87 -33.42 -124.25
C TYR F 2052 28.61 -32.20 -123.75
N SER F 2053 27.90 -31.27 -123.12
CA SER F 2053 28.59 -30.07 -122.66
C SER F 2053 29.13 -30.16 -121.25
N TYR F 2054 30.43 -29.97 -121.09
CA TYR F 2054 31.01 -29.98 -119.78
C TYR F 2054 31.24 -28.53 -119.41
N ASP F 2055 30.37 -28.10 -118.48
CA ASP F 2055 30.28 -26.71 -118.06
C ASP F 2055 31.23 -26.37 -116.93
N ASN F 2056 31.60 -25.09 -116.85
CA ASN F 2056 32.45 -24.60 -115.78
C ASN F 2056 31.62 -24.06 -114.62
N LEU F 2057 32.31 -23.43 -113.69
CA LEU F 2057 31.76 -22.87 -112.46
C LEU F 2057 30.51 -22.02 -112.65
N ILE F 2058 30.43 -21.24 -113.72
CA ILE F 2058 29.31 -20.33 -113.88
C ILE F 2058 28.37 -20.76 -114.98
N GLY F 2059 28.57 -21.95 -115.50
CA GLY F 2059 27.76 -22.50 -116.55
C GLY F 2059 28.28 -22.25 -117.96
N SER F 2060 29.51 -21.74 -118.13
CA SER F 2060 30.00 -21.54 -119.49
C SER F 2060 30.36 -22.90 -119.99
N SER F 2061 30.26 -23.12 -121.30
CA SER F 2061 30.58 -24.43 -121.82
C SER F 2061 32.02 -24.47 -122.32
N GLN F 2062 32.86 -25.27 -121.66
CA GLN F 2062 34.27 -25.24 -122.04
C GLN F 2062 34.69 -26.46 -122.85
N LEU F 2063 34.08 -27.59 -122.55
CA LEU F 2063 34.47 -28.80 -123.24
C LEU F 2063 33.28 -29.52 -123.84
N GLU F 2064 33.36 -29.82 -125.12
CA GLU F 2064 32.23 -30.49 -125.75
C GLU F 2064 32.66 -31.84 -126.25
N LEU F 2065 31.98 -32.87 -125.76
CA LEU F 2065 32.34 -34.23 -126.17
C LEU F 2065 31.28 -34.91 -127.01
N ASP F 2066 31.68 -35.92 -127.77
CA ASP F 2066 30.72 -36.70 -128.56
C ASP F 2066 30.29 -37.95 -127.81
N SER F 2067 29.54 -38.81 -128.51
CA SER F 2067 29.00 -40.05 -127.96
C SER F 2067 30.06 -41.09 -127.60
N GLU F 2068 31.29 -40.92 -128.07
CA GLU F 2068 32.39 -41.83 -127.78
C GLU F 2068 33.25 -41.27 -126.66
N GLY F 2069 32.87 -40.11 -126.13
CA GLY F 2069 33.66 -39.49 -125.11
C GLY F 2069 34.85 -38.78 -125.74
N GLN F 2070 34.78 -38.46 -127.04
CA GLN F 2070 35.89 -37.80 -127.70
C GLN F 2070 35.69 -36.34 -127.71
N ILE F 2071 36.76 -35.62 -127.90
CA ILE F 2071 36.64 -34.19 -127.95
C ILE F 2071 36.12 -33.72 -129.28
N ILE F 2072 35.12 -32.87 -129.24
CA ILE F 2072 34.59 -32.21 -130.41
C ILE F 2072 35.19 -30.83 -130.40
N SER F 2073 35.11 -30.17 -129.25
CA SER F 2073 35.59 -28.80 -129.16
C SER F 2073 36.08 -28.43 -127.78
N GLU F 2074 36.84 -27.33 -127.75
CA GLU F 2074 37.39 -26.75 -126.55
C GLU F 2074 37.31 -25.21 -126.60
N GLU F 2075 36.86 -24.58 -125.51
CA GLU F 2075 36.78 -23.13 -125.50
C GLU F 2075 37.01 -22.47 -124.16
N GLU F 2076 37.75 -21.38 -124.18
CA GLU F 2076 37.97 -20.60 -122.98
C GLU F 2076 37.48 -19.20 -123.22
N TYR F 2077 37.04 -18.56 -122.16
CA TYR F 2077 36.43 -17.26 -122.29
C TYR F 2077 37.16 -16.22 -121.50
N TYR F 2078 37.05 -15.00 -121.96
CA TYR F 2078 37.55 -13.90 -121.17
C TYR F 2078 36.53 -13.82 -120.06
N PRO F 2079 36.84 -13.29 -118.89
CA PRO F 2079 35.91 -13.21 -117.78
C PRO F 2079 34.56 -12.63 -118.16
N TYR F 2080 34.52 -11.70 -119.11
CA TYR F 2080 33.26 -11.06 -119.50
C TYR F 2080 32.57 -11.70 -120.70
N GLY F 2081 33.01 -12.86 -121.13
CA GLY F 2081 32.36 -13.58 -122.21
C GLY F 2081 32.94 -13.49 -123.61
N GLY F 2082 34.10 -12.87 -123.77
CA GLY F 2082 34.64 -12.86 -125.10
C GLY F 2082 35.29 -14.22 -125.30
N THR F 2083 35.70 -14.54 -126.50
CA THR F 2083 36.35 -15.82 -126.68
C THR F 2083 37.83 -15.64 -126.57
N ALA F 2084 38.45 -16.36 -125.67
CA ALA F 2084 39.88 -16.25 -125.52
C ALA F 2084 40.55 -17.31 -126.35
N LEU F 2085 39.91 -18.45 -126.39
CA LEU F 2085 40.48 -19.62 -127.02
C LEU F 2085 39.40 -20.45 -127.65
N TRP F 2086 39.59 -20.88 -128.88
CA TRP F 2086 38.60 -21.76 -129.47
C TRP F 2086 39.22 -22.73 -130.45
N ALA F 2087 38.97 -24.00 -130.24
CA ALA F 2087 39.47 -25.03 -131.13
C ALA F 2087 38.48 -26.14 -131.30
N ALA F 2088 38.56 -26.84 -132.42
CA ALA F 2088 37.66 -27.94 -132.66
C ALA F 2088 38.24 -28.98 -133.58
N ARG F 2089 37.73 -30.19 -133.42
CA ARG F 2089 38.10 -31.33 -134.23
C ARG F 2089 37.76 -31.15 -135.70
N ASN F 2090 36.64 -30.53 -135.95
CA ASN F 2090 36.10 -30.34 -137.28
C ASN F 2090 35.33 -29.04 -137.34
N GLN F 2091 35.74 -28.14 -138.22
CA GLN F 2091 35.04 -26.86 -138.31
C GLN F 2091 33.55 -27.07 -138.58
N THR F 2092 33.21 -28.13 -139.29
CA THR F 2092 31.82 -28.42 -139.60
C THR F 2092 31.05 -28.60 -138.30
N GLU F 2093 31.65 -29.27 -137.32
CA GLU F 2093 31.02 -29.54 -136.03
C GLU F 2093 31.00 -28.29 -135.17
N ALA F 2094 32.07 -27.51 -135.32
CA ALA F 2094 32.31 -26.30 -134.55
C ALA F 2094 31.21 -25.29 -134.77
N SER F 2095 30.70 -25.30 -135.98
CA SER F 2095 29.67 -24.40 -136.46
C SER F 2095 28.34 -24.57 -135.75
N TYR F 2096 28.14 -25.67 -135.05
CA TYR F 2096 26.86 -25.86 -134.40
C TYR F 2096 26.81 -25.52 -132.91
N LYS F 2097 27.91 -25.05 -132.32
CA LYS F 2097 27.85 -24.74 -130.89
C LYS F 2097 27.33 -23.33 -130.65
N THR F 2098 26.18 -23.22 -130.00
CA THR F 2098 25.59 -21.90 -129.76
C THR F 2098 25.57 -21.53 -128.28
N ILE F 2099 25.70 -22.51 -127.41
CA ILE F 2099 25.70 -22.26 -125.97
C ILE F 2099 27.12 -22.00 -125.61
N ARG F 2100 27.40 -20.80 -125.15
CA ARG F 2100 28.78 -20.46 -124.92
C ARG F 2100 29.07 -19.90 -123.53
N TYR F 2101 28.32 -18.90 -123.08
CA TYR F 2101 28.78 -18.20 -121.88
C TYR F 2101 27.74 -18.07 -120.84
N SER F 2102 28.08 -18.61 -119.69
CA SER F 2102 27.17 -18.73 -118.56
C SER F 2102 25.92 -19.48 -119.02
N GLY F 2103 26.08 -20.40 -119.98
CA GLY F 2103 25.03 -21.19 -120.53
C GLY F 2103 24.17 -20.45 -121.55
N LYS F 2104 24.52 -19.21 -121.86
CA LYS F 2104 23.70 -18.45 -122.77
C LYS F 2104 24.15 -18.54 -124.20
N GLU F 2105 23.17 -18.31 -125.06
CA GLU F 2105 23.37 -18.32 -126.48
C GLU F 2105 24.09 -17.11 -127.03
N ARG F 2106 25.11 -17.38 -127.82
CA ARG F 2106 25.81 -16.33 -128.52
C ARG F 2106 25.09 -16.15 -129.83
N ASP F 2107 24.59 -14.97 -130.10
CA ASP F 2107 23.88 -14.82 -131.33
C ASP F 2107 24.86 -14.55 -132.46
N ALA F 2108 24.35 -14.42 -133.66
CA ALA F 2108 25.17 -14.19 -134.84
C ALA F 2108 25.99 -12.92 -134.77
N THR F 2109 25.47 -11.91 -134.10
CA THR F 2109 26.11 -10.61 -134.00
C THR F 2109 27.15 -10.53 -132.93
N GLY F 2110 27.29 -11.58 -132.12
CA GLY F 2110 28.22 -11.58 -131.00
C GLY F 2110 27.52 -11.21 -129.72
N LEU F 2111 26.30 -10.74 -129.87
CA LEU F 2111 25.49 -10.31 -128.77
C LEU F 2111 24.92 -11.53 -128.03
N TYR F 2112 24.95 -11.54 -126.70
CA TYR F 2112 24.39 -12.68 -126.00
C TYR F 2112 22.98 -12.46 -125.53
N TYR F 2113 22.15 -13.48 -125.64
CA TYR F 2113 20.79 -13.41 -125.16
C TYR F 2113 20.57 -13.97 -123.75
N TYR F 2114 20.07 -13.12 -122.88
CA TYR F 2114 19.75 -13.45 -121.50
C TYR F 2114 18.29 -13.19 -121.15
N GLY F 2115 17.38 -13.99 -121.69
CA GLY F 2115 15.97 -13.86 -121.33
C GLY F 2115 15.29 -12.58 -121.79
N TYR F 2116 15.52 -11.53 -121.01
CA TYR F 2116 14.90 -10.23 -121.18
C TYR F 2116 15.84 -9.14 -121.64
N ARG F 2117 17.11 -9.46 -121.69
CA ARG F 2117 18.10 -8.47 -122.06
C ARG F 2117 19.22 -9.08 -122.85
N TYR F 2118 19.96 -8.25 -123.57
CA TYR F 2118 21.10 -8.71 -124.33
C TYR F 2118 22.39 -8.14 -123.78
N TYR F 2119 23.47 -8.89 -123.93
CA TYR F 2119 24.78 -8.52 -123.41
C TYR F 2119 25.91 -8.38 -124.42
N GLN F 2120 26.73 -7.32 -124.25
CA GLN F 2120 27.85 -7.05 -125.14
C GLN F 2120 29.22 -7.33 -124.49
N PRO F 2121 29.88 -8.48 -124.74
CA PRO F 2121 31.12 -8.96 -124.11
C PRO F 2121 32.34 -8.16 -124.47
N TRP F 2122 32.22 -7.31 -125.48
CA TRP F 2122 33.32 -6.49 -125.94
C TRP F 2122 33.32 -5.19 -125.17
N ILE F 2123 32.30 -5.00 -124.34
CA ILE F 2123 32.20 -3.82 -123.53
C ILE F 2123 32.24 -4.24 -122.08
N GLY F 2124 31.39 -5.22 -121.74
CA GLY F 2124 31.21 -5.60 -120.36
C GLY F 2124 29.96 -4.94 -119.77
N ARG F 2125 29.06 -4.50 -120.64
CA ARG F 2125 27.80 -3.87 -120.27
C ARG F 2125 26.60 -4.51 -120.93
N TRP F 2126 25.43 -4.27 -120.37
CA TRP F 2126 24.17 -4.74 -120.94
C TRP F 2126 23.79 -3.81 -122.07
N LEU F 2127 23.16 -4.34 -123.10
CA LEU F 2127 22.71 -3.59 -124.27
C LEU F 2127 21.68 -2.54 -123.96
N SER F 2128 20.82 -2.82 -123.02
CA SER F 2128 19.77 -1.88 -122.68
C SER F 2128 19.56 -1.90 -121.21
N SER F 2129 18.96 -0.82 -120.72
CA SER F 2129 18.61 -0.72 -119.32
C SER F 2129 17.61 -1.75 -118.90
N ASP F 2130 17.82 -2.28 -117.70
CA ASP F 2130 16.89 -3.20 -117.11
C ASP F 2130 15.68 -2.49 -116.60
N PRO F 2131 14.54 -3.17 -116.45
CA PRO F 2131 13.36 -2.60 -115.88
C PRO F 2131 13.59 -2.23 -114.44
N ALA F 2132 13.07 -1.08 -114.06
CA ALA F 2132 13.22 -0.61 -112.71
C ALA F 2132 12.50 -1.57 -111.81
N GLY F 2133 13.04 -1.79 -110.64
CA GLY F 2133 12.41 -2.67 -109.67
C GLY F 2133 12.96 -4.09 -109.76
N THR F 2134 13.69 -4.40 -110.83
CA THR F 2134 14.26 -5.73 -110.95
C THR F 2134 15.73 -5.67 -110.58
N ILE F 2135 16.22 -4.44 -110.50
CA ILE F 2135 17.59 -4.11 -110.15
C ILE F 2135 17.59 -3.32 -108.85
N ASP F 2136 18.39 -3.76 -107.87
CA ASP F 2136 18.44 -3.03 -106.63
C ASP F 2136 19.50 -1.92 -106.63
N GLY F 2137 20.46 -2.01 -107.54
CA GLY F 2137 21.50 -1.00 -107.61
C GLY F 2137 20.96 0.13 -108.45
N LEU F 2138 21.77 1.16 -108.71
CA LEU F 2138 21.24 2.27 -109.50
C LEU F 2138 21.67 2.23 -110.96
N ASN F 2139 22.69 1.45 -111.25
CA ASN F 2139 23.21 1.39 -112.60
C ASN F 2139 22.53 0.30 -113.39
N LEU F 2140 21.61 0.69 -114.27
CA LEU F 2140 20.77 -0.30 -114.93
C LEU F 2140 21.46 -1.00 -116.09
N TYR F 2141 22.72 -0.67 -116.34
CA TYR F 2141 23.51 -1.29 -117.38
C TYR F 2141 24.63 -2.12 -116.80
N ARG F 2142 24.73 -2.14 -115.47
CA ARG F 2142 25.85 -2.81 -114.81
C ARG F 2142 25.86 -4.31 -114.95
N MET F 2143 27.04 -4.88 -115.18
CA MET F 2143 27.22 -6.33 -115.28
C MET F 2143 27.12 -6.92 -113.90
N VAL F 2144 26.74 -8.17 -113.79
CA VAL F 2144 26.54 -8.79 -112.49
C VAL F 2144 27.71 -8.50 -111.56
N ARG F 2145 27.52 -7.42 -110.80
CA ARG F 2145 28.37 -6.90 -109.74
C ARG F 2145 29.81 -6.85 -110.17
N ASN F 2146 30.04 -6.56 -111.44
CA ASN F 2146 31.39 -6.47 -111.96
C ASN F 2146 32.23 -7.66 -111.51
N ASN F 2147 31.63 -8.84 -111.45
CA ASN F 2147 32.34 -10.01 -110.97
C ASN F 2147 31.86 -11.27 -111.63
N PRO F 2148 32.04 -11.40 -112.95
CA PRO F 2148 31.47 -12.44 -113.79
C PRO F 2148 32.03 -13.81 -113.49
N VAL F 2149 33.10 -13.83 -112.74
CA VAL F 2149 33.83 -15.00 -112.36
C VAL F 2149 32.99 -15.87 -111.44
N THR F 2150 32.26 -15.22 -110.54
CA THR F 2150 31.44 -15.89 -109.57
C THR F 2150 30.02 -15.39 -109.59
N LEU F 2151 29.11 -16.16 -110.17
CA LEU F 2151 27.75 -15.66 -110.27
C LEU F 2151 27.02 -16.01 -109.00
N LEU F 2152 27.29 -15.19 -108.00
CA LEU F 2152 26.79 -15.41 -106.66
C LEU F 2152 25.40 -14.84 -106.57
N ASP F 2153 24.49 -15.60 -107.16
CA ASP F 2153 23.07 -15.29 -107.29
C ASP F 2153 22.24 -16.40 -106.63
N PRO F 2154 22.25 -16.48 -105.30
CA PRO F 2154 21.64 -17.56 -104.57
C PRO F 2154 20.17 -17.50 -104.89
N ASP F 2155 19.54 -18.65 -105.00
CA ASP F 2155 18.13 -18.79 -105.29
C ASP F 2155 17.77 -18.22 -106.67
N GLY F 2156 18.79 -17.96 -107.51
CA GLY F 2156 18.64 -17.49 -108.86
C GLY F 2156 18.63 -15.97 -108.95
N LEU F 2157 18.89 -15.30 -107.84
CA LEU F 2157 18.89 -13.84 -107.80
C LEU F 2157 20.21 -13.29 -107.31
#